data_4TZ3
#
_entry.id   4TZ3
#
_cell.length_a   51.276
_cell.length_b   100.210
_cell.length_c   54.223
_cell.angle_alpha   90.000
_cell.angle_beta   99.460
_cell.angle_gamma   90.000
#
_symmetry.space_group_name_H-M   'P 1 21 1'
#
loop_
_entity.id
_entity.type
_entity.pdbx_description
1 polymer 'Putative secreted protein'
2 branched beta-D-glucopyranose-(1-3)-beta-D-glucopyranose-(1-3)-beta-D-glucopyranose-(1-3)-beta-D-glucopyranose
3 non-polymer beta-D-glucopyranose
4 non-polymer 1,2-ETHANEDIOL
5 water water
#
_entity_poly.entity_id   1
_entity_poly.type   'polypeptide(L)'
_entity_poly.pdbx_seq_one_letter_code
;EVVGGGDLGPNVLVFDPSTPDIQGKVDEVFRKQESNQFGTDRYALMFKPGTYNDINAQIGFYTSIAGLGLNPDDTTFNGD
VTVDAGWFDGNATQNFWRSAENLALNPVNGTNRWAVSQAAPFRRMHVKGGLNLAPDGYGWASGGYIADSKIDGEVGPYSQ
QQWYTRDSSVGGWGNGVWNMTFSGVEGAPAQSFPEPPYTTLETTPVSREKPFLYLDGDDYKVFVPAKRTNARGTSWGNGT
PEGESLPLDQFYVVKPGATAETINAAVDQGLHLLFTPGVYHVDQPIEIDRANTVALGLGLATIIPDNGVTALKVGDVDGV
KVAGLLVDAGPVNSETLVEVGSDGASGDHAANPTSLQDVFVRIGGAGPGKATTSIVVNSNDTIIDHTWVWRADHGEGVGW
ETNRADYGVHVKGDNVLATGLFVEHFNKYDVQWSGENGKTIFYQNAKAYDAPDQAAIQNGDIKGYAAYKVDDSVTTHEGW
GMGSYCYFNVNPDIRQQHGFQAPVKPGVKFHDLLVVSLGGKGQYEHVINDIGDPTSGDTTIPSQVVSFP
;
_entity_poly.pdbx_strand_id   A
#
loop_
_chem_comp.id
_chem_comp.type
_chem_comp.name
_chem_comp.formula
BGC D-saccharide, beta linking beta-D-glucopyranose 'C6 H12 O6'
EDO non-polymer 1,2-ETHANEDIOL 'C2 H6 O2'
#
# COMPACT_ATOMS: atom_id res chain seq x y z
N GLU A 1 12.06 -29.95 -12.61
CA GLU A 1 12.97 -30.25 -11.52
C GLU A 1 12.71 -29.68 -10.08
N VAL A 2 11.96 -28.57 -9.90
CA VAL A 2 11.83 -27.88 -8.56
C VAL A 2 10.99 -28.76 -7.60
N VAL A 3 10.60 -28.28 -6.40
CA VAL A 3 9.92 -29.12 -5.39
C VAL A 3 8.93 -28.23 -4.62
N GLY A 4 7.67 -28.62 -4.61
CA GLY A 4 6.66 -27.82 -3.95
C GLY A 4 6.55 -27.95 -2.45
N GLY A 5 6.21 -26.82 -1.81
CA GLY A 5 5.94 -26.79 -0.40
C GLY A 5 7.15 -27.04 0.47
N GLY A 6 6.93 -27.75 1.56
CA GLY A 6 7.94 -27.87 2.58
C GLY A 6 7.97 -26.68 3.53
N ASP A 7 9.19 -26.24 3.84
CA ASP A 7 9.46 -25.60 5.12
C ASP A 7 9.60 -24.08 5.12
N LEU A 8 8.71 -23.42 5.88
CA LEU A 8 8.59 -21.95 5.93
C LEU A 8 9.77 -21.23 6.58
N GLY A 9 10.57 -21.99 7.29
CA GLY A 9 11.83 -21.47 7.74
C GLY A 9 11.77 -20.62 8.99
N PRO A 10 12.93 -20.35 9.55
CA PRO A 10 12.96 -19.73 10.87
C PRO A 10 12.16 -18.42 10.93
N ASN A 11 12.42 -17.46 10.06
CA ASN A 11 11.77 -16.15 10.15
C ASN A 11 10.23 -16.04 10.18
N VAL A 12 9.55 -17.20 10.11
CA VAL A 12 8.11 -17.26 10.26
C VAL A 12 7.81 -18.02 11.56
N LEU A 13 7.40 -17.28 12.58
CA LEU A 13 7.14 -17.83 13.93
C LEU A 13 5.67 -18.13 14.05
N VAL A 14 5.40 -19.38 14.40
CA VAL A 14 4.08 -19.92 14.36
C VAL A 14 3.69 -20.21 15.80
N PHE A 15 3.05 -19.23 16.40
CA PHE A 15 2.48 -19.28 17.75
C PHE A 15 1.16 -20.06 17.90
N ASP A 16 0.99 -20.75 19.05
CA ASP A 16 -0.29 -21.37 19.41
C ASP A 16 -0.68 -21.06 20.89
N PRO A 17 -1.96 -21.29 21.24
CA PRO A 17 -2.44 -20.86 22.56
C PRO A 17 -1.82 -21.59 23.72
N SER A 18 -1.16 -22.72 23.49
CA SER A 18 -0.36 -23.32 24.56
C SER A 18 1.14 -23.05 24.37
N THR A 19 1.51 -22.36 23.30
CA THR A 19 2.93 -22.02 23.09
C THR A 19 3.49 -21.15 24.21
N PRO A 20 4.63 -21.57 24.76
CA PRO A 20 5.35 -20.82 25.79
C PRO A 20 5.91 -19.46 25.38
N ASP A 21 5.74 -18.54 26.32
CA ASP A 21 6.37 -17.23 26.37
C ASP A 21 6.02 -16.22 25.29
N ILE A 22 4.73 -16.21 24.92
CA ILE A 22 4.27 -15.41 23.80
C ILE A 22 4.58 -13.91 24.04
N GLN A 23 4.17 -13.39 25.18
CA GLN A 23 4.51 -11.99 25.48
C GLN A 23 6.02 -11.68 25.45
N GLY A 24 6.78 -12.35 26.30
CA GLY A 24 8.25 -12.22 26.29
C GLY A 24 8.79 -12.38 24.87
N LYS A 25 8.24 -13.34 24.12
CA LYS A 25 8.78 -13.66 22.78
C LYS A 25 8.42 -12.74 21.62
N VAL A 26 7.13 -12.44 21.47
CA VAL A 26 6.71 -11.34 20.60
C VAL A 26 7.48 -10.06 20.96
N ASP A 27 7.80 -9.93 22.26
CA ASP A 27 8.58 -8.79 22.77
C ASP A 27 10.07 -8.72 22.30
N GLU A 28 10.72 -9.84 21.96
CA GLU A 28 12.14 -9.72 21.50
C GLU A 28 12.19 -9.16 20.09
N VAL A 29 11.21 -9.49 19.26
CA VAL A 29 11.25 -9.03 17.86
C VAL A 29 11.09 -7.53 17.86
N PHE A 30 10.07 -7.05 18.57
CA PHE A 30 9.86 -5.61 18.66
C PHE A 30 11.10 -4.90 19.14
N ARG A 31 11.83 -5.50 20.06
CA ARG A 31 12.90 -4.72 20.64
C ARG A 31 13.92 -4.34 19.58
N LYS A 32 14.15 -5.26 18.67
CA LYS A 32 15.17 -5.13 17.62
C LYS A 32 14.58 -4.47 16.40
N GLN A 33 13.27 -4.64 16.22
CA GLN A 33 12.56 -4.12 15.05
C GLN A 33 11.89 -2.76 15.23
N GLU A 34 11.75 -2.31 16.50
CA GLU A 34 11.08 -1.04 16.84
C GLU A 34 11.67 0.16 16.08
N SER A 35 12.97 0.35 16.12
CA SER A 35 13.55 1.57 15.53
C SER A 35 14.30 1.22 14.24
N ASN A 36 14.13 -0.02 13.81
CA ASN A 36 14.91 -0.63 12.73
C ASN A 36 14.42 -0.33 11.32
N GLN A 37 14.45 0.93 10.94
CA GLN A 37 13.70 1.40 9.78
C GLN A 37 14.26 0.81 8.48
N PHE A 38 15.57 0.56 8.44
CA PHE A 38 16.21 0.18 7.21
C PHE A 38 16.97 -1.12 7.35
N GLY A 39 16.75 -1.84 8.43
CA GLY A 39 17.43 -3.12 8.64
C GLY A 39 17.05 -4.13 7.59
N THR A 40 17.82 -5.21 7.51
CA THR A 40 17.50 -6.30 6.61
C THR A 40 16.69 -7.43 7.29
N ASP A 41 16.49 -7.36 8.60
CA ASP A 41 15.68 -8.40 9.29
C ASP A 41 14.20 -8.30 8.88
N ARG A 42 13.55 -9.45 8.88
CA ARG A 42 12.21 -9.62 8.37
C ARG A 42 11.53 -10.65 9.29
N TYR A 43 10.32 -10.35 9.80
CA TYR A 43 9.58 -11.29 10.61
C TYR A 43 8.11 -11.35 10.29
N ALA A 44 7.56 -12.56 10.33
CA ALA A 44 6.12 -12.71 10.37
C ALA A 44 5.76 -13.56 11.59
N LEU A 45 4.83 -13.04 12.40
CA LEU A 45 4.25 -13.75 13.53
C LEU A 45 2.88 -14.31 13.08
N MET A 46 2.73 -15.63 13.11
CA MET A 46 1.51 -16.25 12.63
C MET A 46 0.88 -17.02 13.82
N PHE A 47 -0.41 -16.80 14.06
CA PHE A 47 -1.13 -17.41 15.19
C PHE A 47 -2.22 -18.40 14.77
N LYS A 48 -2.14 -19.61 15.31
CA LYS A 48 -3.11 -20.68 14.98
C LYS A 48 -4.49 -20.35 15.61
N PRO A 49 -5.56 -20.94 15.10
CA PRO A 49 -6.83 -20.50 15.70
C PRO A 49 -6.90 -20.89 17.17
N GLY A 50 -7.77 -20.18 17.89
CA GLY A 50 -7.88 -20.27 19.33
C GLY A 50 -8.06 -18.88 19.92
N THR A 51 -8.14 -18.83 21.23
CA THR A 51 -8.20 -17.55 21.95
C THR A 51 -6.90 -17.41 22.74
N TYR A 52 -6.30 -16.22 22.67
CA TYR A 52 -5.00 -15.91 23.31
C TYR A 52 -5.14 -14.76 24.36
N ASN A 53 -4.60 -14.95 25.57
CA ASN A 53 -4.85 -14.04 26.68
C ASN A 53 -3.64 -13.24 27.18
N ASP A 54 -3.89 -12.05 27.75
CA ASP A 54 -2.82 -11.30 28.42
C ASP A 54 -1.71 -11.00 27.42
N ILE A 55 -2.12 -10.39 26.31
CA ILE A 55 -1.22 -10.17 25.17
C ILE A 55 -1.30 -8.75 24.68
N ASN A 56 -0.16 -8.24 24.28
CA ASN A 56 -0.13 -7.02 23.52
C ASN A 56 1.00 -7.13 22.50
N ALA A 57 0.63 -7.49 21.27
CA ALA A 57 1.61 -7.66 20.20
C ALA A 57 1.97 -6.27 19.67
N GLN A 58 3.09 -5.76 20.15
CA GLN A 58 3.62 -4.50 19.63
C GLN A 58 4.40 -4.75 18.34
N ILE A 59 4.09 -3.98 17.31
CA ILE A 59 4.56 -4.28 15.95
C ILE A 59 5.49 -3.18 15.45
N GLY A 60 6.74 -3.58 15.21
CA GLY A 60 7.78 -2.69 14.71
C GLY A 60 7.96 -2.81 13.22
N PHE A 61 9.11 -2.32 12.72
CA PHE A 61 9.37 -2.39 11.29
C PHE A 61 9.42 -3.85 10.81
N TYR A 62 9.06 -4.03 9.54
CA TYR A 62 9.19 -5.29 8.79
C TYR A 62 8.63 -6.47 9.57
N THR A 63 7.51 -6.25 10.20
CA THR A 63 6.80 -7.26 10.99
C THR A 63 5.36 -7.35 10.47
N SER A 64 4.96 -8.57 10.12
CA SER A 64 3.56 -8.89 9.77
C SER A 64 3.05 -9.80 10.87
N ILE A 65 1.82 -9.55 11.30
CA ILE A 65 1.20 -10.39 12.30
C ILE A 65 -0.16 -10.80 11.70
N ALA A 66 -0.49 -12.07 11.88
CA ALA A 66 -1.71 -12.62 11.32
C ALA A 66 -2.21 -13.84 12.07
N GLY A 67 -3.53 -14.06 11.96
CA GLY A 67 -4.14 -15.29 12.40
C GLY A 67 -4.06 -16.29 11.25
N LEU A 68 -4.00 -17.57 11.63
CA LEU A 68 -4.01 -18.65 10.68
C LEU A 68 -5.35 -19.42 10.62
N GLY A 69 -6.46 -18.77 10.96
CA GLY A 69 -7.77 -19.31 10.60
C GLY A 69 -8.36 -18.80 9.30
N LEU A 70 -9.62 -19.14 9.01
CA LEU A 70 -10.29 -18.73 7.76
C LEU A 70 -11.09 -17.47 7.81
N ASN A 71 -11.81 -17.31 8.93
CA ASN A 71 -12.57 -16.11 9.23
C ASN A 71 -11.84 -15.47 10.46
N PRO A 72 -11.89 -14.12 10.61
CA PRO A 72 -10.97 -13.49 11.57
C PRO A 72 -11.15 -13.94 13.02
N ASP A 73 -12.35 -14.36 13.37
CA ASP A 73 -12.69 -14.62 14.78
C ASP A 73 -12.22 -15.99 15.27
N ASP A 74 -11.81 -16.84 14.35
CA ASP A 74 -11.14 -18.09 14.70
C ASP A 74 -9.86 -17.87 15.50
N THR A 75 -9.27 -16.68 15.37
CA THR A 75 -8.06 -16.35 16.09
C THR A 75 -8.24 -15.04 16.87
N THR A 76 -8.52 -15.20 18.15
CA THR A 76 -8.96 -14.08 18.98
C THR A 76 -7.96 -13.69 20.06
N PHE A 77 -7.61 -12.41 20.12
CA PHE A 77 -6.73 -11.85 21.15
C PHE A 77 -7.55 -11.06 22.16
N ASN A 78 -7.58 -11.54 23.39
CA ASN A 78 -8.02 -10.71 24.48
C ASN A 78 -6.83 -9.88 24.81
N GLY A 79 -6.61 -8.90 23.95
CA GLY A 79 -5.38 -8.15 23.90
C GLY A 79 -5.37 -7.26 22.67
N ASP A 80 -4.16 -6.87 22.28
CA ASP A 80 -3.97 -5.76 21.34
C ASP A 80 -2.82 -6.03 20.40
N VAL A 81 -3.02 -5.56 19.17
CA VAL A 81 -2.00 -5.40 18.15
C VAL A 81 -1.76 -3.88 18.03
N THR A 82 -0.65 -3.45 18.57
CA THR A 82 -0.39 -2.06 18.85
C THR A 82 0.75 -1.54 17.99
N VAL A 83 0.52 -0.41 17.33
CA VAL A 83 1.58 0.39 16.73
C VAL A 83 1.55 1.76 17.42
N ASP A 84 2.66 2.13 18.04
CA ASP A 84 2.84 3.46 18.65
C ASP A 84 4.15 4.09 18.14
N ALA A 85 4.57 5.21 18.74
CA ALA A 85 5.63 6.01 18.17
C ALA A 85 6.66 6.48 19.21
N GLY A 86 6.74 5.78 20.33
CA GLY A 86 7.79 5.96 21.32
C GLY A 86 9.19 6.13 20.76
N TRP A 87 9.53 5.34 19.74
CA TRP A 87 10.90 5.37 19.20
C TRP A 87 11.25 6.68 18.48
N PHE A 88 10.26 7.39 17.91
CA PHE A 88 10.50 8.55 17.04
C PHE A 88 9.84 9.78 17.69
N ASP A 89 9.68 9.69 19.01
CA ASP A 89 9.24 10.80 19.88
C ASP A 89 7.79 11.27 19.67
N GLY A 90 6.94 10.27 19.49
CA GLY A 90 5.54 10.50 19.27
C GLY A 90 5.20 10.70 17.81
N ASN A 91 6.13 11.20 16.99
CA ASN A 91 5.87 11.42 15.58
C ASN A 91 5.72 10.05 14.89
N ALA A 92 4.54 9.79 14.31
CA ALA A 92 4.25 8.47 13.68
C ALA A 92 4.51 8.44 12.19
N THR A 93 5.07 9.52 11.64
CA THR A 93 5.24 9.64 10.18
C THR A 93 6.38 8.82 9.56
N GLN A 94 7.00 7.96 10.35
CA GLN A 94 7.96 6.99 9.84
C GLN A 94 7.54 5.55 10.26
N ASN A 95 6.27 5.36 10.58
CA ASN A 95 5.79 4.03 11.01
C ASN A 95 5.35 3.20 9.80
N PHE A 96 6.35 2.74 9.05
CA PHE A 96 6.14 2.05 7.78
C PHE A 96 6.37 0.54 7.87
N TRP A 97 5.98 -0.15 6.80
CA TRP A 97 6.41 -1.51 6.46
C TRP A 97 6.08 -2.57 7.50
N ARG A 98 4.80 -2.68 7.80
CA ARG A 98 4.34 -3.69 8.72
C ARG A 98 2.85 -3.96 8.42
N SER A 99 2.30 -5.01 9.00
CA SER A 99 0.89 -5.36 8.67
C SER A 99 0.22 -6.22 9.70
N ALA A 100 -1.11 -6.11 9.75
CA ALA A 100 -1.92 -7.00 10.59
C ALA A 100 -3.06 -7.55 9.78
N GLU A 101 -3.34 -8.85 9.90
CA GLU A 101 -4.41 -9.42 9.17
C GLU A 101 -5.05 -10.63 9.88
N ASN A 102 -6.35 -10.81 9.64
CA ASN A 102 -7.07 -12.07 9.94
C ASN A 102 -7.02 -12.45 11.42
N LEU A 103 -7.23 -11.43 12.25
CA LEU A 103 -7.37 -11.58 13.69
C LEU A 103 -8.64 -10.88 14.17
N ALA A 104 -9.22 -11.41 15.24
CA ALA A 104 -10.16 -10.65 16.07
C ALA A 104 -9.28 -9.99 17.12
N LEU A 105 -9.81 -8.96 17.79
CA LEU A 105 -9.14 -8.26 18.89
C LEU A 105 -10.16 -7.72 19.89
N ASN A 106 -9.91 -8.02 21.16
CA ASN A 106 -10.71 -7.58 22.30
C ASN A 106 -9.78 -6.72 23.15
N PRO A 107 -9.57 -5.45 22.74
CA PRO A 107 -8.47 -4.63 23.29
C PRO A 107 -8.68 -4.32 24.74
N VAL A 108 -7.58 -4.27 25.49
CA VAL A 108 -7.63 -4.32 26.91
C VAL A 108 -8.33 -3.10 27.52
N ASN A 109 -8.16 -1.92 26.93
CA ASN A 109 -8.89 -0.76 27.45
C ASN A 109 -10.14 -0.46 26.63
N GLY A 110 -10.50 -1.35 25.72
CA GLY A 110 -11.64 -1.15 24.84
C GLY A 110 -11.33 -0.54 23.48
N THR A 111 -10.06 -0.26 23.21
CA THR A 111 -9.60 0.50 22.03
C THR A 111 -8.20 0.07 21.64
N ASN A 112 -8.06 -0.43 20.42
CA ASN A 112 -6.76 -0.82 19.89
C ASN A 112 -6.08 0.40 19.21
N ARG A 113 -4.80 0.59 19.50
CA ARG A 113 -4.00 1.68 18.88
C ARG A 113 -3.20 1.17 17.68
N TRP A 114 -3.57 1.60 16.46
CA TRP A 114 -2.84 1.27 15.22
C TRP A 114 -2.33 2.58 14.56
N ALA A 115 -1.28 3.14 15.13
CA ALA A 115 -0.82 4.48 14.75
C ALA A 115 0.29 4.39 13.73
N VAL A 116 -0.12 4.27 12.49
CA VAL A 116 0.81 3.97 11.42
C VAL A 116 0.80 5.07 10.35
N SER A 117 1.80 5.02 9.48
CA SER A 117 1.78 5.82 8.30
C SER A 117 1.74 4.86 7.10
N GLN A 118 2.51 5.11 6.04
CA GLN A 118 2.35 4.38 4.80
C GLN A 118 2.81 2.91 4.87
N ALA A 119 2.22 2.10 4.01
CA ALA A 119 2.58 0.70 3.85
C ALA A 119 2.41 -0.06 5.18
N ALA A 120 1.24 0.11 5.77
CA ALA A 120 0.96 -0.51 7.06
C ALA A 120 -0.49 -1.03 7.08
N PRO A 121 -0.80 -1.95 6.15
CA PRO A 121 -2.21 -2.32 5.97
C PRO A 121 -2.77 -3.14 7.14
N PHE A 122 -4.09 -2.98 7.28
CA PHE A 122 -4.90 -3.55 8.35
C PHE A 122 -6.04 -4.23 7.59
N ARG A 123 -5.95 -5.55 7.48
CA ARG A 123 -6.86 -6.29 6.60
C ARG A 123 -7.55 -7.41 7.36
N ARG A 124 -8.83 -7.62 7.07
CA ARG A 124 -9.51 -8.82 7.53
C ARG A 124 -9.44 -8.91 9.05
N MET A 125 -9.62 -7.76 9.68
CA MET A 125 -9.60 -7.66 11.13
C MET A 125 -11.00 -7.44 11.71
N HIS A 126 -11.22 -8.05 12.86
CA HIS A 126 -12.39 -7.73 13.68
C HIS A 126 -11.90 -7.08 14.99
N VAL A 127 -12.31 -5.84 15.20
CA VAL A 127 -11.95 -5.14 16.44
C VAL A 127 -13.25 -5.04 17.23
N LYS A 128 -13.27 -5.75 18.36
CA LYS A 128 -14.44 -5.71 19.24
C LYS A 128 -14.29 -4.53 20.20
N GLY A 129 -14.34 -3.33 19.65
CA GLY A 129 -14.21 -2.12 20.44
C GLY A 129 -13.77 -1.02 19.51
N GLY A 130 -12.97 -0.14 20.06
CA GLY A 130 -12.47 1.03 19.36
C GLY A 130 -11.19 0.79 18.58
N LEU A 131 -10.94 1.69 17.64
CA LEU A 131 -9.68 1.68 16.88
C LEU A 131 -9.18 3.13 16.80
N ASN A 132 -8.06 3.36 17.49
CA ASN A 132 -7.38 4.67 17.60
C ASN A 132 -6.22 4.66 16.60
N LEU A 133 -6.27 5.54 15.61
CA LEU A 133 -5.23 5.57 14.57
C LEU A 133 -4.07 6.56 14.82
N ALA A 134 -4.08 7.21 15.96
CA ALA A 134 -3.08 8.21 16.29
C ALA A 134 -2.16 7.75 17.42
N PRO A 135 -0.90 8.20 17.40
CA PRO A 135 0.02 7.90 18.51
C PRO A 135 -0.47 8.57 19.78
N ASP A 136 -0.03 8.08 20.93
CA ASP A 136 -0.40 8.72 22.20
C ASP A 136 0.12 10.17 22.19
N GLY A 137 -0.79 11.15 22.14
CA GLY A 137 -0.49 12.59 22.31
C GLY A 137 -0.86 13.42 21.10
N TYR A 138 -1.56 12.77 20.14
CA TYR A 138 -2.04 13.41 18.91
C TYR A 138 -0.89 14.09 18.08
N GLY A 139 0.29 13.47 18.12
CA GLY A 139 1.40 13.82 17.22
C GLY A 139 1.25 13.25 15.81
N TRP A 140 2.02 13.81 14.88
CA TRP A 140 1.84 13.68 13.44
C TRP A 140 1.71 12.23 12.93
N ALA A 141 1.00 12.07 11.83
CA ALA A 141 0.74 10.74 11.28
C ALA A 141 0.15 10.86 9.88
N SER A 142 0.56 9.92 9.01
CA SER A 142 0.25 9.99 7.60
C SER A 142 -0.09 8.61 7.00
N GLY A 143 -1.13 7.98 7.52
CA GLY A 143 -1.66 6.70 7.01
C GLY A 143 -2.52 6.91 5.77
N GLY A 144 -3.27 5.90 5.36
CA GLY A 144 -3.40 4.63 6.02
C GLY A 144 -4.45 3.83 5.27
N TYR A 145 -4.59 2.55 5.62
CA TYR A 145 -5.33 1.60 4.80
C TYR A 145 -5.96 0.50 5.60
N ILE A 146 -7.28 0.48 5.50
CA ILE A 146 -8.10 -0.54 6.16
C ILE A 146 -9.00 -1.15 5.10
N ALA A 147 -8.97 -2.49 5.02
CA ALA A 147 -9.87 -3.21 4.15
C ALA A 147 -10.45 -4.46 4.77
N ASP A 148 -11.68 -4.75 4.36
CA ASP A 148 -12.31 -6.02 4.74
C ASP A 148 -12.34 -6.25 6.25
N SER A 149 -12.53 -5.16 6.98
CA SER A 149 -12.51 -5.19 8.44
C SER A 149 -13.85 -4.78 9.07
N LYS A 150 -14.08 -5.25 10.29
CA LYS A 150 -15.24 -4.83 11.10
C LYS A 150 -14.68 -4.20 12.39
N ILE A 151 -14.98 -2.92 12.59
CA ILE A 151 -14.62 -2.23 13.84
C ILE A 151 -15.96 -2.06 14.56
N ASP A 152 -16.17 -2.82 15.63
CA ASP A 152 -17.42 -2.76 16.39
C ASP A 152 -17.77 -1.34 16.84
N GLY A 153 -16.75 -0.59 17.28
CA GLY A 153 -16.97 0.74 17.82
C GLY A 153 -16.51 1.84 16.89
N GLU A 154 -16.00 2.93 17.45
CA GLU A 154 -15.54 4.08 16.68
C GLU A 154 -14.10 3.94 16.17
N VAL A 155 -13.88 4.29 14.90
CA VAL A 155 -12.55 4.57 14.41
C VAL A 155 -12.24 6.06 14.65
N GLY A 156 -11.15 6.33 15.35
CA GLY A 156 -10.76 7.69 15.72
C GLY A 156 -9.45 8.06 15.07
N PRO A 157 -9.52 8.84 13.98
CA PRO A 157 -8.28 9.17 13.25
C PRO A 157 -7.45 10.24 13.94
N TYR A 158 -8.13 11.20 14.57
CA TYR A 158 -7.51 12.34 15.26
C TYR A 158 -6.48 13.10 14.42
N SER A 159 -5.21 12.91 14.68
CA SER A 159 -4.14 13.60 13.96
C SER A 159 -3.83 13.04 12.56
N GLN A 160 -4.29 11.83 12.25
CA GLN A 160 -4.08 11.31 10.90
C GLN A 160 -4.45 12.29 9.80
N GLN A 161 -3.52 12.59 8.90
CA GLN A 161 -3.80 13.50 7.82
C GLN A 161 -4.91 13.02 6.89
N GLN A 162 -4.80 11.77 6.48
CA GLN A 162 -5.70 11.20 5.50
C GLN A 162 -5.84 9.71 5.77
N TRP A 163 -6.82 9.09 5.10
CA TRP A 163 -7.06 7.65 5.32
C TRP A 163 -7.92 7.08 4.18
N TYR A 164 -7.65 5.82 3.82
CA TYR A 164 -8.56 5.05 2.97
C TYR A 164 -9.09 3.81 3.66
N THR A 165 -10.41 3.69 3.58
CA THR A 165 -11.12 2.51 4.08
C THR A 165 -12.02 1.95 2.96
N ARG A 166 -11.91 0.64 2.73
CA ARG A 166 -12.83 -0.02 1.79
C ARG A 166 -13.45 -1.30 2.30
N ASP A 167 -14.68 -1.53 1.82
CA ASP A 167 -15.35 -2.81 1.97
C ASP A 167 -15.25 -3.33 3.40
N SER A 168 -15.80 -2.53 4.31
CA SER A 168 -15.62 -2.76 5.73
C SER A 168 -16.90 -2.52 6.50
N SER A 169 -16.83 -2.58 7.83
CA SER A 169 -17.96 -2.15 8.68
C SER A 169 -17.44 -1.40 9.90
N VAL A 170 -17.82 -0.14 10.02
CA VAL A 170 -17.52 0.66 11.21
C VAL A 170 -18.83 1.16 11.88
N GLY A 171 -18.87 1.18 13.21
CA GLY A 171 -20.04 1.67 13.94
C GLY A 171 -19.86 3.11 14.36
N GLY A 172 -18.80 3.71 13.84
CA GLY A 172 -18.53 5.13 14.07
C GLY A 172 -17.24 5.57 13.40
N TRP A 173 -17.22 6.82 12.96
CA TRP A 173 -16.00 7.44 12.46
C TRP A 173 -15.87 8.84 13.05
N GLY A 174 -14.77 9.11 13.73
CA GLY A 174 -14.72 10.22 14.68
C GLY A 174 -14.50 11.56 14.01
N ASN A 175 -13.61 11.61 13.02
CA ASN A 175 -13.20 12.91 12.48
C ASN A 175 -12.40 12.75 11.19
N GLY A 176 -12.34 13.84 10.41
CA GLY A 176 -11.43 13.96 9.29
C GLY A 176 -10.41 15.05 9.56
N VAL A 177 -9.35 15.05 8.75
CA VAL A 177 -8.31 16.06 8.84
C VAL A 177 -8.13 16.75 7.48
N TRP A 178 -7.44 16.09 6.55
CA TRP A 178 -7.39 16.52 5.16
C TRP A 178 -8.19 15.66 4.14
N ASN A 179 -8.21 14.32 4.31
CA ASN A 179 -8.82 13.46 3.31
C ASN A 179 -9.07 12.03 3.83
N MET A 180 -10.24 11.82 4.43
CA MET A 180 -10.59 10.49 4.94
C MET A 180 -11.65 9.94 3.89
N THR A 181 -11.19 9.05 3.00
CA THR A 181 -12.00 8.50 1.90
C THR A 181 -12.50 7.06 2.20
N PHE A 182 -13.72 6.80 1.76
CA PHE A 182 -14.43 5.53 2.02
C PHE A 182 -15.07 4.95 0.75
N SER A 183 -14.87 3.66 0.49
CA SER A 183 -15.72 2.98 -0.49
C SER A 183 -16.23 1.64 0.03
N GLY A 184 -17.55 1.43 -0.06
CA GLY A 184 -18.12 0.19 0.43
C GLY A 184 -18.04 -0.01 1.94
N VAL A 185 -18.09 1.09 2.67
CA VAL A 185 -17.99 1.01 4.13
C VAL A 185 -19.34 1.31 4.80
N GLU A 186 -19.98 0.28 5.30
CA GLU A 186 -21.17 0.46 6.15
C GLU A 186 -20.76 1.23 7.38
N GLY A 187 -21.53 2.24 7.73
CA GLY A 187 -21.20 3.05 8.89
C GLY A 187 -20.30 4.23 8.56
N ALA A 188 -19.82 4.32 7.33
CA ALA A 188 -18.96 5.47 6.99
C ALA A 188 -19.71 6.74 7.26
N PRO A 189 -18.97 7.77 7.69
CA PRO A 189 -19.55 9.10 7.86
C PRO A 189 -20.08 9.52 6.50
N ALA A 190 -21.21 10.21 6.48
CA ALA A 190 -21.82 10.66 5.23
C ALA A 190 -20.91 11.64 4.43
N GLN A 191 -20.94 11.51 3.11
CA GLN A 191 -20.14 12.33 2.23
C GLN A 191 -20.44 13.81 2.41
N SER A 192 -19.38 14.61 2.36
CA SER A 192 -19.42 15.99 2.84
C SER A 192 -18.28 16.93 2.44
N PHE A 193 -17.28 16.46 1.68
CA PHE A 193 -16.05 17.26 1.44
C PHE A 193 -16.40 18.70 1.07
N PRO A 194 -15.63 19.71 1.58
CA PRO A 194 -14.42 19.69 2.41
C PRO A 194 -14.78 19.61 3.91
N GLU A 195 -16.06 19.69 4.24
CA GLU A 195 -16.42 19.85 5.67
C GLU A 195 -17.37 18.87 6.33
N PRO A 196 -16.85 17.90 7.11
CA PRO A 196 -15.48 17.37 7.21
C PRO A 196 -15.06 16.85 5.85
N PRO A 197 -13.77 16.56 5.68
CA PRO A 197 -13.26 16.18 4.36
C PRO A 197 -13.52 14.71 4.05
N TYR A 198 -14.78 14.35 3.97
CA TYR A 198 -15.19 12.97 3.79
C TYR A 198 -15.61 12.79 2.33
N THR A 199 -14.95 11.84 1.69
CA THR A 199 -15.26 11.45 0.35
C THR A 199 -15.83 10.04 0.44
N THR A 200 -17.11 9.86 0.09
CA THR A 200 -17.75 8.57 0.36
C THR A 200 -18.51 8.01 -0.79
N LEU A 201 -18.08 6.82 -1.18
CA LEU A 201 -18.70 6.04 -2.22
C LEU A 201 -19.34 4.74 -1.63
N GLU A 202 -20.50 4.37 -2.15
CA GLU A 202 -21.28 3.33 -1.51
C GLU A 202 -20.70 1.97 -1.73
N THR A 203 -20.11 1.78 -2.90
CA THR A 203 -19.45 0.53 -3.24
C THR A 203 -18.12 0.77 -3.93
N THR A 204 -17.27 -0.25 -3.91
CA THR A 204 -16.06 -0.26 -4.72
C THR A 204 -16.31 -0.97 -6.04
N PRO A 205 -15.95 -0.36 -7.18
CA PRO A 205 -16.49 -0.97 -8.40
C PRO A 205 -16.07 -2.41 -8.58
N VAL A 206 -14.82 -2.72 -8.21
CA VAL A 206 -14.43 -4.11 -8.06
C VAL A 206 -13.32 -4.15 -7.00
N SER A 207 -13.30 -5.26 -6.29
CA SER A 207 -12.25 -5.51 -5.34
C SER A 207 -12.12 -7.02 -5.19
N ARG A 208 -10.95 -7.44 -4.72
CA ARG A 208 -10.65 -8.82 -4.52
C ARG A 208 -9.73 -8.94 -3.35
N GLU A 209 -10.21 -9.57 -2.29
CA GLU A 209 -9.45 -9.58 -1.06
C GLU A 209 -8.13 -10.33 -1.26
N LYS A 210 -7.13 -9.91 -0.50
CA LYS A 210 -5.78 -10.44 -0.67
C LYS A 210 -5.67 -11.87 -0.14
N PRO A 211 -5.01 -12.77 -0.91
CA PRO A 211 -4.77 -14.14 -0.41
C PRO A 211 -4.02 -14.15 0.92
N PHE A 212 -4.23 -15.18 1.74
CA PHE A 212 -3.52 -15.29 3.02
C PHE A 212 -3.30 -16.77 3.43
N LEU A 213 -2.19 -16.99 4.15
CA LEU A 213 -1.86 -18.26 4.76
C LEU A 213 -2.86 -18.59 5.88
N TYR A 214 -3.35 -19.82 5.89
CA TYR A 214 -4.21 -20.32 6.96
C TYR A 214 -4.01 -21.82 7.16
N LEU A 215 -4.57 -22.33 8.27
CA LEU A 215 -4.49 -23.76 8.59
C LEU A 215 -5.88 -24.38 8.50
N ASP A 216 -6.18 -25.07 7.38
CA ASP A 216 -7.49 -25.71 7.16
C ASP A 216 -7.47 -27.00 7.94
N GLY A 217 -7.52 -26.89 9.26
CA GLY A 217 -7.20 -27.99 10.14
C GLY A 217 -5.70 -28.09 10.42
N ASP A 218 -5.12 -29.30 10.31
CA ASP A 218 -3.67 -29.53 10.49
C ASP A 218 -2.74 -28.96 9.40
N ASP A 219 -3.27 -28.60 8.23
CA ASP A 219 -2.38 -28.36 7.05
C ASP A 219 -2.14 -26.87 6.69
N TYR A 220 -0.89 -26.48 6.42
CA TYR A 220 -0.64 -25.14 5.82
C TYR A 220 -1.19 -24.98 4.41
N LYS A 221 -1.98 -23.94 4.22
CA LYS A 221 -2.59 -23.63 2.93
C LYS A 221 -2.79 -22.13 2.72
N VAL A 222 -3.05 -21.71 1.47
CA VAL A 222 -3.41 -20.33 1.22
C VAL A 222 -4.87 -20.32 0.71
N PHE A 223 -5.68 -19.41 1.29
CA PHE A 223 -7.04 -19.11 0.80
C PHE A 223 -6.98 -17.87 -0.07
N VAL A 224 -7.69 -17.92 -1.20
CA VAL A 224 -7.58 -16.96 -2.32
C VAL A 224 -9.00 -16.48 -2.66
N PRO A 225 -9.41 -15.37 -2.06
CA PRO A 225 -10.78 -14.88 -2.30
C PRO A 225 -11.07 -14.58 -3.78
N ALA A 226 -12.32 -14.79 -4.21
CA ALA A 226 -12.77 -14.34 -5.52
C ALA A 226 -13.24 -12.87 -5.52
N LYS A 227 -13.24 -12.26 -6.71
CA LYS A 227 -13.55 -10.84 -6.84
C LYS A 227 -15.03 -10.59 -6.54
N ARG A 228 -15.27 -9.38 -6.04
CA ARG A 228 -16.58 -8.80 -5.88
C ARG A 228 -16.70 -7.61 -6.81
N THR A 229 -17.81 -7.47 -7.52
CA THR A 229 -18.15 -6.20 -8.15
C THR A 229 -19.09 -5.47 -7.20
N ASN A 230 -19.04 -4.14 -7.18
CA ASN A 230 -19.82 -3.37 -6.21
C ASN A 230 -19.70 -3.90 -4.80
N ALA A 231 -18.47 -4.08 -4.31
CA ALA A 231 -18.26 -4.56 -2.99
C ALA A 231 -18.77 -3.57 -1.98
N ARG A 232 -19.33 -4.12 -0.90
CA ARG A 232 -19.67 -3.32 0.26
C ARG A 232 -19.71 -4.22 1.46
N GLY A 233 -19.20 -3.73 2.59
CA GLY A 233 -19.09 -4.55 3.81
C GLY A 233 -18.00 -5.60 3.67
N THR A 234 -17.85 -6.42 4.71
CA THR A 234 -16.82 -7.45 4.77
C THR A 234 -17.22 -8.68 3.95
N SER A 235 -16.23 -9.57 3.76
CA SER A 235 -16.43 -10.76 2.96
C SER A 235 -16.59 -12.09 3.73
N TRP A 236 -16.43 -12.08 5.06
CA TRP A 236 -16.15 -13.30 5.86
C TRP A 236 -17.25 -13.79 6.87
N GLY A 237 -17.92 -12.79 7.44
CA GLY A 237 -18.84 -12.88 8.57
C GLY A 237 -20.19 -13.57 8.47
N ASN A 238 -20.63 -13.89 7.24
CA ASN A 238 -21.94 -14.49 7.00
C ASN A 238 -21.89 -16.00 6.90
N GLY A 239 -20.68 -16.59 6.83
CA GLY A 239 -20.51 -18.02 6.72
C GLY A 239 -19.36 -18.40 5.82
N THR A 240 -19.61 -19.13 4.73
CA THR A 240 -18.45 -19.63 3.99
C THR A 240 -17.96 -18.71 2.90
N PRO A 241 -16.83 -18.01 3.16
CA PRO A 241 -16.38 -16.96 2.22
C PRO A 241 -16.22 -17.47 0.79
N GLU A 242 -15.95 -16.57 -0.14
CA GLU A 242 -15.85 -16.93 -1.55
C GLU A 242 -14.45 -16.84 -2.17
N GLY A 243 -14.07 -17.95 -2.80
CA GLY A 243 -12.75 -18.10 -3.43
C GLY A 243 -12.17 -19.49 -3.18
N GLU A 244 -10.89 -19.68 -3.54
CA GLU A 244 -10.24 -20.98 -3.49
C GLU A 244 -9.34 -21.19 -2.30
N SER A 245 -9.01 -22.47 -2.05
CA SER A 245 -7.84 -22.83 -1.28
C SER A 245 -6.81 -23.51 -2.18
N LEU A 246 -5.55 -23.16 -1.98
CA LEU A 246 -4.39 -23.89 -2.50
C LEU A 246 -3.78 -24.65 -1.32
N PRO A 247 -3.50 -25.95 -1.50
CA PRO A 247 -2.60 -26.54 -0.49
C PRO A 247 -1.23 -25.88 -0.54
N LEU A 248 -0.49 -25.82 0.57
CA LEU A 248 0.91 -25.40 0.58
C LEU A 248 1.63 -26.08 -0.55
N ASP A 249 1.38 -27.38 -0.71
CA ASP A 249 2.38 -28.20 -1.39
C ASP A 249 2.40 -27.90 -2.89
N GLN A 250 1.46 -27.05 -3.33
CA GLN A 250 1.42 -26.52 -4.68
C GLN A 250 2.04 -25.06 -4.75
N PHE A 251 2.90 -24.74 -3.78
CA PHE A 251 3.66 -23.46 -3.74
C PHE A 251 5.15 -23.73 -3.71
N TYR A 252 5.98 -23.07 -4.54
CA TYR A 252 7.43 -23.04 -4.27
C TYR A 252 7.64 -22.10 -3.08
N VAL A 253 8.47 -22.55 -2.15
CA VAL A 253 8.79 -21.82 -0.94
C VAL A 253 10.17 -21.20 -1.08
N VAL A 254 10.15 -19.94 -1.49
CA VAL A 254 11.33 -19.13 -1.67
C VAL A 254 11.91 -18.74 -0.31
N LYS A 255 13.22 -18.91 -0.17
CA LYS A 255 13.96 -18.52 1.04
C LYS A 255 15.27 -17.80 0.62
N PRO A 256 15.97 -17.13 1.58
CA PRO A 256 17.40 -16.85 1.37
C PRO A 256 18.06 -18.07 0.75
N GLY A 257 18.69 -17.90 -0.41
CA GLY A 257 19.24 -19.00 -1.22
C GLY A 257 18.81 -18.83 -2.68
N ALA A 258 17.49 -18.71 -2.88
CA ALA A 258 16.83 -18.74 -4.19
C ALA A 258 17.46 -17.88 -5.31
N THR A 259 17.65 -18.45 -6.50
CA THR A 259 18.00 -17.64 -7.66
C THR A 259 16.69 -17.23 -8.38
N ALA A 260 16.72 -16.13 -9.11
CA ALA A 260 15.59 -15.78 -9.94
C ALA A 260 15.32 -16.84 -11.04
N GLU A 261 16.37 -17.49 -11.54
CA GLU A 261 16.13 -18.53 -12.58
C GLU A 261 15.36 -19.73 -12.01
N THR A 262 15.53 -20.03 -10.72
CA THR A 262 14.76 -21.13 -10.13
C THR A 262 13.32 -20.70 -9.80
N ILE A 263 13.16 -19.47 -9.38
CA ILE A 263 11.84 -18.92 -9.10
C ILE A 263 10.95 -19.00 -10.36
N ASN A 264 11.49 -18.53 -11.48
CA ASN A 264 10.82 -18.56 -12.80
C ASN A 264 10.60 -19.99 -13.30
N ALA A 265 11.57 -20.85 -13.01
CA ALA A 265 11.48 -22.24 -13.41
C ALA A 265 10.41 -22.96 -12.60
N ALA A 266 10.18 -22.52 -11.36
CA ALA A 266 9.11 -23.08 -10.58
C ALA A 266 7.78 -22.57 -11.15
N VAL A 267 7.73 -21.30 -11.59
CA VAL A 267 6.52 -20.85 -12.32
C VAL A 267 6.44 -21.46 -13.74
N ASP A 268 7.58 -21.73 -14.41
CA ASP A 268 7.52 -22.49 -15.66
C ASP A 268 6.79 -23.75 -15.34
N GLN A 269 7.24 -24.37 -14.26
CA GLN A 269 6.83 -25.72 -13.88
C GLN A 269 5.42 -25.88 -13.34
N GLY A 270 4.72 -24.77 -13.09
CA GLY A 270 3.39 -24.88 -12.51
C GLY A 270 3.31 -24.84 -11.00
N LEU A 271 4.21 -24.08 -10.36
CA LEU A 271 4.01 -23.77 -8.94
C LEU A 271 3.72 -22.28 -8.69
N HIS A 272 3.11 -22.06 -7.53
CA HIS A 272 2.85 -20.73 -7.03
C HIS A 272 4.09 -20.33 -6.24
N LEU A 273 4.13 -19.09 -5.74
CA LEU A 273 5.30 -18.58 -5.02
C LEU A 273 4.91 -18.06 -3.64
N LEU A 274 5.68 -18.47 -2.63
CA LEU A 274 5.51 -17.98 -1.28
C LEU A 274 6.86 -17.49 -0.83
N PHE A 275 7.00 -16.17 -0.73
CA PHE A 275 8.26 -15.60 -0.31
C PHE A 275 8.31 -15.52 1.21
N THR A 276 9.25 -16.24 1.82
CA THR A 276 9.44 -16.20 3.25
C THR A 276 10.07 -14.84 3.61
N PRO A 277 9.94 -14.43 4.87
CA PRO A 277 10.46 -13.12 5.25
C PRO A 277 11.96 -13.11 5.06
N GLY A 278 12.41 -12.33 4.09
CA GLY A 278 13.80 -12.35 3.66
C GLY A 278 14.04 -11.23 2.67
N VAL A 279 15.31 -11.07 2.30
CA VAL A 279 15.72 -10.10 1.30
C VAL A 279 16.32 -10.88 0.12
N TYR A 280 15.71 -10.71 -1.04
CA TYR A 280 16.06 -11.48 -2.23
C TYR A 280 16.71 -10.59 -3.32
N HIS A 281 18.01 -10.75 -3.50
CA HIS A 281 18.72 -10.06 -4.58
C HIS A 281 18.55 -10.92 -5.81
N VAL A 282 18.13 -10.33 -6.92
CA VAL A 282 17.95 -11.07 -8.17
C VAL A 282 18.69 -10.35 -9.30
N ASP A 283 19.26 -11.10 -10.25
CA ASP A 283 20.03 -10.52 -11.33
C ASP A 283 19.39 -10.81 -12.67
N GLN A 284 18.16 -11.29 -12.58
CA GLN A 284 17.27 -11.39 -13.70
C GLN A 284 15.87 -11.11 -13.14
N PRO A 285 15.02 -10.49 -13.94
CA PRO A 285 13.66 -10.26 -13.45
C PRO A 285 12.91 -11.57 -13.13
N ILE A 286 12.14 -11.54 -12.05
CA ILE A 286 11.15 -12.56 -11.74
C ILE A 286 9.96 -12.45 -12.69
N GLU A 287 9.58 -13.59 -13.27
CA GLU A 287 8.66 -13.58 -14.39
C GLU A 287 7.50 -14.51 -14.12
N ILE A 288 6.30 -13.93 -14.12
CA ILE A 288 5.12 -14.72 -13.94
C ILE A 288 4.29 -14.62 -15.19
N ASP A 289 4.33 -15.70 -15.97
CA ASP A 289 3.66 -15.75 -17.26
C ASP A 289 2.74 -16.98 -17.34
N ARG A 290 2.18 -17.33 -16.19
CA ARG A 290 1.20 -18.40 -16.07
C ARG A 290 -0.09 -17.84 -15.43
N ALA A 291 -1.22 -17.98 -16.11
CA ALA A 291 -2.44 -17.44 -15.58
C ALA A 291 -2.70 -17.99 -14.17
N ASN A 292 -3.30 -17.16 -13.31
CA ASN A 292 -3.68 -17.51 -11.93
C ASN A 292 -2.57 -17.76 -10.91
N THR A 293 -1.35 -17.40 -11.24
CA THR A 293 -0.24 -17.57 -10.32
C THR A 293 -0.39 -16.62 -9.13
N VAL A 294 -0.45 -17.17 -7.92
CA VAL A 294 -0.33 -16.37 -6.68
C VAL A 294 1.13 -16.20 -6.32
N ALA A 295 1.53 -14.94 -6.10
CA ALA A 295 2.83 -14.61 -5.61
C ALA A 295 2.64 -13.84 -4.28
N LEU A 296 2.89 -14.52 -3.18
CA LEU A 296 2.49 -14.04 -1.86
C LEU A 296 3.73 -13.89 -1.00
N GLY A 297 3.96 -12.68 -0.51
CA GLY A 297 5.02 -12.39 0.44
C GLY A 297 4.62 -12.45 1.91
N LEU A 298 5.57 -12.85 2.75
CA LEU A 298 5.43 -12.79 4.22
C LEU A 298 6.54 -11.92 4.84
N GLY A 299 6.25 -11.39 6.02
CA GLY A 299 7.23 -10.62 6.78
C GLY A 299 7.91 -9.48 6.02
N LEU A 300 7.15 -8.81 5.16
CA LEU A 300 7.69 -7.75 4.28
C LEU A 300 8.87 -8.28 3.44
N ALA A 301 8.73 -9.51 2.96
CA ALA A 301 9.69 -10.07 2.02
C ALA A 301 9.99 -9.03 0.91
N THR A 302 11.29 -8.92 0.64
CA THR A 302 11.83 -7.87 -0.19
C THR A 302 12.69 -8.39 -1.35
N ILE A 303 12.40 -7.90 -2.56
CA ILE A 303 13.24 -8.16 -3.71
C ILE A 303 14.04 -6.92 -4.10
N ILE A 304 15.35 -7.12 -4.27
CA ILE A 304 16.25 -6.09 -4.79
C ILE A 304 16.81 -6.49 -6.18
N PRO A 305 16.60 -5.65 -7.18
CA PRO A 305 17.12 -5.98 -8.50
C PRO A 305 18.55 -5.51 -8.60
N ASP A 306 19.44 -6.45 -8.88
CA ASP A 306 20.85 -6.17 -9.13
C ASP A 306 21.12 -5.96 -10.65
N ASN A 307 22.32 -5.50 -11.03
CA ASN A 307 22.66 -5.31 -12.45
C ASN A 307 21.76 -4.34 -13.27
N GLY A 308 20.88 -3.60 -12.58
CA GLY A 308 19.96 -2.66 -13.23
C GLY A 308 18.76 -3.32 -13.90
N VAL A 309 18.52 -4.59 -13.57
CA VAL A 309 17.39 -5.28 -14.17
C VAL A 309 16.07 -4.88 -13.53
N THR A 310 15.00 -5.27 -14.20
CA THR A 310 13.66 -5.10 -13.64
C THR A 310 13.46 -6.23 -12.61
N ALA A 311 12.83 -5.95 -11.48
CA ALA A 311 12.61 -6.95 -10.44
C ALA A 311 11.54 -7.99 -10.79
N LEU A 312 10.42 -7.51 -11.34
CA LEU A 312 9.24 -8.33 -11.45
C LEU A 312 8.48 -7.94 -12.72
N LYS A 313 8.25 -8.94 -13.58
CA LYS A 313 7.48 -8.76 -14.80
C LYS A 313 6.38 -9.81 -14.88
N VAL A 314 5.14 -9.36 -14.90
CA VAL A 314 3.98 -10.22 -15.15
C VAL A 314 3.63 -10.19 -16.64
N GLY A 315 3.34 -11.36 -17.21
CA GLY A 315 3.05 -11.48 -18.62
C GLY A 315 1.57 -11.14 -18.86
N ASP A 316 1.12 -11.32 -20.08
CA ASP A 316 -0.21 -10.85 -20.49
C ASP A 316 -1.32 -11.85 -20.19
N VAL A 317 -1.24 -12.44 -19.00
CA VAL A 317 -2.13 -13.52 -18.58
C VAL A 317 -3.17 -13.00 -17.59
N ASP A 318 -4.24 -13.79 -17.45
CA ASP A 318 -5.33 -13.53 -16.52
C ASP A 318 -4.90 -13.90 -15.09
N GLY A 319 -5.38 -13.16 -14.10
CA GLY A 319 -5.55 -13.70 -12.78
C GLY A 319 -4.32 -13.82 -11.87
N VAL A 320 -3.24 -13.12 -12.17
CA VAL A 320 -2.05 -13.17 -11.32
C VAL A 320 -2.25 -12.26 -10.11
N LYS A 321 -2.04 -12.82 -8.92
CA LYS A 321 -2.27 -12.11 -7.65
C LYS A 321 -0.92 -11.94 -6.96
N VAL A 322 -0.38 -10.73 -7.09
CA VAL A 322 0.86 -10.34 -6.45
C VAL A 322 0.51 -9.62 -5.15
N ALA A 323 1.07 -10.09 -4.05
CA ALA A 323 0.70 -9.55 -2.73
C ALA A 323 1.82 -9.57 -1.70
N GLY A 324 1.99 -8.44 -1.03
CA GLY A 324 2.71 -8.38 0.23
C GLY A 324 4.22 -8.32 0.11
N LEU A 325 4.72 -7.63 -0.93
CA LEU A 325 6.13 -7.58 -1.24
C LEU A 325 6.65 -6.13 -1.34
N LEU A 326 7.89 -5.94 -0.91
CA LEU A 326 8.61 -4.69 -1.10
C LEU A 326 9.60 -4.92 -2.23
N VAL A 327 9.57 -4.07 -3.26
CA VAL A 327 10.61 -4.03 -4.28
C VAL A 327 11.52 -2.85 -3.94
N ASP A 328 12.82 -3.11 -3.82
CA ASP A 328 13.76 -2.19 -3.20
C ASP A 328 14.88 -1.92 -4.20
N ALA A 329 14.94 -0.70 -4.73
CA ALA A 329 15.85 -0.39 -5.82
C ALA A 329 17.31 -0.67 -5.46
N GLY A 330 18.03 -1.30 -6.40
CA GLY A 330 19.48 -1.38 -6.32
C GLY A 330 20.19 -0.09 -6.70
N PRO A 331 21.48 -0.01 -6.37
CA PRO A 331 22.22 1.20 -6.69
C PRO A 331 22.41 1.43 -8.20
N VAL A 332 22.49 0.38 -9.00
CA VAL A 332 22.51 0.52 -10.47
C VAL A 332 21.10 0.85 -10.98
N ASN A 333 20.98 1.95 -11.73
CA ASN A 333 19.67 2.36 -12.21
C ASN A 333 18.94 1.24 -12.96
N SER A 334 17.74 0.93 -12.50
CA SER A 334 16.84 0.08 -13.28
C SER A 334 15.88 0.92 -14.10
N GLU A 335 15.71 0.58 -15.38
CA GLU A 335 14.74 1.27 -16.20
C GLU A 335 13.30 1.12 -15.72
N THR A 336 12.95 -0.09 -15.28
CA THR A 336 11.72 -0.30 -14.53
C THR A 336 11.97 -1.21 -13.31
N LEU A 337 11.10 -1.13 -12.30
CA LEU A 337 11.12 -2.09 -11.21
C LEU A 337 10.08 -3.22 -11.32
N VAL A 338 8.86 -2.84 -11.73
CA VAL A 338 7.75 -3.76 -11.86
C VAL A 338 7.05 -3.41 -13.18
N GLU A 339 6.83 -4.43 -14.02
CA GLU A 339 6.01 -4.28 -15.22
C GLU A 339 4.87 -5.28 -15.10
N VAL A 340 3.66 -4.80 -15.29
CA VAL A 340 2.48 -5.64 -15.29
C VAL A 340 2.00 -5.65 -16.72
N GLY A 341 2.29 -6.76 -17.43
CA GLY A 341 2.03 -6.90 -18.85
C GLY A 341 3.16 -6.32 -19.71
N SER A 342 3.26 -6.75 -20.96
CA SER A 342 4.29 -6.23 -21.86
C SER A 342 3.86 -4.87 -22.48
N ASP A 343 4.74 -4.06 -23.08
CA ASP A 343 4.22 -2.80 -23.66
C ASP A 343 3.44 -3.11 -24.94
N GLY A 344 2.30 -2.42 -25.11
CA GLY A 344 1.42 -2.73 -26.25
C GLY A 344 0.28 -3.74 -26.02
N ALA A 345 0.28 -4.43 -24.88
CA ALA A 345 -0.69 -5.53 -24.68
C ALA A 345 -2.12 -4.99 -24.82
N SER A 346 -2.90 -5.46 -25.80
CA SER A 346 -4.27 -4.96 -25.99
C SER A 346 -5.42 -5.91 -25.58
N GLY A 347 -5.12 -6.99 -24.89
CA GLY A 347 -6.19 -7.92 -24.50
C GLY A 347 -7.01 -7.56 -23.26
N ASP A 348 -8.10 -8.31 -23.05
CA ASP A 348 -8.96 -8.20 -21.86
C ASP A 348 -8.55 -9.11 -20.65
N HIS A 349 -8.83 -8.65 -19.43
CA HIS A 349 -8.55 -9.46 -18.23
C HIS A 349 -9.65 -9.18 -17.27
N ALA A 350 -10.83 -8.93 -17.82
CA ALA A 350 -11.89 -8.34 -17.07
C ALA A 350 -12.60 -9.30 -16.09
N ALA A 351 -12.86 -10.53 -16.52
CA ALA A 351 -13.47 -11.49 -15.63
C ALA A 351 -12.55 -11.87 -14.47
N ASN A 352 -11.25 -11.90 -14.74
CA ASN A 352 -10.26 -12.44 -13.83
C ASN A 352 -8.99 -11.62 -13.94
N PRO A 353 -9.02 -10.43 -13.32
CA PRO A 353 -7.91 -9.50 -13.50
C PRO A 353 -6.62 -9.90 -12.79
N THR A 354 -5.49 -9.34 -13.20
CA THR A 354 -4.30 -9.37 -12.35
C THR A 354 -4.33 -8.20 -11.38
N SER A 355 -3.84 -8.43 -10.16
CA SER A 355 -3.74 -7.37 -9.15
C SER A 355 -2.37 -7.34 -8.49
N LEU A 356 -2.02 -6.13 -8.04
CA LEU A 356 -0.97 -5.89 -7.06
C LEU A 356 -1.64 -5.41 -5.78
N GLN A 357 -1.41 -6.12 -4.68
CA GLN A 357 -1.91 -5.72 -3.36
C GLN A 357 -0.80 -5.66 -2.34
N ASP A 358 -0.74 -4.59 -1.57
CA ASP A 358 0.36 -4.42 -0.61
C ASP A 358 1.70 -4.68 -1.31
N VAL A 359 1.85 -4.05 -2.47
CA VAL A 359 3.11 -4.06 -3.16
C VAL A 359 3.67 -2.65 -2.95
N PHE A 360 4.84 -2.61 -2.35
CA PHE A 360 5.54 -1.36 -2.00
C PHE A 360 6.84 -1.26 -2.78
N VAL A 361 7.21 -0.05 -3.16
CA VAL A 361 8.45 0.17 -3.85
C VAL A 361 9.22 1.23 -3.05
N ARG A 362 10.53 1.02 -2.88
CA ARG A 362 11.40 2.00 -2.24
C ARG A 362 12.58 2.30 -3.16
N ILE A 363 12.95 3.58 -3.26
CA ILE A 363 14.16 3.96 -3.98
C ILE A 363 15.04 4.82 -3.10
N GLY A 364 16.16 4.26 -2.62
CA GLY A 364 16.98 4.90 -1.59
C GLY A 364 16.46 4.63 -0.18
N GLY A 365 17.09 5.25 0.83
CA GLY A 365 16.69 5.09 2.21
C GLY A 365 17.56 4.08 2.97
N ALA A 366 17.85 2.94 2.34
CA ALA A 366 18.72 1.96 2.96
C ALA A 366 20.05 1.93 2.21
N GLY A 367 20.54 3.11 1.86
CA GLY A 367 21.65 3.24 0.93
C GLY A 367 21.20 3.53 -0.49
N PRO A 368 22.16 3.61 -1.39
CA PRO A 368 21.90 4.20 -2.70
C PRO A 368 21.05 3.30 -3.58
N GLY A 369 20.00 3.85 -4.16
CA GLY A 369 19.18 3.16 -5.15
C GLY A 369 18.51 4.12 -6.13
N LYS A 370 18.17 3.62 -7.32
CA LYS A 370 17.55 4.41 -8.38
C LYS A 370 16.82 3.60 -9.41
N ALA A 371 15.77 4.21 -9.93
CA ALA A 371 14.96 3.64 -11.00
C ALA A 371 14.36 4.75 -11.82
N THR A 372 14.25 4.53 -13.14
CA THR A 372 13.67 5.54 -14.02
C THR A 372 12.15 5.55 -13.85
N THR A 373 11.51 4.38 -14.03
CA THR A 373 10.11 4.20 -13.66
C THR A 373 9.97 3.05 -12.65
N SER A 374 9.06 3.20 -11.69
CA SER A 374 8.91 2.19 -10.67
C SER A 374 7.94 1.09 -11.11
N ILE A 375 6.68 1.46 -11.38
CA ILE A 375 5.66 0.54 -11.83
C ILE A 375 5.02 0.99 -13.15
N VAL A 376 5.08 0.10 -14.14
CA VAL A 376 4.37 0.23 -15.40
C VAL A 376 3.20 -0.75 -15.41
N VAL A 377 1.97 -0.24 -15.55
CA VAL A 377 0.79 -1.09 -15.61
C VAL A 377 0.33 -1.04 -17.08
N ASN A 378 0.77 -2.03 -17.84
CA ASN A 378 0.36 -2.22 -19.24
C ASN A 378 -0.96 -2.96 -19.45
N SER A 379 -1.23 -3.96 -18.61
CA SER A 379 -2.43 -4.83 -18.79
C SER A 379 -3.79 -4.19 -18.43
N ASN A 380 -4.70 -4.31 -19.37
CA ASN A 380 -6.08 -3.89 -19.17
C ASN A 380 -6.68 -4.59 -17.94
N ASP A 381 -7.57 -3.87 -17.28
CA ASP A 381 -8.32 -4.38 -16.13
C ASP A 381 -7.56 -4.61 -14.81
N THR A 382 -6.29 -4.25 -14.78
CA THR A 382 -5.46 -4.47 -13.61
C THR A 382 -6.04 -3.73 -12.39
N ILE A 383 -6.02 -4.40 -11.24
CA ILE A 383 -6.35 -3.80 -9.95
C ILE A 383 -5.04 -3.49 -9.21
N ILE A 384 -4.90 -2.24 -8.76
CA ILE A 384 -3.87 -1.88 -7.80
C ILE A 384 -4.55 -1.50 -6.50
N ASP A 385 -4.56 -2.43 -5.54
CA ASP A 385 -5.28 -2.28 -4.27
C ASP A 385 -4.27 -2.21 -3.10
N HIS A 386 -3.89 -0.97 -2.77
CA HIS A 386 -2.86 -0.63 -1.78
C HIS A 386 -1.42 -0.76 -2.31
N THR A 387 -0.85 0.38 -2.68
CA THR A 387 0.56 0.42 -3.06
C THR A 387 1.16 1.70 -2.48
N TRP A 388 2.41 1.62 -2.05
CA TRP A 388 3.20 2.80 -1.67
C TRP A 388 4.43 2.74 -2.52
N VAL A 389 4.56 3.73 -3.40
CA VAL A 389 5.67 3.83 -4.33
C VAL A 389 6.42 5.09 -3.91
N TRP A 390 7.61 4.91 -3.34
CA TRP A 390 8.26 5.91 -2.50
C TRP A 390 9.76 6.11 -2.85
N ARG A 391 10.06 7.26 -3.44
CA ARG A 391 11.44 7.70 -3.58
C ARG A 391 11.84 8.22 -2.18
N ALA A 392 12.85 7.62 -1.59
CA ALA A 392 13.20 7.95 -0.21
C ALA A 392 13.54 9.42 -0.04
N ASP A 393 12.90 10.05 0.95
CA ASP A 393 13.18 11.45 1.28
C ASP A 393 14.17 11.56 2.42
N HIS A 394 14.41 10.46 3.15
CA HIS A 394 15.30 10.48 4.31
C HIS A 394 16.00 9.13 4.38
N GLY A 395 17.08 9.10 5.14
CA GLY A 395 17.85 7.88 5.31
C GLY A 395 19.20 7.96 4.63
N GLU A 396 19.85 6.81 4.53
CA GLU A 396 21.14 6.66 3.86
C GLU A 396 21.01 6.53 2.33
N GLY A 397 21.85 7.24 1.60
CA GLY A 397 21.90 7.08 0.17
C GLY A 397 20.87 7.90 -0.59
N VAL A 398 20.64 9.11 -0.12
CA VAL A 398 19.58 9.96 -0.66
C VAL A 398 20.10 11.29 -1.19
N GLY A 399 20.04 11.49 -2.49
CA GLY A 399 20.34 12.79 -3.09
C GLY A 399 19.37 13.11 -4.22
N TRP A 400 19.22 14.40 -4.54
CA TRP A 400 18.39 14.78 -5.68
C TRP A 400 18.89 14.08 -6.97
N GLU A 401 20.15 13.63 -6.98
CA GLU A 401 20.67 12.79 -8.07
C GLU A 401 20.96 11.35 -7.58
N THR A 402 21.53 11.24 -6.37
CA THR A 402 21.97 9.96 -5.79
C THR A 402 20.86 8.91 -5.72
N ASN A 403 19.64 9.31 -5.36
CA ASN A 403 18.48 8.40 -5.44
C ASN A 403 17.40 8.97 -6.36
N ARG A 404 17.85 9.61 -7.45
CA ARG A 404 16.93 10.07 -8.48
C ARG A 404 16.09 8.92 -9.01
N ALA A 405 14.83 9.24 -9.14
CA ALA A 405 13.81 8.39 -9.69
C ALA A 405 12.77 9.29 -10.32
N ASP A 406 12.82 9.39 -11.65
CA ASP A 406 11.95 10.30 -12.34
C ASP A 406 10.46 10.03 -12.23
N TYR A 407 10.03 8.78 -12.42
CA TYR A 407 8.61 8.45 -12.61
C TYR A 407 8.17 7.33 -11.67
N GLY A 408 7.05 7.54 -11.01
CA GLY A 408 6.56 6.59 -10.04
C GLY A 408 5.80 5.48 -10.70
N VAL A 409 4.54 5.75 -11.00
CA VAL A 409 3.67 4.82 -11.67
C VAL A 409 3.26 5.38 -13.01
N HIS A 410 3.26 4.51 -14.03
CA HIS A 410 2.74 4.87 -15.34
C HIS A 410 1.71 3.83 -15.78
N VAL A 411 0.48 4.27 -15.97
CA VAL A 411 -0.58 3.35 -16.35
C VAL A 411 -0.92 3.49 -17.81
N LYS A 412 -0.72 2.42 -18.56
CA LYS A 412 -0.92 2.43 -20.00
C LYS A 412 -2.14 1.55 -20.42
N GLY A 413 -2.41 0.44 -19.73
CA GLY A 413 -3.62 -0.33 -20.00
C GLY A 413 -4.93 0.43 -19.76
N ASP A 414 -6.03 -0.19 -20.16
CA ASP A 414 -7.36 0.39 -20.09
C ASP A 414 -8.11 -0.30 -18.96
N ASN A 415 -9.22 0.30 -18.50
CA ASN A 415 -10.07 -0.33 -17.49
C ASN A 415 -9.34 -0.50 -16.12
N VAL A 416 -8.27 0.27 -15.86
CA VAL A 416 -7.40 0.01 -14.68
C VAL A 416 -7.92 0.75 -13.45
N LEU A 417 -7.82 0.10 -12.29
CA LEU A 417 -8.43 0.58 -11.04
C LEU A 417 -7.41 0.58 -9.91
N ALA A 418 -7.22 1.74 -9.29
CA ALA A 418 -6.35 1.86 -8.14
C ALA A 418 -7.20 2.27 -6.94
N THR A 419 -7.17 1.44 -5.89
CA THR A 419 -7.78 1.75 -4.61
C THR A 419 -6.70 1.84 -3.52
N GLY A 420 -6.51 3.04 -2.98
CA GLY A 420 -5.45 3.26 -1.98
C GLY A 420 -4.08 3.46 -2.61
N LEU A 421 -3.94 4.54 -3.37
CA LEU A 421 -2.74 4.79 -4.16
C LEU A 421 -1.88 5.83 -3.45
N PHE A 422 -0.71 5.43 -2.96
CA PHE A 422 0.18 6.35 -2.28
C PHE A 422 1.52 6.40 -3.08
N VAL A 423 1.86 7.59 -3.58
CA VAL A 423 3.06 7.74 -4.42
C VAL A 423 3.74 9.07 -4.11
N GLU A 424 5.05 9.06 -3.83
CA GLU A 424 5.74 10.25 -3.27
C GLU A 424 7.22 10.44 -3.69
N HIS A 425 7.54 11.70 -3.94
CA HIS A 425 8.87 12.30 -3.99
C HIS A 425 9.63 12.14 -5.32
N PHE A 426 8.96 11.74 -6.39
CA PHE A 426 9.65 11.51 -7.66
C PHE A 426 10.18 12.80 -8.30
N ASN A 427 11.26 12.70 -9.06
CA ASN A 427 11.85 13.92 -9.62
C ASN A 427 10.95 14.55 -10.71
N LYS A 428 10.16 13.72 -11.37
CA LYS A 428 9.21 14.18 -12.37
C LYS A 428 7.76 13.77 -11.96
N TYR A 429 6.96 13.23 -12.88
CA TYR A 429 5.55 12.91 -12.59
C TYR A 429 5.44 11.68 -11.68
N ASP A 430 4.87 11.86 -10.48
CA ASP A 430 4.70 10.75 -9.55
C ASP A 430 3.83 9.65 -10.18
N VAL A 431 2.70 10.07 -10.74
CA VAL A 431 1.76 9.23 -11.42
C VAL A 431 1.35 9.83 -12.77
N GLN A 432 1.44 8.98 -13.81
CA GLN A 432 0.96 9.28 -15.15
C GLN A 432 -0.05 8.23 -15.61
N TRP A 433 -1.20 8.67 -16.12
CA TRP A 433 -2.20 7.78 -16.68
C TRP A 433 -2.34 8.08 -18.18
N SER A 434 -2.02 7.09 -19.01
CA SER A 434 -2.24 7.20 -20.45
C SER A 434 -3.39 6.36 -20.96
N GLY A 435 -3.82 5.36 -20.19
CA GLY A 435 -4.87 4.44 -20.66
C GLY A 435 -6.25 5.06 -20.43
N GLU A 436 -7.26 4.38 -20.96
CA GLU A 436 -8.64 4.85 -20.89
C GLU A 436 -9.38 4.29 -19.68
N ASN A 437 -10.56 4.87 -19.44
CA ASN A 437 -11.42 4.60 -18.30
C ASN A 437 -10.75 4.12 -17.05
N GLY A 438 -9.73 4.86 -16.63
CA GLY A 438 -9.06 4.60 -15.38
C GLY A 438 -9.87 5.20 -14.24
N LYS A 439 -9.77 4.55 -13.10
CA LYS A 439 -10.42 4.99 -11.88
C LYS A 439 -9.37 4.99 -10.76
N THR A 440 -9.30 6.07 -10.00
CA THR A 440 -8.49 6.11 -8.78
C THR A 440 -9.38 6.50 -7.62
N ILE A 441 -9.51 5.62 -6.64
CA ILE A 441 -10.17 5.93 -5.36
C ILE A 441 -9.13 6.02 -4.24
N PHE A 442 -8.96 7.24 -3.74
CA PHE A 442 -7.93 7.64 -2.79
C PHE A 442 -6.52 7.72 -3.36
N TYR A 443 -5.96 8.94 -3.29
CA TYR A 443 -4.58 9.22 -3.65
C TYR A 443 -3.91 10.13 -2.63
N GLN A 444 -2.73 9.72 -2.20
CA GLN A 444 -1.91 10.54 -1.35
C GLN A 444 -0.55 10.71 -2.02
N ASN A 445 -0.14 11.97 -2.23
CA ASN A 445 1.16 12.31 -2.77
C ASN A 445 1.88 13.33 -1.90
N ALA A 446 3.19 13.22 -1.88
CA ALA A 446 4.03 14.36 -1.51
C ALA A 446 5.09 14.51 -2.60
N LYS A 447 5.36 15.76 -2.98
CA LYS A 447 6.32 16.05 -4.01
C LYS A 447 7.73 15.88 -3.49
N ALA A 448 8.70 15.87 -4.39
CA ALA A 448 10.10 15.79 -4.01
C ALA A 448 10.44 16.98 -3.11
N TYR A 449 11.11 16.70 -2.01
CA TYR A 449 11.57 17.72 -1.07
C TYR A 449 12.88 18.41 -1.46
N ASP A 450 13.67 17.72 -2.27
CA ASP A 450 15.07 18.07 -2.47
C ASP A 450 15.31 18.74 -3.84
N ALA A 451 14.24 19.16 -4.51
CA ALA A 451 14.33 19.97 -5.72
C ALA A 451 15.24 21.16 -5.39
N PRO A 452 16.28 21.37 -6.18
CA PRO A 452 17.27 22.38 -5.73
C PRO A 452 16.80 23.78 -5.95
N ASP A 453 16.22 23.99 -7.13
CA ASP A 453 15.81 25.31 -7.63
C ASP A 453 14.62 25.18 -8.61
N GLN A 454 13.88 26.27 -8.82
CA GLN A 454 12.79 26.28 -9.80
C GLN A 454 13.12 25.57 -11.12
N ALA A 455 14.26 25.94 -11.72
CA ALA A 455 14.65 25.45 -13.03
C ALA A 455 14.79 23.93 -13.09
N ALA A 456 15.04 23.30 -11.95
CA ALA A 456 15.31 21.86 -11.98
C ALA A 456 14.06 21.03 -12.19
N ILE A 457 12.89 21.60 -11.90
CA ILE A 457 11.64 20.83 -12.01
C ILE A 457 10.76 21.42 -13.09
N GLN A 458 11.36 22.17 -14.00
CA GLN A 458 10.58 22.79 -15.07
C GLN A 458 9.96 21.71 -16.03
N ASN A 459 8.74 21.98 -16.53
CA ASN A 459 7.94 21.06 -17.37
C ASN A 459 7.36 21.84 -18.53
N GLY A 460 8.20 22.14 -19.52
CA GLY A 460 7.83 23.07 -20.57
C GLY A 460 7.42 24.41 -19.99
N ASP A 461 6.13 24.69 -20.06
CA ASP A 461 5.54 25.92 -19.56
C ASP A 461 4.93 25.76 -18.17
N ILE A 462 5.03 24.56 -17.62
CA ILE A 462 4.59 24.31 -16.28
C ILE A 462 5.79 24.33 -15.33
N LYS A 463 5.59 25.02 -14.21
CA LYS A 463 6.47 24.95 -13.09
C LYS A 463 6.14 23.64 -12.36
N GLY A 464 7.11 22.76 -12.27
CA GLY A 464 6.90 21.49 -11.58
C GLY A 464 6.25 20.47 -12.49
N TYR A 465 6.26 19.22 -12.03
CA TYR A 465 5.54 18.12 -12.66
C TYR A 465 4.35 17.70 -11.78
N ALA A 466 3.18 17.54 -12.40
CA ALA A 466 1.99 17.10 -11.67
C ALA A 466 2.30 15.88 -10.82
N ALA A 467 1.68 15.80 -9.66
CA ALA A 467 1.65 14.56 -8.89
C ALA A 467 0.86 13.48 -9.63
N TYR A 468 -0.12 13.93 -10.42
CA TYR A 468 -1.06 13.05 -11.10
C TYR A 468 -1.47 13.70 -12.39
N LYS A 469 -1.03 13.09 -13.51
CA LYS A 469 -1.12 13.62 -14.86
C LYS A 469 -1.87 12.64 -15.75
N VAL A 470 -3.13 12.95 -16.08
CA VAL A 470 -3.86 12.18 -17.09
C VAL A 470 -3.45 12.77 -18.44
N ASP A 471 -3.08 11.93 -19.39
CA ASP A 471 -2.66 12.43 -20.69
C ASP A 471 -3.73 13.27 -21.40
N ASP A 472 -3.26 14.17 -22.24
CA ASP A 472 -4.09 14.95 -23.12
C ASP A 472 -5.08 14.13 -24.04
N SER A 473 -4.72 12.91 -24.43
CA SER A 473 -5.55 12.10 -25.35
C SER A 473 -6.67 11.41 -24.61
N VAL A 474 -6.42 11.14 -23.35
CA VAL A 474 -7.35 10.34 -22.59
C VAL A 474 -8.73 10.96 -22.65
N THR A 475 -9.70 10.11 -22.93
CA THR A 475 -11.08 10.58 -23.14
C THR A 475 -11.94 10.29 -21.92
N THR A 476 -11.48 9.37 -21.10
CA THR A 476 -12.27 8.84 -20.00
C THR A 476 -11.37 8.54 -18.80
N HIS A 477 -11.62 9.22 -17.68
CA HIS A 477 -10.92 9.01 -16.42
C HIS A 477 -11.86 9.47 -15.30
N GLU A 478 -11.77 8.88 -14.10
CA GLU A 478 -12.52 9.45 -12.97
C GLU A 478 -11.81 9.11 -11.65
N GLY A 479 -11.57 10.15 -10.83
CA GLY A 479 -10.84 10.01 -9.60
C GLY A 479 -11.48 10.72 -8.40
N TRP A 480 -11.32 10.13 -7.22
CA TRP A 480 -11.98 10.57 -6.01
C TRP A 480 -11.00 10.62 -4.82
N GLY A 481 -10.92 11.75 -4.13
CA GLY A 481 -10.30 11.82 -2.82
C GLY A 481 -8.78 11.83 -2.92
N MET A 482 -8.28 12.89 -3.53
CA MET A 482 -6.90 12.93 -4.01
C MET A 482 -6.17 14.20 -3.54
N GLY A 483 -5.02 13.98 -2.92
CA GLY A 483 -4.25 15.06 -2.35
C GLY A 483 -2.76 14.97 -2.64
N SER A 484 -2.19 16.14 -2.97
CA SER A 484 -0.76 16.31 -3.17
C SER A 484 -0.25 17.40 -2.21
N TYR A 485 0.85 17.12 -1.53
CA TYR A 485 1.43 18.04 -0.56
C TYR A 485 2.87 18.41 -0.98
N CYS A 486 3.39 19.55 -0.54
CA CYS A 486 4.77 19.92 -0.85
C CYS A 486 5.53 20.33 0.40
N TYR A 487 6.84 20.03 0.39
CA TYR A 487 7.75 20.44 1.46
C TYR A 487 9.09 20.61 0.78
N PHE A 488 9.21 21.73 0.07
CA PHE A 488 10.44 22.00 -0.62
C PHE A 488 11.47 22.51 0.40
N ASN A 489 12.04 21.54 1.11
CA ASN A 489 12.84 21.79 2.33
C ASN A 489 14.22 22.28 2.01
N VAL A 490 14.62 22.19 0.76
CA VAL A 490 15.93 22.64 0.35
C VAL A 490 15.80 24.04 -0.23
N ASN A 491 14.72 24.28 -0.99
CA ASN A 491 14.48 25.58 -1.59
C ASN A 491 13.01 25.93 -1.56
N PRO A 492 12.58 26.51 -0.44
CA PRO A 492 11.18 26.86 -0.22
C PRO A 492 10.74 28.09 -0.98
N ASP A 493 11.60 28.64 -1.83
CA ASP A 493 11.20 29.68 -2.78
C ASP A 493 10.42 29.05 -3.95
N ILE A 494 10.52 27.73 -4.11
CA ILE A 494 9.97 27.03 -5.26
C ILE A 494 8.47 27.17 -5.34
N ARG A 495 7.98 27.18 -6.58
CA ARG A 495 6.55 27.12 -6.85
C ARG A 495 6.16 25.89 -7.67
N GLN A 496 5.16 25.18 -7.18
CA GLN A 496 4.57 23.99 -7.83
C GLN A 496 3.27 24.43 -8.54
N GLN A 497 3.19 24.42 -9.88
CA GLN A 497 1.98 24.97 -10.49
C GLN A 497 0.68 24.26 -10.04
N HIS A 498 0.76 22.94 -9.90
CA HIS A 498 -0.43 22.17 -9.58
C HIS A 498 -0.10 20.77 -9.07
N GLY A 499 -1.05 20.22 -8.31
CA GLY A 499 -1.05 18.84 -7.91
C GLY A 499 -1.44 17.87 -9.03
N PHE A 500 -2.36 18.33 -9.88
CA PHE A 500 -3.00 17.51 -10.87
C PHE A 500 -2.96 18.20 -12.22
N GLN A 501 -2.90 17.39 -13.28
CA GLN A 501 -3.04 17.88 -14.64
C GLN A 501 -3.85 16.89 -15.48
N ALA A 502 -4.83 17.38 -16.22
CA ALA A 502 -5.67 16.51 -17.03
C ALA A 502 -6.41 17.32 -18.08
N PRO A 503 -6.73 16.69 -19.22
CA PRO A 503 -7.56 17.36 -20.21
C PRO A 503 -8.92 17.70 -19.66
N VAL A 504 -9.59 18.64 -20.32
CA VAL A 504 -10.88 19.12 -19.90
C VAL A 504 -11.94 18.56 -20.81
N LYS A 505 -12.49 17.41 -20.40
CA LYS A 505 -13.43 16.63 -21.21
C LYS A 505 -14.62 16.20 -20.34
N PRO A 506 -15.79 16.05 -20.95
CA PRO A 506 -16.99 15.71 -20.19
C PRO A 506 -16.89 14.45 -19.36
N GLY A 507 -15.98 13.55 -19.69
CA GLY A 507 -15.88 12.24 -19.04
C GLY A 507 -14.53 11.96 -18.40
N VAL A 508 -13.71 13.00 -18.29
CA VAL A 508 -12.52 13.00 -17.40
C VAL A 508 -12.88 13.86 -16.20
N LYS A 509 -13.18 13.25 -15.04
CA LYS A 509 -13.73 13.94 -13.87
C LYS A 509 -12.84 13.74 -12.67
N PHE A 510 -12.89 14.67 -11.73
CA PHE A 510 -12.32 14.45 -10.41
C PHE A 510 -13.26 14.98 -9.34
N HIS A 511 -13.17 14.35 -8.19
CA HIS A 511 -14.01 14.62 -7.05
C HIS A 511 -13.11 14.70 -5.83
N ASP A 512 -13.16 15.85 -5.18
CA ASP A 512 -12.54 16.10 -3.88
C ASP A 512 -11.00 16.04 -4.01
N LEU A 513 -10.45 17.08 -4.65
CA LEU A 513 -9.02 17.29 -4.81
C LEU A 513 -8.52 18.33 -3.83
N LEU A 514 -7.27 18.19 -3.41
CA LEU A 514 -6.64 19.17 -2.54
C LEU A 514 -5.14 19.20 -2.74
N VAL A 515 -4.53 20.37 -2.53
CA VAL A 515 -3.11 20.48 -2.42
C VAL A 515 -2.81 21.23 -1.13
N VAL A 516 -1.64 20.96 -0.58
CA VAL A 516 -1.27 21.53 0.71
C VAL A 516 0.25 21.77 0.78
N SER A 517 0.63 22.99 1.10
CA SER A 517 2.02 23.28 1.44
C SER A 517 2.25 23.01 2.89
N LEU A 518 3.31 22.29 3.20
CA LEU A 518 3.60 21.90 4.55
C LEU A 518 4.49 22.98 5.23
N GLY A 519 3.85 23.79 6.06
CA GLY A 519 4.50 24.87 6.78
C GLY A 519 5.16 25.94 5.91
N GLY A 520 4.52 26.28 4.80
CA GLY A 520 5.06 27.23 3.84
C GLY A 520 6.31 26.90 3.05
N LYS A 521 6.74 25.64 3.01
CA LYS A 521 7.93 25.27 2.26
C LYS A 521 7.60 25.00 0.77
N GLY A 522 7.67 26.08 -0.01
CA GLY A 522 7.14 26.05 -1.36
C GLY A 522 5.65 26.35 -1.26
N GLN A 523 5.03 26.64 -2.40
CA GLN A 523 3.58 26.79 -2.48
C GLN A 523 3.06 26.25 -3.83
N TYR A 524 1.80 25.84 -3.83
CA TYR A 524 1.05 25.48 -5.02
C TYR A 524 0.48 26.74 -5.66
N GLU A 525 0.56 26.85 -6.98
CA GLU A 525 -0.07 27.98 -7.68
C GLU A 525 -1.58 27.71 -7.87
N HIS A 526 -1.90 26.44 -8.06
CA HIS A 526 -3.27 25.99 -8.30
C HIS A 526 -3.42 24.52 -7.81
N VAL A 527 -4.64 24.01 -7.91
CA VAL A 527 -4.96 22.63 -7.54
C VAL A 527 -4.80 21.67 -8.75
N ILE A 528 -5.51 22.00 -9.83
CA ILE A 528 -5.53 21.21 -11.07
C ILE A 528 -5.48 22.06 -12.34
N ASN A 529 -4.51 21.76 -13.21
CA ASN A 529 -4.26 22.62 -14.35
C ASN A 529 -4.04 24.03 -13.77
N ASP A 530 -4.96 24.94 -14.11
CA ASP A 530 -4.85 26.34 -13.70
C ASP A 530 -6.03 26.77 -12.84
N ILE A 531 -6.66 25.79 -12.24
CA ILE A 531 -7.91 26.01 -11.53
C ILE A 531 -7.65 25.77 -10.04
N GLY A 532 -8.39 26.48 -9.18
CA GLY A 532 -8.13 26.38 -7.75
C GLY A 532 -7.20 27.46 -7.24
N ASP A 533 -7.42 27.83 -5.97
CA ASP A 533 -6.63 28.86 -5.28
C ASP A 533 -5.22 28.33 -5.10
N PRO A 534 -4.22 29.24 -5.08
CA PRO A 534 -2.90 28.84 -4.61
C PRO A 534 -2.92 28.58 -3.10
N THR A 535 -1.94 27.85 -2.59
CA THR A 535 -1.74 27.78 -1.17
C THR A 535 -1.06 29.08 -0.76
N SER A 536 -1.26 29.47 0.49
CA SER A 536 -0.64 30.68 1.06
C SER A 536 -0.41 30.50 2.57
N GLY A 537 0.27 31.45 3.22
CA GLY A 537 0.56 31.30 4.63
C GLY A 537 1.49 30.13 4.93
N ASP A 538 2.04 30.11 6.13
CA ASP A 538 2.78 28.94 6.54
C ASP A 538 1.89 27.99 7.37
N THR A 539 0.57 28.25 7.36
CA THR A 539 -0.37 27.63 8.28
C THR A 539 -0.86 26.21 7.82
N THR A 540 -0.30 25.72 6.71
CA THR A 540 -0.64 24.44 6.12
C THR A 540 -2.12 24.21 6.02
N ILE A 541 -2.85 25.18 5.44
CA ILE A 541 -4.27 25.00 5.12
C ILE A 541 -4.43 24.53 3.67
N PRO A 542 -5.18 23.45 3.46
CA PRO A 542 -5.39 23.00 2.08
C PRO A 542 -6.10 23.96 1.14
N SER A 543 -5.66 23.97 -0.11
CA SER A 543 -6.48 24.53 -1.17
C SER A 543 -7.18 23.37 -1.84
N GLN A 544 -8.49 23.52 -1.97
CA GLN A 544 -9.37 22.43 -2.27
C GLN A 544 -10.21 22.74 -3.48
N VAL A 545 -10.63 21.67 -4.13
CA VAL A 545 -11.56 21.71 -5.22
C VAL A 545 -12.53 20.51 -5.14
N VAL A 546 -13.82 20.78 -5.03
CA VAL A 546 -14.85 19.75 -4.87
C VAL A 546 -15.07 18.93 -6.14
N SER A 547 -15.16 19.63 -7.25
CA SER A 547 -15.60 19.05 -8.52
C SER A 547 -14.80 19.62 -9.63
N PHE A 548 -14.48 18.78 -10.60
CA PHE A 548 -13.79 19.17 -11.82
C PHE A 548 -14.22 18.17 -12.88
N PRO A 549 -14.48 18.64 -14.10
CA PRO A 549 -14.30 20.00 -14.57
C PRO A 549 -15.53 20.88 -14.30
C2 BGC B . -2.41 17.35 12.35
C3 BGC B . -1.75 18.33 11.56
C4 BGC B . -2.52 19.60 11.41
C5 BGC B . -3.98 19.82 11.89
C6 BGC B . -4.87 20.24 10.97
C1 BGC B . -3.35 17.95 13.31
O1 BGC B . -3.93 17.06 14.21
O2 BGC B . -1.30 16.73 13.08
O3 BGC B . -0.99 17.75 10.36
O4 BGC B . -2.04 20.45 12.43
O5 BGC B . -4.45 18.59 12.62
O6 BGC B . -5.95 20.85 11.54
C2 BGC B . 1.19 17.14 9.40
C3 BGC B . 2.53 17.56 9.13
C4 BGC B . 2.66 19.02 8.90
C5 BGC B . 2.00 19.85 10.02
C6 BGC B . 1.98 21.19 9.80
C1 BGC B . 0.42 17.98 10.35
O2 BGC B . 1.17 15.77 9.90
O3 BGC B . 3.00 16.83 7.91
O4 BGC B . 4.00 19.44 8.78
O5 BGC B . 0.58 19.38 10.07
O6 BGC B . 1.79 21.97 10.91
C2 BGC B . 4.34 15.08 6.88
C3 BGC B . 5.64 14.55 6.61
C4 BGC B . 6.65 15.57 6.39
C5 BGC B . 6.70 16.58 7.58
C6 BGC B . 7.62 17.53 7.27
C1 BGC B . 4.28 16.21 7.90
O2 BGC B . 3.46 14.02 7.34
O3 BGC B . 5.59 13.77 5.33
O4 BGC B . 7.94 15.09 6.11
O5 BGC B . 5.31 17.19 7.62
O6 BGC B . 7.41 18.80 7.80
C2 BGC B . 5.98 11.74 4.13
C3 BGC B . 6.78 10.54 4.07
C4 BGC B . 8.14 10.74 4.60
C5 BGC B . 8.21 11.30 6.03
C6 BGC B . 9.46 11.79 6.26
C1 BGC B . 5.92 12.41 5.44
O2 BGC B . 4.61 11.50 3.67
O3 BGC B . 7.00 10.12 2.67
O4 BGC B . 8.94 9.58 4.63
O5 BGC B . 7.16 12.40 6.17
O6 BGC B . 9.54 13.11 6.59
C2 BGC C . -1.66 1.30 24.01
C3 BGC C . -3.09 1.55 24.50
C4 BGC C . -3.55 0.28 25.20
C5 BGC C . -2.61 -0.06 26.35
C6 BGC C . -3.11 -1.35 26.99
C1 BGC C . -0.78 0.85 25.18
O2 BGC C . -1.04 2.48 23.51
O3 BGC C . -3.98 1.92 23.46
O4 BGC C . -4.87 0.39 25.65
O5 BGC C . -1.31 -0.27 25.85
O6 BGC C . -2.01 -2.15 27.29
C1 EDO D . 16.89 -4.36 2.37
O1 EDO D . 15.74 -4.15 1.55
C2 EDO D . 17.02 -3.21 3.34
O2 EDO D . 15.85 -3.11 4.17
H11 EDO D . 17.79 -4.45 1.75
H12 EDO D . 16.77 -5.30 2.92
HO1 EDO D . 15.89 -4.56 0.68
H21 EDO D . 17.17 -2.28 2.78
H22 EDO D . 17.90 -3.36 3.97
HO2 EDO D . 15.95 -2.36 4.77
C1 EDO E . 9.31 17.65 -8.96
O1 EDO E . 8.57 16.54 -9.42
C2 EDO E . 8.42 18.77 -8.44
O2 EDO E . 7.55 19.20 -9.48
H11 EDO E . 9.91 18.04 -9.79
H12 EDO E . 9.98 17.33 -8.16
HO1 EDO E . 9.18 15.81 -9.58
H21 EDO E . 9.03 19.60 -8.09
H22 EDO E . 7.83 18.41 -7.59
HO2 EDO E . 6.93 19.86 -9.12
C1 EDO F . 12.96 -3.60 -19.94
O1 EDO F . 12.67 -4.69 -19.05
C2 EDO F . 11.92 -2.49 -19.82
O2 EDO F . 10.64 -2.85 -20.29
H11 EDO F . 13.01 -3.97 -20.96
H12 EDO F . 13.95 -3.21 -19.68
HO1 EDO F . 13.51 -5.07 -18.76
H21 EDO F . 12.28 -1.63 -20.40
H22 EDO F . 11.87 -2.16 -18.79
HO2 EDO F . 9.98 -2.25 -19.92
N GLU A 1 12.38 -29.79 -12.51
CA GLU A 1 13.25 -30.15 -11.38
C GLU A 1 12.76 -29.74 -9.96
N VAL A 2 11.58 -29.14 -9.83
CA VAL A 2 11.32 -28.43 -8.57
C VAL A 2 10.25 -29.01 -7.65
N VAL A 3 10.71 -29.43 -6.48
CA VAL A 3 9.84 -29.98 -5.42
C VAL A 3 9.03 -28.76 -5.01
N GLY A 4 7.94 -28.91 -4.23
CA GLY A 4 7.27 -27.79 -3.57
C GLY A 4 6.74 -27.97 -2.11
N GLY A 5 6.39 -26.86 -1.43
CA GLY A 5 5.98 -26.85 -0.03
C GLY A 5 7.07 -26.86 1.04
N GLY A 6 6.72 -27.51 2.16
CA GLY A 6 7.61 -27.71 3.26
C GLY A 6 7.65 -26.60 4.29
N ASP A 7 8.79 -26.57 4.95
CA ASP A 7 9.09 -25.63 6.00
C ASP A 7 9.04 -24.16 5.64
N LEU A 8 8.68 -23.34 6.63
CA LEU A 8 8.55 -21.91 6.40
C LEU A 8 9.75 -21.08 6.80
N GLY A 9 10.73 -21.68 7.48
CA GLY A 9 11.96 -20.98 7.76
C GLY A 9 12.07 -20.42 9.16
N PRO A 10 13.25 -19.89 9.49
CA PRO A 10 13.34 -19.35 10.86
C PRO A 10 12.65 -18.01 11.08
N ASN A 11 12.28 -17.28 10.02
CA ASN A 11 11.70 -15.96 10.20
C ASN A 11 10.17 -15.91 10.22
N VAL A 12 9.53 -17.08 10.14
CA VAL A 12 8.11 -17.25 10.38
C VAL A 12 7.94 -17.91 11.77
N LEU A 13 7.10 -17.33 12.62
CA LEU A 13 6.90 -17.86 13.98
C LEU A 13 5.45 -18.25 14.04
N VAL A 14 5.24 -19.50 14.43
CA VAL A 14 3.94 -20.11 14.44
C VAL A 14 3.60 -20.40 15.89
N PHE A 15 2.60 -19.67 16.39
CA PHE A 15 2.25 -19.68 17.79
C PHE A 15 0.93 -20.43 17.98
N ASP A 16 0.75 -21.03 19.15
CA ASP A 16 -0.56 -21.47 19.59
C ASP A 16 -0.77 -20.98 21.05
N PRO A 17 -2.03 -20.96 21.54
CA PRO A 17 -2.30 -20.47 22.91
C PRO A 17 -1.49 -21.21 23.95
N SER A 18 -1.24 -22.49 23.70
CA SER A 18 -0.22 -23.18 24.48
C SER A 18 1.05 -23.25 23.65
N THR A 19 1.70 -22.07 23.55
CA THR A 19 3.08 -21.94 23.11
C THR A 19 3.78 -21.31 24.29
N PRO A 20 5.01 -21.72 24.57
CA PRO A 20 5.64 -20.98 25.65
C PRO A 20 5.75 -19.47 25.39
N ASP A 21 5.84 -18.79 26.50
CA ASP A 21 6.25 -17.41 26.63
C ASP A 21 5.87 -16.30 25.63
N ILE A 22 4.67 -16.38 25.05
CA ILE A 22 4.27 -15.52 23.94
C ILE A 22 4.61 -14.04 24.09
N GLN A 23 4.30 -13.45 25.23
CA GLN A 23 4.57 -12.04 25.41
C GLN A 23 6.05 -11.71 25.27
N GLY A 24 6.88 -12.50 25.95
CA GLY A 24 8.33 -12.36 25.84
C GLY A 24 8.81 -12.65 24.42
N LYS A 25 8.23 -13.62 23.76
CA LYS A 25 8.75 -13.94 22.43
C LYS A 25 8.41 -12.86 21.37
N VAL A 26 7.19 -12.31 21.39
CA VAL A 26 6.89 -11.09 20.59
C VAL A 26 7.64 -9.77 20.97
N ASP A 27 7.86 -9.49 22.26
CA ASP A 27 8.62 -8.26 22.59
C ASP A 27 10.00 -8.38 21.97
N GLU A 28 10.49 -9.60 21.89
CA GLU A 28 11.86 -9.69 21.51
C GLU A 28 12.05 -9.48 20.03
N VAL A 29 11.14 -10.06 19.25
CA VAL A 29 11.04 -9.69 17.84
C VAL A 29 10.93 -8.20 17.84
N PHE A 30 9.97 -7.66 18.61
CA PHE A 30 9.75 -6.21 18.70
C PHE A 30 10.98 -5.42 19.15
N ARG A 31 11.74 -5.97 20.09
CA ARG A 31 12.89 -5.21 20.59
C ARG A 31 13.87 -4.96 19.45
N LYS A 32 14.02 -5.92 18.55
CA LYS A 32 14.97 -5.74 17.43
C LYS A 32 14.49 -4.76 16.37
N GLN A 33 13.17 -4.66 16.18
CA GLN A 33 12.66 -3.92 15.04
C GLN A 33 12.26 -2.49 15.32
N GLU A 34 12.01 -2.19 16.60
CA GLU A 34 11.35 -0.95 16.99
C GLU A 34 11.88 0.26 16.21
N SER A 35 13.19 0.45 16.28
CA SER A 35 13.86 1.58 15.60
C SER A 35 14.41 1.15 14.27
N ASN A 36 14.15 -0.08 13.87
CA ASN A 36 14.88 -0.73 12.79
C ASN A 36 14.41 -0.36 11.38
N GLN A 37 14.58 0.90 11.00
CA GLN A 37 13.85 1.40 9.83
C GLN A 37 14.37 0.83 8.49
N PHE A 38 15.69 0.68 8.38
CA PHE A 38 16.26 0.27 7.14
C PHE A 38 17.04 -1.05 7.21
N GLY A 39 16.94 -1.77 8.33
CA GLY A 39 17.58 -3.08 8.49
C GLY A 39 17.17 -4.10 7.46
N THR A 40 17.90 -5.22 7.37
CA THR A 40 17.52 -6.32 6.47
C THR A 40 16.75 -7.44 7.20
N ASP A 41 16.53 -7.26 8.50
CA ASP A 41 15.73 -8.18 9.32
C ASP A 41 14.23 -8.17 8.90
N ARG A 42 13.60 -9.34 8.93
CA ARG A 42 12.21 -9.51 8.53
C ARG A 42 11.55 -10.57 9.42
N TYR A 43 10.27 -10.42 9.74
CA TYR A 43 9.57 -11.41 10.55
C TYR A 43 8.09 -11.49 10.23
N ALA A 44 7.55 -12.72 10.20
CA ALA A 44 6.10 -12.91 10.23
C ALA A 44 5.72 -13.66 11.51
N LEU A 45 4.74 -13.11 12.23
CA LEU A 45 4.21 -13.71 13.46
C LEU A 45 2.85 -14.32 13.10
N MET A 46 2.76 -15.64 13.21
CA MET A 46 1.62 -16.37 12.65
C MET A 46 0.93 -17.13 13.81
N PHE A 47 -0.33 -16.77 14.09
CA PHE A 47 -1.05 -17.30 15.25
C PHE A 47 -2.12 -18.31 14.86
N LYS A 48 -2.06 -19.48 15.51
CA LYS A 48 -2.96 -20.57 15.15
C LYS A 48 -4.34 -20.27 15.74
N PRO A 49 -5.37 -20.83 15.11
CA PRO A 49 -6.75 -20.84 15.59
C PRO A 49 -6.79 -21.13 17.08
N GLY A 50 -7.46 -20.25 17.81
CA GLY A 50 -7.49 -20.22 19.25
C GLY A 50 -7.98 -18.90 19.81
N THR A 51 -8.09 -18.83 21.12
CA THR A 51 -8.28 -17.57 21.83
C THR A 51 -7.05 -17.39 22.70
N TYR A 52 -6.33 -16.29 22.49
CA TYR A 52 -5.16 -15.93 23.28
C TYR A 52 -5.56 -14.93 24.36
N ASN A 53 -4.80 -14.92 25.44
CA ASN A 53 -5.06 -14.08 26.62
C ASN A 53 -3.83 -13.28 27.02
N ASP A 54 -4.05 -12.09 27.57
CA ASP A 54 -2.99 -11.26 28.13
C ASP A 54 -1.84 -11.03 27.17
N ILE A 55 -2.19 -10.41 26.07
CA ILE A 55 -1.25 -10.19 24.99
C ILE A 55 -1.35 -8.75 24.56
N ASN A 56 -0.20 -8.14 24.38
CA ASN A 56 -0.17 -6.99 23.51
C ASN A 56 0.96 -7.17 22.50
N ALA A 57 0.58 -7.60 21.29
CA ALA A 57 1.54 -7.77 20.21
C ALA A 57 1.92 -6.39 19.65
N GLN A 58 3.06 -5.89 20.08
CA GLN A 58 3.54 -4.62 19.51
C GLN A 58 4.39 -4.88 18.28
N ILE A 59 4.15 -4.05 17.29
CA ILE A 59 4.58 -4.33 15.93
C ILE A 59 5.53 -3.22 15.51
N GLY A 60 6.76 -3.62 15.19
CA GLY A 60 7.79 -2.68 14.76
C GLY A 60 8.00 -2.81 13.27
N PHE A 61 9.13 -2.31 12.77
CA PHE A 61 9.38 -2.40 11.33
C PHE A 61 9.44 -3.86 10.87
N TYR A 62 9.07 -4.05 9.59
CA TYR A 62 9.19 -5.28 8.84
C TYR A 62 8.64 -6.49 9.58
N THR A 63 7.54 -6.26 10.28
CA THR A 63 6.85 -7.30 11.02
C THR A 63 5.41 -7.35 10.53
N SER A 64 4.99 -8.56 10.19
CA SER A 64 3.61 -8.86 9.84
C SER A 64 3.05 -9.82 10.91
N ILE A 65 1.81 -9.58 11.29
CA ILE A 65 1.16 -10.41 12.29
C ILE A 65 -0.18 -10.82 11.68
N ALA A 66 -0.52 -12.09 11.88
CA ALA A 66 -1.68 -12.67 11.25
C ALA A 66 -2.20 -13.90 12.02
N GLY A 67 -3.51 -14.11 11.93
CA GLY A 67 -4.11 -15.35 12.41
C GLY A 67 -3.97 -16.38 11.31
N LEU A 68 -3.99 -17.65 11.72
CA LEU A 68 -3.94 -18.74 10.79
C LEU A 68 -5.29 -19.47 10.72
N GLY A 69 -6.34 -18.79 11.14
CA GLY A 69 -7.69 -19.29 10.88
C GLY A 69 -8.20 -19.06 9.48
N LEU A 70 -9.18 -19.84 9.04
CA LEU A 70 -9.86 -19.49 7.80
C LEU A 70 -10.51 -18.12 7.93
N ASN A 71 -11.16 -17.93 9.08
CA ASN A 71 -11.88 -16.70 9.48
C ASN A 71 -11.31 -15.89 10.67
N PRO A 72 -11.53 -14.56 10.67
CA PRO A 72 -10.91 -13.72 11.70
C PRO A 72 -11.34 -14.02 13.15
N ASP A 73 -12.60 -14.33 13.39
CA ASP A 73 -12.98 -14.74 14.76
C ASP A 73 -12.58 -16.19 15.08
N ASP A 74 -11.72 -16.78 14.25
CA ASP A 74 -11.06 -18.04 14.58
C ASP A 74 -9.83 -17.85 15.49
N THR A 75 -9.23 -16.65 15.46
CA THR A 75 -8.03 -16.33 16.21
C THR A 75 -8.20 -15.00 16.98
N THR A 76 -8.40 -15.14 18.29
CA THR A 76 -8.85 -14.02 19.10
C THR A 76 -7.84 -13.65 20.20
N PHE A 77 -7.44 -12.37 20.24
CA PHE A 77 -6.52 -11.84 21.26
C PHE A 77 -7.30 -11.02 22.26
N ASN A 78 -7.48 -11.54 23.46
CA ASN A 78 -7.87 -10.70 24.56
C ASN A 78 -6.67 -9.87 24.91
N GLY A 79 -6.72 -8.64 24.40
CA GLY A 79 -5.56 -7.78 24.29
C GLY A 79 -5.46 -7.15 22.91
N ASP A 80 -4.23 -6.89 22.50
CA ASP A 80 -3.99 -5.87 21.47
C ASP A 80 -2.89 -6.23 20.47
N VAL A 81 -3.06 -5.68 19.28
CA VAL A 81 -2.04 -5.61 18.24
C VAL A 81 -1.79 -4.08 18.02
N THR A 82 -0.68 -3.62 18.55
CA THR A 82 -0.45 -2.20 18.78
C THR A 82 0.71 -1.65 17.95
N VAL A 83 0.48 -0.50 17.34
CA VAL A 83 1.57 0.33 16.79
C VAL A 83 1.51 1.72 17.43
N ASP A 84 2.65 2.13 17.99
CA ASP A 84 2.79 3.46 18.56
C ASP A 84 4.16 4.04 18.15
N ALA A 85 4.35 5.34 18.34
CA ALA A 85 5.50 6.07 17.81
C ALA A 85 6.44 6.53 18.90
N GLY A 86 6.66 5.72 19.91
CA GLY A 86 7.50 6.13 21.00
C GLY A 86 8.88 6.49 20.50
N TRP A 87 9.50 5.52 19.81
CA TRP A 87 10.86 5.65 19.29
C TRP A 87 11.12 7.01 18.69
N PHE A 88 10.13 7.68 18.07
CA PHE A 88 10.39 8.97 17.37
C PHE A 88 9.63 10.11 18.03
N ASP A 89 9.69 10.15 19.34
CA ASP A 89 9.20 11.30 20.10
C ASP A 89 7.70 11.50 19.88
N GLY A 90 7.02 10.40 19.55
CA GLY A 90 5.61 10.43 19.25
C GLY A 90 5.18 10.86 17.86
N ASN A 91 6.11 11.02 16.91
CA ASN A 91 5.74 11.35 15.54
C ASN A 91 5.56 10.00 14.86
N ALA A 92 4.41 9.79 14.24
CA ALA A 92 4.06 8.49 13.64
C ALA A 92 4.46 8.41 12.17
N THR A 93 5.06 9.46 11.63
CA THR A 93 5.24 9.53 10.17
C THR A 93 6.42 8.74 9.56
N GLN A 94 7.13 7.97 10.36
CA GLN A 94 8.08 7.00 9.82
C GLN A 94 7.66 5.58 10.22
N ASN A 95 6.38 5.41 10.61
CA ASN A 95 5.88 4.08 10.97
C ASN A 95 5.39 3.29 9.75
N PHE A 96 6.35 2.74 9.03
CA PHE A 96 6.14 2.05 7.77
C PHE A 96 6.36 0.53 7.85
N TRP A 97 5.99 -0.15 6.76
CA TRP A 97 6.37 -1.53 6.41
C TRP A 97 6.06 -2.56 7.48
N ARG A 98 4.78 -2.68 7.77
CA ARG A 98 4.33 -3.72 8.67
C ARG A 98 2.86 -4.03 8.35
N SER A 99 2.33 -5.09 8.93
CA SER A 99 0.92 -5.46 8.62
C SER A 99 0.23 -6.25 9.71
N ALA A 100 -1.09 -6.10 9.76
CA ALA A 100 -1.95 -6.92 10.64
C ALA A 100 -3.04 -7.51 9.82
N GLU A 101 -3.28 -8.82 9.96
CA GLU A 101 -4.44 -9.34 9.30
C GLU A 101 -5.05 -10.62 9.89
N ASN A 102 -6.35 -10.80 9.64
CA ASN A 102 -7.09 -12.04 9.95
C ASN A 102 -6.99 -12.44 11.43
N LEU A 103 -7.21 -11.43 12.27
CA LEU A 103 -7.36 -11.57 13.72
C LEU A 103 -8.60 -10.86 14.25
N ALA A 104 -9.11 -11.37 15.36
CA ALA A 104 -10.11 -10.68 16.18
C ALA A 104 -9.45 -10.13 17.44
N LEU A 105 -9.75 -8.88 17.79
CA LEU A 105 -9.11 -8.22 18.95
C LEU A 105 -10.17 -7.74 19.92
N ASN A 106 -9.89 -8.00 21.20
CA ASN A 106 -10.73 -7.58 22.31
C ASN A 106 -9.82 -6.71 23.14
N PRO A 107 -9.62 -5.44 22.73
CA PRO A 107 -8.49 -4.66 23.28
C PRO A 107 -8.68 -4.43 24.76
N VAL A 108 -7.57 -4.29 25.46
CA VAL A 108 -7.61 -4.43 26.88
C VAL A 108 -8.33 -3.24 27.49
N ASN A 109 -8.08 -2.03 26.98
CA ASN A 109 -8.78 -0.87 27.52
C ASN A 109 -10.05 -0.53 26.75
N GLY A 110 -10.44 -1.37 25.80
CA GLY A 110 -11.62 -1.12 24.98
C GLY A 110 -11.36 -0.57 23.60
N THR A 111 -10.13 -0.12 23.31
CA THR A 111 -9.81 0.41 21.99
C THR A 111 -8.36 0.15 21.62
N ASN A 112 -8.17 -0.38 20.41
CA ASN A 112 -6.86 -0.81 19.95
C ASN A 112 -6.13 0.40 19.25
N ARG A 113 -4.81 0.46 19.40
CA ARG A 113 -4.00 1.54 18.76
C ARG A 113 -3.09 1.08 17.61
N TRP A 114 -3.41 1.50 16.38
CA TRP A 114 -2.63 1.18 15.15
C TRP A 114 -2.15 2.51 14.53
N ALA A 115 -1.17 3.14 15.15
CA ALA A 115 -0.78 4.50 14.79
C ALA A 115 0.31 4.51 13.72
N VAL A 116 -0.15 4.23 12.51
CA VAL A 116 0.77 3.95 11.41
C VAL A 116 0.79 5.06 10.35
N SER A 117 1.83 5.04 9.53
CA SER A 117 1.81 5.81 8.33
C SER A 117 1.78 4.84 7.14
N GLN A 118 2.50 5.14 6.04
CA GLN A 118 2.33 4.39 4.81
C GLN A 118 2.82 2.92 4.85
N ALA A 119 2.25 2.11 3.98
CA ALA A 119 2.60 0.69 3.83
C ALA A 119 2.42 -0.07 5.15
N ALA A 120 1.28 0.12 5.76
CA ALA A 120 0.98 -0.53 7.03
C ALA A 120 -0.47 -1.04 7.03
N PRO A 121 -0.79 -1.96 6.11
CA PRO A 121 -2.18 -2.37 5.91
C PRO A 121 -2.74 -3.21 7.09
N PHE A 122 -4.04 -3.07 7.23
CA PHE A 122 -4.84 -3.60 8.33
C PHE A 122 -6.03 -4.24 7.61
N ARG A 123 -5.97 -5.57 7.47
CA ARG A 123 -6.89 -6.29 6.59
C ARG A 123 -7.56 -7.45 7.33
N ARG A 124 -8.82 -7.72 7.02
CA ARG A 124 -9.50 -8.95 7.48
C ARG A 124 -9.47 -9.01 9.01
N MET A 125 -9.65 -7.85 9.64
CA MET A 125 -9.60 -7.72 11.09
C MET A 125 -10.99 -7.51 11.71
N HIS A 126 -11.16 -8.03 12.92
CA HIS A 126 -12.37 -7.75 13.71
C HIS A 126 -12.01 -7.16 15.07
N VAL A 127 -12.23 -5.85 15.22
CA VAL A 127 -11.94 -5.16 16.48
C VAL A 127 -13.23 -5.05 17.27
N LYS A 128 -13.30 -5.75 18.38
CA LYS A 128 -14.46 -5.62 19.26
C LYS A 128 -14.28 -4.47 20.21
N GLY A 129 -14.23 -3.27 19.65
CA GLY A 129 -14.10 -2.06 20.42
C GLY A 129 -13.82 -1.04 19.36
N GLY A 130 -13.22 0.04 19.78
CA GLY A 130 -12.79 1.07 18.86
C GLY A 130 -11.38 0.87 18.35
N LEU A 131 -10.98 1.79 17.51
CA LEU A 131 -9.68 1.72 16.84
C LEU A 131 -9.14 3.14 16.77
N ASN A 132 -8.06 3.36 17.49
CA ASN A 132 -7.40 4.67 17.60
C ASN A 132 -6.23 4.64 16.62
N LEU A 133 -6.27 5.47 15.57
CA LEU A 133 -5.21 5.51 14.55
C LEU A 133 -4.05 6.49 14.89
N ALA A 134 -4.17 7.11 16.04
CA ALA A 134 -3.24 8.17 16.46
C ALA A 134 -2.19 7.70 17.49
N PRO A 135 -0.95 8.19 17.37
CA PRO A 135 0.08 7.85 18.34
C PRO A 135 -0.28 8.41 19.70
N ASP A 136 0.24 7.84 20.76
CA ASP A 136 -0.09 8.37 22.08
C ASP A 136 0.55 9.76 22.12
N GLY A 137 -0.15 10.74 22.68
CA GLY A 137 0.32 12.11 22.56
C GLY A 137 -0.38 12.82 21.43
N TYR A 138 -0.65 12.14 20.32
CA TYR A 138 -1.38 12.73 19.18
C TYR A 138 -0.49 13.64 18.29
N GLY A 139 0.70 13.12 18.02
CA GLY A 139 1.61 13.79 17.12
C GLY A 139 1.28 13.40 15.69
N TRP A 140 2.19 13.73 14.80
CA TRP A 140 1.90 13.66 13.39
C TRP A 140 1.75 12.21 12.90
N ALA A 141 0.98 12.04 11.84
CA ALA A 141 0.72 10.72 11.29
C ALA A 141 0.14 10.84 9.87
N SER A 142 0.56 9.93 8.99
CA SER A 142 0.24 10.01 7.61
C SER A 142 -0.09 8.62 7.00
N GLY A 143 -1.16 8.01 7.51
CA GLY A 143 -1.66 6.73 6.99
C GLY A 143 -2.53 6.92 5.76
N GLY A 144 -3.24 5.90 5.34
CA GLY A 144 -3.37 4.62 6.02
C GLY A 144 -4.44 3.82 5.28
N TYR A 145 -4.55 2.53 5.62
CA TYR A 145 -5.32 1.61 4.80
C TYR A 145 -5.96 0.49 5.60
N ILE A 146 -7.30 0.49 5.54
CA ILE A 146 -8.11 -0.57 6.16
C ILE A 146 -9.01 -1.17 5.10
N ALA A 147 -9.01 -2.51 5.02
CA ALA A 147 -9.88 -3.24 4.12
C ALA A 147 -10.46 -4.49 4.76
N ASP A 148 -11.69 -4.79 4.37
CA ASP A 148 -12.29 -6.08 4.70
C ASP A 148 -12.34 -6.32 6.22
N SER A 149 -12.60 -5.22 6.94
CA SER A 149 -12.54 -5.21 8.39
C SER A 149 -13.84 -4.79 9.09
N LYS A 150 -14.04 -5.31 10.30
CA LYS A 150 -15.14 -4.88 11.15
C LYS A 150 -14.59 -4.19 12.39
N ILE A 151 -14.96 -2.94 12.59
CA ILE A 151 -14.68 -2.24 13.85
C ILE A 151 -16.06 -2.06 14.48
N ASP A 152 -16.31 -2.74 15.58
CA ASP A 152 -17.62 -2.64 16.21
C ASP A 152 -17.87 -1.26 16.78
N GLY A 153 -16.81 -0.59 17.24
CA GLY A 153 -16.95 0.75 17.82
C GLY A 153 -16.53 1.86 16.86
N GLU A 154 -16.09 2.97 17.43
CA GLU A 154 -15.65 4.13 16.66
C GLU A 154 -14.20 4.00 16.20
N VAL A 155 -13.96 4.35 14.94
CA VAL A 155 -12.62 4.57 14.45
C VAL A 155 -12.28 6.08 14.63
N GLY A 156 -11.17 6.36 15.29
CA GLY A 156 -10.75 7.74 15.58
C GLY A 156 -9.42 8.09 14.96
N PRO A 157 -9.44 8.84 13.86
CA PRO A 157 -8.16 9.14 13.21
C PRO A 157 -7.43 10.25 13.92
N TYR A 158 -8.18 11.17 14.53
CA TYR A 158 -7.60 12.31 15.25
C TYR A 158 -6.64 13.12 14.35
N SER A 159 -5.33 13.00 14.58
CA SER A 159 -4.32 13.76 13.85
C SER A 159 -3.88 13.11 12.53
N GLN A 160 -4.35 11.91 12.22
CA GLN A 160 -4.10 11.35 10.89
C GLN A 160 -4.50 12.29 9.78
N GLN A 161 -3.57 12.59 8.87
CA GLN A 161 -3.85 13.52 7.80
C GLN A 161 -4.93 13.03 6.84
N GLN A 162 -4.80 11.76 6.46
CA GLN A 162 -5.65 11.17 5.48
C GLN A 162 -5.82 9.67 5.76
N TRP A 163 -6.80 9.07 5.08
CA TRP A 163 -7.04 7.64 5.29
C TRP A 163 -7.93 7.06 4.19
N TYR A 164 -7.68 5.79 3.83
CA TYR A 164 -8.59 5.05 2.97
C TYR A 164 -9.12 3.80 3.64
N THR A 165 -10.42 3.67 3.58
CA THR A 165 -11.12 2.48 4.08
C THR A 165 -12.04 1.92 2.98
N ARG A 166 -11.95 0.60 2.77
CA ARG A 166 -12.80 -0.05 1.77
C ARG A 166 -13.45 -1.32 2.27
N ASP A 167 -14.67 -1.54 1.80
CA ASP A 167 -15.35 -2.83 1.93
C ASP A 167 -15.25 -3.38 3.35
N SER A 168 -15.85 -2.61 4.24
CA SER A 168 -15.66 -2.77 5.67
C SER A 168 -16.88 -2.38 6.42
N SER A 169 -16.79 -2.49 7.75
CA SER A 169 -17.90 -2.13 8.64
C SER A 169 -17.32 -1.36 9.83
N VAL A 170 -17.83 -0.16 10.06
CA VAL A 170 -17.46 0.61 11.25
C VAL A 170 -18.73 1.09 12.00
N GLY A 171 -18.62 1.16 13.32
CA GLY A 171 -19.70 1.64 14.17
C GLY A 171 -19.80 3.17 14.27
N GLY A 172 -18.71 3.85 13.93
CA GLY A 172 -18.69 5.30 13.91
C GLY A 172 -17.34 5.75 13.37
N TRP A 173 -17.22 7.05 13.19
CA TRP A 173 -16.02 7.67 12.64
C TRP A 173 -15.93 9.01 13.36
N GLY A 174 -14.77 9.30 13.91
CA GLY A 174 -14.63 10.38 14.89
C GLY A 174 -14.37 11.68 14.17
N ASN A 175 -13.58 11.65 13.11
CA ASN A 175 -13.15 12.91 12.49
C ASN A 175 -12.34 12.73 11.21
N GLY A 176 -12.18 13.83 10.48
CA GLY A 176 -11.26 13.90 9.38
C GLY A 176 -10.36 15.12 9.49
N VAL A 177 -9.14 15.04 8.92
CA VAL A 177 -8.18 16.17 8.88
C VAL A 177 -8.06 16.80 7.48
N TRP A 178 -7.38 16.13 6.54
CA TRP A 178 -7.35 16.56 5.13
C TRP A 178 -8.13 15.68 4.10
N ASN A 179 -8.15 14.34 4.27
CA ASN A 179 -8.78 13.46 3.28
C ASN A 179 -9.07 12.04 3.78
N MET A 180 -10.29 11.85 4.27
CA MET A 180 -10.77 10.51 4.67
C MET A 180 -11.70 10.05 3.59
N THR A 181 -11.27 9.02 2.84
CA THR A 181 -12.07 8.45 1.77
C THR A 181 -12.54 7.02 2.15
N PHE A 182 -13.78 6.74 1.79
CA PHE A 182 -14.44 5.46 2.04
C PHE A 182 -15.05 4.91 0.75
N SER A 183 -14.89 3.61 0.50
CA SER A 183 -15.72 2.96 -0.51
C SER A 183 -16.24 1.61 -0.02
N GLY A 184 -17.55 1.41 -0.13
CA GLY A 184 -18.16 0.17 0.32
C GLY A 184 -18.06 -0.02 1.82
N VAL A 185 -18.09 1.08 2.55
CA VAL A 185 -17.96 1.01 3.99
C VAL A 185 -19.32 1.24 4.70
N GLU A 186 -19.86 0.17 5.29
CA GLU A 186 -21.01 0.31 6.16
C GLU A 186 -20.62 1.10 7.39
N GLY A 187 -21.39 2.13 7.66
CA GLY A 187 -21.13 2.97 8.82
C GLY A 187 -20.31 4.20 8.47
N ALA A 188 -19.83 4.33 7.24
CA ALA A 188 -19.05 5.52 6.89
C ALA A 188 -19.86 6.80 7.04
N PRO A 189 -19.15 7.90 7.32
CA PRO A 189 -19.74 9.25 7.28
C PRO A 189 -20.24 9.55 5.88
N ALA A 190 -21.36 10.25 5.76
CA ALA A 190 -21.91 10.55 4.45
C ALA A 190 -21.03 11.52 3.63
N GLN A 191 -21.14 11.44 2.31
CA GLN A 191 -20.43 12.31 1.37
C GLN A 191 -20.64 13.79 1.78
N SER A 192 -19.53 14.45 2.15
CA SER A 192 -19.55 15.79 2.77
C SER A 192 -18.49 16.81 2.32
N PHE A 193 -17.44 16.34 1.66
CA PHE A 193 -16.19 17.14 1.47
C PHE A 193 -16.47 18.60 1.12
N PRO A 194 -15.59 19.55 1.51
CA PRO A 194 -14.32 19.55 2.26
C PRO A 194 -14.49 19.62 3.79
N GLU A 195 -15.68 19.98 4.27
CA GLU A 195 -15.89 20.06 5.72
C GLU A 195 -17.09 19.22 6.12
N PRO A 196 -16.86 18.16 6.91
CA PRO A 196 -15.52 17.59 7.14
C PRO A 196 -15.04 16.99 5.83
N PRO A 197 -13.79 16.55 5.75
CA PRO A 197 -13.24 16.16 4.45
C PRO A 197 -13.50 14.68 4.11
N TYR A 198 -14.78 14.33 3.99
CA TYR A 198 -15.17 12.95 3.77
C TYR A 198 -15.63 12.75 2.32
N THR A 199 -14.95 11.81 1.66
CA THR A 199 -15.27 11.41 0.32
C THR A 199 -15.84 10.00 0.41
N THR A 200 -17.12 9.86 0.09
CA THR A 200 -17.85 8.63 0.44
C THR A 200 -18.54 8.01 -0.72
N LEU A 201 -18.05 6.86 -1.11
CA LEU A 201 -18.61 6.05 -2.16
C LEU A 201 -19.33 4.80 -1.55
N GLU A 202 -20.51 4.48 -2.06
CA GLU A 202 -21.32 3.42 -1.47
C GLU A 202 -20.75 2.05 -1.74
N THR A 203 -20.19 1.88 -2.93
CA THR A 203 -19.57 0.62 -3.29
C THR A 203 -18.20 0.79 -3.92
N THR A 204 -17.38 -0.25 -3.80
CA THR A 204 -16.13 -0.33 -4.54
C THR A 204 -16.35 -0.97 -5.89
N PRO A 205 -15.99 -0.30 -6.98
CA PRO A 205 -16.32 -0.82 -8.32
C PRO A 205 -15.93 -2.30 -8.52
N VAL A 206 -14.67 -2.63 -8.23
CA VAL A 206 -14.27 -4.00 -8.05
C VAL A 206 -13.24 -4.06 -6.92
N SER A 207 -13.25 -5.20 -6.25
CA SER A 207 -12.22 -5.54 -5.32
C SER A 207 -12.17 -7.06 -5.19
N ARG A 208 -11.01 -7.54 -4.75
CA ARG A 208 -10.76 -8.95 -4.61
C ARG A 208 -9.80 -9.06 -3.47
N GLU A 209 -10.18 -9.77 -2.42
CA GLU A 209 -9.42 -9.68 -1.18
C GLU A 209 -8.05 -10.37 -1.34
N LYS A 210 -7.07 -9.86 -0.60
CA LYS A 210 -5.70 -10.40 -0.69
C LYS A 210 -5.64 -11.84 -0.19
N PRO A 211 -4.93 -12.73 -0.92
CA PRO A 211 -4.78 -14.08 -0.36
C PRO A 211 -3.95 -14.09 0.91
N PHE A 212 -4.06 -15.16 1.67
CA PHE A 212 -3.37 -15.28 2.96
C PHE A 212 -3.21 -16.77 3.40
N LEU A 213 -2.13 -17.05 4.13
CA LEU A 213 -1.87 -18.31 4.79
C LEU A 213 -2.97 -18.70 5.82
N TYR A 214 -3.54 -19.92 5.72
CA TYR A 214 -4.48 -20.45 6.75
C TYR A 214 -4.37 -21.97 6.97
N LEU A 215 -5.35 -22.55 7.70
CA LEU A 215 -5.42 -24.01 8.02
C LEU A 215 -6.81 -24.73 7.85
N ASP A 216 -6.79 -25.86 7.12
CA ASP A 216 -7.92 -26.85 7.07
C ASP A 216 -7.73 -27.92 8.11
N GLY A 217 -7.98 -27.54 9.37
CA GLY A 217 -7.50 -28.28 10.51
C GLY A 217 -5.99 -28.20 10.60
N ASP A 218 -5.32 -29.25 10.15
CA ASP A 218 -3.87 -29.29 10.24
C ASP A 218 -3.03 -29.29 8.91
N ASP A 219 -3.58 -28.85 7.75
CA ASP A 219 -2.69 -28.52 6.58
C ASP A 219 -2.47 -26.97 6.35
N TYR A 220 -1.26 -26.50 6.02
CA TYR A 220 -1.09 -25.10 5.46
C TYR A 220 -1.59 -24.94 4.05
N LYS A 221 -2.07 -23.72 3.80
CA LYS A 221 -2.71 -23.38 2.54
C LYS A 221 -2.83 -21.88 2.33
N VAL A 222 -3.15 -21.53 1.09
CA VAL A 222 -3.48 -20.17 0.72
C VAL A 222 -4.96 -20.11 0.31
N PHE A 223 -5.74 -19.32 1.06
CA PHE A 223 -7.10 -18.95 0.63
C PHE A 223 -6.95 -17.86 -0.40
N VAL A 224 -7.55 -18.05 -1.56
CA VAL A 224 -7.52 -17.10 -2.67
C VAL A 224 -8.94 -16.53 -2.83
N PRO A 225 -9.23 -15.44 -2.12
CA PRO A 225 -10.58 -14.85 -2.12
C PRO A 225 -11.20 -14.64 -3.51
N ALA A 226 -12.51 -14.79 -3.58
CA ALA A 226 -13.26 -14.43 -4.80
C ALA A 226 -13.36 -12.91 -5.01
N LYS A 227 -13.42 -12.44 -6.26
CA LYS A 227 -13.68 -11.02 -6.46
C LYS A 227 -15.16 -10.65 -6.22
N ARG A 228 -15.31 -9.46 -5.65
CA ARG A 228 -16.58 -8.77 -5.50
C ARG A 228 -16.71 -7.54 -6.41
N THR A 229 -17.62 -7.55 -7.38
CA THR A 229 -18.01 -6.30 -8.06
C THR A 229 -19.04 -5.54 -7.21
N ASN A 230 -19.16 -4.23 -7.39
CA ASN A 230 -19.89 -3.35 -6.46
C ASN A 230 -19.82 -3.77 -5.00
N ALA A 231 -18.61 -3.83 -4.44
CA ALA A 231 -18.41 -4.37 -3.14
C ALA A 231 -18.85 -3.43 -2.02
N ARG A 232 -19.46 -4.00 -0.98
CA ARG A 232 -19.78 -3.24 0.23
C ARG A 232 -19.75 -4.16 1.42
N GLY A 233 -19.20 -3.68 2.53
CA GLY A 233 -19.05 -4.50 3.74
C GLY A 233 -17.97 -5.55 3.57
N THR A 234 -17.78 -6.40 4.59
CA THR A 234 -16.75 -7.41 4.58
C THR A 234 -17.17 -8.63 3.75
N SER A 235 -16.17 -9.41 3.31
CA SER A 235 -16.47 -10.64 2.60
C SER A 235 -16.74 -11.88 3.51
N TRP A 236 -16.64 -11.74 4.83
CA TRP A 236 -16.59 -12.89 5.78
C TRP A 236 -17.70 -13.09 6.92
N GLY A 237 -18.70 -12.23 6.97
CA GLY A 237 -19.79 -12.40 7.98
C GLY A 237 -21.08 -13.26 7.81
N ASN A 238 -21.61 -13.46 6.59
CA ASN A 238 -22.78 -14.35 6.39
C ASN A 238 -22.42 -15.76 5.81
N GLY A 239 -21.51 -16.46 6.52
CA GLY A 239 -20.98 -17.79 6.16
C GLY A 239 -19.85 -17.96 5.12
N THR A 240 -20.13 -18.73 4.06
CA THR A 240 -19.18 -18.97 2.93
C THR A 240 -18.72 -17.67 2.20
N PRO A 241 -17.42 -17.31 2.24
CA PRO A 241 -16.90 -16.33 1.26
C PRO A 241 -16.37 -17.10 0.05
N GLU A 242 -16.67 -16.72 -1.20
CA GLU A 242 -16.21 -17.56 -2.31
C GLU A 242 -14.72 -17.32 -2.54
N GLY A 243 -14.09 -18.35 -3.09
CA GLY A 243 -12.66 -18.30 -3.35
C GLY A 243 -12.05 -19.69 -3.45
N GLU A 244 -10.74 -19.66 -3.59
CA GLU A 244 -9.98 -20.87 -3.74
C GLU A 244 -9.12 -21.16 -2.54
N SER A 245 -8.96 -22.45 -2.23
CA SER A 245 -7.90 -22.89 -1.35
C SER A 245 -6.78 -23.55 -2.19
N LEU A 246 -5.53 -23.28 -1.81
CA LEU A 246 -4.34 -23.92 -2.37
C LEU A 246 -3.54 -24.52 -1.22
N PRO A 247 -3.37 -25.85 -1.23
CA PRO A 247 -2.43 -26.48 -0.30
C PRO A 247 -1.09 -25.85 -0.46
N LEU A 248 -0.34 -25.79 0.63
CA LEU A 248 0.95 -25.16 0.62
C LEU A 248 1.84 -25.81 -0.43
N ASP A 249 1.61 -27.08 -0.73
CA ASP A 249 2.54 -27.71 -1.69
C ASP A 249 2.01 -27.52 -3.14
N GLN A 250 1.36 -26.39 -3.30
CA GLN A 250 1.21 -25.73 -4.58
C GLN A 250 2.25 -24.65 -4.81
N PHE A 251 2.97 -24.28 -3.76
CA PHE A 251 3.90 -23.16 -3.79
C PHE A 251 5.32 -23.60 -3.74
N TYR A 252 6.15 -22.91 -4.52
CA TYR A 252 7.58 -22.88 -4.25
C TYR A 252 7.77 -21.96 -3.03
N VAL A 253 8.40 -22.51 -1.98
CA VAL A 253 8.82 -21.74 -0.83
C VAL A 253 10.19 -21.13 -1.06
N VAL A 254 10.15 -19.83 -1.35
CA VAL A 254 11.35 -19.05 -1.56
C VAL A 254 11.91 -18.73 -0.18
N LYS A 255 13.20 -18.97 -0.01
CA LYS A 255 13.96 -18.46 1.13
C LYS A 255 15.18 -17.74 0.51
N PRO A 256 15.85 -16.81 1.24
CA PRO A 256 16.80 -15.95 0.50
C PRO A 256 18.06 -16.69 0.00
N GLY A 257 18.58 -16.29 -1.16
CA GLY A 257 19.63 -17.06 -1.81
C GLY A 257 19.05 -17.96 -2.92
N ALA A 258 17.73 -18.12 -2.89
CA ALA A 258 17.06 -18.64 -4.05
C ALA A 258 17.12 -17.52 -5.07
N THR A 259 17.36 -17.92 -6.31
CA THR A 259 17.61 -17.01 -7.42
C THR A 259 16.42 -16.90 -8.37
N ALA A 260 16.51 -15.93 -9.28
CA ALA A 260 15.52 -15.72 -10.35
C ALA A 260 15.31 -16.98 -11.18
N GLU A 261 16.43 -17.60 -11.53
CA GLU A 261 16.44 -18.82 -12.33
C GLU A 261 15.48 -19.84 -11.69
N THR A 262 15.61 -20.07 -10.39
CA THR A 262 14.86 -21.15 -9.75
C THR A 262 13.36 -20.78 -9.60
N ILE A 263 13.08 -19.55 -9.24
CA ILE A 263 11.71 -19.07 -9.10
C ILE A 263 10.95 -19.31 -10.41
N ASN A 264 11.26 -18.48 -11.40
CA ASN A 264 10.76 -18.60 -12.78
C ASN A 264 10.54 -20.03 -13.29
N ALA A 265 11.50 -20.91 -13.05
CA ALA A 265 11.37 -22.30 -13.41
C ALA A 265 10.22 -22.92 -12.60
N ALA A 266 10.18 -22.64 -11.30
CA ALA A 266 9.08 -23.15 -10.51
C ALA A 266 7.70 -22.69 -11.08
N VAL A 267 7.57 -21.44 -11.55
CA VAL A 267 6.26 -20.91 -12.02
C VAL A 267 5.80 -21.54 -13.35
N ASP A 268 6.69 -21.52 -14.35
CA ASP A 268 6.67 -22.41 -15.52
C ASP A 268 6.19 -23.85 -15.31
N GLN A 269 6.74 -24.43 -14.27
CA GLN A 269 6.58 -25.83 -14.01
C GLN A 269 5.30 -25.95 -13.20
N GLY A 270 4.67 -24.80 -12.89
CA GLY A 270 3.27 -24.79 -12.45
C GLY A 270 2.98 -24.40 -10.99
N LEU A 271 4.02 -24.12 -10.22
CA LEU A 271 3.85 -23.76 -8.82
C LEU A 271 3.58 -22.26 -8.61
N HIS A 272 2.87 -21.95 -7.54
CA HIS A 272 2.65 -20.59 -7.09
C HIS A 272 3.90 -20.27 -6.26
N LEU A 273 3.97 -19.05 -5.72
CA LEU A 273 5.17 -18.61 -5.03
C LEU A 273 4.85 -18.05 -3.66
N LEU A 274 5.60 -18.50 -2.66
CA LEU A 274 5.47 -17.96 -1.31
C LEU A 274 6.81 -17.45 -0.85
N PHE A 275 6.91 -16.12 -0.71
CA PHE A 275 8.19 -15.55 -0.30
C PHE A 275 8.27 -15.47 1.20
N THR A 276 9.19 -16.21 1.80
CA THR A 276 9.37 -16.15 3.24
C THR A 276 10.07 -14.82 3.62
N PRO A 277 9.89 -14.38 4.86
CA PRO A 277 10.39 -13.06 5.27
C PRO A 277 11.89 -12.97 5.17
N GLY A 278 12.35 -12.16 4.24
CA GLY A 278 13.78 -11.95 4.04
C GLY A 278 14.01 -11.07 2.82
N VAL A 279 15.27 -11.05 2.40
CA VAL A 279 15.71 -10.16 1.32
C VAL A 279 16.31 -10.98 0.16
N TYR A 280 15.77 -10.77 -1.03
CA TYR A 280 16.11 -11.56 -2.21
C TYR A 280 16.73 -10.67 -3.29
N HIS A 281 18.03 -10.82 -3.53
CA HIS A 281 18.68 -10.12 -4.62
C HIS A 281 18.44 -10.98 -5.86
N VAL A 282 18.16 -10.37 -7.00
CA VAL A 282 17.93 -11.13 -8.24
C VAL A 282 18.75 -10.55 -9.43
N ASP A 283 19.22 -11.44 -10.33
CA ASP A 283 20.15 -11.08 -11.40
C ASP A 283 19.46 -10.94 -12.76
N GLN A 284 18.28 -11.53 -12.87
CA GLN A 284 17.35 -11.21 -13.93
C GLN A 284 15.97 -11.00 -13.28
N PRO A 285 15.00 -10.49 -14.07
CA PRO A 285 13.66 -10.30 -13.51
C PRO A 285 12.95 -11.61 -13.13
N ILE A 286 12.19 -11.56 -12.05
CA ILE A 286 11.20 -12.57 -11.75
C ILE A 286 10.06 -12.43 -12.75
N GLU A 287 9.71 -13.53 -13.42
CA GLU A 287 8.77 -13.49 -14.54
C GLU A 287 7.58 -14.40 -14.20
N ILE A 288 6.36 -13.88 -14.29
CA ILE A 288 5.19 -14.68 -14.04
C ILE A 288 4.28 -14.65 -15.26
N ASP A 289 4.25 -15.75 -16.01
CA ASP A 289 3.54 -15.81 -17.28
C ASP A 289 2.52 -16.99 -17.37
N ARG A 290 2.15 -17.53 -16.21
CA ARG A 290 1.05 -18.47 -16.08
C ARG A 290 -0.19 -17.81 -15.46
N ALA A 291 -1.34 -17.99 -16.10
CA ALA A 291 -2.55 -17.44 -15.54
C ALA A 291 -2.79 -17.98 -14.13
N ASN A 292 -3.39 -17.14 -13.29
CA ASN A 292 -3.75 -17.48 -11.89
C ASN A 292 -2.62 -17.76 -10.89
N THR A 293 -1.40 -17.40 -11.23
CA THR A 293 -0.29 -17.51 -10.30
C THR A 293 -0.40 -16.58 -9.09
N VAL A 294 -0.17 -17.13 -7.89
CA VAL A 294 -0.06 -16.37 -6.65
C VAL A 294 1.39 -16.20 -6.32
N ALA A 295 1.78 -14.93 -6.15
CA ALA A 295 3.07 -14.55 -5.63
C ALA A 295 2.78 -13.76 -4.33
N LEU A 296 3.02 -14.42 -3.20
CA LEU A 296 2.61 -13.89 -1.90
C LEU A 296 3.85 -13.68 -1.06
N GLY A 297 4.01 -12.49 -0.50
CA GLY A 297 5.04 -12.23 0.49
C GLY A 297 4.58 -12.39 1.93
N LEU A 298 5.48 -12.87 2.76
CA LEU A 298 5.26 -12.82 4.22
C LEU A 298 6.37 -11.94 4.83
N GLY A 299 6.06 -11.34 5.97
CA GLY A 299 7.02 -10.54 6.72
C GLY A 299 7.78 -9.47 5.97
N LEU A 300 7.11 -8.81 5.02
CA LEU A 300 7.69 -7.72 4.25
C LEU A 300 8.89 -8.26 3.42
N ALA A 301 8.76 -9.51 2.99
CA ALA A 301 9.69 -10.08 2.02
C ALA A 301 10.00 -9.05 0.92
N THR A 302 11.29 -8.92 0.65
CA THR A 302 11.83 -7.84 -0.17
C THR A 302 12.66 -8.36 -1.37
N ILE A 303 12.36 -7.85 -2.56
CA ILE A 303 13.07 -8.14 -3.78
C ILE A 303 13.94 -6.94 -4.18
N ILE A 304 15.26 -7.16 -4.30
CA ILE A 304 16.22 -6.14 -4.74
C ILE A 304 16.87 -6.53 -6.08
N PRO A 305 16.60 -5.76 -7.14
CA PRO A 305 17.21 -6.11 -8.41
C PRO A 305 18.57 -5.49 -8.58
N ASP A 306 19.54 -6.36 -8.85
CA ASP A 306 20.91 -5.96 -9.16
C ASP A 306 21.13 -5.76 -10.68
N ASN A 307 22.28 -5.20 -11.07
CA ASN A 307 22.71 -5.17 -12.49
C ASN A 307 21.77 -4.32 -13.38
N GLY A 308 20.88 -3.56 -12.71
CA GLY A 308 19.92 -2.66 -13.36
C GLY A 308 18.73 -3.34 -14.00
N VAL A 309 18.50 -4.60 -13.62
CA VAL A 309 17.39 -5.33 -14.19
C VAL A 309 16.05 -4.91 -13.60
N THR A 310 14.98 -5.32 -14.28
CA THR A 310 13.65 -5.21 -13.72
C THR A 310 13.48 -6.31 -12.64
N ALA A 311 12.83 -5.99 -11.50
CA ALA A 311 12.61 -6.98 -10.45
C ALA A 311 11.56 -8.05 -10.80
N LEU A 312 10.48 -7.58 -11.42
CA LEU A 312 9.29 -8.37 -11.56
C LEU A 312 8.54 -7.98 -12.84
N LYS A 313 8.38 -8.97 -13.73
CA LYS A 313 7.67 -8.83 -15.00
C LYS A 313 6.51 -9.86 -15.07
N VAL A 314 5.27 -9.38 -14.99
CA VAL A 314 4.08 -10.22 -15.17
C VAL A 314 3.61 -10.17 -16.63
N GLY A 315 3.31 -11.37 -17.19
CA GLY A 315 3.03 -11.49 -18.60
C GLY A 315 1.56 -11.15 -18.85
N ASP A 316 1.12 -11.34 -20.09
CA ASP A 316 -0.24 -10.96 -20.46
C ASP A 316 -1.25 -12.08 -20.19
N VAL A 317 -1.61 -12.21 -18.92
CA VAL A 317 -2.43 -13.34 -18.49
C VAL A 317 -3.39 -12.97 -17.36
N ASP A 318 -4.58 -13.58 -17.39
CA ASP A 318 -5.55 -13.39 -16.33
C ASP A 318 -5.02 -13.84 -14.97
N GLY A 319 -5.55 -13.19 -13.92
CA GLY A 319 -5.60 -13.82 -12.63
C GLY A 319 -4.35 -13.81 -11.74
N VAL A 320 -3.28 -13.12 -12.13
CA VAL A 320 -2.05 -13.13 -11.33
C VAL A 320 -2.22 -12.23 -10.12
N LYS A 321 -2.00 -12.77 -8.93
CA LYS A 321 -2.24 -12.06 -7.67
C LYS A 321 -0.91 -11.90 -6.95
N VAL A 322 -0.38 -10.68 -7.06
CA VAL A 322 0.89 -10.32 -6.45
C VAL A 322 0.56 -9.59 -5.17
N ALA A 323 1.16 -10.07 -4.10
CA ALA A 323 0.77 -9.64 -2.76
C ALA A 323 1.91 -9.60 -1.75
N GLY A 324 1.97 -8.50 -1.00
CA GLY A 324 2.79 -8.41 0.19
C GLY A 324 4.30 -8.42 -0.03
N LEU A 325 4.78 -7.78 -1.10
CA LEU A 325 6.20 -7.67 -1.37
C LEU A 325 6.66 -6.20 -1.35
N LEU A 326 7.88 -5.97 -0.85
CA LEU A 326 8.56 -4.69 -1.06
C LEU A 326 9.56 -4.93 -2.17
N VAL A 327 9.60 -4.03 -3.16
CA VAL A 327 10.69 -4.02 -4.14
C VAL A 327 11.58 -2.80 -3.86
N ASP A 328 12.89 -3.04 -3.65
CA ASP A 328 13.82 -2.03 -3.14
C ASP A 328 14.91 -1.86 -4.19
N ALA A 329 14.99 -0.67 -4.80
CA ALA A 329 15.89 -0.49 -5.91
C ALA A 329 17.36 -0.70 -5.51
N GLY A 330 18.12 -1.23 -6.47
CA GLY A 330 19.56 -1.26 -6.40
C GLY A 330 20.16 0.09 -6.76
N PRO A 331 21.45 0.29 -6.44
CA PRO A 331 22.04 1.58 -6.78
C PRO A 331 22.35 1.68 -8.28
N VAL A 332 22.49 0.56 -8.98
CA VAL A 332 22.50 0.58 -10.46
C VAL A 332 21.09 0.84 -10.95
N ASN A 333 20.93 1.95 -11.68
CA ASN A 333 19.63 2.35 -12.16
C ASN A 333 18.92 1.23 -12.94
N SER A 334 17.68 0.95 -12.57
CA SER A 334 16.81 0.11 -13.37
C SER A 334 15.81 0.91 -14.22
N GLU A 335 15.70 0.56 -15.51
CA GLU A 335 14.68 1.16 -16.37
C GLU A 335 13.29 1.12 -15.75
N THR A 336 12.95 -0.07 -15.26
CA THR A 336 11.67 -0.28 -14.62
C THR A 336 11.90 -1.21 -13.41
N LEU A 337 11.10 -1.08 -12.34
CA LEU A 337 11.18 -2.00 -11.24
C LEU A 337 10.13 -3.14 -11.32
N VAL A 338 8.92 -2.80 -11.75
CA VAL A 338 7.83 -3.75 -11.87
C VAL A 338 7.07 -3.40 -13.16
N GLU A 339 6.80 -4.42 -13.97
CA GLU A 339 5.94 -4.29 -15.14
C GLU A 339 4.80 -5.28 -15.06
N VAL A 340 3.58 -4.82 -15.34
CA VAL A 340 2.40 -5.66 -15.37
C VAL A 340 1.88 -5.66 -16.82
N GLY A 341 2.13 -6.78 -17.52
CA GLY A 341 1.90 -6.87 -18.97
C GLY A 341 2.97 -6.24 -19.87
N SER A 342 2.76 -6.33 -21.19
CA SER A 342 3.67 -5.76 -22.19
C SER A 342 3.18 -4.45 -22.86
N ASP A 343 4.11 -3.61 -23.33
CA ASP A 343 3.76 -2.37 -24.08
C ASP A 343 2.78 -2.62 -25.20
N GLY A 344 1.62 -1.95 -25.14
CA GLY A 344 0.62 -2.07 -26.19
C GLY A 344 -0.30 -3.31 -26.10
N ALA A 345 0.02 -4.21 -25.18
CA ALA A 345 -0.86 -5.31 -24.75
C ALA A 345 -2.30 -4.86 -24.87
N SER A 346 -3.05 -5.65 -25.61
CA SER A 346 -4.32 -5.24 -26.23
C SER A 346 -5.61 -5.89 -25.74
N GLY A 347 -5.45 -7.04 -25.07
CA GLY A 347 -6.60 -7.83 -24.71
C GLY A 347 -7.10 -7.56 -23.33
N ASP A 348 -8.31 -8.04 -23.05
CA ASP A 348 -8.96 -7.89 -21.76
C ASP A 348 -8.47 -8.82 -20.64
N HIS A 349 -8.88 -8.52 -19.41
CA HIS A 349 -8.79 -9.48 -18.31
C HIS A 349 -9.87 -9.16 -17.32
N ALA A 350 -11.04 -8.79 -17.82
CA ALA A 350 -12.10 -8.25 -17.01
C ALA A 350 -12.71 -9.26 -16.01
N ALA A 351 -12.90 -10.52 -16.44
CA ALA A 351 -13.48 -11.50 -15.54
C ALA A 351 -12.55 -11.89 -14.41
N ASN A 352 -11.26 -11.93 -14.70
CA ASN A 352 -10.26 -12.46 -13.80
C ASN A 352 -9.01 -11.61 -13.92
N PRO A 353 -9.06 -10.41 -13.31
CA PRO A 353 -7.93 -9.51 -13.55
C PRO A 353 -6.65 -9.90 -12.80
N THR A 354 -5.55 -9.30 -13.25
CA THR A 354 -4.31 -9.34 -12.48
C THR A 354 -4.36 -8.26 -11.40
N SER A 355 -3.73 -8.51 -10.26
CA SER A 355 -3.72 -7.52 -9.17
C SER A 355 -2.38 -7.46 -8.45
N LEU A 356 -2.02 -6.23 -8.05
CA LEU A 356 -0.97 -5.95 -7.08
C LEU A 356 -1.63 -5.46 -5.78
N GLN A 357 -1.37 -6.14 -4.67
CA GLN A 357 -1.88 -5.73 -3.36
C GLN A 357 -0.78 -5.67 -2.35
N ASP A 358 -0.76 -4.60 -1.55
CA ASP A 358 0.34 -4.37 -0.61
C ASP A 358 1.66 -4.65 -1.31
N VAL A 359 1.84 -4.03 -2.47
CA VAL A 359 3.11 -4.06 -3.15
C VAL A 359 3.66 -2.65 -2.94
N PHE A 360 4.86 -2.61 -2.36
CA PHE A 360 5.51 -1.36 -1.99
C PHE A 360 6.81 -1.25 -2.75
N VAL A 361 7.21 -0.03 -3.09
CA VAL A 361 8.43 0.16 -3.82
C VAL A 361 9.21 1.25 -3.07
N ARG A 362 10.51 1.03 -2.91
CA ARG A 362 11.40 2.00 -2.28
C ARG A 362 12.59 2.29 -3.21
N ILE A 363 12.97 3.56 -3.31
CA ILE A 363 14.19 3.92 -4.03
C ILE A 363 15.06 4.79 -3.15
N GLY A 364 16.16 4.19 -2.69
CA GLY A 364 17.01 4.81 -1.68
C GLY A 364 16.47 4.60 -0.25
N GLY A 365 17.16 5.19 0.71
CA GLY A 365 16.74 5.10 2.08
C GLY A 365 17.53 4.04 2.88
N ALA A 366 17.97 2.98 2.22
CA ALA A 366 18.83 2.00 2.87
C ALA A 366 20.14 1.83 2.09
N GLY A 367 20.70 2.95 1.64
CA GLY A 367 21.76 2.95 0.64
C GLY A 367 21.28 3.48 -0.69
N PRO A 368 22.21 3.92 -1.53
CA PRO A 368 21.78 4.52 -2.79
C PRO A 368 20.95 3.53 -3.59
N GLY A 369 19.91 4.05 -4.23
CA GLY A 369 19.07 3.24 -5.10
C GLY A 369 18.47 4.14 -6.16
N LYS A 370 18.17 3.59 -7.33
CA LYS A 370 17.69 4.34 -8.46
C LYS A 370 16.91 3.52 -9.45
N ALA A 371 15.88 4.14 -9.99
CA ALA A 371 15.07 3.56 -11.04
C ALA A 371 14.41 4.66 -11.83
N THR A 372 14.23 4.42 -13.14
CA THR A 372 13.66 5.44 -14.02
C THR A 372 12.14 5.47 -13.86
N THR A 373 11.50 4.30 -13.95
CA THR A 373 10.10 4.15 -13.61
C THR A 373 9.92 2.98 -12.65
N SER A 374 9.01 3.14 -11.67
CA SER A 374 8.91 2.18 -10.60
C SER A 374 7.88 1.07 -10.84
N ILE A 375 6.73 1.44 -11.43
CA ILE A 375 5.68 0.51 -11.80
C ILE A 375 5.04 0.96 -13.12
N VAL A 376 5.14 0.10 -14.14
CA VAL A 376 4.41 0.29 -15.38
C VAL A 376 3.26 -0.70 -15.40
N VAL A 377 2.04 -0.20 -15.56
CA VAL A 377 0.85 -1.05 -15.60
C VAL A 377 0.29 -1.01 -17.03
N ASN A 378 0.60 -2.05 -17.79
CA ASN A 378 -0.02 -2.24 -19.11
C ASN A 378 -1.28 -3.07 -19.17
N SER A 379 -1.32 -4.15 -18.41
CA SER A 379 -2.46 -5.10 -18.50
C SER A 379 -3.82 -4.43 -18.20
N ASN A 380 -4.65 -4.43 -19.24
CA ASN A 380 -6.03 -3.94 -19.13
C ASN A 380 -6.69 -4.63 -17.93
N ASP A 381 -7.62 -3.91 -17.30
CA ASP A 381 -8.44 -4.44 -16.21
C ASP A 381 -7.70 -4.68 -14.86
N THR A 382 -6.44 -4.32 -14.79
CA THR A 382 -5.63 -4.56 -13.62
C THR A 382 -6.13 -3.75 -12.39
N ILE A 383 -6.09 -4.40 -11.22
CA ILE A 383 -6.41 -3.80 -9.94
C ILE A 383 -5.12 -3.54 -9.13
N ILE A 384 -4.90 -2.28 -8.78
CA ILE A 384 -3.81 -1.93 -7.89
C ILE A 384 -4.49 -1.49 -6.56
N ASP A 385 -4.54 -2.41 -5.59
CA ASP A 385 -5.25 -2.24 -4.30
C ASP A 385 -4.25 -2.18 -3.13
N HIS A 386 -3.92 -0.94 -2.74
CA HIS A 386 -2.88 -0.62 -1.78
C HIS A 386 -1.46 -0.76 -2.31
N THR A 387 -0.88 0.39 -2.62
CA THR A 387 0.53 0.45 -3.00
C THR A 387 1.14 1.72 -2.45
N TRP A 388 2.41 1.63 -2.05
CA TRP A 388 3.19 2.80 -1.67
C TRP A 388 4.44 2.74 -2.50
N VAL A 389 4.57 3.72 -3.39
CA VAL A 389 5.68 3.80 -4.31
C VAL A 389 6.40 5.06 -3.88
N TRP A 390 7.62 4.89 -3.34
CA TRP A 390 8.25 5.90 -2.48
C TRP A 390 9.73 6.11 -2.84
N ARG A 391 10.01 7.26 -3.44
CA ARG A 391 11.39 7.69 -3.59
C ARG A 391 11.79 8.20 -2.19
N ALA A 392 12.86 7.62 -1.64
CA ALA A 392 13.21 7.91 -0.26
C ALA A 392 13.55 9.37 -0.06
N ASP A 393 12.97 9.97 0.98
CA ASP A 393 13.24 11.36 1.31
C ASP A 393 14.21 11.47 2.47
N HIS A 394 14.39 10.39 3.25
CA HIS A 394 15.36 10.39 4.35
C HIS A 394 16.06 9.06 4.34
N GLY A 395 17.19 9.03 5.04
CA GLY A 395 18.00 7.84 5.17
C GLY A 395 19.38 8.06 4.56
N GLU A 396 20.12 6.98 4.32
CA GLU A 396 21.33 7.07 3.50
C GLU A 396 21.04 6.64 2.05
N GLY A 397 21.68 7.32 1.10
CA GLY A 397 21.43 7.10 -0.32
C GLY A 397 20.35 8.02 -0.88
N VAL A 398 20.25 9.23 -0.34
CA VAL A 398 19.14 10.11 -0.68
C VAL A 398 19.65 11.38 -1.35
N GLY A 399 18.81 12.12 -2.08
CA GLY A 399 19.23 13.36 -2.71
C GLY A 399 18.93 13.42 -4.20
N TRP A 400 18.83 14.65 -4.71
CA TRP A 400 18.31 14.92 -6.05
C TRP A 400 18.87 14.00 -7.15
N GLU A 401 20.16 13.74 -7.10
CA GLU A 401 20.75 12.83 -8.08
C GLU A 401 21.06 11.45 -7.47
N THR A 402 21.53 11.44 -6.23
CA THR A 402 21.91 10.19 -5.55
C THR A 402 20.85 9.09 -5.61
N ASN A 403 19.60 9.44 -5.34
CA ASN A 403 18.49 8.54 -5.68
C ASN A 403 17.47 9.14 -6.68
N ARG A 404 17.90 9.66 -7.86
CA ARG A 404 16.89 10.19 -8.81
C ARG A 404 16.06 8.99 -9.24
N ALA A 405 14.78 9.29 -9.34
CA ALA A 405 13.76 8.44 -9.88
C ALA A 405 12.71 9.39 -10.44
N ASP A 406 12.72 9.57 -11.76
CA ASP A 406 11.80 10.49 -12.36
C ASP A 406 10.34 10.12 -12.25
N TYR A 407 9.98 8.83 -12.34
CA TYR A 407 8.58 8.43 -12.54
C TYR A 407 8.16 7.30 -11.60
N GLY A 408 7.04 7.50 -10.96
CA GLY A 408 6.56 6.56 -9.97
C GLY A 408 5.74 5.47 -10.60
N VAL A 409 4.54 5.82 -11.03
CA VAL A 409 3.66 4.87 -11.69
C VAL A 409 3.24 5.43 -13.04
N HIS A 410 3.25 4.55 -14.04
CA HIS A 410 2.74 4.89 -15.35
C HIS A 410 1.69 3.85 -15.75
N VAL A 411 0.43 4.29 -15.83
CA VAL A 411 -0.64 3.39 -16.24
C VAL A 411 -0.95 3.54 -17.72
N LYS A 412 -0.58 2.51 -18.49
CA LYS A 412 -0.88 2.40 -19.92
C LYS A 412 -2.13 1.58 -20.30
N GLY A 413 -2.47 0.54 -19.52
CA GLY A 413 -3.68 -0.23 -19.77
C GLY A 413 -5.00 0.51 -19.56
N ASP A 414 -6.05 -0.07 -20.12
CA ASP A 414 -7.39 0.47 -20.05
C ASP A 414 -8.12 -0.20 -18.89
N ASN A 415 -9.12 0.49 -18.36
CA ASN A 415 -10.00 -0.07 -17.32
C ASN A 415 -9.26 -0.42 -16.04
N VAL A 416 -8.13 0.25 -15.79
CA VAL A 416 -7.33 -0.04 -14.60
C VAL A 416 -7.91 0.68 -13.40
N LEU A 417 -8.00 -0.02 -12.27
CA LEU A 417 -8.54 0.52 -11.01
C LEU A 417 -7.44 0.55 -9.94
N ALA A 418 -7.27 1.72 -9.33
CA ALA A 418 -6.40 1.87 -8.15
C ALA A 418 -7.25 2.28 -6.96
N THR A 419 -7.13 1.51 -5.88
CA THR A 419 -7.79 1.76 -4.62
C THR A 419 -6.72 1.83 -3.53
N GLY A 420 -6.50 3.02 -3.01
CA GLY A 420 -5.46 3.26 -2.02
C GLY A 420 -4.09 3.45 -2.65
N LEU A 421 -3.95 4.53 -3.43
CA LEU A 421 -2.75 4.80 -4.20
C LEU A 421 -1.88 5.82 -3.46
N PHE A 422 -0.71 5.41 -2.99
CA PHE A 422 0.20 6.30 -2.29
C PHE A 422 1.54 6.38 -3.09
N VAL A 423 1.88 7.56 -3.59
CA VAL A 423 3.07 7.74 -4.44
C VAL A 423 3.75 9.06 -4.13
N GLU A 424 5.05 9.04 -3.86
CA GLU A 424 5.73 10.24 -3.32
C GLU A 424 7.22 10.43 -3.72
N HIS A 425 7.54 11.70 -3.97
CA HIS A 425 8.87 12.31 -4.02
C HIS A 425 9.64 12.18 -5.34
N PHE A 426 9.00 11.71 -6.41
CA PHE A 426 9.70 11.47 -7.68
C PHE A 426 10.19 12.76 -8.34
N ASN A 427 11.23 12.65 -9.15
CA ASN A 427 11.83 13.87 -9.67
C ASN A 427 10.93 14.55 -10.72
N LYS A 428 10.06 13.79 -11.35
CA LYS A 428 9.07 14.36 -12.28
C LYS A 428 7.71 13.78 -11.91
N TYR A 429 6.96 13.23 -12.87
CA TYR A 429 5.59 12.80 -12.61
C TYR A 429 5.54 11.61 -11.66
N ASP A 430 4.94 11.83 -10.48
CA ASP A 430 4.75 10.72 -9.55
C ASP A 430 3.86 9.64 -10.18
N VAL A 431 2.72 10.08 -10.71
CA VAL A 431 1.77 9.25 -11.42
C VAL A 431 1.37 9.87 -12.78
N GLN A 432 1.49 9.04 -13.83
CA GLN A 432 0.95 9.37 -15.15
C GLN A 432 -0.03 8.28 -15.63
N TRP A 433 -1.18 8.70 -16.13
CA TRP A 433 -2.23 7.82 -16.60
C TRP A 433 -2.56 8.09 -18.07
N SER A 434 -2.16 7.14 -18.92
CA SER A 434 -2.50 7.14 -20.34
C SER A 434 -3.68 6.33 -20.72
N GLY A 435 -3.92 5.26 -19.99
CA GLY A 435 -4.97 4.35 -20.41
C GLY A 435 -6.30 5.07 -20.33
N GLU A 436 -7.24 4.53 -21.09
CA GLU A 436 -8.61 4.95 -21.11
C GLU A 436 -9.33 4.34 -19.90
N ASN A 437 -10.36 5.03 -19.44
CA ASN A 437 -11.21 4.55 -18.39
C ASN A 437 -10.55 4.10 -17.08
N GLY A 438 -9.41 4.71 -16.75
CA GLY A 438 -8.81 4.61 -15.43
C GLY A 438 -9.74 5.15 -14.33
N LYS A 439 -9.62 4.56 -13.15
CA LYS A 439 -10.34 4.99 -11.96
C LYS A 439 -9.37 4.94 -10.75
N THR A 440 -9.29 6.02 -9.97
CA THR A 440 -8.50 6.04 -8.74
C THR A 440 -9.38 6.49 -7.58
N ILE A 441 -9.49 5.63 -6.58
CA ILE A 441 -10.18 5.94 -5.33
C ILE A 441 -9.12 6.04 -4.24
N PHE A 442 -8.94 7.27 -3.76
CA PHE A 442 -7.90 7.68 -2.81
C PHE A 442 -6.51 7.73 -3.41
N TYR A 443 -5.95 8.95 -3.41
CA TYR A 443 -4.56 9.22 -3.75
C TYR A 443 -3.90 10.10 -2.69
N GLN A 444 -2.71 9.69 -2.28
CA GLN A 444 -1.89 10.49 -1.43
C GLN A 444 -0.51 10.67 -2.06
N ASN A 445 -0.10 11.94 -2.19
CA ASN A 445 1.21 12.31 -2.72
C ASN A 445 1.95 13.30 -1.80
N ALA A 446 3.26 13.22 -1.85
CA ALA A 446 4.11 14.37 -1.52
C ALA A 446 5.04 14.58 -2.71
N LYS A 447 5.38 15.83 -3.00
CA LYS A 447 6.33 16.16 -4.03
C LYS A 447 7.74 15.95 -3.49
N ALA A 448 8.71 15.87 -4.40
CA ALA A 448 10.12 15.78 -4.01
C ALA A 448 10.42 16.91 -3.04
N TYR A 449 11.01 16.60 -1.89
CA TYR A 449 11.39 17.63 -0.92
C TYR A 449 12.76 18.30 -1.29
N ASP A 450 13.54 17.64 -2.14
CA ASP A 450 14.94 18.02 -2.36
C ASP A 450 15.26 18.70 -3.73
N ALA A 451 14.24 19.18 -4.45
CA ALA A 451 14.43 19.95 -5.70
C ALA A 451 15.39 21.14 -5.44
N PRO A 452 16.35 21.40 -6.35
CA PRO A 452 17.39 22.44 -6.08
C PRO A 452 17.25 23.83 -6.70
N ASP A 453 16.05 24.15 -7.14
CA ASP A 453 15.65 25.49 -7.57
C ASP A 453 14.57 25.25 -8.58
N GLN A 454 14.05 26.33 -9.15
CA GLN A 454 12.82 26.27 -9.89
C GLN A 454 13.01 25.52 -11.21
N ALA A 455 14.11 25.85 -11.92
CA ALA A 455 14.42 25.25 -13.19
C ALA A 455 14.60 23.76 -13.12
N ALA A 456 14.82 23.23 -11.92
CA ALA A 456 15.08 21.80 -11.83
C ALA A 456 13.81 20.97 -12.05
N ILE A 457 12.65 21.57 -11.76
CA ILE A 457 11.37 20.87 -11.94
C ILE A 457 10.63 21.54 -13.07
N GLN A 458 11.39 22.28 -13.86
CA GLN A 458 10.79 23.12 -14.88
C GLN A 458 10.40 22.24 -16.07
N ASN A 459 9.07 22.16 -16.30
CA ASN A 459 8.43 21.10 -17.08
C ASN A 459 7.70 21.72 -18.26
N GLY A 460 8.46 22.04 -19.31
CA GLY A 460 7.95 22.91 -20.36
C GLY A 460 7.81 24.34 -19.84
N ASP A 461 6.59 24.88 -19.94
CA ASP A 461 6.25 26.19 -19.37
C ASP A 461 5.82 26.14 -17.91
N ILE A 462 5.34 24.94 -17.59
CA ILE A 462 4.80 24.58 -16.32
C ILE A 462 5.88 24.45 -15.30
N LYS A 463 5.61 25.07 -14.17
CA LYS A 463 6.45 24.93 -13.03
C LYS A 463 6.09 23.62 -12.33
N GLY A 464 7.07 22.74 -12.27
CA GLY A 464 6.88 21.49 -11.56
C GLY A 464 6.25 20.46 -12.46
N TYR A 465 6.24 19.22 -11.96
CA TYR A 465 5.54 18.10 -12.53
C TYR A 465 4.36 17.70 -11.67
N ALA A 466 3.19 17.59 -12.31
CA ALA A 466 1.99 17.14 -11.61
C ALA A 466 2.30 15.88 -10.81
N ALA A 467 1.70 15.80 -9.63
CA ALA A 467 1.70 14.56 -8.87
C ALA A 467 0.91 13.47 -9.59
N TYR A 468 -0.10 13.92 -10.34
CA TYR A 468 -1.03 13.00 -11.00
C TYR A 468 -1.46 13.64 -12.28
N LYS A 469 -0.98 13.05 -13.39
CA LYS A 469 -1.23 13.53 -14.73
C LYS A 469 -2.00 12.52 -15.59
N VAL A 470 -3.15 12.94 -16.08
CA VAL A 470 -3.88 12.20 -17.11
C VAL A 470 -3.41 12.72 -18.46
N ASP A 471 -3.13 11.82 -19.39
CA ASP A 471 -2.82 12.18 -20.78
C ASP A 471 -3.93 13.05 -21.39
N ASP A 472 -3.52 14.12 -22.07
CA ASP A 472 -4.42 14.95 -22.86
C ASP A 472 -5.22 14.14 -23.90
N SER A 473 -4.64 13.06 -24.41
CA SER A 473 -5.27 12.35 -25.54
C SER A 473 -6.31 11.34 -25.08
N VAL A 474 -6.65 11.38 -23.79
CA VAL A 474 -7.52 10.41 -23.13
C VAL A 474 -8.92 10.98 -22.98
N THR A 475 -9.91 10.08 -22.94
CA THR A 475 -11.34 10.44 -23.04
C THR A 475 -12.12 10.18 -21.75
N THR A 476 -11.77 9.11 -21.05
CA THR A 476 -12.49 8.68 -19.86
C THR A 476 -11.53 8.44 -18.68
N HIS A 477 -11.86 9.02 -17.52
CA HIS A 477 -11.07 8.88 -16.31
C HIS A 477 -11.91 9.38 -15.14
N GLU A 478 -11.83 8.73 -13.98
CA GLU A 478 -12.51 9.25 -12.78
C GLU A 478 -11.64 9.04 -11.53
N GLY A 479 -11.40 10.13 -10.77
CA GLY A 479 -10.74 10.04 -9.49
C GLY A 479 -11.58 10.53 -8.31
N TRP A 480 -11.24 10.11 -7.10
CA TRP A 480 -11.95 10.52 -5.91
C TRP A 480 -10.99 10.59 -4.73
N GLY A 481 -10.91 11.73 -4.06
CA GLY A 481 -10.26 11.87 -2.78
C GLY A 481 -8.75 11.83 -2.93
N MET A 482 -8.23 12.89 -3.54
CA MET A 482 -6.85 12.93 -3.99
C MET A 482 -6.16 14.21 -3.50
N GLY A 483 -5.01 14.03 -2.88
CA GLY A 483 -4.24 15.14 -2.38
C GLY A 483 -2.76 14.99 -2.66
N SER A 484 -2.14 16.15 -2.86
CA SER A 484 -0.73 16.29 -3.10
C SER A 484 -0.21 17.40 -2.19
N TYR A 485 0.87 17.10 -1.49
CA TYR A 485 1.46 18.04 -0.53
C TYR A 485 2.90 18.38 -0.92
N CYS A 486 3.37 19.60 -0.61
CA CYS A 486 4.76 19.96 -0.92
C CYS A 486 5.51 20.35 0.32
N TYR A 487 6.81 20.09 0.30
CA TYR A 487 7.70 20.42 1.39
C TYR A 487 9.08 20.57 0.78
N PHE A 488 9.24 21.70 0.11
CA PHE A 488 10.47 21.97 -0.58
C PHE A 488 11.46 22.61 0.40
N ASN A 489 12.01 21.84 1.34
CA ASN A 489 12.90 22.50 2.31
C ASN A 489 14.30 22.76 1.74
N VAL A 490 14.72 22.03 0.72
CA VAL A 490 15.95 22.39 0.01
C VAL A 490 15.79 23.82 -0.56
N ASN A 491 14.67 24.11 -1.22
CA ASN A 491 14.46 25.42 -1.85
C ASN A 491 13.00 25.87 -1.69
N PRO A 492 12.69 26.49 -0.55
CA PRO A 492 11.30 26.84 -0.22
C PRO A 492 10.74 28.01 -1.00
N ASP A 493 11.54 28.61 -1.87
CA ASP A 493 11.04 29.66 -2.74
C ASP A 493 10.45 29.06 -4.05
N ILE A 494 10.57 27.74 -4.18
CA ILE A 494 10.01 26.99 -5.31
C ILE A 494 8.51 27.14 -5.39
N ARG A 495 8.01 27.18 -6.61
CA ARG A 495 6.55 27.10 -6.85
C ARG A 495 6.21 25.87 -7.66
N GLN A 496 5.18 25.17 -7.20
CA GLN A 496 4.59 24.02 -7.93
C GLN A 496 3.28 24.48 -8.58
N GLN A 497 3.17 24.39 -9.90
CA GLN A 497 2.01 24.94 -10.54
C GLN A 497 0.69 24.28 -10.10
N HIS A 498 0.72 22.94 -9.98
CA HIS A 498 -0.46 22.19 -9.63
C HIS A 498 -0.13 20.79 -9.08
N GLY A 499 -1.12 20.23 -8.35
CA GLY A 499 -1.12 18.85 -7.94
C GLY A 499 -1.48 17.86 -9.07
N PHE A 500 -2.37 18.30 -9.96
CA PHE A 500 -3.00 17.49 -10.99
C PHE A 500 -2.99 18.23 -12.33
N GLN A 501 -2.82 17.46 -13.42
CA GLN A 501 -2.97 17.97 -14.78
C GLN A 501 -3.87 16.99 -15.59
N ALA A 502 -4.85 17.52 -16.33
CA ALA A 502 -5.77 16.69 -17.11
C ALA A 502 -6.45 17.51 -18.22
N PRO A 503 -6.87 16.84 -19.31
CA PRO A 503 -7.64 17.58 -20.32
C PRO A 503 -9.03 17.88 -19.81
N VAL A 504 -9.67 18.81 -20.50
CA VAL A 504 -11.00 19.30 -20.22
C VAL A 504 -11.91 18.61 -21.19
N LYS A 505 -12.58 17.58 -20.70
CA LYS A 505 -13.39 16.69 -21.51
C LYS A 505 -14.50 16.16 -20.59
N PRO A 506 -15.65 15.83 -21.18
CA PRO A 506 -16.73 15.52 -20.22
C PRO A 506 -16.54 14.17 -19.55
N GLY A 507 -15.80 13.27 -20.19
CA GLY A 507 -15.57 11.95 -19.65
C GLY A 507 -14.41 11.89 -18.66
N VAL A 508 -13.70 12.99 -18.47
CA VAL A 508 -12.54 13.05 -17.54
C VAL A 508 -12.88 13.88 -16.30
N LYS A 509 -12.89 13.26 -15.12
CA LYS A 509 -13.63 13.84 -13.98
C LYS A 509 -12.96 13.58 -12.65
N PHE A 510 -12.87 14.59 -11.78
CA PHE A 510 -12.34 14.40 -10.43
C PHE A 510 -13.30 14.95 -9.37
N HIS A 511 -13.24 14.30 -8.23
CA HIS A 511 -14.05 14.58 -7.06
C HIS A 511 -13.12 14.74 -5.87
N ASP A 512 -13.24 15.86 -5.21
CA ASP A 512 -12.56 16.13 -3.94
C ASP A 512 -11.03 16.07 -4.08
N LEU A 513 -10.47 17.11 -4.69
CA LEU A 513 -9.02 17.31 -4.83
C LEU A 513 -8.53 18.35 -3.84
N LEU A 514 -7.29 18.18 -3.40
CA LEU A 514 -6.65 19.16 -2.53
C LEU A 514 -5.13 19.22 -2.74
N VAL A 515 -4.54 20.40 -2.48
CA VAL A 515 -3.12 20.50 -2.37
C VAL A 515 -2.79 21.27 -1.11
N VAL A 516 -1.61 21.00 -0.56
CA VAL A 516 -1.23 21.51 0.76
C VAL A 516 0.28 21.75 0.83
N SER A 517 0.66 22.96 1.19
CA SER A 517 2.05 23.25 1.53
C SER A 517 2.26 22.96 3.00
N LEU A 518 3.27 22.18 3.31
CA LEU A 518 3.55 21.78 4.66
C LEU A 518 4.43 22.85 5.34
N GLY A 519 3.75 23.74 6.05
CA GLY A 519 4.37 24.84 6.75
C GLY A 519 5.19 25.83 5.90
N GLY A 520 4.75 26.06 4.67
CA GLY A 520 5.23 27.16 3.85
C GLY A 520 6.47 26.91 3.04
N LYS A 521 6.85 25.63 2.90
CA LYS A 521 8.02 25.26 2.15
C LYS A 521 7.65 24.97 0.69
N GLY A 522 7.76 26.02 -0.11
CA GLY A 522 7.17 26.03 -1.43
C GLY A 522 5.67 26.26 -1.28
N GLN A 523 5.06 26.72 -2.35
CA GLN A 523 3.61 26.83 -2.44
C GLN A 523 3.12 26.26 -3.78
N TYR A 524 1.83 25.92 -3.83
CA TYR A 524 1.15 25.56 -5.06
C TYR A 524 0.54 26.81 -5.68
N GLU A 525 0.48 26.87 -6.99
CA GLU A 525 -0.16 28.00 -7.67
C GLU A 525 -1.65 27.73 -7.89
N HIS A 526 -1.97 26.46 -8.05
CA HIS A 526 -3.31 26.01 -8.39
C HIS A 526 -3.45 24.55 -7.88
N VAL A 527 -4.67 24.02 -7.97
CA VAL A 527 -4.95 22.64 -7.60
C VAL A 527 -4.78 21.69 -8.81
N ILE A 528 -5.49 22.02 -9.89
CA ILE A 528 -5.48 21.26 -11.16
C ILE A 528 -5.42 22.18 -12.40
N ASN A 529 -4.55 21.87 -13.36
CA ASN A 529 -4.25 22.80 -14.46
C ASN A 529 -4.01 24.21 -13.86
N ASP A 530 -4.62 25.28 -14.39
CA ASP A 530 -4.38 26.62 -13.79
C ASP A 530 -5.63 27.05 -12.95
N ILE A 531 -6.24 26.05 -12.30
CA ILE A 531 -7.58 26.15 -11.68
C ILE A 531 -7.58 25.88 -10.15
N GLY A 532 -8.41 26.59 -9.41
CA GLY A 532 -8.37 26.53 -7.94
C GLY A 532 -7.30 27.43 -7.32
N ASP A 533 -7.45 27.74 -6.03
CA ASP A 533 -6.62 28.75 -5.34
C ASP A 533 -5.21 28.27 -5.12
N PRO A 534 -4.22 29.19 -5.20
CA PRO A 534 -2.90 28.80 -4.68
C PRO A 534 -2.91 28.56 -3.17
N THR A 535 -1.89 27.89 -2.66
CA THR A 535 -1.71 27.81 -1.23
C THR A 535 -0.97 29.08 -0.83
N SER A 536 -1.20 29.51 0.41
CA SER A 536 -0.54 30.69 0.97
C SER A 536 -0.38 30.56 2.51
N GLY A 537 0.41 31.44 3.12
CA GLY A 537 0.69 31.36 4.54
C GLY A 537 1.67 30.21 4.83
N ASP A 538 1.97 30.05 6.12
CA ASP A 538 2.67 28.88 6.58
C ASP A 538 1.81 28.08 7.58
N THR A 539 0.50 28.15 7.40
CA THR A 539 -0.46 27.55 8.33
C THR A 539 -0.96 26.13 7.85
N THR A 540 -0.43 25.67 6.71
CA THR A 540 -0.76 24.35 6.19
C THR A 540 -2.24 24.16 6.04
N ILE A 541 -2.92 25.21 5.58
CA ILE A 541 -4.32 25.12 5.16
C ILE A 541 -4.40 24.54 3.73
N PRO A 542 -5.14 23.44 3.55
CA PRO A 542 -5.37 22.94 2.18
C PRO A 542 -6.17 23.86 1.27
N SER A 543 -5.81 23.85 -0.02
CA SER A 543 -6.66 24.44 -1.07
C SER A 543 -7.28 23.31 -1.86
N GLN A 544 -8.57 23.48 -2.20
CA GLN A 544 -9.44 22.38 -2.58
C GLN A 544 -10.27 22.70 -3.82
N VAL A 545 -10.52 21.66 -4.61
CA VAL A 545 -11.58 21.63 -5.60
C VAL A 545 -12.56 20.46 -5.30
N VAL A 546 -13.85 20.75 -5.11
CA VAL A 546 -14.83 19.69 -4.88
C VAL A 546 -15.12 18.87 -6.16
N SER A 547 -15.11 19.56 -7.29
CA SER A 547 -15.64 19.04 -8.55
C SER A 547 -14.81 19.59 -9.71
N PHE A 548 -14.58 18.81 -10.77
CA PHE A 548 -13.90 19.31 -12.00
C PHE A 548 -14.26 18.36 -13.18
N PRO A 549 -14.19 18.84 -14.44
CA PRO A 549 -13.92 20.17 -14.98
C PRO A 549 -15.07 21.14 -14.69
C2 BGC B . -2.36 17.45 12.32
C3 BGC B . -1.75 18.40 11.43
C4 BGC B . -2.69 19.37 10.81
C5 BGC B . -3.68 19.94 11.86
C6 BGC B . -4.75 20.49 11.27
C1 BGC B . -3.14 18.10 13.36
O1 BGC B . -3.71 17.17 14.22
O2 BGC B . -1.35 16.69 13.07
O3 BGC B . -0.96 17.71 10.37
O4 BGC B . -2.04 20.44 10.10
O5 BGC B . -4.20 18.82 12.70
O6 BGC B . -5.58 21.08 12.17
C2 BGC B . 1.07 17.27 9.24
C3 BGC B . 2.41 17.62 8.95
C4 BGC B . 2.56 19.08 8.70
C5 BGC B . 1.95 19.90 9.87
C6 BGC B . 1.91 21.26 9.72
C1 BGC B . 0.42 18.03 10.32
O2 BGC B . 0.95 15.84 9.56
O3 BGC B . 2.69 16.79 7.74
O4 BGC B . 3.93 19.43 8.63
O5 BGC B . 0.53 19.43 10.09
O6 BGC B . 1.66 21.95 10.90
C2 BGC B . 4.06 15.17 6.58
C3 BGC B . 5.37 14.75 6.20
C4 BGC B . 6.14 15.85 5.64
C5 BGC B . 6.13 17.09 6.60
C6 BGC B . 6.84 18.11 6.07
C1 BGC B . 4.00 16.38 7.48
O2 BGC B . 3.51 14.07 7.34
O3 BGC B . 5.29 13.67 5.15
O4 BGC B . 7.46 15.48 5.54
O5 BGC B . 4.71 17.48 6.90
O6 BGC B . 7.63 18.73 7.00
C2 BGC B . 5.84 11.62 4.15
C3 BGC B . 6.65 10.44 4.14
C4 BGC B . 8.01 10.71 4.70
C5 BGC B . 7.93 11.30 6.14
C6 BGC B . 9.10 11.63 6.76
C1 BGC B . 5.77 12.38 5.43
O2 BGC B . 4.46 11.40 3.67
O3 BGC B . 6.89 9.97 2.74
O4 BGC B . 8.94 9.65 4.63
O5 BGC B . 7.06 12.54 5.99
O6 BGC B . 9.00 11.82 8.15
C2 BGC C . -1.62 0.39 24.45
C3 BGC C . -3.15 0.33 24.35
C4 BGC C . -3.62 -0.94 25.08
C5 BGC C . -2.35 -1.49 25.74
C6 BGC C . -2.41 -2.44 26.91
C1 BGC C . -0.80 -0.87 24.28
O2 BGC C . -1.36 0.99 25.73
O3 BGC C . -3.69 0.65 23.09
O4 BGC C . -4.51 -0.45 26.03
O5 BGC C . -1.49 -1.99 24.75
O6 BGC C . -1.08 -2.70 27.32
C1 EDO D . 16.96 -4.16 2.37
O1 EDO D . 15.72 -4.11 1.68
C2 EDO D . 16.97 -3.07 3.44
O2 EDO D . 15.77 -3.15 4.21
H11 EDO D . 17.79 -4.02 1.69
H12 EDO D . 17.07 -5.13 2.85
HO1 EDO D . 15.78 -4.65 0.89
H21 EDO D . 17.06 -2.08 2.96
H22 EDO D . 17.85 -3.21 4.08
HO2 EDO D . 15.76 -2.42 4.83
C1 EDO E . 9.17 17.31 -8.77
O1 EDO E . 8.29 16.51 -9.55
C2 EDO E . 8.52 18.65 -8.38
O2 EDO E . 7.68 19.13 -9.44
H11 EDO E . 10.08 17.51 -9.32
H12 EDO E . 9.43 16.76 -7.86
HO1 EDO E . 8.45 15.58 -9.36
H21 EDO E . 9.28 19.37 -8.14
H22 EDO E . 7.91 18.50 -7.49
HO2 EDO E . 7.09 19.83 -9.10
C1 EDO F . 14.09 -3.78 -19.11
O1 EDO F . 13.64 -5.03 -18.57
C2 EDO F . 12.94 -2.76 -19.20
O2 EDO F . 11.79 -3.28 -19.90
H11 EDO F . 14.52 -3.93 -20.11
H12 EDO F . 14.89 -3.37 -18.48
HO1 EDO F . 14.39 -5.55 -18.27
H21 EDO F . 13.29 -1.87 -19.71
H22 EDO F . 12.65 -2.46 -18.19
HO2 EDO F . 11.11 -2.58 -19.99
N GLU A 1 11.99 -31.15 -12.23
CA GLU A 1 13.03 -30.53 -11.42
C GLU A 1 12.51 -29.72 -10.17
N VAL A 2 11.75 -28.61 -10.29
CA VAL A 2 11.47 -27.74 -9.09
C VAL A 2 10.49 -28.42 -8.12
N VAL A 3 10.41 -27.97 -6.86
CA VAL A 3 9.51 -28.64 -5.89
C VAL A 3 8.68 -27.78 -4.91
N GLY A 4 7.48 -28.28 -4.62
CA GLY A 4 6.58 -27.60 -3.72
C GLY A 4 6.77 -27.88 -2.24
N GLY A 5 6.05 -27.16 -1.36
CA GLY A 5 6.08 -27.40 0.07
C GLY A 5 7.41 -27.01 0.72
N GLY A 6 7.41 -26.94 2.04
CA GLY A 6 8.63 -26.66 2.76
C GLY A 6 8.27 -25.86 3.99
N ASP A 7 8.75 -26.28 5.16
CA ASP A 7 8.70 -25.44 6.36
C ASP A 7 9.09 -24.03 5.96
N LEU A 8 8.55 -23.07 6.68
CA LEU A 8 8.57 -21.73 6.16
C LEU A 8 9.78 -20.99 6.65
N GLY A 9 10.64 -21.71 7.36
CA GLY A 9 11.93 -21.19 7.73
C GLY A 9 11.89 -20.32 8.95
N PRO A 10 13.04 -20.17 9.60
CA PRO A 10 13.18 -19.55 10.92
C PRO A 10 12.42 -18.23 11.14
N ASN A 11 12.17 -17.45 10.09
CA ASN A 11 11.56 -16.13 10.25
C ASN A 11 10.02 -16.05 10.19
N VAL A 12 9.36 -17.21 9.98
CA VAL A 12 7.91 -17.36 10.09
C VAL A 12 7.67 -18.11 11.40
N LEU A 13 7.14 -17.44 12.42
CA LEU A 13 6.95 -18.04 13.75
C LEU A 13 5.47 -18.31 13.97
N VAL A 14 5.15 -19.56 14.33
CA VAL A 14 3.81 -20.09 14.28
C VAL A 14 3.41 -20.47 15.69
N PHE A 15 2.57 -19.62 16.29
CA PHE A 15 2.15 -19.73 17.67
C PHE A 15 0.86 -20.56 17.82
N ASP A 16 0.74 -21.29 18.92
CA ASP A 16 -0.57 -21.83 19.31
C ASP A 16 -0.86 -21.45 20.77
N PRO A 17 -2.14 -21.52 21.18
CA PRO A 17 -2.46 -21.03 22.53
C PRO A 17 -1.62 -21.64 23.66
N SER A 18 -0.87 -22.71 23.39
CA SER A 18 0.10 -23.25 24.38
C SER A 18 1.54 -22.89 24.21
N THR A 19 1.90 -22.30 23.07
CA THR A 19 3.28 -21.89 22.87
C THR A 19 3.73 -21.17 24.14
N PRO A 20 4.99 -21.34 24.55
CA PRO A 20 5.51 -20.70 25.76
C PRO A 20 6.02 -19.24 25.73
N ASP A 21 5.58 -18.47 26.71
CA ASP A 21 6.06 -17.11 26.91
C ASP A 21 5.83 -16.19 25.71
N ILE A 22 4.61 -16.20 25.19
CA ILE A 22 4.28 -15.44 24.00
C ILE A 22 4.62 -13.96 24.13
N GLN A 23 4.12 -13.34 25.19
CA GLN A 23 4.40 -11.92 25.43
C GLN A 23 5.89 -11.64 25.37
N GLY A 24 6.66 -12.57 25.94
CA GLY A 24 8.11 -12.52 25.91
C GLY A 24 8.63 -12.73 24.49
N LYS A 25 8.06 -13.70 23.78
CA LYS A 25 8.52 -14.01 22.42
C LYS A 25 8.25 -12.87 21.41
N VAL A 26 6.99 -12.44 21.33
CA VAL A 26 6.67 -11.27 20.48
C VAL A 26 7.39 -9.99 20.90
N ASP A 27 7.48 -9.76 22.24
CA ASP A 27 8.28 -8.66 22.74
C ASP A 27 9.76 -8.79 22.27
N GLU A 28 10.31 -10.00 22.12
CA GLU A 28 11.76 -10.08 21.80
C GLU A 28 11.88 -9.32 20.47
N VAL A 29 11.03 -9.77 19.56
CA VAL A 29 11.01 -9.32 18.14
C VAL A 29 10.75 -7.81 18.04
N PHE A 30 9.97 -7.29 18.97
CA PHE A 30 9.68 -5.84 18.99
C PHE A 30 10.89 -4.98 19.36
N ARG A 31 11.56 -5.33 20.45
CA ARG A 31 12.76 -4.57 20.86
C ARG A 31 13.82 -4.58 19.73
N LYS A 32 13.83 -5.62 18.93
CA LYS A 32 14.78 -5.69 17.82
C LYS A 32 14.32 -4.91 16.59
N GLN A 33 13.04 -4.99 16.31
CA GLN A 33 12.48 -4.40 15.11
C GLN A 33 11.95 -2.98 15.34
N GLU A 34 11.97 -2.53 16.61
CA GLU A 34 11.37 -1.25 17.01
C GLU A 34 11.81 -0.07 16.12
N SER A 35 13.11 0.13 15.97
CA SER A 35 13.65 1.26 15.19
C SER A 35 14.45 0.74 13.99
N ASN A 36 14.15 -0.49 13.60
CA ASN A 36 14.88 -1.18 12.54
C ASN A 36 14.42 -0.67 11.16
N GLN A 37 14.55 0.63 10.94
CA GLN A 37 13.84 1.23 9.81
C GLN A 37 14.37 0.75 8.46
N PHE A 38 15.70 0.62 8.35
CA PHE A 38 16.32 0.34 7.07
C PHE A 38 17.16 -0.95 7.07
N GLY A 39 17.18 -1.63 8.20
CA GLY A 39 17.84 -2.91 8.33
C GLY A 39 17.20 -4.03 7.56
N THR A 40 17.81 -5.20 7.65
CA THR A 40 17.51 -6.29 6.73
C THR A 40 16.72 -7.44 7.39
N ASP A 41 16.47 -7.38 8.69
CA ASP A 41 15.66 -8.43 9.36
C ASP A 41 14.19 -8.32 8.91
N ARG A 42 13.52 -9.47 8.83
CA ARG A 42 12.13 -9.58 8.39
C ARG A 42 11.49 -10.66 9.24
N TYR A 43 10.25 -10.42 9.71
CA TYR A 43 9.53 -11.41 10.50
C TYR A 43 8.04 -11.46 10.27
N ALA A 44 7.51 -12.68 10.19
CA ALA A 44 6.09 -12.92 10.22
C ALA A 44 5.75 -13.62 11.54
N LEU A 45 4.78 -13.06 12.28
CA LEU A 45 4.27 -13.64 13.50
C LEU A 45 2.92 -14.24 13.13
N MET A 46 2.79 -15.57 13.19
CA MET A 46 1.58 -16.25 12.74
C MET A 46 0.94 -17.00 13.92
N PHE A 47 -0.33 -16.74 14.19
CA PHE A 47 -1.06 -17.34 15.32
C PHE A 47 -2.13 -18.34 14.88
N LYS A 48 -2.01 -19.55 15.41
CA LYS A 48 -2.97 -20.61 15.10
C LYS A 48 -4.36 -20.25 15.65
N PRO A 49 -5.39 -20.94 15.15
CA PRO A 49 -6.74 -20.85 15.66
C PRO A 49 -6.74 -20.98 17.17
N GLY A 50 -7.49 -20.11 17.81
CA GLY A 50 -7.61 -20.10 19.25
C GLY A 50 -8.00 -18.76 19.79
N THR A 51 -8.04 -18.72 21.11
CA THR A 51 -8.29 -17.50 21.84
C THR A 51 -7.08 -17.32 22.71
N TYR A 52 -6.32 -16.28 22.42
CA TYR A 52 -5.15 -15.96 23.20
C TYR A 52 -5.63 -14.98 24.24
N ASN A 53 -4.78 -14.72 25.22
CA ASN A 53 -5.13 -14.00 26.41
C ASN A 53 -3.92 -13.21 26.89
N ASP A 54 -4.12 -12.11 27.62
CA ASP A 54 -3.04 -11.50 28.40
C ASP A 54 -1.96 -10.77 27.60
N ILE A 55 -2.31 -10.33 26.41
CA ILE A 55 -1.32 -10.12 25.36
C ILE A 55 -1.41 -8.74 24.69
N ASN A 56 -0.24 -8.22 24.33
CA ASN A 56 -0.16 -6.96 23.62
C ASN A 56 0.94 -7.08 22.54
N ALA A 57 0.54 -7.46 21.33
CA ALA A 57 1.50 -7.69 20.25
C ALA A 57 1.92 -6.33 19.67
N GLN A 58 3.07 -5.86 20.08
CA GLN A 58 3.60 -4.61 19.50
C GLN A 58 4.41 -4.84 18.26
N ILE A 59 4.04 -4.09 17.24
CA ILE A 59 4.50 -4.35 15.88
C ILE A 59 5.49 -3.27 15.50
N GLY A 60 6.69 -3.71 15.13
CA GLY A 60 7.75 -2.82 14.69
C GLY A 60 7.98 -2.89 13.20
N PHE A 61 9.13 -2.42 12.73
CA PHE A 61 9.42 -2.43 11.30
C PHE A 61 9.57 -3.86 10.75
N TYR A 62 9.05 -4.05 9.54
CA TYR A 62 9.15 -5.29 8.77
C TYR A 62 8.62 -6.50 9.53
N THR A 63 7.57 -6.28 10.29
CA THR A 63 6.91 -7.32 11.04
C THR A 63 5.44 -7.35 10.60
N SER A 64 5.00 -8.53 10.24
CA SER A 64 3.60 -8.74 9.96
C SER A 64 3.05 -9.77 10.94
N ILE A 65 1.82 -9.56 11.35
CA ILE A 65 1.18 -10.44 12.29
C ILE A 65 -0.15 -10.85 11.68
N ALA A 66 -0.49 -12.12 11.86
CA ALA A 66 -1.70 -12.66 11.30
C ALA A 66 -2.20 -13.91 12.03
N GLY A 67 -3.52 -14.12 11.95
CA GLY A 67 -4.11 -15.38 12.35
C GLY A 67 -3.72 -16.47 11.36
N LEU A 68 -4.09 -17.70 11.69
CA LEU A 68 -3.88 -18.82 10.83
C LEU A 68 -5.24 -19.52 10.64
N GLY A 69 -6.30 -18.82 11.04
CA GLY A 69 -7.65 -19.32 10.86
C GLY A 69 -8.24 -19.09 9.49
N LEU A 70 -9.31 -19.83 9.16
CA LEU A 70 -10.03 -19.48 7.94
C LEU A 70 -10.64 -18.11 8.14
N ASN A 71 -11.55 -17.98 9.09
CA ASN A 71 -12.15 -16.70 9.41
C ASN A 71 -11.49 -15.89 10.56
N PRO A 72 -11.73 -14.57 10.57
CA PRO A 72 -10.92 -13.75 11.50
C PRO A 72 -11.21 -14.00 13.01
N ASP A 73 -12.43 -14.31 13.36
CA ASP A 73 -12.76 -14.61 14.77
C ASP A 73 -12.16 -15.95 15.31
N ASP A 74 -11.75 -16.82 14.38
CA ASP A 74 -11.03 -18.05 14.73
C ASP A 74 -9.77 -17.82 15.58
N THR A 75 -9.16 -16.64 15.47
CA THR A 75 -7.95 -16.31 16.20
C THR A 75 -8.17 -15.01 16.94
N THR A 76 -8.45 -15.15 18.24
CA THR A 76 -8.88 -14.03 19.07
C THR A 76 -7.86 -13.66 20.14
N PHE A 77 -7.46 -12.39 20.18
CA PHE A 77 -6.60 -11.86 21.25
C PHE A 77 -7.49 -11.08 22.22
N ASN A 78 -7.53 -11.53 23.46
CA ASN A 78 -8.03 -10.70 24.53
C ASN A 78 -6.84 -9.87 24.90
N GLY A 79 -6.75 -8.72 24.25
CA GLY A 79 -5.51 -7.99 24.15
C GLY A 79 -5.46 -7.21 22.84
N ASP A 80 -4.24 -6.92 22.40
CA ASP A 80 -4.03 -5.87 21.40
C ASP A 80 -2.97 -6.22 20.37
N VAL A 81 -3.09 -5.57 19.23
CA VAL A 81 -2.09 -5.61 18.17
C VAL A 81 -1.82 -4.11 17.90
N THR A 82 -0.73 -3.63 18.49
CA THR A 82 -0.52 -2.22 18.71
C THR A 82 0.65 -1.65 17.91
N VAL A 83 0.44 -0.51 17.29
CA VAL A 83 1.54 0.35 16.80
C VAL A 83 1.47 1.75 17.43
N ASP A 84 2.58 2.17 18.01
CA ASP A 84 2.71 3.51 18.60
C ASP A 84 4.04 4.10 18.12
N ALA A 85 4.27 5.37 18.39
CA ALA A 85 5.43 6.08 17.90
C ALA A 85 6.48 6.32 18.98
N GLY A 86 6.73 5.32 19.81
CA GLY A 86 7.75 5.46 20.87
C GLY A 86 9.22 5.66 20.48
N TRP A 87 9.71 4.88 19.51
CA TRP A 87 11.13 4.95 19.13
C TRP A 87 11.41 6.35 18.65
N PHE A 88 10.38 7.02 18.11
CA PHE A 88 10.57 8.31 17.49
C PHE A 88 9.88 9.44 18.20
N ASP A 89 9.45 9.21 19.43
CA ASP A 89 8.94 10.28 20.32
C ASP A 89 7.65 10.94 19.82
N GLY A 90 6.68 10.11 19.53
CA GLY A 90 5.33 10.56 19.25
C GLY A 90 5.04 10.93 17.82
N ASN A 91 6.08 11.07 17.02
CA ASN A 91 5.93 11.36 15.60
C ASN A 91 5.74 10.00 14.93
N ALA A 92 4.58 9.79 14.31
CA ALA A 92 4.24 8.49 13.65
C ALA A 92 4.52 8.45 12.15
N THR A 93 5.07 9.53 11.59
CA THR A 93 5.24 9.60 10.11
C THR A 93 6.36 8.76 9.52
N GLN A 94 6.99 7.93 10.33
CA GLN A 94 7.97 6.99 9.84
C GLN A 94 7.56 5.55 10.20
N ASN A 95 6.29 5.38 10.58
CA ASN A 95 5.81 4.05 10.99
C ASN A 95 5.36 3.18 9.81
N PHE A 96 6.35 2.70 9.06
CA PHE A 96 6.13 2.01 7.78
C PHE A 96 6.37 0.49 7.83
N TRP A 97 5.96 -0.18 6.75
CA TRP A 97 6.39 -1.54 6.41
C TRP A 97 6.05 -2.57 7.50
N ARG A 98 4.77 -2.66 7.77
CA ARG A 98 4.30 -3.67 8.71
C ARG A 98 2.82 -3.95 8.40
N SER A 99 2.28 -5.02 8.96
CA SER A 99 0.88 -5.36 8.62
C SER A 99 0.23 -6.26 9.63
N ALA A 100 -1.08 -6.10 9.77
CA ALA A 100 -1.94 -6.94 10.63
C ALA A 100 -3.03 -7.53 9.79
N GLU A 101 -3.30 -8.83 9.96
CA GLU A 101 -4.27 -9.52 9.13
C GLU A 101 -5.00 -10.66 9.86
N ASN A 102 -6.32 -10.75 9.67
CA ASN A 102 -7.07 -12.00 9.94
C ASN A 102 -7.06 -12.40 11.43
N LEU A 103 -7.26 -11.39 12.26
CA LEU A 103 -7.38 -11.54 13.73
C LEU A 103 -8.61 -10.83 14.27
N ALA A 104 -9.09 -11.34 15.42
CA ALA A 104 -10.13 -10.66 16.22
C ALA A 104 -9.49 -10.14 17.51
N LEU A 105 -9.71 -8.87 17.81
CA LEU A 105 -9.13 -8.25 18.99
C LEU A 105 -10.20 -7.74 19.94
N ASN A 106 -9.93 -7.96 21.22
CA ASN A 106 -10.78 -7.51 22.32
C ASN A 106 -9.82 -6.67 23.15
N PRO A 107 -9.56 -5.41 22.71
CA PRO A 107 -8.47 -4.65 23.34
C PRO A 107 -8.76 -4.43 24.82
N VAL A 108 -7.73 -4.57 25.65
CA VAL A 108 -7.81 -4.41 27.08
C VAL A 108 -8.55 -3.17 27.59
N ASN A 109 -8.35 -2.02 26.95
CA ASN A 109 -9.04 -0.81 27.41
C ASN A 109 -10.29 -0.51 26.62
N GLY A 110 -10.62 -1.38 25.67
CA GLY A 110 -11.77 -1.18 24.80
C GLY A 110 -11.45 -0.59 23.45
N THR A 111 -10.20 -0.17 23.26
CA THR A 111 -9.77 0.53 22.04
C THR A 111 -8.36 0.11 21.66
N ASN A 112 -8.21 -0.39 20.42
CA ASN A 112 -6.93 -0.81 19.91
C ASN A 112 -6.20 0.40 19.22
N ARG A 113 -4.89 0.51 19.42
CA ARG A 113 -4.10 1.54 18.71
C ARG A 113 -3.27 0.99 17.53
N TRP A 114 -3.52 1.52 16.33
CA TRP A 114 -2.77 1.21 15.10
C TRP A 114 -2.29 2.55 14.49
N ALA A 115 -1.25 3.12 15.09
CA ALA A 115 -0.79 4.47 14.76
C ALA A 115 0.34 4.40 13.74
N VAL A 116 -0.08 4.27 12.51
CA VAL A 116 0.83 3.97 11.44
C VAL A 116 0.82 5.09 10.39
N SER A 117 1.82 5.05 9.52
CA SER A 117 1.78 5.84 8.31
C SER A 117 1.71 4.90 7.09
N GLN A 118 2.48 5.15 6.03
CA GLN A 118 2.35 4.37 4.80
C GLN A 118 2.83 2.91 4.89
N ALA A 119 2.26 2.08 4.02
CA ALA A 119 2.63 0.67 3.87
C ALA A 119 2.44 -0.09 5.19
N ALA A 120 1.30 0.10 5.78
CA ALA A 120 0.99 -0.50 7.07
C ALA A 120 -0.46 -1.04 7.08
N PRO A 121 -0.79 -1.93 6.14
CA PRO A 121 -2.17 -2.38 5.95
C PRO A 121 -2.72 -3.18 7.14
N PHE A 122 -4.04 -3.06 7.27
CA PHE A 122 -4.85 -3.59 8.36
C PHE A 122 -6.03 -4.25 7.63
N ARG A 123 -5.94 -5.57 7.47
CA ARG A 123 -6.87 -6.30 6.57
C ARG A 123 -7.57 -7.43 7.32
N ARG A 124 -8.86 -7.62 7.00
CA ARG A 124 -9.66 -8.75 7.51
C ARG A 124 -9.49 -8.86 9.01
N MET A 125 -9.70 -7.74 9.68
CA MET A 125 -9.64 -7.67 11.12
C MET A 125 -11.04 -7.49 11.72
N HIS A 126 -11.22 -8.09 12.90
CA HIS A 126 -12.40 -7.80 13.71
C HIS A 126 -11.96 -7.16 15.06
N VAL A 127 -12.21 -5.88 15.19
CA VAL A 127 -11.91 -5.17 16.44
C VAL A 127 -13.20 -5.06 17.23
N LYS A 128 -13.23 -5.75 18.36
CA LYS A 128 -14.39 -5.76 19.25
C LYS A 128 -14.29 -4.54 20.17
N GLY A 129 -14.27 -3.35 19.56
CA GLY A 129 -14.21 -2.14 20.33
C GLY A 129 -13.79 -1.06 19.36
N GLY A 130 -13.25 0.01 19.89
CA GLY A 130 -12.69 1.10 19.09
C GLY A 130 -11.30 0.88 18.54
N LEU A 131 -10.98 1.71 17.55
CA LEU A 131 -9.68 1.67 16.89
C LEU A 131 -9.14 3.11 16.77
N ASN A 132 -8.05 3.36 17.47
CA ASN A 132 -7.37 4.67 17.54
C ASN A 132 -6.24 4.65 16.54
N LEU A 133 -6.26 5.56 15.56
CA LEU A 133 -5.24 5.58 14.52
C LEU A 133 -4.04 6.53 14.74
N ALA A 134 -4.03 7.21 15.88
CA ALA A 134 -2.95 8.18 16.18
C ALA A 134 -2.09 7.75 17.37
N PRO A 135 -0.80 8.13 17.35
CA PRO A 135 0.07 7.75 18.46
C PRO A 135 -0.34 8.45 19.73
N ASP A 136 0.21 8.00 20.83
CA ASP A 136 -0.19 8.51 22.13
C ASP A 136 0.45 9.91 22.28
N GLY A 137 -0.33 10.98 22.13
CA GLY A 137 0.19 12.35 22.23
C GLY A 137 -0.24 13.17 21.04
N TYR A 138 -0.74 12.49 20.01
CA TYR A 138 -1.48 13.13 18.89
C TYR A 138 -0.56 13.92 17.98
N GLY A 139 0.69 13.51 17.94
CA GLY A 139 1.61 14.13 17.01
C GLY A 139 1.27 13.75 15.57
N TRP A 140 2.28 13.69 14.73
CA TRP A 140 2.01 13.66 13.33
C TRP A 140 1.81 12.22 12.84
N ALA A 141 1.03 12.07 11.78
CA ALA A 141 0.75 10.73 11.23
C ALA A 141 0.14 10.85 9.84
N SER A 142 0.55 9.94 8.95
CA SER A 142 0.20 10.02 7.57
C SER A 142 -0.08 8.63 6.98
N GLY A 143 -1.13 7.98 7.48
CA GLY A 143 -1.59 6.69 6.98
C GLY A 143 -2.49 6.90 5.80
N GLY A 144 -3.30 5.91 5.42
CA GLY A 144 -3.34 4.60 6.03
C GLY A 144 -4.38 3.80 5.27
N TYR A 145 -4.52 2.52 5.60
CA TYR A 145 -5.31 1.60 4.80
C TYR A 145 -5.94 0.50 5.61
N ILE A 146 -7.26 0.46 5.49
CA ILE A 146 -8.08 -0.58 6.12
C ILE A 146 -9.00 -1.16 5.07
N ALA A 147 -8.99 -2.49 4.99
CA ALA A 147 -9.86 -3.20 4.08
C ALA A 147 -10.45 -4.43 4.74
N ASP A 148 -11.67 -4.72 4.34
CA ASP A 148 -12.32 -5.97 4.71
C ASP A 148 -12.35 -6.20 6.21
N SER A 149 -12.57 -5.10 6.93
CA SER A 149 -12.53 -5.13 8.38
C SER A 149 -13.84 -4.72 9.04
N LYS A 150 -14.03 -5.24 10.24
CA LYS A 150 -15.20 -4.88 11.03
C LYS A 150 -14.72 -4.25 12.35
N ILE A 151 -15.04 -2.97 12.54
CA ILE A 151 -14.69 -2.28 13.79
C ILE A 151 -16.02 -2.08 14.49
N ASP A 152 -16.19 -2.77 15.62
CA ASP A 152 -17.45 -2.70 16.35
C ASP A 152 -17.73 -1.30 16.87
N GLY A 153 -16.68 -0.61 17.33
CA GLY A 153 -16.83 0.73 17.88
C GLY A 153 -16.44 1.82 16.91
N GLU A 154 -15.89 2.90 17.46
CA GLU A 154 -15.50 4.08 16.68
C GLU A 154 -14.07 3.96 16.14
N VAL A 155 -13.87 4.33 14.87
CA VAL A 155 -12.53 4.48 14.32
C VAL A 155 -12.17 5.96 14.43
N GLY A 156 -11.16 6.26 15.24
CA GLY A 156 -10.78 7.65 15.55
C GLY A 156 -9.43 8.04 14.98
N PRO A 157 -9.44 8.85 13.91
CA PRO A 157 -8.16 9.20 13.27
C PRO A 157 -7.37 10.24 14.04
N TYR A 158 -8.06 11.10 14.79
CA TYR A 158 -7.49 12.29 15.46
C TYR A 158 -6.50 13.04 14.53
N SER A 159 -5.20 12.87 14.72
CA SER A 159 -4.19 13.60 13.95
C SER A 159 -3.84 13.03 12.56
N GLN A 160 -4.31 11.83 12.23
CA GLN A 160 -4.09 11.33 10.85
C GLN A 160 -4.50 12.31 9.76
N GLN A 161 -3.57 12.62 8.87
CA GLN A 161 -3.85 13.55 7.81
C GLN A 161 -4.93 13.05 6.86
N GLN A 162 -4.84 11.78 6.52
CA GLN A 162 -5.70 11.19 5.51
C GLN A 162 -5.86 9.70 5.80
N TRP A 163 -6.76 9.06 5.07
CA TRP A 163 -7.02 7.63 5.29
C TRP A 163 -7.89 7.06 4.18
N TYR A 164 -7.63 5.81 3.83
CA TYR A 164 -8.54 5.05 2.98
C TYR A 164 -9.08 3.80 3.65
N THR A 165 -10.39 3.68 3.58
CA THR A 165 -11.11 2.50 4.08
C THR A 165 -12.01 1.93 2.98
N ARG A 166 -11.90 0.62 2.77
CA ARG A 166 -12.79 -0.04 1.81
C ARG A 166 -13.43 -1.31 2.33
N ASP A 167 -14.67 -1.52 1.87
CA ASP A 167 -15.37 -2.80 2.03
C ASP A 167 -15.28 -3.31 3.45
N SER A 168 -15.88 -2.54 4.32
CA SER A 168 -15.71 -2.71 5.75
C SER A 168 -16.95 -2.29 6.51
N SER A 169 -16.89 -2.43 7.84
CA SER A 169 -17.94 -1.92 8.73
C SER A 169 -17.31 -1.24 9.93
N VAL A 170 -17.85 -0.07 10.28
CA VAL A 170 -17.43 0.65 11.48
C VAL A 170 -18.61 1.01 12.42
N GLY A 171 -18.37 0.95 13.72
CA GLY A 171 -19.34 1.43 14.68
C GLY A 171 -19.48 2.95 14.64
N GLY A 172 -18.39 3.60 14.25
CA GLY A 172 -18.29 5.05 14.31
C GLY A 172 -17.06 5.52 13.53
N TRP A 173 -16.96 6.84 13.40
CA TRP A 173 -15.86 7.50 12.70
C TRP A 173 -15.79 8.92 13.26
N GLY A 174 -14.67 9.23 13.88
CA GLY A 174 -14.60 10.36 14.79
C GLY A 174 -14.33 11.69 14.12
N ASN A 175 -13.57 11.68 13.02
CA ASN A 175 -13.13 12.94 12.41
C ASN A 175 -12.33 12.74 11.12
N GLY A 176 -12.24 13.80 10.32
CA GLY A 176 -11.43 13.84 9.11
C GLY A 176 -10.63 15.13 9.05
N VAL A 177 -9.31 14.99 8.91
CA VAL A 177 -8.39 16.13 8.75
C VAL A 177 -8.31 16.77 7.32
N TRP A 178 -7.62 16.14 6.39
CA TRP A 178 -7.49 16.64 5.01
C TRP A 178 -8.25 15.79 3.93
N ASN A 179 -8.08 14.46 3.95
CA ASN A 179 -8.63 13.53 2.95
C ASN A 179 -9.00 12.15 3.62
N MET A 180 -10.24 12.02 4.09
CA MET A 180 -10.77 10.70 4.47
C MET A 180 -11.67 10.18 3.33
N THR A 181 -11.27 9.04 2.71
CA THR A 181 -12.05 8.41 1.62
C THR A 181 -12.53 7.00 2.07
N PHE A 182 -13.80 6.73 1.79
CA PHE A 182 -14.42 5.42 2.06
C PHE A 182 -15.06 4.90 0.78
N SER A 183 -14.87 3.61 0.48
CA SER A 183 -15.70 2.96 -0.53
C SER A 183 -16.26 1.62 0.00
N GLY A 184 -17.57 1.43 -0.13
CA GLY A 184 -18.19 0.21 0.37
C GLY A 184 -18.06 0.00 1.88
N VAL A 185 -18.09 1.09 2.63
CA VAL A 185 -17.93 1.00 4.07
C VAL A 185 -19.27 1.22 4.81
N GLU A 186 -19.82 0.16 5.37
CA GLU A 186 -21.05 0.25 6.18
C GLU A 186 -20.76 1.01 7.46
N GLY A 187 -21.41 2.15 7.64
CA GLY A 187 -21.15 2.99 8.81
C GLY A 187 -20.29 4.20 8.49
N ALA A 188 -19.86 4.36 7.24
CA ALA A 188 -19.01 5.51 6.90
C ALA A 188 -19.75 6.81 7.16
N PRO A 189 -18.98 7.87 7.47
CA PRO A 189 -19.62 9.17 7.52
C PRO A 189 -20.18 9.45 6.12
N ALA A 190 -21.30 10.13 6.00
CA ALA A 190 -21.83 10.35 4.67
C ALA A 190 -21.06 11.54 4.03
N GLN A 191 -21.27 11.79 2.74
CA GLN A 191 -20.36 12.65 1.99
C GLN A 191 -20.48 14.09 2.46
N SER A 192 -19.37 14.81 2.56
CA SER A 192 -19.45 16.18 3.04
C SER A 192 -18.25 17.04 2.69
N PHE A 193 -17.44 16.57 1.74
CA PHE A 193 -16.26 17.32 1.32
C PHE A 193 -16.83 18.62 0.73
N PRO A 194 -16.18 19.76 1.01
CA PRO A 194 -14.85 19.76 1.61
C PRO A 194 -14.84 19.61 3.12
N GLU A 195 -15.91 20.00 3.83
CA GLU A 195 -15.86 20.13 5.28
C GLU A 195 -16.98 19.37 6.01
N PRO A 196 -16.64 18.36 6.83
CA PRO A 196 -15.37 17.65 7.00
C PRO A 196 -14.95 17.02 5.67
N PRO A 197 -13.68 16.63 5.55
CA PRO A 197 -13.20 16.17 4.25
C PRO A 197 -13.49 14.70 4.02
N TYR A 198 -14.77 14.39 3.86
CA TYR A 198 -15.21 13.02 3.70
C TYR A 198 -15.64 12.79 2.25
N THR A 199 -14.92 11.87 1.61
CA THR A 199 -15.23 11.40 0.30
C THR A 199 -15.80 9.97 0.41
N THR A 200 -17.06 9.79 0.02
CA THR A 200 -17.77 8.55 0.32
C THR A 200 -18.47 7.93 -0.86
N LEU A 201 -18.03 6.74 -1.21
CA LEU A 201 -18.58 5.93 -2.28
C LEU A 201 -19.37 4.75 -1.61
N GLU A 202 -20.67 4.64 -1.87
CA GLU A 202 -21.49 3.58 -1.27
C GLU A 202 -20.91 2.19 -1.57
N THR A 203 -20.35 2.04 -2.76
CA THR A 203 -19.69 0.79 -3.14
C THR A 203 -18.31 0.93 -3.80
N THR A 204 -17.55 -0.16 -3.75
CA THR A 204 -16.27 -0.27 -4.45
C THR A 204 -16.45 -0.97 -5.80
N PRO A 205 -16.06 -0.33 -6.91
CA PRO A 205 -16.37 -0.86 -8.25
C PRO A 205 -16.03 -2.33 -8.44
N VAL A 206 -14.79 -2.69 -8.11
CA VAL A 206 -14.43 -4.06 -7.94
C VAL A 206 -13.27 -4.16 -6.94
N SER A 207 -13.27 -5.26 -6.22
CA SER A 207 -12.23 -5.56 -5.29
C SER A 207 -12.10 -7.06 -5.21
N ARG A 208 -10.90 -7.50 -4.80
CA ARG A 208 -10.61 -8.91 -4.61
C ARG A 208 -9.71 -9.01 -3.40
N GLU A 209 -10.18 -9.65 -2.33
CA GLU A 209 -9.44 -9.63 -1.07
C GLU A 209 -8.08 -10.34 -1.22
N LYS A 210 -7.11 -9.88 -0.45
CA LYS A 210 -5.74 -10.41 -0.54
C LYS A 210 -5.68 -11.88 -0.09
N PRO A 211 -5.03 -12.76 -0.90
CA PRO A 211 -4.86 -14.15 -0.44
C PRO A 211 -4.08 -14.22 0.86
N PHE A 212 -4.28 -15.27 1.66
CA PHE A 212 -3.56 -15.41 2.92
C PHE A 212 -3.38 -16.88 3.36
N LEU A 213 -2.32 -17.11 4.14
CA LEU A 213 -2.02 -18.37 4.78
C LEU A 213 -3.10 -18.76 5.81
N TYR A 214 -3.41 -20.04 5.90
CA TYR A 214 -4.20 -20.50 7.03
C TYR A 214 -4.19 -22.01 7.09
N LEU A 215 -5.06 -22.53 7.95
CA LEU A 215 -5.11 -23.96 8.23
C LEU A 215 -6.53 -24.49 8.00
N ASP A 216 -6.66 -25.23 6.91
CA ASP A 216 -7.76 -26.15 6.77
C ASP A 216 -7.34 -27.24 7.71
N GLY A 217 -8.08 -27.37 8.79
CA GLY A 217 -7.65 -28.22 9.88
C GLY A 217 -6.15 -28.11 10.17
N ASP A 218 -5.43 -29.19 9.84
CA ASP A 218 -4.01 -29.29 10.09
C ASP A 218 -3.13 -29.26 8.83
N ASP A 219 -3.72 -28.95 7.68
CA ASP A 219 -2.92 -28.67 6.48
C ASP A 219 -2.95 -27.19 6.04
N TYR A 220 -1.75 -26.67 5.80
CA TYR A 220 -1.60 -25.32 5.19
C TYR A 220 -2.33 -25.26 3.84
N LYS A 221 -3.35 -24.40 3.77
CA LYS A 221 -3.86 -23.92 2.52
C LYS A 221 -3.64 -22.41 2.56
N VAL A 222 -3.16 -21.82 1.45
CA VAL A 222 -3.37 -20.40 1.25
C VAL A 222 -4.82 -20.43 0.82
N PHE A 223 -5.59 -19.43 1.25
CA PHE A 223 -6.97 -19.19 0.79
C PHE A 223 -6.91 -18.02 -0.19
N VAL A 224 -7.26 -18.27 -1.44
CA VAL A 224 -7.31 -17.23 -2.49
C VAL A 224 -8.75 -16.69 -2.64
N PRO A 225 -9.05 -15.54 -2.00
CA PRO A 225 -10.40 -14.97 -2.17
C PRO A 225 -10.75 -14.62 -3.60
N ALA A 226 -12.02 -14.76 -3.93
CA ALA A 226 -12.46 -14.43 -5.28
C ALA A 226 -13.14 -13.03 -5.38
N LYS A 227 -13.39 -12.60 -6.62
CA LYS A 227 -13.71 -11.19 -6.86
C LYS A 227 -15.13 -10.76 -6.42
N ARG A 228 -15.19 -9.54 -5.89
CA ARG A 228 -16.45 -8.85 -5.60
C ARG A 228 -16.66 -7.61 -6.47
N THR A 229 -17.79 -7.57 -7.16
CA THR A 229 -18.21 -6.39 -7.95
C THR A 229 -19.14 -5.45 -7.17
N ASN A 230 -18.84 -4.15 -7.18
CA ASN A 230 -19.64 -3.17 -6.45
C ASN A 230 -19.74 -3.62 -5.00
N ALA A 231 -18.58 -3.73 -4.36
CA ALA A 231 -18.47 -4.30 -3.06
C ALA A 231 -18.88 -3.35 -1.94
N ARG A 232 -19.45 -3.94 -0.91
CA ARG A 232 -19.83 -3.20 0.27
C ARG A 232 -19.82 -4.12 1.45
N GLY A 233 -19.21 -3.65 2.54
CA GLY A 233 -19.07 -4.47 3.72
C GLY A 233 -18.01 -5.55 3.55
N THR A 234 -17.91 -6.41 4.56
CA THR A 234 -16.83 -7.39 4.62
C THR A 234 -17.19 -8.63 3.82
N SER A 235 -16.17 -9.47 3.58
CA SER A 235 -16.36 -10.71 2.87
C SER A 235 -16.67 -11.98 3.72
N TRP A 236 -16.53 -11.91 5.06
CA TRP A 236 -16.30 -13.10 5.93
C TRP A 236 -17.16 -13.35 7.21
N GLY A 237 -18.29 -12.66 7.31
CA GLY A 237 -19.19 -12.82 8.45
C GLY A 237 -20.45 -13.61 8.16
N ASN A 238 -21.34 -12.99 7.38
CA ASN A 238 -22.61 -13.59 6.98
C ASN A 238 -22.46 -15.11 6.88
N GLY A 239 -21.31 -15.53 6.39
CA GLY A 239 -20.91 -16.90 6.52
C GLY A 239 -19.67 -17.02 5.70
N THR A 240 -19.14 -18.22 5.75
CA THR A 240 -18.68 -18.82 4.52
C THR A 240 -17.97 -17.84 3.55
N PRO A 241 -16.64 -17.78 3.55
CA PRO A 241 -16.00 -16.96 2.48
C PRO A 241 -15.84 -17.66 1.10
N GLU A 242 -15.80 -16.89 0.00
CA GLU A 242 -15.88 -17.45 -1.34
C GLU A 242 -14.59 -17.38 -2.20
N GLY A 243 -14.01 -18.52 -2.56
CA GLY A 243 -12.78 -18.57 -3.38
C GLY A 243 -12.23 -19.95 -3.79
N GLU A 244 -10.91 -20.07 -3.84
CA GLU A 244 -10.29 -21.40 -3.94
C GLU A 244 -9.29 -21.45 -2.80
N SER A 245 -9.05 -22.66 -2.31
CA SER A 245 -7.92 -22.89 -1.44
C SER A 245 -6.86 -23.65 -2.26
N LEU A 246 -5.61 -23.55 -1.77
CA LEU A 246 -4.39 -24.09 -2.33
C LEU A 246 -3.45 -24.56 -1.22
N PRO A 247 -3.02 -25.84 -1.27
CA PRO A 247 -2.06 -26.30 -0.24
C PRO A 247 -0.64 -25.86 -0.52
N LEU A 248 0.24 -26.06 0.45
CA LEU A 248 1.54 -25.47 0.40
C LEU A 248 2.42 -26.13 -0.64
N ASP A 249 2.23 -27.46 -0.83
CA ASP A 249 2.94 -28.22 -1.87
C ASP A 249 2.79 -27.62 -3.30
N GLN A 250 1.65 -26.97 -3.54
CA GLN A 250 1.43 -26.31 -4.81
C GLN A 250 2.11 -24.91 -4.87
N PHE A 251 2.89 -24.56 -3.85
CA PHE A 251 3.73 -23.36 -3.81
C PHE A 251 5.19 -23.71 -3.77
N TYR A 252 6.03 -23.02 -4.54
CA TYR A 252 7.47 -22.99 -4.27
C TYR A 252 7.64 -22.04 -3.06
N VAL A 253 8.10 -22.61 -1.95
CA VAL A 253 8.34 -21.87 -0.74
C VAL A 253 9.73 -21.24 -0.76
N VAL A 254 9.81 -19.97 -1.15
CA VAL A 254 11.07 -19.28 -1.42
C VAL A 254 11.79 -18.73 -0.17
N LYS A 255 13.10 -18.91 -0.14
CA LYS A 255 13.99 -18.37 0.90
C LYS A 255 15.05 -17.41 0.35
N PRO A 256 15.87 -16.79 1.23
CA PRO A 256 16.83 -15.99 0.49
C PRO A 256 17.82 -16.89 -0.25
N GLY A 257 18.44 -16.37 -1.31
CA GLY A 257 19.37 -17.17 -2.09
C GLY A 257 18.72 -17.73 -3.36
N ALA A 258 17.49 -18.20 -3.24
CA ALA A 258 16.72 -18.75 -4.35
C ALA A 258 16.82 -17.91 -5.63
N THR A 259 17.81 -18.20 -6.46
CA THR A 259 18.09 -17.37 -7.62
C THR A 259 16.79 -17.08 -8.38
N ALA A 260 16.77 -16.01 -9.15
CA ALA A 260 15.58 -15.71 -9.91
C ALA A 260 15.40 -16.84 -10.97
N GLU A 261 16.51 -17.47 -11.35
CA GLU A 261 16.49 -18.70 -12.14
C GLU A 261 15.54 -19.75 -11.52
N THR A 262 15.69 -20.06 -10.24
CA THR A 262 14.92 -21.16 -9.64
C THR A 262 13.44 -20.75 -9.48
N ILE A 263 13.25 -19.51 -9.08
CA ILE A 263 11.92 -18.96 -8.93
C ILE A 263 11.16 -19.02 -10.26
N ASN A 264 11.87 -18.73 -11.35
CA ASN A 264 11.26 -18.67 -12.69
C ASN A 264 10.87 -20.06 -13.26
N ALA A 265 11.71 -21.06 -13.02
CA ALA A 265 11.36 -22.44 -13.33
C ALA A 265 10.07 -22.84 -12.60
N ALA A 266 10.11 -22.66 -11.28
CA ALA A 266 9.00 -22.99 -10.42
C ALA A 266 7.66 -22.51 -11.01
N VAL A 267 7.59 -21.25 -11.46
CA VAL A 267 6.35 -20.76 -12.07
C VAL A 267 6.17 -21.49 -13.40
N ASP A 268 7.29 -21.77 -14.06
CA ASP A 268 7.19 -22.43 -15.33
C ASP A 268 6.54 -23.78 -15.22
N GLN A 269 6.95 -24.49 -14.20
CA GLN A 269 6.39 -25.80 -13.92
C GLN A 269 4.94 -25.74 -13.47
N GLY A 270 4.44 -24.54 -13.21
CA GLY A 270 3.08 -24.42 -12.68
C GLY A 270 2.95 -24.36 -11.15
N LEU A 271 4.04 -24.10 -10.43
CA LEU A 271 3.92 -23.82 -9.00
C LEU A 271 3.64 -22.32 -8.70
N HIS A 272 3.05 -22.07 -7.55
CA HIS A 272 2.80 -20.71 -7.07
C HIS A 272 4.06 -20.27 -6.33
N LEU A 273 4.07 -19.05 -5.78
CA LEU A 273 5.25 -18.56 -5.07
C LEU A 273 4.90 -18.00 -3.72
N LEU A 274 5.64 -18.44 -2.70
CA LEU A 274 5.53 -17.87 -1.36
C LEU A 274 6.87 -17.43 -0.89
N PHE A 275 7.01 -16.12 -0.75
CA PHE A 275 8.25 -15.57 -0.28
C PHE A 275 8.24 -15.49 1.25
N THR A 276 9.04 -16.35 1.88
CA THR A 276 9.24 -16.25 3.30
C THR A 276 9.94 -14.91 3.61
N PRO A 277 9.84 -14.44 4.85
CA PRO A 277 10.39 -13.11 5.13
C PRO A 277 11.89 -13.13 4.95
N GLY A 278 12.37 -12.20 4.14
CA GLY A 278 13.80 -12.14 3.85
C GLY A 278 14.03 -11.14 2.72
N VAL A 279 15.29 -10.99 2.34
CA VAL A 279 15.71 -10.04 1.32
C VAL A 279 16.35 -10.82 0.17
N TYR A 280 15.77 -10.69 -1.01
CA TYR A 280 16.16 -11.49 -2.19
C TYR A 280 16.81 -10.63 -3.30
N HIS A 281 18.10 -10.80 -3.55
CA HIS A 281 18.73 -10.14 -4.69
C HIS A 281 18.52 -11.01 -5.90
N VAL A 282 18.14 -10.41 -7.03
CA VAL A 282 17.92 -11.13 -8.28
C VAL A 282 18.69 -10.44 -9.43
N ASP A 283 19.16 -11.20 -10.42
CA ASP A 283 19.96 -10.67 -11.55
C ASP A 283 19.29 -10.96 -12.90
N GLN A 284 18.14 -11.60 -12.81
CA GLN A 284 17.18 -11.61 -13.89
C GLN A 284 15.87 -11.19 -13.24
N PRO A 285 14.99 -10.55 -14.01
CA PRO A 285 13.66 -10.32 -13.44
C PRO A 285 12.92 -11.61 -13.09
N ILE A 286 12.15 -11.59 -12.01
CA ILE A 286 11.16 -12.62 -11.79
C ILE A 286 10.06 -12.45 -12.84
N GLU A 287 9.75 -13.53 -13.55
CA GLU A 287 8.81 -13.47 -14.65
C GLU A 287 7.67 -14.39 -14.31
N ILE A 288 6.48 -13.83 -14.19
CA ILE A 288 5.33 -14.63 -13.92
C ILE A 288 4.50 -14.61 -15.17
N ASP A 289 4.53 -15.72 -15.90
CA ASP A 289 3.95 -15.79 -17.21
C ASP A 289 2.91 -16.90 -17.33
N ARG A 290 2.25 -17.18 -16.21
CA ARG A 290 1.25 -18.25 -16.10
C ARG A 290 -0.05 -17.73 -15.44
N ALA A 291 -1.19 -17.98 -16.08
CA ALA A 291 -2.43 -17.44 -15.55
C ALA A 291 -2.70 -17.97 -14.14
N ASN A 292 -3.30 -17.12 -13.31
CA ASN A 292 -3.70 -17.42 -11.92
C ASN A 292 -2.60 -17.70 -10.90
N THR A 293 -1.38 -17.37 -11.23
CA THR A 293 -0.29 -17.50 -10.29
C THR A 293 -0.44 -16.52 -9.12
N VAL A 294 -0.30 -17.04 -7.91
CA VAL A 294 -0.32 -16.28 -6.66
C VAL A 294 1.12 -16.15 -6.25
N ALA A 295 1.55 -14.90 -6.06
CA ALA A 295 2.90 -14.57 -5.63
C ALA A 295 2.74 -13.76 -4.34
N LEU A 296 3.01 -14.42 -3.23
CA LEU A 296 2.59 -13.91 -1.94
C LEU A 296 3.79 -13.82 -1.00
N GLY A 297 4.06 -12.61 -0.50
CA GLY A 297 5.07 -12.41 0.52
C GLY A 297 4.56 -12.43 1.95
N LEU A 298 5.40 -12.92 2.86
CA LEU A 298 5.09 -12.85 4.28
C LEU A 298 6.17 -11.95 4.92
N GLY A 299 5.78 -11.16 5.90
CA GLY A 299 6.76 -10.40 6.68
C GLY A 299 7.60 -9.39 5.92
N LEU A 300 7.02 -8.74 4.92
CA LEU A 300 7.66 -7.68 4.17
C LEU A 300 8.86 -8.23 3.36
N ALA A 301 8.71 -9.47 2.90
CA ALA A 301 9.67 -10.08 2.00
C ALA A 301 9.98 -9.07 0.89
N THR A 302 11.28 -8.93 0.64
CA THR A 302 11.81 -7.86 -0.17
C THR A 302 12.66 -8.38 -1.34
N ILE A 303 12.50 -7.71 -2.48
CA ILE A 303 13.20 -8.06 -3.69
C ILE A 303 14.01 -6.86 -4.15
N ILE A 304 15.30 -7.11 -4.34
CA ILE A 304 16.22 -6.11 -4.86
C ILE A 304 16.80 -6.54 -6.23
N PRO A 305 16.54 -5.74 -7.29
CA PRO A 305 17.18 -5.97 -8.59
C PRO A 305 18.61 -5.47 -8.64
N ASP A 306 19.54 -6.36 -8.98
CA ASP A 306 20.93 -5.97 -9.20
C ASP A 306 21.16 -5.59 -10.68
N ASN A 307 22.29 -4.92 -10.98
CA ASN A 307 22.75 -4.76 -12.37
C ASN A 307 21.74 -4.09 -13.31
N GLY A 308 20.79 -3.36 -12.72
CA GLY A 308 19.83 -2.55 -13.46
C GLY A 308 18.64 -3.30 -14.04
N VAL A 309 18.49 -4.56 -13.66
CA VAL A 309 17.37 -5.33 -14.19
C VAL A 309 16.04 -4.90 -13.57
N THR A 310 14.97 -5.27 -14.24
CA THR A 310 13.63 -5.13 -13.68
C THR A 310 13.43 -6.25 -12.64
N ALA A 311 12.84 -5.94 -11.48
CA ALA A 311 12.61 -6.94 -10.44
C ALA A 311 11.54 -7.99 -10.79
N LEU A 312 10.40 -7.51 -11.33
CA LEU A 312 9.23 -8.33 -11.47
C LEU A 312 8.50 -7.96 -12.76
N LYS A 313 8.33 -8.95 -13.64
CA LYS A 313 7.55 -8.80 -14.88
C LYS A 313 6.40 -9.82 -14.87
N VAL A 314 5.18 -9.33 -14.97
CA VAL A 314 4.01 -10.21 -15.16
C VAL A 314 3.60 -10.17 -16.64
N GLY A 315 3.30 -11.35 -17.19
CA GLY A 315 3.01 -11.48 -18.60
C GLY A 315 1.53 -11.14 -18.83
N ASP A 316 1.10 -11.28 -20.07
CA ASP A 316 -0.23 -10.81 -20.45
C ASP A 316 -1.34 -11.84 -20.14
N VAL A 317 -1.41 -12.25 -18.87
CA VAL A 317 -2.26 -13.40 -18.48
C VAL A 317 -3.26 -13.06 -17.37
N ASP A 318 -4.42 -13.68 -17.45
CA ASP A 318 -5.46 -13.59 -16.45
C ASP A 318 -4.98 -13.94 -15.03
N GLY A 319 -5.54 -13.22 -14.05
CA GLY A 319 -5.64 -13.74 -12.70
C GLY A 319 -4.38 -13.79 -11.83
N VAL A 320 -3.32 -13.07 -12.16
CA VAL A 320 -2.12 -13.09 -11.30
C VAL A 320 -2.50 -12.30 -10.04
N LYS A 321 -1.94 -12.71 -8.91
CA LYS A 321 -2.25 -12.12 -7.60
C LYS A 321 -0.91 -11.99 -6.89
N VAL A 322 -0.35 -10.79 -7.02
CA VAL A 322 0.90 -10.42 -6.39
C VAL A 322 0.54 -9.69 -5.10
N ALA A 323 1.01 -10.19 -3.97
CA ALA A 323 0.65 -9.60 -2.67
C ALA A 323 1.77 -9.61 -1.63
N GLY A 324 2.03 -8.45 -1.05
CA GLY A 324 2.82 -8.35 0.16
C GLY A 324 4.33 -8.31 -0.04
N LEU A 325 4.81 -7.75 -1.16
CA LEU A 325 6.22 -7.64 -1.48
C LEU A 325 6.69 -6.19 -1.42
N LEU A 326 7.92 -5.99 -0.92
CA LEU A 326 8.63 -4.72 -1.08
C LEU A 326 9.67 -4.88 -2.17
N VAL A 327 9.59 -4.05 -3.20
CA VAL A 327 10.64 -3.99 -4.22
C VAL A 327 11.55 -2.79 -3.90
N ASP A 328 12.85 -3.06 -3.69
CA ASP A 328 13.79 -2.08 -3.18
C ASP A 328 14.86 -1.85 -4.26
N ALA A 329 14.96 -0.62 -4.74
CA ALA A 329 15.87 -0.29 -5.81
C ALA A 329 17.31 -0.64 -5.45
N GLY A 330 18.04 -1.24 -6.40
CA GLY A 330 19.49 -1.28 -6.34
C GLY A 330 20.14 0.06 -6.72
N PRO A 331 21.41 0.25 -6.33
CA PRO A 331 22.03 1.52 -6.68
C PRO A 331 22.40 1.64 -8.16
N VAL A 332 22.42 0.54 -8.90
CA VAL A 332 22.49 0.60 -10.37
C VAL A 332 21.09 0.83 -10.94
N ASN A 333 20.96 1.90 -11.73
CA ASN A 333 19.66 2.32 -12.19
C ASN A 333 18.93 1.21 -12.96
N SER A 334 17.72 0.90 -12.49
CA SER A 334 16.82 0.06 -13.28
C SER A 334 15.87 0.89 -14.13
N GLU A 335 15.72 0.52 -15.41
CA GLU A 335 14.74 1.14 -16.28
C GLU A 335 13.33 1.11 -15.72
N THR A 336 12.95 -0.08 -15.26
CA THR A 336 11.70 -0.24 -14.54
C THR A 336 11.92 -1.20 -13.35
N LEU A 337 11.08 -1.11 -12.31
CA LEU A 337 11.16 -2.05 -11.21
C LEU A 337 10.14 -3.19 -11.30
N VAL A 338 8.91 -2.84 -11.71
CA VAL A 338 7.83 -3.78 -11.75
C VAL A 338 6.99 -3.46 -13.00
N GLU A 339 6.86 -4.43 -13.90
CA GLU A 339 6.06 -4.26 -15.10
C GLU A 339 4.93 -5.27 -15.06
N VAL A 340 3.71 -4.77 -15.17
CA VAL A 340 2.54 -5.59 -15.23
C VAL A 340 2.10 -5.60 -16.67
N GLY A 341 2.49 -6.67 -17.36
CA GLY A 341 2.14 -6.88 -18.77
C GLY A 341 3.17 -6.30 -19.72
N SER A 342 3.04 -6.67 -20.99
CA SER A 342 3.99 -6.25 -22.03
C SER A 342 3.68 -4.84 -22.61
N ASP A 343 4.70 -4.04 -22.96
CA ASP A 343 4.40 -2.75 -23.60
C ASP A 343 3.58 -3.05 -24.88
N GLY A 344 2.43 -2.39 -25.01
CA GLY A 344 1.52 -2.69 -26.12
C GLY A 344 0.35 -3.68 -25.86
N ALA A 345 0.38 -4.34 -24.69
CA ALA A 345 -0.66 -5.28 -24.27
C ALA A 345 -2.09 -4.83 -24.56
N SER A 346 -2.82 -5.57 -25.40
CA SER A 346 -4.23 -5.23 -25.67
C SER A 346 -5.26 -6.23 -25.13
N GLY A 347 -4.83 -7.33 -24.57
CA GLY A 347 -5.88 -8.24 -24.10
C GLY A 347 -6.76 -7.59 -23.03
N ASP A 348 -7.95 -8.16 -22.81
CA ASP A 348 -8.77 -7.89 -21.64
C ASP A 348 -8.50 -8.85 -20.50
N HIS A 349 -8.78 -8.44 -19.26
CA HIS A 349 -8.63 -9.36 -18.16
C HIS A 349 -9.75 -9.11 -17.21
N ALA A 350 -10.93 -8.85 -17.78
CA ALA A 350 -12.04 -8.32 -17.03
C ALA A 350 -12.67 -9.30 -16.01
N ALA A 351 -12.94 -10.53 -16.43
CA ALA A 351 -13.53 -11.47 -15.49
C ALA A 351 -12.56 -11.97 -14.42
N ASN A 352 -11.27 -11.89 -14.70
CA ASN A 352 -10.25 -12.44 -13.83
C ASN A 352 -9.01 -11.59 -13.95
N PRO A 353 -9.10 -10.40 -13.37
CA PRO A 353 -7.99 -9.43 -13.51
C PRO A 353 -6.72 -9.87 -12.79
N THR A 354 -5.56 -9.38 -13.26
CA THR A 354 -4.38 -9.42 -12.42
C THR A 354 -4.48 -8.36 -11.32
N SER A 355 -3.85 -8.61 -10.18
CA SER A 355 -3.82 -7.64 -9.08
C SER A 355 -2.44 -7.50 -8.42
N LEU A 356 -2.16 -6.26 -7.99
CA LEU A 356 -1.06 -5.93 -7.09
C LEU A 356 -1.69 -5.45 -5.79
N GLN A 357 -1.35 -6.10 -4.67
CA GLN A 357 -1.86 -5.73 -3.35
C GLN A 357 -0.77 -5.66 -2.30
N ASP A 358 -0.74 -4.56 -1.55
CA ASP A 358 0.33 -4.37 -0.58
C ASP A 358 1.68 -4.61 -1.30
N VAL A 359 1.82 -4.01 -2.47
CA VAL A 359 3.09 -4.03 -3.16
C VAL A 359 3.66 -2.63 -2.93
N PHE A 360 4.84 -2.62 -2.32
CA PHE A 360 5.55 -1.37 -1.98
C PHE A 360 6.84 -1.25 -2.79
N VAL A 361 7.19 -0.03 -3.16
CA VAL A 361 8.43 0.21 -3.84
C VAL A 361 9.19 1.28 -3.07
N ARG A 362 10.50 1.05 -2.88
CA ARG A 362 11.40 2.03 -2.25
C ARG A 362 12.58 2.31 -3.17
N ILE A 363 12.92 3.59 -3.32
CA ILE A 363 14.10 3.96 -4.07
C ILE A 363 15.03 4.77 -3.17
N GLY A 364 16.10 4.13 -2.69
CA GLY A 364 17.02 4.76 -1.75
C GLY A 364 16.59 4.54 -0.30
N GLY A 365 17.42 4.98 0.64
CA GLY A 365 17.02 5.06 2.03
C GLY A 365 17.70 4.02 2.96
N ALA A 366 18.16 2.91 2.38
CA ALA A 366 19.14 2.04 3.02
C ALA A 366 20.36 1.98 2.12
N GLY A 367 20.81 3.13 1.62
CA GLY A 367 21.80 3.17 0.58
C GLY A 367 21.28 3.57 -0.80
N PRO A 368 22.18 4.03 -1.66
CA PRO A 368 21.76 4.66 -2.92
C PRO A 368 20.88 3.70 -3.73
N GLY A 369 19.87 4.24 -4.38
CA GLY A 369 19.02 3.41 -5.22
C GLY A 369 18.44 4.30 -6.27
N LYS A 370 18.28 3.76 -7.47
CA LYS A 370 17.79 4.51 -8.59
C LYS A 370 17.00 3.61 -9.47
N ALA A 371 15.96 4.18 -10.04
CA ALA A 371 15.23 3.56 -11.14
C ALA A 371 14.42 4.63 -11.86
N THR A 372 14.18 4.44 -13.16
CA THR A 372 13.59 5.48 -13.99
C THR A 372 12.07 5.56 -13.81
N THR A 373 11.41 4.40 -13.92
CA THR A 373 9.96 4.32 -13.86
C THR A 373 9.57 3.12 -12.99
N SER A 374 9.02 3.34 -11.79
CA SER A 374 8.91 2.29 -10.78
C SER A 374 7.94 1.13 -11.10
N ILE A 375 6.69 1.48 -11.43
CA ILE A 375 5.66 0.52 -11.82
C ILE A 375 5.02 0.99 -13.14
N VAL A 376 5.01 0.10 -14.13
CA VAL A 376 4.26 0.32 -15.36
C VAL A 376 3.14 -0.70 -15.43
N VAL A 377 1.90 -0.21 -15.47
CA VAL A 377 0.74 -1.05 -15.56
C VAL A 377 0.35 -1.05 -17.05
N ASN A 378 0.86 -2.04 -17.76
CA ASN A 378 0.57 -2.24 -19.18
C ASN A 378 -0.77 -2.86 -19.48
N SER A 379 -1.11 -3.91 -18.75
CA SER A 379 -2.33 -4.67 -19.06
C SER A 379 -3.64 -3.98 -18.73
N ASN A 380 -4.69 -4.46 -19.37
CA ASN A 380 -6.04 -3.96 -19.13
C ASN A 380 -6.68 -4.62 -17.90
N ASP A 381 -7.59 -3.89 -17.28
CA ASP A 381 -8.38 -4.38 -16.16
C ASP A 381 -7.64 -4.65 -14.83
N THR A 382 -6.36 -4.28 -14.78
CA THR A 382 -5.54 -4.55 -13.62
C THR A 382 -6.07 -3.75 -12.41
N ILE A 383 -6.03 -4.38 -11.25
CA ILE A 383 -6.37 -3.77 -9.98
C ILE A 383 -5.10 -3.53 -9.18
N ILE A 384 -4.88 -2.27 -8.79
CA ILE A 384 -3.80 -1.95 -7.86
C ILE A 384 -4.48 -1.51 -6.55
N ASP A 385 -4.52 -2.43 -5.59
CA ASP A 385 -5.24 -2.26 -4.31
C ASP A 385 -4.24 -2.19 -3.13
N HIS A 386 -3.87 -0.95 -2.79
CA HIS A 386 -2.88 -0.60 -1.79
C HIS A 386 -1.45 -0.74 -2.30
N THR A 387 -0.87 0.39 -2.66
CA THR A 387 0.54 0.45 -3.03
C THR A 387 1.14 1.71 -2.43
N TRP A 388 2.41 1.64 -2.07
CA TRP A 388 3.19 2.81 -1.69
C TRP A 388 4.44 2.73 -2.51
N VAL A 389 4.59 3.72 -3.37
CA VAL A 389 5.69 3.80 -4.32
C VAL A 389 6.41 5.08 -3.87
N TRP A 390 7.61 4.90 -3.33
CA TRP A 390 8.27 5.92 -2.52
C TRP A 390 9.75 6.12 -2.87
N ARG A 391 10.06 7.26 -3.46
CA ARG A 391 11.45 7.66 -3.62
C ARG A 391 11.83 8.18 -2.23
N ALA A 392 12.88 7.64 -1.66
CA ALA A 392 13.22 7.95 -0.28
C ALA A 392 13.54 9.42 -0.07
N ASP A 393 12.91 10.01 0.93
CA ASP A 393 13.16 11.41 1.28
C ASP A 393 14.15 11.51 2.44
N HIS A 394 14.40 10.42 3.15
CA HIS A 394 15.30 10.46 4.31
C HIS A 394 15.96 9.09 4.38
N GLY A 395 17.04 9.00 5.14
CA GLY A 395 17.83 7.78 5.21
C GLY A 395 19.22 7.96 4.58
N GLU A 396 19.91 6.83 4.46
CA GLU A 396 21.18 6.72 3.75
C GLU A 396 21.02 6.62 2.22
N GLY A 397 21.79 7.43 1.51
CA GLY A 397 21.85 7.39 0.07
C GLY A 397 20.74 8.16 -0.63
N VAL A 398 20.47 9.36 -0.15
CA VAL A 398 19.34 10.16 -0.60
C VAL A 398 19.80 11.54 -1.04
N GLY A 399 19.20 12.06 -2.13
CA GLY A 399 19.67 13.26 -2.78
C GLY A 399 19.12 13.35 -4.20
N TRP A 400 18.99 14.59 -4.67
CA TRP A 400 18.35 14.91 -5.94
C TRP A 400 18.84 13.97 -7.07
N GLU A 401 20.12 13.58 -7.04
CA GLU A 401 20.66 12.55 -7.98
C GLU A 401 21.00 11.19 -7.35
N THR A 402 21.59 11.23 -6.15
CA THR A 402 21.99 10.00 -5.46
C THR A 402 20.87 8.96 -5.44
N ASN A 403 19.63 9.37 -5.23
CA ASN A 403 18.48 8.47 -5.43
C ASN A 403 17.43 9.01 -6.40
N ARG A 404 17.91 9.59 -7.51
CA ARG A 404 17.03 10.02 -8.59
C ARG A 404 16.13 8.87 -9.01
N ALA A 405 14.86 9.21 -9.16
CA ALA A 405 13.83 8.36 -9.68
C ALA A 405 12.79 9.27 -10.31
N ASP A 406 12.80 9.36 -11.63
CA ASP A 406 11.93 10.29 -12.30
C ASP A 406 10.44 10.02 -12.17
N TYR A 407 10.02 8.77 -12.38
CA TYR A 407 8.60 8.43 -12.54
C TYR A 407 8.17 7.31 -11.58
N GLY A 408 7.05 7.53 -10.94
CA GLY A 408 6.54 6.60 -9.96
C GLY A 408 5.76 5.49 -10.63
N VAL A 409 4.51 5.78 -10.98
CA VAL A 409 3.70 4.82 -11.70
C VAL A 409 3.23 5.39 -13.03
N HIS A 410 3.24 4.54 -14.06
CA HIS A 410 2.71 4.90 -15.37
C HIS A 410 1.67 3.85 -15.75
N VAL A 411 0.41 4.28 -15.83
CA VAL A 411 -0.64 3.37 -16.21
C VAL A 411 -1.00 3.54 -17.67
N LYS A 412 -0.74 2.49 -18.44
CA LYS A 412 -0.97 2.50 -19.89
C LYS A 412 -2.13 1.58 -20.32
N GLY A 413 -2.43 0.53 -19.56
CA GLY A 413 -3.60 -0.27 -19.84
C GLY A 413 -4.92 0.47 -19.65
N ASP A 414 -5.97 -0.09 -20.20
CA ASP A 414 -7.32 0.42 -20.03
C ASP A 414 -8.10 -0.23 -18.89
N ASN A 415 -9.14 0.46 -18.42
CA ASN A 415 -9.96 0.00 -17.29
C ASN A 415 -9.19 -0.38 -16.03
N VAL A 416 -8.10 0.33 -15.77
CA VAL A 416 -7.28 0.03 -14.59
C VAL A 416 -7.86 0.75 -13.38
N LEU A 417 -8.00 0.02 -12.28
CA LEU A 417 -8.53 0.56 -11.01
C LEU A 417 -7.44 0.56 -9.91
N ALA A 418 -7.22 1.72 -9.31
CA ALA A 418 -6.25 1.88 -8.21
C ALA A 418 -7.03 2.31 -6.96
N THR A 419 -7.14 1.45 -5.95
CA THR A 419 -7.75 1.76 -4.67
C THR A 419 -6.68 1.83 -3.56
N GLY A 420 -6.51 3.03 -2.99
CA GLY A 420 -5.46 3.28 -2.00
C GLY A 420 -4.11 3.50 -2.63
N LEU A 421 -3.98 4.55 -3.44
CA LEU A 421 -2.77 4.84 -4.21
C LEU A 421 -1.90 5.86 -3.45
N PHE A 422 -0.73 5.44 -3.00
CA PHE A 422 0.19 6.34 -2.31
C PHE A 422 1.54 6.40 -3.09
N VAL A 423 1.89 7.58 -3.59
CA VAL A 423 3.11 7.73 -4.39
C VAL A 423 3.77 9.07 -4.09
N GLU A 424 5.06 9.06 -3.79
CA GLU A 424 5.73 10.25 -3.23
C GLU A 424 7.20 10.44 -3.67
N HIS A 425 7.51 11.71 -3.93
CA HIS A 425 8.85 12.29 -4.00
C HIS A 425 9.62 12.14 -5.33
N PHE A 426 8.93 11.74 -6.41
CA PHE A 426 9.59 11.53 -7.69
C PHE A 426 10.13 12.81 -8.34
N ASN A 427 11.20 12.69 -9.14
CA ASN A 427 11.83 13.89 -9.67
C ASN A 427 10.99 14.56 -10.77
N LYS A 428 10.14 13.78 -11.43
CA LYS A 428 9.18 14.31 -12.40
C LYS A 428 7.77 13.80 -11.99
N TYR A 429 6.99 13.23 -12.92
CA TYR A 429 5.63 12.81 -12.63
C TYR A 429 5.56 11.61 -11.68
N ASP A 430 4.92 11.82 -10.51
CA ASP A 430 4.73 10.72 -9.56
C ASP A 430 3.85 9.63 -10.18
N VAL A 431 2.73 10.08 -10.74
CA VAL A 431 1.78 9.25 -11.45
C VAL A 431 1.36 9.86 -12.80
N GLN A 432 1.52 9.06 -13.87
CA GLN A 432 0.97 9.35 -15.19
C GLN A 432 -0.06 8.30 -15.61
N TRP A 433 -1.18 8.75 -16.19
CA TRP A 433 -2.23 7.89 -16.69
C TRP A 433 -2.55 8.21 -18.17
N SER A 434 -2.33 7.23 -19.02
CA SER A 434 -2.54 7.33 -20.46
C SER A 434 -3.51 6.30 -21.01
N GLY A 435 -3.98 5.38 -20.16
CA GLY A 435 -5.04 4.44 -20.58
C GLY A 435 -6.39 5.11 -20.36
N GLU A 436 -7.44 4.58 -20.99
CA GLU A 436 -8.79 5.03 -20.74
C GLU A 436 -9.45 4.38 -19.54
N ASN A 437 -10.58 4.99 -19.25
CA ASN A 437 -11.51 4.60 -18.23
C ASN A 437 -10.86 4.14 -16.95
N GLY A 438 -9.82 4.87 -16.57
CA GLY A 438 -9.09 4.58 -15.36
C GLY A 438 -9.87 5.19 -14.22
N LYS A 439 -9.70 4.60 -13.05
CA LYS A 439 -10.33 5.10 -11.85
C LYS A 439 -9.34 4.98 -10.70
N THR A 440 -9.24 6.07 -9.92
CA THR A 440 -8.47 6.06 -8.68
C THR A 440 -9.41 6.48 -7.54
N ILE A 441 -9.52 5.62 -6.54
CA ILE A 441 -10.20 5.93 -5.29
C ILE A 441 -9.16 6.01 -4.19
N PHE A 442 -8.98 7.24 -3.69
CA PHE A 442 -7.92 7.64 -2.78
C PHE A 442 -6.52 7.70 -3.39
N TYR A 443 -5.98 8.92 -3.38
CA TYR A 443 -4.58 9.21 -3.71
C TYR A 443 -3.90 10.10 -2.66
N GLN A 444 -2.71 9.68 -2.24
CA GLN A 444 -1.88 10.49 -1.39
C GLN A 444 -0.52 10.67 -2.05
N ASN A 445 -0.11 11.92 -2.23
CA ASN A 445 1.18 12.27 -2.80
C ASN A 445 1.86 13.33 -1.96
N ALA A 446 3.16 13.20 -1.79
CA ALA A 446 4.00 14.35 -1.46
C ALA A 446 5.04 14.54 -2.57
N LYS A 447 5.35 15.78 -2.91
CA LYS A 447 6.29 16.09 -3.96
C LYS A 447 7.73 15.95 -3.43
N ALA A 448 8.68 15.85 -4.35
CA ALA A 448 10.07 15.73 -3.97
C ALA A 448 10.45 16.94 -3.12
N TYR A 449 11.06 16.68 -1.97
CA TYR A 449 11.47 17.72 -1.04
C TYR A 449 12.76 18.46 -1.45
N ASP A 450 13.45 17.92 -2.45
CA ASP A 450 14.87 18.19 -2.64
C ASP A 450 15.22 18.74 -4.05
N ALA A 451 14.24 19.28 -4.77
CA ALA A 451 14.51 19.96 -6.05
C ALA A 451 15.45 21.14 -5.78
N PRO A 452 16.54 21.26 -6.54
CA PRO A 452 17.51 22.29 -6.04
C PRO A 452 17.03 23.70 -6.22
N ASP A 453 16.27 23.92 -7.29
CA ASP A 453 15.77 25.24 -7.62
C ASP A 453 14.65 25.09 -8.61
N GLN A 454 14.06 26.21 -9.01
CA GLN A 454 12.91 26.19 -9.89
C GLN A 454 13.21 25.50 -11.23
N ALA A 455 14.42 25.72 -11.76
CA ALA A 455 14.77 25.27 -13.09
C ALA A 455 14.78 23.74 -13.14
N ALA A 456 15.06 23.13 -12.01
CA ALA A 456 15.31 21.69 -12.00
C ALA A 456 14.01 20.91 -12.09
N ILE A 457 12.89 21.63 -12.05
CA ILE A 457 11.60 20.98 -12.07
C ILE A 457 10.74 21.69 -13.12
N GLN A 458 11.42 22.33 -14.06
CA GLN A 458 10.72 22.91 -15.20
C GLN A 458 10.21 21.85 -16.18
N ASN A 459 8.88 21.74 -16.31
CA ASN A 459 8.21 20.79 -17.19
C ASN A 459 7.68 21.60 -18.35
N GLY A 460 8.58 21.90 -19.29
CA GLY A 460 8.24 22.71 -20.46
C GLY A 460 7.67 24.06 -20.14
N ASP A 461 6.47 24.32 -20.65
CA ASP A 461 5.68 25.51 -20.30
C ASP A 461 5.30 25.59 -18.82
N ILE A 462 5.27 24.45 -18.13
CA ILE A 462 4.70 24.32 -16.79
C ILE A 462 5.77 24.34 -15.65
N LYS A 463 5.49 24.99 -14.51
CA LYS A 463 6.35 24.88 -13.31
C LYS A 463 6.09 23.61 -12.48
N GLY A 464 7.10 22.75 -12.40
CA GLY A 464 6.95 21.52 -11.64
C GLY A 464 6.26 20.48 -12.50
N TYR A 465 6.29 19.23 -12.02
CA TYR A 465 5.55 18.10 -12.61
C TYR A 465 4.35 17.70 -11.74
N ALA A 466 3.16 17.57 -12.35
CA ALA A 466 1.99 17.13 -11.60
C ALA A 466 2.32 15.89 -10.77
N ALA A 467 1.67 15.80 -9.63
CA ALA A 467 1.66 14.57 -8.86
C ALA A 467 0.87 13.49 -9.61
N TYR A 468 -0.09 13.94 -10.41
CA TYR A 468 -1.02 13.05 -11.08
C TYR A 468 -1.43 13.70 -12.39
N LYS A 469 -0.90 13.16 -13.48
CA LYS A 469 -1.15 13.61 -14.84
C LYS A 469 -2.00 12.60 -15.57
N VAL A 470 -3.05 13.11 -16.20
CA VAL A 470 -3.86 12.34 -17.13
C VAL A 470 -3.60 12.95 -18.51
N ASP A 471 -3.05 12.13 -19.39
CA ASP A 471 -2.73 12.57 -20.72
C ASP A 471 -3.87 13.33 -21.37
N ASP A 472 -3.45 14.39 -22.04
CA ASP A 472 -4.28 15.16 -22.91
C ASP A 472 -5.27 14.33 -23.77
N SER A 473 -4.84 13.19 -24.27
CA SER A 473 -5.68 12.45 -25.22
C SER A 473 -6.64 11.48 -24.55
N VAL A 474 -6.62 11.37 -23.23
CA VAL A 474 -7.57 10.46 -22.57
C VAL A 474 -9.01 11.01 -22.67
N THR A 475 -9.93 10.12 -23.03
CA THR A 475 -11.36 10.45 -23.19
C THR A 475 -12.02 10.29 -21.83
N THR A 476 -11.58 9.27 -21.12
CA THR A 476 -12.33 8.76 -19.99
C THR A 476 -11.37 8.51 -18.80
N HIS A 477 -11.71 9.13 -17.65
CA HIS A 477 -10.98 9.00 -16.41
C HIS A 477 -11.83 9.51 -15.25
N GLU A 478 -11.66 8.91 -14.07
CA GLU A 478 -12.34 9.43 -12.86
C GLU A 478 -11.41 9.26 -11.64
N GLY A 479 -11.32 10.27 -10.77
CA GLY A 479 -10.60 10.12 -9.52
C GLY A 479 -11.38 10.71 -8.36
N TRP A 480 -11.26 10.10 -7.17
CA TRP A 480 -11.98 10.52 -5.99
C TRP A 480 -11.03 10.60 -4.77
N GLY A 481 -10.95 11.75 -4.10
CA GLY A 481 -10.32 11.86 -2.80
C GLY A 481 -8.79 11.84 -2.92
N MET A 482 -8.26 12.89 -3.53
CA MET A 482 -6.87 12.93 -3.93
C MET A 482 -6.17 14.18 -3.41
N GLY A 483 -4.98 13.97 -2.85
CA GLY A 483 -4.23 15.03 -2.24
C GLY A 483 -2.76 14.99 -2.60
N SER A 484 -2.20 16.16 -2.89
CA SER A 484 -0.78 16.31 -3.14
C SER A 484 -0.23 17.41 -2.20
N TYR A 485 0.85 17.11 -1.51
CA TYR A 485 1.44 18.04 -0.54
C TYR A 485 2.90 18.35 -0.93
N CYS A 486 3.39 19.55 -0.59
CA CYS A 486 4.80 19.90 -0.86
C CYS A 486 5.53 20.32 0.41
N TYR A 487 6.83 20.00 0.44
CA TYR A 487 7.73 20.44 1.49
C TYR A 487 9.06 20.63 0.81
N PHE A 488 9.17 21.77 0.11
CA PHE A 488 10.39 22.04 -0.63
C PHE A 488 11.44 22.62 0.33
N ASN A 489 12.01 21.74 1.13
CA ASN A 489 12.81 22.23 2.26
C ASN A 489 14.19 22.69 1.84
N VAL A 490 14.71 22.12 0.79
CA VAL A 490 16.00 22.54 0.30
C VAL A 490 15.84 23.97 -0.25
N ASN A 491 14.68 24.25 -0.85
CA ASN A 491 14.40 25.56 -1.36
C ASN A 491 12.92 25.90 -1.37
N PRO A 492 12.45 26.50 -0.27
CA PRO A 492 11.06 26.96 -0.11
C PRO A 492 10.65 28.05 -1.08
N ASP A 493 11.58 28.62 -1.85
CA ASP A 493 11.22 29.60 -2.88
C ASP A 493 10.47 28.97 -4.06
N ILE A 494 10.52 27.64 -4.17
CA ILE A 494 9.97 26.93 -5.32
C ILE A 494 8.48 27.09 -5.36
N ARG A 495 7.97 27.18 -6.59
CA ARG A 495 6.54 27.12 -6.85
C ARG A 495 6.20 25.90 -7.71
N GLN A 496 5.17 25.18 -7.30
CA GLN A 496 4.64 24.01 -8.04
C GLN A 496 3.31 24.42 -8.68
N GLN A 497 3.18 24.37 -9.99
CA GLN A 497 1.99 24.95 -10.60
C GLN A 497 0.70 24.27 -10.14
N HIS A 498 0.74 22.96 -9.94
CA HIS A 498 -0.46 22.21 -9.66
C HIS A 498 -0.13 20.83 -9.11
N GLY A 499 -1.09 20.26 -8.36
CA GLY A 499 -1.07 18.88 -7.96
C GLY A 499 -1.43 17.91 -9.09
N PHE A 500 -2.40 18.30 -9.92
CA PHE A 500 -3.03 17.45 -10.92
C PHE A 500 -3.04 18.16 -12.26
N GLN A 501 -2.84 17.40 -13.34
CA GLN A 501 -3.04 17.91 -14.69
C GLN A 501 -3.88 16.94 -15.55
N ALA A 502 -4.86 17.47 -16.27
CA ALA A 502 -5.75 16.64 -17.08
C ALA A 502 -6.48 17.51 -18.12
N PRO A 503 -6.88 16.91 -19.25
CA PRO A 503 -7.70 17.68 -20.18
C PRO A 503 -9.09 17.96 -19.63
N VAL A 504 -9.67 19.03 -20.16
CA VAL A 504 -11.02 19.45 -19.88
C VAL A 504 -11.91 18.78 -20.93
N LYS A 505 -12.59 17.71 -20.52
CA LYS A 505 -13.36 16.81 -21.40
C LYS A 505 -14.45 16.14 -20.56
N PRO A 506 -15.61 15.80 -21.18
CA PRO A 506 -16.82 15.43 -20.43
C PRO A 506 -16.67 14.29 -19.43
N GLY A 507 -16.02 13.23 -19.85
CA GLY A 507 -15.90 12.01 -19.06
C GLY A 507 -14.56 11.94 -18.36
N VAL A 508 -13.90 13.09 -18.24
CA VAL A 508 -12.76 13.26 -17.30
C VAL A 508 -13.26 14.00 -16.06
N LYS A 509 -13.50 13.28 -14.97
CA LYS A 509 -14.08 13.85 -13.77
C LYS A 509 -13.14 13.62 -12.61
N PHE A 510 -12.98 14.63 -11.76
CA PHE A 510 -12.42 14.43 -10.43
C PHE A 510 -13.37 14.95 -9.37
N HIS A 511 -13.24 14.36 -8.21
CA HIS A 511 -14.09 14.59 -7.07
C HIS A 511 -13.24 14.63 -5.82
N ASP A 512 -13.20 15.81 -5.22
CA ASP A 512 -12.53 16.07 -3.95
C ASP A 512 -10.99 16.04 -4.10
N LEU A 513 -10.44 17.09 -4.72
CA LEU A 513 -9.00 17.31 -4.88
C LEU A 513 -8.51 18.37 -3.90
N LEU A 514 -7.30 18.18 -3.39
CA LEU A 514 -6.67 19.17 -2.52
C LEU A 514 -5.17 19.20 -2.72
N VAL A 515 -4.56 20.39 -2.53
CA VAL A 515 -3.14 20.50 -2.38
C VAL A 515 -2.83 21.25 -1.09
N VAL A 516 -1.65 21.00 -0.55
CA VAL A 516 -1.30 21.54 0.75
C VAL A 516 0.20 21.78 0.82
N SER A 517 0.59 22.99 1.17
CA SER A 517 1.98 23.28 1.46
C SER A 517 2.20 23.00 2.93
N LEU A 518 3.24 22.24 3.22
CA LEU A 518 3.54 21.85 4.58
C LEU A 518 4.39 22.95 5.25
N GLY A 519 3.75 23.70 6.13
CA GLY A 519 4.36 24.82 6.82
C GLY A 519 5.12 25.83 5.94
N GLY A 520 4.42 26.39 4.97
CA GLY A 520 4.98 27.30 3.97
C GLY A 520 6.26 26.97 3.21
N LYS A 521 6.69 25.71 3.18
CA LYS A 521 7.89 25.32 2.44
C LYS A 521 7.58 25.05 0.96
N GLY A 522 7.67 26.12 0.17
CA GLY A 522 7.15 26.12 -1.18
C GLY A 522 5.65 26.36 -1.14
N GLN A 523 5.08 26.66 -2.29
CA GLN A 523 3.62 26.79 -2.43
C GLN A 523 3.14 26.25 -3.81
N TYR A 524 1.86 25.86 -3.86
CA TYR A 524 1.20 25.55 -5.12
C TYR A 524 0.56 26.79 -5.72
N GLU A 525 0.59 26.91 -7.03
CA GLU A 525 -0.03 28.06 -7.71
C GLU A 525 -1.54 27.77 -7.90
N HIS A 526 -1.87 26.48 -8.05
CA HIS A 526 -3.24 26.04 -8.25
C HIS A 526 -3.37 24.56 -7.80
N VAL A 527 -4.61 24.07 -7.89
CA VAL A 527 -4.93 22.70 -7.50
C VAL A 527 -4.76 21.74 -8.70
N ILE A 528 -5.49 22.05 -9.78
CA ILE A 528 -5.48 21.26 -11.02
C ILE A 528 -5.38 22.17 -12.27
N ASN A 529 -4.54 21.80 -13.24
CA ASN A 529 -4.35 22.65 -14.43
C ASN A 529 -3.98 24.09 -13.97
N ASP A 530 -4.60 25.13 -14.53
CA ASP A 530 -4.72 26.36 -13.75
C ASP A 530 -6.20 26.47 -13.43
N ILE A 531 -6.53 25.97 -12.26
CA ILE A 531 -7.85 25.99 -11.64
C ILE A 531 -7.54 25.83 -10.16
N GLY A 532 -8.24 26.58 -9.32
CA GLY A 532 -8.09 26.42 -7.88
C GLY A 532 -7.14 27.45 -7.33
N ASP A 533 -7.35 27.77 -6.05
CA ASP A 533 -6.58 28.80 -5.34
C ASP A 533 -5.16 28.32 -5.11
N PRO A 534 -4.19 29.24 -5.18
CA PRO A 534 -2.86 28.84 -4.69
C PRO A 534 -2.91 28.54 -3.20
N THR A 535 -1.89 27.85 -2.69
CA THR A 535 -1.75 27.75 -1.26
C THR A 535 -1.07 29.04 -0.84
N SER A 536 -1.15 29.35 0.45
CA SER A 536 -0.54 30.55 0.97
C SER A 536 -0.44 30.48 2.50
N GLY A 537 0.40 31.34 3.09
CA GLY A 537 0.64 31.27 4.51
C GLY A 537 1.61 30.12 4.81
N ASP A 538 1.99 30.04 6.08
CA ASP A 538 2.79 28.93 6.55
C ASP A 538 1.99 28.01 7.47
N THR A 539 0.65 28.07 7.37
CA THR A 539 -0.24 27.41 8.33
C THR A 539 -0.86 26.07 7.85
N THR A 540 -0.48 25.61 6.66
CA THR A 540 -0.87 24.29 6.20
C THR A 540 -2.38 24.14 6.07
N ILE A 541 -3.01 25.13 5.45
CA ILE A 541 -4.43 25.03 5.12
C ILE A 541 -4.56 24.55 3.67
N PRO A 542 -5.33 23.47 3.43
CA PRO A 542 -5.43 23.01 2.05
C PRO A 542 -6.11 23.98 1.12
N SER A 543 -5.70 23.93 -0.14
CA SER A 543 -6.52 24.46 -1.22
C SER A 543 -7.20 23.28 -1.88
N GLN A 544 -8.49 23.46 -2.19
CA GLN A 544 -9.40 22.38 -2.50
C GLN A 544 -10.19 22.69 -3.76
N VAL A 545 -10.52 21.64 -4.52
CA VAL A 545 -11.49 21.66 -5.61
C VAL A 545 -12.49 20.50 -5.45
N VAL A 546 -13.78 20.83 -5.24
CA VAL A 546 -14.82 19.81 -5.09
C VAL A 546 -15.05 18.92 -6.33
N SER A 547 -15.10 19.57 -7.49
CA SER A 547 -15.51 18.95 -8.77
C SER A 547 -14.78 19.61 -9.93
N PHE A 548 -14.48 18.83 -10.99
CA PHE A 548 -13.81 19.28 -12.25
C PHE A 548 -14.34 18.41 -13.37
N PRO A 549 -14.46 18.94 -14.59
CA PRO A 549 -14.23 20.33 -15.02
C PRO A 549 -15.35 21.27 -14.55
C2 BGC B . -2.30 17.54 12.36
C3 BGC B . -1.69 18.47 11.46
C4 BGC B . -2.66 19.40 10.82
C5 BGC B . -3.71 20.01 11.79
C6 BGC B . -4.77 20.45 11.07
C1 BGC B . -3.17 18.16 13.36
O1 BGC B . -3.78 17.20 14.14
O2 BGC B . -1.22 16.82 13.09
O3 BGC B . -0.89 17.72 10.44
O4 BGC B . -2.04 20.48 10.09
O5 BGC B . -4.21 18.90 12.70
O6 BGC B . -5.88 20.77 11.80
C2 BGC B . 1.20 17.21 9.40
C3 BGC B . 2.57 17.55 9.17
C4 BGC B . 2.78 18.99 8.95
C5 BGC B . 2.11 19.81 10.10
C6 BGC B . 2.12 21.15 9.91
C1 BGC B . 0.50 18.00 10.43
O2 BGC B . 1.06 15.78 9.75
O3 BGC B . 2.96 16.81 7.94
O4 BGC B . 4.15 19.32 8.87
O5 BGC B . 0.66 19.39 10.13
O6 BGC B . 1.80 21.89 11.04
C2 BGC B . 4.27 15.09 6.89
C3 BGC B . 5.57 14.61 6.55
C4 BGC B . 6.52 15.68 6.27
C5 BGC B . 6.58 16.71 7.47
C6 BGC B . 7.37 17.78 7.16
C1 BGC B . 4.23 16.18 7.91
O2 BGC B . 3.48 14.00 7.43
O3 BGC B . 5.46 13.78 5.31
O4 BGC B . 7.82 15.24 5.97
O5 BGC B . 5.17 17.21 7.58
O6 BGC B . 7.32 18.86 8.02
C2 BGC B . 5.97 11.76 4.10
C3 BGC B . 6.76 10.54 4.02
C4 BGC B . 8.10 10.74 4.67
C5 BGC B . 7.96 11.25 6.11
C6 BGC B . 9.14 11.39 6.74
C1 BGC B . 5.92 12.45 5.41
O2 BGC B . 4.58 11.61 3.64
O3 BGC B . 7.07 10.13 2.62
O4 BGC B . 8.96 9.63 4.65
O5 BGC B . 7.24 12.57 5.97
O6 BGC B . 9.89 12.49 6.41
C2 BGC C . -0.79 1.31 23.47
C3 BGC C . -2.09 0.60 23.89
C4 BGC C . -1.82 -0.88 24.07
C5 BGC C . -0.79 -0.81 25.18
C6 BGC C . -0.83 -2.11 26.00
C1 BGC C . 0.49 0.92 24.26
O2 BGC C . -1.02 2.66 23.69
O3 BGC C . -3.19 0.89 23.07
O4 BGC C . -2.99 -1.65 24.36
O5 BGC C . 0.49 -0.42 24.63
O6 BGC C . -1.98 -2.13 26.84
C1 EDO D . 16.94 -4.23 2.32
O1 EDO D . 15.69 -4.30 1.64
C2 EDO D . 16.93 -3.09 3.32
O2 EDO D . 15.81 -3.20 4.22
H11 EDO D . 17.76 -4.10 1.62
H12 EDO D . 17.11 -5.17 2.86
HO1 EDO D . 15.84 -4.72 0.78
H21 EDO D . 16.90 -2.13 2.79
H22 EDO D . 17.85 -3.12 3.92
HO2 EDO D . 15.86 -2.50 4.87
C1 EDO E . 9.22 17.39 -9.20
O1 EDO E . 8.28 16.34 -9.39
C2 EDO E . 8.56 18.64 -8.64
O2 EDO E . 7.49 19.09 -9.48
H11 EDO E . 9.69 17.64 -10.15
H12 EDO E . 10.00 17.05 -8.51
HO1 EDO E . 8.73 15.49 -9.34
H21 EDO E . 9.31 19.44 -8.55
H22 EDO E . 8.17 18.44 -7.64
HO2 EDO E . 7.07 19.87 -9.09
C1 EDO F . 13.62 -3.57 -19.31
O1 EDO F . 13.26 -4.75 -18.56
C2 EDO F . 12.49 -2.54 -19.33
O2 EDO F . 11.30 -2.99 -20.01
H11 EDO F . 13.87 -3.86 -20.33
H12 EDO F . 14.52 -3.12 -18.87
HO1 EDO F . 14.02 -5.35 -18.51
H21 EDO F . 12.85 -1.64 -19.84
H22 EDO F . 12.25 -2.25 -18.32
HO2 EDO F . 10.63 -2.28 -20.01
N GLU A 1 12.54 -29.23 -11.23
CA GLU A 1 13.61 -28.77 -10.31
C GLU A 1 13.12 -27.84 -9.16
N VAL A 2 11.80 -27.66 -9.04
CA VAL A 2 11.27 -27.16 -7.79
C VAL A 2 10.45 -28.25 -7.09
N VAL A 3 10.49 -28.27 -5.76
CA VAL A 3 9.63 -29.18 -4.97
C VAL A 3 8.78 -28.26 -4.10
N GLY A 4 7.48 -28.31 -4.32
CA GLY A 4 6.62 -27.37 -3.68
C GLY A 4 6.48 -27.71 -2.22
N GLY A 5 5.95 -26.78 -1.42
CA GLY A 5 5.72 -26.99 -0.01
C GLY A 5 6.94 -27.08 0.87
N GLY A 6 6.68 -27.46 2.11
CA GLY A 6 7.72 -27.57 3.09
C GLY A 6 7.84 -26.33 3.97
N ASP A 7 8.88 -26.43 4.77
CA ASP A 7 9.31 -25.46 5.75
C ASP A 7 9.22 -23.97 5.47
N LEU A 8 8.58 -23.23 6.37
CA LEU A 8 8.51 -21.78 6.20
C LEU A 8 9.74 -21.04 6.66
N GLY A 9 10.61 -21.71 7.41
CA GLY A 9 11.82 -21.07 7.82
C GLY A 9 11.69 -20.27 9.10
N PRO A 10 12.82 -20.00 9.71
CA PRO A 10 12.78 -19.51 11.08
C PRO A 10 12.54 -17.98 11.21
N ASN A 11 12.16 -17.29 10.14
CA ASN A 11 11.68 -15.90 10.27
C ASN A 11 10.17 -15.82 10.34
N VAL A 12 9.53 -16.99 10.33
CA VAL A 12 8.13 -17.11 10.61
C VAL A 12 8.01 -17.83 11.96
N LEU A 13 7.27 -17.23 12.87
CA LEU A 13 7.10 -17.76 14.23
C LEU A 13 5.65 -18.04 14.36
N VAL A 14 5.31 -19.33 14.48
CA VAL A 14 3.95 -19.74 14.58
C VAL A 14 3.74 -20.01 16.08
N PHE A 15 2.54 -19.65 16.55
CA PHE A 15 2.20 -19.75 17.95
C PHE A 15 0.85 -20.48 18.04
N ASP A 16 0.65 -21.25 19.10
CA ASP A 16 -0.70 -21.59 19.50
C ASP A 16 -0.89 -21.18 20.98
N PRO A 17 -2.07 -21.40 21.56
CA PRO A 17 -2.24 -20.82 22.92
C PRO A 17 -1.30 -21.40 24.00
N SER A 18 -0.59 -22.48 23.70
CA SER A 18 0.35 -23.09 24.67
C SER A 18 1.86 -22.90 24.46
N THR A 19 2.29 -21.94 23.64
CA THR A 19 3.69 -21.56 23.62
C THR A 19 4.00 -20.77 24.85
N PRO A 20 4.71 -21.35 25.83
CA PRO A 20 4.99 -20.55 27.02
C PRO A 20 5.51 -19.17 26.66
N ASP A 21 4.96 -18.15 27.29
CA ASP A 21 5.64 -16.88 27.23
C ASP A 21 5.72 -16.24 25.78
N ILE A 22 4.58 -15.67 25.38
CA ILE A 22 4.37 -15.12 24.06
C ILE A 22 4.76 -13.65 24.07
N GLN A 23 4.32 -12.97 25.12
CA GLN A 23 4.73 -11.60 25.38
C GLN A 23 6.23 -11.52 25.24
N GLY A 24 6.93 -12.39 25.99
CA GLY A 24 8.39 -12.34 26.00
C GLY A 24 8.96 -12.36 24.58
N LYS A 25 8.43 -13.23 23.76
CA LYS A 25 9.02 -13.45 22.44
C LYS A 25 8.68 -12.36 21.41
N VAL A 26 7.40 -12.10 21.18
CA VAL A 26 7.03 -10.98 20.32
C VAL A 26 7.69 -9.71 20.83
N ASP A 27 7.93 -9.64 22.14
CA ASP A 27 8.70 -8.53 22.68
C ASP A 27 10.14 -8.50 22.17
N GLU A 28 10.80 -9.65 22.00
CA GLU A 28 12.19 -9.60 21.52
C GLU A 28 12.23 -9.48 19.99
N VAL A 29 11.30 -10.13 19.29
CA VAL A 29 11.14 -9.78 17.87
C VAL A 29 11.02 -8.26 17.82
N PHE A 30 10.09 -7.66 18.59
CA PHE A 30 9.85 -6.19 18.59
C PHE A 30 11.03 -5.33 19.10
N ARG A 31 11.69 -5.77 20.16
CA ARG A 31 12.77 -4.94 20.68
C ARG A 31 13.89 -4.85 19.63
N LYS A 32 14.01 -5.82 18.74
CA LYS A 32 14.98 -5.72 17.63
C LYS A 32 14.43 -4.91 16.45
N GLN A 33 13.12 -4.95 16.25
CA GLN A 33 12.47 -4.28 15.12
C GLN A 33 11.92 -2.87 15.40
N GLU A 34 11.92 -2.42 16.67
CA GLU A 34 11.37 -1.10 17.03
C GLU A 34 11.87 0.03 16.11
N SER A 35 13.16 0.35 16.15
CA SER A 35 13.73 1.40 15.27
C SER A 35 14.58 0.85 14.10
N ASN A 36 14.23 -0.32 13.61
CA ASN A 36 15.03 -1.00 12.58
C ASN A 36 14.52 -0.56 11.20
N GLN A 37 14.59 0.74 10.94
CA GLN A 37 13.84 1.32 9.82
C GLN A 37 14.36 0.79 8.48
N PHE A 38 15.68 0.67 8.37
CA PHE A 38 16.29 0.31 7.14
C PHE A 38 17.07 -0.99 7.26
N GLY A 39 16.83 -1.72 8.34
CA GLY A 39 17.47 -2.99 8.58
C GLY A 39 17.04 -4.06 7.61
N THR A 40 17.81 -5.14 7.61
CA THR A 40 17.55 -6.25 6.68
C THR A 40 16.75 -7.39 7.32
N ASP A 41 16.50 -7.32 8.61
CA ASP A 41 15.69 -8.33 9.29
C ASP A 41 14.21 -8.26 8.93
N ARG A 42 13.58 -9.42 8.83
CA ARG A 42 12.20 -9.58 8.43
C ARG A 42 11.52 -10.66 9.30
N TYR A 43 10.26 -10.44 9.68
CA TYR A 43 9.52 -11.38 10.50
C TYR A 43 8.05 -11.48 10.20
N ALA A 44 7.56 -12.72 10.07
CA ALA A 44 6.13 -13.02 10.14
C ALA A 44 5.84 -13.59 11.54
N LEU A 45 4.79 -13.09 12.18
CA LEU A 45 4.25 -13.66 13.41
C LEU A 45 2.89 -14.29 13.05
N MET A 46 2.79 -15.62 13.19
CA MET A 46 1.57 -16.32 12.79
C MET A 46 0.92 -16.95 14.05
N PHE A 47 -0.38 -16.76 14.22
CA PHE A 47 -1.11 -17.33 15.36
C PHE A 47 -2.18 -18.37 14.99
N LYS A 48 -1.93 -19.60 15.40
CA LYS A 48 -2.89 -20.69 15.27
C LYS A 48 -4.22 -20.31 15.91
N PRO A 49 -5.33 -20.81 15.34
CA PRO A 49 -6.62 -20.46 15.93
C PRO A 49 -6.67 -20.84 17.39
N GLY A 50 -7.56 -20.16 18.08
CA GLY A 50 -7.65 -20.23 19.51
C GLY A 50 -7.83 -18.86 20.10
N THR A 51 -7.87 -18.83 21.41
CA THR A 51 -8.07 -17.59 22.13
C THR A 51 -6.78 -17.34 22.86
N TYR A 52 -6.24 -16.14 22.70
CA TYR A 52 -5.01 -15.72 23.38
C TYR A 52 -5.23 -14.64 24.45
N ASN A 53 -4.76 -14.93 25.63
CA ASN A 53 -4.99 -14.06 26.78
C ASN A 53 -3.75 -13.24 27.03
N ASP A 54 -3.94 -12.07 27.62
CA ASP A 54 -2.83 -11.28 28.13
C ASP A 54 -1.71 -11.08 27.10
N ILE A 55 -2.07 -10.51 25.95
CA ILE A 55 -1.09 -10.21 24.88
C ILE A 55 -1.29 -8.78 24.43
N ASN A 56 -0.22 -8.02 24.37
CA ASN A 56 -0.23 -6.75 23.65
C ASN A 56 0.94 -6.85 22.67
N ALA A 57 0.69 -7.37 21.49
CA ALA A 57 1.75 -7.56 20.49
C ALA A 57 2.10 -6.21 19.87
N GLN A 58 3.25 -5.69 20.25
CA GLN A 58 3.76 -4.45 19.67
C GLN A 58 4.41 -4.81 18.34
N ILE A 59 4.15 -4.00 17.33
CA ILE A 59 4.56 -4.32 15.96
C ILE A 59 5.51 -3.24 15.47
N GLY A 60 6.76 -3.65 15.24
CA GLY A 60 7.80 -2.74 14.77
C GLY A 60 7.95 -2.81 13.26
N PHE A 61 9.08 -2.33 12.74
CA PHE A 61 9.33 -2.40 11.30
C PHE A 61 9.37 -3.86 10.82
N TYR A 62 9.05 -4.04 9.53
CA TYR A 62 9.18 -5.28 8.79
C TYR A 62 8.65 -6.49 9.55
N THR A 63 7.54 -6.28 10.22
CA THR A 63 6.88 -7.30 11.01
C THR A 63 5.45 -7.36 10.52
N SER A 64 5.01 -8.58 10.21
CA SER A 64 3.60 -8.83 9.89
C SER A 64 3.03 -9.76 10.97
N ILE A 65 1.77 -9.58 11.29
CA ILE A 65 1.12 -10.45 12.25
C ILE A 65 -0.24 -10.84 11.66
N ALA A 66 -0.56 -12.12 11.78
CA ALA A 66 -1.77 -12.67 11.20
C ALA A 66 -2.31 -13.88 11.96
N GLY A 67 -3.64 -14.02 11.92
CA GLY A 67 -4.33 -15.24 12.30
C GLY A 67 -4.34 -16.24 11.14
N LEU A 68 -4.58 -17.50 11.50
CA LEU A 68 -4.16 -18.61 10.69
C LEU A 68 -5.30 -19.59 10.57
N GLY A 69 -6.51 -19.13 10.91
CA GLY A 69 -7.70 -19.85 10.50
C GLY A 69 -8.36 -19.32 9.26
N LEU A 70 -9.65 -19.62 9.15
CA LEU A 70 -10.37 -19.37 7.92
C LEU A 70 -11.27 -18.23 8.19
N ASN A 71 -11.35 -17.86 9.46
CA ASN A 71 -12.10 -16.73 9.91
C ASN A 71 -11.35 -15.88 10.90
N PRO A 72 -11.51 -14.55 10.80
CA PRO A 72 -10.87 -13.66 11.77
C PRO A 72 -11.32 -14.04 13.17
N ASP A 73 -12.60 -14.29 13.35
CA ASP A 73 -13.08 -14.69 14.67
C ASP A 73 -12.65 -16.13 15.06
N ASP A 74 -11.87 -16.80 14.19
CA ASP A 74 -11.29 -18.10 14.55
C ASP A 74 -10.05 -17.89 15.39
N THR A 75 -9.47 -16.70 15.33
CA THR A 75 -8.20 -16.45 15.97
C THR A 75 -8.26 -15.15 16.77
N THR A 76 -8.60 -15.29 18.05
CA THR A 76 -8.98 -14.15 18.90
C THR A 76 -7.96 -13.74 19.97
N PHE A 77 -7.70 -12.44 20.08
CA PHE A 77 -6.82 -11.87 21.11
C PHE A 77 -7.63 -11.07 22.14
N ASN A 78 -7.70 -11.55 23.37
CA ASN A 78 -8.11 -10.70 24.47
C ASN A 78 -6.91 -9.86 24.83
N GLY A 79 -6.72 -8.80 24.05
CA GLY A 79 -5.47 -8.09 24.00
C GLY A 79 -5.43 -7.27 22.72
N ASP A 80 -4.23 -6.89 22.32
CA ASP A 80 -4.07 -5.78 21.39
C ASP A 80 -3.08 -6.12 20.30
N VAL A 81 -3.10 -5.28 19.29
CA VAL A 81 -2.04 -5.25 18.28
C VAL A 81 -1.66 -3.77 18.11
N THR A 82 -0.58 -3.40 18.75
CA THR A 82 -0.24 -2.01 18.95
C THR A 82 0.89 -1.59 18.03
N VAL A 83 0.64 -0.47 17.34
CA VAL A 83 1.71 0.30 16.72
C VAL A 83 1.63 1.69 17.35
N ASP A 84 2.72 2.10 17.98
CA ASP A 84 2.85 3.44 18.54
C ASP A 84 4.19 4.03 18.08
N ALA A 85 4.30 5.35 18.20
CA ALA A 85 5.43 6.15 17.73
C ALA A 85 6.42 6.40 18.87
N GLY A 86 6.69 5.39 19.67
CA GLY A 86 7.64 5.56 20.78
C GLY A 86 9.09 5.92 20.41
N TRP A 87 9.57 5.42 19.27
CA TRP A 87 10.98 5.46 18.89
C TRP A 87 11.31 6.75 18.15
N PHE A 88 10.30 7.59 17.90
CA PHE A 88 10.44 8.78 17.06
C PHE A 88 9.73 9.92 17.82
N ASP A 89 9.84 9.82 19.15
CA ASP A 89 9.09 10.61 20.16
C ASP A 89 7.70 11.18 19.78
N GLY A 90 6.75 10.27 19.67
CA GLY A 90 5.40 10.67 19.38
C GLY A 90 5.12 10.67 17.89
N ASN A 91 6.07 11.15 17.11
CA ASN A 91 5.90 11.34 15.68
C ASN A 91 5.76 9.98 14.97
N ALA A 92 4.60 9.72 14.38
CA ALA A 92 4.29 8.39 13.75
C ALA A 92 4.54 8.35 12.25
N THR A 93 5.13 9.42 11.73
CA THR A 93 5.26 9.57 10.27
C THR A 93 6.40 8.79 9.61
N GLN A 94 7.10 7.94 10.37
CA GLN A 94 8.04 7.01 9.79
C GLN A 94 7.63 5.56 10.13
N ASN A 95 6.36 5.38 10.54
CA ASN A 95 5.90 4.05 10.95
C ASN A 95 5.40 3.20 9.77
N PHE A 96 6.39 2.70 9.02
CA PHE A 96 6.16 2.00 7.76
C PHE A 96 6.38 0.50 7.85
N TRP A 97 5.97 -0.19 6.77
CA TRP A 97 6.39 -1.55 6.43
C TRP A 97 6.06 -2.60 7.50
N ARG A 98 4.79 -2.70 7.79
CA ARG A 98 4.35 -3.71 8.74
C ARG A 98 2.88 -4.00 8.43
N SER A 99 2.26 -4.89 9.20
CA SER A 99 0.89 -5.29 8.83
C SER A 99 0.21 -6.15 9.84
N ALA A 100 -1.10 -6.15 9.77
CA ALA A 100 -1.92 -7.02 10.63
C ALA A 100 -3.06 -7.52 9.82
N GLU A 101 -3.33 -8.82 9.92
CA GLU A 101 -4.50 -9.33 9.26
C GLU A 101 -5.12 -10.60 9.87
N ASN A 102 -6.42 -10.77 9.63
CA ASN A 102 -7.14 -12.03 9.92
C ASN A 102 -7.10 -12.41 11.41
N LEU A 103 -7.24 -11.37 12.22
CA LEU A 103 -7.37 -11.49 13.67
C LEU A 103 -8.62 -10.78 14.20
N ALA A 104 -9.12 -11.29 15.33
CA ALA A 104 -10.10 -10.56 16.15
C ALA A 104 -9.36 -10.04 17.38
N LEU A 105 -9.66 -8.80 17.78
CA LEU A 105 -9.08 -8.23 18.99
C LEU A 105 -10.16 -7.76 19.95
N ASN A 106 -9.94 -8.06 21.22
CA ASN A 106 -10.78 -7.62 22.32
C ASN A 106 -9.82 -6.78 23.15
N PRO A 107 -9.64 -5.51 22.75
CA PRO A 107 -8.52 -4.68 23.29
C PRO A 107 -8.71 -4.41 24.77
N VAL A 108 -7.62 -4.43 25.53
CA VAL A 108 -7.69 -4.40 26.97
C VAL A 108 -8.40 -3.18 27.58
N ASN A 109 -8.27 -2.01 26.96
CA ASN A 109 -8.99 -0.83 27.47
C ASN A 109 -10.20 -0.44 26.62
N GLY A 110 -10.49 -1.20 25.59
CA GLY A 110 -11.64 -0.95 24.74
C GLY A 110 -11.29 -0.38 23.37
N THR A 111 -10.09 0.20 23.23
CA THR A 111 -9.60 0.70 21.95
C THR A 111 -8.23 0.11 21.65
N ASN A 112 -8.10 -0.42 20.45
CA ASN A 112 -6.83 -0.85 19.94
C ASN A 112 -6.13 0.36 19.26
N ARG A 113 -4.81 0.46 19.43
CA ARG A 113 -4.04 1.49 18.69
C ARG A 113 -3.27 0.96 17.50
N TRP A 114 -3.50 1.56 16.31
CA TRP A 114 -2.77 1.25 15.06
C TRP A 114 -2.30 2.59 14.47
N ALA A 115 -1.26 3.15 15.07
CA ALA A 115 -0.80 4.50 14.76
C ALA A 115 0.31 4.42 13.73
N VAL A 116 -0.11 4.22 12.49
CA VAL A 116 0.82 3.93 11.42
C VAL A 116 0.86 5.06 10.36
N SER A 117 1.86 4.99 9.51
CA SER A 117 1.87 5.78 8.31
C SER A 117 1.74 4.87 7.09
N GLN A 118 2.51 5.11 6.02
CA GLN A 118 2.34 4.37 4.78
C GLN A 118 2.82 2.90 4.84
N ALA A 119 2.22 2.08 4.01
CA ALA A 119 2.58 0.67 3.85
C ALA A 119 2.41 -0.09 5.18
N ALA A 120 1.25 0.04 5.78
CA ALA A 120 0.98 -0.60 7.06
C ALA A 120 -0.46 -1.16 7.08
N PRO A 121 -0.78 -2.01 6.12
CA PRO A 121 -2.19 -2.45 5.93
C PRO A 121 -2.76 -3.22 7.15
N PHE A 122 -4.06 -3.07 7.28
CA PHE A 122 -4.91 -3.62 8.33
C PHE A 122 -6.07 -4.27 7.56
N ARG A 123 -5.99 -5.58 7.40
CA ARG A 123 -6.93 -6.31 6.54
C ARG A 123 -7.61 -7.46 7.30
N ARG A 124 -8.88 -7.73 6.98
CA ARG A 124 -9.61 -8.91 7.49
C ARG A 124 -9.49 -8.98 9.02
N MET A 125 -9.66 -7.83 9.66
CA MET A 125 -9.61 -7.69 11.11
C MET A 125 -11.01 -7.47 11.71
N HIS A 126 -11.21 -8.05 12.90
CA HIS A 126 -12.41 -7.76 13.70
C HIS A 126 -12.02 -7.15 15.06
N VAL A 127 -12.24 -5.84 15.21
CA VAL A 127 -11.91 -5.16 16.46
C VAL A 127 -13.20 -5.04 17.25
N LYS A 128 -13.27 -5.81 18.34
CA LYS A 128 -14.43 -5.78 19.23
C LYS A 128 -14.31 -4.57 20.13
N GLY A 129 -14.36 -3.39 19.54
CA GLY A 129 -14.21 -2.18 20.32
C GLY A 129 -13.84 -1.08 19.35
N GLY A 130 -13.17 -0.10 19.88
CA GLY A 130 -12.68 1.01 19.08
C GLY A 130 -11.31 0.81 18.48
N LEU A 131 -10.99 1.71 17.56
CA LEU A 131 -9.69 1.68 16.90
C LEU A 131 -9.19 3.12 16.79
N ASN A 132 -8.05 3.36 17.44
CA ASN A 132 -7.41 4.69 17.52
C ASN A 132 -6.27 4.64 16.54
N LEU A 133 -6.29 5.52 15.54
CA LEU A 133 -5.23 5.53 14.51
C LEU A 133 -4.08 6.52 14.78
N ALA A 134 -4.14 7.16 15.93
CA ALA A 134 -3.17 8.20 16.29
C ALA A 134 -2.19 7.73 17.37
N PRO A 135 -0.96 8.25 17.34
CA PRO A 135 -0.06 7.97 18.47
C PRO A 135 -0.55 8.71 19.70
N ASP A 136 -0.41 8.08 20.85
CA ASP A 136 -0.69 8.70 22.13
C ASP A 136 0.02 10.07 22.20
N GLY A 137 -0.75 11.17 22.15
CA GLY A 137 -0.25 12.54 22.16
C GLY A 137 -0.79 13.31 20.94
N TYR A 138 -1.42 12.56 20.03
CA TYR A 138 -1.89 13.10 18.76
C TYR A 138 -0.77 13.89 18.02
N GLY A 139 0.43 13.34 18.06
CA GLY A 139 1.50 13.81 17.19
C GLY A 139 1.22 13.39 15.74
N TRP A 140 2.13 13.75 14.86
CA TRP A 140 1.91 13.65 13.43
C TRP A 140 1.66 12.21 12.95
N ALA A 141 0.92 12.08 11.86
CA ALA A 141 0.61 10.77 11.33
C ALA A 141 0.03 10.88 9.93
N SER A 142 0.42 9.92 9.08
CA SER A 142 0.19 10.02 7.66
C SER A 142 -0.10 8.65 7.01
N GLY A 143 -1.14 7.98 7.53
CA GLY A 143 -1.59 6.71 6.97
C GLY A 143 -2.50 6.93 5.78
N GLY A 144 -3.27 5.93 5.38
CA GLY A 144 -3.34 4.62 6.02
C GLY A 144 -4.40 3.83 5.29
N TYR A 145 -4.51 2.54 5.62
CA TYR A 145 -5.29 1.62 4.84
C TYR A 145 -5.92 0.50 5.64
N ILE A 146 -7.25 0.48 5.58
CA ILE A 146 -8.07 -0.58 6.19
C ILE A 146 -8.97 -1.17 5.12
N ALA A 147 -8.97 -2.50 5.05
CA ALA A 147 -9.87 -3.21 4.16
C ALA A 147 -10.45 -4.47 4.78
N ASP A 148 -11.66 -4.77 4.36
CA ASP A 148 -12.30 -6.04 4.73
C ASP A 148 -12.33 -6.28 6.25
N SER A 149 -12.56 -5.18 6.98
CA SER A 149 -12.57 -5.21 8.43
C SER A 149 -13.90 -4.78 9.07
N LYS A 150 -14.18 -5.33 10.24
CA LYS A 150 -15.30 -4.86 11.06
C LYS A 150 -14.72 -4.25 12.34
N ILE A 151 -15.05 -2.99 12.57
CA ILE A 151 -14.72 -2.30 13.83
C ILE A 151 -16.06 -2.05 14.52
N ASP A 152 -16.30 -2.75 15.62
CA ASP A 152 -17.60 -2.62 16.29
C ASP A 152 -17.85 -1.21 16.80
N GLY A 153 -16.83 -0.59 17.38
CA GLY A 153 -16.94 0.76 17.89
C GLY A 153 -16.51 1.84 16.91
N GLU A 154 -16.02 2.95 17.45
CA GLU A 154 -15.58 4.09 16.66
C GLU A 154 -14.13 3.96 16.18
N VAL A 155 -13.90 4.31 14.92
CA VAL A 155 -12.55 4.55 14.45
C VAL A 155 -12.21 6.04 14.69
N GLY A 156 -11.10 6.28 15.38
CA GLY A 156 -10.75 7.63 15.79
C GLY A 156 -9.47 8.08 15.13
N PRO A 157 -9.58 8.91 14.10
CA PRO A 157 -8.32 9.15 13.38
C PRO A 157 -7.49 10.21 14.08
N TYR A 158 -8.16 11.04 14.88
CA TYR A 158 -7.56 12.22 15.55
C TYR A 158 -6.63 13.03 14.58
N SER A 159 -5.30 12.95 14.76
CA SER A 159 -4.36 13.73 13.97
C SER A 159 -4.01 13.15 12.58
N GLN A 160 -4.37 11.90 12.27
CA GLN A 160 -4.11 11.38 10.91
C GLN A 160 -4.53 12.33 9.79
N GLN A 161 -3.60 12.65 8.88
CA GLN A 161 -3.90 13.57 7.80
C GLN A 161 -4.99 13.07 6.86
N GLN A 162 -4.85 11.80 6.48
CA GLN A 162 -5.72 11.19 5.51
C GLN A 162 -5.86 9.69 5.80
N TRP A 163 -6.83 9.06 5.15
CA TRP A 163 -7.06 7.63 5.35
C TRP A 163 -7.93 7.06 4.23
N TYR A 164 -7.65 5.81 3.84
CA TYR A 164 -8.55 5.05 2.99
C TYR A 164 -9.09 3.80 3.67
N THR A 165 -10.40 3.68 3.57
CA THR A 165 -11.12 2.51 4.07
C THR A 165 -12.00 1.94 2.98
N ARG A 166 -11.93 0.61 2.82
CA ARG A 166 -12.71 -0.07 1.80
C ARG A 166 -13.40 -1.33 2.31
N ASP A 167 -14.65 -1.52 1.86
CA ASP A 167 -15.37 -2.77 2.03
C ASP A 167 -15.29 -3.31 3.46
N SER A 168 -15.81 -2.50 4.36
CA SER A 168 -15.66 -2.70 5.79
C SER A 168 -16.91 -2.24 6.53
N SER A 169 -16.92 -2.51 7.84
CA SER A 169 -18.01 -2.09 8.72
C SER A 169 -17.38 -1.36 9.92
N VAL A 170 -17.82 -0.13 10.15
CA VAL A 170 -17.42 0.64 11.33
C VAL A 170 -18.66 1.10 12.12
N GLY A 171 -18.54 1.09 13.45
CA GLY A 171 -19.61 1.59 14.32
C GLY A 171 -19.64 3.11 14.48
N GLY A 172 -18.47 3.73 14.30
CA GLY A 172 -18.32 5.17 14.41
C GLY A 172 -17.08 5.63 13.67
N TRP A 173 -17.07 6.91 13.26
CA TRP A 173 -15.90 7.54 12.65
C TRP A 173 -15.80 8.96 13.19
N GLY A 174 -14.66 9.33 13.77
CA GLY A 174 -14.61 10.45 14.70
C GLY A 174 -14.32 11.79 14.09
N ASN A 175 -13.49 11.80 13.06
CA ASN A 175 -13.06 13.07 12.47
C ASN A 175 -12.27 12.77 11.21
N GLY A 176 -11.86 13.82 10.52
CA GLY A 176 -10.79 13.66 9.57
C GLY A 176 -10.00 14.93 9.66
N VAL A 177 -9.02 15.09 8.78
CA VAL A 177 -8.09 16.22 8.86
C VAL A 177 -7.91 16.89 7.52
N TRP A 178 -7.49 16.11 6.53
CA TRP A 178 -7.42 16.56 5.13
C TRP A 178 -8.16 15.64 4.13
N ASN A 179 -8.19 14.31 4.33
CA ASN A 179 -8.80 13.44 3.33
C ASN A 179 -9.05 12.02 3.82
N MET A 180 -10.23 11.78 4.39
CA MET A 180 -10.56 10.46 4.93
C MET A 180 -11.60 9.93 3.89
N THR A 181 -11.16 9.01 3.03
CA THR A 181 -11.94 8.50 1.92
C THR A 181 -12.47 7.06 2.20
N PHE A 182 -13.68 6.82 1.71
CA PHE A 182 -14.43 5.58 1.94
C PHE A 182 -15.04 5.00 0.65
N SER A 183 -14.83 3.69 0.44
CA SER A 183 -15.65 2.99 -0.55
C SER A 183 -16.15 1.66 -0.01
N GLY A 184 -17.45 1.42 -0.16
CA GLY A 184 -18.05 0.20 0.35
C GLY A 184 -18.02 0.03 1.85
N VAL A 185 -18.08 1.13 2.58
CA VAL A 185 -17.98 1.09 4.03
C VAL A 185 -19.34 1.34 4.72
N GLU A 186 -20.01 0.27 5.10
CA GLU A 186 -21.15 0.38 6.04
C GLU A 186 -20.74 1.16 7.28
N GLY A 187 -21.54 2.13 7.66
CA GLY A 187 -21.21 2.98 8.79
C GLY A 187 -20.33 4.16 8.46
N ALA A 188 -19.85 4.30 7.23
CA ALA A 188 -19.04 5.51 6.93
C ALA A 188 -19.85 6.79 7.16
N PRO A 189 -19.19 7.81 7.72
CA PRO A 189 -19.83 9.12 7.86
C PRO A 189 -20.16 9.64 6.46
N ALA A 190 -21.36 10.19 6.27
CA ALA A 190 -21.80 10.53 4.93
C ALA A 190 -20.91 11.59 4.26
N GLN A 191 -20.88 11.55 2.95
CA GLN A 191 -20.06 12.44 2.15
C GLN A 191 -20.34 13.88 2.51
N SER A 192 -19.30 14.69 2.46
CA SER A 192 -19.43 16.05 2.97
C SER A 192 -18.28 16.98 2.57
N PHE A 193 -17.34 16.50 1.76
CA PHE A 193 -16.21 17.32 1.33
C PHE A 193 -16.85 18.59 0.78
N PRO A 194 -16.37 19.77 1.20
CA PRO A 194 -15.08 19.96 1.86
C PRO A 194 -15.01 19.66 3.36
N GLU A 195 -16.09 19.86 4.11
CA GLU A 195 -15.96 19.91 5.57
C GLU A 195 -17.01 19.12 6.37
N PRO A 196 -16.55 18.14 7.17
CA PRO A 196 -15.30 17.39 7.20
C PRO A 196 -14.93 16.89 5.82
N PRO A 197 -13.64 16.64 5.58
CA PRO A 197 -13.28 16.18 4.24
C PRO A 197 -13.53 14.71 4.11
N TYR A 198 -14.80 14.34 3.98
CA TYR A 198 -15.20 12.96 3.79
C TYR A 198 -15.61 12.77 2.33
N THR A 199 -14.90 11.85 1.68
CA THR A 199 -15.20 11.40 0.34
C THR A 199 -15.75 9.98 0.45
N THR A 200 -17.00 9.79 0.05
CA THR A 200 -17.73 8.57 0.41
C THR A 200 -18.43 7.95 -0.77
N LEU A 201 -18.02 6.76 -1.12
CA LEU A 201 -18.54 6.01 -2.24
C LEU A 201 -19.31 4.78 -1.68
N GLU A 202 -20.49 4.47 -2.25
CA GLU A 202 -21.38 3.47 -1.68
C GLU A 202 -20.77 2.10 -1.80
N THR A 203 -20.17 1.87 -2.94
CA THR A 203 -19.55 0.61 -3.24
C THR A 203 -18.22 0.80 -3.94
N THR A 204 -17.36 -0.21 -3.83
CA THR A 204 -16.10 -0.26 -4.59
C THR A 204 -16.37 -0.94 -5.91
N PRO A 205 -16.00 -0.31 -7.04
CA PRO A 205 -16.37 -0.91 -8.33
C PRO A 205 -16.01 -2.39 -8.48
N VAL A 206 -14.76 -2.73 -8.17
CA VAL A 206 -14.33 -4.11 -8.01
C VAL A 206 -13.26 -4.17 -6.91
N SER A 207 -13.30 -5.28 -6.21
CA SER A 207 -12.33 -5.60 -5.18
C SER A 207 -12.12 -7.10 -5.21
N ARG A 208 -10.94 -7.52 -4.76
CA ARG A 208 -10.62 -8.92 -4.58
C ARG A 208 -9.70 -9.00 -3.40
N GLU A 209 -10.15 -9.69 -2.36
CA GLU A 209 -9.45 -9.67 -1.10
C GLU A 209 -8.10 -10.38 -1.26
N LYS A 210 -7.11 -9.86 -0.52
CA LYS A 210 -5.73 -10.35 -0.62
C LYS A 210 -5.64 -11.81 -0.15
N PRO A 211 -4.92 -12.66 -0.91
CA PRO A 211 -4.68 -14.00 -0.38
C PRO A 211 -3.97 -13.99 0.97
N PHE A 212 -3.95 -15.12 1.64
CA PHE A 212 -3.27 -15.29 2.93
C PHE A 212 -3.15 -16.78 3.38
N LEU A 213 -2.10 -17.02 4.15
CA LEU A 213 -1.81 -18.28 4.75
C LEU A 213 -2.89 -18.69 5.78
N TYR A 214 -3.18 -19.98 5.84
CA TYR A 214 -3.99 -20.48 6.93
C TYR A 214 -3.85 -21.99 7.10
N LEU A 215 -4.33 -22.49 8.24
CA LEU A 215 -4.31 -23.93 8.58
C LEU A 215 -5.71 -24.51 8.49
N ASP A 216 -5.97 -25.45 7.57
CA ASP A 216 -7.35 -25.93 7.34
C ASP A 216 -7.65 -27.03 8.33
N GLY A 217 -7.19 -26.83 9.58
CA GLY A 217 -7.10 -27.85 10.62
C GLY A 217 -5.65 -28.01 11.10
N ASP A 218 -4.99 -29.05 10.59
CA ASP A 218 -3.55 -29.24 10.69
C ASP A 218 -2.80 -28.64 9.50
N ASP A 219 -3.44 -28.57 8.32
CA ASP A 219 -2.72 -28.45 7.04
C ASP A 219 -2.62 -26.98 6.54
N TYR A 220 -1.45 -26.55 6.09
CA TYR A 220 -1.29 -25.20 5.46
C TYR A 220 -1.84 -25.03 4.05
N LYS A 221 -2.75 -24.07 3.90
CA LYS A 221 -3.24 -23.65 2.59
C LYS A 221 -3.02 -22.10 2.47
N VAL A 222 -3.07 -21.62 1.24
CA VAL A 222 -3.26 -20.20 0.99
C VAL A 222 -4.72 -20.10 0.42
N PHE A 223 -5.52 -19.18 0.97
CA PHE A 223 -6.90 -18.88 0.51
C PHE A 223 -6.92 -17.76 -0.52
N VAL A 224 -7.58 -17.98 -1.66
CA VAL A 224 -7.70 -16.99 -2.76
C VAL A 224 -9.18 -16.54 -2.91
N PRO A 225 -9.54 -15.44 -2.23
CA PRO A 225 -10.89 -14.87 -2.33
C PRO A 225 -11.29 -14.61 -3.78
N ALA A 226 -12.55 -14.85 -4.14
CA ALA A 226 -13.06 -14.39 -5.44
C ALA A 226 -13.32 -12.87 -5.45
N LYS A 227 -13.44 -12.34 -6.65
CA LYS A 227 -13.71 -10.93 -6.82
C LYS A 227 -15.18 -10.63 -6.47
N ARG A 228 -15.42 -9.34 -6.27
CA ARG A 228 -16.72 -8.80 -5.97
C ARG A 228 -16.83 -7.50 -6.72
N THR A 229 -17.78 -7.44 -7.65
CA THR A 229 -18.03 -6.20 -8.37
C THR A 229 -19.03 -5.39 -7.59
N ASN A 230 -18.75 -4.09 -7.46
CA ASN A 230 -19.56 -3.21 -6.62
C ASN A 230 -19.65 -3.74 -5.19
N ALA A 231 -18.50 -3.97 -4.56
CA ALA A 231 -18.44 -4.50 -3.23
C ALA A 231 -18.84 -3.51 -2.12
N ARG A 232 -19.35 -4.07 -1.02
CA ARG A 232 -19.67 -3.29 0.19
C ARG A 232 -19.74 -4.20 1.38
N GLY A 233 -19.20 -3.73 2.50
CA GLY A 233 -19.12 -4.52 3.74
C GLY A 233 -18.01 -5.57 3.68
N THR A 234 -17.88 -6.36 4.75
CA THR A 234 -16.80 -7.34 4.85
C THR A 234 -17.16 -8.53 3.93
N SER A 235 -16.13 -9.30 3.54
CA SER A 235 -16.30 -10.44 2.67
C SER A 235 -16.80 -11.65 3.50
N TRP A 236 -16.45 -11.61 4.76
CA TRP A 236 -16.57 -12.77 5.64
C TRP A 236 -17.69 -12.58 6.67
N GLY A 237 -18.19 -11.36 6.79
CA GLY A 237 -19.18 -11.02 7.81
C GLY A 237 -20.34 -12.01 7.97
N ASN A 238 -20.77 -12.62 6.87
CA ASN A 238 -21.84 -13.63 6.95
C ASN A 238 -21.49 -15.09 6.72
N GLY A 239 -20.21 -15.44 6.61
CA GLY A 239 -19.85 -16.87 6.78
C GLY A 239 -19.23 -17.53 5.58
N THR A 240 -20.00 -18.27 4.78
CA THR A 240 -19.40 -18.74 3.54
C THR A 240 -18.94 -17.49 2.83
N PRO A 241 -17.74 -17.52 2.29
CA PRO A 241 -17.45 -16.47 1.31
C PRO A 241 -16.74 -17.09 0.10
N GLU A 242 -17.33 -17.03 -1.09
CA GLU A 242 -16.87 -17.84 -2.24
C GLU A 242 -15.52 -17.41 -2.90
N GLY A 243 -14.58 -18.40 -2.98
CA GLY A 243 -13.22 -18.32 -3.55
C GLY A 243 -12.45 -19.68 -3.46
N GLU A 244 -11.10 -19.64 -3.47
CA GLU A 244 -10.22 -20.80 -3.76
C GLU A 244 -9.08 -21.18 -2.76
N SER A 245 -9.05 -22.44 -2.24
CA SER A 245 -7.97 -22.86 -1.31
C SER A 245 -6.89 -23.68 -2.04
N LEU A 246 -5.62 -23.35 -1.79
CA LEU A 246 -4.49 -24.02 -2.40
C LEU A 246 -3.41 -24.50 -1.40
N PRO A 247 -3.12 -25.80 -1.38
CA PRO A 247 -2.11 -26.34 -0.45
C PRO A 247 -0.72 -25.76 -0.62
N LEU A 248 0.01 -25.76 0.48
CA LEU A 248 1.30 -25.13 0.50
C LEU A 248 2.22 -25.94 -0.36
N ASP A 249 1.86 -27.20 -0.53
CA ASP A 249 2.73 -28.04 -1.33
C ASP A 249 2.65 -27.74 -2.82
N GLN A 250 1.67 -26.94 -3.28
CA GLN A 250 1.69 -26.40 -4.65
C GLN A 250 2.37 -24.98 -4.73
N PHE A 251 2.81 -24.43 -3.62
CA PHE A 251 3.66 -23.23 -3.61
C PHE A 251 5.10 -23.63 -3.62
N TYR A 252 5.95 -22.79 -4.19
CA TYR A 252 7.41 -22.93 -4.01
C TYR A 252 7.70 -21.93 -2.93
N VAL A 253 8.43 -22.42 -1.92
CA VAL A 253 8.73 -21.66 -0.76
C VAL A 253 10.10 -21.10 -0.99
N VAL A 254 10.10 -19.89 -1.52
CA VAL A 254 11.31 -19.17 -1.77
C VAL A 254 11.87 -18.80 -0.39
N LYS A 255 13.13 -19.17 -0.19
CA LYS A 255 13.87 -18.91 1.05
C LYS A 255 15.28 -18.41 0.66
N PRO A 256 16.14 -18.14 1.65
CA PRO A 256 17.45 -17.68 1.18
C PRO A 256 18.18 -18.70 0.32
N GLY A 257 18.73 -18.18 -0.78
CA GLY A 257 19.39 -18.97 -1.82
C GLY A 257 18.77 -18.91 -3.23
N ALA A 258 17.58 -18.35 -3.38
CA ALA A 258 16.84 -18.54 -4.64
C ALA A 258 17.28 -17.58 -5.74
N THR A 259 17.82 -18.12 -6.83
CA THR A 259 18.11 -17.29 -7.97
C THR A 259 16.74 -17.04 -8.62
N ALA A 260 16.63 -15.96 -9.40
CA ALA A 260 15.40 -15.73 -10.18
C ALA A 260 15.18 -16.86 -11.19
N GLU A 261 16.28 -17.44 -11.69
CA GLU A 261 16.22 -18.57 -12.63
C GLU A 261 15.43 -19.71 -11.96
N THR A 262 15.71 -19.97 -10.69
CA THR A 262 15.01 -21.02 -9.95
C THR A 262 13.51 -20.67 -9.79
N ILE A 263 13.25 -19.46 -9.33
CA ILE A 263 11.87 -18.99 -9.13
C ILE A 263 11.01 -19.04 -10.41
N ASN A 264 11.57 -18.55 -11.51
CA ASN A 264 10.88 -18.59 -12.82
C ASN A 264 10.62 -20.03 -13.31
N ALA A 265 11.55 -20.92 -13.01
CA ALA A 265 11.35 -22.35 -13.26
C ALA A 265 10.16 -22.90 -12.48
N ALA A 266 9.99 -22.46 -11.23
CA ALA A 266 8.86 -22.91 -10.45
C ALA A 266 7.54 -22.54 -11.14
N VAL A 267 7.43 -21.28 -11.59
CA VAL A 267 6.16 -20.83 -12.19
C VAL A 267 5.96 -21.54 -13.53
N ASP A 268 7.08 -21.72 -14.27
CA ASP A 268 7.12 -22.45 -15.54
C ASP A 268 6.46 -23.80 -15.34
N GLN A 269 6.90 -24.47 -14.28
CA GLN A 269 6.47 -25.82 -13.99
C GLN A 269 5.06 -25.83 -13.33
N GLY A 270 4.58 -24.65 -12.93
CA GLY A 270 3.18 -24.54 -12.50
C GLY A 270 2.90 -24.29 -11.01
N LEU A 271 3.96 -24.07 -10.23
CA LEU A 271 3.78 -23.75 -8.83
C LEU A 271 3.57 -22.24 -8.59
N HIS A 272 2.86 -21.94 -7.51
CA HIS A 272 2.67 -20.58 -7.04
C HIS A 272 3.91 -20.28 -6.21
N LEU A 273 4.01 -19.03 -5.74
CA LEU A 273 5.22 -18.57 -5.04
C LEU A 273 4.86 -18.00 -3.68
N LEU A 274 5.65 -18.41 -2.69
CA LEU A 274 5.51 -17.93 -1.32
C LEU A 274 6.88 -17.48 -0.87
N PHE A 275 7.03 -16.16 -0.75
CA PHE A 275 8.31 -15.64 -0.30
C PHE A 275 8.31 -15.56 1.22
N THR A 276 9.15 -16.36 1.85
CA THR A 276 9.38 -16.27 3.27
C THR A 276 10.01 -14.89 3.59
N PRO A 277 9.93 -14.47 4.85
CA PRO A 277 10.47 -13.15 5.16
C PRO A 277 11.98 -13.16 5.01
N GLY A 278 12.46 -12.17 4.26
CA GLY A 278 13.87 -12.06 3.96
C GLY A 278 14.05 -11.12 2.78
N VAL A 279 15.31 -11.00 2.37
CA VAL A 279 15.72 -10.12 1.29
C VAL A 279 16.25 -10.93 0.08
N TYR A 280 15.68 -10.70 -1.07
CA TYR A 280 15.97 -11.49 -2.26
C TYR A 280 16.62 -10.64 -3.37
N HIS A 281 17.94 -10.77 -3.48
CA HIS A 281 18.68 -10.10 -4.55
C HIS A 281 18.51 -10.95 -5.79
N VAL A 282 18.09 -10.32 -6.89
CA VAL A 282 17.91 -11.03 -8.16
C VAL A 282 18.73 -10.39 -9.28
N ASP A 283 19.22 -11.23 -10.19
CA ASP A 283 20.09 -10.81 -11.26
C ASP A 283 19.41 -10.92 -12.60
N GLN A 284 18.15 -11.32 -12.58
CA GLN A 284 17.30 -11.21 -13.74
C GLN A 284 15.89 -11.02 -13.20
N PRO A 285 14.96 -10.59 -14.06
CA PRO A 285 13.61 -10.36 -13.55
C PRO A 285 12.89 -11.65 -13.19
N ILE A 286 12.17 -11.61 -12.09
CA ILE A 286 11.19 -12.63 -11.79
C ILE A 286 10.06 -12.47 -12.79
N GLU A 287 9.67 -13.58 -13.42
CA GLU A 287 8.69 -13.55 -14.50
C GLU A 287 7.50 -14.42 -14.16
N ILE A 288 6.32 -13.84 -14.21
CA ILE A 288 5.10 -14.53 -13.88
C ILE A 288 4.23 -14.50 -15.14
N ASP A 289 4.21 -15.63 -15.82
CA ASP A 289 3.61 -15.74 -17.14
C ASP A 289 2.70 -16.96 -17.26
N ARG A 290 2.08 -17.30 -16.15
CA ARG A 290 1.05 -18.31 -16.10
C ARG A 290 -0.19 -17.74 -15.43
N ALA A 291 -1.34 -17.91 -16.10
CA ALA A 291 -2.55 -17.39 -15.55
C ALA A 291 -2.77 -17.93 -14.13
N ASN A 292 -3.32 -17.08 -13.27
CA ASN A 292 -3.73 -17.41 -11.91
C ASN A 292 -2.63 -17.64 -10.89
N THR A 293 -1.40 -17.42 -11.26
CA THR A 293 -0.29 -17.54 -10.32
C THR A 293 -0.46 -16.57 -9.14
N VAL A 294 -0.41 -17.09 -7.93
CA VAL A 294 -0.38 -16.29 -6.70
C VAL A 294 1.07 -16.14 -6.31
N ALA A 295 1.49 -14.88 -6.06
CA ALA A 295 2.84 -14.58 -5.61
C ALA A 295 2.77 -13.74 -4.30
N LEU A 296 2.86 -14.45 -3.19
CA LEU A 296 2.54 -13.92 -1.87
C LEU A 296 3.82 -13.76 -1.05
N GLY A 297 4.00 -12.57 -0.48
CA GLY A 297 5.05 -12.33 0.50
C GLY A 297 4.60 -12.40 1.94
N LEU A 298 5.50 -12.89 2.78
CA LEU A 298 5.35 -12.82 4.25
C LEU A 298 6.45 -11.94 4.84
N GLY A 299 6.18 -11.38 6.00
CA GLY A 299 7.18 -10.65 6.77
C GLY A 299 7.86 -9.48 6.04
N LEU A 300 7.14 -8.88 5.10
CA LEU A 300 7.64 -7.77 4.30
C LEU A 300 8.83 -8.27 3.44
N ALA A 301 8.71 -9.51 2.99
CA ALA A 301 9.66 -10.07 2.03
C ALA A 301 9.98 -9.05 0.94
N THR A 302 11.28 -8.96 0.66
CA THR A 302 11.82 -7.93 -0.19
C THR A 302 12.58 -8.50 -1.40
N ILE A 303 12.51 -7.77 -2.50
CA ILE A 303 13.20 -8.12 -3.72
C ILE A 303 14.03 -6.92 -4.16
N ILE A 304 15.34 -7.13 -4.25
CA ILE A 304 16.27 -6.13 -4.78
C ILE A 304 16.83 -6.58 -6.16
N PRO A 305 16.55 -5.80 -7.21
CA PRO A 305 17.11 -6.10 -8.53
C PRO A 305 18.52 -5.55 -8.67
N ASP A 306 19.44 -6.44 -9.04
CA ASP A 306 20.83 -6.06 -9.31
C ASP A 306 21.09 -5.71 -10.80
N ASN A 307 22.23 -5.08 -11.09
CA ASN A 307 22.69 -4.93 -12.47
C ASN A 307 21.73 -4.11 -13.36
N GLY A 308 20.86 -3.33 -12.72
CA GLY A 308 19.86 -2.52 -13.41
C GLY A 308 18.68 -3.28 -14.03
N VAL A 309 18.54 -4.56 -13.69
CA VAL A 309 17.42 -5.31 -14.23
C VAL A 309 16.09 -4.90 -13.60
N THR A 310 15.02 -5.26 -14.26
CA THR A 310 13.70 -5.14 -13.68
C THR A 310 13.55 -6.26 -12.62
N ALA A 311 12.82 -5.99 -11.53
CA ALA A 311 12.59 -6.98 -10.49
C ALA A 311 11.52 -8.01 -10.83
N LEU A 312 10.43 -7.54 -11.43
CA LEU A 312 9.24 -8.36 -11.62
C LEU A 312 8.53 -7.98 -12.92
N LYS A 313 8.27 -8.99 -13.75
CA LYS A 313 7.61 -8.84 -15.05
C LYS A 313 6.46 -9.88 -15.12
N VAL A 314 5.23 -9.43 -14.89
CA VAL A 314 4.00 -10.24 -15.11
C VAL A 314 3.61 -10.21 -16.59
N GLY A 315 3.33 -11.39 -17.15
CA GLY A 315 3.05 -11.52 -18.56
C GLY A 315 1.59 -11.14 -18.85
N ASP A 316 1.15 -11.38 -20.08
CA ASP A 316 -0.16 -10.90 -20.52
C ASP A 316 -1.31 -11.88 -20.25
N VAL A 317 -1.33 -12.40 -19.03
CA VAL A 317 -2.27 -13.46 -18.67
C VAL A 317 -3.23 -12.99 -17.59
N ASP A 318 -4.30 -13.75 -17.42
CA ASP A 318 -5.36 -13.51 -16.46
C ASP A 318 -4.88 -13.87 -15.03
N GLY A 319 -5.51 -13.28 -14.02
CA GLY A 319 -5.61 -13.89 -12.72
C GLY A 319 -4.40 -13.85 -11.79
N VAL A 320 -3.33 -13.15 -12.15
CA VAL A 320 -2.13 -13.13 -11.28
C VAL A 320 -2.45 -12.31 -10.04
N LYS A 321 -1.95 -12.74 -8.89
CA LYS A 321 -2.22 -12.08 -7.60
C LYS A 321 -0.87 -11.95 -6.91
N VAL A 322 -0.32 -10.74 -7.04
CA VAL A 322 0.92 -10.34 -6.42
C VAL A 322 0.55 -9.58 -5.16
N ALA A 323 1.14 -10.03 -4.05
CA ALA A 323 0.83 -9.43 -2.74
C ALA A 323 1.92 -9.54 -1.68
N GLY A 324 2.08 -8.46 -0.92
CA GLY A 324 2.90 -8.48 0.27
C GLY A 324 4.39 -8.33 0.04
N LEU A 325 4.82 -7.80 -1.11
CA LEU A 325 6.22 -7.64 -1.44
C LEU A 325 6.66 -6.18 -1.39
N LEU A 326 7.88 -5.97 -0.86
CA LEU A 326 8.61 -4.73 -1.04
C LEU A 326 9.59 -4.95 -2.17
N VAL A 327 9.58 -4.06 -3.15
CA VAL A 327 10.59 -4.04 -4.21
C VAL A 327 11.55 -2.87 -3.92
N ASP A 328 12.82 -3.17 -3.69
CA ASP A 328 13.76 -2.16 -3.29
C ASP A 328 14.83 -1.93 -4.34
N ALA A 329 14.95 -0.70 -4.80
CA ALA A 329 15.86 -0.42 -5.89
C ALA A 329 17.30 -0.68 -5.48
N GLY A 330 18.06 -1.32 -6.38
CA GLY A 330 19.51 -1.35 -6.25
C GLY A 330 20.19 -0.03 -6.62
N PRO A 331 21.45 0.14 -6.20
CA PRO A 331 22.23 1.30 -6.62
C PRO A 331 22.20 1.52 -8.14
N VAL A 332 22.48 0.49 -8.93
CA VAL A 332 22.46 0.61 -10.38
C VAL A 332 21.05 0.86 -10.96
N ASN A 333 20.91 1.97 -11.70
CA ASN A 333 19.61 2.37 -12.22
C ASN A 333 18.87 1.26 -12.97
N SER A 334 17.62 1.02 -12.56
CA SER A 334 16.70 0.19 -13.33
C SER A 334 15.72 0.99 -14.19
N GLU A 335 15.59 0.62 -15.47
CA GLU A 335 14.60 1.23 -16.33
C GLU A 335 13.24 1.18 -15.70
N THR A 336 12.90 -0.01 -15.23
CA THR A 336 11.65 -0.22 -14.53
C THR A 336 11.88 -1.21 -13.39
N LEU A 337 11.09 -1.11 -12.32
CA LEU A 337 11.15 -2.08 -11.24
C LEU A 337 10.10 -3.20 -11.34
N VAL A 338 8.88 -2.83 -11.76
CA VAL A 338 7.78 -3.77 -11.87
C VAL A 338 7.01 -3.43 -13.16
N GLU A 339 6.75 -4.43 -13.98
CA GLU A 339 5.83 -4.29 -15.13
C GLU A 339 4.70 -5.30 -15.03
N VAL A 340 3.46 -4.86 -15.24
CA VAL A 340 2.33 -5.76 -15.38
C VAL A 340 1.87 -5.72 -16.83
N GLY A 341 2.02 -6.86 -17.52
CA GLY A 341 1.83 -6.96 -18.96
C GLY A 341 3.01 -6.40 -19.77
N SER A 342 3.05 -6.73 -21.05
CA SER A 342 4.08 -6.19 -21.94
C SER A 342 3.66 -4.85 -22.61
N ASP A 343 4.61 -4.10 -23.19
CA ASP A 343 4.26 -2.78 -23.74
C ASP A 343 3.28 -2.89 -24.92
N GLY A 344 2.16 -2.17 -24.81
CA GLY A 344 1.10 -2.24 -25.83
C GLY A 344 0.14 -3.44 -25.75
N ALA A 345 0.17 -4.18 -24.65
CA ALA A 345 -0.79 -5.29 -24.46
C ALA A 345 -2.21 -4.76 -24.52
N SER A 346 -2.98 -5.17 -25.53
CA SER A 346 -4.39 -4.74 -25.60
C SER A 346 -5.46 -5.86 -25.49
N GLY A 347 -5.16 -6.95 -24.82
CA GLY A 347 -6.21 -7.93 -24.53
C GLY A 347 -6.88 -7.67 -23.18
N ASP A 348 -8.13 -8.15 -23.01
CA ASP A 348 -8.87 -8.07 -21.72
C ASP A 348 -8.38 -9.01 -20.61
N HIS A 349 -8.77 -8.66 -19.39
CA HIS A 349 -8.60 -9.55 -18.24
C HIS A 349 -9.70 -9.21 -17.29
N ALA A 350 -10.87 -8.87 -17.85
CA ALA A 350 -11.93 -8.25 -17.08
C ALA A 350 -12.61 -9.22 -16.11
N ALA A 351 -12.88 -10.44 -16.56
CA ALA A 351 -13.50 -11.41 -15.68
C ALA A 351 -12.58 -11.85 -14.55
N ASN A 352 -11.29 -11.89 -14.81
CA ASN A 352 -10.32 -12.44 -13.89
C ASN A 352 -9.06 -11.61 -13.94
N PRO A 353 -9.09 -10.47 -13.23
CA PRO A 353 -8.02 -9.49 -13.42
C PRO A 353 -6.70 -9.91 -12.77
N THR A 354 -5.58 -9.34 -13.21
CA THR A 354 -4.37 -9.39 -12.42
C THR A 354 -4.41 -8.29 -11.35
N SER A 355 -3.75 -8.53 -10.23
CA SER A 355 -3.78 -7.59 -9.09
C SER A 355 -2.44 -7.42 -8.43
N LEU A 356 -2.17 -6.18 -8.03
CA LEU A 356 -1.11 -5.80 -7.10
C LEU A 356 -1.77 -5.41 -5.78
N GLN A 357 -1.39 -6.07 -4.69
CA GLN A 357 -1.94 -5.73 -3.37
C GLN A 357 -0.82 -5.65 -2.33
N ASP A 358 -0.78 -4.57 -1.54
CA ASP A 358 0.33 -4.38 -0.60
C ASP A 358 1.67 -4.65 -1.29
N VAL A 359 1.85 -4.00 -2.44
CA VAL A 359 3.09 -4.05 -3.14
C VAL A 359 3.67 -2.67 -2.91
N PHE A 360 4.84 -2.64 -2.29
CA PHE A 360 5.52 -1.39 -1.96
C PHE A 360 6.83 -1.28 -2.72
N VAL A 361 7.19 -0.06 -3.09
CA VAL A 361 8.43 0.15 -3.77
C VAL A 361 9.19 1.25 -3.03
N ARG A 362 10.50 1.03 -2.85
CA ARG A 362 11.40 2.01 -2.25
C ARG A 362 12.57 2.30 -3.20
N ILE A 363 12.91 3.58 -3.35
CA ILE A 363 14.09 3.97 -4.10
C ILE A 363 15.01 4.78 -3.20
N GLY A 364 16.08 4.13 -2.75
CA GLY A 364 17.02 4.75 -1.83
C GLY A 364 16.61 4.58 -0.37
N GLY A 365 17.51 4.96 0.52
CA GLY A 365 17.18 5.15 1.93
C GLY A 365 17.84 4.11 2.86
N ALA A 366 18.01 2.90 2.35
CA ALA A 366 18.86 1.91 2.99
C ALA A 366 20.14 1.81 2.19
N GLY A 367 20.61 2.95 1.69
CA GLY A 367 21.63 2.99 0.67
C GLY A 367 21.10 3.49 -0.66
N PRO A 368 22.01 3.77 -1.57
CA PRO A 368 21.60 4.46 -2.79
C PRO A 368 20.77 3.54 -3.66
N GLY A 369 19.73 4.09 -4.27
CA GLY A 369 18.90 3.33 -5.21
C GLY A 369 18.39 4.25 -6.29
N LYS A 370 18.20 3.68 -7.47
CA LYS A 370 17.82 4.39 -8.66
C LYS A 370 16.94 3.56 -9.55
N ALA A 371 15.86 4.18 -9.99
CA ALA A 371 14.98 3.60 -11.01
C ALA A 371 14.33 4.70 -11.81
N THR A 372 14.14 4.48 -13.12
CA THR A 372 13.57 5.50 -13.96
C THR A 372 12.03 5.57 -13.83
N THR A 373 11.38 4.41 -13.97
CA THR A 373 9.92 4.31 -13.93
C THR A 373 9.51 3.13 -13.04
N SER A 374 8.97 3.40 -11.85
CA SER A 374 8.90 2.39 -10.82
C SER A 374 7.93 1.22 -11.09
N ILE A 375 6.68 1.54 -11.45
CA ILE A 375 5.66 0.56 -11.83
C ILE A 375 5.02 1.01 -13.14
N VAL A 376 5.10 0.13 -14.15
CA VAL A 376 4.37 0.28 -15.38
C VAL A 376 3.23 -0.71 -15.41
N VAL A 377 1.99 -0.23 -15.53
CA VAL A 377 0.83 -1.09 -15.59
C VAL A 377 0.31 -1.03 -17.02
N ASN A 378 0.63 -2.06 -17.80
CA ASN A 378 0.08 -2.24 -19.14
C ASN A 378 -1.23 -3.01 -19.24
N SER A 379 -1.33 -4.08 -18.48
CA SER A 379 -2.50 -4.98 -18.56
C SER A 379 -3.86 -4.28 -18.25
N ASN A 380 -4.76 -4.33 -19.23
CA ASN A 380 -6.16 -3.92 -19.06
C ASN A 380 -6.78 -4.60 -17.84
N ASP A 381 -7.72 -3.90 -17.21
CA ASP A 381 -8.55 -4.45 -16.14
C ASP A 381 -7.80 -4.72 -14.82
N THR A 382 -6.53 -4.36 -14.82
CA THR A 382 -5.66 -4.54 -13.67
C THR A 382 -6.12 -3.74 -12.44
N ILE A 383 -6.06 -4.38 -11.28
CA ILE A 383 -6.38 -3.79 -9.98
C ILE A 383 -5.08 -3.51 -9.24
N ILE A 384 -4.96 -2.28 -8.74
CA ILE A 384 -3.88 -1.92 -7.87
C ILE A 384 -4.52 -1.50 -6.54
N ASP A 385 -4.58 -2.45 -5.58
CA ASP A 385 -5.26 -2.28 -4.29
C ASP A 385 -4.23 -2.19 -3.13
N HIS A 386 -3.88 -0.95 -2.77
CA HIS A 386 -2.85 -0.61 -1.78
C HIS A 386 -1.42 -0.75 -2.31
N THR A 387 -0.84 0.38 -2.65
CA THR A 387 0.56 0.45 -3.06
C THR A 387 1.14 1.71 -2.46
N TRP A 388 2.41 1.63 -2.07
CA TRP A 388 3.19 2.81 -1.69
C TRP A 388 4.45 2.74 -2.52
N VAL A 389 4.58 3.72 -3.40
CA VAL A 389 5.69 3.82 -4.34
C VAL A 389 6.43 5.09 -3.91
N TRP A 390 7.62 4.90 -3.36
CA TRP A 390 8.25 5.91 -2.49
C TRP A 390 9.73 6.12 -2.82
N ARG A 391 10.03 7.25 -3.42
CA ARG A 391 11.41 7.67 -3.57
C ARG A 391 11.81 8.20 -2.18
N ALA A 392 12.85 7.61 -1.62
CA ALA A 392 13.21 7.94 -0.23
C ALA A 392 13.53 9.40 -0.04
N ASP A 393 12.94 10.00 1.00
CA ASP A 393 13.21 11.40 1.35
C ASP A 393 14.10 11.53 2.57
N HIS A 394 14.45 10.41 3.21
CA HIS A 394 15.36 10.43 4.36
C HIS A 394 16.03 9.06 4.38
N GLY A 395 17.19 9.00 5.03
CA GLY A 395 17.94 7.77 5.14
C GLY A 395 19.33 7.95 4.56
N GLU A 396 19.95 6.82 4.22
CA GLU A 396 21.26 6.77 3.56
C GLU A 396 21.07 6.49 2.05
N GLY A 397 21.71 7.26 1.18
CA GLY A 397 21.58 7.08 -0.26
C GLY A 397 20.54 8.03 -0.84
N VAL A 398 20.43 9.18 -0.23
CA VAL A 398 19.39 10.11 -0.61
C VAL A 398 19.97 11.42 -1.13
N GLY A 399 19.74 11.69 -2.41
CA GLY A 399 19.97 13.02 -2.97
C GLY A 399 19.23 13.17 -4.31
N TRP A 400 19.19 14.39 -4.84
CA TRP A 400 18.52 14.71 -6.10
C TRP A 400 19.08 13.82 -7.22
N GLU A 401 20.39 13.81 -7.43
CA GLU A 401 20.93 12.78 -8.33
C GLU A 401 21.10 11.43 -7.59
N THR A 402 21.49 11.48 -6.31
CA THR A 402 21.93 10.25 -5.60
C THR A 402 20.86 9.14 -5.53
N ASN A 403 19.59 9.50 -5.41
CA ASN A 403 18.51 8.53 -5.64
C ASN A 403 17.43 9.08 -6.54
N ARG A 404 17.86 9.69 -7.64
CA ARG A 404 16.93 10.15 -8.65
C ARG A 404 16.10 8.97 -9.09
N ALA A 405 14.84 9.32 -9.35
CA ALA A 405 13.84 8.48 -9.91
C ALA A 405 12.74 9.39 -10.46
N ASP A 406 12.68 9.55 -11.78
CA ASP A 406 11.74 10.53 -12.33
C ASP A 406 10.28 10.15 -12.26
N TYR A 407 9.96 8.85 -12.38
CA TYR A 407 8.58 8.40 -12.59
C TYR A 407 8.21 7.28 -11.67
N GLY A 408 7.10 7.51 -10.98
CA GLY A 408 6.59 6.58 -10.00
C GLY A 408 5.77 5.48 -10.65
N VAL A 409 4.53 5.78 -11.00
CA VAL A 409 3.69 4.83 -11.70
C VAL A 409 3.26 5.41 -13.02
N HIS A 410 3.24 4.54 -14.04
CA HIS A 410 2.71 4.87 -15.34
C HIS A 410 1.71 3.81 -15.74
N VAL A 411 0.44 4.20 -15.79
CA VAL A 411 -0.60 3.27 -16.19
C VAL A 411 -0.89 3.44 -17.67
N LYS A 412 -0.53 2.43 -18.47
CA LYS A 412 -0.77 2.45 -19.92
C LYS A 412 -1.99 1.62 -20.37
N GLY A 413 -2.58 0.82 -19.47
CA GLY A 413 -3.68 -0.04 -19.84
C GLY A 413 -5.02 0.61 -19.61
N ASP A 414 -6.06 0.01 -20.17
CA ASP A 414 -7.43 0.48 -20.06
C ASP A 414 -8.18 -0.19 -18.90
N ASN A 415 -9.17 0.52 -18.38
CA ASN A 415 -10.01 0.05 -17.27
C ASN A 415 -9.24 -0.33 -16.02
N VAL A 416 -8.11 0.33 -15.79
CA VAL A 416 -7.30 0.02 -14.61
C VAL A 416 -7.91 0.72 -13.41
N LEU A 417 -7.85 0.07 -12.26
CA LEU A 417 -8.46 0.57 -11.02
C LEU A 417 -7.39 0.59 -9.92
N ALA A 418 -7.15 1.75 -9.34
CA ALA A 418 -6.28 1.89 -8.16
C ALA A 418 -7.13 2.27 -6.94
N THR A 419 -7.13 1.43 -5.91
CA THR A 419 -7.74 1.74 -4.63
C THR A 419 -6.69 1.81 -3.52
N GLY A 420 -6.49 3.01 -2.98
CA GLY A 420 -5.46 3.23 -1.96
C GLY A 420 -4.10 3.43 -2.59
N LEU A 421 -3.97 4.50 -3.36
CA LEU A 421 -2.75 4.76 -4.14
C LEU A 421 -1.90 5.79 -3.40
N PHE A 422 -0.70 5.40 -2.99
CA PHE A 422 0.21 6.32 -2.31
C PHE A 422 1.55 6.39 -3.10
N VAL A 423 1.92 7.58 -3.56
CA VAL A 423 3.08 7.73 -4.43
C VAL A 423 3.76 9.06 -4.13
N GLU A 424 5.05 9.04 -3.82
CA GLU A 424 5.73 10.25 -3.30
C GLU A 424 7.20 10.44 -3.70
N HIS A 425 7.52 11.70 -3.96
CA HIS A 425 8.86 12.29 -3.99
C HIS A 425 9.61 12.16 -5.32
N PHE A 426 8.93 11.74 -6.37
CA PHE A 426 9.59 11.52 -7.66
C PHE A 426 10.15 12.79 -8.30
N ASN A 427 11.23 12.67 -9.05
CA ASN A 427 11.85 13.86 -9.64
C ASN A 427 10.95 14.52 -10.71
N LYS A 428 10.16 13.70 -11.40
CA LYS A 428 9.16 14.19 -12.37
C LYS A 428 7.75 13.72 -11.95
N TYR A 429 6.96 13.12 -12.87
CA TYR A 429 5.55 12.80 -12.60
C TYR A 429 5.38 11.57 -11.70
N ASP A 430 4.87 11.80 -10.49
CA ASP A 430 4.72 10.71 -9.55
C ASP A 430 3.83 9.62 -10.16
N VAL A 431 2.73 10.07 -10.76
CA VAL A 431 1.78 9.24 -11.46
C VAL A 431 1.38 9.86 -12.81
N GLN A 432 1.50 9.06 -13.89
CA GLN A 432 0.97 9.40 -15.21
C GLN A 432 0.00 8.31 -15.67
N TRP A 433 -1.18 8.71 -16.13
CA TRP A 433 -2.19 7.81 -16.66
C TRP A 433 -2.30 8.02 -18.17
N SER A 434 -1.90 6.99 -18.92
CA SER A 434 -1.96 6.98 -20.39
C SER A 434 -3.15 6.30 -20.99
N GLY A 435 -3.70 5.32 -20.28
CA GLY A 435 -4.78 4.49 -20.80
C GLY A 435 -6.16 5.06 -20.46
N GLU A 436 -7.19 4.30 -20.84
CA GLU A 436 -8.58 4.75 -20.79
C GLU A 436 -9.36 4.17 -19.62
N ASN A 437 -10.45 4.84 -19.30
CA ASN A 437 -11.37 4.43 -18.25
C ASN A 437 -10.72 4.12 -16.92
N GLY A 438 -9.56 4.75 -16.68
CA GLY A 438 -8.90 4.65 -15.41
C GLY A 438 -9.78 5.19 -14.29
N LYS A 439 -9.65 4.57 -13.12
CA LYS A 439 -10.35 5.00 -11.92
C LYS A 439 -9.36 4.91 -10.75
N THR A 440 -9.23 6.00 -9.98
CA THR A 440 -8.47 5.99 -8.73
C THR A 440 -9.37 6.47 -7.58
N ILE A 441 -9.51 5.62 -6.57
CA ILE A 441 -10.18 5.94 -5.32
C ILE A 441 -9.14 6.03 -4.21
N PHE A 442 -8.95 7.27 -3.74
CA PHE A 442 -7.92 7.67 -2.79
C PHE A 442 -6.52 7.72 -3.40
N TYR A 443 -5.96 8.94 -3.36
CA TYR A 443 -4.56 9.22 -3.71
C TYR A 443 -3.88 10.12 -2.66
N GLN A 444 -2.71 9.68 -2.21
CA GLN A 444 -1.88 10.50 -1.38
C GLN A 444 -0.52 10.66 -2.04
N ASN A 445 -0.09 11.92 -2.19
CA ASN A 445 1.18 12.29 -2.76
C ASN A 445 1.87 13.32 -1.90
N ALA A 446 3.19 13.21 -1.84
CA ALA A 446 4.01 14.35 -1.45
C ALA A 446 5.06 14.52 -2.53
N LYS A 447 5.33 15.77 -2.92
CA LYS A 447 6.29 16.08 -3.96
C LYS A 447 7.71 15.94 -3.43
N ALA A 448 8.68 15.89 -4.34
CA ALA A 448 10.07 15.78 -3.94
C ALA A 448 10.39 16.99 -3.06
N TYR A 449 11.11 16.78 -1.96
CA TYR A 449 11.61 17.86 -1.10
C TYR A 449 12.85 18.57 -1.67
N ASP A 450 13.67 17.81 -2.38
CA ASP A 450 15.08 18.15 -2.57
C ASP A 450 15.40 18.79 -3.92
N ALA A 451 14.37 19.21 -4.67
CA ALA A 451 14.61 20.00 -5.86
C ALA A 451 15.42 21.24 -5.43
N PRO A 452 16.60 21.46 -5.99
CA PRO A 452 17.46 22.60 -5.58
C PRO A 452 17.09 23.96 -6.16
N ASP A 453 16.25 23.98 -7.18
CA ASP A 453 15.70 25.25 -7.68
C ASP A 453 14.59 25.04 -8.70
N GLN A 454 13.96 26.14 -9.13
CA GLN A 454 12.89 26.10 -10.12
C GLN A 454 13.31 25.49 -11.49
N ALA A 455 14.50 25.88 -11.96
CA ALA A 455 15.04 25.38 -13.21
C ALA A 455 15.07 23.84 -13.20
N ALA A 456 15.59 23.25 -12.13
CA ALA A 456 15.64 21.79 -12.02
C ALA A 456 14.29 21.02 -12.10
N ILE A 457 13.15 21.66 -11.82
CA ILE A 457 11.88 20.92 -11.94
C ILE A 457 11.04 21.50 -13.04
N GLN A 458 11.71 22.27 -13.87
CA GLN A 458 11.03 23.07 -14.90
C GLN A 458 10.60 22.18 -16.06
N ASN A 459 9.34 22.31 -16.49
CA ASN A 459 8.70 21.30 -17.31
C ASN A 459 7.70 21.90 -18.30
N GLY A 460 8.17 22.20 -19.52
CA GLY A 460 7.41 22.99 -20.46
C GLY A 460 7.23 24.39 -19.93
N ASP A 461 6.07 25.00 -20.23
CA ASP A 461 5.61 26.23 -19.61
C ASP A 461 4.99 26.00 -18.20
N ILE A 462 5.04 24.74 -17.78
CA ILE A 462 4.62 24.38 -16.47
C ILE A 462 5.78 24.38 -15.47
N LYS A 463 5.57 25.05 -14.35
CA LYS A 463 6.46 24.94 -13.21
C LYS A 463 6.16 23.63 -12.45
N GLY A 464 7.14 22.75 -12.38
CA GLY A 464 6.98 21.51 -11.64
C GLY A 464 6.27 20.45 -12.48
N TYR A 465 6.29 19.21 -11.99
CA TYR A 465 5.55 18.08 -12.56
C TYR A 465 4.35 17.70 -11.70
N ALA A 466 3.19 17.56 -12.34
CA ALA A 466 1.99 17.13 -11.63
C ALA A 466 2.28 15.85 -10.85
N ALA A 467 1.74 15.79 -9.64
CA ALA A 467 1.69 14.55 -8.89
C ALA A 467 0.90 13.47 -9.62
N TYR A 468 -0.10 13.92 -10.39
CA TYR A 468 -1.02 13.02 -11.09
C TYR A 468 -1.44 13.67 -12.39
N LYS A 469 -0.96 13.08 -13.50
CA LYS A 469 -1.12 13.55 -14.87
C LYS A 469 -1.95 12.53 -15.66
N VAL A 470 -3.04 13.01 -16.22
CA VAL A 470 -3.81 12.30 -17.24
C VAL A 470 -3.41 12.91 -18.59
N ASP A 471 -2.95 12.07 -19.53
CA ASP A 471 -2.62 12.52 -20.87
C ASP A 471 -3.76 13.34 -21.48
N ASP A 472 -3.36 14.32 -22.27
CA ASP A 472 -4.31 15.13 -22.99
C ASP A 472 -5.31 14.29 -23.86
N SER A 473 -4.86 13.16 -24.36
CA SER A 473 -5.59 12.45 -25.41
C SER A 473 -6.63 11.46 -24.89
N VAL A 474 -6.56 11.18 -23.60
CA VAL A 474 -7.49 10.25 -22.98
C VAL A 474 -8.91 10.79 -22.93
N THR A 475 -9.89 9.90 -23.06
CA THR A 475 -11.34 10.25 -23.14
C THR A 475 -12.05 10.20 -21.79
N THR A 476 -11.84 9.12 -21.08
CA THR A 476 -12.56 8.82 -19.84
C THR A 476 -11.56 8.57 -18.71
N HIS A 477 -11.85 9.14 -17.54
CA HIS A 477 -11.05 8.92 -16.35
C HIS A 477 -11.85 9.42 -15.16
N GLU A 478 -11.75 8.76 -14.01
CA GLU A 478 -12.45 9.24 -12.80
C GLU A 478 -11.54 9.14 -11.58
N GLY A 479 -11.45 10.23 -10.81
CA GLY A 479 -10.78 10.23 -9.54
C GLY A 479 -11.70 10.54 -8.37
N TRP A 480 -11.28 10.12 -7.18
CA TRP A 480 -11.99 10.46 -5.97
C TRP A 480 -11.00 10.54 -4.82
N GLY A 481 -10.93 11.69 -4.15
CA GLY A 481 -10.29 11.82 -2.85
C GLY A 481 -8.77 11.85 -2.98
N MET A 482 -8.28 12.92 -3.61
CA MET A 482 -6.92 12.95 -4.10
C MET A 482 -6.16 14.21 -3.64
N GLY A 483 -5.01 13.98 -3.01
CA GLY A 483 -4.25 15.03 -2.41
C GLY A 483 -2.77 14.95 -2.70
N SER A 484 -2.18 16.14 -2.90
CA SER A 484 -0.76 16.29 -3.13
C SER A 484 -0.23 17.40 -2.20
N TYR A 485 0.84 17.09 -1.49
CA TYR A 485 1.44 18.04 -0.53
C TYR A 485 2.88 18.35 -0.93
N CYS A 486 3.38 19.52 -0.54
CA CYS A 486 4.72 19.93 -0.89
C CYS A 486 5.49 20.40 0.34
N TYR A 487 6.81 20.21 0.25
CA TYR A 487 7.72 20.46 1.35
C TYR A 487 9.09 20.61 0.70
N PHE A 488 9.23 21.70 0.00
CA PHE A 488 10.48 21.98 -0.70
C PHE A 488 11.46 22.56 0.33
N ASN A 489 12.13 21.67 1.03
CA ASN A 489 12.92 22.10 2.20
C ASN A 489 14.36 22.38 1.87
N VAL A 490 14.69 22.15 0.61
CA VAL A 490 16.00 22.45 0.06
C VAL A 490 15.89 23.87 -0.50
N ASN A 491 14.75 24.20 -1.12
CA ASN A 491 14.52 25.55 -1.67
C ASN A 491 13.08 25.96 -1.61
N PRO A 492 12.68 26.56 -0.49
CA PRO A 492 11.28 26.97 -0.27
C PRO A 492 10.75 28.08 -1.18
N ASP A 493 11.60 28.76 -1.93
CA ASP A 493 11.13 29.79 -2.85
C ASP A 493 10.37 29.13 -4.04
N ILE A 494 10.55 27.81 -4.21
CA ILE A 494 9.95 27.04 -5.30
C ILE A 494 8.44 27.15 -5.35
N ARG A 495 7.93 27.18 -6.57
CA ARG A 495 6.49 27.09 -6.83
C ARG A 495 6.15 25.86 -7.67
N GLN A 496 5.07 25.19 -7.28
CA GLN A 496 4.51 24.05 -8.02
C GLN A 496 3.19 24.47 -8.69
N GLN A 497 3.08 24.44 -10.02
CA GLN A 497 1.88 24.99 -10.65
C GLN A 497 0.58 24.26 -10.27
N HIS A 498 0.71 22.99 -9.91
CA HIS A 498 -0.45 22.18 -9.60
C HIS A 498 -0.10 20.79 -9.07
N GLY A 499 -1.06 20.22 -8.33
CA GLY A 499 -1.04 18.84 -7.92
C GLY A 499 -1.44 17.86 -9.03
N PHE A 500 -2.37 18.33 -9.87
CA PHE A 500 -3.06 17.51 -10.86
C PHE A 500 -3.05 18.20 -12.20
N GLN A 501 -2.97 17.38 -13.26
CA GLN A 501 -3.01 17.84 -14.63
C GLN A 501 -3.83 16.87 -15.48
N ALA A 502 -4.78 17.38 -16.25
CA ALA A 502 -5.64 16.51 -17.06
C ALA A 502 -6.34 17.33 -18.15
N PRO A 503 -6.69 16.69 -19.28
CA PRO A 503 -7.45 17.39 -20.31
C PRO A 503 -8.83 17.80 -19.84
N VAL A 504 -9.45 18.73 -20.56
CA VAL A 504 -10.78 19.26 -20.24
C VAL A 504 -11.81 18.65 -21.18
N LYS A 505 -12.50 17.61 -20.68
CA LYS A 505 -13.44 16.77 -21.42
C LYS A 505 -14.53 16.21 -20.47
N PRO A 506 -15.75 16.01 -20.99
CA PRO A 506 -16.85 15.57 -20.11
C PRO A 506 -16.64 14.20 -19.48
N GLY A 507 -15.82 13.37 -20.10
CA GLY A 507 -15.58 12.03 -19.58
C GLY A 507 -14.40 11.94 -18.62
N VAL A 508 -13.70 13.05 -18.42
CA VAL A 508 -12.63 13.15 -17.40
C VAL A 508 -13.20 13.89 -16.16
N LYS A 509 -13.18 13.26 -14.99
CA LYS A 509 -13.83 13.87 -13.83
C LYS A 509 -13.03 13.64 -12.57
N PHE A 510 -13.19 14.54 -11.61
CA PHE A 510 -12.54 14.44 -10.30
C PHE A 510 -13.46 15.00 -9.25
N HIS A 511 -13.36 14.38 -8.10
CA HIS A 511 -14.23 14.62 -6.98
C HIS A 511 -13.39 14.57 -5.74
N ASP A 512 -13.14 15.77 -5.21
CA ASP A 512 -12.55 16.01 -3.91
C ASP A 512 -11.00 16.00 -3.99
N LEU A 513 -10.47 17.07 -4.60
CA LEU A 513 -9.03 17.28 -4.80
C LEU A 513 -8.53 18.35 -3.85
N LEU A 514 -7.27 18.20 -3.44
CA LEU A 514 -6.61 19.20 -2.62
C LEU A 514 -5.08 19.20 -2.79
N VAL A 515 -4.48 20.38 -2.59
CA VAL A 515 -3.07 20.49 -2.48
C VAL A 515 -2.78 21.21 -1.15
N VAL A 516 -1.61 20.96 -0.59
CA VAL A 516 -1.26 21.51 0.74
C VAL A 516 0.24 21.75 0.81
N SER A 517 0.63 22.98 1.11
CA SER A 517 2.02 23.27 1.44
C SER A 517 2.22 23.01 2.92
N LEU A 518 3.23 22.22 3.23
CA LEU A 518 3.54 21.89 4.61
C LEU A 518 4.42 22.99 5.22
N GLY A 519 3.85 23.75 6.14
CA GLY A 519 4.53 24.85 6.78
C GLY A 519 5.19 25.91 5.86
N GLY A 520 4.65 26.09 4.67
CA GLY A 520 5.09 27.13 3.76
C GLY A 520 6.39 26.87 3.01
N LYS A 521 6.82 25.61 2.95
CA LYS A 521 7.99 25.24 2.18
C LYS A 521 7.60 25.01 0.73
N GLY A 522 7.65 26.10 -0.02
CA GLY A 522 7.10 26.12 -1.35
C GLY A 522 5.62 26.47 -1.23
N GLN A 523 4.98 26.53 -2.37
CA GLN A 523 3.54 26.77 -2.45
C GLN A 523 3.07 26.23 -3.81
N TYR A 524 1.80 25.85 -3.85
CA TYR A 524 1.08 25.49 -5.06
C TYR A 524 0.49 26.77 -5.67
N GLU A 525 0.54 26.89 -6.98
CA GLU A 525 -0.08 28.06 -7.66
C GLU A 525 -1.57 27.77 -7.88
N HIS A 526 -1.89 26.49 -8.00
CA HIS A 526 -3.23 26.02 -8.31
C HIS A 526 -3.39 24.55 -7.83
N VAL A 527 -4.63 24.05 -7.93
CA VAL A 527 -4.95 22.67 -7.57
C VAL A 527 -4.79 21.71 -8.77
N ILE A 528 -5.55 22.00 -9.83
CA ILE A 528 -5.52 21.24 -11.09
C ILE A 528 -5.42 22.14 -12.32
N ASN A 529 -4.48 21.81 -13.22
CA ASN A 529 -4.18 22.66 -14.37
C ASN A 529 -3.94 24.09 -13.83
N ASP A 530 -4.83 25.00 -14.18
CA ASP A 530 -4.76 26.40 -13.77
C ASP A 530 -5.98 26.83 -12.95
N ILE A 531 -6.70 25.84 -12.46
CA ILE A 531 -7.91 26.03 -11.68
C ILE A 531 -7.62 25.87 -10.19
N GLY A 532 -8.35 26.59 -9.36
CA GLY A 532 -8.18 26.42 -7.94
C GLY A 532 -7.14 27.37 -7.41
N ASP A 533 -7.31 27.70 -6.15
CA ASP A 533 -6.53 28.75 -5.53
C ASP A 533 -5.16 28.25 -5.11
N PRO A 534 -4.16 29.14 -5.17
CA PRO A 534 -2.83 28.79 -4.65
C PRO A 534 -2.87 28.55 -3.15
N THR A 535 -1.88 27.82 -2.65
CA THR A 535 -1.73 27.73 -1.22
C THR A 535 -1.09 29.04 -0.85
N SER A 536 -1.09 29.32 0.44
CA SER A 536 -0.51 30.58 0.92
C SER A 536 -0.32 30.53 2.44
N GLY A 537 0.43 31.48 2.98
CA GLY A 537 0.73 31.45 4.39
C GLY A 537 1.68 30.30 4.72
N ASP A 538 1.82 30.06 6.01
CA ASP A 538 2.57 28.93 6.47
C ASP A 538 1.76 28.08 7.44
N THR A 539 0.43 28.15 7.36
CA THR A 539 -0.45 27.49 8.32
C THR A 539 -1.02 26.11 7.83
N THR A 540 -0.51 25.59 6.72
CA THR A 540 -0.87 24.25 6.26
C THR A 540 -2.37 24.09 6.08
N ILE A 541 -2.97 25.09 5.45
CA ILE A 541 -4.38 25.04 5.12
C ILE A 541 -4.55 24.56 3.69
N PRO A 542 -5.47 23.59 3.46
CA PRO A 542 -5.51 23.09 2.11
C PRO A 542 -6.24 24.03 1.15
N SER A 543 -5.85 24.00 -0.11
CA SER A 543 -6.69 24.56 -1.17
C SER A 543 -7.38 23.41 -1.89
N GLN A 544 -8.69 23.56 -2.05
CA GLN A 544 -9.64 22.50 -2.33
C GLN A 544 -10.37 22.76 -3.63
N VAL A 545 -10.53 21.69 -4.43
CA VAL A 545 -11.49 21.63 -5.52
C VAL A 545 -12.48 20.46 -5.32
N VAL A 546 -13.76 20.77 -5.08
CA VAL A 546 -14.78 19.74 -4.85
C VAL A 546 -15.06 18.95 -6.14
N SER A 547 -15.16 19.69 -7.21
CA SER A 547 -15.70 19.21 -8.47
C SER A 547 -14.80 19.68 -9.55
N PHE A 548 -14.35 18.73 -10.39
CA PHE A 548 -13.68 19.05 -11.64
C PHE A 548 -14.13 18.02 -12.67
N PRO A 549 -14.50 18.46 -13.86
CA PRO A 549 -14.35 19.80 -14.40
C PRO A 549 -15.65 20.59 -14.24
C2 BGC B . -2.21 17.54 12.49
C3 BGC B . -1.54 18.50 11.65
C4 BGC B . -2.49 19.49 11.05
C5 BGC B . -3.60 20.04 11.98
C6 BGC B . -4.55 20.57 11.19
C1 BGC B . -3.11 18.16 13.45
O1 BGC B . -3.73 17.23 14.29
O2 BGC B . -1.22 16.74 13.22
O3 BGC B . -0.79 17.82 10.55
O4 BGC B . -1.87 20.62 10.39
O5 BGC B . -4.15 18.84 12.72
O6 BGC B . -5.86 20.25 11.42
C2 BGC B . 1.30 17.23 9.51
C3 BGC B . 2.67 17.51 9.26
C4 BGC B . 2.92 18.98 9.10
C5 BGC B . 2.37 19.74 10.34
C6 BGC B . 2.47 21.09 10.22
C1 BGC B . 0.62 18.00 10.56
O2 BGC B . 1.06 15.81 9.82
O3 BGC B . 2.97 16.82 7.98
O4 BGC B . 4.29 19.30 8.92
O5 BGC B . 0.89 19.40 10.37
O6 BGC B . 1.83 21.82 11.20
C2 BGC B . 4.26 15.13 6.82
C3 BGC B . 5.57 14.65 6.49
C4 BGC B . 6.51 15.73 6.20
C5 BGC B . 6.56 16.80 7.37
C6 BGC B . 7.36 17.86 7.07
C1 BGC B . 4.25 16.25 7.83
O2 BGC B . 3.49 14.05 7.40
O3 BGC B . 5.44 13.79 5.27
O4 BGC B . 7.81 15.31 5.91
O5 BGC B . 5.14 17.28 7.38
O6 BGC B . 7.31 18.97 7.90
C2 BGC B . 5.88 11.74 4.11
C3 BGC B . 6.73 10.57 4.04
C4 BGC B . 8.08 10.80 4.64
C5 BGC B . 8.01 11.35 6.09
C6 BGC B . 9.18 11.66 6.71
C1 BGC B . 5.85 12.46 5.41
O2 BGC B . 4.48 11.47 3.70
O3 BGC B . 6.93 10.14 2.64
O4 BGC B . 8.93 9.67 4.66
O5 BGC B . 7.15 12.59 5.99
O6 BGC B . 9.02 11.78 8.11
C2 BGC C . -1.30 0.74 23.58
C3 BGC C . -2.67 0.80 24.24
C4 BGC C . -3.03 -0.48 25.03
C5 BGC C . -1.87 -0.90 25.96
C6 BGC C . -2.17 -2.25 26.63
C1 BGC C . -0.25 0.23 24.60
O2 BGC C . -0.92 2.01 23.04
O3 BGC C . -3.67 1.15 23.32
O4 BGC C . -4.19 -0.33 25.82
O5 BGC C . -0.69 -1.01 25.19
O6 BGC C . -1.20 -2.54 27.63
C1 EDO D . 17.01 -4.25 2.42
O1 EDO D . 15.79 -4.25 1.69
C2 EDO D . 17.01 -3.17 3.47
O2 EDO D . 15.79 -3.16 4.24
H11 EDO D . 17.86 -4.11 1.75
H12 EDO D . 17.14 -5.22 2.92
HO1 EDO D . 15.93 -4.68 0.84
H21 EDO D . 17.15 -2.21 2.97
H22 EDO D . 17.85 -3.31 4.15
HO2 EDO D . 15.84 -2.46 4.90
C1 EDO E . 9.12 17.33 -9.17
O1 EDO E . 8.18 16.27 -9.33
C2 EDO E . 8.49 18.58 -8.55
O2 EDO E . 7.50 19.16 -9.42
H11 EDO E . 9.51 17.59 -10.16
H12 EDO E . 9.94 16.98 -8.55
HO1 EDO E . 8.65 15.42 -9.30
H21 EDO E . 9.27 19.31 -8.37
H22 EDO E . 8.03 18.32 -7.60
HO2 EDO E . 7.06 19.89 -8.96
C1 EDO F . 13.81 -3.56 -19.31
O1 EDO F . 13.51 -4.75 -18.56
C2 EDO F . 12.64 -2.55 -19.27
O2 EDO F . 11.45 -3.03 -19.92
H11 EDO F . 14.04 -3.82 -20.34
H12 EDO F . 14.71 -3.09 -18.89
HO1 EDO F . 14.32 -5.16 -18.25
H21 EDO F . 12.95 -1.63 -19.76
H22 EDO F . 12.42 -2.31 -18.23
HO2 EDO F . 10.78 -2.33 -19.93
N GLU A 1 12.42 -30.44 -9.88
CA GLU A 1 13.75 -30.15 -9.33
C GLU A 1 13.61 -28.99 -8.35
N VAL A 2 12.98 -27.92 -8.80
CA VAL A 2 12.24 -27.05 -7.88
C VAL A 2 11.10 -27.85 -7.31
N VAL A 3 10.84 -27.72 -6.02
CA VAL A 3 9.97 -28.62 -5.25
C VAL A 3 8.88 -27.94 -4.39
N GLY A 4 7.63 -28.13 -4.75
CA GLY A 4 6.56 -27.55 -3.98
C GLY A 4 6.50 -27.95 -2.53
N GLY A 5 5.98 -27.05 -1.68
CA GLY A 5 5.76 -27.34 -0.27
C GLY A 5 7.07 -27.55 0.46
N GLY A 6 7.01 -27.86 1.76
CA GLY A 6 8.14 -27.72 2.67
C GLY A 6 7.95 -26.77 3.87
N ASP A 7 9.09 -26.48 4.49
CA ASP A 7 9.22 -25.80 5.78
C ASP A 7 9.40 -24.26 5.66
N LEU A 8 8.46 -23.52 6.24
CA LEU A 8 8.40 -22.06 6.06
C LEU A 8 9.58 -21.26 6.60
N GLY A 9 10.43 -21.90 7.41
CA GLY A 9 11.67 -21.29 7.81
C GLY A 9 11.75 -20.55 9.15
N PRO A 10 12.93 -19.97 9.44
CA PRO A 10 13.24 -19.37 10.74
C PRO A 10 12.65 -17.97 11.05
N ASN A 11 12.29 -17.18 10.04
CA ASN A 11 11.75 -15.84 10.30
C ASN A 11 10.25 -15.80 10.31
N VAL A 12 9.66 -17.00 10.33
CA VAL A 12 8.29 -17.16 10.70
C VAL A 12 8.22 -17.77 12.11
N LEU A 13 7.64 -17.01 13.02
CA LEU A 13 7.55 -17.39 14.43
C LEU A 13 6.11 -17.78 14.67
N VAL A 14 5.92 -19.02 15.10
CA VAL A 14 4.59 -19.64 15.06
C VAL A 14 4.11 -20.05 16.44
N PHE A 15 2.82 -19.73 16.66
CA PHE A 15 2.17 -19.81 17.95
C PHE A 15 0.83 -20.59 17.93
N ASP A 16 0.57 -21.39 18.96
CA ASP A 16 -0.80 -21.79 19.28
C ASP A 16 -1.09 -21.33 20.72
N PRO A 17 -2.31 -21.58 21.23
CA PRO A 17 -2.56 -20.92 22.53
C PRO A 17 -1.71 -21.41 23.69
N SER A 18 -1.21 -22.65 23.61
CA SER A 18 -0.40 -23.16 24.71
C SER A 18 1.11 -22.92 24.51
N THR A 19 1.50 -22.27 23.42
CA THR A 19 2.91 -21.89 23.24
C THR A 19 3.47 -21.12 24.44
N PRO A 20 4.70 -21.44 24.86
CA PRO A 20 5.26 -20.76 26.03
C PRO A 20 5.91 -19.40 25.79
N ASP A 21 5.46 -18.42 26.54
CA ASP A 21 6.19 -17.16 26.68
C ASP A 21 5.94 -16.19 25.49
N ILE A 22 4.66 -15.93 25.20
CA ILE A 22 4.28 -15.26 23.97
C ILE A 22 4.62 -13.78 24.00
N GLN A 23 4.25 -13.11 25.08
CA GLN A 23 4.69 -11.74 25.29
C GLN A 23 6.19 -11.63 25.11
N GLY A 24 6.93 -12.48 25.82
CA GLY A 24 8.39 -12.43 25.81
C GLY A 24 8.92 -12.45 24.39
N LYS A 25 8.37 -13.36 23.59
CA LYS A 25 8.86 -13.62 22.25
C LYS A 25 8.50 -12.50 21.27
N VAL A 26 7.31 -11.94 21.42
CA VAL A 26 6.90 -10.79 20.59
C VAL A 26 7.64 -9.52 21.09
N ASP A 27 7.81 -9.41 22.40
CA ASP A 27 8.83 -8.51 22.93
C ASP A 27 10.28 -9.00 22.60
N GLU A 28 10.50 -10.05 21.84
CA GLU A 28 11.88 -10.32 21.43
C GLU A 28 12.04 -9.56 20.11
N VAL A 29 11.16 -9.94 19.19
CA VAL A 29 11.13 -9.39 17.83
C VAL A 29 10.93 -7.89 17.87
N PHE A 30 9.93 -7.45 18.64
CA PHE A 30 9.63 -6.00 18.74
C PHE A 30 10.86 -5.26 19.17
N ARG A 31 11.65 -5.95 19.98
CA ARG A 31 12.83 -5.37 20.55
C ARG A 31 13.86 -5.08 19.47
N LYS A 32 14.07 -6.02 18.55
CA LYS A 32 15.06 -5.77 17.48
C LYS A 32 14.50 -4.90 16.32
N GLN A 33 13.19 -4.94 16.06
CA GLN A 33 12.60 -4.19 14.94
C GLN A 33 12.05 -2.77 15.23
N GLU A 34 11.96 -2.37 16.51
CA GLU A 34 11.27 -1.13 16.92
C GLU A 34 11.73 0.09 16.11
N SER A 35 13.03 0.30 16.03
CA SER A 35 13.56 1.51 15.39
C SER A 35 14.43 1.12 14.17
N ASN A 36 14.22 -0.11 13.70
CA ASN A 36 15.05 -0.74 12.69
C ASN A 36 14.58 -0.42 11.27
N GLN A 37 14.58 0.86 10.93
CA GLN A 37 13.79 1.36 9.80
C GLN A 37 14.30 0.79 8.46
N PHE A 38 15.60 0.55 8.38
CA PHE A 38 16.21 0.23 7.12
C PHE A 38 17.01 -1.08 7.21
N GLY A 39 16.91 -1.75 8.35
CA GLY A 39 17.53 -3.05 8.56
C GLY A 39 17.06 -4.12 7.59
N THR A 40 17.86 -5.18 7.46
CA THR A 40 17.47 -6.31 6.62
C THR A 40 16.68 -7.41 7.34
N ASP A 41 16.54 -7.33 8.66
CA ASP A 41 15.69 -8.33 9.33
C ASP A 41 14.24 -8.27 8.85
N ARG A 42 13.61 -9.42 8.81
CA ARG A 42 12.24 -9.58 8.36
C ARG A 42 11.56 -10.61 9.27
N TYR A 43 10.28 -10.41 9.61
CA TYR A 43 9.57 -11.35 10.47
C TYR A 43 8.10 -11.44 10.18
N ALA A 44 7.56 -12.65 10.25
CA ALA A 44 6.10 -12.85 10.26
C ALA A 44 5.65 -13.70 11.44
N LEU A 45 4.78 -13.12 12.28
CA LEU A 45 4.20 -13.80 13.45
C LEU A 45 2.84 -14.36 13.03
N MET A 46 2.68 -15.68 13.12
CA MET A 46 1.43 -16.34 12.74
C MET A 46 0.83 -17.01 13.98
N PHE A 47 -0.45 -16.80 14.22
CA PHE A 47 -1.14 -17.39 15.36
C PHE A 47 -2.20 -18.39 14.93
N LYS A 48 -2.07 -19.60 15.45
CA LYS A 48 -3.01 -20.68 15.14
C LYS A 48 -4.34 -20.34 15.81
N PRO A 49 -5.45 -20.78 15.21
CA PRO A 49 -6.76 -20.42 15.77
C PRO A 49 -6.85 -20.91 17.20
N GLY A 50 -7.50 -20.08 18.01
CA GLY A 50 -7.55 -20.22 19.44
C GLY A 50 -7.74 -18.88 20.12
N THR A 51 -7.80 -18.88 21.44
CA THR A 51 -7.92 -17.65 22.20
C THR A 51 -6.66 -17.42 23.03
N TYR A 52 -6.17 -16.18 23.00
CA TYR A 52 -4.96 -15.74 23.71
C TYR A 52 -5.19 -14.58 24.72
N ASN A 53 -4.78 -14.76 25.97
CA ASN A 53 -4.95 -13.73 26.99
C ASN A 53 -3.74 -12.81 27.25
N ASP A 54 -4.00 -11.72 27.98
CA ASP A 54 -2.96 -10.82 28.56
C ASP A 54 -1.78 -10.43 27.63
N ILE A 55 -2.09 -10.11 26.36
CA ILE A 55 -1.07 -9.84 25.31
C ILE A 55 -1.08 -8.44 24.75
N ASN A 56 0.09 -7.80 24.86
CA ASN A 56 0.42 -6.54 24.21
C ASN A 56 1.39 -6.93 23.05
N ALA A 57 0.85 -7.02 21.84
CA ALA A 57 1.61 -7.46 20.67
C ALA A 57 2.06 -6.19 19.93
N GLN A 58 3.23 -5.72 20.29
CA GLN A 58 3.75 -4.46 19.76
C GLN A 58 4.55 -4.72 18.46
N ILE A 59 4.13 -4.07 17.38
CA ILE A 59 4.59 -4.38 16.01
C ILE A 59 5.54 -3.31 15.52
N GLY A 60 6.78 -3.70 15.22
CA GLY A 60 7.80 -2.78 14.72
C GLY A 60 8.01 -2.88 13.23
N PHE A 61 9.16 -2.40 12.74
CA PHE A 61 9.43 -2.44 11.31
C PHE A 61 9.57 -3.86 10.79
N TYR A 62 9.09 -4.06 9.55
CA TYR A 62 9.19 -5.30 8.80
C TYR A 62 8.67 -6.49 9.58
N THR A 63 7.54 -6.29 10.22
CA THR A 63 6.89 -7.32 11.00
C THR A 63 5.45 -7.39 10.55
N SER A 64 5.04 -8.62 10.26
CA SER A 64 3.67 -8.95 9.85
C SER A 64 3.06 -9.83 10.96
N ILE A 65 1.81 -9.57 11.28
CA ILE A 65 1.10 -10.39 12.23
C ILE A 65 -0.24 -10.81 11.63
N ALA A 66 -0.57 -12.08 11.84
CA ALA A 66 -1.73 -12.68 11.22
C ALA A 66 -2.24 -13.90 11.99
N GLY A 67 -3.55 -14.08 11.96
CA GLY A 67 -4.18 -15.31 12.35
C GLY A 67 -4.03 -16.31 11.22
N LEU A 68 -3.92 -17.59 11.60
CA LEU A 68 -3.81 -18.66 10.66
C LEU A 68 -5.17 -19.32 10.60
N GLY A 69 -6.19 -18.52 10.88
CA GLY A 69 -7.56 -19.02 10.87
C GLY A 69 -8.32 -18.61 9.62
N LEU A 70 -9.44 -19.25 9.32
CA LEU A 70 -10.09 -18.98 8.03
C LEU A 70 -10.83 -17.66 8.07
N ASN A 71 -11.46 -17.47 9.20
CA ASN A 71 -12.20 -16.29 9.48
C ASN A 71 -11.61 -15.58 10.68
N PRO A 72 -11.75 -14.24 10.72
CA PRO A 72 -11.00 -13.43 11.67
C PRO A 72 -11.26 -13.91 13.10
N ASP A 73 -12.49 -14.24 13.41
CA ASP A 73 -12.86 -14.65 14.77
C ASP A 73 -12.35 -16.05 15.17
N ASP A 74 -11.86 -16.80 14.20
CA ASP A 74 -11.15 -18.07 14.47
C ASP A 74 -9.93 -17.85 15.36
N THR A 75 -9.30 -16.68 15.28
CA THR A 75 -8.10 -16.41 16.05
C THR A 75 -8.24 -15.13 16.85
N THR A 76 -8.61 -15.32 18.11
CA THR A 76 -8.99 -14.18 18.96
C THR A 76 -7.96 -13.77 20.01
N PHE A 77 -7.71 -12.45 20.09
CA PHE A 77 -6.83 -11.85 21.10
C PHE A 77 -7.66 -11.08 22.13
N ASN A 78 -7.54 -11.47 23.38
CA ASN A 78 -8.02 -10.67 24.48
C ASN A 78 -6.84 -9.85 24.86
N GLY A 79 -6.60 -8.84 24.05
CA GLY A 79 -5.33 -8.17 24.00
C GLY A 79 -5.34 -7.28 22.77
N ASP A 80 -4.15 -6.85 22.41
CA ASP A 80 -3.99 -5.76 21.46
C ASP A 80 -2.93 -6.12 20.46
N VAL A 81 -3.11 -5.56 19.28
CA VAL A 81 -2.12 -5.57 18.22
C VAL A 81 -1.85 -4.05 17.97
N THR A 82 -0.71 -3.60 18.45
CA THR A 82 -0.48 -2.19 18.70
C THR A 82 0.72 -1.63 17.92
N VAL A 83 0.49 -0.49 17.27
CA VAL A 83 1.55 0.36 16.74
C VAL A 83 1.50 1.76 17.39
N ASP A 84 2.63 2.16 17.96
CA ASP A 84 2.79 3.49 18.54
C ASP A 84 4.07 4.15 18.02
N ALA A 85 4.29 5.39 18.44
CA ALA A 85 5.38 6.20 17.95
C ALA A 85 6.36 6.60 19.04
N GLY A 86 6.24 5.99 20.21
CA GLY A 86 7.19 6.23 21.28
C GLY A 86 8.65 6.33 20.82
N TRP A 87 9.12 5.36 20.01
CA TRP A 87 10.51 5.38 19.51
C TRP A 87 10.91 6.67 18.85
N PHE A 88 9.92 7.50 18.50
CA PHE A 88 10.20 8.75 17.82
C PHE A 88 9.49 9.95 18.39
N ASP A 89 9.47 10.09 19.72
CA ASP A 89 8.91 11.24 20.37
C ASP A 89 7.52 11.51 19.81
N GLY A 90 6.83 10.40 19.59
CA GLY A 90 5.46 10.39 19.12
C GLY A 90 5.17 10.91 17.72
N ASN A 91 6.18 11.08 16.87
CA ASN A 91 5.94 11.38 15.45
C ASN A 91 5.70 10.01 14.82
N ALA A 92 4.52 9.81 14.26
CA ALA A 92 4.13 8.52 13.66
C ALA A 92 4.46 8.41 12.17
N THR A 93 5.08 9.46 11.61
CA THR A 93 5.24 9.54 10.14
C THR A 93 6.42 8.76 9.55
N GLN A 94 7.11 7.96 10.37
CA GLN A 94 8.05 7.00 9.87
C GLN A 94 7.61 5.57 10.24
N ASN A 95 6.35 5.40 10.62
CA ASN A 95 5.86 4.06 10.99
C ASN A 95 5.38 3.27 9.76
N PHE A 96 6.34 2.69 9.06
CA PHE A 96 6.13 2.03 7.77
C PHE A 96 6.36 0.53 7.85
N TRP A 97 6.00 -0.15 6.75
CA TRP A 97 6.39 -1.53 6.42
C TRP A 97 6.06 -2.55 7.50
N ARG A 98 4.78 -2.67 7.79
CA ARG A 98 4.33 -3.64 8.75
C ARG A 98 2.85 -3.93 8.47
N SER A 99 2.30 -4.95 9.09
CA SER A 99 0.94 -5.34 8.69
C SER A 99 0.23 -6.24 9.69
N ALA A 100 -1.09 -6.14 9.72
CA ALA A 100 -1.93 -6.99 10.56
C ALA A 100 -3.06 -7.55 9.75
N GLU A 101 -3.34 -8.85 9.90
CA GLU A 101 -4.35 -9.48 9.10
C GLU A 101 -5.04 -10.65 9.83
N ASN A 102 -6.35 -10.80 9.60
CA ASN A 102 -7.10 -12.03 9.92
C ASN A 102 -7.03 -12.43 11.40
N LEU A 103 -7.27 -11.42 12.24
CA LEU A 103 -7.38 -11.56 13.70
C LEU A 103 -8.63 -10.86 14.24
N ALA A 104 -9.12 -11.38 15.38
CA ALA A 104 -10.14 -10.70 16.21
C ALA A 104 -9.54 -10.19 17.53
N LEU A 105 -9.63 -8.88 17.75
CA LEU A 105 -9.06 -8.25 18.93
C LEU A 105 -10.13 -7.75 19.89
N ASN A 106 -9.91 -8.05 21.17
CA ASN A 106 -10.75 -7.62 22.29
C ASN A 106 -9.81 -6.78 23.12
N PRO A 107 -9.63 -5.49 22.75
CA PRO A 107 -8.50 -4.66 23.21
C PRO A 107 -8.65 -4.40 24.69
N VAL A 108 -7.52 -4.50 25.40
CA VAL A 108 -7.54 -4.62 26.82
C VAL A 108 -8.26 -3.43 27.46
N ASN A 109 -8.08 -2.25 26.89
CA ASN A 109 -8.77 -1.07 27.43
C ASN A 109 -10.01 -0.64 26.67
N GLY A 110 -10.49 -1.48 25.74
CA GLY A 110 -11.63 -1.12 24.91
C GLY A 110 -11.31 -0.54 23.54
N THR A 111 -10.06 -0.11 23.34
CA THR A 111 -9.65 0.51 22.07
C THR A 111 -8.24 0.11 21.66
N ASN A 112 -8.10 -0.42 20.45
CA ASN A 112 -6.83 -0.82 19.91
C ASN A 112 -6.15 0.37 19.17
N ARG A 113 -4.86 0.54 19.40
CA ARG A 113 -4.10 1.60 18.70
C ARG A 113 -3.17 1.10 17.59
N TRP A 114 -3.45 1.54 16.35
CA TRP A 114 -2.69 1.16 15.14
C TRP A 114 -2.16 2.46 14.50
N ALA A 115 -1.21 3.11 15.16
CA ALA A 115 -0.81 4.45 14.79
C ALA A 115 0.29 4.40 13.72
N VAL A 116 -0.15 4.15 12.51
CA VAL A 116 0.76 3.90 11.41
C VAL A 116 0.76 5.06 10.37
N SER A 117 1.80 5.06 9.56
CA SER A 117 1.78 5.84 8.35
C SER A 117 1.74 4.87 7.17
N GLN A 118 2.44 5.15 6.07
CA GLN A 118 2.30 4.38 4.83
C GLN A 118 2.79 2.90 4.88
N ALA A 119 2.24 2.09 4.00
CA ALA A 119 2.62 0.69 3.83
C ALA A 119 2.45 -0.09 5.15
N ALA A 120 1.29 0.10 5.75
CA ALA A 120 0.99 -0.52 7.04
C ALA A 120 -0.46 -1.01 7.05
N PRO A 121 -0.79 -1.94 6.15
CA PRO A 121 -2.19 -2.34 5.97
C PRO A 121 -2.75 -3.17 7.14
N PHE A 122 -4.06 -3.03 7.27
CA PHE A 122 -4.88 -3.59 8.32
C PHE A 122 -6.04 -4.24 7.57
N ARG A 123 -5.95 -5.57 7.41
CA ARG A 123 -6.90 -6.29 6.56
C ARG A 123 -7.56 -7.44 7.30
N ARG A 124 -8.84 -7.72 6.98
CA ARG A 124 -9.46 -8.98 7.40
C ARG A 124 -9.46 -9.02 8.94
N MET A 125 -9.62 -7.84 9.55
CA MET A 125 -9.61 -7.67 11.01
C MET A 125 -11.00 -7.43 11.62
N HIS A 126 -11.19 -8.01 12.80
CA HIS A 126 -12.38 -7.74 13.63
C HIS A 126 -11.97 -7.14 14.99
N VAL A 127 -12.28 -5.87 15.17
CA VAL A 127 -11.95 -5.18 16.41
C VAL A 127 -13.23 -5.02 17.19
N LYS A 128 -13.29 -5.70 18.32
CA LYS A 128 -14.47 -5.57 19.17
C LYS A 128 -14.27 -4.47 20.20
N GLY A 129 -14.08 -3.26 19.68
CA GLY A 129 -14.11 -2.09 20.49
C GLY A 129 -13.74 -1.00 19.52
N GLY A 130 -13.06 -0.01 20.03
CA GLY A 130 -12.56 1.11 19.26
C GLY A 130 -11.22 0.88 18.59
N LEU A 131 -10.96 1.72 17.59
CA LEU A 131 -9.71 1.68 16.86
C LEU A 131 -9.16 3.12 16.77
N ASN A 132 -8.06 3.33 17.46
CA ASN A 132 -7.34 4.62 17.50
C ASN A 132 -6.27 4.53 16.45
N LEU A 133 -6.20 5.50 15.54
CA LEU A 133 -5.18 5.51 14.48
C LEU A 133 -4.04 6.52 14.72
N ALA A 134 -4.13 7.20 15.86
CA ALA A 134 -3.16 8.24 16.19
C ALA A 134 -2.22 7.83 17.32
N PRO A 135 -0.97 8.32 17.27
CA PRO A 135 0.03 8.02 18.28
C PRO A 135 -0.38 8.60 19.64
N ASP A 136 0.14 8.03 20.71
CA ASP A 136 -0.22 8.53 22.03
C ASP A 136 0.25 10.01 22.05
N GLY A 137 -0.67 10.92 22.39
CA GLY A 137 -0.47 12.37 22.35
C GLY A 137 -1.03 13.05 21.09
N TYR A 138 -1.39 12.23 20.10
CA TYR A 138 -1.85 12.75 18.80
C TYR A 138 -0.84 13.69 18.09
N GLY A 139 0.42 13.27 18.04
CA GLY A 139 1.35 13.93 17.15
C GLY A 139 1.11 13.55 15.68
N TRP A 140 2.12 13.79 14.87
CA TRP A 140 1.98 13.70 13.45
C TRP A 140 1.84 12.25 12.93
N ALA A 141 0.91 12.06 12.00
CA ALA A 141 0.70 10.75 11.38
C ALA A 141 0.14 10.89 9.95
N SER A 142 0.52 9.95 9.08
CA SER A 142 0.20 10.04 7.68
C SER A 142 -0.17 8.68 7.06
N GLY A 143 -1.19 8.01 7.61
CA GLY A 143 -1.68 6.73 7.09
C GLY A 143 -2.51 6.92 5.82
N GLY A 144 -3.21 5.88 5.36
CA GLY A 144 -3.36 4.61 6.04
C GLY A 144 -4.42 3.81 5.28
N TYR A 145 -4.56 2.54 5.63
CA TYR A 145 -5.32 1.60 4.82
C TYR A 145 -5.96 0.50 5.63
N ILE A 146 -7.28 0.49 5.54
CA ILE A 146 -8.12 -0.57 6.15
C ILE A 146 -9.01 -1.17 5.08
N ALA A 147 -9.02 -2.50 5.02
CA ALA A 147 -9.89 -3.24 4.10
C ALA A 147 -10.46 -4.48 4.72
N ASP A 148 -11.67 -4.80 4.29
CA ASP A 148 -12.30 -6.06 4.67
C ASP A 148 -12.32 -6.29 6.17
N SER A 149 -12.52 -5.19 6.88
CA SER A 149 -12.49 -5.20 8.34
C SER A 149 -13.81 -4.82 8.99
N LYS A 150 -14.02 -5.34 10.19
CA LYS A 150 -15.15 -4.90 11.01
C LYS A 150 -14.57 -4.27 12.26
N ILE A 151 -15.01 -3.06 12.54
CA ILE A 151 -14.66 -2.36 13.77
C ILE A 151 -16.01 -2.08 14.46
N ASP A 152 -16.30 -2.80 15.53
CA ASP A 152 -17.61 -2.67 16.17
C ASP A 152 -17.81 -1.29 16.76
N GLY A 153 -16.73 -0.65 17.17
CA GLY A 153 -16.80 0.64 17.80
C GLY A 153 -16.49 1.70 16.78
N GLU A 154 -16.04 2.85 17.27
CA GLU A 154 -15.69 3.93 16.39
C GLU A 154 -14.20 3.94 16.04
N VAL A 155 -13.90 4.34 14.81
CA VAL A 155 -12.54 4.59 14.38
C VAL A 155 -12.25 6.09 14.59
N GLY A 156 -11.12 6.37 15.24
CA GLY A 156 -10.70 7.74 15.50
C GLY A 156 -9.36 8.06 14.92
N PRO A 157 -9.34 8.82 13.80
CA PRO A 157 -8.08 9.18 13.18
C PRO A 157 -7.36 10.23 13.99
N TYR A 158 -8.13 11.09 14.66
CA TYR A 158 -7.58 12.25 15.39
C TYR A 158 -6.66 13.07 14.45
N SER A 159 -5.36 12.98 14.64
CA SER A 159 -4.37 13.72 13.86
C SER A 159 -3.99 13.12 12.49
N GLN A 160 -4.42 11.90 12.18
CA GLN A 160 -4.14 11.38 10.83
C GLN A 160 -4.53 12.33 9.72
N GLN A 161 -3.58 12.64 8.84
CA GLN A 161 -3.87 13.56 7.76
C GLN A 161 -4.96 13.04 6.82
N GLN A 162 -4.83 11.78 6.48
CA GLN A 162 -5.67 11.20 5.46
C GLN A 162 -5.84 9.70 5.75
N TRP A 163 -6.82 9.08 5.10
CA TRP A 163 -7.07 7.65 5.32
C TRP A 163 -7.93 7.08 4.19
N TYR A 164 -7.67 5.80 3.87
CA TYR A 164 -8.56 5.05 3.00
C TYR A 164 -9.09 3.79 3.67
N THR A 165 -10.41 3.67 3.61
CA THR A 165 -11.12 2.48 4.10
C THR A 165 -12.00 1.93 2.99
N ARG A 166 -11.93 0.61 2.79
CA ARG A 166 -12.82 -0.06 1.83
C ARG A 166 -13.44 -1.35 2.34
N ASP A 167 -14.69 -1.55 1.87
CA ASP A 167 -15.37 -2.82 2.01
C ASP A 167 -15.29 -3.33 3.46
N SER A 168 -15.85 -2.51 4.33
CA SER A 168 -15.70 -2.69 5.78
C SER A 168 -16.95 -2.28 6.52
N SER A 169 -16.90 -2.47 7.84
CA SER A 169 -18.05 -2.21 8.74
C SER A 169 -17.53 -1.48 10.01
N VAL A 170 -17.85 -0.20 10.12
CA VAL A 170 -17.50 0.57 11.33
C VAL A 170 -18.72 1.04 12.18
N GLY A 171 -18.55 1.02 13.49
CA GLY A 171 -19.59 1.50 14.40
C GLY A 171 -19.78 3.01 14.44
N GLY A 172 -18.91 3.72 13.71
CA GLY A 172 -18.87 5.18 13.74
C GLY A 172 -17.52 5.66 13.18
N TRP A 173 -17.43 6.96 12.91
CA TRP A 173 -16.19 7.57 12.43
C TRP A 173 -16.03 8.85 13.19
N GLY A 174 -14.81 9.13 13.61
CA GLY A 174 -14.58 10.13 14.65
C GLY A 174 -14.32 11.52 14.09
N ASN A 175 -13.61 11.57 12.98
CA ASN A 175 -13.27 12.88 12.42
C ASN A 175 -12.49 12.75 11.12
N GLY A 176 -12.41 13.86 10.40
CA GLY A 176 -11.53 14.00 9.27
C GLY A 176 -10.58 15.18 9.41
N VAL A 177 -9.45 15.13 8.70
CA VAL A 177 -8.45 16.19 8.69
C VAL A 177 -8.32 16.82 7.30
N TRP A 178 -7.52 16.19 6.44
CA TRP A 178 -7.42 16.61 5.05
C TRP A 178 -8.20 15.71 4.04
N ASN A 179 -8.18 14.37 4.22
CA ASN A 179 -8.78 13.48 3.22
C ASN A 179 -9.05 12.05 3.72
N MET A 180 -10.28 11.82 4.14
CA MET A 180 -10.69 10.50 4.60
C MET A 180 -11.64 10.05 3.53
N THR A 181 -11.23 9.00 2.82
CA THR A 181 -12.04 8.44 1.75
C THR A 181 -12.50 7.02 2.12
N PHE A 182 -13.75 6.77 1.79
CA PHE A 182 -14.44 5.49 2.05
C PHE A 182 -15.05 4.93 0.76
N SER A 183 -14.88 3.63 0.50
CA SER A 183 -15.72 2.98 -0.52
C SER A 183 -16.24 1.62 -0.02
N GLY A 184 -17.56 1.43 -0.12
CA GLY A 184 -18.17 0.23 0.40
C GLY A 184 -18.05 0.04 1.90
N VAL A 185 -18.10 1.13 2.63
CA VAL A 185 -17.93 1.06 4.07
C VAL A 185 -19.26 1.31 4.80
N GLU A 186 -19.79 0.26 5.41
CA GLU A 186 -21.03 0.37 6.18
C GLU A 186 -20.70 1.17 7.45
N GLY A 187 -21.50 2.18 7.71
CA GLY A 187 -21.24 3.07 8.83
C GLY A 187 -20.29 4.21 8.47
N ALA A 188 -19.89 4.32 7.20
CA ALA A 188 -19.16 5.53 6.82
C ALA A 188 -20.12 6.71 6.96
N PRO A 189 -19.60 7.83 7.43
CA PRO A 189 -20.42 9.05 7.43
C PRO A 189 -20.81 9.49 6.02
N ALA A 190 -21.71 10.46 5.90
CA ALA A 190 -22.10 11.00 4.60
C ALA A 190 -20.95 11.64 3.83
N GLN A 191 -20.98 11.47 2.52
CA GLN A 191 -20.23 12.34 1.62
C GLN A 191 -20.45 13.80 2.02
N SER A 192 -19.37 14.51 2.31
CA SER A 192 -19.46 15.88 2.85
C SER A 192 -18.30 16.82 2.51
N PHE A 193 -17.32 16.32 1.74
CA PHE A 193 -16.06 17.04 1.54
C PHE A 193 -16.34 18.46 1.08
N PRO A 194 -15.53 19.44 1.53
CA PRO A 194 -14.31 19.45 2.38
C PRO A 194 -14.62 19.48 3.89
N GLU A 195 -15.84 19.81 4.26
CA GLU A 195 -16.04 20.02 5.67
C GLU A 195 -17.17 19.19 6.30
N PRO A 196 -16.76 18.17 7.08
CA PRO A 196 -15.48 17.46 7.09
C PRO A 196 -15.08 16.90 5.73
N PRO A 197 -13.79 16.59 5.58
CA PRO A 197 -13.30 16.19 4.27
C PRO A 197 -13.56 14.71 4.06
N TYR A 198 -14.83 14.36 3.98
CA TYR A 198 -15.26 12.99 3.81
C TYR A 198 -15.64 12.79 2.34
N THR A 199 -14.93 11.88 1.69
CA THR A 199 -15.24 11.43 0.35
C THR A 199 -15.83 10.03 0.46
N THR A 200 -17.12 9.90 0.14
CA THR A 200 -17.84 8.66 0.50
C THR A 200 -18.56 8.05 -0.67
N LEU A 201 -18.05 6.89 -1.10
CA LEU A 201 -18.61 6.09 -2.18
C LEU A 201 -19.35 4.84 -1.64
N GLU A 202 -20.50 4.52 -2.22
CA GLU A 202 -21.33 3.51 -1.62
C GLU A 202 -20.74 2.14 -1.80
N THR A 203 -20.14 1.92 -2.96
CA THR A 203 -19.48 0.68 -3.25
C THR A 203 -18.11 0.84 -3.90
N THR A 204 -17.27 -0.17 -3.71
CA THR A 204 -16.04 -0.28 -4.50
C THR A 204 -16.36 -0.90 -5.84
N PRO A 205 -15.94 -0.27 -6.94
CA PRO A 205 -16.24 -0.75 -8.31
C PRO A 205 -15.95 -2.23 -8.49
N VAL A 206 -14.71 -2.63 -8.17
CA VAL A 206 -14.42 -4.03 -7.99
C VAL A 206 -13.29 -4.17 -6.95
N SER A 207 -13.34 -5.28 -6.26
CA SER A 207 -12.40 -5.59 -5.22
C SER A 207 -12.18 -7.09 -5.18
N ARG A 208 -10.99 -7.49 -4.74
CA ARG A 208 -10.70 -8.89 -4.56
C ARG A 208 -9.70 -9.07 -3.46
N GLU A 209 -10.18 -9.60 -2.33
CA GLU A 209 -9.41 -9.59 -1.09
C GLU A 209 -8.08 -10.34 -1.24
N LYS A 210 -7.07 -9.88 -0.50
CA LYS A 210 -5.71 -10.43 -0.62
C LYS A 210 -5.64 -11.87 -0.11
N PRO A 211 -4.94 -12.76 -0.87
CA PRO A 211 -4.82 -14.15 -0.41
C PRO A 211 -4.07 -14.19 0.90
N PHE A 212 -4.36 -15.16 1.76
CA PHE A 212 -3.65 -15.28 3.03
C PHE A 212 -3.41 -16.77 3.38
N LEU A 213 -2.30 -17.02 4.08
CA LEU A 213 -1.96 -18.33 4.59
C LEU A 213 -2.91 -18.71 5.75
N TYR A 214 -3.29 -19.97 5.81
CA TYR A 214 -4.13 -20.44 6.92
C TYR A 214 -4.11 -21.94 7.00
N LEU A 215 -4.72 -22.48 8.06
CA LEU A 215 -4.79 -23.94 8.23
C LEU A 215 -6.14 -24.56 7.93
N ASP A 216 -6.08 -25.72 7.27
CA ASP A 216 -7.14 -26.71 7.24
C ASP A 216 -6.88 -27.68 8.37
N GLY A 217 -7.42 -27.31 9.54
CA GLY A 217 -7.07 -27.92 10.81
C GLY A 217 -5.57 -27.89 11.07
N ASP A 218 -4.91 -28.93 10.59
CA ASP A 218 -3.47 -28.99 10.73
C ASP A 218 -2.61 -28.79 9.48
N ASP A 219 -3.22 -28.63 8.29
CA ASP A 219 -2.45 -28.45 7.05
C ASP A 219 -2.36 -26.98 6.59
N TYR A 220 -1.14 -26.47 6.47
CA TYR A 220 -0.94 -25.10 5.94
C TYR A 220 -1.34 -24.94 4.48
N LYS A 221 -2.11 -23.90 4.20
CA LYS A 221 -2.62 -23.64 2.85
C LYS A 221 -2.82 -22.12 2.63
N VAL A 222 -3.07 -21.70 1.39
CA VAL A 222 -3.37 -20.29 1.09
C VAL A 222 -4.80 -20.18 0.53
N PHE A 223 -5.60 -19.28 1.14
CA PHE A 223 -6.98 -19.02 0.72
C PHE A 223 -6.97 -17.88 -0.28
N VAL A 224 -7.86 -17.93 -1.26
CA VAL A 224 -7.81 -17.02 -2.42
C VAL A 224 -9.25 -16.56 -2.75
N PRO A 225 -9.69 -15.47 -2.13
CA PRO A 225 -11.05 -14.96 -2.38
C PRO A 225 -11.30 -14.64 -3.85
N ALA A 226 -12.47 -15.01 -4.36
CA ALA A 226 -12.94 -14.45 -5.62
C ALA A 226 -13.43 -12.98 -5.49
N LYS A 227 -13.65 -12.34 -6.64
CA LYS A 227 -13.82 -10.91 -6.69
C LYS A 227 -15.28 -10.50 -6.46
N ARG A 228 -15.42 -9.27 -6.01
CA ARG A 228 -16.70 -8.64 -5.80
C ARG A 228 -16.88 -7.43 -6.71
N THR A 229 -17.94 -7.42 -7.52
CA THR A 229 -18.42 -6.15 -8.10
C THR A 229 -19.39 -5.39 -7.15
N ASN A 230 -19.30 -4.07 -7.21
CA ASN A 230 -19.98 -3.15 -6.26
C ASN A 230 -19.97 -3.65 -4.82
N ALA A 231 -18.75 -3.80 -4.33
CA ALA A 231 -18.46 -4.37 -3.06
C ALA A 231 -18.81 -3.43 -1.91
N ARG A 232 -19.42 -4.03 -0.89
CA ARG A 232 -19.77 -3.26 0.30
C ARG A 232 -19.77 -4.19 1.48
N GLY A 233 -19.28 -3.69 2.61
CA GLY A 233 -19.14 -4.52 3.81
C GLY A 233 -18.03 -5.55 3.64
N THR A 234 -17.83 -6.37 4.68
CA THR A 234 -16.78 -7.37 4.65
C THR A 234 -17.20 -8.58 3.80
N SER A 235 -16.22 -9.41 3.48
CA SER A 235 -16.38 -10.55 2.60
C SER A 235 -16.69 -11.81 3.42
N TRP A 236 -16.65 -11.66 4.73
CA TRP A 236 -16.54 -12.78 5.65
C TRP A 236 -17.52 -12.67 6.82
N GLY A 237 -18.11 -11.49 7.00
CA GLY A 237 -19.07 -11.33 8.09
C GLY A 237 -20.38 -12.10 7.89
N ASN A 238 -20.52 -12.80 6.74
CA ASN A 238 -21.72 -13.62 6.41
C ASN A 238 -21.44 -15.12 6.36
N GLY A 239 -20.13 -15.43 6.35
CA GLY A 239 -19.67 -16.81 6.49
C GLY A 239 -19.01 -17.60 5.36
N THR A 240 -19.76 -18.14 4.40
CA THR A 240 -19.11 -18.87 3.32
C THR A 240 -18.46 -17.97 2.25
N PRO A 241 -17.18 -17.59 2.46
CA PRO A 241 -16.63 -16.66 1.46
C PRO A 241 -16.36 -17.40 0.17
N GLU A 242 -16.80 -16.88 -0.98
CA GLU A 242 -16.43 -17.43 -2.28
C GLU A 242 -14.90 -17.38 -2.40
N GLY A 243 -14.28 -18.48 -2.85
CA GLY A 243 -12.82 -18.60 -2.80
C GLY A 243 -12.14 -19.94 -3.03
N GLU A 244 -10.89 -19.88 -3.50
CA GLU A 244 -10.14 -21.08 -3.83
C GLU A 244 -9.12 -21.29 -2.72
N SER A 245 -8.98 -22.53 -2.22
CA SER A 245 -7.80 -22.81 -1.39
C SER A 245 -6.80 -23.65 -2.17
N LEU A 246 -5.53 -23.46 -1.85
CA LEU A 246 -4.45 -24.06 -2.59
C LEU A 246 -3.34 -24.59 -1.65
N PRO A 247 -3.03 -25.90 -1.72
CA PRO A 247 -2.10 -26.55 -0.79
C PRO A 247 -0.70 -25.95 -0.80
N LEU A 248 -0.05 -25.97 0.36
CA LEU A 248 1.22 -25.33 0.49
C LEU A 248 2.21 -26.09 -0.35
N ASP A 249 1.82 -27.32 -0.69
CA ASP A 249 2.56 -28.15 -1.62
C ASP A 249 2.50 -27.66 -3.10
N GLN A 250 1.53 -26.83 -3.46
CA GLN A 250 1.50 -26.26 -4.81
C GLN A 250 2.15 -24.85 -4.85
N PHE A 251 2.84 -24.51 -3.77
CA PHE A 251 3.61 -23.27 -3.66
C PHE A 251 5.07 -23.62 -3.56
N TYR A 252 5.93 -22.91 -4.29
CA TYR A 252 7.37 -22.97 -4.03
C TYR A 252 7.73 -21.89 -3.00
N VAL A 253 8.49 -22.36 -2.01
CA VAL A 253 8.80 -21.63 -0.84
C VAL A 253 10.18 -21.04 -1.01
N VAL A 254 10.17 -19.73 -1.19
CA VAL A 254 11.37 -18.99 -1.52
C VAL A 254 12.04 -18.60 -0.20
N LYS A 255 13.30 -19.00 -0.05
CA LYS A 255 14.21 -18.49 0.98
C LYS A 255 15.47 -17.92 0.31
N PRO A 256 16.18 -16.95 0.95
CA PRO A 256 17.40 -16.36 0.33
C PRO A 256 18.31 -17.37 -0.39
N GLY A 257 19.05 -16.92 -1.40
CA GLY A 257 19.78 -17.81 -2.29
C GLY A 257 18.95 -18.46 -3.41
N ALA A 258 17.63 -18.24 -3.41
CA ALA A 258 16.81 -18.71 -4.52
C ALA A 258 16.95 -17.78 -5.73
N THR A 259 17.82 -18.15 -6.65
CA THR A 259 18.08 -17.32 -7.81
C THR A 259 16.72 -17.04 -8.47
N ALA A 260 16.63 -15.98 -9.25
CA ALA A 260 15.40 -15.73 -9.98
C ALA A 260 15.18 -16.80 -11.08
N GLU A 261 16.26 -17.45 -11.56
CA GLU A 261 16.12 -18.54 -12.57
C GLU A 261 15.27 -19.68 -12.01
N THR A 262 15.37 -19.96 -10.72
CA THR A 262 14.64 -21.09 -10.14
C THR A 262 13.16 -20.76 -9.93
N ILE A 263 12.92 -19.54 -9.51
CA ILE A 263 11.58 -19.06 -9.20
C ILE A 263 10.74 -19.05 -10.48
N ASN A 264 11.29 -18.47 -11.54
CA ASN A 264 10.72 -18.53 -12.88
C ASN A 264 10.49 -19.99 -13.33
N ALA A 265 11.43 -20.86 -13.04
CA ALA A 265 11.26 -22.28 -13.38
C ALA A 265 10.15 -22.89 -12.53
N ALA A 266 10.07 -22.49 -11.25
CA ALA A 266 9.00 -22.97 -10.41
C ALA A 266 7.67 -22.60 -11.04
N VAL A 267 7.54 -21.33 -11.46
CA VAL A 267 6.26 -20.85 -12.02
C VAL A 267 5.92 -21.64 -13.29
N ASP A 268 6.97 -21.96 -14.06
CA ASP A 268 6.76 -22.63 -15.33
C ASP A 268 6.20 -24.02 -15.17
N GLN A 269 6.47 -24.59 -14.01
CA GLN A 269 6.23 -26.00 -13.74
C GLN A 269 4.97 -26.17 -12.84
N GLY A 270 4.20 -25.10 -12.69
CA GLY A 270 2.90 -25.19 -12.02
C GLY A 270 2.77 -24.44 -10.71
N LEU A 271 3.91 -24.21 -10.06
CA LEU A 271 3.93 -23.74 -8.70
C LEU A 271 3.63 -22.25 -8.56
N HIS A 272 2.91 -21.94 -7.50
CA HIS A 272 2.70 -20.58 -7.07
C HIS A 272 3.94 -20.26 -6.26
N LEU A 273 4.03 -19.02 -5.77
CA LEU A 273 5.24 -18.56 -5.10
C LEU A 273 4.88 -18.02 -3.73
N LEU A 274 5.59 -18.49 -2.71
CA LEU A 274 5.44 -17.96 -1.37
C LEU A 274 6.77 -17.49 -0.86
N PHE A 275 6.90 -16.17 -0.74
CA PHE A 275 8.15 -15.61 -0.28
C PHE A 275 8.20 -15.54 1.23
N THR A 276 9.06 -16.37 1.83
CA THR A 276 9.36 -16.29 3.24
C THR A 276 9.99 -14.92 3.56
N PRO A 277 9.87 -14.47 4.81
CA PRO A 277 10.38 -13.15 5.13
C PRO A 277 11.90 -13.10 5.01
N GLY A 278 12.38 -12.06 4.33
CA GLY A 278 13.81 -11.89 4.10
C GLY A 278 14.00 -11.01 2.87
N VAL A 279 15.25 -10.92 2.43
CA VAL A 279 15.65 -9.96 1.40
C VAL A 279 16.33 -10.71 0.26
N TYR A 280 15.73 -10.65 -0.93
CA TYR A 280 16.14 -11.44 -2.08
C TYR A 280 16.77 -10.59 -3.21
N HIS A 281 18.06 -10.75 -3.43
CA HIS A 281 18.69 -10.10 -4.59
C HIS A 281 18.40 -10.98 -5.77
N VAL A 282 18.12 -10.36 -6.93
CA VAL A 282 17.94 -11.13 -8.16
C VAL A 282 18.75 -10.52 -9.30
N ASP A 283 19.26 -11.42 -10.15
CA ASP A 283 20.20 -11.08 -11.19
C ASP A 283 19.44 -10.90 -12.48
N GLN A 284 18.28 -11.52 -12.53
CA GLN A 284 17.37 -11.33 -13.64
C GLN A 284 15.97 -11.10 -13.07
N PRO A 285 15.09 -10.50 -13.87
CA PRO A 285 13.72 -10.28 -13.43
C PRO A 285 12.96 -11.58 -13.14
N ILE A 286 12.16 -11.55 -12.08
CA ILE A 286 11.15 -12.56 -11.86
C ILE A 286 10.02 -12.38 -12.88
N GLU A 287 9.65 -13.46 -13.60
CA GLU A 287 8.67 -13.34 -14.69
C GLU A 287 7.51 -14.29 -14.36
N ILE A 288 6.31 -13.77 -14.41
CA ILE A 288 5.16 -14.59 -14.14
C ILE A 288 4.26 -14.61 -15.35
N ASP A 289 4.40 -15.66 -16.14
CA ASP A 289 3.59 -15.85 -17.35
C ASP A 289 2.68 -17.10 -17.30
N ARG A 290 2.18 -17.45 -16.11
CA ARG A 290 1.09 -18.43 -15.98
C ARG A 290 -0.17 -17.82 -15.33
N ALA A 291 -1.30 -17.96 -16.02
CA ALA A 291 -2.52 -17.40 -15.50
C ALA A 291 -2.80 -17.93 -14.09
N ASN A 292 -3.38 -17.08 -13.25
CA ASN A 292 -3.81 -17.42 -11.88
C ASN A 292 -2.68 -17.73 -10.87
N THR A 293 -1.44 -17.40 -11.22
CA THR A 293 -0.32 -17.56 -10.31
C THR A 293 -0.43 -16.63 -9.10
N VAL A 294 -0.37 -17.18 -7.90
CA VAL A 294 -0.20 -16.38 -6.67
C VAL A 294 1.25 -16.20 -6.36
N ALA A 295 1.63 -14.94 -6.15
CA ALA A 295 2.94 -14.59 -5.63
C ALA A 295 2.70 -13.81 -4.33
N LEU A 296 3.12 -14.38 -3.22
CA LEU A 296 2.65 -13.92 -1.93
C LEU A 296 3.85 -13.78 -1.02
N GLY A 297 3.98 -12.60 -0.41
CA GLY A 297 5.02 -12.36 0.58
C GLY A 297 4.57 -12.44 2.04
N LEU A 298 5.50 -12.90 2.87
CA LEU A 298 5.35 -12.91 4.33
C LEU A 298 6.43 -12.02 4.91
N GLY A 299 6.11 -11.39 6.03
CA GLY A 299 7.10 -10.62 6.79
C GLY A 299 7.80 -9.50 6.04
N LEU A 300 7.09 -8.87 5.10
CA LEU A 300 7.63 -7.78 4.26
C LEU A 300 8.86 -8.26 3.44
N ALA A 301 8.78 -9.51 2.99
CA ALA A 301 9.71 -10.07 2.03
C ALA A 301 10.02 -9.04 0.92
N THR A 302 11.30 -8.89 0.68
CA THR A 302 11.83 -7.84 -0.17
C THR A 302 12.69 -8.34 -1.34
N ILE A 303 12.44 -7.78 -2.53
CA ILE A 303 13.16 -8.10 -3.75
C ILE A 303 14.01 -6.89 -4.16
N ILE A 304 15.31 -7.12 -4.34
CA ILE A 304 16.25 -6.12 -4.86
C ILE A 304 16.85 -6.57 -6.21
N PRO A 305 16.60 -5.81 -7.29
CA PRO A 305 17.23 -6.15 -8.57
C PRO A 305 18.60 -5.47 -8.68
N ASP A 306 19.63 -6.29 -8.89
CA ASP A 306 20.99 -5.81 -9.19
C ASP A 306 21.21 -5.65 -10.70
N ASN A 307 22.34 -5.06 -11.11
CA ASN A 307 22.71 -4.99 -12.53
C ASN A 307 21.75 -4.12 -13.36
N GLY A 308 20.87 -3.39 -12.68
CA GLY A 308 19.87 -2.55 -13.34
C GLY A 308 18.70 -3.30 -13.99
N VAL A 309 18.52 -4.56 -13.61
CA VAL A 309 17.40 -5.29 -14.18
C VAL A 309 16.07 -4.88 -13.57
N THR A 310 15.01 -5.27 -14.23
CA THR A 310 13.68 -5.16 -13.68
C THR A 310 13.51 -6.27 -12.63
N ALA A 311 12.84 -5.98 -11.51
CA ALA A 311 12.63 -6.98 -10.49
C ALA A 311 11.54 -8.02 -10.81
N LEU A 312 10.42 -7.54 -11.37
CA LEU A 312 9.25 -8.38 -11.49
C LEU A 312 8.47 -7.97 -12.72
N LYS A 313 8.13 -8.96 -13.55
CA LYS A 313 7.22 -8.75 -14.64
C LYS A 313 6.16 -9.84 -14.68
N VAL A 314 4.94 -9.45 -15.00
CA VAL A 314 3.86 -10.40 -15.25
C VAL A 314 3.57 -10.30 -16.75
N GLY A 315 3.33 -11.46 -17.35
CA GLY A 315 3.07 -11.51 -18.78
C GLY A 315 1.61 -11.16 -18.96
N ASP A 316 1.10 -11.39 -20.16
CA ASP A 316 -0.22 -10.90 -20.52
C ASP A 316 -1.34 -11.91 -20.24
N VAL A 317 -1.38 -12.36 -19.00
CA VAL A 317 -2.28 -13.44 -18.59
C VAL A 317 -3.26 -12.96 -17.53
N ASP A 318 -4.37 -13.68 -17.44
CA ASP A 318 -5.42 -13.47 -16.46
C ASP A 318 -4.95 -13.80 -15.04
N GLY A 319 -5.50 -13.11 -14.05
CA GLY A 319 -5.62 -13.69 -12.74
C GLY A 319 -4.42 -13.74 -11.79
N VAL A 320 -3.30 -13.12 -12.15
CA VAL A 320 -2.10 -13.18 -11.29
C VAL A 320 -2.38 -12.31 -10.05
N LYS A 321 -1.93 -12.77 -8.89
CA LYS A 321 -2.19 -12.12 -7.61
C LYS A 321 -0.87 -11.98 -6.89
N VAL A 322 -0.33 -10.77 -7.00
CA VAL A 322 0.93 -10.39 -6.38
C VAL A 322 0.59 -9.61 -5.13
N ALA A 323 1.10 -10.08 -4.01
CA ALA A 323 0.91 -9.33 -2.75
C ALA A 323 1.93 -9.53 -1.65
N GLY A 324 2.09 -8.46 -0.88
CA GLY A 324 2.90 -8.48 0.31
C GLY A 324 4.37 -8.53 -0.01
N LEU A 325 4.81 -7.73 -0.99
CA LEU A 325 6.21 -7.63 -1.36
C LEU A 325 6.70 -6.18 -1.34
N LEU A 326 7.93 -6.00 -0.89
CA LEU A 326 8.61 -4.72 -1.02
C LEU A 326 9.60 -4.93 -2.15
N VAL A 327 9.62 -4.04 -3.13
CA VAL A 327 10.66 -4.03 -4.15
C VAL A 327 11.57 -2.82 -3.86
N ASP A 328 12.87 -3.08 -3.70
CA ASP A 328 13.82 -2.10 -3.18
C ASP A 328 14.88 -1.85 -4.25
N ALA A 329 15.01 -0.61 -4.72
CA ALA A 329 15.87 -0.33 -5.85
C ALA A 329 17.33 -0.62 -5.50
N GLY A 330 18.06 -1.18 -6.46
CA GLY A 330 19.52 -1.25 -6.38
C GLY A 330 20.17 0.07 -6.74
N PRO A 331 21.46 0.21 -6.37
CA PRO A 331 22.10 1.47 -6.71
C PRO A 331 22.38 1.63 -8.20
N VAL A 332 22.46 0.53 -8.95
CA VAL A 332 22.54 0.61 -10.42
C VAL A 332 21.15 0.86 -10.97
N ASN A 333 21.01 1.95 -11.74
CA ASN A 333 19.69 2.36 -12.19
C ASN A 333 18.99 1.22 -12.93
N SER A 334 17.80 0.88 -12.43
CA SER A 334 16.92 0.03 -13.22
C SER A 334 15.95 0.85 -14.04
N GLU A 335 15.84 0.52 -15.33
CA GLU A 335 14.87 1.15 -16.22
C GLU A 335 13.42 1.10 -15.71
N THR A 336 13.02 -0.07 -15.23
CA THR A 336 11.77 -0.20 -14.54
C THR A 336 11.95 -1.20 -13.39
N LEU A 337 11.15 -1.09 -12.33
CA LEU A 337 11.16 -2.04 -11.24
C LEU A 337 10.09 -3.15 -11.32
N VAL A 338 8.88 -2.78 -11.72
CA VAL A 338 7.78 -3.71 -11.83
C VAL A 338 7.06 -3.37 -13.15
N GLU A 339 6.84 -4.41 -13.94
CA GLU A 339 6.08 -4.26 -15.17
C GLU A 339 4.92 -5.25 -15.15
N VAL A 340 3.70 -4.74 -15.24
CA VAL A 340 2.52 -5.58 -15.29
C VAL A 340 1.99 -5.61 -16.71
N GLY A 341 2.24 -6.74 -17.41
CA GLY A 341 1.91 -6.87 -18.81
C GLY A 341 3.00 -6.33 -19.74
N SER A 342 3.01 -6.84 -20.96
CA SER A 342 3.98 -6.45 -21.96
C SER A 342 3.84 -5.00 -22.39
N ASP A 343 4.87 -4.44 -23.00
CA ASP A 343 4.74 -3.16 -23.67
C ASP A 343 3.71 -3.19 -24.77
N GLY A 344 2.72 -2.31 -24.70
CA GLY A 344 1.64 -2.39 -25.69
C GLY A 344 0.90 -3.72 -25.50
N ALA A 345 0.83 -4.18 -24.24
CA ALA A 345 -0.24 -5.13 -23.87
C ALA A 345 -1.52 -4.71 -24.55
N SER A 346 -2.37 -5.67 -24.88
CA SER A 346 -3.77 -5.35 -25.22
C SER A 346 -4.86 -6.42 -25.14
N GLY A 347 -4.75 -7.42 -24.31
CA GLY A 347 -5.98 -8.19 -24.04
C GLY A 347 -6.86 -7.53 -22.98
N ASP A 348 -8.08 -8.05 -22.80
CA ASP A 348 -9.01 -7.69 -21.73
C ASP A 348 -8.97 -8.79 -20.67
N HIS A 349 -8.90 -8.42 -19.39
CA HIS A 349 -8.86 -9.41 -18.31
C HIS A 349 -9.95 -9.11 -17.33
N ALA A 350 -11.11 -8.73 -17.86
CA ALA A 350 -12.17 -8.18 -17.04
C ALA A 350 -12.77 -9.22 -16.07
N ALA A 351 -12.98 -10.45 -16.56
CA ALA A 351 -13.55 -11.46 -15.69
C ALA A 351 -12.64 -11.75 -14.51
N ASN A 352 -11.35 -11.94 -14.79
CA ASN A 352 -10.36 -12.39 -13.83
C ASN A 352 -9.08 -11.56 -13.98
N PRO A 353 -9.10 -10.36 -13.38
CA PRO A 353 -7.94 -9.48 -13.60
C PRO A 353 -6.68 -9.92 -12.87
N THR A 354 -5.54 -9.31 -13.21
CA THR A 354 -4.36 -9.38 -12.36
C THR A 354 -4.41 -8.24 -11.35
N SER A 355 -3.87 -8.47 -10.16
CA SER A 355 -3.79 -7.40 -9.15
C SER A 355 -2.47 -7.39 -8.41
N LEU A 356 -2.12 -6.17 -7.99
CA LEU A 356 -1.04 -5.87 -7.05
C LEU A 356 -1.71 -5.45 -5.75
N GLN A 357 -1.40 -6.12 -4.65
CA GLN A 357 -1.92 -5.73 -3.33
C GLN A 357 -0.81 -5.67 -2.32
N ASP A 358 -0.72 -4.57 -1.56
CA ASP A 358 0.36 -4.38 -0.60
C ASP A 358 1.69 -4.63 -1.30
N VAL A 359 1.87 -4.00 -2.45
CA VAL A 359 3.12 -4.03 -3.13
C VAL A 359 3.69 -2.63 -2.93
N PHE A 360 4.88 -2.59 -2.33
CA PHE A 360 5.54 -1.34 -1.98
C PHE A 360 6.85 -1.22 -2.76
N VAL A 361 7.19 -0.02 -3.20
CA VAL A 361 8.45 0.19 -3.88
C VAL A 361 9.22 1.25 -3.09
N ARG A 362 10.52 1.03 -2.91
CA ARG A 362 11.40 2.00 -2.26
C ARG A 362 12.59 2.29 -3.18
N ILE A 363 12.93 3.57 -3.32
CA ILE A 363 14.13 3.95 -4.05
C ILE A 363 15.04 4.77 -3.15
N GLY A 364 16.12 4.16 -2.68
CA GLY A 364 17.04 4.80 -1.75
C GLY A 364 16.64 4.60 -0.28
N GLY A 365 17.49 5.08 0.62
CA GLY A 365 17.18 5.13 2.03
C GLY A 365 18.00 4.11 2.85
N ALA A 366 18.00 2.87 2.39
CA ALA A 366 18.86 1.87 2.99
C ALA A 366 20.14 1.84 2.19
N GLY A 367 20.66 3.03 1.90
CA GLY A 367 21.70 3.19 0.91
C GLY A 367 21.11 3.51 -0.45
N PRO A 368 21.98 3.71 -1.43
CA PRO A 368 21.54 4.29 -2.70
C PRO A 368 20.80 3.29 -3.57
N GLY A 369 19.62 3.70 -4.04
CA GLY A 369 18.95 3.06 -5.16
C GLY A 369 18.49 4.08 -6.22
N LYS A 370 18.30 3.61 -7.45
CA LYS A 370 17.85 4.40 -8.58
C LYS A 370 16.99 3.57 -9.52
N ALA A 371 15.92 4.17 -10.01
CA ALA A 371 15.08 3.58 -11.04
C ALA A 371 14.36 4.67 -11.81
N THR A 372 14.17 4.47 -13.12
CA THR A 372 13.60 5.52 -13.97
C THR A 372 12.07 5.59 -13.84
N THR A 373 11.41 4.43 -13.99
CA THR A 373 9.97 4.32 -13.86
C THR A 373 9.65 3.12 -12.96
N SER A 374 9.03 3.35 -11.80
CA SER A 374 8.94 2.31 -10.79
C SER A 374 7.99 1.18 -11.20
N ILE A 375 6.72 1.52 -11.46
CA ILE A 375 5.70 0.55 -11.82
C ILE A 375 5.05 0.97 -13.15
N VAL A 376 5.11 0.07 -14.13
CA VAL A 376 4.47 0.24 -15.41
C VAL A 376 3.30 -0.73 -15.44
N VAL A 377 2.06 -0.24 -15.49
CA VAL A 377 0.92 -1.14 -15.58
C VAL A 377 0.41 -1.07 -17.03
N ASN A 378 0.81 -2.08 -17.79
CA ASN A 378 0.39 -2.23 -19.19
C ASN A 378 -0.96 -2.89 -19.44
N SER A 379 -1.27 -3.92 -18.66
CA SER A 379 -2.48 -4.74 -18.93
C SER A 379 -3.80 -4.12 -18.52
N ASN A 380 -4.80 -4.34 -19.36
CA ASN A 380 -6.14 -3.85 -19.07
C ASN A 380 -6.74 -4.56 -17.86
N ASP A 381 -7.68 -3.87 -17.23
CA ASP A 381 -8.45 -4.41 -16.11
C ASP A 381 -7.67 -4.71 -14.81
N THR A 382 -6.42 -4.30 -14.77
CA THR A 382 -5.58 -4.56 -13.61
C THR A 382 -6.08 -3.78 -12.40
N ILE A 383 -6.03 -4.40 -11.23
CA ILE A 383 -6.37 -3.78 -9.95
C ILE A 383 -5.09 -3.50 -9.15
N ILE A 384 -4.97 -2.25 -8.70
CA ILE A 384 -3.90 -1.80 -7.84
C ILE A 384 -4.54 -1.44 -6.51
N ASP A 385 -4.57 -2.39 -5.57
CA ASP A 385 -5.27 -2.26 -4.28
C ASP A 385 -4.26 -2.19 -3.10
N HIS A 386 -3.89 -0.96 -2.72
CA HIS A 386 -2.85 -0.62 -1.75
C HIS A 386 -1.42 -0.78 -2.29
N THR A 387 -0.85 0.37 -2.61
CA THR A 387 0.55 0.44 -3.05
C THR A 387 1.13 1.70 -2.49
N TRP A 388 2.39 1.63 -2.07
CA TRP A 388 3.17 2.81 -1.70
C TRP A 388 4.42 2.74 -2.53
N VAL A 389 4.57 3.73 -3.40
CA VAL A 389 5.68 3.81 -4.32
C VAL A 389 6.44 5.08 -3.89
N TRP A 390 7.63 4.90 -3.33
CA TRP A 390 8.28 5.91 -2.48
C TRP A 390 9.76 6.11 -2.85
N ARG A 391 10.06 7.29 -3.39
CA ARG A 391 11.46 7.71 -3.55
C ARG A 391 11.86 8.23 -2.17
N ALA A 392 12.85 7.60 -1.56
CA ALA A 392 13.20 7.91 -0.18
C ALA A 392 13.53 9.39 -0.01
N ASP A 393 12.97 10.01 1.02
CA ASP A 393 13.27 11.40 1.35
C ASP A 393 14.20 11.52 2.53
N HIS A 394 14.45 10.42 3.25
CA HIS A 394 15.38 10.45 4.39
C HIS A 394 16.07 9.10 4.41
N GLY A 395 17.21 9.04 5.10
CA GLY A 395 17.96 7.82 5.23
C GLY A 395 19.27 7.91 4.47
N GLU A 396 19.73 6.78 3.95
CA GLU A 396 21.00 6.68 3.27
C GLU A 396 20.78 6.45 1.77
N GLY A 397 21.65 7.01 0.93
CA GLY A 397 21.47 6.99 -0.51
C GLY A 397 20.38 7.96 -1.01
N VAL A 398 20.31 9.15 -0.41
CA VAL A 398 19.22 10.08 -0.74
C VAL A 398 19.71 11.45 -1.25
N GLY A 399 18.94 12.09 -2.13
CA GLY A 399 19.36 13.34 -2.76
C GLY A 399 18.94 13.39 -4.22
N TRP A 400 18.81 14.62 -4.72
CA TRP A 400 18.32 14.93 -6.06
C TRP A 400 18.96 14.05 -7.15
N GLU A 401 20.26 13.85 -7.09
CA GLU A 401 20.89 12.98 -8.07
C GLU A 401 21.10 11.55 -7.45
N THR A 402 21.48 11.45 -6.19
CA THR A 402 21.90 10.17 -5.60
C THR A 402 20.82 9.05 -5.57
N ASN A 403 19.56 9.41 -5.34
CA ASN A 403 18.44 8.46 -5.58
C ASN A 403 17.41 9.03 -6.54
N ARG A 404 17.92 9.58 -7.63
CA ARG A 404 17.06 10.03 -8.70
C ARG A 404 16.11 8.90 -9.10
N ALA A 405 14.83 9.24 -9.15
CA ALA A 405 13.79 8.39 -9.68
C ALA A 405 12.76 9.28 -10.34
N ASP A 406 12.79 9.33 -11.66
CA ASP A 406 11.94 10.28 -12.34
C ASP A 406 10.44 10.01 -12.24
N TYR A 407 10.02 8.75 -12.47
CA TYR A 407 8.60 8.41 -12.60
C TYR A 407 8.19 7.30 -11.66
N GLY A 408 7.07 7.52 -10.99
CA GLY A 408 6.55 6.58 -10.01
C GLY A 408 5.79 5.48 -10.70
N VAL A 409 4.52 5.75 -11.00
CA VAL A 409 3.69 4.79 -11.71
C VAL A 409 3.23 5.39 -13.03
N HIS A 410 3.19 4.53 -14.05
CA HIS A 410 2.70 4.90 -15.35
C HIS A 410 1.67 3.85 -15.75
N VAL A 411 0.41 4.24 -15.77
CA VAL A 411 -0.66 3.31 -16.15
C VAL A 411 -0.97 3.47 -17.62
N LYS A 412 -0.63 2.45 -18.40
CA LYS A 412 -1.01 2.37 -19.81
C LYS A 412 -2.19 1.46 -20.18
N GLY A 413 -2.57 0.56 -19.29
CA GLY A 413 -3.72 -0.30 -19.55
C GLY A 413 -5.02 0.46 -19.45
N ASP A 414 -6.06 -0.11 -20.05
CA ASP A 414 -7.41 0.42 -20.02
C ASP A 414 -8.13 -0.23 -18.86
N ASN A 415 -9.13 0.47 -18.29
CA ASN A 415 -9.98 -0.10 -17.25
C ASN A 415 -9.20 -0.48 -15.98
N VAL A 416 -8.11 0.26 -15.74
CA VAL A 416 -7.27 0.02 -14.56
C VAL A 416 -7.89 0.76 -13.39
N LEU A 417 -7.98 0.06 -12.25
CA LEU A 417 -8.54 0.59 -11.01
C LEU A 417 -7.45 0.60 -9.92
N ALA A 418 -7.26 1.75 -9.28
CA ALA A 418 -6.35 1.88 -8.15
C ALA A 418 -7.16 2.29 -6.93
N THR A 419 -7.11 1.48 -5.88
CA THR A 419 -7.75 1.78 -4.61
C THR A 419 -6.69 1.83 -3.48
N GLY A 420 -6.53 3.01 -2.89
CA GLY A 420 -5.46 3.24 -1.92
C GLY A 420 -4.10 3.44 -2.59
N LEU A 421 -3.97 4.50 -3.38
CA LEU A 421 -2.76 4.76 -4.14
C LEU A 421 -1.89 5.81 -3.43
N PHE A 422 -0.70 5.43 -2.96
CA PHE A 422 0.22 6.33 -2.29
C PHE A 422 1.55 6.39 -3.08
N VAL A 423 1.91 7.58 -3.56
CA VAL A 423 3.11 7.74 -4.37
C VAL A 423 3.75 9.08 -4.08
N GLU A 424 5.06 9.08 -3.81
CA GLU A 424 5.74 10.26 -3.26
C GLU A 424 7.20 10.46 -3.69
N HIS A 425 7.51 11.73 -3.95
CA HIS A 425 8.85 12.31 -4.00
C HIS A 425 9.61 12.18 -5.33
N PHE A 426 8.95 11.71 -6.38
CA PHE A 426 9.62 11.51 -7.67
C PHE A 426 10.15 12.80 -8.30
N ASN A 427 11.24 12.68 -9.05
CA ASN A 427 11.85 13.89 -9.61
C ASN A 427 10.96 14.53 -10.69
N LYS A 428 10.13 13.70 -11.35
CA LYS A 428 9.19 14.16 -12.35
C LYS A 428 7.76 13.71 -11.96
N TYR A 429 6.96 13.20 -12.90
CA TYR A 429 5.59 12.79 -12.61
C TYR A 429 5.56 11.61 -11.67
N ASP A 430 4.92 11.82 -10.50
CA ASP A 430 4.76 10.71 -9.56
C ASP A 430 3.87 9.62 -10.19
N VAL A 431 2.70 10.05 -10.69
CA VAL A 431 1.78 9.23 -11.42
C VAL A 431 1.38 9.82 -12.77
N GLN A 432 1.46 8.97 -13.80
CA GLN A 432 1.01 9.31 -15.14
C GLN A 432 0.02 8.24 -15.60
N TRP A 433 -1.10 8.68 -16.16
CA TRP A 433 -2.16 7.81 -16.59
C TRP A 433 -2.48 8.09 -18.05
N SER A 434 -2.18 7.13 -18.90
CA SER A 434 -2.44 7.19 -20.33
C SER A 434 -3.49 6.24 -20.84
N GLY A 435 -3.70 5.14 -20.14
CA GLY A 435 -4.77 4.24 -20.52
C GLY A 435 -6.10 4.96 -20.49
N GLU A 436 -7.03 4.36 -21.21
CA GLU A 436 -8.40 4.77 -21.30
C GLU A 436 -9.15 4.20 -20.12
N ASN A 437 -9.99 5.03 -19.53
CA ASN A 437 -10.93 4.55 -18.55
C ASN A 437 -10.36 4.18 -17.19
N GLY A 438 -9.36 4.91 -16.73
CA GLY A 438 -8.81 4.70 -15.40
C GLY A 438 -9.73 5.21 -14.30
N LYS A 439 -9.61 4.59 -13.13
CA LYS A 439 -10.31 5.06 -11.94
C LYS A 439 -9.37 4.97 -10.72
N THR A 440 -9.29 6.05 -9.94
CA THR A 440 -8.50 6.07 -8.71
C THR A 440 -9.40 6.50 -7.54
N ILE A 441 -9.53 5.64 -6.55
CA ILE A 441 -10.20 5.94 -5.29
C ILE A 441 -9.15 6.02 -4.18
N PHE A 442 -8.99 7.24 -3.67
CA PHE A 442 -7.92 7.65 -2.76
C PHE A 442 -6.51 7.72 -3.39
N TYR A 443 -5.98 8.94 -3.33
CA TYR A 443 -4.59 9.23 -3.69
C TYR A 443 -3.90 10.11 -2.62
N GLN A 444 -2.71 9.69 -2.24
CA GLN A 444 -1.88 10.51 -1.38
C GLN A 444 -0.53 10.66 -2.03
N ASN A 445 -0.11 11.92 -2.20
CA ASN A 445 1.18 12.28 -2.74
C ASN A 445 1.87 13.33 -1.86
N ALA A 446 3.18 13.20 -1.77
CA ALA A 446 4.03 14.36 -1.42
C ALA A 446 5.06 14.54 -2.55
N LYS A 447 5.36 15.79 -2.91
CA LYS A 447 6.31 16.09 -3.96
C LYS A 447 7.73 15.94 -3.43
N ALA A 448 8.70 15.86 -4.35
CA ALA A 448 10.10 15.77 -3.96
C ALA A 448 10.44 16.95 -3.05
N TYR A 449 10.96 16.66 -1.85
CA TYR A 449 11.41 17.70 -0.93
C TYR A 449 12.66 18.42 -1.39
N ASP A 450 13.43 17.74 -2.23
CA ASP A 450 14.85 17.97 -2.32
C ASP A 450 15.26 18.66 -3.65
N ALA A 451 14.30 19.11 -4.44
CA ALA A 451 14.58 19.86 -5.67
C ALA A 451 15.44 21.06 -5.28
N PRO A 452 16.52 21.33 -6.03
CA PRO A 452 17.45 22.42 -5.61
C PRO A 452 17.01 23.79 -6.02
N ASP A 453 16.28 23.88 -7.11
CA ASP A 453 15.75 25.15 -7.59
C ASP A 453 14.65 25.00 -8.63
N GLN A 454 14.04 26.12 -8.96
CA GLN A 454 12.93 26.13 -9.89
C GLN A 454 13.29 25.50 -11.25
N ALA A 455 14.51 25.75 -11.74
CA ALA A 455 14.92 25.25 -13.04
C ALA A 455 14.90 23.71 -13.03
N ALA A 456 15.29 23.14 -11.90
CA ALA A 456 15.43 21.69 -11.82
C ALA A 456 14.11 20.94 -11.98
N ILE A 457 12.98 21.65 -11.92
CA ILE A 457 11.69 20.93 -12.03
C ILE A 457 10.80 21.47 -13.14
N GLN A 458 11.37 22.27 -14.01
CA GLN A 458 10.57 22.93 -15.06
C GLN A 458 9.96 21.94 -16.07
N ASN A 459 8.65 22.09 -16.36
CA ASN A 459 7.89 21.20 -17.27
C ASN A 459 7.29 21.99 -18.47
N GLY A 460 8.13 22.41 -19.43
CA GLY A 460 7.66 23.24 -20.54
C GLY A 460 7.25 24.68 -20.18
N ASP A 461 5.94 24.93 -20.06
CA ASP A 461 5.33 26.17 -19.53
C ASP A 461 4.82 25.98 -18.14
N ILE A 462 5.26 24.89 -17.53
CA ILE A 462 4.71 24.48 -16.30
C ILE A 462 5.84 24.37 -15.31
N LYS A 463 5.60 25.00 -14.15
CA LYS A 463 6.49 24.92 -13.03
C LYS A 463 6.14 23.61 -12.31
N GLY A 464 7.11 22.71 -12.24
CA GLY A 464 6.91 21.45 -11.56
C GLY A 464 6.26 20.44 -12.49
N TYR A 465 6.30 19.17 -12.06
CA TYR A 465 5.55 18.07 -12.66
C TYR A 465 4.36 17.67 -11.78
N ALA A 466 3.19 17.51 -12.40
CA ALA A 466 2.01 17.05 -11.65
C ALA A 466 2.35 15.82 -10.83
N ALA A 467 1.75 15.75 -9.64
CA ALA A 467 1.72 14.53 -8.86
C ALA A 467 0.92 13.44 -9.60
N TYR A 468 -0.05 13.89 -10.40
CA TYR A 468 -0.98 12.99 -11.08
C TYR A 468 -1.44 13.64 -12.35
N LYS A 469 -1.00 13.07 -13.50
CA LYS A 469 -1.29 13.55 -14.85
C LYS A 469 -2.04 12.50 -15.68
N VAL A 470 -3.09 12.97 -16.35
CA VAL A 470 -3.79 12.21 -17.38
C VAL A 470 -3.35 12.85 -18.70
N ASP A 471 -2.83 12.06 -19.67
CA ASP A 471 -2.46 12.63 -20.99
C ASP A 471 -3.72 13.24 -21.61
N ASP A 472 -3.55 14.30 -22.42
CA ASP A 472 -4.69 15.02 -22.96
C ASP A 472 -5.42 14.13 -24.03
N SER A 473 -4.69 13.25 -24.72
CA SER A 473 -5.30 12.37 -25.74
C SER A 473 -6.40 11.46 -25.20
N VAL A 474 -6.35 11.19 -23.90
CA VAL A 474 -7.31 10.32 -23.25
C VAL A 474 -8.74 10.89 -23.26
N THR A 475 -9.74 10.02 -23.16
CA THR A 475 -11.16 10.43 -23.29
C THR A 475 -11.95 10.24 -21.98
N THR A 476 -11.53 9.28 -21.19
CA THR A 476 -12.34 8.81 -20.05
C THR A 476 -11.48 8.52 -18.81
N HIS A 477 -11.79 9.17 -17.68
CA HIS A 477 -11.04 8.99 -16.44
C HIS A 477 -11.85 9.46 -15.24
N GLU A 478 -11.63 8.87 -14.06
CA GLU A 478 -12.32 9.35 -12.86
C GLU A 478 -11.45 9.15 -11.58
N GLY A 479 -11.28 10.22 -10.80
CA GLY A 479 -10.62 10.12 -9.50
C GLY A 479 -11.41 10.70 -8.32
N TRP A 480 -11.28 10.09 -7.14
CA TRP A 480 -11.97 10.51 -5.93
C TRP A 480 -10.99 10.60 -4.74
N GLY A 481 -10.94 11.75 -4.09
CA GLY A 481 -10.30 11.89 -2.80
C GLY A 481 -8.78 11.85 -2.97
N MET A 482 -8.25 12.91 -3.58
CA MET A 482 -6.87 12.93 -4.02
C MET A 482 -6.16 14.20 -3.55
N GLY A 483 -4.99 14.00 -2.93
CA GLY A 483 -4.24 15.09 -2.37
C GLY A 483 -2.76 14.98 -2.68
N SER A 484 -2.17 16.15 -2.89
CA SER A 484 -0.75 16.30 -3.13
C SER A 484 -0.23 17.39 -2.18
N TYR A 485 0.86 17.08 -1.49
CA TYR A 485 1.46 18.02 -0.54
C TYR A 485 2.89 18.37 -0.95
N CYS A 486 3.37 19.56 -0.60
CA CYS A 486 4.75 19.94 -0.89
C CYS A 486 5.51 20.32 0.36
N TYR A 487 6.81 20.05 0.33
CA TYR A 487 7.72 20.38 1.41
C TYR A 487 9.06 20.63 0.78
N PHE A 488 9.15 21.79 0.11
CA PHE A 488 10.36 22.14 -0.64
C PHE A 488 11.37 22.68 0.35
N ASN A 489 11.95 21.71 1.03
CA ASN A 489 12.61 21.91 2.32
C ASN A 489 14.04 22.38 2.06
N VAL A 490 14.52 22.11 0.85
CA VAL A 490 15.84 22.54 0.39
C VAL A 490 15.79 23.92 -0.25
N ASN A 491 14.70 24.22 -0.95
CA ASN A 491 14.46 25.57 -1.45
C ASN A 491 12.98 25.91 -1.39
N PRO A 492 12.56 26.49 -0.27
CA PRO A 492 11.15 26.79 -0.05
C PRO A 492 10.64 27.96 -0.82
N ASP A 493 11.46 28.55 -1.70
CA ASP A 493 11.02 29.56 -2.64
C ASP A 493 10.42 28.96 -3.94
N ILE A 494 10.50 27.62 -4.08
CA ILE A 494 9.98 26.91 -5.23
C ILE A 494 8.49 27.11 -5.35
N ARG A 495 7.99 27.09 -6.57
CA ARG A 495 6.55 27.09 -6.83
C ARG A 495 6.19 25.88 -7.67
N GLN A 496 5.13 25.17 -7.25
CA GLN A 496 4.55 24.05 -8.01
C GLN A 496 3.24 24.52 -8.65
N GLN A 497 3.09 24.47 -9.98
CA GLN A 497 1.88 25.02 -10.59
C GLN A 497 0.60 24.32 -10.11
N HIS A 498 0.68 22.99 -9.96
CA HIS A 498 -0.49 22.20 -9.62
C HIS A 498 -0.13 20.82 -9.04
N GLY A 499 -1.11 20.25 -8.33
CA GLY A 499 -1.12 18.87 -7.93
C GLY A 499 -1.47 17.88 -9.06
N PHE A 500 -2.40 18.28 -9.90
CA PHE A 500 -3.04 17.42 -10.89
C PHE A 500 -3.10 18.14 -12.22
N GLN A 501 -2.93 17.39 -13.31
CA GLN A 501 -3.16 17.90 -14.66
C GLN A 501 -3.98 16.92 -15.49
N ALA A 502 -4.90 17.44 -16.31
CA ALA A 502 -5.77 16.59 -17.14
C ALA A 502 -6.38 17.38 -18.31
N PRO A 503 -6.89 16.66 -19.32
CA PRO A 503 -7.85 17.28 -20.22
C PRO A 503 -9.11 17.70 -19.53
N VAL A 504 -9.68 18.77 -20.08
CA VAL A 504 -10.98 19.28 -19.70
C VAL A 504 -11.94 18.66 -20.70
N LYS A 505 -12.57 17.56 -20.29
CA LYS A 505 -13.50 16.79 -21.15
C LYS A 505 -14.65 16.24 -20.30
N PRO A 506 -15.86 16.10 -20.89
CA PRO A 506 -17.05 15.54 -20.23
C PRO A 506 -16.80 14.33 -19.35
N GLY A 507 -16.05 13.36 -19.85
CA GLY A 507 -15.87 12.10 -19.15
C GLY A 507 -14.52 11.95 -18.47
N VAL A 508 -13.85 13.07 -18.22
CA VAL A 508 -12.64 13.10 -17.36
C VAL A 508 -12.98 13.96 -16.15
N LYS A 509 -13.23 13.32 -15.02
CA LYS A 509 -13.82 13.96 -13.86
C LYS A 509 -12.99 13.67 -12.64
N PHE A 510 -12.69 14.69 -11.85
CA PHE A 510 -12.19 14.47 -10.49
C PHE A 510 -13.20 14.97 -9.46
N HIS A 511 -13.13 14.32 -8.31
CA HIS A 511 -13.92 14.64 -7.12
C HIS A 511 -12.96 14.88 -5.96
N ASP A 512 -13.28 15.87 -5.14
CA ASP A 512 -12.58 16.16 -3.89
C ASP A 512 -11.04 16.09 -4.01
N LEU A 513 -10.47 17.07 -4.73
CA LEU A 513 -9.03 17.29 -4.86
C LEU A 513 -8.53 18.37 -3.91
N LEU A 514 -7.27 18.20 -3.48
CA LEU A 514 -6.64 19.21 -2.64
C LEU A 514 -5.12 19.24 -2.81
N VAL A 515 -4.53 20.41 -2.56
CA VAL A 515 -3.11 20.51 -2.42
C VAL A 515 -2.80 21.25 -1.14
N VAL A 516 -1.64 20.99 -0.57
CA VAL A 516 -1.28 21.52 0.73
C VAL A 516 0.23 21.77 0.79
N SER A 517 0.61 23.01 1.10
CA SER A 517 2.00 23.28 1.42
C SER A 517 2.22 23.00 2.88
N LEU A 518 3.26 22.23 3.18
CA LEU A 518 3.55 21.86 4.54
C LEU A 518 4.36 22.97 5.23
N GLY A 519 3.66 23.81 5.97
CA GLY A 519 4.21 24.96 6.65
C GLY A 519 5.02 25.95 5.81
N GLY A 520 4.51 26.24 4.63
CA GLY A 520 5.07 27.25 3.76
C GLY A 520 6.40 26.93 3.11
N LYS A 521 6.71 25.64 2.96
CA LYS A 521 7.92 25.23 2.28
C LYS A 521 7.61 24.95 0.81
N GLY A 522 7.75 26.02 0.03
CA GLY A 522 7.19 26.07 -1.31
C GLY A 522 5.69 26.31 -1.21
N GLN A 523 5.08 26.61 -2.34
CA GLN A 523 3.64 26.74 -2.46
C GLN A 523 3.17 26.26 -3.85
N TYR A 524 1.90 25.87 -3.93
CA TYR A 524 1.27 25.60 -5.19
C TYR A 524 0.58 26.84 -5.77
N GLU A 525 0.53 26.92 -7.08
CA GLU A 525 -0.14 28.04 -7.75
C GLU A 525 -1.64 27.77 -7.91
N HIS A 526 -1.98 26.49 -8.04
CA HIS A 526 -3.34 26.04 -8.32
C HIS A 526 -3.47 24.57 -7.82
N VAL A 527 -4.68 24.05 -7.91
CA VAL A 527 -4.96 22.67 -7.49
C VAL A 527 -4.80 21.68 -8.66
N ILE A 528 -5.55 21.95 -9.73
CA ILE A 528 -5.53 21.15 -10.97
C ILE A 528 -5.46 22.06 -12.18
N ASN A 529 -4.59 21.70 -13.13
CA ASN A 529 -4.35 22.51 -14.30
C ASN A 529 -4.03 23.94 -13.85
N ASP A 530 -5.06 24.79 -13.90
CA ASP A 530 -4.93 26.20 -13.61
C ASP A 530 -6.12 26.74 -12.81
N ILE A 531 -6.84 25.85 -12.17
CA ILE A 531 -8.03 26.19 -11.42
C ILE A 531 -7.82 25.79 -9.95
N GLY A 532 -8.55 26.43 -9.04
CA GLY A 532 -8.24 26.33 -7.63
C GLY A 532 -7.29 27.40 -7.15
N ASP A 533 -7.45 27.77 -5.88
CA ASP A 533 -6.64 28.83 -5.26
C ASP A 533 -5.23 28.31 -5.10
N PRO A 534 -4.25 29.22 -5.13
CA PRO A 534 -2.91 28.84 -4.69
C PRO A 534 -2.91 28.58 -3.19
N THR A 535 -1.89 27.87 -2.69
CA THR A 535 -1.72 27.77 -1.26
C THR A 535 -1.01 29.06 -0.84
N SER A 536 -1.13 29.39 0.44
CA SER A 536 -0.54 30.61 0.99
C SER A 536 -0.34 30.46 2.51
N GLY A 537 0.35 31.42 3.12
CA GLY A 537 0.68 31.32 4.53
C GLY A 537 1.67 30.19 4.83
N ASP A 538 2.00 30.08 6.10
CA ASP A 538 2.74 28.95 6.61
C ASP A 538 1.90 28.10 7.59
N THR A 539 0.57 28.19 7.47
CA THR A 539 -0.38 27.53 8.40
C THR A 539 -0.91 26.14 7.90
N THR A 540 -0.45 25.69 6.75
CA THR A 540 -0.78 24.36 6.24
C THR A 540 -2.27 24.12 6.10
N ILE A 541 -2.91 25.04 5.41
CA ILE A 541 -4.33 24.86 5.13
C ILE A 541 -4.52 24.51 3.65
N PRO A 542 -5.25 23.42 3.37
CA PRO A 542 -5.37 22.98 1.97
C PRO A 542 -6.14 23.93 1.10
N SER A 543 -5.79 23.97 -0.18
CA SER A 543 -6.66 24.53 -1.20
C SER A 543 -7.32 23.37 -1.89
N GLN A 544 -8.64 23.50 -2.07
CA GLN A 544 -9.53 22.42 -2.41
C GLN A 544 -10.29 22.75 -3.68
N VAL A 545 -10.50 21.71 -4.48
CA VAL A 545 -11.58 21.64 -5.44
C VAL A 545 -12.51 20.45 -5.09
N VAL A 546 -13.81 20.73 -5.05
CA VAL A 546 -14.84 19.71 -4.82
C VAL A 546 -15.04 18.87 -6.11
N SER A 547 -15.14 19.56 -7.23
CA SER A 547 -15.50 18.95 -8.52
C SER A 547 -14.77 19.65 -9.63
N PHE A 548 -14.52 18.92 -10.72
CA PHE A 548 -13.81 19.43 -11.90
C PHE A 548 -14.10 18.47 -13.08
N PRO A 549 -14.14 18.99 -14.32
CA PRO A 549 -13.96 20.35 -14.81
C PRO A 549 -15.18 21.18 -14.43
C2 BGC B . -2.52 17.41 12.24
C3 BGC B . -1.85 18.40 11.41
C4 BGC B . -2.79 19.33 10.75
C5 BGC B . -3.80 19.89 11.79
C6 BGC B . -4.80 20.61 11.24
C1 BGC B . -3.48 17.99 13.17
O1 BGC B . -4.13 17.08 14.02
O2 BGC B . -1.55 16.75 13.12
O3 BGC B . -0.98 17.79 10.37
O4 BGC B . -2.13 20.41 10.05
O5 BGC B . -4.48 18.71 12.43
O6 BGC B . -5.60 21.10 12.24
C2 BGC B . 1.09 17.26 9.34
C3 BGC B . 2.45 17.58 9.05
C4 BGC B . 2.66 19.04 8.96
C5 BGC B . 2.22 19.64 10.34
C6 BGC B . 2.58 20.94 10.53
C1 BGC B . 0.42 18.05 10.39
O2 BGC B . 0.96 15.84 9.71
O3 BGC B . 2.75 16.82 7.80
O4 BGC B . 3.99 19.40 8.73
O5 BGC B . 0.73 19.45 10.25
O6 BGC B . 1.69 21.84 11.13
C2 BGC B . 4.10 15.15 6.68
C3 BGC B . 5.40 14.70 6.32
C4 BGC B . 6.22 15.79 5.83
C5 BGC B . 6.28 16.99 6.83
C6 BGC B . 7.03 17.98 6.30
C1 BGC B . 4.06 16.35 7.61
O2 BGC B . 3.45 14.03 7.36
O3 BGC B . 5.28 13.68 5.22
O4 BGC B . 7.52 15.38 5.62
O5 BGC B . 4.85 17.44 7.08
O6 BGC B . 7.43 18.90 7.22
C2 BGC B . 5.92 11.70 4.12
C3 BGC B . 6.78 10.54 4.07
C4 BGC B . 8.13 10.80 4.70
C5 BGC B . 7.97 11.36 6.16
C6 BGC B . 9.05 11.63 6.98
C1 BGC B . 5.83 12.41 5.43
O2 BGC B . 4.53 11.47 3.65
O3 BGC B . 6.99 10.10 2.66
O4 BGC B . 9.05 9.72 4.64
O5 BGC B . 7.15 12.62 5.98
O6 BGC B . 8.92 11.30 8.34
C2 BGC C . -1.69 0.64 23.39
C3 BGC C . -3.14 0.71 23.89
C4 BGC C . -3.51 -0.42 24.90
C5 BGC C . -2.35 -0.76 25.83
C6 BGC C . -2.74 -1.84 26.82
C1 BGC C . -0.74 0.05 24.45
O2 BGC C . -1.16 1.92 22.97
O3 BGC C . -4.04 0.69 22.79
O4 BGC C . -4.61 -0.15 25.73
O5 BGC C . -1.27 -1.14 25.01
O6 BGC C . -1.61 -2.28 27.54
C1 EDO D . 16.99 -3.77 2.49
O1 EDO D . 15.86 -4.34 1.82
C2 EDO D . 16.65 -2.94 3.72
O2 EDO D . 15.47 -3.38 4.34
H11 EDO D . 17.54 -3.14 1.80
H12 EDO D . 17.66 -4.60 2.78
HO1 EDO D . 16.13 -4.64 0.94
H21 EDO D . 16.57 -1.89 3.47
H22 EDO D . 17.48 -3.04 4.43
HO2 EDO D . 15.25 -2.77 5.05
C1 EDO E . 9.26 17.76 -9.15
O1 EDO E . 8.58 16.50 -9.30
C2 EDO E . 8.37 18.85 -8.57
O2 EDO E . 7.34 19.21 -9.49
H11 EDO E . 9.63 18.09 -10.12
H12 EDO E . 10.12 17.62 -8.50
HO1 EDO E . 9.23 15.80 -9.34
H21 EDO E . 8.98 19.73 -8.34
H22 EDO E . 7.93 18.51 -7.64
HO2 EDO E . 6.86 19.98 -9.16
C1 EDO F . 13.97 -3.79 -19.08
O1 EDO F . 13.46 -5.06 -18.60
C2 EDO F . 12.85 -2.74 -19.15
O2 EDO F . 11.67 -3.25 -19.82
H11 EDO F . 14.43 -3.91 -20.07
H12 EDO F . 14.76 -3.44 -18.41
HO1 EDO F . 14.20 -5.64 -18.41
H21 EDO F . 13.22 -1.86 -19.68
H22 EDO F . 12.59 -2.43 -18.14
HO2 EDO F . 11.03 -2.53 -19.93
N GLU A 1 11.97 -29.21 -11.60
CA GLU A 1 12.93 -29.43 -10.53
C GLU A 1 12.68 -28.48 -9.37
N VAL A 2 11.46 -28.46 -8.84
CA VAL A 2 11.28 -27.74 -7.59
C VAL A 2 10.37 -28.49 -6.69
N VAL A 3 10.92 -28.93 -5.55
CA VAL A 3 10.06 -29.57 -4.56
C VAL A 3 9.21 -28.41 -4.07
N GLY A 4 8.00 -28.34 -4.62
CA GLY A 4 7.04 -27.39 -4.12
C GLY A 4 6.72 -27.77 -2.70
N GLY A 5 6.00 -26.87 -1.98
CA GLY A 5 5.76 -27.00 -0.55
C GLY A 5 6.98 -26.90 0.34
N GLY A 6 6.71 -26.94 1.66
CA GLY A 6 7.74 -26.95 2.67
C GLY A 6 7.50 -26.22 3.98
N ASP A 7 8.48 -26.40 4.86
CA ASP A 7 8.68 -25.64 6.08
C ASP A 7 8.80 -24.16 5.74
N LEU A 8 8.48 -23.25 6.67
CA LEU A 8 8.54 -21.83 6.30
C LEU A 8 9.82 -21.06 6.68
N GLY A 9 10.73 -21.66 7.44
CA GLY A 9 12.01 -21.01 7.72
C GLY A 9 12.11 -20.16 8.98
N PRO A 10 13.35 -19.86 9.44
CA PRO A 10 13.51 -19.29 10.78
C PRO A 10 12.67 -18.04 11.09
N ASN A 11 12.28 -17.30 10.07
CA ASN A 11 11.68 -15.97 10.27
C ASN A 11 10.15 -15.91 10.27
N VAL A 12 9.49 -17.06 10.15
CA VAL A 12 8.05 -17.16 10.31
C VAL A 12 7.83 -17.87 11.66
N LEU A 13 7.49 -17.08 12.70
CA LEU A 13 7.23 -17.60 14.07
C LEU A 13 5.77 -17.92 14.22
N VAL A 14 5.53 -19.18 14.55
CA VAL A 14 4.23 -19.75 14.61
C VAL A 14 3.91 -19.99 16.09
N PHE A 15 2.73 -19.53 16.48
CA PHE A 15 2.27 -19.62 17.85
C PHE A 15 0.97 -20.42 17.97
N ASP A 16 0.83 -21.08 19.12
CA ASP A 16 -0.47 -21.55 19.56
C ASP A 16 -0.68 -21.09 21.03
N PRO A 17 -1.91 -21.20 21.56
CA PRO A 17 -2.20 -20.69 22.92
C PRO A 17 -1.41 -21.40 24.01
N SER A 18 -0.91 -22.59 23.70
CA SER A 18 -0.04 -23.31 24.64
C SER A 18 1.44 -23.17 24.37
N THR A 19 1.85 -22.49 23.29
CA THR A 19 3.23 -22.03 23.25
C THR A 19 3.41 -21.19 24.51
N PRO A 20 4.49 -21.40 25.29
CA PRO A 20 4.88 -20.49 26.37
C PRO A 20 5.67 -19.26 25.88
N ASP A 21 6.02 -18.41 26.83
CA ASP A 21 6.35 -16.99 26.65
C ASP A 21 6.17 -16.29 25.29
N ILE A 22 5.01 -16.59 24.69
CA ILE A 22 4.41 -15.80 23.62
C ILE A 22 4.65 -14.31 23.82
N GLN A 23 4.17 -13.79 24.93
CA GLN A 23 4.35 -12.36 25.16
C GLN A 23 5.85 -12.03 25.07
N GLY A 24 6.67 -12.71 25.85
CA GLY A 24 8.12 -12.53 25.77
C GLY A 24 8.66 -12.71 24.34
N LYS A 25 8.09 -13.68 23.63
CA LYS A 25 8.58 -13.98 22.27
C LYS A 25 8.38 -12.77 21.32
N VAL A 26 7.20 -12.18 21.33
CA VAL A 26 6.93 -11.00 20.47
C VAL A 26 7.67 -9.76 20.99
N ASP A 27 7.96 -9.76 22.29
CA ASP A 27 8.78 -8.70 22.87
C ASP A 27 10.25 -8.66 22.43
N GLU A 28 10.87 -9.81 22.15
CA GLU A 28 12.27 -9.81 21.67
C GLU A 28 12.26 -9.42 20.17
N VAL A 29 11.23 -9.81 19.43
CA VAL A 29 11.14 -9.39 18.00
C VAL A 29 10.97 -7.87 17.99
N PHE A 30 10.09 -7.36 18.85
CA PHE A 30 9.85 -5.91 18.91
C PHE A 30 11.09 -5.20 19.46
N ARG A 31 11.90 -5.97 20.16
CA ARG A 31 13.14 -5.43 20.67
C ARG A 31 13.99 -5.23 19.46
N LYS A 32 13.96 -6.21 18.58
CA LYS A 32 14.76 -6.18 17.36
C LYS A 32 14.31 -5.18 16.27
N GLN A 33 13.06 -4.68 16.32
CA GLN A 33 12.43 -4.09 15.12
C GLN A 33 11.74 -2.71 15.25
N GLU A 34 11.52 -2.29 16.50
CA GLU A 34 10.91 -1.00 16.83
C GLU A 34 11.56 0.16 16.03
N SER A 35 12.88 0.14 15.91
CA SER A 35 13.57 1.24 15.20
C SER A 35 14.52 0.77 14.06
N ASN A 36 14.19 -0.40 13.51
CA ASN A 36 14.97 -1.14 12.51
C ASN A 36 14.52 -0.67 11.13
N GLN A 37 14.58 0.63 10.89
CA GLN A 37 13.82 1.22 9.79
C GLN A 37 14.36 0.80 8.43
N PHE A 38 15.68 0.59 8.35
CA PHE A 38 16.32 0.30 7.08
C PHE A 38 17.10 -1.00 7.11
N GLY A 39 17.00 -1.71 8.23
CA GLY A 39 17.65 -3.00 8.38
C GLY A 39 17.12 -4.09 7.50
N THR A 40 17.92 -5.13 7.42
CA THR A 40 17.64 -6.29 6.59
C THR A 40 16.77 -7.35 7.27
N ASP A 41 16.51 -7.21 8.56
CA ASP A 41 15.70 -8.20 9.30
C ASP A 41 14.21 -8.18 8.89
N ARG A 42 13.58 -9.36 8.92
CA ARG A 42 12.19 -9.54 8.50
C ARG A 42 11.51 -10.61 9.37
N TYR A 43 10.28 -10.36 9.85
CA TYR A 43 9.55 -11.34 10.64
C TYR A 43 8.09 -11.43 10.28
N ALA A 44 7.52 -12.64 10.35
CA ALA A 44 6.08 -12.82 10.23
C ALA A 44 5.60 -13.65 11.43
N LEU A 45 4.79 -13.04 12.29
CA LEU A 45 4.25 -13.70 13.48
C LEU A 45 2.85 -14.26 13.22
N MET A 46 2.73 -15.59 13.17
CA MET A 46 1.44 -16.20 12.83
C MET A 46 0.87 -16.91 14.04
N PHE A 47 -0.42 -16.75 14.24
CA PHE A 47 -1.09 -17.31 15.39
C PHE A 47 -2.08 -18.35 14.95
N LYS A 48 -1.85 -19.58 15.41
CA LYS A 48 -2.80 -20.65 15.16
C LYS A 48 -4.08 -20.27 15.86
N PRO A 49 -5.20 -20.80 15.37
CA PRO A 49 -6.53 -20.62 15.93
C PRO A 49 -6.50 -20.85 17.42
N GLY A 50 -7.26 -20.03 18.12
CA GLY A 50 -7.41 -20.14 19.55
C GLY A 50 -7.70 -18.80 20.19
N THR A 51 -7.66 -18.81 21.51
CA THR A 51 -7.88 -17.62 22.30
C THR A 51 -6.60 -17.37 23.05
N TYR A 52 -6.06 -16.16 22.90
CA TYR A 52 -4.83 -15.74 23.54
C TYR A 52 -5.11 -14.65 24.57
N ASN A 53 -4.78 -14.93 25.81
CA ASN A 53 -4.97 -13.98 26.87
C ASN A 53 -3.70 -13.22 27.17
N ASP A 54 -3.86 -11.98 27.63
CA ASP A 54 -2.69 -11.20 28.05
C ASP A 54 -1.60 -11.18 27.01
N ILE A 55 -1.95 -10.50 25.94
CA ILE A 55 -1.10 -10.36 24.76
C ILE A 55 -1.23 -8.93 24.34
N ASN A 56 -0.11 -8.23 24.41
CA ASN A 56 0.00 -6.88 23.88
C ASN A 56 1.19 -6.93 22.89
N ALA A 57 0.87 -7.15 21.62
CA ALA A 57 1.91 -7.45 20.64
C ALA A 57 2.22 -6.19 19.86
N GLN A 58 3.24 -5.48 20.32
CA GLN A 58 3.63 -4.24 19.66
C GLN A 58 4.44 -4.56 18.41
N ILE A 59 4.00 -4.01 17.29
CA ILE A 59 4.56 -4.34 15.98
C ILE A 59 5.50 -3.25 15.48
N GLY A 60 6.75 -3.65 15.27
CA GLY A 60 7.77 -2.75 14.76
C GLY A 60 7.92 -2.83 13.26
N PHE A 61 9.06 -2.33 12.76
CA PHE A 61 9.32 -2.42 11.32
C PHE A 61 9.36 -3.86 10.83
N TYR A 62 9.05 -4.02 9.54
CA TYR A 62 9.13 -5.27 8.78
C TYR A 62 8.59 -6.48 9.52
N THR A 63 7.54 -6.26 10.27
CA THR A 63 6.86 -7.29 11.01
C THR A 63 5.41 -7.32 10.55
N SER A 64 4.97 -8.51 10.17
CA SER A 64 3.57 -8.76 9.83
C SER A 64 3.02 -9.77 10.85
N ILE A 65 1.80 -9.54 11.31
CA ILE A 65 1.18 -10.40 12.28
C ILE A 65 -0.16 -10.83 11.68
N ALA A 66 -0.47 -12.12 11.84
CA ALA A 66 -1.64 -12.69 11.22
C ALA A 66 -2.18 -13.91 11.97
N GLY A 67 -3.49 -14.12 11.83
CA GLY A 67 -4.16 -15.34 12.22
C GLY A 67 -4.39 -16.28 11.04
N LEU A 68 -4.24 -17.59 11.33
CA LEU A 68 -4.38 -18.67 10.38
C LEU A 68 -5.73 -19.42 10.49
N GLY A 69 -6.78 -18.72 10.94
CA GLY A 69 -8.12 -19.21 10.77
C GLY A 69 -8.65 -19.02 9.37
N LEU A 70 -9.75 -19.66 9.04
CA LEU A 70 -10.33 -19.40 7.72
C LEU A 70 -10.99 -18.04 7.76
N ASN A 71 -11.42 -17.71 8.97
CA ASN A 71 -12.16 -16.51 9.24
C ASN A 71 -11.57 -15.71 10.43
N PRO A 72 -11.77 -14.38 10.44
CA PRO A 72 -11.16 -13.53 11.47
C PRO A 72 -11.42 -13.99 12.93
N ASP A 73 -12.64 -14.29 13.30
CA ASP A 73 -12.88 -14.57 14.73
C ASP A 73 -12.31 -15.91 15.23
N ASP A 74 -11.85 -16.73 14.29
CA ASP A 74 -11.10 -17.95 14.62
C ASP A 74 -9.82 -17.76 15.46
N THR A 75 -9.20 -16.58 15.39
CA THR A 75 -8.00 -16.30 16.16
C THR A 75 -8.19 -15.02 16.94
N THR A 76 -8.45 -15.21 18.23
CA THR A 76 -8.88 -14.14 19.11
C THR A 76 -7.85 -13.75 20.17
N PHE A 77 -7.49 -12.45 20.18
CA PHE A 77 -6.64 -11.87 21.22
C PHE A 77 -7.57 -11.15 22.20
N ASN A 78 -7.49 -11.54 23.45
CA ASN A 78 -7.96 -10.70 24.52
C ASN A 78 -6.76 -9.90 24.87
N GLY A 79 -6.67 -8.74 24.22
CA GLY A 79 -5.41 -8.06 24.01
C GLY A 79 -5.36 -7.30 22.68
N ASP A 80 -4.16 -6.88 22.34
CA ASP A 80 -3.98 -5.82 21.37
C ASP A 80 -2.90 -6.14 20.33
N VAL A 81 -3.05 -5.51 19.18
CA VAL A 81 -2.01 -5.38 18.16
C VAL A 81 -1.71 -3.86 18.06
N THR A 82 -0.59 -3.46 18.62
CA THR A 82 -0.33 -2.07 18.90
C THR A 82 0.79 -1.57 18.00
N VAL A 83 0.53 -0.43 17.37
CA VAL A 83 1.59 0.38 16.79
C VAL A 83 1.49 1.77 17.42
N ASP A 84 2.63 2.23 17.92
CA ASP A 84 2.72 3.58 18.47
C ASP A 84 4.10 4.19 18.09
N ALA A 85 4.49 5.33 18.67
CA ALA A 85 5.52 6.18 18.08
C ALA A 85 6.51 6.73 19.12
N GLY A 86 6.43 6.26 20.36
CA GLY A 86 7.42 6.56 21.37
C GLY A 86 8.84 6.66 20.83
N TRP A 87 9.27 5.65 20.07
CA TRP A 87 10.60 5.66 19.46
C TRP A 87 10.91 6.90 18.64
N PHE A 88 9.88 7.62 18.21
CA PHE A 88 10.07 8.87 17.52
C PHE A 88 9.36 9.92 18.32
N ASP A 89 9.34 9.71 19.64
CA ASP A 89 8.88 10.70 20.59
C ASP A 89 7.51 11.18 20.15
N GLY A 90 6.73 10.21 19.68
CA GLY A 90 5.38 10.47 19.27
C GLY A 90 5.14 10.65 17.79
N ASN A 91 6.07 11.19 17.01
CA ASN A 91 5.87 11.37 15.58
C ASN A 91 5.71 10.00 14.92
N ALA A 92 4.55 9.74 14.32
CA ALA A 92 4.28 8.42 13.69
C ALA A 92 4.53 8.40 12.20
N THR A 93 5.08 9.48 11.65
CA THR A 93 5.26 9.61 10.20
C THR A 93 6.37 8.76 9.57
N GLN A 94 7.08 7.98 10.38
CA GLN A 94 7.99 6.98 9.83
C GLN A 94 7.54 5.56 10.24
N ASN A 95 6.28 5.40 10.61
CA ASN A 95 5.81 4.06 11.02
C ASN A 95 5.36 3.24 9.80
N PHE A 96 6.35 2.75 9.07
CA PHE A 96 6.13 2.09 7.78
C PHE A 96 6.33 0.58 7.87
N TRP A 97 5.95 -0.11 6.80
CA TRP A 97 6.36 -1.49 6.47
C TRP A 97 6.05 -2.51 7.55
N ARG A 98 4.77 -2.64 7.83
CA ARG A 98 4.32 -3.66 8.74
C ARG A 98 2.84 -3.95 8.42
N SER A 99 2.31 -5.04 8.96
CA SER A 99 0.90 -5.39 8.64
C SER A 99 0.20 -6.15 9.73
N ALA A 100 -1.12 -6.15 9.66
CA ALA A 100 -1.95 -7.02 10.53
C ALA A 100 -3.10 -7.57 9.73
N GLU A 101 -3.34 -8.89 9.82
CA GLU A 101 -4.36 -9.54 9.01
C GLU A 101 -5.06 -10.66 9.83
N ASN A 102 -6.37 -10.80 9.61
CA ASN A 102 -7.11 -12.04 9.92
C ASN A 102 -7.03 -12.43 11.41
N LEU A 103 -7.26 -11.42 12.24
CA LEU A 103 -7.40 -11.57 13.70
C LEU A 103 -8.65 -10.86 14.24
N ALA A 104 -9.15 -11.39 15.37
CA ALA A 104 -10.11 -10.66 16.22
C ALA A 104 -9.42 -10.10 17.47
N LEU A 105 -9.62 -8.83 17.77
CA LEU A 105 -9.06 -8.24 18.99
C LEU A 105 -10.12 -7.73 19.92
N ASN A 106 -9.89 -8.03 21.20
CA ASN A 106 -10.74 -7.61 22.30
C ASN A 106 -9.81 -6.77 23.14
N PRO A 107 -9.67 -5.50 22.77
CA PRO A 107 -8.55 -4.70 23.32
C PRO A 107 -8.74 -4.50 24.82
N VAL A 108 -7.63 -4.34 25.49
CA VAL A 108 -7.61 -4.44 26.92
C VAL A 108 -8.33 -3.25 27.56
N ASN A 109 -8.21 -2.05 26.98
CA ASN A 109 -8.94 -0.90 27.53
C ASN A 109 -10.16 -0.51 26.68
N GLY A 110 -10.55 -1.39 25.77
CA GLY A 110 -11.72 -1.17 24.93
C GLY A 110 -11.45 -0.64 23.54
N THR A 111 -10.22 -0.20 23.30
CA THR A 111 -9.78 0.46 22.05
C THR A 111 -8.34 0.08 21.68
N ASN A 112 -8.15 -0.35 20.44
CA ASN A 112 -6.85 -0.77 19.94
C ASN A 112 -6.12 0.43 19.23
N ARG A 113 -4.80 0.54 19.43
CA ARG A 113 -4.00 1.62 18.79
C ARG A 113 -3.09 1.21 17.62
N TRP A 114 -3.50 1.55 16.37
CA TRP A 114 -2.74 1.24 15.14
C TRP A 114 -2.29 2.57 14.52
N ALA A 115 -1.22 3.13 15.06
CA ALA A 115 -0.80 4.49 14.76
C ALA A 115 0.30 4.49 13.70
N VAL A 116 -0.13 4.30 12.47
CA VAL A 116 0.78 4.01 11.38
C VAL A 116 0.75 5.09 10.30
N SER A 117 1.77 5.07 9.47
CA SER A 117 1.76 5.84 8.26
C SER A 117 1.73 4.88 7.06
N GLN A 118 2.49 5.14 6.00
CA GLN A 118 2.35 4.38 4.77
C GLN A 118 2.82 2.89 4.84
N ALA A 119 2.24 2.08 3.97
CA ALA A 119 2.59 0.67 3.83
C ALA A 119 2.40 -0.10 5.16
N ALA A 120 1.26 0.10 5.77
CA ALA A 120 0.97 -0.53 7.06
C ALA A 120 -0.48 -1.04 7.05
N PRO A 121 -0.78 -1.98 6.15
CA PRO A 121 -2.18 -2.39 5.96
C PRO A 121 -2.73 -3.19 7.15
N PHE A 122 -4.05 -3.06 7.29
CA PHE A 122 -4.85 -3.61 8.37
C PHE A 122 -6.03 -4.24 7.63
N ARG A 123 -5.98 -5.57 7.48
CA ARG A 123 -6.90 -6.28 6.59
C ARG A 123 -7.59 -7.44 7.31
N ARG A 124 -8.87 -7.68 6.98
CA ARG A 124 -9.61 -8.86 7.48
C ARG A 124 -9.52 -8.99 8.99
N MET A 125 -9.60 -7.84 9.66
CA MET A 125 -9.54 -7.72 11.11
C MET A 125 -10.93 -7.51 11.71
N HIS A 126 -11.14 -8.05 12.90
CA HIS A 126 -12.35 -7.74 13.67
C HIS A 126 -12.00 -7.14 15.03
N VAL A 127 -12.26 -5.85 15.17
CA VAL A 127 -11.98 -5.16 16.43
C VAL A 127 -13.28 -5.04 17.21
N LYS A 128 -13.29 -5.73 18.34
CA LYS A 128 -14.44 -5.71 19.24
C LYS A 128 -14.33 -4.49 20.14
N GLY A 129 -14.28 -3.32 19.54
CA GLY A 129 -14.18 -2.09 20.29
C GLY A 129 -13.86 -1.03 19.29
N GLY A 130 -13.35 0.08 19.78
CA GLY A 130 -12.88 1.15 18.92
C GLY A 130 -11.55 0.85 18.26
N LEU A 131 -11.06 1.82 17.48
CA LEU A 131 -9.74 1.72 16.86
C LEU A 131 -9.16 3.14 16.78
N ASN A 132 -8.05 3.34 17.49
CA ASN A 132 -7.35 4.64 17.59
C ASN A 132 -6.21 4.60 16.60
N LEU A 133 -6.24 5.49 15.61
CA LEU A 133 -5.17 5.54 14.59
C LEU A 133 -4.01 6.51 14.88
N ALA A 134 -4.11 7.24 15.98
CA ALA A 134 -3.10 8.24 16.32
C ALA A 134 -2.12 7.75 17.39
N PRO A 135 -0.85 8.14 17.28
CA PRO A 135 0.15 7.86 18.34
C PRO A 135 -0.32 8.41 19.68
N ASP A 136 0.32 8.02 20.77
CA ASP A 136 -0.08 8.54 22.08
C ASP A 136 0.59 9.90 22.20
N GLY A 137 -0.15 10.92 22.62
CA GLY A 137 0.40 12.26 22.62
C GLY A 137 0.30 12.94 21.30
N TYR A 138 -0.45 12.36 20.34
CA TYR A 138 -1.13 13.13 19.27
C TYR A 138 -0.17 13.62 18.19
N GLY A 139 0.85 12.82 17.97
CA GLY A 139 1.88 13.15 17.00
C GLY A 139 1.38 13.15 15.58
N TRP A 140 2.19 13.73 14.72
CA TRP A 140 1.92 13.70 13.31
C TRP A 140 1.83 12.26 12.80
N ALA A 141 1.04 12.07 11.77
CA ALA A 141 0.76 10.74 11.26
C ALA A 141 0.18 10.87 9.86
N SER A 142 0.59 9.96 8.97
CA SER A 142 0.30 10.04 7.57
C SER A 142 -0.06 8.65 6.97
N GLY A 143 -1.07 8.00 7.52
CA GLY A 143 -1.61 6.74 7.00
C GLY A 143 -2.55 6.96 5.82
N GLY A 144 -3.29 5.94 5.42
CA GLY A 144 -3.36 4.64 6.03
C GLY A 144 -4.43 3.84 5.29
N TYR A 145 -4.56 2.54 5.63
CA TYR A 145 -5.32 1.62 4.82
C TYR A 145 -5.95 0.50 5.62
N ILE A 146 -7.26 0.46 5.53
CA ILE A 146 -8.08 -0.59 6.14
C ILE A 146 -9.01 -1.18 5.08
N ALA A 147 -9.01 -2.51 5.00
CA ALA A 147 -9.91 -3.24 4.11
C ALA A 147 -10.50 -4.48 4.75
N ASP A 148 -11.72 -4.76 4.36
CA ASP A 148 -12.35 -6.02 4.73
C ASP A 148 -12.36 -6.25 6.24
N SER A 149 -12.59 -5.17 6.98
CA SER A 149 -12.57 -5.21 8.46
C SER A 149 -13.87 -4.74 9.12
N LYS A 150 -14.22 -5.33 10.25
CA LYS A 150 -15.33 -4.85 11.10
C LYS A 150 -14.66 -4.17 12.30
N ILE A 151 -15.05 -2.92 12.58
CA ILE A 151 -14.67 -2.26 13.83
C ILE A 151 -16.01 -2.03 14.53
N ASP A 152 -16.22 -2.73 15.64
CA ASP A 152 -17.50 -2.67 16.34
C ASP A 152 -17.83 -1.26 16.84
N GLY A 153 -16.87 -0.58 17.45
CA GLY A 153 -17.08 0.78 17.91
C GLY A 153 -16.53 1.82 16.95
N GLU A 154 -15.98 2.89 17.52
CA GLU A 154 -15.57 4.06 16.75
C GLU A 154 -14.14 3.95 16.24
N VAL A 155 -13.93 4.32 14.98
CA VAL A 155 -12.61 4.59 14.49
C VAL A 155 -12.26 6.08 14.76
N GLY A 156 -11.08 6.30 15.34
CA GLY A 156 -10.67 7.65 15.72
C GLY A 156 -9.33 8.01 15.10
N PRO A 157 -9.37 8.82 14.04
CA PRO A 157 -8.13 9.23 13.38
C PRO A 157 -7.29 10.20 14.20
N TYR A 158 -7.96 11.04 15.00
CA TYR A 158 -7.35 12.18 15.69
C TYR A 158 -6.47 12.99 14.69
N SER A 159 -5.15 12.89 14.79
CA SER A 159 -4.23 13.67 13.96
C SER A 159 -3.88 13.07 12.57
N GLN A 160 -4.31 11.86 12.25
CA GLN A 160 -4.08 11.36 10.87
C GLN A 160 -4.52 12.34 9.78
N GLN A 161 -3.61 12.67 8.87
CA GLN A 161 -3.93 13.58 7.79
C GLN A 161 -5.00 13.06 6.85
N GLN A 162 -4.87 11.79 6.51
CA GLN A 162 -5.70 11.20 5.51
C GLN A 162 -5.84 9.69 5.76
N TRP A 163 -6.78 9.07 5.08
CA TRP A 163 -7.03 7.63 5.29
C TRP A 163 -7.92 7.06 4.17
N TYR A 164 -7.65 5.79 3.80
CA TYR A 164 -8.59 5.05 2.96
C TYR A 164 -9.11 3.80 3.67
N THR A 165 -10.43 3.68 3.63
CA THR A 165 -11.13 2.49 4.13
C THR A 165 -12.03 1.93 3.02
N ARG A 166 -11.93 0.62 2.81
CA ARG A 166 -12.77 -0.05 1.82
C ARG A 166 -13.42 -1.33 2.32
N ASP A 167 -14.65 -1.53 1.85
CA ASP A 167 -15.36 -2.79 1.99
C ASP A 167 -15.28 -3.30 3.42
N SER A 168 -15.91 -2.53 4.28
CA SER A 168 -15.74 -2.71 5.71
C SER A 168 -16.98 -2.29 6.46
N SER A 169 -16.90 -2.43 7.79
CA SER A 169 -18.02 -2.20 8.70
C SER A 169 -17.45 -1.35 9.84
N VAL A 170 -18.05 -0.20 10.09
CA VAL A 170 -17.66 0.60 11.28
C VAL A 170 -18.85 1.13 12.13
N GLY A 171 -18.68 1.05 13.44
CA GLY A 171 -19.67 1.56 14.39
C GLY A 171 -19.48 3.02 14.82
N GLY A 172 -18.45 3.67 14.27
CA GLY A 172 -18.19 5.08 14.56
C GLY A 172 -17.04 5.58 13.70
N TRP A 173 -16.99 6.90 13.45
CA TRP A 173 -15.91 7.51 12.69
C TRP A 173 -15.86 8.94 13.17
N GLY A 174 -14.79 9.26 13.88
CA GLY A 174 -14.78 10.41 14.77
C GLY A 174 -14.42 11.75 14.14
N ASN A 175 -13.65 11.74 13.04
CA ASN A 175 -13.19 13.02 12.45
C ASN A 175 -12.44 12.85 11.12
N GLY A 176 -12.45 13.89 10.29
CA GLY A 176 -11.63 13.99 9.09
C GLY A 176 -10.68 15.19 9.07
N VAL A 177 -9.42 14.98 8.72
CA VAL A 177 -8.41 16.03 8.79
C VAL A 177 -8.26 16.73 7.42
N TRP A 178 -7.47 16.14 6.53
CA TRP A 178 -7.39 16.57 5.13
C TRP A 178 -8.17 15.70 4.10
N ASN A 179 -8.18 14.36 4.26
CA ASN A 179 -8.80 13.48 3.27
C ASN A 179 -9.08 12.04 3.75
N MET A 180 -10.33 11.82 4.15
CA MET A 180 -10.76 10.52 4.67
C MET A 180 -11.70 10.04 3.61
N THR A 181 -11.27 9.01 2.86
CA THR A 181 -12.06 8.44 1.77
C THR A 181 -12.54 7.03 2.15
N PHE A 182 -13.79 6.76 1.79
CA PHE A 182 -14.47 5.49 2.04
C PHE A 182 -15.11 4.92 0.76
N SER A 183 -14.93 3.63 0.50
CA SER A 183 -15.76 2.97 -0.51
C SER A 183 -16.28 1.61 -0.01
N GLY A 184 -17.59 1.40 -0.14
CA GLY A 184 -18.18 0.17 0.37
C GLY A 184 -18.08 0.01 1.88
N VAL A 185 -18.10 1.10 2.60
CA VAL A 185 -17.94 1.05 4.04
C VAL A 185 -19.29 1.29 4.75
N GLU A 186 -19.89 0.21 5.23
CA GLU A 186 -21.06 0.31 6.08
C GLU A 186 -20.65 1.10 7.33
N GLY A 187 -21.41 2.13 7.66
CA GLY A 187 -21.05 2.95 8.80
C GLY A 187 -20.26 4.19 8.45
N ALA A 188 -19.87 4.37 7.19
CA ALA A 188 -19.02 5.52 6.86
C ALA A 188 -19.76 6.82 7.09
N PRO A 189 -19.01 7.92 7.16
CA PRO A 189 -19.65 9.24 7.21
C PRO A 189 -20.26 9.58 5.85
N ALA A 190 -21.36 10.34 5.84
CA ALA A 190 -21.90 10.89 4.59
C ALA A 190 -20.85 11.65 3.80
N GLN A 191 -20.83 11.44 2.50
CA GLN A 191 -20.15 12.37 1.59
C GLN A 191 -20.49 13.81 1.99
N SER A 192 -19.47 14.56 2.41
CA SER A 192 -19.67 15.97 2.79
C SER A 192 -18.42 16.87 2.58
N PHE A 193 -17.51 16.44 1.71
CA PHE A 193 -16.29 17.23 1.45
C PHE A 193 -16.70 18.60 0.96
N PRO A 194 -16.01 19.68 1.40
CA PRO A 194 -14.79 19.80 2.23
C PRO A 194 -14.93 19.62 3.75
N GLU A 195 -15.98 20.13 4.38
CA GLU A 195 -16.08 19.99 5.85
C GLU A 195 -17.12 19.01 6.41
N PRO A 196 -16.65 17.91 7.02
CA PRO A 196 -15.26 17.40 7.03
C PRO A 196 -14.90 16.90 5.65
N PRO A 197 -13.61 16.65 5.41
CA PRO A 197 -13.22 16.15 4.09
C PRO A 197 -13.53 14.66 3.88
N TYR A 198 -14.81 14.32 3.97
CA TYR A 198 -15.24 12.94 3.86
C TYR A 198 -15.65 12.73 2.39
N THR A 199 -14.91 11.83 1.73
CA THR A 199 -15.23 11.39 0.40
C THR A 199 -15.79 9.98 0.49
N THR A 200 -17.09 9.82 0.25
CA THR A 200 -17.76 8.55 0.57
C THR A 200 -18.49 8.01 -0.63
N LEU A 201 -18.10 6.81 -1.02
CA LEU A 201 -18.68 6.07 -2.12
C LEU A 201 -19.41 4.81 -1.55
N GLU A 202 -20.64 4.57 -1.97
CA GLU A 202 -21.44 3.47 -1.43
C GLU A 202 -20.78 2.13 -1.64
N THR A 203 -20.23 1.96 -2.82
CA THR A 203 -19.64 0.70 -3.22
C THR A 203 -18.27 0.86 -3.87
N THR A 204 -17.44 -0.16 -3.76
CA THR A 204 -16.20 -0.22 -4.55
C THR A 204 -16.50 -0.93 -5.85
N PRO A 205 -16.03 -0.42 -6.99
CA PRO A 205 -16.64 -1.06 -8.17
C PRO A 205 -16.23 -2.48 -8.38
N VAL A 206 -14.98 -2.77 -8.02
CA VAL A 206 -14.50 -4.13 -7.96
C VAL A 206 -13.34 -4.20 -6.97
N SER A 207 -13.30 -5.30 -6.26
CA SER A 207 -12.20 -5.59 -5.38
C SER A 207 -12.09 -7.09 -5.26
N ARG A 208 -10.93 -7.50 -4.73
CA ARG A 208 -10.62 -8.89 -4.52
C ARG A 208 -9.70 -8.95 -3.32
N GLU A 209 -10.07 -9.75 -2.32
CA GLU A 209 -9.35 -9.68 -1.06
C GLU A 209 -7.98 -10.34 -1.24
N LYS A 210 -6.96 -9.77 -0.61
CA LYS A 210 -5.59 -10.30 -0.69
C LYS A 210 -5.53 -11.74 -0.18
N PRO A 211 -4.90 -12.65 -0.96
CA PRO A 211 -4.77 -14.04 -0.49
C PRO A 211 -4.09 -14.15 0.88
N PHE A 212 -4.52 -15.10 1.70
CA PHE A 212 -3.87 -15.34 2.99
C PHE A 212 -3.67 -16.83 3.30
N LEU A 213 -2.55 -17.10 3.98
CA LEU A 213 -2.29 -18.41 4.50
C LEU A 213 -3.23 -18.75 5.67
N TYR A 214 -3.69 -19.99 5.74
CA TYR A 214 -4.53 -20.41 6.86
C TYR A 214 -4.32 -21.88 7.16
N LEU A 215 -4.75 -22.29 8.34
CA LEU A 215 -4.77 -23.70 8.68
C LEU A 215 -6.06 -24.31 8.31
N ASP A 216 -5.90 -25.52 7.84
CA ASP A 216 -6.98 -26.43 7.77
C ASP A 216 -6.52 -27.56 8.68
N GLY A 217 -7.30 -27.93 9.69
CA GLY A 217 -6.99 -29.18 10.39
C GLY A 217 -5.62 -29.07 11.03
N ASP A 218 -4.60 -29.54 10.32
CA ASP A 218 -3.20 -29.11 10.52
C ASP A 218 -2.61 -28.68 9.17
N ASP A 219 -3.46 -28.68 8.15
CA ASP A 219 -3.08 -28.43 6.77
C ASP A 219 -2.87 -26.89 6.42
N TYR A 220 -1.60 -26.45 6.28
CA TYR A 220 -1.26 -25.10 5.74
C TYR A 220 -1.64 -24.90 4.27
N LYS A 221 -2.42 -23.85 4.01
CA LYS A 221 -2.84 -23.51 2.65
C LYS A 221 -2.88 -21.98 2.46
N VAL A 222 -3.04 -21.55 1.22
CA VAL A 222 -3.30 -20.14 0.94
C VAL A 222 -4.77 -20.03 0.40
N PHE A 223 -5.59 -19.16 1.01
CA PHE A 223 -7.00 -18.89 0.59
C PHE A 223 -7.05 -17.74 -0.38
N VAL A 224 -7.91 -17.87 -1.39
CA VAL A 224 -7.90 -17.01 -2.59
C VAL A 224 -9.32 -16.51 -2.88
N PRO A 225 -9.72 -15.46 -2.16
CA PRO A 225 -11.06 -14.81 -2.24
C PRO A 225 -11.56 -14.56 -3.64
N ALA A 226 -12.78 -15.01 -3.88
CA ALA A 226 -13.57 -14.58 -5.03
C ALA A 226 -13.62 -13.05 -5.23
N LYS A 227 -13.59 -12.60 -6.48
CA LYS A 227 -13.73 -11.19 -6.75
C LYS A 227 -15.19 -10.75 -6.43
N ARG A 228 -15.32 -9.47 -6.09
CA ARG A 228 -16.59 -8.83 -5.82
C ARG A 228 -16.80 -7.59 -6.72
N THR A 229 -17.89 -7.47 -7.47
CA THR A 229 -18.21 -6.12 -8.02
C THR A 229 -19.24 -5.36 -7.13
N ASN A 230 -19.05 -4.07 -6.98
CA ASN A 230 -19.89 -3.23 -6.14
C ASN A 230 -19.90 -3.80 -4.72
N ALA A 231 -18.68 -4.06 -4.26
CA ALA A 231 -18.43 -4.53 -2.94
C ALA A 231 -18.92 -3.53 -1.90
N ARG A 232 -19.40 -4.08 -0.80
CA ARG A 232 -19.75 -3.28 0.36
C ARG A 232 -19.76 -4.17 1.57
N GLY A 233 -19.28 -3.64 2.68
CA GLY A 233 -19.13 -4.43 3.92
C GLY A 233 -18.06 -5.48 3.77
N THR A 234 -17.93 -6.34 4.79
CA THR A 234 -16.88 -7.33 4.83
C THR A 234 -17.28 -8.49 3.95
N SER A 235 -16.28 -9.34 3.65
CA SER A 235 -16.45 -10.43 2.73
C SER A 235 -16.79 -11.69 3.53
N TRP A 236 -16.62 -11.60 4.83
CA TRP A 236 -16.66 -12.75 5.70
C TRP A 236 -17.74 -12.65 6.79
N GLY A 237 -18.46 -11.53 6.88
CA GLY A 237 -19.57 -11.46 7.86
C GLY A 237 -20.75 -12.44 7.69
N ASN A 238 -21.33 -12.44 6.48
CA ASN A 238 -22.34 -13.45 6.11
C ASN A 238 -21.80 -14.80 5.56
N GLY A 239 -20.82 -15.45 6.24
CA GLY A 239 -20.50 -16.90 6.05
C GLY A 239 -19.37 -17.33 5.08
N THR A 240 -19.12 -18.67 4.87
CA THR A 240 -18.08 -19.18 3.89
C THR A 240 -17.94 -18.24 2.72
N PRO A 241 -16.85 -17.49 2.66
CA PRO A 241 -16.88 -16.58 1.51
C PRO A 241 -16.31 -17.39 0.39
N GLU A 242 -16.40 -16.95 -0.86
CA GLU A 242 -15.88 -17.77 -1.95
C GLU A 242 -14.44 -17.38 -2.23
N GLY A 243 -13.75 -18.40 -2.70
CA GLY A 243 -12.39 -18.30 -3.13
C GLY A 243 -11.73 -19.64 -2.94
N GLU A 244 -10.59 -19.81 -3.61
CA GLU A 244 -9.95 -21.10 -3.70
C GLU A 244 -9.01 -21.31 -2.53
N SER A 245 -8.68 -22.59 -2.22
CA SER A 245 -7.55 -22.86 -1.32
C SER A 245 -6.43 -23.61 -2.06
N LEU A 246 -5.20 -23.32 -1.70
CA LEU A 246 -4.05 -23.92 -2.35
C LEU A 246 -3.10 -24.35 -1.24
N PRO A 247 -2.86 -25.68 -1.13
CA PRO A 247 -2.00 -26.23 -0.07
C PRO A 247 -0.61 -25.73 -0.21
N LEU A 248 0.15 -25.92 0.85
CA LEU A 248 1.53 -25.54 0.91
C LEU A 248 2.23 -26.15 -0.31
N ASP A 249 1.72 -27.29 -0.81
CA ASP A 249 2.51 -28.14 -1.73
C ASP A 249 2.54 -27.67 -3.20
N GLN A 250 1.54 -26.91 -3.61
CA GLN A 250 1.58 -26.23 -4.88
C GLN A 250 2.22 -24.83 -4.86
N PHE A 251 2.95 -24.54 -3.81
CA PHE A 251 3.66 -23.29 -3.63
C PHE A 251 5.13 -23.62 -3.55
N TYR A 252 5.99 -22.90 -4.28
CA TYR A 252 7.42 -22.92 -3.99
C TYR A 252 7.66 -21.92 -2.87
N VAL A 253 7.89 -22.47 -1.69
CA VAL A 253 8.20 -21.72 -0.52
C VAL A 253 9.63 -21.21 -0.63
N VAL A 254 9.77 -20.01 -1.21
CA VAL A 254 11.04 -19.32 -1.42
C VAL A 254 11.69 -18.89 -0.10
N LYS A 255 12.97 -19.23 0.06
CA LYS A 255 13.76 -18.97 1.27
C LYS A 255 15.16 -18.51 0.79
N PRO A 256 15.71 -17.39 1.35
CA PRO A 256 16.73 -16.56 0.67
C PRO A 256 17.88 -17.31 0.06
N GLY A 257 18.12 -16.90 -1.18
CA GLY A 257 19.06 -17.53 -2.07
C GLY A 257 18.37 -17.65 -3.42
N ALA A 258 17.31 -18.46 -3.48
CA ALA A 258 16.45 -18.57 -4.67
C ALA A 258 16.85 -17.58 -5.75
N THR A 259 17.63 -18.02 -6.72
CA THR A 259 17.94 -17.14 -7.84
C THR A 259 16.62 -16.97 -8.59
N ALA A 260 16.49 -15.93 -9.40
CA ALA A 260 15.26 -15.76 -10.21
C ALA A 260 15.02 -16.92 -11.19
N GLU A 261 16.10 -17.55 -11.65
CA GLU A 261 15.98 -18.62 -12.64
C GLU A 261 15.39 -19.89 -11.99
N THR A 262 15.52 -20.03 -10.68
CA THR A 262 14.85 -21.12 -9.98
C THR A 262 13.36 -20.77 -9.85
N ILE A 263 13.03 -19.66 -9.18
CA ILE A 263 11.66 -19.10 -9.17
C ILE A 263 10.96 -19.38 -10.52
N ASN A 264 11.24 -18.53 -11.51
CA ASN A 264 10.65 -18.62 -12.86
C ASN A 264 10.44 -20.06 -13.36
N ALA A 265 11.35 -20.98 -13.03
CA ALA A 265 11.13 -22.40 -13.33
C ALA A 265 9.96 -22.94 -12.51
N ALA A 266 10.00 -22.73 -11.19
CA ALA A 266 8.90 -23.10 -10.34
C ALA A 266 7.61 -22.62 -11.02
N VAL A 267 7.67 -21.43 -11.63
CA VAL A 267 6.50 -20.98 -12.39
C VAL A 267 6.36 -21.68 -13.73
N ASP A 268 7.47 -22.02 -14.37
CA ASP A 268 7.37 -22.72 -15.64
C ASP A 268 6.81 -24.10 -15.38
N GLN A 269 7.12 -24.61 -14.20
CA GLN A 269 6.87 -26.02 -13.88
C GLN A 269 5.75 -26.26 -12.88
N GLY A 270 4.83 -25.29 -12.76
CA GLY A 270 3.52 -25.51 -12.16
C GLY A 270 3.25 -24.94 -10.78
N LEU A 271 4.23 -24.28 -10.18
CA LEU A 271 4.06 -23.81 -8.81
C LEU A 271 3.73 -22.32 -8.67
N HIS A 272 3.09 -22.01 -7.54
CA HIS A 272 2.85 -20.65 -7.10
C HIS A 272 4.15 -20.22 -6.40
N LEU A 273 4.12 -19.04 -5.76
CA LEU A 273 5.28 -18.54 -5.05
C LEU A 273 4.87 -18.00 -3.70
N LEU A 274 5.53 -18.48 -2.65
CA LEU A 274 5.39 -17.97 -1.30
C LEU A 274 6.75 -17.50 -0.85
N PHE A 275 6.90 -16.18 -0.77
CA PHE A 275 8.17 -15.64 -0.34
C PHE A 275 8.21 -15.58 1.17
N THR A 276 9.14 -16.32 1.78
CA THR A 276 9.35 -16.24 3.21
C THR A 276 9.95 -14.87 3.55
N PRO A 277 9.89 -14.48 4.82
CA PRO A 277 10.49 -13.18 5.11
C PRO A 277 11.98 -13.21 4.87
N GLY A 278 12.49 -12.10 4.37
CA GLY A 278 13.89 -11.99 4.03
C GLY A 278 14.08 -11.06 2.84
N VAL A 279 15.32 -10.97 2.41
CA VAL A 279 15.73 -10.02 1.36
C VAL A 279 16.36 -10.79 0.18
N TYR A 280 15.74 -10.69 -0.98
CA TYR A 280 16.09 -11.50 -2.16
C TYR A 280 16.70 -10.66 -3.30
N HIS A 281 18.01 -10.76 -3.44
CA HIS A 281 18.70 -10.09 -4.54
C HIS A 281 18.54 -10.94 -5.78
N VAL A 282 18.15 -10.33 -6.91
CA VAL A 282 17.97 -11.08 -8.18
C VAL A 282 18.75 -10.46 -9.34
N ASP A 283 19.22 -11.31 -10.29
CA ASP A 283 20.11 -10.93 -11.38
C ASP A 283 19.39 -10.88 -12.72
N GLN A 284 18.14 -11.30 -12.71
CA GLN A 284 17.27 -11.17 -13.85
C GLN A 284 15.85 -11.00 -13.28
N PRO A 285 14.92 -10.55 -14.12
CA PRO A 285 13.57 -10.34 -13.59
C PRO A 285 12.88 -11.63 -13.17
N ILE A 286 12.15 -11.54 -12.07
CA ILE A 286 11.16 -12.56 -11.74
C ILE A 286 9.98 -12.37 -12.69
N GLU A 287 9.50 -13.51 -13.19
CA GLU A 287 8.60 -13.53 -14.32
C GLU A 287 7.40 -14.42 -14.03
N ILE A 288 6.22 -13.84 -14.13
CA ILE A 288 5.02 -14.54 -13.80
C ILE A 288 4.17 -14.47 -15.07
N ASP A 289 4.40 -15.46 -15.92
CA ASP A 289 3.69 -15.62 -17.19
C ASP A 289 3.02 -16.99 -17.12
N ARG A 290 2.01 -17.06 -16.27
CA ARG A 290 1.18 -18.23 -16.02
C ARG A 290 -0.13 -17.74 -15.36
N ALA A 291 -1.24 -17.94 -16.05
CA ALA A 291 -2.49 -17.44 -15.55
C ALA A 291 -2.77 -17.96 -14.14
N ASN A 292 -3.36 -17.11 -13.32
CA ASN A 292 -3.79 -17.43 -11.95
C ASN A 292 -2.66 -17.73 -10.94
N THR A 293 -1.43 -17.36 -11.26
CA THR A 293 -0.32 -17.54 -10.34
C THR A 293 -0.40 -16.59 -9.13
N VAL A 294 -0.49 -17.15 -7.93
CA VAL A 294 -0.36 -16.38 -6.69
C VAL A 294 1.08 -16.25 -6.31
N ALA A 295 1.46 -15.01 -6.05
CA ALA A 295 2.73 -14.70 -5.45
C ALA A 295 2.37 -13.96 -4.15
N LEU A 296 2.70 -14.57 -3.04
CA LEU A 296 2.31 -14.06 -1.73
C LEU A 296 3.54 -14.01 -0.84
N GLY A 297 3.96 -12.81 -0.46
CA GLY A 297 5.04 -12.64 0.50
C GLY A 297 4.58 -12.54 1.94
N LEU A 298 5.47 -12.93 2.85
CA LEU A 298 5.23 -12.85 4.30
C LEU A 298 6.38 -12.04 4.92
N GLY A 299 6.08 -11.29 5.97
CA GLY A 299 7.11 -10.62 6.76
C GLY A 299 7.84 -9.48 6.03
N LEU A 300 7.14 -8.84 5.11
CA LEU A 300 7.68 -7.76 4.26
C LEU A 300 8.87 -8.28 3.42
N ALA A 301 8.76 -9.53 3.00
CA ALA A 301 9.67 -10.10 2.02
C ALA A 301 9.98 -9.08 0.92
N THR A 302 11.26 -9.00 0.61
CA THR A 302 11.80 -7.95 -0.21
C THR A 302 12.60 -8.48 -1.42
N ILE A 303 12.47 -7.78 -2.54
CA ILE A 303 13.08 -8.15 -3.81
C ILE A 303 13.92 -6.95 -4.26
N ILE A 304 15.24 -7.17 -4.36
CA ILE A 304 16.18 -6.15 -4.85
C ILE A 304 16.78 -6.58 -6.20
N PRO A 305 16.58 -5.77 -7.25
CA PRO A 305 17.14 -6.12 -8.54
C PRO A 305 18.54 -5.56 -8.71
N ASP A 306 19.49 -6.46 -8.95
CA ASP A 306 20.87 -6.10 -9.24
C ASP A 306 21.10 -5.89 -10.76
N ASN A 307 22.33 -5.52 -11.15
CA ASN A 307 22.68 -5.43 -12.59
C ASN A 307 21.80 -4.40 -13.36
N GLY A 308 20.94 -3.64 -12.65
CA GLY A 308 20.01 -2.71 -13.28
C GLY A 308 18.81 -3.38 -13.96
N VAL A 309 18.56 -4.64 -13.61
CA VAL A 309 17.41 -5.33 -14.18
C VAL A 309 16.08 -4.89 -13.57
N THR A 310 15.01 -5.25 -14.25
CA THR A 310 13.69 -5.10 -13.68
C THR A 310 13.47 -6.22 -12.64
N ALA A 311 12.82 -5.92 -11.51
CA ALA A 311 12.61 -6.92 -10.48
C ALA A 311 11.54 -7.98 -10.81
N LEU A 312 10.40 -7.51 -11.33
CA LEU A 312 9.22 -8.34 -11.40
C LEU A 312 8.44 -7.96 -12.64
N LYS A 313 8.00 -8.97 -13.38
CA LYS A 313 7.18 -8.73 -14.53
C LYS A 313 6.12 -9.79 -14.55
N VAL A 314 4.97 -9.38 -15.04
CA VAL A 314 3.81 -10.26 -15.20
C VAL A 314 3.51 -10.23 -16.69
N GLY A 315 3.30 -11.40 -17.27
CA GLY A 315 3.05 -11.51 -18.69
C GLY A 315 1.59 -11.14 -18.91
N ASP A 316 1.09 -11.36 -20.11
CA ASP A 316 -0.24 -10.87 -20.46
C ASP A 316 -1.35 -11.90 -20.16
N VAL A 317 -1.64 -12.08 -18.87
CA VAL A 317 -2.50 -13.20 -18.48
C VAL A 317 -3.40 -12.87 -17.32
N ASP A 318 -4.52 -13.58 -17.30
CA ASP A 318 -5.51 -13.39 -16.29
C ASP A 318 -4.99 -13.81 -14.90
N GLY A 319 -5.65 -13.26 -13.88
CA GLY A 319 -5.70 -13.89 -12.59
C GLY A 319 -4.46 -13.87 -11.71
N VAL A 320 -3.39 -13.15 -12.10
CA VAL A 320 -2.16 -13.14 -11.29
C VAL A 320 -2.45 -12.31 -10.04
N LYS A 321 -1.96 -12.77 -8.90
CA LYS A 321 -2.22 -12.10 -7.61
C LYS A 321 -0.89 -11.97 -6.90
N VAL A 322 -0.33 -10.77 -7.03
CA VAL A 322 0.92 -10.40 -6.37
C VAL A 322 0.55 -9.64 -5.11
N ALA A 323 1.11 -10.10 -4.01
CA ALA A 323 0.78 -9.53 -2.70
C ALA A 323 1.92 -9.59 -1.68
N GLY A 324 2.04 -8.53 -0.90
CA GLY A 324 2.91 -8.50 0.25
C GLY A 324 4.38 -8.62 -0.10
N LEU A 325 4.83 -7.79 -1.05
CA LEU A 325 6.23 -7.66 -1.43
C LEU A 325 6.69 -6.18 -1.37
N LEU A 326 7.91 -5.97 -0.90
CA LEU A 326 8.59 -4.71 -1.06
C LEU A 326 9.62 -4.90 -2.17
N VAL A 327 9.57 -4.04 -3.18
CA VAL A 327 10.59 -3.99 -4.22
C VAL A 327 11.55 -2.81 -3.91
N ASP A 328 12.83 -3.10 -3.70
CA ASP A 328 13.80 -2.14 -3.18
C ASP A 328 14.90 -1.88 -4.22
N ALA A 329 14.95 -0.67 -4.77
CA ALA A 329 15.86 -0.36 -5.86
C ALA A 329 17.32 -0.65 -5.48
N GLY A 330 18.05 -1.26 -6.41
CA GLY A 330 19.51 -1.27 -6.34
C GLY A 330 20.18 0.05 -6.71
N PRO A 331 21.46 0.20 -6.37
CA PRO A 331 22.13 1.45 -6.71
C PRO A 331 22.43 1.61 -8.20
N VAL A 332 22.51 0.52 -8.95
CA VAL A 332 22.51 0.58 -10.42
C VAL A 332 21.10 0.86 -10.94
N ASN A 333 20.96 1.97 -11.67
CA ASN A 333 19.66 2.36 -12.17
C ASN A 333 18.94 1.25 -12.93
N SER A 334 17.71 0.96 -12.50
CA SER A 334 16.83 0.12 -13.30
C SER A 334 15.86 0.94 -14.16
N GLU A 335 15.73 0.55 -15.42
CA GLU A 335 14.76 1.14 -16.32
C GLU A 335 13.33 1.10 -15.73
N THR A 336 12.92 -0.08 -15.31
CA THR A 336 11.69 -0.25 -14.52
C THR A 336 11.94 -1.18 -13.32
N LEU A 337 11.08 -1.12 -12.32
CA LEU A 337 11.13 -2.06 -11.23
C LEU A 337 10.11 -3.20 -11.34
N VAL A 338 8.89 -2.85 -11.79
CA VAL A 338 7.79 -3.76 -11.92
C VAL A 338 7.03 -3.38 -13.21
N GLU A 339 6.80 -4.35 -14.09
CA GLU A 339 5.86 -4.18 -15.20
C GLU A 339 4.77 -5.23 -15.14
N VAL A 340 3.55 -4.80 -15.43
CA VAL A 340 2.40 -5.66 -15.46
C VAL A 340 1.85 -5.65 -16.87
N GLY A 341 2.03 -6.78 -17.56
CA GLY A 341 1.81 -6.89 -19.00
C GLY A 341 3.03 -6.39 -19.79
N SER A 342 3.10 -6.74 -21.06
CA SER A 342 4.16 -6.22 -21.92
C SER A 342 3.78 -4.81 -22.47
N ASP A 343 4.70 -4.03 -23.04
CA ASP A 343 4.27 -2.70 -23.56
C ASP A 343 3.45 -2.90 -24.85
N GLY A 344 2.26 -2.29 -24.91
CA GLY A 344 1.34 -2.51 -26.04
C GLY A 344 0.22 -3.56 -25.84
N ALA A 345 0.37 -4.40 -24.80
CA ALA A 345 -0.62 -5.44 -24.47
C ALA A 345 -2.02 -4.94 -24.65
N SER A 346 -2.80 -5.56 -25.50
CA SER A 346 -4.20 -5.11 -25.62
C SER A 346 -5.27 -6.24 -25.71
N GLY A 347 -5.31 -7.09 -24.73
CA GLY A 347 -6.52 -7.88 -24.46
C GLY A 347 -7.22 -7.38 -23.21
N ASP A 348 -8.38 -7.97 -22.86
CA ASP A 348 -9.06 -7.67 -21.60
C ASP A 348 -8.89 -8.76 -20.58
N HIS A 349 -8.90 -8.40 -19.30
CA HIS A 349 -8.90 -9.38 -18.23
C HIS A 349 -9.99 -9.06 -17.21
N ALA A 350 -11.19 -8.70 -17.68
CA ALA A 350 -12.27 -8.25 -16.82
C ALA A 350 -12.77 -9.32 -15.86
N ALA A 351 -12.94 -10.55 -16.35
CA ALA A 351 -13.53 -11.55 -15.49
C ALA A 351 -12.57 -12.02 -14.39
N ASN A 352 -11.28 -11.89 -14.66
CA ASN A 352 -10.28 -12.43 -13.78
C ASN A 352 -9.03 -11.58 -13.92
N PRO A 353 -9.07 -10.40 -13.28
CA PRO A 353 -7.96 -9.45 -13.42
C PRO A 353 -6.69 -9.96 -12.76
N THR A 354 -5.56 -9.37 -13.16
CA THR A 354 -4.37 -9.44 -12.32
C THR A 354 -4.43 -8.31 -11.31
N SER A 355 -3.85 -8.52 -10.14
CA SER A 355 -3.76 -7.46 -9.12
C SER A 355 -2.42 -7.44 -8.42
N LEU A 356 -2.06 -6.24 -7.96
CA LEU A 356 -0.97 -6.01 -7.03
C LEU A 356 -1.66 -5.49 -5.78
N GLN A 357 -1.39 -6.13 -4.64
CA GLN A 357 -1.95 -5.73 -3.37
C GLN A 357 -0.83 -5.66 -2.34
N ASP A 358 -0.77 -4.57 -1.56
CA ASP A 358 0.32 -4.38 -0.62
C ASP A 358 1.68 -4.63 -1.30
N VAL A 359 1.86 -4.00 -2.44
CA VAL A 359 3.11 -4.04 -3.14
C VAL A 359 3.65 -2.64 -2.93
N PHE A 360 4.85 -2.60 -2.36
CA PHE A 360 5.52 -1.34 -2.03
C PHE A 360 6.82 -1.23 -2.83
N VAL A 361 7.19 -0.01 -3.21
CA VAL A 361 8.44 0.24 -3.88
C VAL A 361 9.20 1.28 -3.05
N ARG A 362 10.50 1.03 -2.86
CA ARG A 362 11.42 1.99 -2.26
C ARG A 362 12.60 2.28 -3.19
N ILE A 363 12.93 3.55 -3.37
CA ILE A 363 14.15 3.93 -4.06
C ILE A 363 15.03 4.78 -3.14
N GLY A 364 16.12 4.19 -2.67
CA GLY A 364 17.00 4.85 -1.70
C GLY A 364 16.55 4.58 -0.26
N GLY A 365 17.32 5.09 0.67
CA GLY A 365 16.97 5.06 2.09
C GLY A 365 17.81 4.06 2.89
N ALA A 366 18.03 2.88 2.31
CA ALA A 366 18.91 1.90 2.93
C ALA A 366 20.23 1.87 2.17
N GLY A 367 20.65 3.03 1.69
CA GLY A 367 21.73 3.12 0.72
C GLY A 367 21.25 3.49 -0.67
N PRO A 368 22.18 3.89 -1.53
CA PRO A 368 21.76 4.52 -2.78
C PRO A 368 20.99 3.57 -3.66
N GLY A 369 19.96 4.11 -4.29
CA GLY A 369 19.12 3.33 -5.20
C GLY A 369 18.52 4.23 -6.25
N LYS A 370 18.29 3.67 -7.43
CA LYS A 370 17.84 4.42 -8.57
C LYS A 370 17.02 3.57 -9.50
N ALA A 371 15.93 4.15 -9.97
CA ALA A 371 15.06 3.56 -10.96
C ALA A 371 14.36 4.64 -11.79
N THR A 372 14.15 4.38 -13.09
CA THR A 372 13.64 5.45 -13.96
C THR A 372 12.10 5.53 -13.86
N THR A 373 11.42 4.40 -13.99
CA THR A 373 9.98 4.35 -13.91
C THR A 373 9.54 3.14 -13.07
N SER A 374 9.09 3.38 -11.83
CA SER A 374 8.96 2.34 -10.83
C SER A 374 8.00 1.20 -11.20
N ILE A 375 6.72 1.52 -11.41
CA ILE A 375 5.72 0.56 -11.84
C ILE A 375 5.07 1.01 -13.16
N VAL A 376 5.11 0.11 -14.15
CA VAL A 376 4.39 0.26 -15.40
C VAL A 376 3.23 -0.72 -15.41
N VAL A 377 2.00 -0.22 -15.51
CA VAL A 377 0.82 -1.06 -15.59
C VAL A 377 0.34 -0.99 -17.04
N ASN A 378 0.74 -2.00 -17.82
CA ASN A 378 0.30 -2.13 -19.22
C ASN A 378 -1.00 -2.89 -19.45
N SER A 379 -1.21 -3.96 -18.71
CA SER A 379 -2.43 -4.77 -18.89
C SER A 379 -3.75 -4.08 -18.53
N ASN A 380 -4.72 -4.32 -19.39
CA ASN A 380 -6.09 -3.88 -19.14
C ASN A 380 -6.68 -4.57 -17.91
N ASP A 381 -7.60 -3.87 -17.27
CA ASP A 381 -8.39 -4.39 -16.14
C ASP A 381 -7.64 -4.67 -14.82
N THR A 382 -6.38 -4.30 -14.76
CA THR A 382 -5.57 -4.51 -13.58
C THR A 382 -6.13 -3.78 -12.36
N ILE A 383 -6.03 -4.43 -11.21
CA ILE A 383 -6.41 -3.83 -9.92
C ILE A 383 -5.17 -3.61 -9.03
N ILE A 384 -4.89 -2.34 -8.76
CA ILE A 384 -3.84 -1.94 -7.83
C ILE A 384 -4.52 -1.54 -6.52
N ASP A 385 -4.55 -2.45 -5.56
CA ASP A 385 -5.26 -2.28 -4.29
C ASP A 385 -4.25 -2.21 -3.10
N HIS A 386 -3.90 -0.97 -2.74
CA HIS A 386 -2.86 -0.63 -1.76
C HIS A 386 -1.43 -0.77 -2.30
N THR A 387 -0.85 0.36 -2.64
CA THR A 387 0.56 0.45 -3.03
C THR A 387 1.12 1.71 -2.43
N TRP A 388 2.38 1.65 -2.03
CA TRP A 388 3.16 2.84 -1.67
C TRP A 388 4.40 2.76 -2.52
N VAL A 389 4.55 3.75 -3.39
CA VAL A 389 5.67 3.81 -4.31
C VAL A 389 6.40 5.07 -3.88
N TRP A 390 7.60 4.90 -3.32
CA TRP A 390 8.26 5.90 -2.48
C TRP A 390 9.75 6.08 -2.86
N ARG A 391 10.06 7.22 -3.45
CA ARG A 391 11.45 7.65 -3.58
C ARG A 391 11.82 8.21 -2.19
N ALA A 392 12.87 7.67 -1.58
CA ALA A 392 13.20 8.00 -0.20
C ALA A 392 13.53 9.47 0.02
N ASP A 393 12.89 10.06 1.02
CA ASP A 393 13.19 11.44 1.41
C ASP A 393 14.23 11.50 2.51
N HIS A 394 14.49 10.38 3.21
CA HIS A 394 15.44 10.40 4.34
C HIS A 394 16.08 9.04 4.41
N GLY A 395 17.02 8.92 5.34
CA GLY A 395 17.87 7.75 5.43
C GLY A 395 19.19 8.01 4.69
N GLU A 396 19.89 6.94 4.34
CA GLU A 396 21.17 6.99 3.61
C GLU A 396 20.98 6.65 2.11
N GLY A 397 21.73 7.30 1.22
CA GLY A 397 21.54 7.14 -0.22
C GLY A 397 20.50 8.08 -0.82
N VAL A 398 20.39 9.27 -0.24
CA VAL A 398 19.30 10.19 -0.57
C VAL A 398 19.82 11.52 -1.09
N GLY A 399 19.08 12.15 -2.01
CA GLY A 399 19.66 13.21 -2.82
C GLY A 399 19.12 13.25 -4.23
N TRP A 400 19.10 14.46 -4.79
CA TRP A 400 18.34 14.79 -5.98
C TRP A 400 18.84 13.96 -7.17
N GLU A 401 20.11 13.63 -7.11
CA GLU A 401 20.71 12.74 -8.11
C GLU A 401 21.03 11.35 -7.51
N THR A 402 21.53 11.34 -6.26
CA THR A 402 21.92 10.11 -5.54
C THR A 402 20.85 9.02 -5.61
N ASN A 403 19.59 9.41 -5.41
CA ASN A 403 18.45 8.50 -5.65
C ASN A 403 17.35 9.09 -6.52
N ARG A 404 17.73 9.74 -7.62
CA ARG A 404 16.73 10.21 -8.57
C ARG A 404 15.90 9.01 -9.05
N ALA A 405 14.59 9.19 -9.03
CA ALA A 405 13.61 8.31 -9.59
C ALA A 405 12.62 9.25 -10.26
N ASP A 406 12.63 9.25 -11.58
CA ASP A 406 11.85 10.20 -12.29
C ASP A 406 10.37 10.00 -12.19
N TYR A 407 9.94 8.75 -12.36
CA TYR A 407 8.53 8.41 -12.59
C TYR A 407 8.13 7.29 -11.68
N GLY A 408 7.05 7.51 -10.95
CA GLY A 408 6.56 6.56 -9.98
C GLY A 408 5.77 5.47 -10.64
N VAL A 409 4.52 5.77 -10.97
CA VAL A 409 3.65 4.84 -11.65
C VAL A 409 3.22 5.39 -12.98
N HIS A 410 3.17 4.50 -13.98
CA HIS A 410 2.69 4.87 -15.30
C HIS A 410 1.67 3.82 -15.72
N VAL A 411 0.40 4.24 -15.79
CA VAL A 411 -0.66 3.35 -16.22
C VAL A 411 -1.01 3.59 -17.67
N LYS A 412 -0.79 2.59 -18.52
CA LYS A 412 -1.15 2.69 -19.93
C LYS A 412 -2.24 1.69 -20.39
N GLY A 413 -2.66 0.77 -19.52
CA GLY A 413 -3.72 -0.15 -19.86
C GLY A 413 -5.05 0.49 -19.53
N ASP A 414 -6.10 -0.07 -20.11
CA ASP A 414 -7.45 0.44 -19.98
C ASP A 414 -8.17 -0.25 -18.83
N ASN A 415 -9.21 0.42 -18.31
CA ASN A 415 -10.05 -0.11 -17.23
C ASN A 415 -9.28 -0.45 -15.97
N VAL A 416 -8.18 0.25 -15.73
CA VAL A 416 -7.37 -0.01 -14.54
C VAL A 416 -7.97 0.72 -13.37
N LEU A 417 -7.98 0.06 -12.22
CA LEU A 417 -8.55 0.59 -10.98
C LEU A 417 -7.47 0.58 -9.89
N ALA A 418 -7.24 1.75 -9.31
CA ALA A 418 -6.37 1.88 -8.13
C ALA A 418 -7.25 2.26 -6.94
N THR A 419 -7.15 1.47 -5.90
CA THR A 419 -7.81 1.73 -4.63
C THR A 419 -6.75 1.81 -3.50
N GLY A 420 -6.57 3.02 -2.97
CA GLY A 420 -5.51 3.27 -1.98
C GLY A 420 -4.13 3.47 -2.60
N LEU A 421 -3.98 4.52 -3.42
CA LEU A 421 -2.74 4.80 -4.14
C LEU A 421 -1.89 5.82 -3.38
N PHE A 422 -0.68 5.45 -3.01
CA PHE A 422 0.22 6.34 -2.28
C PHE A 422 1.54 6.40 -3.07
N VAL A 423 1.90 7.59 -3.59
CA VAL A 423 3.09 7.73 -4.41
C VAL A 423 3.76 9.07 -4.10
N GLU A 424 5.05 9.05 -3.80
CA GLU A 424 5.71 10.24 -3.25
C GLU A 424 7.19 10.43 -3.67
N HIS A 425 7.49 11.70 -3.96
CA HIS A 425 8.84 12.29 -3.99
C HIS A 425 9.59 12.15 -5.31
N PHE A 426 8.93 11.72 -6.38
CA PHE A 426 9.59 11.52 -7.66
C PHE A 426 10.14 12.80 -8.28
N ASN A 427 11.24 12.69 -9.02
CA ASN A 427 11.85 13.89 -9.60
C ASN A 427 10.97 14.53 -10.68
N LYS A 428 10.14 13.71 -11.31
CA LYS A 428 9.19 14.16 -12.32
C LYS A 428 7.77 13.70 -11.92
N TYR A 429 7.00 13.12 -12.85
CA TYR A 429 5.60 12.78 -12.65
C TYR A 429 5.41 11.59 -11.70
N ASP A 430 4.86 11.84 -10.51
CA ASP A 430 4.69 10.76 -9.54
C ASP A 430 3.82 9.65 -10.17
N VAL A 431 2.70 10.09 -10.72
CA VAL A 431 1.81 9.27 -11.50
C VAL A 431 1.42 9.90 -12.83
N GLN A 432 1.50 9.08 -13.89
CA GLN A 432 0.88 9.47 -15.14
C GLN A 432 -0.01 8.33 -15.69
N TRP A 433 -1.17 8.71 -16.23
CA TRP A 433 -2.15 7.79 -16.78
C TRP A 433 -2.26 8.01 -18.31
N SER A 434 -1.99 6.96 -19.08
CA SER A 434 -2.14 6.98 -20.56
C SER A 434 -3.36 6.24 -20.98
N GLY A 435 -3.78 5.25 -20.19
CA GLY A 435 -4.90 4.37 -20.57
C GLY A 435 -6.25 5.05 -20.40
N GLU A 436 -7.24 4.40 -21.01
CA GLU A 436 -8.62 4.81 -20.93
C GLU A 436 -9.34 4.24 -19.72
N ASN A 437 -10.46 4.90 -19.44
CA ASN A 437 -11.37 4.59 -18.38
C ASN A 437 -10.76 4.13 -17.05
N GLY A 438 -9.65 4.76 -16.69
CA GLY A 438 -8.99 4.47 -15.44
C GLY A 438 -9.75 5.11 -14.29
N LYS A 439 -9.66 4.50 -13.12
CA LYS A 439 -10.26 5.04 -11.91
C LYS A 439 -9.31 4.94 -10.72
N THR A 440 -9.22 6.03 -9.95
CA THR A 440 -8.47 6.06 -8.70
C THR A 440 -9.40 6.47 -7.56
N ILE A 441 -9.56 5.61 -6.57
CA ILE A 441 -10.20 5.93 -5.29
C ILE A 441 -9.12 6.03 -4.21
N PHE A 442 -8.94 7.27 -3.74
CA PHE A 442 -7.91 7.65 -2.78
C PHE A 442 -6.51 7.74 -3.38
N TYR A 443 -5.98 8.96 -3.34
CA TYR A 443 -4.58 9.25 -3.69
C TYR A 443 -3.92 10.15 -2.62
N GLN A 444 -2.73 9.72 -2.23
CA GLN A 444 -1.90 10.51 -1.37
C GLN A 444 -0.53 10.67 -2.03
N ASN A 445 -0.10 11.93 -2.20
CA ASN A 445 1.20 12.27 -2.76
C ASN A 445 1.88 13.32 -1.91
N ALA A 446 3.19 13.23 -1.82
CA ALA A 446 4.02 14.40 -1.48
C ALA A 446 5.04 14.58 -2.59
N LYS A 447 5.35 15.82 -2.93
CA LYS A 447 6.29 16.14 -3.99
C LYS A 447 7.74 15.99 -3.52
N ALA A 448 8.66 15.92 -4.47
CA ALA A 448 10.09 15.90 -4.19
C ALA A 448 10.39 17.05 -3.25
N TYR A 449 11.14 16.76 -2.18
CA TYR A 449 11.58 17.78 -1.21
C TYR A 449 12.89 18.49 -1.58
N ASP A 450 13.68 17.83 -2.43
CA ASP A 450 15.08 18.19 -2.63
C ASP A 450 15.31 18.81 -4.03
N ALA A 451 14.23 19.24 -4.67
CA ALA A 451 14.33 20.01 -5.90
C ALA A 451 15.20 21.23 -5.60
N PRO A 452 16.31 21.40 -6.33
CA PRO A 452 17.27 22.39 -5.79
C PRO A 452 16.94 23.82 -6.11
N ASP A 453 16.20 24.00 -7.20
CA ASP A 453 15.75 25.32 -7.61
C ASP A 453 14.61 25.16 -8.59
N GLN A 454 14.03 26.29 -8.99
CA GLN A 454 12.86 26.28 -9.85
C GLN A 454 13.20 25.69 -11.21
N ALA A 455 14.35 26.10 -11.76
CA ALA A 455 14.81 25.66 -13.07
C ALA A 455 14.88 24.15 -13.13
N ALA A 456 15.10 23.51 -11.99
CA ALA A 456 15.31 22.07 -12.00
C ALA A 456 14.03 21.23 -12.07
N ILE A 457 12.87 21.86 -12.20
CA ILE A 457 11.63 21.08 -12.28
C ILE A 457 10.71 21.67 -13.28
N GLN A 458 11.25 22.52 -14.13
CA GLN A 458 10.47 23.08 -15.23
C GLN A 458 10.02 21.90 -16.08
N ASN A 459 8.78 21.97 -16.58
CA ASN A 459 8.19 20.88 -17.35
C ASN A 459 7.46 21.55 -18.48
N GLY A 460 8.17 21.65 -19.61
CA GLY A 460 7.73 22.50 -20.69
C GLY A 460 7.80 23.91 -20.15
N ASP A 461 6.64 24.55 -20.11
CA ASP A 461 6.49 25.84 -19.46
C ASP A 461 5.54 25.77 -18.26
N ILE A 462 5.46 24.58 -17.69
CA ILE A 462 4.87 24.37 -16.40
C ILE A 462 5.97 24.40 -15.36
N LYS A 463 5.66 25.06 -14.25
CA LYS A 463 6.44 24.97 -13.04
C LYS A 463 6.10 23.64 -12.33
N GLY A 464 7.06 22.74 -12.28
CA GLY A 464 6.86 21.50 -11.59
C GLY A 464 6.20 20.47 -12.50
N TYR A 465 6.18 19.22 -12.02
CA TYR A 465 5.51 18.11 -12.66
C TYR A 465 4.33 17.67 -11.78
N ALA A 466 3.14 17.55 -12.39
CA ALA A 466 1.96 17.13 -11.65
C ALA A 466 2.25 15.88 -10.85
N ALA A 467 1.66 15.81 -9.66
CA ALA A 467 1.66 14.57 -8.90
C ALA A 467 0.86 13.48 -9.63
N TYR A 468 -0.12 13.94 -10.42
CA TYR A 468 -1.07 13.07 -11.12
C TYR A 468 -1.46 13.72 -12.44
N LYS A 469 -0.97 13.14 -13.56
CA LYS A 469 -1.11 13.62 -14.94
C LYS A 469 -1.86 12.61 -15.79
N VAL A 470 -3.07 12.97 -16.22
CA VAL A 470 -3.79 12.18 -17.22
C VAL A 470 -3.43 12.84 -18.57
N ASP A 471 -2.89 12.05 -19.52
CA ASP A 471 -2.42 12.66 -20.74
C ASP A 471 -3.58 13.26 -21.53
N ASP A 472 -3.23 14.21 -22.37
CA ASP A 472 -4.21 14.96 -23.12
C ASP A 472 -5.17 14.08 -23.96
N SER A 473 -4.74 12.90 -24.36
CA SER A 473 -5.56 12.09 -25.26
C SER A 473 -6.58 11.21 -24.53
N VAL A 474 -6.42 11.03 -23.22
CA VAL A 474 -7.44 10.30 -22.43
C VAL A 474 -8.86 10.88 -22.67
N THR A 475 -9.81 9.99 -22.92
CA THR A 475 -11.21 10.39 -23.19
C THR A 475 -12.05 10.23 -21.93
N THR A 476 -11.74 9.20 -21.16
CA THR A 476 -12.50 8.84 -19.97
C THR A 476 -11.56 8.55 -18.79
N HIS A 477 -11.85 9.18 -17.64
CA HIS A 477 -11.07 8.98 -16.43
C HIS A 477 -11.87 9.44 -15.22
N GLU A 478 -11.73 8.77 -14.08
CA GLU A 478 -12.37 9.29 -12.86
C GLU A 478 -11.49 9.11 -11.61
N GLY A 479 -11.31 10.18 -10.83
CA GLY A 479 -10.60 10.11 -9.58
C GLY A 479 -11.39 10.70 -8.41
N TRP A 480 -11.28 10.07 -7.24
CA TRP A 480 -11.95 10.51 -6.04
C TRP A 480 -11.00 10.58 -4.83
N GLY A 481 -10.97 11.71 -4.12
CA GLY A 481 -10.39 11.79 -2.80
C GLY A 481 -8.86 11.79 -2.89
N MET A 482 -8.33 12.90 -3.38
CA MET A 482 -6.96 12.96 -3.85
C MET A 482 -6.24 14.22 -3.41
N GLY A 483 -5.03 14.03 -2.89
CA GLY A 483 -4.25 15.13 -2.41
C GLY A 483 -2.77 15.01 -2.67
N SER A 484 -2.18 16.18 -2.94
CA SER A 484 -0.75 16.31 -3.13
C SER A 484 -0.21 17.40 -2.19
N TYR A 485 0.89 17.10 -1.52
CA TYR A 485 1.48 18.05 -0.57
C TYR A 485 2.93 18.36 -0.94
N CYS A 486 3.41 19.57 -0.60
CA CYS A 486 4.81 19.91 -0.83
C CYS A 486 5.52 20.30 0.46
N TYR A 487 6.82 19.97 0.49
CA TYR A 487 7.72 20.39 1.55
C TYR A 487 9.06 20.60 0.88
N PHE A 488 9.16 21.71 0.14
CA PHE A 488 10.36 22.03 -0.59
C PHE A 488 11.35 22.71 0.34
N ASN A 489 12.11 21.94 1.08
CA ASN A 489 12.91 22.58 2.12
C ASN A 489 14.30 22.94 1.68
N VAL A 490 14.87 22.22 0.73
CA VAL A 490 16.17 22.65 0.27
C VAL A 490 15.98 24.04 -0.35
N ASN A 491 14.78 24.30 -0.88
CA ASN A 491 14.49 25.61 -1.47
C ASN A 491 13.02 25.95 -1.42
N PRO A 492 12.58 26.57 -0.33
CA PRO A 492 11.19 26.96 -0.13
C PRO A 492 10.70 28.15 -0.93
N ASP A 493 11.47 28.73 -1.85
CA ASP A 493 10.93 29.73 -2.77
C ASP A 493 10.26 29.04 -3.98
N ILE A 494 10.46 27.73 -4.13
CA ILE A 494 9.95 26.97 -5.27
C ILE A 494 8.45 27.11 -5.36
N ARG A 495 7.96 27.12 -6.59
CA ARG A 495 6.52 27.07 -6.83
C ARG A 495 6.16 25.85 -7.66
N GLN A 496 5.13 25.15 -7.21
CA GLN A 496 4.57 24.00 -7.94
C GLN A 496 3.25 24.43 -8.60
N GLN A 497 3.16 24.43 -9.94
CA GLN A 497 1.97 24.99 -10.54
C GLN A 497 0.65 24.30 -10.12
N HIS A 498 0.71 22.99 -9.95
CA HIS A 498 -0.48 22.23 -9.57
C HIS A 498 -0.15 20.83 -9.05
N GLY A 499 -1.09 20.27 -8.29
CA GLY A 499 -1.08 18.88 -7.91
C GLY A 499 -1.46 17.90 -9.03
N PHE A 500 -2.37 18.35 -9.89
CA PHE A 500 -3.04 17.49 -10.84
C PHE A 500 -3.06 18.16 -12.19
N GLN A 501 -3.00 17.33 -13.23
CA GLN A 501 -3.01 17.80 -14.59
C GLN A 501 -3.82 16.86 -15.45
N ALA A 502 -4.73 17.43 -16.25
CA ALA A 502 -5.62 16.60 -17.04
C ALA A 502 -6.42 17.48 -17.99
N PRO A 503 -6.79 16.94 -19.15
CA PRO A 503 -7.59 17.79 -20.02
C PRO A 503 -9.00 17.94 -19.51
N VAL A 504 -9.66 18.99 -19.99
CA VAL A 504 -11.06 19.27 -19.69
C VAL A 504 -11.97 18.59 -20.71
N LYS A 505 -12.68 17.56 -20.24
CA LYS A 505 -13.58 16.73 -21.06
C LYS A 505 -14.71 16.19 -20.15
N PRO A 506 -15.92 16.01 -20.71
CA PRO A 506 -17.02 15.51 -19.86
C PRO A 506 -16.75 14.15 -19.22
N GLY A 507 -16.02 13.32 -19.92
CA GLY A 507 -15.74 11.97 -19.44
C GLY A 507 -14.47 11.85 -18.58
N VAL A 508 -13.76 12.96 -18.40
CA VAL A 508 -12.57 12.97 -17.51
C VAL A 508 -12.89 13.82 -16.27
N LYS A 509 -13.23 13.18 -15.16
CA LYS A 509 -13.82 13.84 -13.99
C LYS A 509 -12.97 13.62 -12.75
N PHE A 510 -12.67 14.67 -12.00
CA PHE A 510 -12.15 14.51 -10.64
C PHE A 510 -13.16 14.94 -9.58
N HIS A 511 -12.96 14.40 -8.39
CA HIS A 511 -13.79 14.67 -7.21
C HIS A 511 -12.90 14.85 -5.97
N ASP A 512 -13.27 15.83 -5.18
CA ASP A 512 -12.62 16.16 -3.92
C ASP A 512 -11.10 16.15 -4.01
N LEU A 513 -10.54 17.13 -4.73
CA LEU A 513 -9.08 17.32 -4.85
C LEU A 513 -8.55 18.39 -3.91
N LEU A 514 -7.26 18.29 -3.62
CA LEU A 514 -6.62 19.24 -2.73
C LEU A 514 -5.10 19.23 -2.82
N VAL A 515 -4.51 20.40 -2.52
CA VAL A 515 -3.08 20.50 -2.41
C VAL A 515 -2.76 21.26 -1.13
N VAL A 516 -1.59 20.99 -0.58
CA VAL A 516 -1.24 21.48 0.75
C VAL A 516 0.27 21.75 0.82
N SER A 517 0.66 22.96 1.20
CA SER A 517 2.05 23.25 1.54
C SER A 517 2.24 22.98 3.01
N LEU A 518 3.20 22.12 3.33
CA LEU A 518 3.44 21.73 4.70
C LEU A 518 4.22 22.86 5.36
N GLY A 519 3.52 23.91 5.73
CA GLY A 519 4.10 25.02 6.46
C GLY A 519 4.96 25.96 5.62
N GLY A 520 4.41 26.34 4.47
CA GLY A 520 5.02 27.31 3.60
C GLY A 520 6.37 26.96 3.02
N LYS A 521 6.73 25.68 3.00
CA LYS A 521 7.93 25.27 2.29
C LYS A 521 7.60 25.00 0.81
N GLY A 522 7.73 26.06 0.02
CA GLY A 522 7.21 26.08 -1.33
C GLY A 522 5.70 26.32 -1.26
N GLN A 523 5.10 26.66 -2.39
CA GLN A 523 3.65 26.78 -2.50
C GLN A 523 3.13 26.22 -3.85
N TYR A 524 1.86 25.82 -3.84
CA TYR A 524 1.07 25.49 -5.02
C TYR A 524 0.45 26.75 -5.64
N GLU A 525 0.45 26.84 -6.96
CA GLU A 525 -0.17 28.00 -7.63
C GLU A 525 -1.67 27.75 -7.90
N HIS A 526 -2.01 26.49 -8.13
CA HIS A 526 -3.36 26.09 -8.43
C HIS A 526 -3.48 24.59 -7.97
N VAL A 527 -4.70 24.06 -7.96
CA VAL A 527 -4.94 22.69 -7.54
C VAL A 527 -4.78 21.71 -8.73
N ILE A 528 -5.54 21.98 -9.80
CA ILE A 528 -5.53 21.19 -11.03
C ILE A 528 -5.44 22.11 -12.26
N ASN A 529 -4.55 21.78 -13.19
CA ASN A 529 -4.28 22.67 -14.29
C ASN A 529 -4.09 24.09 -13.67
N ASP A 530 -4.94 25.05 -14.05
CA ASP A 530 -4.85 26.43 -13.50
C ASP A 530 -6.13 26.87 -12.80
N ILE A 531 -6.84 25.89 -12.28
CA ILE A 531 -8.00 26.15 -11.46
C ILE A 531 -7.79 25.73 -9.99
N GLY A 532 -8.38 26.51 -9.10
CA GLY A 532 -8.15 26.34 -7.68
C GLY A 532 -7.19 27.38 -7.16
N ASP A 533 -7.41 27.79 -5.91
CA ASP A 533 -6.60 28.84 -5.26
C ASP A 533 -5.18 28.30 -5.09
N PRO A 534 -4.18 29.20 -5.13
CA PRO A 534 -2.86 28.82 -4.61
C PRO A 534 -2.88 28.56 -3.10
N THR A 535 -1.88 27.86 -2.59
CA THR A 535 -1.68 27.78 -1.17
C THR A 535 -0.96 29.07 -0.74
N SER A 536 -1.22 29.52 0.48
CA SER A 536 -0.57 30.72 1.03
C SER A 536 -0.30 30.58 2.53
N GLY A 537 0.41 31.56 3.11
CA GLY A 537 0.75 31.52 4.51
C GLY A 537 1.76 30.41 4.78
N ASP A 538 1.94 30.10 6.05
CA ASP A 538 2.72 28.95 6.46
C ASP A 538 1.89 28.03 7.34
N THR A 539 0.57 28.15 7.26
CA THR A 539 -0.34 27.55 8.23
C THR A 539 -0.88 26.15 7.80
N THR A 540 -0.45 25.66 6.64
CA THR A 540 -0.80 24.31 6.19
C THR A 540 -2.29 24.13 5.99
N ILE A 541 -2.92 25.16 5.44
CA ILE A 541 -4.34 25.07 5.07
C ILE A 541 -4.47 24.54 3.64
N PRO A 542 -5.26 23.46 3.45
CA PRO A 542 -5.43 23.01 2.07
C PRO A 542 -6.15 24.00 1.18
N SER A 543 -5.84 23.92 -0.11
CA SER A 543 -6.69 24.48 -1.15
C SER A 543 -7.31 23.33 -1.90
N GLN A 544 -8.59 23.50 -2.25
CA GLN A 544 -9.49 22.42 -2.62
C GLN A 544 -10.25 22.73 -3.91
N VAL A 545 -10.44 21.69 -4.73
CA VAL A 545 -11.46 21.63 -5.77
C VAL A 545 -12.46 20.53 -5.34
N VAL A 546 -13.77 20.87 -5.30
CA VAL A 546 -14.80 19.86 -5.07
C VAL A 546 -15.04 19.00 -6.33
N SER A 547 -15.14 19.65 -7.47
CA SER A 547 -15.58 19.03 -8.72
C SER A 547 -14.84 19.59 -9.90
N PHE A 548 -14.33 18.71 -10.75
CA PHE A 548 -13.64 19.13 -11.96
C PHE A 548 -13.98 18.12 -13.06
N PRO A 549 -14.15 18.58 -14.31
CA PRO A 549 -14.06 19.96 -14.81
C PRO A 549 -15.27 20.78 -14.33
C2 BGC B . -2.21 17.51 12.46
C3 BGC B . -1.60 18.46 11.56
C4 BGC B . -2.57 19.44 11.00
C5 BGC B . -3.49 20.04 12.09
C6 BGC B . -4.58 20.60 11.54
C1 BGC B . -3.02 18.12 13.52
O1 BGC B . -3.70 17.20 14.31
O2 BGC B . -1.14 16.76 13.12
O3 BGC B . -0.86 17.76 10.45
O4 BGC B . -1.96 20.50 10.23
O5 BGC B . -4.04 18.90 12.89
O6 BGC B . -5.50 21.04 12.45
C2 BGC B . 1.21 17.24 9.31
C3 BGC B . 2.57 17.58 9.07
C4 BGC B . 2.79 19.04 8.85
C5 BGC B . 2.07 19.89 9.94
C6 BGC B . 2.04 21.23 9.69
C1 BGC B . 0.52 18.04 10.34
O2 BGC B . 1.07 15.82 9.67
O3 BGC B . 2.95 16.84 7.83
O4 BGC B . 4.15 19.35 8.85
O5 BGC B . 0.64 19.42 10.01
O6 BGC B . 1.77 21.98 10.83
C2 BGC B . 4.32 15.17 6.75
C3 BGC B . 5.64 14.72 6.46
C4 BGC B . 6.51 15.85 6.13
C5 BGC B . 6.59 16.87 7.31
C6 BGC B . 7.34 17.94 6.99
C1 BGC B . 4.24 16.27 7.77
O2 BGC B . 3.53 14.06 7.27
O3 BGC B . 5.68 13.90 5.22
O4 BGC B . 7.80 15.44 5.79
O5 BGC B . 5.16 17.33 7.47
O6 BGC B . 7.31 18.98 7.90
C2 BGC B . 5.95 11.84 4.05
C3 BGC B . 6.69 10.59 3.97
C4 BGC B . 8.00 10.69 4.66
C5 BGC B . 7.85 11.06 6.16
C6 BGC B . 9.08 11.23 6.74
C1 BGC B . 5.87 12.51 5.37
O2 BGC B . 4.55 11.69 3.61
O3 BGC B . 6.97 10.24 2.53
O4 BGC B . 8.88 9.59 4.54
O5 BGC B . 7.06 12.36 6.18
O6 BGC B . 9.89 12.32 6.39
C2 BGC C . -2.13 0.61 23.32
C3 BGC C . -3.49 1.04 23.87
C4 BGC C . -4.05 0.09 24.95
C5 BGC C . -2.97 -0.39 25.89
C6 BGC C . -3.36 -1.48 26.84
C1 BGC C . -1.22 0.01 24.37
O2 BGC C . -1.46 1.74 22.77
O3 BGC C . -4.41 1.21 22.80
O4 BGC C . -5.04 0.76 25.67
O5 BGC C . -1.85 -0.93 25.22
O6 BGC C . -2.14 -2.08 27.27
C1 EDO D . 17.01 -4.16 2.49
O1 EDO D . 15.81 -4.08 1.73
C2 EDO D . 16.98 -3.08 3.56
O2 EDO D . 15.76 -3.16 4.30
H11 EDO D . 17.88 -4.03 1.83
H12 EDO D . 17.09 -5.15 2.95
HO1 EDO D . 15.90 -4.63 0.94
H21 EDO D . 17.08 -2.09 3.11
H22 EDO D . 17.83 -3.22 4.24
HO2 EDO D . 15.73 -2.42 4.92
C1 EDO E . 9.40 17.79 -9.12
O1 EDO E . 8.58 16.67 -9.55
C2 EDO E . 8.54 18.95 -8.62
O2 EDO E . 7.43 19.21 -9.47
H11 EDO E . 10.03 18.13 -9.94
H12 EDO E . 10.04 17.45 -8.32
HO1 EDO E . 9.14 15.88 -9.60
H21 EDO E . 9.17 19.84 -8.57
H22 EDO E . 8.19 18.74 -7.62
HO2 EDO E . 6.94 19.98 -9.15
C1 EDO F . 13.84 -3.61 -19.04
O1 EDO F . 13.37 -4.87 -18.53
C2 EDO F . 12.70 -2.57 -19.16
O2 EDO F . 11.57 -3.03 -19.91
H11 EDO F . 14.29 -3.76 -20.03
H12 EDO F . 14.63 -3.21 -18.40
HO1 EDO F . 14.12 -5.47 -18.38
H21 EDO F . 13.09 -1.67 -19.63
H22 EDO F . 12.38 -2.28 -18.16
HO2 EDO F . 10.89 -2.35 -19.96
N GLU A 1 12.43 -29.27 -11.04
CA GLU A 1 13.70 -29.01 -10.33
C GLU A 1 13.36 -28.25 -9.05
N VAL A 2 12.31 -27.48 -9.13
CA VAL A 2 11.69 -26.96 -7.94
C VAL A 2 10.79 -28.07 -7.44
N VAL A 3 10.92 -28.38 -6.16
CA VAL A 3 9.85 -29.10 -5.46
C VAL A 3 9.12 -28.01 -4.68
N GLY A 4 7.79 -28.03 -4.63
CA GLY A 4 7.05 -26.87 -4.12
C GLY A 4 7.02 -26.57 -2.62
N GLY A 5 6.00 -27.05 -1.89
CA GLY A 5 5.92 -27.02 -0.44
C GLY A 5 7.17 -27.12 0.44
N GLY A 6 7.01 -27.39 1.75
CA GLY A 6 8.09 -27.17 2.71
C GLY A 6 7.84 -26.28 3.93
N ASP A 7 8.80 -26.37 4.87
CA ASP A 7 8.99 -25.45 6.00
C ASP A 7 8.99 -23.98 5.59
N LEU A 8 8.68 -23.09 6.52
CA LEU A 8 8.67 -21.67 6.19
C LEU A 8 9.90 -20.89 6.68
N GLY A 9 10.87 -21.58 7.29
CA GLY A 9 12.13 -20.94 7.62
C GLY A 9 12.05 -20.17 8.93
N PRO A 10 13.18 -19.79 9.48
CA PRO A 10 13.14 -19.33 10.88
C PRO A 10 12.60 -17.91 11.08
N ASN A 11 12.01 -17.34 10.03
CA ASN A 11 11.41 -16.01 10.10
C ASN A 11 9.89 -16.02 10.11
N VAL A 12 9.30 -17.22 9.99
CA VAL A 12 7.86 -17.41 10.09
C VAL A 12 7.60 -18.03 11.46
N LEU A 13 7.02 -17.26 12.37
CA LEU A 13 6.86 -17.68 13.77
C LEU A 13 5.43 -18.19 13.90
N VAL A 14 5.29 -19.47 14.21
CA VAL A 14 4.00 -20.00 14.52
C VAL A 14 3.91 -20.20 16.05
N PHE A 15 2.96 -19.49 16.66
CA PHE A 15 2.62 -19.64 18.06
C PHE A 15 1.26 -20.35 18.11
N ASP A 16 0.95 -21.13 19.17
CA ASP A 16 -0.42 -21.65 19.34
C ASP A 16 -0.99 -21.27 20.72
N PRO A 17 -2.21 -21.78 21.06
CA PRO A 17 -2.67 -21.33 22.39
C PRO A 17 -2.02 -22.03 23.56
N SER A 18 -0.99 -22.85 23.36
CA SER A 18 -0.26 -23.34 24.52
C SER A 18 1.17 -22.89 24.50
N THR A 19 1.58 -22.24 23.41
CA THR A 19 2.96 -21.81 23.30
C THR A 19 3.46 -21.11 24.53
N PRO A 20 4.57 -21.59 25.09
CA PRO A 20 5.20 -20.87 26.20
C PRO A 20 5.37 -19.33 26.09
N ASP A 21 4.98 -18.60 27.12
CA ASP A 21 5.63 -17.33 27.41
C ASP A 21 5.53 -16.20 26.31
N ILE A 22 4.44 -16.21 25.53
CA ILE A 22 4.33 -15.35 24.31
C ILE A 22 4.67 -13.86 24.43
N GLN A 23 4.41 -13.23 25.58
CA GLN A 23 4.61 -11.79 25.66
C GLN A 23 6.08 -11.45 25.61
N GLY A 24 6.90 -12.37 26.10
CA GLY A 24 8.35 -12.24 25.96
C GLY A 24 8.72 -12.56 24.53
N LYS A 25 8.09 -13.60 23.96
CA LYS A 25 8.44 -14.06 22.59
C LYS A 25 8.19 -12.96 21.55
N VAL A 26 6.93 -12.54 21.48
CA VAL A 26 6.50 -11.44 20.63
C VAL A 26 7.34 -10.20 20.92
N ASP A 27 7.72 -10.03 22.19
CA ASP A 27 8.66 -8.96 22.52
C ASP A 27 10.10 -9.22 22.13
N GLU A 28 10.53 -10.46 22.01
CA GLU A 28 11.91 -10.72 21.56
C GLU A 28 12.07 -10.03 20.18
N VAL A 29 10.98 -10.04 19.44
CA VAL A 29 10.98 -9.57 18.02
C VAL A 29 10.84 -8.04 17.95
N PHE A 30 9.90 -7.48 18.71
CA PHE A 30 9.73 -6.00 18.79
C PHE A 30 10.98 -5.26 19.29
N ARG A 31 11.63 -5.84 20.29
CA ARG A 31 12.91 -5.33 20.82
C ARG A 31 13.87 -5.15 19.63
N LYS A 32 13.84 -6.08 18.69
CA LYS A 32 14.75 -6.05 17.54
C LYS A 32 14.34 -5.08 16.40
N GLN A 33 13.06 -5.01 16.06
CA GLN A 33 12.60 -4.10 14.98
C GLN A 33 12.08 -2.69 15.29
N GLU A 34 11.87 -2.35 16.57
CA GLU A 34 11.22 -1.08 16.95
C GLU A 34 11.73 0.12 16.14
N SER A 35 13.03 0.35 16.20
CA SER A 35 13.60 1.54 15.55
C SER A 35 14.41 1.16 14.30
N ASN A 36 14.21 -0.07 13.82
CA ASN A 36 14.98 -0.65 12.73
C ASN A 36 14.42 -0.33 11.33
N GLN A 37 14.48 0.94 10.98
CA GLN A 37 13.74 1.45 9.81
C GLN A 37 14.27 0.88 8.49
N PHE A 38 15.58 0.59 8.43
CA PHE A 38 16.20 0.28 7.17
C PHE A 38 16.98 -1.03 7.23
N GLY A 39 16.72 -1.85 8.24
CA GLY A 39 17.45 -3.10 8.42
C GLY A 39 16.98 -4.20 7.51
N THR A 40 17.80 -5.23 7.37
CA THR A 40 17.47 -6.34 6.47
C THR A 40 16.70 -7.47 7.18
N ASP A 41 16.53 -7.38 8.48
CA ASP A 41 15.74 -8.38 9.21
C ASP A 41 14.23 -8.28 8.89
N ARG A 42 13.57 -9.43 8.89
CA ARG A 42 12.20 -9.58 8.45
C ARG A 42 11.53 -10.65 9.32
N TYR A 43 10.28 -10.42 9.74
CA TYR A 43 9.57 -11.38 10.57
C TYR A 43 8.07 -11.49 10.24
N ALA A 44 7.57 -12.73 10.19
CA ALA A 44 6.11 -12.98 10.19
C ALA A 44 5.76 -13.66 11.50
N LEU A 45 4.72 -13.14 12.18
CA LEU A 45 4.22 -13.68 13.46
C LEU A 45 2.83 -14.28 13.22
N MET A 46 2.78 -15.60 13.13
CA MET A 46 1.58 -16.30 12.72
C MET A 46 0.93 -16.93 13.96
N PHE A 47 -0.38 -16.77 14.14
CA PHE A 47 -1.09 -17.34 15.29
C PHE A 47 -2.16 -18.36 14.89
N LYS A 48 -2.01 -19.58 15.40
CA LYS A 48 -2.94 -20.67 15.05
C LYS A 48 -4.27 -20.41 15.80
N PRO A 49 -5.39 -20.87 15.24
CA PRO A 49 -6.67 -20.48 15.83
C PRO A 49 -6.81 -20.93 17.27
N GLY A 50 -7.45 -20.07 18.05
CA GLY A 50 -7.63 -20.25 19.48
C GLY A 50 -7.82 -18.92 20.19
N THR A 51 -7.75 -18.97 21.52
CA THR A 51 -7.86 -17.77 22.32
C THR A 51 -6.57 -17.51 23.08
N TYR A 52 -6.06 -16.28 22.92
CA TYR A 52 -4.90 -15.78 23.61
C TYR A 52 -5.22 -14.63 24.58
N ASN A 53 -5.00 -14.86 25.86
CA ASN A 53 -5.12 -13.82 26.85
C ASN A 53 -3.79 -13.16 27.14
N ASP A 54 -3.81 -12.00 27.80
CA ASP A 54 -2.59 -11.45 28.43
C ASP A 54 -1.49 -11.14 27.38
N ILE A 55 -1.84 -10.31 26.38
CA ILE A 55 -0.92 -10.05 25.24
C ILE A 55 -1.07 -8.68 24.66
N ASN A 56 0.03 -7.93 24.68
CA ASN A 56 0.11 -6.69 23.91
C ASN A 56 1.27 -6.89 22.90
N ALA A 57 0.87 -7.07 21.66
CA ALA A 57 1.79 -7.41 20.59
C ALA A 57 2.12 -6.13 19.85
N GLN A 58 3.29 -5.61 20.21
CA GLN A 58 3.82 -4.37 19.65
C GLN A 58 4.49 -4.71 18.31
N ILE A 59 4.06 -4.04 17.26
CA ILE A 59 4.50 -4.35 15.89
C ILE A 59 5.49 -3.29 15.42
N GLY A 60 6.71 -3.73 15.15
CA GLY A 60 7.78 -2.84 14.68
C GLY A 60 7.96 -2.90 13.18
N PHE A 61 9.11 -2.40 12.71
CA PHE A 61 9.41 -2.41 11.27
C PHE A 61 9.53 -3.83 10.75
N TYR A 62 9.05 -4.02 9.52
CA TYR A 62 9.15 -5.26 8.77
C TYR A 62 8.60 -6.46 9.54
N THR A 63 7.53 -6.22 10.26
CA THR A 63 6.83 -7.24 11.02
C THR A 63 5.39 -7.33 10.54
N SER A 64 5.00 -8.55 10.21
CA SER A 64 3.66 -8.90 9.75
C SER A 64 3.08 -9.79 10.87
N ILE A 65 1.83 -9.57 11.23
CA ILE A 65 1.16 -10.41 12.21
C ILE A 65 -0.19 -10.82 11.62
N ALA A 66 -0.53 -12.10 11.80
CA ALA A 66 -1.74 -12.67 11.25
C ALA A 66 -2.23 -13.91 12.00
N GLY A 67 -3.55 -14.11 11.94
CA GLY A 67 -4.16 -15.36 12.34
C GLY A 67 -4.12 -16.35 11.19
N LEU A 68 -4.26 -17.61 11.55
CA LEU A 68 -4.19 -18.70 10.61
C LEU A 68 -5.53 -19.46 10.49
N GLY A 69 -6.64 -18.79 10.78
CA GLY A 69 -7.95 -19.35 10.49
C GLY A 69 -8.63 -18.96 9.21
N LEU A 70 -9.80 -19.57 8.98
CA LEU A 70 -10.57 -19.33 7.76
C LEU A 70 -11.50 -18.16 7.88
N ASN A 71 -11.82 -17.82 9.12
CA ASN A 71 -12.59 -16.65 9.44
C ASN A 71 -11.81 -15.84 10.52
N PRO A 72 -11.99 -14.51 10.54
CA PRO A 72 -11.15 -13.73 11.45
C PRO A 72 -11.40 -14.00 12.96
N ASP A 73 -12.62 -14.31 13.34
CA ASP A 73 -12.93 -14.60 14.75
C ASP A 73 -12.36 -15.95 15.22
N ASP A 74 -12.02 -16.81 14.26
CA ASP A 74 -11.31 -18.07 14.53
C ASP A 74 -10.05 -17.85 15.35
N THR A 75 -9.46 -16.66 15.24
CA THR A 75 -8.22 -16.36 15.94
C THR A 75 -8.35 -15.10 16.76
N THR A 76 -8.81 -15.23 18.00
CA THR A 76 -9.12 -14.05 18.81
C THR A 76 -8.07 -13.72 19.87
N PHE A 77 -7.72 -12.44 19.98
CA PHE A 77 -6.86 -11.97 21.06
C PHE A 77 -7.72 -11.24 22.09
N ASN A 78 -7.37 -11.47 23.34
CA ASN A 78 -7.90 -10.71 24.46
C ASN A 78 -6.78 -9.84 24.89
N GLY A 79 -6.71 -8.65 24.29
CA GLY A 79 -5.47 -7.91 24.19
C GLY A 79 -5.44 -7.20 22.84
N ASP A 80 -4.22 -6.91 22.38
CA ASP A 80 -4.02 -5.87 21.36
C ASP A 80 -2.96 -6.23 20.31
N VAL A 81 -3.05 -5.52 19.19
CA VAL A 81 -2.01 -5.50 18.16
C VAL A 81 -1.72 -3.99 18.00
N THR A 82 -0.60 -3.55 18.55
CA THR A 82 -0.35 -2.14 18.80
C THR A 82 0.83 -1.60 18.01
N VAL A 83 0.59 -0.52 17.28
CA VAL A 83 1.65 0.35 16.75
C VAL A 83 1.51 1.75 17.36
N ASP A 84 2.57 2.25 18.00
CA ASP A 84 2.57 3.64 18.49
C ASP A 84 3.87 4.29 18.04
N ALA A 85 4.33 5.35 18.70
CA ALA A 85 5.40 6.17 18.15
C ALA A 85 6.49 6.51 19.16
N GLY A 86 6.54 5.76 20.26
CA GLY A 86 7.57 5.92 21.28
C GLY A 86 9.01 6.04 20.77
N TRP A 87 9.39 5.30 19.73
CA TRP A 87 10.76 5.35 19.19
C TRP A 87 11.13 6.70 18.55
N PHE A 88 10.17 7.42 17.96
CA PHE A 88 10.46 8.64 17.16
C PHE A 88 9.77 9.81 17.88
N ASP A 89 9.75 9.67 19.20
CA ASP A 89 9.32 10.73 20.14
C ASP A 89 7.85 11.15 19.91
N GLY A 90 7.05 10.15 19.54
CA GLY A 90 5.67 10.35 19.19
C GLY A 90 5.33 10.68 17.74
N ASN A 91 6.27 11.11 16.89
CA ASN A 91 5.98 11.34 15.47
C ASN A 91 5.74 9.96 14.86
N ALA A 92 4.55 9.74 14.32
CA ALA A 92 4.21 8.43 13.69
C ALA A 92 4.50 8.39 12.20
N THR A 93 5.01 9.47 11.62
CA THR A 93 5.13 9.46 10.16
C THR A 93 6.37 8.77 9.53
N GLN A 94 7.02 7.91 10.32
CA GLN A 94 7.99 6.99 9.79
C GLN A 94 7.61 5.53 10.16
N ASN A 95 6.34 5.33 10.55
CA ASN A 95 5.88 4.01 11.01
C ASN A 95 5.43 3.12 9.85
N PHE A 96 6.41 2.69 9.06
CA PHE A 96 6.17 2.03 7.78
C PHE A 96 6.37 0.52 7.85
N TRP A 97 5.97 -0.16 6.77
CA TRP A 97 6.42 -1.53 6.44
C TRP A 97 6.09 -2.57 7.52
N ARG A 98 4.81 -2.72 7.76
CA ARG A 98 4.33 -3.69 8.72
C ARG A 98 2.84 -3.96 8.42
N SER A 99 2.28 -4.98 9.04
CA SER A 99 0.87 -5.31 8.70
C SER A 99 0.16 -6.04 9.80
N ALA A 100 -1.15 -6.16 9.66
CA ALA A 100 -1.94 -7.01 10.56
C ALA A 100 -3.08 -7.56 9.75
N GLU A 101 -3.35 -8.86 9.88
CA GLU A 101 -4.42 -9.45 9.13
C GLU A 101 -5.06 -10.66 9.83
N ASN A 102 -6.36 -10.85 9.59
CA ASN A 102 -7.06 -12.12 9.88
C ASN A 102 -7.02 -12.49 11.37
N LEU A 103 -7.27 -11.45 12.19
CA LEU A 103 -7.42 -11.58 13.64
C LEU A 103 -8.66 -10.85 14.16
N ALA A 104 -9.21 -11.38 15.25
CA ALA A 104 -10.15 -10.64 16.09
C ALA A 104 -9.29 -10.02 17.19
N LEU A 105 -9.77 -8.94 17.80
CA LEU A 105 -9.08 -8.29 18.92
C LEU A 105 -10.11 -7.77 19.90
N ASN A 106 -9.83 -8.02 21.18
CA ASN A 106 -10.69 -7.61 22.31
C ASN A 106 -9.72 -6.79 23.16
N PRO A 107 -9.58 -5.51 22.84
CA PRO A 107 -8.49 -4.65 23.37
C PRO A 107 -8.72 -4.35 24.84
N VAL A 108 -7.63 -4.24 25.61
CA VAL A 108 -7.72 -4.22 27.06
C VAL A 108 -8.48 -3.03 27.65
N ASN A 109 -8.30 -1.83 27.11
CA ASN A 109 -9.05 -0.68 27.62
C ASN A 109 -10.11 -0.25 26.61
N GLY A 110 -10.58 -1.21 25.82
CA GLY A 110 -11.64 -1.01 24.85
C GLY A 110 -11.27 -0.45 23.49
N THR A 111 -10.13 0.25 23.37
CA THR A 111 -9.64 0.70 22.06
C THR A 111 -8.28 0.11 21.70
N ASN A 112 -8.16 -0.38 20.47
CA ASN A 112 -6.89 -0.83 19.93
C ASN A 112 -6.19 0.35 19.19
N ARG A 113 -4.88 0.48 19.37
CA ARG A 113 -4.12 1.52 18.67
C ARG A 113 -3.20 1.05 17.54
N TRP A 114 -3.50 1.49 16.30
CA TRP A 114 -2.70 1.21 15.09
C TRP A 114 -2.29 2.55 14.44
N ALA A 115 -1.22 3.12 14.97
CA ALA A 115 -0.83 4.51 14.69
C ALA A 115 0.29 4.52 13.65
N VAL A 116 -0.11 4.18 12.45
CA VAL A 116 0.83 3.92 11.39
C VAL A 116 0.81 5.06 10.35
N SER A 117 1.81 5.04 9.48
CA SER A 117 1.74 5.84 8.31
C SER A 117 1.70 4.88 7.11
N GLN A 118 2.47 5.13 6.07
CA GLN A 118 2.32 4.37 4.83
C GLN A 118 2.82 2.90 4.87
N ALA A 119 2.25 2.09 3.99
CA ALA A 119 2.61 0.68 3.82
C ALA A 119 2.42 -0.09 5.13
N ALA A 120 1.29 0.11 5.74
CA ALA A 120 0.99 -0.53 7.03
C ALA A 120 -0.45 -1.08 7.04
N PRO A 121 -0.77 -1.97 6.09
CA PRO A 121 -2.13 -2.48 5.92
C PRO A 121 -2.70 -3.19 7.17
N PHE A 122 -4.01 -3.06 7.29
CA PHE A 122 -4.84 -3.60 8.37
C PHE A 122 -5.99 -4.24 7.60
N ARG A 123 -5.95 -5.57 7.46
CA ARG A 123 -6.91 -6.26 6.61
C ARG A 123 -7.60 -7.42 7.31
N ARG A 124 -8.86 -7.66 6.97
CA ARG A 124 -9.59 -8.85 7.40
C ARG A 124 -9.50 -8.98 8.93
N MET A 125 -9.70 -7.82 9.59
CA MET A 125 -9.68 -7.71 11.06
C MET A 125 -11.07 -7.50 11.68
N HIS A 126 -11.23 -8.05 12.88
CA HIS A 126 -12.43 -7.76 13.70
C HIS A 126 -12.09 -7.15 15.08
N VAL A 127 -12.18 -5.83 15.18
CA VAL A 127 -11.94 -5.14 16.45
C VAL A 127 -13.25 -5.04 17.23
N LYS A 128 -13.32 -5.76 18.34
CA LYS A 128 -14.51 -5.73 19.19
C LYS A 128 -14.36 -4.56 20.16
N GLY A 129 -14.63 -3.36 19.65
CA GLY A 129 -14.35 -2.14 20.41
C GLY A 129 -13.83 -1.08 19.46
N GLY A 130 -12.99 -0.21 19.99
CA GLY A 130 -12.50 0.96 19.28
C GLY A 130 -11.17 0.78 18.59
N LEU A 131 -10.93 1.67 17.63
CA LEU A 131 -9.65 1.67 16.89
C LEU A 131 -9.15 3.12 16.78
N ASN A 132 -8.02 3.36 17.44
CA ASN A 132 -7.34 4.69 17.51
C ASN A 132 -6.21 4.64 16.52
N LEU A 133 -6.24 5.49 15.50
CA LEU A 133 -5.20 5.51 14.46
C LEU A 133 -4.04 6.50 14.66
N ALA A 134 -4.02 7.18 15.80
CA ALA A 134 -2.98 8.18 16.07
C ALA A 134 -2.10 7.81 17.23
N PRO A 135 -0.86 8.30 17.20
CA PRO A 135 -0.02 8.10 18.36
C PRO A 135 -0.52 8.84 19.60
N ASP A 136 0.12 8.48 20.68
CA ASP A 136 -0.18 9.06 22.00
C ASP A 136 0.60 10.35 22.05
N GLY A 137 -0.08 11.48 22.26
CA GLY A 137 0.47 12.81 22.02
C GLY A 137 -0.26 13.57 20.92
N TYR A 138 -1.04 12.83 20.11
CA TYR A 138 -1.72 13.39 18.92
C TYR A 138 -0.68 13.98 17.98
N GLY A 139 0.52 13.42 18.04
CA GLY A 139 1.59 13.86 17.16
C GLY A 139 1.33 13.36 15.73
N TRP A 140 2.10 13.89 14.80
CA TRP A 140 1.84 13.70 13.38
C TRP A 140 1.71 12.23 12.91
N ALA A 141 0.89 12.04 11.90
CA ALA A 141 0.64 10.70 11.34
C ALA A 141 0.12 10.82 9.92
N SER A 142 0.56 9.91 9.05
CA SER A 142 0.28 9.99 7.65
C SER A 142 -0.08 8.65 7.01
N GLY A 143 -1.14 8.00 7.53
CA GLY A 143 -1.63 6.73 7.01
C GLY A 143 -2.52 6.93 5.78
N GLY A 144 -3.29 5.92 5.40
CA GLY A 144 -3.38 4.63 6.07
C GLY A 144 -4.42 3.82 5.31
N TYR A 145 -4.54 2.54 5.64
CA TYR A 145 -5.32 1.61 4.83
C TYR A 145 -5.96 0.51 5.65
N ILE A 146 -7.29 0.48 5.55
CA ILE A 146 -8.13 -0.57 6.16
C ILE A 146 -9.00 -1.19 5.07
N ALA A 147 -8.94 -2.52 4.98
CA ALA A 147 -9.87 -3.23 4.11
C ALA A 147 -10.44 -4.48 4.75
N ASP A 148 -11.65 -4.79 4.32
CA ASP A 148 -12.31 -6.04 4.71
C ASP A 148 -12.33 -6.24 6.22
N SER A 149 -12.55 -5.14 6.93
CA SER A 149 -12.52 -5.14 8.38
C SER A 149 -13.83 -4.75 9.03
N LYS A 150 -14.03 -5.26 10.23
CA LYS A 150 -15.18 -4.87 11.03
C LYS A 150 -14.69 -4.27 12.35
N ILE A 151 -14.96 -2.99 12.53
CA ILE A 151 -14.68 -2.29 13.77
C ILE A 151 -16.04 -2.03 14.43
N ASP A 152 -16.32 -2.73 15.52
CA ASP A 152 -17.64 -2.62 16.10
C ASP A 152 -17.89 -1.23 16.65
N GLY A 153 -16.83 -0.56 17.10
CA GLY A 153 -16.95 0.74 17.75
C GLY A 153 -16.48 1.86 16.83
N GLU A 154 -15.97 2.93 17.41
CA GLU A 154 -15.49 4.08 16.67
C GLU A 154 -14.06 3.89 16.09
N VAL A 155 -13.83 4.34 14.85
CA VAL A 155 -12.47 4.57 14.37
C VAL A 155 -12.15 6.07 14.56
N GLY A 156 -11.08 6.34 15.32
CA GLY A 156 -10.68 7.71 15.63
C GLY A 156 -9.34 8.07 15.01
N PRO A 157 -9.35 8.87 13.95
CA PRO A 157 -8.06 9.13 13.32
C PRO A 157 -7.29 10.20 14.08
N TYR A 158 -8.01 11.08 14.80
CA TYR A 158 -7.40 12.24 15.52
C TYR A 158 -6.46 13.03 14.56
N SER A 159 -5.16 12.90 14.72
CA SER A 159 -4.19 13.66 13.94
C SER A 159 -3.84 13.07 12.55
N GLN A 160 -4.30 11.86 12.24
CA GLN A 160 -4.08 11.33 10.88
C GLN A 160 -4.45 12.30 9.79
N GLN A 161 -3.53 12.58 8.87
CA GLN A 161 -3.83 13.50 7.80
C GLN A 161 -4.91 13.03 6.85
N GLN A 162 -4.78 11.77 6.46
CA GLN A 162 -5.64 11.21 5.45
C GLN A 162 -5.79 9.71 5.69
N TRP A 163 -6.75 9.08 5.03
CA TRP A 163 -7.03 7.65 5.26
C TRP A 163 -7.91 7.06 4.15
N TYR A 164 -7.66 5.79 3.83
CA TYR A 164 -8.56 5.03 2.96
C TYR A 164 -9.12 3.80 3.64
N THR A 165 -10.44 3.71 3.59
CA THR A 165 -11.15 2.53 4.09
C THR A 165 -12.04 1.94 2.99
N ARG A 166 -11.94 0.63 2.77
CA ARG A 166 -12.86 -0.03 1.85
C ARG A 166 -13.45 -1.34 2.33
N ASP A 167 -14.67 -1.54 1.85
CA ASP A 167 -15.34 -2.83 1.97
C ASP A 167 -15.24 -3.34 3.39
N SER A 168 -15.87 -2.57 4.26
CA SER A 168 -15.75 -2.74 5.70
C SER A 168 -17.00 -2.26 6.38
N SER A 169 -17.01 -2.43 7.70
CA SER A 169 -18.05 -1.84 8.53
C SER A 169 -17.46 -1.21 9.78
N VAL A 170 -17.91 -0.01 10.07
CA VAL A 170 -17.48 0.70 11.26
C VAL A 170 -18.73 1.18 12.03
N GLY A 171 -18.65 1.16 13.36
CA GLY A 171 -19.73 1.65 14.19
C GLY A 171 -19.74 3.17 14.37
N GLY A 172 -18.63 3.82 14.05
CA GLY A 172 -18.51 5.26 14.18
C GLY A 172 -17.15 5.76 13.68
N TRP A 173 -17.07 7.04 13.34
CA TRP A 173 -15.89 7.61 12.71
C TRP A 173 -15.72 9.05 13.19
N GLY A 174 -14.91 9.21 14.25
CA GLY A 174 -14.73 10.46 14.97
C GLY A 174 -14.36 11.73 14.22
N ASN A 175 -13.58 11.66 13.14
CA ASN A 175 -13.13 12.92 12.51
C ASN A 175 -12.34 12.76 11.20
N GLY A 176 -12.26 13.88 10.47
CA GLY A 176 -11.41 14.04 9.32
C GLY A 176 -10.53 15.28 9.45
N VAL A 177 -9.37 15.23 8.79
CA VAL A 177 -8.39 16.32 8.74
C VAL A 177 -8.30 16.90 7.31
N TRP A 178 -7.51 16.26 6.45
CA TRP A 178 -7.42 16.63 5.03
C TRP A 178 -8.19 15.73 4.01
N ASN A 179 -8.15 14.39 4.14
CA ASN A 179 -8.75 13.52 3.12
C ASN A 179 -9.12 12.09 3.57
N MET A 180 -10.34 11.92 4.08
CA MET A 180 -10.80 10.62 4.54
C MET A 180 -11.67 10.13 3.43
N THR A 181 -11.27 9.00 2.85
CA THR A 181 -12.00 8.45 1.74
C THR A 181 -12.49 7.04 2.10
N PHE A 182 -13.73 6.79 1.72
CA PHE A 182 -14.41 5.52 1.98
C PHE A 182 -15.03 4.93 0.69
N SER A 183 -14.86 3.63 0.46
CA SER A 183 -15.68 2.97 -0.55
C SER A 183 -16.22 1.63 -0.04
N GLY A 184 -17.53 1.40 -0.17
CA GLY A 184 -18.13 0.19 0.35
C GLY A 184 -18.05 0.03 1.86
N VAL A 185 -18.10 1.15 2.56
CA VAL A 185 -17.94 1.11 4.00
C VAL A 185 -19.31 1.31 4.70
N GLU A 186 -19.93 0.21 5.04
CA GLU A 186 -21.09 0.27 5.95
C GLU A 186 -20.68 1.04 7.20
N GLY A 187 -21.45 2.05 7.51
CA GLY A 187 -21.14 2.90 8.64
C GLY A 187 -20.35 4.18 8.36
N ALA A 188 -19.85 4.38 7.13
CA ALA A 188 -19.07 5.62 6.86
C ALA A 188 -19.91 6.89 6.98
N PRO A 189 -19.24 8.04 7.21
CA PRO A 189 -19.92 9.35 7.22
C PRO A 189 -20.67 9.60 5.91
N ALA A 190 -21.54 10.60 5.90
CA ALA A 190 -22.06 11.06 4.64
C ALA A 190 -20.97 11.83 3.90
N GLN A 191 -20.93 11.67 2.59
CA GLN A 191 -20.19 12.57 1.70
C GLN A 191 -20.40 14.00 2.16
N SER A 192 -19.31 14.71 2.34
CA SER A 192 -19.32 15.99 3.04
C SER A 192 -18.22 16.98 2.64
N PHE A 193 -17.32 16.58 1.74
CA PHE A 193 -16.12 17.38 1.45
C PHE A 193 -16.67 18.75 0.98
N PRO A 194 -16.05 19.87 1.39
CA PRO A 194 -14.81 20.01 2.17
C PRO A 194 -14.99 20.24 3.68
N GLU A 195 -16.01 19.69 4.30
CA GLU A 195 -16.08 19.84 5.76
C GLU A 195 -17.21 18.99 6.34
N PRO A 196 -16.87 17.88 7.02
CA PRO A 196 -15.52 17.29 7.06
C PRO A 196 -15.07 16.92 5.65
N PRO A 197 -13.75 16.77 5.43
CA PRO A 197 -13.42 16.26 4.11
C PRO A 197 -13.60 14.75 4.12
N TYR A 198 -14.82 14.34 3.77
CA TYR A 198 -15.19 12.95 3.69
C TYR A 198 -15.63 12.69 2.25
N THR A 199 -14.86 11.85 1.58
CA THR A 199 -15.21 11.37 0.27
C THR A 199 -15.80 9.97 0.40
N THR A 200 -17.07 9.81 0.05
CA THR A 200 -17.81 8.58 0.40
C THR A 200 -18.54 7.97 -0.76
N LEU A 201 -18.11 6.77 -1.15
CA LEU A 201 -18.68 6.00 -2.23
C LEU A 201 -19.44 4.76 -1.64
N GLU A 202 -20.66 4.51 -2.10
CA GLU A 202 -21.46 3.42 -1.54
C GLU A 202 -20.78 2.09 -1.74
N THR A 203 -20.25 1.90 -2.94
CA THR A 203 -19.59 0.66 -3.29
C THR A 203 -18.22 0.85 -3.91
N THR A 204 -17.43 -0.22 -3.85
CA THR A 204 -16.12 -0.28 -4.54
C THR A 204 -16.32 -0.95 -5.87
N PRO A 205 -15.97 -0.28 -6.96
CA PRO A 205 -16.26 -0.80 -8.32
C PRO A 205 -15.88 -2.26 -8.48
N VAL A 206 -14.61 -2.57 -8.24
CA VAL A 206 -14.16 -3.95 -8.11
C VAL A 206 -13.19 -4.07 -6.94
N SER A 207 -13.28 -5.21 -6.27
CA SER A 207 -12.27 -5.59 -5.31
C SER A 207 -12.18 -7.11 -5.22
N ARG A 208 -11.02 -7.58 -4.78
CA ARG A 208 -10.77 -8.98 -4.60
C ARG A 208 -9.80 -9.07 -3.46
N GLU A 209 -10.20 -9.77 -2.41
CA GLU A 209 -9.47 -9.66 -1.15
C GLU A 209 -8.12 -10.38 -1.26
N LYS A 210 -7.17 -9.90 -0.47
CA LYS A 210 -5.78 -10.37 -0.58
C LYS A 210 -5.68 -11.82 -0.15
N PRO A 211 -4.95 -12.65 -0.93
CA PRO A 211 -4.73 -14.02 -0.48
C PRO A 211 -4.03 -14.08 0.87
N PHE A 212 -4.26 -15.15 1.61
CA PHE A 212 -3.65 -15.32 2.92
C PHE A 212 -3.52 -16.81 3.27
N LEU A 213 -2.47 -17.10 4.01
CA LEU A 213 -2.18 -18.42 4.46
C LEU A 213 -3.05 -18.77 5.69
N TYR A 214 -3.60 -19.96 5.69
CA TYR A 214 -4.38 -20.43 6.83
C TYR A 214 -4.08 -21.88 7.11
N LEU A 215 -4.76 -22.43 8.11
CA LEU A 215 -4.48 -23.75 8.62
C LEU A 215 -5.79 -24.52 8.66
N ASP A 216 -5.94 -25.55 7.82
CA ASP A 216 -7.04 -26.49 8.03
C ASP A 216 -6.52 -27.81 8.58
N GLY A 217 -6.99 -28.17 9.78
CA GLY A 217 -6.36 -29.24 10.53
C GLY A 217 -4.91 -28.87 10.71
N ASP A 218 -4.02 -29.81 10.45
CA ASP A 218 -2.60 -29.45 10.44
C ASP A 218 -2.11 -28.90 9.09
N ASP A 219 -3.04 -28.52 8.20
CA ASP A 219 -2.66 -28.30 6.78
C ASP A 219 -2.71 -26.82 6.34
N TYR A 220 -1.52 -26.24 6.16
CA TYR A 220 -1.35 -24.85 5.64
C TYR A 220 -1.81 -24.73 4.18
N LYS A 221 -2.86 -23.93 3.95
CA LYS A 221 -3.32 -23.62 2.60
C LYS A 221 -3.21 -22.07 2.40
N VAL A 222 -3.24 -21.60 1.15
CA VAL A 222 -3.47 -20.18 0.87
C VAL A 222 -4.91 -19.99 0.40
N PHE A 223 -5.71 -19.25 1.16
CA PHE A 223 -7.05 -18.92 0.68
C PHE A 223 -6.93 -17.76 -0.29
N VAL A 224 -7.55 -17.92 -1.44
CA VAL A 224 -7.48 -16.95 -2.55
C VAL A 224 -8.90 -16.46 -2.81
N PRO A 225 -9.31 -15.37 -2.15
CA PRO A 225 -10.69 -14.87 -2.37
C PRO A 225 -10.97 -14.57 -3.84
N ALA A 226 -12.21 -14.75 -4.24
CA ALA A 226 -12.68 -14.34 -5.57
C ALA A 226 -13.20 -12.88 -5.58
N LYS A 227 -13.29 -12.32 -6.78
CA LYS A 227 -13.50 -10.89 -6.94
C LYS A 227 -14.98 -10.54 -6.74
N ARG A 228 -15.20 -9.37 -6.14
CA ARG A 228 -16.50 -8.78 -5.97
C ARG A 228 -16.65 -7.54 -6.82
N THR A 229 -17.67 -7.51 -7.64
CA THR A 229 -18.01 -6.28 -8.34
C THR A 229 -19.00 -5.49 -7.47
N ASN A 230 -18.81 -4.18 -7.37
CA ASN A 230 -19.66 -3.35 -6.52
C ASN A 230 -19.65 -3.84 -5.07
N ALA A 231 -18.46 -3.96 -4.49
CA ALA A 231 -18.31 -4.46 -3.15
C ALA A 231 -18.82 -3.50 -2.10
N ARG A 232 -19.38 -4.07 -1.04
CA ARG A 232 -19.71 -3.29 0.15
C ARG A 232 -19.76 -4.17 1.37
N GLY A 233 -19.24 -3.68 2.49
CA GLY A 233 -19.13 -4.49 3.71
C GLY A 233 -18.04 -5.56 3.63
N THR A 234 -17.93 -6.38 4.67
CA THR A 234 -16.87 -7.38 4.75
C THR A 234 -17.23 -8.63 3.93
N SER A 235 -16.21 -9.44 3.59
CA SER A 235 -16.35 -10.57 2.68
C SER A 235 -16.60 -11.82 3.53
N TRP A 236 -16.22 -11.64 4.79
CA TRP A 236 -16.28 -12.64 5.79
C TRP A 236 -17.27 -11.96 6.73
N GLY A 237 -18.33 -12.68 7.04
CA GLY A 237 -19.23 -12.31 8.13
C GLY A 237 -20.51 -13.03 7.85
N ASN A 238 -20.90 -13.06 6.58
CA ASN A 238 -22.10 -13.80 6.22
C ASN A 238 -21.79 -15.32 6.33
N GLY A 239 -20.52 -15.71 6.13
CA GLY A 239 -20.04 -17.10 6.09
C GLY A 239 -18.77 -17.28 5.23
N THR A 240 -18.38 -18.56 5.00
CA THR A 240 -17.48 -19.03 3.87
C THR A 240 -17.41 -18.03 2.75
N PRO A 241 -16.21 -17.59 2.34
CA PRO A 241 -16.11 -16.84 1.07
C PRO A 241 -15.87 -17.68 -0.15
N GLU A 242 -16.42 -17.35 -1.34
CA GLU A 242 -15.99 -18.03 -2.59
C GLU A 242 -14.58 -17.53 -2.95
N GLY A 243 -13.67 -18.48 -3.07
CA GLY A 243 -12.26 -18.25 -3.40
C GLY A 243 -11.53 -19.52 -3.85
N GLU A 244 -10.46 -19.92 -3.15
CA GLU A 244 -9.82 -21.21 -3.42
C GLU A 244 -8.76 -21.62 -2.35
N SER A 245 -8.70 -22.91 -2.00
CA SER A 245 -7.56 -23.42 -1.17
C SER A 245 -6.37 -24.00 -1.96
N LEU A 246 -5.26 -23.29 -1.95
CA LEU A 246 -4.00 -23.85 -2.39
C LEU A 246 -3.34 -24.47 -1.17
N PRO A 247 -3.24 -25.82 -1.12
CA PRO A 247 -2.27 -26.33 -0.16
C PRO A 247 -0.94 -25.72 -0.47
N LEU A 248 -0.16 -25.50 0.57
CA LEU A 248 1.19 -25.04 0.50
C LEU A 248 1.97 -25.87 -0.53
N ASP A 249 1.51 -27.09 -0.80
CA ASP A 249 2.20 -27.96 -1.75
C ASP A 249 2.09 -27.55 -3.23
N GLN A 250 1.21 -26.60 -3.53
CA GLN A 250 1.16 -25.98 -4.84
C GLN A 250 2.02 -24.71 -4.95
N PHE A 251 2.79 -24.42 -3.89
CA PHE A 251 3.67 -23.25 -3.83
C PHE A 251 5.11 -23.67 -3.77
N TYR A 252 6.01 -22.99 -4.50
CA TYR A 252 7.44 -22.97 -4.20
C TYR A 252 7.60 -22.02 -3.02
N VAL A 253 7.77 -22.60 -1.84
CA VAL A 253 8.06 -21.79 -0.68
C VAL A 253 9.49 -21.24 -0.76
N VAL A 254 9.61 -19.93 -1.03
CA VAL A 254 10.89 -19.35 -1.39
C VAL A 254 11.67 -18.81 -0.20
N LYS A 255 12.96 -19.11 -0.16
CA LYS A 255 13.82 -18.82 0.98
C LYS A 255 15.19 -18.23 0.58
N PRO A 256 15.89 -17.62 1.53
CA PRO A 256 17.32 -17.32 1.39
C PRO A 256 18.07 -18.44 0.71
N GLY A 257 18.65 -18.10 -0.45
CA GLY A 257 19.36 -19.06 -1.31
C GLY A 257 18.68 -19.19 -2.68
N ALA A 258 17.56 -18.50 -2.84
CA ALA A 258 16.76 -18.66 -4.04
C ALA A 258 17.17 -17.65 -5.12
N THR A 259 17.25 -18.15 -6.35
CA THR A 259 17.57 -17.32 -7.48
C THR A 259 16.38 -17.12 -8.44
N ALA A 260 16.40 -16.02 -9.17
CA ALA A 260 15.29 -15.73 -10.08
C ALA A 260 15.21 -16.86 -11.12
N GLU A 261 16.37 -17.47 -11.39
CA GLU A 261 16.44 -18.68 -12.19
C GLU A 261 15.59 -19.78 -11.55
N THR A 262 15.80 -20.07 -10.28
CA THR A 262 15.01 -21.13 -9.64
C THR A 262 13.52 -20.73 -9.61
N ILE A 263 13.26 -19.48 -9.24
CA ILE A 263 11.91 -19.00 -9.08
C ILE A 263 11.06 -19.05 -10.35
N ASN A 264 11.65 -18.59 -11.47
CA ASN A 264 10.96 -18.58 -12.76
C ASN A 264 10.68 -20.01 -13.29
N ALA A 265 11.65 -20.89 -13.06
CA ALA A 265 11.49 -22.31 -13.36
C ALA A 265 10.39 -22.94 -12.53
N ALA A 266 10.22 -22.49 -11.29
CA ALA A 266 9.11 -22.94 -10.49
C ALA A 266 7.76 -22.58 -11.16
N VAL A 267 7.64 -21.35 -11.65
CA VAL A 267 6.36 -20.88 -12.22
C VAL A 267 6.03 -21.60 -13.55
N ASP A 268 7.05 -21.84 -14.38
CA ASP A 268 6.81 -22.59 -15.61
C ASP A 268 6.27 -23.98 -15.37
N GLN A 269 6.65 -24.56 -14.24
CA GLN A 269 6.25 -25.91 -13.92
C GLN A 269 4.88 -25.99 -13.25
N GLY A 270 4.35 -24.86 -12.79
CA GLY A 270 2.97 -24.82 -12.34
C GLY A 270 2.75 -24.29 -10.94
N LEU A 271 3.83 -24.14 -10.19
CA LEU A 271 3.80 -23.80 -8.79
C LEU A 271 3.55 -22.30 -8.56
N HIS A 272 2.88 -22.00 -7.45
CA HIS A 272 2.65 -20.63 -7.02
C HIS A 272 3.84 -20.30 -6.17
N LEU A 273 3.99 -19.03 -5.76
CA LEU A 273 5.20 -18.60 -5.06
C LEU A 273 4.85 -18.02 -3.70
N LEU A 274 5.61 -18.44 -2.69
CA LEU A 274 5.47 -17.88 -1.35
C LEU A 274 6.82 -17.45 -0.88
N PHE A 275 6.97 -16.13 -0.74
CA PHE A 275 8.22 -15.57 -0.25
C PHE A 275 8.23 -15.48 1.27
N THR A 276 9.00 -16.35 1.90
CA THR A 276 9.23 -16.22 3.33
C THR A 276 10.05 -14.94 3.64
N PRO A 277 9.87 -14.41 4.84
CA PRO A 277 10.45 -13.09 5.13
C PRO A 277 11.95 -13.11 5.00
N GLY A 278 12.45 -12.21 4.17
CA GLY A 278 13.88 -12.10 3.92
C GLY A 278 14.08 -11.14 2.77
N VAL A 279 15.33 -11.05 2.35
CA VAL A 279 15.75 -10.17 1.26
C VAL A 279 16.23 -11.02 0.07
N TYR A 280 15.71 -10.70 -1.10
CA TYR A 280 15.96 -11.49 -2.31
C TYR A 280 16.65 -10.63 -3.37
N HIS A 281 17.96 -10.82 -3.51
CA HIS A 281 18.71 -10.13 -4.54
C HIS A 281 18.55 -10.97 -5.79
N VAL A 282 18.22 -10.34 -6.92
CA VAL A 282 18.01 -11.08 -8.16
C VAL A 282 18.75 -10.41 -9.32
N ASP A 283 19.25 -11.21 -10.27
CA ASP A 283 19.97 -10.66 -11.42
C ASP A 283 19.31 -11.00 -12.75
N GLN A 284 18.13 -11.59 -12.68
CA GLN A 284 17.21 -11.56 -13.80
C GLN A 284 15.84 -11.16 -13.25
N PRO A 285 14.97 -10.66 -14.14
CA PRO A 285 13.62 -10.38 -13.65
C PRO A 285 12.92 -11.66 -13.24
N ILE A 286 12.21 -11.58 -12.13
CA ILE A 286 11.19 -12.56 -11.84
C ILE A 286 10.11 -12.38 -12.89
N GLU A 287 9.85 -13.45 -13.65
CA GLU A 287 8.87 -13.41 -14.73
C GLU A 287 7.73 -14.32 -14.36
N ILE A 288 6.52 -13.78 -14.34
CA ILE A 288 5.35 -14.58 -14.04
C ILE A 288 4.46 -14.55 -15.26
N ASP A 289 4.63 -15.55 -16.11
CA ASP A 289 3.86 -15.64 -17.34
C ASP A 289 3.01 -16.90 -17.32
N ARG A 290 2.18 -17.03 -16.28
CA ARG A 290 1.26 -18.16 -16.12
C ARG A 290 -0.04 -17.72 -15.41
N ALA A 291 -1.16 -17.96 -16.08
CA ALA A 291 -2.42 -17.44 -15.60
C ALA A 291 -2.72 -17.95 -14.18
N ASN A 292 -3.29 -17.06 -13.34
CA ASN A 292 -3.76 -17.38 -11.99
C ASN A 292 -2.65 -17.63 -10.96
N THR A 293 -1.41 -17.30 -11.28
CA THR A 293 -0.30 -17.46 -10.34
C THR A 293 -0.42 -16.51 -9.13
N VAL A 294 -0.22 -17.05 -7.94
CA VAL A 294 -0.20 -16.30 -6.67
C VAL A 294 1.25 -16.17 -6.29
N ALA A 295 1.68 -14.93 -6.08
CA ALA A 295 3.01 -14.64 -5.57
C ALA A 295 2.84 -13.81 -4.28
N LEU A 296 2.75 -14.53 -3.17
CA LEU A 296 2.42 -13.96 -1.86
C LEU A 296 3.68 -13.84 -1.02
N GLY A 297 4.03 -12.63 -0.62
CA GLY A 297 5.07 -12.43 0.38
C GLY A 297 4.60 -12.41 1.82
N LEU A 298 5.45 -12.88 2.73
CA LEU A 298 5.21 -12.76 4.17
C LEU A 298 6.29 -11.87 4.81
N GLY A 299 5.91 -11.20 5.89
CA GLY A 299 6.89 -10.50 6.71
C GLY A 299 7.67 -9.43 5.99
N LEU A 300 7.04 -8.80 5.00
CA LEU A 300 7.62 -7.73 4.20
C LEU A 300 8.85 -8.25 3.44
N ALA A 301 8.73 -9.49 2.97
CA ALA A 301 9.70 -10.05 2.04
C ALA A 301 9.98 -9.03 0.94
N THR A 302 11.27 -8.92 0.64
CA THR A 302 11.82 -7.85 -0.17
C THR A 302 12.66 -8.37 -1.35
N ILE A 303 12.45 -7.79 -2.52
CA ILE A 303 13.18 -8.12 -3.72
C ILE A 303 14.02 -6.91 -4.15
N ILE A 304 15.32 -7.13 -4.30
CA ILE A 304 16.23 -6.11 -4.84
C ILE A 304 16.85 -6.59 -6.17
N PRO A 305 16.59 -5.84 -7.26
CA PRO A 305 17.22 -6.21 -8.52
C PRO A 305 18.61 -5.60 -8.64
N ASP A 306 19.59 -6.44 -8.96
CA ASP A 306 20.96 -5.98 -9.20
C ASP A 306 21.18 -5.65 -10.67
N ASN A 307 22.31 -5.03 -11.01
CA ASN A 307 22.74 -4.91 -12.41
C ASN A 307 21.76 -4.14 -13.32
N GLY A 308 20.88 -3.36 -12.70
CA GLY A 308 19.89 -2.56 -13.41
C GLY A 308 18.72 -3.32 -14.04
N VAL A 309 18.51 -4.58 -13.61
CA VAL A 309 17.39 -5.33 -14.16
C VAL A 309 16.05 -4.94 -13.55
N THR A 310 14.98 -5.29 -14.25
CA THR A 310 13.65 -5.16 -13.70
C THR A 310 13.44 -6.29 -12.66
N ALA A 311 12.82 -5.99 -11.52
CA ALA A 311 12.61 -7.01 -10.49
C ALA A 311 11.51 -8.03 -10.82
N LEU A 312 10.40 -7.56 -11.39
CA LEU A 312 9.20 -8.36 -11.50
C LEU A 312 8.48 -7.98 -12.78
N LYS A 313 8.31 -8.96 -13.66
CA LYS A 313 7.55 -8.78 -14.89
C LYS A 313 6.37 -9.75 -14.81
N VAL A 314 5.22 -9.32 -15.28
CA VAL A 314 4.03 -10.17 -15.34
C VAL A 314 3.55 -10.15 -16.76
N GLY A 315 3.31 -11.34 -17.28
CA GLY A 315 2.99 -11.52 -18.67
C GLY A 315 1.56 -11.11 -18.90
N ASP A 316 1.08 -11.31 -20.11
CA ASP A 316 -0.25 -10.83 -20.49
C ASP A 316 -1.35 -11.89 -20.18
N VAL A 317 -1.57 -12.14 -18.90
CA VAL A 317 -2.43 -13.26 -18.49
C VAL A 317 -3.37 -12.94 -17.34
N ASP A 318 -4.53 -13.57 -17.39
CA ASP A 318 -5.56 -13.45 -16.37
C ASP A 318 -5.00 -13.83 -14.99
N GLY A 319 -5.55 -13.18 -13.97
CA GLY A 319 -5.60 -13.76 -12.64
C GLY A 319 -4.36 -13.75 -11.76
N VAL A 320 -3.28 -13.09 -12.15
CA VAL A 320 -2.03 -13.14 -11.35
C VAL A 320 -2.20 -12.24 -10.15
N LYS A 321 -1.95 -12.78 -8.95
CA LYS A 321 -2.17 -12.07 -7.68
C LYS A 321 -0.85 -11.92 -6.95
N VAL A 322 -0.31 -10.72 -7.06
CA VAL A 322 0.95 -10.35 -6.46
C VAL A 322 0.58 -9.63 -5.19
N ALA A 323 1.17 -10.09 -4.10
CA ALA A 323 0.76 -9.58 -2.78
C ALA A 323 1.86 -9.59 -1.75
N GLY A 324 1.95 -8.48 -1.02
CA GLY A 324 2.76 -8.38 0.18
C GLY A 324 4.26 -8.34 -0.04
N LEU A 325 4.72 -7.73 -1.13
CA LEU A 325 6.14 -7.63 -1.40
C LEU A 325 6.64 -6.17 -1.35
N LEU A 326 7.89 -6.01 -0.93
CA LEU A 326 8.62 -4.76 -1.09
C LEU A 326 9.61 -4.95 -2.23
N VAL A 327 9.55 -4.09 -3.24
CA VAL A 327 10.60 -4.01 -4.26
C VAL A 327 11.52 -2.82 -3.90
N ASP A 328 12.82 -3.08 -3.75
CA ASP A 328 13.78 -2.14 -3.20
C ASP A 328 14.85 -1.90 -4.26
N ALA A 329 14.96 -0.66 -4.76
CA ALA A 329 15.86 -0.33 -5.84
C ALA A 329 17.32 -0.66 -5.49
N GLY A 330 18.03 -1.23 -6.46
CA GLY A 330 19.49 -1.28 -6.40
C GLY A 330 20.11 0.06 -6.75
N PRO A 331 21.39 0.24 -6.40
CA PRO A 331 21.98 1.54 -6.67
C PRO A 331 22.46 1.66 -8.13
N VAL A 332 22.41 0.57 -8.88
CA VAL A 332 22.51 0.63 -10.35
C VAL A 332 21.11 0.85 -10.96
N ASN A 333 20.98 1.96 -11.71
CA ASN A 333 19.67 2.38 -12.20
C ASN A 333 18.96 1.26 -12.94
N SER A 334 17.76 0.94 -12.45
CA SER A 334 16.87 0.08 -13.21
C SER A 334 15.93 0.92 -14.08
N GLU A 335 15.81 0.52 -15.33
CA GLU A 335 14.89 1.14 -16.25
C GLU A 335 13.44 1.07 -15.76
N THR A 336 13.02 -0.10 -15.29
CA THR A 336 11.76 -0.22 -14.59
C THR A 336 11.94 -1.21 -13.44
N LEU A 337 11.16 -1.08 -12.37
CA LEU A 337 11.20 -2.03 -11.25
C LEU A 337 10.15 -3.15 -11.38
N VAL A 338 8.91 -2.76 -11.76
CA VAL A 338 7.84 -3.68 -11.98
C VAL A 338 7.19 -3.41 -13.33
N GLU A 339 6.84 -4.48 -14.04
CA GLU A 339 5.98 -4.37 -15.19
C GLU A 339 4.82 -5.35 -15.07
N VAL A 340 3.62 -4.84 -15.27
CA VAL A 340 2.43 -5.65 -15.26
C VAL A 340 1.94 -5.63 -16.70
N GLY A 341 2.27 -6.70 -17.43
CA GLY A 341 1.96 -6.83 -18.84
C GLY A 341 3.05 -6.23 -19.74
N SER A 342 3.15 -6.78 -20.93
CA SER A 342 4.09 -6.26 -21.92
C SER A 342 3.70 -4.90 -22.56
N ASP A 343 4.70 -4.16 -23.04
CA ASP A 343 4.50 -2.90 -23.75
C ASP A 343 3.57 -3.16 -24.96
N GLY A 344 2.45 -2.43 -25.03
CA GLY A 344 1.45 -2.67 -26.09
C GLY A 344 0.28 -3.59 -25.70
N ALA A 345 0.46 -4.36 -24.63
CA ALA A 345 -0.59 -5.32 -24.18
C ALA A 345 -2.01 -4.79 -24.34
N SER A 346 -2.79 -5.53 -25.11
CA SER A 346 -4.12 -5.07 -25.52
C SER A 346 -5.17 -6.17 -25.49
N GLY A 347 -4.90 -7.22 -24.75
CA GLY A 347 -5.99 -8.10 -24.41
C GLY A 347 -6.52 -7.59 -23.10
N ASP A 348 -7.60 -8.18 -22.65
CA ASP A 348 -8.27 -7.67 -21.52
C ASP A 348 -8.41 -8.77 -20.45
N HIS A 349 -8.81 -8.41 -19.23
CA HIS A 349 -8.89 -9.42 -18.18
C HIS A 349 -9.95 -9.08 -17.21
N ALA A 350 -11.12 -8.74 -17.75
CA ALA A 350 -12.19 -8.19 -16.98
C ALA A 350 -12.75 -9.22 -16.00
N ALA A 351 -13.02 -10.43 -16.48
CA ALA A 351 -13.56 -11.44 -15.60
C ALA A 351 -12.59 -11.67 -14.44
N ASN A 352 -11.35 -11.96 -14.78
CA ASN A 352 -10.37 -12.44 -13.83
C ASN A 352 -9.09 -11.60 -13.95
N PRO A 353 -9.14 -10.41 -13.31
CA PRO A 353 -8.01 -9.50 -13.48
C PRO A 353 -6.73 -9.92 -12.78
N THR A 354 -5.61 -9.32 -13.20
CA THR A 354 -4.40 -9.38 -12.42
C THR A 354 -4.39 -8.27 -11.37
N SER A 355 -3.85 -8.55 -10.20
CA SER A 355 -3.81 -7.56 -9.10
C SER A 355 -2.44 -7.47 -8.45
N LEU A 356 -2.09 -6.24 -8.04
CA LEU A 356 -1.05 -5.95 -7.06
C LEU A 356 -1.68 -5.47 -5.78
N GLN A 357 -1.36 -6.12 -4.66
CA GLN A 357 -1.87 -5.72 -3.34
C GLN A 357 -0.77 -5.66 -2.30
N ASP A 358 -0.72 -4.60 -1.51
CA ASP A 358 0.37 -4.42 -0.57
C ASP A 358 1.72 -4.67 -1.27
N VAL A 359 1.88 -4.03 -2.43
CA VAL A 359 3.12 -4.07 -3.15
C VAL A 359 3.67 -2.68 -2.92
N PHE A 360 4.84 -2.63 -2.31
CA PHE A 360 5.51 -1.38 -1.98
C PHE A 360 6.81 -1.27 -2.76
N VAL A 361 7.18 -0.06 -3.16
CA VAL A 361 8.43 0.15 -3.86
C VAL A 361 9.20 1.25 -3.08
N ARG A 362 10.50 1.03 -2.89
CA ARG A 362 11.40 2.00 -2.26
C ARG A 362 12.59 2.29 -3.19
N ILE A 363 12.97 3.56 -3.29
CA ILE A 363 14.18 3.92 -4.01
C ILE A 363 15.07 4.79 -3.14
N GLY A 364 16.16 4.20 -2.70
CA GLY A 364 17.07 4.84 -1.75
C GLY A 364 16.65 4.62 -0.31
N GLY A 365 17.49 5.10 0.59
CA GLY A 365 17.13 5.22 2.01
C GLY A 365 17.80 4.15 2.87
N ALA A 366 17.94 2.96 2.32
CA ALA A 366 18.74 1.90 2.95
C ALA A 366 20.04 1.69 2.15
N GLY A 367 20.55 2.80 1.63
CA GLY A 367 21.57 2.80 0.59
C GLY A 367 21.13 3.49 -0.70
N PRO A 368 22.09 4.00 -1.49
CA PRO A 368 21.70 4.59 -2.77
C PRO A 368 20.86 3.62 -3.59
N GLY A 369 19.86 4.14 -4.29
CA GLY A 369 19.05 3.33 -5.17
C GLY A 369 18.47 4.22 -6.24
N LYS A 370 18.22 3.65 -7.41
CA LYS A 370 17.80 4.39 -8.57
C LYS A 370 16.97 3.60 -9.55
N ALA A 371 15.90 4.23 -9.99
CA ALA A 371 15.01 3.66 -11.01
C ALA A 371 14.37 4.76 -11.83
N THR A 372 14.19 4.52 -13.13
CA THR A 372 13.54 5.52 -14.00
C THR A 372 12.03 5.58 -13.76
N THR A 373 11.37 4.44 -13.97
CA THR A 373 9.95 4.31 -13.81
C THR A 373 9.73 3.14 -12.85
N SER A 374 8.99 3.33 -11.76
CA SER A 374 8.91 2.27 -10.76
C SER A 374 7.95 1.16 -11.16
N ILE A 375 6.68 1.51 -11.43
CA ILE A 375 5.66 0.56 -11.83
C ILE A 375 5.04 1.01 -13.15
N VAL A 376 5.10 0.12 -14.15
CA VAL A 376 4.39 0.28 -15.40
C VAL A 376 3.24 -0.69 -15.41
N VAL A 377 2.03 -0.19 -15.56
CA VAL A 377 0.86 -1.03 -15.63
C VAL A 377 0.40 -1.01 -17.09
N ASN A 378 0.78 -2.05 -17.82
CA ASN A 378 0.31 -2.26 -19.20
C ASN A 378 -1.01 -3.04 -19.33
N SER A 379 -1.18 -4.07 -18.49
CA SER A 379 -2.37 -4.98 -18.54
C SER A 379 -3.76 -4.32 -18.27
N ASN A 380 -4.64 -4.46 -19.25
CA ASN A 380 -6.00 -3.98 -19.10
C ASN A 380 -6.69 -4.63 -17.89
N ASP A 381 -7.57 -3.87 -17.27
CA ASP A 381 -8.43 -4.35 -16.19
C ASP A 381 -7.71 -4.66 -14.83
N THR A 382 -6.42 -4.35 -14.75
CA THR A 382 -5.62 -4.65 -13.57
C THR A 382 -6.11 -3.84 -12.38
N ILE A 383 -6.02 -4.44 -11.20
CA ILE A 383 -6.36 -3.82 -9.93
C ILE A 383 -5.07 -3.52 -9.15
N ILE A 384 -4.91 -2.27 -8.73
CA ILE A 384 -3.87 -1.88 -7.79
C ILE A 384 -4.55 -1.47 -6.47
N ASP A 385 -4.58 -2.41 -5.52
CA ASP A 385 -5.30 -2.26 -4.26
C ASP A 385 -4.26 -2.19 -3.09
N HIS A 386 -3.90 -0.95 -2.75
CA HIS A 386 -2.88 -0.61 -1.76
C HIS A 386 -1.44 -0.76 -2.28
N THR A 387 -0.88 0.37 -2.66
CA THR A 387 0.53 0.43 -3.04
C THR A 387 1.12 1.70 -2.47
N TRP A 388 2.38 1.62 -2.04
CA TRP A 388 3.17 2.79 -1.67
C TRP A 388 4.42 2.73 -2.52
N VAL A 389 4.57 3.74 -3.37
CA VAL A 389 5.67 3.81 -4.31
C VAL A 389 6.40 5.08 -3.88
N TRP A 390 7.61 4.91 -3.35
CA TRP A 390 8.26 5.91 -2.51
C TRP A 390 9.73 6.11 -2.86
N ARG A 391 10.02 7.27 -3.45
CA ARG A 391 11.41 7.70 -3.59
C ARG A 391 11.80 8.20 -2.19
N ALA A 392 12.82 7.62 -1.61
CA ALA A 392 13.17 7.94 -0.23
C ALA A 392 13.49 9.42 -0.03
N ASP A 393 12.95 10.01 1.03
CA ASP A 393 13.28 11.39 1.41
C ASP A 393 14.24 11.47 2.60
N HIS A 394 14.54 10.33 3.24
CA HIS A 394 15.46 10.33 4.42
C HIS A 394 16.14 8.98 4.47
N GLY A 395 17.08 8.85 5.40
CA GLY A 395 17.89 7.67 5.50
C GLY A 395 19.24 7.82 4.78
N GLU A 396 19.78 6.69 4.34
CA GLU A 396 21.08 6.65 3.67
C GLU A 396 20.97 6.50 2.14
N GLY A 397 21.82 7.26 1.44
CA GLY A 397 21.87 7.26 0.00
C GLY A 397 20.76 8.04 -0.69
N VAL A 398 20.50 9.24 -0.21
CA VAL A 398 19.38 10.04 -0.69
C VAL A 398 19.81 11.45 -1.11
N GLY A 399 19.21 11.95 -2.20
CA GLY A 399 19.60 13.21 -2.82
C GLY A 399 19.06 13.29 -4.25
N TRP A 400 18.93 14.52 -4.76
CA TRP A 400 18.33 14.81 -6.06
C TRP A 400 18.87 13.83 -7.12
N GLU A 401 20.18 13.63 -7.08
CA GLU A 401 20.79 12.73 -8.03
C GLU A 401 21.14 11.37 -7.41
N THR A 402 21.55 11.44 -6.15
CA THR A 402 21.81 10.27 -5.32
C THR A 402 20.79 9.16 -5.53
N ASN A 403 19.53 9.48 -5.29
CA ASN A 403 18.43 8.56 -5.59
C ASN A 403 17.38 9.15 -6.53
N ARG A 404 17.82 9.69 -7.68
CA ARG A 404 16.88 10.10 -8.71
C ARG A 404 16.02 8.93 -9.11
N ALA A 405 14.73 9.22 -9.17
CA ALA A 405 13.73 8.41 -9.80
C ALA A 405 12.70 9.37 -10.38
N ASP A 406 12.70 9.48 -11.70
CA ASP A 406 11.79 10.42 -12.36
C ASP A 406 10.32 10.12 -12.23
N TYR A 407 9.95 8.85 -12.38
CA TYR A 407 8.54 8.45 -12.54
C TYR A 407 8.16 7.34 -11.59
N GLY A 408 7.04 7.55 -10.93
CA GLY A 408 6.55 6.60 -9.96
C GLY A 408 5.78 5.50 -10.63
N VAL A 409 4.57 5.83 -11.06
CA VAL A 409 3.67 4.87 -11.68
C VAL A 409 3.26 5.42 -13.02
N HIS A 410 3.29 4.56 -14.05
CA HIS A 410 2.74 4.90 -15.35
C HIS A 410 1.71 3.85 -15.74
N VAL A 411 0.44 4.26 -15.77
CA VAL A 411 -0.63 3.36 -16.19
C VAL A 411 -0.97 3.56 -17.65
N LYS A 412 -0.67 2.55 -18.46
CA LYS A 412 -0.95 2.56 -19.89
C LYS A 412 -2.19 1.74 -20.28
N GLY A 413 -2.66 0.88 -19.38
CA GLY A 413 -3.70 -0.06 -19.71
C GLY A 413 -5.03 0.60 -19.48
N ASP A 414 -6.06 -0.02 -20.04
CA ASP A 414 -7.39 0.51 -19.98
C ASP A 414 -8.13 -0.16 -18.84
N ASN A 415 -9.13 0.56 -18.30
CA ASN A 415 -10.01 0.00 -17.29
C ASN A 415 -9.26 -0.39 -16.02
N VAL A 416 -8.16 0.30 -15.76
CA VAL A 416 -7.36 0.01 -14.56
C VAL A 416 -7.93 0.73 -13.37
N LEU A 417 -7.99 0.04 -12.24
CA LEU A 417 -8.52 0.57 -10.99
C LEU A 417 -7.42 0.58 -9.92
N ALA A 418 -7.24 1.74 -9.29
CA ALA A 418 -6.31 1.88 -8.16
C ALA A 418 -7.12 2.31 -6.93
N THR A 419 -7.16 1.46 -5.92
CA THR A 419 -7.77 1.75 -4.63
C THR A 419 -6.71 1.83 -3.52
N GLY A 420 -6.54 3.02 -2.96
CA GLY A 420 -5.48 3.26 -1.96
C GLY A 420 -4.11 3.45 -2.60
N LEU A 421 -3.95 4.52 -3.37
CA LEU A 421 -2.74 4.75 -4.13
C LEU A 421 -1.89 5.79 -3.44
N PHE A 422 -0.71 5.40 -2.97
CA PHE A 422 0.21 6.31 -2.30
C PHE A 422 1.54 6.38 -3.09
N VAL A 423 1.90 7.58 -3.55
CA VAL A 423 3.06 7.74 -4.40
C VAL A 423 3.74 9.08 -4.09
N GLU A 424 5.03 9.05 -3.78
CA GLU A 424 5.73 10.24 -3.27
C GLU A 424 7.20 10.43 -3.70
N HIS A 425 7.52 11.70 -3.96
CA HIS A 425 8.87 12.28 -4.00
C HIS A 425 9.61 12.15 -5.34
N PHE A 426 8.93 11.71 -6.40
CA PHE A 426 9.61 11.50 -7.68
C PHE A 426 10.12 12.79 -8.33
N ASN A 427 11.20 12.67 -9.10
CA ASN A 427 11.83 13.88 -9.64
C ASN A 427 10.94 14.54 -10.69
N LYS A 428 10.05 13.75 -11.30
CA LYS A 428 9.07 14.27 -12.25
C LYS A 428 7.68 13.74 -11.87
N TYR A 429 6.98 13.09 -12.81
CA TYR A 429 5.59 12.72 -12.61
C TYR A 429 5.45 11.54 -11.65
N ASP A 430 4.90 11.81 -10.46
CA ASP A 430 4.70 10.74 -9.51
C ASP A 430 3.82 9.64 -10.15
N VAL A 431 2.71 10.08 -10.72
CA VAL A 431 1.76 9.24 -11.40
C VAL A 431 1.35 9.83 -12.75
N GLN A 432 1.53 9.03 -13.82
CA GLN A 432 1.06 9.38 -15.14
C GLN A 432 0.09 8.29 -15.64
N TRP A 433 -1.08 8.71 -16.13
CA TRP A 433 -2.12 7.80 -16.61
C TRP A 433 -2.31 7.94 -18.12
N SER A 434 -1.72 7.01 -18.84
CA SER A 434 -1.77 6.95 -20.30
C SER A 434 -3.05 6.34 -20.89
N GLY A 435 -3.62 5.35 -20.22
CA GLY A 435 -4.75 4.58 -20.77
C GLY A 435 -6.15 5.18 -20.54
N GLU A 436 -7.15 4.58 -21.19
CA GLU A 436 -8.56 4.96 -21.07
C GLU A 436 -9.27 4.34 -19.86
N ASN A 437 -10.35 4.99 -19.46
CA ASN A 437 -11.26 4.52 -18.43
C ASN A 437 -10.62 4.09 -17.10
N GLY A 438 -9.54 4.78 -16.73
CA GLY A 438 -8.93 4.59 -15.43
C GLY A 438 -9.78 5.19 -14.31
N LYS A 439 -9.66 4.59 -13.13
CA LYS A 439 -10.33 5.04 -11.92
C LYS A 439 -9.33 4.99 -10.74
N THR A 440 -9.25 6.08 -9.97
CA THR A 440 -8.46 6.12 -8.73
C THR A 440 -9.38 6.52 -7.58
N ILE A 441 -9.48 5.64 -6.59
CA ILE A 441 -10.19 5.92 -5.34
C ILE A 441 -9.14 6.00 -4.23
N PHE A 442 -8.87 7.25 -3.83
CA PHE A 442 -7.90 7.63 -2.81
C PHE A 442 -6.48 7.70 -3.38
N TYR A 443 -5.93 8.91 -3.28
CA TYR A 443 -4.54 9.18 -3.60
C TYR A 443 -3.89 10.10 -2.58
N GLN A 444 -2.69 9.70 -2.17
CA GLN A 444 -1.88 10.53 -1.33
C GLN A 444 -0.53 10.69 -2.00
N ASN A 445 -0.09 11.94 -2.14
CA ASN A 445 1.20 12.28 -2.70
C ASN A 445 1.92 13.31 -1.84
N ALA A 446 3.24 13.22 -1.81
CA ALA A 446 4.07 14.39 -1.51
C ALA A 446 4.97 14.62 -2.71
N LYS A 447 5.40 15.85 -2.92
CA LYS A 447 6.30 16.16 -4.00
C LYS A 447 7.73 15.96 -3.49
N ALA A 448 8.69 15.92 -4.42
CA ALA A 448 10.11 15.82 -4.05
C ALA A 448 10.40 16.96 -3.10
N TYR A 449 11.02 16.64 -1.95
CA TYR A 449 11.40 17.65 -0.97
C TYR A 449 12.69 18.38 -1.34
N ASP A 450 13.36 17.88 -2.38
CA ASP A 450 14.78 18.14 -2.53
C ASP A 450 15.15 18.76 -3.89
N ALA A 451 14.17 19.23 -4.66
CA ALA A 451 14.44 19.95 -5.91
C ALA A 451 15.31 21.16 -5.58
N PRO A 452 16.31 21.46 -6.40
CA PRO A 452 17.26 22.48 -5.89
C PRO A 452 16.95 23.89 -6.28
N ASP A 453 16.08 24.04 -7.27
CA ASP A 453 15.64 25.34 -7.75
C ASP A 453 14.54 25.10 -8.75
N GLN A 454 13.93 26.18 -9.25
CA GLN A 454 12.84 26.07 -10.21
C GLN A 454 13.28 25.42 -11.57
N ALA A 455 14.50 25.76 -12.01
CA ALA A 455 15.06 25.24 -13.24
C ALA A 455 15.07 23.72 -13.18
N ALA A 456 15.57 23.17 -12.08
CA ALA A 456 15.55 21.72 -11.93
C ALA A 456 14.18 21.07 -12.13
N ILE A 457 13.08 21.84 -12.16
CA ILE A 457 11.77 21.18 -12.31
C ILE A 457 10.84 21.74 -13.34
N GLN A 458 11.34 22.61 -14.20
CA GLN A 458 10.51 23.22 -15.25
C GLN A 458 10.16 22.11 -16.23
N ASN A 459 8.85 22.01 -16.51
CA ASN A 459 8.21 20.96 -17.31
C ASN A 459 7.63 21.72 -18.48
N GLY A 460 8.43 21.96 -19.51
CA GLY A 460 8.00 22.85 -20.59
C GLY A 460 7.68 24.23 -20.07
N ASP A 461 6.46 24.70 -20.40
CA ASP A 461 5.87 25.95 -19.93
C ASP A 461 5.25 25.80 -18.49
N ILE A 462 5.35 24.61 -17.89
CA ILE A 462 4.81 24.33 -16.57
C ILE A 462 5.89 24.32 -15.49
N LYS A 463 5.62 25.01 -14.38
CA LYS A 463 6.45 24.92 -13.18
C LYS A 463 6.15 23.61 -12.42
N GLY A 464 7.14 22.72 -12.41
CA GLY A 464 6.98 21.46 -11.70
C GLY A 464 6.27 20.43 -12.54
N TYR A 465 6.27 19.19 -12.04
CA TYR A 465 5.54 18.07 -12.63
C TYR A 465 4.34 17.68 -11.75
N ALA A 466 3.16 17.56 -12.37
CA ALA A 466 1.97 17.10 -11.66
C ALA A 466 2.31 15.87 -10.82
N ALA A 467 1.69 15.81 -9.65
CA ALA A 467 1.69 14.59 -8.87
C ALA A 467 0.88 13.49 -9.60
N TYR A 468 -0.12 13.93 -10.35
CA TYR A 468 -1.07 13.01 -10.97
C TYR A 468 -1.48 13.62 -12.27
N LYS A 469 -1.02 12.98 -13.36
CA LYS A 469 -1.27 13.46 -14.69
C LYS A 469 -1.96 12.47 -15.61
N VAL A 470 -3.04 12.93 -16.23
CA VAL A 470 -3.73 12.14 -17.26
C VAL A 470 -3.23 12.71 -18.60
N ASP A 471 -2.72 11.86 -19.50
CA ASP A 471 -2.24 12.35 -20.79
C ASP A 471 -3.44 13.02 -21.44
N ASP A 472 -3.18 14.02 -22.29
CA ASP A 472 -4.23 14.77 -22.92
C ASP A 472 -5.13 13.99 -23.92
N SER A 473 -4.62 12.90 -24.47
CA SER A 473 -5.36 12.21 -25.53
C SER A 473 -6.54 11.43 -24.96
N VAL A 474 -6.45 11.12 -23.68
CA VAL A 474 -7.43 10.28 -23.01
C VAL A 474 -8.84 10.87 -23.00
N THR A 475 -9.84 10.03 -23.16
CA THR A 475 -11.25 10.48 -23.26
C THR A 475 -11.99 10.30 -21.92
N THR A 476 -11.53 9.35 -21.14
CA THR A 476 -12.29 8.87 -20.00
C THR A 476 -11.42 8.60 -18.78
N HIS A 477 -11.75 9.24 -17.64
CA HIS A 477 -11.01 9.04 -16.40
C HIS A 477 -11.89 9.43 -15.21
N GLU A 478 -11.62 8.87 -14.03
CA GLU A 478 -12.33 9.32 -12.81
C GLU A 478 -11.43 9.18 -11.58
N GLY A 479 -11.32 10.25 -10.79
CA GLY A 479 -10.61 10.19 -9.52
C GLY A 479 -11.43 10.75 -8.35
N TRP A 480 -11.30 10.11 -7.19
CA TRP A 480 -12.00 10.54 -6.00
C TRP A 480 -11.04 10.60 -4.80
N GLY A 481 -10.97 11.74 -4.11
CA GLY A 481 -10.36 11.83 -2.80
C GLY A 481 -8.84 11.82 -2.92
N MET A 482 -8.33 12.91 -3.49
CA MET A 482 -6.95 12.94 -3.95
C MET A 482 -6.23 14.21 -3.45
N GLY A 483 -5.01 14.01 -2.97
CA GLY A 483 -4.24 15.10 -2.44
C GLY A 483 -2.75 14.99 -2.69
N SER A 484 -2.14 16.16 -2.91
CA SER A 484 -0.71 16.28 -3.11
C SER A 484 -0.19 17.38 -2.18
N TYR A 485 0.88 17.07 -1.46
CA TYR A 485 1.46 18.04 -0.52
C TYR A 485 2.90 18.35 -0.92
N CYS A 486 3.38 19.54 -0.59
CA CYS A 486 4.74 19.93 -0.90
C CYS A 486 5.48 20.36 0.35
N TYR A 487 6.80 20.14 0.30
CA TYR A 487 7.67 20.45 1.40
C TYR A 487 9.04 20.61 0.80
N PHE A 488 9.22 21.74 0.12
CA PHE A 488 10.44 21.98 -0.60
C PHE A 488 11.49 22.53 0.37
N ASN A 489 12.14 21.62 1.10
CA ASN A 489 12.99 22.05 2.23
C ASN A 489 14.41 22.39 1.84
N VAL A 490 14.81 21.98 0.64
CA VAL A 490 16.07 22.39 0.06
C VAL A 490 15.91 23.83 -0.42
N ASN A 491 14.80 24.10 -1.14
CA ASN A 491 14.55 25.42 -1.72
C ASN A 491 13.11 25.83 -1.50
N PRO A 492 12.84 26.42 -0.33
CA PRO A 492 11.44 26.68 0.00
C PRO A 492 10.77 27.82 -0.75
N ASP A 493 11.49 28.48 -1.66
CA ASP A 493 10.90 29.50 -2.53
C ASP A 493 10.34 28.95 -3.88
N ILE A 494 10.51 27.65 -4.12
CA ILE A 494 9.97 26.98 -5.29
C ILE A 494 8.46 27.15 -5.37
N ARG A 495 7.94 27.21 -6.58
CA ARG A 495 6.50 27.12 -6.83
C ARG A 495 6.18 25.87 -7.62
N GLN A 496 5.18 25.14 -7.17
CA GLN A 496 4.62 24.00 -7.92
C GLN A 496 3.32 24.46 -8.57
N GLN A 497 3.22 24.40 -9.88
CA GLN A 497 2.05 24.97 -10.52
C GLN A 497 0.72 24.30 -10.10
N HIS A 498 0.76 22.98 -9.94
CA HIS A 498 -0.44 22.24 -9.52
C HIS A 498 -0.11 20.81 -9.05
N GLY A 499 -1.07 20.22 -8.31
CA GLY A 499 -1.07 18.83 -7.94
C GLY A 499 -1.45 17.85 -9.06
N PHE A 500 -2.35 18.30 -9.92
CA PHE A 500 -3.03 17.48 -10.89
C PHE A 500 -3.01 18.18 -12.22
N GLN A 501 -2.76 17.41 -13.27
CA GLN A 501 -2.87 17.88 -14.64
C GLN A 501 -3.70 16.93 -15.48
N ALA A 502 -4.64 17.45 -16.25
CA ALA A 502 -5.51 16.58 -17.01
C ALA A 502 -6.36 17.40 -17.98
N PRO A 503 -6.79 16.76 -19.08
CA PRO A 503 -7.61 17.47 -20.04
C PRO A 503 -9.02 17.85 -19.60
N VAL A 504 -9.52 18.85 -20.31
CA VAL A 504 -10.88 19.36 -20.24
C VAL A 504 -11.71 18.58 -21.26
N LYS A 505 -12.58 17.74 -20.72
CA LYS A 505 -13.36 16.76 -21.49
C LYS A 505 -14.48 16.24 -20.57
N PRO A 506 -15.69 16.12 -21.11
CA PRO A 506 -16.76 15.94 -20.11
C PRO A 506 -16.73 14.59 -19.37
N GLY A 507 -15.98 13.59 -19.85
CA GLY A 507 -15.91 12.30 -19.18
C GLY A 507 -14.57 12.03 -18.49
N VAL A 508 -13.78 13.09 -18.36
CA VAL A 508 -12.60 13.09 -17.47
C VAL A 508 -12.99 13.90 -16.26
N LYS A 509 -13.13 13.25 -15.11
CA LYS A 509 -13.85 13.83 -13.98
C LYS A 509 -13.08 13.61 -12.70
N PHE A 510 -12.99 14.64 -11.86
CA PHE A 510 -12.38 14.52 -10.56
C PHE A 510 -13.33 15.00 -9.47
N HIS A 511 -13.18 14.36 -8.32
CA HIS A 511 -13.99 14.62 -7.15
C HIS A 511 -13.08 14.74 -5.92
N ASP A 512 -13.22 15.85 -5.21
CA ASP A 512 -12.57 16.08 -3.92
C ASP A 512 -11.04 16.02 -4.01
N LEU A 513 -10.47 17.06 -4.62
CA LEU A 513 -9.04 17.26 -4.75
C LEU A 513 -8.52 18.35 -3.82
N LEU A 514 -7.27 18.20 -3.39
CA LEU A 514 -6.62 19.22 -2.57
C LEU A 514 -5.12 19.23 -2.76
N VAL A 515 -4.51 20.40 -2.56
CA VAL A 515 -3.08 20.50 -2.43
C VAL A 515 -2.80 21.24 -1.13
N VAL A 516 -1.65 20.96 -0.54
CA VAL A 516 -1.28 21.52 0.75
C VAL A 516 0.23 21.77 0.79
N SER A 517 0.63 22.97 1.18
CA SER A 517 2.03 23.23 1.48
C SER A 517 2.28 22.99 2.96
N LEU A 518 3.31 22.23 3.27
CA LEU A 518 3.64 21.91 4.64
C LEU A 518 4.54 23.01 5.25
N GLY A 519 3.99 23.73 6.21
CA GLY A 519 4.71 24.74 6.95
C GLY A 519 5.19 25.94 6.11
N GLY A 520 4.93 25.91 4.81
CA GLY A 520 5.20 27.03 3.94
C GLY A 520 6.44 26.83 3.11
N LYS A 521 6.91 25.59 3.01
CA LYS A 521 8.08 25.26 2.23
C LYS A 521 7.69 25.00 0.78
N GLY A 522 7.75 26.07 -0.02
CA GLY A 522 7.15 26.09 -1.32
C GLY A 522 5.66 26.35 -1.21
N GLN A 523 5.03 26.58 -2.35
CA GLN A 523 3.59 26.74 -2.44
C GLN A 523 3.11 26.20 -3.80
N TYR A 524 1.83 25.88 -3.87
CA TYR A 524 1.17 25.59 -5.14
C TYR A 524 0.53 26.84 -5.73
N GLU A 525 0.48 26.90 -7.05
CA GLU A 525 -0.16 28.03 -7.74
C GLU A 525 -1.67 27.75 -7.91
N HIS A 526 -1.98 26.46 -8.03
CA HIS A 526 -3.29 25.98 -8.40
C HIS A 526 -3.45 24.54 -7.87
N VAL A 527 -4.67 24.04 -7.97
CA VAL A 527 -4.97 22.65 -7.60
C VAL A 527 -4.81 21.70 -8.80
N ILE A 528 -5.55 22.02 -9.86
CA ILE A 528 -5.58 21.25 -11.12
C ILE A 528 -5.44 22.16 -12.34
N ASN A 529 -4.50 21.85 -13.24
CA ASN A 529 -4.20 22.74 -14.35
C ASN A 529 -4.04 24.16 -13.77
N ASP A 530 -4.62 25.16 -14.43
CA ASP A 530 -4.48 26.53 -13.89
C ASP A 530 -5.75 26.99 -13.14
N ILE A 531 -6.52 26.04 -12.62
CA ILE A 531 -7.74 26.27 -11.84
C ILE A 531 -7.57 25.93 -10.34
N GLY A 532 -8.18 26.73 -9.47
CA GLY A 532 -8.10 26.50 -8.03
C GLY A 532 -7.17 27.49 -7.36
N ASP A 533 -7.43 27.79 -6.08
CA ASP A 533 -6.66 28.83 -5.33
C ASP A 533 -5.23 28.33 -5.17
N PRO A 534 -4.25 29.26 -5.21
CA PRO A 534 -2.93 28.85 -4.70
C PRO A 534 -2.96 28.57 -3.19
N THR A 535 -1.94 27.88 -2.69
CA THR A 535 -1.76 27.79 -1.26
C THR A 535 -1.04 29.06 -0.85
N SER A 536 -1.17 29.41 0.42
CA SER A 536 -0.53 30.62 0.98
C SER A 536 -0.37 30.53 2.51
N GLY A 537 0.28 31.53 3.11
CA GLY A 537 0.57 31.46 4.54
C GLY A 537 1.63 30.40 4.79
N ASP A 538 1.77 30.06 6.06
CA ASP A 538 2.62 28.97 6.46
C ASP A 538 1.84 27.99 7.36
N THR A 539 0.52 28.14 7.36
CA THR A 539 -0.37 27.49 8.32
C THR A 539 -0.95 26.09 7.88
N THR A 540 -0.52 25.59 6.73
CA THR A 540 -0.91 24.24 6.28
C THR A 540 -2.39 24.08 6.05
N ILE A 541 -2.99 25.12 5.47
CA ILE A 541 -4.40 25.06 5.08
C ILE A 541 -4.50 24.52 3.64
N PRO A 542 -5.28 23.45 3.45
CA PRO A 542 -5.44 22.98 2.07
C PRO A 542 -6.19 23.92 1.15
N SER A 543 -5.78 23.91 -0.12
CA SER A 543 -6.60 24.47 -1.17
C SER A 543 -7.26 23.33 -1.91
N GLN A 544 -8.58 23.46 -2.09
CA GLN A 544 -9.47 22.37 -2.43
C GLN A 544 -10.27 22.68 -3.70
N VAL A 545 -10.58 21.63 -4.45
CA VAL A 545 -11.54 21.65 -5.53
C VAL A 545 -12.52 20.48 -5.39
N VAL A 546 -13.83 20.76 -5.42
CA VAL A 546 -14.85 19.74 -5.23
C VAL A 546 -15.10 18.92 -6.53
N SER A 547 -15.29 19.60 -7.65
CA SER A 547 -15.46 18.97 -8.96
C SER A 547 -14.56 19.65 -10.00
N PHE A 548 -14.04 18.86 -10.94
CA PHE A 548 -13.39 19.39 -12.16
C PHE A 548 -13.74 18.42 -13.27
N PRO A 549 -13.93 18.94 -14.49
CA PRO A 549 -14.04 20.37 -14.83
C PRO A 549 -15.26 21.03 -14.14
C2 BGC B . -2.26 17.54 12.25
C3 BGC B . -1.62 18.52 11.42
C4 BGC B . -2.58 19.48 10.86
C5 BGC B . -3.61 20.06 11.89
C6 BGC B . -4.61 20.63 11.19
C1 BGC B . -3.09 18.13 13.26
O1 BGC B . -3.57 17.11 14.04
O2 BGC B . -1.27 16.76 13.00
O3 BGC B . -0.86 17.85 10.31
O4 BGC B . -1.93 20.56 10.16
O5 BGC B . -4.16 18.89 12.67
O6 BGC B . -5.80 20.74 11.83
C2 BGC B . 1.23 17.21 9.36
C3 BGC B . 2.60 17.53 9.14
C4 BGC B . 2.78 18.99 8.93
C5 BGC B . 2.28 19.75 10.19
C6 BGC B . 2.38 21.10 10.12
C1 BGC B . 0.55 18.01 10.39
O2 BGC B . 1.05 15.80 9.73
O3 BGC B . 3.09 16.74 7.99
O4 BGC B . 4.14 19.34 8.76
O5 BGC B . 0.81 19.40 10.21
O6 BGC B . 1.71 21.82 11.10
C2 BGC B . 4.32 14.93 7.08
C3 BGC B . 5.59 14.36 6.76
C4 BGC B . 6.57 15.43 6.51
C5 BGC B . 6.74 16.37 7.76
C6 BGC B . 7.55 17.41 7.47
C1 BGC B . 4.28 15.99 8.13
O2 BGC B . 3.38 13.90 7.48
O3 BGC B . 5.38 13.55 5.51
O4 BGC B . 7.85 15.00 6.11
O5 BGC B . 5.35 16.93 8.01
O6 BGC B . 7.34 18.62 8.12
C2 BGC B . 5.76 11.49 4.28
C3 BGC B . 6.57 10.29 4.27
C4 BGC B . 7.91 10.55 4.87
C5 BGC B . 7.86 11.07 6.31
C6 BGC B . 9.06 11.43 6.85
C1 BGC B . 5.72 12.21 5.58
O2 BGC B . 4.40 11.27 3.72
O3 BGC B . 6.86 9.85 2.89
O4 BGC B . 8.84 9.50 4.78
O5 BGC B . 7.03 12.33 6.15
O6 BGC B . 9.02 11.78 8.21
C2 BGC C . -1.05 0.75 23.34
C3 BGC C . -2.47 0.85 23.95
C4 BGC C . -2.81 -0.29 24.92
C5 BGC C . -1.65 -0.48 25.91
C6 BGC C . -2.02 -1.54 26.95
C1 BGC C . 0.03 0.29 24.37
O2 BGC C . -0.65 1.99 22.75
O3 BGC C . -3.48 0.93 22.98
O4 BGC C . -4.02 -0.05 25.66
O5 BGC C . -0.51 -0.79 25.13
O6 BGC C . -0.91 -1.91 27.76
C1 EDO D . 17.05 -3.65 2.50
O1 EDO D . 15.94 -4.33 1.87
C2 EDO D . 16.68 -2.87 3.77
O2 EDO D . 15.49 -3.34 4.37
H11 EDO D . 17.49 -2.95 1.79
H12 EDO D . 17.81 -4.39 2.73
HO1 EDO D . 16.21 -4.63 1.00
H21 EDO D . 16.57 -1.80 3.55
H22 EDO D . 17.50 -2.96 4.49
HO2 EDO D . 15.35 -2.88 5.20
C1 EDO E . 9.37 17.75 -9.13
O1 EDO E . 8.69 16.50 -9.22
C2 EDO E . 8.46 18.81 -8.52
O2 EDO E . 7.52 19.24 -9.50
H11 EDO E . 9.70 18.08 -10.11
H12 EDO E . 10.25 17.63 -8.49
HO1 EDO E . 9.34 15.79 -9.29
H21 EDO E . 9.05 19.65 -8.19
H22 EDO E . 7.94 18.39 -7.66
HO2 EDO E . 6.98 19.95 -9.14
C1 EDO F . 13.22 -3.51 -19.63
O1 EDO F . 12.83 -4.72 -18.96
C2 EDO F . 12.10 -2.47 -19.64
O2 EDO F . 10.92 -2.91 -20.31
H11 EDO F . 13.51 -3.73 -20.66
H12 EDO F . 14.09 -3.09 -19.12
HO1 EDO F . 13.62 -5.22 -18.71
H21 EDO F . 12.46 -1.57 -20.15
H22 EDO F . 11.86 -2.18 -18.62
HO2 EDO F . 10.20 -2.30 -20.12
N GLU A 1 11.50 -29.30 -11.82
CA GLU A 1 12.62 -29.54 -10.96
C GLU A 1 12.55 -28.77 -9.64
N VAL A 2 11.63 -27.79 -9.53
CA VAL A 2 11.32 -27.10 -8.24
C VAL A 2 10.72 -28.12 -7.31
N VAL A 3 10.38 -27.79 -6.07
CA VAL A 3 9.70 -28.70 -5.14
C VAL A 3 8.55 -27.93 -4.50
N GLY A 4 7.43 -28.60 -4.31
CA GLY A 4 6.33 -28.00 -3.61
C GLY A 4 6.58 -27.92 -2.12
N GLY A 5 6.06 -26.86 -1.49
CA GLY A 5 6.17 -26.62 -0.06
C GLY A 5 7.57 -26.41 0.54
N GLY A 6 7.69 -26.93 1.76
CA GLY A 6 8.85 -26.74 2.59
C GLY A 6 8.47 -26.12 3.92
N ASP A 7 9.46 -26.09 4.82
CA ASP A 7 9.33 -25.47 6.11
C ASP A 7 9.65 -23.98 6.00
N LEU A 8 9.04 -23.22 6.88
CA LEU A 8 9.00 -21.78 6.75
C LEU A 8 10.22 -21.07 7.40
N GLY A 9 11.27 -21.84 7.67
CA GLY A 9 12.51 -21.26 8.18
C GLY A 9 12.35 -20.41 9.44
N PRO A 10 13.40 -19.68 9.79
CA PRO A 10 13.40 -19.11 11.13
C PRO A 10 12.59 -17.83 11.28
N ASN A 11 12.40 -17.09 10.20
CA ASN A 11 11.74 -15.79 10.27
C ASN A 11 10.21 -15.81 10.27
N VAL A 12 9.64 -17.02 10.28
CA VAL A 12 8.23 -17.21 10.49
C VAL A 12 8.00 -17.93 11.82
N LEU A 13 7.35 -17.23 12.75
CA LEU A 13 7.11 -17.72 14.10
C LEU A 13 5.64 -18.08 14.14
N VAL A 14 5.36 -19.33 14.44
CA VAL A 14 4.03 -19.85 14.42
C VAL A 14 3.72 -20.19 15.86
N PHE A 15 3.05 -19.26 16.52
CA PHE A 15 2.63 -19.39 17.90
C PHE A 15 1.32 -20.15 18.09
N ASP A 16 1.12 -20.69 19.29
CA ASP A 16 -0.15 -21.28 19.69
C ASP A 16 -0.43 -20.90 21.17
N PRO A 17 -1.69 -21.04 21.64
CA PRO A 17 -1.89 -20.61 23.04
C PRO A 17 -1.04 -21.30 24.11
N SER A 18 -0.71 -22.59 23.96
CA SER A 18 0.17 -23.30 24.94
C SER A 18 1.65 -23.16 24.64
N THR A 19 2.00 -22.49 23.56
CA THR A 19 3.38 -22.05 23.37
C THR A 19 3.85 -21.28 24.58
N PRO A 20 4.84 -21.81 25.34
CA PRO A 20 5.13 -21.00 26.52
C PRO A 20 5.66 -19.61 26.10
N ASP A 21 5.36 -18.65 26.96
CA ASP A 21 5.72 -17.24 26.80
C ASP A 21 5.68 -16.61 25.41
N ILE A 22 4.49 -16.64 24.80
CA ILE A 22 4.25 -15.85 23.59
C ILE A 22 4.58 -14.39 23.81
N GLN A 23 4.15 -13.82 24.92
CA GLN A 23 4.38 -12.38 25.10
C GLN A 23 5.88 -12.06 25.05
N GLY A 24 6.68 -13.08 25.38
CA GLY A 24 8.14 -13.01 25.33
C GLY A 24 8.74 -13.00 23.95
N LYS A 25 8.31 -13.93 23.11
CA LYS A 25 8.83 -14.02 21.78
C LYS A 25 8.45 -12.74 20.97
N VAL A 26 7.31 -12.10 21.26
CA VAL A 26 6.92 -10.86 20.55
C VAL A 26 7.63 -9.55 21.00
N ASP A 27 7.59 -9.27 22.32
CA ASP A 27 8.30 -8.10 22.85
C ASP A 27 9.77 -8.05 22.37
N GLU A 28 10.40 -9.23 22.35
CA GLU A 28 11.79 -9.33 21.94
C GLU A 28 11.95 -9.09 20.42
N VAL A 29 10.97 -9.50 19.62
CA VAL A 29 11.03 -9.23 18.16
C VAL A 29 10.85 -7.73 18.00
N PHE A 30 9.90 -7.21 18.75
CA PHE A 30 9.65 -5.76 18.75
C PHE A 30 10.88 -5.00 19.24
N ARG A 31 11.54 -5.58 20.24
CA ARG A 31 12.87 -5.14 20.65
C ARG A 31 13.84 -4.85 19.46
N LYS A 32 13.95 -5.76 18.51
CA LYS A 32 14.95 -5.56 17.45
C LYS A 32 14.44 -4.97 16.14
N GLN A 33 13.12 -4.74 16.05
CA GLN A 33 12.52 -4.13 14.86
C GLN A 33 11.98 -2.70 15.12
N GLU A 34 11.78 -2.36 16.40
CA GLU A 34 11.15 -1.11 16.79
C GLU A 34 11.75 0.10 16.04
N SER A 35 13.06 0.18 15.96
CA SER A 35 13.69 1.34 15.30
C SER A 35 14.55 0.93 14.09
N ASN A 36 14.26 -0.27 13.58
CA ASN A 36 15.06 -0.92 12.54
C ASN A 36 14.51 -0.58 11.16
N GLN A 37 14.59 0.69 10.83
CA GLN A 37 13.79 1.20 9.72
C GLN A 37 14.33 0.73 8.38
N PHE A 38 15.63 0.46 8.32
CA PHE A 38 16.28 0.27 7.06
C PHE A 38 17.18 -0.97 7.03
N GLY A 39 17.26 -1.68 8.15
CA GLY A 39 17.94 -2.97 8.21
C GLY A 39 17.28 -4.12 7.47
N THR A 40 17.98 -5.24 7.41
CA THR A 40 17.57 -6.37 6.57
C THR A 40 16.73 -7.46 7.28
N ASP A 41 16.50 -7.31 8.57
CA ASP A 41 15.71 -8.30 9.31
C ASP A 41 14.21 -8.27 8.91
N ARG A 42 13.60 -9.44 8.77
CA ARG A 42 12.20 -9.55 8.39
C ARG A 42 11.54 -10.63 9.25
N TYR A 43 10.30 -10.39 9.67
CA TYR A 43 9.59 -11.34 10.52
C TYR A 43 8.11 -11.44 10.24
N ALA A 44 7.61 -12.68 10.20
CA ALA A 44 6.17 -12.92 10.21
C ALA A 44 5.80 -13.67 11.49
N LEU A 45 4.82 -13.15 12.21
CA LEU A 45 4.25 -13.77 13.40
C LEU A 45 2.87 -14.29 12.99
N MET A 46 2.70 -15.62 13.03
CA MET A 46 1.44 -16.21 12.59
C MET A 46 0.82 -16.98 13.81
N PHE A 47 -0.48 -16.78 14.07
CA PHE A 47 -1.19 -17.43 15.18
C PHE A 47 -2.31 -18.40 14.79
N LYS A 48 -2.15 -19.63 15.26
CA LYS A 48 -3.10 -20.70 14.99
C LYS A 48 -4.50 -20.40 15.58
N PRO A 49 -5.50 -21.16 15.15
CA PRO A 49 -6.85 -21.11 15.71
C PRO A 49 -6.80 -21.15 17.21
N GLY A 50 -7.58 -20.26 17.83
CA GLY A 50 -7.84 -20.30 19.26
C GLY A 50 -7.89 -18.96 19.96
N THR A 51 -7.65 -19.02 21.25
CA THR A 51 -7.75 -17.86 22.13
C THR A 51 -6.48 -17.66 22.88
N TYR A 52 -5.97 -16.44 22.79
CA TYR A 52 -4.77 -16.05 23.46
C TYR A 52 -5.19 -14.97 24.47
N ASN A 53 -4.63 -14.99 25.67
CA ASN A 53 -4.98 -14.01 26.70
C ASN A 53 -3.79 -13.15 27.04
N ASP A 54 -4.08 -11.95 27.54
CA ASP A 54 -3.07 -11.04 28.08
C ASP A 54 -2.14 -10.42 27.00
N ILE A 55 -2.20 -10.91 25.78
CA ILE A 55 -1.31 -10.51 24.69
C ILE A 55 -1.37 -9.00 24.34
N ASN A 56 -0.23 -8.31 24.37
CA ASN A 56 -0.16 -6.99 23.73
C ASN A 56 0.98 -7.02 22.69
N ALA A 57 0.67 -7.47 21.48
CA ALA A 57 1.69 -7.65 20.44
C ALA A 57 2.04 -6.32 19.78
N GLN A 58 3.14 -5.72 20.20
CA GLN A 58 3.57 -4.45 19.59
C GLN A 58 4.31 -4.79 18.29
N ILE A 59 4.18 -3.92 17.30
CA ILE A 59 4.56 -4.25 15.93
C ILE A 59 5.53 -3.19 15.45
N GLY A 60 6.78 -3.60 15.28
CA GLY A 60 7.82 -2.70 14.78
C GLY A 60 7.98 -2.79 13.28
N PHE A 61 9.12 -2.33 12.78
CA PHE A 61 9.37 -2.40 11.33
C PHE A 61 9.37 -3.87 10.87
N TYR A 62 9.09 -4.04 9.57
CA TYR A 62 9.20 -5.29 8.82
C TYR A 62 8.68 -6.49 9.60
N THR A 63 7.55 -6.29 10.25
CA THR A 63 6.86 -7.29 11.07
C THR A 63 5.41 -7.35 10.58
N SER A 64 5.08 -8.54 10.10
CA SER A 64 3.76 -9.04 9.72
C SER A 64 3.15 -9.81 10.91
N ILE A 65 1.88 -9.56 11.23
CA ILE A 65 1.17 -10.39 12.21
C ILE A 65 -0.19 -10.82 11.64
N ALA A 66 -0.53 -12.09 11.89
CA ALA A 66 -1.70 -12.67 11.28
C ALA A 66 -2.21 -13.92 12.04
N GLY A 67 -3.53 -14.10 11.97
CA GLY A 67 -4.16 -15.35 12.35
C GLY A 67 -4.17 -16.35 11.19
N LEU A 68 -4.34 -17.62 11.56
CA LEU A 68 -4.33 -18.71 10.60
C LEU A 68 -5.65 -19.47 10.51
N GLY A 69 -6.79 -18.81 10.73
CA GLY A 69 -8.08 -19.37 10.34
C GLY A 69 -8.69 -18.84 9.06
N LEU A 70 -9.95 -19.21 8.84
CA LEU A 70 -10.68 -18.78 7.66
C LEU A 70 -11.55 -17.61 7.98
N ASN A 71 -11.45 -17.14 9.21
CA ASN A 71 -12.16 -15.94 9.64
C ASN A 71 -11.39 -15.34 10.78
N PRO A 72 -11.35 -13.98 10.88
CA PRO A 72 -10.72 -13.38 12.06
C PRO A 72 -11.12 -14.02 13.37
N ASP A 73 -12.39 -14.32 13.49
CA ASP A 73 -12.93 -14.72 14.79
C ASP A 73 -12.46 -16.14 15.19
N ASP A 74 -11.72 -16.80 14.29
CA ASP A 74 -11.02 -18.06 14.59
C ASP A 74 -9.78 -17.84 15.48
N THR A 75 -9.15 -16.67 15.38
CA THR A 75 -7.97 -16.35 16.16
C THR A 75 -8.20 -15.06 16.91
N THR A 76 -8.52 -15.22 18.20
CA THR A 76 -8.94 -14.11 19.03
C THR A 76 -7.90 -13.75 20.10
N PHE A 77 -7.53 -12.47 20.16
CA PHE A 77 -6.65 -11.93 21.20
C PHE A 77 -7.52 -11.17 22.19
N ASN A 78 -7.51 -11.61 23.42
CA ASN A 78 -7.99 -10.75 24.49
C ASN A 78 -6.82 -9.88 24.80
N GLY A 79 -6.57 -8.97 23.88
CA GLY A 79 -5.46 -8.06 23.97
C GLY A 79 -5.39 -7.23 22.71
N ASP A 80 -4.19 -6.80 22.41
CA ASP A 80 -3.99 -5.70 21.47
C ASP A 80 -2.92 -6.08 20.45
N VAL A 81 -3.07 -5.47 19.27
CA VAL A 81 -2.04 -5.43 18.27
C VAL A 81 -1.72 -3.93 18.04
N THR A 82 -0.59 -3.52 18.53
CA THR A 82 -0.34 -2.12 18.79
C THR A 82 0.82 -1.62 17.94
N VAL A 83 0.56 -0.53 17.26
CA VAL A 83 1.62 0.33 16.71
C VAL A 83 1.53 1.68 17.42
N ASP A 84 2.64 2.08 18.05
CA ASP A 84 2.77 3.40 18.67
C ASP A 84 4.06 4.00 18.15
N ALA A 85 4.18 5.31 18.30
CA ALA A 85 5.31 6.06 17.78
C ALA A 85 6.35 6.21 18.88
N GLY A 86 6.53 5.17 19.69
CA GLY A 86 7.46 5.29 20.82
C GLY A 86 8.88 5.75 20.51
N TRP A 87 9.47 5.10 19.51
CA TRP A 87 10.86 5.32 19.12
C TRP A 87 11.14 6.72 18.59
N PHE A 88 10.10 7.52 18.29
CA PHE A 88 10.32 8.76 17.55
C PHE A 88 9.59 9.96 18.16
N ASP A 89 9.56 10.01 19.49
CA ASP A 89 9.08 11.14 20.27
C ASP A 89 7.64 11.52 19.90
N GLY A 90 6.81 10.49 19.70
CA GLY A 90 5.39 10.68 19.51
C GLY A 90 5.01 10.91 18.06
N ASN A 91 6.02 10.93 17.21
CA ASN A 91 5.84 11.30 15.83
C ASN A 91 5.78 10.00 15.01
N ALA A 92 4.65 9.75 14.36
CA ALA A 92 4.41 8.44 13.70
C ALA A 92 4.56 8.44 12.18
N THR A 93 5.07 9.52 11.60
CA THR A 93 5.23 9.60 10.13
C THR A 93 6.36 8.77 9.54
N GLN A 94 7.02 7.94 10.35
CA GLN A 94 7.97 6.96 9.84
C GLN A 94 7.57 5.54 10.30
N ASN A 95 6.31 5.37 10.66
CA ASN A 95 5.80 4.04 11.06
C ASN A 95 5.36 3.21 9.84
N PHE A 96 6.35 2.71 9.11
CA PHE A 96 6.14 2.04 7.82
C PHE A 96 6.38 0.54 7.87
N TRP A 97 6.01 -0.14 6.77
CA TRP A 97 6.39 -1.53 6.46
C TRP A 97 6.07 -2.55 7.55
N ARG A 98 4.79 -2.69 7.80
CA ARG A 98 4.33 -3.68 8.75
C ARG A 98 2.85 -3.95 8.47
N SER A 99 2.32 -5.01 9.03
CA SER A 99 0.92 -5.39 8.70
C SER A 99 0.25 -6.24 9.74
N ALA A 100 -1.07 -6.17 9.75
CA ALA A 100 -1.91 -7.06 10.57
C ALA A 100 -3.07 -7.56 9.77
N GLU A 101 -3.38 -8.85 9.91
CA GLU A 101 -4.41 -9.47 9.14
C GLU A 101 -5.07 -10.64 9.88
N ASN A 102 -6.37 -10.79 9.67
CA ASN A 102 -7.06 -12.07 9.91
C ASN A 102 -7.09 -12.45 11.40
N LEU A 103 -7.26 -11.41 12.22
CA LEU A 103 -7.37 -11.51 13.66
C LEU A 103 -8.62 -10.78 14.22
N ALA A 104 -9.12 -11.31 15.34
CA ALA A 104 -10.12 -10.61 16.15
C ALA A 104 -9.42 -10.09 17.39
N LEU A 105 -9.71 -8.85 17.77
CA LEU A 105 -9.13 -8.24 18.97
C LEU A 105 -10.19 -7.72 19.92
N ASN A 106 -9.97 -8.03 21.19
CA ASN A 106 -10.80 -7.59 22.31
C ASN A 106 -9.86 -6.74 23.13
N PRO A 107 -9.68 -5.47 22.71
CA PRO A 107 -8.54 -4.69 23.28
C PRO A 107 -8.78 -4.38 24.73
N VAL A 108 -7.73 -4.52 25.54
CA VAL A 108 -7.78 -4.41 26.99
C VAL A 108 -8.55 -3.22 27.57
N ASN A 109 -8.35 -2.02 27.04
CA ASN A 109 -9.10 -0.84 27.56
C ASN A 109 -10.21 -0.43 26.62
N GLY A 110 -10.65 -1.38 25.78
CA GLY A 110 -11.74 -1.14 24.86
C GLY A 110 -11.34 -0.58 23.50
N THR A 111 -10.10 -0.09 23.37
CA THR A 111 -9.63 0.54 22.13
C THR A 111 -8.25 0.04 21.71
N ASN A 112 -8.12 -0.37 20.45
CA ASN A 112 -6.86 -0.81 19.89
C ASN A 112 -6.15 0.38 19.19
N ARG A 113 -4.84 0.52 19.43
CA ARG A 113 -4.04 1.56 18.77
C ARG A 113 -3.25 1.02 17.58
N TRP A 114 -3.54 1.51 16.36
CA TRP A 114 -2.77 1.20 15.13
C TRP A 114 -2.29 2.52 14.48
N ALA A 115 -1.27 3.11 15.08
CA ALA A 115 -0.84 4.45 14.73
C ALA A 115 0.25 4.37 13.69
N VAL A 116 -0.19 4.26 12.46
CA VAL A 116 0.71 3.94 11.37
C VAL A 116 0.73 5.06 10.32
N SER A 117 1.77 5.05 9.50
CA SER A 117 1.77 5.83 8.30
C SER A 117 1.75 4.87 7.11
N GLN A 118 2.50 5.15 6.04
CA GLN A 118 2.35 4.39 4.81
C GLN A 118 2.83 2.93 4.86
N ALA A 119 2.25 2.11 3.99
CA ALA A 119 2.62 0.71 3.83
C ALA A 119 2.43 -0.06 5.14
N ALA A 120 1.27 0.09 5.73
CA ALA A 120 1.00 -0.57 7.00
C ALA A 120 -0.43 -1.15 7.01
N PRO A 121 -0.73 -2.09 6.09
CA PRO A 121 -2.06 -2.66 5.88
C PRO A 121 -2.67 -3.30 7.14
N PHE A 122 -3.97 -3.05 7.29
CA PHE A 122 -4.83 -3.58 8.36
C PHE A 122 -6.00 -4.22 7.59
N ARG A 123 -5.95 -5.54 7.46
CA ARG A 123 -6.88 -6.25 6.59
C ARG A 123 -7.57 -7.41 7.29
N ARG A 124 -8.85 -7.61 7.00
CA ARG A 124 -9.59 -8.76 7.51
C ARG A 124 -9.44 -8.85 9.02
N MET A 125 -9.70 -7.74 9.68
CA MET A 125 -9.61 -7.68 11.12
C MET A 125 -11.00 -7.48 11.72
N HIS A 126 -11.22 -8.09 12.88
CA HIS A 126 -12.41 -7.78 13.68
C HIS A 126 -12.03 -7.15 15.03
N VAL A 127 -12.23 -5.85 15.15
CA VAL A 127 -11.93 -5.15 16.40
C VAL A 127 -13.21 -5.03 17.20
N LYS A 128 -13.23 -5.74 18.31
CA LYS A 128 -14.40 -5.77 19.20
C LYS A 128 -14.30 -4.57 20.17
N GLY A 129 -14.33 -3.36 19.59
CA GLY A 129 -14.18 -2.13 20.35
C GLY A 129 -13.87 -1.10 19.30
N GLY A 130 -13.44 0.06 19.75
CA GLY A 130 -12.96 1.11 18.84
C GLY A 130 -11.54 0.89 18.35
N LEU A 131 -11.11 1.80 17.48
CA LEU A 131 -9.78 1.72 16.87
C LEU A 131 -9.21 3.15 16.79
N ASN A 132 -8.08 3.36 17.43
CA ASN A 132 -7.43 4.68 17.57
C ASN A 132 -6.21 4.71 16.65
N LEU A 133 -6.26 5.51 15.59
CA LEU A 133 -5.21 5.53 14.55
C LEU A 133 -4.05 6.51 14.79
N ALA A 134 -4.14 7.26 15.87
CA ALA A 134 -3.12 8.27 16.19
C ALA A 134 -2.16 7.83 17.30
N PRO A 135 -0.92 8.35 17.25
CA PRO A 135 0.08 8.08 18.30
C PRO A 135 -0.35 8.65 19.65
N ASP A 136 0.06 7.99 20.73
CA ASP A 136 -0.29 8.46 22.08
C ASP A 136 0.37 9.86 22.19
N GLY A 137 -0.45 10.92 22.20
CA GLY A 137 0.01 12.31 22.24
C GLY A 137 -0.58 13.17 21.13
N TYR A 138 -1.43 12.53 20.29
CA TYR A 138 -2.04 13.15 19.09
C TYR A 138 -1.01 13.82 18.12
N GLY A 139 0.24 13.36 18.15
CA GLY A 139 1.27 13.84 17.24
C GLY A 139 1.13 13.38 15.76
N TRP A 140 2.09 13.76 14.93
CA TRP A 140 1.94 13.70 13.49
C TRP A 140 1.79 12.27 12.94
N ALA A 141 0.93 12.11 11.94
CA ALA A 141 0.71 10.79 11.34
C ALA A 141 0.15 10.88 9.90
N SER A 142 0.59 9.94 9.05
CA SER A 142 0.30 10.01 7.64
C SER A 142 -0.07 8.65 7.01
N GLY A 143 -1.13 8.02 7.51
CA GLY A 143 -1.64 6.74 6.98
C GLY A 143 -2.53 6.93 5.77
N GLY A 144 -3.29 5.92 5.39
CA GLY A 144 -3.36 4.63 6.03
C GLY A 144 -4.40 3.82 5.28
N TYR A 145 -4.54 2.54 5.63
CA TYR A 145 -5.29 1.59 4.82
C TYR A 145 -5.93 0.50 5.64
N ILE A 146 -7.26 0.49 5.58
CA ILE A 146 -8.09 -0.58 6.14
C ILE A 146 -9.00 -1.15 5.06
N ALA A 147 -9.01 -2.49 4.97
CA ALA A 147 -9.91 -3.20 4.08
C ALA A 147 -10.49 -4.42 4.74
N ASP A 148 -11.71 -4.72 4.35
CA ASP A 148 -12.33 -5.99 4.71
C ASP A 148 -12.36 -6.23 6.22
N SER A 149 -12.61 -5.15 6.96
CA SER A 149 -12.53 -5.18 8.41
C SER A 149 -13.82 -4.75 9.11
N LYS A 150 -14.03 -5.33 10.28
CA LYS A 150 -15.07 -4.88 11.21
C LYS A 150 -14.43 -4.15 12.37
N ILE A 151 -14.95 -2.98 12.68
CA ILE A 151 -14.62 -2.28 13.93
C ILE A 151 -15.97 -2.07 14.61
N ASP A 152 -16.18 -2.78 15.71
CA ASP A 152 -17.46 -2.72 16.43
C ASP A 152 -17.79 -1.29 16.87
N GLY A 153 -16.82 -0.57 17.40
CA GLY A 153 -17.04 0.79 17.87
C GLY A 153 -16.50 1.83 16.89
N GLU A 154 -15.94 2.91 17.43
CA GLU A 154 -15.52 4.04 16.63
C GLU A 154 -14.08 3.89 16.10
N VAL A 155 -13.85 4.35 14.86
CA VAL A 155 -12.50 4.60 14.41
C VAL A 155 -12.18 6.08 14.67
N GLY A 156 -11.06 6.32 15.34
CA GLY A 156 -10.65 7.68 15.70
C GLY A 156 -9.34 8.00 15.05
N PRO A 157 -9.38 8.77 13.95
CA PRO A 157 -8.12 9.05 13.29
C PRO A 157 -7.35 10.13 14.05
N TYR A 158 -8.10 11.03 14.67
CA TYR A 158 -7.55 12.20 15.39
C TYR A 158 -6.60 13.02 14.47
N SER A 159 -5.29 12.98 14.70
CA SER A 159 -4.34 13.76 13.91
C SER A 159 -3.92 13.12 12.56
N GLN A 160 -4.39 11.92 12.24
CA GLN A 160 -4.14 11.37 10.89
C GLN A 160 -4.54 12.32 9.78
N GLN A 161 -3.60 12.64 8.89
CA GLN A 161 -3.89 13.55 7.81
C GLN A 161 -4.96 13.05 6.86
N GLN A 162 -4.81 11.80 6.46
CA GLN A 162 -5.67 11.21 5.46
C GLN A 162 -5.82 9.72 5.75
N TRP A 163 -6.78 9.10 5.08
CA TRP A 163 -7.03 7.66 5.29
C TRP A 163 -7.92 7.08 4.19
N TYR A 164 -7.67 5.81 3.85
CA TYR A 164 -8.57 5.06 2.98
C TYR A 164 -9.12 3.81 3.64
N THR A 165 -10.43 3.69 3.55
CA THR A 165 -11.15 2.53 4.05
C THR A 165 -12.06 1.95 2.97
N ARG A 166 -11.95 0.65 2.75
CA ARG A 166 -12.84 -0.03 1.78
C ARG A 166 -13.47 -1.31 2.30
N ASP A 167 -14.70 -1.54 1.81
CA ASP A 167 -15.38 -2.82 1.96
C ASP A 167 -15.27 -3.36 3.39
N SER A 168 -15.83 -2.57 4.28
CA SER A 168 -15.66 -2.78 5.72
C SER A 168 -16.91 -2.41 6.48
N SER A 169 -16.83 -2.51 7.80
CA SER A 169 -17.91 -2.01 8.67
C SER A 169 -17.29 -1.30 9.86
N VAL A 170 -17.76 -0.09 10.11
CA VAL A 170 -17.38 0.64 11.32
C VAL A 170 -18.65 1.00 12.11
N GLY A 171 -18.56 0.98 13.43
CA GLY A 171 -19.66 1.40 14.27
C GLY A 171 -19.70 2.92 14.35
N GLY A 172 -18.51 3.51 14.18
CA GLY A 172 -18.33 4.93 14.34
C GLY A 172 -17.13 5.43 13.56
N TRP A 173 -17.22 6.69 13.14
CA TRP A 173 -16.05 7.41 12.66
C TRP A 173 -16.02 8.78 13.34
N GLY A 174 -14.83 9.20 13.74
CA GLY A 174 -14.69 10.25 14.74
C GLY A 174 -14.38 11.62 14.16
N ASN A 175 -13.65 11.65 13.05
CA ASN A 175 -13.22 12.93 12.51
C ASN A 175 -12.48 12.76 11.16
N GLY A 176 -12.39 13.85 10.41
CA GLY A 176 -11.48 13.97 9.29
C GLY A 176 -10.60 15.21 9.42
N VAL A 177 -9.52 15.26 8.64
CA VAL A 177 -8.56 16.37 8.65
C VAL A 177 -8.41 16.93 7.24
N TRP A 178 -7.61 16.26 6.42
CA TRP A 178 -7.46 16.63 5.01
C TRP A 178 -8.24 15.73 4.00
N ASN A 179 -8.21 14.39 4.18
CA ASN A 179 -8.81 13.49 3.18
C ASN A 179 -9.10 12.08 3.75
N MET A 180 -10.30 11.89 4.29
CA MET A 180 -10.75 10.54 4.67
C MET A 180 -11.67 10.05 3.55
N THR A 181 -11.22 9.02 2.82
CA THR A 181 -12.01 8.45 1.72
C THR A 181 -12.49 7.03 2.07
N PHE A 182 -13.75 6.79 1.73
CA PHE A 182 -14.45 5.53 1.98
C PHE A 182 -15.06 4.95 0.69
N SER A 183 -14.92 3.65 0.49
CA SER A 183 -15.74 2.99 -0.52
C SER A 183 -16.26 1.65 0.01
N GLY A 184 -17.56 1.45 -0.12
CA GLY A 184 -18.18 0.22 0.36
C GLY A 184 -18.10 0.03 1.86
N VAL A 185 -18.18 1.12 2.62
CA VAL A 185 -18.01 1.03 4.06
C VAL A 185 -19.34 1.29 4.80
N GLU A 186 -19.89 0.22 5.41
CA GLU A 186 -21.10 0.36 6.23
C GLU A 186 -20.77 1.21 7.48
N GLY A 187 -21.55 2.24 7.75
CA GLY A 187 -21.27 3.13 8.87
C GLY A 187 -20.25 4.21 8.55
N ALA A 188 -19.92 4.42 7.29
CA ALA A 188 -19.07 5.55 6.95
C ALA A 188 -19.84 6.83 7.15
N PRO A 189 -19.14 7.88 7.61
CA PRO A 189 -19.67 9.23 7.59
C PRO A 189 -20.09 9.51 6.14
N ALA A 190 -21.22 10.15 5.91
CA ALA A 190 -21.68 10.27 4.52
C ALA A 190 -20.96 11.43 3.78
N GLN A 191 -21.12 11.47 2.47
CA GLN A 191 -20.38 12.38 1.60
C GLN A 191 -20.54 13.82 2.10
N SER A 192 -19.42 14.40 2.52
CA SER A 192 -19.41 15.78 3.00
C SER A 192 -18.38 16.73 2.36
N PHE A 193 -17.20 16.24 1.92
CA PHE A 193 -15.98 17.07 1.59
C PHE A 193 -16.28 18.51 1.15
N PRO A 194 -15.44 19.50 1.57
CA PRO A 194 -14.19 19.59 2.35
C PRO A 194 -14.38 19.49 3.88
N GLU A 195 -15.55 19.90 4.33
CA GLU A 195 -15.77 20.13 5.74
C GLU A 195 -16.99 19.33 6.18
N PRO A 196 -16.77 18.29 7.00
CA PRO A 196 -15.48 17.63 7.24
C PRO A 196 -15.02 16.97 5.94
N PRO A 197 -13.76 16.54 5.86
CA PRO A 197 -13.18 16.15 4.56
C PRO A 197 -13.49 14.70 4.22
N TYR A 198 -14.77 14.38 4.02
CA TYR A 198 -15.19 13.01 3.81
C TYR A 198 -15.60 12.80 2.34
N THR A 199 -14.92 11.84 1.72
CA THR A 199 -15.21 11.40 0.38
C THR A 199 -15.76 9.98 0.46
N THR A 200 -17.04 9.83 0.12
CA THR A 200 -17.77 8.62 0.51
C THR A 200 -18.41 8.00 -0.70
N LEU A 201 -18.07 6.75 -0.96
CA LEU A 201 -18.60 5.97 -2.09
C LEU A 201 -19.37 4.73 -1.56
N GLU A 202 -20.52 4.43 -2.16
CA GLU A 202 -21.43 3.39 -1.67
C GLU A 202 -20.81 2.05 -1.83
N THR A 203 -20.22 1.87 -3.00
CA THR A 203 -19.58 0.62 -3.33
C THR A 203 -18.20 0.82 -3.91
N THR A 204 -17.40 -0.24 -3.80
CA THR A 204 -16.09 -0.34 -4.46
C THR A 204 -16.26 -1.04 -5.82
N PRO A 205 -15.94 -0.34 -6.93
CA PRO A 205 -16.31 -0.85 -8.26
C PRO A 205 -15.93 -2.32 -8.51
N VAL A 206 -14.66 -2.65 -8.30
CA VAL A 206 -14.25 -4.03 -8.12
C VAL A 206 -13.22 -4.14 -7.00
N SER A 207 -13.25 -5.26 -6.31
CA SER A 207 -12.19 -5.59 -5.40
C SER A 207 -12.12 -7.10 -5.22
N ARG A 208 -10.99 -7.55 -4.71
CA ARG A 208 -10.75 -8.96 -4.53
C ARG A 208 -9.78 -9.08 -3.40
N GLU A 209 -10.20 -9.74 -2.33
CA GLU A 209 -9.48 -9.66 -1.09
C GLU A 209 -8.13 -10.38 -1.23
N LYS A 210 -7.19 -9.95 -0.40
CA LYS A 210 -5.81 -10.42 -0.50
C LYS A 210 -5.74 -11.90 -0.11
N PRO A 211 -5.08 -12.75 -0.94
CA PRO A 211 -4.85 -14.13 -0.50
C PRO A 211 -4.02 -14.23 0.79
N PHE A 212 -4.28 -15.22 1.63
CA PHE A 212 -3.56 -15.35 2.90
C PHE A 212 -3.41 -16.82 3.36
N LEU A 213 -2.30 -17.08 4.07
CA LEU A 213 -1.99 -18.34 4.71
C LEU A 213 -3.03 -18.69 5.81
N TYR A 214 -3.40 -19.97 5.93
CA TYR A 214 -4.25 -20.40 7.05
C TYR A 214 -4.25 -21.93 7.20
N LEU A 215 -5.18 -22.44 8.02
CA LEU A 215 -5.23 -23.88 8.39
C LEU A 215 -6.60 -24.55 8.21
N ASP A 216 -6.53 -25.68 7.54
CA ASP A 216 -7.59 -26.67 7.51
C ASP A 216 -6.96 -27.99 7.97
N GLY A 217 -7.04 -28.32 9.28
CA GLY A 217 -6.21 -29.36 9.90
C GLY A 217 -4.86 -28.86 10.45
N ASP A 218 -3.83 -29.70 10.41
CA ASP A 218 -2.38 -29.29 10.53
C ASP A 218 -1.78 -28.94 9.18
N ASP A 219 -2.63 -28.46 8.29
CA ASP A 219 -2.24 -28.38 6.89
C ASP A 219 -2.36 -26.95 6.40
N TYR A 220 -1.20 -26.37 6.15
CA TYR A 220 -1.13 -25.00 5.66
C TYR A 220 -1.65 -24.92 4.22
N LYS A 221 -2.47 -23.89 3.98
CA LYS A 221 -2.92 -23.55 2.64
C LYS A 221 -2.94 -22.03 2.42
N VAL A 222 -3.17 -21.62 1.17
CA VAL A 222 -3.44 -20.22 0.87
C VAL A 222 -4.88 -20.04 0.36
N PHE A 223 -5.69 -19.30 1.15
CA PHE A 223 -7.03 -18.93 0.70
C PHE A 223 -6.89 -17.79 -0.26
N VAL A 224 -7.51 -17.96 -1.43
CA VAL A 224 -7.46 -16.97 -2.51
C VAL A 224 -8.91 -16.53 -2.78
N PRO A 225 -9.29 -15.39 -2.19
CA PRO A 225 -10.68 -14.95 -2.40
C PRO A 225 -10.97 -14.64 -3.86
N ALA A 226 -12.20 -14.91 -4.31
CA ALA A 226 -12.65 -14.47 -5.62
C ALA A 226 -13.15 -13.00 -5.59
N LYS A 227 -13.18 -12.37 -6.76
CA LYS A 227 -13.46 -10.96 -6.85
C LYS A 227 -14.89 -10.68 -6.39
N ARG A 228 -14.99 -9.61 -5.62
CA ARG A 228 -16.24 -8.94 -5.40
C ARG A 228 -16.40 -7.81 -6.40
N THR A 229 -17.52 -7.81 -7.11
CA THR A 229 -17.92 -6.60 -7.79
C THR A 229 -18.99 -5.84 -6.99
N ASN A 230 -18.93 -4.51 -7.07
CA ASN A 230 -19.89 -3.65 -6.43
C ASN A 230 -19.83 -3.86 -4.90
N ALA A 231 -18.62 -3.83 -4.35
CA ALA A 231 -18.39 -4.34 -3.03
C ALA A 231 -18.85 -3.41 -1.91
N ARG A 232 -19.42 -4.02 -0.88
CA ARG A 232 -19.78 -3.28 0.33
C ARG A 232 -19.80 -4.20 1.51
N GLY A 233 -19.31 -3.68 2.64
CA GLY A 233 -19.16 -4.48 3.86
C GLY A 233 -18.07 -5.54 3.77
N THR A 234 -17.95 -6.35 4.83
CA THR A 234 -16.88 -7.34 4.93
C THR A 234 -17.28 -8.59 4.12
N SER A 235 -16.30 -9.46 3.87
CA SER A 235 -16.52 -10.56 2.96
C SER A 235 -16.79 -11.84 3.73
N TRP A 236 -16.57 -11.74 5.02
CA TRP A 236 -16.35 -12.92 5.81
C TRP A 236 -17.41 -12.91 6.92
N GLY A 237 -18.21 -11.84 6.97
CA GLY A 237 -19.14 -11.57 8.05
C GLY A 237 -20.49 -12.24 7.87
N ASN A 238 -20.76 -12.70 6.66
CA ASN A 238 -21.87 -13.65 6.43
C ASN A 238 -21.27 -15.04 6.42
N GLY A 239 -19.99 -15.09 6.81
CA GLY A 239 -19.39 -16.25 7.43
C GLY A 239 -18.47 -16.90 6.44
N THR A 240 -18.95 -18.05 5.95
CA THR A 240 -18.56 -18.63 4.67
C THR A 240 -18.34 -17.45 3.76
N PRO A 241 -17.25 -17.51 2.95
CA PRO A 241 -16.73 -16.72 1.82
C PRO A 241 -16.47 -17.52 0.50
N GLU A 242 -16.48 -16.80 -0.64
CA GLU A 242 -16.36 -17.36 -2.01
C GLU A 242 -14.98 -17.18 -2.67
N GLY A 243 -14.30 -18.29 -2.91
CA GLY A 243 -12.97 -18.28 -3.51
C GLY A 243 -12.10 -19.45 -3.09
N GLU A 244 -10.94 -19.55 -3.73
CA GLU A 244 -10.22 -20.81 -3.82
C GLU A 244 -9.14 -21.07 -2.77
N SER A 245 -8.84 -22.35 -2.50
CA SER A 245 -7.72 -22.71 -1.62
C SER A 245 -6.53 -23.43 -2.33
N LEU A 246 -5.32 -23.03 -1.97
CA LEU A 246 -4.08 -23.53 -2.53
C LEU A 246 -3.29 -24.25 -1.44
N PRO A 247 -3.05 -25.54 -1.63
CA PRO A 247 -2.23 -26.18 -0.61
C PRO A 247 -0.80 -25.70 -0.71
N LEU A 248 -0.15 -25.58 0.44
CA LEU A 248 1.18 -25.04 0.51
C LEU A 248 2.07 -25.84 -0.42
N ASP A 249 1.73 -27.12 -0.57
CA ASP A 249 2.59 -28.00 -1.35
C ASP A 249 2.53 -27.62 -2.84
N GLN A 250 1.64 -26.69 -3.21
CA GLN A 250 1.57 -26.16 -4.57
C GLN A 250 2.29 -24.79 -4.72
N PHE A 251 3.08 -24.39 -3.70
CA PHE A 251 3.93 -23.21 -3.75
C PHE A 251 5.40 -23.58 -3.74
N TYR A 252 6.17 -22.83 -4.50
CA TYR A 252 7.60 -22.75 -4.27
C TYR A 252 7.76 -21.80 -3.07
N VAL A 253 8.62 -22.20 -2.15
CA VAL A 253 8.90 -21.48 -0.95
C VAL A 253 10.27 -20.88 -1.13
N VAL A 254 10.28 -19.55 -1.14
CA VAL A 254 11.48 -18.81 -1.38
C VAL A 254 12.09 -18.38 -0.07
N LYS A 255 13.39 -18.60 0.04
CA LYS A 255 14.21 -18.15 1.15
C LYS A 255 15.41 -17.47 0.53
N PRO A 256 15.94 -16.42 1.16
CA PRO A 256 16.95 -15.54 0.54
C PRO A 256 18.09 -16.31 -0.09
N GLY A 257 18.48 -15.95 -1.32
CA GLY A 257 19.39 -16.79 -2.08
C GLY A 257 18.85 -17.31 -3.42
N ALA A 258 17.90 -18.22 -3.36
CA ALA A 258 17.33 -18.89 -4.54
C ALA A 258 17.26 -17.96 -5.74
N THR A 259 17.86 -18.38 -6.84
CA THR A 259 18.08 -17.46 -7.93
C THR A 259 16.73 -17.09 -8.59
N ALA A 260 16.68 -15.98 -9.31
CA ALA A 260 15.53 -15.70 -10.15
C ALA A 260 15.27 -16.88 -11.10
N GLU A 261 16.36 -17.50 -11.58
CA GLU A 261 16.24 -18.60 -12.53
C GLU A 261 15.40 -19.72 -11.91
N THR A 262 15.64 -20.05 -10.64
CA THR A 262 14.88 -21.15 -10.02
C THR A 262 13.44 -20.71 -9.74
N ILE A 263 13.29 -19.55 -9.13
CA ILE A 263 11.98 -18.98 -8.92
C ILE A 263 11.17 -19.00 -10.22
N ASN A 264 11.87 -18.77 -11.33
CA ASN A 264 11.25 -18.69 -12.67
C ASN A 264 10.82 -20.05 -13.24
N ALA A 265 11.63 -21.09 -13.02
CA ALA A 265 11.26 -22.48 -13.35
C ALA A 265 9.99 -22.89 -12.63
N ALA A 266 9.96 -22.67 -11.30
CA ALA A 266 8.80 -23.01 -10.49
C ALA A 266 7.51 -22.51 -11.12
N VAL A 267 7.48 -21.22 -11.50
CA VAL A 267 6.25 -20.66 -12.09
C VAL A 267 5.97 -21.38 -13.39
N ASP A 268 7.01 -21.53 -14.19
CA ASP A 268 6.89 -22.25 -15.44
C ASP A 268 6.47 -23.69 -15.16
N GLN A 269 7.17 -24.38 -14.26
CA GLN A 269 6.78 -25.76 -13.89
C GLN A 269 5.41 -25.99 -13.29
N GLY A 270 4.70 -24.92 -12.92
CA GLY A 270 3.35 -25.07 -12.42
C GLY A 270 3.13 -24.82 -10.94
N LEU A 271 4.10 -24.19 -10.30
CA LEU A 271 3.94 -23.79 -8.90
C LEU A 271 3.70 -22.30 -8.70
N HIS A 272 3.19 -22.00 -7.51
CA HIS A 272 2.92 -20.65 -7.10
C HIS A 272 4.22 -20.17 -6.42
N LEU A 273 4.13 -19.04 -5.72
CA LEU A 273 5.31 -18.52 -5.01
C LEU A 273 4.92 -18.01 -3.66
N LEU A 274 5.66 -18.45 -2.66
CA LEU A 274 5.52 -17.96 -1.30
C LEU A 274 6.88 -17.50 -0.84
N PHE A 275 7.05 -16.18 -0.76
CA PHE A 275 8.32 -15.68 -0.28
C PHE A 275 8.30 -15.59 1.24
N THR A 276 9.15 -16.40 1.87
CA THR A 276 9.38 -16.31 3.30
C THR A 276 9.98 -14.91 3.62
N PRO A 277 9.91 -14.49 4.89
CA PRO A 277 10.42 -13.16 5.22
C PRO A 277 11.92 -13.13 5.03
N GLY A 278 12.38 -12.25 4.16
CA GLY A 278 13.80 -12.16 3.83
C GLY A 278 14.01 -11.16 2.69
N VAL A 279 15.26 -11.04 2.27
CA VAL A 279 15.67 -10.12 1.22
C VAL A 279 16.26 -10.92 0.02
N TYR A 280 15.65 -10.74 -1.15
CA TYR A 280 15.91 -11.55 -2.33
C TYR A 280 16.54 -10.73 -3.47
N HIS A 281 17.88 -10.70 -3.48
CA HIS A 281 18.63 -10.06 -4.58
C HIS A 281 18.49 -10.93 -5.81
N VAL A 282 18.01 -10.39 -6.94
CA VAL A 282 18.00 -11.16 -8.22
C VAL A 282 18.81 -10.46 -9.30
N ASP A 283 19.26 -11.20 -10.33
CA ASP A 283 20.00 -10.56 -11.41
C ASP A 283 19.40 -10.90 -12.78
N GLN A 284 18.27 -11.57 -12.77
CA GLN A 284 17.37 -11.52 -13.90
C GLN A 284 15.95 -11.27 -13.32
N PRO A 285 15.05 -10.68 -14.11
CA PRO A 285 13.72 -10.40 -13.53
C PRO A 285 12.90 -11.67 -13.22
N ILE A 286 12.10 -11.59 -12.16
CA ILE A 286 11.14 -12.65 -11.86
C ILE A 286 9.95 -12.51 -12.79
N GLU A 287 9.59 -13.61 -13.46
CA GLU A 287 8.62 -13.58 -14.54
C GLU A 287 7.39 -14.45 -14.17
N ILE A 288 6.20 -13.88 -14.21
CA ILE A 288 5.01 -14.64 -13.89
C ILE A 288 4.09 -14.57 -15.08
N ASP A 289 4.18 -15.61 -15.89
CA ASP A 289 3.46 -15.71 -17.15
C ASP A 289 2.61 -16.98 -17.21
N ARG A 290 2.07 -17.38 -16.07
CA ARG A 290 1.04 -18.41 -16.00
C ARG A 290 -0.21 -17.82 -15.35
N ALA A 291 -1.34 -17.98 -16.03
CA ALA A 291 -2.55 -17.40 -15.53
C ALA A 291 -2.81 -17.92 -14.11
N ASN A 292 -3.38 -17.06 -13.27
CA ASN A 292 -3.82 -17.41 -11.91
C ASN A 292 -2.72 -17.69 -10.89
N THR A 293 -1.49 -17.36 -11.23
CA THR A 293 -0.37 -17.51 -10.31
C THR A 293 -0.48 -16.55 -9.13
N VAL A 294 -0.42 -17.11 -7.92
CA VAL A 294 -0.25 -16.34 -6.67
C VAL A 294 1.20 -16.20 -6.37
N ALA A 295 1.61 -14.95 -6.14
CA ALA A 295 2.87 -14.64 -5.54
C ALA A 295 2.54 -13.92 -4.24
N LEU A 296 2.87 -14.54 -3.13
CA LEU A 296 2.48 -14.03 -1.82
C LEU A 296 3.73 -13.89 -0.98
N GLY A 297 4.02 -12.67 -0.53
CA GLY A 297 5.06 -12.45 0.47
C GLY A 297 4.57 -12.47 1.92
N LEU A 298 5.45 -12.90 2.81
CA LEU A 298 5.20 -12.88 4.24
C LEU A 298 6.30 -12.02 4.87
N GLY A 299 6.00 -11.33 5.96
CA GLY A 299 7.04 -10.65 6.71
C GLY A 299 7.77 -9.50 6.01
N LEU A 300 7.08 -8.82 5.10
CA LEU A 300 7.64 -7.73 4.30
C LEU A 300 8.83 -8.25 3.43
N ALA A 301 8.72 -9.50 3.01
CA ALA A 301 9.64 -10.07 2.02
C ALA A 301 9.96 -9.05 0.92
N THR A 302 11.25 -8.95 0.64
CA THR A 302 11.81 -7.90 -0.19
C THR A 302 12.67 -8.41 -1.35
N ILE A 303 12.45 -7.81 -2.52
CA ILE A 303 13.22 -8.11 -3.71
C ILE A 303 14.04 -6.90 -4.12
N ILE A 304 15.34 -7.13 -4.28
CA ILE A 304 16.28 -6.12 -4.77
C ILE A 304 16.86 -6.59 -6.13
N PRO A 305 16.65 -5.82 -7.21
CA PRO A 305 17.18 -6.23 -8.50
C PRO A 305 18.55 -5.64 -8.72
N ASP A 306 19.51 -6.48 -9.08
CA ASP A 306 20.88 -6.04 -9.26
C ASP A 306 21.18 -5.76 -10.74
N ASN A 307 22.27 -5.03 -11.02
CA ASN A 307 22.75 -4.89 -12.41
C ASN A 307 21.74 -4.15 -13.32
N GLY A 308 20.85 -3.38 -12.68
CA GLY A 308 19.88 -2.55 -13.36
C GLY A 308 18.72 -3.28 -14.00
N VAL A 309 18.52 -4.56 -13.62
CA VAL A 309 17.41 -5.30 -14.19
C VAL A 309 16.07 -4.91 -13.57
N THR A 310 15.00 -5.30 -14.23
CA THR A 310 13.67 -5.19 -13.65
C THR A 310 13.47 -6.30 -12.59
N ALA A 311 12.81 -6.00 -11.48
CA ALA A 311 12.60 -6.99 -10.43
C ALA A 311 11.54 -8.04 -10.78
N LEU A 312 10.45 -7.57 -11.38
CA LEU A 312 9.26 -8.37 -11.51
C LEU A 312 8.51 -7.96 -12.78
N LYS A 313 8.29 -8.96 -13.66
CA LYS A 313 7.53 -8.78 -14.88
C LYS A 313 6.41 -9.82 -14.88
N VAL A 314 5.18 -9.35 -15.03
CA VAL A 314 4.00 -10.22 -15.20
C VAL A 314 3.62 -10.20 -16.69
N GLY A 315 3.33 -11.37 -17.24
CA GLY A 315 3.04 -11.47 -18.65
C GLY A 315 1.56 -11.15 -18.88
N ASP A 316 1.10 -11.31 -20.11
CA ASP A 316 -0.23 -10.84 -20.49
C ASP A 316 -1.34 -11.86 -20.18
N VAL A 317 -1.59 -12.08 -18.90
CA VAL A 317 -2.46 -13.18 -18.50
C VAL A 317 -3.39 -12.88 -17.35
N ASP A 318 -4.55 -13.52 -17.41
CA ASP A 318 -5.55 -13.48 -16.38
C ASP A 318 -5.02 -13.91 -15.01
N GLY A 319 -5.54 -13.29 -13.96
CA GLY A 319 -5.62 -13.98 -12.70
C GLY A 319 -4.41 -13.88 -11.77
N VAL A 320 -3.35 -13.15 -12.14
CA VAL A 320 -2.15 -13.11 -11.29
C VAL A 320 -2.51 -12.31 -10.03
N LYS A 321 -1.97 -12.73 -8.90
CA LYS A 321 -2.25 -12.10 -7.59
C LYS A 321 -0.90 -11.94 -6.88
N VAL A 322 -0.34 -10.73 -7.05
CA VAL A 322 0.91 -10.34 -6.42
C VAL A 322 0.57 -9.62 -5.14
N ALA A 323 1.20 -10.05 -4.05
CA ALA A 323 0.84 -9.51 -2.72
C ALA A 323 1.91 -9.57 -1.65
N GLY A 324 2.02 -8.48 -0.89
CA GLY A 324 2.79 -8.41 0.32
C GLY A 324 4.27 -8.51 0.07
N LEU A 325 4.81 -7.55 -0.69
CA LEU A 325 6.18 -7.60 -1.17
C LEU A 325 6.71 -6.18 -1.33
N LEU A 326 7.94 -5.97 -0.87
CA LEU A 326 8.65 -4.72 -1.06
C LEU A 326 9.64 -4.91 -2.20
N VAL A 327 9.59 -4.06 -3.21
CA VAL A 327 10.60 -4.01 -4.26
C VAL A 327 11.54 -2.83 -3.91
N ASP A 328 12.83 -3.11 -3.85
CA ASP A 328 13.81 -2.23 -3.25
C ASP A 328 14.89 -1.92 -4.30
N ALA A 329 14.94 -0.67 -4.76
CA ALA A 329 15.88 -0.26 -5.78
C ALA A 329 17.33 -0.63 -5.43
N GLY A 330 18.05 -1.22 -6.39
CA GLY A 330 19.50 -1.30 -6.32
C GLY A 330 20.16 0.01 -6.71
N PRO A 331 21.45 0.18 -6.34
CA PRO A 331 22.09 1.44 -6.69
C PRO A 331 22.33 1.59 -8.20
N VAL A 332 22.46 0.49 -8.93
CA VAL A 332 22.50 0.55 -10.40
C VAL A 332 21.10 0.83 -10.95
N ASN A 333 20.97 1.93 -11.71
CA ASN A 333 19.66 2.35 -12.18
C ASN A 333 18.93 1.26 -12.95
N SER A 334 17.71 0.93 -12.50
CA SER A 334 16.84 0.08 -13.29
C SER A 334 15.88 0.90 -14.16
N GLU A 335 15.74 0.50 -15.43
CA GLU A 335 14.80 1.18 -16.31
C GLU A 335 13.37 1.11 -15.75
N THR A 336 12.99 -0.09 -15.33
CA THR A 336 11.73 -0.27 -14.62
C THR A 336 11.94 -1.20 -13.42
N LEU A 337 11.08 -1.11 -12.41
CA LEU A 337 11.15 -2.01 -11.28
C LEU A 337 10.11 -3.16 -11.32
N VAL A 338 8.89 -2.81 -11.74
CA VAL A 338 7.77 -3.73 -11.73
C VAL A 338 6.99 -3.39 -13.00
N GLU A 339 6.82 -4.39 -13.86
CA GLU A 339 6.08 -4.25 -15.09
C GLU A 339 4.93 -5.26 -15.09
N VAL A 340 3.70 -4.79 -15.32
CA VAL A 340 2.54 -5.66 -15.37
C VAL A 340 1.98 -5.66 -16.79
N GLY A 341 2.20 -6.78 -17.50
CA GLY A 341 1.93 -6.89 -18.92
C GLY A 341 3.03 -6.28 -19.82
N SER A 342 3.13 -6.78 -21.04
CA SER A 342 4.06 -6.22 -22.01
C SER A 342 3.53 -4.89 -22.63
N ASP A 343 4.37 -4.11 -23.30
CA ASP A 343 3.91 -2.83 -23.91
C ASP A 343 3.05 -3.02 -25.13
N GLY A 344 1.97 -2.24 -25.24
CA GLY A 344 1.04 -2.39 -26.35
C GLY A 344 -0.03 -3.50 -26.23
N ALA A 345 0.22 -4.43 -25.32
CA ALA A 345 -0.69 -5.57 -25.08
C ALA A 345 -2.12 -5.04 -24.91
N SER A 346 -3.03 -5.51 -25.75
CA SER A 346 -4.38 -4.95 -25.79
C SER A 346 -5.52 -5.94 -25.47
N GLY A 347 -5.19 -7.08 -24.89
CA GLY A 347 -6.24 -7.99 -24.46
C GLY A 347 -7.03 -7.47 -23.27
N ASP A 348 -8.15 -8.15 -22.98
CA ASP A 348 -8.98 -7.94 -21.81
C ASP A 348 -8.69 -8.89 -20.65
N HIS A 349 -8.82 -8.45 -19.40
CA HIS A 349 -8.82 -9.41 -18.29
C HIS A 349 -9.90 -9.08 -17.29
N ALA A 350 -11.08 -8.72 -17.78
CA ALA A 350 -12.16 -8.24 -16.94
C ALA A 350 -12.67 -9.28 -15.93
N ALA A 351 -12.85 -10.52 -16.37
CA ALA A 351 -13.44 -11.51 -15.50
C ALA A 351 -12.49 -12.00 -14.40
N ASN A 352 -11.20 -11.93 -14.68
CA ASN A 352 -10.20 -12.54 -13.85
C ASN A 352 -8.98 -11.65 -13.94
N PRO A 353 -9.08 -10.49 -13.29
CA PRO A 353 -8.01 -9.52 -13.50
C PRO A 353 -6.70 -9.91 -12.80
N THR A 354 -5.61 -9.27 -13.23
CA THR A 354 -4.38 -9.30 -12.47
C THR A 354 -4.41 -8.19 -11.40
N SER A 355 -3.89 -8.50 -10.21
CA SER A 355 -3.82 -7.50 -9.12
C SER A 355 -2.46 -7.44 -8.41
N LEU A 356 -2.11 -6.20 -8.01
CA LEU A 356 -1.03 -5.90 -7.09
C LEU A 356 -1.69 -5.48 -5.79
N GLN A 357 -1.33 -6.11 -4.68
CA GLN A 357 -1.85 -5.74 -3.36
C GLN A 357 -0.73 -5.67 -2.33
N ASP A 358 -0.66 -4.59 -1.57
CA ASP A 358 0.43 -4.41 -0.60
C ASP A 358 1.75 -4.67 -1.29
N VAL A 359 1.90 -4.06 -2.45
CA VAL A 359 3.14 -4.06 -3.17
C VAL A 359 3.68 -2.66 -2.92
N PHE A 360 4.87 -2.61 -2.33
CA PHE A 360 5.55 -1.36 -1.98
C PHE A 360 6.86 -1.25 -2.77
N VAL A 361 7.19 -0.04 -3.19
CA VAL A 361 8.44 0.18 -3.86
C VAL A 361 9.21 1.25 -3.05
N ARG A 362 10.52 1.03 -2.87
CA ARG A 362 11.40 2.00 -2.24
C ARG A 362 12.57 2.29 -3.18
N ILE A 363 12.91 3.57 -3.34
CA ILE A 363 14.11 3.96 -4.07
C ILE A 363 15.02 4.78 -3.16
N GLY A 364 16.10 4.15 -2.68
CA GLY A 364 17.00 4.78 -1.73
C GLY A 364 16.59 4.58 -0.27
N GLY A 365 17.45 5.06 0.63
CA GLY A 365 17.14 5.14 2.05
C GLY A 365 17.91 4.11 2.91
N ALA A 366 18.09 2.90 2.39
CA ALA A 366 18.99 1.95 3.02
C ALA A 366 20.27 1.92 2.22
N GLY A 367 20.76 3.10 1.86
CA GLY A 367 21.85 3.21 0.91
C GLY A 367 21.32 3.46 -0.49
N PRO A 368 22.18 3.98 -1.38
CA PRO A 368 21.66 4.56 -2.61
C PRO A 368 20.88 3.58 -3.45
N GLY A 369 19.82 4.08 -4.07
CA GLY A 369 19.08 3.30 -5.05
C GLY A 369 18.54 4.24 -6.11
N LYS A 370 18.43 3.74 -7.33
CA LYS A 370 17.85 4.50 -8.42
C LYS A 370 17.06 3.63 -9.36
N ALA A 371 16.02 4.23 -9.95
CA ALA A 371 15.29 3.63 -11.04
C ALA A 371 14.45 4.66 -11.80
N THR A 372 14.23 4.44 -13.10
CA THR A 372 13.61 5.47 -13.95
C THR A 372 12.07 5.55 -13.81
N THR A 373 11.39 4.40 -13.98
CA THR A 373 9.95 4.30 -13.83
C THR A 373 9.64 3.11 -12.94
N SER A 374 9.05 3.33 -11.76
CA SER A 374 8.95 2.26 -10.79
C SER A 374 7.99 1.17 -11.26
N ILE A 375 6.70 1.51 -11.37
CA ILE A 375 5.68 0.58 -11.81
C ILE A 375 5.05 1.02 -13.13
N VAL A 376 5.12 0.13 -14.13
CA VAL A 376 4.38 0.29 -15.37
C VAL A 376 3.23 -0.69 -15.38
N VAL A 377 2.01 -0.19 -15.54
CA VAL A 377 0.82 -1.03 -15.58
C VAL A 377 0.40 -1.03 -17.04
N ASN A 378 0.89 -2.05 -17.74
CA ASN A 378 0.54 -2.28 -19.15
C ASN A 378 -0.80 -2.95 -19.41
N SER A 379 -1.19 -3.88 -18.54
CA SER A 379 -2.38 -4.72 -18.80
C SER A 379 -3.72 -4.09 -18.46
N ASN A 380 -4.69 -4.38 -19.31
CA ASN A 380 -6.05 -3.92 -19.13
C ASN A 380 -6.72 -4.60 -17.92
N ASP A 381 -7.60 -3.86 -17.27
CA ASP A 381 -8.37 -4.35 -16.12
C ASP A 381 -7.61 -4.67 -14.81
N THR A 382 -6.35 -4.31 -14.77
CA THR A 382 -5.54 -4.57 -13.60
C THR A 382 -6.10 -3.78 -12.39
N ILE A 383 -6.06 -4.42 -11.23
CA ILE A 383 -6.44 -3.81 -9.95
C ILE A 383 -5.20 -3.61 -9.06
N ILE A 384 -4.92 -2.34 -8.78
CA ILE A 384 -3.85 -1.97 -7.88
C ILE A 384 -4.50 -1.57 -6.54
N ASP A 385 -4.56 -2.49 -5.57
CA ASP A 385 -5.27 -2.32 -4.29
C ASP A 385 -4.25 -2.23 -3.11
N HIS A 386 -3.87 -0.99 -2.80
CA HIS A 386 -2.87 -0.62 -1.79
C HIS A 386 -1.43 -0.76 -2.29
N THR A 387 -0.85 0.38 -2.64
CA THR A 387 0.55 0.44 -3.05
C THR A 387 1.15 1.73 -2.50
N TRP A 388 2.38 1.63 -2.02
CA TRP A 388 3.19 2.81 -1.66
C TRP A 388 4.44 2.73 -2.51
N VAL A 389 4.58 3.71 -3.38
CA VAL A 389 5.69 3.80 -4.32
C VAL A 389 6.42 5.07 -3.89
N TRP A 390 7.62 4.90 -3.34
CA TRP A 390 8.28 5.93 -2.51
C TRP A 390 9.76 6.13 -2.85
N ARG A 391 10.08 7.30 -3.38
CA ARG A 391 11.46 7.71 -3.53
C ARG A 391 11.83 8.27 -2.15
N ALA A 392 12.85 7.68 -1.55
CA ALA A 392 13.19 8.01 -0.17
C ALA A 392 13.52 9.49 0.02
N ASP A 393 12.99 10.07 1.10
CA ASP A 393 13.27 11.45 1.51
C ASP A 393 14.15 11.52 2.74
N HIS A 394 14.53 10.38 3.30
CA HIS A 394 15.40 10.39 4.47
C HIS A 394 16.04 9.02 4.59
N GLY A 395 16.84 8.88 5.63
CA GLY A 395 17.75 7.74 5.73
C GLY A 395 19.06 8.07 5.02
N GLU A 396 19.82 7.02 4.65
CA GLU A 396 21.10 7.14 3.94
C GLU A 396 21.02 6.89 2.40
N GLY A 397 21.86 7.62 1.68
CA GLY A 397 21.93 7.46 0.25
C GLY A 397 20.79 8.11 -0.52
N VAL A 398 20.48 9.34 -0.13
CA VAL A 398 19.33 10.05 -0.66
C VAL A 398 19.79 11.42 -1.15
N GLY A 399 19.04 12.04 -2.06
CA GLY A 399 19.50 13.22 -2.74
C GLY A 399 19.05 13.28 -4.18
N TRP A 400 19.01 14.52 -4.67
CA TRP A 400 18.43 14.87 -5.96
C TRP A 400 18.92 14.00 -7.13
N GLU A 401 20.22 13.79 -7.23
CA GLU A 401 20.76 12.91 -8.27
C GLU A 401 21.03 11.52 -7.63
N THR A 402 21.47 11.51 -6.37
CA THR A 402 21.93 10.28 -5.71
C THR A 402 20.91 9.14 -5.70
N ASN A 403 19.65 9.44 -5.40
CA ASN A 403 18.53 8.50 -5.62
C ASN A 403 17.45 9.07 -6.54
N ARG A 404 17.90 9.61 -7.68
CA ARG A 404 17.01 10.05 -8.74
C ARG A 404 16.06 8.92 -9.14
N ALA A 405 14.77 9.25 -9.14
CA ALA A 405 13.72 8.40 -9.64
C ALA A 405 12.72 9.30 -10.33
N ASP A 406 12.80 9.35 -11.65
CA ASP A 406 11.94 10.25 -12.37
C ASP A 406 10.47 9.99 -12.23
N TYR A 407 10.04 8.75 -12.45
CA TYR A 407 8.62 8.43 -12.64
C TYR A 407 8.18 7.33 -11.68
N GLY A 408 7.06 7.56 -11.01
CA GLY A 408 6.58 6.63 -10.02
C GLY A 408 5.79 5.50 -10.65
N VAL A 409 4.54 5.79 -10.97
CA VAL A 409 3.66 4.83 -11.61
C VAL A 409 3.23 5.38 -12.94
N HIS A 410 3.18 4.48 -13.95
CA HIS A 410 2.68 4.84 -15.27
C HIS A 410 1.68 3.79 -15.71
N VAL A 411 0.41 4.21 -15.79
CA VAL A 411 -0.64 3.30 -16.21
C VAL A 411 -0.95 3.49 -17.69
N LYS A 412 -0.72 2.44 -18.46
CA LYS A 412 -0.96 2.42 -19.91
C LYS A 412 -2.16 1.57 -20.32
N GLY A 413 -2.43 0.51 -19.57
CA GLY A 413 -3.57 -0.33 -19.85
C GLY A 413 -4.88 0.37 -19.56
N ASP A 414 -5.93 -0.25 -20.05
CA ASP A 414 -7.25 0.30 -19.95
C ASP A 414 -8.10 -0.32 -18.87
N ASN A 415 -9.11 0.44 -18.42
CA ASN A 415 -10.00 0.04 -17.31
C ASN A 415 -9.28 -0.34 -16.03
N VAL A 416 -8.17 0.34 -15.73
CA VAL A 416 -7.38 0.01 -14.54
C VAL A 416 -7.97 0.73 -13.36
N LEU A 417 -8.02 0.04 -12.22
CA LEU A 417 -8.57 0.56 -10.96
C LEU A 417 -7.46 0.56 -9.90
N ALA A 418 -7.23 1.73 -9.30
CA ALA A 418 -6.34 1.86 -8.14
C ALA A 418 -7.18 2.26 -6.94
N THR A 419 -7.11 1.47 -5.89
CA THR A 419 -7.77 1.74 -4.63
C THR A 419 -6.72 1.81 -3.50
N GLY A 420 -6.53 3.01 -2.97
CA GLY A 420 -5.47 3.25 -1.98
C GLY A 420 -4.11 3.44 -2.61
N LEU A 421 -3.96 4.52 -3.36
CA LEU A 421 -2.74 4.78 -4.13
C LEU A 421 -1.88 5.83 -3.43
N PHE A 422 -0.71 5.43 -2.97
CA PHE A 422 0.23 6.32 -2.27
C PHE A 422 1.55 6.40 -3.07
N VAL A 423 1.90 7.59 -3.55
CA VAL A 423 3.07 7.77 -4.40
C VAL A 423 3.74 9.10 -4.09
N GLU A 424 5.05 9.06 -3.80
CA GLU A 424 5.74 10.23 -3.22
C GLU A 424 7.22 10.44 -3.67
N HIS A 425 7.52 11.71 -3.95
CA HIS A 425 8.86 12.31 -3.99
C HIS A 425 9.61 12.19 -5.33
N PHE A 426 8.94 11.74 -6.40
CA PHE A 426 9.63 11.53 -7.68
C PHE A 426 10.17 12.82 -8.31
N ASN A 427 11.25 12.69 -9.08
CA ASN A 427 11.86 13.89 -9.66
C ASN A 427 10.98 14.52 -10.76
N LYS A 428 10.23 13.66 -11.44
CA LYS A 428 9.30 14.07 -12.47
C LYS A 428 7.85 13.69 -12.01
N TYR A 429 7.04 13.10 -12.91
CA TYR A 429 5.68 12.67 -12.58
C TYR A 429 5.61 11.50 -11.59
N ASP A 430 4.99 11.75 -10.43
CA ASP A 430 4.73 10.68 -9.49
C ASP A 430 3.83 9.61 -10.15
N VAL A 431 2.74 10.08 -10.75
CA VAL A 431 1.79 9.26 -11.47
C VAL A 431 1.38 9.88 -12.81
N GLN A 432 1.50 9.05 -13.87
CA GLN A 432 0.96 9.38 -15.19
C GLN A 432 0.00 8.27 -15.67
N TRP A 433 -1.15 8.66 -16.23
CA TRP A 433 -2.13 7.74 -16.77
C TRP A 433 -2.33 8.00 -18.26
N SER A 434 -2.29 6.95 -19.05
CA SER A 434 -2.43 7.07 -20.49
C SER A 434 -3.52 6.12 -21.02
N GLY A 435 -3.68 4.93 -20.44
CA GLY A 435 -4.86 4.11 -20.75
C GLY A 435 -6.19 4.86 -20.56
N GLU A 436 -7.26 4.29 -21.10
CA GLU A 436 -8.57 4.87 -21.03
C GLU A 436 -9.30 4.37 -19.81
N ASN A 437 -10.31 5.11 -19.45
CA ASN A 437 -11.24 4.70 -18.45
C ASN A 437 -10.63 4.23 -17.14
N GLY A 438 -9.52 4.86 -16.76
CA GLY A 438 -8.90 4.60 -15.47
C GLY A 438 -9.75 5.16 -14.34
N LYS A 439 -9.61 4.56 -13.16
CA LYS A 439 -10.29 5.02 -11.97
C LYS A 439 -9.33 4.94 -10.77
N THR A 440 -9.24 6.03 -9.99
CA THR A 440 -8.50 6.04 -8.73
C THR A 440 -9.43 6.45 -7.57
N ILE A 441 -9.56 5.59 -6.58
CA ILE A 441 -10.23 5.91 -5.32
C ILE A 441 -9.16 6.00 -4.24
N PHE A 442 -8.98 7.24 -3.78
CA PHE A 442 -7.94 7.66 -2.85
C PHE A 442 -6.53 7.74 -3.44
N TYR A 443 -5.96 8.93 -3.35
CA TYR A 443 -4.57 9.22 -3.70
C TYR A 443 -3.90 10.11 -2.66
N GLN A 444 -2.72 9.69 -2.23
CA GLN A 444 -1.91 10.53 -1.40
C GLN A 444 -0.54 10.67 -2.05
N ASN A 445 -0.10 11.92 -2.18
CA ASN A 445 1.20 12.27 -2.73
C ASN A 445 1.89 13.32 -1.86
N ALA A 446 3.21 13.20 -1.77
CA ALA A 446 4.03 14.35 -1.40
C ALA A 446 4.99 14.58 -2.56
N LYS A 447 5.29 15.83 -2.87
CA LYS A 447 6.21 16.13 -3.95
C LYS A 447 7.65 15.96 -3.48
N ALA A 448 8.57 15.93 -4.43
CA ALA A 448 10.00 15.84 -4.16
C ALA A 448 10.39 16.89 -3.12
N TYR A 449 10.83 16.52 -1.92
CA TYR A 449 11.28 17.51 -0.94
C TYR A 449 12.58 18.27 -1.32
N ASP A 450 13.31 17.76 -2.29
CA ASP A 450 14.71 18.10 -2.40
C ASP A 450 15.16 18.72 -3.75
N ALA A 451 14.23 19.19 -4.58
CA ALA A 451 14.57 19.94 -5.80
C ALA A 451 15.41 21.18 -5.40
N PRO A 452 16.52 21.44 -6.11
CA PRO A 452 17.41 22.55 -5.67
C PRO A 452 17.04 23.95 -6.14
N ASP A 453 16.24 24.03 -7.19
CA ASP A 453 15.70 25.31 -7.62
C ASP A 453 14.61 25.10 -8.65
N GLN A 454 14.03 26.20 -9.09
CA GLN A 454 12.85 26.16 -9.94
C GLN A 454 13.04 25.37 -11.27
N ALA A 455 14.25 25.45 -11.84
CA ALA A 455 14.50 24.92 -13.15
C ALA A 455 14.64 23.40 -13.11
N ALA A 456 14.88 22.87 -11.92
CA ALA A 456 15.14 21.45 -11.82
C ALA A 456 13.87 20.66 -12.00
N ILE A 457 12.73 21.29 -11.70
CA ILE A 457 11.42 20.67 -11.91
C ILE A 457 10.67 21.37 -13.05
N GLN A 458 11.38 22.23 -13.75
CA GLN A 458 10.82 22.98 -14.88
C GLN A 458 10.40 22.01 -16.01
N ASN A 459 9.09 21.92 -16.29
CA ASN A 459 8.51 20.87 -17.15
C ASN A 459 7.73 21.48 -18.29
N GLY A 460 8.39 21.58 -19.45
CA GLY A 460 7.80 22.21 -20.61
C GLY A 460 7.68 23.68 -20.30
N ASP A 461 6.48 24.21 -20.42
CA ASP A 461 6.24 25.57 -19.99
C ASP A 461 5.30 25.54 -18.75
N ILE A 462 5.68 24.72 -17.75
CA ILE A 462 4.94 24.48 -16.53
C ILE A 462 5.94 24.38 -15.41
N LYS A 463 5.63 25.00 -14.29
CA LYS A 463 6.45 24.90 -13.09
C LYS A 463 6.10 23.62 -12.29
N GLY A 464 7.07 22.73 -12.18
CA GLY A 464 6.86 21.45 -11.52
C GLY A 464 6.22 20.45 -12.48
N TYR A 465 6.28 19.18 -12.06
CA TYR A 465 5.59 18.09 -12.71
C TYR A 465 4.39 17.66 -11.84
N ALA A 466 3.23 17.46 -12.46
CA ALA A 466 2.04 17.08 -11.67
C ALA A 466 2.33 15.84 -10.82
N ALA A 467 1.69 15.79 -9.66
CA ALA A 467 1.66 14.58 -8.87
C ALA A 467 0.87 13.49 -9.60
N TYR A 468 -0.13 13.93 -10.36
CA TYR A 468 -1.09 13.04 -11.01
C TYR A 468 -1.48 13.67 -12.31
N LYS A 469 -0.97 13.11 -13.42
CA LYS A 469 -1.26 13.57 -14.77
C LYS A 469 -2.02 12.54 -15.56
N VAL A 470 -3.17 12.95 -16.08
CA VAL A 470 -3.87 12.21 -17.11
C VAL A 470 -3.52 12.84 -18.46
N ASP A 471 -3.09 11.99 -19.40
CA ASP A 471 -2.82 12.40 -20.75
C ASP A 471 -3.94 13.27 -21.32
N ASP A 472 -3.55 14.42 -21.88
CA ASP A 472 -4.47 15.27 -22.62
C ASP A 472 -5.35 14.51 -23.65
N SER A 473 -4.89 13.35 -24.12
CA SER A 473 -5.63 12.57 -25.11
C SER A 473 -6.54 11.52 -24.49
N VAL A 474 -6.59 11.45 -23.17
CA VAL A 474 -7.47 10.48 -22.53
C VAL A 474 -8.92 10.97 -22.67
N THR A 475 -9.82 10.06 -23.06
CA THR A 475 -11.25 10.45 -23.25
C THR A 475 -12.01 10.40 -21.93
N THR A 476 -11.79 9.32 -21.19
CA THR A 476 -12.51 9.04 -19.95
C THR A 476 -11.53 8.71 -18.81
N HIS A 477 -11.68 9.41 -17.67
CA HIS A 477 -10.92 9.11 -16.45
C HIS A 477 -11.79 9.53 -15.26
N GLU A 478 -11.56 8.96 -14.08
CA GLU A 478 -12.25 9.45 -12.88
C GLU A 478 -11.34 9.28 -11.64
N GLY A 479 -11.30 10.27 -10.75
CA GLY A 479 -10.61 10.12 -9.49
C GLY A 479 -11.36 10.73 -8.30
N TRP A 480 -11.26 10.08 -7.13
CA TRP A 480 -11.97 10.49 -5.93
C TRP A 480 -11.00 10.60 -4.74
N GLY A 481 -11.00 11.72 -4.02
CA GLY A 481 -10.34 11.84 -2.74
C GLY A 481 -8.82 11.83 -2.90
N MET A 482 -8.31 12.89 -3.51
CA MET A 482 -6.94 12.91 -3.98
C MET A 482 -6.19 14.17 -3.52
N GLY A 483 -5.02 13.96 -2.92
CA GLY A 483 -4.25 15.04 -2.38
C GLY A 483 -2.76 14.96 -2.68
N SER A 484 -2.18 16.15 -2.92
CA SER A 484 -0.76 16.30 -3.13
C SER A 484 -0.22 17.39 -2.19
N TYR A 485 0.87 17.08 -1.50
CA TYR A 485 1.48 17.99 -0.53
C TYR A 485 2.93 18.33 -0.91
N CYS A 486 3.40 19.53 -0.57
CA CYS A 486 4.78 19.93 -0.87
C CYS A 486 5.52 20.36 0.40
N TYR A 487 6.81 20.06 0.44
CA TYR A 487 7.72 20.51 1.50
C TYR A 487 9.07 20.64 0.82
N PHE A 488 9.20 21.73 0.08
CA PHE A 488 10.43 21.99 -0.64
C PHE A 488 11.42 22.59 0.37
N ASN A 489 12.06 21.72 1.12
CA ASN A 489 12.88 22.19 2.24
C ASN A 489 14.18 22.80 1.75
N VAL A 490 14.78 22.15 0.78
CA VAL A 490 16.07 22.63 0.30
C VAL A 490 15.87 24.03 -0.28
N ASN A 491 14.75 24.26 -0.96
CA ASN A 491 14.48 25.56 -1.55
C ASN A 491 13.01 25.96 -1.49
N PRO A 492 12.63 26.58 -0.37
CA PRO A 492 11.24 26.99 -0.19
C PRO A 492 10.80 28.08 -1.14
N ASP A 493 11.73 28.61 -1.94
CA ASP A 493 11.42 29.61 -2.93
C ASP A 493 10.51 29.03 -4.04
N ILE A 494 10.62 27.71 -4.23
CA ILE A 494 9.93 26.97 -5.29
C ILE A 494 8.43 27.15 -5.33
N ARG A 495 7.91 27.20 -6.55
CA ARG A 495 6.47 27.08 -6.82
C ARG A 495 6.17 25.86 -7.67
N GLN A 496 5.12 25.15 -7.29
CA GLN A 496 4.59 23.99 -8.03
C GLN A 496 3.25 24.40 -8.65
N GLN A 497 3.11 24.41 -9.97
CA GLN A 497 1.89 24.98 -10.54
C GLN A 497 0.59 24.28 -10.09
N HIS A 498 0.68 22.96 -9.95
CA HIS A 498 -0.50 22.18 -9.60
C HIS A 498 -0.14 20.81 -9.04
N GLY A 499 -1.09 20.21 -8.30
CA GLY A 499 -1.06 18.82 -7.91
C GLY A 499 -1.41 17.82 -9.03
N PHE A 500 -2.32 18.26 -9.91
CA PHE A 500 -3.00 17.44 -10.87
C PHE A 500 -3.03 18.15 -12.22
N GLN A 501 -2.76 17.43 -13.30
CA GLN A 501 -2.99 17.91 -14.67
C GLN A 501 -3.88 16.92 -15.47
N ALA A 502 -4.90 17.44 -16.16
CA ALA A 502 -5.83 16.59 -16.92
C ALA A 502 -6.52 17.42 -18.00
N PRO A 503 -6.93 16.78 -19.10
CA PRO A 503 -7.72 17.54 -20.06
C PRO A 503 -9.11 17.96 -19.60
N VAL A 504 -9.62 18.95 -20.33
CA VAL A 504 -10.98 19.46 -20.20
C VAL A 504 -11.77 18.79 -21.32
N LYS A 505 -12.51 17.76 -20.93
CA LYS A 505 -13.16 16.82 -21.81
C LYS A 505 -14.23 16.17 -20.97
N PRO A 506 -15.44 16.00 -21.52
CA PRO A 506 -16.55 15.78 -20.59
C PRO A 506 -16.51 14.47 -19.80
N GLY A 507 -15.72 13.49 -20.21
CA GLY A 507 -15.67 12.18 -19.56
C GLY A 507 -14.50 12.05 -18.59
N VAL A 508 -13.87 13.18 -18.28
CA VAL A 508 -12.75 13.23 -17.31
C VAL A 508 -13.19 14.00 -16.06
N LYS A 509 -13.44 13.29 -14.97
CA LYS A 509 -14.04 13.90 -13.77
C LYS A 509 -13.10 13.66 -12.60
N PHE A 510 -12.92 14.66 -11.73
CA PHE A 510 -12.34 14.45 -10.40
C PHE A 510 -13.30 14.97 -9.32
N HIS A 511 -13.23 14.31 -8.18
CA HIS A 511 -14.06 14.60 -7.03
C HIS A 511 -13.21 14.61 -5.79
N ASP A 512 -13.15 15.79 -5.16
CA ASP A 512 -12.55 16.04 -3.86
C ASP A 512 -11.02 16.02 -3.97
N LEU A 513 -10.49 17.08 -4.60
CA LEU A 513 -9.05 17.29 -4.79
C LEU A 513 -8.52 18.35 -3.84
N LEU A 514 -7.29 18.16 -3.38
CA LEU A 514 -6.65 19.13 -2.51
C LEU A 514 -5.14 19.18 -2.73
N VAL A 515 -4.56 20.37 -2.49
CA VAL A 515 -3.13 20.48 -2.37
C VAL A 515 -2.80 21.29 -1.11
N VAL A 516 -1.64 21.00 -0.55
CA VAL A 516 -1.29 21.55 0.76
C VAL A 516 0.22 21.78 0.81
N SER A 517 0.62 22.99 1.15
CA SER A 517 2.02 23.25 1.45
C SER A 517 2.25 22.99 2.92
N LEU A 518 3.28 22.22 3.20
CA LEU A 518 3.60 21.85 4.55
C LEU A 518 4.44 22.97 5.21
N GLY A 519 3.78 23.77 6.02
CA GLY A 519 4.43 24.82 6.78
C GLY A 519 5.04 25.94 5.91
N GLY A 520 4.44 26.20 4.76
CA GLY A 520 4.94 27.21 3.83
C GLY A 520 6.25 26.92 3.11
N LYS A 521 6.69 25.66 3.09
CA LYS A 521 7.91 25.32 2.37
C LYS A 521 7.59 25.03 0.89
N GLY A 522 7.66 26.07 0.09
CA GLY A 522 7.17 26.05 -1.27
C GLY A 522 5.67 26.30 -1.21
N GLN A 523 5.08 26.61 -2.35
CA GLN A 523 3.63 26.71 -2.47
C GLN A 523 3.17 26.22 -3.85
N TYR A 524 1.89 25.85 -3.93
CA TYR A 524 1.23 25.57 -5.18
C TYR A 524 0.57 26.81 -5.77
N GLU A 525 0.56 26.91 -7.09
CA GLU A 525 -0.12 28.02 -7.78
C GLU A 525 -1.62 27.75 -7.95
N HIS A 526 -1.95 26.48 -8.11
CA HIS A 526 -3.30 26.02 -8.38
C HIS A 526 -3.42 24.55 -7.86
N VAL A 527 -4.65 24.05 -7.89
CA VAL A 527 -4.94 22.66 -7.49
C VAL A 527 -4.76 21.69 -8.69
N ILE A 528 -5.49 21.99 -9.76
CA ILE A 528 -5.50 21.19 -10.99
C ILE A 528 -5.45 22.09 -12.21
N ASN A 529 -4.54 21.78 -13.13
CA ASN A 529 -4.33 22.62 -14.30
C ASN A 529 -4.11 24.07 -13.79
N ASP A 530 -5.11 24.91 -13.97
CA ASP A 530 -5.02 26.31 -13.58
C ASP A 530 -6.19 26.81 -12.76
N ILE A 531 -6.71 25.90 -11.97
CA ILE A 531 -8.00 26.09 -11.36
C ILE A 531 -7.89 25.66 -9.88
N GLY A 532 -8.66 26.33 -9.02
CA GLY A 532 -8.38 26.32 -7.59
C GLY A 532 -7.38 27.39 -7.17
N ASP A 533 -7.48 27.77 -5.90
CA ASP A 533 -6.65 28.80 -5.31
C ASP A 533 -5.24 28.27 -5.11
N PRO A 534 -4.24 29.18 -5.15
CA PRO A 534 -2.92 28.83 -4.65
C PRO A 534 -2.92 28.57 -3.15
N THR A 535 -1.88 27.91 -2.65
CA THR A 535 -1.70 27.77 -1.22
C THR A 535 -0.93 29.00 -0.76
N SER A 536 -1.23 29.46 0.45
CA SER A 536 -0.57 30.66 0.98
C SER A 536 -0.37 30.57 2.51
N GLY A 537 0.38 31.53 3.08
CA GLY A 537 0.71 31.48 4.48
C GLY A 537 1.78 30.43 4.76
N ASP A 538 1.87 30.05 6.04
CA ASP A 538 2.75 28.98 6.50
C ASP A 538 1.99 28.04 7.46
N THR A 539 0.64 28.16 7.45
CA THR A 539 -0.26 27.51 8.40
C THR A 539 -0.79 26.13 7.90
N THR A 540 -0.37 25.70 6.71
CA THR A 540 -0.76 24.39 6.18
C THR A 540 -2.25 24.20 5.98
N ILE A 541 -2.88 25.21 5.37
CA ILE A 541 -4.31 25.13 5.01
C ILE A 541 -4.51 24.58 3.58
N PRO A 542 -5.20 23.42 3.45
CA PRO A 542 -5.42 22.88 2.11
C PRO A 542 -6.29 23.69 1.15
N SER A 543 -5.76 23.95 -0.04
CA SER A 543 -6.57 24.46 -1.13
C SER A 543 -7.25 23.30 -1.83
N GLN A 544 -8.56 23.47 -2.06
CA GLN A 544 -9.47 22.41 -2.42
C GLN A 544 -10.26 22.76 -3.65
N VAL A 545 -10.59 21.72 -4.40
CA VAL A 545 -11.49 21.77 -5.55
C VAL A 545 -12.44 20.57 -5.44
N VAL A 546 -13.76 20.80 -5.46
CA VAL A 546 -14.69 19.70 -5.23
C VAL A 546 -15.05 18.94 -6.52
N SER A 547 -15.28 19.70 -7.57
CA SER A 547 -15.74 19.20 -8.84
C SER A 547 -14.85 19.64 -9.95
N PHE A 548 -14.39 18.69 -10.75
CA PHE A 548 -13.75 19.02 -12.01
C PHE A 548 -14.20 18.01 -13.05
N PRO A 549 -14.44 18.47 -14.27
CA PRO A 549 -14.38 19.81 -14.80
C PRO A 549 -15.75 20.44 -14.55
C2 BGC B . -2.31 17.56 12.37
C3 BGC B . -1.60 18.49 11.52
C4 BGC B . -2.53 19.42 10.82
C5 BGC B . -3.67 20.02 11.69
C6 BGC B . -4.64 20.38 10.83
C1 BGC B . -3.18 18.21 13.36
O1 BGC B . -3.83 17.28 14.16
O2 BGC B . -1.34 16.75 13.10
O3 BGC B . -0.77 17.74 10.53
O4 BGC B . -1.87 20.50 10.11
O5 BGC B . -4.18 18.99 12.67
O6 BGC B . -5.92 20.46 11.30
C2 BGC B . 1.28 17.26 9.45
C3 BGC B . 2.65 17.54 9.20
C4 BGC B . 2.88 18.99 8.97
C5 BGC B . 2.28 19.83 10.14
C6 BGC B . 2.28 21.18 9.93
C1 BGC B . 0.64 18.02 10.53
O2 BGC B . 1.00 15.83 9.67
O3 BGC B . 2.93 16.74 7.97
O4 BGC B . 4.25 19.29 8.85
O5 BGC B . 0.82 19.41 10.27
O6 BGC B . 1.73 21.92 10.98
C2 BGC B . 4.28 15.12 6.80
C3 BGC B . 5.59 14.67 6.49
C4 BGC B . 6.53 15.76 6.22
C5 BGC B . 6.53 16.84 7.37
C6 BGC B . 7.27 17.94 7.09
C1 BGC B . 4.23 16.22 7.82
O2 BGC B . 3.46 14.03 7.31
O3 BGC B . 5.49 13.85 5.23
O4 BGC B . 7.83 15.31 5.99
O5 BGC B . 5.10 17.30 7.43
O6 BGC B . 7.31 18.94 8.05
C2 BGC B . 5.96 11.81 4.09
C3 BGC B . 6.82 10.64 4.08
C4 BGC B . 8.09 10.83 4.86
C5 BGC B . 7.77 11.22 6.36
C6 BGC B . 8.72 11.56 7.29
C1 BGC B . 5.78 12.49 5.39
O2 BGC B . 4.62 11.55 3.58
O3 BGC B . 7.11 10.23 2.68
O4 BGC B . 9.04 9.78 4.72
O5 BGC B . 6.98 12.50 6.16
O6 BGC B . 10.03 11.37 6.92
C2 BGC C . -2.70 -0.01 24.37
C3 BGC C . -3.60 0.36 25.55
C4 BGC C . -3.25 -0.21 26.88
C5 BGC C . -1.73 -0.24 27.02
C6 BGC C . -1.39 -1.08 28.23
C1 BGC C . -1.21 0.00 24.73
O2 BGC C . -2.99 0.88 23.32
O3 BGC C . -4.85 -0.16 25.32
O4 BGC C . -3.92 0.52 27.96
O5 BGC C . -1.11 -0.80 25.88
O6 BGC C . 0.02 -1.12 28.37
C1 EDO D . 17.02 -3.89 2.41
O1 EDO D . 15.79 -4.33 1.81
C2 EDO D . 16.75 -2.94 3.59
O2 EDO D . 15.61 -3.33 4.33
H11 EDO D . 17.63 -3.39 1.67
H12 EDO D . 17.55 -4.76 2.78
HO1 EDO D . 15.99 -4.75 0.97
H21 EDO D . 16.61 -1.92 3.23
H22 EDO D . 17.63 -2.94 4.23
HO2 EDO D . 15.49 -2.75 5.07
C1 EDO E . 9.04 17.24 -9.16
O1 EDO E . 7.96 16.35 -9.42
C2 EDO E . 8.50 18.50 -8.46
O2 EDO E . 7.66 19.22 -9.37
H11 EDO E . 9.51 17.51 -10.10
H12 EDO E . 9.78 16.73 -8.54
HO1 EDO E . 8.31 15.47 -9.65
H21 EDO E . 9.33 19.12 -8.12
H22 EDO E . 7.94 18.20 -7.58
HO2 EDO E . 7.17 19.89 -8.87
C1 EDO F . 14.29 -3.55 -19.04
O1 EDO F . 13.86 -4.68 -18.28
C2 EDO F . 13.09 -2.62 -19.24
O2 EDO F . 11.95 -3.31 -19.79
H11 EDO F . 14.68 -3.88 -20.01
H12 EDO F . 15.09 -3.03 -18.52
HO1 EDO F . 14.62 -5.20 -17.98
H21 EDO F . 13.38 -1.81 -19.92
H22 EDO F . 12.82 -2.16 -18.29
HO2 EDO F . 11.25 -2.68 -19.98
N GLU A 1 11.18 -31.20 -11.36
CA GLU A 1 12.53 -31.05 -10.83
C GLU A 1 12.42 -30.33 -9.48
N VAL A 2 12.09 -29.04 -9.53
CA VAL A 2 11.77 -28.18 -8.36
C VAL A 2 10.64 -28.73 -7.49
N VAL A 3 10.80 -28.72 -6.17
CA VAL A 3 9.78 -29.33 -5.29
C VAL A 3 9.00 -28.29 -4.48
N GLY A 4 7.71 -28.54 -4.34
CA GLY A 4 6.81 -27.63 -3.69
C GLY A 4 6.36 -27.84 -2.25
N GLY A 5 6.35 -26.72 -1.52
CA GLY A 5 6.04 -26.67 -0.12
C GLY A 5 7.24 -26.88 0.79
N GLY A 6 6.98 -27.54 1.93
CA GLY A 6 8.03 -27.98 2.82
C GLY A 6 7.90 -27.42 4.21
N ASP A 7 8.76 -26.42 4.47
CA ASP A 7 9.06 -25.90 5.78
C ASP A 7 9.39 -24.38 5.67
N LEU A 8 8.83 -23.56 6.55
CA LEU A 8 8.85 -22.10 6.36
C LEU A 8 10.06 -21.26 6.82
N GLY A 9 10.97 -21.86 7.59
CA GLY A 9 12.14 -21.14 8.04
C GLY A 9 11.98 -20.35 9.34
N PRO A 10 13.10 -19.88 9.86
CA PRO A 10 12.99 -19.30 11.20
C PRO A 10 12.70 -17.81 11.23
N ASN A 11 12.26 -17.21 10.13
CA ASN A 11 11.64 -15.89 10.19
C ASN A 11 10.11 -15.90 10.19
N VAL A 12 9.50 -17.09 10.08
CA VAL A 12 8.05 -17.26 10.30
C VAL A 12 7.84 -17.97 11.68
N LEU A 13 7.47 -17.19 12.70
CA LEU A 13 7.18 -17.71 14.06
C LEU A 13 5.71 -18.03 14.18
N VAL A 14 5.41 -19.29 14.51
CA VAL A 14 4.07 -19.81 14.41
C VAL A 14 3.59 -20.29 15.77
N PHE A 15 2.59 -19.61 16.33
CA PHE A 15 2.25 -19.76 17.74
C PHE A 15 0.93 -20.52 17.91
N ASP A 16 0.87 -21.40 18.89
CA ASP A 16 -0.40 -21.93 19.32
C ASP A 16 -0.73 -21.32 20.72
N PRO A 17 -1.99 -21.45 21.15
CA PRO A 17 -2.37 -20.86 22.45
C PRO A 17 -1.66 -21.51 23.65
N SER A 18 -0.81 -22.49 23.39
CA SER A 18 -0.01 -23.12 24.43
C SER A 18 1.51 -22.82 24.39
N THR A 19 1.99 -22.24 23.29
CA THR A 19 3.39 -21.83 23.20
C THR A 19 3.87 -21.24 24.52
N PRO A 20 5.00 -21.74 25.04
CA PRO A 20 5.85 -21.09 26.05
C PRO A 20 6.19 -19.57 25.91
N ASP A 21 5.72 -18.76 26.86
CA ASP A 21 6.04 -17.30 26.95
C ASP A 21 5.75 -16.46 25.70
N ILE A 22 4.51 -16.55 25.20
CA ILE A 22 4.15 -15.86 23.96
C ILE A 22 4.48 -14.38 24.00
N GLN A 23 4.06 -13.70 25.05
CA GLN A 23 4.34 -12.28 25.17
C GLN A 23 5.84 -12.03 25.14
N GLY A 24 6.54 -12.86 25.90
CA GLY A 24 8.00 -12.82 25.93
C GLY A 24 8.52 -13.01 24.53
N LYS A 25 7.95 -13.97 23.80
CA LYS A 25 8.40 -14.18 22.43
C LYS A 25 8.28 -12.88 21.61
N VAL A 26 7.05 -12.44 21.32
CA VAL A 26 6.87 -11.26 20.44
C VAL A 26 7.58 -9.96 20.88
N ASP A 27 7.77 -9.82 22.20
CA ASP A 27 8.52 -8.71 22.78
C ASP A 27 9.96 -8.51 22.24
N GLU A 28 10.66 -9.62 22.00
CA GLU A 28 12.09 -9.60 21.59
C GLU A 28 12.19 -9.16 20.10
N VAL A 29 11.12 -9.35 19.33
CA VAL A 29 11.12 -8.91 17.91
C VAL A 29 10.86 -7.42 17.91
N PHE A 30 9.98 -6.98 18.79
CA PHE A 30 9.77 -5.56 18.94
C PHE A 30 11.05 -4.90 19.38
N ARG A 31 11.84 -5.64 20.16
CA ARG A 31 13.07 -5.06 20.67
C ARG A 31 14.02 -4.95 19.49
N LYS A 32 13.95 -5.94 18.62
CA LYS A 32 14.83 -5.97 17.44
C LYS A 32 14.43 -4.95 16.37
N GLN A 33 13.12 -4.73 16.21
CA GLN A 33 12.61 -4.04 15.03
C GLN A 33 11.92 -2.69 15.22
N GLU A 34 11.71 -2.28 16.48
CA GLU A 34 11.02 -1.01 16.77
C GLU A 34 11.65 0.17 16.02
N SER A 35 12.97 0.28 16.09
CA SER A 35 13.66 1.43 15.51
C SER A 35 14.37 1.07 14.22
N ASN A 36 14.16 -0.16 13.75
CA ASN A 36 14.97 -0.76 12.70
C ASN A 36 14.50 -0.42 11.28
N GLN A 37 14.55 0.86 10.96
CA GLN A 37 13.79 1.38 9.81
C GLN A 37 14.31 0.86 8.48
N PHE A 38 15.63 0.71 8.37
CA PHE A 38 16.23 0.35 7.11
C PHE A 38 17.01 -0.94 7.27
N GLY A 39 16.80 -1.60 8.40
CA GLY A 39 17.42 -2.87 8.68
C GLY A 39 17.13 -3.92 7.66
N THR A 40 17.82 -5.04 7.80
CA THR A 40 17.71 -6.17 6.92
C THR A 40 16.80 -7.27 7.45
N ASP A 41 16.51 -7.30 8.74
CA ASP A 41 15.69 -8.39 9.31
C ASP A 41 14.19 -8.27 8.93
N ARG A 42 13.55 -9.41 8.85
CA ARG A 42 12.16 -9.53 8.46
C ARG A 42 11.52 -10.60 9.34
N TYR A 43 10.25 -10.42 9.72
CA TYR A 43 9.54 -11.40 10.52
C TYR A 43 8.05 -11.47 10.20
N ALA A 44 7.51 -12.69 10.23
CA ALA A 44 6.07 -12.89 10.22
C ALA A 44 5.68 -13.65 11.49
N LEU A 45 4.90 -12.99 12.35
CA LEU A 45 4.29 -13.62 13.51
C LEU A 45 2.96 -14.23 13.10
N MET A 46 2.84 -15.54 13.24
CA MET A 46 1.64 -16.24 12.77
C MET A 46 0.95 -16.99 13.94
N PHE A 47 -0.37 -16.82 14.08
CA PHE A 47 -1.13 -17.37 15.21
C PHE A 47 -2.23 -18.39 14.85
N LYS A 48 -2.06 -19.62 15.34
CA LYS A 48 -3.05 -20.69 15.10
C LYS A 48 -4.42 -20.31 15.71
N PRO A 49 -5.51 -20.87 15.18
CA PRO A 49 -6.80 -20.49 15.77
C PRO A 49 -6.88 -20.95 17.21
N GLY A 50 -7.64 -20.18 17.98
CA GLY A 50 -7.75 -20.31 19.41
C GLY A 50 -7.86 -18.96 20.10
N THR A 51 -7.85 -19.00 21.43
CA THR A 51 -7.90 -17.79 22.24
C THR A 51 -6.59 -17.56 22.94
N TYR A 52 -6.14 -16.30 22.90
CA TYR A 52 -4.90 -15.85 23.51
C TYR A 52 -5.20 -14.73 24.53
N ASN A 53 -4.79 -14.89 25.77
CA ASN A 53 -5.06 -13.92 26.81
C ASN A 53 -3.80 -13.18 27.17
N ASP A 54 -3.96 -12.06 27.87
CA ASP A 54 -2.80 -11.39 28.47
C ASP A 54 -1.76 -11.08 27.39
N ILE A 55 -2.25 -10.68 26.21
CA ILE A 55 -1.37 -10.52 25.05
C ILE A 55 -1.41 -9.12 24.46
N ASN A 56 -0.25 -8.60 24.16
CA ASN A 56 -0.17 -7.34 23.48
C ASN A 56 0.99 -7.35 22.47
N ALA A 57 0.66 -7.63 21.21
CA ALA A 57 1.66 -7.70 20.14
C ALA A 57 2.00 -6.29 19.65
N GLN A 58 3.10 -5.72 20.17
CA GLN A 58 3.64 -4.44 19.66
C GLN A 58 4.43 -4.72 18.38
N ILE A 59 4.12 -3.95 17.34
CA ILE A 59 4.58 -4.28 15.99
C ILE A 59 5.53 -3.21 15.45
N GLY A 60 6.79 -3.61 15.26
CA GLY A 60 7.82 -2.72 14.72
C GLY A 60 8.02 -2.85 13.22
N PHE A 61 9.13 -2.32 12.71
CA PHE A 61 9.40 -2.39 11.26
C PHE A 61 9.50 -3.82 10.74
N TYR A 62 9.06 -4.01 9.49
CA TYR A 62 9.12 -5.27 8.75
C TYR A 62 8.60 -6.48 9.52
N THR A 63 7.48 -6.30 10.19
CA THR A 63 6.81 -7.31 10.99
C THR A 63 5.36 -7.35 10.50
N SER A 64 4.98 -8.49 9.94
CA SER A 64 3.55 -8.88 9.74
C SER A 64 3.01 -9.77 10.90
N ILE A 65 1.83 -9.45 11.40
CA ILE A 65 1.15 -10.38 12.31
C ILE A 65 -0.17 -10.82 11.68
N ALA A 66 -0.50 -12.09 11.85
CA ALA A 66 -1.64 -12.68 11.19
C ALA A 66 -2.18 -13.87 11.97
N GLY A 67 -3.50 -14.08 11.88
CA GLY A 67 -4.11 -15.32 12.32
C GLY A 67 -3.88 -16.40 11.27
N LEU A 68 -4.05 -17.66 11.68
CA LEU A 68 -3.95 -18.77 10.78
C LEU A 68 -5.30 -19.49 10.73
N GLY A 69 -6.30 -18.84 11.32
CA GLY A 69 -7.67 -19.26 11.15
C GLY A 69 -8.11 -19.12 9.71
N LEU A 70 -9.24 -19.72 9.39
CA LEU A 70 -9.86 -19.42 8.09
C LEU A 70 -10.73 -18.17 8.17
N ASN A 71 -11.26 -17.91 9.37
CA ASN A 71 -12.03 -16.69 9.66
C ASN A 71 -11.41 -15.75 10.70
N PRO A 72 -11.62 -14.42 10.54
CA PRO A 72 -11.07 -13.46 11.50
C PRO A 72 -11.25 -13.89 12.99
N ASP A 73 -12.46 -14.25 13.38
CA ASP A 73 -12.73 -14.59 14.79
C ASP A 73 -12.26 -15.98 15.26
N ASP A 74 -11.84 -16.84 14.33
CA ASP A 74 -11.19 -18.10 14.75
C ASP A 74 -9.89 -17.86 15.52
N THR A 75 -9.28 -16.67 15.40
CA THR A 75 -8.07 -16.37 16.14
C THR A 75 -8.22 -15.05 16.89
N THR A 76 -8.51 -15.19 18.19
CA THR A 76 -8.91 -14.07 19.02
C THR A 76 -7.90 -13.72 20.09
N PHE A 77 -7.55 -12.43 20.19
CA PHE A 77 -6.70 -11.91 21.25
C PHE A 77 -7.59 -11.14 22.22
N ASN A 78 -7.53 -11.52 23.47
CA ASN A 78 -8.01 -10.66 24.53
C ASN A 78 -6.82 -9.85 24.91
N GLY A 79 -6.71 -8.71 24.25
CA GLY A 79 -5.45 -8.03 24.13
C GLY A 79 -5.34 -7.34 22.78
N ASP A 80 -4.13 -6.97 22.43
CA ASP A 80 -3.92 -5.95 21.39
C ASP A 80 -2.80 -6.28 20.43
N VAL A 81 -2.99 -5.75 19.23
CA VAL A 81 -2.00 -5.68 18.16
C VAL A 81 -1.79 -4.15 17.96
N THR A 82 -0.68 -3.66 18.49
CA THR A 82 -0.50 -2.23 18.71
C THR A 82 0.66 -1.65 17.90
N VAL A 83 0.41 -0.50 17.29
CA VAL A 83 1.51 0.33 16.79
C VAL A 83 1.45 1.71 17.43
N ASP A 84 2.61 2.11 17.95
CA ASP A 84 2.73 3.38 18.62
C ASP A 84 4.00 4.10 18.12
N ALA A 85 4.22 5.34 18.54
CA ALA A 85 5.34 6.13 18.02
C ALA A 85 6.37 6.53 19.07
N GLY A 86 6.24 5.99 20.27
CA GLY A 86 7.22 6.22 21.31
C GLY A 86 8.68 6.37 20.83
N TRP A 87 9.12 5.57 19.86
CA TRP A 87 10.52 5.69 19.37
C TRP A 87 10.90 7.02 18.72
N PHE A 88 9.94 7.72 18.11
CA PHE A 88 10.19 8.89 17.27
C PHE A 88 9.49 10.04 17.97
N ASP A 89 9.77 10.17 19.27
CA ASP A 89 9.26 11.23 20.10
C ASP A 89 7.76 11.48 19.84
N GLY A 90 7.05 10.43 19.46
CA GLY A 90 5.63 10.50 19.23
C GLY A 90 5.21 10.94 17.84
N ASN A 91 6.16 11.12 16.93
CA ASN A 91 5.87 11.39 15.52
C ASN A 91 5.68 10.03 14.86
N ALA A 92 4.50 9.79 14.34
CA ALA A 92 4.19 8.49 13.68
C ALA A 92 4.50 8.48 12.19
N THR A 93 5.02 9.58 11.63
CA THR A 93 5.22 9.66 10.17
C THR A 93 6.33 8.78 9.61
N GLN A 94 6.90 7.90 10.43
CA GLN A 94 7.89 6.95 9.95
C GLN A 94 7.51 5.51 10.34
N ASN A 95 6.25 5.29 10.70
CA ASN A 95 5.82 3.94 11.11
C ASN A 95 5.44 3.05 9.92
N PHE A 96 6.41 2.79 9.07
CA PHE A 96 6.19 2.08 7.81
C PHE A 96 6.38 0.57 7.90
N TRP A 97 6.00 -0.11 6.80
CA TRP A 97 6.38 -1.48 6.47
C TRP A 97 6.02 -2.54 7.52
N ARG A 98 4.74 -2.62 7.83
CA ARG A 98 4.27 -3.62 8.76
C ARG A 98 2.82 -3.97 8.43
N SER A 99 2.31 -5.06 8.98
CA SER A 99 0.92 -5.45 8.65
C SER A 99 0.24 -6.34 9.67
N ALA A 100 -1.07 -6.19 9.72
CA ALA A 100 -1.92 -7.01 10.60
C ALA A 100 -3.04 -7.56 9.77
N GLU A 101 -3.29 -8.87 9.87
CA GLU A 101 -4.41 -9.45 9.19
C GLU A 101 -5.06 -10.64 9.91
N ASN A 102 -6.36 -10.79 9.69
CA ASN A 102 -7.12 -12.04 9.97
C ASN A 102 -7.06 -12.44 11.42
N LEU A 103 -7.26 -11.42 12.26
CA LEU A 103 -7.40 -11.56 13.69
C LEU A 103 -8.64 -10.82 14.23
N ALA A 104 -9.16 -11.34 15.34
CA ALA A 104 -10.14 -10.61 16.16
C ALA A 104 -9.43 -10.09 17.42
N LEU A 105 -9.67 -8.83 17.76
CA LEU A 105 -9.09 -8.24 18.95
C LEU A 105 -10.17 -7.73 19.91
N ASN A 106 -9.94 -8.04 21.18
CA ASN A 106 -10.77 -7.59 22.30
C ASN A 106 -9.83 -6.73 23.15
N PRO A 107 -9.68 -5.45 22.77
CA PRO A 107 -8.63 -4.56 23.31
C PRO A 107 -8.83 -4.26 24.80
N VAL A 108 -7.73 -4.08 25.52
CA VAL A 108 -7.68 -4.10 26.95
C VAL A 108 -8.35 -2.86 27.61
N ASN A 109 -8.28 -1.70 26.97
CA ASN A 109 -9.03 -0.56 27.47
C ASN A 109 -10.24 -0.28 26.61
N GLY A 110 -10.52 -1.19 25.68
CA GLY A 110 -11.66 -1.08 24.77
C GLY A 110 -11.33 -0.48 23.41
N THR A 111 -10.07 -0.11 23.21
CA THR A 111 -9.63 0.58 22.00
C THR A 111 -8.23 0.10 21.60
N ASN A 112 -8.11 -0.44 20.38
CA ASN A 112 -6.81 -0.83 19.85
C ASN A 112 -6.10 0.41 19.24
N ARG A 113 -4.79 0.53 19.49
CA ARG A 113 -3.98 1.62 18.90
C ARG A 113 -3.09 1.17 17.72
N TRP A 114 -3.45 1.65 16.52
CA TRP A 114 -2.77 1.29 15.27
C TRP A 114 -2.25 2.57 14.58
N ALA A 115 -1.19 3.15 15.14
CA ALA A 115 -0.78 4.50 14.77
C ALA A 115 0.31 4.46 13.72
N VAL A 116 -0.13 4.21 12.49
CA VAL A 116 0.78 3.92 11.41
C VAL A 116 0.83 5.05 10.37
N SER A 117 1.80 4.97 9.48
CA SER A 117 1.80 5.79 8.29
C SER A 117 1.73 4.87 7.08
N GLN A 118 2.50 5.15 6.02
CA GLN A 118 2.35 4.42 4.78
C GLN A 118 2.82 2.94 4.84
N ALA A 119 2.23 2.13 3.98
CA ALA A 119 2.59 0.72 3.82
C ALA A 119 2.41 -0.06 5.14
N ALA A 120 1.26 0.12 5.75
CA ALA A 120 0.95 -0.54 7.02
C ALA A 120 -0.51 -1.03 6.99
N PRO A 121 -0.81 -1.98 6.10
CA PRO A 121 -2.19 -2.45 5.91
C PRO A 121 -2.72 -3.21 7.14
N PHE A 122 -4.03 -3.03 7.30
CA PHE A 122 -4.85 -3.59 8.38
C PHE A 122 -6.02 -4.23 7.60
N ARG A 123 -5.95 -5.55 7.42
CA ARG A 123 -6.90 -6.25 6.55
C ARG A 123 -7.60 -7.38 7.30
N ARG A 124 -8.88 -7.61 6.98
CA ARG A 124 -9.64 -8.75 7.47
C ARG A 124 -9.51 -8.91 9.01
N MET A 125 -9.65 -7.77 9.66
CA MET A 125 -9.62 -7.66 11.11
C MET A 125 -11.04 -7.44 11.71
N HIS A 126 -11.24 -8.03 12.87
CA HIS A 126 -12.43 -7.76 13.69
C HIS A 126 -12.04 -7.12 15.04
N VAL A 127 -12.26 -5.82 15.17
CA VAL A 127 -11.96 -5.12 16.43
C VAL A 127 -13.25 -5.01 17.23
N LYS A 128 -13.31 -5.77 18.31
CA LYS A 128 -14.45 -5.72 19.23
C LYS A 128 -14.24 -4.55 20.20
N GLY A 129 -14.21 -3.35 19.66
CA GLY A 129 -14.14 -2.15 20.46
C GLY A 129 -13.83 -1.04 19.49
N GLY A 130 -13.17 -0.02 19.97
CA GLY A 130 -12.70 1.07 19.15
C GLY A 130 -11.36 0.83 18.48
N LEU A 131 -11.02 1.71 17.55
CA LEU A 131 -9.71 1.67 16.89
C LEU A 131 -9.19 3.12 16.78
N ASN A 132 -8.10 3.39 17.49
CA ASN A 132 -7.43 4.71 17.52
C ASN A 132 -6.28 4.62 16.54
N LEU A 133 -6.24 5.52 15.56
CA LEU A 133 -5.18 5.54 14.53
C LEU A 133 -4.01 6.54 14.76
N ALA A 134 -4.03 7.24 15.87
CA ALA A 134 -2.97 8.20 16.19
C ALA A 134 -2.08 7.74 17.34
N PRO A 135 -0.80 8.16 17.33
CA PRO A 135 0.13 7.83 18.41
C PRO A 135 -0.32 8.39 19.74
N ASP A 136 0.28 7.89 20.80
CA ASP A 136 -0.09 8.41 22.12
C ASP A 136 0.64 9.74 22.15
N GLY A 137 -0.06 10.80 22.51
CA GLY A 137 0.51 12.12 22.41
C GLY A 137 -0.21 12.93 21.38
N TYR A 138 -0.76 12.29 20.33
CA TYR A 138 -1.60 13.00 19.34
C TYR A 138 -0.77 13.65 18.22
N GLY A 139 0.52 13.34 18.19
CA GLY A 139 1.38 13.93 17.19
C GLY A 139 1.11 13.43 15.76
N TRP A 140 2.10 13.66 14.90
CA TRP A 140 1.90 13.63 13.49
C TRP A 140 1.75 12.20 12.91
N ALA A 141 1.04 12.09 11.82
CA ALA A 141 0.77 10.76 11.22
C ALA A 141 0.17 10.89 9.81
N SER A 142 0.61 10.00 8.90
CA SER A 142 0.22 10.02 7.49
C SER A 142 -0.13 8.63 6.97
N GLY A 143 -1.21 8.04 7.49
CA GLY A 143 -1.72 6.75 7.02
C GLY A 143 -2.47 6.89 5.70
N GLY A 144 -3.22 5.86 5.30
CA GLY A 144 -3.40 4.61 6.01
C GLY A 144 -4.44 3.80 5.26
N TYR A 145 -4.54 2.51 5.58
CA TYR A 145 -5.31 1.58 4.79
C TYR A 145 -5.93 0.48 5.63
N ILE A 146 -7.25 0.44 5.53
CA ILE A 146 -8.08 -0.58 6.18
C ILE A 146 -8.97 -1.19 5.11
N ALA A 147 -8.99 -2.52 5.05
CA ALA A 147 -9.85 -3.24 4.13
C ALA A 147 -10.45 -4.48 4.74
N ASP A 148 -11.66 -4.76 4.35
CA ASP A 148 -12.33 -6.00 4.72
C ASP A 148 -12.38 -6.23 6.22
N SER A 149 -12.59 -5.12 6.94
CA SER A 149 -12.54 -5.14 8.39
C SER A 149 -13.86 -4.78 9.05
N LYS A 150 -14.02 -5.26 10.27
CA LYS A 150 -15.16 -4.88 11.11
C LYS A 150 -14.65 -4.27 12.41
N ILE A 151 -14.95 -2.98 12.60
CA ILE A 151 -14.64 -2.29 13.85
C ILE A 151 -15.98 -2.07 14.55
N ASP A 152 -16.17 -2.78 15.67
CA ASP A 152 -17.43 -2.70 16.42
C ASP A 152 -17.76 -1.27 16.87
N GLY A 153 -16.76 -0.54 17.34
CA GLY A 153 -16.96 0.82 17.85
C GLY A 153 -16.49 1.89 16.87
N GLU A 154 -15.96 2.99 17.40
CA GLU A 154 -15.51 4.09 16.56
C GLU A 154 -14.08 3.88 16.00
N VAL A 155 -13.85 4.37 14.78
CA VAL A 155 -12.51 4.58 14.27
C VAL A 155 -12.15 6.06 14.47
N GLY A 156 -11.08 6.32 15.21
CA GLY A 156 -10.67 7.67 15.57
C GLY A 156 -9.32 8.05 15.02
N PRO A 157 -9.32 8.81 13.92
CA PRO A 157 -8.06 9.17 13.27
C PRO A 157 -7.32 10.22 14.08
N TYR A 158 -8.07 11.11 14.74
CA TYR A 158 -7.52 12.26 15.47
C TYR A 158 -6.56 13.05 14.52
N SER A 159 -5.25 12.90 14.72
CA SER A 159 -4.23 13.61 13.97
C SER A 159 -3.94 13.10 12.55
N GLN A 160 -4.27 11.85 12.24
CA GLN A 160 -4.09 11.35 10.87
C GLN A 160 -4.50 12.32 9.79
N GLN A 161 -3.57 12.63 8.90
CA GLN A 161 -3.84 13.55 7.82
C GLN A 161 -4.93 13.06 6.89
N GLN A 162 -4.80 11.80 6.52
CA GLN A 162 -5.66 11.21 5.51
C GLN A 162 -5.81 9.71 5.79
N TRP A 163 -6.78 9.09 5.13
CA TRP A 163 -7.03 7.66 5.32
C TRP A 163 -7.90 7.07 4.21
N TYR A 164 -7.64 5.80 3.87
CA TYR A 164 -8.52 5.02 3.01
C TYR A 164 -9.07 3.78 3.69
N THR A 165 -10.39 3.66 3.60
CA THR A 165 -11.10 2.49 4.10
C THR A 165 -12.01 1.92 3.00
N ARG A 166 -11.93 0.60 2.80
CA ARG A 166 -12.81 -0.05 1.84
C ARG A 166 -13.46 -1.33 2.34
N ASP A 167 -14.70 -1.54 1.87
CA ASP A 167 -15.38 -2.83 1.97
C ASP A 167 -15.29 -3.36 3.39
N SER A 168 -15.88 -2.60 4.28
CA SER A 168 -15.72 -2.77 5.71
C SER A 168 -16.98 -2.32 6.42
N SER A 169 -16.97 -2.43 7.74
CA SER A 169 -18.02 -1.83 8.56
C SER A 169 -17.39 -1.18 9.78
N VAL A 170 -17.91 -0.03 10.15
CA VAL A 170 -17.46 0.68 11.34
C VAL A 170 -18.68 1.15 12.18
N GLY A 171 -18.58 1.05 13.48
CA GLY A 171 -19.63 1.55 14.37
C GLY A 171 -19.77 3.06 14.36
N GLY A 172 -18.69 3.74 13.97
CA GLY A 172 -18.68 5.19 13.87
C GLY A 172 -17.37 5.65 13.30
N TRP A 173 -17.28 6.96 13.05
CA TRP A 173 -16.10 7.54 12.47
C TRP A 173 -15.99 8.96 12.97
N GLY A 174 -14.87 9.28 13.59
CA GLY A 174 -14.80 10.42 14.50
C GLY A 174 -14.47 11.75 13.90
N ASN A 175 -13.55 11.77 12.95
CA ASN A 175 -13.07 13.05 12.51
C ASN A 175 -12.26 12.82 11.27
N GLY A 176 -11.85 13.92 10.67
CA GLY A 176 -10.98 13.85 9.55
C GLY A 176 -10.10 15.08 9.59
N VAL A 177 -8.88 14.98 9.04
CA VAL A 177 -7.98 16.14 8.93
C VAL A 177 -8.04 16.73 7.50
N TRP A 178 -7.36 16.11 6.53
CA TRP A 178 -7.37 16.54 5.14
C TRP A 178 -8.17 15.68 4.10
N ASN A 179 -8.17 14.34 4.24
CA ASN A 179 -8.81 13.50 3.23
C ASN A 179 -9.07 12.07 3.73
N MET A 180 -10.30 11.84 4.15
CA MET A 180 -10.70 10.53 4.63
C MET A 180 -11.67 10.03 3.58
N THR A 181 -11.25 8.99 2.85
CA THR A 181 -12.04 8.42 1.76
C THR A 181 -12.51 7.00 2.13
N PHE A 182 -13.75 6.73 1.76
CA PHE A 182 -14.43 5.46 2.05
C PHE A 182 -15.06 4.90 0.76
N SER A 183 -14.86 3.61 0.49
CA SER A 183 -15.69 2.95 -0.53
C SER A 183 -16.22 1.60 0.00
N GLY A 184 -17.54 1.40 -0.12
CA GLY A 184 -18.15 0.17 0.38
C GLY A 184 -18.07 -0.03 1.87
N VAL A 185 -18.04 1.07 2.62
CA VAL A 185 -17.89 1.01 4.07
C VAL A 185 -19.24 1.24 4.80
N GLU A 186 -19.73 0.18 5.44
CA GLU A 186 -20.95 0.29 6.23
C GLU A 186 -20.68 1.11 7.47
N GLY A 187 -21.49 2.14 7.64
CA GLY A 187 -21.32 3.06 8.75
C GLY A 187 -20.37 4.20 8.43
N ALA A 188 -19.95 4.37 7.18
CA ALA A 188 -19.18 5.57 6.85
C ALA A 188 -20.06 6.82 7.01
N PRO A 189 -19.49 7.89 7.60
CA PRO A 189 -20.17 9.19 7.71
C PRO A 189 -20.38 9.85 6.35
N ALA A 190 -21.47 10.59 6.15
CA ALA A 190 -21.84 11.13 4.82
C ALA A 190 -20.76 11.95 4.13
N GLN A 191 -20.82 11.99 2.80
CA GLN A 191 -20.02 12.93 1.98
C GLN A 191 -20.31 14.38 2.34
N SER A 192 -19.21 15.14 2.47
CA SER A 192 -19.26 16.45 3.09
C SER A 192 -18.02 17.33 2.82
N PHE A 193 -17.02 16.78 2.09
CA PHE A 193 -15.90 17.57 1.58
C PHE A 193 -16.51 18.87 1.07
N PRO A 194 -15.95 20.03 1.48
CA PRO A 194 -14.79 20.21 2.38
C PRO A 194 -15.03 19.83 3.87
N GLU A 195 -16.22 20.02 4.37
CA GLU A 195 -16.40 20.02 5.83
C GLU A 195 -17.41 19.04 6.42
N PRO A 196 -16.90 17.98 7.08
CA PRO A 196 -15.52 17.47 7.14
C PRO A 196 -15.08 16.92 5.77
N PRO A 197 -13.79 16.56 5.60
CA PRO A 197 -13.47 16.14 4.24
C PRO A 197 -13.62 14.65 4.10
N TYR A 198 -14.88 14.26 3.99
CA TYR A 198 -15.23 12.89 3.77
C TYR A 198 -15.62 12.77 2.30
N THR A 199 -14.93 11.85 1.63
CA THR A 199 -15.26 11.42 0.30
C THR A 199 -15.84 10.02 0.46
N THR A 200 -17.14 9.87 0.20
CA THR A 200 -17.83 8.62 0.52
C THR A 200 -18.52 8.05 -0.70
N LEU A 201 -18.12 6.85 -1.07
CA LEU A 201 -18.70 6.10 -2.18
C LEU A 201 -19.44 4.83 -1.64
N GLU A 202 -20.66 4.61 -2.12
CA GLU A 202 -21.49 3.50 -1.68
C GLU A 202 -20.81 2.16 -1.81
N THR A 203 -20.29 1.91 -3.01
CA THR A 203 -19.58 0.68 -3.30
C THR A 203 -18.23 0.86 -3.97
N THR A 204 -17.40 -0.17 -3.86
CA THR A 204 -16.14 -0.24 -4.62
C THR A 204 -16.37 -0.96 -5.95
N PRO A 205 -15.94 -0.39 -7.09
CA PRO A 205 -16.48 -1.00 -8.32
C PRO A 205 -16.18 -2.48 -8.44
N VAL A 206 -14.95 -2.83 -8.05
CA VAL A 206 -14.56 -4.21 -7.90
C VAL A 206 -13.36 -4.31 -6.96
N SER A 207 -13.34 -5.38 -6.19
CA SER A 207 -12.24 -5.63 -5.31
C SER A 207 -12.13 -7.13 -5.20
N ARG A 208 -10.95 -7.58 -4.76
CA ARG A 208 -10.70 -8.99 -4.55
C ARG A 208 -9.75 -9.08 -3.40
N GLU A 209 -10.18 -9.72 -2.31
CA GLU A 209 -9.43 -9.68 -1.08
C GLU A 209 -8.09 -10.43 -1.23
N LYS A 210 -7.12 -9.98 -0.44
CA LYS A 210 -5.73 -10.42 -0.57
C LYS A 210 -5.58 -11.87 -0.13
N PRO A 211 -4.91 -12.71 -0.94
CA PRO A 211 -4.73 -14.09 -0.46
C PRO A 211 -4.00 -14.15 0.87
N PHE A 212 -4.38 -15.10 1.73
CA PHE A 212 -3.69 -15.28 3.01
C PHE A 212 -3.45 -16.77 3.32
N LEU A 213 -2.34 -17.01 4.02
CA LEU A 213 -1.94 -18.30 4.46
C LEU A 213 -2.75 -18.68 5.71
N TYR A 214 -3.04 -19.96 5.84
CA TYR A 214 -3.71 -20.40 7.06
C TYR A 214 -3.76 -21.92 7.15
N LEU A 215 -4.36 -22.41 8.23
CA LEU A 215 -4.29 -23.82 8.61
C LEU A 215 -5.70 -24.44 8.56
N ASP A 216 -6.00 -25.28 7.53
CA ASP A 216 -7.36 -25.77 7.23
C ASP A 216 -7.51 -27.13 7.88
N GLY A 217 -7.67 -27.08 9.20
CA GLY A 217 -7.25 -28.11 10.14
C GLY A 217 -5.76 -28.00 10.53
N ASP A 218 -5.01 -29.09 10.33
CA ASP A 218 -3.56 -29.11 10.49
C ASP A 218 -2.76 -28.70 9.24
N ASP A 219 -3.41 -28.66 8.09
CA ASP A 219 -2.64 -28.60 6.85
C ASP A 219 -2.51 -27.13 6.40
N TYR A 220 -1.34 -26.73 5.90
CA TYR A 220 -1.08 -25.32 5.50
C TYR A 220 -1.57 -25.03 4.10
N LYS A 221 -2.29 -23.92 3.95
CA LYS A 221 -2.84 -23.57 2.66
C LYS A 221 -2.90 -22.05 2.51
N VAL A 222 -3.05 -21.60 1.27
CA VAL A 222 -3.33 -20.21 1.00
C VAL A 222 -4.78 -20.12 0.50
N PHE A 223 -5.59 -19.24 1.13
CA PHE A 223 -6.97 -18.97 0.71
C PHE A 223 -7.03 -17.76 -0.22
N VAL A 224 -7.84 -17.85 -1.26
CA VAL A 224 -7.77 -16.96 -2.44
C VAL A 224 -9.18 -16.42 -2.75
N PRO A 225 -9.59 -15.41 -1.98
CA PRO A 225 -10.92 -14.79 -2.10
C PRO A 225 -11.37 -14.57 -3.54
N ALA A 226 -12.58 -15.01 -3.80
CA ALA A 226 -13.35 -14.61 -4.97
C ALA A 226 -13.43 -13.08 -5.19
N LYS A 227 -13.40 -12.62 -6.45
CA LYS A 227 -13.64 -11.23 -6.75
C LYS A 227 -15.06 -10.80 -6.39
N ARG A 228 -15.17 -9.55 -5.93
CA ARG A 228 -16.44 -8.86 -5.80
C ARG A 228 -16.58 -7.76 -6.83
N THR A 229 -17.77 -7.58 -7.38
CA THR A 229 -18.04 -6.37 -8.17
C THR A 229 -19.13 -5.50 -7.46
N ASN A 230 -18.99 -4.17 -7.50
CA ASN A 230 -19.77 -3.29 -6.63
C ASN A 230 -19.75 -3.74 -5.17
N ALA A 231 -18.55 -3.89 -4.60
CA ALA A 231 -18.39 -4.40 -3.27
C ALA A 231 -18.89 -3.46 -2.17
N ARG A 232 -19.45 -4.05 -1.12
CA ARG A 232 -19.82 -3.28 0.06
C ARG A 232 -19.77 -4.18 1.26
N GLY A 233 -19.11 -3.70 2.30
CA GLY A 233 -18.98 -4.48 3.52
C GLY A 233 -17.96 -5.62 3.42
N THR A 234 -17.89 -6.43 4.48
CA THR A 234 -16.85 -7.43 4.58
C THR A 234 -17.22 -8.76 3.86
N SER A 235 -16.17 -9.44 3.38
CA SER A 235 -16.33 -10.65 2.60
C SER A 235 -16.69 -11.80 3.53
N TRP A 236 -16.44 -11.59 4.81
CA TRP A 236 -16.63 -12.64 5.80
C TRP A 236 -17.96 -12.55 6.53
N GLY A 237 -18.46 -11.33 6.79
CA GLY A 237 -19.78 -11.15 7.44
C GLY A 237 -20.66 -12.40 7.72
N ASN A 238 -20.67 -13.34 6.77
CA ASN A 238 -21.38 -14.66 6.89
C ASN A 238 -20.51 -16.02 6.90
N GLY A 239 -20.43 -16.81 7.99
CA GLY A 239 -19.85 -18.17 7.91
C GLY A 239 -18.71 -18.58 6.91
N THR A 240 -19.02 -19.07 5.68
CA THR A 240 -17.95 -19.37 4.65
C THR A 240 -17.55 -18.32 3.57
N PRO A 241 -16.22 -18.09 3.41
CA PRO A 241 -15.94 -17.16 2.31
C PRO A 241 -15.79 -17.83 0.93
N GLU A 242 -16.25 -17.19 -0.16
CA GLU A 242 -16.53 -17.92 -1.42
C GLU A 242 -15.32 -18.17 -2.36
N GLY A 243 -14.16 -18.44 -1.82
CA GLY A 243 -12.95 -18.35 -2.64
C GLY A 243 -12.03 -19.53 -2.49
N GLU A 244 -10.94 -19.52 -3.25
CA GLU A 244 -10.20 -20.74 -3.54
C GLU A 244 -9.07 -21.08 -2.54
N SER A 245 -8.91 -22.37 -2.18
CA SER A 245 -7.78 -22.72 -1.29
C SER A 245 -6.70 -23.40 -2.10
N LEU A 246 -5.44 -23.16 -1.73
CA LEU A 246 -4.30 -23.64 -2.46
C LEU A 246 -3.25 -24.29 -1.56
N PRO A 247 -2.97 -25.57 -1.82
CA PRO A 247 -2.10 -26.36 -0.94
C PRO A 247 -0.68 -25.84 -0.81
N LEU A 248 -0.11 -25.97 0.39
CA LEU A 248 1.30 -25.67 0.61
C LEU A 248 2.21 -26.75 0.04
N ASP A 249 1.85 -27.37 -1.04
CA ASP A 249 2.88 -28.05 -1.81
C ASP A 249 2.65 -27.68 -3.26
N GLN A 250 1.58 -26.92 -3.52
CA GLN A 250 1.40 -26.33 -4.82
C GLN A 250 2.14 -24.98 -4.83
N PHE A 251 2.86 -24.69 -3.75
CA PHE A 251 3.52 -23.41 -3.54
C PHE A 251 5.02 -23.62 -3.48
N TYR A 252 5.82 -22.93 -4.29
CA TYR A 252 7.27 -22.96 -4.08
C TYR A 252 7.60 -21.95 -2.96
N VAL A 253 7.86 -22.49 -1.77
CA VAL A 253 8.29 -21.69 -0.65
C VAL A 253 9.71 -21.13 -0.78
N VAL A 254 9.78 -19.85 -1.12
CA VAL A 254 11.04 -19.18 -1.40
C VAL A 254 11.79 -18.84 -0.10
N LYS A 255 13.05 -19.27 -0.03
CA LYS A 255 13.97 -19.01 1.10
C LYS A 255 15.26 -18.33 0.55
N PRO A 256 15.91 -17.44 1.33
CA PRO A 256 16.76 -16.42 0.67
C PRO A 256 17.82 -17.02 -0.25
N GLY A 257 18.10 -16.32 -1.36
CA GLY A 257 18.92 -16.91 -2.39
C GLY A 257 18.08 -17.32 -3.60
N ALA A 258 17.34 -18.42 -3.44
CA ALA A 258 16.28 -18.77 -4.40
C ALA A 258 16.37 -17.99 -5.70
N THR A 259 17.37 -18.28 -6.50
CA THR A 259 17.66 -17.48 -7.69
C THR A 259 16.40 -17.12 -8.49
N ALA A 260 16.51 -16.03 -9.26
CA ALA A 260 15.58 -15.76 -10.33
C ALA A 260 15.34 -16.99 -11.16
N GLU A 261 16.46 -17.60 -11.59
CA GLU A 261 16.40 -18.67 -12.58
C GLU A 261 15.52 -19.79 -11.90
N THR A 262 15.65 -20.04 -10.59
CA THR A 262 14.84 -21.10 -9.92
C THR A 262 13.34 -20.74 -9.71
N ILE A 263 13.12 -19.61 -9.07
CA ILE A 263 11.81 -19.02 -8.94
C ILE A 263 11.01 -19.04 -10.26
N ASN A 264 11.69 -18.69 -11.36
CA ASN A 264 11.05 -18.63 -12.70
C ASN A 264 10.64 -20.04 -13.22
N ALA A 265 11.46 -21.04 -12.94
CA ALA A 265 11.13 -22.44 -13.26
C ALA A 265 9.83 -22.88 -12.57
N ALA A 266 9.70 -22.59 -11.27
CA ALA A 266 8.51 -23.04 -10.55
C ALA A 266 7.22 -22.56 -11.19
N VAL A 267 7.22 -21.31 -11.67
CA VAL A 267 6.00 -20.72 -12.24
C VAL A 267 5.65 -21.39 -13.55
N ASP A 268 6.61 -21.37 -14.46
CA ASP A 268 6.46 -22.06 -15.70
C ASP A 268 6.36 -23.59 -15.55
N GLN A 269 7.06 -24.16 -14.58
CA GLN A 269 6.82 -25.57 -14.23
C GLN A 269 5.52 -25.78 -13.45
N GLY A 270 4.81 -24.71 -13.08
CA GLY A 270 3.46 -24.86 -12.52
C GLY A 270 3.20 -24.68 -11.02
N LEU A 271 4.15 -24.13 -10.27
CA LEU A 271 3.86 -23.76 -8.88
C LEU A 271 3.59 -22.27 -8.68
N HIS A 272 2.89 -21.97 -7.58
CA HIS A 272 2.67 -20.61 -7.10
C HIS A 272 3.85 -20.32 -6.21
N LEU A 273 3.98 -19.05 -5.77
CA LEU A 273 5.18 -18.59 -5.08
C LEU A 273 4.85 -18.00 -3.72
N LEU A 274 5.63 -18.39 -2.71
CA LEU A 274 5.46 -17.87 -1.37
C LEU A 274 6.79 -17.45 -0.88
N PHE A 275 6.98 -16.13 -0.75
CA PHE A 275 8.24 -15.62 -0.28
C PHE A 275 8.26 -15.53 1.23
N THR A 276 9.14 -16.31 1.85
CA THR A 276 9.35 -16.23 3.27
C THR A 276 10.01 -14.85 3.58
N PRO A 277 9.85 -14.39 4.81
CA PRO A 277 10.41 -13.09 5.14
C PRO A 277 11.91 -13.12 5.00
N GLY A 278 12.43 -12.12 4.30
CA GLY A 278 13.85 -12.10 3.94
C GLY A 278 14.06 -11.14 2.76
N VAL A 279 15.30 -11.06 2.33
CA VAL A 279 15.72 -10.14 1.27
C VAL A 279 16.32 -10.93 0.07
N TYR A 280 15.73 -10.76 -1.11
CA TYR A 280 16.11 -11.58 -2.29
C TYR A 280 16.67 -10.77 -3.47
N HIS A 281 17.99 -10.68 -3.54
CA HIS A 281 18.66 -10.07 -4.71
C HIS A 281 18.41 -10.97 -5.92
N VAL A 282 18.05 -10.34 -7.04
CA VAL A 282 17.88 -11.03 -8.33
C VAL A 282 18.77 -10.38 -9.38
N ASP A 283 19.23 -11.16 -10.38
CA ASP A 283 20.09 -10.67 -11.45
C ASP A 283 19.42 -10.78 -12.82
N GLN A 284 18.17 -11.22 -12.79
CA GLN A 284 17.29 -11.11 -13.92
C GLN A 284 15.88 -10.99 -13.36
N PRO A 285 14.91 -10.66 -14.21
CA PRO A 285 13.60 -10.41 -13.63
C PRO A 285 12.90 -11.70 -13.22
N ILE A 286 12.21 -11.62 -12.09
CA ILE A 286 11.20 -12.59 -11.73
C ILE A 286 10.06 -12.45 -12.75
N GLU A 287 9.76 -13.52 -13.49
CA GLU A 287 8.82 -13.42 -14.58
C GLU A 287 7.68 -14.36 -14.31
N ILE A 288 6.45 -13.86 -14.36
CA ILE A 288 5.30 -14.67 -14.08
C ILE A 288 4.37 -14.65 -15.28
N ASP A 289 4.42 -15.74 -16.05
CA ASP A 289 3.69 -15.86 -17.30
C ASP A 289 2.71 -17.08 -17.34
N ARG A 290 2.19 -17.48 -16.18
CA ARG A 290 1.07 -18.43 -16.10
C ARG A 290 -0.16 -17.79 -15.44
N ALA A 291 -1.32 -17.96 -16.09
CA ALA A 291 -2.52 -17.39 -15.54
C ALA A 291 -2.75 -17.94 -14.15
N ASN A 292 -3.37 -17.10 -13.30
CA ASN A 292 -3.79 -17.45 -11.94
C ASN A 292 -2.64 -17.73 -10.95
N THR A 293 -1.42 -17.37 -11.30
CA THR A 293 -0.30 -17.54 -10.37
C THR A 293 -0.42 -16.59 -9.17
N VAL A 294 -0.40 -17.13 -7.96
CA VAL A 294 -0.36 -16.34 -6.71
C VAL A 294 1.08 -16.19 -6.31
N ALA A 295 1.50 -14.93 -6.08
CA ALA A 295 2.82 -14.62 -5.61
C ALA A 295 2.66 -13.79 -4.31
N LEU A 296 2.93 -14.46 -3.20
CA LEU A 296 2.58 -13.92 -1.90
C LEU A 296 3.81 -13.78 -1.02
N GLY A 297 4.01 -12.56 -0.50
CA GLY A 297 5.03 -12.31 0.51
C GLY A 297 4.59 -12.39 1.97
N LEU A 298 5.49 -12.90 2.80
CA LEU A 298 5.37 -12.88 4.26
C LEU A 298 6.46 -12.06 4.91
N GLY A 299 6.08 -11.23 5.87
CA GLY A 299 7.04 -10.56 6.72
C GLY A 299 7.79 -9.44 6.03
N LEU A 300 7.12 -8.81 5.08
CA LEU A 300 7.68 -7.74 4.26
C LEU A 300 8.85 -8.26 3.42
N ALA A 301 8.72 -9.50 2.96
CA ALA A 301 9.67 -10.07 2.00
C ALA A 301 9.98 -9.03 0.91
N THR A 302 11.28 -8.89 0.65
CA THR A 302 11.82 -7.83 -0.19
C THR A 302 12.65 -8.37 -1.37
N ILE A 303 12.40 -7.79 -2.55
CA ILE A 303 13.07 -8.13 -3.79
C ILE A 303 13.92 -6.94 -4.24
N ILE A 304 15.25 -7.15 -4.33
CA ILE A 304 16.17 -6.15 -4.85
C ILE A 304 16.76 -6.59 -6.21
N PRO A 305 16.48 -5.80 -7.27
CA PRO A 305 17.11 -6.09 -8.55
C PRO A 305 18.49 -5.45 -8.70
N ASP A 306 19.52 -6.30 -8.81
CA ASP A 306 20.89 -5.81 -9.08
C ASP A 306 21.12 -5.57 -10.57
N ASN A 307 22.26 -4.92 -10.91
CA ASN A 307 22.73 -4.84 -12.29
C ASN A 307 21.73 -4.15 -13.25
N GLY A 308 20.81 -3.38 -12.66
CA GLY A 308 19.85 -2.57 -13.39
C GLY A 308 18.69 -3.31 -14.03
N VAL A 309 18.50 -4.58 -13.65
CA VAL A 309 17.37 -5.32 -14.18
C VAL A 309 16.06 -4.89 -13.57
N THR A 310 14.98 -5.27 -14.24
CA THR A 310 13.66 -5.13 -13.66
C THR A 310 13.47 -6.25 -12.61
N ALA A 311 12.83 -5.96 -11.48
CA ALA A 311 12.60 -6.97 -10.46
C ALA A 311 11.50 -8.00 -10.82
N LEU A 312 10.37 -7.49 -11.29
CA LEU A 312 9.21 -8.31 -11.52
C LEU A 312 8.55 -7.92 -12.84
N LYS A 313 8.40 -8.92 -13.72
CA LYS A 313 7.67 -8.77 -14.98
C LYS A 313 6.53 -9.81 -14.95
N VAL A 314 5.31 -9.33 -15.17
CA VAL A 314 4.13 -10.20 -15.23
C VAL A 314 3.59 -10.17 -16.65
N GLY A 315 3.28 -11.36 -17.18
CA GLY A 315 2.97 -11.51 -18.59
C GLY A 315 1.49 -11.15 -18.83
N ASP A 316 1.05 -11.31 -20.07
CA ASP A 316 -0.29 -10.84 -20.47
C ASP A 316 -1.37 -11.89 -20.21
N VAL A 317 -1.45 -12.32 -18.96
CA VAL A 317 -2.33 -13.42 -18.58
C VAL A 317 -3.32 -12.87 -17.59
N ASP A 318 -4.39 -13.63 -17.36
CA ASP A 318 -5.41 -13.35 -16.34
C ASP A 318 -4.92 -13.76 -14.95
N GLY A 319 -5.56 -13.18 -13.93
CA GLY A 319 -5.64 -13.82 -12.64
C GLY A 319 -4.37 -13.85 -11.76
N VAL A 320 -3.30 -13.15 -12.15
CA VAL A 320 -2.11 -13.15 -11.30
C VAL A 320 -2.38 -12.28 -10.07
N LYS A 321 -1.99 -12.77 -8.90
CA LYS A 321 -2.25 -12.12 -7.60
C LYS A 321 -0.90 -11.97 -6.91
N VAL A 322 -0.37 -10.76 -7.04
CA VAL A 322 0.88 -10.35 -6.42
C VAL A 322 0.53 -9.59 -5.16
N ALA A 323 1.11 -10.05 -4.05
CA ALA A 323 0.70 -9.53 -2.74
C ALA A 323 1.75 -9.58 -1.63
N GLY A 324 2.02 -8.43 -1.04
CA GLY A 324 2.77 -8.35 0.19
C GLY A 324 4.28 -8.30 0.03
N LEU A 325 4.76 -7.74 -1.09
CA LEU A 325 6.19 -7.65 -1.37
C LEU A 325 6.67 -6.20 -1.38
N LEU A 326 7.91 -6.01 -0.93
CA LEU A 326 8.61 -4.75 -1.08
C LEU A 326 9.62 -4.93 -2.20
N VAL A 327 9.60 -4.03 -3.18
CA VAL A 327 10.60 -4.00 -4.23
C VAL A 327 11.54 -2.81 -3.93
N ASP A 328 12.83 -3.11 -3.71
CA ASP A 328 13.79 -2.15 -3.17
C ASP A 328 14.86 -1.90 -4.23
N ALA A 329 14.97 -0.67 -4.71
CA ALA A 329 15.86 -0.36 -5.82
C ALA A 329 17.31 -0.67 -5.46
N GLY A 330 18.05 -1.24 -6.40
CA GLY A 330 19.49 -1.31 -6.29
C GLY A 330 20.19 -0.01 -6.69
N PRO A 331 21.48 0.09 -6.36
CA PRO A 331 22.26 1.24 -6.81
C PRO A 331 22.16 1.42 -8.32
N VAL A 332 22.64 0.45 -9.07
CA VAL A 332 22.57 0.53 -10.54
C VAL A 332 21.15 0.82 -11.02
N ASN A 333 21.02 1.93 -11.76
CA ASN A 333 19.70 2.35 -12.22
C ASN A 333 18.97 1.25 -12.96
N SER A 334 17.76 0.95 -12.48
CA SER A 334 16.86 0.09 -13.22
C SER A 334 15.89 0.89 -14.09
N GLU A 335 15.76 0.48 -15.35
CA GLU A 335 14.81 1.07 -16.27
C GLU A 335 13.38 1.08 -15.74
N THR A 336 12.95 -0.10 -15.31
CA THR A 336 11.70 -0.24 -14.61
C THR A 336 11.91 -1.18 -13.43
N LEU A 337 11.06 -1.09 -12.41
CA LEU A 337 11.13 -2.03 -11.29
C LEU A 337 10.09 -3.16 -11.34
N VAL A 338 8.86 -2.80 -11.72
CA VAL A 338 7.77 -3.74 -11.78
C VAL A 338 7.00 -3.42 -13.06
N GLU A 339 6.80 -4.43 -13.89
CA GLU A 339 6.05 -4.28 -15.12
C GLU A 339 4.90 -5.29 -15.09
N VAL A 340 3.68 -4.79 -15.25
CA VAL A 340 2.51 -5.63 -15.38
C VAL A 340 1.99 -5.63 -16.82
N GLY A 341 2.19 -6.78 -17.50
CA GLY A 341 1.91 -6.90 -18.92
C GLY A 341 2.98 -6.29 -19.81
N SER A 342 2.88 -6.59 -21.10
CA SER A 342 3.92 -6.25 -22.06
C SER A 342 3.62 -4.88 -22.72
N ASP A 343 4.61 -4.28 -23.38
CA ASP A 343 4.32 -3.13 -24.19
C ASP A 343 3.32 -3.51 -25.30
N GLY A 344 2.28 -2.70 -25.46
CA GLY A 344 1.23 -2.97 -26.46
C GLY A 344 -0.10 -3.58 -25.97
N ALA A 345 -0.04 -4.18 -24.80
CA ALA A 345 -1.04 -5.15 -24.33
C ALA A 345 -2.47 -4.67 -24.63
N SER A 346 -3.12 -5.35 -25.58
CA SER A 346 -4.46 -4.97 -26.05
C SER A 346 -5.63 -5.87 -25.62
N GLY A 347 -5.32 -6.95 -24.91
CA GLY A 347 -6.35 -7.90 -24.52
C GLY A 347 -6.98 -7.56 -23.20
N ASP A 348 -8.21 -8.07 -23.00
CA ASP A 348 -8.97 -7.96 -21.77
C ASP A 348 -8.60 -8.91 -20.61
N HIS A 349 -8.84 -8.49 -19.37
CA HIS A 349 -8.71 -9.40 -18.24
C HIS A 349 -9.82 -9.10 -17.27
N ALA A 350 -10.98 -8.77 -17.81
CA ALA A 350 -12.07 -8.26 -16.99
C ALA A 350 -12.67 -9.29 -16.00
N ALA A 351 -12.87 -10.55 -16.42
CA ALA A 351 -13.43 -11.54 -15.51
C ALA A 351 -12.49 -12.08 -14.42
N ASN A 352 -11.20 -11.89 -14.61
CA ASN A 352 -10.23 -12.50 -13.75
C ASN A 352 -9.00 -11.65 -13.87
N PRO A 353 -9.07 -10.47 -13.24
CA PRO A 353 -7.95 -9.57 -13.51
C PRO A 353 -6.67 -9.96 -12.79
N THR A 354 -5.57 -9.34 -13.22
CA THR A 354 -4.35 -9.33 -12.43
C THR A 354 -4.43 -8.22 -11.38
N SER A 355 -3.90 -8.47 -10.20
CA SER A 355 -3.84 -7.41 -9.15
C SER A 355 -2.53 -7.39 -8.40
N LEU A 356 -2.20 -6.16 -7.96
CA LEU A 356 -1.12 -5.88 -7.04
C LEU A 356 -1.76 -5.45 -5.73
N GLN A 357 -1.45 -6.12 -4.63
CA GLN A 357 -1.92 -5.71 -3.32
C GLN A 357 -0.79 -5.66 -2.32
N ASP A 358 -0.73 -4.58 -1.53
CA ASP A 358 0.36 -4.39 -0.59
C ASP A 358 1.69 -4.65 -1.29
N VAL A 359 1.85 -4.02 -2.44
CA VAL A 359 3.09 -4.03 -3.15
C VAL A 359 3.66 -2.64 -2.92
N PHE A 360 4.85 -2.63 -2.33
CA PHE A 360 5.54 -1.38 -1.98
C PHE A 360 6.86 -1.28 -2.74
N VAL A 361 7.21 -0.07 -3.17
CA VAL A 361 8.47 0.16 -3.85
C VAL A 361 9.24 1.24 -3.06
N ARG A 362 10.55 1.04 -2.91
CA ARG A 362 11.44 2.00 -2.28
C ARG A 362 12.64 2.30 -3.18
N ILE A 363 13.00 3.58 -3.29
CA ILE A 363 14.18 3.99 -4.02
C ILE A 363 15.06 4.79 -3.10
N GLY A 364 16.15 4.20 -2.63
CA GLY A 364 16.99 4.83 -1.61
C GLY A 364 16.34 4.70 -0.23
N GLY A 365 17.03 5.18 0.79
CA GLY A 365 16.57 5.05 2.15
C GLY A 365 17.44 4.06 2.91
N ALA A 366 17.82 2.96 2.28
CA ALA A 366 18.65 1.96 2.95
C ALA A 366 20.02 1.91 2.27
N GLY A 367 20.52 3.08 1.90
CA GLY A 367 21.62 3.17 0.97
C GLY A 367 21.12 3.31 -0.45
N PRO A 368 22.04 3.60 -1.35
CA PRO A 368 21.77 4.22 -2.65
C PRO A 368 20.93 3.36 -3.57
N GLY A 369 19.93 3.98 -4.20
CA GLY A 369 19.13 3.27 -5.19
C GLY A 369 18.52 4.21 -6.21
N LYS A 370 18.30 3.69 -7.41
CA LYS A 370 17.82 4.48 -8.54
C LYS A 370 16.99 3.63 -9.46
N ALA A 371 15.90 4.20 -9.94
CA ALA A 371 15.07 3.62 -11.00
C ALA A 371 14.37 4.71 -11.82
N THR A 372 14.22 4.48 -13.13
CA THR A 372 13.62 5.50 -13.99
C THR A 372 12.08 5.55 -13.83
N THR A 373 11.42 4.40 -13.99
CA THR A 373 10.00 4.28 -13.77
C THR A 373 9.74 3.11 -12.83
N SER A 374 8.99 3.32 -11.75
CA SER A 374 8.89 2.30 -10.74
C SER A 374 7.94 1.16 -11.16
N ILE A 375 6.65 1.49 -11.36
CA ILE A 375 5.66 0.54 -11.82
C ILE A 375 5.01 0.99 -13.12
N VAL A 376 5.00 0.10 -14.10
CA VAL A 376 4.31 0.33 -15.35
C VAL A 376 3.19 -0.68 -15.44
N VAL A 377 1.95 -0.20 -15.48
CA VAL A 377 0.78 -1.07 -15.56
C VAL A 377 0.30 -1.01 -17.02
N ASN A 378 0.66 -2.05 -17.78
CA ASN A 378 0.11 -2.23 -19.12
C ASN A 378 -1.19 -3.04 -19.15
N SER A 379 -1.23 -4.13 -18.39
CA SER A 379 -2.39 -5.06 -18.42
C SER A 379 -3.77 -4.40 -18.15
N ASN A 380 -4.59 -4.42 -19.20
CA ASN A 380 -5.97 -3.97 -19.10
C ASN A 380 -6.66 -4.66 -17.90
N ASP A 381 -7.59 -3.94 -17.30
CA ASP A 381 -8.39 -4.43 -16.18
C ASP A 381 -7.65 -4.67 -14.84
N THR A 382 -6.38 -4.35 -14.77
CA THR A 382 -5.59 -4.62 -13.59
C THR A 382 -6.11 -3.78 -12.40
N ILE A 383 -6.10 -4.40 -11.22
CA ILE A 383 -6.41 -3.77 -9.94
C ILE A 383 -5.12 -3.48 -9.16
N ILE A 384 -4.94 -2.23 -8.73
CA ILE A 384 -3.87 -1.86 -7.81
C ILE A 384 -4.55 -1.50 -6.49
N ASP A 385 -4.61 -2.44 -5.55
CA ASP A 385 -5.31 -2.30 -4.27
C ASP A 385 -4.27 -2.24 -3.10
N HIS A 386 -3.88 -1.00 -2.79
CA HIS A 386 -2.87 -0.65 -1.78
C HIS A 386 -1.45 -0.78 -2.30
N THR A 387 -0.88 0.36 -2.63
CA THR A 387 0.52 0.43 -3.03
C THR A 387 1.12 1.70 -2.44
N TRP A 388 2.39 1.62 -2.04
CA TRP A 388 3.17 2.79 -1.67
C TRP A 388 4.43 2.73 -2.50
N VAL A 389 4.59 3.73 -3.36
CA VAL A 389 5.68 3.79 -4.32
C VAL A 389 6.42 5.07 -3.91
N TRP A 390 7.61 4.89 -3.36
CA TRP A 390 8.25 5.91 -2.51
C TRP A 390 9.74 6.11 -2.86
N ARG A 391 10.04 7.24 -3.47
CA ARG A 391 11.42 7.68 -3.58
C ARG A 391 11.78 8.19 -2.18
N ALA A 392 12.85 7.67 -1.61
CA ALA A 392 13.16 8.00 -0.22
C ALA A 392 13.51 9.46 -0.02
N ASP A 393 12.98 10.03 1.07
CA ASP A 393 13.28 11.42 1.43
C ASP A 393 14.18 11.51 2.65
N HIS A 394 14.51 10.39 3.31
CA HIS A 394 15.47 10.38 4.44
C HIS A 394 16.13 9.02 4.46
N GLY A 395 17.04 8.83 5.40
CA GLY A 395 17.91 7.65 5.44
C GLY A 395 19.28 7.84 4.76
N GLU A 396 19.95 6.75 4.39
CA GLU A 396 21.21 6.78 3.61
C GLU A 396 20.97 6.56 2.12
N GLY A 397 21.79 7.22 1.31
CA GLY A 397 21.78 7.00 -0.11
C GLY A 397 20.72 7.83 -0.79
N VAL A 398 20.50 9.04 -0.28
CA VAL A 398 19.43 9.87 -0.79
C VAL A 398 19.93 11.27 -1.17
N GLY A 399 19.79 11.61 -2.44
CA GLY A 399 19.98 12.96 -2.92
C GLY A 399 19.22 13.19 -4.23
N TRP A 400 19.12 14.47 -4.65
CA TRP A 400 18.40 14.85 -5.87
C TRP A 400 18.88 14.03 -7.08
N GLU A 401 20.17 13.74 -7.12
CA GLU A 401 20.70 12.84 -8.13
C GLU A 401 21.03 11.44 -7.54
N THR A 402 21.49 11.40 -6.29
CA THR A 402 21.97 10.12 -5.71
C THR A 402 20.89 9.02 -5.69
N ASN A 403 19.66 9.36 -5.30
CA ASN A 403 18.52 8.42 -5.46
C ASN A 403 17.45 8.98 -6.39
N ARG A 404 17.94 9.55 -7.48
CA ARG A 404 17.10 9.95 -8.56
C ARG A 404 16.13 8.87 -9.05
N ALA A 405 14.87 9.25 -9.16
CA ALA A 405 13.83 8.47 -9.79
C ALA A 405 12.75 9.37 -10.40
N ASP A 406 12.74 9.48 -11.73
CA ASP A 406 11.81 10.40 -12.37
C ASP A 406 10.33 10.10 -12.21
N TYR A 407 9.93 8.84 -12.38
CA TYR A 407 8.53 8.47 -12.54
C TYR A 407 8.14 7.35 -11.61
N GLY A 408 7.04 7.53 -10.93
CA GLY A 408 6.56 6.55 -9.98
C GLY A 408 5.78 5.48 -10.69
N VAL A 409 4.55 5.80 -11.05
CA VAL A 409 3.68 4.85 -11.71
C VAL A 409 3.23 5.43 -13.04
N HIS A 410 3.23 4.57 -14.08
CA HIS A 410 2.65 4.93 -15.36
C HIS A 410 1.63 3.88 -15.74
N VAL A 411 0.35 4.29 -15.74
CA VAL A 411 -0.69 3.37 -16.14
C VAL A 411 -1.04 3.57 -17.61
N LYS A 412 -0.74 2.55 -18.40
CA LYS A 412 -1.08 2.54 -19.82
C LYS A 412 -2.31 1.69 -20.19
N GLY A 413 -2.65 0.69 -19.38
CA GLY A 413 -3.80 -0.14 -19.64
C GLY A 413 -5.11 0.61 -19.53
N ASP A 414 -6.14 0.01 -20.10
CA ASP A 414 -7.49 0.49 -20.03
C ASP A 414 -8.20 -0.19 -18.86
N ASN A 415 -9.22 0.50 -18.34
CA ASN A 415 -10.03 0.02 -17.22
C ASN A 415 -9.21 -0.39 -16.00
N VAL A 416 -8.09 0.29 -15.79
CA VAL A 416 -7.28 0.01 -14.61
C VAL A 416 -7.90 0.72 -13.43
N LEU A 417 -7.86 0.06 -12.28
CA LEU A 417 -8.47 0.56 -11.04
C LEU A 417 -7.41 0.58 -9.94
N ALA A 418 -7.23 1.72 -9.31
CA ALA A 418 -6.32 1.88 -8.17
C ALA A 418 -7.14 2.30 -6.97
N THR A 419 -7.16 1.47 -5.95
CA THR A 419 -7.79 1.76 -4.67
C THR A 419 -6.72 1.82 -3.55
N GLY A 420 -6.55 3.00 -2.95
CA GLY A 420 -5.47 3.21 -1.97
C GLY A 420 -4.11 3.40 -2.61
N LEU A 421 -3.97 4.50 -3.36
CA LEU A 421 -2.75 4.76 -4.12
C LEU A 421 -1.89 5.81 -3.42
N PHE A 422 -0.69 5.42 -2.99
CA PHE A 422 0.23 6.34 -2.30
C PHE A 422 1.56 6.40 -3.08
N VAL A 423 1.91 7.60 -3.57
CA VAL A 423 3.05 7.78 -4.44
C VAL A 423 3.74 9.10 -4.12
N GLU A 424 5.03 9.07 -3.82
CA GLU A 424 5.71 10.26 -3.26
C GLU A 424 7.18 10.47 -3.70
N HIS A 425 7.50 11.73 -3.94
CA HIS A 425 8.86 12.32 -4.02
C HIS A 425 9.61 12.16 -5.33
N PHE A 426 8.94 11.70 -6.39
CA PHE A 426 9.62 11.51 -7.67
C PHE A 426 10.15 12.79 -8.29
N ASN A 427 11.22 12.69 -9.08
CA ASN A 427 11.84 13.90 -9.61
C ASN A 427 10.97 14.54 -10.70
N LYS A 428 10.17 13.72 -11.38
CA LYS A 428 9.25 14.19 -12.40
C LYS A 428 7.80 13.75 -11.99
N TYR A 429 7.02 13.14 -12.90
CA TYR A 429 5.62 12.80 -12.63
C TYR A 429 5.44 11.58 -11.72
N ASP A 430 4.94 11.82 -10.50
CA ASP A 430 4.75 10.71 -9.57
C ASP A 430 3.84 9.64 -10.19
N VAL A 431 2.72 10.09 -10.74
CA VAL A 431 1.76 9.27 -11.45
C VAL A 431 1.35 9.88 -12.80
N GLN A 432 1.45 9.05 -13.85
CA GLN A 432 0.95 9.39 -15.18
C GLN A 432 -0.02 8.29 -15.66
N TRP A 433 -1.17 8.70 -16.22
CA TRP A 433 -2.21 7.81 -16.69
C TRP A 433 -2.43 8.07 -18.20
N SER A 434 -2.14 7.05 -19.00
CA SER A 434 -2.24 7.09 -20.44
C SER A 434 -3.39 6.29 -21.01
N GLY A 435 -3.91 5.32 -20.25
CA GLY A 435 -4.99 4.45 -20.73
C GLY A 435 -6.38 5.02 -20.42
N GLU A 436 -7.43 4.41 -21.02
CA GLU A 436 -8.81 4.87 -20.86
C GLU A 436 -9.52 4.29 -19.63
N ASN A 437 -10.62 4.94 -19.25
CA ASN A 437 -11.55 4.53 -18.20
C ASN A 437 -10.83 4.03 -16.94
N GLY A 438 -9.71 4.70 -16.67
CA GLY A 438 -8.98 4.52 -15.44
C GLY A 438 -9.77 5.12 -14.29
N LYS A 439 -9.66 4.51 -13.12
CA LYS A 439 -10.36 4.95 -11.92
C LYS A 439 -9.39 4.90 -10.75
N THR A 440 -9.28 6.00 -9.99
CA THR A 440 -8.48 6.02 -8.77
C THR A 440 -9.37 6.47 -7.60
N ILE A 441 -9.49 5.63 -6.60
CA ILE A 441 -10.16 5.94 -5.34
C ILE A 441 -9.13 6.03 -4.24
N PHE A 442 -8.97 7.24 -3.72
CA PHE A 442 -7.94 7.64 -2.80
C PHE A 442 -6.52 7.70 -3.39
N TYR A 443 -5.97 8.92 -3.39
CA TYR A 443 -4.58 9.20 -3.72
C TYR A 443 -3.90 10.07 -2.68
N GLN A 444 -2.70 9.67 -2.27
CA GLN A 444 -1.89 10.50 -1.40
C GLN A 444 -0.53 10.67 -2.03
N ASN A 445 -0.12 11.93 -2.22
CA ASN A 445 1.17 12.29 -2.76
C ASN A 445 1.86 13.33 -1.88
N ALA A 446 3.17 13.23 -1.82
CA ALA A 446 4.00 14.38 -1.44
C ALA A 446 5.05 14.54 -2.51
N LYS A 447 5.33 15.78 -2.90
CA LYS A 447 6.29 16.05 -3.96
C LYS A 447 7.71 15.90 -3.43
N ALA A 448 8.65 15.85 -4.38
CA ALA A 448 10.08 15.82 -4.07
C ALA A 448 10.42 16.99 -3.14
N TYR A 449 11.12 16.70 -2.05
CA TYR A 449 11.52 17.72 -1.08
C TYR A 449 12.83 18.44 -1.48
N ASP A 450 13.49 17.96 -2.53
CA ASP A 450 14.93 18.20 -2.71
C ASP A 450 15.33 18.78 -4.10
N ALA A 451 14.35 19.18 -4.91
CA ALA A 451 14.62 19.97 -6.11
C ALA A 451 15.52 21.17 -5.75
N PRO A 452 16.76 21.21 -6.25
CA PRO A 452 17.56 22.36 -5.80
C PRO A 452 17.02 23.75 -6.15
N ASP A 453 15.98 23.83 -6.97
CA ASP A 453 15.55 25.11 -7.52
C ASP A 453 14.50 24.94 -8.61
N GLN A 454 13.92 26.04 -9.06
CA GLN A 454 12.88 26.01 -10.12
C GLN A 454 13.39 25.40 -11.44
N ALA A 455 14.64 25.72 -11.79
CA ALA A 455 15.21 25.30 -13.04
C ALA A 455 15.14 23.77 -13.09
N ALA A 456 15.50 23.14 -11.99
CA ALA A 456 15.55 21.67 -11.95
C ALA A 456 14.22 20.93 -12.08
N ILE A 457 13.08 21.56 -11.80
CA ILE A 457 11.81 20.83 -11.89
C ILE A 457 10.91 21.41 -12.98
N GLN A 458 11.54 22.14 -13.88
CA GLN A 458 10.76 22.74 -14.96
C GLN A 458 10.15 21.64 -15.88
N ASN A 459 8.87 21.77 -16.22
CA ASN A 459 8.13 20.75 -16.96
C ASN A 459 7.68 21.38 -18.24
N GLY A 460 8.66 21.60 -19.14
CA GLY A 460 8.46 22.41 -20.32
C GLY A 460 8.08 23.82 -19.94
N ASP A 461 6.84 24.20 -20.20
CA ASP A 461 6.40 25.54 -19.85
C ASP A 461 5.48 25.53 -18.58
N ILE A 462 5.39 24.39 -17.89
CA ILE A 462 4.75 24.27 -16.59
C ILE A 462 5.83 24.33 -15.47
N LYS A 463 5.53 25.02 -14.37
CA LYS A 463 6.41 24.94 -13.18
C LYS A 463 6.09 23.65 -12.37
N GLY A 464 7.07 22.76 -12.28
CA GLY A 464 6.88 21.51 -11.59
C GLY A 464 6.22 20.47 -12.48
N TYR A 465 6.28 19.21 -12.04
CA TYR A 465 5.56 18.09 -12.66
C TYR A 465 4.36 17.69 -11.80
N ALA A 466 3.19 17.56 -12.42
CA ALA A 466 2.00 17.13 -11.67
C ALA A 466 2.31 15.87 -10.86
N ALA A 467 1.70 15.80 -9.68
CA ALA A 467 1.70 14.59 -8.89
C ALA A 467 0.91 13.49 -9.61
N TYR A 468 -0.09 13.93 -10.36
CA TYR A 468 -1.05 13.03 -11.03
C TYR A 468 -1.43 13.67 -12.33
N LYS A 469 -0.94 13.10 -13.45
CA LYS A 469 -1.19 13.60 -14.80
C LYS A 469 -1.93 12.62 -15.67
N VAL A 470 -3.06 13.09 -16.18
CA VAL A 470 -3.81 12.39 -17.22
C VAL A 470 -3.45 13.04 -18.57
N ASP A 471 -2.89 12.23 -19.44
CA ASP A 471 -2.59 12.60 -20.82
C ASP A 471 -3.81 13.26 -21.51
N ASP A 472 -3.59 14.27 -22.37
CA ASP A 472 -4.72 14.96 -23.01
C ASP A 472 -5.44 14.10 -24.07
N SER A 473 -4.69 13.35 -24.85
CA SER A 473 -5.29 12.43 -25.82
C SER A 473 -6.28 11.41 -25.19
N VAL A 474 -6.19 11.16 -23.87
CA VAL A 474 -7.22 10.37 -23.16
C VAL A 474 -8.66 10.95 -23.12
N THR A 475 -9.65 10.06 -23.26
CA THR A 475 -11.09 10.45 -23.27
C THR A 475 -11.88 10.11 -22.00
N THR A 476 -11.47 9.12 -21.25
CA THR A 476 -12.24 8.73 -20.07
C THR A 476 -11.35 8.44 -18.85
N HIS A 477 -11.68 9.06 -17.71
CA HIS A 477 -10.92 8.90 -16.47
C HIS A 477 -11.71 9.43 -15.28
N GLU A 478 -11.55 8.80 -14.12
CA GLU A 478 -12.14 9.37 -12.90
C GLU A 478 -11.37 9.10 -11.60
N GLY A 479 -11.18 10.17 -10.80
CA GLY A 479 -10.62 10.03 -9.48
C GLY A 479 -11.40 10.68 -8.33
N TRP A 480 -11.30 10.07 -7.15
CA TRP A 480 -11.98 10.52 -5.94
C TRP A 480 -11.00 10.62 -4.78
N GLY A 481 -10.99 11.75 -4.07
CA GLY A 481 -10.35 11.85 -2.78
C GLY A 481 -8.83 11.83 -2.93
N MET A 482 -8.32 12.92 -3.50
CA MET A 482 -6.94 12.98 -3.98
C MET A 482 -6.20 14.24 -3.57
N GLY A 483 -5.01 14.02 -3.02
CA GLY A 483 -4.26 15.09 -2.43
C GLY A 483 -2.78 15.01 -2.69
N SER A 484 -2.19 16.19 -2.94
CA SER A 484 -0.78 16.33 -3.14
C SER A 484 -0.24 17.40 -2.19
N TYR A 485 0.83 17.07 -1.49
CA TYR A 485 1.44 17.99 -0.52
C TYR A 485 2.85 18.36 -0.97
N CYS A 486 3.37 19.49 -0.49
CA CYS A 486 4.72 19.90 -0.85
C CYS A 486 5.48 20.34 0.37
N TYR A 487 6.79 20.15 0.30
CA TYR A 487 7.68 20.48 1.38
C TYR A 487 9.05 20.63 0.75
N PHE A 488 9.22 21.77 0.10
CA PHE A 488 10.46 22.01 -0.61
C PHE A 488 11.49 22.51 0.41
N ASN A 489 11.95 21.57 1.22
CA ASN A 489 12.78 21.93 2.38
C ASN A 489 14.16 22.36 2.02
N VAL A 490 14.57 22.10 0.78
CA VAL A 490 15.89 22.49 0.30
C VAL A 490 15.78 23.94 -0.20
N ASN A 491 14.74 24.24 -0.99
CA ASN A 491 14.55 25.57 -1.56
C ASN A 491 13.10 25.94 -1.44
N PRO A 492 12.75 26.47 -0.27
CA PRO A 492 11.35 26.75 0.01
C PRO A 492 10.78 27.88 -0.82
N ASP A 493 11.57 28.47 -1.72
CA ASP A 493 11.10 29.48 -2.64
C ASP A 493 10.43 28.89 -3.91
N ILE A 494 10.48 27.56 -4.03
CA ILE A 494 9.97 26.86 -5.20
C ILE A 494 8.49 27.09 -5.31
N ARG A 495 8.00 27.14 -6.54
CA ARG A 495 6.56 27.09 -6.80
C ARG A 495 6.20 25.87 -7.63
N GLN A 496 5.13 25.19 -7.21
CA GLN A 496 4.57 24.03 -7.94
C GLN A 496 3.25 24.45 -8.58
N GLN A 497 3.15 24.40 -9.90
CA GLN A 497 1.99 24.96 -10.54
C GLN A 497 0.67 24.28 -10.10
N HIS A 498 0.70 22.95 -10.04
CA HIS A 498 -0.49 22.18 -9.75
C HIS A 498 -0.16 20.81 -9.12
N GLY A 499 -1.14 20.27 -8.39
CA GLY A 499 -1.13 18.90 -7.92
C GLY A 499 -1.48 17.90 -9.04
N PHE A 500 -2.43 18.31 -9.87
CA PHE A 500 -3.06 17.44 -10.86
C PHE A 500 -3.09 18.15 -12.20
N GLN A 501 -3.01 17.36 -13.26
CA GLN A 501 -3.07 17.87 -14.61
C GLN A 501 -3.89 16.93 -15.50
N ALA A 502 -4.78 17.45 -16.32
CA ALA A 502 -5.64 16.58 -17.12
C ALA A 502 -6.35 17.34 -18.25
N PRO A 503 -6.62 16.67 -19.38
CA PRO A 503 -7.47 17.16 -20.45
C PRO A 503 -8.78 17.65 -19.88
N VAL A 504 -9.41 18.64 -20.50
CA VAL A 504 -10.77 19.08 -20.16
C VAL A 504 -11.78 18.47 -21.13
N LYS A 505 -12.54 17.51 -20.62
CA LYS A 505 -13.46 16.70 -21.40
C LYS A 505 -14.54 16.18 -20.44
N PRO A 506 -15.79 16.03 -20.90
CA PRO A 506 -16.76 15.44 -19.99
C PRO A 506 -16.40 14.00 -19.63
N GLY A 507 -15.62 13.34 -20.45
CA GLY A 507 -15.20 11.98 -20.10
C GLY A 507 -14.26 11.96 -18.89
N VAL A 508 -13.61 13.08 -18.60
CA VAL A 508 -12.48 13.12 -17.63
C VAL A 508 -12.82 13.94 -16.40
N LYS A 509 -12.83 13.34 -15.21
CA LYS A 509 -13.53 13.93 -14.07
C LYS A 509 -12.87 13.67 -12.72
N PHE A 510 -12.95 14.61 -11.79
CA PHE A 510 -12.41 14.44 -10.45
C PHE A 510 -13.36 14.96 -9.39
N HIS A 511 -13.24 14.33 -8.24
CA HIS A 511 -14.09 14.56 -7.10
C HIS A 511 -13.18 14.67 -5.88
N ASP A 512 -13.21 15.83 -5.25
CA ASP A 512 -12.54 16.09 -3.98
C ASP A 512 -11.01 16.04 -4.08
N LEU A 513 -10.44 17.11 -4.67
CA LEU A 513 -9.01 17.31 -4.87
C LEU A 513 -8.50 18.38 -3.91
N LEU A 514 -7.23 18.26 -3.53
CA LEU A 514 -6.62 19.24 -2.66
C LEU A 514 -5.10 19.24 -2.79
N VAL A 515 -4.51 20.40 -2.49
CA VAL A 515 -3.08 20.50 -2.36
C VAL A 515 -2.78 21.27 -1.09
N VAL A 516 -1.58 21.05 -0.57
CA VAL A 516 -1.20 21.61 0.73
C VAL A 516 0.32 21.80 0.82
N SER A 517 0.76 22.98 1.29
CA SER A 517 2.15 23.20 1.70
C SER A 517 2.32 22.87 3.16
N LEU A 518 3.34 22.08 3.48
CA LEU A 518 3.61 21.69 4.84
C LEU A 518 4.51 22.77 5.45
N GLY A 519 3.90 23.75 6.08
CA GLY A 519 4.63 24.80 6.76
C GLY A 519 5.30 25.83 5.85
N GLY A 520 4.80 25.98 4.64
CA GLY A 520 5.18 27.10 3.77
C GLY A 520 6.48 26.88 3.04
N LYS A 521 6.89 25.61 2.98
CA LYS A 521 8.08 25.23 2.26
C LYS A 521 7.72 25.01 0.78
N GLY A 522 7.75 26.10 0.03
CA GLY A 522 7.20 26.13 -1.31
C GLY A 522 5.70 26.39 -1.23
N GLN A 523 5.09 26.63 -2.36
CA GLN A 523 3.64 26.79 -2.44
C GLN A 523 3.14 26.24 -3.80
N TYR A 524 1.87 25.85 -3.85
CA TYR A 524 1.21 25.54 -5.09
C TYR A 524 0.59 26.80 -5.69
N GLU A 525 0.70 26.94 -6.99
CA GLU A 525 0.04 28.05 -7.69
C GLU A 525 -1.45 27.75 -7.90
N HIS A 526 -1.78 26.48 -7.97
CA HIS A 526 -3.12 26.01 -8.29
C HIS A 526 -3.31 24.54 -7.81
N VAL A 527 -4.54 24.07 -7.92
CA VAL A 527 -4.90 22.69 -7.55
C VAL A 527 -4.77 21.70 -8.75
N ILE A 528 -5.52 22.00 -9.82
CA ILE A 528 -5.50 21.23 -11.08
C ILE A 528 -5.44 22.13 -12.33
N ASN A 529 -4.53 21.83 -13.25
CA ASN A 529 -4.30 22.67 -14.42
C ASN A 529 -3.97 24.10 -13.94
N ASP A 530 -4.94 25.04 -14.01
CA ASP A 530 -4.83 26.33 -13.29
C ASP A 530 -6.12 26.72 -12.58
N ILE A 531 -6.67 25.77 -11.85
CA ILE A 531 -7.96 25.88 -11.25
C ILE A 531 -7.82 25.58 -9.76
N GLY A 532 -8.62 26.23 -8.92
CA GLY A 532 -8.32 26.25 -7.50
C GLY A 532 -7.35 27.34 -7.11
N ASP A 533 -7.44 27.76 -5.86
CA ASP A 533 -6.62 28.82 -5.28
C ASP A 533 -5.21 28.30 -5.09
N PRO A 534 -4.21 29.20 -5.14
CA PRO A 534 -2.88 28.83 -4.66
C PRO A 534 -2.89 28.59 -3.17
N THR A 535 -1.90 27.86 -2.66
CA THR A 535 -1.74 27.76 -1.23
C THR A 535 -1.03 29.04 -0.83
N SER A 536 -1.18 29.40 0.45
CA SER A 536 -0.53 30.60 1.01
C SER A 536 -0.33 30.45 2.52
N GLY A 537 0.44 31.34 3.14
CA GLY A 537 0.65 31.24 4.57
C GLY A 537 1.63 30.09 4.85
N ASP A 538 1.94 29.93 6.14
CA ASP A 538 2.77 28.84 6.58
C ASP A 538 1.99 27.94 7.52
N THR A 539 0.66 28.00 7.40
CA THR A 539 -0.26 27.43 8.38
C THR A 539 -0.89 26.10 7.88
N THR A 540 -0.43 25.69 6.70
CA THR A 540 -0.75 24.38 6.14
C THR A 540 -2.25 24.18 5.98
N ILE A 541 -2.92 25.18 5.44
CA ILE A 541 -4.34 25.05 5.10
C ILE A 541 -4.51 24.58 3.64
N PRO A 542 -5.17 23.42 3.46
CA PRO A 542 -5.46 22.96 2.10
C PRO A 542 -6.23 23.90 1.17
N SER A 543 -5.80 23.93 -0.09
CA SER A 543 -6.61 24.47 -1.18
C SER A 543 -7.26 23.30 -1.95
N GLN A 544 -8.55 23.44 -2.24
CA GLN A 544 -9.44 22.35 -2.63
C GLN A 544 -10.23 22.68 -3.92
N VAL A 545 -10.60 21.64 -4.68
CA VAL A 545 -11.51 21.71 -5.82
C VAL A 545 -12.56 20.58 -5.70
N VAL A 546 -13.81 20.89 -5.36
CA VAL A 546 -14.85 19.88 -5.23
C VAL A 546 -15.06 18.94 -6.46
N SER A 547 -15.32 19.51 -7.62
CA SER A 547 -15.43 18.74 -8.87
C SER A 547 -14.83 19.52 -10.02
N PHE A 548 -14.27 18.78 -10.96
CA PHE A 548 -13.64 19.32 -12.16
C PHE A 548 -14.16 18.41 -13.26
N PRO A 549 -14.42 18.94 -14.47
CA PRO A 549 -14.09 20.26 -15.05
C PRO A 549 -14.98 21.51 -14.73
C2 BGC B . -2.45 17.43 12.15
C3 BGC B . -1.82 18.39 11.28
C4 BGC B . -2.74 19.36 10.62
C5 BGC B . -3.87 19.86 11.58
C6 BGC B . -4.91 20.44 10.97
C1 BGC B . -3.39 18.02 13.09
O1 BGC B . -3.97 17.11 13.98
O2 BGC B . -1.37 16.84 12.96
O3 BGC B . -0.94 17.72 10.28
O4 BGC B . -2.02 20.47 10.05
O5 BGC B . -4.44 18.71 12.39
O6 BGC B . -5.78 20.96 11.89
C2 BGC B . 1.19 17.18 9.42
C3 BGC B . 2.53 17.58 9.14
C4 BGC B . 2.63 19.04 8.90
C5 BGC B . 2.08 19.82 10.13
C6 BGC B . 2.12 21.17 9.98
C1 BGC B . 0.44 17.98 10.41
O2 BGC B . 1.15 15.77 9.82
O3 BGC B . 2.86 16.81 7.93
O4 BGC B . 3.95 19.44 8.71
O5 BGC B . 0.62 19.40 10.22
O6 BGC B . 1.84 21.89 11.12
C2 BGC B . 4.15 15.16 6.76
C3 BGC B . 5.42 14.69 6.35
C4 BGC B . 6.27 15.77 5.88
C5 BGC B . 6.40 16.91 6.95
C6 BGC B . 7.14 17.94 6.45
C1 BGC B . 4.16 16.30 7.76
O2 BGC B . 3.44 14.06 7.38
O3 BGC B . 5.20 13.72 5.22
O4 BGC B . 7.57 15.33 5.65
O5 BGC B . 5.01 17.38 7.30
O6 BGC B . 7.42 18.94 7.33
C2 BGC B . 5.94 11.80 4.03
C3 BGC B . 6.78 10.62 3.96
C4 BGC B . 8.15 10.97 4.39
C5 BGC B . 8.18 11.65 5.76
C6 BGC B . 9.45 12.02 5.94
C1 BGC B . 5.87 12.49 5.34
O2 BGC B . 4.54 11.56 3.64
O3 BGC B . 6.98 10.13 2.56
O4 BGC B . 9.06 9.90 4.50
O5 BGC B . 7.19 12.82 5.79
O6 BGC B . 9.66 12.81 7.00
C2 BGC C . -1.06 0.96 23.63
C3 BGC C . -2.46 0.85 24.21
C4 BGC C . -2.71 -0.48 24.95
C5 BGC C . -1.52 -0.85 25.82
C6 BGC C . -1.74 -2.29 26.28
C1 BGC C . 0.07 0.45 24.54
O2 BGC C . -0.84 2.32 23.37
O3 BGC C . -3.47 1.04 23.24
O4 BGC C . -3.89 -0.36 25.76
O5 BGC C . -0.28 -0.78 25.13
O6 BGC C . -1.60 -2.38 27.69
C1 EDO D . 17.02 -3.45 2.52
O1 EDO D . 15.95 -4.17 1.89
C2 EDO D . 16.61 -2.79 3.85
O2 EDO D . 15.49 -3.42 4.41
H11 EDO D . 17.40 -2.68 1.85
H12 EDO D . 17.83 -4.15 2.71
HO1 EDO D . 16.25 -4.51 1.04
H21 EDO D . 16.41 -1.72 3.74
H22 EDO D . 17.45 -2.89 4.55
HO2 EDO D . 15.31 -3.04 5.27
C1 EDO E . 9.16 17.25 -9.06
O1 EDO E . 8.22 16.21 -9.35
C2 EDO E . 8.54 18.54 -8.52
O2 EDO E . 7.62 19.13 -9.44
H11 EDO E . 9.70 17.49 -9.98
H12 EDO E . 9.89 16.86 -8.34
HO1 EDO E . 8.62 15.35 -9.17
H21 EDO E . 9.34 19.25 -8.30
H22 EDO E . 8.04 18.33 -7.57
HO2 EDO E . 7.13 19.83 -9.01
C1 EDO F . 13.61 -3.61 -19.59
O1 EDO F . 13.71 -4.59 -18.53
C2 EDO F . 12.37 -2.70 -19.50
O2 EDO F . 11.15 -3.32 -19.93
H11 EDO F . 13.60 -4.13 -20.55
H12 EDO F . 14.52 -3.00 -19.58
HO1 EDO F . 14.50 -5.12 -18.65
H21 EDO F . 12.54 -1.82 -20.13
H22 EDO F . 12.27 -2.33 -18.48
HO2 EDO F . 10.45 -2.65 -19.99
N GLU A 1 12.61 -29.95 -12.27
CA GLU A 1 13.53 -29.80 -11.14
C GLU A 1 13.04 -28.96 -9.89
N VAL A 2 11.75 -28.56 -9.77
CA VAL A 2 11.28 -27.67 -8.64
C VAL A 2 10.26 -28.24 -7.62
N VAL A 3 10.63 -28.28 -6.35
CA VAL A 3 9.81 -28.93 -5.32
C VAL A 3 8.92 -27.98 -4.52
N GLY A 4 7.66 -28.36 -4.33
CA GLY A 4 6.77 -27.56 -3.52
C GLY A 4 6.60 -28.00 -2.08
N GLY A 5 6.65 -27.04 -1.14
CA GLY A 5 6.30 -27.32 0.26
C GLY A 5 7.39 -27.21 1.31
N GLY A 6 7.10 -27.72 2.50
CA GLY A 6 8.00 -27.66 3.64
C GLY A 6 7.94 -26.40 4.50
N ASP A 7 8.72 -26.44 5.57
CA ASP A 7 8.94 -25.35 6.56
C ASP A 7 9.14 -23.96 5.91
N LEU A 8 8.53 -22.94 6.53
CA LEU A 8 8.57 -21.58 6.02
C LEU A 8 9.73 -20.87 6.70
N GLY A 9 10.56 -21.62 7.42
CA GLY A 9 11.79 -21.05 7.93
C GLY A 9 11.82 -20.41 9.31
N PRO A 10 12.98 -19.87 9.65
CA PRO A 10 13.26 -19.24 10.93
C PRO A 10 12.47 -17.98 11.22
N ASN A 11 12.38 -17.07 10.25
CA ASN A 11 11.72 -15.78 10.43
C ASN A 11 10.17 -15.81 10.38
N VAL A 12 9.58 -17.02 10.27
CA VAL A 12 8.12 -17.17 10.32
C VAL A 12 7.72 -17.96 11.57
N LEU A 13 7.41 -17.21 12.63
CA LEU A 13 7.02 -17.78 13.94
C LEU A 13 5.60 -18.23 13.90
N VAL A 14 5.38 -19.40 14.48
CA VAL A 14 4.10 -19.96 14.51
C VAL A 14 3.82 -20.13 16.00
N PHE A 15 2.87 -19.32 16.45
CA PHE A 15 2.39 -19.31 17.83
C PHE A 15 1.12 -20.15 17.96
N ASP A 16 0.90 -20.71 19.16
CA ASP A 16 -0.40 -21.26 19.52
C ASP A 16 -0.66 -21.01 21.02
N PRO A 17 -1.92 -21.17 21.48
CA PRO A 17 -2.21 -20.75 22.87
C PRO A 17 -1.39 -21.44 23.94
N SER A 18 -0.98 -22.69 23.71
CA SER A 18 -0.13 -23.41 24.67
C SER A 18 1.39 -23.18 24.54
N THR A 19 1.81 -22.38 23.56
CA THR A 19 3.19 -21.89 23.48
C THR A 19 3.52 -21.02 24.68
N PRO A 20 4.65 -21.23 25.37
CA PRO A 20 4.89 -20.43 26.58
C PRO A 20 5.63 -19.12 26.31
N ASP A 21 5.55 -18.17 27.22
CA ASP A 21 6.29 -16.90 27.03
C ASP A 21 6.03 -16.32 25.64
N ILE A 22 4.85 -16.65 25.08
CA ILE A 22 4.38 -16.05 23.83
C ILE A 22 4.63 -14.58 23.87
N GLN A 23 4.28 -13.98 24.99
CA GLN A 23 4.46 -12.53 25.14
C GLN A 23 5.91 -12.12 25.08
N GLY A 24 6.74 -12.84 25.82
CA GLY A 24 8.16 -12.51 25.89
C GLY A 24 8.73 -12.64 24.49
N LYS A 25 8.16 -13.59 23.73
CA LYS A 25 8.65 -13.90 22.39
C LYS A 25 8.38 -12.74 21.42
N VAL A 26 7.11 -12.33 21.29
CA VAL A 26 6.78 -11.13 20.48
C VAL A 26 7.54 -9.88 20.91
N ASP A 27 7.74 -9.73 22.22
CA ASP A 27 8.66 -8.71 22.68
C ASP A 27 10.11 -9.04 22.26
N GLU A 28 10.46 -10.24 21.82
CA GLU A 28 11.88 -10.40 21.40
C GLU A 28 12.02 -9.58 20.10
N VAL A 29 10.92 -9.45 19.37
CA VAL A 29 10.97 -8.91 17.99
C VAL A 29 10.68 -7.43 17.99
N PHE A 30 9.83 -7.00 18.90
CA PHE A 30 9.67 -5.57 19.07
C PHE A 30 11.00 -4.94 19.45
N ARG A 31 11.89 -5.69 20.09
CA ARG A 31 13.19 -5.08 20.35
C ARG A 31 14.04 -5.02 19.08
N LYS A 32 14.14 -6.11 18.35
CA LYS A 32 14.97 -6.04 17.16
C LYS A 32 14.42 -5.07 16.11
N GLN A 33 13.13 -4.73 16.18
CA GLN A 33 12.45 -4.07 15.07
C GLN A 33 11.86 -2.65 15.27
N GLU A 34 11.68 -2.24 16.53
CA GLU A 34 11.02 -0.97 16.87
C GLU A 34 11.65 0.20 16.08
N SER A 35 12.96 0.24 16.03
CA SER A 35 13.66 1.40 15.42
C SER A 35 14.44 1.02 14.18
N ASN A 36 14.24 -0.20 13.68
CA ASN A 36 15.03 -0.70 12.59
C ASN A 36 14.47 -0.37 11.22
N GLN A 37 14.49 0.90 10.89
CA GLN A 37 13.73 1.39 9.74
C GLN A 37 14.31 0.82 8.44
N PHE A 38 15.62 0.63 8.41
CA PHE A 38 16.28 0.34 7.17
C PHE A 38 17.08 -0.95 7.21
N GLY A 39 16.92 -1.70 8.30
CA GLY A 39 17.60 -2.97 8.47
C GLY A 39 17.21 -4.03 7.49
N THR A 40 17.92 -5.13 7.62
CA THR A 40 17.75 -6.31 6.80
C THR A 40 16.79 -7.34 7.40
N ASP A 41 16.54 -7.29 8.70
CA ASP A 41 15.70 -8.32 9.34
C ASP A 41 14.23 -8.25 8.88
N ARG A 42 13.59 -9.42 8.83
CA ARG A 42 12.27 -9.62 8.26
C ARG A 42 11.57 -10.66 9.16
N TYR A 43 10.32 -10.40 9.57
CA TYR A 43 9.60 -11.33 10.44
C TYR A 43 8.11 -11.42 10.13
N ALA A 44 7.58 -12.64 10.14
CA ALA A 44 6.14 -12.87 10.16
C ALA A 44 5.78 -13.54 11.48
N LEU A 45 4.87 -12.93 12.24
CA LEU A 45 4.32 -13.55 13.46
C LEU A 45 2.99 -14.13 13.09
N MET A 46 2.79 -15.43 13.32
CA MET A 46 1.50 -16.00 12.97
C MET A 46 0.90 -16.92 14.05
N PHE A 47 -0.40 -16.78 14.26
CA PHE A 47 -1.06 -17.33 15.42
C PHE A 47 -2.14 -18.30 15.00
N LYS A 48 -2.08 -19.49 15.58
CA LYS A 48 -2.99 -20.53 15.16
C LYS A 48 -4.37 -20.26 15.76
N PRO A 49 -5.40 -20.90 15.20
CA PRO A 49 -6.77 -20.91 15.69
C PRO A 49 -6.81 -21.10 17.20
N GLY A 50 -7.63 -20.30 17.88
CA GLY A 50 -7.74 -20.35 19.32
C GLY A 50 -7.85 -19.00 20.01
N THR A 51 -7.77 -19.02 21.33
CA THR A 51 -7.86 -17.80 22.14
C THR A 51 -6.59 -17.54 22.93
N TYR A 52 -6.13 -16.29 22.87
CA TYR A 52 -4.94 -15.80 23.57
C TYR A 52 -5.25 -14.67 24.57
N ASN A 53 -5.03 -14.93 25.84
CA ASN A 53 -5.15 -13.90 26.85
C ASN A 53 -3.87 -13.12 27.04
N ASP A 54 -3.98 -11.91 27.61
CA ASP A 54 -2.83 -11.16 28.12
C ASP A 54 -1.73 -11.13 27.10
N ILE A 55 -2.19 -10.76 25.91
CA ILE A 55 -1.33 -10.66 24.75
C ILE A 55 -1.37 -9.21 24.33
N ASN A 56 -0.19 -8.66 24.24
CA ASN A 56 -0.04 -7.41 23.57
C ASN A 56 1.08 -7.56 22.54
N ALA A 57 0.68 -7.58 21.27
CA ALA A 57 1.66 -7.71 20.21
C ALA A 57 2.03 -6.31 19.71
N GLN A 58 3.14 -5.76 20.20
CA GLN A 58 3.66 -4.48 19.67
C GLN A 58 4.46 -4.75 18.38
N ILE A 59 4.11 -4.01 17.34
CA ILE A 59 4.57 -4.33 15.98
C ILE A 59 5.52 -3.24 15.51
N GLY A 60 6.75 -3.65 15.19
CA GLY A 60 7.78 -2.72 14.71
C GLY A 60 8.01 -2.86 13.21
N PHE A 61 9.14 -2.35 12.72
CA PHE A 61 9.42 -2.42 11.27
C PHE A 61 9.54 -3.85 10.75
N TYR A 62 9.04 -4.05 9.52
CA TYR A 62 9.16 -5.29 8.76
C TYR A 62 8.62 -6.49 9.53
N THR A 63 7.53 -6.27 10.22
CA THR A 63 6.87 -7.28 11.03
C THR A 63 5.41 -7.33 10.57
N SER A 64 4.99 -8.54 10.22
CA SER A 64 3.58 -8.82 9.87
C SER A 64 3.03 -9.79 10.93
N ILE A 65 1.83 -9.49 11.39
CA ILE A 65 1.17 -10.36 12.35
C ILE A 65 -0.16 -10.80 11.72
N ALA A 66 -0.51 -12.06 11.96
CA ALA A 66 -1.58 -12.67 11.24
C ALA A 66 -2.16 -13.89 11.98
N GLY A 67 -3.49 -14.06 11.89
CA GLY A 67 -4.16 -15.29 12.31
C GLY A 67 -4.17 -16.32 11.19
N LEU A 68 -4.28 -17.59 11.60
CA LEU A 68 -4.17 -18.71 10.69
C LEU A 68 -5.52 -19.46 10.57
N GLY A 69 -6.62 -18.75 10.85
CA GLY A 69 -7.95 -19.27 10.52
C GLY A 69 -8.47 -18.95 9.14
N LEU A 70 -9.57 -19.61 8.78
CA LEU A 70 -10.24 -19.22 7.54
C LEU A 70 -10.90 -17.86 7.69
N ASN A 71 -11.54 -17.68 8.83
CA ASN A 71 -12.19 -16.44 9.18
C ASN A 71 -11.57 -15.73 10.41
N PRO A 72 -11.79 -14.41 10.50
CA PRO A 72 -11.18 -13.55 11.53
C PRO A 72 -11.43 -14.00 12.98
N ASP A 73 -12.64 -14.32 13.33
CA ASP A 73 -12.94 -14.62 14.75
C ASP A 73 -12.37 -15.97 15.23
N ASP A 74 -11.94 -16.80 14.28
CA ASP A 74 -11.25 -18.05 14.62
C ASP A 74 -9.99 -17.85 15.44
N THR A 75 -9.36 -16.69 15.33
CA THR A 75 -8.14 -16.44 16.05
C THR A 75 -8.26 -15.13 16.83
N THR A 76 -8.60 -15.27 18.11
CA THR A 76 -8.97 -14.11 18.94
C THR A 76 -7.97 -13.73 20.04
N PHE A 77 -7.62 -12.45 20.13
CA PHE A 77 -6.73 -11.90 21.16
C PHE A 77 -7.54 -11.11 22.18
N ASN A 78 -7.64 -11.61 23.40
CA ASN A 78 -8.06 -10.75 24.49
C ASN A 78 -6.84 -9.94 24.82
N GLY A 79 -6.67 -8.92 24.01
CA GLY A 79 -5.38 -8.33 23.81
C GLY A 79 -5.44 -7.29 22.71
N ASP A 80 -4.26 -6.88 22.29
CA ASP A 80 -4.11 -5.75 21.39
C ASP A 80 -3.11 -6.09 20.31
N VAL A 81 -3.20 -5.39 19.19
CA VAL A 81 -2.13 -5.36 18.20
C VAL A 81 -1.75 -3.89 18.04
N THR A 82 -0.62 -3.53 18.61
CA THR A 82 -0.32 -2.13 18.82
C THR A 82 0.83 -1.65 17.97
N VAL A 83 0.58 -0.55 17.29
CA VAL A 83 1.63 0.33 16.78
C VAL A 83 1.53 1.72 17.41
N ASP A 84 2.64 2.17 18.01
CA ASP A 84 2.73 3.52 18.58
C ASP A 84 4.05 4.18 18.11
N ALA A 85 4.49 5.25 18.76
CA ALA A 85 5.64 5.99 18.26
C ALA A 85 6.55 6.59 19.33
N GLY A 86 6.49 6.06 20.55
CA GLY A 86 7.46 6.37 21.57
C GLY A 86 8.90 6.41 21.03
N TRP A 87 9.23 5.55 20.08
CA TRP A 87 10.59 5.55 19.56
C TRP A 87 10.96 6.76 18.69
N PHE A 88 9.99 7.63 18.40
CA PHE A 88 10.25 8.88 17.69
C PHE A 88 9.54 10.05 18.33
N ASP A 89 9.36 10.03 19.65
CA ASP A 89 8.95 11.24 20.36
C ASP A 89 7.51 11.57 19.98
N GLY A 90 6.76 10.51 19.71
CA GLY A 90 5.36 10.62 19.39
C GLY A 90 5.04 10.97 17.94
N ASN A 91 6.05 11.04 17.10
CA ASN A 91 5.86 11.35 15.70
C ASN A 91 5.68 10.02 14.94
N ALA A 92 4.51 9.80 14.37
CA ALA A 92 4.22 8.50 13.69
C ALA A 92 4.53 8.48 12.20
N THR A 93 5.11 9.56 11.67
CA THR A 93 5.34 9.69 10.21
C THR A 93 6.41 8.77 9.61
N GLN A 94 7.11 7.99 10.41
CA GLN A 94 8.02 6.98 9.88
C GLN A 94 7.57 5.54 10.29
N ASN A 95 6.29 5.39 10.62
CA ASN A 95 5.78 4.06 11.00
C ASN A 95 5.33 3.23 9.78
N PHE A 96 6.32 2.73 9.07
CA PHE A 96 6.13 2.07 7.77
C PHE A 96 6.35 0.58 7.84
N TRP A 97 5.91 -0.10 6.78
CA TRP A 97 6.34 -1.47 6.42
C TRP A 97 6.04 -2.53 7.47
N ARG A 98 4.76 -2.63 7.81
CA ARG A 98 4.32 -3.67 8.70
C ARG A 98 2.85 -3.99 8.39
N SER A 99 2.31 -5.02 9.01
CA SER A 99 0.91 -5.41 8.68
C SER A 99 0.21 -6.23 9.73
N ALA A 100 -1.11 -6.13 9.73
CA ALA A 100 -1.96 -6.96 10.60
C ALA A 100 -3.05 -7.53 9.78
N GLU A 101 -3.35 -8.81 9.97
CA GLU A 101 -4.48 -9.34 9.30
C GLU A 101 -5.07 -10.64 9.88
N ASN A 102 -6.36 -10.80 9.66
CA ASN A 102 -7.03 -12.09 9.86
C ASN A 102 -7.08 -12.46 11.35
N LEU A 103 -7.28 -11.42 12.16
CA LEU A 103 -7.40 -11.55 13.61
C LEU A 103 -8.64 -10.84 14.17
N ALA A 104 -9.12 -11.37 15.30
CA ALA A 104 -10.11 -10.67 16.13
C ALA A 104 -9.42 -10.15 17.38
N LEU A 105 -9.70 -8.91 17.76
CA LEU A 105 -9.10 -8.32 18.94
C LEU A 105 -10.13 -7.74 19.90
N ASN A 106 -9.87 -8.01 21.18
CA ASN A 106 -10.72 -7.56 22.28
C ASN A 106 -9.79 -6.71 23.13
N PRO A 107 -9.61 -5.43 22.75
CA PRO A 107 -8.52 -4.61 23.34
C PRO A 107 -8.76 -4.32 24.81
N VAL A 108 -7.67 -4.12 25.56
CA VAL A 108 -7.71 -4.25 27.01
C VAL A 108 -8.41 -3.07 27.66
N ASN A 109 -8.36 -1.90 27.03
CA ASN A 109 -9.12 -0.76 27.53
C ASN A 109 -10.28 -0.38 26.63
N GLY A 110 -10.55 -1.20 25.62
CA GLY A 110 -11.67 -0.97 24.72
C GLY A 110 -11.27 -0.40 23.37
N THR A 111 -10.16 0.34 23.31
CA THR A 111 -9.58 0.78 22.03
C THR A 111 -8.26 0.11 21.71
N ASN A 112 -8.12 -0.34 20.46
CA ASN A 112 -6.85 -0.80 19.94
C ASN A 112 -6.15 0.38 19.21
N ARG A 113 -4.85 0.50 19.42
CA ARG A 113 -4.05 1.52 18.71
C ARG A 113 -3.31 0.91 17.53
N TRP A 114 -3.46 1.54 16.35
CA TRP A 114 -2.73 1.21 15.12
C TRP A 114 -2.28 2.53 14.48
N ALA A 115 -1.26 3.13 15.07
CA ALA A 115 -0.84 4.50 14.73
C ALA A 115 0.27 4.41 13.71
N VAL A 116 -0.16 4.14 12.50
CA VAL A 116 0.77 3.86 11.43
C VAL A 116 0.82 5.03 10.42
N SER A 117 1.80 4.96 9.54
CA SER A 117 1.78 5.79 8.35
C SER A 117 1.72 4.86 7.14
N GLN A 118 2.49 5.15 6.07
CA GLN A 118 2.33 4.41 4.82
C GLN A 118 2.82 2.95 4.87
N ALA A 119 2.26 2.13 3.99
CA ALA A 119 2.60 0.72 3.83
C ALA A 119 2.43 -0.06 5.14
N ALA A 120 1.27 0.11 5.74
CA ALA A 120 0.98 -0.52 7.03
C ALA A 120 -0.45 -1.07 7.06
N PRO A 121 -0.78 -1.93 6.09
CA PRO A 121 -2.15 -2.41 5.90
C PRO A 121 -2.72 -3.18 7.11
N PHE A 122 -4.03 -3.02 7.25
CA PHE A 122 -4.87 -3.56 8.33
C PHE A 122 -6.04 -4.21 7.57
N ARG A 123 -5.97 -5.53 7.43
CA ARG A 123 -6.90 -6.26 6.58
C ARG A 123 -7.57 -7.43 7.30
N ARG A 124 -8.84 -7.66 6.97
CA ARG A 124 -9.62 -8.79 7.49
C ARG A 124 -9.43 -8.89 9.00
N MET A 125 -9.71 -7.77 9.65
CA MET A 125 -9.65 -7.66 11.09
C MET A 125 -11.03 -7.47 11.70
N HIS A 126 -11.21 -8.03 12.88
CA HIS A 126 -12.39 -7.74 13.70
C HIS A 126 -11.96 -7.11 15.04
N VAL A 127 -12.30 -5.85 15.23
CA VAL A 127 -11.97 -5.16 16.47
C VAL A 127 -13.25 -5.06 17.26
N LYS A 128 -13.27 -5.80 18.37
CA LYS A 128 -14.41 -5.82 19.26
C LYS A 128 -14.29 -4.60 20.18
N GLY A 129 -14.38 -3.41 19.59
CA GLY A 129 -14.25 -2.18 20.35
C GLY A 129 -13.84 -1.09 19.39
N GLY A 130 -13.11 -0.13 19.94
CA GLY A 130 -12.61 1.01 19.19
C GLY A 130 -11.26 0.81 18.52
N LEU A 131 -10.95 1.71 17.59
CA LEU A 131 -9.67 1.70 16.90
C LEU A 131 -9.12 3.14 16.79
N ASN A 132 -8.01 3.37 17.48
CA ASN A 132 -7.31 4.67 17.58
C ASN A 132 -6.15 4.65 16.60
N LEU A 133 -6.24 5.46 15.54
CA LEU A 133 -5.18 5.52 14.52
C LEU A 133 -4.07 6.55 14.84
N ALA A 134 -4.22 7.19 15.99
CA ALA A 134 -3.33 8.24 16.44
C ALA A 134 -2.28 7.78 17.46
N PRO A 135 -1.04 8.29 17.37
CA PRO A 135 -0.03 7.95 18.37
C PRO A 135 -0.39 8.49 19.74
N ASP A 136 0.05 7.80 20.79
CA ASP A 136 -0.23 8.29 22.14
C ASP A 136 0.51 9.62 22.15
N GLY A 137 -0.23 10.71 22.35
CA GLY A 137 0.36 12.04 22.30
C GLY A 137 -0.18 12.89 21.20
N TYR A 138 -0.67 12.28 20.11
CA TYR A 138 -1.52 12.97 19.12
C TYR A 138 -0.68 13.69 18.06
N GLY A 139 0.60 13.34 18.04
CA GLY A 139 1.53 13.92 17.08
C GLY A 139 1.21 13.46 15.65
N TRP A 140 2.15 13.74 14.75
CA TRP A 140 1.88 13.66 13.35
C TRP A 140 1.72 12.21 12.83
N ALA A 141 1.05 12.07 11.69
CA ALA A 141 0.84 10.76 11.04
C ALA A 141 0.16 10.91 9.64
N SER A 142 0.62 10.12 8.64
CA SER A 142 0.02 10.04 7.28
C SER A 142 -0.15 8.58 6.90
N GLY A 143 -1.15 7.93 7.49
CA GLY A 143 -1.64 6.66 7.00
C GLY A 143 -2.52 6.90 5.78
N GLY A 144 -3.27 5.91 5.35
CA GLY A 144 -3.35 4.61 5.99
C GLY A 144 -4.43 3.83 5.27
N TYR A 145 -4.56 2.55 5.61
CA TYR A 145 -5.31 1.62 4.80
C TYR A 145 -5.94 0.52 5.61
N ILE A 146 -7.27 0.50 5.53
CA ILE A 146 -8.10 -0.54 6.16
C ILE A 146 -9.01 -1.14 5.08
N ALA A 147 -8.95 -2.47 4.96
CA ALA A 147 -9.87 -3.21 4.10
C ALA A 147 -10.45 -4.43 4.76
N ASP A 148 -11.66 -4.73 4.36
CA ASP A 148 -12.31 -5.99 4.73
C ASP A 148 -12.33 -6.21 6.22
N SER A 149 -12.58 -5.12 6.95
CA SER A 149 -12.51 -5.14 8.40
C SER A 149 -13.78 -4.67 9.09
N LYS A 150 -14.00 -5.26 10.25
CA LYS A 150 -15.08 -4.86 11.12
C LYS A 150 -14.49 -4.23 12.38
N ILE A 151 -14.90 -2.99 12.66
CA ILE A 151 -14.56 -2.31 13.92
C ILE A 151 -15.90 -2.09 14.59
N ASP A 152 -16.15 -2.84 15.65
CA ASP A 152 -17.42 -2.73 16.38
C ASP A 152 -17.71 -1.30 16.79
N GLY A 153 -16.71 -0.58 17.31
CA GLY A 153 -16.94 0.77 17.82
C GLY A 153 -16.49 1.87 16.86
N GLU A 154 -16.05 2.99 17.44
CA GLU A 154 -15.60 4.17 16.71
C GLU A 154 -14.16 4.00 16.19
N VAL A 155 -13.92 4.35 14.92
CA VAL A 155 -12.57 4.59 14.43
C VAL A 155 -12.21 6.08 14.66
N GLY A 156 -11.08 6.32 15.29
CA GLY A 156 -10.67 7.67 15.66
C GLY A 156 -9.35 8.05 15.03
N PRO A 157 -9.40 8.85 13.95
CA PRO A 157 -8.16 9.20 13.26
C PRO A 157 -7.33 10.19 14.07
N TYR A 158 -8.01 11.03 14.86
CA TYR A 158 -7.40 12.20 15.53
C TYR A 158 -6.46 13.00 14.60
N SER A 159 -5.14 12.86 14.77
CA SER A 159 -4.17 13.65 14.00
C SER A 159 -3.81 13.06 12.61
N GLN A 160 -4.36 11.89 12.25
CA GLN A 160 -4.13 11.38 10.89
C GLN A 160 -4.53 12.35 9.79
N GLN A 161 -3.60 12.64 8.88
CA GLN A 161 -3.88 13.55 7.80
C GLN A 161 -4.95 13.06 6.83
N GLN A 162 -4.83 11.80 6.48
CA GLN A 162 -5.68 11.22 5.46
C GLN A 162 -5.78 9.72 5.71
N TRP A 163 -6.79 9.09 5.11
CA TRP A 163 -7.03 7.66 5.32
C TRP A 163 -7.92 7.10 4.22
N TYR A 164 -7.69 5.82 3.87
CA TYR A 164 -8.60 5.08 3.00
C TYR A 164 -9.11 3.81 3.66
N THR A 165 -10.42 3.68 3.59
CA THR A 165 -11.12 2.51 4.10
C THR A 165 -12.02 1.93 2.99
N ARG A 166 -11.93 0.62 2.79
CA ARG A 166 -12.82 -0.03 1.81
C ARG A 166 -13.47 -1.31 2.31
N ASP A 167 -14.69 -1.53 1.80
CA ASP A 167 -15.37 -2.80 1.93
C ASP A 167 -15.31 -3.33 3.36
N SER A 168 -15.97 -2.58 4.21
CA SER A 168 -15.84 -2.68 5.67
C SER A 168 -17.06 -2.17 6.42
N SER A 169 -17.04 -2.39 7.74
CA SER A 169 -18.02 -1.83 8.66
C SER A 169 -17.29 -1.18 9.83
N VAL A 170 -17.79 -0.05 10.29
CA VAL A 170 -17.30 0.58 11.52
C VAL A 170 -18.50 0.98 12.42
N GLY A 171 -18.32 0.91 13.72
CA GLY A 171 -19.32 1.43 14.66
C GLY A 171 -19.48 2.94 14.61
N GLY A 172 -18.41 3.61 14.22
CA GLY A 172 -18.39 5.06 14.25
C GLY A 172 -17.11 5.51 13.60
N TRP A 173 -17.08 6.80 13.23
CA TRP A 173 -15.91 7.42 12.63
C TRP A 173 -15.91 8.84 13.12
N GLY A 174 -14.80 9.28 13.70
CA GLY A 174 -14.82 10.40 14.63
C GLY A 174 -14.34 11.76 14.14
N ASN A 175 -13.44 11.80 13.15
CA ASN A 175 -13.01 13.09 12.59
C ASN A 175 -12.34 12.91 11.23
N GLY A 176 -12.18 14.04 10.54
CA GLY A 176 -11.31 14.18 9.40
C GLY A 176 -10.54 15.50 9.45
N VAL A 177 -9.37 15.48 8.80
CA VAL A 177 -8.29 16.47 8.86
C VAL A 177 -8.16 16.97 7.41
N TRP A 178 -7.48 16.21 6.54
CA TRP A 178 -7.40 16.54 5.10
C TRP A 178 -8.17 15.65 4.09
N ASN A 179 -8.23 14.31 4.29
CA ASN A 179 -8.83 13.45 3.29
C ASN A 179 -9.12 12.03 3.81
N MET A 180 -10.31 11.87 4.39
CA MET A 180 -10.76 10.56 4.86
C MET A 180 -11.72 10.03 3.80
N THR A 181 -11.24 9.08 2.97
CA THR A 181 -12.01 8.51 1.85
C THR A 181 -12.48 7.06 2.16
N PHE A 182 -13.72 6.78 1.77
CA PHE A 182 -14.38 5.50 1.99
C PHE A 182 -15.01 4.94 0.69
N SER A 183 -14.87 3.64 0.47
CA SER A 183 -15.71 3.00 -0.55
C SER A 183 -16.24 1.68 -0.01
N GLY A 184 -17.55 1.48 -0.12
CA GLY A 184 -18.15 0.24 0.36
C GLY A 184 -18.07 0.03 1.87
N VAL A 185 -18.08 1.13 2.61
CA VAL A 185 -17.97 1.07 4.06
C VAL A 185 -19.32 1.31 4.75
N GLU A 186 -19.91 0.25 5.28
CA GLU A 186 -21.09 0.39 6.14
C GLU A 186 -20.69 1.20 7.34
N GLY A 187 -21.52 2.17 7.68
CA GLY A 187 -21.20 3.04 8.79
C GLY A 187 -20.35 4.24 8.39
N ALA A 188 -19.94 4.38 7.13
CA ALA A 188 -19.17 5.59 6.77
C ALA A 188 -20.03 6.81 6.93
N PRO A 189 -19.41 7.89 7.45
CA PRO A 189 -20.15 9.15 7.46
C PRO A 189 -20.49 9.57 6.03
N ALA A 190 -21.56 10.33 5.90
CA ALA A 190 -22.01 10.83 4.60
C ALA A 190 -20.96 11.68 3.87
N GLN A 191 -21.07 11.66 2.56
CA GLN A 191 -20.31 12.54 1.69
C GLN A 191 -20.51 14.00 2.13
N SER A 192 -19.43 14.68 2.49
CA SER A 192 -19.55 16.09 2.87
C SER A 192 -18.34 16.95 2.52
N PHE A 193 -17.43 16.46 1.68
CA PHE A 193 -16.25 17.25 1.30
C PHE A 193 -16.84 18.58 0.80
N PRO A 194 -16.34 19.73 1.31
CA PRO A 194 -15.05 19.88 2.01
C PRO A 194 -15.10 20.16 3.54
N GLU A 195 -16.13 19.73 4.23
CA GLU A 195 -16.08 19.80 5.69
C GLU A 195 -17.19 19.01 6.40
N PRO A 196 -16.80 17.94 7.10
CA PRO A 196 -15.46 17.35 7.06
C PRO A 196 -15.07 16.91 5.66
N PRO A 197 -13.78 16.66 5.44
CA PRO A 197 -13.31 16.24 4.12
C PRO A 197 -13.52 14.74 3.95
N TYR A 198 -14.78 14.35 3.99
CA TYR A 198 -15.18 12.98 3.80
C TYR A 198 -15.56 12.83 2.34
N THR A 199 -14.90 11.86 1.69
CA THR A 199 -15.24 11.41 0.36
C THR A 199 -15.81 10.00 0.46
N THR A 200 -17.10 9.83 0.13
CA THR A 200 -17.81 8.60 0.51
C THR A 200 -18.52 8.00 -0.68
N LEU A 201 -18.07 6.81 -1.07
CA LEU A 201 -18.64 6.04 -2.17
C LEU A 201 -19.39 4.79 -1.59
N GLU A 202 -20.61 4.55 -2.05
CA GLU A 202 -21.42 3.47 -1.49
C GLU A 202 -20.79 2.12 -1.72
N THR A 203 -20.29 1.94 -2.91
CA THR A 203 -19.74 0.66 -3.28
C THR A 203 -18.33 0.80 -3.85
N THR A 204 -17.54 -0.25 -3.67
CA THR A 204 -16.25 -0.35 -4.38
C THR A 204 -16.40 -1.03 -5.75
N PRO A 205 -16.01 -0.35 -6.82
CA PRO A 205 -16.20 -0.82 -8.21
C PRO A 205 -15.85 -2.29 -8.45
N VAL A 206 -14.58 -2.63 -8.24
CA VAL A 206 -14.16 -4.00 -8.14
C VAL A 206 -13.16 -4.12 -7.00
N SER A 207 -13.27 -5.23 -6.32
CA SER A 207 -12.40 -5.57 -5.20
C SER A 207 -12.22 -7.07 -5.16
N ARG A 208 -11.04 -7.48 -4.70
CA ARG A 208 -10.73 -8.87 -4.50
C ARG A 208 -9.77 -8.96 -3.34
N GLU A 209 -10.18 -9.64 -2.28
CA GLU A 209 -9.38 -9.67 -1.07
C GLU A 209 -8.02 -10.35 -1.29
N LYS A 210 -7.03 -9.83 -0.58
CA LYS A 210 -5.67 -10.37 -0.63
C LYS A 210 -5.60 -11.84 -0.15
N PRO A 211 -4.87 -12.69 -0.89
CA PRO A 211 -4.63 -14.05 -0.40
C PRO A 211 -3.87 -14.05 0.92
N PHE A 212 -3.92 -15.14 1.66
CA PHE A 212 -3.22 -15.26 2.96
C PHE A 212 -3.11 -16.73 3.39
N LEU A 213 -2.10 -17.02 4.20
CA LEU A 213 -1.92 -18.33 4.78
C LEU A 213 -3.02 -18.67 5.81
N TYR A 214 -3.37 -19.93 5.89
CA TYR A 214 -4.14 -20.38 7.06
C TYR A 214 -3.87 -21.85 7.30
N LEU A 215 -4.64 -22.43 8.23
CA LEU A 215 -4.56 -23.85 8.49
C LEU A 215 -5.91 -24.51 8.31
N ASP A 216 -5.99 -25.37 7.27
CA ASP A 216 -7.17 -26.18 6.89
C ASP A 216 -7.11 -27.39 7.81
N GLY A 217 -6.71 -27.11 9.07
CA GLY A 217 -6.60 -28.07 10.16
C GLY A 217 -5.16 -28.01 10.71
N ASP A 218 -4.37 -29.03 10.40
CA ASP A 218 -2.91 -29.03 10.58
C ASP A 218 -2.26 -29.09 9.17
N ASP A 219 -3.12 -28.96 8.15
CA ASP A 219 -2.70 -28.75 6.76
C ASP A 219 -2.82 -27.26 6.31
N TYR A 220 -1.67 -26.62 6.09
CA TYR A 220 -1.61 -25.26 5.53
C TYR A 220 -2.20 -25.14 4.11
N LYS A 221 -3.06 -24.15 3.92
CA LYS A 221 -3.54 -23.76 2.59
C LYS A 221 -3.52 -22.22 2.50
N VAL A 222 -3.58 -21.71 1.27
CA VAL A 222 -3.64 -20.26 1.02
C VAL A 222 -5.02 -19.96 0.37
N PHE A 223 -5.82 -19.08 1.02
CA PHE A 223 -7.18 -18.75 0.56
C PHE A 223 -7.16 -17.68 -0.52
N VAL A 224 -8.05 -17.78 -1.49
CA VAL A 224 -8.05 -16.90 -2.67
C VAL A 224 -9.51 -16.53 -2.99
N PRO A 225 -9.97 -15.41 -2.42
CA PRO A 225 -11.35 -14.96 -2.70
C PRO A 225 -11.49 -14.60 -4.15
N ALA A 226 -12.67 -14.86 -4.71
CA ALA A 226 -13.10 -14.29 -5.99
C ALA A 226 -13.35 -12.77 -5.86
N LYS A 227 -13.30 -12.07 -7.00
CA LYS A 227 -13.62 -10.63 -7.02
C LYS A 227 -15.11 -10.43 -6.65
N ARG A 228 -15.36 -9.28 -6.06
CA ARG A 228 -16.67 -8.74 -5.78
C ARG A 228 -16.90 -7.54 -6.67
N THR A 229 -18.14 -7.30 -7.08
CA THR A 229 -18.42 -6.03 -7.75
C THR A 229 -19.52 -5.19 -7.08
N ASN A 230 -19.20 -3.93 -6.92
CA ASN A 230 -19.94 -3.03 -6.07
C ASN A 230 -19.93 -3.64 -4.66
N ALA A 231 -18.70 -3.89 -4.18
CA ALA A 231 -18.47 -4.39 -2.85
C ALA A 231 -18.90 -3.42 -1.75
N ARG A 232 -19.43 -4.01 -0.70
CA ARG A 232 -19.77 -3.25 0.49
C ARG A 232 -19.79 -4.19 1.65
N GLY A 233 -19.28 -3.73 2.79
CA GLY A 233 -19.19 -4.56 4.00
C GLY A 233 -18.13 -5.63 3.83
N THR A 234 -18.06 -6.56 4.78
CA THR A 234 -16.94 -7.49 4.83
C THR A 234 -17.24 -8.77 4.02
N SER A 235 -16.17 -9.49 3.67
CA SER A 235 -16.32 -10.65 2.82
C SER A 235 -16.59 -11.92 3.65
N TRP A 236 -16.41 -11.84 4.96
CA TRP A 236 -16.27 -13.04 5.79
C TRP A 236 -17.37 -13.26 6.82
N GLY A 237 -17.94 -12.19 7.33
CA GLY A 237 -18.84 -12.39 8.47
C GLY A 237 -20.29 -12.58 8.11
N ASN A 238 -20.64 -13.61 7.34
CA ASN A 238 -22.02 -14.07 7.24
C ASN A 238 -22.12 -15.60 7.23
N GLY A 239 -21.29 -16.32 8.02
CA GLY A 239 -21.01 -17.74 7.78
C GLY A 239 -19.94 -18.12 6.74
N THR A 240 -20.40 -18.33 5.49
CA THR A 240 -19.61 -18.96 4.40
C THR A 240 -19.04 -18.04 3.23
N PRO A 241 -17.75 -17.61 3.35
CA PRO A 241 -17.34 -16.81 2.19
C PRO A 241 -16.72 -17.66 1.09
N GLU A 242 -16.50 -17.09 -0.08
CA GLU A 242 -16.02 -17.94 -1.13
C GLU A 242 -14.63 -17.64 -1.67
N GLY A 243 -14.07 -18.69 -2.25
CA GLY A 243 -13.02 -18.57 -3.24
C GLY A 243 -12.28 -19.85 -3.55
N GLU A 244 -10.94 -19.75 -3.51
CA GLU A 244 -10.07 -20.90 -3.72
C GLU A 244 -9.21 -21.26 -2.52
N SER A 245 -8.93 -22.56 -2.38
CA SER A 245 -7.86 -23.00 -1.51
C SER A 245 -6.75 -23.68 -2.33
N LEU A 246 -5.51 -23.45 -1.88
CA LEU A 246 -4.29 -23.81 -2.59
C LEU A 246 -3.30 -24.40 -1.59
N PRO A 247 -3.17 -25.73 -1.58
CA PRO A 247 -2.29 -26.36 -0.58
C PRO A 247 -0.83 -25.89 -0.68
N LEU A 248 -0.11 -25.96 0.45
CA LEU A 248 1.21 -25.39 0.55
C LEU A 248 2.11 -26.09 -0.45
N ASP A 249 1.76 -27.35 -0.75
CA ASP A 249 2.48 -28.10 -1.79
C ASP A 249 2.15 -27.63 -3.23
N GLN A 250 1.43 -26.52 -3.35
CA GLN A 250 1.29 -25.84 -4.64
C GLN A 250 2.25 -24.69 -4.81
N PHE A 251 2.94 -24.36 -3.74
CA PHE A 251 3.79 -23.19 -3.69
C PHE A 251 5.23 -23.60 -3.65
N TYR A 252 6.00 -23.12 -4.62
CA TYR A 252 7.42 -23.01 -4.39
C TYR A 252 7.57 -22.08 -3.17
N VAL A 253 7.99 -22.66 -2.06
CA VAL A 253 8.28 -21.87 -0.88
C VAL A 253 9.71 -21.32 -0.87
N VAL A 254 9.86 -20.14 -1.47
CA VAL A 254 11.11 -19.35 -1.56
C VAL A 254 11.82 -18.91 -0.25
N LYS A 255 13.11 -19.23 -0.11
CA LYS A 255 13.92 -18.87 1.08
C LYS A 255 15.26 -18.16 0.70
N PRO A 256 15.81 -17.32 1.61
CA PRO A 256 17.17 -16.78 1.41
C PRO A 256 18.13 -17.84 0.91
N GLY A 257 18.71 -17.59 -0.26
CA GLY A 257 19.45 -18.59 -1.01
C GLY A 257 18.81 -18.93 -2.36
N ALA A 258 17.62 -18.39 -2.61
CA ALA A 258 16.86 -18.64 -3.85
C ALA A 258 17.19 -17.66 -4.99
N THR A 259 16.71 -17.94 -6.21
CA THR A 259 17.04 -17.15 -7.41
C THR A 259 15.92 -17.01 -8.44
N ALA A 260 15.99 -15.97 -9.29
CA ALA A 260 14.93 -15.75 -10.27
C ALA A 260 14.91 -16.87 -11.35
N GLU A 261 16.07 -17.47 -11.67
CA GLU A 261 16.06 -18.67 -12.55
C GLU A 261 15.33 -19.83 -11.81
N THR A 262 15.55 -20.03 -10.50
CA THR A 262 14.81 -21.11 -9.81
C THR A 262 13.39 -20.68 -9.43
N ILE A 263 13.14 -19.38 -9.42
CA ILE A 263 11.81 -18.90 -9.12
C ILE A 263 10.94 -18.94 -10.40
N ASN A 264 11.44 -18.39 -11.50
CA ASN A 264 10.78 -18.48 -12.83
C ASN A 264 10.58 -19.92 -13.30
N ALA A 265 11.59 -20.75 -13.06
CA ALA A 265 11.49 -22.17 -13.35
C ALA A 265 10.37 -22.82 -12.54
N ALA A 266 10.12 -22.32 -11.31
CA ALA A 266 9.02 -22.84 -10.52
C ALA A 266 7.65 -22.45 -11.11
N VAL A 267 7.50 -21.17 -11.52
CA VAL A 267 6.20 -20.71 -12.06
C VAL A 267 5.77 -21.47 -13.31
N ASP A 268 6.76 -21.78 -14.15
CA ASP A 268 6.55 -22.56 -15.36
C ASP A 268 5.95 -23.94 -15.08
N GLN A 269 6.33 -24.53 -13.96
CA GLN A 269 5.99 -25.92 -13.66
C GLN A 269 4.71 -26.01 -12.83
N GLY A 270 3.97 -24.92 -12.86
CA GLY A 270 2.65 -24.91 -12.30
C GLY A 270 2.62 -24.56 -10.83
N LEU A 271 3.75 -24.17 -10.24
CA LEU A 271 3.73 -23.77 -8.84
C LEU A 271 3.56 -22.27 -8.60
N HIS A 272 2.96 -21.97 -7.47
CA HIS A 272 2.72 -20.62 -7.00
C HIS A 272 3.98 -20.25 -6.23
N LEU A 273 4.06 -19.00 -5.75
CA LEU A 273 5.27 -18.53 -5.06
C LEU A 273 4.88 -18.01 -3.71
N LEU A 274 5.64 -18.42 -2.68
CA LEU A 274 5.45 -17.91 -1.34
C LEU A 274 6.79 -17.48 -0.84
N PHE A 275 6.97 -16.17 -0.74
CA PHE A 275 8.23 -15.64 -0.29
C PHE A 275 8.20 -15.56 1.22
N THR A 276 9.14 -16.23 1.87
CA THR A 276 9.27 -16.11 3.30
C THR A 276 9.96 -14.77 3.64
N PRO A 277 9.93 -14.38 4.91
CA PRO A 277 10.49 -13.08 5.26
C PRO A 277 11.99 -13.08 5.07
N GLY A 278 12.45 -12.08 4.37
CA GLY A 278 13.87 -11.91 4.11
C GLY A 278 14.04 -11.06 2.86
N VAL A 279 15.28 -11.04 2.37
CA VAL A 279 15.71 -10.15 1.31
C VAL A 279 16.35 -10.93 0.16
N TYR A 280 15.79 -10.79 -1.02
CA TYR A 280 16.23 -11.55 -2.19
C TYR A 280 16.84 -10.61 -3.25
N HIS A 281 18.07 -10.87 -3.64
CA HIS A 281 18.68 -10.14 -4.74
C HIS A 281 18.41 -10.99 -5.95
N VAL A 282 18.20 -10.35 -7.10
CA VAL A 282 18.03 -11.05 -8.37
C VAL A 282 18.82 -10.30 -9.42
N ASP A 283 19.29 -10.97 -10.48
CA ASP A 283 19.91 -10.26 -11.61
C ASP A 283 19.40 -10.80 -12.92
N GLN A 284 18.22 -11.37 -12.83
CA GLN A 284 17.33 -11.42 -13.94
C GLN A 284 15.94 -11.13 -13.36
N PRO A 285 15.03 -10.64 -14.21
CA PRO A 285 13.69 -10.36 -13.69
C PRO A 285 12.98 -11.65 -13.30
N ILE A 286 12.23 -11.58 -12.22
CA ILE A 286 11.22 -12.57 -11.96
C ILE A 286 10.12 -12.40 -13.01
N GLU A 287 9.70 -13.53 -13.61
CA GLU A 287 8.75 -13.51 -14.72
C GLU A 287 7.57 -14.40 -14.31
N ILE A 288 6.36 -13.85 -14.26
CA ILE A 288 5.18 -14.62 -13.99
C ILE A 288 4.28 -14.61 -15.20
N ASP A 289 4.35 -15.70 -15.95
CA ASP A 289 3.66 -15.81 -17.23
C ASP A 289 2.75 -17.07 -17.30
N ARG A 290 2.19 -17.44 -16.16
CA ARG A 290 1.09 -18.40 -16.07
C ARG A 290 -0.17 -17.79 -15.41
N ALA A 291 -1.31 -17.97 -16.06
CA ALA A 291 -2.54 -17.44 -15.54
C ALA A 291 -2.81 -17.96 -14.13
N ASN A 292 -3.42 -17.12 -13.29
CA ASN A 292 -3.85 -17.45 -11.91
C ASN A 292 -2.73 -17.74 -10.89
N THR A 293 -1.51 -17.41 -11.25
CA THR A 293 -0.38 -17.53 -10.33
C THR A 293 -0.51 -16.58 -9.14
N VAL A 294 -0.47 -17.12 -7.94
CA VAL A 294 -0.42 -16.34 -6.70
C VAL A 294 1.03 -16.20 -6.32
N ALA A 295 1.44 -14.96 -6.04
CA ALA A 295 2.77 -14.66 -5.55
C ALA A 295 2.69 -13.83 -4.27
N LEU A 296 2.70 -14.54 -3.15
CA LEU A 296 2.42 -13.97 -1.83
C LEU A 296 3.68 -13.85 -0.99
N GLY A 297 3.94 -12.66 -0.48
CA GLY A 297 5.03 -12.44 0.47
C GLY A 297 4.64 -12.46 1.94
N LEU A 298 5.57 -12.89 2.77
CA LEU A 298 5.47 -12.78 4.22
C LEU A 298 6.58 -11.92 4.82
N GLY A 299 6.32 -11.44 6.02
CA GLY A 299 7.29 -10.72 6.80
C GLY A 299 7.98 -9.58 6.05
N LEU A 300 7.21 -8.87 5.22
CA LEU A 300 7.72 -7.79 4.37
C LEU A 300 8.87 -8.28 3.45
N ALA A 301 8.78 -9.53 3.02
CA ALA A 301 9.65 -10.07 2.00
C ALA A 301 9.97 -9.06 0.89
N THR A 302 11.25 -8.97 0.60
CA THR A 302 11.81 -7.91 -0.22
C THR A 302 12.65 -8.42 -1.38
N ILE A 303 12.44 -7.80 -2.56
CA ILE A 303 13.13 -8.13 -3.79
C ILE A 303 13.97 -6.92 -4.22
N ILE A 304 15.29 -7.13 -4.37
CA ILE A 304 16.22 -6.11 -4.84
C ILE A 304 16.79 -6.52 -6.21
N PRO A 305 16.62 -5.68 -7.23
CA PRO A 305 17.16 -6.07 -8.53
C PRO A 305 18.56 -5.54 -8.65
N ASP A 306 19.48 -6.47 -8.84
CA ASP A 306 20.87 -6.16 -9.14
C ASP A 306 21.10 -5.81 -10.62
N ASN A 307 22.23 -5.15 -10.93
CA ASN A 307 22.66 -4.97 -12.32
C ASN A 307 21.70 -4.18 -13.22
N GLY A 308 20.80 -3.40 -12.61
CA GLY A 308 19.86 -2.56 -13.35
C GLY A 308 18.68 -3.30 -13.98
N VAL A 309 18.51 -4.58 -13.61
CA VAL A 309 17.38 -5.32 -14.16
C VAL A 309 16.05 -4.90 -13.54
N THR A 310 14.98 -5.28 -14.20
CA THR A 310 13.64 -5.18 -13.64
C THR A 310 13.45 -6.31 -12.62
N ALA A 311 12.86 -6.01 -11.47
CA ALA A 311 12.61 -7.00 -10.44
C ALA A 311 11.51 -8.03 -10.76
N LEU A 312 10.37 -7.54 -11.26
CA LEU A 312 9.19 -8.36 -11.46
C LEU A 312 8.50 -7.95 -12.75
N LYS A 313 8.24 -8.95 -13.58
CA LYS A 313 7.43 -8.76 -14.76
C LYS A 313 6.29 -9.80 -14.72
N VAL A 314 5.08 -9.34 -14.97
CA VAL A 314 3.91 -10.23 -15.14
C VAL A 314 3.56 -10.20 -16.61
N GLY A 315 3.33 -11.39 -17.17
CA GLY A 315 3.09 -11.52 -18.60
C GLY A 315 1.63 -11.13 -18.89
N ASP A 316 1.19 -11.34 -20.13
CA ASP A 316 -0.11 -10.86 -20.55
C ASP A 316 -1.19 -11.94 -20.26
N VAL A 317 -1.46 -12.17 -18.97
CA VAL A 317 -2.36 -13.27 -18.60
C VAL A 317 -3.32 -12.92 -17.46
N ASP A 318 -4.43 -13.63 -17.42
CA ASP A 318 -5.46 -13.50 -16.40
C ASP A 318 -4.94 -13.89 -15.00
N GLY A 319 -5.49 -13.24 -13.97
CA GLY A 319 -5.60 -13.85 -12.68
C GLY A 319 -4.35 -13.85 -11.77
N VAL A 320 -3.29 -13.14 -12.14
CA VAL A 320 -2.06 -13.14 -11.34
C VAL A 320 -2.31 -12.27 -10.11
N LYS A 321 -2.02 -12.80 -8.93
CA LYS A 321 -2.26 -12.12 -7.65
C LYS A 321 -0.92 -11.98 -6.92
N VAL A 322 -0.36 -10.78 -7.03
CA VAL A 322 0.89 -10.42 -6.38
C VAL A 322 0.53 -9.68 -5.12
N ALA A 323 1.05 -10.16 -4.00
CA ALA A 323 0.72 -9.55 -2.69
C ALA A 323 1.86 -9.57 -1.67
N GLY A 324 1.98 -8.47 -0.94
CA GLY A 324 2.80 -8.40 0.25
C GLY A 324 4.30 -8.45 0.02
N LEU A 325 4.77 -7.68 -0.97
CA LEU A 325 6.20 -7.59 -1.27
C LEU A 325 6.68 -6.13 -1.24
N LEU A 326 7.91 -5.95 -0.79
CA LEU A 326 8.62 -4.72 -1.01
C LEU A 326 9.57 -4.97 -2.16
N VAL A 327 9.61 -4.04 -3.10
CA VAL A 327 10.63 -4.02 -4.15
C VAL A 327 11.56 -2.83 -3.89
N ASP A 328 12.85 -3.10 -3.70
CA ASP A 328 13.80 -2.14 -3.19
C ASP A 328 14.87 -1.90 -4.26
N ALA A 329 14.96 -0.68 -4.80
CA ALA A 329 15.85 -0.42 -5.91
C ALA A 329 17.31 -0.65 -5.55
N GLY A 330 18.07 -1.17 -6.51
CA GLY A 330 19.52 -1.19 -6.42
C GLY A 330 20.12 0.16 -6.80
N PRO A 331 21.37 0.39 -6.42
CA PRO A 331 21.99 1.65 -6.82
C PRO A 331 22.36 1.71 -8.31
N VAL A 332 22.47 0.58 -9.00
CA VAL A 332 22.49 0.60 -10.48
C VAL A 332 21.08 0.89 -10.98
N ASN A 333 20.95 1.97 -11.75
CA ASN A 333 19.65 2.38 -12.23
C ASN A 333 18.93 1.25 -12.96
N SER A 334 17.71 0.94 -12.49
CA SER A 334 16.80 0.12 -13.27
C SER A 334 15.85 0.93 -14.14
N GLU A 335 15.72 0.53 -15.40
CA GLU A 335 14.74 1.14 -16.28
C GLU A 335 13.32 1.04 -15.74
N THR A 336 12.94 -0.15 -15.30
CA THR A 336 11.71 -0.33 -14.57
C THR A 336 11.95 -1.23 -13.36
N LEU A 337 11.13 -1.09 -12.32
CA LEU A 337 11.15 -2.04 -11.22
C LEU A 337 10.11 -3.18 -11.32
N VAL A 338 8.89 -2.84 -11.79
CA VAL A 338 7.79 -3.78 -11.82
C VAL A 338 6.94 -3.45 -13.05
N GLU A 339 6.86 -4.41 -13.99
CA GLU A 339 5.98 -4.27 -15.15
C GLU A 339 4.84 -5.30 -15.08
N VAL A 340 3.64 -4.80 -15.29
CA VAL A 340 2.45 -5.61 -15.26
C VAL A 340 1.95 -5.64 -16.70
N GLY A 341 2.24 -6.75 -17.41
CA GLY A 341 1.95 -6.90 -18.83
C GLY A 341 3.00 -6.27 -19.76
N SER A 342 2.88 -6.53 -21.07
CA SER A 342 3.87 -6.05 -22.02
C SER A 342 3.45 -4.74 -22.74
N ASP A 343 4.38 -4.15 -23.48
CA ASP A 343 4.21 -2.84 -24.11
C ASP A 343 3.04 -2.81 -25.11
N GLY A 344 2.01 -2.01 -24.80
CA GLY A 344 0.82 -1.97 -25.62
C GLY A 344 -0.11 -3.22 -25.47
N ALA A 345 -0.10 -3.79 -24.28
CA ALA A 345 -0.90 -4.95 -23.95
C ALA A 345 -2.36 -4.65 -24.22
N SER A 346 -2.85 -5.40 -25.18
CA SER A 346 -4.13 -5.17 -25.79
C SER A 346 -5.23 -6.11 -25.24
N GLY A 347 -4.86 -7.29 -24.80
CA GLY A 347 -5.93 -8.21 -24.42
C GLY A 347 -6.63 -7.77 -23.16
N ASP A 348 -7.86 -8.25 -22.97
CA ASP A 348 -8.61 -8.03 -21.73
C ASP A 348 -8.29 -8.98 -20.57
N HIS A 349 -8.74 -8.61 -19.38
CA HIS A 349 -8.70 -9.53 -18.27
C HIS A 349 -9.81 -9.19 -17.32
N ALA A 350 -10.98 -8.83 -17.86
CA ALA A 350 -12.06 -8.25 -17.08
C ALA A 350 -12.71 -9.20 -16.05
N ALA A 351 -13.04 -10.41 -16.49
CA ALA A 351 -13.34 -11.43 -15.52
C ALA A 351 -11.95 -11.64 -15.00
N ASN A 352 -11.75 -12.23 -13.89
CA ASN A 352 -10.34 -12.57 -13.54
C ASN A 352 -9.11 -11.63 -13.87
N PRO A 353 -9.13 -10.41 -13.31
CA PRO A 353 -7.99 -9.49 -13.49
C PRO A 353 -6.70 -9.90 -12.78
N THR A 354 -5.58 -9.29 -13.21
CA THR A 354 -4.35 -9.32 -12.43
C THR A 354 -4.34 -8.20 -11.40
N SER A 355 -3.86 -8.51 -10.21
CA SER A 355 -3.87 -7.55 -9.09
C SER A 355 -2.51 -7.44 -8.40
N LEU A 356 -2.24 -6.20 -7.94
CA LEU A 356 -1.13 -5.87 -7.06
C LEU A 356 -1.73 -5.41 -5.76
N GLN A 357 -1.35 -6.04 -4.65
CA GLN A 357 -1.87 -5.69 -3.32
C GLN A 357 -0.76 -5.64 -2.30
N ASP A 358 -0.69 -4.55 -1.53
CA ASP A 358 0.41 -4.37 -0.60
C ASP A 358 1.73 -4.66 -1.31
N VAL A 359 1.89 -4.05 -2.48
CA VAL A 359 3.13 -4.06 -3.19
C VAL A 359 3.68 -2.66 -2.94
N PHE A 360 4.87 -2.62 -2.35
CA PHE A 360 5.54 -1.37 -1.97
C PHE A 360 6.85 -1.26 -2.75
N VAL A 361 7.20 -0.04 -3.14
CA VAL A 361 8.43 0.20 -3.86
C VAL A 361 9.19 1.26 -3.07
N ARG A 362 10.49 1.01 -2.87
CA ARG A 362 11.40 1.99 -2.26
C ARG A 362 12.59 2.28 -3.18
N ILE A 363 12.96 3.55 -3.30
CA ILE A 363 14.17 3.94 -3.99
C ILE A 363 15.02 4.81 -3.09
N GLY A 364 16.12 4.25 -2.59
CA GLY A 364 16.99 4.93 -1.64
C GLY A 364 16.63 4.61 -0.18
N GLY A 365 17.37 5.22 0.73
CA GLY A 365 17.11 5.15 2.14
C GLY A 365 17.98 4.09 2.84
N ALA A 366 17.97 2.87 2.32
CA ALA A 366 18.78 1.79 2.89
C ALA A 366 20.05 1.61 2.06
N GLY A 367 20.67 2.73 1.72
CA GLY A 367 21.68 2.77 0.69
C GLY A 367 21.14 3.31 -0.60
N PRO A 368 22.04 3.68 -1.51
CA PRO A 368 21.61 4.35 -2.73
C PRO A 368 20.79 3.41 -3.58
N GLY A 369 19.66 3.90 -4.08
CA GLY A 369 18.86 3.18 -5.05
C GLY A 369 18.44 4.15 -6.14
N LYS A 370 18.26 3.61 -7.34
CA LYS A 370 17.78 4.39 -8.45
C LYS A 370 16.99 3.61 -9.48
N ALA A 371 15.94 4.24 -10.00
CA ALA A 371 15.13 3.65 -11.05
C ALA A 371 14.36 4.71 -11.85
N THR A 372 14.11 4.44 -13.15
CA THR A 372 13.46 5.45 -14.00
C THR A 372 11.94 5.53 -13.80
N THR A 373 11.25 4.41 -14.05
CA THR A 373 9.84 4.26 -13.73
C THR A 373 9.72 3.06 -12.78
N SER A 374 9.01 3.21 -11.67
CA SER A 374 8.96 2.14 -10.69
C SER A 374 7.97 1.04 -11.10
N ILE A 375 6.72 1.44 -11.39
CA ILE A 375 5.66 0.51 -11.77
C ILE A 375 5.02 0.99 -13.09
N VAL A 376 5.10 0.12 -14.11
CA VAL A 376 4.46 0.33 -15.39
C VAL A 376 3.33 -0.68 -15.45
N VAL A 377 2.08 -0.21 -15.57
CA VAL A 377 0.92 -1.09 -15.58
C VAL A 377 0.40 -1.04 -17.02
N ASN A 378 0.80 -2.05 -17.79
CA ASN A 378 0.30 -2.27 -19.15
C ASN A 378 -1.01 -3.04 -19.27
N SER A 379 -1.19 -4.06 -18.43
CA SER A 379 -2.38 -4.97 -18.55
C SER A 379 -3.75 -4.30 -18.29
N ASN A 380 -4.62 -4.40 -19.29
CA ASN A 380 -6.00 -3.92 -19.15
C ASN A 380 -6.68 -4.59 -17.94
N ASP A 381 -7.57 -3.85 -17.30
CA ASP A 381 -8.34 -4.34 -16.13
C ASP A 381 -7.59 -4.63 -14.82
N THR A 382 -6.32 -4.28 -14.78
CA THR A 382 -5.50 -4.51 -13.60
C THR A 382 -6.05 -3.75 -12.40
N ILE A 383 -6.05 -4.40 -11.25
CA ILE A 383 -6.42 -3.80 -9.97
C ILE A 383 -5.16 -3.54 -9.12
N ILE A 384 -4.93 -2.29 -8.77
CA ILE A 384 -3.87 -1.91 -7.86
C ILE A 384 -4.53 -1.53 -6.53
N ASP A 385 -4.59 -2.47 -5.58
CA ASP A 385 -5.29 -2.32 -4.29
C ASP A 385 -4.27 -2.23 -3.12
N HIS A 386 -3.89 -0.99 -2.80
CA HIS A 386 -2.88 -0.63 -1.80
C HIS A 386 -1.44 -0.76 -2.31
N THR A 387 -0.87 0.37 -2.68
CA THR A 387 0.54 0.44 -3.05
C THR A 387 1.14 1.70 -2.45
N TRP A 388 2.43 1.62 -2.11
CA TRP A 388 3.21 2.77 -1.70
C TRP A 388 4.46 2.72 -2.54
N VAL A 389 4.58 3.72 -3.40
CA VAL A 389 5.69 3.81 -4.34
C VAL A 389 6.42 5.08 -3.90
N TRP A 390 7.62 4.91 -3.36
CA TRP A 390 8.27 5.91 -2.51
C TRP A 390 9.74 6.12 -2.86
N ARG A 391 10.04 7.26 -3.46
CA ARG A 391 11.42 7.71 -3.57
C ARG A 391 11.78 8.21 -2.16
N ALA A 392 12.83 7.66 -1.61
CA ALA A 392 13.18 7.98 -0.22
C ALA A 392 13.54 9.45 -0.03
N ASP A 393 12.93 10.07 0.99
CA ASP A 393 13.25 11.46 1.38
C ASP A 393 14.21 11.50 2.54
N HIS A 394 14.45 10.35 3.18
CA HIS A 394 15.39 10.30 4.31
C HIS A 394 16.07 8.95 4.30
N GLY A 395 17.26 8.96 4.90
CA GLY A 395 18.02 7.75 5.08
C GLY A 395 19.36 7.93 4.40
N GLU A 396 20.00 6.80 4.11
CA GLU A 396 21.27 6.79 3.39
C GLU A 396 21.01 6.48 1.90
N GLY A 397 21.78 7.10 1.02
CA GLY A 397 21.59 6.96 -0.41
C GLY A 397 20.52 7.92 -0.91
N VAL A 398 20.39 9.06 -0.23
CA VAL A 398 19.37 10.03 -0.60
C VAL A 398 20.00 11.30 -1.12
N GLY A 399 19.59 11.71 -2.31
CA GLY A 399 20.00 12.98 -2.91
C GLY A 399 19.25 13.19 -4.24
N TRP A 400 19.09 14.45 -4.65
CA TRP A 400 18.43 14.82 -5.91
C TRP A 400 18.95 14.02 -7.15
N GLU A 401 20.21 13.59 -7.10
CA GLU A 401 20.86 12.74 -8.13
C GLU A 401 20.99 11.31 -7.61
N THR A 402 21.60 11.29 -6.44
CA THR A 402 21.91 10.13 -5.65
C THR A 402 20.82 9.03 -5.61
N ASN A 403 19.57 9.44 -5.45
CA ASN A 403 18.44 8.52 -5.71
C ASN A 403 17.39 9.10 -6.63
N ARG A 404 17.83 9.69 -7.74
CA ARG A 404 16.90 10.16 -8.75
C ARG A 404 16.05 8.97 -9.18
N ALA A 405 14.77 9.28 -9.27
CA ALA A 405 13.77 8.43 -9.82
C ALA A 405 12.77 9.40 -10.42
N ASP A 406 12.82 9.58 -11.73
CA ASP A 406 11.88 10.50 -12.35
C ASP A 406 10.42 10.14 -12.24
N TYR A 407 10.06 8.85 -12.41
CA TYR A 407 8.65 8.47 -12.58
C TYR A 407 8.24 7.34 -11.64
N GLY A 408 7.09 7.54 -11.02
CA GLY A 408 6.59 6.60 -10.04
C GLY A 408 5.78 5.49 -10.69
N VAL A 409 4.55 5.81 -11.03
CA VAL A 409 3.60 4.88 -11.63
C VAL A 409 3.20 5.40 -12.98
N HIS A 410 3.22 4.52 -13.97
CA HIS A 410 2.71 4.86 -15.31
C HIS A 410 1.70 3.80 -15.71
N VAL A 411 0.43 4.22 -15.86
CA VAL A 411 -0.62 3.31 -16.30
C VAL A 411 -0.93 3.48 -17.78
N LYS A 412 -0.66 2.44 -18.57
CA LYS A 412 -0.80 2.48 -20.03
C LYS A 412 -1.93 1.56 -20.58
N GLY A 413 -2.62 0.81 -19.71
CA GLY A 413 -3.69 -0.07 -20.15
C GLY A 413 -5.03 0.56 -19.81
N ASP A 414 -6.09 -0.12 -20.16
CA ASP A 414 -7.43 0.41 -20.07
C ASP A 414 -8.15 -0.23 -18.89
N ASN A 415 -9.13 0.49 -18.35
CA ASN A 415 -9.99 0.01 -17.27
C ASN A 415 -9.21 -0.38 -16.01
N VAL A 416 -8.10 0.31 -15.77
CA VAL A 416 -7.29 0.01 -14.59
C VAL A 416 -7.88 0.73 -13.39
N LEU A 417 -7.94 0.03 -12.27
CA LEU A 417 -8.52 0.53 -11.02
C LEU A 417 -7.45 0.55 -9.93
N ALA A 418 -7.24 1.72 -9.33
CA ALA A 418 -6.34 1.85 -8.17
C ALA A 418 -7.14 2.29 -6.95
N THR A 419 -7.14 1.45 -5.92
CA THR A 419 -7.78 1.72 -4.65
C THR A 419 -6.71 1.79 -3.54
N GLY A 420 -6.53 3.00 -2.98
CA GLY A 420 -5.46 3.24 -2.01
C GLY A 420 -4.10 3.45 -2.62
N LEU A 421 -3.95 4.52 -3.41
CA LEU A 421 -2.74 4.79 -4.16
C LEU A 421 -1.88 5.83 -3.45
N PHE A 422 -0.71 5.42 -2.97
CA PHE A 422 0.20 6.33 -2.28
C PHE A 422 1.54 6.40 -3.08
N VAL A 423 1.90 7.59 -3.57
CA VAL A 423 3.07 7.75 -4.43
C VAL A 423 3.75 9.08 -4.10
N GLU A 424 5.05 9.06 -3.78
CA GLU A 424 5.74 10.23 -3.23
C GLU A 424 7.21 10.41 -3.65
N HIS A 425 7.53 11.67 -3.96
CA HIS A 425 8.86 12.27 -3.99
C HIS A 425 9.64 12.17 -5.32
N PHE A 426 8.99 11.70 -6.40
CA PHE A 426 9.68 11.47 -7.66
C PHE A 426 10.18 12.77 -8.31
N ASN A 427 11.27 12.68 -9.07
CA ASN A 427 11.85 13.89 -9.63
C ASN A 427 10.95 14.53 -10.70
N LYS A 428 10.14 13.71 -11.36
CA LYS A 428 9.18 14.19 -12.36
C LYS A 428 7.76 13.73 -11.96
N TYR A 429 6.99 13.15 -12.88
CA TYR A 429 5.61 12.80 -12.60
C TYR A 429 5.52 11.60 -11.67
N ASP A 430 4.88 11.81 -10.50
CA ASP A 430 4.72 10.71 -9.56
C ASP A 430 3.83 9.62 -10.18
N VAL A 431 2.72 10.08 -10.74
CA VAL A 431 1.74 9.25 -11.39
C VAL A 431 1.28 9.81 -12.73
N GLN A 432 1.38 8.93 -13.73
CA GLN A 432 1.00 9.18 -15.09
C GLN A 432 -0.03 8.18 -15.56
N TRP A 433 -1.19 8.65 -16.02
CA TRP A 433 -2.23 7.81 -16.55
C TRP A 433 -2.42 8.12 -18.03
N SER A 434 -2.00 7.16 -18.84
CA SER A 434 -2.10 7.22 -20.29
C SER A 434 -3.22 6.40 -20.87
N GLY A 435 -3.75 5.44 -20.10
CA GLY A 435 -4.80 4.57 -20.60
C GLY A 435 -6.21 5.12 -20.40
N GLU A 436 -7.17 4.40 -20.99
CA GLU A 436 -8.59 4.74 -20.96
C GLU A 436 -9.32 4.23 -19.70
N ASN A 437 -10.40 4.94 -19.39
CA ASN A 437 -11.26 4.67 -18.25
C ASN A 437 -10.59 4.26 -16.94
N GLY A 438 -9.46 4.89 -16.65
CA GLY A 438 -8.81 4.74 -15.38
C GLY A 438 -9.72 5.26 -14.28
N LYS A 439 -9.65 4.60 -13.13
CA LYS A 439 -10.36 5.00 -11.93
C LYS A 439 -9.36 4.94 -10.75
N THR A 440 -9.21 6.04 -9.99
CA THR A 440 -8.46 6.04 -8.74
C THR A 440 -9.38 6.46 -7.59
N ILE A 441 -9.52 5.61 -6.58
CA ILE A 441 -10.20 5.93 -5.33
C ILE A 441 -9.15 6.01 -4.22
N PHE A 442 -8.97 7.25 -3.76
CA PHE A 442 -7.94 7.66 -2.81
C PHE A 442 -6.54 7.72 -3.41
N TYR A 443 -5.96 8.93 -3.31
CA TYR A 443 -4.57 9.19 -3.66
C TYR A 443 -3.90 10.10 -2.64
N GLN A 444 -2.71 9.68 -2.24
CA GLN A 444 -1.88 10.50 -1.41
C GLN A 444 -0.53 10.66 -2.06
N ASN A 445 -0.10 11.91 -2.21
CA ASN A 445 1.17 12.29 -2.77
C ASN A 445 1.85 13.32 -1.91
N ALA A 446 3.16 13.20 -1.81
CA ALA A 446 4.00 14.35 -1.44
C ALA A 446 5.04 14.55 -2.54
N LYS A 447 5.31 15.80 -2.88
CA LYS A 447 6.28 16.13 -3.89
C LYS A 447 7.69 15.93 -3.35
N ALA A 448 8.64 15.84 -4.25
CA ALA A 448 10.02 15.66 -3.85
C ALA A 448 10.39 16.90 -3.02
N TYR A 449 11.00 16.67 -1.87
CA TYR A 449 11.36 17.73 -0.95
C TYR A 449 12.65 18.45 -1.34
N ASP A 450 13.43 17.78 -2.18
CA ASP A 450 14.85 18.05 -2.27
C ASP A 450 15.25 18.70 -3.62
N ALA A 451 14.24 19.06 -4.44
CA ALA A 451 14.47 19.80 -5.67
C ALA A 451 15.36 21.03 -5.36
N PRO A 452 16.27 21.38 -6.25
CA PRO A 452 17.27 22.39 -5.81
C PRO A 452 16.80 23.81 -5.95
N ASP A 453 15.93 24.00 -6.93
CA ASP A 453 15.58 25.31 -7.41
C ASP A 453 14.55 25.15 -8.52
N GLN A 454 13.99 26.27 -8.98
CA GLN A 454 12.89 26.25 -9.94
C GLN A 454 13.24 25.57 -11.29
N ALA A 455 14.43 25.89 -11.81
CA ALA A 455 14.82 25.43 -13.13
C ALA A 455 14.85 23.92 -13.16
N ALA A 456 15.12 23.29 -12.01
CA ALA A 456 15.30 21.85 -12.00
C ALA A 456 14.02 21.04 -12.15
N ILE A 457 12.88 21.65 -11.89
CA ILE A 457 11.62 20.93 -12.03
C ILE A 457 10.76 21.55 -13.10
N GLN A 458 11.43 22.26 -13.99
CA GLN A 458 10.73 22.91 -15.09
C GLN A 458 10.14 21.81 -15.99
N ASN A 459 8.97 22.04 -16.61
CA ASN A 459 8.43 21.00 -17.51
C ASN A 459 7.75 21.62 -18.71
N GLY A 460 8.52 21.68 -19.80
CA GLY A 460 8.14 22.49 -20.94
C GLY A 460 7.81 23.85 -20.42
N ASP A 461 6.51 24.15 -20.37
CA ASP A 461 6.04 25.47 -19.99
C ASP A 461 5.15 25.47 -18.72
N ILE A 462 5.31 24.43 -17.90
CA ILE A 462 4.71 24.34 -16.61
C ILE A 462 5.80 24.34 -15.51
N LYS A 463 5.53 25.01 -14.39
CA LYS A 463 6.39 24.92 -13.20
C LYS A 463 6.09 23.65 -12.37
N GLY A 464 7.07 22.76 -12.30
CA GLY A 464 6.89 21.52 -11.57
C GLY A 464 6.25 20.47 -12.47
N TYR A 465 6.27 19.21 -11.98
CA TYR A 465 5.57 18.09 -12.59
C TYR A 465 4.38 17.68 -11.73
N ALA A 466 3.22 17.54 -12.37
CA ALA A 466 2.01 17.17 -11.62
C ALA A 466 2.27 15.90 -10.83
N ALA A 467 1.64 15.81 -9.67
CA ALA A 467 1.64 14.58 -8.89
C ALA A 467 0.84 13.48 -9.60
N TYR A 468 -0.13 13.92 -10.38
CA TYR A 468 -1.09 13.01 -11.04
C TYR A 468 -1.46 13.66 -12.35
N LYS A 469 -0.95 13.08 -13.46
CA LYS A 469 -1.18 13.59 -14.81
C LYS A 469 -1.87 12.61 -15.74
N VAL A 470 -3.10 12.94 -16.10
CA VAL A 470 -3.84 12.26 -17.16
C VAL A 470 -3.41 12.88 -18.49
N ASP A 471 -2.94 12.06 -19.43
CA ASP A 471 -2.58 12.60 -20.73
C ASP A 471 -3.78 13.26 -21.35
N ASP A 472 -3.51 14.40 -21.96
CA ASP A 472 -4.49 15.16 -22.73
C ASP A 472 -5.33 14.30 -23.69
N SER A 473 -4.79 13.17 -24.13
CA SER A 473 -5.49 12.39 -25.13
C SER A 473 -6.42 11.33 -24.51
N VAL A 474 -6.56 11.35 -23.19
CA VAL A 474 -7.53 10.48 -22.52
C VAL A 474 -8.95 11.02 -22.75
N THR A 475 -9.90 10.10 -22.82
CA THR A 475 -11.32 10.44 -23.03
C THR A 475 -12.10 10.16 -21.76
N THR A 476 -11.73 9.09 -21.08
CA THR A 476 -12.43 8.70 -19.87
C THR A 476 -11.44 8.47 -18.70
N HIS A 477 -11.68 9.16 -17.58
CA HIS A 477 -10.92 8.98 -16.35
C HIS A 477 -11.78 9.43 -15.16
N GLU A 478 -11.64 8.77 -14.01
CA GLU A 478 -12.36 9.22 -12.81
C GLU A 478 -11.49 9.08 -11.56
N GLY A 479 -11.37 10.17 -10.79
CA GLY A 479 -10.64 10.15 -9.54
C GLY A 479 -11.40 10.76 -8.35
N TRP A 480 -11.39 10.07 -7.22
CA TRP A 480 -12.07 10.50 -6.01
C TRP A 480 -11.06 10.59 -4.84
N GLY A 481 -10.97 11.73 -4.18
CA GLY A 481 -10.37 11.83 -2.87
C GLY A 481 -8.84 11.83 -2.94
N MET A 482 -8.31 12.91 -3.49
CA MET A 482 -6.94 12.93 -3.96
C MET A 482 -6.21 14.21 -3.52
N GLY A 483 -5.02 14.02 -2.98
CA GLY A 483 -4.25 15.11 -2.47
C GLY A 483 -2.75 14.99 -2.70
N SER A 484 -2.15 16.17 -2.93
CA SER A 484 -0.73 16.31 -3.12
C SER A 484 -0.23 17.40 -2.19
N TYR A 485 0.86 17.10 -1.49
CA TYR A 485 1.48 18.03 -0.53
C TYR A 485 2.93 18.33 -0.89
N CYS A 486 3.39 19.55 -0.61
CA CYS A 486 4.78 19.94 -0.92
C CYS A 486 5.53 20.34 0.34
N TYR A 487 6.84 20.11 0.30
CA TYR A 487 7.74 20.44 1.40
C TYR A 487 9.11 20.62 0.78
N PHE A 488 9.24 21.76 0.10
CA PHE A 488 10.47 22.05 -0.60
C PHE A 488 11.43 22.70 0.40
N ASN A 489 11.92 21.93 1.35
CA ASN A 489 12.80 22.49 2.37
C ASN A 489 14.11 23.03 1.78
N VAL A 490 14.69 22.26 0.87
CA VAL A 490 15.96 22.64 0.27
C VAL A 490 15.79 24.01 -0.36
N ASN A 491 14.69 24.24 -1.06
CA ASN A 491 14.43 25.51 -1.73
C ASN A 491 12.98 25.94 -1.62
N PRO A 492 12.64 26.52 -0.47
CA PRO A 492 11.24 26.82 -0.12
C PRO A 492 10.62 27.96 -0.85
N ASP A 493 11.33 28.59 -1.77
CA ASP A 493 10.71 29.58 -2.59
C ASP A 493 10.31 29.04 -3.99
N ILE A 494 10.54 27.73 -4.20
CA ILE A 494 10.00 26.99 -5.34
C ILE A 494 8.49 27.12 -5.37
N ARG A 495 7.95 27.15 -6.58
CA ARG A 495 6.51 27.06 -6.80
C ARG A 495 6.16 25.86 -7.68
N GLN A 496 5.12 25.15 -7.25
CA GLN A 496 4.57 23.98 -7.97
C GLN A 496 3.25 24.42 -8.64
N GLN A 497 3.15 24.40 -9.97
CA GLN A 497 1.97 24.98 -10.58
C GLN A 497 0.66 24.29 -10.13
N HIS A 498 0.73 22.96 -9.95
CA HIS A 498 -0.44 22.22 -9.56
C HIS A 498 -0.13 20.80 -9.05
N GLY A 499 -1.12 20.23 -8.34
CA GLY A 499 -1.11 18.85 -7.93
C GLY A 499 -1.46 17.85 -9.06
N PHE A 500 -2.39 18.28 -9.90
CA PHE A 500 -3.03 17.44 -10.90
C PHE A 500 -3.03 18.16 -12.22
N GLN A 501 -2.93 17.37 -13.28
CA GLN A 501 -2.91 17.87 -14.64
C GLN A 501 -3.75 16.90 -15.48
N ALA A 502 -4.71 17.43 -16.24
CA ALA A 502 -5.60 16.56 -16.99
C ALA A 502 -6.57 17.35 -17.89
N PRO A 503 -7.09 16.69 -18.95
CA PRO A 503 -7.87 17.45 -19.92
C PRO A 503 -9.30 17.78 -19.51
N VAL A 504 -9.89 18.62 -20.36
CA VAL A 504 -11.14 19.33 -20.08
C VAL A 504 -12.22 18.74 -20.98
N LYS A 505 -12.96 17.79 -20.42
CA LYS A 505 -13.80 16.88 -21.20
C LYS A 505 -14.93 16.25 -20.35
N PRO A 506 -16.01 15.82 -21.04
CA PRO A 506 -17.09 15.04 -20.40
C PRO A 506 -16.58 13.90 -19.56
N GLY A 507 -15.77 13.07 -20.19
CA GLY A 507 -15.48 11.74 -19.65
C GLY A 507 -14.34 11.72 -18.65
N VAL A 508 -13.73 12.88 -18.43
CA VAL A 508 -12.54 12.99 -17.54
C VAL A 508 -12.88 13.81 -16.31
N LYS A 509 -12.91 13.20 -15.13
CA LYS A 509 -13.61 13.82 -14.01
C LYS A 509 -12.97 13.57 -12.67
N PHE A 510 -12.87 14.60 -11.84
CA PHE A 510 -12.34 14.47 -10.50
C PHE A 510 -13.27 15.01 -9.42
N HIS A 511 -13.17 14.35 -8.28
CA HIS A 511 -13.97 14.59 -7.11
C HIS A 511 -13.02 14.75 -5.93
N ASP A 512 -13.25 15.82 -5.18
CA ASP A 512 -12.57 16.09 -3.92
C ASP A 512 -11.03 16.08 -4.05
N LEU A 513 -10.48 17.08 -4.74
CA LEU A 513 -9.03 17.32 -4.89
C LEU A 513 -8.52 18.37 -3.92
N LEU A 514 -7.29 18.18 -3.43
CA LEU A 514 -6.64 19.19 -2.59
C LEU A 514 -5.14 19.20 -2.77
N VAL A 515 -4.55 20.37 -2.55
CA VAL A 515 -3.12 20.49 -2.41
C VAL A 515 -2.82 21.26 -1.13
N VAL A 516 -1.64 21.02 -0.58
CA VAL A 516 -1.29 21.55 0.74
C VAL A 516 0.22 21.77 0.82
N SER A 517 0.62 22.99 1.15
CA SER A 517 2.01 23.25 1.48
C SER A 517 2.22 23.00 2.94
N LEU A 518 3.22 22.21 3.26
CA LEU A 518 3.50 21.81 4.63
C LEU A 518 4.43 22.86 5.28
N GLY A 519 3.84 23.70 6.10
CA GLY A 519 4.56 24.75 6.80
C GLY A 519 5.25 25.83 5.92
N GLY A 520 4.76 26.01 4.70
CA GLY A 520 5.13 27.16 3.87
C GLY A 520 6.39 26.91 3.08
N LYS A 521 6.74 25.63 2.96
CA LYS A 521 7.92 25.21 2.25
C LYS A 521 7.60 24.97 0.77
N GLY A 522 7.66 26.05 0.01
CA GLY A 522 7.10 26.07 -1.31
C GLY A 522 5.60 26.32 -1.19
N GLN A 523 4.96 26.57 -2.32
CA GLN A 523 3.52 26.71 -2.42
C GLN A 523 3.07 26.17 -3.80
N TYR A 524 1.78 25.81 -3.89
CA TYR A 524 1.12 25.57 -5.15
C TYR A 524 0.48 26.85 -5.69
N GLU A 525 0.32 26.95 -7.00
CA GLU A 525 -0.37 28.10 -7.63
C GLU A 525 -1.83 27.77 -7.88
N HIS A 526 -2.05 26.47 -8.06
CA HIS A 526 -3.34 25.94 -8.45
C HIS A 526 -3.46 24.51 -7.87
N VAL A 527 -4.69 24.00 -7.88
CA VAL A 527 -4.96 22.62 -7.51
C VAL A 527 -4.76 21.68 -8.71
N ILE A 528 -5.46 22.03 -9.80
CA ILE A 528 -5.46 21.25 -11.05
C ILE A 528 -5.42 22.16 -12.28
N ASN A 529 -4.52 21.88 -13.22
CA ASN A 529 -4.38 22.72 -14.40
C ASN A 529 -4.08 24.17 -13.91
N ASP A 530 -4.93 25.13 -14.25
CA ASP A 530 -4.80 26.48 -13.66
C ASP A 530 -6.00 26.87 -12.83
N ILE A 531 -6.51 25.90 -12.11
CA ILE A 531 -7.79 25.99 -11.44
C ILE A 531 -7.59 25.76 -9.94
N GLY A 532 -8.40 26.41 -9.13
CA GLY A 532 -8.18 26.35 -7.70
C GLY A 532 -7.21 27.41 -7.25
N ASP A 533 -7.38 27.79 -6.00
CA ASP A 533 -6.55 28.81 -5.38
C ASP A 533 -5.17 28.30 -5.07
N PRO A 534 -4.19 29.20 -5.06
CA PRO A 534 -2.86 28.84 -4.57
C PRO A 534 -2.85 28.61 -3.06
N THR A 535 -1.88 27.86 -2.58
CA THR A 535 -1.67 27.80 -1.17
C THR A 535 -0.99 29.11 -0.79
N SER A 536 -1.21 29.54 0.44
CA SER A 536 -0.49 30.69 1.01
C SER A 536 -0.36 30.52 2.54
N GLY A 537 0.36 31.42 3.20
CA GLY A 537 0.64 31.26 4.62
C GLY A 537 1.64 30.12 4.88
N ASP A 538 2.01 30.02 6.15
CA ASP A 538 2.84 28.93 6.60
C ASP A 538 2.06 27.98 7.52
N THR A 539 0.73 28.08 7.52
CA THR A 539 -0.12 27.32 8.45
C THR A 539 -0.72 26.01 7.90
N THR A 540 -0.31 25.62 6.70
CA THR A 540 -0.66 24.31 6.16
C THR A 540 -2.16 24.11 6.09
N ILE A 541 -2.85 25.10 5.54
CA ILE A 541 -4.27 24.94 5.19
C ILE A 541 -4.34 24.46 3.74
N PRO A 542 -5.14 23.43 3.47
CA PRO A 542 -5.34 23.00 2.07
C PRO A 542 -6.08 23.96 1.16
N SER A 543 -5.75 23.88 -0.12
CA SER A 543 -6.57 24.49 -1.15
C SER A 543 -7.29 23.35 -1.84
N GLN A 544 -8.61 23.54 -2.01
CA GLN A 544 -9.57 22.49 -2.22
C GLN A 544 -10.34 22.80 -3.49
N VAL A 545 -10.54 21.74 -4.29
CA VAL A 545 -11.49 21.74 -5.40
C VAL A 545 -12.47 20.57 -5.22
N VAL A 546 -13.75 20.82 -5.50
CA VAL A 546 -14.75 19.75 -5.44
C VAL A 546 -15.01 18.96 -6.75
N SER A 547 -15.11 19.64 -7.89
CA SER A 547 -15.42 19.04 -9.21
C SER A 547 -14.56 19.49 -10.39
N PHE A 548 -14.16 18.54 -11.21
CA PHE A 548 -13.49 18.87 -12.48
C PHE A 548 -14.14 18.01 -13.53
N PRO A 549 -14.26 18.55 -14.75
CA PRO A 549 -13.91 19.90 -15.18
C PRO A 549 -15.00 20.87 -14.79
C2 BGC B . -2.18 17.47 12.40
C3 BGC B . -1.59 18.43 11.49
C4 BGC B . -2.55 19.41 10.93
C5 BGC B . -3.41 20.07 12.06
C6 BGC B . -4.52 20.62 11.54
C1 BGC B . -2.99 18.05 13.46
O1 BGC B . -3.71 17.09 14.16
O2 BGC B . -1.13 16.74 13.11
O3 BGC B . -0.83 17.74 10.41
O4 BGC B . -2.00 20.44 10.08
O5 BGC B . -3.96 18.97 12.91
O6 BGC B . -5.48 20.95 12.46
C2 BGC B . 1.31 17.19 9.46
C3 BGC B . 2.60 17.65 9.08
C4 BGC B . 2.67 19.08 8.68
C5 BGC B . 1.95 19.99 9.72
C6 BGC B . 1.78 21.31 9.45
C1 BGC B . 0.56 18.04 10.41
O2 BGC B . 1.38 15.82 10.02
O3 BGC B . 2.99 16.78 7.92
O4 BGC B . 4.02 19.46 8.65
O5 BGC B . 0.59 19.43 10.04
O6 BGC B . 1.65 22.02 10.64
C2 BGC B . 4.27 15.07 6.89
C3 BGC B . 5.54 14.52 6.60
C4 BGC B . 6.50 15.57 6.29
C5 BGC B . 6.61 16.65 7.41
C6 BGC B . 7.45 17.62 6.99
C1 BGC B . 4.26 16.18 7.90
O2 BGC B . 3.41 14.00 7.38
O3 BGC B . 5.32 13.68 5.38
O4 BGC B . 7.81 15.11 6.03
O5 BGC B . 5.21 17.21 7.54
O6 BGC B . 7.29 18.87 7.54
C2 BGC B . 5.91 11.75 4.15
C3 BGC B . 6.76 10.57 4.09
C4 BGC B . 8.05 10.76 4.84
C5 BGC B . 7.77 11.20 6.34
C6 BGC B . 8.77 11.50 7.23
C1 BGC B . 5.76 12.37 5.48
O2 BGC B . 4.55 11.57 3.62
O3 BGC B . 7.07 10.21 2.67
O4 BGC B . 8.98 9.70 4.69
O5 BGC B . 7.05 12.51 6.07
O6 BGC B . 9.94 11.85 6.60
C2 BGC C . -0.75 0.75 23.47
C3 BGC C . -1.93 0.47 24.41
C4 BGC C . -1.77 -0.84 25.19
C5 BGC C . -0.40 -0.81 25.82
C6 BGC C . -0.25 -2.11 26.64
C1 BGC C . 0.63 0.53 24.09
O2 BGC C . -0.86 2.08 22.99
O3 BGC C . -3.08 0.56 23.61
O4 BGC C . -2.72 -1.06 26.25
O5 BGC C . 0.66 -0.62 24.86
O6 BGC C . -1.51 -2.55 27.17
C1 EDO D . 17.02 -4.10 2.45
O1 EDO D . 15.87 -4.08 1.61
C2 EDO D . 16.91 -3.02 3.53
O2 EDO D . 15.72 -3.18 4.30
H11 EDO D . 17.92 -3.93 1.86
H12 EDO D . 17.10 -5.07 2.93
HO1 EDO D . 16.06 -4.53 0.79
H21 EDO D . 16.91 -2.03 3.05
H22 EDO D . 17.79 -3.07 4.19
HO2 EDO D . 15.71 -2.51 4.99
C1 EDO E . 9.15 17.30 -9.05
O1 EDO E . 8.17 16.32 -9.36
C2 EDO E . 8.53 18.61 -8.55
O2 EDO E . 7.54 19.10 -9.46
H11 EDO E . 9.70 17.51 -9.96
H12 EDO E . 9.83 16.90 -8.31
HO1 EDO E . 8.55 15.43 -9.21
H21 EDO E . 9.30 19.35 -8.42
H22 EDO E . 8.07 18.44 -7.57
HO2 EDO E . 7.08 19.85 -9.06
C1 EDO F . 14.02 -3.76 -18.88
O1 EDO F . 13.47 -5.05 -18.56
C2 EDO F . 12.91 -2.73 -19.10
O2 EDO F . 11.75 -3.30 -19.75
H11 EDO F . 14.63 -3.83 -19.79
H12 EDO F . 14.66 -3.42 -18.08
HO1 EDO F . 14.18 -5.66 -18.36
H21 EDO F . 13.29 -1.90 -19.71
H22 EDO F . 12.61 -2.31 -18.14
HO2 EDO F . 11.11 -2.61 -19.94
N GLU A 1 11.80 -29.93 -10.40
CA GLU A 1 12.95 -29.84 -9.47
C GLU A 1 12.84 -28.66 -8.45
N VAL A 2 11.72 -27.93 -8.58
CA VAL A 2 11.39 -26.89 -7.65
C VAL A 2 10.16 -27.41 -6.87
N VAL A 3 10.44 -28.21 -5.86
CA VAL A 3 9.39 -28.99 -5.22
C VAL A 3 8.68 -28.01 -4.34
N GLY A 4 7.38 -28.21 -4.18
CA GLY A 4 6.63 -27.24 -3.45
C GLY A 4 6.94 -27.25 -1.97
N GLY A 5 5.98 -26.75 -1.20
CA GLY A 5 6.10 -26.54 0.23
C GLY A 5 7.51 -26.50 0.81
N GLY A 6 7.65 -27.23 1.90
CA GLY A 6 8.72 -27.01 2.84
C GLY A 6 8.14 -26.33 4.09
N ASP A 7 8.95 -26.29 5.14
CA ASP A 7 8.63 -25.55 6.37
C ASP A 7 8.94 -24.11 6.03
N LEU A 8 8.29 -23.19 6.73
CA LEU A 8 8.32 -21.79 6.31
C LEU A 8 9.59 -21.12 6.73
N GLY A 9 10.41 -21.88 7.45
CA GLY A 9 11.63 -21.34 7.95
C GLY A 9 11.53 -20.78 9.34
N PRO A 10 12.58 -20.08 9.75
CA PRO A 10 12.71 -19.60 11.11
C PRO A 10 12.34 -18.13 11.33
N ASN A 11 12.19 -17.34 10.26
CA ASN A 11 11.66 -15.98 10.39
C ASN A 11 10.15 -15.92 10.34
N VAL A 12 9.51 -17.08 10.25
CA VAL A 12 8.08 -17.22 10.45
C VAL A 12 7.86 -17.92 11.79
N LEU A 13 7.42 -17.14 12.77
CA LEU A 13 7.29 -17.60 14.16
C LEU A 13 5.82 -17.91 14.31
N VAL A 14 5.54 -19.16 14.66
CA VAL A 14 4.20 -19.66 14.65
C VAL A 14 3.85 -19.99 16.11
N PHE A 15 2.82 -19.33 16.63
CA PHE A 15 2.35 -19.53 18.00
C PHE A 15 1.05 -20.34 18.05
N ASP A 16 0.96 -21.24 19.03
CA ASP A 16 -0.29 -21.93 19.38
C ASP A 16 -0.62 -21.48 20.80
N PRO A 17 -1.90 -21.53 21.18
CA PRO A 17 -2.29 -21.02 22.51
C PRO A 17 -1.51 -21.65 23.65
N SER A 18 -0.82 -22.75 23.40
CA SER A 18 0.03 -23.36 24.43
C SER A 18 1.45 -22.93 24.40
N THR A 19 1.87 -22.29 23.32
CA THR A 19 3.25 -21.85 23.25
C THR A 19 3.67 -21.17 24.53
N PRO A 20 4.79 -21.60 25.13
CA PRO A 20 5.38 -20.84 26.24
C PRO A 20 5.69 -19.38 25.89
N ASP A 21 6.23 -18.65 26.86
CA ASP A 21 6.51 -17.21 26.75
C ASP A 21 6.13 -16.50 25.43
N ILE A 22 4.89 -16.78 24.98
CA ILE A 22 4.32 -16.11 23.80
C ILE A 22 4.63 -14.65 23.79
N GLN A 23 4.32 -14.01 24.90
CA GLN A 23 4.47 -12.55 25.02
C GLN A 23 5.93 -12.09 25.08
N GLY A 24 6.75 -12.85 25.81
CA GLY A 24 8.17 -12.54 25.92
C GLY A 24 8.74 -12.60 24.51
N LYS A 25 8.24 -13.59 23.76
CA LYS A 25 8.68 -13.84 22.38
C LYS A 25 8.39 -12.68 21.40
N VAL A 26 7.16 -12.19 21.37
CA VAL A 26 6.83 -11.02 20.53
C VAL A 26 7.56 -9.77 21.04
N ASP A 27 7.65 -9.66 22.37
CA ASP A 27 8.55 -8.67 22.97
C ASP A 27 10.02 -8.95 22.67
N GLU A 28 10.39 -10.08 22.10
CA GLU A 28 11.77 -10.17 21.72
C GLU A 28 11.88 -9.40 20.42
N VAL A 29 11.14 -9.92 19.43
CA VAL A 29 11.12 -9.45 18.02
C VAL A 29 10.92 -7.97 17.99
N PHE A 30 9.97 -7.47 18.78
CA PHE A 30 9.67 -6.04 18.76
C PHE A 30 10.88 -5.24 19.23
N ARG A 31 11.69 -5.84 20.07
CA ARG A 31 12.89 -5.12 20.47
C ARG A 31 13.87 -5.06 19.31
N LYS A 32 14.00 -6.13 18.53
CA LYS A 32 14.86 -6.10 17.35
C LYS A 32 14.40 -5.03 16.38
N GLN A 33 13.08 -4.90 16.25
CA GLN A 33 12.47 -4.21 15.12
C GLN A 33 11.93 -2.78 15.34
N GLU A 34 11.92 -2.29 16.58
CA GLU A 34 11.34 -0.98 16.91
C GLU A 34 11.88 0.22 16.07
N SER A 35 13.20 0.39 15.96
CA SER A 35 13.78 1.49 15.16
C SER A 35 14.57 0.96 13.95
N ASN A 36 14.31 -0.31 13.61
CA ASN A 36 14.97 -1.03 12.52
C ASN A 36 14.44 -0.53 11.16
N GLN A 37 14.62 0.75 10.88
CA GLN A 37 13.84 1.37 9.80
C GLN A 37 14.37 0.90 8.45
N PHE A 38 15.68 0.73 8.37
CA PHE A 38 16.31 0.35 7.15
C PHE A 38 17.08 -0.94 7.28
N GLY A 39 16.87 -1.66 8.37
CA GLY A 39 17.53 -2.92 8.55
C GLY A 39 17.16 -3.98 7.57
N THR A 40 17.83 -5.10 7.73
CA THR A 40 17.70 -6.24 6.85
C THR A 40 16.77 -7.31 7.41
N ASP A 41 16.52 -7.25 8.71
CA ASP A 41 15.69 -8.26 9.38
C ASP A 41 14.21 -8.22 8.92
N ARG A 42 13.56 -9.38 8.91
CA ARG A 42 12.16 -9.50 8.54
C ARG A 42 11.50 -10.60 9.39
N TYR A 43 10.25 -10.35 9.84
CA TYR A 43 9.53 -11.33 10.62
C TYR A 43 8.05 -11.40 10.28
N ALA A 44 7.50 -12.63 10.27
CA ALA A 44 6.06 -12.82 10.25
C ALA A 44 5.70 -13.59 11.49
N LEU A 45 4.72 -13.06 12.24
CA LEU A 45 4.22 -13.69 13.46
C LEU A 45 2.87 -14.30 13.11
N MET A 46 2.77 -15.62 13.29
CA MET A 46 1.59 -16.37 12.89
C MET A 46 0.92 -17.02 14.08
N PHE A 47 -0.39 -16.79 14.23
CA PHE A 47 -1.16 -17.37 15.32
C PHE A 47 -2.23 -18.35 14.87
N LYS A 48 -2.07 -19.61 15.30
CA LYS A 48 -3.03 -20.67 15.01
C LYS A 48 -4.36 -20.35 15.70
N PRO A 49 -5.47 -20.85 15.16
CA PRO A 49 -6.77 -20.52 15.76
C PRO A 49 -6.84 -20.97 17.22
N GLY A 50 -7.65 -20.24 17.97
CA GLY A 50 -7.69 -20.28 19.42
C GLY A 50 -7.92 -18.90 20.02
N THR A 51 -7.92 -18.83 21.35
CA THR A 51 -8.09 -17.56 22.06
C THR A 51 -6.90 -17.27 22.98
N TYR A 52 -6.16 -16.19 22.71
CA TYR A 52 -5.00 -15.80 23.49
C TYR A 52 -5.25 -14.65 24.49
N ASN A 53 -4.89 -14.82 25.75
CA ASN A 53 -5.07 -13.77 26.76
C ASN A 53 -3.84 -12.91 27.01
N ASP A 54 -4.03 -11.85 27.80
CA ASP A 54 -2.93 -11.21 28.54
C ASP A 54 -1.84 -10.66 27.61
N ILE A 55 -2.23 -10.33 26.37
CA ILE A 55 -1.29 -10.17 25.26
C ILE A 55 -1.39 -8.84 24.54
N ASN A 56 -0.24 -8.32 24.16
CA ASN A 56 -0.15 -7.08 23.38
C ASN A 56 1.02 -7.25 22.40
N ALA A 57 0.71 -7.63 21.17
CA ALA A 57 1.75 -7.70 20.14
C ALA A 57 2.07 -6.26 19.70
N GLN A 58 3.16 -5.70 20.22
CA GLN A 58 3.67 -4.41 19.69
C GLN A 58 4.49 -4.65 18.44
N ILE A 59 4.04 -4.05 17.34
CA ILE A 59 4.54 -4.34 16.00
C ILE A 59 5.50 -3.27 15.53
N GLY A 60 6.73 -3.67 15.19
CA GLY A 60 7.76 -2.74 14.74
C GLY A 60 7.97 -2.83 13.24
N PHE A 61 9.11 -2.33 12.78
CA PHE A 61 9.41 -2.39 11.34
C PHE A 61 9.51 -3.84 10.81
N TYR A 62 9.03 -4.03 9.59
CA TYR A 62 9.18 -5.28 8.82
C TYR A 62 8.61 -6.49 9.56
N THR A 63 7.50 -6.28 10.22
CA THR A 63 6.84 -7.28 11.04
C THR A 63 5.40 -7.36 10.56
N SER A 64 5.00 -8.58 10.18
CA SER A 64 3.61 -8.90 9.85
C SER A 64 3.04 -9.81 10.96
N ILE A 65 1.75 -9.65 11.22
CA ILE A 65 1.10 -10.46 12.21
C ILE A 65 -0.25 -10.85 11.61
N ALA A 66 -0.56 -12.13 11.73
CA ALA A 66 -1.79 -12.69 11.21
C ALA A 66 -2.25 -13.93 11.97
N GLY A 67 -3.57 -14.14 11.93
CA GLY A 67 -4.17 -15.40 12.33
C GLY A 67 -4.22 -16.38 11.16
N LEU A 68 -4.40 -17.68 11.49
CA LEU A 68 -4.42 -18.78 10.55
C LEU A 68 -5.78 -19.49 10.51
N GLY A 69 -6.80 -18.84 11.03
CA GLY A 69 -8.14 -19.26 10.71
C GLY A 69 -8.52 -18.96 9.29
N LEU A 70 -9.76 -19.31 8.99
CA LEU A 70 -10.33 -19.01 7.70
C LEU A 70 -10.89 -17.61 7.76
N ASN A 71 -11.65 -17.38 8.82
CA ASN A 71 -12.26 -16.09 9.17
C ASN A 71 -11.57 -15.45 10.43
N PRO A 72 -11.59 -14.10 10.56
CA PRO A 72 -10.87 -13.39 11.64
C PRO A 72 -11.04 -13.96 13.08
N ASP A 73 -12.26 -14.25 13.46
CA ASP A 73 -12.58 -14.58 14.86
C ASP A 73 -12.10 -15.95 15.33
N ASP A 74 -11.78 -16.81 14.37
CA ASP A 74 -11.03 -18.04 14.65
C ASP A 74 -9.80 -17.79 15.53
N THR A 75 -9.20 -16.59 15.42
CA THR A 75 -8.01 -16.26 16.17
C THR A 75 -8.24 -14.97 16.94
N THR A 76 -8.61 -15.11 18.21
CA THR A 76 -8.99 -13.97 19.04
C THR A 76 -7.94 -13.65 20.11
N PHE A 77 -7.52 -12.38 20.16
CA PHE A 77 -6.64 -11.86 21.20
C PHE A 77 -7.47 -11.05 22.21
N ASN A 78 -7.52 -11.52 23.44
CA ASN A 78 -7.98 -10.68 24.52
C ASN A 78 -6.81 -9.82 24.91
N GLY A 79 -6.78 -8.64 24.32
CA GLY A 79 -5.58 -7.85 24.21
C GLY A 79 -5.51 -7.17 22.85
N ASP A 80 -4.28 -6.92 22.40
CA ASP A 80 -4.04 -5.87 21.42
C ASP A 80 -2.97 -6.22 20.40
N VAL A 81 -3.11 -5.59 19.25
CA VAL A 81 -2.10 -5.57 18.19
C VAL A 81 -1.86 -4.06 17.96
N THR A 82 -0.75 -3.59 18.48
CA THR A 82 -0.54 -2.16 18.73
C THR A 82 0.64 -1.60 17.93
N VAL A 83 0.40 -0.48 17.25
CA VAL A 83 1.46 0.37 16.71
C VAL A 83 1.40 1.75 17.36
N ASP A 84 2.57 2.20 17.79
CA ASP A 84 2.66 3.48 18.47
C ASP A 84 4.04 4.10 18.11
N ALA A 85 4.25 5.37 18.47
CA ALA A 85 5.38 6.15 17.96
C ALA A 85 6.38 6.56 19.03
N GLY A 86 6.49 5.77 20.09
CA GLY A 86 7.43 6.06 21.17
C GLY A 86 8.88 6.15 20.72
N TRP A 87 9.27 5.29 19.77
CA TRP A 87 10.65 5.26 19.28
C TRP A 87 11.06 6.52 18.49
N PHE A 88 10.09 7.31 18.00
CA PHE A 88 10.34 8.56 17.25
C PHE A 88 9.59 9.72 17.95
N ASP A 89 9.52 9.63 19.27
CA ASP A 89 9.05 10.72 20.13
C ASP A 89 7.62 11.18 19.86
N GLY A 90 6.72 10.24 19.62
CA GLY A 90 5.32 10.54 19.45
C GLY A 90 4.97 10.89 18.02
N ASN A 91 5.98 10.91 17.17
CA ASN A 91 5.84 11.30 15.81
C ASN A 91 5.76 10.01 14.99
N ALA A 92 4.60 9.72 14.41
CA ALA A 92 4.34 8.40 13.72
C ALA A 92 4.56 8.40 12.22
N THR A 93 5.17 9.47 11.70
CA THR A 93 5.33 9.62 10.23
C THR A 93 6.41 8.75 9.58
N GLN A 94 7.15 7.98 10.36
CA GLN A 94 8.05 6.98 9.81
C GLN A 94 7.60 5.56 10.19
N ASN A 95 6.33 5.41 10.58
CA ASN A 95 5.81 4.11 11.00
C ASN A 95 5.35 3.27 9.80
N PHE A 96 6.34 2.75 9.07
CA PHE A 96 6.14 2.06 7.79
C PHE A 96 6.34 0.56 7.90
N TRP A 97 5.99 -0.12 6.79
CA TRP A 97 6.39 -1.49 6.46
C TRP A 97 6.05 -2.54 7.51
N ARG A 98 4.77 -2.65 7.78
CA ARG A 98 4.31 -3.65 8.72
C ARG A 98 2.84 -3.95 8.41
N SER A 99 2.33 -5.05 8.93
CA SER A 99 0.91 -5.40 8.61
C SER A 99 0.26 -6.24 9.67
N ALA A 100 -1.07 -6.13 9.72
CA ALA A 100 -1.90 -6.99 10.58
C ALA A 100 -3.06 -7.54 9.77
N GLU A 101 -3.31 -8.85 9.86
CA GLU A 101 -4.41 -9.44 9.14
C GLU A 101 -5.05 -10.65 9.85
N ASN A 102 -6.34 -10.83 9.60
CA ASN A 102 -7.06 -12.08 9.91
C ASN A 102 -7.02 -12.46 11.39
N LEU A 103 -7.24 -11.44 12.22
CA LEU A 103 -7.40 -11.61 13.68
C LEU A 103 -8.62 -10.88 14.23
N ALA A 104 -9.11 -11.39 15.36
CA ALA A 104 -10.10 -10.69 16.19
C ALA A 104 -9.44 -10.15 17.46
N LEU A 105 -9.76 -8.90 17.77
CA LEU A 105 -9.16 -8.22 18.89
C LEU A 105 -10.18 -7.71 19.89
N ASN A 106 -9.92 -8.02 21.14
CA ASN A 106 -10.75 -7.58 22.28
C ASN A 106 -9.80 -6.74 23.12
N PRO A 107 -9.63 -5.45 22.75
CA PRO A 107 -8.57 -4.61 23.37
C PRO A 107 -8.83 -4.44 24.87
N VAL A 108 -7.76 -4.26 25.62
CA VAL A 108 -7.89 -4.38 27.05
C VAL A 108 -8.55 -3.16 27.69
N ASN A 109 -8.36 -1.97 27.14
CA ASN A 109 -9.10 -0.80 27.64
C ASN A 109 -10.25 -0.42 26.71
N GLY A 110 -10.52 -1.28 25.74
CA GLY A 110 -11.66 -1.08 24.84
C GLY A 110 -11.33 -0.52 23.47
N THR A 111 -10.10 -0.05 23.29
CA THR A 111 -9.67 0.58 22.04
C THR A 111 -8.29 0.08 21.68
N ASN A 112 -8.13 -0.36 20.43
CA ASN A 112 -6.86 -0.81 19.92
C ASN A 112 -6.16 0.37 19.19
N ARG A 113 -4.86 0.52 19.42
CA ARG A 113 -4.08 1.59 18.74
C ARG A 113 -3.23 1.07 17.59
N TRP A 114 -3.50 1.56 16.38
CA TRP A 114 -2.74 1.21 15.15
C TRP A 114 -2.21 2.52 14.50
N ALA A 115 -1.20 3.13 15.09
CA ALA A 115 -0.81 4.50 14.75
C ALA A 115 0.27 4.49 13.69
N VAL A 116 -0.15 4.16 12.49
CA VAL A 116 0.77 3.90 11.42
C VAL A 116 0.76 5.03 10.37
N SER A 117 1.80 5.04 9.55
CA SER A 117 1.76 5.83 8.34
C SER A 117 1.74 4.87 7.15
N GLN A 118 2.48 5.15 6.08
CA GLN A 118 2.36 4.39 4.84
C GLN A 118 2.82 2.93 4.89
N ALA A 119 2.29 2.12 3.98
CA ALA A 119 2.62 0.71 3.83
C ALA A 119 2.44 -0.07 5.13
N ALA A 120 1.29 0.11 5.74
CA ALA A 120 1.00 -0.53 7.02
C ALA A 120 -0.46 -1.01 7.03
N PRO A 121 -0.78 -1.96 6.14
CA PRO A 121 -2.18 -2.35 5.94
C PRO A 121 -2.74 -3.17 7.13
N PHE A 122 -4.05 -3.00 7.27
CA PHE A 122 -4.87 -3.56 8.35
C PHE A 122 -6.04 -4.20 7.57
N ARG A 123 -5.96 -5.52 7.40
CA ARG A 123 -6.89 -6.23 6.54
C ARG A 123 -7.57 -7.36 7.30
N ARG A 124 -8.84 -7.60 6.96
CA ARG A 124 -9.60 -8.74 7.47
C ARG A 124 -9.43 -8.87 8.99
N MET A 125 -9.67 -7.74 9.65
CA MET A 125 -9.62 -7.63 11.10
C MET A 125 -11.01 -7.45 11.71
N HIS A 126 -11.19 -8.03 12.88
CA HIS A 126 -12.38 -7.75 13.71
C HIS A 126 -12.00 -7.14 15.07
N VAL A 127 -12.24 -5.84 15.21
CA VAL A 127 -11.93 -5.12 16.45
C VAL A 127 -13.22 -5.02 17.23
N LYS A 128 -13.27 -5.76 18.34
CA LYS A 128 -14.43 -5.74 19.21
C LYS A 128 -14.29 -4.56 20.19
N GLY A 129 -14.24 -3.36 19.63
CA GLY A 129 -14.15 -2.15 20.41
C GLY A 129 -13.79 -1.08 19.42
N GLY A 130 -13.15 -0.03 19.92
CA GLY A 130 -12.66 1.06 19.10
C GLY A 130 -11.27 0.87 18.52
N LEU A 131 -10.97 1.71 17.53
CA LEU A 131 -9.68 1.67 16.85
C LEU A 131 -9.16 3.11 16.77
N ASN A 132 -8.08 3.36 17.48
CA ASN A 132 -7.39 4.67 17.49
C ASN A 132 -6.24 4.59 16.53
N LEU A 133 -6.24 5.46 15.53
CA LEU A 133 -5.20 5.48 14.50
C LEU A 133 -4.06 6.49 14.78
N ALA A 134 -4.15 7.18 15.90
CA ALA A 134 -3.21 8.25 16.22
C ALA A 134 -2.19 7.85 17.29
N PRO A 135 -0.97 8.40 17.17
CA PRO A 135 0.06 8.19 18.21
C PRO A 135 -0.38 8.81 19.53
N ASP A 136 0.00 8.20 20.63
CA ASP A 136 -0.32 8.80 21.94
C ASP A 136 0.33 10.18 21.90
N GLY A 137 -0.34 11.19 22.45
CA GLY A 137 0.04 12.58 22.24
C GLY A 137 -0.60 13.23 21.01
N TYR A 138 -0.99 12.40 20.02
CA TYR A 138 -1.63 12.86 18.76
C TYR A 138 -0.65 13.61 17.87
N GLY A 139 0.61 13.21 17.90
CA GLY A 139 1.59 13.81 17.02
C GLY A 139 1.26 13.71 15.53
N TRP A 140 2.28 13.67 14.69
CA TRP A 140 1.98 13.66 13.30
C TRP A 140 1.80 12.20 12.83
N ALA A 141 1.01 12.04 11.79
CA ALA A 141 0.73 10.70 11.28
C ALA A 141 0.13 10.83 9.90
N SER A 142 0.53 9.93 9.00
CA SER A 142 0.19 10.03 7.61
C SER A 142 -0.12 8.66 6.99
N GLY A 143 -1.14 7.98 7.52
CA GLY A 143 -1.59 6.70 7.00
C GLY A 143 -2.50 6.92 5.81
N GLY A 144 -3.27 5.92 5.41
CA GLY A 144 -3.37 4.63 6.05
C GLY A 144 -4.43 3.84 5.29
N TYR A 145 -4.56 2.56 5.64
CA TYR A 145 -5.31 1.61 4.85
C TYR A 145 -5.94 0.50 5.66
N ILE A 146 -7.26 0.48 5.57
CA ILE A 146 -8.09 -0.57 6.21
C ILE A 146 -8.97 -1.17 5.13
N ALA A 147 -8.97 -2.49 5.04
CA ALA A 147 -9.85 -3.21 4.14
C ALA A 147 -10.44 -4.45 4.77
N ASP A 148 -11.66 -4.74 4.35
CA ASP A 148 -12.33 -5.99 4.71
C ASP A 148 -12.36 -6.23 6.21
N SER A 149 -12.59 -5.14 6.95
CA SER A 149 -12.52 -5.17 8.41
C SER A 149 -13.83 -4.79 9.08
N LYS A 150 -14.04 -5.34 10.26
CA LYS A 150 -15.16 -4.90 11.08
C LYS A 150 -14.65 -4.29 12.39
N ILE A 151 -14.95 -3.02 12.55
CA ILE A 151 -14.63 -2.30 13.79
C ILE A 151 -15.97 -2.07 14.49
N ASP A 152 -16.20 -2.78 15.59
CA ASP A 152 -17.48 -2.67 16.28
C ASP A 152 -17.77 -1.26 16.77
N GLY A 153 -16.77 -0.55 17.29
CA GLY A 153 -16.97 0.77 17.84
C GLY A 153 -16.55 1.89 16.88
N GLU A 154 -16.10 3.00 17.45
CA GLU A 154 -15.65 4.14 16.64
C GLU A 154 -14.20 4.01 16.25
N VAL A 155 -13.90 4.30 14.97
CA VAL A 155 -12.54 4.57 14.56
C VAL A 155 -12.20 6.06 14.80
N GLY A 156 -11.08 6.31 15.45
CA GLY A 156 -10.68 7.67 15.80
C GLY A 156 -9.39 8.01 15.11
N PRO A 157 -9.47 8.77 14.02
CA PRO A 157 -8.22 9.06 13.34
C PRO A 157 -7.42 10.17 14.04
N TYR A 158 -8.13 11.05 14.75
CA TYR A 158 -7.55 12.21 15.46
C TYR A 158 -6.58 13.05 14.55
N SER A 159 -5.27 12.92 14.75
CA SER A 159 -4.29 13.67 13.98
C SER A 159 -3.92 13.07 12.60
N GLN A 160 -4.41 11.87 12.27
CA GLN A 160 -4.15 11.32 10.92
C GLN A 160 -4.49 12.29 9.81
N GLN A 161 -3.54 12.58 8.92
CA GLN A 161 -3.80 13.52 7.84
C GLN A 161 -4.89 13.06 6.89
N GLN A 162 -4.81 11.80 6.51
CA GLN A 162 -5.67 11.24 5.50
C GLN A 162 -5.81 9.71 5.75
N TRP A 163 -6.83 9.11 5.14
CA TRP A 163 -7.06 7.67 5.33
C TRP A 163 -7.93 7.10 4.20
N TYR A 164 -7.69 5.82 3.87
CA TYR A 164 -8.57 5.06 3.00
C TYR A 164 -9.11 3.80 3.67
N THR A 165 -10.44 3.68 3.58
CA THR A 165 -11.15 2.51 4.06
C THR A 165 -12.06 1.94 2.96
N ARG A 166 -11.94 0.63 2.72
CA ARG A 166 -12.85 -0.05 1.80
C ARG A 166 -13.45 -1.34 2.31
N ASP A 167 -14.68 -1.56 1.82
CA ASP A 167 -15.34 -2.84 1.94
C ASP A 167 -15.25 -3.35 3.38
N SER A 168 -15.85 -2.59 4.26
CA SER A 168 -15.69 -2.78 5.71
C SER A 168 -16.96 -2.41 6.47
N SER A 169 -16.90 -2.53 7.80
CA SER A 169 -17.99 -2.05 8.68
C SER A 169 -17.39 -1.36 9.89
N VAL A 170 -17.75 -0.10 10.10
CA VAL A 170 -17.34 0.63 11.31
C VAL A 170 -18.60 1.08 12.09
N GLY A 171 -18.51 1.06 13.41
CA GLY A 171 -19.61 1.49 14.26
C GLY A 171 -19.71 3.00 14.33
N GLY A 172 -18.58 3.65 14.06
CA GLY A 172 -18.47 5.08 14.16
C GLY A 172 -17.23 5.55 13.44
N TRP A 173 -17.22 6.83 13.11
CA TRP A 173 -16.02 7.46 12.59
C TRP A 173 -15.97 8.85 13.19
N GLY A 174 -14.84 9.18 13.79
CA GLY A 174 -14.76 10.34 14.68
C GLY A 174 -14.64 11.63 13.88
N ASN A 175 -13.67 11.71 12.98
CA ASN A 175 -13.27 13.00 12.43
C ASN A 175 -12.53 12.93 11.06
N GLY A 176 -11.78 13.98 10.78
CA GLY A 176 -11.07 14.10 9.55
C GLY A 176 -10.04 15.19 9.75
N VAL A 177 -9.06 15.26 8.85
CA VAL A 177 -8.15 16.41 8.79
C VAL A 177 -8.12 16.96 7.37
N TRP A 178 -7.51 16.23 6.43
CA TRP A 178 -7.48 16.61 5.00
C TRP A 178 -8.26 15.72 4.02
N ASN A 179 -8.21 14.37 4.19
CA ASN A 179 -8.81 13.47 3.20
C ASN A 179 -9.09 12.03 3.70
N MET A 180 -10.28 11.86 4.22
CA MET A 180 -10.73 10.56 4.66
C MET A 180 -11.66 10.07 3.58
N THR A 181 -11.24 9.02 2.86
CA THR A 181 -12.02 8.44 1.77
C THR A 181 -12.52 7.04 2.14
N PHE A 182 -13.77 6.80 1.79
CA PHE A 182 -14.45 5.52 2.02
C PHE A 182 -15.09 4.97 0.73
N SER A 183 -14.94 3.66 0.50
CA SER A 183 -15.75 2.99 -0.52
C SER A 183 -16.26 1.65 -0.02
N GLY A 184 -17.58 1.45 -0.12
CA GLY A 184 -18.20 0.22 0.34
C GLY A 184 -18.06 0.01 1.83
N VAL A 185 -18.10 1.11 2.57
CA VAL A 185 -17.95 1.05 4.00
C VAL A 185 -19.29 1.33 4.70
N GLU A 186 -19.93 0.26 5.15
CA GLU A 186 -21.12 0.40 6.01
C GLU A 186 -20.72 1.18 7.25
N GLY A 187 -21.54 2.16 7.60
CA GLY A 187 -21.19 3.00 8.72
C GLY A 187 -20.35 4.21 8.32
N ALA A 188 -19.88 4.30 7.09
CA ALA A 188 -19.08 5.49 6.77
C ALA A 188 -19.96 6.73 6.95
N PRO A 189 -19.37 7.77 7.54
CA PRO A 189 -20.02 9.08 7.50
C PRO A 189 -20.26 9.47 6.04
N ALA A 190 -21.37 10.14 5.77
CA ALA A 190 -21.71 10.30 4.36
C ALA A 190 -20.91 11.43 3.67
N GLN A 191 -20.94 11.41 2.34
CA GLN A 191 -20.28 12.41 1.49
C GLN A 191 -20.51 13.87 1.95
N SER A 192 -19.46 14.53 2.42
CA SER A 192 -19.61 15.95 2.82
C SER A 192 -18.41 16.86 2.49
N PHE A 193 -17.41 16.33 1.76
CA PHE A 193 -16.19 17.10 1.45
C PHE A 193 -16.59 18.47 0.95
N PRO A 194 -15.90 19.56 1.39
CA PRO A 194 -14.60 19.64 2.07
C PRO A 194 -14.52 19.76 3.61
N GLU A 195 -15.64 19.86 4.32
CA GLU A 195 -15.58 20.06 5.75
C GLU A 195 -16.76 19.30 6.37
N PRO A 196 -16.48 18.23 7.13
CA PRO A 196 -15.24 17.45 7.19
C PRO A 196 -14.90 16.96 5.79
N PRO A 197 -13.64 16.58 5.56
CA PRO A 197 -13.20 16.15 4.24
C PRO A 197 -13.47 14.67 4.03
N TYR A 198 -14.76 14.35 4.03
CA TYR A 198 -15.23 13.00 3.85
C TYR A 198 -15.59 12.81 2.38
N THR A 199 -14.89 11.87 1.74
CA THR A 199 -15.23 11.41 0.40
C THR A 199 -15.79 9.99 0.48
N THR A 200 -17.09 9.84 0.22
CA THR A 200 -17.73 8.55 0.52
C THR A 200 -18.45 8.00 -0.67
N LEU A 201 -18.05 6.80 -1.07
CA LEU A 201 -18.65 6.05 -2.16
C LEU A 201 -19.39 4.82 -1.58
N GLU A 202 -20.65 4.66 -1.98
CA GLU A 202 -21.46 3.56 -1.54
C GLU A 202 -20.76 2.24 -1.73
N THR A 203 -20.01 2.14 -2.83
CA THR A 203 -19.36 0.91 -3.20
C THR A 203 -17.99 1.03 -3.85
N THR A 204 -17.29 -0.10 -3.81
CA THR A 204 -16.05 -0.29 -4.55
C THR A 204 -16.37 -0.95 -5.88
N PRO A 205 -16.01 -0.30 -6.98
CA PRO A 205 -16.33 -0.83 -8.32
C PRO A 205 -16.04 -2.31 -8.46
N VAL A 206 -14.79 -2.70 -8.14
CA VAL A 206 -14.47 -4.09 -7.98
C VAL A 206 -13.29 -4.23 -7.00
N SER A 207 -13.33 -5.31 -6.25
CA SER A 207 -12.30 -5.61 -5.28
C SER A 207 -12.17 -7.11 -5.16
N ARG A 208 -10.99 -7.53 -4.70
CA ARG A 208 -10.66 -8.92 -4.54
C ARG A 208 -9.70 -9.05 -3.40
N GLU A 209 -10.15 -9.69 -2.33
CA GLU A 209 -9.41 -9.65 -1.08
C GLU A 209 -8.04 -10.34 -1.24
N LYS A 210 -7.06 -9.81 -0.53
CA LYS A 210 -5.70 -10.35 -0.62
C LYS A 210 -5.67 -11.81 -0.16
N PRO A 211 -4.99 -12.69 -0.94
CA PRO A 211 -4.84 -14.09 -0.51
C PRO A 211 -4.12 -14.20 0.83
N PHE A 212 -4.48 -15.17 1.65
CA PHE A 212 -3.79 -15.35 2.94
C PHE A 212 -3.58 -16.82 3.30
N LEU A 213 -2.46 -17.07 3.98
CA LEU A 213 -2.11 -18.36 4.49
C LEU A 213 -3.03 -18.75 5.67
N TYR A 214 -3.33 -20.03 5.80
CA TYR A 214 -4.12 -20.45 6.96
C TYR A 214 -4.15 -21.98 7.06
N LEU A 215 -4.86 -22.49 8.07
CA LEU A 215 -4.76 -23.89 8.48
C LEU A 215 -6.08 -24.58 8.66
N ASP A 216 -6.30 -25.62 7.86
CA ASP A 216 -7.57 -26.32 7.76
C ASP A 216 -7.42 -27.57 8.66
N GLY A 217 -6.88 -27.39 9.89
CA GLY A 217 -6.35 -28.48 10.73
C GLY A 217 -4.81 -28.67 10.70
N ASP A 218 -4.36 -29.88 10.41
CA ASP A 218 -2.93 -30.00 10.02
C ASP A 218 -2.61 -29.45 8.63
N ASP A 219 -3.61 -28.95 7.86
CA ASP A 219 -3.41 -28.58 6.44
C ASP A 219 -3.22 -27.06 6.15
N TYR A 220 -2.00 -26.69 5.77
CA TYR A 220 -1.75 -25.35 5.19
C TYR A 220 -2.28 -25.13 3.79
N LYS A 221 -3.02 -24.03 3.69
CA LYS A 221 -3.60 -23.59 2.44
C LYS A 221 -3.30 -22.06 2.20
N VAL A 222 -3.42 -21.65 0.95
CA VAL A 222 -3.61 -20.24 0.63
C VAL A 222 -5.06 -20.04 0.16
N PHE A 223 -5.87 -19.32 0.97
CA PHE A 223 -7.24 -19.00 0.58
C PHE A 223 -7.17 -17.83 -0.36
N VAL A 224 -7.75 -18.00 -1.54
CA VAL A 224 -7.73 -17.04 -2.65
C VAL A 224 -9.16 -16.58 -2.86
N PRO A 225 -9.53 -15.49 -2.19
CA PRO A 225 -10.87 -14.89 -2.35
C PRO A 225 -11.19 -14.61 -3.79
N ALA A 226 -12.43 -14.93 -4.13
CA ALA A 226 -13.08 -14.50 -5.35
C ALA A 226 -13.27 -12.98 -5.41
N LYS A 227 -13.22 -12.44 -6.64
CA LYS A 227 -13.55 -11.05 -6.86
C LYS A 227 -14.98 -10.76 -6.44
N ARG A 228 -15.17 -9.58 -5.85
CA ARG A 228 -16.47 -8.95 -5.75
C ARG A 228 -16.53 -7.76 -6.69
N THR A 229 -17.55 -7.67 -7.53
CA THR A 229 -17.75 -6.48 -8.36
C THR A 229 -18.93 -5.69 -7.77
N ASN A 230 -18.84 -4.37 -7.70
CA ASN A 230 -19.61 -3.48 -6.77
C ASN A 230 -19.63 -3.90 -5.29
N ALA A 231 -18.47 -3.96 -4.63
CA ALA A 231 -18.42 -4.42 -3.26
C ALA A 231 -18.85 -3.44 -2.18
N ARG A 232 -19.44 -3.99 -1.12
CA ARG A 232 -19.77 -3.22 0.07
C ARG A 232 -19.77 -4.12 1.29
N GLY A 233 -19.20 -3.62 2.39
CA GLY A 233 -19.01 -4.43 3.60
C GLY A 233 -17.96 -5.53 3.46
N THR A 234 -17.84 -6.37 4.50
CA THR A 234 -16.82 -7.40 4.54
C THR A 234 -17.19 -8.60 3.65
N SER A 235 -16.17 -9.24 3.06
CA SER A 235 -16.35 -10.45 2.31
C SER A 235 -16.81 -11.57 3.29
N TRP A 236 -16.43 -11.39 4.55
CA TRP A 236 -16.55 -12.50 5.50
C TRP A 236 -17.78 -12.45 6.39
N GLY A 237 -18.28 -11.29 6.77
CA GLY A 237 -19.52 -11.17 7.57
C GLY A 237 -20.50 -12.36 7.72
N ASN A 238 -20.37 -13.41 6.90
CA ASN A 238 -21.45 -14.41 6.78
C ASN A 238 -21.27 -15.91 6.77
N GLY A 239 -20.10 -16.52 6.54
CA GLY A 239 -19.94 -17.97 6.62
C GLY A 239 -19.12 -18.21 5.40
N THR A 240 -18.70 -19.45 5.04
CA THR A 240 -18.18 -19.76 3.69
C THR A 240 -17.72 -18.50 2.92
N PRO A 241 -16.48 -18.11 3.16
CA PRO A 241 -15.88 -17.17 2.22
C PRO A 241 -15.63 -17.83 0.87
N GLU A 242 -15.87 -17.08 -0.18
CA GLU A 242 -15.81 -17.59 -1.53
C GLU A 242 -14.44 -17.42 -2.17
N GLY A 243 -14.11 -18.33 -3.09
CA GLY A 243 -12.85 -18.28 -3.83
C GLY A 243 -12.25 -19.65 -4.12
N GLU A 244 -10.96 -19.78 -3.86
CA GLU A 244 -10.40 -21.12 -3.89
C GLU A 244 -9.45 -21.29 -2.75
N SER A 245 -9.12 -22.55 -2.46
CA SER A 245 -8.17 -22.86 -1.41
C SER A 245 -7.09 -23.78 -1.93
N LEU A 246 -5.90 -23.20 -2.15
CA LEU A 246 -4.77 -23.90 -2.67
C LEU A 246 -4.10 -24.69 -1.55
N PRO A 247 -3.73 -25.96 -1.81
CA PRO A 247 -2.79 -26.64 -0.90
C PRO A 247 -1.43 -25.93 -0.82
N LEU A 248 -0.83 -25.84 0.36
CA LEU A 248 0.49 -25.22 0.48
C LEU A 248 1.48 -25.90 -0.42
N ASP A 249 1.27 -27.19 -0.57
CA ASP A 249 2.18 -28.04 -1.29
C ASP A 249 2.35 -27.65 -2.75
N GLN A 250 1.41 -26.87 -3.27
CA GLN A 250 1.48 -26.38 -4.63
C GLN A 250 2.08 -24.95 -4.72
N PHE A 251 2.87 -24.59 -3.71
CA PHE A 251 3.60 -23.32 -3.66
C PHE A 251 5.07 -23.60 -3.63
N TYR A 252 5.88 -22.78 -4.28
CA TYR A 252 7.32 -22.85 -4.10
C TYR A 252 7.75 -21.80 -3.07
N VAL A 253 8.50 -22.28 -2.10
CA VAL A 253 8.80 -21.56 -0.91
C VAL A 253 10.19 -20.99 -1.01
N VAL A 254 10.22 -19.69 -1.21
CA VAL A 254 11.43 -18.97 -1.50
C VAL A 254 12.10 -18.57 -0.19
N LYS A 255 13.29 -19.11 0.00
CA LYS A 255 14.18 -18.78 1.11
C LYS A 255 15.43 -18.16 0.47
N PRO A 256 16.00 -17.08 1.05
CA PRO A 256 17.06 -16.40 0.27
C PRO A 256 18.23 -17.35 -0.03
N GLY A 257 19.04 -16.99 -1.02
CA GLY A 257 20.03 -17.89 -1.56
C GLY A 257 19.46 -18.55 -2.83
N ALA A 258 18.15 -18.54 -3.02
CA ALA A 258 17.57 -18.95 -4.29
C ALA A 258 17.62 -17.76 -5.22
N THR A 259 17.53 -18.03 -6.51
CA THR A 259 17.73 -17.04 -7.54
C THR A 259 16.51 -16.94 -8.45
N ALA A 260 16.45 -15.90 -9.26
CA ALA A 260 15.34 -15.75 -10.20
C ALA A 260 15.32 -16.94 -11.18
N GLU A 261 16.50 -17.52 -11.41
CA GLU A 261 16.60 -18.77 -12.16
C GLU A 261 15.59 -19.76 -11.57
N THR A 262 15.72 -20.11 -10.28
CA THR A 262 14.87 -21.16 -9.71
C THR A 262 13.41 -20.71 -9.63
N ILE A 263 13.19 -19.44 -9.31
CA ILE A 263 11.86 -18.89 -9.14
C ILE A 263 11.03 -19.01 -10.41
N ASN A 264 11.63 -18.62 -11.54
CA ASN A 264 10.95 -18.61 -12.83
C ASN A 264 10.61 -20.01 -13.32
N ALA A 265 11.53 -20.93 -13.07
CA ALA A 265 11.32 -22.32 -13.43
C ALA A 265 10.21 -22.93 -12.57
N ALA A 266 10.16 -22.55 -11.29
CA ALA A 266 9.08 -22.98 -10.43
C ALA A 266 7.75 -22.61 -11.07
N VAL A 267 7.65 -21.35 -11.53
CA VAL A 267 6.41 -20.87 -12.13
C VAL A 267 6.15 -21.66 -13.40
N ASP A 268 7.25 -21.99 -14.11
CA ASP A 268 7.16 -22.79 -15.32
C ASP A 268 6.43 -24.09 -15.05
N GLN A 269 6.61 -24.65 -13.86
CA GLN A 269 6.05 -25.96 -13.50
C GLN A 269 4.73 -25.86 -12.72
N GLY A 270 4.03 -24.74 -12.90
CA GLY A 270 2.69 -24.59 -12.40
C GLY A 270 2.56 -24.26 -10.92
N LEU A 271 3.69 -24.10 -10.24
CA LEU A 271 3.68 -23.79 -8.83
C LEU A 271 3.51 -22.28 -8.57
N HIS A 272 2.83 -21.99 -7.48
CA HIS A 272 2.66 -20.63 -6.96
C HIS A 272 3.85 -20.35 -6.08
N LEU A 273 4.06 -19.06 -5.77
CA LEU A 273 5.25 -18.63 -5.04
C LEU A 273 4.89 -18.05 -3.69
N LEU A 274 5.63 -18.47 -2.67
CA LEU A 274 5.49 -17.89 -1.35
C LEU A 274 6.84 -17.49 -0.86
N PHE A 275 7.02 -16.17 -0.73
CA PHE A 275 8.30 -15.67 -0.28
C PHE A 275 8.31 -15.54 1.23
N THR A 276 9.17 -16.34 1.86
CA THR A 276 9.43 -16.26 3.29
C THR A 276 10.07 -14.89 3.64
N PRO A 277 9.97 -14.47 4.90
CA PRO A 277 10.46 -13.13 5.24
C PRO A 277 11.97 -13.10 5.07
N GLY A 278 12.46 -12.01 4.49
CA GLY A 278 13.87 -11.92 4.13
C GLY A 278 14.04 -11.05 2.88
N VAL A 279 15.29 -10.92 2.48
CA VAL A 279 15.68 -9.98 1.43
C VAL A 279 16.40 -10.74 0.32
N TYR A 280 15.83 -10.70 -0.88
CA TYR A 280 16.27 -11.48 -2.04
C TYR A 280 16.88 -10.57 -3.15
N HIS A 281 18.10 -10.87 -3.56
CA HIS A 281 18.70 -10.16 -4.71
C HIS A 281 18.46 -11.05 -5.90
N VAL A 282 18.10 -10.45 -7.03
CA VAL A 282 17.91 -11.19 -8.28
C VAL A 282 18.75 -10.53 -9.39
N ASP A 283 19.26 -11.35 -10.34
CA ASP A 283 20.10 -10.91 -11.46
C ASP A 283 19.31 -10.80 -12.77
N GLN A 284 18.01 -11.02 -12.69
CA GLN A 284 17.10 -10.65 -13.76
C GLN A 284 15.71 -10.83 -13.21
N PRO A 285 14.71 -10.38 -13.98
CA PRO A 285 13.37 -10.24 -13.40
C PRO A 285 12.76 -11.56 -12.98
N ILE A 286 12.05 -11.54 -11.86
CA ILE A 286 11.11 -12.58 -11.58
C ILE A 286 10.07 -12.45 -12.67
N GLU A 287 9.62 -13.60 -13.19
CA GLU A 287 8.75 -13.64 -14.34
C GLU A 287 7.54 -14.54 -14.09
N ILE A 288 6.36 -13.95 -14.08
CA ILE A 288 5.14 -14.64 -13.77
C ILE A 288 4.29 -14.60 -15.01
N ASP A 289 4.39 -15.68 -15.80
CA ASP A 289 3.73 -15.81 -17.08
C ASP A 289 2.86 -17.10 -17.16
N ARG A 290 2.24 -17.44 -16.03
CA ARG A 290 1.16 -18.40 -15.97
C ARG A 290 -0.11 -17.76 -15.39
N ALA A 291 -1.23 -17.91 -16.10
CA ALA A 291 -2.47 -17.40 -15.58
C ALA A 291 -2.72 -17.94 -14.16
N ASN A 292 -3.27 -17.07 -13.33
CA ASN A 292 -3.71 -17.41 -11.96
C ASN A 292 -2.63 -17.66 -10.93
N THR A 293 -1.38 -17.42 -11.27
CA THR A 293 -0.29 -17.55 -10.32
C THR A 293 -0.43 -16.58 -9.13
N VAL A 294 -0.22 -17.10 -7.94
CA VAL A 294 -0.18 -16.34 -6.70
C VAL A 294 1.25 -16.17 -6.35
N ALA A 295 1.63 -14.91 -6.11
CA ALA A 295 2.94 -14.54 -5.62
C ALA A 295 2.73 -13.74 -4.32
N LEU A 296 2.97 -14.42 -3.22
CA LEU A 296 2.53 -13.93 -1.91
C LEU A 296 3.77 -13.77 -1.03
N GLY A 297 4.03 -12.54 -0.60
CA GLY A 297 5.06 -12.30 0.40
C GLY A 297 4.61 -12.36 1.86
N LEU A 298 5.48 -12.88 2.73
CA LEU A 298 5.32 -12.78 4.18
C LEU A 298 6.38 -11.85 4.79
N GLY A 299 6.04 -11.27 5.93
CA GLY A 299 7.02 -10.54 6.72
C GLY A 299 7.73 -9.40 6.03
N LEU A 300 7.05 -8.79 5.06
CA LEU A 300 7.62 -7.72 4.25
C LEU A 300 8.81 -8.24 3.38
N ALA A 301 8.69 -9.50 2.97
CA ALA A 301 9.63 -10.07 2.01
C ALA A 301 9.95 -9.07 0.90
N THR A 302 11.23 -8.99 0.59
CA THR A 302 11.79 -7.93 -0.22
C THR A 302 12.59 -8.47 -1.41
N ILE A 303 12.50 -7.77 -2.54
CA ILE A 303 13.24 -8.10 -3.73
C ILE A 303 14.04 -6.89 -4.15
N ILE A 304 15.35 -7.11 -4.32
CA ILE A 304 16.26 -6.09 -4.82
C ILE A 304 16.84 -6.54 -6.18
N PRO A 305 16.50 -5.80 -7.25
CA PRO A 305 17.15 -6.08 -8.53
C PRO A 305 18.56 -5.51 -8.63
N ASP A 306 19.52 -6.36 -8.96
CA ASP A 306 20.92 -5.98 -9.17
C ASP A 306 21.17 -5.64 -10.65
N ASN A 307 22.30 -4.98 -10.96
CA ASN A 307 22.77 -4.86 -12.35
C ASN A 307 21.75 -4.14 -13.28
N GLY A 308 20.85 -3.39 -12.66
CA GLY A 308 19.87 -2.56 -13.35
C GLY A 308 18.74 -3.31 -14.04
N VAL A 309 18.54 -4.58 -13.68
CA VAL A 309 17.40 -5.30 -14.23
C VAL A 309 16.07 -4.88 -13.61
N THR A 310 14.99 -5.28 -14.26
CA THR A 310 13.65 -5.11 -13.71
C THR A 310 13.45 -6.21 -12.64
N ALA A 311 12.80 -5.91 -11.52
CA ALA A 311 12.59 -6.91 -10.47
C ALA A 311 11.53 -7.97 -10.81
N LEU A 312 10.41 -7.52 -11.38
CA LEU A 312 9.28 -8.37 -11.60
C LEU A 312 8.56 -7.95 -12.88
N LYS A 313 8.38 -8.93 -13.78
CA LYS A 313 7.65 -8.80 -15.04
C LYS A 313 6.47 -9.80 -15.00
N VAL A 314 5.24 -9.31 -15.05
CA VAL A 314 4.06 -10.16 -15.24
C VAL A 314 3.62 -10.17 -16.71
N GLY A 315 3.28 -11.36 -17.21
CA GLY A 315 3.01 -11.52 -18.62
C GLY A 315 1.55 -11.17 -18.87
N ASP A 316 1.10 -11.38 -20.09
CA ASP A 316 -0.25 -10.93 -20.46
C ASP A 316 -1.31 -12.00 -20.15
N VAL A 317 -1.65 -12.15 -18.87
CA VAL A 317 -2.46 -13.30 -18.46
C VAL A 317 -3.41 -13.04 -17.28
N ASP A 318 -4.61 -13.55 -17.42
CA ASP A 318 -5.64 -13.56 -16.41
C ASP A 318 -5.13 -13.99 -15.02
N GLY A 319 -5.57 -13.27 -13.98
CA GLY A 319 -5.63 -13.83 -12.65
C GLY A 319 -4.38 -13.83 -11.77
N VAL A 320 -3.32 -13.13 -12.15
CA VAL A 320 -2.11 -13.13 -11.32
C VAL A 320 -2.41 -12.26 -10.09
N LYS A 321 -1.94 -12.70 -8.93
CA LYS A 321 -2.20 -12.03 -7.65
C LYS A 321 -0.87 -11.88 -6.93
N VAL A 322 -0.31 -10.68 -7.05
CA VAL A 322 0.94 -10.31 -6.42
C VAL A 322 0.55 -9.60 -5.15
N ALA A 323 1.09 -10.09 -4.04
CA ALA A 323 0.78 -9.48 -2.74
C ALA A 323 1.91 -9.53 -1.72
N GLY A 324 2.04 -8.43 -0.99
CA GLY A 324 2.82 -8.40 0.22
C GLY A 324 4.31 -8.46 -0.02
N LEU A 325 4.80 -7.78 -1.07
CA LEU A 325 6.22 -7.64 -1.33
C LEU A 325 6.68 -6.18 -1.31
N LEU A 326 7.92 -5.98 -0.88
CA LEU A 326 8.63 -4.72 -1.05
C LEU A 326 9.60 -4.92 -2.20
N VAL A 327 9.62 -3.97 -3.13
CA VAL A 327 10.63 -3.94 -4.20
C VAL A 327 11.55 -2.76 -3.86
N ASP A 328 12.85 -3.04 -3.74
CA ASP A 328 13.82 -2.17 -3.10
C ASP A 328 14.94 -1.90 -4.10
N ALA A 329 15.03 -0.69 -4.65
CA ALA A 329 15.88 -0.50 -5.82
C ALA A 329 17.35 -0.69 -5.47
N GLY A 330 18.12 -1.26 -6.40
CA GLY A 330 19.58 -1.24 -6.31
C GLY A 330 20.18 0.12 -6.70
N PRO A 331 21.45 0.36 -6.33
CA PRO A 331 22.06 1.63 -6.71
C PRO A 331 22.38 1.74 -8.21
N VAL A 332 22.47 0.61 -8.91
CA VAL A 332 22.54 0.63 -10.38
C VAL A 332 21.15 0.86 -10.95
N ASN A 333 21.00 1.96 -11.70
CA ASN A 333 19.70 2.35 -12.16
C ASN A 333 19.00 1.24 -12.93
N SER A 334 17.79 0.87 -12.48
CA SER A 334 16.95 -0.01 -13.28
C SER A 334 15.97 0.80 -14.13
N GLU A 335 15.79 0.42 -15.40
CA GLU A 335 14.78 1.07 -16.26
C GLU A 335 13.38 1.06 -15.69
N THR A 336 12.97 -0.11 -15.24
CA THR A 336 11.72 -0.26 -14.55
C THR A 336 11.95 -1.20 -13.35
N LEU A 337 11.08 -1.13 -12.34
CA LEU A 337 11.15 -2.05 -11.22
C LEU A 337 10.12 -3.17 -11.31
N VAL A 338 8.89 -2.80 -11.72
CA VAL A 338 7.80 -3.71 -11.78
C VAL A 338 7.02 -3.39 -13.06
N GLU A 339 6.83 -4.40 -13.89
CA GLU A 339 6.04 -4.24 -15.10
C GLU A 339 4.91 -5.27 -15.06
N VAL A 340 3.67 -4.79 -15.16
CA VAL A 340 2.55 -5.69 -15.28
C VAL A 340 2.03 -5.68 -16.69
N GLY A 341 2.31 -6.79 -17.39
CA GLY A 341 2.00 -6.92 -18.80
C GLY A 341 3.11 -6.34 -19.68
N SER A 342 3.14 -6.75 -20.93
CA SER A 342 4.17 -6.31 -21.85
C SER A 342 3.81 -4.93 -22.48
N ASP A 343 4.81 -4.23 -23.04
CA ASP A 343 4.53 -2.94 -23.68
C ASP A 343 3.70 -3.16 -24.98
N GLY A 344 2.52 -2.53 -25.05
CA GLY A 344 1.61 -2.72 -26.21
C GLY A 344 0.42 -3.66 -26.00
N ALA A 345 0.42 -4.37 -24.88
CA ALA A 345 -0.55 -5.45 -24.67
C ALA A 345 -1.98 -4.91 -24.70
N SER A 346 -2.83 -5.55 -25.47
CA SER A 346 -4.25 -5.18 -25.55
C SER A 346 -5.21 -6.30 -25.12
N GLY A 347 -4.71 -7.39 -24.58
CA GLY A 347 -5.67 -8.41 -24.11
C GLY A 347 -6.53 -7.86 -22.99
N ASP A 348 -7.83 -8.21 -22.96
CA ASP A 348 -8.72 -7.95 -21.81
C ASP A 348 -8.51 -8.93 -20.65
N HIS A 349 -8.82 -8.52 -19.43
CA HIS A 349 -8.67 -9.40 -18.27
C HIS A 349 -9.78 -9.14 -17.29
N ALA A 350 -10.95 -8.79 -17.82
CA ALA A 350 -12.01 -8.24 -17.02
C ALA A 350 -12.70 -9.25 -16.07
N ALA A 351 -12.92 -10.48 -16.54
CA ALA A 351 -13.53 -11.46 -15.67
C ALA A 351 -12.61 -11.84 -14.52
N ASN A 352 -11.31 -11.90 -14.80
CA ASN A 352 -10.32 -12.39 -13.88
C ASN A 352 -9.05 -11.58 -13.99
N PRO A 353 -9.08 -10.38 -13.39
CA PRO A 353 -7.93 -9.50 -13.58
C PRO A 353 -6.67 -9.91 -12.82
N THR A 354 -5.55 -9.31 -13.23
CA THR A 354 -4.34 -9.38 -12.42
C THR A 354 -4.45 -8.36 -11.30
N SER A 355 -3.63 -8.48 -10.28
CA SER A 355 -3.66 -7.51 -9.18
C SER A 355 -2.31 -7.41 -8.53
N LEU A 356 -2.03 -6.18 -8.07
CA LEU A 356 -0.98 -5.87 -7.11
C LEU A 356 -1.65 -5.44 -5.82
N GLN A 357 -1.34 -6.11 -4.71
CA GLN A 357 -1.86 -5.72 -3.40
C GLN A 357 -0.76 -5.66 -2.36
N ASP A 358 -0.73 -4.60 -1.56
CA ASP A 358 0.36 -4.44 -0.59
C ASP A 358 1.71 -4.68 -1.30
N VAL A 359 1.85 -4.08 -2.47
CA VAL A 359 3.11 -4.06 -3.16
C VAL A 359 3.66 -2.66 -2.91
N PHE A 360 4.86 -2.62 -2.35
CA PHE A 360 5.52 -1.38 -1.93
C PHE A 360 6.83 -1.26 -2.67
N VAL A 361 7.20 -0.05 -3.05
CA VAL A 361 8.43 0.16 -3.75
C VAL A 361 9.23 1.25 -3.01
N ARG A 362 10.54 1.03 -2.87
CA ARG A 362 11.44 1.99 -2.23
C ARG A 362 12.64 2.27 -3.14
N ILE A 363 13.00 3.55 -3.27
CA ILE A 363 14.20 3.91 -4.02
C ILE A 363 15.07 4.76 -3.12
N GLY A 364 16.18 4.20 -2.65
CA GLY A 364 17.04 4.87 -1.67
C GLY A 364 16.63 4.62 -0.23
N GLY A 365 17.40 5.20 0.69
CA GLY A 365 17.07 5.22 2.10
C GLY A 365 17.83 4.15 2.93
N ALA A 366 17.94 2.96 2.36
CA ALA A 366 18.75 1.92 2.98
C ALA A 366 20.04 1.83 2.19
N GLY A 367 20.55 3.00 1.81
CA GLY A 367 21.63 3.09 0.85
C GLY A 367 21.19 3.48 -0.55
N PRO A 368 22.16 3.76 -1.40
CA PRO A 368 21.80 4.41 -2.66
C PRO A 368 20.99 3.48 -3.51
N GLY A 369 19.96 4.03 -4.14
CA GLY A 369 19.12 3.27 -5.06
C GLY A 369 18.52 4.21 -6.08
N LYS A 370 18.31 3.70 -7.29
CA LYS A 370 17.75 4.48 -8.37
C LYS A 370 17.00 3.62 -9.36
N ALA A 371 15.94 4.19 -9.92
CA ALA A 371 15.19 3.58 -11.00
C ALA A 371 14.44 4.65 -11.81
N THR A 372 14.24 4.40 -13.12
CA THR A 372 13.63 5.42 -13.98
C THR A 372 12.10 5.49 -13.84
N THR A 373 11.41 4.35 -14.00
CA THR A 373 9.98 4.27 -13.79
C THR A 373 9.65 3.07 -12.90
N SER A 374 9.04 3.30 -11.73
CA SER A 374 8.96 2.25 -10.72
C SER A 374 7.98 1.13 -11.09
N ILE A 375 6.74 1.50 -11.43
CA ILE A 375 5.71 0.56 -11.83
C ILE A 375 5.07 1.03 -13.13
N VAL A 376 5.13 0.15 -14.15
CA VAL A 376 4.44 0.34 -15.41
C VAL A 376 3.29 -0.64 -15.44
N VAL A 377 2.06 -0.17 -15.60
CA VAL A 377 0.90 -1.04 -15.69
C VAL A 377 0.41 -1.00 -17.14
N ASN A 378 0.83 -2.02 -17.87
CA ASN A 378 0.43 -2.24 -19.27
C ASN A 378 -0.91 -2.94 -19.43
N SER A 379 -1.16 -3.98 -18.66
CA SER A 379 -2.39 -4.79 -18.86
C SER A 379 -3.73 -4.15 -18.48
N ASN A 380 -4.70 -4.35 -19.36
CA ASN A 380 -6.06 -3.91 -19.14
C ASN A 380 -6.70 -4.61 -17.91
N ASP A 381 -7.59 -3.89 -17.24
CA ASP A 381 -8.34 -4.37 -16.08
C ASP A 381 -7.58 -4.66 -14.78
N THR A 382 -6.30 -4.34 -14.75
CA THR A 382 -5.50 -4.58 -13.57
C THR A 382 -6.06 -3.77 -12.39
N ILE A 383 -6.04 -4.41 -11.22
CA ILE A 383 -6.40 -3.77 -9.97
C ILE A 383 -5.15 -3.53 -9.11
N ILE A 384 -4.96 -2.27 -8.72
CA ILE A 384 -3.89 -1.88 -7.85
C ILE A 384 -4.51 -1.47 -6.52
N ASP A 385 -4.52 -2.39 -5.56
CA ASP A 385 -5.24 -2.25 -4.30
C ASP A 385 -4.24 -2.18 -3.11
N HIS A 386 -3.89 -0.94 -2.76
CA HIS A 386 -2.87 -0.59 -1.78
C HIS A 386 -1.43 -0.74 -2.29
N THR A 387 -0.87 0.38 -2.70
CA THR A 387 0.53 0.44 -3.06
C THR A 387 1.12 1.71 -2.47
N TRP A 388 2.39 1.63 -2.07
CA TRP A 388 3.18 2.80 -1.70
C TRP A 388 4.45 2.75 -2.52
N VAL A 389 4.59 3.74 -3.38
CA VAL A 389 5.69 3.79 -4.33
C VAL A 389 6.43 5.06 -3.89
N TRP A 390 7.61 4.87 -3.31
CA TRP A 390 8.25 5.90 -2.49
C TRP A 390 9.73 6.12 -2.84
N ARG A 391 10.04 7.27 -3.41
CA ARG A 391 11.42 7.69 -3.55
C ARG A 391 11.82 8.19 -2.15
N ALA A 392 12.88 7.63 -1.59
CA ALA A 392 13.23 7.94 -0.21
C ALA A 392 13.53 9.42 0.00
N ASP A 393 12.96 10.00 1.04
CA ASP A 393 13.26 11.37 1.44
C ASP A 393 14.23 11.47 2.61
N HIS A 394 14.48 10.35 3.31
CA HIS A 394 15.41 10.35 4.46
C HIS A 394 16.08 8.97 4.50
N GLY A 395 16.90 8.74 5.52
CA GLY A 395 17.81 7.61 5.53
C GLY A 395 19.16 7.96 4.87
N GLU A 396 19.83 6.92 4.33
CA GLU A 396 21.12 7.01 3.59
C GLU A 396 21.00 6.70 2.07
N GLY A 397 21.86 7.33 1.27
CA GLY A 397 21.83 7.19 -0.16
C GLY A 397 20.68 7.95 -0.80
N VAL A 398 20.41 9.14 -0.27
CA VAL A 398 19.30 9.95 -0.76
C VAL A 398 19.79 11.34 -1.18
N GLY A 399 19.11 11.98 -2.15
CA GLY A 399 19.56 13.24 -2.75
C GLY A 399 19.05 13.37 -4.18
N TRP A 400 18.93 14.63 -4.61
CA TRP A 400 18.29 14.98 -5.89
C TRP A 400 18.82 14.12 -7.03
N GLU A 401 20.09 13.74 -6.92
CA GLU A 401 20.68 12.83 -7.87
C GLU A 401 21.01 11.45 -7.28
N THR A 402 21.39 11.42 -6.02
CA THR A 402 21.82 10.17 -5.39
C THR A 402 20.76 9.08 -5.42
N ASN A 403 19.50 9.41 -5.21
CA ASN A 403 18.41 8.44 -5.42
C ASN A 403 17.34 8.99 -6.36
N ARG A 404 17.81 9.62 -7.41
CA ARG A 404 17.00 9.99 -8.54
C ARG A 404 16.07 8.87 -8.99
N ALA A 405 14.79 9.21 -9.10
CA ALA A 405 13.76 8.36 -9.67
C ALA A 405 12.74 9.27 -10.32
N ASP A 406 12.78 9.34 -11.66
CA ASP A 406 11.92 10.25 -12.36
C ASP A 406 10.44 9.98 -12.21
N TYR A 407 10.01 8.73 -12.41
CA TYR A 407 8.60 8.38 -12.55
C TYR A 407 8.18 7.28 -11.60
N GLY A 408 7.06 7.50 -10.94
CA GLY A 408 6.56 6.57 -9.95
C GLY A 408 5.77 5.48 -10.63
N VAL A 409 4.55 5.83 -11.04
CA VAL A 409 3.68 4.89 -11.70
C VAL A 409 3.21 5.44 -13.03
N HIS A 410 3.20 4.56 -14.05
CA HIS A 410 2.66 4.90 -15.35
C HIS A 410 1.65 3.84 -15.73
N VAL A 411 0.38 4.23 -15.75
CA VAL A 411 -0.65 3.30 -16.19
C VAL A 411 -0.93 3.56 -17.65
N LYS A 412 -0.61 2.55 -18.46
CA LYS A 412 -0.86 2.61 -19.89
C LYS A 412 -2.02 1.69 -20.33
N GLY A 413 -2.52 0.84 -19.42
CA GLY A 413 -3.61 -0.05 -19.74
C GLY A 413 -4.98 0.59 -19.49
N ASP A 414 -5.99 -0.03 -20.06
CA ASP A 414 -7.37 0.42 -20.04
C ASP A 414 -8.13 -0.26 -18.90
N ASN A 415 -9.15 0.43 -18.37
CA ASN A 415 -10.00 -0.12 -17.32
C ASN A 415 -9.23 -0.46 -16.04
N VAL A 416 -8.15 0.29 -15.79
CA VAL A 416 -7.33 0.03 -14.60
C VAL A 416 -7.96 0.74 -13.43
N LEU A 417 -7.94 0.06 -12.27
CA LEU A 417 -8.52 0.57 -11.01
C LEU A 417 -7.44 0.57 -9.93
N ALA A 418 -7.18 1.74 -9.36
CA ALA A 418 -6.26 1.90 -8.22
C ALA A 418 -7.08 2.32 -6.98
N THR A 419 -7.12 1.48 -5.96
CA THR A 419 -7.78 1.76 -4.67
C THR A 419 -6.72 1.82 -3.55
N GLY A 420 -6.54 3.02 -2.98
CA GLY A 420 -5.50 3.26 -1.98
C GLY A 420 -4.13 3.47 -2.60
N LEU A 421 -4.00 4.54 -3.37
CA LEU A 421 -2.80 4.80 -4.15
C LEU A 421 -1.93 5.86 -3.45
N PHE A 422 -0.75 5.44 -3.00
CA PHE A 422 0.18 6.33 -2.31
C PHE A 422 1.51 6.39 -3.10
N VAL A 423 1.87 7.56 -3.61
CA VAL A 423 3.11 7.72 -4.35
C VAL A 423 3.76 9.07 -4.06
N GLU A 424 5.06 9.06 -3.78
CA GLU A 424 5.74 10.26 -3.24
C GLU A 424 7.21 10.45 -3.68
N HIS A 425 7.52 11.71 -3.96
CA HIS A 425 8.88 12.30 -4.00
C HIS A 425 9.63 12.16 -5.33
N PHE A 426 8.97 11.69 -6.39
CA PHE A 426 9.62 11.50 -7.69
C PHE A 426 10.15 12.80 -8.32
N ASN A 427 11.23 12.70 -9.07
CA ASN A 427 11.84 13.92 -9.63
C ASN A 427 10.95 14.55 -10.71
N LYS A 428 10.14 13.72 -11.35
CA LYS A 428 9.21 14.15 -12.38
C LYS A 428 7.78 13.72 -11.97
N TYR A 429 6.98 13.21 -12.91
CA TYR A 429 5.59 12.81 -12.63
C TYR A 429 5.50 11.62 -11.67
N ASP A 430 4.86 11.82 -10.51
CA ASP A 430 4.71 10.73 -9.56
C ASP A 430 3.83 9.65 -10.18
N VAL A 431 2.71 10.09 -10.73
CA VAL A 431 1.77 9.28 -11.47
C VAL A 431 1.38 9.89 -12.83
N GLN A 432 1.55 9.08 -13.90
CA GLN A 432 1.07 9.41 -15.24
C GLN A 432 0.02 8.33 -15.69
N TRP A 433 -1.11 8.79 -16.23
CA TRP A 433 -2.20 7.96 -16.70
C TRP A 433 -2.52 8.31 -18.16
N SER A 434 -2.36 7.31 -19.03
CA SER A 434 -2.59 7.46 -20.45
C SER A 434 -3.48 6.39 -21.03
N GLY A 435 -4.07 5.53 -20.19
CA GLY A 435 -5.07 4.55 -20.65
C GLY A 435 -6.46 5.10 -20.37
N GLU A 436 -7.50 4.58 -21.05
CA GLU A 436 -8.90 4.97 -20.82
C GLU A 436 -9.55 4.32 -19.60
N ASN A 437 -10.69 4.92 -19.24
CA ASN A 437 -11.60 4.51 -18.16
C ASN A 437 -10.87 4.02 -16.92
N GLY A 438 -9.70 4.64 -16.70
CA GLY A 438 -8.97 4.50 -15.47
C GLY A 438 -9.74 5.14 -14.33
N LYS A 439 -9.61 4.56 -13.15
CA LYS A 439 -10.23 5.06 -11.94
C LYS A 439 -9.27 5.01 -10.74
N THR A 440 -9.23 6.07 -9.94
CA THR A 440 -8.49 6.08 -8.68
C THR A 440 -9.42 6.50 -7.53
N ILE A 441 -9.57 5.61 -6.55
CA ILE A 441 -10.23 5.91 -5.28
C ILE A 441 -9.16 6.01 -4.19
N PHE A 442 -8.95 7.26 -3.75
CA PHE A 442 -7.92 7.67 -2.81
C PHE A 442 -6.52 7.74 -3.41
N TYR A 443 -5.95 8.95 -3.34
CA TYR A 443 -4.57 9.24 -3.68
C TYR A 443 -3.89 10.11 -2.62
N GLN A 444 -2.70 9.68 -2.21
CA GLN A 444 -1.87 10.50 -1.37
C GLN A 444 -0.53 10.66 -2.05
N ASN A 445 -0.12 11.91 -2.25
CA ASN A 445 1.17 12.26 -2.81
C ASN A 445 1.83 13.37 -2.01
N ALA A 446 3.14 13.24 -1.85
CA ALA A 446 3.97 14.39 -1.46
C ALA A 446 5.07 14.53 -2.51
N LYS A 447 5.33 15.76 -2.95
CA LYS A 447 6.32 16.03 -3.97
C LYS A 447 7.75 15.90 -3.42
N ALA A 448 8.71 15.84 -4.32
CA ALA A 448 10.12 15.75 -3.96
C ALA A 448 10.48 16.95 -3.07
N TYR A 449 11.15 16.70 -1.96
CA TYR A 449 11.56 17.75 -1.02
C TYR A 449 12.82 18.49 -1.43
N ASP A 450 13.56 17.89 -2.38
CA ASP A 450 14.98 18.15 -2.51
C ASP A 450 15.33 18.76 -3.89
N ALA A 451 14.30 19.20 -4.63
CA ALA A 451 14.49 19.99 -5.86
C ALA A 451 15.35 21.22 -5.51
N PRO A 452 16.53 21.34 -6.09
CA PRO A 452 17.44 22.41 -5.62
C PRO A 452 17.05 23.82 -6.04
N ASP A 453 16.25 23.91 -7.10
CA ASP A 453 15.75 25.20 -7.56
C ASP A 453 14.60 25.03 -8.53
N GLN A 454 14.04 26.15 -8.99
CA GLN A 454 12.86 26.12 -9.83
C GLN A 454 13.05 25.35 -11.15
N ALA A 455 14.23 25.50 -11.75
CA ALA A 455 14.45 24.97 -13.06
C ALA A 455 14.70 23.47 -13.01
N ALA A 456 15.00 22.95 -11.83
CA ALA A 456 15.29 21.53 -11.74
C ALA A 456 14.00 20.76 -12.02
N ILE A 457 12.87 21.45 -11.81
CA ILE A 457 11.55 20.87 -12.01
C ILE A 457 10.78 21.56 -13.15
N GLN A 458 11.48 22.35 -13.95
CA GLN A 458 10.84 23.12 -15.02
C GLN A 458 10.46 22.17 -16.18
N ASN A 459 9.14 22.00 -16.37
CA ASN A 459 8.52 20.98 -17.23
C ASN A 459 7.78 21.65 -18.39
N GLY A 460 8.50 21.83 -19.51
CA GLY A 460 7.99 22.60 -20.62
C GLY A 460 7.66 24.00 -20.18
N ASP A 461 6.41 24.40 -20.38
CA ASP A 461 5.94 25.70 -19.95
C ASP A 461 5.20 25.61 -18.60
N ILE A 462 5.53 24.60 -17.79
CA ILE A 462 4.87 24.33 -16.54
C ILE A 462 5.91 24.35 -15.44
N LYS A 463 5.59 24.96 -14.30
CA LYS A 463 6.42 24.87 -13.12
C LYS A 463 6.08 23.60 -12.31
N GLY A 464 7.07 22.72 -12.20
CA GLY A 464 6.88 21.45 -11.53
C GLY A 464 6.24 20.45 -12.47
N TYR A 465 6.26 19.19 -12.02
CA TYR A 465 5.52 18.09 -12.63
C TYR A 465 4.33 17.69 -11.74
N ALA A 466 3.16 17.52 -12.37
CA ALA A 466 1.98 17.06 -11.64
C ALA A 466 2.32 15.82 -10.81
N ALA A 467 1.71 15.76 -9.64
CA ALA A 467 1.69 14.54 -8.86
C ALA A 467 0.90 13.46 -9.59
N TYR A 468 -0.09 13.92 -10.36
CA TYR A 468 -1.02 13.02 -11.02
C TYR A 468 -1.45 13.66 -12.31
N LYS A 469 -0.96 13.10 -13.44
CA LYS A 469 -1.28 13.56 -14.78
C LYS A 469 -2.05 12.53 -15.58
N VAL A 470 -3.13 13.02 -16.18
CA VAL A 470 -3.88 12.25 -17.18
C VAL A 470 -3.54 12.85 -18.54
N ASP A 471 -3.04 12.01 -19.44
CA ASP A 471 -2.79 12.41 -20.82
C ASP A 471 -3.95 13.23 -21.44
N ASP A 472 -3.62 14.31 -22.16
CA ASP A 472 -4.64 15.15 -22.80
C ASP A 472 -5.48 14.32 -23.81
N SER A 473 -4.89 13.27 -24.39
CA SER A 473 -5.59 12.53 -25.44
C SER A 473 -6.56 11.53 -24.87
N VAL A 474 -6.52 11.33 -23.56
CA VAL A 474 -7.41 10.37 -22.93
C VAL A 474 -8.83 10.92 -22.95
N THR A 475 -9.80 10.03 -22.95
CA THR A 475 -11.20 10.41 -23.13
C THR A 475 -11.99 10.25 -21.83
N THR A 476 -11.66 9.21 -21.10
CA THR A 476 -12.46 8.77 -19.98
C THR A 476 -11.55 8.46 -18.76
N HIS A 477 -11.84 9.08 -17.61
CA HIS A 477 -11.04 8.90 -16.40
C HIS A 477 -11.83 9.40 -15.19
N GLU A 478 -11.58 8.84 -14.01
CA GLU A 478 -12.19 9.37 -12.78
C GLU A 478 -11.35 9.14 -11.51
N GLY A 479 -11.15 10.21 -10.76
CA GLY A 479 -10.53 10.12 -9.46
C GLY A 479 -11.34 10.71 -8.31
N TRP A 480 -11.25 10.09 -7.15
CA TRP A 480 -11.93 10.51 -5.94
C TRP A 480 -10.97 10.59 -4.75
N GLY A 481 -10.95 11.71 -4.04
CA GLY A 481 -10.32 11.81 -2.74
C GLY A 481 -8.80 11.80 -2.84
N MET A 482 -8.27 12.88 -3.40
CA MET A 482 -6.90 12.92 -3.90
C MET A 482 -6.16 14.18 -3.48
N GLY A 483 -4.97 13.97 -2.93
CA GLY A 483 -4.20 15.04 -2.37
C GLY A 483 -2.72 14.97 -2.67
N SER A 484 -2.16 16.15 -2.91
CA SER A 484 -0.74 16.31 -3.13
C SER A 484 -0.22 17.41 -2.20
N TYR A 485 0.85 17.10 -1.50
CA TYR A 485 1.45 18.04 -0.54
C TYR A 485 2.88 18.39 -0.94
N CYS A 486 3.35 19.59 -0.61
CA CYS A 486 4.73 19.96 -0.93
C CYS A 486 5.50 20.36 0.32
N TYR A 487 6.80 20.11 0.28
CA TYR A 487 7.72 20.39 1.37
C TYR A 487 9.08 20.60 0.72
N PHE A 488 9.21 21.74 0.06
CA PHE A 488 10.41 22.05 -0.68
C PHE A 488 11.43 22.62 0.30
N ASN A 489 12.08 21.73 1.03
CA ASN A 489 12.92 22.20 2.14
C ASN A 489 14.33 22.59 1.74
N VAL A 490 14.82 22.07 0.63
CA VAL A 490 16.13 22.49 0.16
C VAL A 490 15.94 23.93 -0.35
N ASN A 491 14.82 24.20 -0.99
CA ASN A 491 14.55 25.55 -1.49
C ASN A 491 13.08 25.90 -1.35
N PRO A 492 12.74 26.54 -0.23
CA PRO A 492 11.34 26.85 0.07
C PRO A 492 10.69 27.90 -0.81
N ASP A 493 11.46 28.59 -1.65
CA ASP A 493 10.94 29.59 -2.58
C ASP A 493 10.31 28.98 -3.86
N ILE A 494 10.50 27.67 -4.07
CA ILE A 494 9.97 26.97 -5.23
C ILE A 494 8.47 27.14 -5.33
N ARG A 495 7.97 27.14 -6.56
CA ARG A 495 6.53 27.10 -6.83
C ARG A 495 6.19 25.88 -7.67
N GLN A 496 5.13 25.18 -7.22
CA GLN A 496 4.56 24.04 -7.95
C GLN A 496 3.25 24.51 -8.59
N GLN A 497 3.12 24.44 -9.91
CA GLN A 497 1.94 24.99 -10.54
C GLN A 497 0.63 24.31 -10.09
N HIS A 498 0.68 22.98 -10.01
CA HIS A 498 -0.49 22.19 -9.68
C HIS A 498 -0.14 20.83 -9.10
N GLY A 499 -1.10 20.26 -8.36
CA GLY A 499 -1.10 18.88 -7.93
C GLY A 499 -1.44 17.90 -9.05
N PHE A 500 -2.33 18.33 -9.92
CA PHE A 500 -3.01 17.51 -10.89
C PHE A 500 -3.02 18.21 -12.24
N GLN A 501 -2.91 17.41 -13.31
CA GLN A 501 -3.04 17.92 -14.67
C GLN A 501 -3.91 16.97 -15.51
N ALA A 502 -4.83 17.51 -16.32
CA ALA A 502 -5.73 16.70 -17.16
C ALA A 502 -6.25 17.44 -18.41
N PRO A 503 -6.74 16.68 -19.38
CA PRO A 503 -7.72 17.22 -20.31
C PRO A 503 -8.99 17.67 -19.62
N VAL A 504 -9.56 18.75 -20.15
CA VAL A 504 -10.91 19.19 -19.81
C VAL A 504 -11.82 18.53 -20.83
N LYS A 505 -12.42 17.40 -20.45
CA LYS A 505 -13.31 16.62 -21.33
C LYS A 505 -14.47 16.12 -20.48
N PRO A 506 -15.65 15.96 -21.10
CA PRO A 506 -16.79 15.57 -20.25
C PRO A 506 -16.61 14.28 -19.47
N GLY A 507 -15.88 13.33 -20.01
CA GLY A 507 -15.72 12.04 -19.36
C GLY A 507 -14.48 11.99 -18.48
N VAL A 508 -13.96 13.17 -18.15
CA VAL A 508 -12.82 13.34 -17.22
C VAL A 508 -13.28 14.10 -15.98
N LYS A 509 -13.69 13.36 -14.94
CA LYS A 509 -14.13 13.95 -13.69
C LYS A 509 -13.12 13.72 -12.62
N PHE A 510 -13.07 14.66 -11.67
CA PHE A 510 -12.33 14.51 -10.44
C PHE A 510 -13.29 14.95 -9.35
N HIS A 511 -13.22 14.27 -8.22
CA HIS A 511 -13.97 14.60 -7.02
C HIS A 511 -13.02 14.74 -5.85
N ASP A 512 -13.19 15.84 -5.13
CA ASP A 512 -12.53 16.10 -3.85
C ASP A 512 -11.01 16.03 -3.95
N LEU A 513 -10.45 17.07 -4.61
CA LEU A 513 -9.02 17.28 -4.75
C LEU A 513 -8.51 18.32 -3.79
N LEU A 514 -7.24 18.19 -3.44
CA LEU A 514 -6.57 19.20 -2.63
C LEU A 514 -5.06 19.23 -2.83
N VAL A 515 -4.47 20.39 -2.50
CA VAL A 515 -3.05 20.50 -2.39
C VAL A 515 -2.75 21.27 -1.11
N VAL A 516 -1.58 20.99 -0.52
CA VAL A 516 -1.21 21.51 0.80
C VAL A 516 0.30 21.79 0.81
N SER A 517 0.67 22.99 1.22
CA SER A 517 2.05 23.28 1.54
C SER A 517 2.22 23.02 3.01
N LEU A 518 3.16 22.13 3.33
CA LEU A 518 3.48 21.83 4.70
C LEU A 518 4.37 22.96 5.26
N GLY A 519 3.74 23.85 6.02
CA GLY A 519 4.42 24.91 6.72
C GLY A 519 5.07 25.98 5.84
N GLY A 520 4.51 26.21 4.67
CA GLY A 520 4.98 27.22 3.74
C GLY A 520 6.30 26.92 3.03
N LYS A 521 6.74 25.66 3.02
CA LYS A 521 7.95 25.30 2.31
C LYS A 521 7.62 25.05 0.85
N GLY A 522 7.70 26.12 0.08
CA GLY A 522 7.18 26.12 -1.26
C GLY A 522 5.67 26.32 -1.18
N GLN A 523 5.08 26.67 -2.31
CA GLN A 523 3.63 26.77 -2.44
C GLN A 523 3.17 26.23 -3.81
N TYR A 524 1.89 25.86 -3.89
CA TYR A 524 1.27 25.59 -5.15
C TYR A 524 0.60 26.84 -5.70
N GLU A 525 0.59 26.95 -7.01
CA GLU A 525 -0.09 28.06 -7.69
C GLU A 525 -1.56 27.76 -7.89
N HIS A 526 -1.87 26.48 -8.05
CA HIS A 526 -3.23 26.03 -8.31
C HIS A 526 -3.38 24.55 -7.83
N VAL A 527 -4.61 24.07 -7.88
CA VAL A 527 -4.94 22.69 -7.51
C VAL A 527 -4.76 21.71 -8.71
N ILE A 528 -5.50 21.98 -9.77
CA ILE A 528 -5.48 21.18 -11.02
C ILE A 528 -5.40 22.10 -12.21
N ASN A 529 -4.57 21.75 -13.19
CA ASN A 529 -4.31 22.62 -14.31
C ASN A 529 -4.04 24.02 -13.74
N ASP A 530 -4.57 25.05 -14.37
CA ASP A 530 -4.21 26.40 -13.93
C ASP A 530 -5.48 27.04 -13.22
N ILE A 531 -6.16 26.13 -12.52
CA ILE A 531 -7.47 26.28 -11.89
C ILE A 531 -7.44 26.06 -10.38
N GLY A 532 -8.13 26.92 -9.67
CA GLY A 532 -8.24 26.73 -8.22
C GLY A 532 -7.14 27.48 -7.49
N ASP A 533 -7.35 27.73 -6.20
CA ASP A 533 -6.57 28.74 -5.47
C ASP A 533 -5.20 28.26 -5.11
N PRO A 534 -4.22 29.17 -5.16
CA PRO A 534 -2.89 28.81 -4.66
C PRO A 534 -2.90 28.59 -3.15
N THR A 535 -1.91 27.87 -2.64
CA THR A 535 -1.71 27.79 -1.22
C THR A 535 -0.98 29.07 -0.80
N SER A 536 -1.13 29.44 0.45
CA SER A 536 -0.43 30.63 0.99
C SER A 536 -0.30 30.53 2.52
N GLY A 537 0.33 31.52 3.14
CA GLY A 537 0.65 31.43 4.55
C GLY A 537 1.69 30.34 4.80
N ASP A 538 1.86 30.02 6.07
CA ASP A 538 2.77 28.95 6.47
C ASP A 538 2.02 27.99 7.40
N THR A 539 0.68 28.04 7.34
CA THR A 539 -0.17 27.38 8.33
C THR A 539 -0.79 26.04 7.87
N THR A 540 -0.42 25.58 6.68
CA THR A 540 -0.84 24.26 6.21
C THR A 540 -2.34 24.15 6.04
N ILE A 541 -2.93 25.21 5.50
CA ILE A 541 -4.32 25.16 5.04
C ILE A 541 -4.40 24.55 3.65
N PRO A 542 -5.11 23.42 3.49
CA PRO A 542 -5.34 22.91 2.14
C PRO A 542 -6.11 23.85 1.24
N SER A 543 -5.76 23.87 -0.05
CA SER A 543 -6.63 24.44 -1.09
C SER A 543 -7.24 23.32 -1.91
N GLN A 544 -8.55 23.47 -2.17
CA GLN A 544 -9.45 22.42 -2.59
C GLN A 544 -10.14 22.71 -3.90
N VAL A 545 -10.46 21.64 -4.60
CA VAL A 545 -11.49 21.63 -5.63
C VAL A 545 -12.50 20.50 -5.33
N VAL A 546 -13.79 20.83 -5.37
CA VAL A 546 -14.83 19.82 -5.31
C VAL A 546 -15.02 19.05 -6.63
N SER A 547 -14.96 19.77 -7.74
CA SER A 547 -15.36 19.27 -9.07
C SER A 547 -14.48 19.83 -10.20
N PHE A 548 -13.83 18.96 -10.96
CA PHE A 548 -13.25 19.34 -12.27
C PHE A 548 -13.91 18.43 -13.27
N PRO A 549 -14.50 18.98 -14.35
CA PRO A 549 -14.78 20.39 -14.67
C PRO A 549 -15.89 20.91 -13.79
C2 BGC B . -2.33 17.48 12.34
C3 BGC B . -1.68 18.47 11.51
C4 BGC B . -2.65 19.42 10.91
C5 BGC B . -3.63 19.99 11.99
C6 BGC B . -4.68 20.61 11.44
C1 BGC B . -3.21 18.06 13.36
O1 BGC B . -3.88 17.14 14.18
O2 BGC B . -1.33 16.70 13.05
O3 BGC B . -0.86 17.84 10.42
O4 BGC B . -2.05 20.48 10.16
O5 BGC B . -4.22 18.80 12.69
O6 BGC B . -5.59 21.01 12.37
C2 BGC B . 1.25 17.24 9.39
C3 BGC B . 2.64 17.53 9.20
C4 BGC B . 2.86 19.00 9.07
C5 BGC B . 2.37 19.72 10.35
C6 BGC B . 2.57 21.07 10.38
C1 BGC B . 0.57 18.05 10.42
O2 BGC B . 1.01 15.83 9.74
O3 BGC B . 3.05 16.80 7.97
O4 BGC B . 4.20 19.34 8.81
O5 BGC B . 0.88 19.45 10.24
O6 BGC B . 1.71 21.83 11.18
C2 BGC B . 4.35 15.09 6.89
C3 BGC B . 5.64 14.53 6.65
C4 BGC B . 6.62 15.61 6.44
C5 BGC B . 6.67 16.62 7.65
C6 BGC B . 7.48 17.70 7.43
C1 BGC B . 4.30 16.14 7.96
O2 BGC B . 3.40 14.05 7.22
O3 BGC B . 5.50 13.72 5.38
O4 BGC B . 7.93 15.20 6.10
O5 BGC B . 5.27 17.15 7.65
O6 BGC B . 7.34 18.78 8.31
C2 BGC B . 5.85 11.67 4.16
C3 BGC B . 6.66 10.47 4.08
C4 BGC B . 8.00 10.65 4.72
C5 BGC B . 7.89 11.11 6.20
C6 BGC B . 9.07 11.39 6.83
C1 BGC B . 5.78 12.35 5.48
O2 BGC B . 4.49 11.48 3.62
O3 BGC B . 6.89 10.11 2.66
O4 BGC B . 8.94 9.60 4.65
O5 BGC B . 7.06 12.38 6.14
O6 BGC B . 8.91 11.63 8.22
C2 BGC C . -0.72 -0.35 24.52
C3 BGC C . -2.15 0.19 24.70
C4 BGC C . -3.00 -0.80 25.55
C5 BGC C . -2.36 -0.90 26.92
C6 BGC C . -2.30 -2.33 27.40
C1 BGC C . -0.45 -1.16 25.74
O2 BGC C . 0.36 0.56 24.49
O3 BGC C . -2.75 0.48 23.44
O4 BGC C . -4.34 -0.42 25.77
O5 BGC C . -1.05 -0.44 26.78
O6 BGC C . -1.11 -2.52 28.14
C1 EDO D . 16.70 -4.18 2.24
O1 EDO D . 15.52 -3.70 1.58
C2 EDO D . 17.02 -3.25 3.40
O2 EDO D . 15.87 -3.12 4.25
H11 EDO D . 17.54 -4.22 1.55
H12 EDO D . 16.53 -5.19 2.62
HO1 EDO D . 15.51 -4.05 0.68
H21 EDO D . 17.32 -2.27 3.00
H22 EDO D . 17.86 -3.65 3.97
HO2 EDO D . 16.01 -2.39 4.87
C1 EDO E . 9.02 17.16 -8.94
O1 EDO E . 8.02 16.23 -9.32
C2 EDO E . 8.44 18.51 -8.45
O2 EDO E . 7.65 19.14 -9.47
H11 EDO E . 9.66 17.36 -9.80
H12 EDO E . 9.64 16.72 -8.15
HO1 EDO E . 8.35 15.33 -9.24
H21 EDO E . 9.27 19.16 -8.16
H22 EDO E . 7.83 18.35 -7.56
HO2 EDO E . 7.14 19.85 -9.06
C1 EDO F . 14.35 -3.66 -19.08
O1 EDO F . 14.11 -4.90 -18.41
C2 EDO F . 13.00 -3.02 -19.35
O2 EDO F . 12.01 -4.00 -19.73
H11 EDO F . 14.90 -3.83 -20.01
H12 EDO F . 14.97 -3.01 -18.45
HO1 EDO F . 14.86 -5.11 -17.85
H21 EDO F . 13.09 -2.28 -20.16
H22 EDO F . 12.67 -2.48 -18.46
HO2 EDO F . 11.18 -3.56 -19.94
N GLU A 1 12.23 -30.32 -12.04
CA GLU A 1 13.29 -29.93 -11.13
C GLU A 1 12.83 -29.47 -9.69
N VAL A 2 11.75 -28.69 -9.54
CA VAL A 2 11.60 -27.94 -8.24
C VAL A 2 10.54 -28.47 -7.28
N VAL A 3 10.92 -28.51 -6.00
CA VAL A 3 10.11 -29.20 -5.00
C VAL A 3 9.16 -28.18 -4.39
N GLY A 4 7.86 -28.44 -4.48
CA GLY A 4 6.92 -27.52 -3.90
C GLY A 4 6.70 -27.81 -2.42
N GLY A 5 6.22 -26.80 -1.68
CA GLY A 5 5.86 -26.97 -0.29
C GLY A 5 7.01 -27.16 0.69
N GLY A 6 6.72 -27.89 1.78
CA GLY A 6 7.61 -28.00 2.91
C GLY A 6 7.60 -26.88 3.96
N ASP A 7 8.80 -26.58 4.45
CA ASP A 7 8.96 -25.74 5.63
C ASP A 7 9.31 -24.23 5.42
N LEU A 8 8.45 -23.40 6.03
CA LEU A 8 8.46 -21.91 6.00
C LEU A 8 9.69 -21.20 6.54
N GLY A 9 10.48 -21.94 7.31
CA GLY A 9 11.72 -21.43 7.76
C GLY A 9 11.71 -20.55 9.00
N PRO A 10 12.89 -20.18 9.45
CA PRO A 10 13.19 -19.54 10.72
C PRO A 10 12.71 -18.07 10.92
N ASN A 11 12.37 -17.32 9.86
CA ASN A 11 11.82 -15.98 10.03
C ASN A 11 10.28 -15.93 10.17
N VAL A 12 9.64 -17.10 10.16
CA VAL A 12 8.22 -17.20 10.45
C VAL A 12 8.07 -17.88 11.83
N LEU A 13 7.49 -17.17 12.77
CA LEU A 13 7.35 -17.65 14.15
C LEU A 13 5.90 -17.96 14.32
N VAL A 14 5.63 -19.22 14.61
CA VAL A 14 4.30 -19.73 14.63
C VAL A 14 3.98 -20.06 16.09
N PHE A 15 2.88 -19.51 16.59
CA PHE A 15 2.44 -19.77 17.96
C PHE A 15 1.06 -20.41 18.02
N ASP A 16 0.75 -21.02 19.16
CA ASP A 16 -0.63 -21.38 19.46
C ASP A 16 -0.96 -20.95 20.92
N PRO A 17 -2.21 -21.13 21.40
CA PRO A 17 -2.50 -20.59 22.74
C PRO A 17 -1.57 -21.09 23.87
N SER A 18 -1.01 -22.28 23.72
CA SER A 18 0.18 -22.65 24.48
C SER A 18 1.40 -22.33 23.64
N THR A 19 2.21 -21.39 24.07
CA THR A 19 3.62 -21.38 23.76
C THR A 19 4.20 -20.90 25.06
N PRO A 20 5.37 -21.41 25.43
CA PRO A 20 6.14 -20.71 26.48
C PRO A 20 6.27 -19.19 26.22
N ASP A 21 6.01 -18.33 27.23
CA ASP A 21 6.07 -16.86 27.10
C ASP A 21 5.82 -16.42 25.64
N ILE A 22 4.59 -16.65 25.17
CA ILE A 22 4.18 -16.03 23.91
C ILE A 22 4.60 -14.60 23.91
N GLN A 23 4.33 -13.93 25.02
CA GLN A 23 4.62 -12.50 25.12
C GLN A 23 6.12 -12.19 25.05
N GLY A 24 6.91 -13.03 25.72
CA GLY A 24 8.35 -12.80 25.87
C GLY A 24 8.96 -12.58 24.50
N LYS A 25 8.48 -13.39 23.57
CA LYS A 25 9.06 -13.55 22.24
C LYS A 25 8.63 -12.46 21.28
N VAL A 26 7.35 -12.14 21.33
CA VAL A 26 6.76 -11.05 20.59
C VAL A 26 7.45 -9.73 21.01
N ASP A 27 7.62 -9.53 22.32
CA ASP A 27 8.33 -8.35 22.85
C ASP A 27 9.80 -8.41 22.43
N GLU A 28 10.27 -9.64 22.30
CA GLU A 28 11.62 -9.90 21.92
C GLU A 28 11.87 -9.28 20.52
N VAL A 29 11.01 -9.64 19.56
CA VAL A 29 11.09 -9.18 18.15
C VAL A 29 10.85 -7.68 18.06
N PHE A 30 10.05 -7.19 18.99
CA PHE A 30 9.73 -5.77 19.01
C PHE A 30 10.98 -4.96 19.35
N ARG A 31 11.66 -5.28 20.44
CA ARG A 31 12.93 -4.57 20.74
C ARG A 31 13.86 -4.48 19.52
N LYS A 32 14.02 -5.53 18.75
CA LYS A 32 14.95 -5.44 17.61
C LYS A 32 14.40 -4.80 16.37
N GLN A 33 13.10 -4.97 16.10
CA GLN A 33 12.45 -4.33 14.95
C GLN A 33 12.05 -2.87 15.19
N GLU A 34 11.85 -2.50 16.46
CA GLU A 34 11.25 -1.22 16.84
C GLU A 34 11.75 0.01 16.06
N SER A 35 13.05 0.24 16.03
CA SER A 35 13.59 1.40 15.31
C SER A 35 14.47 0.97 14.10
N ASN A 36 14.23 -0.26 13.62
CA ASN A 36 15.03 -0.96 12.61
C ASN A 36 14.57 -0.56 11.19
N GLN A 37 14.63 0.73 10.90
CA GLN A 37 13.87 1.27 9.78
C GLN A 37 14.43 0.78 8.45
N PHE A 38 15.74 0.61 8.36
CA PHE A 38 16.39 0.27 7.10
C PHE A 38 17.19 -1.03 7.11
N GLY A 39 17.25 -1.71 8.25
CA GLY A 39 17.83 -3.04 8.32
C GLY A 39 17.22 -4.06 7.39
N THR A 40 17.86 -5.21 7.31
CA THR A 40 17.43 -6.32 6.47
C THR A 40 16.75 -7.46 7.25
N ASP A 41 16.50 -7.28 8.55
CA ASP A 41 15.70 -8.28 9.32
C ASP A 41 14.21 -8.25 8.94
N ARG A 42 13.59 -9.42 8.88
CA ARG A 42 12.19 -9.57 8.50
C ARG A 42 11.54 -10.63 9.38
N TYR A 43 10.27 -10.40 9.75
CA TYR A 43 9.55 -11.35 10.56
C TYR A 43 8.07 -11.40 10.29
N ALA A 44 7.52 -12.62 10.28
CA ALA A 44 6.09 -12.85 10.22
C ALA A 44 5.68 -13.65 11.44
N LEU A 45 4.88 -13.01 12.30
CA LEU A 45 4.27 -13.66 13.46
C LEU A 45 2.95 -14.29 13.03
N MET A 46 2.79 -15.59 13.23
CA MET A 46 1.57 -16.28 12.81
C MET A 46 0.92 -17.02 14.01
N PHE A 47 -0.38 -16.81 14.20
CA PHE A 47 -1.14 -17.39 15.31
C PHE A 47 -2.24 -18.35 14.87
N LYS A 48 -2.22 -19.56 15.41
CA LYS A 48 -3.17 -20.60 14.99
C LYS A 48 -4.59 -20.31 15.54
N PRO A 49 -5.61 -20.98 15.01
CA PRO A 49 -6.95 -20.67 15.54
C PRO A 49 -7.05 -21.10 16.97
N GLY A 50 -7.71 -20.25 17.74
CA GLY A 50 -7.75 -20.33 19.19
C GLY A 50 -8.01 -18.97 19.77
N THR A 51 -8.12 -18.92 21.09
CA THR A 51 -8.21 -17.65 21.80
C THR A 51 -6.94 -17.53 22.62
N TYR A 52 -6.31 -16.36 22.53
CA TYR A 52 -5.13 -16.03 23.28
C TYR A 52 -5.58 -15.02 24.33
N ASN A 53 -4.73 -14.75 25.32
CA ASN A 53 -5.02 -13.95 26.50
C ASN A 53 -3.75 -13.25 26.99
N ASP A 54 -3.89 -12.10 27.66
CA ASP A 54 -2.71 -11.42 28.22
C ASP A 54 -1.66 -11.15 27.13
N ILE A 55 -2.17 -10.70 25.99
CA ILE A 55 -1.36 -10.56 24.78
C ILE A 55 -1.44 -9.13 24.28
N ASN A 56 -0.32 -8.63 23.83
CA ASN A 56 -0.25 -7.27 23.35
C ASN A 56 0.93 -7.19 22.39
N ALA A 57 0.68 -7.62 21.15
CA ALA A 57 1.70 -7.65 20.10
C ALA A 57 2.00 -6.22 19.61
N GLN A 58 3.10 -5.67 20.10
CA GLN A 58 3.59 -4.38 19.56
C GLN A 58 4.45 -4.58 18.31
N ILE A 59 4.01 -3.97 17.23
CA ILE A 59 4.52 -4.27 15.88
C ILE A 59 5.51 -3.20 15.43
N GLY A 60 6.75 -3.62 15.21
CA GLY A 60 7.80 -2.74 14.73
C GLY A 60 7.99 -2.83 13.24
N PHE A 61 9.11 -2.30 12.74
CA PHE A 61 9.40 -2.40 11.31
C PHE A 61 9.48 -3.84 10.79
N TYR A 62 9.04 -4.03 9.54
CA TYR A 62 9.14 -5.26 8.78
C TYR A 62 8.63 -6.46 9.56
N THR A 63 7.52 -6.26 10.24
CA THR A 63 6.86 -7.28 11.03
C THR A 63 5.41 -7.35 10.56
N SER A 64 5.00 -8.54 10.17
CA SER A 64 3.62 -8.86 9.81
C SER A 64 3.04 -9.78 10.91
N ILE A 65 1.76 -9.60 11.20
CA ILE A 65 1.08 -10.45 12.17
C ILE A 65 -0.24 -10.87 11.57
N ALA A 66 -0.57 -12.14 11.80
CA ALA A 66 -1.78 -12.72 11.24
C ALA A 66 -2.27 -13.98 11.97
N GLY A 67 -3.60 -14.11 12.00
CA GLY A 67 -4.25 -15.36 12.34
C GLY A 67 -4.47 -16.28 11.14
N LEU A 68 -4.42 -17.59 11.44
CA LEU A 68 -4.44 -18.68 10.47
C LEU A 68 -5.79 -19.43 10.35
N GLY A 69 -6.89 -18.72 10.54
CA GLY A 69 -8.20 -19.31 10.29
C GLY A 69 -8.95 -18.98 9.02
N LEU A 70 -10.13 -19.56 8.96
CA LEU A 70 -10.94 -19.36 7.80
C LEU A 70 -11.71 -18.08 7.87
N ASN A 71 -11.67 -17.42 9.04
CA ASN A 71 -12.22 -16.08 9.28
C ASN A 71 -11.50 -15.47 10.55
N PRO A 72 -11.46 -14.13 10.74
CA PRO A 72 -10.54 -13.63 11.80
C PRO A 72 -10.87 -14.03 13.26
N ASP A 73 -12.13 -14.21 13.55
CA ASP A 73 -12.56 -14.53 14.92
C ASP A 73 -12.00 -15.88 15.40
N ASP A 74 -11.88 -16.84 14.48
CA ASP A 74 -11.12 -18.07 14.74
C ASP A 74 -9.84 -17.84 15.55
N THR A 75 -9.24 -16.65 15.45
CA THR A 75 -8.03 -16.35 16.20
C THR A 75 -8.20 -15.02 16.92
N THR A 76 -8.62 -15.12 18.18
CA THR A 76 -8.97 -13.93 18.95
C THR A 76 -7.93 -13.63 20.03
N PHE A 77 -7.55 -12.36 20.16
CA PHE A 77 -6.71 -11.89 21.27
C PHE A 77 -7.63 -11.14 22.23
N ASN A 78 -7.58 -11.52 23.49
CA ASN A 78 -8.10 -10.65 24.53
C ASN A 78 -6.91 -9.85 24.86
N GLY A 79 -6.74 -8.82 24.06
CA GLY A 79 -5.43 -8.30 23.80
C GLY A 79 -5.46 -7.36 22.62
N ASP A 80 -4.28 -7.02 22.15
CA ASP A 80 -4.10 -5.93 21.22
C ASP A 80 -3.04 -6.25 20.20
N VAL A 81 -3.08 -5.47 19.13
CA VAL A 81 -2.02 -5.41 18.14
C VAL A 81 -1.72 -3.90 18.01
N THR A 82 -0.60 -3.48 18.58
CA THR A 82 -0.34 -2.08 18.81
C THR A 82 0.79 -1.58 17.93
N VAL A 83 0.57 -0.42 17.32
CA VAL A 83 1.65 0.41 16.79
C VAL A 83 1.58 1.79 17.49
N ASP A 84 2.66 2.21 18.18
CA ASP A 84 2.85 3.64 18.60
C ASP A 84 4.17 4.14 17.99
N ALA A 85 4.51 5.38 18.32
CA ALA A 85 5.72 6.01 17.86
C ALA A 85 6.60 6.47 19.02
N GLY A 86 6.92 5.55 19.92
CA GLY A 86 7.88 5.81 20.99
C GLY A 86 9.32 5.94 20.54
N TRP A 87 9.73 5.15 19.55
CA TRP A 87 11.12 5.11 19.08
C TRP A 87 11.50 6.43 18.38
N PHE A 88 10.51 7.15 17.84
CA PHE A 88 10.73 8.39 17.08
C PHE A 88 9.95 9.45 17.83
N ASP A 89 9.59 9.09 19.05
CA ASP A 89 8.82 9.93 19.99
C ASP A 89 7.53 10.43 19.33
N GLY A 90 6.42 9.93 19.81
CA GLY A 90 5.12 10.01 19.14
C GLY A 90 4.86 10.80 17.87
N ASN A 91 5.87 10.97 17.03
CA ASN A 91 5.68 11.39 15.68
C ASN A 91 5.61 10.06 14.89
N ALA A 92 4.45 9.70 14.36
CA ALA A 92 4.22 8.36 13.74
C ALA A 92 4.50 8.32 12.24
N THR A 93 5.10 9.40 11.76
CA THR A 93 5.29 9.57 10.31
C THR A 93 6.41 8.73 9.68
N GLN A 94 7.11 7.92 10.47
CA GLN A 94 8.02 6.90 9.96
C GLN A 94 7.56 5.49 10.41
N ASN A 95 6.30 5.36 10.76
CA ASN A 95 5.75 4.04 11.10
C ASN A 95 5.34 3.26 9.83
N PHE A 96 6.35 2.74 9.11
CA PHE A 96 6.15 2.06 7.81
C PHE A 96 6.38 0.53 7.86
N TRP A 97 5.98 -0.15 6.78
CA TRP A 97 6.38 -1.53 6.45
C TRP A 97 6.07 -2.54 7.55
N ARG A 98 4.79 -2.70 7.81
CA ARG A 98 4.37 -3.71 8.73
C ARG A 98 2.92 -4.00 8.39
N SER A 99 2.33 -4.99 9.02
CA SER A 99 0.89 -5.20 8.72
C SER A 99 0.19 -6.16 9.69
N ALA A 100 -1.14 -6.13 9.66
CA ALA A 100 -1.94 -7.04 10.51
C ALA A 100 -3.08 -7.58 9.72
N GLU A 101 -3.36 -8.87 9.88
CA GLU A 101 -4.39 -9.50 9.13
C GLU A 101 -5.06 -10.67 9.88
N ASN A 102 -6.36 -10.85 9.66
CA ASN A 102 -7.09 -12.09 10.01
C ASN A 102 -7.01 -12.44 11.48
N LEU A 103 -7.28 -11.41 12.28
CA LEU A 103 -7.38 -11.55 13.74
C LEU A 103 -8.61 -10.83 14.29
N ALA A 104 -9.13 -11.35 15.40
CA ALA A 104 -10.11 -10.64 16.22
C ALA A 104 -9.42 -10.11 17.48
N LEU A 105 -9.67 -8.85 17.82
CA LEU A 105 -9.09 -8.22 19.01
C LEU A 105 -10.16 -7.72 19.95
N ASN A 106 -9.93 -7.99 21.23
CA ASN A 106 -10.81 -7.58 22.31
C ASN A 106 -9.85 -6.74 23.12
N PRO A 107 -9.65 -5.46 22.72
CA PRO A 107 -8.55 -4.70 23.33
C PRO A 107 -8.75 -4.54 24.85
N VAL A 108 -7.67 -4.15 25.50
CA VAL A 108 -7.58 -4.20 26.93
C VAL A 108 -8.37 -3.06 27.57
N ASN A 109 -8.34 -1.89 26.96
CA ASN A 109 -9.16 -0.78 27.48
C ASN A 109 -10.35 -0.48 26.58
N GLY A 110 -10.65 -1.40 25.67
CA GLY A 110 -11.73 -1.21 24.71
C GLY A 110 -11.36 -0.55 23.40
N THR A 111 -10.07 -0.30 23.14
CA THR A 111 -9.64 0.48 21.96
C THR A 111 -8.24 0.06 21.48
N ASN A 112 -8.16 -0.52 20.29
CA ASN A 112 -6.86 -0.88 19.75
C ASN A 112 -6.17 0.36 19.13
N ARG A 113 -4.88 0.47 19.43
CA ARG A 113 -4.01 1.46 18.78
C ARG A 113 -3.28 0.90 17.57
N TRP A 114 -3.43 1.56 16.40
CA TRP A 114 -2.71 1.21 15.14
C TRP A 114 -2.21 2.53 14.52
N ALA A 115 -1.20 3.12 15.15
CA ALA A 115 -0.76 4.45 14.77
C ALA A 115 0.36 4.34 13.75
N VAL A 116 -0.04 4.38 12.49
CA VAL A 116 0.84 4.05 11.38
C VAL A 116 0.82 5.12 10.31
N SER A 117 1.83 5.08 9.47
CA SER A 117 1.80 5.85 8.26
C SER A 117 1.72 4.88 7.08
N GLN A 118 2.50 5.12 6.01
CA GLN A 118 2.33 4.36 4.79
C GLN A 118 2.82 2.89 4.84
N ALA A 119 2.25 2.08 3.97
CA ALA A 119 2.59 0.67 3.82
C ALA A 119 2.44 -0.10 5.15
N ALA A 120 1.29 0.09 5.77
CA ALA A 120 1.01 -0.53 7.06
C ALA A 120 -0.44 -1.05 7.09
N PRO A 121 -0.77 -1.96 6.17
CA PRO A 121 -2.19 -2.28 5.99
C PRO A 121 -2.75 -3.16 7.14
N PHE A 122 -4.05 -3.01 7.28
CA PHE A 122 -4.88 -3.57 8.36
C PHE A 122 -6.04 -4.22 7.59
N ARG A 123 -5.97 -5.54 7.44
CA ARG A 123 -6.90 -6.26 6.57
C ARG A 123 -7.55 -7.42 7.34
N ARG A 124 -8.81 -7.71 7.04
CA ARG A 124 -9.44 -8.94 7.54
C ARG A 124 -9.47 -8.93 9.06
N MET A 125 -9.66 -7.76 9.65
CA MET A 125 -9.62 -7.63 11.10
C MET A 125 -11.01 -7.46 11.71
N HIS A 126 -11.19 -8.07 12.90
CA HIS A 126 -12.38 -7.77 13.70
C HIS A 126 -11.99 -7.15 15.05
N VAL A 127 -12.23 -5.86 15.19
CA VAL A 127 -11.93 -5.17 16.45
C VAL A 127 -13.23 -5.04 17.23
N LYS A 128 -13.31 -5.76 18.34
CA LYS A 128 -14.49 -5.68 19.19
C LYS A 128 -14.32 -4.51 20.15
N GLY A 129 -14.27 -3.30 19.60
CA GLY A 129 -14.18 -2.12 20.41
C GLY A 129 -13.83 -1.02 19.44
N GLY A 130 -13.15 -0.03 19.96
CA GLY A 130 -12.65 1.06 19.15
C GLY A 130 -11.32 0.82 18.47
N LEU A 131 -11.00 1.73 17.56
CA LEU A 131 -9.73 1.70 16.84
C LEU A 131 -9.18 3.14 16.78
N ASN A 132 -8.10 3.38 17.51
CA ASN A 132 -7.40 4.69 17.54
C ASN A 132 -6.27 4.61 16.55
N LEU A 133 -6.29 5.48 15.53
CA LEU A 133 -5.20 5.52 14.53
C LEU A 133 -4.06 6.52 14.84
N ALA A 134 -4.19 7.27 15.92
CA ALA A 134 -3.17 8.26 16.28
C ALA A 134 -2.19 7.80 17.37
N PRO A 135 -0.95 8.29 17.33
CA PRO A 135 0.05 7.94 18.34
C PRO A 135 -0.33 8.52 19.69
N ASP A 136 0.21 7.99 20.78
CA ASP A 136 -0.14 8.56 22.10
C ASP A 136 0.50 9.94 22.09
N GLY A 137 -0.19 10.97 22.60
CA GLY A 137 0.29 12.35 22.48
C GLY A 137 -0.20 13.05 21.23
N TYR A 138 -0.74 12.24 20.30
CA TYR A 138 -1.54 12.78 19.16
C TYR A 138 -0.72 13.57 18.12
N GLY A 139 0.60 13.41 18.15
CA GLY A 139 1.42 14.05 17.13
C GLY A 139 1.22 13.51 15.70
N TRP A 140 2.17 13.83 14.83
CA TRP A 140 2.00 13.70 13.40
C TRP A 140 1.81 12.26 12.91
N ALA A 141 0.96 12.10 11.91
CA ALA A 141 0.72 10.79 11.31
C ALA A 141 0.17 10.90 9.90
N SER A 142 0.57 9.94 9.05
CA SER A 142 0.28 10.00 7.65
C SER A 142 -0.06 8.63 7.02
N GLY A 143 -1.09 7.97 7.54
CA GLY A 143 -1.59 6.70 6.98
C GLY A 143 -2.51 6.91 5.79
N GLY A 144 -3.25 5.90 5.37
CA GLY A 144 -3.35 4.60 6.00
C GLY A 144 -4.43 3.83 5.27
N TYR A 145 -4.60 2.56 5.65
CA TYR A 145 -5.34 1.62 4.83
C TYR A 145 -5.96 0.51 5.63
N ILE A 146 -7.28 0.47 5.55
CA ILE A 146 -8.09 -0.58 6.16
C ILE A 146 -8.99 -1.17 5.10
N ALA A 147 -9.00 -2.51 5.04
CA ALA A 147 -9.88 -3.23 4.13
C ALA A 147 -10.45 -4.48 4.75
N ASP A 148 -11.67 -4.78 4.36
CA ASP A 148 -12.28 -6.08 4.71
C ASP A 148 -12.33 -6.29 6.22
N SER A 149 -12.62 -5.18 6.92
CA SER A 149 -12.57 -5.17 8.38
C SER A 149 -13.85 -4.77 9.07
N LYS A 150 -14.06 -5.31 10.26
CA LYS A 150 -15.19 -4.93 11.10
C LYS A 150 -14.75 -4.37 12.47
N ILE A 151 -14.91 -3.05 12.60
CA ILE A 151 -14.63 -2.34 13.86
C ILE A 151 -16.00 -2.11 14.54
N ASP A 152 -16.24 -2.79 15.65
CA ASP A 152 -17.53 -2.66 16.33
C ASP A 152 -17.81 -1.24 16.83
N GLY A 153 -16.82 -0.60 17.43
CA GLY A 153 -16.97 0.77 17.91
C GLY A 153 -16.49 1.81 16.89
N GLU A 154 -15.99 2.94 17.38
CA GLU A 154 -15.60 4.05 16.52
C GLU A 154 -14.12 3.95 16.07
N VAL A 155 -13.86 4.34 14.83
CA VAL A 155 -12.52 4.56 14.36
C VAL A 155 -12.19 6.04 14.61
N GLY A 156 -11.12 6.29 15.36
CA GLY A 156 -10.72 7.66 15.70
C GLY A 156 -9.40 8.04 15.05
N PRO A 157 -9.46 8.88 14.00
CA PRO A 157 -8.21 9.20 13.30
C PRO A 157 -7.42 10.25 14.02
N TYR A 158 -8.14 11.24 14.58
CA TYR A 158 -7.55 12.37 15.30
C TYR A 158 -6.59 13.15 14.39
N SER A 159 -5.28 13.05 14.62
CA SER A 159 -4.30 13.80 13.84
C SER A 159 -3.88 13.14 12.50
N GLN A 160 -4.32 11.92 12.22
CA GLN A 160 -4.11 11.36 10.87
C GLN A 160 -4.52 12.29 9.76
N GLN A 161 -3.57 12.60 8.87
CA GLN A 161 -3.83 13.52 7.78
C GLN A 161 -4.92 13.03 6.83
N GLN A 162 -4.82 11.76 6.48
CA GLN A 162 -5.68 11.19 5.47
C GLN A 162 -5.83 9.69 5.73
N TRP A 163 -6.79 9.07 5.06
CA TRP A 163 -7.04 7.64 5.29
C TRP A 163 -7.92 7.05 4.18
N TYR A 164 -7.64 5.79 3.81
CA TYR A 164 -8.54 5.04 2.96
C TYR A 164 -9.10 3.79 3.64
N THR A 165 -10.40 3.67 3.58
CA THR A 165 -11.10 2.49 4.10
C THR A 165 -12.01 1.93 3.00
N ARG A 166 -11.92 0.61 2.80
CA ARG A 166 -12.79 -0.06 1.82
C ARG A 166 -13.43 -1.35 2.34
N ASP A 167 -14.67 -1.56 1.88
CA ASP A 167 -15.35 -2.84 2.00
C ASP A 167 -15.28 -3.35 3.43
N SER A 168 -15.84 -2.55 4.30
CA SER A 168 -15.69 -2.73 5.73
C SER A 168 -16.93 -2.27 6.48
N SER A 169 -16.90 -2.48 7.79
CA SER A 169 -17.99 -2.00 8.66
C SER A 169 -17.37 -1.21 9.81
N VAL A 170 -17.96 -0.07 10.11
CA VAL A 170 -17.57 0.73 11.27
C VAL A 170 -18.79 1.19 12.09
N GLY A 171 -18.61 1.28 13.39
CA GLY A 171 -19.65 1.72 14.31
C GLY A 171 -19.81 3.23 14.37
N GLY A 172 -18.74 3.93 14.02
CA GLY A 172 -18.75 5.37 13.91
C GLY A 172 -17.44 5.77 13.23
N TRP A 173 -17.17 7.07 13.21
CA TRP A 173 -16.00 7.63 12.58
C TRP A 173 -15.86 9.03 13.12
N GLY A 174 -14.78 9.28 13.84
CA GLY A 174 -14.70 10.45 14.72
C GLY A 174 -14.35 11.75 14.08
N ASN A 175 -13.53 11.73 13.04
CA ASN A 175 -13.11 13.01 12.48
C ASN A 175 -12.40 12.83 11.14
N GLY A 176 -12.15 13.96 10.47
CA GLY A 176 -11.48 13.99 9.20
C GLY A 176 -10.67 15.27 9.06
N VAL A 177 -9.38 15.12 8.74
CA VAL A 177 -8.43 16.24 8.71
C VAL A 177 -8.32 16.87 7.31
N TRP A 178 -7.57 16.21 6.43
CA TRP A 178 -7.43 16.63 5.04
C TRP A 178 -8.19 15.71 4.02
N ASN A 179 -8.18 14.37 4.22
CA ASN A 179 -8.78 13.48 3.22
C ASN A 179 -9.06 12.04 3.74
N MET A 180 -10.29 11.84 4.19
CA MET A 180 -10.75 10.53 4.64
C MET A 180 -11.69 10.05 3.57
N THR A 181 -11.26 9.00 2.86
CA THR A 181 -12.04 8.43 1.76
C THR A 181 -12.53 7.02 2.13
N PHE A 182 -13.77 6.75 1.72
CA PHE A 182 -14.44 5.49 2.00
C PHE A 182 -15.04 4.92 0.69
N SER A 183 -14.90 3.62 0.48
CA SER A 183 -15.73 2.99 -0.54
C SER A 183 -16.25 1.63 -0.03
N GLY A 184 -17.56 1.42 -0.16
CA GLY A 184 -18.17 0.21 0.34
C GLY A 184 -18.06 0.03 1.85
N VAL A 185 -18.12 1.13 2.59
CA VAL A 185 -17.97 1.05 4.03
C VAL A 185 -19.30 1.28 4.76
N GLU A 186 -19.98 0.19 5.13
CA GLU A 186 -21.07 0.25 6.12
C GLU A 186 -20.62 1.02 7.36
N GLY A 187 -21.35 2.08 7.66
CA GLY A 187 -21.00 2.91 8.81
C GLY A 187 -20.25 4.17 8.41
N ALA A 188 -19.85 4.30 7.16
CA ALA A 188 -19.10 5.50 6.78
C ALA A 188 -19.93 6.77 6.91
N PRO A 189 -19.25 7.88 7.27
CA PRO A 189 -19.86 9.20 7.36
C PRO A 189 -20.32 9.56 5.96
N ALA A 190 -21.32 10.43 5.84
CA ALA A 190 -21.81 10.75 4.50
C ALA A 190 -20.96 11.82 3.81
N GLN A 191 -21.22 12.03 2.53
CA GLN A 191 -20.37 12.84 1.68
C GLN A 191 -20.48 14.30 2.07
N SER A 192 -19.35 14.87 2.45
CA SER A 192 -19.39 16.16 3.10
C SER A 192 -18.20 17.01 2.71
N PHE A 193 -17.41 16.51 1.77
CA PHE A 193 -16.18 17.20 1.39
C PHE A 193 -16.65 18.51 0.80
N PRO A 194 -15.87 19.58 1.03
CA PRO A 194 -14.60 19.57 1.77
C PRO A 194 -14.58 19.98 3.25
N GLU A 195 -15.67 19.83 3.99
CA GLU A 195 -15.63 20.17 5.42
C GLU A 195 -16.83 19.59 6.10
N PRO A 196 -16.67 18.43 6.77
CA PRO A 196 -15.50 17.55 6.96
C PRO A 196 -15.03 16.98 5.62
N PRO A 197 -13.73 16.68 5.48
CA PRO A 197 -13.24 16.20 4.19
C PRO A 197 -13.52 14.73 4.02
N TYR A 198 -14.78 14.37 3.86
CA TYR A 198 -15.20 12.99 3.76
C TYR A 198 -15.64 12.76 2.30
N THR A 199 -14.92 11.83 1.65
CA THR A 199 -15.24 11.39 0.32
C THR A 199 -15.79 9.97 0.39
N THR A 200 -17.07 9.80 0.03
CA THR A 200 -17.77 8.56 0.36
C THR A 200 -18.59 8.01 -0.76
N LEU A 201 -18.10 6.90 -1.26
CA LEU A 201 -18.77 6.11 -2.28
C LEU A 201 -19.47 4.87 -1.64
N GLU A 202 -20.76 4.76 -1.89
CA GLU A 202 -21.55 3.63 -1.43
C GLU A 202 -20.90 2.25 -1.70
N THR A 203 -20.34 2.05 -2.88
CA THR A 203 -19.68 0.79 -3.18
C THR A 203 -18.30 0.93 -3.83
N THR A 204 -17.56 -0.18 -3.86
CA THR A 204 -16.28 -0.27 -4.56
C THR A 204 -16.38 -0.99 -5.92
N PRO A 205 -16.02 -0.34 -7.03
CA PRO A 205 -16.26 -0.90 -8.38
C PRO A 205 -16.00 -2.40 -8.49
N VAL A 206 -14.77 -2.75 -8.11
CA VAL A 206 -14.38 -4.11 -8.01
C VAL A 206 -13.26 -4.19 -6.96
N SER A 207 -13.25 -5.30 -6.28
CA SER A 207 -12.22 -5.59 -5.34
C SER A 207 -12.14 -7.11 -5.20
N ARG A 208 -10.98 -7.54 -4.71
CA ARG A 208 -10.67 -8.93 -4.59
C ARG A 208 -9.77 -9.05 -3.40
N GLU A 209 -10.23 -9.71 -2.34
CA GLU A 209 -9.49 -9.69 -1.08
C GLU A 209 -8.12 -10.37 -1.26
N LYS A 210 -7.14 -9.88 -0.51
CA LYS A 210 -5.77 -10.40 -0.63
C LYS A 210 -5.68 -11.86 -0.17
N PRO A 211 -5.09 -12.76 -1.01
CA PRO A 211 -4.87 -14.12 -0.51
C PRO A 211 -4.09 -14.19 0.81
N PHE A 212 -4.42 -15.14 1.67
CA PHE A 212 -3.73 -15.28 2.97
C PHE A 212 -3.44 -16.75 3.32
N LEU A 213 -2.30 -16.95 3.98
CA LEU A 213 -1.86 -18.21 4.49
C LEU A 213 -2.75 -18.60 5.65
N TYR A 214 -3.09 -19.87 5.73
CA TYR A 214 -3.85 -20.28 6.87
C TYR A 214 -3.81 -21.78 7.03
N LEU A 215 -4.39 -22.28 8.10
CA LEU A 215 -4.38 -23.69 8.37
C LEU A 215 -5.81 -24.10 8.07
N ASP A 216 -6.01 -25.23 7.40
CA ASP A 216 -7.36 -25.76 7.09
C ASP A 216 -7.29 -27.15 7.73
N GLY A 217 -7.66 -27.18 9.01
CA GLY A 217 -7.37 -28.29 9.92
C GLY A 217 -5.89 -28.44 10.31
N ASP A 218 -5.32 -29.61 10.05
CA ASP A 218 -3.89 -29.74 10.21
C ASP A 218 -3.02 -29.15 9.09
N ASP A 219 -3.52 -29.01 7.86
CA ASP A 219 -2.63 -28.58 6.76
C ASP A 219 -2.45 -27.03 6.58
N TYR A 220 -1.23 -26.59 6.26
CA TYR A 220 -1.00 -25.22 5.76
C TYR A 220 -1.55 -25.01 4.34
N LYS A 221 -2.33 -23.95 4.15
CA LYS A 221 -2.79 -23.56 2.81
C LYS A 221 -2.84 -22.02 2.53
N VAL A 222 -3.05 -21.66 1.26
CA VAL A 222 -3.37 -20.28 0.86
C VAL A 222 -4.84 -20.19 0.45
N PHE A 223 -5.61 -19.31 1.12
CA PHE A 223 -6.96 -18.93 0.65
C PHE A 223 -6.86 -17.80 -0.33
N VAL A 224 -7.46 -17.98 -1.50
CA VAL A 224 -7.47 -16.99 -2.61
C VAL A 224 -8.90 -16.49 -2.71
N PRO A 225 -9.20 -15.42 -1.94
CA PRO A 225 -10.54 -14.81 -1.98
C PRO A 225 -11.06 -14.68 -3.40
N ALA A 226 -12.36 -14.93 -3.55
CA ALA A 226 -13.08 -14.60 -4.76
C ALA A 226 -13.26 -13.07 -4.92
N LYS A 227 -13.22 -12.62 -6.17
CA LYS A 227 -13.52 -11.25 -6.49
C LYS A 227 -15.00 -10.92 -6.24
N ARG A 228 -15.24 -9.70 -5.77
CA ARG A 228 -16.58 -9.13 -5.80
C ARG A 228 -16.65 -7.88 -6.67
N THR A 229 -17.85 -7.56 -7.12
CA THR A 229 -18.08 -6.33 -7.86
C THR A 229 -19.06 -5.44 -7.12
N ASN A 230 -18.85 -4.13 -7.19
CA ASN A 230 -19.62 -3.17 -6.43
C ASN A 230 -19.73 -3.72 -5.01
N ALA A 231 -18.55 -3.89 -4.41
CA ALA A 231 -18.41 -4.45 -3.11
C ALA A 231 -18.81 -3.47 -2.02
N ARG A 232 -19.41 -4.00 -0.95
CA ARG A 232 -19.71 -3.21 0.23
C ARG A 232 -19.74 -4.14 1.42
N GLY A 233 -19.24 -3.65 2.56
CA GLY A 233 -19.11 -4.48 3.75
C GLY A 233 -18.01 -5.53 3.59
N THR A 234 -17.79 -6.33 4.63
CA THR A 234 -16.75 -7.35 4.60
C THR A 234 -17.15 -8.55 3.70
N SER A 235 -16.13 -9.23 3.18
CA SER A 235 -16.33 -10.41 2.37
C SER A 235 -16.90 -11.52 3.30
N TRP A 236 -16.51 -11.44 4.57
CA TRP A 236 -16.71 -12.55 5.52
C TRP A 236 -17.85 -12.38 6.55
N GLY A 237 -18.33 -11.15 6.70
CA GLY A 237 -19.19 -10.77 7.82
C GLY A 237 -20.41 -11.65 8.12
N ASN A 238 -20.87 -12.35 7.09
CA ASN A 238 -21.90 -13.36 7.28
C ASN A 238 -21.29 -14.67 6.83
N GLY A 239 -20.61 -15.31 7.79
CA GLY A 239 -20.22 -16.71 7.71
C GLY A 239 -19.43 -16.87 6.45
N THR A 240 -19.96 -17.73 5.59
CA THR A 240 -19.20 -18.24 4.49
C THR A 240 -18.71 -17.10 3.61
N PRO A 241 -17.61 -17.31 2.83
CA PRO A 241 -16.97 -16.45 1.80
C PRO A 241 -16.30 -17.19 0.60
N GLU A 242 -16.56 -16.70 -0.60
CA GLU A 242 -16.46 -17.57 -1.74
C GLU A 242 -15.07 -17.40 -2.33
N GLY A 243 -14.54 -18.48 -2.91
CA GLY A 243 -13.12 -18.56 -3.13
C GLY A 243 -12.56 -19.96 -3.06
N GLU A 244 -11.30 -20.08 -2.67
CA GLU A 244 -10.54 -21.27 -2.97
C GLU A 244 -9.27 -21.51 -2.14
N SER A 245 -9.02 -22.78 -1.82
CA SER A 245 -7.89 -23.18 -0.96
C SER A 245 -6.80 -23.94 -1.71
N LEU A 246 -5.65 -23.28 -1.93
CA LEU A 246 -4.49 -23.90 -2.51
C LEU A 246 -3.59 -24.56 -1.45
N PRO A 247 -3.28 -25.87 -1.61
CA PRO A 247 -2.37 -26.49 -0.63
C PRO A 247 -0.93 -26.01 -0.74
N LEU A 248 -0.16 -26.10 0.35
CA LEU A 248 1.18 -25.56 0.37
C LEU A 248 2.10 -26.30 -0.58
N ASP A 249 1.74 -27.54 -0.93
CA ASP A 249 2.61 -28.34 -1.80
C ASP A 249 2.57 -27.86 -3.27
N GLN A 250 1.54 -27.11 -3.66
CA GLN A 250 1.50 -26.45 -4.95
C GLN A 250 2.05 -24.99 -4.89
N PHE A 251 2.69 -24.68 -3.77
CA PHE A 251 3.35 -23.42 -3.55
C PHE A 251 4.83 -23.64 -3.41
N TYR A 252 5.65 -22.91 -4.16
CA TYR A 252 7.09 -23.03 -4.00
C TYR A 252 7.57 -21.97 -3.00
N VAL A 253 8.23 -22.47 -1.97
CA VAL A 253 8.66 -21.68 -0.83
C VAL A 253 10.04 -21.09 -1.06
N VAL A 254 10.03 -19.80 -1.36
CA VAL A 254 11.24 -19.02 -1.55
C VAL A 254 11.86 -18.70 -0.20
N LYS A 255 13.15 -19.02 -0.09
CA LYS A 255 14.04 -18.46 0.92
C LYS A 255 15.22 -17.79 0.26
N PRO A 256 15.77 -16.73 0.88
CA PRO A 256 16.87 -15.97 0.29
C PRO A 256 18.01 -16.85 -0.24
N GLY A 257 18.63 -16.33 -1.30
CA GLY A 257 19.57 -17.08 -2.12
C GLY A 257 18.91 -17.73 -3.32
N ALA A 258 17.60 -17.90 -3.27
CA ALA A 258 16.84 -18.49 -4.38
C ALA A 258 17.14 -17.62 -5.58
N THR A 259 17.81 -18.15 -6.60
CA THR A 259 18.09 -17.33 -7.76
C THR A 259 16.74 -17.05 -8.44
N ALA A 260 16.60 -15.93 -9.14
CA ALA A 260 15.37 -15.70 -9.90
C ALA A 260 15.27 -16.79 -10.99
N GLU A 261 16.43 -17.41 -11.31
CA GLU A 261 16.52 -18.59 -12.17
C GLU A 261 15.57 -19.66 -11.64
N THR A 262 15.72 -20.06 -10.38
CA THR A 262 14.93 -21.18 -9.87
C THR A 262 13.47 -20.73 -9.74
N ILE A 263 13.27 -19.55 -9.18
CA ILE A 263 11.93 -18.99 -9.02
C ILE A 263 11.15 -19.12 -10.35
N ASN A 264 11.65 -18.56 -11.44
CA ASN A 264 10.91 -18.57 -12.73
C ASN A 264 10.60 -19.98 -13.27
N ALA A 265 11.51 -20.92 -13.02
CA ALA A 265 11.27 -22.32 -13.37
C ALA A 265 10.09 -22.88 -12.57
N ALA A 266 10.07 -22.65 -11.25
CA ALA A 266 8.96 -23.12 -10.46
C ALA A 266 7.63 -22.61 -11.03
N VAL A 267 7.62 -21.33 -11.47
CA VAL A 267 6.41 -20.79 -12.13
C VAL A 267 6.23 -21.42 -13.54
N ASP A 268 7.33 -21.52 -14.33
CA ASP A 268 7.39 -22.28 -15.60
C ASP A 268 6.70 -23.60 -15.33
N GLN A 269 7.05 -24.19 -14.18
CA GLN A 269 6.56 -25.53 -13.85
C GLN A 269 5.14 -25.72 -13.37
N GLY A 270 4.44 -24.66 -12.94
CA GLY A 270 3.12 -24.84 -12.36
C GLY A 270 2.91 -24.35 -10.93
N LEU A 271 3.97 -24.24 -10.16
CA LEU A 271 3.93 -23.78 -8.78
C LEU A 271 3.64 -22.28 -8.61
N HIS A 272 2.94 -21.95 -7.54
CA HIS A 272 2.73 -20.57 -7.12
C HIS A 272 4.00 -20.18 -6.36
N LEU A 273 4.04 -18.98 -5.79
CA LEU A 273 5.22 -18.53 -5.03
C LEU A 273 4.85 -18.03 -3.66
N LEU A 274 5.60 -18.49 -2.66
CA LEU A 274 5.47 -17.96 -1.31
C LEU A 274 6.81 -17.49 -0.84
N PHE A 275 6.94 -16.18 -0.72
CA PHE A 275 8.20 -15.62 -0.28
C PHE A 275 8.24 -15.54 1.24
N THR A 276 9.08 -16.35 1.86
CA THR A 276 9.30 -16.25 3.29
C THR A 276 9.94 -14.88 3.60
N PRO A 277 9.89 -14.44 4.85
CA PRO A 277 10.42 -13.12 5.18
C PRO A 277 11.93 -13.11 5.02
N GLY A 278 12.38 -12.11 4.30
CA GLY A 278 13.81 -11.93 4.08
C GLY A 278 14.02 -11.06 2.84
N VAL A 279 15.27 -10.98 2.43
CA VAL A 279 15.70 -10.05 1.38
C VAL A 279 16.36 -10.84 0.26
N TYR A 280 15.75 -10.77 -0.92
CA TYR A 280 16.16 -11.58 -2.06
C TYR A 280 16.80 -10.66 -3.14
N HIS A 281 18.04 -10.92 -3.47
CA HIS A 281 18.70 -10.17 -4.54
C HIS A 281 18.47 -11.01 -5.77
N VAL A 282 18.13 -10.37 -6.89
CA VAL A 282 17.93 -11.10 -8.14
C VAL A 282 18.72 -10.44 -9.27
N ASP A 283 19.31 -11.25 -10.16
CA ASP A 283 20.22 -10.73 -11.16
C ASP A 283 19.60 -10.85 -12.54
N GLN A 284 18.52 -11.62 -12.62
CA GLN A 284 17.57 -11.51 -13.71
C GLN A 284 16.14 -11.21 -13.15
N PRO A 285 15.26 -10.58 -13.94
CA PRO A 285 13.89 -10.32 -13.49
C PRO A 285 13.10 -11.58 -13.15
N ILE A 286 12.33 -11.51 -12.07
CA ILE A 286 11.34 -12.52 -11.78
C ILE A 286 10.23 -12.36 -12.82
N GLU A 287 9.68 -13.49 -13.28
CA GLU A 287 8.76 -13.43 -14.40
C GLU A 287 7.58 -14.38 -14.18
N ILE A 288 6.37 -13.85 -14.25
CA ILE A 288 5.19 -14.65 -13.97
C ILE A 288 4.29 -14.63 -15.19
N ASP A 289 4.44 -15.67 -15.99
CA ASP A 289 3.79 -15.78 -17.28
C ASP A 289 2.80 -16.98 -17.34
N ARG A 290 2.14 -17.24 -16.23
CA ARG A 290 1.11 -18.28 -16.12
C ARG A 290 -0.17 -17.75 -15.41
N ALA A 291 -1.32 -17.94 -16.07
CA ALA A 291 -2.55 -17.44 -15.53
C ALA A 291 -2.79 -17.97 -14.12
N ASN A 292 -3.46 -17.15 -13.30
CA ASN A 292 -3.83 -17.45 -11.90
C ASN A 292 -2.69 -17.68 -10.90
N THR A 293 -1.47 -17.33 -11.25
CA THR A 293 -0.35 -17.49 -10.32
C THR A 293 -0.43 -16.55 -9.11
N VAL A 294 -0.30 -17.12 -7.92
CA VAL A 294 -0.13 -16.36 -6.67
C VAL A 294 1.33 -16.20 -6.39
N ALA A 295 1.71 -14.95 -6.12
CA ALA A 295 3.01 -14.58 -5.62
C ALA A 295 2.75 -13.79 -4.32
N LEU A 296 2.84 -14.49 -3.20
CA LEU A 296 2.49 -13.93 -1.90
C LEU A 296 3.74 -13.82 -1.02
N GLY A 297 3.97 -12.63 -0.47
CA GLY A 297 5.03 -12.42 0.51
C GLY A 297 4.59 -12.46 1.96
N LEU A 298 5.48 -12.93 2.82
CA LEU A 298 5.30 -12.87 4.29
C LEU A 298 6.38 -11.95 4.87
N GLY A 299 6.10 -11.34 6.01
CA GLY A 299 7.11 -10.63 6.77
C GLY A 299 7.85 -9.52 6.03
N LEU A 300 7.11 -8.80 5.17
CA LEU A 300 7.65 -7.79 4.27
C LEU A 300 8.85 -8.30 3.44
N ALA A 301 8.74 -9.55 2.99
CA ALA A 301 9.66 -10.09 2.00
C ALA A 301 9.97 -9.06 0.90
N THR A 302 11.26 -8.97 0.61
CA THR A 302 11.81 -7.92 -0.21
C THR A 302 12.61 -8.47 -1.39
N ILE A 303 12.51 -7.76 -2.50
CA ILE A 303 13.14 -8.12 -3.74
C ILE A 303 13.98 -6.91 -4.20
N ILE A 304 15.28 -7.14 -4.32
CA ILE A 304 16.22 -6.14 -4.83
C ILE A 304 16.77 -6.58 -6.21
N PRO A 305 16.48 -5.82 -7.26
CA PRO A 305 17.06 -6.09 -8.57
C PRO A 305 18.47 -5.56 -8.69
N ASP A 306 19.39 -6.46 -9.04
CA ASP A 306 20.79 -6.13 -9.25
C ASP A 306 21.12 -5.77 -10.71
N ASN A 307 22.31 -5.23 -10.99
CA ASN A 307 22.79 -5.05 -12.36
C ASN A 307 21.83 -4.24 -13.28
N GLY A 308 20.89 -3.54 -12.66
CA GLY A 308 19.95 -2.67 -13.37
C GLY A 308 18.80 -3.39 -14.06
N VAL A 309 18.53 -4.62 -13.62
CA VAL A 309 17.39 -5.32 -14.18
C VAL A 309 16.08 -4.89 -13.56
N THR A 310 14.99 -5.25 -14.23
CA THR A 310 13.66 -5.13 -13.66
C THR A 310 13.48 -6.25 -12.59
N ALA A 311 12.79 -5.96 -11.48
CA ALA A 311 12.57 -6.95 -10.45
C ALA A 311 11.52 -8.00 -10.80
N LEU A 312 10.38 -7.51 -11.32
CA LEU A 312 9.23 -8.35 -11.51
C LEU A 312 8.48 -7.95 -12.78
N LYS A 313 8.32 -8.92 -13.68
CA LYS A 313 7.50 -8.76 -14.87
C LYS A 313 6.34 -9.77 -14.76
N VAL A 314 5.12 -9.27 -14.94
CA VAL A 314 3.94 -10.15 -15.10
C VAL A 314 3.58 -10.19 -16.58
N GLY A 315 3.26 -11.38 -17.08
CA GLY A 315 2.96 -11.54 -18.49
C GLY A 315 1.51 -11.16 -18.77
N ASP A 316 1.14 -11.24 -20.03
CA ASP A 316 -0.19 -10.81 -20.49
C ASP A 316 -1.28 -11.88 -20.19
N VAL A 317 -1.57 -12.11 -18.91
CA VAL A 317 -2.41 -13.24 -18.50
C VAL A 317 -3.40 -12.92 -17.38
N ASP A 318 -4.53 -13.60 -17.39
CA ASP A 318 -5.52 -13.42 -16.35
C ASP A 318 -4.99 -13.85 -14.99
N GLY A 319 -5.57 -13.25 -13.95
CA GLY A 319 -5.66 -13.91 -12.67
C GLY A 319 -4.45 -13.86 -11.74
N VAL A 320 -3.38 -13.15 -12.10
CA VAL A 320 -2.17 -13.14 -11.26
C VAL A 320 -2.43 -12.29 -10.03
N LYS A 321 -1.94 -12.75 -8.89
CA LYS A 321 -2.20 -12.12 -7.59
C LYS A 321 -0.87 -11.98 -6.89
N VAL A 322 -0.34 -10.76 -6.98
CA VAL A 322 0.92 -10.37 -6.38
C VAL A 322 0.58 -9.62 -5.12
N ALA A 323 1.08 -10.12 -3.99
CA ALA A 323 0.78 -9.48 -2.70
C ALA A 323 1.91 -9.56 -1.68
N GLY A 324 2.01 -8.50 -0.87
CA GLY A 324 2.86 -8.45 0.28
C GLY A 324 4.36 -8.38 0.01
N LEU A 325 4.79 -7.73 -1.08
CA LEU A 325 6.20 -7.62 -1.37
C LEU A 325 6.70 -6.17 -1.35
N LEU A 326 7.94 -6.00 -0.89
CA LEU A 326 8.65 -4.74 -1.04
C LEU A 326 9.63 -4.93 -2.17
N VAL A 327 9.58 -4.05 -3.17
CA VAL A 327 10.62 -4.01 -4.22
C VAL A 327 11.55 -2.80 -3.92
N ASP A 328 12.83 -3.08 -3.68
CA ASP A 328 13.80 -2.11 -3.18
C ASP A 328 14.87 -1.87 -4.25
N ALA A 329 14.98 -0.66 -4.76
CA ALA A 329 15.88 -0.39 -5.87
C ALA A 329 17.34 -0.66 -5.49
N GLY A 330 18.09 -1.25 -6.42
CA GLY A 330 19.53 -1.30 -6.31
C GLY A 330 20.20 0.01 -6.69
N PRO A 331 21.47 0.18 -6.31
CA PRO A 331 22.20 1.39 -6.66
C PRO A 331 22.42 1.58 -8.16
N VAL A 332 22.42 0.51 -8.93
CA VAL A 332 22.44 0.60 -10.41
C VAL A 332 21.03 0.88 -10.93
N ASN A 333 20.90 1.95 -11.72
CA ASN A 333 19.60 2.35 -12.21
C ASN A 333 18.91 1.22 -12.97
N SER A 334 17.70 0.88 -12.53
CA SER A 334 16.79 0.08 -13.35
C SER A 334 15.83 0.90 -14.20
N GLU A 335 15.64 0.50 -15.47
CA GLU A 335 14.66 1.14 -16.35
C GLU A 335 13.29 1.11 -15.73
N THR A 336 12.93 -0.06 -15.22
CA THR A 336 11.69 -0.24 -14.52
C THR A 336 11.93 -1.20 -13.34
N LEU A 337 11.11 -1.09 -12.29
CA LEU A 337 11.13 -2.07 -11.21
C LEU A 337 10.08 -3.22 -11.32
N VAL A 338 8.86 -2.86 -11.73
CA VAL A 338 7.74 -3.76 -11.78
C VAL A 338 6.96 -3.42 -13.05
N GLU A 339 6.78 -4.41 -13.91
CA GLU A 339 5.96 -4.27 -15.10
C GLU A 339 4.83 -5.28 -15.04
N VAL A 340 3.62 -4.79 -15.22
CA VAL A 340 2.44 -5.61 -15.28
C VAL A 340 2.00 -5.61 -16.74
N GLY A 341 2.34 -6.71 -17.44
CA GLY A 341 2.10 -6.83 -18.87
C GLY A 341 3.19 -6.18 -19.74
N SER A 342 3.25 -6.57 -21.01
CA SER A 342 4.11 -5.90 -22.00
C SER A 342 3.55 -4.59 -22.57
N ASP A 343 4.39 -3.71 -23.16
CA ASP A 343 3.87 -2.52 -23.87
C ASP A 343 3.07 -2.91 -25.11
N GLY A 344 1.93 -2.24 -25.31
CA GLY A 344 1.08 -2.55 -26.47
C GLY A 344 -0.07 -3.54 -26.22
N ALA A 345 0.14 -4.43 -25.26
CA ALA A 345 -0.84 -5.49 -24.91
C ALA A 345 -2.22 -4.85 -24.83
N SER A 346 -3.16 -5.41 -25.60
CA SER A 346 -4.53 -4.87 -25.66
C SER A 346 -5.66 -5.91 -25.41
N GLY A 347 -5.28 -7.09 -24.94
CA GLY A 347 -6.28 -8.09 -24.61
C GLY A 347 -6.84 -7.81 -23.24
N ASP A 348 -8.12 -8.14 -23.05
CA ASP A 348 -8.86 -7.91 -21.80
C ASP A 348 -8.56 -8.90 -20.68
N HIS A 349 -8.68 -8.49 -19.41
CA HIS A 349 -8.66 -9.42 -18.29
C HIS A 349 -9.77 -9.13 -17.33
N ALA A 350 -10.96 -8.84 -17.86
CA ALA A 350 -12.01 -8.28 -17.02
C ALA A 350 -12.67 -9.28 -16.01
N ALA A 351 -12.90 -10.51 -16.44
CA ALA A 351 -13.51 -11.47 -15.54
C ALA A 351 -12.56 -11.93 -14.42
N ASN A 352 -11.28 -11.92 -14.69
CA ASN A 352 -10.28 -12.49 -13.82
C ASN A 352 -9.01 -11.64 -13.92
N PRO A 353 -9.09 -10.42 -13.37
CA PRO A 353 -7.96 -9.51 -13.56
C PRO A 353 -6.69 -9.91 -12.81
N THR A 354 -5.56 -9.30 -13.21
CA THR A 354 -4.36 -9.35 -12.40
C THR A 354 -4.39 -8.23 -11.37
N SER A 355 -3.84 -8.49 -10.20
CA SER A 355 -3.75 -7.44 -9.16
C SER A 355 -2.40 -7.39 -8.44
N LEU A 356 -2.00 -6.16 -8.10
CA LEU A 356 -0.97 -5.88 -7.11
C LEU A 356 -1.64 -5.42 -5.81
N GLN A 357 -1.37 -6.11 -4.70
CA GLN A 357 -1.90 -5.74 -3.38
C GLN A 357 -0.79 -5.66 -2.34
N ASP A 358 -0.75 -4.58 -1.58
CA ASP A 358 0.33 -4.39 -0.61
C ASP A 358 1.67 -4.65 -1.29
N VAL A 359 1.86 -4.03 -2.45
CA VAL A 359 3.12 -4.06 -3.13
C VAL A 359 3.69 -2.65 -2.94
N PHE A 360 4.88 -2.62 -2.36
CA PHE A 360 5.55 -1.38 -2.00
C PHE A 360 6.86 -1.25 -2.76
N VAL A 361 7.20 -0.04 -3.16
CA VAL A 361 8.44 0.20 -3.84
C VAL A 361 9.21 1.28 -3.06
N ARG A 362 10.51 1.04 -2.87
CA ARG A 362 11.40 2.02 -2.25
C ARG A 362 12.57 2.30 -3.19
N ILE A 363 12.92 3.57 -3.32
CA ILE A 363 14.14 3.94 -4.03
C ILE A 363 15.04 4.77 -3.13
N GLY A 364 16.13 4.14 -2.68
CA GLY A 364 17.07 4.78 -1.77
C GLY A 364 16.72 4.52 -0.31
N GLY A 365 17.55 5.07 0.56
CA GLY A 365 17.22 5.18 1.98
C GLY A 365 17.87 4.09 2.85
N ALA A 366 18.01 2.89 2.30
CA ALA A 366 18.71 1.80 2.98
C ALA A 366 20.01 1.62 2.24
N GLY A 367 20.62 2.73 1.90
CA GLY A 367 21.67 2.74 0.91
C GLY A 367 21.11 3.21 -0.40
N PRO A 368 22.00 3.45 -1.34
CA PRO A 368 21.55 4.20 -2.50
C PRO A 368 20.81 3.35 -3.50
N GLY A 369 19.86 3.96 -4.20
CA GLY A 369 19.07 3.24 -5.18
C GLY A 369 18.47 4.18 -6.21
N LYS A 370 18.19 3.63 -7.39
CA LYS A 370 17.72 4.39 -8.52
C LYS A 370 16.91 3.57 -9.49
N ALA A 371 15.85 4.17 -10.01
CA ALA A 371 14.97 3.58 -11.03
C ALA A 371 14.32 4.69 -11.85
N THR A 372 14.12 4.45 -13.16
CA THR A 372 13.55 5.49 -14.01
C THR A 372 12.01 5.57 -13.87
N THR A 373 11.33 4.43 -14.03
CA THR A 373 9.90 4.33 -13.79
C THR A 373 9.60 3.12 -12.90
N SER A 374 8.98 3.32 -11.73
CA SER A 374 8.93 2.25 -10.75
C SER A 374 7.96 1.13 -11.11
N ILE A 375 6.70 1.49 -11.42
CA ILE A 375 5.68 0.54 -11.82
C ILE A 375 5.01 1.00 -13.12
N VAL A 376 5.12 0.17 -14.16
CA VAL A 376 4.37 0.38 -15.38
C VAL A 376 3.29 -0.66 -15.45
N VAL A 377 2.03 -0.22 -15.55
CA VAL A 377 0.87 -1.08 -15.59
C VAL A 377 0.36 -1.01 -17.02
N ASN A 378 0.72 -2.03 -17.79
CA ASN A 378 0.13 -2.20 -19.12
C ASN A 378 -1.16 -3.01 -19.21
N SER A 379 -1.22 -4.13 -18.50
CA SER A 379 -2.41 -5.02 -18.57
C SER A 379 -3.77 -4.35 -18.24
N ASN A 380 -4.66 -4.43 -19.23
CA ASN A 380 -6.04 -3.97 -19.06
C ASN A 380 -6.71 -4.64 -17.86
N ASP A 381 -7.63 -3.91 -17.23
CA ASP A 381 -8.40 -4.41 -16.09
C ASP A 381 -7.63 -4.69 -14.79
N THR A 382 -6.36 -4.35 -14.78
CA THR A 382 -5.53 -4.55 -13.61
C THR A 382 -6.07 -3.76 -12.39
N ILE A 383 -6.06 -4.40 -11.24
CA ILE A 383 -6.41 -3.77 -9.97
C ILE A 383 -5.13 -3.52 -9.15
N ILE A 384 -4.97 -2.28 -8.69
CA ILE A 384 -3.87 -1.90 -7.84
C ILE A 384 -4.50 -1.48 -6.52
N ASP A 385 -4.56 -2.42 -5.58
CA ASP A 385 -5.28 -2.28 -4.31
C ASP A 385 -4.27 -2.20 -3.11
N HIS A 386 -3.91 -0.97 -2.77
CA HIS A 386 -2.89 -0.61 -1.77
C HIS A 386 -1.45 -0.76 -2.28
N THR A 387 -0.87 0.37 -2.62
CA THR A 387 0.54 0.43 -3.02
C THR A 387 1.13 1.70 -2.44
N TRP A 388 2.40 1.64 -2.06
CA TRP A 388 3.18 2.82 -1.69
C TRP A 388 4.43 2.75 -2.52
N VAL A 389 4.58 3.75 -3.36
CA VAL A 389 5.66 3.81 -4.32
C VAL A 389 6.42 5.07 -3.92
N TRP A 390 7.62 4.90 -3.36
CA TRP A 390 8.28 5.92 -2.53
C TRP A 390 9.77 6.14 -2.87
N ARG A 391 10.06 7.28 -3.45
CA ARG A 391 11.45 7.72 -3.58
C ARG A 391 11.83 8.23 -2.17
N ALA A 392 12.86 7.67 -1.58
CA ALA A 392 13.17 8.00 -0.19
C ALA A 392 13.50 9.48 0.03
N ASP A 393 12.95 10.05 1.10
CA ASP A 393 13.24 11.44 1.50
C ASP A 393 14.21 11.52 2.65
N HIS A 394 14.51 10.38 3.30
CA HIS A 394 15.46 10.39 4.42
C HIS A 394 16.08 9.02 4.41
N GLY A 395 17.07 8.84 5.29
CA GLY A 395 17.84 7.62 5.32
C GLY A 395 19.21 7.85 4.69
N GLU A 396 19.79 6.78 4.15
CA GLU A 396 21.09 6.82 3.51
C GLU A 396 20.98 6.59 2.01
N GLY A 397 21.84 7.26 1.25
CA GLY A 397 21.80 7.15 -0.20
C GLY A 397 20.66 7.94 -0.80
N VAL A 398 20.42 9.11 -0.20
CA VAL A 398 19.37 10.01 -0.64
C VAL A 398 19.99 11.31 -1.14
N GLY A 399 19.71 11.66 -2.40
CA GLY A 399 20.05 12.96 -2.95
C GLY A 399 19.28 13.16 -4.26
N TRP A 400 19.24 14.39 -4.75
CA TRP A 400 18.40 14.76 -5.90
C TRP A 400 18.82 13.97 -7.17
N GLU A 401 20.12 13.70 -7.32
CA GLU A 401 20.57 12.73 -8.29
C GLU A 401 20.95 11.41 -7.63
N THR A 402 21.46 11.47 -6.39
CA THR A 402 21.92 10.26 -5.71
C THR A 402 20.87 9.16 -5.81
N ASN A 403 19.70 9.32 -5.18
CA ASN A 403 18.53 8.41 -5.42
C ASN A 403 17.45 8.97 -6.35
N ARG A 404 17.90 9.62 -7.39
CA ARG A 404 17.02 10.04 -8.47
C ARG A 404 16.11 8.90 -8.94
N ALA A 405 14.84 9.26 -9.13
CA ALA A 405 13.82 8.44 -9.73
C ALA A 405 12.77 9.35 -10.36
N ASP A 406 12.72 9.40 -11.68
CA ASP A 406 11.84 10.33 -12.34
C ASP A 406 10.36 10.07 -12.21
N TYR A 407 9.93 8.81 -12.38
CA TYR A 407 8.50 8.51 -12.55
C TYR A 407 8.08 7.35 -11.64
N GLY A 408 6.98 7.56 -10.95
CA GLY A 408 6.54 6.62 -9.95
C GLY A 408 5.78 5.50 -10.60
N VAL A 409 4.57 5.82 -11.04
CA VAL A 409 3.74 4.87 -11.74
C VAL A 409 3.27 5.45 -13.05
N HIS A 410 3.27 4.58 -14.07
CA HIS A 410 2.74 4.94 -15.38
C HIS A 410 1.72 3.88 -15.77
N VAL A 411 0.47 4.30 -15.87
CA VAL A 411 -0.59 3.38 -16.26
C VAL A 411 -0.87 3.52 -17.75
N LYS A 412 -0.51 2.48 -18.50
CA LYS A 412 -0.74 2.36 -19.94
C LYS A 412 -2.00 1.51 -20.31
N GLY A 413 -2.32 0.44 -19.57
CA GLY A 413 -3.60 -0.23 -19.74
C GLY A 413 -4.91 0.54 -19.56
N ASP A 414 -5.98 -0.04 -20.12
CA ASP A 414 -7.35 0.45 -20.03
C ASP A 414 -8.12 -0.23 -18.88
N ASN A 415 -9.15 0.47 -18.37
CA ASN A 415 -10.00 -0.02 -17.28
C ASN A 415 -9.25 -0.38 -16.00
N VAL A 416 -8.14 0.30 -15.76
CA VAL A 416 -7.33 0.01 -14.57
C VAL A 416 -7.94 0.73 -13.38
N LEU A 417 -7.97 0.05 -12.24
CA LEU A 417 -8.52 0.60 -10.99
C LEU A 417 -7.43 0.58 -9.91
N ALA A 418 -7.20 1.75 -9.32
CA ALA A 418 -6.33 1.88 -8.15
C ALA A 418 -7.19 2.27 -6.95
N THR A 419 -7.15 1.46 -5.90
CA THR A 419 -7.78 1.75 -4.62
C THR A 419 -6.71 1.80 -3.51
N GLY A 420 -6.52 2.99 -2.93
CA GLY A 420 -5.44 3.21 -1.97
C GLY A 420 -4.08 3.41 -2.62
N LEU A 421 -3.94 4.52 -3.37
CA LEU A 421 -2.74 4.80 -4.14
C LEU A 421 -1.87 5.85 -3.42
N PHE A 422 -0.71 5.44 -2.94
CA PHE A 422 0.21 6.35 -2.28
C PHE A 422 1.55 6.41 -3.09
N VAL A 423 1.89 7.59 -3.60
CA VAL A 423 3.11 7.73 -4.40
C VAL A 423 3.77 9.08 -4.11
N GLU A 424 5.05 9.06 -3.79
CA GLU A 424 5.73 10.26 -3.24
C GLU A 424 7.21 10.45 -3.68
N HIS A 425 7.53 11.72 -3.93
CA HIS A 425 8.86 12.31 -3.99
C HIS A 425 9.61 12.17 -5.32
N PHE A 426 8.94 11.72 -6.38
CA PHE A 426 9.60 11.54 -7.68
C PHE A 426 10.15 12.83 -8.29
N ASN A 427 11.26 12.71 -9.01
CA ASN A 427 11.87 13.91 -9.60
C ASN A 427 10.99 14.54 -10.69
N LYS A 428 10.15 13.73 -11.34
CA LYS A 428 9.23 14.19 -12.38
C LYS A 428 7.77 13.83 -11.97
N TYR A 429 6.99 13.24 -12.89
CA TYR A 429 5.60 12.91 -12.63
C TYR A 429 5.51 11.70 -11.70
N ASP A 430 4.88 11.88 -10.54
CA ASP A 430 4.73 10.77 -9.60
C ASP A 430 3.85 9.67 -10.23
N VAL A 431 2.73 10.10 -10.79
CA VAL A 431 1.77 9.26 -11.47
C VAL A 431 1.35 9.87 -12.81
N GLN A 432 1.44 9.05 -13.86
CA GLN A 432 1.05 9.42 -15.20
C GLN A 432 0.05 8.35 -15.70
N TRP A 433 -1.11 8.79 -16.19
CA TRP A 433 -2.17 7.92 -16.65
C TRP A 433 -2.48 8.23 -18.12
N SER A 434 -2.30 7.23 -18.97
CA SER A 434 -2.54 7.37 -20.40
C SER A 434 -3.49 6.35 -20.92
N GLY A 435 -3.78 5.35 -20.10
CA GLY A 435 -4.84 4.41 -20.44
C GLY A 435 -6.19 5.10 -20.40
N GLU A 436 -7.15 4.46 -21.07
CA GLU A 436 -8.51 4.93 -21.13
C GLU A 436 -9.31 4.31 -19.93
N ASN A 437 -10.33 5.03 -19.51
CA ASN A 437 -11.20 4.68 -18.40
C ASN A 437 -10.59 4.20 -17.09
N GLY A 438 -9.50 4.86 -16.70
CA GLY A 438 -8.86 4.59 -15.43
C GLY A 438 -9.73 5.13 -14.31
N LYS A 439 -9.60 4.51 -13.15
CA LYS A 439 -10.26 4.99 -11.95
C LYS A 439 -9.30 4.91 -10.74
N THR A 440 -9.22 6.01 -9.98
CA THR A 440 -8.47 6.05 -8.73
C THR A 440 -9.40 6.48 -7.57
N ILE A 441 -9.54 5.62 -6.58
CA ILE A 441 -10.21 5.94 -5.31
C ILE A 441 -9.15 6.04 -4.22
N PHE A 442 -8.91 7.29 -3.82
CA PHE A 442 -7.91 7.70 -2.85
C PHE A 442 -6.50 7.74 -3.40
N TYR A 443 -5.93 8.95 -3.32
CA TYR A 443 -4.54 9.23 -3.68
C TYR A 443 -3.88 10.10 -2.63
N GLN A 444 -2.69 9.67 -2.21
CA GLN A 444 -1.87 10.49 -1.36
C GLN A 444 -0.51 10.66 -2.02
N ASN A 445 -0.10 11.92 -2.18
CA ASN A 445 1.18 12.27 -2.74
C ASN A 445 1.88 13.31 -1.89
N ALA A 446 3.19 13.19 -1.80
CA ALA A 446 4.02 14.34 -1.43
C ALA A 446 5.09 14.51 -2.50
N LYS A 447 5.32 15.75 -2.92
CA LYS A 447 6.28 16.07 -3.97
C LYS A 447 7.71 15.91 -3.46
N ALA A 448 8.67 15.88 -4.38
CA ALA A 448 10.07 15.79 -4.03
C ALA A 448 10.42 16.99 -3.13
N TYR A 449 11.11 16.71 -2.03
CA TYR A 449 11.57 17.73 -1.09
C TYR A 449 12.89 18.42 -1.45
N ASP A 450 13.63 17.80 -2.37
CA ASP A 450 15.03 18.13 -2.53
C ASP A 450 15.35 18.76 -3.91
N ALA A 451 14.33 19.19 -4.67
CA ALA A 451 14.55 19.92 -5.94
C ALA A 451 15.45 21.14 -5.66
N PRO A 452 16.74 21.05 -6.00
CA PRO A 452 17.59 22.16 -5.53
C PRO A 452 17.11 23.53 -5.97
N ASP A 453 16.61 23.70 -7.18
CA ASP A 453 16.06 25.01 -7.59
C ASP A 453 14.80 24.92 -8.48
N GLN A 454 14.21 26.07 -8.83
CA GLN A 454 12.99 26.12 -9.64
C GLN A 454 13.20 25.41 -10.97
N ALA A 455 14.43 25.52 -11.50
CA ALA A 455 14.70 25.04 -12.83
C ALA A 455 14.80 23.52 -12.83
N ALA A 456 15.04 22.97 -11.67
CA ALA A 456 15.30 21.53 -11.58
C ALA A 456 14.03 20.72 -11.86
N ILE A 457 12.88 21.38 -11.69
CA ILE A 457 11.61 20.71 -11.91
C ILE A 457 10.79 21.42 -12.99
N GLN A 458 11.48 22.12 -13.86
CA GLN A 458 10.82 22.82 -14.98
C GLN A 458 10.36 21.84 -16.09
N ASN A 459 9.05 21.76 -16.37
CA ASN A 459 8.45 20.79 -17.32
C ASN A 459 7.87 21.53 -18.53
N GLY A 460 8.69 21.69 -19.57
CA GLY A 460 8.27 22.45 -20.74
C GLY A 460 7.80 23.82 -20.35
N ASP A 461 6.53 24.13 -20.64
CA ASP A 461 5.86 25.37 -20.19
C ASP A 461 5.53 25.49 -18.70
N ILE A 462 5.57 24.37 -17.98
CA ILE A 462 5.00 24.29 -16.64
C ILE A 462 6.04 24.32 -15.52
N LYS A 463 5.70 25.01 -14.45
CA LYS A 463 6.47 24.94 -13.20
C LYS A 463 6.16 23.64 -12.43
N GLY A 464 7.15 22.76 -12.31
CA GLY A 464 6.93 21.50 -11.60
C GLY A 464 6.24 20.48 -12.48
N TYR A 465 6.26 19.22 -12.03
CA TYR A 465 5.53 18.10 -12.64
C TYR A 465 4.33 17.70 -11.75
N ALA A 466 3.15 17.56 -12.38
CA ALA A 466 1.98 17.08 -11.65
C ALA A 466 2.30 15.85 -10.83
N ALA A 467 1.70 15.77 -9.65
CA ALA A 467 1.69 14.54 -8.89
C ALA A 467 0.89 13.47 -9.63
N TYR A 468 -0.10 13.93 -10.41
CA TYR A 468 -1.04 13.04 -11.09
C TYR A 468 -1.49 13.67 -12.38
N LYS A 469 -1.09 13.04 -13.51
CA LYS A 469 -1.16 13.62 -14.85
C LYS A 469 -1.78 12.66 -15.89
N VAL A 470 -3.06 12.88 -16.17
CA VAL A 470 -3.77 12.23 -17.25
C VAL A 470 -3.40 12.93 -18.57
N ASP A 471 -2.81 12.16 -19.51
CA ASP A 471 -2.45 12.71 -20.81
C ASP A 471 -3.72 13.23 -21.45
N ASP A 472 -3.54 14.19 -22.34
CA ASP A 472 -4.69 14.95 -22.77
C ASP A 472 -5.52 14.20 -23.86
N SER A 473 -4.99 13.14 -24.46
CA SER A 473 -5.77 12.33 -25.41
C SER A 473 -6.83 11.49 -24.69
N VAL A 474 -6.60 11.22 -23.41
CA VAL A 474 -7.51 10.37 -22.65
C VAL A 474 -8.95 10.92 -22.63
N THR A 475 -9.93 10.05 -22.87
CA THR A 475 -11.36 10.46 -22.97
C THR A 475 -12.15 10.29 -21.69
N THR A 476 -11.94 9.16 -21.04
CA THR A 476 -12.63 8.85 -19.80
C THR A 476 -11.59 8.52 -18.72
N HIS A 477 -11.84 9.07 -17.52
CA HIS A 477 -11.00 8.85 -16.35
C HIS A 477 -11.79 9.39 -15.16
N GLU A 478 -11.67 8.76 -14.00
CA GLU A 478 -12.35 9.32 -12.82
C GLU A 478 -11.56 9.07 -11.53
N GLY A 479 -11.37 10.13 -10.75
CA GLY A 479 -10.67 10.03 -9.49
C GLY A 479 -11.41 10.69 -8.34
N TRP A 480 -11.28 10.11 -7.16
CA TRP A 480 -11.96 10.56 -5.97
C TRP A 480 -11.00 10.62 -4.75
N GLY A 481 -10.93 11.75 -4.06
CA GLY A 481 -10.29 11.85 -2.76
C GLY A 481 -8.77 11.84 -2.91
N MET A 482 -8.26 12.91 -3.53
CA MET A 482 -6.89 12.95 -3.99
C MET A 482 -6.15 14.22 -3.57
N GLY A 483 -5.03 14.03 -2.93
CA GLY A 483 -4.25 15.14 -2.45
C GLY A 483 -2.77 15.00 -2.70
N SER A 484 -2.15 16.17 -2.93
CA SER A 484 -0.73 16.30 -3.15
C SER A 484 -0.22 17.40 -2.18
N TYR A 485 0.85 17.10 -1.46
CA TYR A 485 1.45 18.05 -0.53
C TYR A 485 2.89 18.37 -0.90
N CYS A 486 3.37 19.58 -0.64
CA CYS A 486 4.76 19.93 -0.93
C CYS A 486 5.49 20.35 0.34
N TYR A 487 6.81 20.10 0.34
CA TYR A 487 7.69 20.48 1.43
C TYR A 487 9.03 20.70 0.77
N PHE A 488 9.15 21.87 0.13
CA PHE A 488 10.36 22.16 -0.64
C PHE A 488 11.36 22.77 0.31
N ASN A 489 11.96 21.92 1.10
CA ASN A 489 12.64 22.46 2.26
C ASN A 489 14.10 22.81 1.98
N VAL A 490 14.66 22.23 0.93
CA VAL A 490 15.96 22.64 0.43
C VAL A 490 15.85 24.00 -0.26
N ASN A 491 14.72 24.26 -0.93
CA ASN A 491 14.47 25.57 -1.53
C ASN A 491 13.01 25.94 -1.44
N PRO A 492 12.63 26.55 -0.32
CA PRO A 492 11.22 26.86 -0.01
C PRO A 492 10.62 27.95 -0.82
N ASP A 493 11.36 28.54 -1.75
CA ASP A 493 10.75 29.54 -2.60
C ASP A 493 10.30 28.99 -3.97
N ILE A 494 10.52 27.69 -4.15
CA ILE A 494 10.00 26.96 -5.30
C ILE A 494 8.50 27.12 -5.36
N ARG A 495 7.99 27.14 -6.57
CA ARG A 495 6.55 27.12 -6.83
C ARG A 495 6.20 25.88 -7.65
N GLN A 496 5.18 25.17 -7.18
CA GLN A 496 4.60 24.01 -7.88
C GLN A 496 3.30 24.46 -8.55
N GLN A 497 3.23 24.37 -9.87
CA GLN A 497 2.08 24.92 -10.55
C GLN A 497 0.74 24.25 -10.18
N HIS A 498 0.76 22.95 -9.96
CA HIS A 498 -0.45 22.21 -9.64
C HIS A 498 -0.14 20.82 -9.08
N GLY A 499 -1.13 20.25 -8.39
CA GLY A 499 -1.10 18.87 -7.96
C GLY A 499 -1.47 17.87 -9.07
N PHE A 500 -2.39 18.28 -9.90
CA PHE A 500 -3.09 17.44 -10.84
C PHE A 500 -3.18 18.13 -12.17
N GLN A 501 -2.96 17.37 -13.24
CA GLN A 501 -3.05 17.88 -14.58
C GLN A 501 -3.88 16.90 -15.42
N ALA A 502 -4.83 17.42 -16.21
CA ALA A 502 -5.74 16.55 -16.93
C ALA A 502 -6.48 17.30 -18.06
N PRO A 503 -7.08 16.55 -19.00
CA PRO A 503 -7.94 17.14 -20.00
C PRO A 503 -9.23 17.68 -19.42
N VAL A 504 -9.71 18.72 -20.09
CA VAL A 504 -11.01 19.29 -19.79
C VAL A 504 -11.99 18.71 -20.82
N LYS A 505 -12.79 17.75 -20.36
CA LYS A 505 -13.65 16.90 -21.21
C LYS A 505 -14.74 16.23 -20.35
N PRO A 506 -15.96 16.01 -20.93
CA PRO A 506 -17.09 15.33 -20.27
C PRO A 506 -16.78 14.09 -19.47
N GLY A 507 -15.92 13.23 -19.99
CA GLY A 507 -15.70 11.93 -19.37
C GLY A 507 -14.51 11.92 -18.43
N VAL A 508 -14.01 13.12 -18.16
CA VAL A 508 -12.90 13.30 -17.22
C VAL A 508 -13.44 14.00 -16.00
N LYS A 509 -13.57 13.30 -14.88
CA LYS A 509 -14.15 13.89 -13.69
C LYS A 509 -13.29 13.54 -12.47
N PHE A 510 -12.77 14.56 -11.78
CA PHE A 510 -12.21 14.35 -10.46
C PHE A 510 -13.18 14.90 -9.42
N HIS A 511 -13.12 14.30 -8.26
CA HIS A 511 -13.95 14.66 -7.15
C HIS A 511 -12.98 14.83 -5.99
N ASP A 512 -13.20 15.88 -5.22
CA ASP A 512 -12.55 16.12 -3.95
C ASP A 512 -11.01 16.10 -4.04
N LEU A 513 -10.46 17.10 -4.74
CA LEU A 513 -9.02 17.32 -4.88
C LEU A 513 -8.50 18.38 -3.91
N LEU A 514 -7.25 18.21 -3.50
CA LEU A 514 -6.61 19.17 -2.60
C LEU A 514 -5.10 19.20 -2.77
N VAL A 515 -4.51 20.38 -2.51
CA VAL A 515 -3.10 20.50 -2.40
C VAL A 515 -2.80 21.23 -1.10
N VAL A 516 -1.62 20.97 -0.54
CA VAL A 516 -1.24 21.49 0.77
C VAL A 516 0.26 21.76 0.80
N SER A 517 0.65 22.98 1.13
CA SER A 517 2.03 23.26 1.50
C SER A 517 2.18 22.97 2.97
N LEU A 518 3.10 22.07 3.29
CA LEU A 518 3.38 21.75 4.66
C LEU A 518 4.26 22.90 5.25
N GLY A 519 3.62 23.74 6.05
CA GLY A 519 4.29 24.84 6.72
C GLY A 519 5.00 25.93 5.88
N GLY A 520 4.55 26.15 4.65
CA GLY A 520 5.06 27.22 3.81
C GLY A 520 6.39 26.95 3.13
N LYS A 521 6.72 25.68 2.91
CA LYS A 521 7.96 25.33 2.27
C LYS A 521 7.66 25.02 0.77
N GLY A 522 7.71 26.09 -0.02
CA GLY A 522 7.15 26.09 -1.34
C GLY A 522 5.65 26.40 -1.25
N GLN A 523 5.03 26.59 -2.40
CA GLN A 523 3.58 26.73 -2.51
C GLN A 523 3.10 26.20 -3.87
N TYR A 524 1.83 25.83 -3.91
CA TYR A 524 1.12 25.53 -5.14
C TYR A 524 0.48 26.80 -5.73
N GLU A 525 0.39 26.88 -7.04
CA GLU A 525 -0.23 28.04 -7.70
C GLU A 525 -1.72 27.76 -7.95
N HIS A 526 -2.02 26.49 -8.14
CA HIS A 526 -3.37 26.03 -8.43
C HIS A 526 -3.48 24.57 -7.91
N VAL A 527 -4.71 24.07 -7.88
CA VAL A 527 -4.97 22.69 -7.50
C VAL A 527 -4.80 21.72 -8.70
N ILE A 528 -5.56 22.01 -9.76
CA ILE A 528 -5.56 21.23 -11.00
C ILE A 528 -5.55 22.13 -12.23
N ASN A 529 -4.59 21.88 -13.12
CA ASN A 529 -4.38 22.75 -14.29
C ASN A 529 -4.07 24.19 -13.76
N ASP A 530 -4.67 25.22 -14.37
CA ASP A 530 -4.49 26.56 -13.77
C ASP A 530 -5.78 26.99 -12.95
N ILE A 531 -6.47 26.03 -12.36
CA ILE A 531 -7.65 26.27 -11.52
C ILE A 531 -7.55 25.85 -10.04
N GLY A 532 -8.38 26.47 -9.23
CA GLY A 532 -8.23 26.35 -7.80
C GLY A 532 -7.29 27.43 -7.31
N ASP A 533 -7.41 27.73 -6.02
CA ASP A 533 -6.62 28.77 -5.37
C ASP A 533 -5.22 28.27 -5.13
N PRO A 534 -4.25 29.19 -5.12
CA PRO A 534 -2.91 28.85 -4.62
C PRO A 534 -2.89 28.59 -3.13
N THR A 535 -1.89 27.86 -2.66
CA THR A 535 -1.70 27.76 -1.23
C THR A 535 -1.00 29.05 -0.85
N SER A 536 -1.23 29.49 0.37
CA SER A 536 -0.58 30.69 0.88
C SER A 536 -0.36 30.52 2.39
N GLY A 537 0.35 31.46 3.01
CA GLY A 537 0.63 31.33 4.41
C GLY A 537 1.50 30.11 4.72
N ASP A 538 1.66 29.92 6.00
CA ASP A 538 2.50 28.84 6.47
C ASP A 538 1.66 27.87 7.26
N THR A 539 0.35 28.13 7.29
CA THR A 539 -0.53 27.52 8.26
C THR A 539 -1.05 26.11 7.82
N THR A 540 -0.54 25.61 6.70
CA THR A 540 -0.91 24.28 6.23
C THR A 540 -2.39 24.16 5.98
N ILE A 541 -2.92 25.25 5.42
CA ILE A 541 -4.30 25.31 4.94
C ILE A 541 -4.48 24.72 3.52
N PRO A 542 -5.26 23.62 3.40
CA PRO A 542 -5.44 23.08 2.05
C PRO A 542 -6.26 23.93 1.07
N SER A 543 -5.80 24.02 -0.16
CA SER A 543 -6.64 24.53 -1.25
C SER A 543 -7.31 23.35 -1.94
N GLN A 544 -8.61 23.53 -2.21
CA GLN A 544 -9.52 22.46 -2.57
C GLN A 544 -10.30 22.78 -3.84
N VAL A 545 -10.60 21.71 -4.60
CA VAL A 545 -11.52 21.74 -5.72
C VAL A 545 -12.49 20.56 -5.48
N VAL A 546 -13.79 20.81 -5.37
CA VAL A 546 -14.74 19.73 -5.16
C VAL A 546 -14.97 18.94 -6.45
N SER A 547 -14.92 19.65 -7.55
CA SER A 547 -15.55 19.22 -8.78
C SER A 547 -14.71 19.52 -10.01
N PHE A 548 -14.23 18.47 -10.67
CA PHE A 548 -13.61 18.66 -11.96
C PHE A 548 -14.28 17.77 -12.99
N PRO A 549 -14.62 18.32 -14.17
CA PRO A 549 -14.38 19.71 -14.55
C PRO A 549 -15.70 20.44 -14.47
C2 BGC B . -2.37 17.54 12.34
C3 BGC B . -1.76 18.46 11.40
C4 BGC B . -2.74 19.31 10.69
C5 BGC B . -3.82 19.92 11.65
C6 BGC B . -4.90 20.35 10.96
C1 BGC B . -3.21 18.22 13.33
O1 BGC B . -3.77 17.30 14.20
O2 BGC B . -1.35 16.78 13.08
O3 BGC B . -0.88 17.73 10.43
O4 BGC B . -2.12 20.39 9.98
O5 BGC B . -4.30 18.86 12.63
O6 BGC B . -5.86 20.89 11.77
C2 BGC B . 1.18 17.24 9.37
C3 BGC B . 2.56 17.56 9.13
C4 BGC B . 2.74 19.03 8.91
C5 BGC B . 2.10 19.86 10.06
C6 BGC B . 2.09 21.21 9.88
C1 BGC B . 0.51 18.02 10.44
O2 BGC B . 0.98 15.82 9.69
O3 BGC B . 3.00 16.79 7.93
O4 BGC B . 4.11 19.33 8.85
O5 BGC B . 0.65 19.42 10.18
O6 BGC B . 1.81 21.93 11.03
C2 BGC B . 4.32 15.05 6.91
C3 BGC B . 5.61 14.52 6.64
C4 BGC B . 6.62 15.56 6.39
C5 BGC B . 6.66 16.62 7.57
C6 BGC B . 7.49 17.66 7.31
C1 BGC B . 4.27 16.17 7.93
O2 BGC B . 3.46 13.98 7.38
O3 BGC B . 5.41 13.69 5.40
O4 BGC B . 7.92 15.11 6.13
O5 BGC B . 5.26 17.16 7.61
O6 BGC B . 7.32 18.80 8.12
C2 BGC B . 5.81 11.62 4.19
C3 BGC B . 6.61 10.42 4.13
C4 BGC B . 8.00 10.69 4.57
C5 BGC B . 8.01 11.28 6.00
C6 BGC B . 9.24 11.55 6.48
C1 BGC B . 5.82 12.35 5.49
O2 BGC B . 4.42 11.37 3.75
O3 BGC B . 6.75 9.92 2.75
O4 BGC B . 8.88 9.60 4.56
O5 BGC B . 7.16 12.54 5.97
O6 BGC B . 9.44 11.03 7.78
C2 BGC C . -0.77 0.70 23.39
C3 BGC C . -2.11 0.56 24.10
C4 BGC C . -2.29 -0.71 24.93
C5 BGC C . -0.99 -0.87 25.71
C6 BGC C . -1.12 -2.07 26.65
C1 BGC C . 0.47 0.32 24.24
O2 BGC C . -0.73 2.04 22.93
O3 BGC C . -3.16 0.70 23.19
O4 BGC C . -3.44 -0.60 25.82
O5 BGC C . 0.18 -0.91 24.89
O6 BGC C . -2.33 -1.88 27.33
C1 EDO D . 17.04 -4.33 2.49
O1 EDO D . 15.89 -4.16 1.67
C2 EDO D . 17.12 -3.21 3.52
O2 EDO D . 15.85 -3.09 4.18
H11 EDO D . 17.95 -4.35 1.88
H12 EDO D . 16.93 -5.29 2.99
HO1 EDO D . 16.01 -4.65 0.85
H21 EDO D . 17.36 -2.28 3.02
H22 EDO D . 17.90 -3.41 4.26
HO2 EDO D . 15.91 -2.41 4.87
C1 EDO E . 9.06 17.20 -9.24
O1 EDO E . 8.10 16.14 -9.17
C2 EDO E . 8.55 18.48 -8.56
O2 EDO E . 7.61 19.19 -9.38
H11 EDO E . 9.28 17.40 -10.29
H12 EDO E . 9.98 16.87 -8.76
HO1 EDO E . 8.53 15.29 -9.30
H21 EDO E . 9.39 19.14 -8.33
H22 EDO E . 8.09 18.22 -7.60
HO2 EDO E . 7.15 19.84 -8.84
C1 EDO F . 14.47 -3.99 -18.92
O1 EDO F . 13.78 -5.23 -18.63
C2 EDO F . 13.44 -2.87 -18.90
O2 EDO F . 12.29 -3.26 -19.68
H11 EDO F . 14.94 -4.04 -19.90
H12 EDO F . 15.25 -3.80 -18.18
HO1 EDO F . 14.42 -5.87 -18.32
H21 EDO F . 13.88 -1.96 -19.30
H22 EDO F . 13.14 -2.67 -17.87
HO2 EDO F . 11.65 -2.53 -19.72
N GLU A 1 10.92 -29.98 -11.78
CA GLU A 1 12.13 -30.21 -11.02
C GLU A 1 12.16 -29.30 -9.80
N VAL A 2 11.10 -28.52 -9.59
CA VAL A 2 10.92 -27.71 -8.35
C VAL A 2 9.86 -28.35 -7.43
N VAL A 3 9.94 -28.11 -6.11
CA VAL A 3 9.11 -28.87 -5.16
C VAL A 3 8.28 -28.00 -4.24
N GLY A 4 7.01 -28.34 -4.15
CA GLY A 4 6.07 -27.50 -3.45
C GLY A 4 6.11 -27.76 -1.96
N GLY A 5 5.83 -26.73 -1.16
CA GLY A 5 5.81 -26.82 0.30
C GLY A 5 7.17 -27.03 1.00
N GLY A 6 7.14 -27.74 2.12
CA GLY A 6 8.37 -28.04 2.86
C GLY A 6 8.32 -27.56 4.29
N ASP A 7 9.14 -26.57 4.58
CA ASP A 7 9.23 -25.89 5.86
C ASP A 7 9.39 -24.38 5.54
N LEU A 8 8.41 -23.59 6.02
CA LEU A 8 8.37 -22.10 5.89
C LEU A 8 9.57 -21.35 6.43
N GLY A 9 10.30 -22.03 7.29
CA GLY A 9 11.55 -21.50 7.74
C GLY A 9 11.43 -20.69 9.02
N PRO A 10 12.55 -20.09 9.42
CA PRO A 10 12.72 -19.64 10.80
C PRO A 10 12.45 -18.13 11.03
N ASN A 11 12.21 -17.35 9.97
CA ASN A 11 11.72 -15.99 10.13
C ASN A 11 10.21 -15.93 10.34
N VAL A 12 9.62 -17.13 10.38
CA VAL A 12 8.24 -17.31 10.76
C VAL A 12 8.15 -17.97 12.12
N LEU A 13 7.34 -17.41 13.00
CA LEU A 13 7.34 -17.80 14.41
C LEU A 13 5.94 -18.22 14.81
N VAL A 14 5.53 -19.43 14.43
CA VAL A 14 4.20 -19.92 14.68
C VAL A 14 3.98 -20.09 16.16
N PHE A 15 2.98 -19.38 16.64
CA PHE A 15 2.51 -19.54 17.99
C PHE A 15 1.22 -20.37 17.96
N ASP A 16 0.84 -20.95 19.10
CA ASP A 16 -0.48 -21.52 19.24
C ASP A 16 -0.88 -21.32 20.71
N PRO A 17 -2.17 -21.53 21.03
CA PRO A 17 -2.64 -21.31 22.40
C PRO A 17 -1.83 -22.05 23.46
N SER A 18 -0.85 -22.89 23.13
CA SER A 18 0.07 -23.39 24.18
C SER A 18 1.53 -23.06 24.15
N THR A 19 2.03 -22.23 23.23
CA THR A 19 3.44 -21.84 23.29
C THR A 19 3.56 -21.12 24.61
N PRO A 20 4.54 -21.49 25.45
CA PRO A 20 4.86 -20.66 26.62
C PRO A 20 5.62 -19.38 26.24
N ASP A 21 5.76 -18.46 27.17
CA ASP A 21 6.27 -17.10 26.89
C ASP A 21 5.95 -16.58 25.48
N ILE A 22 4.73 -16.87 24.99
CA ILE A 22 4.24 -16.34 23.72
C ILE A 22 4.58 -14.89 23.66
N GLN A 23 4.29 -14.19 24.75
CA GLN A 23 4.53 -12.73 24.79
C GLN A 23 6.01 -12.37 24.74
N GLY A 24 6.84 -13.16 25.44
CA GLY A 24 8.23 -12.79 25.64
C GLY A 24 8.88 -12.62 24.28
N LYS A 25 8.43 -13.52 23.41
CA LYS A 25 8.92 -13.70 22.06
C LYS A 25 8.61 -12.49 21.17
N VAL A 26 7.44 -11.87 21.35
CA VAL A 26 7.08 -10.73 20.51
C VAL A 26 7.72 -9.42 20.98
N ASP A 27 7.70 -9.16 22.29
CA ASP A 27 8.45 -8.02 22.85
C ASP A 27 9.95 -8.16 22.49
N GLU A 28 10.44 -9.38 22.18
CA GLU A 28 11.82 -9.51 21.72
C GLU A 28 11.85 -8.75 20.39
N VAL A 29 11.26 -9.38 19.37
CA VAL A 29 11.30 -8.87 17.95
C VAL A 29 11.03 -7.38 17.95
N PHE A 30 10.12 -6.98 18.84
CA PHE A 30 9.76 -5.58 18.90
C PHE A 30 10.98 -4.74 19.27
N ARG A 31 11.62 -5.01 20.39
CA ARG A 31 12.80 -4.19 20.72
C ARG A 31 13.82 -4.17 19.55
N LYS A 32 13.91 -5.28 18.83
CA LYS A 32 14.82 -5.35 17.67
C LYS A 32 14.34 -4.63 16.42
N GLN A 33 13.03 -4.70 16.15
CA GLN A 33 12.44 -4.11 14.94
C GLN A 33 11.90 -2.71 15.16
N GLU A 34 11.70 -2.40 16.43
CA GLU A 34 11.27 -1.10 16.92
C GLU A 34 11.78 0.09 16.10
N SER A 35 13.08 0.32 16.11
CA SER A 35 13.66 1.44 15.35
C SER A 35 14.50 0.93 14.14
N ASN A 36 14.18 -0.29 13.69
CA ASN A 36 14.93 -1.04 12.66
C ASN A 36 14.46 -0.62 11.25
N GLN A 37 14.55 0.67 10.95
CA GLN A 37 13.81 1.21 9.80
C GLN A 37 14.39 0.77 8.45
N PHE A 38 15.71 0.67 8.38
CA PHE A 38 16.38 0.30 7.15
C PHE A 38 17.16 -0.99 7.29
N GLY A 39 17.10 -1.58 8.47
CA GLY A 39 17.54 -2.95 8.69
C GLY A 39 17.14 -3.95 7.64
N THR A 40 17.88 -5.05 7.62
CA THR A 40 17.56 -6.18 6.77
C THR A 40 16.75 -7.32 7.46
N ASP A 41 16.54 -7.27 8.76
CA ASP A 41 15.72 -8.31 9.44
C ASP A 41 14.22 -8.25 9.00
N ARG A 42 13.58 -9.40 8.92
CA ARG A 42 12.19 -9.54 8.51
C ARG A 42 11.52 -10.64 9.37
N TYR A 43 10.27 -10.41 9.80
CA TYR A 43 9.54 -11.42 10.56
C TYR A 43 8.06 -11.48 10.25
N ALA A 44 7.51 -12.71 10.24
CA ALA A 44 6.06 -12.93 10.26
C ALA A 44 5.69 -13.66 11.54
N LEU A 45 4.73 -13.11 12.30
CA LEU A 45 4.15 -13.77 13.48
C LEU A 45 2.76 -14.31 13.13
N MET A 46 2.64 -15.63 13.08
CA MET A 46 1.43 -16.29 12.63
C MET A 46 0.84 -17.05 13.85
N PHE A 47 -0.45 -16.82 14.14
CA PHE A 47 -1.14 -17.44 15.27
C PHE A 47 -2.21 -18.46 14.86
N LYS A 48 -2.06 -19.70 15.32
CA LYS A 48 -3.02 -20.77 15.01
C LYS A 48 -4.37 -20.45 15.67
N PRO A 49 -5.48 -20.88 15.06
CA PRO A 49 -6.79 -20.55 15.62
C PRO A 49 -6.91 -21.00 17.06
N GLY A 50 -7.42 -20.07 17.84
CA GLY A 50 -7.66 -20.22 19.25
C GLY A 50 -7.91 -18.87 19.88
N THR A 51 -7.95 -18.86 21.20
CA THR A 51 -8.11 -17.63 21.96
C THR A 51 -6.84 -17.45 22.77
N TYR A 52 -6.30 -16.23 22.76
CA TYR A 52 -5.07 -15.86 23.47
C TYR A 52 -5.31 -14.70 24.48
N ASN A 53 -4.99 -14.86 25.77
CA ASN A 53 -5.06 -13.73 26.73
C ASN A 53 -3.75 -13.04 26.97
N ASP A 54 -3.85 -11.95 27.73
CA ASP A 54 -2.69 -11.36 28.40
C ASP A 54 -1.79 -10.60 27.40
N ILE A 55 -2.20 -10.55 26.13
CA ILE A 55 -1.28 -10.23 25.02
C ILE A 55 -1.40 -8.82 24.41
N ASN A 56 -0.34 -8.03 24.52
CA ASN A 56 -0.26 -6.77 23.77
C ASN A 56 0.93 -6.77 22.79
N ALA A 57 0.71 -7.23 21.56
CA ALA A 57 1.78 -7.36 20.58
C ALA A 57 2.14 -6.02 19.94
N GLN A 58 3.30 -5.51 20.30
CA GLN A 58 3.78 -4.25 19.70
C GLN A 58 4.53 -4.59 18.39
N ILE A 59 4.10 -3.96 17.31
CA ILE A 59 4.56 -4.30 15.95
C ILE A 59 5.52 -3.23 15.45
N GLY A 60 6.76 -3.64 15.23
CA GLY A 60 7.81 -2.74 14.74
C GLY A 60 7.98 -2.83 13.25
N PHE A 61 9.12 -2.34 12.76
CA PHE A 61 9.39 -2.38 11.33
C PHE A 61 9.47 -3.83 10.82
N TYR A 62 9.07 -4.02 9.56
CA TYR A 62 9.16 -5.27 8.80
C TYR A 62 8.63 -6.47 9.57
N THR A 63 7.50 -6.27 10.20
CA THR A 63 6.84 -7.27 11.01
C THR A 63 5.39 -7.35 10.51
N SER A 64 5.00 -8.56 10.16
CA SER A 64 3.61 -8.86 9.80
C SER A 64 3.07 -9.80 10.89
N ILE A 65 1.86 -9.53 11.35
CA ILE A 65 1.22 -10.38 12.34
C ILE A 65 -0.12 -10.80 11.76
N ALA A 66 -0.46 -12.06 12.00
CA ALA A 66 -1.62 -12.63 11.34
C ALA A 66 -2.18 -13.83 12.08
N GLY A 67 -3.48 -14.05 11.88
CA GLY A 67 -4.14 -15.27 12.32
C GLY A 67 -4.06 -16.31 11.23
N LEU A 68 -4.07 -17.57 11.68
CA LEU A 68 -3.96 -18.72 10.82
C LEU A 68 -5.29 -19.45 10.69
N GLY A 69 -6.35 -18.82 11.17
CA GLY A 69 -7.68 -19.36 10.97
C GLY A 69 -8.24 -19.08 9.60
N LEU A 70 -9.29 -19.84 9.26
CA LEU A 70 -10.02 -19.59 8.02
C LEU A 70 -10.84 -18.34 8.12
N ASN A 71 -11.10 -17.88 9.33
CA ASN A 71 -11.87 -16.67 9.50
C ASN A 71 -11.41 -15.84 10.72
N PRO A 72 -11.61 -14.51 10.65
CA PRO A 72 -11.03 -13.55 11.59
C PRO A 72 -11.22 -13.93 13.08
N ASP A 73 -12.44 -14.26 13.44
CA ASP A 73 -12.80 -14.59 14.83
C ASP A 73 -12.25 -15.94 15.33
N ASP A 74 -12.03 -16.87 14.39
CA ASP A 74 -11.26 -18.10 14.68
C ASP A 74 -9.96 -17.88 15.46
N THR A 75 -9.35 -16.69 15.36
CA THR A 75 -8.13 -16.38 16.07
C THR A 75 -8.27 -15.08 16.86
N THR A 76 -8.59 -15.22 18.14
CA THR A 76 -8.99 -14.10 18.97
C THR A 76 -7.98 -13.72 20.05
N PHE A 77 -7.64 -12.43 20.11
CA PHE A 77 -6.78 -11.87 21.15
C PHE A 77 -7.65 -11.16 22.17
N ASN A 78 -7.45 -11.50 23.43
CA ASN A 78 -7.97 -10.69 24.51
C ASN A 78 -6.80 -9.85 24.91
N GLY A 79 -6.77 -8.65 24.36
CA GLY A 79 -5.55 -7.89 24.18
C GLY A 79 -5.48 -7.23 22.82
N ASP A 80 -4.25 -6.97 22.38
CA ASP A 80 -4.00 -5.88 21.42
C ASP A 80 -2.90 -6.21 20.41
N VAL A 81 -3.07 -5.62 19.23
CA VAL A 81 -2.08 -5.61 18.15
C VAL A 81 -1.81 -4.10 17.92
N THR A 82 -0.64 -3.67 18.37
CA THR A 82 -0.39 -2.27 18.67
C THR A 82 0.80 -1.70 17.89
N VAL A 83 0.59 -0.52 17.33
CA VAL A 83 1.69 0.30 16.82
C VAL A 83 1.60 1.69 17.47
N ASP A 84 2.70 2.15 18.04
CA ASP A 84 2.77 3.53 18.56
C ASP A 84 4.08 4.20 18.09
N ALA A 85 4.10 5.54 18.19
CA ALA A 85 5.16 6.38 17.66
C ALA A 85 6.21 6.63 18.71
N GLY A 86 6.22 5.83 19.74
CA GLY A 86 7.05 6.16 20.90
C GLY A 86 8.53 6.37 20.57
N TRP A 87 9.07 5.52 19.70
CA TRP A 87 10.50 5.61 19.35
C TRP A 87 10.89 6.92 18.71
N PHE A 88 9.92 7.64 18.14
CA PHE A 88 10.21 8.83 17.36
C PHE A 88 9.68 10.01 18.12
N ASP A 89 9.47 9.83 19.42
CA ASP A 89 9.09 10.91 20.32
C ASP A 89 7.65 11.28 19.98
N GLY A 90 6.89 10.26 19.62
CA GLY A 90 5.51 10.40 19.23
C GLY A 90 5.19 10.97 17.85
N ASN A 91 6.15 11.03 16.94
CA ASN A 91 5.85 11.38 15.55
C ASN A 91 5.66 10.05 14.84
N ALA A 92 4.51 9.84 14.23
CA ALA A 92 4.16 8.54 13.61
C ALA A 92 4.52 8.44 12.13
N THR A 93 5.10 9.50 11.56
CA THR A 93 5.29 9.59 10.10
C THR A 93 6.40 8.72 9.49
N GLN A 94 7.16 8.00 10.32
CA GLN A 94 8.08 6.99 9.83
C GLN A 94 7.60 5.56 10.22
N ASN A 95 6.34 5.42 10.63
CA ASN A 95 5.83 4.10 11.03
C ASN A 95 5.39 3.23 9.83
N PHE A 96 6.38 2.77 9.08
CA PHE A 96 6.16 2.07 7.81
C PHE A 96 6.39 0.56 7.85
N TRP A 97 5.95 -0.13 6.78
CA TRP A 97 6.36 -1.49 6.42
C TRP A 97 6.03 -2.55 7.48
N ARG A 98 4.77 -2.61 7.85
CA ARG A 98 4.32 -3.64 8.75
C ARG A 98 2.85 -3.96 8.44
N SER A 99 2.31 -5.00 9.04
CA SER A 99 0.90 -5.37 8.74
C SER A 99 0.24 -6.19 9.81
N ALA A 100 -1.08 -6.13 9.82
CA ALA A 100 -1.90 -7.04 10.64
C ALA A 100 -3.04 -7.55 9.83
N GLU A 101 -3.34 -8.84 9.99
CA GLU A 101 -4.40 -9.41 9.21
C GLU A 101 -5.05 -10.65 9.85
N ASN A 102 -6.35 -10.81 9.59
CA ASN A 102 -7.06 -12.07 9.84
C ASN A 102 -7.06 -12.45 11.32
N LEU A 103 -7.26 -11.42 12.15
CA LEU A 103 -7.40 -11.57 13.61
C LEU A 103 -8.63 -10.86 14.17
N ALA A 104 -9.15 -11.41 15.26
CA ALA A 104 -10.11 -10.68 16.12
C ALA A 104 -9.36 -10.13 17.33
N LEU A 105 -9.75 -8.95 17.79
CA LEU A 105 -9.12 -8.31 18.95
C LEU A 105 -10.16 -7.77 19.91
N ASN A 106 -9.94 -8.05 21.20
CA ASN A 106 -10.81 -7.64 22.29
C ASN A 106 -9.88 -6.78 23.13
N PRO A 107 -9.76 -5.49 22.74
CA PRO A 107 -8.65 -4.70 23.32
C PRO A 107 -8.90 -4.37 24.78
N VAL A 108 -7.91 -4.71 25.59
CA VAL A 108 -7.86 -4.53 27.03
C VAL A 108 -8.48 -3.25 27.59
N ASN A 109 -8.27 -2.09 26.96
CA ASN A 109 -8.98 -0.87 27.41
C ASN A 109 -10.21 -0.49 26.58
N GLY A 110 -10.54 -1.30 25.56
CA GLY A 110 -11.72 -1.05 24.74
C GLY A 110 -11.41 -0.42 23.39
N THR A 111 -10.20 0.12 23.22
CA THR A 111 -9.77 0.63 21.94
C THR A 111 -8.31 0.25 21.58
N ASN A 112 -8.16 -0.37 20.41
CA ASN A 112 -6.87 -0.82 19.93
C ASN A 112 -6.13 0.36 19.24
N ARG A 113 -4.82 0.45 19.47
CA ARG A 113 -3.99 1.49 18.83
C ARG A 113 -3.25 0.92 17.62
N TRP A 114 -3.43 1.58 16.48
CA TRP A 114 -2.77 1.25 15.20
C TRP A 114 -2.32 2.56 14.52
N ALA A 115 -1.30 3.16 15.11
CA ALA A 115 -0.86 4.49 14.74
C ALA A 115 0.26 4.38 13.73
N VAL A 116 -0.15 4.28 12.49
CA VAL A 116 0.76 3.95 11.41
C VAL A 116 0.75 5.04 10.34
N SER A 117 1.75 5.00 9.48
CA SER A 117 1.73 5.81 8.30
C SER A 117 1.73 4.85 7.10
N GLN A 118 2.50 5.14 6.04
CA GLN A 118 2.36 4.37 4.81
C GLN A 118 2.83 2.90 4.89
N ALA A 119 2.26 2.08 4.02
CA ALA A 119 2.63 0.68 3.84
C ALA A 119 2.43 -0.10 5.15
N ALA A 120 1.28 0.10 5.76
CA ALA A 120 0.96 -0.56 7.03
C ALA A 120 -0.48 -1.10 7.00
N PRO A 121 -0.76 -2.03 6.08
CA PRO A 121 -2.14 -2.50 5.89
C PRO A 121 -2.71 -3.21 7.13
N PHE A 122 -4.01 -3.02 7.29
CA PHE A 122 -4.85 -3.58 8.35
C PHE A 122 -6.01 -4.23 7.57
N ARG A 123 -5.94 -5.55 7.42
CA ARG A 123 -6.88 -6.28 6.56
C ARG A 123 -7.59 -7.41 7.31
N ARG A 124 -8.86 -7.61 6.98
CA ARG A 124 -9.67 -8.73 7.48
C ARG A 124 -9.47 -8.87 9.00
N MET A 125 -9.64 -7.74 9.66
CA MET A 125 -9.58 -7.65 11.10
C MET A 125 -10.99 -7.50 11.69
N HIS A 126 -11.16 -8.02 12.90
CA HIS A 126 -12.36 -7.72 13.66
C HIS A 126 -11.96 -7.13 15.02
N VAL A 127 -12.23 -5.85 15.18
CA VAL A 127 -11.93 -5.17 16.45
C VAL A 127 -13.22 -5.03 17.24
N LYS A 128 -13.28 -5.75 18.34
CA LYS A 128 -14.45 -5.71 19.21
C LYS A 128 -14.34 -4.51 20.16
N GLY A 129 -14.33 -3.32 19.58
CA GLY A 129 -14.21 -2.10 20.34
C GLY A 129 -13.86 -1.02 19.36
N GLY A 130 -13.23 0.03 19.87
CA GLY A 130 -12.72 1.09 19.04
C GLY A 130 -11.33 0.86 18.45
N LEU A 131 -11.01 1.68 17.46
CA LEU A 131 -9.69 1.63 16.84
C LEU A 131 -9.19 3.07 16.75
N ASN A 132 -8.15 3.35 17.52
CA ASN A 132 -7.45 4.63 17.47
C ASN A 132 -6.39 4.46 16.41
N LEU A 133 -6.22 5.49 15.58
CA LEU A 133 -5.17 5.53 14.58
C LEU A 133 -4.08 6.56 14.92
N ALA A 134 -4.26 7.26 16.04
CA ALA A 134 -3.34 8.31 16.48
C ALA A 134 -2.24 7.84 17.42
N PRO A 135 -1.03 8.43 17.27
CA PRO A 135 0.07 8.10 18.20
C PRO A 135 -0.29 8.62 19.57
N ASP A 136 -0.02 7.85 20.61
CA ASP A 136 -0.29 8.37 21.93
C ASP A 136 0.51 9.69 21.93
N GLY A 137 -0.17 10.78 22.21
CA GLY A 137 0.45 12.08 22.31
C GLY A 137 0.15 13.01 21.16
N TYR A 138 -0.62 12.51 20.18
CA TYR A 138 -1.37 13.39 19.22
C TYR A 138 -0.48 14.03 18.14
N GLY A 139 0.73 13.53 18.01
CA GLY A 139 1.65 14.08 17.02
C GLY A 139 1.39 13.50 15.62
N TRP A 140 2.27 13.83 14.70
CA TRP A 140 1.99 13.70 13.30
C TRP A 140 1.84 12.24 12.85
N ALA A 141 0.98 12.04 11.87
CA ALA A 141 0.73 10.71 11.30
C ALA A 141 0.14 10.86 9.89
N SER A 142 0.56 9.96 9.00
CA SER A 142 0.25 10.04 7.61
C SER A 142 -0.10 8.69 6.97
N GLY A 143 -1.12 8.01 7.53
CA GLY A 143 -1.60 6.72 7.00
C GLY A 143 -2.51 6.92 5.81
N GLY A 144 -3.26 5.92 5.38
CA GLY A 144 -3.36 4.61 6.00
C GLY A 144 -4.43 3.82 5.26
N TYR A 145 -4.58 2.55 5.63
CA TYR A 145 -5.31 1.60 4.81
C TYR A 145 -5.96 0.50 5.62
N ILE A 146 -7.27 0.48 5.54
CA ILE A 146 -8.10 -0.58 6.14
C ILE A 146 -9.03 -1.15 5.08
N ALA A 147 -9.04 -2.48 5.03
CA ALA A 147 -9.89 -3.20 4.10
C ALA A 147 -10.48 -4.46 4.71
N ASP A 148 -11.69 -4.75 4.26
CA ASP A 148 -12.35 -6.00 4.60
C ASP A 148 -12.38 -6.26 6.10
N SER A 149 -12.59 -5.18 6.85
CA SER A 149 -12.58 -5.23 8.31
C SER A 149 -13.92 -4.89 8.97
N LYS A 150 -14.03 -5.24 10.25
CA LYS A 150 -15.14 -4.79 11.09
C LYS A 150 -14.59 -4.15 12.37
N ILE A 151 -14.96 -2.90 12.60
CA ILE A 151 -14.64 -2.21 13.86
C ILE A 151 -15.99 -1.98 14.53
N ASP A 152 -16.31 -2.73 15.59
CA ASP A 152 -17.64 -2.58 16.17
C ASP A 152 -17.91 -1.18 16.70
N GLY A 153 -16.93 -0.57 17.37
CA GLY A 153 -17.08 0.79 17.87
C GLY A 153 -16.56 1.83 16.89
N GLU A 154 -16.04 2.93 17.43
CA GLU A 154 -15.63 4.08 16.66
C GLU A 154 -14.17 3.96 16.16
N VAL A 155 -13.93 4.31 14.90
CA VAL A 155 -12.59 4.59 14.42
C VAL A 155 -12.27 6.08 14.69
N GLY A 156 -11.15 6.33 15.35
CA GLY A 156 -10.73 7.69 15.70
C GLY A 156 -9.43 8.09 15.04
N PRO A 157 -9.51 8.93 13.99
CA PRO A 157 -8.26 9.28 13.29
C PRO A 157 -7.38 10.25 14.08
N TYR A 158 -8.02 11.14 14.83
CA TYR A 158 -7.40 12.30 15.49
C TYR A 158 -6.43 13.07 14.57
N SER A 159 -5.12 12.93 14.75
CA SER A 159 -4.16 13.69 13.95
C SER A 159 -3.77 13.04 12.60
N GLN A 160 -4.34 11.88 12.26
CA GLN A 160 -4.14 11.36 10.90
C GLN A 160 -4.54 12.33 9.79
N GLN A 161 -3.60 12.65 8.91
CA GLN A 161 -3.91 13.58 7.83
C GLN A 161 -4.97 13.05 6.88
N GLN A 162 -4.81 11.80 6.48
CA GLN A 162 -5.68 11.19 5.50
C GLN A 162 -5.84 9.70 5.79
N TRP A 163 -6.84 9.09 5.16
CA TRP A 163 -7.09 7.65 5.33
C TRP A 163 -7.95 7.09 4.19
N TYR A 164 -7.67 5.82 3.83
CA TYR A 164 -8.57 5.06 2.96
C TYR A 164 -9.10 3.82 3.66
N THR A 165 -10.42 3.71 3.62
CA THR A 165 -11.11 2.53 4.09
C THR A 165 -11.99 1.96 2.98
N ARG A 166 -11.92 0.63 2.80
CA ARG A 166 -12.79 -0.03 1.83
C ARG A 166 -13.44 -1.32 2.33
N ASP A 167 -14.67 -1.53 1.87
CA ASP A 167 -15.35 -2.80 2.00
C ASP A 167 -15.28 -3.31 3.42
N SER A 168 -15.87 -2.51 4.28
CA SER A 168 -15.77 -2.70 5.72
C SER A 168 -17.01 -2.21 6.43
N SER A 169 -17.00 -2.42 7.75
CA SER A 169 -18.09 -1.97 8.62
C SER A 169 -17.53 -1.25 9.83
N VAL A 170 -18.08 -0.09 10.16
CA VAL A 170 -17.63 0.66 11.34
C VAL A 170 -18.78 1.12 12.27
N GLY A 171 -18.49 1.16 13.57
CA GLY A 171 -19.46 1.67 14.55
C GLY A 171 -19.66 3.17 14.52
N GLY A 172 -18.65 3.82 13.97
CA GLY A 172 -18.64 5.27 13.85
C GLY A 172 -17.28 5.69 13.36
N TRP A 173 -17.26 6.84 12.71
CA TRP A 173 -16.02 7.46 12.30
C TRP A 173 -15.92 8.80 13.02
N GLY A 174 -14.80 9.07 13.65
CA GLY A 174 -14.73 10.12 14.65
C GLY A 174 -14.40 11.49 14.07
N ASN A 175 -13.63 11.52 12.99
CA ASN A 175 -13.18 12.81 12.49
C ASN A 175 -12.39 12.70 11.19
N GLY A 176 -12.15 13.86 10.58
CA GLY A 176 -11.31 14.00 9.44
C GLY A 176 -10.30 15.10 9.64
N VAL A 177 -9.34 15.19 8.71
CA VAL A 177 -8.33 16.21 8.77
C VAL A 177 -8.21 16.83 7.38
N TRP A 178 -7.46 16.17 6.52
CA TRP A 178 -7.35 16.57 5.12
C TRP A 178 -8.15 15.69 4.11
N ASN A 179 -8.17 14.35 4.30
CA ASN A 179 -8.83 13.50 3.29
C ASN A 179 -9.08 12.07 3.76
N MET A 180 -10.29 11.80 4.20
CA MET A 180 -10.69 10.44 4.56
C MET A 180 -11.64 10.04 3.47
N THR A 181 -11.28 8.95 2.81
CA THR A 181 -12.03 8.42 1.70
C THR A 181 -12.49 7.01 2.07
N PHE A 182 -13.73 6.73 1.67
CA PHE A 182 -14.38 5.45 1.94
C PHE A 182 -15.00 4.89 0.65
N SER A 183 -14.87 3.58 0.46
CA SER A 183 -15.72 2.93 -0.54
C SER A 183 -16.25 1.59 -0.01
N GLY A 184 -17.56 1.39 -0.15
CA GLY A 184 -18.19 0.19 0.40
C GLY A 184 -18.08 0.03 1.91
N VAL A 185 -18.10 1.14 2.63
CA VAL A 185 -17.96 1.10 4.08
C VAL A 185 -19.32 1.33 4.80
N GLU A 186 -19.87 0.26 5.41
CA GLU A 186 -21.07 0.37 6.27
C GLU A 186 -20.74 1.26 7.46
N GLY A 187 -21.48 2.33 7.66
CA GLY A 187 -21.24 3.21 8.79
C GLY A 187 -20.25 4.34 8.49
N ALA A 188 -19.84 4.49 7.24
CA ALA A 188 -18.96 5.61 6.89
C ALA A 188 -19.68 6.89 7.20
N PRO A 189 -18.92 7.97 7.48
CA PRO A 189 -19.53 9.29 7.49
C PRO A 189 -20.02 9.65 6.08
N ALA A 190 -21.07 10.47 5.97
CA ALA A 190 -21.64 10.86 4.66
C ALA A 190 -20.73 11.80 3.89
N GLN A 191 -20.77 11.74 2.55
CA GLN A 191 -20.11 12.74 1.70
C GLN A 191 -20.33 14.15 2.27
N SER A 192 -19.28 14.93 2.39
CA SER A 192 -19.38 16.24 3.03
C SER A 192 -18.19 17.15 2.73
N PHE A 193 -17.23 16.69 1.92
CA PHE A 193 -16.08 17.51 1.50
C PHE A 193 -16.60 18.88 1.03
N PRO A 194 -15.87 19.98 1.31
CA PRO A 194 -14.53 20.05 1.89
C PRO A 194 -14.40 19.79 3.38
N GLU A 195 -15.48 19.90 4.16
CA GLU A 195 -15.38 19.95 5.60
C GLU A 195 -16.62 19.41 6.29
N PRO A 196 -16.49 18.30 7.05
CA PRO A 196 -15.35 17.38 7.13
C PRO A 196 -15.00 16.84 5.77
N PRO A 197 -13.73 16.44 5.63
CA PRO A 197 -13.31 16.09 4.29
C PRO A 197 -13.54 14.62 4.06
N TYR A 198 -14.82 14.27 3.96
CA TYR A 198 -15.22 12.91 3.75
C TYR A 198 -15.66 12.74 2.30
N THR A 199 -14.93 11.86 1.62
CA THR A 199 -15.24 11.42 0.29
C THR A 199 -15.80 10.01 0.41
N THR A 200 -17.10 9.85 0.13
CA THR A 200 -17.79 8.63 0.49
C THR A 200 -18.53 8.04 -0.67
N LEU A 201 -18.12 6.84 -1.03
CA LEU A 201 -18.69 6.07 -2.13
C LEU A 201 -19.43 4.81 -1.57
N GLU A 202 -20.68 4.60 -1.98
CA GLU A 202 -21.48 3.51 -1.42
C GLU A 202 -20.85 2.14 -1.70
N THR A 203 -20.30 1.96 -2.89
CA THR A 203 -19.67 0.69 -3.22
C THR A 203 -18.30 0.81 -3.90
N THR A 204 -17.51 -0.25 -3.78
CA THR A 204 -16.22 -0.34 -4.47
C THR A 204 -16.34 -1.02 -5.84
N PRO A 205 -15.99 -0.30 -6.92
CA PRO A 205 -16.38 -0.77 -8.26
C PRO A 205 -16.11 -2.27 -8.48
N VAL A 206 -14.91 -2.68 -8.10
CA VAL A 206 -14.62 -4.08 -8.05
C VAL A 206 -13.40 -4.25 -7.09
N SER A 207 -13.42 -5.28 -6.28
CA SER A 207 -12.29 -5.61 -5.44
C SER A 207 -12.14 -7.13 -5.29
N ARG A 208 -10.95 -7.52 -4.84
CA ARG A 208 -10.65 -8.91 -4.58
C ARG A 208 -9.77 -8.92 -3.37
N GLU A 209 -10.16 -9.70 -2.36
CA GLU A 209 -9.45 -9.64 -1.10
C GLU A 209 -8.12 -10.38 -1.23
N LYS A 210 -7.13 -9.92 -0.47
CA LYS A 210 -5.75 -10.41 -0.58
C LYS A 210 -5.65 -11.88 -0.18
N PRO A 211 -4.94 -12.70 -0.99
CA PRO A 211 -4.69 -14.09 -0.58
C PRO A 211 -4.00 -14.16 0.78
N PHE A 212 -4.27 -15.19 1.55
CA PHE A 212 -3.63 -15.34 2.87
C PHE A 212 -3.49 -16.82 3.27
N LEU A 213 -2.44 -17.09 4.02
CA LEU A 213 -2.15 -18.39 4.55
C LEU A 213 -3.10 -18.71 5.73
N TYR A 214 -3.27 -19.99 6.02
CA TYR A 214 -4.04 -20.40 7.18
C TYR A 214 -3.99 -21.91 7.30
N LEU A 215 -4.37 -22.46 8.46
CA LEU A 215 -4.34 -23.90 8.66
C LEU A 215 -5.74 -24.48 8.54
N ASP A 216 -5.83 -25.61 7.83
CA ASP A 216 -6.95 -26.53 7.92
C ASP A 216 -6.43 -27.72 8.71
N GLY A 217 -6.71 -27.71 10.01
CA GLY A 217 -6.22 -28.76 10.90
C GLY A 217 -4.77 -28.46 11.18
N ASP A 218 -3.87 -29.32 10.71
CA ASP A 218 -2.46 -28.97 10.74
C ASP A 218 -1.85 -29.00 9.34
N ASP A 219 -2.74 -28.78 8.38
CA ASP A 219 -2.37 -28.59 6.95
C ASP A 219 -2.72 -27.21 6.36
N TYR A 220 -1.63 -26.50 6.03
CA TYR A 220 -1.64 -25.18 5.38
C TYR A 220 -2.31 -25.15 4.01
N LYS A 221 -3.23 -24.18 3.87
CA LYS A 221 -3.70 -23.73 2.58
C LYS A 221 -3.40 -22.21 2.45
N VAL A 222 -3.29 -21.71 1.22
CA VAL A 222 -3.48 -20.29 0.99
C VAL A 222 -4.90 -20.14 0.47
N PHE A 223 -5.68 -19.26 1.10
CA PHE A 223 -7.01 -18.91 0.62
C PHE A 223 -6.88 -17.84 -0.42
N VAL A 224 -7.53 -18.03 -1.56
CA VAL A 224 -7.51 -17.06 -2.66
C VAL A 224 -8.95 -16.59 -2.85
N PRO A 225 -9.28 -15.48 -2.20
CA PRO A 225 -10.66 -14.97 -2.34
C PRO A 225 -11.01 -14.65 -3.78
N ALA A 226 -12.24 -14.96 -4.17
CA ALA A 226 -12.76 -14.49 -5.45
C ALA A 226 -13.16 -13.00 -5.39
N LYS A 227 -13.05 -12.35 -6.54
CA LYS A 227 -13.41 -10.95 -6.63
C LYS A 227 -14.87 -10.69 -6.30
N ARG A 228 -15.07 -9.55 -5.67
CA ARG A 228 -16.36 -8.94 -5.57
C ARG A 228 -16.58 -7.90 -6.68
N THR A 229 -17.85 -7.73 -7.03
CA THR A 229 -18.31 -6.64 -7.87
C THR A 229 -19.28 -5.72 -7.09
N ASN A 230 -19.15 -4.42 -7.35
CA ASN A 230 -19.71 -3.35 -6.53
C ASN A 230 -19.83 -3.70 -5.03
N ALA A 231 -18.66 -3.85 -4.41
CA ALA A 231 -18.56 -4.40 -3.09
C ALA A 231 -18.97 -3.42 -1.99
N ARG A 232 -19.45 -4.02 -0.91
CA ARG A 232 -19.80 -3.25 0.28
C ARG A 232 -19.80 -4.16 1.47
N GLY A 233 -19.25 -3.65 2.58
CA GLY A 233 -19.12 -4.46 3.80
C GLY A 233 -18.04 -5.52 3.65
N THR A 234 -17.89 -6.37 4.68
CA THR A 234 -16.83 -7.38 4.70
C THR A 234 -17.19 -8.59 3.80
N SER A 235 -16.13 -9.35 3.42
CA SER A 235 -16.22 -10.52 2.56
C SER A 235 -16.54 -11.79 3.40
N TRP A 236 -16.65 -11.57 4.70
CA TRP A 236 -16.75 -12.64 5.69
C TRP A 236 -17.85 -12.43 6.75
N GLY A 237 -18.56 -11.31 6.64
CA GLY A 237 -19.73 -11.04 7.51
C GLY A 237 -20.90 -12.04 7.57
N ASN A 238 -21.22 -12.74 6.49
CA ASN A 238 -22.28 -13.77 6.56
C ASN A 238 -21.92 -15.21 6.12
N GLY A 239 -20.72 -15.72 6.44
CA GLY A 239 -20.48 -17.16 6.24
C GLY A 239 -19.78 -17.33 4.93
N THR A 240 -20.13 -18.33 4.11
CA THR A 240 -19.25 -18.83 3.04
C THR A 240 -18.25 -17.81 2.57
N PRO A 241 -16.96 -17.99 2.94
CA PRO A 241 -16.12 -17.11 2.13
C PRO A 241 -15.94 -17.78 0.80
N GLU A 242 -16.19 -17.05 -0.27
CA GLU A 242 -15.99 -17.60 -1.57
C GLU A 242 -14.57 -17.35 -2.09
N GLY A 243 -14.03 -18.36 -2.75
CA GLY A 243 -12.73 -18.33 -3.40
C GLY A 243 -12.04 -19.66 -3.35
N GLU A 244 -10.70 -19.63 -3.39
CA GLU A 244 -9.91 -20.84 -3.54
C GLU A 244 -9.01 -21.28 -2.40
N SER A 245 -9.08 -22.58 -2.08
CA SER A 245 -8.18 -23.12 -1.10
C SER A 245 -7.14 -24.07 -1.72
N LEU A 246 -5.93 -23.51 -1.92
CA LEU A 246 -4.76 -24.22 -2.34
C LEU A 246 -3.97 -24.65 -1.12
N PRO A 247 -3.51 -25.91 -1.07
CA PRO A 247 -2.51 -26.40 -0.10
C PRO A 247 -1.10 -25.86 -0.34
N LEU A 248 -0.23 -26.00 0.68
CA LEU A 248 1.13 -25.51 0.65
C LEU A 248 1.89 -26.19 -0.47
N ASP A 249 1.54 -27.43 -0.76
CA ASP A 249 2.38 -28.24 -1.64
C ASP A 249 2.24 -27.71 -3.08
N GLN A 250 1.32 -26.78 -3.27
CA GLN A 250 1.19 -26.06 -4.52
C GLN A 250 2.08 -24.83 -4.67
N PHE A 251 2.61 -24.32 -3.57
CA PHE A 251 3.54 -23.20 -3.61
C PHE A 251 4.94 -23.68 -3.60
N TYR A 252 5.82 -23.03 -4.36
CA TYR A 252 7.24 -23.11 -4.08
C TYR A 252 7.41 -22.14 -2.92
N VAL A 253 7.92 -22.67 -1.82
CA VAL A 253 8.24 -21.87 -0.68
C VAL A 253 9.63 -21.27 -0.84
N VAL A 254 9.67 -20.05 -1.36
CA VAL A 254 10.93 -19.38 -1.63
C VAL A 254 11.64 -18.95 -0.32
N LYS A 255 12.91 -19.34 -0.18
CA LYS A 255 13.72 -19.00 1.00
C LYS A 255 15.03 -18.31 0.53
N PRO A 256 15.39 -17.11 1.08
CA PRO A 256 16.44 -16.22 0.53
C PRO A 256 17.75 -16.93 0.20
N GLY A 257 18.46 -16.42 -0.80
CA GLY A 257 19.52 -17.21 -1.38
C GLY A 257 18.65 -18.25 -2.02
N ALA A 258 18.51 -18.16 -3.32
CA ALA A 258 17.39 -18.70 -4.07
C ALA A 258 17.23 -17.64 -5.10
N THR A 259 17.28 -18.09 -6.33
CA THR A 259 17.65 -17.23 -7.42
C THR A 259 16.51 -16.98 -8.37
N ALA A 260 16.68 -15.94 -9.17
CA ALA A 260 15.77 -15.66 -10.26
C ALA A 260 15.59 -16.92 -11.10
N GLU A 261 16.67 -17.64 -11.32
CA GLU A 261 16.59 -18.83 -12.17
C GLU A 261 15.53 -19.73 -11.60
N THR A 262 15.61 -20.04 -10.32
CA THR A 262 14.76 -21.09 -9.79
C THR A 262 13.30 -20.65 -9.76
N ILE A 263 13.07 -19.45 -9.27
CA ILE A 263 11.73 -18.92 -9.12
C ILE A 263 10.89 -18.97 -10.40
N ASN A 264 11.47 -18.52 -11.51
CA ASN A 264 10.83 -18.50 -12.83
C ASN A 264 10.60 -19.94 -13.31
N ALA A 265 11.55 -20.81 -13.00
CA ALA A 265 11.43 -22.23 -13.26
C ALA A 265 10.35 -22.86 -12.40
N ALA A 266 10.09 -22.31 -11.21
CA ALA A 266 9.01 -22.84 -10.41
C ALA A 266 7.65 -22.48 -11.05
N VAL A 267 7.50 -21.22 -11.51
CA VAL A 267 6.20 -20.78 -12.10
C VAL A 267 5.82 -21.55 -13.37
N ASP A 268 6.83 -21.74 -14.24
CA ASP A 268 6.68 -22.48 -15.48
C ASP A 268 6.10 -23.87 -15.29
N GLN A 269 6.64 -24.55 -14.29
CA GLN A 269 6.25 -25.91 -13.99
C GLN A 269 4.93 -25.93 -13.18
N GLY A 270 4.33 -24.76 -12.98
CA GLY A 270 2.98 -24.73 -12.43
C GLY A 270 2.88 -24.54 -10.92
N LEU A 271 3.95 -24.11 -10.28
CA LEU A 271 3.88 -23.76 -8.86
C LEU A 271 3.61 -22.26 -8.62
N HIS A 272 2.91 -21.98 -7.53
CA HIS A 272 2.64 -20.63 -7.05
C HIS A 272 3.84 -20.29 -6.20
N LEU A 273 3.95 -19.04 -5.76
CA LEU A 273 5.16 -18.59 -5.07
C LEU A 273 4.83 -18.01 -3.71
N LEU A 274 5.53 -18.49 -2.69
CA LEU A 274 5.40 -17.96 -1.35
C LEU A 274 6.76 -17.50 -0.90
N PHE A 275 6.89 -16.18 -0.74
CA PHE A 275 8.15 -15.62 -0.30
C PHE A 275 8.21 -15.52 1.22
N THR A 276 9.03 -16.37 1.82
CA THR A 276 9.31 -16.29 3.23
C THR A 276 10.02 -14.96 3.57
N PRO A 277 9.89 -14.49 4.82
CA PRO A 277 10.43 -13.17 5.11
C PRO A 277 11.94 -13.14 5.01
N GLY A 278 12.44 -12.24 4.17
CA GLY A 278 13.86 -12.16 3.89
C GLY A 278 14.08 -11.16 2.76
N VAL A 279 15.35 -11.04 2.36
CA VAL A 279 15.77 -10.18 1.27
C VAL A 279 16.30 -11.00 0.08
N TYR A 280 15.71 -10.80 -1.09
CA TYR A 280 16.03 -11.60 -2.28
C TYR A 280 16.66 -10.73 -3.38
N HIS A 281 17.97 -10.82 -3.53
CA HIS A 281 18.70 -10.15 -4.61
C HIS A 281 18.56 -10.99 -5.87
N VAL A 282 18.11 -10.40 -6.98
CA VAL A 282 18.01 -11.10 -8.29
C VAL A 282 18.87 -10.46 -9.40
N ASP A 283 19.36 -11.29 -10.33
CA ASP A 283 20.18 -10.87 -11.47
C ASP A 283 19.41 -10.92 -12.80
N GLN A 284 18.13 -11.21 -12.71
CA GLN A 284 17.24 -11.09 -13.82
C GLN A 284 15.81 -10.96 -13.28
N PRO A 285 14.88 -10.54 -14.13
CA PRO A 285 13.48 -10.38 -13.67
C PRO A 285 12.86 -11.70 -13.20
N ILE A 286 12.17 -11.63 -12.09
CA ILE A 286 11.19 -12.67 -11.72
C ILE A 286 10.01 -12.56 -12.68
N GLU A 287 9.73 -13.64 -13.42
CA GLU A 287 8.75 -13.59 -14.51
C GLU A 287 7.55 -14.43 -14.17
N ILE A 288 6.37 -13.83 -14.19
CA ILE A 288 5.18 -14.58 -13.92
C ILE A 288 4.32 -14.55 -15.17
N ASP A 289 4.35 -15.68 -15.88
CA ASP A 289 3.78 -15.79 -17.21
C ASP A 289 2.76 -16.94 -17.33
N ARG A 290 2.15 -17.27 -16.19
CA ARG A 290 1.17 -18.34 -16.13
C ARG A 290 -0.10 -17.83 -15.41
N ALA A 291 -1.24 -18.02 -16.07
CA ALA A 291 -2.47 -17.46 -15.55
C ALA A 291 -2.72 -17.97 -14.12
N ASN A 292 -3.27 -17.10 -13.29
CA ASN A 292 -3.69 -17.42 -11.90
C ASN A 292 -2.59 -17.71 -10.89
N THR A 293 -1.37 -17.38 -11.24
CA THR A 293 -0.25 -17.54 -10.33
C THR A 293 -0.40 -16.57 -9.15
N VAL A 294 -0.42 -17.11 -7.94
CA VAL A 294 -0.35 -16.34 -6.70
C VAL A 294 1.10 -16.22 -6.30
N ALA A 295 1.52 -15.00 -5.99
CA ALA A 295 2.83 -14.72 -5.44
C ALA A 295 2.68 -13.90 -4.14
N LEU A 296 2.64 -14.61 -3.04
CA LEU A 296 2.41 -14.03 -1.72
C LEU A 296 3.71 -13.88 -0.95
N GLY A 297 4.06 -12.64 -0.60
CA GLY A 297 5.07 -12.39 0.44
C GLY A 297 4.56 -12.42 1.89
N LEU A 298 5.40 -12.89 2.80
CA LEU A 298 5.16 -12.87 4.26
C LEU A 298 6.17 -11.99 4.96
N GLY A 299 5.70 -11.11 5.83
CA GLY A 299 6.64 -10.35 6.65
C GLY A 299 7.54 -9.39 5.89
N LEU A 300 6.98 -8.73 4.89
CA LEU A 300 7.65 -7.69 4.14
C LEU A 300 8.88 -8.26 3.40
N ALA A 301 8.76 -9.52 2.97
CA ALA A 301 9.70 -10.09 2.01
C ALA A 301 9.99 -9.07 0.91
N THR A 302 11.27 -8.98 0.59
CA THR A 302 11.79 -7.93 -0.23
C THR A 302 12.58 -8.48 -1.42
N ILE A 303 12.47 -7.79 -2.55
CA ILE A 303 13.23 -8.11 -3.74
C ILE A 303 14.05 -6.90 -4.13
N ILE A 304 15.36 -7.11 -4.26
CA ILE A 304 16.27 -6.08 -4.77
C ILE A 304 16.81 -6.48 -6.16
N PRO A 305 16.49 -5.69 -7.19
CA PRO A 305 17.08 -5.99 -8.50
C PRO A 305 18.52 -5.49 -8.60
N ASP A 306 19.43 -6.40 -8.92
CA ASP A 306 20.85 -6.10 -9.13
C ASP A 306 21.16 -5.78 -10.61
N ASN A 307 22.29 -5.11 -10.89
CA ASN A 307 22.77 -4.93 -12.26
C ASN A 307 21.77 -4.19 -13.19
N GLY A 308 20.85 -3.44 -12.58
CA GLY A 308 19.90 -2.59 -13.31
C GLY A 308 18.72 -3.32 -13.95
N VAL A 309 18.51 -4.59 -13.58
CA VAL A 309 17.42 -5.33 -14.18
C VAL A 309 16.08 -4.93 -13.56
N THR A 310 15.02 -5.33 -14.23
CA THR A 310 13.68 -5.20 -13.67
C THR A 310 13.49 -6.30 -12.60
N ALA A 311 12.84 -5.97 -11.48
CA ALA A 311 12.57 -6.96 -10.43
C ALA A 311 11.51 -8.00 -10.80
N LEU A 312 10.37 -7.51 -11.28
CA LEU A 312 9.20 -8.34 -11.44
C LEU A 312 8.49 -7.96 -12.73
N LYS A 313 8.26 -8.95 -13.58
CA LYS A 313 7.42 -8.77 -14.74
C LYS A 313 6.26 -9.78 -14.62
N VAL A 314 5.06 -9.29 -14.91
CA VAL A 314 3.87 -10.15 -15.06
C VAL A 314 3.54 -10.19 -16.56
N GLY A 315 3.27 -11.38 -17.08
CA GLY A 315 3.00 -11.55 -18.49
C GLY A 315 1.55 -11.16 -18.78
N ASP A 316 1.13 -11.37 -20.03
CA ASP A 316 -0.18 -10.91 -20.49
C ASP A 316 -1.27 -11.95 -20.22
N VAL A 317 -1.42 -12.31 -18.95
CA VAL A 317 -2.29 -13.41 -18.56
C VAL A 317 -3.28 -12.99 -17.49
N ASP A 318 -4.37 -13.72 -17.43
CA ASP A 318 -5.44 -13.52 -16.46
C ASP A 318 -4.97 -13.87 -15.05
N GLY A 319 -5.47 -13.13 -14.06
CA GLY A 319 -5.57 -13.64 -12.72
C GLY A 319 -4.31 -13.75 -11.87
N VAL A 320 -3.23 -13.04 -12.20
CA VAL A 320 -2.02 -13.10 -11.37
C VAL A 320 -2.22 -12.23 -10.14
N LYS A 321 -1.99 -12.79 -8.97
CA LYS A 321 -2.24 -12.11 -7.67
C LYS A 321 -0.91 -11.98 -6.94
N VAL A 322 -0.38 -10.76 -7.03
CA VAL A 322 0.86 -10.40 -6.37
C VAL A 322 0.49 -9.64 -5.11
N ALA A 323 0.89 -10.18 -3.96
CA ALA A 323 0.65 -9.48 -2.67
C ALA A 323 1.78 -9.57 -1.68
N GLY A 324 2.03 -8.44 -1.04
CA GLY A 324 2.80 -8.40 0.19
C GLY A 324 4.30 -8.45 -0.04
N LEU A 325 4.80 -7.71 -1.03
CA LEU A 325 6.23 -7.64 -1.30
C LEU A 325 6.72 -6.19 -1.36
N LEU A 326 7.94 -5.97 -0.90
CA LEU A 326 8.64 -4.72 -1.07
C LEU A 326 9.63 -4.91 -2.21
N VAL A 327 9.62 -4.02 -3.20
CA VAL A 327 10.69 -3.98 -4.19
C VAL A 327 11.60 -2.78 -3.86
N ASP A 328 12.88 -3.04 -3.61
CA ASP A 328 13.84 -2.05 -3.11
C ASP A 328 14.90 -1.85 -4.20
N ALA A 329 14.98 -0.65 -4.78
CA ALA A 329 15.88 -0.46 -5.90
C ALA A 329 17.32 -0.71 -5.48
N GLY A 330 18.12 -1.29 -6.39
CA GLY A 330 19.55 -1.31 -6.23
C GLY A 330 20.26 0.00 -6.65
N PRO A 331 21.55 0.10 -6.30
CA PRO A 331 22.38 1.24 -6.68
C PRO A 331 22.43 1.48 -8.19
N VAL A 332 22.49 0.41 -8.98
CA VAL A 332 22.46 0.54 -10.44
C VAL A 332 21.05 0.83 -10.94
N ASN A 333 20.92 1.94 -11.69
CA ASN A 333 19.64 2.36 -12.18
C ASN A 333 18.94 1.25 -12.95
N SER A 334 17.72 0.94 -12.51
CA SER A 334 16.81 0.11 -13.28
C SER A 334 15.86 0.91 -14.15
N GLU A 335 15.72 0.50 -15.41
CA GLU A 335 14.78 1.12 -16.31
C GLU A 335 13.35 1.09 -15.76
N THR A 336 12.96 -0.09 -15.29
CA THR A 336 11.71 -0.24 -14.58
C THR A 336 11.96 -1.18 -13.40
N LEU A 337 11.13 -1.08 -12.36
CA LEU A 337 11.20 -2.01 -11.25
C LEU A 337 10.15 -3.13 -11.30
N VAL A 338 8.93 -2.76 -11.70
CA VAL A 338 7.83 -3.69 -11.75
C VAL A 338 7.12 -3.40 -13.09
N GLU A 339 6.87 -4.46 -13.84
CA GLU A 339 6.15 -4.35 -15.09
C GLU A 339 4.96 -5.32 -15.06
N VAL A 340 3.78 -4.76 -15.27
CA VAL A 340 2.54 -5.49 -15.27
C VAL A 340 2.03 -5.56 -16.69
N GLY A 341 2.44 -6.63 -17.40
CA GLY A 341 2.11 -6.81 -18.80
C GLY A 341 3.15 -6.21 -19.76
N SER A 342 3.04 -6.60 -21.03
CA SER A 342 3.92 -6.09 -22.08
C SER A 342 3.47 -4.76 -22.74
N ASP A 343 4.41 -3.99 -23.30
CA ASP A 343 4.07 -2.74 -24.03
C ASP A 343 3.25 -3.10 -25.27
N GLY A 344 2.16 -2.37 -25.51
CA GLY A 344 1.25 -2.74 -26.59
C GLY A 344 0.06 -3.60 -26.15
N ALA A 345 0.24 -4.30 -25.04
CA ALA A 345 -0.75 -5.24 -24.51
C ALA A 345 -2.17 -4.75 -24.74
N SER A 346 -2.90 -5.50 -25.57
CA SER A 346 -4.29 -5.17 -25.88
C SER A 346 -5.34 -6.18 -25.34
N GLY A 347 -4.94 -7.24 -24.67
CA GLY A 347 -5.96 -8.15 -24.14
C GLY A 347 -6.88 -7.55 -23.07
N ASP A 348 -8.08 -8.13 -22.89
CA ASP A 348 -8.93 -7.90 -21.72
C ASP A 348 -8.65 -8.88 -20.57
N HIS A 349 -8.84 -8.47 -19.31
CA HIS A 349 -8.82 -9.41 -18.21
C HIS A 349 -9.92 -9.09 -17.24
N ALA A 350 -11.08 -8.74 -17.79
CA ALA A 350 -12.19 -8.24 -17.02
C ALA A 350 -12.74 -9.26 -16.01
N ALA A 351 -12.97 -10.48 -16.45
CA ALA A 351 -13.57 -11.44 -15.55
C ALA A 351 -12.61 -11.77 -14.41
N ASN A 352 -11.35 -11.99 -14.75
CA ASN A 352 -10.32 -12.45 -13.83
C ASN A 352 -9.05 -11.61 -13.95
N PRO A 353 -9.05 -10.43 -13.30
CA PRO A 353 -7.94 -9.50 -13.50
C PRO A 353 -6.64 -9.89 -12.76
N THR A 354 -5.51 -9.32 -13.20
CA THR A 354 -4.30 -9.37 -12.38
C THR A 354 -4.38 -8.27 -11.32
N SER A 355 -3.90 -8.57 -10.12
CA SER A 355 -3.86 -7.56 -9.03
C SER A 355 -2.49 -7.47 -8.40
N LEU A 356 -2.17 -6.25 -7.95
CA LEU A 356 -1.04 -5.97 -7.08
C LEU A 356 -1.66 -5.45 -5.79
N GLN A 357 -1.32 -6.07 -4.67
CA GLN A 357 -1.83 -5.67 -3.35
C GLN A 357 -0.72 -5.65 -2.32
N ASP A 358 -0.64 -4.56 -1.54
CA ASP A 358 0.43 -4.42 -0.58
C ASP A 358 1.75 -4.69 -1.30
N VAL A 359 1.91 -4.03 -2.44
CA VAL A 359 3.14 -4.03 -3.17
C VAL A 359 3.68 -2.63 -2.92
N PHE A 360 4.86 -2.60 -2.32
CA PHE A 360 5.54 -1.36 -1.95
C PHE A 360 6.84 -1.24 -2.74
N VAL A 361 7.20 -0.03 -3.15
CA VAL A 361 8.46 0.17 -3.84
C VAL A 361 9.23 1.26 -3.07
N ARG A 362 10.53 1.03 -2.87
CA ARG A 362 11.41 2.02 -2.24
C ARG A 362 12.58 2.31 -3.18
N ILE A 363 12.95 3.59 -3.31
CA ILE A 363 14.16 3.96 -4.03
C ILE A 363 15.06 4.78 -3.11
N GLY A 364 16.15 4.17 -2.65
CA GLY A 364 17.00 4.81 -1.65
C GLY A 364 16.46 4.60 -0.22
N GLY A 365 17.12 5.20 0.75
CA GLY A 365 16.71 5.09 2.13
C GLY A 365 17.50 4.01 2.89
N ALA A 366 17.91 2.94 2.22
CA ALA A 366 18.80 1.95 2.84
C ALA A 366 20.10 1.85 2.04
N GLY A 367 20.65 3.01 1.70
CA GLY A 367 21.70 3.12 0.72
C GLY A 367 21.25 3.63 -0.64
N PRO A 368 22.21 3.87 -1.51
CA PRO A 368 21.89 4.49 -2.79
C PRO A 368 21.00 3.58 -3.61
N GLY A 369 19.99 4.14 -4.28
CA GLY A 369 19.16 3.34 -5.18
C GLY A 369 18.54 4.22 -6.25
N LYS A 370 18.37 3.67 -7.45
CA LYS A 370 17.86 4.42 -8.59
C LYS A 370 17.01 3.57 -9.50
N ALA A 371 15.93 4.17 -9.99
CA ALA A 371 15.11 3.61 -11.07
C ALA A 371 14.39 4.70 -11.84
N THR A 372 14.19 4.48 -13.15
CA THR A 372 13.57 5.49 -14.00
C THR A 372 12.04 5.54 -13.79
N THR A 373 11.38 4.39 -13.98
CA THR A 373 9.95 4.29 -13.79
C THR A 373 9.64 3.08 -12.90
N SER A 374 8.99 3.30 -11.75
CA SER A 374 8.93 2.25 -10.75
C SER A 374 7.96 1.10 -11.12
N ILE A 375 6.68 1.44 -11.38
CA ILE A 375 5.67 0.48 -11.77
C ILE A 375 5.00 0.93 -13.08
N VAL A 376 5.02 0.04 -14.08
CA VAL A 376 4.35 0.26 -15.34
C VAL A 376 3.20 -0.71 -15.43
N VAL A 377 1.97 -0.20 -15.51
CA VAL A 377 0.77 -1.02 -15.57
C VAL A 377 0.33 -1.03 -17.04
N ASN A 378 0.80 -2.04 -17.73
CA ASN A 378 0.44 -2.33 -19.13
C ASN A 378 -0.93 -3.02 -19.32
N SER A 379 -1.23 -4.02 -18.49
CA SER A 379 -2.43 -4.90 -18.69
C SER A 379 -3.82 -4.33 -18.31
N ASN A 380 -4.69 -4.35 -19.32
CA ASN A 380 -6.07 -3.89 -19.15
C ASN A 380 -6.71 -4.57 -17.93
N ASP A 381 -7.61 -3.86 -17.28
CA ASP A 381 -8.34 -4.36 -16.11
C ASP A 381 -7.59 -4.67 -14.80
N THR A 382 -6.33 -4.32 -14.72
CA THR A 382 -5.55 -4.60 -13.53
C THR A 382 -6.12 -3.81 -12.33
N ILE A 383 -6.06 -4.43 -11.15
CA ILE A 383 -6.43 -3.82 -9.87
C ILE A 383 -5.18 -3.57 -9.02
N ILE A 384 -4.83 -2.30 -8.81
CA ILE A 384 -3.80 -1.92 -7.87
C ILE A 384 -4.49 -1.52 -6.56
N ASP A 385 -4.51 -2.42 -5.59
CA ASP A 385 -5.23 -2.25 -4.33
C ASP A 385 -4.23 -2.18 -3.14
N HIS A 386 -3.86 -0.94 -2.79
CA HIS A 386 -2.85 -0.62 -1.80
C HIS A 386 -1.42 -0.77 -2.31
N THR A 387 -0.84 0.37 -2.64
CA THR A 387 0.56 0.43 -3.05
C THR A 387 1.16 1.71 -2.48
N TRP A 388 2.42 1.62 -2.06
CA TRP A 388 3.21 2.78 -1.67
C TRP A 388 4.45 2.73 -2.53
N VAL A 389 4.58 3.72 -3.39
CA VAL A 389 5.69 3.80 -4.32
C VAL A 389 6.43 5.07 -3.89
N TRP A 390 7.64 4.89 -3.34
CA TRP A 390 8.27 5.91 -2.50
C TRP A 390 9.75 6.11 -2.85
N ARG A 391 10.05 7.28 -3.40
CA ARG A 391 11.43 7.70 -3.56
C ARG A 391 11.81 8.24 -2.17
N ALA A 392 12.85 7.68 -1.59
CA ALA A 392 13.19 7.99 -0.21
C ALA A 392 13.51 9.46 0.03
N ASP A 393 12.97 10.01 1.13
CA ASP A 393 13.23 11.40 1.53
C ASP A 393 14.19 11.48 2.69
N HIS A 394 14.50 10.34 3.31
CA HIS A 394 15.46 10.31 4.42
C HIS A 394 16.08 8.93 4.44
N GLY A 395 17.16 8.82 5.20
CA GLY A 395 17.91 7.59 5.27
C GLY A 395 19.30 7.73 4.64
N GLU A 396 19.90 6.59 4.33
CA GLU A 396 21.17 6.50 3.61
C GLU A 396 20.94 6.40 2.09
N GLY A 397 21.71 7.14 1.29
CA GLY A 397 21.58 7.07 -0.15
C GLY A 397 20.52 8.03 -0.71
N VAL A 398 20.35 9.17 -0.06
CA VAL A 398 19.30 10.12 -0.43
C VAL A 398 19.90 11.40 -0.99
N GLY A 399 19.24 11.97 -1.99
CA GLY A 399 19.74 13.15 -2.69
C GLY A 399 19.11 13.31 -4.07
N TRP A 400 18.88 14.58 -4.46
CA TRP A 400 18.27 14.91 -5.76
C TRP A 400 18.81 14.03 -6.90
N GLU A 401 20.10 13.70 -6.84
CA GLU A 401 20.67 12.76 -7.79
C GLU A 401 21.08 11.42 -7.19
N THR A 402 21.49 11.44 -5.92
CA THR A 402 21.86 10.18 -5.24
C THR A 402 20.80 9.07 -5.35
N ASN A 403 19.56 9.33 -4.97
CA ASN A 403 18.42 8.37 -5.20
C ASN A 403 17.40 8.90 -6.20
N ARG A 404 17.90 9.51 -7.26
CA ARG A 404 17.05 9.94 -8.34
C ARG A 404 16.13 8.84 -8.89
N ALA A 405 14.89 9.25 -9.14
CA ALA A 405 13.85 8.43 -9.71
C ALA A 405 12.79 9.34 -10.33
N ASP A 406 12.79 9.41 -11.66
CA ASP A 406 11.89 10.29 -12.34
C ASP A 406 10.41 10.02 -12.16
N TYR A 407 10.01 8.76 -12.31
CA TYR A 407 8.60 8.40 -12.53
C TYR A 407 8.16 7.29 -11.62
N GLY A 408 7.06 7.50 -10.94
CA GLY A 408 6.57 6.56 -9.96
C GLY A 408 5.76 5.47 -10.63
N VAL A 409 4.53 5.80 -10.99
CA VAL A 409 3.65 4.86 -11.64
C VAL A 409 3.22 5.41 -12.97
N HIS A 410 3.20 4.53 -13.97
CA HIS A 410 2.70 4.87 -15.30
C HIS A 410 1.69 3.81 -15.74
N VAL A 411 0.44 4.23 -15.86
CA VAL A 411 -0.60 3.30 -16.27
C VAL A 411 -0.90 3.44 -17.75
N LYS A 412 -0.68 2.34 -18.48
CA LYS A 412 -0.94 2.23 -19.91
C LYS A 412 -2.24 1.43 -20.23
N GLY A 413 -2.39 0.24 -19.64
CA GLY A 413 -3.66 -0.50 -19.72
C GLY A 413 -4.94 0.33 -19.55
N ASP A 414 -6.01 -0.14 -20.14
CA ASP A 414 -7.32 0.46 -19.96
C ASP A 414 -8.10 -0.21 -18.83
N ASN A 415 -9.15 0.47 -18.36
CA ASN A 415 -10.00 -0.04 -17.27
C ASN A 415 -9.23 -0.41 -16.00
N VAL A 416 -8.14 0.29 -15.74
CA VAL A 416 -7.33 -0.02 -14.55
C VAL A 416 -7.89 0.72 -13.37
N LEU A 417 -8.00 0.01 -12.23
CA LEU A 417 -8.53 0.56 -10.98
C LEU A 417 -7.43 0.59 -9.91
N ALA A 418 -7.21 1.76 -9.31
CA ALA A 418 -6.33 1.92 -8.15
C ALA A 418 -7.20 2.30 -6.95
N THR A 419 -7.13 1.50 -5.89
CA THR A 419 -7.78 1.78 -4.62
C THR A 419 -6.71 1.83 -3.52
N GLY A 420 -6.51 3.02 -2.95
CA GLY A 420 -5.46 3.23 -1.96
C GLY A 420 -4.10 3.46 -2.61
N LEU A 421 -3.98 4.53 -3.39
CA LEU A 421 -2.77 4.82 -4.15
C LEU A 421 -1.90 5.85 -3.41
N PHE A 422 -0.70 5.45 -3.01
CA PHE A 422 0.22 6.33 -2.29
C PHE A 422 1.56 6.40 -3.09
N VAL A 423 1.90 7.58 -3.60
CA VAL A 423 3.08 7.74 -4.45
C VAL A 423 3.75 9.08 -4.14
N GLU A 424 5.05 9.05 -3.84
CA GLU A 424 5.73 10.23 -3.26
C GLU A 424 7.20 10.42 -3.69
N HIS A 425 7.51 11.69 -3.96
CA HIS A 425 8.86 12.28 -4.00
C HIS A 425 9.63 12.11 -5.32
N PHE A 426 8.96 11.71 -6.39
CA PHE A 426 9.64 11.52 -7.68
C PHE A 426 10.17 12.81 -8.31
N ASN A 427 11.25 12.71 -9.06
CA ASN A 427 11.85 13.92 -9.64
C ASN A 427 10.94 14.57 -10.69
N LYS A 428 10.10 13.76 -11.32
CA LYS A 428 9.16 14.25 -12.31
C LYS A 428 7.75 13.76 -11.91
N TYR A 429 6.99 13.19 -12.85
CA TYR A 429 5.63 12.75 -12.59
C TYR A 429 5.55 11.56 -11.64
N ASP A 430 4.94 11.79 -10.47
CA ASP A 430 4.74 10.71 -9.52
C ASP A 430 3.85 9.63 -10.17
N VAL A 431 2.72 10.08 -10.68
CA VAL A 431 1.80 9.27 -11.44
C VAL A 431 1.41 9.88 -12.79
N GLN A 432 1.53 9.07 -13.85
CA GLN A 432 0.98 9.40 -15.15
C GLN A 432 -0.05 8.33 -15.55
N TRP A 433 -1.21 8.77 -16.09
CA TRP A 433 -2.28 7.89 -16.51
C TRP A 433 -2.54 8.17 -17.98
N SER A 434 -2.05 7.21 -18.75
CA SER A 434 -2.09 7.24 -20.18
C SER A 434 -3.18 6.40 -20.86
N GLY A 435 -3.72 5.40 -20.15
CA GLY A 435 -4.79 4.54 -20.70
C GLY A 435 -6.19 5.15 -20.46
N GLU A 436 -7.23 4.53 -21.05
CA GLU A 436 -8.63 4.97 -20.85
C GLU A 436 -9.38 4.29 -19.70
N ASN A 437 -10.46 4.95 -19.33
CA ASN A 437 -11.35 4.51 -18.31
C ASN A 437 -10.67 4.10 -17.00
N GLY A 438 -9.53 4.73 -16.72
CA GLY A 438 -8.86 4.61 -15.45
C GLY A 438 -9.72 5.15 -14.31
N LYS A 439 -9.62 4.51 -13.15
CA LYS A 439 -10.29 4.98 -11.96
C LYS A 439 -9.37 4.87 -10.75
N THR A 440 -9.24 5.99 -10.00
CA THR A 440 -8.50 5.98 -8.74
C THR A 440 -9.39 6.46 -7.59
N ILE A 441 -9.57 5.60 -6.61
CA ILE A 441 -10.20 5.94 -5.34
C ILE A 441 -9.11 6.03 -4.27
N PHE A 442 -8.92 7.26 -3.81
CA PHE A 442 -7.90 7.66 -2.85
C PHE A 442 -6.51 7.75 -3.44
N TYR A 443 -5.99 8.98 -3.40
CA TYR A 443 -4.60 9.31 -3.74
C TYR A 443 -3.94 10.16 -2.65
N GLN A 444 -2.76 9.71 -2.23
CA GLN A 444 -1.92 10.51 -1.39
C GLN A 444 -0.56 10.69 -2.07
N ASN A 445 -0.15 11.95 -2.28
CA ASN A 445 1.15 12.28 -2.82
C ASN A 445 1.83 13.34 -1.99
N ALA A 446 3.14 13.21 -1.83
CA ALA A 446 3.97 14.37 -1.50
C ALA A 446 5.04 14.53 -2.57
N LYS A 447 5.30 15.76 -2.98
CA LYS A 447 6.31 16.07 -3.98
C LYS A 447 7.73 15.94 -3.40
N ALA A 448 8.72 15.87 -4.28
CA ALA A 448 10.11 15.73 -3.87
C ALA A 448 10.51 16.89 -2.97
N TYR A 449 11.04 16.58 -1.80
CA TYR A 449 11.48 17.58 -0.81
C TYR A 449 12.78 18.31 -1.25
N ASP A 450 13.59 17.59 -2.01
CA ASP A 450 14.97 18.02 -2.28
C ASP A 450 15.22 18.68 -3.66
N ALA A 451 14.20 19.16 -4.35
CA ALA A 451 14.41 19.95 -5.57
C ALA A 451 15.25 21.21 -5.20
N PRO A 452 16.50 21.31 -5.69
CA PRO A 452 17.39 22.46 -5.38
C PRO A 452 16.99 23.82 -5.93
N ASP A 453 16.31 23.88 -7.08
CA ASP A 453 15.81 25.17 -7.58
C ASP A 453 14.67 25.00 -8.57
N GLN A 454 14.13 26.10 -9.07
CA GLN A 454 12.94 26.07 -9.94
C GLN A 454 13.20 25.40 -11.32
N ALA A 455 14.43 25.57 -11.82
CA ALA A 455 14.80 25.05 -13.12
C ALA A 455 14.81 23.53 -13.08
N ALA A 456 15.17 22.98 -11.93
CA ALA A 456 15.41 21.54 -11.86
C ALA A 456 14.14 20.73 -11.95
N ILE A 457 12.98 21.38 -11.76
CA ILE A 457 11.71 20.68 -11.91
C ILE A 457 10.86 21.28 -13.01
N GLN A 458 11.47 22.12 -13.82
CA GLN A 458 10.70 22.80 -14.88
C GLN A 458 10.17 21.80 -15.94
N ASN A 459 8.88 21.91 -16.28
CA ASN A 459 8.17 20.93 -17.10
C ASN A 459 7.82 21.62 -18.39
N GLY A 460 8.85 21.83 -19.22
CA GLY A 460 8.74 22.78 -20.31
C GLY A 460 8.23 24.10 -19.78
N ASP A 461 6.97 24.36 -20.05
CA ASP A 461 6.38 25.66 -19.76
C ASP A 461 5.47 25.65 -18.49
N ILE A 462 5.42 24.49 -17.81
CA ILE A 462 4.80 24.37 -16.53
C ILE A 462 5.87 24.37 -15.44
N LYS A 463 5.59 25.03 -14.32
CA LYS A 463 6.44 24.91 -13.14
C LYS A 463 6.10 23.63 -12.36
N GLY A 464 7.06 22.73 -12.29
CA GLY A 464 6.89 21.50 -11.55
C GLY A 464 6.27 20.44 -12.43
N TYR A 465 6.35 19.20 -11.94
CA TYR A 465 5.62 18.07 -12.51
C TYR A 465 4.43 17.68 -11.64
N ALA A 466 3.25 17.56 -12.27
CA ALA A 466 2.05 17.18 -11.54
C ALA A 466 2.32 15.90 -10.76
N ALA A 467 1.68 15.79 -9.62
CA ALA A 467 1.68 14.55 -8.87
C ALA A 467 0.87 13.46 -9.61
N TYR A 468 -0.09 13.92 -10.41
CA TYR A 468 -1.04 13.02 -11.11
C TYR A 468 -1.44 13.67 -12.42
N LYS A 469 -0.92 13.10 -13.53
CA LYS A 469 -1.12 13.56 -14.90
C LYS A 469 -1.96 12.56 -15.65
N VAL A 470 -3.14 12.99 -16.10
CA VAL A 470 -3.89 12.26 -17.12
C VAL A 470 -3.55 12.91 -18.45
N ASP A 471 -3.13 12.11 -19.43
CA ASP A 471 -2.73 12.67 -20.71
C ASP A 471 -3.91 13.42 -21.36
N ASP A 472 -3.58 14.48 -22.06
CA ASP A 472 -4.65 15.28 -22.64
C ASP A 472 -5.36 14.49 -23.82
N SER A 473 -4.79 13.37 -24.27
CA SER A 473 -5.48 12.54 -25.27
C SER A 473 -6.47 11.52 -24.68
N VAL A 474 -6.53 11.41 -23.37
CA VAL A 474 -7.47 10.46 -22.78
C VAL A 474 -8.89 10.96 -22.99
N THR A 475 -9.77 10.05 -23.39
CA THR A 475 -11.22 10.35 -23.47
C THR A 475 -11.81 10.37 -22.08
N THR A 476 -11.40 9.40 -21.28
CA THR A 476 -12.17 8.98 -20.09
C THR A 476 -11.30 8.61 -18.85
N HIS A 477 -11.64 9.19 -17.69
CA HIS A 477 -10.92 8.95 -16.44
C HIS A 477 -11.78 9.43 -15.25
N GLU A 478 -11.66 8.79 -14.08
CA GLU A 478 -12.34 9.30 -12.88
C GLU A 478 -11.52 9.08 -11.58
N GLY A 479 -11.32 10.17 -10.80
CA GLY A 479 -10.67 10.08 -9.52
C GLY A 479 -11.51 10.61 -8.35
N TRP A 480 -11.25 10.12 -7.14
CA TRP A 480 -11.95 10.49 -5.95
C TRP A 480 -10.99 10.57 -4.75
N GLY A 481 -10.92 11.71 -4.07
CA GLY A 481 -10.28 11.81 -2.77
C GLY A 481 -8.76 11.83 -2.92
N MET A 482 -8.26 12.90 -3.54
CA MET A 482 -6.90 12.96 -4.02
C MET A 482 -6.19 14.21 -3.51
N GLY A 483 -5.01 13.99 -2.95
CA GLY A 483 -4.25 15.06 -2.35
C GLY A 483 -2.77 14.98 -2.66
N SER A 484 -2.19 16.16 -2.93
CA SER A 484 -0.77 16.31 -3.13
C SER A 484 -0.24 17.39 -2.17
N TYR A 485 0.86 17.08 -1.51
CA TYR A 485 1.46 17.99 -0.52
C TYR A 485 2.88 18.36 -0.93
N CYS A 486 3.36 19.55 -0.56
CA CYS A 486 4.71 19.96 -0.91
C CYS A 486 5.48 20.38 0.32
N TYR A 487 6.79 20.13 0.27
CA TYR A 487 7.69 20.47 1.34
C TYR A 487 9.07 20.68 0.74
N PHE A 488 9.17 21.81 0.07
CA PHE A 488 10.39 22.14 -0.65
C PHE A 488 11.34 22.82 0.34
N ASN A 489 11.93 22.05 1.22
CA ASN A 489 12.74 22.66 2.24
C ASN A 489 14.20 22.85 1.82
N VAL A 490 14.63 22.23 0.73
CA VAL A 490 15.95 22.56 0.20
C VAL A 490 15.86 23.97 -0.40
N ASN A 491 14.71 24.29 -1.01
CA ASN A 491 14.49 25.61 -1.61
C ASN A 491 13.02 26.00 -1.52
N PRO A 492 12.64 26.62 -0.40
CA PRO A 492 11.26 27.06 -0.18
C PRO A 492 10.72 28.08 -1.12
N ASP A 493 11.57 28.78 -1.89
CA ASP A 493 11.09 29.77 -2.84
C ASP A 493 10.41 29.07 -4.06
N ILE A 494 10.57 27.75 -4.17
CA ILE A 494 9.97 26.97 -5.25
C ILE A 494 8.48 27.15 -5.33
N ARG A 495 8.01 27.21 -6.58
CA ARG A 495 6.58 27.12 -6.89
C ARG A 495 6.26 25.91 -7.78
N GLN A 496 5.19 25.21 -7.37
CA GLN A 496 4.64 24.05 -8.08
C GLN A 496 3.32 24.53 -8.68
N GLN A 497 3.15 24.43 -10.00
CA GLN A 497 1.97 25.00 -10.58
C GLN A 497 0.68 24.33 -10.09
N HIS A 498 0.76 23.03 -9.85
CA HIS A 498 -0.41 22.28 -9.45
C HIS A 498 -0.12 20.83 -9.06
N GLY A 499 -1.07 20.25 -8.30
CA GLY A 499 -1.07 18.86 -7.93
C GLY A 499 -1.45 17.88 -9.05
N PHE A 500 -2.35 18.33 -9.91
CA PHE A 500 -3.01 17.52 -10.91
C PHE A 500 -2.96 18.21 -12.27
N GLN A 501 -2.92 17.40 -13.33
CA GLN A 501 -2.90 17.88 -14.69
C GLN A 501 -3.77 16.95 -15.55
N ALA A 502 -4.74 17.50 -16.30
CA ALA A 502 -5.64 16.66 -17.07
C ALA A 502 -6.57 17.48 -17.96
N PRO A 503 -6.84 16.98 -19.19
CA PRO A 503 -7.60 17.75 -20.15
C PRO A 503 -9.04 17.93 -19.70
N VAL A 504 -9.75 18.84 -20.37
CA VAL A 504 -11.07 19.28 -19.96
C VAL A 504 -12.10 18.63 -20.86
N LYS A 505 -12.88 17.70 -20.28
CA LYS A 505 -13.79 16.81 -21.02
C LYS A 505 -14.87 16.23 -20.10
N PRO A 506 -16.09 15.98 -20.64
CA PRO A 506 -17.13 15.20 -19.94
C PRO A 506 -16.67 13.88 -19.33
N GLY A 507 -15.86 13.14 -20.06
CA GLY A 507 -15.46 11.80 -19.64
C GLY A 507 -14.38 11.80 -18.59
N VAL A 508 -13.94 13.00 -18.22
CA VAL A 508 -12.85 13.22 -17.23
C VAL A 508 -13.35 13.96 -15.98
N LYS A 509 -13.59 13.23 -14.90
CA LYS A 509 -14.12 13.83 -13.68
C LYS A 509 -13.19 13.61 -12.51
N PHE A 510 -13.02 14.64 -11.68
CA PHE A 510 -12.35 14.53 -10.40
C PHE A 510 -13.30 15.02 -9.31
N HIS A 511 -13.23 14.33 -8.19
CA HIS A 511 -14.05 14.60 -7.04
C HIS A 511 -13.13 14.66 -5.83
N ASP A 512 -13.14 15.83 -5.20
CA ASP A 512 -12.51 16.08 -3.92
C ASP A 512 -10.98 16.02 -4.05
N LEU A 513 -10.44 17.10 -4.65
CA LEU A 513 -9.01 17.32 -4.80
C LEU A 513 -8.51 18.38 -3.84
N LEU A 514 -7.28 18.19 -3.35
CA LEU A 514 -6.62 19.21 -2.55
C LEU A 514 -5.11 19.22 -2.78
N VAL A 515 -4.51 20.40 -2.58
CA VAL A 515 -3.08 20.51 -2.44
C VAL A 515 -2.78 21.25 -1.14
N VAL A 516 -1.61 20.98 -0.58
CA VAL A 516 -1.27 21.50 0.74
C VAL A 516 0.24 21.76 0.82
N SER A 517 0.60 22.97 1.22
CA SER A 517 1.99 23.26 1.51
C SER A 517 2.25 23.01 2.97
N LEU A 518 3.26 22.21 3.25
CA LEU A 518 3.58 21.84 4.60
C LEU A 518 4.39 22.99 5.22
N GLY A 519 3.69 23.75 6.04
CA GLY A 519 4.19 24.98 6.62
C GLY A 519 5.04 25.93 5.75
N GLY A 520 4.65 26.13 4.50
CA GLY A 520 5.16 27.20 3.67
C GLY A 520 6.46 26.91 2.96
N LYS A 521 6.88 25.66 2.97
CA LYS A 521 8.08 25.26 2.27
C LYS A 521 7.74 24.94 0.79
N GLY A 522 7.79 25.99 -0.03
CA GLY A 522 7.17 26.00 -1.33
C GLY A 522 5.68 26.31 -1.20
N GLN A 523 5.07 26.64 -2.33
CA GLN A 523 3.62 26.77 -2.44
C GLN A 523 3.14 26.24 -3.81
N TYR A 524 1.88 25.83 -3.90
CA TYR A 524 1.24 25.55 -5.17
C TYR A 524 0.57 26.79 -5.72
N GLU A 525 0.43 26.84 -7.04
CA GLU A 525 -0.16 28.01 -7.70
C GLU A 525 -1.65 27.74 -7.93
N HIS A 526 -1.97 26.47 -8.11
CA HIS A 526 -3.30 26.02 -8.41
C HIS A 526 -3.44 24.55 -7.91
N VAL A 527 -4.68 24.06 -7.91
CA VAL A 527 -4.96 22.66 -7.55
C VAL A 527 -4.76 21.71 -8.76
N ILE A 528 -5.45 22.02 -9.86
CA ILE A 528 -5.45 21.22 -11.11
C ILE A 528 -5.36 22.12 -12.35
N ASN A 529 -4.45 21.82 -13.28
CA ASN A 529 -4.21 22.72 -14.40
C ASN A 529 -3.99 24.14 -13.84
N ASP A 530 -4.76 25.13 -14.29
CA ASP A 530 -4.57 26.50 -13.77
C ASP A 530 -5.86 26.87 -12.96
N ILE A 531 -6.37 25.86 -12.27
CA ILE A 531 -7.69 25.84 -11.67
C ILE A 531 -7.63 25.68 -10.15
N GLY A 532 -8.26 26.59 -9.45
CA GLY A 532 -8.29 26.52 -8.01
C GLY A 532 -7.27 27.48 -7.42
N ASP A 533 -7.37 27.73 -6.13
CA ASP A 533 -6.55 28.78 -5.50
C ASP A 533 -5.16 28.27 -5.14
N PRO A 534 -4.19 29.19 -5.12
CA PRO A 534 -2.88 28.81 -4.58
C PRO A 534 -2.90 28.59 -3.08
N THR A 535 -1.90 27.88 -2.57
CA THR A 535 -1.71 27.79 -1.15
C THR A 535 -1.01 29.10 -0.75
N SER A 536 -1.17 29.45 0.52
CA SER A 536 -0.46 30.63 1.07
C SER A 536 -0.27 30.49 2.59
N GLY A 537 0.35 31.47 3.25
CA GLY A 537 0.62 31.33 4.68
C GLY A 537 1.61 30.20 4.95
N ASP A 538 1.99 30.08 6.21
CA ASP A 538 2.77 28.95 6.66
C ASP A 538 1.95 28.08 7.64
N THR A 539 0.63 28.11 7.44
CA THR A 539 -0.36 27.51 8.34
C THR A 539 -0.89 26.11 7.89
N THR A 540 -0.44 25.64 6.73
CA THR A 540 -0.80 24.30 6.25
C THR A 540 -2.30 24.09 6.09
N ILE A 541 -2.97 25.08 5.50
CA ILE A 541 -4.39 24.93 5.13
C ILE A 541 -4.51 24.50 3.66
N PRO A 542 -5.33 23.48 3.38
CA PRO A 542 -5.43 23.04 1.97
C PRO A 542 -6.14 24.00 1.07
N SER A 543 -5.76 24.01 -0.20
CA SER A 543 -6.62 24.56 -1.24
C SER A 543 -7.30 23.38 -1.92
N GLN A 544 -8.61 23.53 -2.14
CA GLN A 544 -9.50 22.46 -2.51
C GLN A 544 -10.29 22.78 -3.79
N VAL A 545 -10.50 21.73 -4.58
CA VAL A 545 -11.52 21.68 -5.61
C VAL A 545 -12.50 20.52 -5.33
N VAL A 546 -13.76 20.83 -5.05
CA VAL A 546 -14.75 19.79 -4.74
C VAL A 546 -14.95 18.95 -6.01
N SER A 547 -14.85 19.65 -7.12
CA SER A 547 -15.60 19.25 -8.26
C SER A 547 -14.97 19.64 -9.55
N PHE A 548 -14.69 18.67 -10.40
CA PHE A 548 -14.00 19.00 -11.62
C PHE A 548 -14.30 18.05 -12.80
N PRO A 549 -14.61 18.60 -13.99
CA PRO A 549 -14.87 20.01 -14.28
C PRO A 549 -16.17 20.43 -13.62
C2 BGC B . -2.24 17.55 12.36
C3 BGC B . -1.58 18.50 11.53
C4 BGC B . -2.52 19.46 10.88
C5 BGC B . -3.61 20.02 11.83
C6 BGC B . -4.62 20.47 11.05
C1 BGC B . -3.11 18.15 13.36
O1 BGC B . -3.71 17.18 14.14
O2 BGC B . -1.25 16.77 13.08
O3 BGC B . -0.80 17.77 10.50
O4 BGC B . -1.87 20.53 10.16
O5 BGC B . -4.14 18.89 12.67
O6 BGC B . -5.86 20.58 11.64
C2 BGC B . 1.23 17.24 9.39
C3 BGC B . 2.60 17.56 9.15
C4 BGC B . 2.81 19.02 8.93
C5 BGC B . 2.12 19.90 10.01
C6 BGC B . 2.07 21.24 9.75
C1 BGC B . 0.58 18.05 10.43
O2 BGC B . 1.04 15.83 9.73
O3 BGC B . 2.97 16.80 7.92
O4 BGC B . 4.21 19.30 8.94
O5 BGC B . 0.69 19.43 10.09
O6 BGC B . 1.73 22.04 10.85
C2 BGC B . 4.27 15.11 6.82
C3 BGC B . 5.56 14.58 6.54
C4 BGC B . 6.53 15.66 6.33
C5 BGC B . 6.61 16.57 7.62
C6 BGC B . 7.47 17.60 7.48
C1 BGC B . 4.23 16.15 7.91
O2 BGC B . 3.41 14.04 7.25
O3 BGC B . 5.42 13.74 5.30
O4 BGC B . 7.82 15.28 5.95
O5 BGC B . 5.23 17.15 7.65
O6 BGC B . 7.30 18.73 8.31
C2 BGC B . 5.88 11.69 4.13
C3 BGC B . 6.72 10.49 4.08
C4 BGC B . 8.04 10.70 4.75
C5 BGC B . 7.88 11.21 6.21
C6 BGC B . 9.04 11.47 6.89
C1 BGC B . 5.81 12.40 5.44
O2 BGC B . 4.50 11.42 3.69
O3 BGC B . 7.01 10.10 2.67
O4 BGC B . 8.97 9.64 4.71
O5 BGC B . 7.10 12.51 6.04
O6 BGC B . 9.86 12.45 6.35
C2 BGC C . -1.05 0.71 23.46
C3 BGC C . -2.49 0.91 23.95
C4 BGC C . -2.96 -0.11 25.00
C5 BGC C . -1.88 -0.59 26.00
C6 BGC C . -2.32 -1.97 26.50
C1 BGC C . -0.12 0.39 24.65
O2 BGC C . -0.51 1.83 22.72
O3 BGC C . -3.41 0.87 22.88
O4 BGC C . -4.08 0.35 25.73
O5 BGC C . -0.63 -0.73 25.38
O6 BGC C . -1.59 -2.37 27.64
C1 EDO D . 16.72 -4.45 2.36
O1 EDO D . 15.68 -4.12 1.43
C2 EDO D . 16.85 -3.25 3.28
O2 EDO D . 15.78 -3.21 4.24
H11 EDO D . 17.65 -4.63 1.83
H12 EDO D . 16.46 -5.34 2.93
HO1 EDO D . 15.88 -4.56 0.59
H21 EDO D . 16.85 -2.33 2.69
H22 EDO D . 17.81 -3.30 3.81
HO2 EDO D . 15.86 -2.41 4.77
C1 EDO E . 8.96 17.14 -9.07
O1 EDO E . 7.87 16.26 -9.40
C2 EDO E . 8.47 18.48 -8.49
O2 EDO E . 7.57 19.17 -9.39
H11 EDO E . 9.53 17.35 -9.98
H12 EDO E . 9.63 16.66 -8.36
HO1 EDO E . 8.15 15.34 -9.30
H21 EDO E . 9.32 19.13 -8.27
H22 EDO E . 7.96 18.29 -7.55
HO2 EDO E . 7.17 19.92 -8.93
C1 EDO F . 14.68 -4.08 -18.97
O1 EDO F . 13.93 -5.28 -18.67
C2 EDO F . 13.71 -2.95 -19.22
O2 EDO F . 12.44 -3.46 -19.67
H11 EDO F . 15.32 -4.24 -19.84
H12 EDO F . 15.31 -3.81 -18.12
HO1 EDO F . 14.42 -5.81 -18.02
H21 EDO F . 14.14 -2.28 -19.97
H22 EDO F . 13.57 -2.37 -18.31
HO2 EDO F . 11.81 -2.74 -19.80
N GLU A 1 10.65 -31.14 -11.36
CA GLU A 1 12.00 -31.10 -10.80
C GLU A 1 12.16 -30.12 -9.61
N VAL A 2 11.23 -29.18 -9.38
CA VAL A 2 11.16 -28.43 -8.08
C VAL A 2 9.88 -28.60 -7.30
N VAL A 3 10.10 -28.82 -6.01
CA VAL A 3 9.13 -29.43 -5.13
C VAL A 3 8.39 -28.43 -4.26
N GLY A 4 7.09 -28.49 -4.35
CA GLY A 4 6.27 -27.55 -3.64
C GLY A 4 6.23 -27.87 -2.15
N GLY A 5 6.16 -26.86 -1.29
CA GLY A 5 5.90 -27.12 0.11
C GLY A 5 7.08 -27.20 1.10
N GLY A 6 6.80 -27.67 2.31
CA GLY A 6 7.80 -27.72 3.36
C GLY A 6 7.83 -26.47 4.22
N ASP A 7 9.00 -26.20 4.81
CA ASP A 7 9.11 -25.34 5.98
C ASP A 7 9.29 -23.89 5.63
N LEU A 8 9.06 -23.02 6.60
CA LEU A 8 8.90 -21.62 6.35
C LEU A 8 10.12 -20.86 6.86
N GLY A 9 11.04 -21.58 7.50
CA GLY A 9 12.35 -21.02 7.82
C GLY A 9 12.43 -20.36 9.20
N PRO A 10 13.45 -19.52 9.41
CA PRO A 10 13.71 -18.97 10.73
C PRO A 10 13.00 -17.64 11.05
N ASN A 11 12.41 -17.01 10.05
CA ASN A 11 11.81 -15.69 10.23
C ASN A 11 10.28 -15.71 10.31
N VAL A 12 9.71 -16.91 10.35
CA VAL A 12 8.31 -17.05 10.67
C VAL A 12 8.16 -17.69 12.06
N LEU A 13 7.81 -16.85 13.05
CA LEU A 13 7.39 -17.31 14.38
C LEU A 13 5.95 -17.76 14.36
N VAL A 14 5.78 -19.06 14.51
CA VAL A 14 4.47 -19.65 14.74
C VAL A 14 4.22 -19.85 16.23
N PHE A 15 3.06 -19.36 16.67
CA PHE A 15 2.61 -19.46 18.05
C PHE A 15 1.33 -20.32 18.19
N ASP A 16 1.09 -20.90 19.36
CA ASP A 16 -0.30 -21.26 19.69
C ASP A 16 -0.57 -20.99 21.19
N PRO A 17 -1.84 -20.81 21.61
CA PRO A 17 -2.16 -20.38 22.98
C PRO A 17 -1.51 -21.28 23.99
N SER A 18 -1.48 -22.55 23.61
CA SER A 18 -0.73 -23.52 24.38
C SER A 18 0.81 -23.35 24.29
N THR A 19 1.31 -22.42 23.47
CA THR A 19 2.75 -22.08 23.40
C THR A 19 3.25 -21.10 24.47
N PRO A 20 4.21 -21.51 25.33
CA PRO A 20 4.74 -20.68 26.42
C PRO A 20 5.47 -19.36 26.01
N ASP A 21 5.60 -18.47 27.00
CA ASP A 21 5.92 -17.03 26.80
C ASP A 21 5.83 -16.45 25.37
N ILE A 22 4.63 -16.56 24.81
CA ILE A 22 4.23 -15.84 23.62
C ILE A 22 4.57 -14.38 23.79
N GLN A 23 4.06 -13.78 24.84
CA GLN A 23 4.26 -12.35 25.02
C GLN A 23 5.76 -12.07 25.07
N GLY A 24 6.50 -12.95 25.74
CA GLY A 24 7.94 -12.84 25.82
C GLY A 24 8.49 -12.87 24.42
N LYS A 25 8.12 -13.91 23.68
CA LYS A 25 8.63 -14.09 22.33
C LYS A 25 8.32 -12.92 21.41
N VAL A 26 7.02 -12.60 21.30
CA VAL A 26 6.59 -11.47 20.48
C VAL A 26 7.33 -10.21 20.90
N ASP A 27 7.52 -10.07 22.22
CA ASP A 27 8.28 -8.96 22.79
C ASP A 27 9.80 -9.02 22.51
N GLU A 28 10.33 -10.07 21.91
CA GLU A 28 11.77 -10.10 21.71
C GLU A 28 12.01 -9.52 20.28
N VAL A 29 11.02 -9.71 19.43
CA VAL A 29 11.06 -9.24 18.03
C VAL A 29 10.88 -7.71 18.00
N PHE A 30 9.99 -7.20 18.84
CA PHE A 30 9.68 -5.77 18.79
C PHE A 30 10.84 -4.89 19.29
N ARG A 31 11.30 -5.13 20.51
CA ARG A 31 12.55 -4.53 21.02
C ARG A 31 13.59 -4.26 19.88
N LYS A 32 13.79 -5.25 19.01
CA LYS A 32 14.82 -5.14 17.97
C LYS A 32 14.41 -4.44 16.67
N GLN A 33 13.12 -4.26 16.45
CA GLN A 33 12.61 -3.84 15.14
C GLN A 33 11.80 -2.57 15.24
N GLU A 34 11.53 -2.20 16.48
CA GLU A 34 10.91 -0.94 16.81
C GLU A 34 11.57 0.23 16.06
N SER A 35 12.89 0.36 16.12
CA SER A 35 13.59 1.51 15.48
C SER A 35 14.35 1.09 14.22
N ASN A 36 14.16 -0.16 13.81
CA ASN A 36 14.98 -0.80 12.77
C ASN A 36 14.53 -0.45 11.34
N GLN A 37 14.60 0.83 11.02
CA GLN A 37 13.84 1.34 9.87
C GLN A 37 14.36 0.83 8.54
N PHE A 38 15.68 0.61 8.45
CA PHE A 38 16.32 0.24 7.22
C PHE A 38 17.11 -1.06 7.28
N GLY A 39 17.10 -1.78 8.40
CA GLY A 39 17.72 -3.08 8.49
C GLY A 39 17.14 -4.11 7.53
N THR A 40 17.84 -5.22 7.37
CA THR A 40 17.38 -6.28 6.47
C THR A 40 16.70 -7.44 7.20
N ASP A 41 16.51 -7.29 8.50
CA ASP A 41 15.75 -8.28 9.27
C ASP A 41 14.24 -8.22 8.91
N ARG A 42 13.59 -9.37 8.91
CA ARG A 42 12.20 -9.52 8.47
C ARG A 42 11.54 -10.58 9.36
N TYR A 43 10.30 -10.35 9.80
CA TYR A 43 9.60 -11.34 10.60
C TYR A 43 8.11 -11.41 10.24
N ALA A 44 7.57 -12.62 10.22
CA ALA A 44 6.12 -12.81 10.24
C ALA A 44 5.78 -13.56 11.52
N LEU A 45 4.88 -12.96 12.32
CA LEU A 45 4.30 -13.61 13.50
C LEU A 45 2.95 -14.21 13.14
N MET A 46 2.86 -15.54 13.20
CA MET A 46 1.69 -16.24 12.72
C MET A 46 1.02 -17.01 13.89
N PHE A 47 -0.25 -16.72 14.17
CA PHE A 47 -0.99 -17.34 15.28
C PHE A 47 -2.01 -18.36 14.82
N LYS A 48 -1.81 -19.61 15.25
CA LYS A 48 -2.79 -20.65 14.98
C LYS A 48 -4.02 -20.33 15.80
N PRO A 49 -5.19 -20.78 15.32
CA PRO A 49 -6.48 -20.41 15.89
C PRO A 49 -6.64 -20.84 17.33
N GLY A 50 -7.47 -20.07 18.02
CA GLY A 50 -7.70 -20.22 19.44
C GLY A 50 -7.76 -18.87 20.13
N THR A 51 -7.70 -18.92 21.45
CA THR A 51 -7.87 -17.73 22.26
C THR A 51 -6.60 -17.49 23.04
N TYR A 52 -6.14 -16.25 22.98
CA TYR A 52 -4.93 -15.79 23.64
C TYR A 52 -5.20 -14.66 24.65
N ASN A 53 -4.82 -14.85 25.90
CA ASN A 53 -4.94 -13.80 26.93
C ASN A 53 -3.66 -12.99 27.17
N ASP A 54 -3.83 -11.81 27.79
CA ASP A 54 -2.68 -11.05 28.36
C ASP A 54 -1.58 -10.84 27.33
N ILE A 55 -1.98 -10.33 26.17
CA ILE A 55 -1.02 -10.12 25.08
C ILE A 55 -1.10 -8.70 24.59
N ASN A 56 0.08 -8.10 24.57
CA ASN A 56 0.36 -6.80 23.97
C ASN A 56 1.31 -7.05 22.83
N ALA A 57 0.79 -7.24 21.62
CA ALA A 57 1.66 -7.51 20.48
C ALA A 57 2.02 -6.17 19.82
N GLN A 58 3.14 -5.62 20.24
CA GLN A 58 3.65 -4.36 19.67
C GLN A 58 4.47 -4.61 18.40
N ILE A 59 4.02 -4.01 17.32
CA ILE A 59 4.55 -4.30 15.98
C ILE A 59 5.50 -3.21 15.54
N GLY A 60 6.74 -3.61 15.23
CA GLY A 60 7.76 -2.70 14.74
C GLY A 60 7.95 -2.81 13.24
N PHE A 61 9.10 -2.32 12.74
CA PHE A 61 9.34 -2.41 11.29
C PHE A 61 9.38 -3.86 10.79
N TYR A 62 9.11 -4.02 9.49
CA TYR A 62 9.19 -5.29 8.75
C TYR A 62 8.64 -6.49 9.51
N THR A 63 7.49 -6.30 10.11
CA THR A 63 6.84 -7.32 10.92
C THR A 63 5.38 -7.39 10.46
N SER A 64 4.98 -8.59 10.03
CA SER A 64 3.56 -8.92 9.77
C SER A 64 3.05 -9.75 10.94
N ILE A 65 1.78 -9.57 11.26
CA ILE A 65 1.15 -10.40 12.25
C ILE A 65 -0.21 -10.83 11.67
N ALA A 66 -0.55 -12.09 11.86
CA ALA A 66 -1.71 -12.67 11.22
C ALA A 66 -2.26 -13.89 11.96
N GLY A 67 -3.57 -14.08 11.85
CA GLY A 67 -4.22 -15.31 12.26
C GLY A 67 -4.25 -16.32 11.12
N LEU A 68 -4.17 -17.59 11.50
CA LEU A 68 -4.14 -18.72 10.59
C LEU A 68 -5.47 -19.46 10.63
N GLY A 69 -6.48 -18.81 11.20
CA GLY A 69 -7.84 -19.25 10.97
C GLY A 69 -8.17 -19.04 9.53
N LEU A 70 -9.15 -19.79 9.01
CA LEU A 70 -9.83 -19.39 7.77
C LEU A 70 -10.82 -18.24 7.95
N ASN A 71 -11.02 -17.78 9.18
CA ASN A 71 -11.96 -16.70 9.45
C ASN A 71 -11.42 -15.85 10.59
N PRO A 72 -11.62 -14.52 10.56
CA PRO A 72 -10.86 -13.75 11.56
C PRO A 72 -11.20 -14.02 13.07
N ASP A 73 -12.43 -14.23 13.42
CA ASP A 73 -12.75 -14.57 14.82
C ASP A 73 -12.31 -16.00 15.22
N ASP A 74 -11.68 -16.73 14.29
CA ASP A 74 -11.01 -18.00 14.59
C ASP A 74 -9.80 -17.79 15.52
N THR A 75 -9.19 -16.61 15.43
CA THR A 75 -7.98 -16.33 16.16
C THR A 75 -8.18 -15.03 16.92
N THR A 76 -8.55 -15.21 18.18
CA THR A 76 -8.98 -14.10 19.01
C THR A 76 -7.96 -13.72 20.06
N PHE A 77 -7.60 -12.44 20.10
CA PHE A 77 -6.70 -11.89 21.12
C PHE A 77 -7.55 -11.13 22.13
N ASN A 78 -7.51 -11.58 23.38
CA ASN A 78 -7.98 -10.75 24.47
C ASN A 78 -6.80 -9.92 24.83
N GLY A 79 -6.64 -8.85 24.08
CA GLY A 79 -5.40 -8.14 23.98
C GLY A 79 -5.38 -7.28 22.74
N ASP A 80 -4.19 -6.83 22.39
CA ASP A 80 -4.05 -5.75 21.41
C ASP A 80 -2.95 -6.10 20.40
N VAL A 81 -3.08 -5.50 19.23
CA VAL A 81 -2.02 -5.43 18.24
C VAL A 81 -1.70 -3.92 18.08
N THR A 82 -0.58 -3.53 18.65
CA THR A 82 -0.28 -2.13 18.89
C THR A 82 0.80 -1.62 17.94
N VAL A 83 0.53 -0.48 17.34
CA VAL A 83 1.56 0.35 16.72
C VAL A 83 1.50 1.71 17.40
N ASP A 84 2.59 2.11 18.03
CA ASP A 84 2.69 3.45 18.60
C ASP A 84 4.06 3.98 18.16
N ALA A 85 4.33 5.24 18.48
CA ALA A 85 5.47 5.94 17.94
C ALA A 85 6.50 6.19 19.03
N GLY A 86 6.72 5.19 19.87
CA GLY A 86 7.67 5.34 20.98
C GLY A 86 9.10 5.66 20.58
N TRP A 87 9.63 4.91 19.62
CA TRP A 87 11.01 5.07 19.15
C TRP A 87 11.23 6.51 18.64
N PHE A 88 10.13 7.20 18.28
CA PHE A 88 10.21 8.49 17.60
C PHE A 88 9.52 9.63 18.33
N ASP A 89 9.38 9.49 19.65
CA ASP A 89 9.12 10.63 20.48
C ASP A 89 7.71 11.16 20.16
N GLY A 90 6.88 10.26 19.66
CA GLY A 90 5.48 10.55 19.39
C GLY A 90 5.13 10.87 17.95
N ASN A 91 6.12 11.01 17.08
CA ASN A 91 5.89 11.29 15.68
C ASN A 91 5.71 9.94 14.96
N ALA A 92 4.56 9.73 14.33
CA ALA A 92 4.23 8.42 13.71
C ALA A 92 4.46 8.39 12.20
N THR A 93 5.06 9.45 11.66
CA THR A 93 5.18 9.58 10.21
C THR A 93 6.33 8.78 9.59
N GLN A 94 7.03 8.00 10.40
CA GLN A 94 8.00 7.03 9.91
C GLN A 94 7.57 5.58 10.25
N ASN A 95 6.31 5.39 10.66
CA ASN A 95 5.82 4.05 11.06
C ASN A 95 5.39 3.22 9.84
N PHE A 96 6.38 2.73 9.09
CA PHE A 96 6.15 2.04 7.81
C PHE A 96 6.37 0.53 7.88
N TRP A 97 5.99 -0.14 6.78
CA TRP A 97 6.39 -1.53 6.44
C TRP A 97 6.05 -2.58 7.48
N ARG A 98 4.77 -2.68 7.78
CA ARG A 98 4.31 -3.71 8.70
C ARG A 98 2.84 -4.01 8.38
N SER A 99 2.31 -5.09 8.92
CA SER A 99 0.91 -5.44 8.60
C SER A 99 0.21 -6.23 9.67
N ALA A 100 -1.11 -6.17 9.65
CA ALA A 100 -1.95 -7.05 10.48
C ALA A 100 -3.08 -7.58 9.65
N GLU A 101 -3.32 -8.90 9.71
CA GLU A 101 -4.44 -9.48 9.01
C GLU A 101 -5.07 -10.65 9.81
N ASN A 102 -6.39 -10.77 9.66
CA ASN A 102 -7.10 -12.03 9.94
C ASN A 102 -7.04 -12.43 11.41
N LEU A 103 -7.24 -11.41 12.26
CA LEU A 103 -7.36 -11.55 13.71
C LEU A 103 -8.62 -10.85 14.27
N ALA A 104 -9.11 -11.37 15.40
CA ALA A 104 -10.15 -10.70 16.21
C ALA A 104 -9.55 -10.18 17.54
N LEU A 105 -9.66 -8.87 17.75
CA LEU A 105 -9.14 -8.20 18.93
C LEU A 105 -10.22 -7.70 19.90
N ASN A 106 -9.96 -7.95 21.19
CA ASN A 106 -10.79 -7.54 22.32
C ASN A 106 -9.82 -6.72 23.16
N PRO A 107 -9.61 -5.45 22.77
CA PRO A 107 -8.50 -4.63 23.32
C PRO A 107 -8.75 -4.29 24.79
N VAL A 108 -7.66 -4.11 25.54
CA VAL A 108 -7.67 -4.18 26.98
C VAL A 108 -8.53 -3.11 27.64
N ASN A 109 -8.45 -1.89 27.14
CA ASN A 109 -9.23 -0.77 27.69
C ASN A 109 -10.34 -0.42 26.73
N GLY A 110 -10.66 -1.35 25.83
CA GLY A 110 -11.74 -1.15 24.89
C GLY A 110 -11.38 -0.59 23.54
N THR A 111 -10.11 -0.24 23.31
CA THR A 111 -9.71 0.45 22.08
C THR A 111 -8.27 0.14 21.67
N ASN A 112 -8.11 -0.37 20.45
CA ASN A 112 -6.84 -0.80 19.95
C ASN A 112 -6.13 0.40 19.25
N ARG A 113 -4.83 0.52 19.45
CA ARG A 113 -4.05 1.52 18.70
C ARG A 113 -3.25 0.97 17.52
N TRP A 114 -3.49 1.53 16.32
CA TRP A 114 -2.73 1.23 15.08
C TRP A 114 -2.28 2.57 14.45
N ALA A 115 -1.21 3.14 15.01
CA ALA A 115 -0.81 4.52 14.72
C ALA A 115 0.25 4.55 13.66
N VAL A 116 -0.16 4.21 12.46
CA VAL A 116 0.78 3.96 11.40
C VAL A 116 0.77 5.06 10.33
N SER A 117 1.77 5.01 9.48
CA SER A 117 1.77 5.81 8.29
C SER A 117 1.73 4.88 7.07
N GLN A 118 2.54 5.11 6.04
CA GLN A 118 2.39 4.37 4.81
C GLN A 118 2.88 2.90 4.86
N ALA A 119 2.28 2.08 4.02
CA ALA A 119 2.64 0.67 3.85
C ALA A 119 2.45 -0.08 5.17
N ALA A 120 1.32 0.15 5.80
CA ALA A 120 1.01 -0.51 7.07
C ALA A 120 -0.45 -1.03 7.09
N PRO A 121 -0.78 -1.92 6.15
CA PRO A 121 -2.18 -2.31 5.97
C PRO A 121 -2.73 -3.15 7.14
N PHE A 122 -4.03 -3.01 7.29
CA PHE A 122 -4.86 -3.58 8.36
C PHE A 122 -6.01 -4.23 7.58
N ARG A 123 -5.94 -5.55 7.43
CA ARG A 123 -6.89 -6.28 6.57
C ARG A 123 -7.58 -7.43 7.32
N ARG A 124 -8.86 -7.68 7.02
CA ARG A 124 -9.56 -8.87 7.50
C ARG A 124 -9.53 -8.96 9.03
N MET A 125 -9.66 -7.79 9.64
CA MET A 125 -9.62 -7.67 11.09
C MET A 125 -11.02 -7.46 11.70
N HIS A 126 -11.19 -8.00 12.90
CA HIS A 126 -12.40 -7.76 13.68
C HIS A 126 -12.09 -7.18 15.06
N VAL A 127 -12.24 -5.86 15.19
CA VAL A 127 -11.92 -5.15 16.43
C VAL A 127 -13.21 -5.03 17.23
N LYS A 128 -13.25 -5.77 18.33
CA LYS A 128 -14.41 -5.75 19.20
C LYS A 128 -14.29 -4.57 20.15
N GLY A 129 -14.22 -3.37 19.59
CA GLY A 129 -14.14 -2.17 20.41
C GLY A 129 -13.76 -1.08 19.44
N GLY A 130 -13.02 -0.12 19.96
CA GLY A 130 -12.57 1.01 19.17
C GLY A 130 -11.21 0.82 18.53
N LEU A 131 -10.95 1.69 17.56
CA LEU A 131 -9.68 1.68 16.84
C LEU A 131 -9.15 3.12 16.78
N ASN A 132 -8.05 3.35 17.47
CA ASN A 132 -7.33 4.63 17.48
C ASN A 132 -6.23 4.53 16.45
N LEU A 133 -6.21 5.46 15.49
CA LEU A 133 -5.17 5.47 14.43
C LEU A 133 -4.04 6.48 14.69
N ALA A 134 -4.04 7.05 15.88
CA ALA A 134 -3.09 8.09 16.25
C ALA A 134 -2.14 7.68 17.37
N PRO A 135 -0.90 8.20 17.34
CA PRO A 135 -0.02 7.97 18.47
C PRO A 135 -0.54 8.68 19.70
N ASP A 136 -0.13 8.14 20.83
CA ASP A 136 -0.46 8.70 22.12
C ASP A 136 0.20 10.12 22.14
N GLY A 137 -0.59 11.19 22.26
CA GLY A 137 -0.11 12.58 22.25
C GLY A 137 -0.38 13.35 20.95
N TYR A 138 -1.04 12.64 20.02
CA TYR A 138 -1.60 13.23 18.79
C TYR A 138 -0.51 13.91 17.99
N GLY A 139 0.63 13.24 17.97
CA GLY A 139 1.69 13.65 17.08
C GLY A 139 1.31 13.35 15.63
N TRP A 140 2.21 13.69 14.74
CA TRP A 140 1.90 13.65 13.34
C TRP A 140 1.82 12.21 12.83
N ALA A 141 1.00 12.04 11.81
CA ALA A 141 0.74 10.73 11.22
C ALA A 141 0.11 10.91 9.84
N SER A 142 0.49 10.04 8.89
CA SER A 142 -0.04 10.08 7.54
C SER A 142 -0.23 8.68 6.97
N GLY A 143 -1.21 7.96 7.50
CA GLY A 143 -1.62 6.67 6.94
C GLY A 143 -2.50 6.88 5.71
N GLY A 144 -3.32 5.90 5.37
CA GLY A 144 -3.40 4.63 6.04
C GLY A 144 -4.43 3.82 5.29
N TYR A 145 -4.57 2.55 5.65
CA TYR A 145 -5.31 1.60 4.82
C TYR A 145 -5.94 0.50 5.62
N ILE A 146 -7.27 0.47 5.52
CA ILE A 146 -8.10 -0.57 6.14
C ILE A 146 -9.00 -1.17 5.06
N ALA A 147 -8.99 -2.50 5.00
CA ALA A 147 -9.87 -3.23 4.11
C ALA A 147 -10.45 -4.47 4.74
N ASP A 148 -11.69 -4.74 4.38
CA ASP A 148 -12.32 -6.01 4.73
C ASP A 148 -12.36 -6.24 6.24
N SER A 149 -12.59 -5.15 6.95
CA SER A 149 -12.52 -5.13 8.40
C SER A 149 -13.83 -4.71 9.06
N LYS A 150 -14.09 -5.29 10.23
CA LYS A 150 -15.21 -4.83 11.05
C LYS A 150 -14.66 -4.21 12.34
N ILE A 151 -15.01 -2.94 12.56
CA ILE A 151 -14.69 -2.24 13.82
C ILE A 151 -16.04 -2.08 14.53
N ASP A 152 -16.24 -2.81 15.63
CA ASP A 152 -17.50 -2.70 16.36
C ASP A 152 -17.77 -1.27 16.82
N GLY A 153 -16.74 -0.56 17.25
CA GLY A 153 -16.91 0.76 17.83
C GLY A 153 -16.47 1.88 16.90
N GLU A 154 -15.98 2.96 17.51
CA GLU A 154 -15.54 4.14 16.80
C GLU A 154 -14.11 3.98 16.25
N VAL A 155 -13.91 4.32 14.98
CA VAL A 155 -12.56 4.56 14.47
C VAL A 155 -12.21 6.05 14.59
N GLY A 156 -11.10 6.35 15.26
CA GLY A 156 -10.68 7.73 15.53
C GLY A 156 -9.33 8.05 14.94
N PRO A 157 -9.32 8.82 13.83
CA PRO A 157 -8.05 9.11 13.19
C PRO A 157 -7.27 10.14 14.00
N TYR A 158 -8.01 11.10 14.54
CA TYR A 158 -7.46 12.22 15.34
C TYR A 158 -6.52 13.08 14.46
N SER A 159 -5.23 12.92 14.63
CA SER A 159 -4.26 13.72 13.86
C SER A 159 -3.86 13.07 12.52
N GLN A 160 -4.37 11.88 12.20
CA GLN A 160 -4.14 11.35 10.85
C GLN A 160 -4.55 12.33 9.76
N GLN A 161 -3.62 12.65 8.87
CA GLN A 161 -3.91 13.57 7.79
C GLN A 161 -4.99 13.08 6.85
N GLN A 162 -4.88 11.82 6.52
CA GLN A 162 -5.71 11.23 5.50
C GLN A 162 -5.84 9.72 5.77
N TRP A 163 -6.80 9.10 5.11
CA TRP A 163 -7.04 7.67 5.33
C TRP A 163 -7.92 7.07 4.22
N TYR A 164 -7.67 5.80 3.91
CA TYR A 164 -8.54 5.05 3.04
C TYR A 164 -9.10 3.79 3.68
N THR A 165 -10.41 3.69 3.60
CA THR A 165 -11.12 2.51 4.08
C THR A 165 -12.02 1.94 2.97
N ARG A 166 -11.95 0.63 2.77
CA ARG A 166 -12.85 -0.03 1.82
C ARG A 166 -13.47 -1.32 2.33
N ASP A 167 -14.71 -1.55 1.86
CA ASP A 167 -15.39 -2.82 2.01
C ASP A 167 -15.28 -3.35 3.43
N SER A 168 -15.86 -2.57 4.32
CA SER A 168 -15.69 -2.74 5.76
C SER A 168 -16.95 -2.33 6.51
N SER A 169 -16.91 -2.51 7.83
CA SER A 169 -18.00 -2.06 8.71
C SER A 169 -17.38 -1.31 9.88
N VAL A 170 -17.91 -0.14 10.17
CA VAL A 170 -17.51 0.59 11.38
C VAL A 170 -18.73 1.00 12.27
N GLY A 171 -18.51 1.04 13.57
CA GLY A 171 -19.50 1.54 14.50
C GLY A 171 -19.55 3.06 14.60
N GLY A 172 -18.40 3.68 14.35
CA GLY A 172 -18.19 5.10 14.55
C GLY A 172 -16.95 5.60 13.84
N TRP A 173 -16.98 6.87 13.43
CA TRP A 173 -15.86 7.53 12.75
C TRP A 173 -15.80 8.97 13.26
N GLY A 174 -14.79 9.30 14.05
CA GLY A 174 -14.79 10.52 14.83
C GLY A 174 -14.52 11.80 14.07
N ASN A 175 -13.61 11.80 13.08
CA ASN A 175 -13.20 13.08 12.46
C ASN A 175 -12.45 12.87 11.15
N GLY A 176 -12.20 13.98 10.45
CA GLY A 176 -11.25 14.04 9.36
C GLY A 176 -10.29 15.21 9.58
N VAL A 177 -9.22 15.23 8.78
CA VAL A 177 -8.21 16.29 8.85
C VAL A 177 -8.15 16.90 7.45
N TRP A 178 -7.45 16.22 6.54
CA TRP A 178 -7.40 16.60 5.12
C TRP A 178 -8.21 15.69 4.14
N ASN A 179 -8.19 14.35 4.35
CA ASN A 179 -8.89 13.47 3.42
C ASN A 179 -9.06 12.02 3.87
N MET A 180 -10.23 11.76 4.42
CA MET A 180 -10.54 10.43 4.92
C MET A 180 -11.57 9.91 3.90
N THR A 181 -11.15 8.97 3.04
CA THR A 181 -11.98 8.46 1.95
C THR A 181 -12.47 7.04 2.23
N PHE A 182 -13.71 6.78 1.84
CA PHE A 182 -14.41 5.51 2.06
C PHE A 182 -15.02 4.97 0.76
N SER A 183 -14.85 3.67 0.49
CA SER A 183 -15.69 3.03 -0.52
C SER A 183 -16.24 1.68 -0.01
N GLY A 184 -17.56 1.49 -0.12
CA GLY A 184 -18.17 0.25 0.37
C GLY A 184 -18.08 0.02 1.87
N VAL A 185 -18.07 1.10 2.63
CA VAL A 185 -17.92 1.01 4.07
C VAL A 185 -19.26 1.24 4.79
N GLU A 186 -19.85 0.16 5.25
CA GLU A 186 -21.04 0.27 6.11
C GLU A 186 -20.67 1.07 7.35
N GLY A 187 -21.45 2.10 7.59
CA GLY A 187 -21.22 2.97 8.75
C GLY A 187 -20.35 4.18 8.44
N ALA A 188 -19.83 4.31 7.22
CA ALA A 188 -19.03 5.50 6.90
C ALA A 188 -19.83 6.77 7.12
N PRO A 189 -19.14 7.86 7.50
CA PRO A 189 -19.77 9.17 7.64
C PRO A 189 -20.10 9.66 6.23
N ALA A 190 -21.14 10.49 6.10
CA ALA A 190 -21.64 10.87 4.77
C ALA A 190 -20.69 11.80 4.02
N GLN A 191 -20.75 11.70 2.69
CA GLN A 191 -20.10 12.66 1.80
C GLN A 191 -20.35 14.07 2.26
N SER A 192 -19.28 14.83 2.44
CA SER A 192 -19.38 16.12 3.11
C SER A 192 -18.22 17.09 2.76
N PHE A 193 -17.30 16.66 1.90
CA PHE A 193 -16.13 17.45 1.51
C PHE A 193 -16.71 18.76 0.96
N PRO A 194 -16.19 19.93 1.41
CA PRO A 194 -15.09 20.21 2.34
C PRO A 194 -15.30 19.86 3.83
N GLU A 195 -16.47 20.15 4.37
CA GLU A 195 -16.61 20.05 5.83
C GLU A 195 -17.44 18.91 6.40
N PRO A 196 -16.79 17.93 7.05
CA PRO A 196 -15.37 17.54 7.07
C PRO A 196 -14.96 17.00 5.70
N PRO A 197 -13.67 16.77 5.48
CA PRO A 197 -13.25 16.22 4.21
C PRO A 197 -13.55 14.74 4.17
N TYR A 198 -14.78 14.41 3.83
CA TYR A 198 -15.22 13.03 3.68
C TYR A 198 -15.62 12.81 2.23
N THR A 199 -14.91 11.88 1.60
CA THR A 199 -15.25 11.42 0.27
C THR A 199 -15.79 10.00 0.41
N THR A 200 -17.08 9.85 0.15
CA THR A 200 -17.78 8.61 0.55
C THR A 200 -18.49 7.98 -0.61
N LEU A 201 -17.94 6.86 -1.05
CA LEU A 201 -18.51 6.06 -2.14
C LEU A 201 -19.27 4.81 -1.60
N GLU A 202 -20.42 4.55 -2.23
CA GLU A 202 -21.37 3.57 -1.74
C GLU A 202 -20.78 2.18 -1.86
N THR A 203 -20.15 1.93 -2.99
CA THR A 203 -19.55 0.66 -3.30
C THR A 203 -18.16 0.83 -3.91
N THR A 204 -17.39 -0.24 -3.86
CA THR A 204 -16.08 -0.35 -4.51
C THR A 204 -16.20 -1.06 -5.84
N PRO A 205 -16.01 -0.34 -6.97
CA PRO A 205 -16.46 -0.86 -8.26
C PRO A 205 -16.03 -2.31 -8.47
N VAL A 206 -14.81 -2.59 -8.00
CA VAL A 206 -14.32 -3.93 -7.96
C VAL A 206 -13.24 -4.05 -6.88
N SER A 207 -13.28 -5.18 -6.23
CA SER A 207 -12.25 -5.56 -5.27
C SER A 207 -12.11 -7.08 -5.21
N ARG A 208 -10.93 -7.51 -4.75
CA ARG A 208 -10.68 -8.92 -4.52
C ARG A 208 -9.75 -9.05 -3.36
N GLU A 209 -10.23 -9.62 -2.26
CA GLU A 209 -9.46 -9.66 -1.04
C GLU A 209 -8.09 -10.36 -1.22
N LYS A 210 -7.09 -9.86 -0.49
CA LYS A 210 -5.70 -10.38 -0.56
C LYS A 210 -5.64 -11.86 -0.14
N PRO A 211 -5.02 -12.72 -0.97
CA PRO A 211 -4.79 -14.11 -0.53
C PRO A 211 -4.02 -14.18 0.79
N PHE A 212 -4.24 -15.22 1.58
CA PHE A 212 -3.54 -15.35 2.87
C PHE A 212 -3.39 -16.85 3.27
N LEU A 213 -2.33 -17.13 4.03
CA LEU A 213 -2.03 -18.42 4.61
C LEU A 213 -3.04 -18.79 5.73
N TYR A 214 -3.51 -20.03 5.78
CA TYR A 214 -4.41 -20.48 6.86
C TYR A 214 -4.38 -21.99 7.07
N LEU A 215 -5.04 -22.46 8.14
CA LEU A 215 -5.08 -23.89 8.45
C LEU A 215 -6.43 -24.55 8.21
N ASP A 216 -6.35 -25.63 7.44
CA ASP A 216 -7.28 -26.74 7.49
C ASP A 216 -6.46 -27.90 8.05
N GLY A 217 -6.75 -28.29 9.30
CA GLY A 217 -5.93 -29.29 10.01
C GLY A 217 -4.59 -28.78 10.55
N ASP A 218 -3.55 -29.61 10.36
CA ASP A 218 -2.10 -29.36 10.61
C ASP A 218 -1.38 -29.04 9.28
N ASP A 219 -2.20 -28.70 8.30
CA ASP A 219 -1.77 -28.41 6.93
C ASP A 219 -1.98 -26.94 6.57
N TYR A 220 -0.88 -26.25 6.36
CA TYR A 220 -0.91 -24.91 5.76
C TYR A 220 -1.67 -24.95 4.41
N LYS A 221 -2.60 -24.01 4.22
CA LYS A 221 -3.12 -23.71 2.89
C LYS A 221 -3.24 -22.19 2.67
N VAL A 222 -3.41 -21.77 1.41
CA VAL A 222 -3.67 -20.37 1.08
C VAL A 222 -5.07 -20.20 0.51
N PHE A 223 -5.84 -19.29 1.12
CA PHE A 223 -7.20 -18.98 0.66
C PHE A 223 -7.09 -17.87 -0.36
N VAL A 224 -7.86 -17.99 -1.43
CA VAL A 224 -7.77 -17.07 -2.59
C VAL A 224 -9.19 -16.56 -2.80
N PRO A 225 -9.54 -15.49 -2.07
CA PRO A 225 -10.87 -14.86 -2.18
C PRO A 225 -11.26 -14.60 -3.63
N ALA A 226 -12.52 -14.89 -3.95
CA ALA A 226 -13.08 -14.49 -5.24
C ALA A 226 -13.34 -12.99 -5.34
N LYS A 227 -13.38 -12.48 -6.57
CA LYS A 227 -13.60 -11.06 -6.79
C LYS A 227 -15.06 -10.70 -6.52
N ARG A 228 -15.24 -9.42 -6.20
CA ARG A 228 -16.53 -8.84 -5.95
C ARG A 228 -16.70 -7.60 -6.79
N THR A 229 -17.79 -7.51 -7.53
CA THR A 229 -18.15 -6.24 -8.17
C THR A 229 -19.12 -5.45 -7.29
N ASN A 230 -19.04 -4.14 -7.40
CA ASN A 230 -19.75 -3.23 -6.51
C ASN A 230 -19.76 -3.74 -5.05
N ALA A 231 -18.58 -3.95 -4.50
CA ALA A 231 -18.43 -4.46 -3.16
C ALA A 231 -18.83 -3.47 -2.08
N ARG A 232 -19.39 -4.02 -1.01
CA ARG A 232 -19.68 -3.24 0.19
C ARG A 232 -19.72 -4.14 1.40
N GLY A 233 -19.26 -3.62 2.53
CA GLY A 233 -19.16 -4.42 3.75
C GLY A 233 -18.08 -5.49 3.61
N THR A 234 -17.94 -6.34 4.63
CA THR A 234 -16.84 -7.29 4.67
C THR A 234 -17.17 -8.53 3.80
N SER A 235 -16.10 -9.22 3.38
CA SER A 235 -16.18 -10.43 2.61
C SER A 235 -16.73 -11.58 3.49
N TRP A 236 -16.55 -11.45 4.80
CA TRP A 236 -16.68 -12.57 5.74
C TRP A 236 -17.84 -12.49 6.78
N GLY A 237 -18.55 -11.37 6.83
CA GLY A 237 -19.74 -11.30 7.70
C GLY A 237 -20.62 -12.58 7.69
N ASN A 238 -20.53 -13.41 6.61
CA ASN A 238 -21.31 -14.72 6.45
C ASN A 238 -20.61 -16.08 6.08
N GLY A 239 -20.10 -16.80 7.10
CA GLY A 239 -19.24 -17.97 6.92
C GLY A 239 -18.22 -17.97 5.79
N THR A 240 -18.74 -17.92 4.57
CA THR A 240 -18.11 -18.54 3.40
C THR A 240 -17.94 -17.58 2.25
N PRO A 241 -16.99 -16.59 2.33
CA PRO A 241 -16.85 -15.80 1.08
C PRO A 241 -16.41 -16.77 -0.02
N GLU A 242 -16.67 -16.52 -1.30
CA GLU A 242 -16.09 -17.39 -2.32
C GLU A 242 -14.58 -17.32 -2.21
N GLY A 243 -14.00 -18.42 -2.67
CA GLY A 243 -12.57 -18.53 -2.77
C GLY A 243 -12.11 -19.92 -3.08
N GLU A 244 -10.80 -19.99 -3.32
CA GLU A 244 -10.10 -21.22 -3.59
C GLU A 244 -9.06 -21.41 -2.47
N SER A 245 -8.89 -22.67 -2.06
CA SER A 245 -7.95 -23.03 -0.99
C SER A 245 -6.83 -23.92 -1.56
N LEU A 246 -5.63 -23.34 -1.74
CA LEU A 246 -4.45 -24.05 -2.25
C LEU A 246 -3.62 -24.68 -1.14
N PRO A 247 -3.27 -25.97 -1.32
CA PRO A 247 -2.31 -26.56 -0.39
C PRO A 247 -0.92 -25.98 -0.57
N LEU A 248 -0.11 -26.10 0.46
CA LEU A 248 1.16 -25.44 0.50
C LEU A 248 2.05 -26.08 -0.54
N ASP A 249 1.83 -27.37 -0.76
CA ASP A 249 2.63 -28.16 -1.68
C ASP A 249 2.56 -27.64 -3.11
N GLN A 250 1.66 -26.69 -3.39
CA GLN A 250 1.55 -26.17 -4.72
C GLN A 250 2.26 -24.76 -4.83
N PHE A 251 3.04 -24.39 -3.80
CA PHE A 251 3.89 -23.20 -3.81
C PHE A 251 5.36 -23.57 -3.75
N TYR A 252 6.19 -22.93 -4.57
CA TYR A 252 7.60 -22.85 -4.24
C TYR A 252 7.72 -21.94 -3.00
N VAL A 253 8.27 -22.49 -1.94
CA VAL A 253 8.54 -21.76 -0.74
C VAL A 253 9.94 -21.18 -0.83
N VAL A 254 9.99 -19.90 -1.19
CA VAL A 254 11.25 -19.26 -1.52
C VAL A 254 11.96 -18.78 -0.24
N LYS A 255 13.21 -19.21 -0.10
CA LYS A 255 14.10 -18.82 1.00
C LYS A 255 15.37 -18.13 0.41
N PRO A 256 15.86 -17.05 1.06
CA PRO A 256 16.92 -16.13 0.57
C PRO A 256 18.04 -16.88 -0.15
N GLY A 257 18.68 -16.28 -1.15
CA GLY A 257 19.69 -17.01 -1.89
C GLY A 257 19.15 -18.02 -2.89
N ALA A 258 17.92 -17.80 -3.37
CA ALA A 258 17.33 -18.70 -4.34
C ALA A 258 17.26 -17.88 -5.61
N THR A 259 17.49 -18.50 -6.75
CA THR A 259 17.72 -17.71 -7.94
C THR A 259 16.39 -17.22 -8.56
N ALA A 260 16.47 -16.11 -9.27
CA ALA A 260 15.41 -15.77 -10.21
C ALA A 260 15.23 -16.95 -11.18
N GLU A 261 16.35 -17.55 -11.61
CA GLU A 261 16.24 -18.68 -12.52
C GLU A 261 15.44 -19.75 -11.81
N THR A 262 15.71 -19.94 -10.51
CA THR A 262 14.99 -20.95 -9.73
C THR A 262 13.49 -20.64 -9.63
N ILE A 263 13.15 -19.43 -9.27
CA ILE A 263 11.74 -19.01 -9.15
C ILE A 263 10.99 -19.27 -10.47
N ASN A 264 11.32 -18.47 -11.47
CA ASN A 264 10.83 -18.59 -12.86
C ASN A 264 10.54 -20.04 -13.35
N ALA A 265 11.43 -20.97 -13.05
CA ALA A 265 11.20 -22.39 -13.30
C ALA A 265 9.93 -22.87 -12.58
N ALA A 266 9.81 -22.57 -11.28
CA ALA A 266 8.67 -23.07 -10.55
C ALA A 266 7.34 -22.55 -11.14
N VAL A 267 7.35 -21.31 -11.67
CA VAL A 267 6.14 -20.75 -12.32
C VAL A 267 5.80 -21.53 -13.58
N ASP A 268 6.79 -21.57 -14.49
CA ASP A 268 6.87 -22.46 -15.65
C ASP A 268 6.27 -23.83 -15.37
N GLN A 269 6.71 -24.42 -14.25
CA GLN A 269 6.44 -25.82 -13.94
C GLN A 269 5.20 -26.04 -13.02
N GLY A 270 4.37 -25.01 -12.86
CA GLY A 270 3.09 -25.18 -12.21
C GLY A 270 3.02 -24.91 -10.71
N LEU A 271 3.93 -24.10 -10.18
CA LEU A 271 3.86 -23.71 -8.79
C LEU A 271 3.59 -22.23 -8.61
N HIS A 272 2.89 -21.92 -7.52
CA HIS A 272 2.70 -20.57 -7.05
C HIS A 272 3.96 -20.24 -6.29
N LEU A 273 4.04 -19.01 -5.78
CA LEU A 273 5.23 -18.56 -5.08
C LEU A 273 4.86 -17.99 -3.72
N LEU A 274 5.57 -18.46 -2.70
CA LEU A 274 5.45 -17.90 -1.37
C LEU A 274 6.79 -17.49 -0.88
N PHE A 275 6.96 -16.17 -0.72
CA PHE A 275 8.24 -15.64 -0.30
C PHE A 275 8.23 -15.54 1.21
N THR A 276 9.07 -16.36 1.84
CA THR A 276 9.28 -16.25 3.25
C THR A 276 9.97 -14.92 3.55
N PRO A 277 9.86 -14.46 4.79
CA PRO A 277 10.46 -13.17 5.11
C PRO A 277 11.95 -13.22 4.88
N GLY A 278 12.45 -12.12 4.36
CA GLY A 278 13.86 -12.04 4.00
C GLY A 278 14.05 -11.08 2.84
N VAL A 279 15.30 -10.95 2.42
CA VAL A 279 15.69 -10.02 1.37
C VAL A 279 16.34 -10.80 0.21
N TYR A 280 15.73 -10.76 -0.97
CA TYR A 280 16.20 -11.50 -2.14
C TYR A 280 16.81 -10.58 -3.20
N HIS A 281 18.07 -10.78 -3.49
CA HIS A 281 18.72 -10.06 -4.58
C HIS A 281 18.52 -10.92 -5.81
N VAL A 282 18.08 -10.33 -6.92
CA VAL A 282 17.92 -11.06 -8.19
C VAL A 282 18.77 -10.47 -9.31
N ASP A 283 19.19 -11.33 -10.25
CA ASP A 283 20.09 -10.97 -11.35
C ASP A 283 19.33 -10.93 -12.65
N GLN A 284 18.11 -11.39 -12.62
CA GLN A 284 17.24 -11.23 -13.74
C GLN A 284 15.84 -11.05 -13.15
N PRO A 285 14.91 -10.56 -13.97
CA PRO A 285 13.57 -10.34 -13.41
C PRO A 285 12.86 -11.65 -13.08
N ILE A 286 12.09 -11.62 -12.00
CA ILE A 286 11.17 -12.70 -11.64
C ILE A 286 9.95 -12.62 -12.55
N GLU A 287 9.75 -13.62 -13.41
CA GLU A 287 8.74 -13.53 -14.46
C GLU A 287 7.55 -14.41 -14.13
N ILE A 288 6.37 -13.82 -14.07
CA ILE A 288 5.18 -14.57 -13.79
C ILE A 288 4.32 -14.54 -15.05
N ASP A 289 4.33 -15.65 -15.75
CA ASP A 289 3.80 -15.70 -17.10
C ASP A 289 2.86 -16.89 -17.26
N ARG A 290 2.09 -17.12 -16.22
CA ARG A 290 1.19 -18.26 -16.11
C ARG A 290 -0.11 -17.79 -15.41
N ALA A 291 -1.23 -18.03 -16.08
CA ALA A 291 -2.46 -17.49 -15.59
C ALA A 291 -2.73 -18.01 -14.17
N ASN A 292 -3.27 -17.12 -13.33
CA ASN A 292 -3.63 -17.38 -11.93
C ASN A 292 -2.52 -17.64 -10.92
N THR A 293 -1.30 -17.34 -11.27
CA THR A 293 -0.20 -17.54 -10.34
C THR A 293 -0.35 -16.59 -9.13
N VAL A 294 -0.10 -17.12 -7.94
CA VAL A 294 -0.02 -16.33 -6.71
C VAL A 294 1.43 -16.17 -6.36
N ALA A 295 1.81 -14.89 -6.16
CA ALA A 295 3.11 -14.51 -5.65
C ALA A 295 2.85 -13.74 -4.34
N LEU A 296 3.04 -14.42 -3.23
CA LEU A 296 2.55 -13.98 -1.93
C LEU A 296 3.75 -13.84 -1.00
N GLY A 297 3.92 -12.65 -0.43
CA GLY A 297 5.00 -12.42 0.52
C GLY A 297 4.59 -12.50 1.98
N LEU A 298 5.51 -12.91 2.83
CA LEU A 298 5.34 -12.86 4.29
C LEU A 298 6.45 -11.99 4.91
N GLY A 299 6.14 -11.33 6.01
CA GLY A 299 7.16 -10.60 6.76
C GLY A 299 7.87 -9.46 6.01
N LEU A 300 7.15 -8.82 5.11
CA LEU A 300 7.66 -7.75 4.27
C LEU A 300 8.87 -8.24 3.44
N ALA A 301 8.79 -9.50 3.05
CA ALA A 301 9.65 -10.07 2.04
C ALA A 301 9.98 -9.04 0.92
N THR A 302 11.28 -8.92 0.68
CA THR A 302 11.83 -7.85 -0.15
C THR A 302 12.69 -8.37 -1.32
N ILE A 303 12.41 -7.82 -2.51
CA ILE A 303 13.11 -8.14 -3.73
C ILE A 303 13.97 -6.95 -4.17
N ILE A 304 15.28 -7.20 -4.31
CA ILE A 304 16.23 -6.22 -4.84
C ILE A 304 16.81 -6.64 -6.21
N PRO A 305 16.55 -5.85 -7.26
CA PRO A 305 17.21 -6.12 -8.54
C PRO A 305 18.62 -5.53 -8.59
N ASP A 306 19.58 -6.38 -8.93
CA ASP A 306 20.98 -5.98 -9.14
C ASP A 306 21.22 -5.67 -10.62
N ASN A 307 22.30 -4.93 -10.92
CA ASN A 307 22.76 -4.77 -12.30
C ASN A 307 21.73 -4.08 -13.25
N GLY A 308 20.81 -3.34 -12.65
CA GLY A 308 19.83 -2.54 -13.36
C GLY A 308 18.70 -3.31 -14.05
N VAL A 309 18.49 -4.56 -13.67
CA VAL A 309 17.39 -5.28 -14.23
C VAL A 309 16.07 -4.90 -13.57
N THR A 310 14.99 -5.22 -14.27
CA THR A 310 13.66 -5.15 -13.68
C THR A 310 13.51 -6.26 -12.63
N ALA A 311 12.83 -5.99 -11.51
CA ALA A 311 12.65 -7.00 -10.48
C ALA A 311 11.55 -8.03 -10.81
N LEU A 312 10.43 -7.52 -11.35
CA LEU A 312 9.27 -8.35 -11.53
C LEU A 312 8.53 -7.95 -12.80
N LYS A 313 8.35 -8.92 -13.69
CA LYS A 313 7.52 -8.75 -14.88
C LYS A 313 6.36 -9.76 -14.80
N VAL A 314 5.16 -9.28 -15.05
CA VAL A 314 3.98 -10.15 -15.21
C VAL A 314 3.61 -10.15 -16.68
N GLY A 315 3.31 -11.34 -17.21
CA GLY A 315 3.02 -11.47 -18.62
C GLY A 315 1.53 -11.15 -18.83
N ASP A 316 1.09 -11.33 -20.07
CA ASP A 316 -0.26 -10.91 -20.45
C ASP A 316 -1.29 -12.01 -20.17
N VAL A 317 -1.53 -12.23 -18.88
CA VAL A 317 -2.37 -13.36 -18.47
C VAL A 317 -3.28 -13.04 -17.30
N ASP A 318 -4.48 -13.59 -17.44
CA ASP A 318 -5.51 -13.57 -16.44
C ASP A 318 -5.00 -13.97 -15.03
N GLY A 319 -5.51 -13.28 -14.01
CA GLY A 319 -5.62 -13.87 -12.70
C GLY A 319 -4.42 -13.82 -11.75
N VAL A 320 -3.33 -13.14 -12.13
CA VAL A 320 -2.12 -13.15 -11.28
C VAL A 320 -2.42 -12.30 -10.06
N LYS A 321 -1.95 -12.74 -8.90
CA LYS A 321 -2.22 -12.07 -7.62
C LYS A 321 -0.88 -11.94 -6.91
N VAL A 322 -0.32 -10.74 -7.03
CA VAL A 322 0.92 -10.37 -6.38
C VAL A 322 0.53 -9.63 -5.11
N ALA A 323 1.09 -10.08 -3.99
CA ALA A 323 0.68 -9.55 -2.68
C ALA A 323 1.76 -9.61 -1.60
N GLY A 324 1.99 -8.47 -0.96
CA GLY A 324 2.81 -8.42 0.22
C GLY A 324 4.30 -8.46 -0.03
N LEU A 325 4.77 -7.80 -1.10
CA LEU A 325 6.19 -7.64 -1.37
C LEU A 325 6.64 -6.18 -1.37
N LEU A 326 7.87 -5.97 -0.90
CA LEU A 326 8.59 -4.73 -1.08
C LEU A 326 9.58 -4.96 -2.21
N VAL A 327 9.64 -4.04 -3.17
CA VAL A 327 10.69 -4.03 -4.19
C VAL A 327 11.58 -2.82 -3.90
N ASP A 328 12.87 -3.07 -3.68
CA ASP A 328 13.81 -2.10 -3.17
C ASP A 328 14.87 -1.86 -4.27
N ALA A 329 14.96 -0.64 -4.79
CA ALA A 329 15.86 -0.36 -5.88
C ALA A 329 17.31 -0.66 -5.50
N GLY A 330 18.08 -1.23 -6.43
CA GLY A 330 19.53 -1.28 -6.31
C GLY A 330 20.21 0.03 -6.72
N PRO A 331 21.49 0.17 -6.39
CA PRO A 331 22.17 1.40 -6.76
C PRO A 331 22.49 1.54 -8.26
N VAL A 332 22.47 0.45 -9.02
CA VAL A 332 22.51 0.56 -10.49
C VAL A 332 21.10 0.88 -10.98
N ASN A 333 20.97 1.97 -11.74
CA ASN A 333 19.66 2.36 -12.23
C ASN A 333 18.95 1.22 -12.98
N SER A 334 17.72 0.94 -12.55
CA SER A 334 16.83 0.08 -13.33
C SER A 334 15.86 0.92 -14.17
N GLU A 335 15.69 0.55 -15.45
CA GLU A 335 14.68 1.17 -16.30
C GLU A 335 13.27 1.07 -15.70
N THR A 336 12.94 -0.11 -15.25
CA THR A 336 11.69 -0.35 -14.55
C THR A 336 11.95 -1.27 -13.35
N LEU A 337 11.14 -1.14 -12.29
CA LEU A 337 11.17 -2.09 -11.19
C LEU A 337 10.12 -3.21 -11.31
N VAL A 338 8.91 -2.85 -11.75
CA VAL A 338 7.80 -3.76 -11.87
C VAL A 338 7.07 -3.44 -13.19
N GLU A 339 6.82 -4.46 -14.01
CA GLU A 339 5.93 -4.33 -15.17
C GLU A 339 4.79 -5.31 -15.04
N VAL A 340 3.58 -4.82 -15.29
CA VAL A 340 2.39 -5.62 -15.25
C VAL A 340 1.89 -5.64 -16.70
N GLY A 341 2.16 -6.76 -17.39
CA GLY A 341 1.93 -6.89 -18.81
C GLY A 341 3.07 -6.39 -19.71
N SER A 342 3.13 -6.90 -20.92
CA SER A 342 4.12 -6.44 -21.88
C SER A 342 3.81 -4.99 -22.32
N ASP A 343 4.58 -4.38 -23.21
CA ASP A 343 4.27 -3.00 -23.56
C ASP A 343 3.41 -2.96 -24.85
N GLY A 344 2.29 -2.23 -24.76
CA GLY A 344 1.23 -2.32 -25.77
C GLY A 344 0.27 -3.52 -25.57
N ALA A 345 0.23 -4.08 -24.38
CA ALA A 345 -0.74 -5.10 -24.01
C ALA A 345 -2.17 -4.64 -24.26
N SER A 346 -2.97 -5.46 -24.89
CA SER A 346 -4.38 -5.06 -25.00
C SER A 346 -5.48 -6.08 -25.22
N GLY A 347 -5.22 -7.29 -24.82
CA GLY A 347 -6.34 -8.19 -24.58
C GLY A 347 -6.95 -7.83 -23.24
N ASP A 348 -8.28 -7.98 -23.12
CA ASP A 348 -9.02 -7.83 -21.85
C ASP A 348 -8.67 -8.83 -20.74
N HIS A 349 -8.78 -8.43 -19.47
CA HIS A 349 -8.69 -9.40 -18.38
C HIS A 349 -9.77 -9.12 -17.37
N ALA A 350 -10.97 -8.83 -17.85
CA ALA A 350 -12.01 -8.28 -17.01
C ALA A 350 -12.65 -9.28 -16.00
N ALA A 351 -12.84 -10.53 -16.41
CA ALA A 351 -13.43 -11.51 -15.51
C ALA A 351 -12.52 -11.96 -14.37
N ASN A 352 -11.21 -11.95 -14.62
CA ASN A 352 -10.21 -12.56 -13.78
C ASN A 352 -9.00 -11.66 -13.91
N PRO A 353 -9.12 -10.45 -13.36
CA PRO A 353 -8.02 -9.50 -13.53
C PRO A 353 -6.73 -9.89 -12.79
N THR A 354 -5.61 -9.32 -13.21
CA THR A 354 -4.41 -9.37 -12.39
C THR A 354 -4.46 -8.24 -11.34
N SER A 355 -4.01 -8.52 -10.12
CA SER A 355 -3.89 -7.45 -9.10
C SER A 355 -2.54 -7.42 -8.40
N LEU A 356 -2.19 -6.20 -7.98
CA LEU A 356 -1.09 -5.92 -7.07
C LEU A 356 -1.73 -5.45 -5.77
N GLN A 357 -1.37 -6.10 -4.66
CA GLN A 357 -1.91 -5.72 -3.35
C GLN A 357 -0.79 -5.66 -2.34
N ASP A 358 -0.71 -4.56 -1.59
CA ASP A 358 0.35 -4.40 -0.62
C ASP A 358 1.69 -4.67 -1.31
N VAL A 359 1.85 -4.06 -2.48
CA VAL A 359 3.10 -4.04 -3.17
C VAL A 359 3.66 -2.65 -2.93
N PHE A 360 4.85 -2.62 -2.34
CA PHE A 360 5.52 -1.37 -2.00
C PHE A 360 6.84 -1.26 -2.75
N VAL A 361 7.19 -0.05 -3.15
CA VAL A 361 8.43 0.18 -3.85
C VAL A 361 9.20 1.25 -3.07
N ARG A 362 10.50 1.02 -2.90
CA ARG A 362 11.40 2.00 -2.27
C ARG A 362 12.58 2.29 -3.19
N ILE A 363 12.93 3.58 -3.33
CA ILE A 363 14.14 3.95 -4.06
C ILE A 363 15.02 4.80 -3.16
N GLY A 364 16.11 4.19 -2.70
CA GLY A 364 17.01 4.83 -1.74
C GLY A 364 16.62 4.59 -0.28
N GLY A 365 17.48 5.08 0.59
CA GLY A 365 17.18 5.18 2.01
C GLY A 365 17.98 4.15 2.81
N ALA A 366 17.89 2.91 2.38
CA ALA A 366 18.63 1.84 3.04
C ALA A 366 19.98 1.69 2.35
N GLY A 367 20.48 2.78 1.82
CA GLY A 367 21.51 2.75 0.81
C GLY A 367 21.05 3.37 -0.48
N PRO A 368 22.00 3.68 -1.36
CA PRO A 368 21.61 4.38 -2.58
C PRO A 368 20.88 3.49 -3.55
N GLY A 369 19.86 4.05 -4.17
CA GLY A 369 19.01 3.29 -5.08
C GLY A 369 18.49 4.22 -6.13
N LYS A 370 18.29 3.67 -7.32
CA LYS A 370 17.82 4.42 -8.47
C LYS A 370 16.97 3.60 -9.38
N ALA A 371 15.88 4.21 -9.85
CA ALA A 371 15.02 3.62 -10.86
C ALA A 371 14.42 4.71 -11.75
N THR A 372 14.33 4.46 -13.05
CA THR A 372 13.78 5.47 -13.95
C THR A 372 12.22 5.52 -13.84
N THR A 373 11.57 4.36 -13.96
CA THR A 373 10.13 4.27 -13.75
C THR A 373 9.84 3.09 -12.80
N SER A 374 9.05 3.29 -11.75
CA SER A 374 8.93 2.24 -10.74
C SER A 374 7.94 1.14 -11.13
N ILE A 375 6.69 1.50 -11.43
CA ILE A 375 5.66 0.56 -11.86
C ILE A 375 5.02 1.01 -13.17
N VAL A 376 5.06 0.11 -14.16
CA VAL A 376 4.35 0.29 -15.42
C VAL A 376 3.21 -0.70 -15.43
N VAL A 377 1.98 -0.20 -15.52
CA VAL A 377 0.82 -1.08 -15.57
C VAL A 377 0.31 -1.03 -17.01
N ASN A 378 0.68 -2.06 -17.76
CA ASN A 378 0.17 -2.22 -19.13
C ASN A 378 -1.13 -3.01 -19.23
N SER A 379 -1.30 -4.04 -18.42
CA SER A 379 -2.44 -4.99 -18.57
C SER A 379 -3.83 -4.40 -18.26
N ASN A 380 -4.67 -4.41 -19.28
CA ASN A 380 -6.07 -4.01 -19.15
C ASN A 380 -6.69 -4.66 -17.90
N ASP A 381 -7.56 -3.90 -17.25
CA ASP A 381 -8.33 -4.35 -16.09
C ASP A 381 -7.57 -4.63 -14.78
N THR A 382 -6.29 -4.31 -14.78
CA THR A 382 -5.48 -4.51 -13.61
C THR A 382 -6.02 -3.72 -12.42
N ILE A 383 -5.95 -4.36 -11.25
CA ILE A 383 -6.32 -3.77 -9.99
C ILE A 383 -5.04 -3.50 -9.17
N ILE A 384 -4.86 -2.25 -8.76
CA ILE A 384 -3.80 -1.91 -7.83
C ILE A 384 -4.48 -1.52 -6.51
N ASP A 385 -4.53 -2.44 -5.55
CA ASP A 385 -5.23 -2.29 -4.28
C ASP A 385 -4.21 -2.19 -3.10
N HIS A 386 -3.88 -0.95 -2.74
CA HIS A 386 -2.84 -0.58 -1.77
C HIS A 386 -1.42 -0.73 -2.31
N THR A 387 -0.85 0.40 -2.66
CA THR A 387 0.57 0.45 -3.03
C THR A 387 1.16 1.71 -2.44
N TRP A 388 2.42 1.63 -2.03
CA TRP A 388 3.20 2.80 -1.67
C TRP A 388 4.44 2.75 -2.52
N VAL A 389 4.57 3.75 -3.37
CA VAL A 389 5.67 3.83 -4.33
C VAL A 389 6.41 5.09 -3.92
N TRP A 390 7.61 4.90 -3.36
CA TRP A 390 8.25 5.90 -2.50
C TRP A 390 9.72 6.11 -2.85
N ARG A 391 10.01 7.27 -3.42
CA ARG A 391 11.39 7.70 -3.57
C ARG A 391 11.79 8.23 -2.19
N ALA A 392 12.81 7.64 -1.59
CA ALA A 392 13.16 7.95 -0.21
C ALA A 392 13.50 9.43 0.00
N ASP A 393 12.94 10.00 1.07
CA ASP A 393 13.22 11.40 1.41
C ASP A 393 14.25 11.47 2.51
N HIS A 394 14.48 10.36 3.22
CA HIS A 394 15.42 10.35 4.37
C HIS A 394 16.04 8.98 4.42
N GLY A 395 16.99 8.83 5.33
CA GLY A 395 17.81 7.63 5.39
C GLY A 395 19.12 7.86 4.64
N GLU A 396 19.72 6.77 4.18
CA GLU A 396 20.97 6.77 3.40
C GLU A 396 20.78 6.56 1.88
N GLY A 397 21.69 7.09 1.07
CA GLY A 397 21.57 6.96 -0.36
C GLY A 397 20.53 7.92 -0.90
N VAL A 398 20.38 9.05 -0.21
CA VAL A 398 19.35 10.01 -0.57
C VAL A 398 20.00 11.26 -1.08
N GLY A 399 19.74 11.63 -2.33
CA GLY A 399 20.13 12.91 -2.88
C GLY A 399 19.29 13.21 -4.12
N TRP A 400 19.14 14.49 -4.47
CA TRP A 400 18.38 14.85 -5.69
C TRP A 400 18.95 14.05 -6.91
N GLU A 401 20.24 13.75 -6.86
CA GLU A 401 20.87 12.88 -7.84
C GLU A 401 21.05 11.44 -7.35
N THR A 402 21.55 11.32 -6.13
CA THR A 402 21.96 10.04 -5.53
C THR A 402 20.88 8.97 -5.63
N ASN A 403 19.63 9.37 -5.45
CA ASN A 403 18.50 8.46 -5.70
C ASN A 403 17.44 9.08 -6.61
N ARG A 404 17.90 9.64 -7.74
CA ARG A 404 16.98 10.10 -8.76
C ARG A 404 16.08 8.93 -9.13
N ALA A 405 14.80 9.24 -9.16
CA ALA A 405 13.77 8.37 -9.66
C ALA A 405 12.73 9.28 -10.31
N ASP A 406 12.79 9.36 -11.63
CA ASP A 406 11.93 10.27 -12.34
C ASP A 406 10.44 10.00 -12.23
N TYR A 407 10.02 8.74 -12.42
CA TYR A 407 8.60 8.41 -12.59
C TYR A 407 8.18 7.29 -11.67
N GLY A 408 7.07 7.53 -11.00
CA GLY A 408 6.58 6.62 -9.99
C GLY A 408 5.78 5.51 -10.63
N VAL A 409 4.57 5.83 -11.06
CA VAL A 409 3.70 4.88 -11.71
C VAL A 409 3.23 5.42 -13.05
N HIS A 410 3.23 4.54 -14.06
CA HIS A 410 2.69 4.88 -15.37
C HIS A 410 1.64 3.85 -15.72
N VAL A 411 0.39 4.29 -15.76
CA VAL A 411 -0.69 3.39 -16.15
C VAL A 411 -1.06 3.60 -17.61
N LYS A 412 -0.88 2.55 -18.40
CA LYS A 412 -1.16 2.62 -19.82
C LYS A 412 -2.31 1.68 -20.27
N GLY A 413 -2.71 0.75 -19.41
CA GLY A 413 -3.77 -0.17 -19.77
C GLY A 413 -5.10 0.52 -19.59
N ASP A 414 -6.15 -0.11 -20.11
CA ASP A 414 -7.49 0.41 -20.07
C ASP A 414 -8.22 -0.25 -18.90
N ASN A 415 -9.25 0.44 -18.39
CA ASN A 415 -10.05 -0.03 -17.25
C ASN A 415 -9.24 -0.41 -16.00
N VAL A 416 -8.14 0.30 -15.77
CA VAL A 416 -7.31 0.00 -14.58
C VAL A 416 -7.92 0.71 -13.39
N LEU A 417 -8.00 0.02 -12.26
CA LEU A 417 -8.55 0.58 -11.01
C LEU A 417 -7.46 0.58 -9.93
N ALA A 418 -7.24 1.73 -9.31
CA ALA A 418 -6.32 1.82 -8.18
C ALA A 418 -7.05 2.32 -6.93
N THR A 419 -7.20 1.46 -5.94
CA THR A 419 -7.78 1.78 -4.64
C THR A 419 -6.70 1.86 -3.54
N GLY A 420 -6.54 3.05 -2.96
CA GLY A 420 -5.47 3.29 -1.98
C GLY A 420 -4.11 3.46 -2.63
N LEU A 421 -3.96 4.53 -3.41
CA LEU A 421 -2.72 4.77 -4.15
C LEU A 421 -1.88 5.82 -3.42
N PHE A 422 -0.70 5.42 -2.98
CA PHE A 422 0.20 6.34 -2.27
C PHE A 422 1.52 6.40 -3.08
N VAL A 423 1.90 7.59 -3.55
CA VAL A 423 3.06 7.74 -4.43
C VAL A 423 3.74 9.07 -4.13
N GLU A 424 5.05 9.06 -3.83
CA GLU A 424 5.74 10.24 -3.28
C GLU A 424 7.21 10.45 -3.70
N HIS A 425 7.52 11.73 -3.92
CA HIS A 425 8.87 12.29 -4.00
C HIS A 425 9.62 12.11 -5.34
N PHE A 426 8.95 11.68 -6.39
CA PHE A 426 9.62 11.48 -7.68
C PHE A 426 10.17 12.78 -8.29
N ASN A 427 11.23 12.68 -9.08
CA ASN A 427 11.83 13.90 -9.63
C ASN A 427 10.96 14.52 -10.72
N LYS A 428 10.16 13.69 -11.37
CA LYS A 428 9.22 14.14 -12.39
C LYS A 428 7.81 13.68 -11.97
N TYR A 429 6.98 13.22 -12.92
CA TYR A 429 5.60 12.85 -12.61
C TYR A 429 5.56 11.67 -11.65
N ASP A 430 4.89 11.86 -10.49
CA ASP A 430 4.71 10.74 -9.57
C ASP A 430 3.83 9.66 -10.18
N VAL A 431 2.73 10.08 -10.76
CA VAL A 431 1.77 9.25 -11.43
C VAL A 431 1.37 9.84 -12.79
N GLN A 432 1.53 9.05 -13.85
CA GLN A 432 1.03 9.42 -15.18
C GLN A 432 0.08 8.34 -15.71
N TRP A 433 -1.06 8.79 -16.24
CA TRP A 433 -2.16 7.94 -16.63
C TRP A 433 -2.64 8.27 -18.04
N SER A 434 -2.35 7.37 -18.98
CA SER A 434 -2.67 7.57 -20.37
C SER A 434 -3.61 6.50 -20.89
N GLY A 435 -3.79 5.41 -20.14
CA GLY A 435 -4.78 4.43 -20.53
C GLY A 435 -6.16 5.07 -20.45
N GLU A 436 -7.06 4.53 -21.25
CA GLU A 436 -8.47 4.85 -21.22
C GLU A 436 -9.17 4.30 -19.97
N ASN A 437 -10.12 5.09 -19.50
CA ASN A 437 -11.04 4.68 -18.48
C ASN A 437 -10.47 4.24 -17.13
N GLY A 438 -9.50 5.02 -16.66
CA GLY A 438 -8.88 4.78 -15.37
C GLY A 438 -9.76 5.26 -14.23
N LYS A 439 -9.70 4.55 -13.12
CA LYS A 439 -10.38 4.92 -11.89
C LYS A 439 -9.38 4.93 -10.73
N THR A 440 -9.29 6.05 -10.00
CA THR A 440 -8.50 6.11 -8.77
C THR A 440 -9.40 6.52 -7.60
N ILE A 441 -9.53 5.63 -6.62
CA ILE A 441 -10.20 5.92 -5.36
C ILE A 441 -9.13 6.03 -4.28
N PHE A 442 -8.87 7.29 -3.92
CA PHE A 442 -7.91 7.68 -2.88
C PHE A 442 -6.50 7.73 -3.42
N TYR A 443 -5.94 8.95 -3.37
CA TYR A 443 -4.57 9.24 -3.73
C TYR A 443 -3.92 10.11 -2.67
N GLN A 444 -2.73 9.69 -2.26
CA GLN A 444 -1.92 10.49 -1.39
C GLN A 444 -0.55 10.67 -2.04
N ASN A 445 -0.15 11.94 -2.24
CA ASN A 445 1.14 12.29 -2.76
C ASN A 445 1.84 13.34 -1.92
N ALA A 446 3.16 13.22 -1.87
CA ALA A 446 3.99 14.37 -1.48
C ALA A 446 5.08 14.54 -2.53
N LYS A 447 5.35 15.78 -2.89
CA LYS A 447 6.29 16.08 -3.95
C LYS A 447 7.70 15.93 -3.38
N ALA A 448 8.70 15.81 -4.25
CA ALA A 448 10.05 15.57 -3.79
C ALA A 448 10.51 16.84 -3.05
N TYR A 449 11.28 16.65 -2.00
CA TYR A 449 11.69 17.73 -1.12
C TYR A 449 12.96 18.46 -1.53
N ASP A 450 13.72 17.84 -2.44
CA ASP A 450 15.12 18.16 -2.66
C ASP A 450 15.37 18.84 -4.02
N ALA A 451 14.32 19.25 -4.72
CA ALA A 451 14.47 20.03 -5.95
C ALA A 451 15.27 21.29 -5.58
N PRO A 452 16.38 21.54 -6.26
CA PRO A 452 17.31 22.57 -5.72
C PRO A 452 16.92 23.97 -6.14
N ASP A 453 16.16 24.06 -7.23
CA ASP A 453 15.66 25.33 -7.73
C ASP A 453 14.57 25.13 -8.77
N GLN A 454 14.04 26.21 -9.31
CA GLN A 454 12.87 26.15 -10.17
C GLN A 454 13.23 25.52 -11.54
N ALA A 455 14.38 25.90 -12.07
CA ALA A 455 14.89 25.36 -13.32
C ALA A 455 14.98 23.84 -13.20
N ALA A 456 15.39 23.34 -12.05
CA ALA A 456 15.61 21.90 -11.94
C ALA A 456 14.33 21.04 -12.09
N ILE A 457 13.16 21.65 -11.95
CA ILE A 457 11.92 20.87 -12.04
C ILE A 457 11.04 21.41 -13.14
N GLN A 458 11.67 22.16 -14.03
CA GLN A 458 10.99 22.91 -15.09
C GLN A 458 10.46 22.03 -16.25
N ASN A 459 9.14 22.02 -16.47
CA ASN A 459 8.45 21.08 -17.39
C ASN A 459 7.75 21.85 -18.52
N GLY A 460 8.55 22.20 -19.54
CA GLY A 460 8.13 23.19 -20.53
C GLY A 460 7.83 24.53 -19.90
N ASP A 461 6.56 24.99 -19.99
CA ASP A 461 6.05 26.21 -19.36
C ASP A 461 5.33 25.93 -18.04
N ILE A 462 5.20 24.66 -17.70
CA ILE A 462 4.70 24.25 -16.44
C ILE A 462 5.84 24.28 -15.39
N LYS A 463 5.59 24.99 -14.29
CA LYS A 463 6.48 24.94 -13.15
C LYS A 463 6.21 23.62 -12.41
N GLY A 464 7.19 22.71 -12.40
CA GLY A 464 7.02 21.45 -11.70
C GLY A 464 6.24 20.43 -12.53
N TYR A 465 6.28 19.17 -12.07
CA TYR A 465 5.52 18.08 -12.66
C TYR A 465 4.34 17.66 -11.76
N ALA A 466 3.15 17.52 -12.37
CA ALA A 466 1.98 17.05 -11.62
C ALA A 466 2.33 15.81 -10.81
N ALA A 467 1.74 15.73 -9.62
CA ALA A 467 1.69 14.49 -8.86
C ALA A 467 0.89 13.43 -9.62
N TYR A 468 -0.09 13.91 -10.39
CA TYR A 468 -1.04 13.04 -11.07
C TYR A 468 -1.46 13.69 -12.38
N LYS A 469 -0.94 13.14 -13.50
CA LYS A 469 -1.23 13.58 -14.87
C LYS A 469 -2.03 12.53 -15.61
N VAL A 470 -3.12 13.00 -16.19
CA VAL A 470 -3.88 12.28 -17.19
C VAL A 470 -3.54 12.91 -18.54
N ASP A 471 -3.01 12.09 -19.43
CA ASP A 471 -2.74 12.43 -20.81
C ASP A 471 -3.89 13.20 -21.47
N ASP A 472 -3.56 14.16 -22.33
CA ASP A 472 -4.57 14.97 -22.97
C ASP A 472 -5.47 14.18 -23.99
N SER A 473 -5.01 13.07 -24.55
CA SER A 473 -5.88 12.30 -25.42
C SER A 473 -6.90 11.49 -24.62
N VAL A 474 -6.72 11.36 -23.33
CA VAL A 474 -7.58 10.42 -22.61
C VAL A 474 -9.02 10.93 -22.62
N THR A 475 -9.97 10.00 -22.68
CA THR A 475 -11.37 10.36 -22.89
C THR A 475 -12.21 10.02 -21.67
N THR A 476 -11.85 8.94 -21.01
CA THR A 476 -12.55 8.55 -19.80
C THR A 476 -11.52 8.34 -18.65
N HIS A 477 -11.86 8.87 -17.47
CA HIS A 477 -11.03 8.75 -16.28
C HIS A 477 -11.82 9.32 -15.10
N GLU A 478 -11.77 8.67 -13.94
CA GLU A 478 -12.43 9.22 -12.74
C GLU A 478 -11.54 9.06 -11.48
N GLY A 479 -11.34 10.16 -10.76
CA GLY A 479 -10.63 10.15 -9.51
C GLY A 479 -11.42 10.72 -8.33
N TRP A 480 -11.28 10.12 -7.16
CA TRP A 480 -11.97 10.55 -5.95
C TRP A 480 -11.01 10.63 -4.75
N GLY A 481 -10.97 11.75 -4.04
CA GLY A 481 -10.33 11.86 -2.75
C GLY A 481 -8.80 11.85 -2.86
N MET A 482 -8.26 12.93 -3.40
CA MET A 482 -6.88 12.96 -3.83
C MET A 482 -6.18 14.22 -3.36
N GLY A 483 -4.99 14.03 -2.82
CA GLY A 483 -4.21 15.12 -2.30
C GLY A 483 -2.74 15.00 -2.66
N SER A 484 -2.13 16.17 -2.92
CA SER A 484 -0.71 16.30 -3.13
C SER A 484 -0.21 17.38 -2.18
N TYR A 485 0.88 17.08 -1.48
CA TYR A 485 1.47 18.02 -0.52
C TYR A 485 2.89 18.36 -0.92
N CYS A 486 3.38 19.54 -0.54
CA CYS A 486 4.75 19.93 -0.84
C CYS A 486 5.50 20.35 0.41
N TYR A 487 6.80 20.03 0.40
CA TYR A 487 7.72 20.41 1.46
C TYR A 487 9.05 20.61 0.78
N PHE A 488 9.17 21.75 0.12
CA PHE A 488 10.42 22.05 -0.57
C PHE A 488 11.41 22.64 0.43
N ASN A 489 11.94 21.76 1.26
CA ASN A 489 12.78 22.15 2.40
C ASN A 489 14.12 22.70 1.96
N VAL A 490 14.57 22.28 0.80
CA VAL A 490 15.87 22.73 0.32
C VAL A 490 15.80 24.09 -0.38
N ASN A 491 14.70 24.37 -1.08
CA ASN A 491 14.50 25.65 -1.76
C ASN A 491 13.03 26.00 -1.67
N PRO A 492 12.65 26.54 -0.51
CA PRO A 492 11.25 26.83 -0.24
C PRO A 492 10.71 28.02 -1.03
N ASP A 493 11.54 28.66 -1.85
CA ASP A 493 11.08 29.65 -2.80
C ASP A 493 10.38 29.02 -4.03
N ILE A 494 10.50 27.70 -4.17
CA ILE A 494 9.94 26.99 -5.31
C ILE A 494 8.42 27.15 -5.40
N ARG A 495 7.93 27.16 -6.63
CA ARG A 495 6.50 27.09 -6.90
C ARG A 495 6.19 25.87 -7.73
N GLN A 496 5.10 25.22 -7.37
CA GLN A 496 4.52 24.09 -8.12
C GLN A 496 3.17 24.54 -8.71
N GLN A 497 3.02 24.53 -10.02
CA GLN A 497 1.80 25.05 -10.62
C GLN A 497 0.54 24.32 -10.17
N HIS A 498 0.65 23.01 -10.00
CA HIS A 498 -0.50 22.19 -9.66
C HIS A 498 -0.12 20.82 -9.07
N GLY A 499 -1.08 20.25 -8.34
CA GLY A 499 -1.06 18.86 -7.92
C GLY A 499 -1.43 17.87 -9.05
N PHE A 500 -2.39 18.28 -9.86
CA PHE A 500 -3.04 17.44 -10.85
C PHE A 500 -3.04 18.15 -12.19
N GLN A 501 -2.97 17.37 -13.26
CA GLN A 501 -3.04 17.87 -14.63
C GLN A 501 -3.87 16.92 -15.50
N ALA A 502 -4.83 17.44 -16.25
CA ALA A 502 -5.72 16.55 -17.00
C ALA A 502 -6.56 17.31 -18.02
N PRO A 503 -6.83 16.66 -19.17
CA PRO A 503 -7.73 17.24 -20.15
C PRO A 503 -9.04 17.64 -19.53
N VAL A 504 -9.61 18.70 -20.11
CA VAL A 504 -10.92 19.18 -19.73
C VAL A 504 -11.90 18.67 -20.79
N LYS A 505 -12.57 17.57 -20.44
CA LYS A 505 -13.40 16.78 -21.35
C LYS A 505 -14.55 16.19 -20.53
N PRO A 506 -15.65 15.84 -21.21
CA PRO A 506 -16.81 15.45 -20.41
C PRO A 506 -16.60 14.24 -19.50
N GLY A 507 -15.88 13.26 -20.00
CA GLY A 507 -15.76 11.97 -19.32
C GLY A 507 -14.47 11.81 -18.52
N VAL A 508 -13.82 12.94 -18.26
CA VAL A 508 -12.58 12.97 -17.46
C VAL A 508 -12.90 13.79 -16.21
N LYS A 509 -13.23 13.11 -15.10
CA LYS A 509 -13.93 13.73 -13.98
C LYS A 509 -13.13 13.53 -12.69
N PHE A 510 -12.83 14.60 -11.95
CA PHE A 510 -12.29 14.47 -10.58
C PHE A 510 -13.27 14.97 -9.50
N HIS A 511 -13.16 14.35 -8.33
CA HIS A 511 -13.99 14.64 -7.16
C HIS A 511 -13.12 14.69 -5.90
N ASP A 512 -13.17 15.82 -5.21
CA ASP A 512 -12.51 16.05 -3.93
C ASP A 512 -10.98 15.99 -4.03
N LEU A 513 -10.44 17.04 -4.63
CA LEU A 513 -9.01 17.23 -4.82
C LEU A 513 -8.50 18.30 -3.90
N LEU A 514 -7.22 18.21 -3.58
CA LEU A 514 -6.60 19.25 -2.76
C LEU A 514 -5.08 19.25 -2.85
N VAL A 515 -4.49 20.41 -2.55
CA VAL A 515 -3.07 20.51 -2.42
C VAL A 515 -2.78 21.26 -1.13
N VAL A 516 -1.62 20.99 -0.56
CA VAL A 516 -1.25 21.54 0.74
C VAL A 516 0.26 21.76 0.78
N SER A 517 0.66 22.97 1.15
CA SER A 517 2.06 23.25 1.46
C SER A 517 2.30 22.98 2.93
N LEU A 518 3.38 22.28 3.21
CA LEU A 518 3.70 21.91 4.57
C LEU A 518 4.64 22.96 5.16
N GLY A 519 4.14 23.66 6.17
CA GLY A 519 4.92 24.66 6.88
C GLY A 519 5.46 25.78 5.98
N GLY A 520 4.79 26.01 4.85
CA GLY A 520 5.17 27.07 3.94
C GLY A 520 6.48 26.85 3.22
N LYS A 521 6.87 25.59 3.06
CA LYS A 521 8.04 25.23 2.27
C LYS A 521 7.64 25.01 0.81
N GLY A 522 7.68 26.09 0.06
CA GLY A 522 7.16 26.09 -1.29
C GLY A 522 5.66 26.33 -1.20
N GLN A 523 5.05 26.64 -2.34
CA GLN A 523 3.60 26.75 -2.43
C GLN A 523 3.13 26.22 -3.82
N TYR A 524 1.85 25.85 -3.88
CA TYR A 524 1.17 25.52 -5.12
C TYR A 524 0.50 26.77 -5.72
N GLU A 525 0.43 26.86 -7.03
CA GLU A 525 -0.21 28.03 -7.66
C GLU A 525 -1.69 27.73 -7.94
N HIS A 526 -1.96 26.46 -8.15
CA HIS A 526 -3.31 25.99 -8.39
C HIS A 526 -3.42 24.54 -7.88
N VAL A 527 -4.63 24.01 -7.95
CA VAL A 527 -4.91 22.65 -7.51
C VAL A 527 -4.77 21.68 -8.70
N ILE A 528 -5.52 21.98 -9.76
CA ILE A 528 -5.53 21.21 -11.01
C ILE A 528 -5.53 22.11 -12.24
N ASN A 529 -4.59 21.84 -13.16
CA ASN A 529 -4.32 22.71 -14.29
C ASN A 529 -4.07 24.17 -13.80
N ASP A 530 -4.86 25.12 -14.32
CA ASP A 530 -4.77 26.53 -13.91
C ASP A 530 -5.96 26.87 -12.98
N ILE A 531 -6.62 25.82 -12.48
CA ILE A 531 -7.79 25.89 -11.62
C ILE A 531 -7.47 25.76 -10.13
N GLY A 532 -8.11 26.60 -9.34
CA GLY A 532 -8.04 26.46 -7.89
C GLY A 532 -7.13 27.51 -7.31
N ASP A 533 -7.38 27.86 -6.06
CA ASP A 533 -6.60 28.86 -5.34
C ASP A 533 -5.20 28.34 -5.15
N PRO A 534 -4.19 29.22 -5.22
CA PRO A 534 -2.87 28.82 -4.72
C PRO A 534 -2.88 28.57 -3.22
N THR A 535 -1.88 27.87 -2.69
CA THR A 535 -1.73 27.80 -1.25
C THR A 535 -1.07 29.13 -0.86
N SER A 536 -1.27 29.54 0.38
CA SER A 536 -0.63 30.74 0.92
C SER A 536 -0.47 30.60 2.44
N GLY A 537 0.30 31.51 3.04
CA GLY A 537 0.54 31.42 4.47
C GLY A 537 1.50 30.27 4.74
N ASP A 538 1.76 30.09 6.02
CA ASP A 538 2.53 28.96 6.46
C ASP A 538 1.67 28.03 7.32
N THR A 539 0.36 28.24 7.31
CA THR A 539 -0.56 27.61 8.26
C THR A 539 -1.01 26.17 7.82
N THR A 540 -0.43 25.67 6.72
CA THR A 540 -0.75 24.34 6.20
C THR A 540 -2.23 24.14 6.03
N ILE A 541 -2.88 25.17 5.53
CA ILE A 541 -4.29 25.12 5.18
C ILE A 541 -4.43 24.59 3.72
N PRO A 542 -5.04 23.42 3.56
CA PRO A 542 -5.23 22.94 2.18
C PRO A 542 -6.06 23.83 1.27
N SER A 543 -5.72 23.81 -0.02
CA SER A 543 -6.58 24.38 -1.05
C SER A 543 -7.26 23.25 -1.84
N GLN A 544 -8.54 23.43 -2.17
CA GLN A 544 -9.42 22.38 -2.66
C GLN A 544 -10.26 22.73 -3.87
N VAL A 545 -10.60 21.70 -4.64
CA VAL A 545 -11.53 21.74 -5.75
C VAL A 545 -12.49 20.56 -5.60
N VAL A 546 -13.72 20.81 -5.18
CA VAL A 546 -14.67 19.74 -4.91
C VAL A 546 -14.99 18.90 -6.16
N SER A 547 -15.19 19.58 -7.26
CA SER A 547 -15.72 18.92 -8.44
C SER A 547 -15.00 19.43 -9.62
N PHE A 548 -14.61 18.51 -10.47
CA PHE A 548 -13.91 18.87 -11.67
C PHE A 548 -14.32 17.95 -12.82
N PRO A 549 -14.63 18.52 -13.99
CA PRO A 549 -14.49 19.94 -14.35
C PRO A 549 -15.79 20.71 -14.09
C2 BGC B . -2.12 17.52 12.48
C3 BGC B . -1.50 18.48 11.59
C4 BGC B . -2.49 19.43 11.00
C5 BGC B . -3.55 19.96 12.03
C6 BGC B . -4.67 20.43 11.43
C1 BGC B . -2.93 18.13 13.53
O1 BGC B . -3.50 17.15 14.30
O2 BGC B . -1.11 16.70 13.15
O3 BGC B . -0.76 17.79 10.50
O4 BGC B . -1.88 20.57 10.34
O5 BGC B . -4.03 18.83 12.88
O6 BGC B . -5.54 21.01 12.34
C2 BGC B . 1.32 17.23 9.43
C3 BGC B . 2.68 17.57 9.18
C4 BGC B . 2.87 19.03 8.97
C5 BGC B . 2.29 19.83 10.20
C6 BGC B . 2.26 21.20 10.11
C1 BGC B . 0.65 18.03 10.48
O2 BGC B . 1.14 15.82 9.77
O3 BGC B . 3.10 16.77 7.99
O4 BGC B . 4.23 19.33 8.80
O5 BGC B . 0.84 19.41 10.21
O6 BGC B . 1.59 21.84 11.14
C2 BGC B . 4.36 15.02 6.98
C3 BGC B . 5.64 14.49 6.65
C4 BGC B . 6.63 15.54 6.45
C5 BGC B . 6.76 16.41 7.76
C6 BGC B . 7.68 17.35 7.58
C1 BGC B . 4.33 16.10 8.04
O2 BGC B . 3.47 13.96 7.41
O3 BGC B . 5.51 13.74 5.35
O4 BGC B . 7.91 15.14 6.04
O5 BGC B . 5.39 17.05 7.81
O6 BGC B . 7.33 18.67 7.80
C2 BGC B . 5.99 11.75 4.11
C3 BGC B . 6.80 10.57 4.04
C4 BGC B . 8.16 10.78 4.62
C5 BGC B . 8.07 11.28 6.09
C6 BGC B . 9.23 11.62 6.73
C1 BGC B . 5.88 12.40 5.43
O2 BGC B . 4.59 11.56 3.64
O3 BGC B . 6.97 10.09 2.65
O4 BGC B . 9.04 9.67 4.61
O5 BGC B . 7.17 12.50 6.03
O6 BGC B . 9.00 11.77 8.11
C2 BGC C . -1.01 0.88 23.16
C3 BGC C . -2.37 1.06 23.86
C4 BGC C . -2.60 -0.03 24.91
C5 BGC C . -1.51 0.21 25.95
C6 BGC C . -1.69 -0.67 27.19
C1 BGC C . 0.09 0.19 24.03
O2 BGC C . -0.41 2.07 22.64
O3 BGC C . -3.49 1.10 23.00
O4 BGC C . -3.91 -0.03 25.51
O5 BGC C . -0.21 0.01 25.40
O6 BGC C . -0.49 -0.72 27.95
C1 EDO D . 16.90 -4.25 2.31
O1 EDO D . 15.64 -4.25 1.65
C2 EDO D . 16.95 -3.08 3.27
O2 EDO D . 15.83 -3.09 4.16
H11 EDO D . 17.71 -4.19 1.58
H12 EDO D . 17.02 -5.18 2.88
HO1 EDO D . 15.76 -4.61 0.76
H21 EDO D . 16.97 -2.15 2.68
H22 EDO D . 17.88 -3.10 3.85
HO2 EDO D . 15.89 -2.32 4.75
C1 EDO E . 8.98 17.14 -9.03
O1 EDO E . 7.89 16.32 -9.47
C2 EDO E . 8.50 18.52 -8.56
O2 EDO E . 7.66 19.15 -9.54
H11 EDO E . 9.68 17.26 -9.84
H12 EDO E . 9.48 16.63 -8.21
HO1 EDO E . 8.05 15.40 -9.22
H21 EDO E . 9.36 19.14 -8.35
H22 EDO E . 7.94 18.41 -7.64
HO2 EDO E . 7.17 19.87 -9.13
C1 EDO F . 14.37 -3.70 -18.99
O1 EDO F . 13.76 -4.92 -18.57
C2 EDO F . 13.31 -2.61 -18.95
O2 EDO F . 12.14 -3.05 -19.66
H11 EDO F . 14.77 -3.81 -20.01
H12 EDO F . 15.21 -3.45 -18.33
HO1 EDO F . 14.42 -5.59 -18.39
H21 EDO F . 13.71 -1.70 -19.40
H22 EDO F . 13.06 -2.38 -17.91
HO2 EDO F . 11.50 -2.33 -19.72
N GLU A 1 13.08 -30.04 -11.39
CA GLU A 1 13.74 -29.76 -10.09
C GLU A 1 12.81 -29.43 -8.88
N VAL A 2 11.66 -28.75 -9.10
CA VAL A 2 11.08 -27.89 -8.02
C VAL A 2 9.89 -28.42 -7.18
N VAL A 3 10.20 -28.97 -6.00
CA VAL A 3 9.19 -29.45 -5.06
C VAL A 3 8.53 -28.24 -4.42
N GLY A 4 7.24 -28.33 -4.13
CA GLY A 4 6.59 -27.36 -3.27
C GLY A 4 6.50 -27.92 -1.86
N GLY A 5 6.07 -27.13 -0.86
CA GLY A 5 6.05 -27.61 0.53
C GLY A 5 7.36 -27.41 1.28
N GLY A 6 7.44 -27.95 2.48
CA GLY A 6 8.54 -27.65 3.39
C GLY A 6 8.11 -26.60 4.39
N ASP A 7 9.01 -26.27 5.32
CA ASP A 7 8.77 -25.28 6.40
C ASP A 7 9.02 -23.92 5.79
N LEU A 8 9.01 -22.92 6.66
CA LEU A 8 8.83 -21.58 6.20
C LEU A 8 10.06 -20.79 6.57
N GLY A 9 11.02 -21.47 7.19
CA GLY A 9 12.30 -20.87 7.50
C GLY A 9 12.11 -19.81 8.56
N PRO A 10 12.94 -19.84 9.61
CA PRO A 10 12.97 -19.34 10.97
C PRO A 10 12.79 -17.80 11.14
N ASN A 11 12.21 -17.13 10.15
CA ASN A 11 11.76 -15.74 10.29
C ASN A 11 10.22 -15.73 10.36
N VAL A 12 9.65 -16.93 10.42
CA VAL A 12 8.24 -17.12 10.67
C VAL A 12 8.04 -17.80 12.02
N LEU A 13 7.58 -17.04 13.00
CA LEU A 13 7.37 -17.51 14.37
C LEU A 13 5.94 -17.93 14.41
N VAL A 14 5.73 -19.21 14.68
CA VAL A 14 4.42 -19.78 14.70
C VAL A 14 4.04 -20.02 16.17
N PHE A 15 2.86 -19.52 16.52
CA PHE A 15 2.44 -19.44 17.90
C PHE A 15 1.13 -20.21 18.13
N ASP A 16 1.00 -20.77 19.32
CA ASP A 16 -0.30 -21.15 19.82
C ASP A 16 -0.35 -20.82 21.32
N PRO A 17 -1.56 -20.77 21.91
CA PRO A 17 -1.76 -20.23 23.28
C PRO A 17 -0.83 -20.81 24.36
N SER A 18 -0.59 -22.11 24.25
CA SER A 18 0.32 -22.85 25.11
C SER A 18 1.74 -22.40 25.03
N THR A 19 2.07 -21.71 23.96
CA THR A 19 3.41 -21.28 23.73
C THR A 19 3.92 -20.45 24.89
N PRO A 20 4.93 -20.98 25.61
CA PRO A 20 5.50 -20.30 26.79
C PRO A 20 5.98 -18.86 26.56
N ASP A 21 5.60 -17.96 27.48
CA ASP A 21 5.77 -16.50 27.34
C ASP A 21 5.71 -16.05 25.86
N ILE A 22 4.51 -16.21 25.29
CA ILE A 22 4.20 -15.70 23.98
C ILE A 22 4.56 -14.25 23.95
N GLN A 23 4.12 -13.53 24.96
CA GLN A 23 4.45 -12.12 25.06
C GLN A 23 5.96 -11.98 25.02
N GLY A 24 6.63 -13.00 25.54
CA GLY A 24 8.08 -13.07 25.59
C GLY A 24 8.65 -13.02 24.21
N LYS A 25 8.20 -13.92 23.36
CA LYS A 25 8.76 -14.06 22.03
C LYS A 25 8.40 -12.86 21.14
N VAL A 26 7.16 -12.41 21.30
CA VAL A 26 6.64 -11.28 20.55
C VAL A 26 7.33 -9.91 20.92
N ASP A 27 7.49 -9.64 22.23
CA ASP A 27 8.19 -8.43 22.73
C ASP A 27 9.70 -8.31 22.30
N GLU A 28 10.47 -9.42 22.34
CA GLU A 28 11.89 -9.34 21.98
C GLU A 28 11.96 -8.73 20.57
N VAL A 29 11.20 -9.30 19.64
CA VAL A 29 11.22 -8.87 18.21
C VAL A 29 10.96 -7.38 18.09
N PHE A 30 10.01 -6.92 18.88
CA PHE A 30 9.72 -5.50 18.89
C PHE A 30 10.95 -4.73 19.36
N ARG A 31 11.57 -5.20 20.41
CA ARG A 31 12.77 -4.52 20.90
C ARG A 31 13.74 -4.27 19.72
N LYS A 32 13.97 -5.31 18.93
CA LYS A 32 14.96 -5.22 17.86
C LYS A 32 14.45 -4.46 16.64
N GLN A 33 13.18 -4.67 16.33
CA GLN A 33 12.58 -4.10 15.13
C GLN A 33 11.90 -2.75 15.29
N GLU A 34 11.81 -2.28 16.54
CA GLU A 34 11.15 -1.01 16.84
C GLU A 34 11.74 0.18 16.05
N SER A 35 13.07 0.31 16.00
CA SER A 35 13.69 1.46 15.28
C SER A 35 14.49 1.01 14.05
N ASN A 36 14.28 -0.23 13.63
CA ASN A 36 15.04 -0.86 12.57
C ASN A 36 14.53 -0.44 11.19
N GLN A 37 14.61 0.85 10.90
CA GLN A 37 13.87 1.40 9.76
C GLN A 37 14.38 0.82 8.44
N PHE A 38 15.68 0.57 8.36
CA PHE A 38 16.32 0.27 7.09
C PHE A 38 17.16 -1.01 7.08
N GLY A 39 17.09 -1.79 8.16
CA GLY A 39 17.77 -3.07 8.25
C GLY A 39 17.14 -4.21 7.49
N THR A 40 17.89 -5.30 7.40
CA THR A 40 17.60 -6.45 6.54
C THR A 40 16.69 -7.49 7.17
N ASP A 41 16.45 -7.30 8.44
CA ASP A 41 15.76 -8.28 9.24
C ASP A 41 14.24 -8.24 8.96
N ARG A 42 13.61 -9.40 8.89
CA ARG A 42 12.20 -9.52 8.54
C ARG A 42 11.52 -10.57 9.45
N TYR A 43 10.25 -10.36 9.76
CA TYR A 43 9.54 -11.31 10.61
C TYR A 43 8.07 -11.42 10.27
N ALA A 44 7.55 -12.64 10.23
CA ALA A 44 6.10 -12.87 10.23
C ALA A 44 5.76 -13.60 11.52
N LEU A 45 4.79 -13.04 12.25
CA LEU A 45 4.27 -13.67 13.47
C LEU A 45 2.90 -14.26 13.10
N MET A 46 2.78 -15.58 13.18
CA MET A 46 1.60 -16.26 12.68
C MET A 46 0.94 -17.00 13.88
N PHE A 47 -0.34 -16.72 14.15
CA PHE A 47 -1.04 -17.31 15.30
C PHE A 47 -2.08 -18.36 14.90
N LYS A 48 -1.89 -19.54 15.47
CA LYS A 48 -2.81 -20.65 15.22
C LYS A 48 -4.11 -20.34 15.97
N PRO A 49 -5.23 -20.79 15.39
CA PRO A 49 -6.57 -20.60 15.95
C PRO A 49 -6.55 -20.95 17.42
N GLY A 50 -6.98 -20.01 18.24
CA GLY A 50 -7.21 -20.19 19.65
C GLY A 50 -7.59 -18.90 20.33
N THR A 51 -7.44 -18.88 21.65
CA THR A 51 -7.71 -17.69 22.43
C THR A 51 -6.51 -17.36 23.28
N TYR A 52 -5.97 -16.17 23.03
CA TYR A 52 -4.78 -15.68 23.67
C TYR A 52 -5.07 -14.56 24.67
N ASN A 53 -4.71 -14.77 25.92
CA ASN A 53 -4.92 -13.76 26.95
C ASN A 53 -3.69 -12.95 27.37
N ASP A 54 -3.97 -11.81 28.02
CA ASP A 54 -2.98 -10.88 28.58
C ASP A 54 -1.76 -10.69 27.64
N ILE A 55 -2.11 -10.19 26.45
CA ILE A 55 -1.21 -10.13 25.29
C ILE A 55 -1.31 -8.77 24.63
N ASN A 56 -0.17 -8.28 24.23
CA ASN A 56 -0.08 -7.00 23.57
C ASN A 56 1.04 -7.15 22.53
N ALA A 57 0.65 -7.48 21.29
CA ALA A 57 1.62 -7.66 20.20
C ALA A 57 2.02 -6.26 19.68
N GLN A 58 3.16 -5.76 20.14
CA GLN A 58 3.69 -4.48 19.61
C GLN A 58 4.47 -4.71 18.33
N ILE A 59 4.12 -3.98 17.28
CA ILE A 59 4.56 -4.30 15.92
C ILE A 59 5.51 -3.21 15.41
N GLY A 60 6.78 -3.59 15.25
CA GLY A 60 7.79 -2.69 14.72
C GLY A 60 7.99 -2.81 13.22
N PHE A 61 9.12 -2.33 12.72
CA PHE A 61 9.37 -2.41 11.27
C PHE A 61 9.45 -3.85 10.78
N TYR A 62 9.03 -4.02 9.52
CA TYR A 62 9.17 -5.26 8.76
C TYR A 62 8.66 -6.47 9.54
N THR A 63 7.53 -6.28 10.19
CA THR A 63 6.88 -7.30 11.00
C THR A 63 5.42 -7.37 10.54
N SER A 64 5.02 -8.57 10.15
CA SER A 64 3.62 -8.90 9.84
C SER A 64 3.07 -9.79 10.99
N ILE A 65 1.82 -9.57 11.33
CA ILE A 65 1.14 -10.41 12.31
C ILE A 65 -0.21 -10.81 11.71
N ALA A 66 -0.57 -12.07 11.94
CA ALA A 66 -1.73 -12.65 11.31
C ALA A 66 -2.26 -13.89 12.04
N GLY A 67 -3.58 -14.07 11.98
CA GLY A 67 -4.21 -15.32 12.36
C GLY A 67 -4.11 -16.34 11.22
N LEU A 68 -4.18 -17.61 11.60
CA LEU A 68 -4.11 -18.71 10.67
C LEU A 68 -5.41 -19.51 10.60
N GLY A 69 -6.55 -18.89 10.91
CA GLY A 69 -7.78 -19.68 10.90
C GLY A 69 -8.92 -19.25 10.03
N LEU A 70 -9.10 -19.85 8.86
CA LEU A 70 -9.93 -19.30 7.75
C LEU A 70 -10.74 -18.02 7.95
N ASN A 71 -11.08 -17.69 9.19
CA ASN A 71 -11.66 -16.40 9.52
C ASN A 71 -11.10 -15.66 10.75
N PRO A 72 -11.28 -14.31 10.79
CA PRO A 72 -10.67 -13.50 11.86
C PRO A 72 -11.03 -13.99 13.26
N ASP A 73 -12.30 -14.26 13.48
CA ASP A 73 -12.75 -14.64 14.83
C ASP A 73 -12.33 -16.06 15.24
N ASP A 74 -11.63 -16.77 14.35
CA ASP A 74 -11.04 -18.06 14.71
C ASP A 74 -9.77 -17.86 15.54
N THR A 75 -9.17 -16.67 15.44
CA THR A 75 -7.98 -16.34 16.21
C THR A 75 -8.21 -15.03 16.92
N THR A 76 -8.56 -15.17 18.20
CA THR A 76 -8.98 -14.04 19.02
C THR A 76 -7.95 -13.69 20.09
N PHE A 77 -7.57 -12.40 20.15
CA PHE A 77 -6.67 -11.88 21.17
C PHE A 77 -7.52 -11.14 22.21
N ASN A 78 -7.40 -11.56 23.46
CA ASN A 78 -7.87 -10.74 24.56
C ASN A 78 -6.69 -9.91 24.96
N GLY A 79 -6.66 -8.72 24.40
CA GLY A 79 -5.44 -7.96 24.23
C GLY A 79 -5.40 -7.24 22.89
N ASP A 80 -4.18 -6.95 22.45
CA ASP A 80 -3.96 -5.89 21.47
C ASP A 80 -2.87 -6.23 20.48
N VAL A 81 -3.07 -5.71 19.29
CA VAL A 81 -2.09 -5.70 18.20
C VAL A 81 -1.85 -4.16 17.96
N THR A 82 -0.70 -3.68 18.41
CA THR A 82 -0.47 -2.28 18.70
C THR A 82 0.74 -1.70 17.95
N VAL A 83 0.54 -0.54 17.34
CA VAL A 83 1.63 0.32 16.85
C VAL A 83 1.51 1.72 17.45
N ASP A 84 2.63 2.21 17.98
CA ASP A 84 2.67 3.54 18.54
C ASP A 84 3.95 4.22 18.04
N ALA A 85 4.26 5.41 18.56
CA ALA A 85 5.27 6.25 17.98
C ALA A 85 6.36 6.51 19.01
N GLY A 86 6.40 5.65 19.99
CA GLY A 86 7.29 5.85 21.12
C GLY A 86 8.78 5.79 20.81
N TRP A 87 9.19 5.22 19.67
CA TRP A 87 10.61 5.24 19.27
C TRP A 87 11.00 6.61 18.74
N PHE A 88 10.03 7.35 18.22
CA PHE A 88 10.30 8.58 17.51
C PHE A 88 9.58 9.67 18.25
N ASP A 89 9.27 9.39 19.51
CA ASP A 89 8.86 10.39 20.49
C ASP A 89 7.61 11.21 20.06
N GLY A 90 6.53 10.49 19.79
CA GLY A 90 5.23 11.11 19.56
C GLY A 90 4.86 11.16 18.08
N ASN A 91 5.86 10.99 17.24
CA ASN A 91 5.74 11.31 15.84
C ASN A 91 5.67 10.03 15.00
N ALA A 92 4.52 9.80 14.34
CA ALA A 92 4.24 8.49 13.68
C ALA A 92 4.52 8.44 12.18
N THR A 93 5.11 9.52 11.65
CA THR A 93 5.35 9.65 10.18
C THR A 93 6.39 8.74 9.58
N GLN A 94 7.11 7.96 10.39
CA GLN A 94 8.03 6.98 9.86
C GLN A 94 7.61 5.56 10.24
N ASN A 95 6.33 5.40 10.61
CA ASN A 95 5.83 4.08 11.03
C ASN A 95 5.37 3.27 9.81
N PHE A 96 6.36 2.76 9.07
CA PHE A 96 6.13 2.08 7.80
C PHE A 96 6.35 0.57 7.87
N TRP A 97 5.99 -0.10 6.78
CA TRP A 97 6.38 -1.48 6.45
C TRP A 97 6.06 -2.55 7.50
N ARG A 98 4.79 -2.70 7.78
CA ARG A 98 4.38 -3.74 8.70
C ARG A 98 2.92 -4.10 8.39
N SER A 99 2.39 -5.10 9.05
CA SER A 99 0.96 -5.44 8.80
C SER A 99 0.27 -6.21 9.88
N ALA A 100 -1.06 -6.17 9.82
CA ALA A 100 -1.91 -7.00 10.67
C ALA A 100 -3.04 -7.55 9.84
N GLU A 101 -3.35 -8.83 10.02
CA GLU A 101 -4.37 -9.44 9.23
C GLU A 101 -5.04 -10.64 9.90
N ASN A 102 -6.35 -10.77 9.67
CA ASN A 102 -7.08 -12.02 9.94
C ASN A 102 -7.06 -12.44 11.41
N LEU A 103 -7.21 -11.42 12.26
CA LEU A 103 -7.33 -11.58 13.72
C LEU A 103 -8.58 -10.88 14.25
N ALA A 104 -9.12 -11.42 15.35
CA ALA A 104 -10.10 -10.69 16.20
C ALA A 104 -9.36 -10.12 17.41
N LEU A 105 -9.69 -8.89 17.77
CA LEU A 105 -9.09 -8.24 18.94
C LEU A 105 -10.15 -7.74 19.93
N ASN A 106 -9.88 -8.03 21.20
CA ASN A 106 -10.72 -7.61 22.31
C ASN A 106 -9.77 -6.78 23.16
N PRO A 107 -9.62 -5.49 22.81
CA PRO A 107 -8.51 -4.66 23.30
C PRO A 107 -8.68 -4.41 24.78
N VAL A 108 -7.56 -4.41 25.51
CA VAL A 108 -7.59 -4.34 26.96
C VAL A 108 -8.42 -3.20 27.53
N ASN A 109 -8.33 -2.00 26.95
CA ASN A 109 -9.12 -0.88 27.49
C ASN A 109 -10.28 -0.49 26.59
N GLY A 110 -10.56 -1.29 25.56
CA GLY A 110 -11.68 -1.03 24.69
C GLY A 110 -11.30 -0.49 23.33
N THR A 111 -10.14 0.17 23.25
CA THR A 111 -9.63 0.69 21.98
C THR A 111 -8.27 0.11 21.63
N ASN A 112 -8.13 -0.38 20.40
CA ASN A 112 -6.85 -0.82 19.89
C ASN A 112 -6.10 0.40 19.22
N ARG A 113 -4.79 0.46 19.42
CA ARG A 113 -3.95 1.54 18.84
C ARG A 113 -3.09 1.14 17.61
N TRP A 114 -3.54 1.50 16.40
CA TRP A 114 -2.82 1.23 15.14
C TRP A 114 -2.36 2.55 14.50
N ALA A 115 -1.30 3.10 15.04
CA ALA A 115 -0.86 4.45 14.71
C ALA A 115 0.25 4.38 13.68
N VAL A 116 -0.17 4.27 12.44
CA VAL A 116 0.76 4.00 11.37
C VAL A 116 0.77 5.11 10.30
N SER A 117 1.77 5.04 9.45
CA SER A 117 1.76 5.84 8.25
C SER A 117 1.73 4.88 7.05
N GLN A 118 2.49 5.17 5.99
CA GLN A 118 2.36 4.40 4.77
C GLN A 118 2.82 2.93 4.87
N ALA A 119 2.24 2.10 4.02
CA ALA A 119 2.62 0.69 3.84
C ALA A 119 2.45 -0.09 5.15
N ALA A 120 1.31 0.08 5.77
CA ALA A 120 1.01 -0.59 7.03
C ALA A 120 -0.45 -1.11 7.01
N PRO A 121 -0.75 -2.05 6.10
CA PRO A 121 -2.11 -2.57 5.90
C PRO A 121 -2.68 -3.23 7.15
N PHE A 122 -4.00 -3.06 7.29
CA PHE A 122 -4.84 -3.59 8.36
C PHE A 122 -6.02 -4.22 7.59
N ARG A 123 -5.97 -5.55 7.44
CA ARG A 123 -6.92 -6.26 6.57
C ARG A 123 -7.57 -7.44 7.29
N ARG A 124 -8.84 -7.72 7.01
CA ARG A 124 -9.45 -8.99 7.42
C ARG A 124 -9.45 -9.03 8.96
N MET A 125 -9.64 -7.86 9.55
CA MET A 125 -9.60 -7.70 11.01
C MET A 125 -10.99 -7.48 11.65
N HIS A 126 -11.15 -8.02 12.84
CA HIS A 126 -12.33 -7.74 13.66
C HIS A 126 -11.92 -7.11 14.99
N VAL A 127 -12.25 -5.83 15.17
CA VAL A 127 -11.95 -5.14 16.43
C VAL A 127 -13.24 -5.02 17.21
N LYS A 128 -13.29 -5.75 18.31
CA LYS A 128 -14.47 -5.74 19.16
C LYS A 128 -14.31 -4.56 20.13
N GLY A 129 -14.34 -3.35 19.57
CA GLY A 129 -14.21 -2.15 20.38
C GLY A 129 -13.77 -1.04 19.47
N GLY A 130 -13.02 -0.12 20.02
CA GLY A 130 -12.52 1.04 19.27
C GLY A 130 -11.21 0.81 18.56
N LEU A 131 -10.96 1.68 17.56
CA LEU A 131 -9.69 1.68 16.83
C LEU A 131 -9.16 3.11 16.75
N ASN A 132 -8.07 3.34 17.47
CA ASN A 132 -7.35 4.63 17.51
C ASN A 132 -6.24 4.58 16.50
N LEU A 133 -6.21 5.52 15.56
CA LEU A 133 -5.17 5.56 14.52
C LEU A 133 -4.02 6.56 14.72
N ALA A 134 -4.07 7.33 15.80
CA ALA A 134 -3.01 8.30 16.13
C ALA A 134 -2.13 7.86 17.29
N PRO A 135 -0.86 8.29 17.29
CA PRO A 135 0.08 8.00 18.38
C PRO A 135 -0.40 8.64 19.67
N ASP A 136 0.00 8.07 20.79
CA ASP A 136 -0.40 8.61 22.09
C ASP A 136 0.30 10.02 22.19
N GLY A 137 -0.45 11.09 22.50
CA GLY A 137 0.02 12.48 22.38
C GLY A 137 -0.64 13.17 21.19
N TYR A 138 -0.93 12.34 20.18
CA TYR A 138 -1.55 12.77 18.92
C TYR A 138 -0.60 13.70 18.13
N GLY A 139 0.65 13.31 18.05
CA GLY A 139 1.57 13.96 17.13
C GLY A 139 1.37 13.39 15.72
N TRP A 140 2.19 13.87 14.80
CA TRP A 140 1.94 13.71 13.38
C TRP A 140 1.78 12.24 12.91
N ALA A 141 0.97 12.07 11.89
CA ALA A 141 0.74 10.73 11.34
C ALA A 141 0.17 10.84 9.93
N SER A 142 0.58 9.90 9.06
CA SER A 142 0.26 9.99 7.66
C SER A 142 -0.06 8.62 7.03
N GLY A 143 -1.12 7.97 7.53
CA GLY A 143 -1.59 6.70 7.01
C GLY A 143 -2.52 6.92 5.83
N GLY A 144 -3.28 5.92 5.42
CA GLY A 144 -3.36 4.61 6.03
C GLY A 144 -4.43 3.84 5.29
N TYR A 145 -4.54 2.54 5.59
CA TYR A 145 -5.32 1.62 4.79
C TYR A 145 -5.94 0.52 5.61
N ILE A 146 -7.27 0.48 5.52
CA ILE A 146 -8.10 -0.55 6.18
C ILE A 146 -9.01 -1.15 5.12
N ALA A 147 -9.03 -2.48 5.07
CA ALA A 147 -9.93 -3.18 4.15
C ALA A 147 -10.50 -4.44 4.74
N ASP A 148 -11.70 -4.76 4.33
CA ASP A 148 -12.32 -6.04 4.71
C ASP A 148 -12.34 -6.24 6.22
N SER A 149 -12.56 -5.12 6.92
CA SER A 149 -12.47 -5.11 8.37
C SER A 149 -13.76 -4.73 9.04
N LYS A 150 -13.93 -5.27 10.24
CA LYS A 150 -15.06 -4.92 11.06
C LYS A 150 -14.64 -4.29 12.39
N ILE A 151 -14.98 -3.02 12.57
CA ILE A 151 -14.65 -2.29 13.78
C ILE A 151 -16.00 -2.05 14.51
N ASP A 152 -16.20 -2.78 15.62
CA ASP A 152 -17.44 -2.71 16.40
C ASP A 152 -17.77 -1.28 16.80
N GLY A 153 -16.80 -0.58 17.41
CA GLY A 153 -17.02 0.77 17.89
C GLY A 153 -16.51 1.84 16.93
N GLU A 154 -15.93 2.91 17.48
CA GLU A 154 -15.49 4.05 16.69
C GLU A 154 -14.06 3.91 16.13
N VAL A 155 -13.87 4.32 14.88
CA VAL A 155 -12.55 4.58 14.34
C VAL A 155 -12.22 6.06 14.58
N GLY A 156 -11.15 6.31 15.35
CA GLY A 156 -10.77 7.66 15.74
C GLY A 156 -9.45 8.07 15.11
N PRO A 157 -9.52 8.92 14.08
CA PRO A 157 -8.24 9.15 13.41
C PRO A 157 -7.38 10.19 14.13
N TYR A 158 -8.03 11.04 14.95
CA TYR A 158 -7.44 12.23 15.60
C TYR A 158 -6.52 13.02 14.63
N SER A 159 -5.21 12.91 14.76
CA SER A 159 -4.29 13.71 13.95
C SER A 159 -3.93 13.11 12.57
N GLN A 160 -4.39 11.90 12.26
CA GLN A 160 -4.13 11.36 10.90
C GLN A 160 -4.52 12.33 9.80
N GLN A 161 -3.58 12.64 8.90
CA GLN A 161 -3.87 13.56 7.82
C GLN A 161 -4.94 13.07 6.87
N GLN A 162 -4.82 11.81 6.50
CA GLN A 162 -5.64 11.23 5.48
C GLN A 162 -5.79 9.73 5.74
N TRP A 163 -6.82 9.13 5.15
CA TRP A 163 -7.04 7.68 5.32
C TRP A 163 -7.91 7.08 4.20
N TYR A 164 -7.64 5.81 3.87
CA TYR A 164 -8.53 5.04 3.01
C TYR A 164 -9.07 3.79 3.68
N THR A 165 -10.39 3.68 3.58
CA THR A 165 -11.11 2.50 4.07
C THR A 165 -12.04 1.94 2.98
N ARG A 166 -11.97 0.62 2.78
CA ARG A 166 -12.86 -0.04 1.82
C ARG A 166 -13.47 -1.34 2.34
N ASP A 167 -14.72 -1.56 1.92
CA ASP A 167 -15.43 -2.83 2.16
C ASP A 167 -15.32 -3.31 3.57
N SER A 168 -15.87 -2.49 4.43
CA SER A 168 -15.73 -2.67 5.86
C SER A 168 -16.97 -2.17 6.58
N SER A 169 -17.00 -2.42 7.89
CA SER A 169 -18.08 -1.97 8.77
C SER A 169 -17.49 -1.31 10.03
N VAL A 170 -17.88 -0.05 10.26
CA VAL A 170 -17.49 0.68 11.46
C VAL A 170 -18.71 1.04 12.34
N GLY A 171 -18.49 1.07 13.65
CA GLY A 171 -19.50 1.59 14.57
C GLY A 171 -19.68 3.10 14.51
N GLY A 172 -18.68 3.79 13.97
CA GLY A 172 -18.72 5.23 13.85
C GLY A 172 -17.39 5.70 13.31
N TRP A 173 -17.31 6.98 13.01
CA TRP A 173 -16.09 7.57 12.49
C TRP A 173 -15.95 8.94 13.11
N GLY A 174 -14.96 9.11 13.97
CA GLY A 174 -14.92 10.24 14.87
C GLY A 174 -14.54 11.51 14.16
N ASN A 175 -13.81 11.42 13.04
CA ASN A 175 -13.22 12.65 12.52
C ASN A 175 -12.40 12.55 11.23
N GLY A 176 -12.45 13.64 10.46
CA GLY A 176 -11.58 13.82 9.32
C GLY A 176 -10.51 14.91 9.54
N VAL A 177 -9.49 14.95 8.67
CA VAL A 177 -8.49 16.00 8.77
C VAL A 177 -8.29 16.71 7.42
N TRP A 178 -7.53 16.08 6.52
CA TRP A 178 -7.44 16.53 5.12
C TRP A 178 -8.20 15.66 4.09
N ASN A 179 -8.21 14.32 4.27
CA ASN A 179 -8.80 13.45 3.25
C ASN A 179 -9.07 12.01 3.75
N MET A 180 -10.30 11.77 4.19
CA MET A 180 -10.73 10.42 4.56
C MET A 180 -11.68 10.01 3.47
N THR A 181 -11.28 8.96 2.77
CA THR A 181 -12.05 8.40 1.68
C THR A 181 -12.55 7.01 2.09
N PHE A 182 -13.80 6.76 1.76
CA PHE A 182 -14.48 5.51 2.03
C PHE A 182 -15.10 4.94 0.74
N SER A 183 -14.96 3.63 0.51
CA SER A 183 -15.76 2.99 -0.52
C SER A 183 -16.27 1.62 -0.02
N GLY A 184 -17.58 1.43 -0.13
CA GLY A 184 -18.19 0.19 0.36
C GLY A 184 -18.10 0.02 1.87
N VAL A 185 -18.10 1.12 2.59
CA VAL A 185 -17.97 1.05 4.04
C VAL A 185 -19.32 1.28 4.74
N GLU A 186 -19.86 0.22 5.31
CA GLU A 186 -21.06 0.34 6.16
C GLU A 186 -20.70 1.14 7.40
N GLY A 187 -21.50 2.16 7.65
CA GLY A 187 -21.22 3.04 8.76
C GLY A 187 -20.30 4.19 8.38
N ALA A 188 -19.89 4.32 7.12
CA ALA A 188 -19.08 5.50 6.78
C ALA A 188 -19.92 6.75 7.01
N PRO A 189 -19.27 7.80 7.54
CA PRO A 189 -19.90 9.11 7.72
C PRO A 189 -20.33 9.64 6.35
N ALA A 190 -21.35 10.49 6.29
CA ALA A 190 -21.89 10.93 5.00
C ALA A 190 -20.92 11.85 4.23
N GLN A 191 -21.06 11.84 2.92
CA GLN A 191 -20.24 12.68 2.05
C GLN A 191 -20.42 14.15 2.41
N SER A 192 -19.33 14.88 2.49
CA SER A 192 -19.40 16.19 3.12
C SER A 192 -18.17 17.07 2.93
N PHE A 193 -17.32 16.70 1.97
CA PHE A 193 -16.07 17.41 1.65
C PHE A 193 -16.42 18.87 1.38
N PRO A 194 -15.61 19.81 1.88
CA PRO A 194 -14.37 19.77 2.65
C PRO A 194 -14.66 19.50 4.11
N GLU A 195 -15.84 19.91 4.52
CA GLU A 195 -16.15 19.94 5.94
C GLU A 195 -17.34 19.03 6.39
N PRO A 196 -17.00 17.94 7.06
CA PRO A 196 -15.70 17.26 7.18
C PRO A 196 -15.16 16.83 5.83
N PRO A 197 -13.90 16.38 5.77
CA PRO A 197 -13.29 16.12 4.46
C PRO A 197 -13.50 14.68 4.07
N TYR A 198 -14.78 14.33 4.04
CA TYR A 198 -15.18 12.97 3.88
C TYR A 198 -15.59 12.78 2.42
N THR A 199 -14.90 11.85 1.77
CA THR A 199 -15.20 11.40 0.43
C THR A 199 -15.79 9.99 0.50
N THR A 200 -17.09 9.86 0.24
CA THR A 200 -17.79 8.62 0.56
C THR A 200 -18.51 8.05 -0.64
N LEU A 201 -18.09 6.87 -1.05
CA LEU A 201 -18.69 6.12 -2.15
C LEU A 201 -19.40 4.83 -1.61
N GLU A 202 -20.58 4.50 -2.14
CA GLU A 202 -21.37 3.39 -1.59
C GLU A 202 -20.69 2.07 -1.78
N THR A 203 -19.96 1.97 -2.88
CA THR A 203 -19.38 0.74 -3.37
C THR A 203 -17.98 0.88 -3.97
N THR A 204 -17.18 -0.16 -3.81
CA THR A 204 -15.95 -0.33 -4.59
C THR A 204 -16.30 -0.97 -5.92
N PRO A 205 -15.91 -0.34 -7.03
CA PRO A 205 -16.30 -0.90 -8.33
C PRO A 205 -15.85 -2.35 -8.53
N VAL A 206 -14.56 -2.62 -8.34
CA VAL A 206 -14.07 -3.98 -8.14
C VAL A 206 -13.11 -4.06 -6.95
N SER A 207 -13.22 -5.18 -6.25
CA SER A 207 -12.23 -5.57 -5.28
C SER A 207 -12.15 -7.09 -5.20
N ARG A 208 -10.98 -7.56 -4.77
CA ARG A 208 -10.74 -8.96 -4.58
C ARG A 208 -9.80 -9.03 -3.41
N GLU A 209 -10.24 -9.71 -2.35
CA GLU A 209 -9.50 -9.67 -1.10
C GLU A 209 -8.15 -10.39 -1.27
N LYS A 210 -7.21 -10.03 -0.39
CA LYS A 210 -5.82 -10.47 -0.57
C LYS A 210 -5.67 -11.93 -0.11
N PRO A 211 -4.96 -12.78 -0.88
CA PRO A 211 -4.73 -14.15 -0.39
C PRO A 211 -4.09 -14.17 0.98
N PHE A 212 -4.52 -15.08 1.85
CA PHE A 212 -3.88 -15.25 3.15
C PHE A 212 -3.56 -16.75 3.40
N LEU A 213 -2.40 -16.98 4.01
CA LEU A 213 -2.01 -18.26 4.53
C LEU A 213 -2.92 -18.65 5.71
N TYR A 214 -3.22 -19.94 5.84
CA TYR A 214 -3.91 -20.39 7.03
C TYR A 214 -3.83 -21.90 7.16
N LEU A 215 -4.53 -22.45 8.16
CA LEU A 215 -4.34 -23.84 8.61
C LEU A 215 -5.65 -24.60 8.65
N ASP A 216 -5.63 -25.83 8.16
CA ASP A 216 -6.77 -26.73 8.28
C ASP A 216 -6.27 -28.08 8.80
N GLY A 217 -6.75 -28.45 9.98
CA GLY A 217 -6.12 -29.53 10.73
C GLY A 217 -4.69 -29.08 10.92
N ASP A 218 -3.77 -29.78 10.29
CA ASP A 218 -2.35 -29.38 10.30
C ASP A 218 -1.64 -29.11 8.96
N ASP A 219 -2.40 -28.79 7.93
CA ASP A 219 -1.81 -28.43 6.63
C ASP A 219 -1.92 -26.91 6.34
N TYR A 220 -0.96 -26.37 5.60
CA TYR A 220 -1.00 -24.95 5.24
C TYR A 220 -1.58 -24.77 3.84
N LYS A 221 -2.35 -23.70 3.70
CA LYS A 221 -3.22 -23.45 2.54
C LYS A 221 -3.03 -21.93 2.22
N VAL A 222 -3.30 -21.54 0.99
CA VAL A 222 -3.50 -20.12 0.66
C VAL A 222 -4.95 -19.93 0.12
N PHE A 223 -5.73 -19.10 0.83
CA PHE A 223 -7.10 -18.78 0.39
C PHE A 223 -7.03 -17.74 -0.67
N VAL A 224 -7.80 -17.90 -1.72
CA VAL A 224 -7.80 -16.97 -2.85
C VAL A 224 -9.22 -16.50 -3.04
N PRO A 225 -9.59 -15.46 -2.29
CA PRO A 225 -10.92 -14.83 -2.41
C PRO A 225 -11.27 -14.54 -3.85
N ALA A 226 -12.46 -15.00 -4.22
CA ALA A 226 -13.23 -14.49 -5.35
C ALA A 226 -13.31 -12.95 -5.43
N LYS A 227 -13.41 -12.43 -6.67
CA LYS A 227 -13.60 -11.00 -6.87
C LYS A 227 -15.04 -10.61 -6.46
N ARG A 228 -15.16 -9.40 -5.92
CA ARG A 228 -16.42 -8.79 -5.56
C ARG A 228 -16.72 -7.53 -6.37
N THR A 229 -17.61 -7.67 -7.35
CA THR A 229 -18.14 -6.53 -8.08
C THR A 229 -19.06 -5.66 -7.20
N ASN A 230 -18.92 -4.36 -7.29
CA ASN A 230 -19.61 -3.39 -6.43
C ASN A 230 -19.71 -3.80 -4.94
N ALA A 231 -18.55 -3.86 -4.29
CA ALA A 231 -18.44 -4.39 -2.97
C ALA A 231 -18.88 -3.43 -1.89
N ARG A 232 -19.42 -3.99 -0.82
CA ARG A 232 -19.77 -3.23 0.35
C ARG A 232 -19.77 -4.17 1.53
N GLY A 233 -19.30 -3.68 2.68
CA GLY A 233 -19.16 -4.50 3.88
C GLY A 233 -18.05 -5.54 3.78
N THR A 234 -17.93 -6.37 4.82
CA THR A 234 -16.85 -7.35 4.90
C THR A 234 -17.22 -8.63 4.15
N SER A 235 -16.19 -9.35 3.68
CA SER A 235 -16.38 -10.47 2.81
C SER A 235 -16.76 -11.70 3.64
N TRP A 236 -16.48 -11.61 4.93
CA TRP A 236 -16.58 -12.74 5.83
C TRP A 236 -17.77 -12.59 6.80
N GLY A 237 -18.42 -11.43 6.77
CA GLY A 237 -19.55 -11.16 7.67
C GLY A 237 -20.75 -12.09 7.53
N ASN A 238 -21.18 -12.33 6.29
CA ASN A 238 -22.24 -13.32 6.10
C ASN A 238 -21.63 -14.69 5.79
N GLY A 239 -20.35 -14.91 6.13
CA GLY A 239 -19.80 -16.26 6.23
C GLY A 239 -19.34 -16.97 4.97
N THR A 240 -19.78 -18.23 4.88
CA THR A 240 -19.28 -19.21 3.92
C THR A 240 -18.46 -18.65 2.68
N PRO A 241 -17.14 -18.35 2.84
CA PRO A 241 -16.63 -17.38 1.83
C PRO A 241 -16.17 -17.77 0.38
N GLU A 242 -16.87 -17.28 -0.65
CA GLU A 242 -16.58 -17.66 -2.05
C GLU A 242 -15.10 -17.47 -2.50
N GLY A 243 -14.47 -18.53 -2.98
CA GLY A 243 -13.05 -18.50 -3.32
C GLY A 243 -12.39 -19.87 -3.41
N GLU A 244 -11.08 -19.95 -3.14
CA GLU A 244 -10.46 -21.25 -3.05
C GLU A 244 -9.27 -21.47 -2.10
N SER A 245 -9.22 -22.69 -1.56
CA SER A 245 -8.19 -23.09 -0.62
C SER A 245 -7.21 -23.94 -1.38
N LEU A 246 -6.04 -23.40 -1.63
CA LEU A 246 -5.09 -24.19 -2.32
C LEU A 246 -4.39 -25.07 -1.29
N PRO A 247 -3.50 -25.94 -1.76
CA PRO A 247 -2.55 -26.56 -0.81
C PRO A 247 -1.11 -26.05 -0.90
N LEU A 248 -0.35 -26.31 0.17
CA LEU A 248 0.98 -25.77 0.28
C LEU A 248 2.00 -26.49 -0.58
N ASP A 249 1.65 -27.70 -1.04
CA ASP A 249 2.54 -28.40 -1.96
C ASP A 249 2.57 -27.71 -3.32
N GLN A 250 1.59 -26.85 -3.59
CA GLN A 250 1.54 -26.15 -4.86
C GLN A 250 2.17 -24.73 -4.84
N PHE A 251 3.04 -24.48 -3.85
CA PHE A 251 3.84 -23.25 -3.75
C PHE A 251 5.32 -23.59 -3.69
N TYR A 252 6.10 -23.11 -4.63
CA TYR A 252 7.54 -22.96 -4.39
C TYR A 252 7.68 -22.01 -3.18
N VAL A 253 7.80 -22.58 -2.00
CA VAL A 253 8.12 -21.78 -0.82
C VAL A 253 9.56 -21.27 -0.84
N VAL A 254 9.75 -20.08 -1.41
CA VAL A 254 11.04 -19.36 -1.50
C VAL A 254 11.70 -19.04 -0.14
N LYS A 255 13.03 -19.20 -0.09
CA LYS A 255 13.85 -18.91 1.10
C LYS A 255 15.20 -18.23 0.71
N PRO A 256 15.84 -17.48 1.63
CA PRO A 256 17.08 -16.83 1.18
C PRO A 256 18.08 -17.87 0.67
N GLY A 257 18.65 -17.60 -0.51
CA GLY A 257 19.35 -18.60 -1.30
C GLY A 257 18.93 -18.62 -2.79
N ALA A 258 17.62 -18.49 -3.07
CA ALA A 258 17.09 -18.73 -4.43
C ALA A 258 17.51 -17.71 -5.49
N THR A 259 17.79 -18.22 -6.68
CA THR A 259 18.08 -17.38 -7.82
C THR A 259 16.72 -16.96 -8.42
N ALA A 260 16.69 -15.93 -9.26
CA ALA A 260 15.47 -15.67 -10.00
C ALA A 260 15.27 -16.80 -11.05
N GLU A 261 16.35 -17.47 -11.41
CA GLU A 261 16.27 -18.65 -12.30
C GLU A 261 15.43 -19.73 -11.68
N THR A 262 15.67 -20.03 -10.40
CA THR A 262 14.98 -21.12 -9.75
C THR A 262 13.51 -20.72 -9.64
N ILE A 263 13.30 -19.53 -9.09
CA ILE A 263 11.99 -18.94 -8.97
C ILE A 263 11.17 -19.04 -10.28
N ASN A 264 11.80 -18.69 -11.40
CA ASN A 264 11.13 -18.64 -12.72
C ASN A 264 10.79 -20.03 -13.27
N ALA A 265 11.65 -20.99 -12.98
CA ALA A 265 11.37 -22.40 -13.31
C ALA A 265 10.15 -22.91 -12.56
N ALA A 266 10.03 -22.53 -11.29
CA ALA A 266 8.91 -23.00 -10.50
C ALA A 266 7.58 -22.50 -11.09
N VAL A 267 7.52 -21.22 -11.51
CA VAL A 267 6.26 -20.70 -12.06
C VAL A 267 5.97 -21.29 -13.45
N ASP A 268 7.01 -21.32 -14.30
CA ASP A 268 6.87 -22.00 -15.59
C ASP A 268 6.56 -23.49 -15.38
N GLN A 269 7.18 -24.13 -14.37
CA GLN A 269 6.92 -25.55 -14.07
C GLN A 269 5.71 -25.88 -13.20
N GLY A 270 4.92 -24.87 -12.82
CA GLY A 270 3.57 -25.15 -12.32
C GLY A 270 3.29 -24.91 -10.85
N LEU A 271 4.18 -24.19 -10.18
CA LEU A 271 3.96 -23.83 -8.80
C LEU A 271 3.62 -22.35 -8.58
N HIS A 272 3.05 -22.09 -7.41
CA HIS A 272 2.82 -20.74 -6.95
C HIS A 272 4.13 -20.27 -6.33
N LEU A 273 4.10 -19.09 -5.73
CA LEU A 273 5.28 -18.54 -5.05
C LEU A 273 4.88 -17.99 -3.69
N LEU A 274 5.60 -18.44 -2.67
CA LEU A 274 5.44 -17.92 -1.33
C LEU A 274 6.79 -17.47 -0.85
N PHE A 275 6.92 -16.16 -0.69
CA PHE A 275 8.18 -15.59 -0.26
C PHE A 275 8.24 -15.50 1.27
N THR A 276 9.02 -16.42 1.87
CA THR A 276 9.33 -16.33 3.28
C THR A 276 10.05 -14.99 3.59
N PRO A 277 9.92 -14.50 4.82
CA PRO A 277 10.46 -13.17 5.12
C PRO A 277 11.95 -13.19 4.96
N GLY A 278 12.42 -12.28 4.11
CA GLY A 278 13.84 -12.24 3.75
C GLY A 278 14.05 -11.17 2.72
N VAL A 279 15.32 -11.00 2.37
CA VAL A 279 15.73 -10.05 1.34
C VAL A 279 16.36 -10.87 0.20
N TYR A 280 15.76 -10.78 -0.98
CA TYR A 280 16.14 -11.60 -2.14
C TYR A 280 16.72 -10.73 -3.27
N HIS A 281 18.02 -10.85 -3.51
CA HIS A 281 18.66 -10.14 -4.62
C HIS A 281 18.47 -11.00 -5.84
N VAL A 282 18.10 -10.36 -6.95
CA VAL A 282 17.97 -11.07 -8.23
C VAL A 282 18.81 -10.33 -9.27
N ASP A 283 19.35 -11.07 -10.26
CA ASP A 283 20.05 -10.43 -11.38
C ASP A 283 19.43 -10.88 -12.70
N GLN A 284 18.23 -11.42 -12.57
CA GLN A 284 17.27 -11.39 -13.66
C GLN A 284 15.89 -11.10 -13.08
N PRO A 285 14.99 -10.57 -13.92
CA PRO A 285 13.59 -10.40 -13.47
C PRO A 285 12.87 -11.70 -13.12
N ILE A 286 12.07 -11.64 -12.07
CA ILE A 286 11.08 -12.65 -11.77
C ILE A 286 9.90 -12.50 -12.74
N GLU A 287 9.55 -13.61 -13.39
CA GLU A 287 8.60 -13.56 -14.48
C GLU A 287 7.42 -14.49 -14.18
N ILE A 288 6.24 -13.89 -14.08
CA ILE A 288 5.03 -14.64 -13.79
C ILE A 288 4.21 -14.56 -15.05
N ASP A 289 4.41 -15.59 -15.87
CA ASP A 289 3.80 -15.73 -17.17
C ASP A 289 3.02 -17.03 -17.20
N ARG A 290 2.15 -17.19 -16.19
CA ARG A 290 1.18 -18.28 -16.09
C ARG A 290 -0.11 -17.80 -15.38
N ALA A 291 -1.26 -17.99 -16.05
CA ALA A 291 -2.48 -17.43 -15.53
C ALA A 291 -2.79 -17.94 -14.12
N ASN A 292 -3.28 -17.05 -13.27
CA ASN A 292 -3.74 -17.39 -11.92
C ASN A 292 -2.63 -17.69 -10.91
N THR A 293 -1.40 -17.35 -11.24
CA THR A 293 -0.30 -17.49 -10.30
C THR A 293 -0.47 -16.55 -9.11
N VAL A 294 -0.37 -17.10 -7.91
CA VAL A 294 -0.28 -16.34 -6.65
C VAL A 294 1.18 -16.16 -6.30
N ALA A 295 1.56 -14.90 -6.10
CA ALA A 295 2.88 -14.51 -5.63
C ALA A 295 2.70 -13.75 -4.30
N LEU A 296 2.94 -14.45 -3.22
CA LEU A 296 2.53 -13.97 -1.90
C LEU A 296 3.74 -13.87 -1.01
N GLY A 297 3.94 -12.70 -0.42
CA GLY A 297 5.01 -12.46 0.54
C GLY A 297 4.57 -12.49 1.99
N LEU A 298 5.48 -12.92 2.85
CA LEU A 298 5.26 -12.84 4.30
C LEU A 298 6.31 -11.93 4.90
N GLY A 299 5.95 -11.26 5.99
CA GLY A 299 6.92 -10.49 6.77
C GLY A 299 7.71 -9.43 6.01
N LEU A 300 7.04 -8.78 5.06
CA LEU A 300 7.63 -7.72 4.25
C LEU A 300 8.85 -8.25 3.44
N ALA A 301 8.74 -9.50 3.01
CA ALA A 301 9.66 -10.06 2.04
C ALA A 301 9.97 -9.05 0.93
N THR A 302 11.26 -8.96 0.62
CA THR A 302 11.83 -7.92 -0.21
C THR A 302 12.62 -8.48 -1.39
N ILE A 303 12.48 -7.80 -2.53
CA ILE A 303 13.14 -8.14 -3.77
C ILE A 303 13.97 -6.93 -4.21
N ILE A 304 15.29 -7.14 -4.33
CA ILE A 304 16.22 -6.13 -4.84
C ILE A 304 16.81 -6.59 -6.20
N PRO A 305 16.45 -5.89 -7.29
CA PRO A 305 17.06 -6.12 -8.60
C PRO A 305 18.48 -5.57 -8.74
N ASP A 306 19.43 -6.48 -9.00
CA ASP A 306 20.84 -6.13 -9.22
C ASP A 306 21.10 -5.75 -10.69
N ASN A 307 22.27 -5.13 -10.97
CA ASN A 307 22.76 -4.90 -12.35
C ASN A 307 21.77 -4.16 -13.28
N GLY A 308 20.84 -3.44 -12.68
CA GLY A 308 19.88 -2.59 -13.40
C GLY A 308 18.76 -3.35 -14.09
N VAL A 309 18.47 -4.57 -13.62
CA VAL A 309 17.35 -5.29 -14.18
C VAL A 309 16.03 -4.90 -13.54
N THR A 310 14.96 -5.31 -14.20
CA THR A 310 13.61 -5.16 -13.68
C THR A 310 13.36 -6.28 -12.64
N ALA A 311 12.79 -5.95 -11.48
CA ALA A 311 12.55 -6.94 -10.44
C ALA A 311 11.51 -7.99 -10.81
N LEU A 312 10.36 -7.53 -11.30
CA LEU A 312 9.20 -8.37 -11.50
C LEU A 312 8.47 -7.99 -12.78
N LYS A 313 8.16 -9.00 -13.59
CA LYS A 313 7.32 -8.80 -14.76
C LYS A 313 6.22 -9.84 -14.80
N VAL A 314 5.01 -9.37 -14.88
CA VAL A 314 3.87 -10.24 -15.16
C VAL A 314 3.57 -10.20 -16.66
N GLY A 315 3.30 -11.39 -17.22
CA GLY A 315 3.04 -11.52 -18.64
C GLY A 315 1.59 -11.14 -18.90
N ASP A 316 1.13 -11.34 -20.13
CA ASP A 316 -0.22 -10.92 -20.52
C ASP A 316 -1.28 -11.98 -20.22
N VAL A 317 -1.31 -12.42 -18.97
CA VAL A 317 -2.21 -13.51 -18.54
C VAL A 317 -3.21 -13.05 -17.47
N ASP A 318 -4.35 -13.72 -17.44
CA ASP A 318 -5.41 -13.52 -16.46
C ASP A 318 -4.95 -13.90 -15.04
N GLY A 319 -5.47 -13.20 -14.03
CA GLY A 319 -5.61 -13.78 -12.72
C GLY A 319 -4.40 -13.78 -11.79
N VAL A 320 -3.31 -13.10 -12.16
CA VAL A 320 -2.10 -13.14 -11.31
C VAL A 320 -2.38 -12.31 -10.07
N LYS A 321 -1.91 -12.77 -8.93
CA LYS A 321 -2.16 -12.10 -7.63
C LYS A 321 -0.85 -11.95 -6.91
N VAL A 322 -0.31 -10.74 -7.02
CA VAL A 322 0.94 -10.36 -6.40
C VAL A 322 0.58 -9.63 -5.13
N ALA A 323 1.14 -10.08 -4.02
CA ALA A 323 0.79 -9.51 -2.72
C ALA A 323 1.91 -9.59 -1.68
N GLY A 324 2.02 -8.51 -0.92
CA GLY A 324 2.86 -8.46 0.25
C GLY A 324 4.35 -8.44 -0.03
N LEU A 325 4.77 -7.74 -1.10
CA LEU A 325 6.18 -7.59 -1.46
C LEU A 325 6.67 -6.13 -1.33
N LEU A 326 7.90 -5.97 -0.86
CA LEU A 326 8.63 -4.73 -1.00
C LEU A 326 9.61 -4.93 -2.13
N VAL A 327 9.58 -4.05 -3.12
CA VAL A 327 10.59 -4.02 -4.18
C VAL A 327 11.53 -2.83 -3.91
N ASP A 328 12.83 -3.11 -3.74
CA ASP A 328 13.79 -2.18 -3.18
C ASP A 328 14.89 -1.92 -4.21
N ALA A 329 14.99 -0.71 -4.74
CA ALA A 329 15.89 -0.48 -5.85
C ALA A 329 17.36 -0.68 -5.46
N GLY A 330 18.14 -1.28 -6.36
CA GLY A 330 19.59 -1.24 -6.27
C GLY A 330 20.19 0.11 -6.70
N PRO A 331 21.45 0.38 -6.31
CA PRO A 331 22.10 1.63 -6.70
C PRO A 331 22.38 1.77 -8.18
N VAL A 332 22.44 0.64 -8.88
CA VAL A 332 22.48 0.65 -10.35
C VAL A 332 21.08 0.88 -10.92
N ASN A 333 20.95 1.94 -11.71
CA ASN A 333 19.65 2.34 -12.20
C ASN A 333 18.95 1.22 -12.96
N SER A 334 17.73 0.90 -12.51
CA SER A 334 16.84 0.06 -13.31
C SER A 334 15.86 0.88 -14.15
N GLU A 335 15.72 0.51 -15.42
CA GLU A 335 14.79 1.19 -16.30
C GLU A 335 13.35 1.11 -15.76
N THR A 336 12.99 -0.07 -15.30
CA THR A 336 11.75 -0.24 -14.59
C THR A 336 11.96 -1.18 -13.39
N LEU A 337 11.08 -1.11 -12.38
CA LEU A 337 11.13 -2.03 -11.26
C LEU A 337 10.09 -3.17 -11.34
N VAL A 338 8.87 -2.80 -11.76
CA VAL A 338 7.75 -3.70 -11.84
C VAL A 338 7.02 -3.41 -13.16
N GLU A 339 6.77 -4.44 -13.97
CA GLU A 339 5.92 -4.31 -15.15
C GLU A 339 4.77 -5.30 -15.06
N VAL A 340 3.57 -4.83 -15.35
CA VAL A 340 2.40 -5.66 -15.36
C VAL A 340 1.88 -5.67 -16.78
N GLY A 341 2.11 -6.80 -17.48
CA GLY A 341 1.86 -6.91 -18.91
C GLY A 341 3.00 -6.33 -19.77
N SER A 342 3.06 -6.73 -21.03
CA SER A 342 4.09 -6.24 -21.95
C SER A 342 3.69 -4.83 -22.51
N ASP A 343 4.61 -4.02 -23.04
CA ASP A 343 4.19 -2.70 -23.60
C ASP A 343 3.42 -2.96 -24.89
N GLY A 344 2.23 -2.36 -25.00
CA GLY A 344 1.38 -2.62 -26.16
C GLY A 344 0.32 -3.73 -25.98
N ALA A 345 0.42 -4.52 -24.92
CA ALA A 345 -0.60 -5.54 -24.65
C ALA A 345 -1.98 -4.91 -24.72
N SER A 346 -2.92 -5.68 -25.22
CA SER A 346 -4.22 -5.17 -25.60
C SER A 346 -5.36 -6.12 -25.26
N GLY A 347 -5.06 -7.31 -24.80
CA GLY A 347 -6.15 -8.20 -24.48
C GLY A 347 -6.91 -7.68 -23.27
N ASP A 348 -8.10 -8.24 -23.04
CA ASP A 348 -8.93 -8.00 -21.85
C ASP A 348 -8.62 -8.92 -20.67
N HIS A 349 -8.85 -8.49 -19.43
CA HIS A 349 -8.80 -9.43 -18.33
C HIS A 349 -9.88 -9.13 -17.32
N ALA A 350 -11.06 -8.77 -17.81
CA ALA A 350 -12.11 -8.24 -16.97
C ALA A 350 -12.72 -9.26 -16.01
N ALA A 351 -12.91 -10.50 -16.47
CA ALA A 351 -13.52 -11.49 -15.62
C ALA A 351 -12.60 -11.89 -14.48
N ASN A 352 -11.30 -11.88 -14.74
CA ASN A 352 -10.31 -12.44 -13.87
C ASN A 352 -9.04 -11.60 -13.98
N PRO A 353 -9.08 -10.43 -13.31
CA PRO A 353 -7.98 -9.48 -13.47
C PRO A 353 -6.70 -9.90 -12.76
N THR A 354 -5.56 -9.31 -13.17
CA THR A 354 -4.37 -9.39 -12.33
C THR A 354 -4.40 -8.27 -11.30
N SER A 355 -3.97 -8.59 -10.07
CA SER A 355 -3.88 -7.58 -9.00
C SER A 355 -2.50 -7.52 -8.31
N LEU A 356 -2.14 -6.27 -7.97
CA LEU A 356 -1.06 -5.93 -7.06
C LEU A 356 -1.70 -5.47 -5.79
N GLN A 357 -1.39 -6.13 -4.67
CA GLN A 357 -1.89 -5.74 -3.35
C GLN A 357 -0.78 -5.67 -2.31
N ASP A 358 -0.74 -4.59 -1.54
CA ASP A 358 0.35 -4.40 -0.58
C ASP A 358 1.70 -4.66 -1.28
N VAL A 359 1.85 -4.06 -2.44
CA VAL A 359 3.10 -4.06 -3.14
C VAL A 359 3.67 -2.66 -2.91
N PHE A 360 4.88 -2.63 -2.34
CA PHE A 360 5.53 -1.37 -1.96
C PHE A 360 6.84 -1.25 -2.71
N VAL A 361 7.19 -0.04 -3.12
CA VAL A 361 8.42 0.19 -3.84
C VAL A 361 9.21 1.26 -3.06
N ARG A 362 10.52 1.02 -2.89
CA ARG A 362 11.41 2.00 -2.26
C ARG A 362 12.62 2.27 -3.17
N ILE A 363 12.96 3.55 -3.35
CA ILE A 363 14.17 3.93 -4.05
C ILE A 363 15.06 4.77 -3.13
N GLY A 364 16.15 4.17 -2.64
CA GLY A 364 17.01 4.83 -1.66
C GLY A 364 16.55 4.60 -0.22
N GLY A 365 17.27 5.20 0.72
CA GLY A 365 16.89 5.21 2.12
C GLY A 365 17.64 4.11 2.91
N ALA A 366 17.89 2.99 2.23
CA ALA A 366 18.68 1.92 2.83
C ALA A 366 20.01 1.71 2.09
N GLY A 367 20.63 2.81 1.65
CA GLY A 367 21.75 2.79 0.73
C GLY A 367 21.34 3.29 -0.64
N PRO A 368 22.25 3.91 -1.39
CA PRO A 368 21.76 4.55 -2.61
C PRO A 368 21.09 3.57 -3.56
N GLY A 369 20.02 4.05 -4.18
CA GLY A 369 19.22 3.27 -5.11
C GLY A 369 18.58 4.18 -6.15
N LYS A 370 18.38 3.65 -7.34
CA LYS A 370 17.84 4.40 -8.46
C LYS A 370 17.02 3.59 -9.42
N ALA A 371 15.96 4.20 -9.92
CA ALA A 371 15.15 3.62 -10.98
C ALA A 371 14.42 4.69 -11.78
N THR A 372 14.25 4.45 -13.09
CA THR A 372 13.66 5.49 -13.93
C THR A 372 12.12 5.54 -13.82
N THR A 373 11.45 4.40 -13.99
CA THR A 373 10.00 4.29 -13.84
C THR A 373 9.63 3.09 -12.95
N SER A 374 9.03 3.33 -11.78
CA SER A 374 8.92 2.29 -10.76
C SER A 374 7.93 1.17 -11.10
N ILE A 375 6.68 1.53 -11.41
CA ILE A 375 5.66 0.57 -11.83
C ILE A 375 5.03 1.04 -13.14
N VAL A 376 5.10 0.16 -14.14
CA VAL A 376 4.39 0.33 -15.39
C VAL A 376 3.25 -0.67 -15.45
N VAL A 377 2.01 -0.19 -15.59
CA VAL A 377 0.86 -1.06 -15.67
C VAL A 377 0.40 -1.03 -17.14
N ASN A 378 0.89 -2.01 -17.89
CA ASN A 378 0.52 -2.24 -19.29
C ASN A 378 -0.84 -2.91 -19.53
N SER A 379 -1.19 -3.90 -18.72
CA SER A 379 -2.42 -4.68 -19.00
C SER A 379 -3.74 -4.05 -18.61
N ASN A 380 -4.75 -4.39 -19.38
CA ASN A 380 -6.12 -3.92 -19.14
C ASN A 380 -6.72 -4.59 -17.89
N ASP A 381 -7.63 -3.88 -17.25
CA ASP A 381 -8.39 -4.37 -16.11
C ASP A 381 -7.59 -4.67 -14.81
N THR A 382 -6.34 -4.28 -14.79
CA THR A 382 -5.51 -4.53 -13.63
C THR A 382 -6.03 -3.74 -12.41
N ILE A 383 -6.02 -4.39 -11.26
CA ILE A 383 -6.36 -3.79 -9.99
C ILE A 383 -5.03 -3.45 -9.24
N ILE A 384 -4.93 -2.24 -8.70
CA ILE A 384 -3.87 -1.86 -7.80
C ILE A 384 -4.56 -1.53 -6.48
N ASP A 385 -4.60 -2.48 -5.54
CA ASP A 385 -5.30 -2.35 -4.27
C ASP A 385 -4.27 -2.24 -3.10
N HIS A 386 -3.89 -0.98 -2.83
CA HIS A 386 -2.90 -0.59 -1.82
C HIS A 386 -1.46 -0.74 -2.32
N THR A 387 -0.88 0.39 -2.68
CA THR A 387 0.54 0.44 -3.06
C THR A 387 1.14 1.70 -2.46
N TRP A 388 2.41 1.63 -2.09
CA TRP A 388 3.18 2.80 -1.70
C TRP A 388 4.44 2.74 -2.52
N VAL A 389 4.59 3.73 -3.36
CA VAL A 389 5.69 3.81 -4.32
C VAL A 389 6.42 5.07 -3.88
N TRP A 390 7.61 4.89 -3.31
CA TRP A 390 8.24 5.92 -2.48
C TRP A 390 9.73 6.10 -2.84
N ARG A 391 10.06 7.24 -3.43
CA ARG A 391 11.45 7.66 -3.57
C ARG A 391 11.85 8.21 -2.18
N ALA A 392 12.90 7.67 -1.58
CA ALA A 392 13.20 7.99 -0.19
C ALA A 392 13.48 9.46 0.06
N ASP A 393 12.93 9.99 1.15
CA ASP A 393 13.15 11.37 1.58
C ASP A 393 14.15 11.50 2.70
N HIS A 394 14.48 10.39 3.37
CA HIS A 394 15.44 10.42 4.47
C HIS A 394 16.22 9.14 4.39
N GLY A 395 17.46 9.21 4.86
CA GLY A 395 18.31 8.03 4.97
C GLY A 395 19.60 8.05 4.19
N GLU A 396 20.34 6.97 4.44
CA GLU A 396 21.49 6.63 3.66
C GLU A 396 21.15 6.57 2.16
N GLY A 397 21.94 7.25 1.35
CA GLY A 397 21.87 7.10 -0.09
C GLY A 397 20.82 7.92 -0.82
N VAL A 398 20.44 9.07 -0.27
CA VAL A 398 19.30 9.87 -0.75
C VAL A 398 19.79 11.26 -1.25
N GLY A 399 18.94 12.05 -1.92
CA GLY A 399 19.39 13.27 -2.61
C GLY A 399 18.96 13.36 -4.08
N TRP A 400 18.89 14.61 -4.57
CA TRP A 400 18.32 14.95 -5.88
C TRP A 400 18.83 14.09 -7.05
N GLU A 401 20.10 13.74 -7.03
CA GLU A 401 20.65 12.83 -8.05
C GLU A 401 21.01 11.47 -7.41
N THR A 402 21.43 11.50 -6.14
CA THR A 402 21.83 10.31 -5.40
C THR A 402 20.83 9.14 -5.46
N ASN A 403 19.56 9.41 -5.16
CA ASN A 403 18.46 8.43 -5.38
C ASN A 403 17.37 8.96 -6.32
N ARG A 404 17.80 9.63 -7.38
CA ARG A 404 16.93 10.02 -8.47
C ARG A 404 16.04 8.87 -8.95
N ALA A 405 14.77 9.21 -9.13
CA ALA A 405 13.77 8.41 -9.78
C ALA A 405 12.72 9.34 -10.37
N ASP A 406 12.73 9.47 -11.69
CA ASP A 406 11.84 10.42 -12.33
C ASP A 406 10.34 10.11 -12.23
N TYR A 407 9.96 8.84 -12.41
CA TYR A 407 8.54 8.46 -12.57
C TYR A 407 8.14 7.35 -11.64
N GLY A 408 7.02 7.55 -10.97
CA GLY A 408 6.55 6.60 -9.98
C GLY A 408 5.75 5.49 -10.61
N VAL A 409 4.53 5.83 -11.05
CA VAL A 409 3.67 4.88 -11.70
C VAL A 409 3.24 5.44 -13.04
N HIS A 410 3.25 4.56 -14.05
CA HIS A 410 2.70 4.88 -15.36
C HIS A 410 1.69 3.82 -15.73
N VAL A 411 0.42 4.22 -15.77
CA VAL A 411 -0.62 3.29 -16.20
C VAL A 411 -0.93 3.48 -17.67
N LYS A 412 -0.75 2.44 -18.47
CA LYS A 412 -0.98 2.51 -19.90
C LYS A 412 -2.17 1.67 -20.41
N GLY A 413 -2.69 0.77 -19.59
CA GLY A 413 -3.74 -0.11 -20.03
C GLY A 413 -5.07 0.53 -19.73
N ASP A 414 -6.11 -0.13 -20.21
CA ASP A 414 -7.47 0.32 -20.07
C ASP A 414 -8.12 -0.22 -18.83
N ASN A 415 -9.08 0.55 -18.34
CA ASN A 415 -9.96 0.10 -17.27
C ASN A 415 -9.21 -0.34 -16.02
N VAL A 416 -8.08 0.31 -15.77
CA VAL A 416 -7.28 0.01 -14.58
C VAL A 416 -7.91 0.72 -13.40
N LEU A 417 -7.95 0.05 -12.26
CA LEU A 417 -8.49 0.57 -11.01
C LEU A 417 -7.41 0.56 -9.92
N ALA A 418 -7.19 1.73 -9.32
CA ALA A 418 -6.31 1.86 -8.16
C ALA A 418 -7.17 2.27 -6.95
N THR A 419 -7.15 1.45 -5.91
CA THR A 419 -7.77 1.76 -4.63
C THR A 419 -6.70 1.82 -3.53
N GLY A 420 -6.50 3.02 -2.98
CA GLY A 420 -5.46 3.24 -1.98
C GLY A 420 -4.11 3.44 -2.62
N LEU A 421 -3.99 4.52 -3.41
CA LEU A 421 -2.78 4.79 -4.17
C LEU A 421 -1.92 5.85 -3.46
N PHE A 422 -0.73 5.44 -3.00
CA PHE A 422 0.19 6.35 -2.31
C PHE A 422 1.53 6.41 -3.10
N VAL A 423 1.90 7.60 -3.61
CA VAL A 423 3.13 7.72 -4.38
C VAL A 423 3.79 9.06 -4.09
N GLU A 424 5.09 9.05 -3.81
CA GLU A 424 5.77 10.23 -3.25
C GLU A 424 7.23 10.43 -3.67
N HIS A 425 7.54 11.70 -3.94
CA HIS A 425 8.88 12.30 -3.98
C HIS A 425 9.63 12.17 -5.31
N PHE A 426 8.96 11.71 -6.36
CA PHE A 426 9.62 11.51 -7.64
C PHE A 426 10.15 12.80 -8.28
N ASN A 427 11.26 12.70 -8.99
CA ASN A 427 11.85 13.89 -9.58
C ASN A 427 10.95 14.52 -10.66
N LYS A 428 10.18 13.69 -11.35
CA LYS A 428 9.24 14.17 -12.36
C LYS A 428 7.81 13.73 -11.94
N TYR A 429 7.03 13.12 -12.84
CA TYR A 429 5.65 12.75 -12.53
C TYR A 429 5.57 11.57 -11.59
N ASP A 430 4.92 11.78 -10.42
CA ASP A 430 4.74 10.69 -9.49
C ASP A 430 3.84 9.64 -10.17
N VAL A 431 2.72 10.09 -10.70
CA VAL A 431 1.79 9.29 -11.45
C VAL A 431 1.39 9.89 -12.81
N GLN A 432 1.46 9.04 -13.84
CA GLN A 432 1.03 9.39 -15.18
C GLN A 432 -0.01 8.33 -15.65
N TRP A 433 -1.18 8.79 -16.10
CA TRP A 433 -2.26 7.94 -16.55
C TRP A 433 -2.57 8.26 -18.01
N SER A 434 -2.20 7.32 -18.87
CA SER A 434 -2.40 7.48 -20.30
C SER A 434 -3.30 6.46 -20.97
N GLY A 435 -3.84 5.50 -20.22
CA GLY A 435 -4.86 4.58 -20.73
C GLY A 435 -6.27 5.10 -20.40
N GLU A 436 -7.29 4.37 -20.84
CA GLU A 436 -8.71 4.78 -20.72
C GLU A 436 -9.46 4.18 -19.50
N ASN A 437 -10.65 4.71 -19.25
CA ASN A 437 -11.55 4.36 -18.14
C ASN A 437 -10.80 4.01 -16.87
N GLY A 438 -9.69 4.73 -16.65
CA GLY A 438 -8.91 4.61 -15.46
C GLY A 438 -9.70 5.20 -14.32
N LYS A 439 -9.59 4.59 -13.16
CA LYS A 439 -10.21 5.09 -11.94
C LYS A 439 -9.28 4.98 -10.75
N THR A 440 -9.23 6.04 -9.94
CA THR A 440 -8.48 6.04 -8.69
C THR A 440 -9.41 6.47 -7.54
N ILE A 441 -9.55 5.60 -6.55
CA ILE A 441 -10.21 5.91 -5.29
C ILE A 441 -9.17 6.00 -4.19
N PHE A 442 -8.97 7.24 -3.72
CA PHE A 442 -7.93 7.63 -2.77
C PHE A 442 -6.52 7.72 -3.37
N TYR A 443 -5.97 8.94 -3.30
CA TYR A 443 -4.58 9.24 -3.68
C TYR A 443 -3.91 10.11 -2.63
N GLN A 444 -2.72 9.69 -2.23
CA GLN A 444 -1.89 10.50 -1.40
C GLN A 444 -0.51 10.65 -2.06
N ASN A 445 -0.10 11.91 -2.23
CA ASN A 445 1.19 12.26 -2.78
C ASN A 445 1.87 13.31 -1.90
N ALA A 446 3.18 13.23 -1.82
CA ALA A 446 4.00 14.39 -1.46
C ALA A 446 5.03 14.56 -2.57
N LYS A 447 5.34 15.80 -2.92
CA LYS A 447 6.29 16.09 -3.97
C LYS A 447 7.72 15.93 -3.46
N ALA A 448 8.67 15.89 -4.37
CA ALA A 448 10.07 15.76 -4.01
C ALA A 448 10.42 16.95 -3.12
N TYR A 449 11.00 16.66 -1.97
CA TYR A 449 11.45 17.70 -1.03
C TYR A 449 12.73 18.43 -1.44
N ASP A 450 13.50 17.77 -2.32
CA ASP A 450 14.89 18.09 -2.46
C ASP A 450 15.25 18.68 -3.84
N ALA A 451 14.26 19.15 -4.60
CA ALA A 451 14.51 19.87 -5.86
C ALA A 451 15.46 21.04 -5.53
N PRO A 452 16.61 21.11 -6.19
CA PRO A 452 17.57 22.17 -5.85
C PRO A 452 17.05 23.56 -6.11
N ASP A 453 16.30 23.73 -7.18
CA ASP A 453 15.76 25.05 -7.53
C ASP A 453 14.64 24.95 -8.55
N GLN A 454 14.11 26.09 -8.96
CA GLN A 454 12.94 26.10 -9.85
C GLN A 454 13.20 25.41 -11.21
N ALA A 455 14.39 25.64 -11.77
CA ALA A 455 14.69 25.14 -13.10
C ALA A 455 14.84 23.62 -13.08
N ALA A 456 15.13 23.07 -11.92
CA ALA A 456 15.29 21.61 -11.83
C ALA A 456 13.99 20.84 -12.01
N ILE A 457 12.85 21.50 -11.79
CA ILE A 457 11.56 20.83 -11.97
C ILE A 457 10.75 21.48 -13.08
N GLN A 458 11.40 22.27 -13.92
CA GLN A 458 10.69 22.93 -15.03
C GLN A 458 10.23 21.94 -16.11
N ASN A 459 8.91 21.86 -16.32
CA ASN A 459 8.22 20.91 -17.22
C ASN A 459 7.62 21.73 -18.36
N GLY A 460 8.43 22.03 -19.38
CA GLY A 460 7.97 22.87 -20.49
C GLY A 460 7.52 24.24 -20.03
N ASP A 461 6.26 24.59 -20.33
CA ASP A 461 5.63 25.83 -19.87
C ASP A 461 5.21 25.75 -18.39
N ILE A 462 5.37 24.58 -17.78
CA ILE A 462 4.88 24.32 -16.46
C ILE A 462 5.97 24.30 -15.41
N LYS A 463 5.67 24.97 -14.30
CA LYS A 463 6.52 24.91 -13.12
C LYS A 463 6.18 23.61 -12.37
N GLY A 464 7.13 22.70 -12.34
CA GLY A 464 6.94 21.46 -11.62
C GLY A 464 6.25 20.44 -12.51
N TYR A 465 6.29 19.19 -12.06
CA TYR A 465 5.55 18.09 -12.65
C TYR A 465 4.36 17.70 -11.77
N ALA A 466 3.19 17.54 -12.39
CA ALA A 466 2.01 17.11 -11.61
C ALA A 466 2.33 15.87 -10.82
N ALA A 467 1.70 15.77 -9.65
CA ALA A 467 1.66 14.55 -8.89
C ALA A 467 0.86 13.47 -9.63
N TYR A 468 -0.11 13.93 -10.40
CA TYR A 468 -1.03 13.03 -11.10
C TYR A 468 -1.43 13.67 -12.40
N LYS A 469 -0.97 13.06 -13.52
CA LYS A 469 -1.10 13.58 -14.87
C LYS A 469 -1.88 12.61 -15.74
N VAL A 470 -3.06 13.06 -16.16
CA VAL A 470 -3.82 12.39 -17.21
C VAL A 470 -3.44 12.96 -18.59
N ASP A 471 -2.93 12.09 -19.46
CA ASP A 471 -2.53 12.48 -20.80
C ASP A 471 -3.71 13.10 -21.53
N ASP A 472 -3.39 13.86 -22.58
CA ASP A 472 -4.40 14.61 -23.28
C ASP A 472 -5.31 13.80 -24.24
N SER A 473 -4.77 12.79 -24.93
CA SER A 473 -5.58 11.99 -25.85
C SER A 473 -6.53 11.03 -25.10
N VAL A 474 -6.41 10.92 -23.78
CA VAL A 474 -7.38 10.15 -22.97
C VAL A 474 -8.84 10.68 -23.05
N THR A 475 -9.83 9.81 -22.83
CA THR A 475 -11.30 10.16 -22.93
C THR A 475 -12.16 10.12 -21.67
N THR A 476 -12.23 8.98 -21.00
CA THR A 476 -12.81 8.93 -19.67
C THR A 476 -11.70 8.64 -18.65
N HIS A 477 -11.87 9.28 -17.48
CA HIS A 477 -11.04 9.04 -16.33
C HIS A 477 -11.88 9.47 -15.14
N GLU A 478 -11.64 8.89 -13.97
CA GLU A 478 -12.33 9.41 -12.78
C GLU A 478 -11.49 9.14 -11.52
N GLY A 479 -11.29 10.20 -10.72
CA GLY A 479 -10.64 10.09 -9.45
C GLY A 479 -11.41 10.74 -8.31
N TRP A 480 -11.37 10.11 -7.14
CA TRP A 480 -12.04 10.57 -5.95
C TRP A 480 -11.03 10.61 -4.80
N GLY A 481 -10.99 11.70 -4.04
CA GLY A 481 -10.28 11.80 -2.79
C GLY A 481 -8.76 11.82 -2.97
N MET A 482 -8.27 12.90 -3.58
CA MET A 482 -6.89 12.98 -4.03
C MET A 482 -6.18 14.21 -3.48
N GLY A 483 -4.99 13.97 -2.92
CA GLY A 483 -4.22 15.01 -2.29
C GLY A 483 -2.75 14.97 -2.62
N SER A 484 -2.19 16.16 -2.90
CA SER A 484 -0.77 16.31 -3.14
C SER A 484 -0.24 17.41 -2.21
N TYR A 485 0.85 17.09 -1.51
CA TYR A 485 1.45 18.03 -0.54
C TYR A 485 2.88 18.37 -0.96
N CYS A 486 3.37 19.54 -0.56
CA CYS A 486 4.73 19.96 -0.89
C CYS A 486 5.49 20.38 0.35
N TYR A 487 6.79 20.16 0.30
CA TYR A 487 7.68 20.47 1.41
C TYR A 487 9.06 20.61 0.79
N PHE A 488 9.23 21.72 0.11
CA PHE A 488 10.46 21.99 -0.60
C PHE A 488 11.50 22.51 0.39
N ASN A 489 12.15 21.59 1.07
CA ASN A 489 12.91 21.99 2.26
C ASN A 489 14.25 22.53 1.83
N VAL A 490 14.73 22.03 0.71
CA VAL A 490 15.96 22.49 0.11
C VAL A 490 15.78 23.94 -0.39
N ASN A 491 14.70 24.24 -1.11
CA ASN A 491 14.46 25.60 -1.62
C ASN A 491 12.99 25.95 -1.51
N PRO A 492 12.61 26.54 -0.40
CA PRO A 492 11.22 26.95 -0.18
C PRO A 492 10.75 28.10 -1.04
N ASP A 493 11.61 28.69 -1.85
CA ASP A 493 11.15 29.69 -2.81
C ASP A 493 10.38 29.05 -3.99
N ILE A 494 10.50 27.73 -4.17
CA ILE A 494 9.94 27.02 -5.32
C ILE A 494 8.43 27.15 -5.38
N ARG A 495 7.92 27.20 -6.61
CA ARG A 495 6.48 27.12 -6.87
C ARG A 495 6.16 25.90 -7.69
N GLN A 496 5.13 25.18 -7.27
CA GLN A 496 4.55 24.03 -8.00
C GLN A 496 3.22 24.48 -8.65
N GLN A 497 3.10 24.42 -9.97
CA GLN A 497 1.92 24.99 -10.60
C GLN A 497 0.61 24.31 -10.17
N HIS A 498 0.68 23.01 -9.90
CA HIS A 498 -0.47 22.28 -9.45
C HIS A 498 -0.15 20.85 -9.02
N GLY A 499 -1.12 20.25 -8.32
CA GLY A 499 -1.10 18.86 -7.92
C GLY A 499 -1.46 17.87 -9.04
N PHE A 500 -2.38 18.30 -9.90
CA PHE A 500 -3.07 17.46 -10.88
C PHE A 500 -3.08 18.17 -12.22
N GLN A 501 -2.94 17.39 -13.29
CA GLN A 501 -3.11 17.88 -14.65
C GLN A 501 -3.89 16.89 -15.54
N ALA A 502 -4.81 17.41 -16.37
CA ALA A 502 -5.63 16.58 -17.25
C ALA A 502 -6.41 17.47 -18.23
N PRO A 503 -6.78 16.94 -19.42
CA PRO A 503 -7.56 17.77 -20.33
C PRO A 503 -8.95 18.06 -19.79
N VAL A 504 -9.59 19.04 -20.39
CA VAL A 504 -10.96 19.42 -20.06
C VAL A 504 -11.88 18.77 -21.11
N LYS A 505 -12.52 17.67 -20.70
CA LYS A 505 -13.40 16.84 -21.53
C LYS A 505 -14.50 16.21 -20.64
N PRO A 506 -15.68 15.89 -21.21
CA PRO A 506 -16.75 15.48 -20.30
C PRO A 506 -16.53 14.14 -19.62
N GLY A 507 -15.68 13.30 -20.19
CA GLY A 507 -15.48 11.96 -19.65
C GLY A 507 -14.44 11.92 -18.53
N VAL A 508 -13.83 13.09 -18.28
CA VAL A 508 -12.67 13.18 -17.35
C VAL A 508 -13.07 14.01 -16.15
N LYS A 509 -13.19 13.37 -15.00
CA LYS A 509 -13.80 14.02 -13.86
C LYS A 509 -13.09 13.68 -12.60
N PHE A 510 -13.05 14.65 -11.69
CA PHE A 510 -12.44 14.47 -10.40
C PHE A 510 -13.36 15.00 -9.34
N HIS A 511 -13.20 14.39 -8.20
CA HIS A 511 -14.00 14.61 -7.03
C HIS A 511 -13.02 14.80 -5.87
N ASP A 512 -13.22 15.89 -5.15
CA ASP A 512 -12.56 16.12 -3.88
C ASP A 512 -11.03 16.08 -4.00
N LEU A 513 -10.47 17.09 -4.67
CA LEU A 513 -9.04 17.27 -4.84
C LEU A 513 -8.52 18.33 -3.88
N LEU A 514 -7.30 18.15 -3.40
CA LEU A 514 -6.65 19.14 -2.56
C LEU A 514 -5.14 19.14 -2.73
N VAL A 515 -4.55 20.31 -2.46
CA VAL A 515 -3.13 20.43 -2.37
C VAL A 515 -2.79 21.25 -1.14
N VAL A 516 -1.61 21.01 -0.58
CA VAL A 516 -1.25 21.54 0.73
C VAL A 516 0.26 21.78 0.81
N SER A 517 0.66 22.99 1.21
CA SER A 517 2.05 23.24 1.54
C SER A 517 2.24 22.98 3.02
N LEU A 518 3.23 22.18 3.34
CA LEU A 518 3.54 21.81 4.69
C LEU A 518 4.45 22.89 5.31
N GLY A 519 3.85 23.81 6.04
CA GLY A 519 4.58 24.84 6.76
C GLY A 519 5.17 25.94 5.86
N GLY A 520 4.52 26.21 4.74
CA GLY A 520 4.97 27.21 3.79
C GLY A 520 6.26 26.88 3.05
N LYS A 521 6.71 25.63 3.09
CA LYS A 521 7.92 25.27 2.38
C LYS A 521 7.61 25.02 0.88
N GLY A 522 7.62 26.12 0.15
CA GLY A 522 7.14 26.16 -1.21
C GLY A 522 5.64 26.38 -1.14
N GLN A 523 5.02 26.52 -2.29
CA GLN A 523 3.58 26.70 -2.42
C GLN A 523 3.14 26.19 -3.79
N TYR A 524 1.86 25.84 -3.92
CA TYR A 524 1.30 25.65 -5.24
C TYR A 524 0.58 26.88 -5.74
N GLU A 525 0.43 26.95 -7.05
CA GLU A 525 -0.26 28.06 -7.71
C GLU A 525 -1.75 27.75 -7.88
N HIS A 526 -2.02 26.46 -8.00
CA HIS A 526 -3.34 25.95 -8.33
C HIS A 526 -3.47 24.51 -7.79
N VAL A 527 -4.70 24.01 -7.83
CA VAL A 527 -4.98 22.62 -7.52
C VAL A 527 -4.79 21.70 -8.75
N ILE A 528 -5.55 22.00 -9.82
CA ILE A 528 -5.51 21.26 -11.09
C ILE A 528 -5.35 22.21 -12.29
N ASN A 529 -4.51 21.82 -13.25
CA ASN A 529 -4.26 22.65 -14.42
C ASN A 529 -3.99 24.07 -13.91
N ASP A 530 -4.77 25.06 -14.32
CA ASP A 530 -4.61 26.42 -13.73
C ASP A 530 -5.87 26.86 -12.98
N ILE A 531 -6.51 25.84 -12.43
CA ILE A 531 -7.75 25.89 -11.67
C ILE A 531 -7.54 25.80 -10.16
N GLY A 532 -8.16 26.69 -9.43
CA GLY A 532 -8.14 26.59 -7.97
C GLY A 532 -7.19 27.57 -7.36
N ASP A 533 -7.40 27.84 -6.08
CA ASP A 533 -6.63 28.85 -5.34
C ASP A 533 -5.24 28.30 -5.19
N PRO A 534 -4.23 29.18 -5.18
CA PRO A 534 -2.90 28.79 -4.68
C PRO A 534 -2.94 28.57 -3.18
N THR A 535 -1.91 27.92 -2.65
CA THR A 535 -1.74 27.79 -1.23
C THR A 535 -0.96 29.03 -0.77
N SER A 536 -1.25 29.47 0.45
CA SER A 536 -0.58 30.67 0.98
C SER A 536 -0.41 30.54 2.53
N GLY A 537 0.37 31.45 3.11
CA GLY A 537 0.64 31.38 4.53
C GLY A 537 1.60 30.24 4.83
N ASP A 538 1.89 30.06 6.11
CA ASP A 538 2.61 28.90 6.55
C ASP A 538 1.78 28.06 7.52
N THR A 539 0.45 28.16 7.42
CA THR A 539 -0.48 27.51 8.37
C THR A 539 -1.07 26.13 7.87
N THR A 540 -0.55 25.62 6.74
CA THR A 540 -0.95 24.28 6.28
C THR A 540 -2.45 24.10 6.08
N ILE A 541 -3.05 25.11 5.46
CA ILE A 541 -4.45 25.02 5.08
C ILE A 541 -4.56 24.57 3.62
N PRO A 542 -5.35 23.52 3.36
CA PRO A 542 -5.42 23.08 1.96
C PRO A 542 -6.10 24.07 1.03
N SER A 543 -5.83 23.92 -0.25
CA SER A 543 -6.66 24.50 -1.28
C SER A 543 -7.29 23.34 -2.03
N GLN A 544 -8.61 23.44 -2.24
CA GLN A 544 -9.47 22.35 -2.65
C GLN A 544 -10.25 22.68 -3.91
N VAL A 545 -10.51 21.65 -4.70
CA VAL A 545 -11.54 21.57 -5.72
C VAL A 545 -12.49 20.44 -5.30
N VAL A 546 -13.76 20.75 -5.07
CA VAL A 546 -14.80 19.74 -4.85
C VAL A 546 -15.02 18.98 -6.18
N SER A 547 -15.00 19.72 -7.25
CA SER A 547 -15.56 19.26 -8.51
C SER A 547 -14.78 19.78 -9.68
N PHE A 548 -14.28 18.87 -10.50
CA PHE A 548 -13.67 19.23 -11.76
C PHE A 548 -14.07 18.16 -12.78
N PRO A 549 -14.52 18.58 -13.97
CA PRO A 549 -14.50 19.96 -14.44
C PRO A 549 -15.69 20.73 -13.94
C2 BGC B . -2.29 17.45 12.38
C3 BGC B . -1.63 18.44 11.54
C4 BGC B . -2.56 19.49 11.05
C5 BGC B . -3.54 20.05 12.13
C6 BGC B . -4.48 20.85 11.57
C1 BGC B . -3.20 18.03 13.36
O1 BGC B . -3.84 17.10 14.18
O2 BGC B . -1.26 16.74 13.13
O3 BGC B . -0.89 17.85 10.37
O4 BGC B . -1.87 20.58 10.44
O5 BGC B . -4.20 18.82 12.70
O6 BGC B . -5.76 20.39 11.44
C2 BGC B . 1.21 17.25 9.33
C3 BGC B . 2.62 17.50 9.17
C4 BGC B . 2.89 18.95 9.12
C5 BGC B . 2.40 19.55 10.47
C6 BGC B . 2.81 20.83 10.71
C1 BGC B . 0.54 18.04 10.37
O2 BGC B . 0.96 15.82 9.58
O3 BGC B . 3.03 16.80 7.94
O4 BGC B . 4.26 19.25 8.90
O5 BGC B . 0.90 19.43 10.27
O6 BGC B . 1.89 21.78 11.16
C2 BGC B . 4.35 15.13 6.86
C3 BGC B . 5.65 14.59 6.58
C4 BGC B . 6.67 15.63 6.46
C5 BGC B . 6.66 16.63 7.67
C6 BGC B . 7.49 17.68 7.45
C1 BGC B . 4.28 16.17 7.93
O2 BGC B . 3.47 14.05 7.26
O3 BGC B . 5.54 13.92 5.26
O4 BGC B . 7.98 15.15 6.24
O5 BGC B . 5.26 17.18 7.66
O6 BGC B . 7.35 18.80 8.31
C2 BGC B . 5.99 11.91 3.98
C3 BGC B . 6.88 10.76 3.91
C4 BGC B . 8.20 10.93 4.62
C5 BGC B . 7.98 11.39 6.08
C6 BGC B . 9.08 11.73 6.81
C1 BGC B . 5.87 12.55 5.31
O2 BGC B . 4.63 11.55 3.61
O3 BGC B . 7.13 10.33 2.50
O4 BGC B . 8.98 9.76 4.58
O5 BGC B . 7.11 12.61 6.01
O6 BGC B . 9.63 10.67 7.55
C2 BGC C . -0.38 0.76 23.34
C3 BGC C . -1.80 0.70 23.97
C4 BGC C . -2.08 -0.57 24.72
C5 BGC C . -0.96 -0.76 25.73
C6 BGC C . -1.32 -2.11 26.33
C1 BGC C . 0.76 0.36 24.32
O2 BGC C . -0.10 2.03 22.72
O3 BGC C . -2.82 0.83 23.02
O4 BGC C . -3.34 -0.58 25.44
O5 BGC C . 0.36 -0.72 25.12
O6 BGC C . -1.57 -2.03 27.72
C1 EDO D . 17.01 -4.31 2.51
O1 EDO D . 15.87 -4.22 1.66
C2 EDO D . 16.99 -3.12 3.45
O2 EDO D . 15.82 -3.18 4.29
H11 EDO D . 17.92 -4.31 1.91
H12 EDO D . 16.97 -5.23 3.09
HO1 EDO D . 16.06 -4.69 0.84
H21 EDO D . 16.99 -2.21 2.87
H22 EDO D . 17.89 -3.13 4.07
HO2 EDO D . 15.75 -2.36 4.78
C1 EDO E . 9.13 17.31 -9.05
O1 EDO E . 8.14 16.37 -9.44
C2 EDO E . 8.50 18.60 -8.51
O2 EDO E . 7.58 19.15 -9.45
H11 EDO E . 9.75 17.56 -9.90
H12 EDO E . 9.77 16.86 -8.28
HO1 EDO E . 8.47 15.48 -9.31
H21 EDO E . 9.28 19.33 -8.28
H22 EDO E . 7.99 18.38 -7.56
HO2 EDO E . 7.11 19.90 -9.04
C1 EDO F . 13.39 -3.77 -19.55
O1 EDO F . 13.09 -4.96 -18.80
C2 EDO F . 12.29 -2.72 -19.40
O2 EDO F . 11.08 -3.05 -20.10
H11 EDO F . 13.50 -4.02 -20.61
H12 EDO F . 14.34 -3.36 -19.22
HO1 EDO F . 13.88 -5.50 -18.71
H21 EDO F . 12.66 -1.76 -19.80
H22 EDO F . 12.08 -2.57 -18.34
HO2 EDO F . 10.45 -2.32 -20.02
N GLU A 1 12.12 -29.98 -13.10
CA GLU A 1 12.87 -30.46 -11.95
C GLU A 1 12.35 -29.98 -10.57
N VAL A 2 11.28 -29.14 -10.46
CA VAL A 2 10.99 -28.40 -9.19
C VAL A 2 9.71 -28.66 -8.33
N VAL A 3 9.98 -29.05 -7.06
CA VAL A 3 9.06 -29.50 -5.97
C VAL A 3 8.48 -28.40 -5.08
N GLY A 4 7.37 -28.69 -4.39
CA GLY A 4 6.65 -27.72 -3.60
C GLY A 4 6.85 -27.64 -2.09
N GLY A 5 6.02 -26.81 -1.45
CA GLY A 5 6.10 -26.38 -0.06
C GLY A 5 7.25 -26.89 0.81
N GLY A 6 6.96 -27.90 1.61
CA GLY A 6 7.81 -28.20 2.73
C GLY A 6 7.71 -27.10 3.77
N ASP A 7 8.84 -26.47 4.05
CA ASP A 7 9.08 -25.86 5.35
C ASP A 7 9.21 -24.30 5.41
N LEU A 8 8.54 -23.68 6.39
CA LEU A 8 8.51 -22.17 6.54
C LEU A 8 9.79 -21.41 6.93
N GLY A 9 10.69 -22.09 7.62
CA GLY A 9 11.99 -21.51 7.91
C GLY A 9 12.11 -20.69 9.17
N PRO A 10 13.23 -19.99 9.31
CA PRO A 10 13.41 -19.31 10.59
C PRO A 10 12.37 -18.23 10.80
N ASN A 11 12.38 -17.21 9.94
CA ASN A 11 11.69 -15.97 10.20
C ASN A 11 10.15 -15.99 10.15
N VAL A 12 9.56 -17.18 10.02
CA VAL A 12 8.12 -17.35 10.17
C VAL A 12 7.87 -18.04 11.52
N LEU A 13 7.45 -17.23 12.48
CA LEU A 13 7.33 -17.61 13.90
C LEU A 13 5.86 -17.92 14.19
N VAL A 14 5.63 -19.16 14.61
CA VAL A 14 4.32 -19.72 14.63
C VAL A 14 3.93 -20.05 16.06
N PHE A 15 2.70 -19.72 16.39
CA PHE A 15 2.21 -19.81 17.77
C PHE A 15 0.83 -20.49 17.84
N ASP A 16 0.59 -21.20 18.95
CA ASP A 16 -0.72 -21.71 19.29
C ASP A 16 -0.99 -21.26 20.74
N PRO A 17 -2.25 -21.40 21.21
CA PRO A 17 -2.48 -20.87 22.56
C PRO A 17 -1.65 -21.55 23.64
N SER A 18 -1.01 -22.68 23.36
CA SER A 18 -0.11 -23.27 24.36
C SER A 18 1.36 -22.90 24.35
N THR A 19 1.92 -22.39 23.25
CA THR A 19 3.35 -22.06 23.19
C THR A 19 3.72 -21.28 24.45
N PRO A 20 4.87 -21.55 25.10
CA PRO A 20 5.24 -20.80 26.32
C PRO A 20 5.59 -19.28 26.25
N ASP A 21 4.96 -18.50 27.14
CA ASP A 21 5.30 -17.09 27.35
C ASP A 21 5.37 -16.29 26.02
N ILE A 22 4.35 -16.45 25.17
CA ILE A 22 4.19 -15.71 23.92
C ILE A 22 4.57 -14.21 24.02
N GLN A 23 4.28 -13.59 25.14
CA GLN A 23 4.61 -12.17 25.28
C GLN A 23 6.11 -11.90 25.19
N GLY A 24 6.89 -12.67 25.94
CA GLY A 24 8.34 -12.52 25.93
C GLY A 24 8.82 -12.63 24.49
N LYS A 25 8.22 -13.54 23.77
CA LYS A 25 8.74 -13.83 22.44
C LYS A 25 8.35 -12.82 21.39
N VAL A 26 7.08 -12.43 21.35
CA VAL A 26 6.72 -11.35 20.43
C VAL A 26 7.51 -10.06 20.66
N ASP A 27 7.72 -9.68 21.92
CA ASP A 27 8.37 -8.40 22.22
C ASP A 27 9.90 -8.46 22.10
N GLU A 28 10.40 -9.62 21.71
CA GLU A 28 11.81 -9.80 21.42
C GLU A 28 12.03 -9.40 19.96
N VAL A 29 11.09 -9.80 19.12
CA VAL A 29 11.06 -9.31 17.74
C VAL A 29 10.93 -7.78 17.80
N PHE A 30 9.96 -7.30 18.58
CA PHE A 30 9.73 -5.85 18.64
C PHE A 30 10.92 -4.98 19.14
N ARG A 31 11.48 -5.25 20.31
CA ARG A 31 12.65 -4.43 20.76
C ARG A 31 13.75 -4.44 19.68
N LYS A 32 13.84 -5.54 18.94
CA LYS A 32 14.75 -5.64 17.80
C LYS A 32 14.31 -4.78 16.57
N GLN A 33 13.01 -4.53 16.40
CA GLN A 33 12.48 -3.91 15.16
C GLN A 33 11.73 -2.59 15.33
N GLU A 34 11.59 -2.13 16.57
CA GLU A 34 10.95 -0.85 16.89
C GLU A 34 11.61 0.29 16.09
N SER A 35 12.92 0.30 16.03
CA SER A 35 13.62 1.48 15.49
C SER A 35 14.39 1.13 14.22
N ASN A 36 14.20 -0.09 13.75
CA ASN A 36 14.94 -0.63 12.64
C ASN A 36 14.41 -0.24 11.25
N GLN A 37 14.39 1.05 10.96
CA GLN A 37 13.70 1.58 9.78
C GLN A 37 14.28 0.96 8.50
N PHE A 38 15.59 0.74 8.50
CA PHE A 38 16.25 0.27 7.30
C PHE A 38 17.02 -1.03 7.45
N GLY A 39 16.78 -1.79 8.51
CA GLY A 39 17.47 -3.06 8.66
C GLY A 39 17.07 -4.07 7.65
N THR A 40 17.79 -5.18 7.65
CA THR A 40 17.48 -6.29 6.76
C THR A 40 16.71 -7.41 7.47
N ASP A 41 16.53 -7.33 8.79
CA ASP A 41 15.68 -8.30 9.53
C ASP A 41 14.23 -8.30 8.97
N ARG A 42 13.62 -9.47 8.85
CA ARG A 42 12.24 -9.61 8.39
C ARG A 42 11.53 -10.68 9.23
N TYR A 43 10.30 -10.39 9.71
CA TYR A 43 9.57 -11.34 10.54
C TYR A 43 8.09 -11.46 10.25
N ALA A 44 7.62 -12.72 10.18
CA ALA A 44 6.19 -13.03 10.27
C ALA A 44 5.91 -13.60 11.66
N LEU A 45 4.93 -13.01 12.36
CA LEU A 45 4.34 -13.58 13.58
C LEU A 45 2.95 -14.16 13.24
N MET A 46 2.85 -15.50 13.25
CA MET A 46 1.62 -16.13 12.76
C MET A 46 0.98 -16.96 13.90
N PHE A 47 -0.31 -16.73 14.14
CA PHE A 47 -1.02 -17.36 15.26
C PHE A 47 -2.04 -18.39 14.86
N LYS A 48 -1.82 -19.62 15.34
CA LYS A 48 -2.82 -20.67 15.15
C LYS A 48 -4.10 -20.24 15.87
N PRO A 49 -5.26 -20.67 15.35
CA PRO A 49 -6.57 -20.36 15.90
C PRO A 49 -6.66 -20.83 17.33
N GLY A 50 -7.44 -20.07 18.09
CA GLY A 50 -7.56 -20.26 19.50
C GLY A 50 -7.75 -18.95 20.20
N THR A 51 -8.07 -19.02 21.47
CA THR A 51 -8.09 -17.82 22.29
C THR A 51 -6.76 -17.60 22.94
N TYR A 52 -6.23 -16.39 22.74
CA TYR A 52 -5.05 -15.93 23.44
C TYR A 52 -5.54 -14.87 24.40
N ASN A 53 -4.77 -14.68 25.46
CA ASN A 53 -5.07 -13.78 26.56
C ASN A 53 -3.81 -13.04 26.93
N ASP A 54 -3.93 -12.06 27.83
CA ASP A 54 -2.76 -11.43 28.45
C ASP A 54 -1.67 -11.07 27.42
N ILE A 55 -2.07 -10.40 26.34
CA ILE A 55 -1.14 -10.10 25.23
C ILE A 55 -1.26 -8.70 24.69
N ASN A 56 -0.13 -8.03 24.58
CA ASN A 56 -0.06 -6.78 23.83
C ASN A 56 1.09 -6.90 22.81
N ALA A 57 0.70 -7.12 21.56
CA ALA A 57 1.65 -7.42 20.51
C ALA A 57 2.04 -6.11 19.84
N GLN A 58 3.20 -5.65 20.27
CA GLN A 58 3.76 -4.38 19.84
C GLN A 58 4.50 -4.63 18.49
N ILE A 59 4.15 -3.89 17.46
CA ILE A 59 4.60 -4.21 16.08
C ILE A 59 5.54 -3.14 15.54
N GLY A 60 6.81 -3.53 15.32
CA GLY A 60 7.80 -2.65 14.74
C GLY A 60 7.98 -2.82 13.24
N PHE A 61 9.10 -2.29 12.72
CA PHE A 61 9.34 -2.38 11.27
C PHE A 61 9.36 -3.83 10.78
N TYR A 62 9.05 -3.99 9.48
CA TYR A 62 9.14 -5.24 8.73
C TYR A 62 8.63 -6.44 9.52
N THR A 63 7.54 -6.23 10.22
CA THR A 63 6.88 -7.28 10.99
C THR A 63 5.42 -7.32 10.56
N SER A 64 5.00 -8.52 10.16
CA SER A 64 3.62 -8.82 9.82
C SER A 64 3.06 -9.76 10.92
N ILE A 65 1.79 -9.55 11.26
CA ILE A 65 1.15 -10.42 12.23
C ILE A 65 -0.20 -10.83 11.64
N ALA A 66 -0.54 -12.10 11.85
CA ALA A 66 -1.69 -12.70 11.23
C ALA A 66 -2.25 -13.91 12.02
N GLY A 67 -3.55 -14.13 11.88
CA GLY A 67 -4.20 -15.39 12.26
C GLY A 67 -4.35 -16.35 11.06
N LEU A 68 -4.85 -17.57 11.32
CA LEU A 68 -4.80 -18.71 10.38
C LEU A 68 -6.13 -19.51 10.25
N GLY A 69 -7.25 -18.87 10.53
CA GLY A 69 -8.53 -19.48 10.29
C GLY A 69 -9.20 -19.01 9.03
N LEU A 70 -10.38 -19.51 8.79
CA LEU A 70 -11.05 -19.17 7.56
C LEU A 70 -11.96 -17.99 7.77
N ASN A 71 -11.68 -17.21 8.81
CA ASN A 71 -12.47 -16.05 9.25
C ASN A 71 -11.69 -15.36 10.41
N PRO A 72 -11.80 -14.02 10.57
CA PRO A 72 -11.02 -13.38 11.64
C PRO A 72 -11.25 -13.93 13.07
N ASP A 73 -12.49 -14.25 13.39
CA ASP A 73 -12.84 -14.61 14.77
C ASP A 73 -12.36 -16.01 15.19
N ASP A 74 -11.80 -16.75 14.24
CA ASP A 74 -11.16 -18.04 14.55
C ASP A 74 -9.91 -17.83 15.40
N THR A 75 -9.28 -16.66 15.30
CA THR A 75 -8.08 -16.39 16.07
C THR A 75 -8.28 -15.09 16.85
N THR A 76 -8.68 -15.24 18.11
CA THR A 76 -9.04 -14.07 18.91
C THR A 76 -8.03 -13.70 19.98
N PHE A 77 -7.76 -12.39 20.05
CA PHE A 77 -6.88 -11.81 21.04
C PHE A 77 -7.72 -11.08 22.08
N ASN A 78 -7.56 -11.48 23.33
CA ASN A 78 -8.02 -10.69 24.46
C ASN A 78 -6.84 -9.86 24.83
N GLY A 79 -6.63 -8.84 24.01
CA GLY A 79 -5.37 -8.14 23.96
C GLY A 79 -5.37 -7.26 22.73
N ASP A 80 -4.19 -6.81 22.36
CA ASP A 80 -4.08 -5.73 21.40
C ASP A 80 -3.04 -6.02 20.34
N VAL A 81 -3.15 -5.32 19.21
CA VAL A 81 -2.10 -5.26 18.21
C VAL A 81 -1.74 -3.78 18.04
N THR A 82 -0.62 -3.43 18.62
CA THR A 82 -0.31 -2.04 18.85
C THR A 82 0.84 -1.57 17.98
N VAL A 83 0.61 -0.45 17.31
CA VAL A 83 1.67 0.37 16.79
C VAL A 83 1.54 1.77 17.41
N ASP A 84 2.58 2.23 18.13
CA ASP A 84 2.65 3.63 18.60
C ASP A 84 3.86 4.34 17.97
N ALA A 85 4.40 5.35 18.64
CA ALA A 85 5.37 6.22 18.05
C ALA A 85 6.39 6.61 19.08
N GLY A 86 6.22 6.14 20.33
CA GLY A 86 7.14 6.41 21.40
C GLY A 86 8.56 6.67 20.90
N TRP A 87 9.10 5.74 20.12
CA TRP A 87 10.46 5.88 19.60
C TRP A 87 10.78 7.09 18.72
N PHE A 88 9.78 7.80 18.21
CA PHE A 88 10.01 8.93 17.29
C PHE A 88 9.28 10.13 17.85
N ASP A 89 9.58 10.41 19.10
CA ASP A 89 8.87 11.40 19.93
C ASP A 89 7.40 11.66 19.56
N GLY A 90 6.68 10.54 19.57
CA GLY A 90 5.28 10.49 19.26
C GLY A 90 4.93 10.99 17.87
N ASN A 91 5.93 11.11 17.02
CA ASN A 91 5.72 11.41 15.63
C ASN A 91 5.62 10.05 14.93
N ALA A 92 4.48 9.77 14.29
CA ALA A 92 4.26 8.43 13.69
C ALA A 92 4.50 8.42 12.17
N THR A 93 5.05 9.51 11.63
CA THR A 93 5.21 9.64 10.17
C THR A 93 6.34 8.79 9.55
N GLN A 94 6.97 7.95 10.35
CA GLN A 94 7.94 7.00 9.84
C GLN A 94 7.54 5.58 10.26
N ASN A 95 6.27 5.40 10.62
CA ASN A 95 5.82 4.06 11.01
C ASN A 95 5.35 3.26 9.79
N PHE A 96 6.33 2.73 9.07
CA PHE A 96 6.11 2.06 7.79
C PHE A 96 6.35 0.54 7.86
N TRP A 97 5.98 -0.13 6.77
CA TRP A 97 6.37 -1.50 6.44
C TRP A 97 6.03 -2.53 7.51
N ARG A 98 4.75 -2.61 7.82
CA ARG A 98 4.30 -3.61 8.76
C ARG A 98 2.80 -3.92 8.52
N SER A 99 2.31 -4.98 9.11
CA SER A 99 0.91 -5.37 8.74
C SER A 99 0.23 -6.21 9.77
N ALA A 100 -1.10 -6.14 9.78
CA ALA A 100 -1.93 -7.02 10.60
C ALA A 100 -3.08 -7.54 9.77
N GLU A 101 -3.36 -8.84 9.89
CA GLU A 101 -4.42 -9.45 9.14
C GLU A 101 -5.07 -10.63 9.86
N ASN A 102 -6.38 -10.77 9.66
CA ASN A 102 -7.10 -12.04 9.93
C ASN A 102 -7.01 -12.44 11.39
N LEU A 103 -7.19 -11.42 12.24
CA LEU A 103 -7.34 -11.58 13.70
C LEU A 103 -8.60 -10.88 14.20
N ALA A 104 -9.14 -11.43 15.30
CA ALA A 104 -10.10 -10.68 16.14
C ALA A 104 -9.38 -10.14 17.38
N LEU A 105 -9.72 -8.92 17.78
CA LEU A 105 -9.10 -8.23 18.91
C LEU A 105 -10.15 -7.71 19.89
N ASN A 106 -9.91 -8.02 21.17
CA ASN A 106 -10.76 -7.58 22.29
C ASN A 106 -9.83 -6.77 23.16
N PRO A 107 -9.69 -5.49 22.84
CA PRO A 107 -8.60 -4.76 23.52
C PRO A 107 -8.87 -4.60 25.04
N VAL A 108 -7.86 -4.03 25.67
CA VAL A 108 -7.70 -4.08 27.09
C VAL A 108 -8.49 -2.97 27.73
N ASN A 109 -8.49 -1.80 27.11
CA ASN A 109 -9.27 -0.68 27.61
C ASN A 109 -10.34 -0.29 26.61
N GLY A 110 -10.73 -1.25 25.76
CA GLY A 110 -11.80 -1.04 24.79
C GLY A 110 -11.37 -0.54 23.43
N THR A 111 -10.13 -0.05 23.31
CA THR A 111 -9.63 0.55 22.07
C THR A 111 -8.26 0.00 21.68
N ASN A 112 -8.13 -0.42 20.43
CA ASN A 112 -6.85 -0.82 19.89
C ASN A 112 -6.15 0.40 19.20
N ARG A 113 -4.85 0.54 19.43
CA ARG A 113 -4.03 1.58 18.77
C ARG A 113 -3.23 1.01 17.58
N TRP A 114 -3.47 1.56 16.36
CA TRP A 114 -2.73 1.25 15.12
C TRP A 114 -2.30 2.59 14.48
N ALA A 115 -1.24 3.17 15.02
CA ALA A 115 -0.85 4.54 14.72
C ALA A 115 0.25 4.55 13.67
N VAL A 116 -0.15 4.24 12.47
CA VAL A 116 0.79 3.99 11.40
C VAL A 116 0.81 5.09 10.33
N SER A 117 1.83 5.02 9.49
CA SER A 117 1.84 5.80 8.28
C SER A 117 1.75 4.86 7.09
N GLN A 118 2.52 5.09 6.02
CA GLN A 118 2.33 4.38 4.78
C GLN A 118 2.82 2.90 4.84
N ALA A 119 2.24 2.07 3.99
CA ALA A 119 2.59 0.67 3.84
C ALA A 119 2.42 -0.09 5.17
N ALA A 120 1.27 0.10 5.78
CA ALA A 120 1.00 -0.50 7.08
C ALA A 120 -0.46 -1.00 7.07
N PRO A 121 -0.75 -1.97 6.20
CA PRO A 121 -2.16 -2.33 6.01
C PRO A 121 -2.74 -3.14 7.17
N PHE A 122 -4.06 -3.01 7.27
CA PHE A 122 -4.88 -3.56 8.33
C PHE A 122 -6.04 -4.21 7.58
N ARG A 123 -5.96 -5.53 7.44
CA ARG A 123 -6.89 -6.27 6.58
C ARG A 123 -7.57 -7.41 7.32
N ARG A 124 -8.83 -7.65 7.01
CA ARG A 124 -9.51 -8.86 7.48
C ARG A 124 -9.47 -8.92 9.00
N MET A 125 -9.72 -7.77 9.63
CA MET A 125 -9.66 -7.67 11.08
C MET A 125 -11.05 -7.45 11.69
N HIS A 126 -11.23 -8.03 12.87
CA HIS A 126 -12.39 -7.74 13.71
C HIS A 126 -11.96 -7.13 15.04
N VAL A 127 -12.25 -5.85 15.22
CA VAL A 127 -11.90 -5.16 16.47
C VAL A 127 -13.19 -5.03 17.25
N LYS A 128 -13.28 -5.79 18.33
CA LYS A 128 -14.45 -5.71 19.21
C LYS A 128 -14.30 -4.51 20.14
N GLY A 129 -14.24 -3.32 19.56
CA GLY A 129 -14.14 -2.11 20.33
C GLY A 129 -13.87 -1.03 19.32
N GLY A 130 -13.36 0.08 19.81
CA GLY A 130 -12.85 1.14 18.95
C GLY A 130 -11.45 0.89 18.42
N LEU A 131 -11.04 1.77 17.50
CA LEU A 131 -9.72 1.70 16.84
C LEU A 131 -9.14 3.12 16.76
N ASN A 132 -8.05 3.35 17.46
CA ASN A 132 -7.36 4.67 17.53
C ASN A 132 -6.19 4.65 16.57
N LEU A 133 -6.22 5.50 15.55
CA LEU A 133 -5.17 5.52 14.52
C LEU A 133 -4.01 6.49 14.78
N ALA A 134 -4.01 7.11 15.94
CA ALA A 134 -3.02 8.13 16.26
C ALA A 134 -2.09 7.69 17.39
N PRO A 135 -0.84 8.19 17.37
CA PRO A 135 0.19 7.85 18.36
C PRO A 135 -0.09 8.48 19.72
N ASP A 136 0.42 7.89 20.78
CA ASP A 136 0.17 8.43 22.11
C ASP A 136 0.79 9.83 22.07
N GLY A 137 0.22 10.78 22.80
CA GLY A 137 0.69 12.17 22.69
C GLY A 137 0.10 12.86 21.49
N TYR A 138 -0.33 12.06 20.50
CA TYR A 138 -1.04 12.56 19.32
C TYR A 138 -0.25 13.46 18.38
N GLY A 139 0.93 12.99 18.07
CA GLY A 139 1.77 13.69 17.12
C GLY A 139 1.39 13.31 15.70
N TRP A 140 2.18 13.81 14.76
CA TRP A 140 1.92 13.70 13.37
C TRP A 140 1.79 12.25 12.86
N ALA A 141 0.95 12.07 11.86
CA ALA A 141 0.70 10.74 11.29
C ALA A 141 0.14 10.86 9.88
N SER A 142 0.53 9.92 9.02
CA SER A 142 0.24 10.01 7.62
C SER A 142 -0.07 8.66 6.96
N GLY A 143 -1.07 7.97 7.51
CA GLY A 143 -1.59 6.70 6.99
C GLY A 143 -2.54 6.95 5.83
N GLY A 144 -3.32 5.95 5.41
CA GLY A 144 -3.37 4.63 6.02
C GLY A 144 -4.42 3.82 5.27
N TYR A 145 -4.60 2.56 5.65
CA TYR A 145 -5.34 1.62 4.83
C TYR A 145 -5.98 0.50 5.65
N ILE A 146 -7.30 0.49 5.56
CA ILE A 146 -8.16 -0.56 6.15
C ILE A 146 -9.07 -1.14 5.07
N ALA A 147 -9.08 -2.47 4.98
CA ALA A 147 -9.96 -3.20 4.09
C ALA A 147 -10.49 -4.45 4.72
N ASP A 148 -11.71 -4.79 4.35
CA ASP A 148 -12.29 -6.07 4.74
C ASP A 148 -12.33 -6.27 6.26
N SER A 149 -12.53 -5.17 6.95
CA SER A 149 -12.51 -5.15 8.41
C SER A 149 -13.84 -4.73 9.04
N LYS A 150 -14.14 -5.31 10.20
CA LYS A 150 -15.28 -4.88 11.01
C LYS A 150 -14.72 -4.28 12.31
N ILE A 151 -15.03 -3.01 12.54
CA ILE A 151 -14.66 -2.33 13.80
C ILE A 151 -15.99 -2.09 14.50
N ASP A 152 -16.23 -2.84 15.58
CA ASP A 152 -17.49 -2.72 16.31
C ASP A 152 -17.80 -1.31 16.79
N GLY A 153 -16.82 -0.61 17.37
CA GLY A 153 -17.03 0.73 17.90
C GLY A 153 -16.51 1.77 16.93
N GLU A 154 -15.96 2.87 17.46
CA GLU A 154 -15.55 3.97 16.62
C GLU A 154 -14.09 3.86 16.12
N VAL A 155 -13.87 4.32 14.90
CA VAL A 155 -12.51 4.57 14.43
C VAL A 155 -12.18 6.06 14.63
N GLY A 156 -11.09 6.32 15.33
CA GLY A 156 -10.71 7.70 15.62
C GLY A 156 -9.36 8.04 15.03
N PRO A 157 -9.35 8.83 13.95
CA PRO A 157 -8.05 9.08 13.33
C PRO A 157 -7.27 10.16 14.08
N TYR A 158 -7.99 11.02 14.82
CA TYR A 158 -7.39 12.17 15.52
C TYR A 158 -6.42 13.00 14.62
N SER A 159 -5.11 12.82 14.76
CA SER A 159 -4.15 13.60 13.99
C SER A 159 -3.82 13.03 12.58
N GLN A 160 -4.35 11.86 12.22
CA GLN A 160 -4.08 11.35 10.86
C GLN A 160 -4.49 12.31 9.77
N GLN A 161 -3.56 12.61 8.86
CA GLN A 161 -3.86 13.54 7.79
C GLN A 161 -4.95 13.05 6.86
N GLN A 162 -4.84 11.79 6.51
CA GLN A 162 -5.68 11.19 5.50
C GLN A 162 -5.81 9.69 5.76
N TRP A 163 -6.79 9.07 5.10
CA TRP A 163 -7.04 7.64 5.31
C TRP A 163 -7.91 7.08 4.20
N TYR A 164 -7.65 5.81 3.86
CA TYR A 164 -8.54 5.05 2.98
C TYR A 164 -9.09 3.81 3.66
N THR A 165 -10.41 3.69 3.59
CA THR A 165 -11.12 2.52 4.08
C THR A 165 -12.01 1.93 2.98
N ARG A 166 -11.92 0.62 2.77
CA ARG A 166 -12.81 -0.03 1.81
C ARG A 166 -13.46 -1.31 2.31
N ASP A 167 -14.68 -1.52 1.81
CA ASP A 167 -15.35 -2.82 1.93
C ASP A 167 -15.24 -3.36 3.36
N SER A 168 -15.84 -2.60 4.26
CA SER A 168 -15.65 -2.79 5.69
C SER A 168 -16.92 -2.45 6.46
N SER A 169 -16.83 -2.56 7.80
CA SER A 169 -17.90 -2.15 8.72
C SER A 169 -17.29 -1.40 9.91
N VAL A 170 -17.76 -0.18 10.15
CA VAL A 170 -17.33 0.57 11.33
C VAL A 170 -18.53 0.97 12.21
N GLY A 171 -18.33 0.99 13.52
CA GLY A 171 -19.34 1.50 14.46
C GLY A 171 -19.54 3.02 14.44
N GLY A 172 -18.48 3.73 14.08
CA GLY A 172 -18.51 5.18 13.99
C GLY A 172 -17.16 5.67 13.46
N TRP A 173 -16.93 6.98 13.52
CA TRP A 173 -15.83 7.63 12.82
C TRP A 173 -15.76 9.08 13.29
N GLY A 174 -14.79 9.41 14.14
CA GLY A 174 -14.82 10.66 14.89
C GLY A 174 -14.42 11.93 14.19
N ASN A 175 -13.62 11.85 13.13
CA ASN A 175 -13.08 13.07 12.51
C ASN A 175 -12.27 12.79 11.24
N GLY A 176 -11.98 13.86 10.52
CA GLY A 176 -11.01 13.82 9.47
C GLY A 176 -10.15 15.04 9.76
N VAL A 177 -8.97 15.06 9.14
CA VAL A 177 -8.15 16.26 8.93
C VAL A 177 -8.16 16.85 7.47
N TRP A 178 -7.50 16.20 6.50
CA TRP A 178 -7.47 16.65 5.08
C TRP A 178 -8.21 15.80 4.01
N ASN A 179 -8.04 14.48 4.06
CA ASN A 179 -8.66 13.54 3.11
C ASN A 179 -9.00 12.15 3.75
N MET A 180 -10.23 12.00 4.23
CA MET A 180 -10.76 10.66 4.59
C MET A 180 -11.70 10.14 3.49
N THR A 181 -11.29 9.03 2.86
CA THR A 181 -12.08 8.43 1.79
C THR A 181 -12.52 6.99 2.15
N PHE A 182 -13.76 6.73 1.78
CA PHE A 182 -14.47 5.49 2.04
C PHE A 182 -15.08 4.95 0.74
N SER A 183 -14.89 3.65 0.49
CA SER A 183 -15.70 2.96 -0.53
C SER A 183 -16.22 1.62 -0.01
N GLY A 184 -17.54 1.41 -0.13
CA GLY A 184 -18.15 0.19 0.36
C GLY A 184 -18.06 -0.03 1.87
N VAL A 185 -18.09 1.06 2.63
CA VAL A 185 -17.92 0.97 4.07
C VAL A 185 -19.27 1.19 4.80
N GLU A 186 -19.79 0.10 5.35
CA GLU A 186 -21.02 0.19 6.16
C GLU A 186 -20.69 1.00 7.40
N GLY A 187 -21.42 2.08 7.56
CA GLY A 187 -21.21 2.94 8.71
C GLY A 187 -20.37 4.17 8.39
N ALA A 188 -19.83 4.28 7.18
CA ALA A 188 -18.98 5.46 6.87
C ALA A 188 -19.72 6.75 7.21
N PRO A 189 -18.96 7.81 7.53
CA PRO A 189 -19.58 9.13 7.64
C PRO A 189 -20.06 9.53 6.25
N ALA A 190 -21.17 10.24 6.16
CA ALA A 190 -21.70 10.60 4.84
C ALA A 190 -20.82 11.66 4.15
N GLN A 191 -20.98 11.76 2.84
CA GLN A 191 -20.14 12.64 2.02
C GLN A 191 -20.35 14.12 2.33
N SER A 192 -19.25 14.81 2.62
CA SER A 192 -19.31 16.11 3.25
C SER A 192 -18.18 17.07 2.86
N PHE A 193 -17.35 16.63 1.92
CA PHE A 193 -16.16 17.40 1.55
C PHE A 193 -16.71 18.72 1.01
N PRO A 194 -16.10 19.85 1.38
CA PRO A 194 -14.79 19.97 2.04
C PRO A 194 -14.79 19.92 3.57
N GLU A 195 -15.94 19.87 4.21
CA GLU A 195 -15.92 20.16 5.64
C GLU A 195 -17.03 19.44 6.37
N PRO A 196 -16.68 18.34 7.06
CA PRO A 196 -15.43 17.56 7.01
C PRO A 196 -15.10 16.99 5.62
N PRO A 197 -13.80 16.94 5.23
CA PRO A 197 -13.47 16.39 3.92
C PRO A 197 -13.60 14.86 3.91
N TYR A 198 -14.83 14.40 3.98
CA TYR A 198 -15.14 13.00 3.85
C TYR A 198 -15.56 12.81 2.39
N THR A 199 -14.89 11.87 1.72
CA THR A 199 -15.25 11.45 0.38
C THR A 199 -15.81 10.03 0.46
N THR A 200 -17.09 9.87 0.13
CA THR A 200 -17.83 8.67 0.53
C THR A 200 -18.60 8.06 -0.60
N LEU A 201 -18.19 6.86 -0.99
CA LEU A 201 -18.76 6.13 -2.09
C LEU A 201 -19.42 4.82 -1.56
N GLU A 202 -20.67 4.58 -1.94
CA GLU A 202 -21.43 3.48 -1.37
C GLU A 202 -20.80 2.13 -1.65
N THR A 203 -20.16 2.02 -2.81
CA THR A 203 -19.49 0.79 -3.22
C THR A 203 -18.12 0.96 -3.89
N THR A 204 -17.33 -0.11 -3.86
CA THR A 204 -16.06 -0.20 -4.61
C THR A 204 -16.22 -0.95 -5.93
N PRO A 205 -15.99 -0.28 -7.07
CA PRO A 205 -16.46 -0.86 -8.35
C PRO A 205 -16.10 -2.32 -8.52
N VAL A 206 -14.86 -2.67 -8.16
CA VAL A 206 -14.52 -4.05 -7.96
C VAL A 206 -13.33 -4.16 -7.00
N SER A 207 -13.34 -5.27 -6.28
CA SER A 207 -12.32 -5.58 -5.32
C SER A 207 -12.17 -7.09 -5.25
N ARG A 208 -11.00 -7.51 -4.78
CA ARG A 208 -10.74 -8.90 -4.59
C ARG A 208 -9.78 -9.00 -3.44
N GLU A 209 -10.23 -9.64 -2.36
CA GLU A 209 -9.46 -9.63 -1.13
C GLU A 209 -8.13 -10.37 -1.31
N LYS A 210 -7.11 -9.86 -0.62
CA LYS A 210 -5.76 -10.44 -0.68
C LYS A 210 -5.72 -11.91 -0.24
N PRO A 211 -5.06 -12.79 -1.02
CA PRO A 211 -4.88 -14.18 -0.56
C PRO A 211 -4.10 -14.26 0.75
N PHE A 212 -4.39 -15.24 1.57
CA PHE A 212 -3.67 -15.43 2.84
C PHE A 212 -3.55 -16.91 3.25
N LEU A 213 -2.49 -17.18 4.00
CA LEU A 213 -2.18 -18.44 4.62
C LEU A 213 -3.15 -18.78 5.78
N TYR A 214 -3.50 -20.06 5.91
CA TYR A 214 -4.35 -20.52 7.02
C TYR A 214 -4.29 -22.03 7.22
N LEU A 215 -4.47 -22.49 8.46
CA LEU A 215 -4.59 -23.93 8.72
C LEU A 215 -5.98 -24.44 8.35
N ASP A 216 -6.04 -25.61 7.71
CA ASP A 216 -7.27 -26.39 7.48
C ASP A 216 -6.92 -27.77 7.97
N GLY A 217 -7.60 -28.25 9.01
CA GLY A 217 -7.07 -29.41 9.73
C GLY A 217 -5.70 -28.97 10.24
N ASP A 218 -4.79 -29.91 10.46
CA ASP A 218 -3.42 -29.50 10.72
C ASP A 218 -2.70 -28.98 9.46
N ASP A 219 -3.40 -28.78 8.32
CA ASP A 219 -2.71 -28.42 7.05
C ASP A 219 -2.83 -26.97 6.50
N TYR A 220 -1.66 -26.41 6.27
CA TYR A 220 -1.51 -25.06 5.64
C TYR A 220 -2.04 -25.00 4.19
N LYS A 221 -3.04 -24.15 3.98
CA LYS A 221 -3.54 -23.82 2.65
C LYS A 221 -3.58 -22.31 2.52
N VAL A 222 -3.55 -21.82 1.28
CA VAL A 222 -3.75 -20.39 1.05
C VAL A 222 -5.14 -20.18 0.47
N PHE A 223 -5.96 -19.41 1.18
CA PHE A 223 -7.29 -19.04 0.70
C PHE A 223 -7.12 -17.81 -0.16
N VAL A 224 -7.47 -17.97 -1.42
CA VAL A 224 -7.35 -16.94 -2.45
C VAL A 224 -8.77 -16.44 -2.71
N PRO A 225 -9.15 -15.35 -2.06
CA PRO A 225 -10.55 -14.94 -2.22
C PRO A 225 -11.01 -14.59 -3.63
N ALA A 226 -12.31 -14.77 -3.81
CA ALA A 226 -13.09 -14.40 -5.01
C ALA A 226 -13.41 -12.88 -5.18
N LYS A 227 -13.56 -12.42 -6.44
CA LYS A 227 -13.83 -11.00 -6.71
C LYS A 227 -15.27 -10.55 -6.36
N ARG A 228 -15.33 -9.39 -5.72
CA ARG A 228 -16.59 -8.72 -5.43
C ARG A 228 -16.78 -7.47 -6.31
N THR A 229 -17.62 -7.58 -7.35
CA THR A 229 -18.04 -6.39 -8.09
C THR A 229 -19.09 -5.65 -7.26
N ASN A 230 -19.20 -4.34 -7.49
CA ASN A 230 -19.99 -3.45 -6.64
C ASN A 230 -19.94 -3.81 -5.15
N ALA A 231 -18.74 -4.21 -4.71
CA ALA A 231 -18.48 -4.58 -3.34
C ALA A 231 -18.87 -3.51 -2.33
N ARG A 232 -19.51 -3.97 -1.23
CA ARG A 232 -19.82 -3.17 -0.04
C ARG A 232 -19.78 -4.09 1.18
N GLY A 233 -19.20 -3.60 2.28
CA GLY A 233 -19.07 -4.40 3.50
C GLY A 233 -18.01 -5.50 3.46
N THR A 234 -17.89 -6.26 4.56
CA THR A 234 -16.86 -7.29 4.70
C THR A 234 -17.23 -8.54 3.87
N SER A 235 -16.21 -9.29 3.46
CA SER A 235 -16.41 -10.48 2.66
C SER A 235 -16.76 -11.68 3.55
N TRP A 236 -16.39 -11.59 4.83
CA TRP A 236 -16.51 -12.71 5.75
C TRP A 236 -17.68 -12.54 6.75
N GLY A 237 -18.33 -11.38 6.72
CA GLY A 237 -19.49 -11.16 7.58
C GLY A 237 -20.69 -12.09 7.37
N ASN A 238 -20.86 -12.63 6.15
CA ASN A 238 -22.00 -13.53 5.79
C ASN A 238 -21.64 -15.00 5.47
N GLY A 239 -20.78 -15.58 6.31
CA GLY A 239 -20.55 -17.02 6.40
C GLY A 239 -19.42 -17.73 5.64
N THR A 240 -19.63 -19.02 5.38
CA THR A 240 -18.79 -19.83 4.49
C THR A 240 -18.04 -18.97 3.38
N PRO A 241 -16.76 -18.61 3.59
CA PRO A 241 -16.32 -17.60 2.60
C PRO A 241 -16.09 -18.14 1.22
N GLU A 242 -16.23 -17.28 0.22
CA GLU A 242 -16.07 -17.73 -1.12
C GLU A 242 -14.74 -17.42 -1.81
N GLY A 243 -14.23 -18.46 -2.47
CA GLY A 243 -13.09 -18.39 -3.35
C GLY A 243 -12.57 -19.81 -3.44
N GLU A 244 -11.28 -19.92 -3.76
CA GLU A 244 -10.63 -21.20 -4.00
C GLU A 244 -9.51 -21.43 -2.93
N SER A 245 -9.37 -22.68 -2.46
CA SER A 245 -8.40 -22.99 -1.37
C SER A 245 -7.26 -23.91 -1.82
N LEU A 246 -6.07 -23.36 -1.88
CA LEU A 246 -4.93 -24.06 -2.39
C LEU A 246 -4.01 -24.64 -1.33
N PRO A 247 -3.48 -25.84 -1.61
CA PRO A 247 -2.55 -26.38 -0.62
C PRO A 247 -1.17 -25.75 -0.75
N LEU A 248 -0.54 -25.56 0.40
CA LEU A 248 0.87 -25.25 0.52
C LEU A 248 1.74 -26.00 -0.46
N ASP A 249 1.32 -27.20 -0.81
CA ASP A 249 2.12 -28.03 -1.70
C ASP A 249 2.17 -27.55 -3.17
N GLN A 250 1.15 -26.79 -3.60
CA GLN A 250 1.15 -26.21 -4.94
C GLN A 250 1.98 -24.88 -4.92
N PHE A 251 2.79 -24.69 -3.87
CA PHE A 251 3.46 -23.43 -3.57
C PHE A 251 4.97 -23.61 -3.36
N TYR A 252 5.78 -23.16 -4.32
CA TYR A 252 7.22 -23.18 -4.14
C TYR A 252 7.64 -22.17 -3.10
N VAL A 253 7.78 -22.63 -1.87
CA VAL A 253 8.10 -21.73 -0.77
C VAL A 253 9.52 -21.20 -0.84
N VAL A 254 9.67 -19.89 -1.10
CA VAL A 254 10.96 -19.33 -1.44
C VAL A 254 11.74 -18.84 -0.20
N LYS A 255 13.06 -19.07 -0.21
CA LYS A 255 13.93 -18.74 0.92
C LYS A 255 15.30 -18.14 0.49
N PRO A 256 16.05 -17.56 1.44
CA PRO A 256 17.40 -17.09 1.11
C PRO A 256 18.19 -18.11 0.30
N GLY A 257 18.58 -17.67 -0.89
CA GLY A 257 19.27 -18.52 -1.84
C GLY A 257 18.67 -18.53 -3.25
N ALA A 258 17.34 -18.68 -3.31
CA ALA A 258 16.60 -18.71 -4.58
C ALA A 258 17.28 -17.80 -5.59
N THR A 259 17.62 -18.35 -6.75
CA THR A 259 18.04 -17.53 -7.85
C THR A 259 16.70 -17.09 -8.48
N ALA A 260 16.67 -15.96 -9.18
CA ALA A 260 15.44 -15.66 -9.91
C ALA A 260 15.20 -16.76 -10.97
N GLU A 261 16.28 -17.44 -11.36
CA GLU A 261 16.19 -18.52 -12.35
C GLU A 261 15.38 -19.71 -11.82
N THR A 262 15.53 -20.03 -10.54
CA THR A 262 14.78 -21.14 -9.98
C THR A 262 13.33 -20.72 -9.78
N ILE A 263 13.17 -19.53 -9.22
CA ILE A 263 11.87 -18.95 -8.97
C ILE A 263 11.01 -18.97 -10.25
N ASN A 264 11.64 -18.61 -11.38
CA ASN A 264 10.96 -18.60 -12.69
C ASN A 264 10.66 -20.00 -13.24
N ALA A 265 11.55 -20.94 -12.99
CA ALA A 265 11.30 -22.34 -13.32
C ALA A 265 10.08 -22.85 -12.56
N ALA A 266 10.00 -22.57 -11.26
CA ALA A 266 8.87 -23.00 -10.47
C ALA A 266 7.55 -22.50 -11.07
N VAL A 267 7.50 -21.21 -11.47
CA VAL A 267 6.30 -20.74 -12.17
C VAL A 267 6.21 -21.49 -13.51
N ASP A 268 7.38 -21.70 -14.17
CA ASP A 268 7.41 -22.37 -15.49
C ASP A 268 6.88 -23.75 -15.35
N GLN A 269 7.23 -24.37 -14.24
CA GLN A 269 6.85 -25.75 -14.02
C GLN A 269 5.50 -25.85 -13.30
N GLY A 270 4.86 -24.70 -13.04
CA GLY A 270 3.46 -24.68 -12.56
C GLY A 270 3.18 -24.15 -11.18
N LEU A 271 4.15 -24.18 -10.27
CA LEU A 271 3.96 -23.77 -8.88
C LEU A 271 3.58 -22.28 -8.64
N HIS A 272 2.91 -22.03 -7.52
CA HIS A 272 2.65 -20.70 -7.00
C HIS A 272 3.78 -20.37 -6.08
N LEU A 273 3.98 -19.09 -5.78
CA LEU A 273 5.20 -18.61 -5.09
C LEU A 273 4.87 -18.05 -3.71
N LEU A 274 5.61 -18.48 -2.70
CA LEU A 274 5.49 -17.92 -1.36
C LEU A 274 6.84 -17.47 -0.86
N PHE A 275 6.98 -16.16 -0.72
CA PHE A 275 8.26 -15.60 -0.28
C PHE A 275 8.31 -15.48 1.23
N THR A 276 9.07 -16.37 1.87
CA THR A 276 9.32 -16.28 3.29
C THR A 276 10.00 -14.93 3.60
N PRO A 277 9.88 -14.46 4.85
CA PRO A 277 10.42 -13.15 5.14
C PRO A 277 11.92 -13.16 4.99
N GLY A 278 12.42 -12.17 4.29
CA GLY A 278 13.83 -12.11 3.96
C GLY A 278 14.02 -11.11 2.83
N VAL A 279 15.29 -10.88 2.53
CA VAL A 279 15.66 -9.89 1.52
C VAL A 279 16.40 -10.66 0.43
N TYR A 280 15.83 -10.62 -0.77
CA TYR A 280 16.31 -11.40 -1.91
C TYR A 280 16.94 -10.49 -2.99
N HIS A 281 18.04 -10.91 -3.58
CA HIS A 281 18.64 -10.20 -4.71
C HIS A 281 18.40 -11.05 -5.92
N VAL A 282 18.13 -10.41 -7.06
CA VAL A 282 17.93 -11.13 -8.33
C VAL A 282 18.73 -10.46 -9.45
N ASP A 283 19.24 -11.25 -10.39
CA ASP A 283 20.11 -10.76 -11.47
C ASP A 283 19.42 -10.84 -12.84
N GLN A 284 18.16 -11.23 -12.82
CA GLN A 284 17.30 -11.12 -13.98
C GLN A 284 15.89 -11.00 -13.44
N PRO A 285 14.91 -10.71 -14.31
CA PRO A 285 13.58 -10.47 -13.74
C PRO A 285 12.94 -11.77 -13.27
N ILE A 286 12.25 -11.66 -12.14
CA ILE A 286 11.25 -12.66 -11.79
C ILE A 286 10.10 -12.48 -12.74
N GLU A 287 9.74 -13.56 -13.43
CA GLU A 287 8.75 -13.46 -14.48
C GLU A 287 7.59 -14.40 -14.18
N ILE A 288 6.39 -13.86 -14.20
CA ILE A 288 5.20 -14.65 -13.99
C ILE A 288 4.36 -14.55 -15.26
N ASP A 289 4.48 -15.57 -16.09
CA ASP A 289 3.83 -15.59 -17.40
C ASP A 289 2.90 -16.79 -17.51
N ARG A 290 2.22 -17.06 -16.41
CA ARG A 290 1.24 -18.15 -16.30
C ARG A 290 -0.02 -17.68 -15.56
N ALA A 291 -1.17 -17.95 -16.16
CA ALA A 291 -2.40 -17.42 -15.62
C ALA A 291 -2.70 -17.94 -14.20
N ASN A 292 -3.34 -17.09 -13.40
CA ASN A 292 -3.72 -17.36 -11.98
C ASN A 292 -2.60 -17.67 -10.97
N THR A 293 -1.36 -17.37 -11.28
CA THR A 293 -0.28 -17.54 -10.32
C THR A 293 -0.45 -16.58 -9.14
N VAL A 294 -0.39 -17.11 -7.93
CA VAL A 294 -0.39 -16.32 -6.69
C VAL A 294 1.05 -16.20 -6.30
N ALA A 295 1.46 -14.98 -5.97
CA ALA A 295 2.76 -14.74 -5.40
C ALA A 295 2.60 -13.91 -4.13
N LEU A 296 2.62 -14.60 -3.00
CA LEU A 296 2.37 -14.00 -1.69
C LEU A 296 3.68 -13.85 -0.93
N GLY A 297 3.98 -12.61 -0.52
CA GLY A 297 5.05 -12.35 0.43
C GLY A 297 4.61 -12.41 1.89
N LEU A 298 5.50 -12.88 2.75
CA LEU A 298 5.29 -12.81 4.20
C LEU A 298 6.42 -11.96 4.82
N GLY A 299 6.14 -11.39 5.98
CA GLY A 299 7.14 -10.65 6.73
C GLY A 299 7.84 -9.50 5.99
N LEU A 300 7.12 -8.85 5.08
CA LEU A 300 7.67 -7.77 4.28
C LEU A 300 8.83 -8.27 3.40
N ALA A 301 8.70 -9.50 2.93
CA ALA A 301 9.66 -10.08 1.99
C ALA A 301 9.97 -9.05 0.89
N THR A 302 11.26 -8.93 0.62
CA THR A 302 11.81 -7.86 -0.19
C THR A 302 12.66 -8.37 -1.37
N ILE A 303 12.43 -7.77 -2.54
CA ILE A 303 13.08 -8.14 -3.79
C ILE A 303 13.94 -6.94 -4.23
N ILE A 304 15.25 -7.15 -4.36
CA ILE A 304 16.16 -6.11 -4.87
C ILE A 304 16.77 -6.52 -6.25
N PRO A 305 16.49 -5.74 -7.31
CA PRO A 305 17.06 -5.94 -8.63
C PRO A 305 18.53 -5.55 -8.68
N ASP A 306 19.41 -6.52 -8.96
CA ASP A 306 20.84 -6.25 -9.19
C ASP A 306 21.09 -5.96 -10.69
N ASN A 307 22.31 -5.58 -11.06
CA ASN A 307 22.68 -5.38 -12.47
C ASN A 307 21.79 -4.38 -13.29
N GLY A 308 20.89 -3.66 -12.62
CA GLY A 308 19.99 -2.71 -13.28
C GLY A 308 18.82 -3.39 -14.00
N VAL A 309 18.55 -4.62 -13.61
CA VAL A 309 17.42 -5.32 -14.20
C VAL A 309 16.09 -4.91 -13.58
N THR A 310 15.03 -5.30 -14.25
CA THR A 310 13.69 -5.17 -13.68
C THR A 310 13.49 -6.30 -12.62
N ALA A 311 12.86 -5.98 -11.49
CA ALA A 311 12.61 -6.97 -10.46
C ALA A 311 11.52 -7.99 -10.81
N LEU A 312 10.39 -7.49 -11.34
CA LEU A 312 9.24 -8.32 -11.60
C LEU A 312 8.56 -7.94 -12.90
N LYS A 313 8.47 -8.92 -13.81
CA LYS A 313 7.72 -8.81 -15.08
C LYS A 313 6.55 -9.84 -15.08
N VAL A 314 5.31 -9.37 -14.97
CA VAL A 314 4.10 -10.21 -15.12
C VAL A 314 3.63 -10.17 -16.57
N GLY A 315 3.32 -11.35 -17.13
CA GLY A 315 3.02 -11.47 -18.54
C GLY A 315 1.55 -11.13 -18.81
N ASP A 316 1.09 -11.36 -20.04
CA ASP A 316 -0.25 -10.91 -20.43
C ASP A 316 -1.34 -11.96 -20.17
N VAL A 317 -1.47 -12.32 -18.89
CA VAL A 317 -2.33 -13.45 -18.50
C VAL A 317 -3.32 -13.03 -17.41
N ASP A 318 -4.46 -13.69 -17.40
CA ASP A 318 -5.49 -13.48 -16.38
C ASP A 318 -5.00 -13.94 -15.01
N GLY A 319 -5.56 -13.34 -13.96
CA GLY A 319 -5.61 -13.99 -12.69
C GLY A 319 -4.39 -13.93 -11.77
N VAL A 320 -3.34 -13.19 -12.14
CA VAL A 320 -2.14 -13.17 -11.30
C VAL A 320 -2.48 -12.37 -10.03
N LYS A 321 -1.91 -12.77 -8.91
CA LYS A 321 -2.16 -12.09 -7.62
C LYS A 321 -0.82 -11.97 -6.92
N VAL A 322 -0.31 -10.75 -7.01
CA VAL A 322 0.94 -10.37 -6.38
C VAL A 322 0.55 -9.63 -5.11
N ALA A 323 0.96 -10.16 -3.97
CA ALA A 323 0.64 -9.51 -2.68
C ALA A 323 1.74 -9.60 -1.64
N GLY A 324 2.03 -8.44 -1.05
CA GLY A 324 2.80 -8.39 0.17
C GLY A 324 4.30 -8.44 -0.05
N LEU A 325 4.80 -7.68 -1.04
CA LEU A 325 6.21 -7.62 -1.34
C LEU A 325 6.70 -6.17 -1.34
N LEU A 326 7.93 -5.97 -0.88
CA LEU A 326 8.63 -4.71 -1.06
C LEU A 326 9.63 -4.93 -2.18
N VAL A 327 9.61 -4.08 -3.20
CA VAL A 327 10.68 -4.04 -4.18
C VAL A 327 11.58 -2.81 -3.91
N ASP A 328 12.87 -3.04 -3.68
CA ASP A 328 13.79 -2.01 -3.23
C ASP A 328 14.87 -1.83 -4.29
N ALA A 329 14.98 -0.62 -4.85
CA ALA A 329 15.89 -0.42 -5.96
C ALA A 329 17.32 -0.68 -5.55
N GLY A 330 18.09 -1.26 -6.49
CA GLY A 330 19.53 -1.32 -6.34
C GLY A 330 20.21 -0.01 -6.72
N PRO A 331 21.50 0.10 -6.38
CA PRO A 331 22.32 1.27 -6.69
C PRO A 331 22.50 1.51 -8.20
N VAL A 332 22.49 0.45 -9.01
CA VAL A 332 22.50 0.57 -10.48
C VAL A 332 21.09 0.86 -10.98
N ASN A 333 20.95 1.92 -11.78
CA ASN A 333 19.63 2.34 -12.22
C ASN A 333 18.90 1.23 -12.99
N SER A 334 17.69 0.92 -12.52
CA SER A 334 16.78 0.11 -13.33
C SER A 334 15.81 0.93 -14.18
N GLU A 335 15.67 0.55 -15.45
CA GLU A 335 14.68 1.15 -16.33
C GLU A 335 13.26 1.06 -15.73
N THR A 336 12.92 -0.12 -15.26
CA THR A 336 11.69 -0.34 -14.52
C THR A 336 11.96 -1.25 -13.31
N LEU A 337 11.13 -1.15 -12.28
CA LEU A 337 11.16 -2.10 -11.19
C LEU A 337 10.11 -3.22 -11.34
N VAL A 338 8.91 -2.84 -11.78
CA VAL A 338 7.79 -3.74 -11.90
C VAL A 338 7.04 -3.39 -13.18
N GLU A 339 6.87 -4.41 -14.04
CA GLU A 339 6.03 -4.31 -15.22
C GLU A 339 4.87 -5.29 -15.09
N VAL A 340 3.66 -4.78 -15.35
CA VAL A 340 2.46 -5.57 -15.33
C VAL A 340 1.92 -5.61 -16.77
N GLY A 341 2.19 -6.74 -17.44
CA GLY A 341 1.92 -6.91 -18.85
C GLY A 341 3.08 -6.39 -19.73
N SER A 342 3.17 -6.88 -20.95
CA SER A 342 4.19 -6.35 -21.86
C SER A 342 3.78 -4.97 -22.45
N ASP A 343 4.71 -4.22 -23.03
CA ASP A 343 4.37 -2.91 -23.61
C ASP A 343 3.44 -3.07 -24.85
N GLY A 344 2.29 -2.40 -24.84
CA GLY A 344 1.32 -2.51 -25.96
C GLY A 344 0.28 -3.67 -25.94
N ALA A 345 0.13 -4.33 -24.81
CA ALA A 345 -0.86 -5.43 -24.64
C ALA A 345 -2.28 -4.85 -24.68
N SER A 346 -3.14 -5.36 -25.58
CA SER A 346 -4.47 -4.73 -25.82
C SER A 346 -5.72 -5.66 -25.66
N GLY A 347 -5.50 -6.82 -25.05
CA GLY A 347 -6.61 -7.69 -24.70
C GLY A 347 -7.28 -7.29 -23.40
N ASP A 348 -8.38 -7.98 -23.07
CA ASP A 348 -9.15 -7.79 -21.85
C ASP A 348 -8.88 -8.85 -20.80
N HIS A 349 -8.74 -8.44 -19.52
CA HIS A 349 -8.71 -9.41 -18.42
C HIS A 349 -9.79 -9.12 -17.40
N ALA A 350 -11.00 -8.83 -17.88
CA ALA A 350 -12.05 -8.29 -17.02
C ALA A 350 -12.67 -9.29 -16.02
N ALA A 351 -12.91 -10.53 -16.46
CA ALA A 351 -13.49 -11.50 -15.56
C ALA A 351 -12.55 -11.90 -14.42
N ASN A 352 -11.26 -11.92 -14.72
CA ASN A 352 -10.26 -12.46 -13.83
C ASN A 352 -8.98 -11.63 -13.96
N PRO A 353 -9.01 -10.40 -13.42
CA PRO A 353 -7.83 -9.56 -13.62
C PRO A 353 -6.60 -9.95 -12.82
N THR A 354 -5.48 -9.33 -13.22
CA THR A 354 -4.29 -9.35 -12.40
C THR A 354 -4.36 -8.25 -11.36
N SER A 355 -3.87 -8.55 -10.17
CA SER A 355 -3.84 -7.55 -9.08
C SER A 355 -2.47 -7.45 -8.41
N LEU A 356 -2.18 -6.23 -7.96
CA LEU A 356 -1.10 -5.90 -7.05
C LEU A 356 -1.74 -5.46 -5.75
N GLN A 357 -1.41 -6.13 -4.64
CA GLN A 357 -1.90 -5.74 -3.32
C GLN A 357 -0.80 -5.66 -2.29
N ASP A 358 -0.76 -4.58 -1.53
CA ASP A 358 0.33 -4.37 -0.58
C ASP A 358 1.66 -4.63 -1.28
N VAL A 359 1.83 -4.06 -2.47
CA VAL A 359 3.09 -4.06 -3.15
C VAL A 359 3.65 -2.66 -2.91
N PHE A 360 4.84 -2.63 -2.35
CA PHE A 360 5.52 -1.37 -2.00
C PHE A 360 6.84 -1.28 -2.75
N VAL A 361 7.19 -0.07 -3.14
CA VAL A 361 8.44 0.13 -3.83
C VAL A 361 9.21 1.22 -3.07
N ARG A 362 10.52 0.99 -2.89
CA ARG A 362 11.42 1.97 -2.28
C ARG A 362 12.61 2.24 -3.18
N ILE A 363 12.97 3.51 -3.32
CA ILE A 363 14.18 3.87 -4.06
C ILE A 363 15.06 4.72 -3.16
N GLY A 364 16.12 4.12 -2.64
CA GLY A 364 17.01 4.81 -1.69
C GLY A 364 16.61 4.55 -0.23
N GLY A 365 17.36 5.15 0.68
CA GLY A 365 17.05 5.18 2.09
C GLY A 365 17.85 4.16 2.92
N ALA A 366 18.00 2.96 2.38
CA ALA A 366 18.85 1.96 3.01
C ALA A 366 20.11 1.82 2.18
N GLY A 367 20.59 2.95 1.67
CA GLY A 367 21.59 2.96 0.62
C GLY A 367 21.09 3.55 -0.69
N PRO A 368 22.01 3.83 -1.60
CA PRO A 368 21.60 4.40 -2.88
C PRO A 368 20.73 3.46 -3.69
N GLY A 369 19.70 4.03 -4.30
CA GLY A 369 18.89 3.29 -5.26
C GLY A 369 18.48 4.22 -6.37
N LYS A 370 18.45 3.69 -7.59
CA LYS A 370 18.03 4.41 -8.78
C LYS A 370 17.04 3.60 -9.61
N ALA A 371 15.96 4.25 -10.04
CA ALA A 371 15.09 3.70 -11.07
C ALA A 371 14.37 4.78 -11.87
N THR A 372 14.18 4.55 -13.18
CA THR A 372 13.55 5.57 -14.02
C THR A 372 12.03 5.63 -13.80
N THR A 373 11.38 4.48 -13.99
CA THR A 373 9.95 4.33 -13.80
C THR A 373 9.74 3.15 -12.85
N SER A 374 9.01 3.34 -11.76
CA SER A 374 8.95 2.31 -10.75
C SER A 374 8.00 1.18 -11.14
N ILE A 375 6.74 1.52 -11.41
CA ILE A 375 5.72 0.55 -11.80
C ILE A 375 5.03 1.01 -13.10
N VAL A 376 5.05 0.14 -14.12
CA VAL A 376 4.27 0.35 -15.33
C VAL A 376 3.20 -0.70 -15.42
N VAL A 377 1.95 -0.25 -15.56
CA VAL A 377 0.80 -1.12 -15.67
C VAL A 377 0.34 -1.02 -17.13
N ASN A 378 0.77 -1.99 -17.92
CA ASN A 378 0.30 -2.16 -19.31
C ASN A 378 -1.01 -2.92 -19.48
N SER A 379 -1.21 -3.97 -18.68
CA SER A 379 -2.41 -4.83 -18.77
C SER A 379 -3.76 -4.17 -18.44
N ASN A 380 -4.70 -4.35 -19.35
CA ASN A 380 -6.08 -3.91 -19.14
C ASN A 380 -6.71 -4.61 -17.91
N ASP A 381 -7.60 -3.87 -17.27
CA ASP A 381 -8.39 -4.35 -16.13
C ASP A 381 -7.63 -4.67 -14.82
N THR A 382 -6.35 -4.32 -14.77
CA THR A 382 -5.53 -4.57 -13.59
C THR A 382 -6.07 -3.80 -12.38
N ILE A 383 -6.09 -4.46 -11.23
CA ILE A 383 -6.45 -3.85 -9.94
C ILE A 383 -5.16 -3.55 -9.15
N ILE A 384 -5.01 -2.29 -8.73
CA ILE A 384 -3.94 -1.88 -7.87
C ILE A 384 -4.56 -1.50 -6.52
N ASP A 385 -4.56 -2.44 -5.57
CA ASP A 385 -5.28 -2.29 -4.29
C ASP A 385 -4.26 -2.22 -3.12
N HIS A 386 -3.87 -0.99 -2.80
CA HIS A 386 -2.87 -0.64 -1.80
C HIS A 386 -1.43 -0.77 -2.30
N THR A 387 -0.85 0.37 -2.67
CA THR A 387 0.56 0.42 -3.06
C THR A 387 1.16 1.69 -2.48
N TRP A 388 2.42 1.61 -2.07
CA TRP A 388 3.20 2.79 -1.70
C TRP A 388 4.45 2.73 -2.55
N VAL A 389 4.59 3.73 -3.41
CA VAL A 389 5.68 3.80 -4.35
C VAL A 389 6.44 5.05 -3.90
N TRP A 390 7.61 4.86 -3.30
CA TRP A 390 8.27 5.87 -2.47
C TRP A 390 9.75 6.08 -2.83
N ARG A 391 10.01 7.24 -3.41
CA ARG A 391 11.39 7.69 -3.59
C ARG A 391 11.82 8.27 -2.22
N ALA A 392 12.82 7.65 -1.61
CA ALA A 392 13.18 7.98 -0.24
C ALA A 392 13.51 9.47 -0.02
N ASP A 393 13.00 10.02 1.08
CA ASP A 393 13.27 11.42 1.48
C ASP A 393 14.13 11.50 2.73
N HIS A 394 14.47 10.34 3.31
CA HIS A 394 15.42 10.31 4.42
C HIS A 394 16.08 8.96 4.37
N GLY A 395 17.10 8.80 5.20
CA GLY A 395 17.87 7.58 5.23
C GLY A 395 19.27 7.88 4.69
N GLU A 396 20.15 6.89 4.74
CA GLU A 396 21.46 7.02 4.11
C GLU A 396 21.33 6.81 2.60
N GLY A 397 22.13 7.54 1.84
CA GLY A 397 22.17 7.31 0.40
C GLY A 397 21.06 7.93 -0.45
N VAL A 398 20.57 9.07 -0.03
CA VAL A 398 19.49 9.81 -0.69
C VAL A 398 19.95 11.22 -1.11
N GLY A 399 19.61 11.64 -2.33
CA GLY A 399 19.62 13.05 -2.75
C GLY A 399 19.09 13.24 -4.17
N TRP A 400 19.05 14.50 -4.64
CA TRP A 400 18.40 14.85 -5.93
C TRP A 400 19.01 13.98 -7.04
N GLU A 401 20.33 13.87 -7.04
CA GLU A 401 20.99 12.94 -7.92
C GLU A 401 21.12 11.53 -7.34
N THR A 402 21.55 11.43 -6.09
CA THR A 402 21.96 10.14 -5.54
C THR A 402 20.84 9.08 -5.70
N ASN A 403 19.69 9.26 -5.04
CA ASN A 403 18.55 8.31 -5.17
C ASN A 403 17.48 8.84 -6.13
N ARG A 404 17.96 9.57 -7.11
CA ARG A 404 17.16 9.91 -8.26
C ARG A 404 16.24 8.83 -8.82
N ALA A 405 15.02 9.27 -9.13
CA ALA A 405 13.96 8.47 -9.74
C ALA A 405 12.87 9.35 -10.37
N ASP A 406 12.82 9.39 -11.70
CA ASP A 406 11.92 10.30 -12.37
C ASP A 406 10.43 10.03 -12.25
N TYR A 407 10.01 8.77 -12.41
CA TYR A 407 8.58 8.42 -12.56
C TYR A 407 8.15 7.29 -11.64
N GLY A 408 7.05 7.53 -10.94
CA GLY A 408 6.56 6.58 -9.95
C GLY A 408 5.77 5.49 -10.61
N VAL A 409 4.52 5.79 -10.93
CA VAL A 409 3.64 4.84 -11.58
C VAL A 409 3.24 5.38 -12.95
N HIS A 410 3.17 4.48 -13.93
CA HIS A 410 2.69 4.84 -15.27
C HIS A 410 1.67 3.80 -15.71
N VAL A 411 0.42 4.22 -15.82
CA VAL A 411 -0.64 3.30 -16.24
C VAL A 411 -0.90 3.47 -17.72
N LYS A 412 -0.54 2.46 -18.49
CA LYS A 412 -0.80 2.38 -19.92
C LYS A 412 -2.04 1.52 -20.26
N GLY A 413 -2.32 0.48 -19.47
CA GLY A 413 -3.54 -0.30 -19.64
C GLY A 413 -4.84 0.45 -19.43
N ASP A 414 -5.87 -0.07 -20.07
CA ASP A 414 -7.19 0.48 -20.07
C ASP A 414 -8.04 -0.19 -18.97
N ASN A 415 -8.98 0.58 -18.39
CA ASN A 415 -9.88 0.10 -17.33
C ASN A 415 -9.18 -0.35 -16.07
N VAL A 416 -8.05 0.29 -15.79
CA VAL A 416 -7.28 -0.02 -14.59
C VAL A 416 -7.92 0.70 -13.40
N LEU A 417 -8.05 -0.03 -12.29
CA LEU A 417 -8.57 0.53 -11.02
C LEU A 417 -7.48 0.55 -9.94
N ALA A 418 -7.31 1.72 -9.32
CA ALA A 418 -6.40 1.86 -8.18
C ALA A 418 -7.18 2.30 -6.95
N THR A 419 -7.19 1.46 -5.92
CA THR A 419 -7.82 1.75 -4.62
C THR A 419 -6.74 1.81 -3.54
N GLY A 420 -6.54 3.01 -2.99
CA GLY A 420 -5.50 3.24 -2.00
C GLY A 420 -4.12 3.46 -2.61
N LEU A 421 -3.99 4.52 -3.41
CA LEU A 421 -2.76 4.78 -4.15
C LEU A 421 -1.90 5.83 -3.43
N PHE A 422 -0.71 5.43 -2.98
CA PHE A 422 0.22 6.31 -2.29
C PHE A 422 1.55 6.38 -3.08
N VAL A 423 1.90 7.57 -3.57
CA VAL A 423 3.08 7.73 -4.42
C VAL A 423 3.75 9.07 -4.08
N GLU A 424 5.04 9.04 -3.77
CA GLU A 424 5.74 10.21 -3.21
C GLU A 424 7.20 10.42 -3.67
N HIS A 425 7.51 11.69 -3.93
CA HIS A 425 8.84 12.29 -3.99
C HIS A 425 9.59 12.16 -5.33
N PHE A 426 8.90 11.75 -6.40
CA PHE A 426 9.58 11.54 -7.68
C PHE A 426 10.12 12.83 -8.33
N ASN A 427 11.19 12.71 -9.10
CA ASN A 427 11.83 13.92 -9.65
C ASN A 427 10.95 14.55 -10.74
N LYS A 428 10.15 13.71 -11.40
CA LYS A 428 9.17 14.20 -12.37
C LYS A 428 7.77 13.68 -11.97
N TYR A 429 7.00 13.15 -12.93
CA TYR A 429 5.63 12.73 -12.69
C TYR A 429 5.54 11.56 -11.72
N ASP A 430 4.93 11.81 -10.54
CA ASP A 430 4.75 10.73 -9.57
C ASP A 430 3.85 9.65 -10.19
N VAL A 431 2.72 10.09 -10.72
CA VAL A 431 1.77 9.26 -11.44
C VAL A 431 1.38 9.85 -12.81
N GLN A 432 1.54 9.03 -13.85
CA GLN A 432 1.05 9.32 -15.19
C GLN A 432 0.05 8.23 -15.59
N TRP A 433 -1.09 8.64 -16.17
CA TRP A 433 -2.12 7.72 -16.60
C TRP A 433 -2.36 7.89 -18.09
N SER A 434 -1.69 7.06 -18.88
CA SER A 434 -1.83 7.10 -20.34
C SER A 434 -3.11 6.42 -20.78
N GLY A 435 -3.65 5.58 -19.91
CA GLY A 435 -4.73 4.66 -20.27
C GLY A 435 -6.13 5.26 -20.26
N GLU A 436 -7.01 4.54 -20.91
CA GLU A 436 -8.39 4.98 -21.02
C GLU A 436 -9.25 4.32 -19.88
N ASN A 437 -10.28 5.03 -19.48
CA ASN A 437 -11.19 4.55 -18.46
C ASN A 437 -10.64 4.30 -17.06
N GLY A 438 -9.52 4.94 -16.70
CA GLY A 438 -8.91 4.75 -15.41
C GLY A 438 -9.81 5.24 -14.28
N LYS A 439 -9.65 4.61 -13.12
CA LYS A 439 -10.36 4.98 -11.92
C LYS A 439 -9.38 4.95 -10.73
N THR A 440 -9.34 6.05 -9.96
CA THR A 440 -8.53 6.09 -8.73
C THR A 440 -9.43 6.50 -7.56
N ILE A 441 -9.55 5.62 -6.58
CA ILE A 441 -10.20 5.93 -5.32
C ILE A 441 -9.14 6.04 -4.23
N PHE A 442 -8.99 7.28 -3.75
CA PHE A 442 -7.96 7.69 -2.81
C PHE A 442 -6.56 7.75 -3.40
N TYR A 443 -5.99 8.96 -3.33
CA TYR A 443 -4.60 9.23 -3.68
C TYR A 443 -3.91 10.12 -2.65
N GLN A 444 -2.72 9.67 -2.24
CA GLN A 444 -1.88 10.48 -1.41
C GLN A 444 -0.53 10.64 -2.07
N ASN A 445 -0.13 11.91 -2.27
CA ASN A 445 1.15 12.28 -2.83
C ASN A 445 1.81 13.35 -2.00
N ALA A 446 3.12 13.24 -1.87
CA ALA A 446 3.95 14.37 -1.48
C ALA A 446 5.05 14.53 -2.52
N LYS A 447 5.30 15.78 -2.92
CA LYS A 447 6.27 16.07 -3.95
C LYS A 447 7.69 15.90 -3.43
N ALA A 448 8.64 15.85 -4.35
CA ALA A 448 10.06 15.78 -4.01
C ALA A 448 10.38 16.96 -3.10
N TYR A 449 11.01 16.68 -1.96
CA TYR A 449 11.44 17.69 -1.00
C TYR A 449 12.71 18.41 -1.42
N ASP A 450 13.48 17.76 -2.28
CA ASP A 450 14.88 18.07 -2.40
C ASP A 450 15.21 18.71 -3.77
N ALA A 451 14.19 19.22 -4.46
CA ALA A 451 14.38 19.97 -5.69
C ALA A 451 15.29 21.15 -5.34
N PRO A 452 16.32 21.40 -6.16
CA PRO A 452 17.40 22.36 -5.79
C PRO A 452 16.99 23.80 -5.97
N ASP A 453 16.28 24.03 -7.06
CA ASP A 453 15.87 25.36 -7.48
C ASP A 453 14.73 25.18 -8.46
N GLN A 454 14.22 26.27 -9.00
CA GLN A 454 13.02 26.23 -9.80
C GLN A 454 13.30 25.53 -11.16
N ALA A 455 14.55 25.63 -11.61
CA ALA A 455 14.92 25.22 -12.96
C ALA A 455 14.96 23.70 -13.03
N ALA A 456 15.31 23.07 -11.93
CA ALA A 456 15.46 21.63 -11.97
C ALA A 456 14.13 20.95 -12.26
N ILE A 457 13.05 21.73 -12.37
CA ILE A 457 11.74 21.11 -12.51
C ILE A 457 10.79 21.76 -13.46
N GLN A 458 11.24 22.77 -14.21
CA GLN A 458 10.41 23.31 -15.26
C GLN A 458 10.05 22.12 -16.12
N ASN A 459 8.78 22.04 -16.47
CA ASN A 459 8.19 20.92 -17.19
C ASN A 459 7.55 21.58 -18.37
N GLY A 460 8.39 21.96 -19.32
CA GLY A 460 7.95 22.75 -20.48
C GLY A 460 7.59 24.16 -20.10
N ASP A 461 6.37 24.54 -20.49
CA ASP A 461 5.77 25.78 -20.08
C ASP A 461 5.19 25.68 -18.64
N ILE A 462 5.32 24.51 -17.99
CA ILE A 462 4.87 24.30 -16.62
C ILE A 462 5.95 24.37 -15.54
N LYS A 463 5.68 25.07 -14.44
CA LYS A 463 6.49 24.92 -13.23
C LYS A 463 6.24 23.59 -12.52
N GLY A 464 7.23 22.72 -12.49
CA GLY A 464 7.08 21.46 -11.76
C GLY A 464 6.28 20.44 -12.55
N TYR A 465 6.27 19.21 -12.04
CA TYR A 465 5.54 18.08 -12.60
C TYR A 465 4.34 17.67 -11.74
N ALA A 466 3.18 17.52 -12.39
CA ALA A 466 1.98 17.07 -11.68
C ALA A 466 2.29 15.84 -10.87
N ALA A 467 1.72 15.79 -9.67
CA ALA A 467 1.70 14.56 -8.89
C ALA A 467 0.88 13.48 -9.61
N TYR A 468 -0.09 13.93 -10.39
CA TYR A 468 -1.02 13.02 -11.08
C TYR A 468 -1.49 13.66 -12.36
N LYS A 469 -1.04 13.07 -13.49
CA LYS A 469 -1.16 13.62 -14.83
C LYS A 469 -1.84 12.67 -15.82
N VAL A 470 -3.10 12.98 -16.13
CA VAL A 470 -3.83 12.26 -17.18
C VAL A 470 -3.47 12.90 -18.53
N ASP A 471 -2.96 12.07 -19.43
CA ASP A 471 -2.57 12.49 -20.75
C ASP A 471 -3.77 13.17 -21.42
N ASP A 472 -3.50 14.23 -22.17
CA ASP A 472 -4.53 15.09 -22.73
C ASP A 472 -5.49 14.36 -23.76
N SER A 473 -5.02 13.30 -24.42
CA SER A 473 -5.82 12.65 -25.47
C SER A 473 -6.74 11.60 -24.89
N VAL A 474 -6.66 11.43 -23.58
CA VAL A 474 -7.48 10.43 -22.95
C VAL A 474 -8.91 10.92 -23.01
N THR A 475 -9.84 9.98 -23.12
CA THR A 475 -11.25 10.31 -23.29
C THR A 475 -11.94 10.28 -21.95
N THR A 476 -11.53 9.32 -21.17
CA THR A 476 -12.30 8.86 -20.02
C THR A 476 -11.39 8.53 -18.84
N HIS A 477 -11.65 9.16 -17.70
CA HIS A 477 -10.88 8.94 -16.47
C HIS A 477 -11.71 9.45 -15.31
N GLU A 478 -11.50 8.94 -14.10
CA GLU A 478 -12.20 9.49 -12.94
C GLU A 478 -11.41 9.20 -11.64
N GLY A 479 -11.22 10.24 -10.82
CA GLY A 479 -10.63 10.09 -9.50
C GLY A 479 -11.47 10.65 -8.36
N TRP A 480 -11.26 10.10 -7.17
CA TRP A 480 -11.97 10.52 -5.99
C TRP A 480 -11.02 10.58 -4.78
N GLY A 481 -10.98 11.71 -4.10
CA GLY A 481 -10.32 11.83 -2.81
C GLY A 481 -8.80 11.83 -2.93
N MET A 482 -8.27 12.90 -3.53
CA MET A 482 -6.90 12.93 -4.00
C MET A 482 -6.17 14.19 -3.53
N GLY A 483 -5.02 13.98 -2.89
CA GLY A 483 -4.25 15.07 -2.34
C GLY A 483 -2.77 14.99 -2.68
N SER A 484 -2.20 16.18 -2.92
CA SER A 484 -0.77 16.33 -3.14
C SER A 484 -0.24 17.41 -2.18
N TYR A 485 0.87 17.09 -1.51
CA TYR A 485 1.46 18.03 -0.55
C TYR A 485 2.91 18.34 -0.91
N CYS A 486 3.37 19.56 -0.60
CA CYS A 486 4.75 19.94 -0.89
C CYS A 486 5.52 20.36 0.36
N TYR A 487 6.82 20.17 0.28
CA TYR A 487 7.74 20.42 1.38
C TYR A 487 9.08 20.60 0.72
N PHE A 488 9.17 21.70 -0.01
CA PHE A 488 10.40 22.06 -0.67
C PHE A 488 11.23 22.77 0.35
N ASN A 489 12.17 22.06 0.90
CA ASN A 489 12.88 22.68 1.99
C ASN A 489 14.35 22.76 1.75
N VAL A 490 14.81 22.15 0.68
CA VAL A 490 16.06 22.57 0.10
C VAL A 490 15.85 24.02 -0.37
N ASN A 491 14.73 24.31 -1.05
CA ASN A 491 14.46 25.65 -1.57
C ASN A 491 12.97 25.98 -1.50
N PRO A 492 12.53 26.52 -0.34
CA PRO A 492 11.11 26.79 -0.11
C PRO A 492 10.58 28.00 -0.85
N ASP A 493 11.38 28.56 -1.75
CA ASP A 493 10.94 29.62 -2.63
C ASP A 493 10.36 29.05 -3.96
N ILE A 494 10.54 27.74 -4.17
CA ILE A 494 9.96 27.02 -5.31
C ILE A 494 8.46 27.15 -5.35
N ARG A 495 7.94 27.17 -6.57
CA ARG A 495 6.50 27.12 -6.81
C ARG A 495 6.15 25.89 -7.64
N GLN A 496 5.14 25.15 -7.19
CA GLN A 496 4.57 24.01 -7.94
C GLN A 496 3.27 24.47 -8.61
N GLN A 497 3.15 24.40 -9.95
CA GLN A 497 1.99 24.96 -10.59
C GLN A 497 0.67 24.29 -10.12
N HIS A 498 0.67 22.97 -10.07
CA HIS A 498 -0.52 22.20 -9.70
C HIS A 498 -0.15 20.84 -9.12
N GLY A 499 -1.14 20.25 -8.43
CA GLY A 499 -1.10 18.88 -7.97
C GLY A 499 -1.47 17.88 -9.07
N PHE A 500 -2.39 18.29 -9.92
CA PHE A 500 -3.05 17.47 -10.90
C PHE A 500 -3.05 18.19 -12.24
N GLN A 501 -2.82 17.42 -13.32
CA GLN A 501 -2.90 17.93 -14.68
C GLN A 501 -3.75 16.97 -15.52
N ALA A 502 -4.76 17.49 -16.22
CA ALA A 502 -5.68 16.61 -16.90
C ALA A 502 -6.39 17.32 -18.05
N PRO A 503 -6.88 16.54 -19.02
CA PRO A 503 -7.69 17.06 -20.10
C PRO A 503 -9.02 17.55 -19.58
N VAL A 504 -9.58 18.56 -20.24
CA VAL A 504 -10.91 19.06 -19.94
C VAL A 504 -11.91 18.50 -20.94
N LYS A 505 -12.80 17.66 -20.41
CA LYS A 505 -13.67 16.77 -21.17
C LYS A 505 -14.75 16.20 -20.24
N PRO A 506 -15.96 15.92 -20.79
CA PRO A 506 -17.08 15.44 -19.97
C PRO A 506 -16.76 14.20 -19.16
N GLY A 507 -16.05 13.29 -19.79
CA GLY A 507 -15.77 11.99 -19.22
C GLY A 507 -14.44 11.88 -18.47
N VAL A 508 -13.74 13.01 -18.31
CA VAL A 508 -12.54 13.06 -17.41
C VAL A 508 -12.89 13.88 -16.17
N LYS A 509 -13.13 13.21 -15.05
CA LYS A 509 -13.77 13.84 -13.88
C LYS A 509 -12.95 13.66 -12.63
N PHE A 510 -12.96 14.63 -11.73
CA PHE A 510 -12.38 14.44 -10.40
C PHE A 510 -13.32 14.99 -9.34
N HIS A 511 -13.22 14.36 -8.18
CA HIS A 511 -13.99 14.72 -7.02
C HIS A 511 -13.06 14.77 -5.82
N ASP A 512 -13.11 15.90 -5.13
CA ASP A 512 -12.50 16.06 -3.84
C ASP A 512 -10.96 16.02 -3.97
N LEU A 513 -10.43 17.08 -4.59
CA LEU A 513 -8.99 17.30 -4.78
C LEU A 513 -8.52 18.35 -3.82
N LEU A 514 -7.27 18.20 -3.39
CA LEU A 514 -6.64 19.20 -2.54
C LEU A 514 -5.13 19.22 -2.75
N VAL A 515 -4.52 20.40 -2.54
CA VAL A 515 -3.09 20.49 -2.41
C VAL A 515 -2.76 21.24 -1.11
N VAL A 516 -1.58 21.00 -0.57
CA VAL A 516 -1.21 21.51 0.74
C VAL A 516 0.29 21.77 0.79
N SER A 517 0.68 22.99 1.13
CA SER A 517 2.07 23.27 1.46
C SER A 517 2.29 22.99 2.92
N LEU A 518 3.32 22.21 3.20
CA LEU A 518 3.67 21.87 4.55
C LEU A 518 4.48 23.04 5.13
N GLY A 519 3.81 23.74 6.02
CA GLY A 519 4.22 25.01 6.56
C GLY A 519 4.99 25.99 5.68
N GLY A 520 4.44 26.32 4.53
CA GLY A 520 4.96 27.35 3.65
C GLY A 520 6.24 26.99 2.94
N LYS A 521 6.71 25.76 3.13
CA LYS A 521 7.89 25.31 2.44
C LYS A 521 7.55 25.03 0.97
N GLY A 522 7.68 26.08 0.17
CA GLY A 522 7.16 26.05 -1.17
C GLY A 522 5.65 26.31 -1.11
N GLN A 523 5.06 26.52 -2.27
CA GLN A 523 3.62 26.68 -2.41
C GLN A 523 3.13 26.20 -3.80
N TYR A 524 1.85 25.81 -3.87
CA TYR A 524 1.16 25.55 -5.12
C TYR A 524 0.54 26.82 -5.67
N GLU A 525 0.53 26.95 -6.99
CA GLU A 525 -0.13 28.10 -7.64
C GLU A 525 -1.61 27.77 -7.85
N HIS A 526 -1.89 26.48 -7.96
CA HIS A 526 -3.19 25.96 -8.32
C HIS A 526 -3.36 24.53 -7.79
N VAL A 527 -4.59 24.04 -7.91
CA VAL A 527 -4.92 22.67 -7.53
C VAL A 527 -4.79 21.71 -8.73
N ILE A 528 -5.51 22.04 -9.80
CA ILE A 528 -5.52 21.26 -11.06
C ILE A 528 -5.43 22.15 -12.29
N ASN A 529 -4.51 21.81 -13.19
CA ASN A 529 -4.29 22.61 -14.39
C ASN A 529 -3.98 24.02 -13.95
N ASP A 530 -5.00 24.90 -13.94
CA ASP A 530 -4.87 26.24 -13.34
C ASP A 530 -6.19 26.70 -12.71
N ILE A 531 -6.88 25.71 -12.16
CA ILE A 531 -8.04 25.84 -11.28
C ILE A 531 -7.65 25.72 -9.79
N GLY A 532 -8.45 26.31 -8.91
CA GLY A 532 -8.14 26.23 -7.49
C GLY A 532 -7.29 27.39 -7.08
N ASP A 533 -7.38 27.76 -5.81
CA ASP A 533 -6.57 28.84 -5.24
C ASP A 533 -5.16 28.33 -5.02
N PRO A 534 -4.17 29.22 -5.11
CA PRO A 534 -2.85 28.85 -4.58
C PRO A 534 -2.88 28.59 -3.07
N THR A 535 -1.91 27.84 -2.57
CA THR A 535 -1.68 27.78 -1.14
C THR A 535 -0.97 29.07 -0.75
N SER A 536 -1.24 29.50 0.49
CA SER A 536 -0.64 30.69 1.08
C SER A 536 -0.45 30.50 2.60
N GLY A 537 0.22 31.45 3.25
CA GLY A 537 0.56 31.31 4.64
C GLY A 537 1.53 30.15 4.89
N ASP A 538 1.96 30.05 6.13
CA ASP A 538 2.77 28.93 6.55
C ASP A 538 1.98 28.02 7.49
N THR A 539 0.64 28.07 7.37
CA THR A 539 -0.30 27.46 8.30
C THR A 539 -0.90 26.11 7.82
N THR A 540 -0.45 25.63 6.66
CA THR A 540 -0.82 24.30 6.18
C THR A 540 -2.32 24.12 5.99
N ILE A 541 -2.99 25.18 5.53
CA ILE A 541 -4.40 25.09 5.13
C ILE A 541 -4.49 24.53 3.70
N PRO A 542 -5.37 23.55 3.46
CA PRO A 542 -5.46 23.07 2.07
C PRO A 542 -6.11 24.04 1.11
N SER A 543 -5.71 23.95 -0.16
CA SER A 543 -6.52 24.50 -1.22
C SER A 543 -7.29 23.34 -1.82
N GLN A 544 -8.60 23.55 -1.98
CA GLN A 544 -9.61 22.53 -2.18
C GLN A 544 -10.38 22.82 -3.46
N VAL A 545 -10.68 21.75 -4.21
CA VAL A 545 -11.57 21.80 -5.37
C VAL A 545 -12.55 20.60 -5.39
N VAL A 546 -13.80 20.82 -5.00
CA VAL A 546 -14.80 19.75 -4.92
C VAL A 546 -15.02 18.95 -6.24
N SER A 547 -15.14 19.68 -7.32
CA SER A 547 -15.64 19.12 -8.57
C SER A 547 -14.81 19.59 -9.71
N PHE A 548 -14.45 18.68 -10.60
CA PHE A 548 -13.76 19.02 -11.81
C PHE A 548 -14.16 18.01 -12.90
N PRO A 549 -14.61 18.50 -14.05
CA PRO A 549 -14.58 19.88 -14.53
C PRO A 549 -15.83 20.64 -14.12
C2 BGC B . -2.09 17.55 12.53
C3 BGC B . -1.41 18.53 11.73
C4 BGC B . -2.31 19.61 11.27
C5 BGC B . -3.16 20.20 12.42
C6 BGC B . -4.15 21.02 11.98
C1 BGC B . -2.95 18.13 13.57
O1 BGC B . -3.71 17.19 14.26
O2 BGC B . -1.12 16.66 13.16
O3 BGC B . -0.77 17.89 10.54
O4 BGC B . -1.67 20.66 10.52
O5 BGC B . -3.90 18.99 12.91
O6 BGC B . -5.30 21.08 12.72
C2 BGC B . 1.24 17.24 9.41
C3 BGC B . 2.63 17.49 9.21
C4 BGC B . 2.89 18.96 9.05
C5 BGC B . 2.38 19.72 10.30
C6 BGC B . 2.55 21.06 10.23
C1 BGC B . 0.64 18.04 10.47
O2 BGC B . 0.91 15.83 9.66
O3 BGC B . 3.02 16.75 7.97
O4 BGC B . 4.25 19.26 8.86
O5 BGC B . 0.90 19.42 10.19
O6 BGC B . 1.84 21.86 11.12
C2 BGC B . 4.35 15.01 6.98
C3 BGC B . 5.63 14.48 6.68
C4 BGC B . 6.61 15.55 6.43
C5 BGC B . 6.63 16.59 7.62
C6 BGC B . 7.45 17.64 7.42
C1 BGC B . 4.29 16.14 7.97
O2 BGC B . 3.46 13.95 7.39
O3 BGC B . 5.45 13.63 5.42
O4 BGC B . 7.91 15.13 6.11
O5 BGC B . 5.24 17.15 7.61
O6 BGC B . 7.40 18.66 8.37
C2 BGC B . 5.95 11.65 4.16
C3 BGC B . 6.72 10.44 4.10
C4 BGC B . 8.06 10.63 4.73
C5 BGC B . 7.97 11.08 6.20
C6 BGC B . 9.19 11.29 6.78
C1 BGC B . 5.88 12.31 5.50
O2 BGC B . 4.59 11.53 3.61
O3 BGC B . 6.98 10.09 2.69
O4 BGC B . 9.03 9.60 4.64
O5 BGC B . 7.19 12.39 6.08
O6 BGC B . 9.93 12.43 6.42
C2 BGC C . -1.25 0.90 23.41
C3 BGC C . -2.62 1.05 24.07
C4 BGC C . -2.94 -0.09 25.07
C5 BGC C . -1.89 -0.31 26.18
C6 BGC C . -1.96 -1.72 26.83
C1 BGC C . -0.34 0.08 24.33
O2 BGC C . -0.66 2.12 22.86
O3 BGC C . -3.51 1.04 23.00
O4 BGC C . -4.14 0.17 25.75
O5 BGC C . -0.60 0.05 25.73
O6 BGC C . -1.02 -1.86 27.91
C1 EDO D . 16.95 -4.31 2.34
O1 EDO D . 15.72 -4.29 1.62
C2 EDO D . 17.00 -3.09 3.23
O2 EDO D . 15.89 -3.11 4.15
H11 EDO D . 17.80 -4.31 1.65
H12 EDO D . 17.00 -5.21 2.95
HO1 EDO D . 15.84 -4.74 0.79
H21 EDO D . 16.96 -2.19 2.61
H22 EDO D . 17.94 -3.09 3.79
HO2 EDO D . 15.96 -2.34 4.73
C1 EDO E . 9.35 17.72 -9.15
O1 EDO E . 8.52 16.60 -9.50
C2 EDO E . 8.49 18.88 -8.64
O2 EDO E . 7.45 19.23 -9.56
H11 EDO E . 9.92 18.05 -10.01
H12 EDO E . 10.04 17.43 -8.37
HO1 EDO E . 9.10 15.83 -9.61
H21 EDO E . 9.14 19.74 -8.46
H22 EDO E . 8.05 18.60 -7.67
HO2 EDO E . 6.89 19.91 -9.17
C1 EDO F . 13.71 -3.61 -19.30
O1 EDO F . 13.34 -4.80 -18.57
C2 EDO F . 12.54 -2.62 -19.36
O2 EDO F . 11.37 -3.15 -20.00
H11 EDO F . 14.01 -3.87 -20.31
H12 EDO F . 14.57 -3.13 -18.81
HO1 EDO F . 14.10 -5.41 -18.53
H21 EDO F . 12.85 -1.73 -19.92
H22 EDO F . 12.29 -2.29 -18.35
HO2 EDO F . 10.70 -2.46 -20.11
N GLU A 1 12.82 -29.62 -10.69
CA GLU A 1 14.05 -29.26 -9.97
C GLU A 1 13.72 -28.28 -8.84
N VAL A 2 12.46 -27.84 -8.82
CA VAL A 2 11.80 -27.19 -7.67
C VAL A 2 10.62 -28.01 -7.15
N VAL A 3 10.76 -28.66 -5.98
CA VAL A 3 9.60 -29.28 -5.34
C VAL A 3 8.87 -28.17 -4.57
N GLY A 4 7.55 -28.25 -4.50
CA GLY A 4 6.79 -27.10 -4.09
C GLY A 4 6.86 -26.65 -2.63
N GLY A 5 5.99 -27.17 -1.80
CA GLY A 5 5.95 -26.73 -0.43
C GLY A 5 7.16 -27.17 0.34
N GLY A 6 6.90 -27.85 1.45
CA GLY A 6 7.80 -27.78 2.57
C GLY A 6 7.75 -26.46 3.33
N ASP A 7 8.92 -26.07 3.82
CA ASP A 7 9.06 -25.53 5.15
C ASP A 7 8.93 -24.00 5.23
N LEU A 8 8.45 -23.39 6.32
CA LEU A 8 8.35 -21.91 6.32
C LEU A 8 9.60 -21.22 6.79
N GLY A 9 10.39 -21.99 7.51
CA GLY A 9 11.64 -21.48 8.01
C GLY A 9 11.57 -20.79 9.36
N PRO A 10 12.71 -20.19 9.73
CA PRO A 10 12.91 -19.55 11.02
C PRO A 10 12.25 -18.18 11.19
N ASN A 11 12.23 -17.34 10.16
CA ASN A 11 11.67 -15.99 10.29
C ASN A 11 10.13 -15.93 10.30
N VAL A 12 9.47 -17.09 10.19
CA VAL A 12 8.03 -17.20 10.36
C VAL A 12 7.78 -18.02 11.66
N LEU A 13 7.27 -17.36 12.71
CA LEU A 13 7.29 -17.89 14.11
C LEU A 13 6.01 -18.50 14.71
N VAL A 14 5.40 -19.46 14.03
CA VAL A 14 4.10 -19.99 14.39
C VAL A 14 3.83 -20.18 15.89
N PHE A 15 2.63 -19.83 16.29
CA PHE A 15 2.20 -20.00 17.67
C PHE A 15 0.85 -20.69 17.71
N ASP A 16 0.58 -21.37 18.80
CA ASP A 16 -0.75 -21.84 19.02
C ASP A 16 -1.08 -21.52 20.48
N PRO A 17 -2.37 -21.65 20.86
CA PRO A 17 -2.59 -21.22 22.22
C PRO A 17 -2.13 -22.27 23.24
N SER A 18 -0.84 -22.60 23.24
CA SER A 18 -0.14 -23.18 24.39
C SER A 18 1.35 -22.82 24.36
N THR A 19 1.78 -22.13 23.30
CA THR A 19 3.16 -21.73 23.15
C THR A 19 3.68 -21.06 24.41
N PRO A 20 4.91 -21.40 24.81
CA PRO A 20 5.51 -20.81 26.01
C PRO A 20 5.93 -19.33 25.93
N ASP A 21 5.36 -18.52 26.80
CA ASP A 21 5.99 -17.25 27.14
C ASP A 21 5.76 -16.27 25.97
N ILE A 22 4.58 -16.41 25.36
CA ILE A 22 4.19 -15.69 24.13
C ILE A 22 4.55 -14.22 24.09
N GLN A 23 4.08 -13.45 25.04
CA GLN A 23 4.39 -12.01 25.07
C GLN A 23 5.87 -11.74 25.11
N GLY A 24 6.55 -12.53 25.93
CA GLY A 24 7.98 -12.43 26.07
C GLY A 24 8.58 -12.66 24.70
N LYS A 25 7.95 -13.47 23.87
CA LYS A 25 8.53 -13.74 22.56
C LYS A 25 8.35 -12.57 21.57
N VAL A 26 7.10 -12.24 21.19
CA VAL A 26 6.82 -11.08 20.31
C VAL A 26 7.57 -9.83 20.74
N ASP A 27 7.79 -9.75 22.05
CA ASP A 27 8.69 -8.76 22.59
C ASP A 27 10.08 -8.96 22.01
N GLU A 28 10.56 -10.21 21.93
CA GLU A 28 11.94 -10.42 21.43
C GLU A 28 12.02 -9.84 20.03
N VAL A 29 11.09 -10.32 19.19
CA VAL A 29 10.98 -9.80 17.81
C VAL A 29 10.90 -8.27 17.85
N PHE A 30 9.93 -7.70 18.57
CA PHE A 30 9.72 -6.21 18.68
C PHE A 30 10.87 -5.35 19.25
N ARG A 31 11.62 -5.87 20.20
CA ARG A 31 12.76 -5.12 20.73
C ARG A 31 13.73 -4.84 19.59
N LYS A 32 13.83 -5.77 18.68
CA LYS A 32 14.81 -5.64 17.61
C LYS A 32 14.35 -4.81 16.40
N GLN A 33 13.05 -4.72 16.16
CA GLN A 33 12.50 -4.06 14.95
C GLN A 33 11.99 -2.64 15.15
N GLU A 34 11.65 -2.34 16.41
CA GLU A 34 11.29 -1.02 16.89
C GLU A 34 11.82 0.17 16.08
N SER A 35 13.12 0.26 15.94
CA SER A 35 13.71 1.43 15.26
C SER A 35 14.60 0.96 14.09
N ASN A 36 14.31 -0.24 13.61
CA ASN A 36 15.10 -0.91 12.59
C ASN A 36 14.55 -0.55 11.20
N GLN A 37 14.57 0.72 10.90
CA GLN A 37 13.79 1.26 9.78
C GLN A 37 14.32 0.76 8.45
N PHE A 38 15.64 0.58 8.37
CA PHE A 38 16.27 0.21 7.12
C PHE A 38 17.02 -1.13 7.22
N GLY A 39 16.83 -1.86 8.32
CA GLY A 39 17.40 -3.20 8.46
C GLY A 39 16.89 -4.25 7.52
N THR A 40 17.75 -5.23 7.25
CA THR A 40 17.41 -6.33 6.35
C THR A 40 16.66 -7.45 7.11
N ASP A 41 16.53 -7.25 8.40
CA ASP A 41 15.76 -8.14 9.27
C ASP A 41 14.25 -8.16 8.93
N ARG A 42 13.64 -9.33 8.95
CA ARG A 42 12.26 -9.51 8.55
C ARG A 42 11.59 -10.54 9.47
N TYR A 43 10.29 -10.35 9.79
CA TYR A 43 9.56 -11.32 10.58
C TYR A 43 8.08 -11.40 10.24
N ALA A 44 7.55 -12.63 10.28
CA ALA A 44 6.10 -12.84 10.29
C ALA A 44 5.72 -13.64 11.53
N LEU A 45 4.83 -13.04 12.35
CA LEU A 45 4.26 -13.70 13.54
C LEU A 45 2.88 -14.27 13.24
N MET A 46 2.78 -15.59 13.19
CA MET A 46 1.57 -16.26 12.73
C MET A 46 0.94 -17.03 13.91
N PHE A 47 -0.36 -16.81 14.15
CA PHE A 47 -1.10 -17.42 15.27
C PHE A 47 -2.21 -18.38 14.85
N LYS A 48 -2.14 -19.61 15.35
CA LYS A 48 -3.11 -20.65 14.97
C LYS A 48 -4.50 -20.35 15.60
N PRO A 49 -5.55 -21.03 15.13
CA PRO A 49 -6.89 -20.91 15.70
C PRO A 49 -6.85 -21.02 17.21
N GLY A 50 -7.62 -20.17 17.88
CA GLY A 50 -7.80 -20.22 19.30
C GLY A 50 -7.98 -18.87 19.99
N THR A 51 -7.75 -18.88 21.28
CA THR A 51 -7.91 -17.68 22.12
C THR A 51 -6.65 -17.45 22.93
N TYR A 52 -6.14 -16.23 22.84
CA TYR A 52 -4.89 -15.83 23.47
C TYR A 52 -5.09 -14.69 24.51
N ASN A 53 -4.69 -14.91 25.75
CA ASN A 53 -4.86 -13.92 26.81
C ASN A 53 -3.59 -13.15 27.17
N ASP A 54 -3.77 -11.95 27.74
CA ASP A 54 -2.67 -11.19 28.32
C ASP A 54 -1.57 -11.00 27.31
N ILE A 55 -1.92 -10.26 26.27
CA ILE A 55 -1.04 -10.07 25.13
C ILE A 55 -1.21 -8.68 24.59
N ASN A 56 -0.10 -7.98 24.51
CA ASN A 56 -0.05 -6.71 23.81
C ASN A 56 1.12 -6.86 22.81
N ALA A 57 0.78 -7.30 21.59
CA ALA A 57 1.78 -7.57 20.57
C ALA A 57 2.12 -6.27 19.85
N GLN A 58 3.22 -5.65 20.23
CA GLN A 58 3.64 -4.40 19.57
C GLN A 58 4.45 -4.70 18.32
N ILE A 59 4.16 -3.96 17.26
CA ILE A 59 4.58 -4.31 15.91
C ILE A 59 5.53 -3.23 15.43
N GLY A 60 6.79 -3.63 15.21
CA GLY A 60 7.81 -2.71 14.72
C GLY A 60 8.03 -2.84 13.23
N PHE A 61 9.18 -2.37 12.75
CA PHE A 61 9.49 -2.43 11.31
C PHE A 61 9.62 -3.85 10.75
N TYR A 62 9.04 -4.05 9.56
CA TYR A 62 9.13 -5.29 8.78
C TYR A 62 8.59 -6.48 9.54
N THR A 63 7.54 -6.26 10.27
CA THR A 63 6.85 -7.30 11.02
C THR A 63 5.42 -7.35 10.54
N SER A 64 4.99 -8.56 10.15
CA SER A 64 3.59 -8.82 9.83
C SER A 64 3.03 -9.77 10.90
N ILE A 65 1.80 -9.54 11.31
CA ILE A 65 1.15 -10.41 12.28
C ILE A 65 -0.19 -10.81 11.68
N ALA A 66 -0.53 -12.07 11.90
CA ALA A 66 -1.67 -12.66 11.22
C ALA A 66 -2.19 -13.90 11.97
N GLY A 67 -3.50 -14.09 11.92
CA GLY A 67 -4.14 -15.32 12.33
C GLY A 67 -4.16 -16.33 11.18
N LEU A 68 -4.30 -17.60 11.57
CA LEU A 68 -4.21 -18.72 10.66
C LEU A 68 -5.52 -19.52 10.56
N GLY A 69 -6.64 -18.88 10.90
CA GLY A 69 -7.94 -19.44 10.54
C GLY A 69 -8.41 -18.92 9.21
N LEU A 70 -9.54 -19.43 8.76
CA LEU A 70 -10.14 -18.97 7.52
C LEU A 70 -10.89 -17.67 7.72
N ASN A 71 -11.51 -17.61 8.89
CA ASN A 71 -12.29 -16.48 9.35
C ASN A 71 -11.56 -15.72 10.48
N PRO A 72 -11.67 -14.38 10.50
CA PRO A 72 -10.99 -13.57 11.51
C PRO A 72 -11.32 -13.96 13.00
N ASP A 73 -12.53 -14.37 13.30
CA ASP A 73 -12.89 -14.69 14.71
C ASP A 73 -12.26 -16.02 15.21
N ASP A 74 -11.65 -16.78 14.29
CA ASP A 74 -10.94 -18.03 14.63
C ASP A 74 -9.71 -17.79 15.51
N THR A 75 -9.09 -16.61 15.41
CA THR A 75 -7.94 -16.26 16.21
C THR A 75 -8.20 -14.98 16.95
N THR A 76 -8.45 -15.15 18.25
CA THR A 76 -8.89 -14.07 19.11
C THR A 76 -7.87 -13.71 20.18
N PHE A 77 -7.48 -12.44 20.21
CA PHE A 77 -6.59 -11.89 21.25
C PHE A 77 -7.47 -11.08 22.22
N ASN A 78 -7.52 -11.52 23.46
CA ASN A 78 -8.01 -10.65 24.51
C ASN A 78 -6.82 -9.81 24.89
N GLY A 79 -6.69 -8.71 24.17
CA GLY A 79 -5.48 -7.92 24.17
C GLY A 79 -5.42 -7.16 22.86
N ASP A 80 -4.20 -6.82 22.48
CA ASP A 80 -3.97 -5.76 21.50
C ASP A 80 -2.90 -6.12 20.48
N VAL A 81 -3.04 -5.51 19.33
CA VAL A 81 -2.02 -5.49 18.29
C VAL A 81 -1.72 -3.99 18.04
N THR A 82 -0.60 -3.56 18.57
CA THR A 82 -0.37 -2.16 18.84
C THR A 82 0.80 -1.63 17.99
N VAL A 83 0.57 -0.47 17.38
CA VAL A 83 1.65 0.36 16.85
C VAL A 83 1.52 1.78 17.44
N ASP A 84 2.58 2.24 18.10
CA ASP A 84 2.65 3.67 18.49
C ASP A 84 4.01 4.23 18.03
N ALA A 85 4.36 5.43 18.48
CA ALA A 85 5.54 6.10 17.99
C ALA A 85 6.51 6.54 19.09
N GLY A 86 6.70 5.70 20.08
CA GLY A 86 7.70 5.93 21.11
C GLY A 86 9.13 6.09 20.60
N TRP A 87 9.53 5.34 19.57
CA TRP A 87 10.91 5.39 19.09
C TRP A 87 11.23 6.69 18.31
N PHE A 88 10.20 7.42 17.84
CA PHE A 88 10.36 8.65 17.02
C PHE A 88 9.61 9.77 17.76
N ASP A 89 9.85 9.81 19.05
CA ASP A 89 9.25 10.75 20.00
C ASP A 89 7.76 11.18 19.82
N GLY A 90 6.91 10.20 19.56
CA GLY A 90 5.49 10.46 19.38
C GLY A 90 5.09 10.99 18.01
N ASN A 91 6.03 10.98 17.09
CA ASN A 91 5.80 11.37 15.72
C ASN A 91 5.64 10.05 14.92
N ALA A 92 4.48 9.86 14.31
CA ALA A 92 4.13 8.55 13.68
C ALA A 92 4.48 8.47 12.21
N THR A 93 5.05 9.53 11.65
CA THR A 93 5.26 9.61 10.18
C THR A 93 6.38 8.75 9.57
N GLN A 94 7.08 7.97 10.37
CA GLN A 94 8.01 7.00 9.84
C GLN A 94 7.62 5.58 10.28
N ASN A 95 6.35 5.40 10.64
CA ASN A 95 5.87 4.07 11.00
C ASN A 95 5.38 3.33 9.75
N PHE A 96 6.35 2.73 9.07
CA PHE A 96 6.13 2.06 7.78
C PHE A 96 6.33 0.55 7.88
N TRP A 97 5.95 -0.13 6.78
CA TRP A 97 6.35 -1.49 6.43
C TRP A 97 6.04 -2.57 7.46
N ARG A 98 4.77 -2.67 7.79
CA ARG A 98 4.32 -3.70 8.70
C ARG A 98 2.85 -4.01 8.35
N SER A 99 2.34 -5.15 8.77
CA SER A 99 0.90 -5.45 8.52
C SER A 99 0.26 -6.27 9.61
N ALA A 100 -1.07 -6.13 9.72
CA ALA A 100 -1.88 -6.98 10.59
C ALA A 100 -3.02 -7.52 9.80
N GLU A 101 -3.33 -8.80 9.94
CA GLU A 101 -4.49 -9.30 9.27
C GLU A 101 -5.09 -10.59 9.87
N ASN A 102 -6.40 -10.77 9.62
CA ASN A 102 -7.10 -12.05 9.90
C ASN A 102 -7.06 -12.43 11.38
N LEU A 103 -7.28 -11.41 12.21
CA LEU A 103 -7.40 -11.54 13.66
C LEU A 103 -8.65 -10.84 14.22
N ALA A 104 -9.17 -11.41 15.31
CA ALA A 104 -10.15 -10.71 16.17
C ALA A 104 -9.48 -10.17 17.43
N LEU A 105 -9.66 -8.88 17.70
CA LEU A 105 -9.08 -8.25 18.88
C LEU A 105 -10.15 -7.72 19.84
N ASN A 106 -9.92 -7.99 21.12
CA ASN A 106 -10.78 -7.57 22.22
C ASN A 106 -9.86 -6.74 23.09
N PRO A 107 -9.65 -5.47 22.73
CA PRO A 107 -8.52 -4.73 23.35
C PRO A 107 -8.76 -4.46 24.82
N VAL A 108 -7.68 -4.61 25.59
CA VAL A 108 -7.68 -4.52 27.05
C VAL A 108 -8.41 -3.32 27.65
N ASN A 109 -8.25 -2.12 27.08
CA ASN A 109 -8.96 -0.95 27.62
C ASN A 109 -10.17 -0.57 26.77
N GLY A 110 -10.60 -1.49 25.93
CA GLY A 110 -11.73 -1.25 25.05
C GLY A 110 -11.44 -0.75 23.65
N THR A 111 -10.19 -0.39 23.36
CA THR A 111 -9.82 0.27 22.09
C THR A 111 -8.36 0.00 21.66
N ASN A 112 -8.18 -0.42 20.41
CA ASN A 112 -6.89 -0.84 19.88
C ASN A 112 -6.17 0.35 19.20
N ARG A 113 -4.87 0.45 19.47
CA ARG A 113 -4.02 1.45 18.81
C ARG A 113 -3.34 0.86 17.57
N TRP A 114 -3.38 1.62 16.47
CA TRP A 114 -2.73 1.25 15.19
C TRP A 114 -2.26 2.55 14.52
N ALA A 115 -1.24 3.15 15.10
CA ALA A 115 -0.82 4.49 14.73
C ALA A 115 0.29 4.41 13.70
N VAL A 116 -0.13 4.34 12.46
CA VAL A 116 0.79 4.05 11.38
C VAL A 116 0.77 5.12 10.28
N SER A 117 1.80 5.07 9.45
CA SER A 117 1.81 5.86 8.23
C SER A 117 1.76 4.90 7.04
N GLN A 118 2.53 5.17 5.98
CA GLN A 118 2.36 4.40 4.75
C GLN A 118 2.85 2.94 4.82
N ALA A 119 2.27 2.11 3.98
CA ALA A 119 2.62 0.71 3.83
C ALA A 119 2.42 -0.06 5.16
N ALA A 120 1.27 0.12 5.75
CA ALA A 120 0.98 -0.53 7.03
C ALA A 120 -0.46 -1.09 7.06
N PRO A 121 -0.79 -1.99 6.11
CA PRO A 121 -2.17 -2.43 5.92
C PRO A 121 -2.73 -3.22 7.13
N PHE A 122 -4.03 -3.02 7.30
CA PHE A 122 -4.86 -3.58 8.36
C PHE A 122 -6.02 -4.22 7.59
N ARG A 123 -5.94 -5.54 7.41
CA ARG A 123 -6.88 -6.25 6.54
C ARG A 123 -7.54 -7.40 7.30
N ARG A 124 -8.83 -7.61 7.06
CA ARG A 124 -9.54 -8.80 7.55
C ARG A 124 -9.43 -8.92 9.08
N MET A 125 -9.62 -7.77 9.71
CA MET A 125 -9.56 -7.63 11.15
C MET A 125 -10.95 -7.42 11.73
N HIS A 126 -11.17 -7.99 12.92
CA HIS A 126 -12.39 -7.72 13.70
C HIS A 126 -12.02 -7.13 15.06
N VAL A 127 -12.26 -5.83 15.22
CA VAL A 127 -11.94 -5.16 16.47
C VAL A 127 -13.24 -5.06 17.25
N LYS A 128 -13.28 -5.77 18.36
CA LYS A 128 -14.46 -5.74 19.22
C LYS A 128 -14.32 -4.55 20.16
N GLY A 129 -14.40 -3.35 19.59
CA GLY A 129 -14.27 -2.13 20.35
C GLY A 129 -13.90 -1.05 19.37
N GLY A 130 -13.22 -0.04 19.89
CA GLY A 130 -12.67 1.04 19.07
C GLY A 130 -11.27 0.84 18.52
N LEU A 131 -10.97 1.67 17.53
CA LEU A 131 -9.68 1.66 16.84
C LEU A 131 -9.15 3.11 16.78
N ASN A 132 -8.08 3.34 17.52
CA ASN A 132 -7.38 4.65 17.59
C ASN A 132 -6.26 4.58 16.58
N LEU A 133 -6.26 5.49 15.60
CA LEU A 133 -5.20 5.54 14.57
C LEU A 133 -4.08 6.54 14.88
N ALA A 134 -4.22 7.23 16.00
CA ALA A 134 -3.28 8.29 16.40
C ALA A 134 -2.22 7.83 17.40
N PRO A 135 -1.01 8.39 17.30
CA PRO A 135 0.04 8.08 18.29
C PRO A 135 -0.32 8.67 19.64
N ASP A 136 0.25 8.16 20.71
CA ASP A 136 -0.04 8.77 22.01
C ASP A 136 0.59 10.16 21.98
N GLY A 137 -0.20 11.19 22.29
CA GLY A 137 0.24 12.58 22.25
C GLY A 137 -0.36 13.39 21.11
N TYR A 138 -1.21 12.73 20.29
CA TYR A 138 -1.85 13.30 19.09
C TYR A 138 -0.84 13.92 18.11
N GLY A 139 0.39 13.43 18.15
CA GLY A 139 1.38 13.86 17.19
C GLY A 139 1.21 13.27 15.79
N TRP A 140 2.05 13.79 14.90
CA TRP A 140 1.90 13.68 13.46
C TRP A 140 1.78 12.22 12.94
N ALA A 141 0.96 12.05 11.93
CA ALA A 141 0.73 10.74 11.32
C ALA A 141 0.18 10.87 9.91
N SER A 142 0.57 9.94 9.03
CA SER A 142 0.26 10.03 7.64
C SER A 142 -0.10 8.67 7.01
N GLY A 143 -1.14 8.02 7.54
CA GLY A 143 -1.64 6.74 7.01
C GLY A 143 -2.55 6.95 5.82
N GLY A 144 -3.31 5.94 5.40
CA GLY A 144 -3.38 4.63 6.02
C GLY A 144 -4.44 3.83 5.27
N TYR A 145 -4.58 2.55 5.62
CA TYR A 145 -5.33 1.62 4.81
C TYR A 145 -5.96 0.49 5.62
N ILE A 146 -7.28 0.46 5.53
CA ILE A 146 -8.09 -0.55 6.22
C ILE A 146 -9.00 -1.16 5.17
N ALA A 147 -9.04 -2.49 5.14
CA ALA A 147 -9.88 -3.21 4.19
C ALA A 147 -10.49 -4.47 4.77
N ASP A 148 -11.71 -4.75 4.36
CA ASP A 148 -12.38 -6.00 4.70
C ASP A 148 -12.35 -6.25 6.21
N SER A 149 -12.55 -5.15 6.93
CA SER A 149 -12.51 -5.17 8.39
C SER A 149 -13.83 -4.79 9.03
N LYS A 150 -14.00 -5.22 10.27
CA LYS A 150 -15.17 -4.82 11.09
C LYS A 150 -14.67 -4.21 12.41
N ILE A 151 -14.92 -2.91 12.61
CA ILE A 151 -14.60 -2.24 13.89
C ILE A 151 -15.96 -2.07 14.58
N ASP A 152 -16.19 -2.82 15.67
CA ASP A 152 -17.45 -2.75 16.41
C ASP A 152 -17.77 -1.34 16.88
N GLY A 153 -16.79 -0.67 17.47
CA GLY A 153 -16.94 0.71 17.93
C GLY A 153 -16.47 1.73 16.89
N GLU A 154 -15.90 2.84 17.36
CA GLU A 154 -15.51 3.95 16.50
C GLU A 154 -14.06 3.86 15.97
N VAL A 155 -13.86 4.33 14.74
CA VAL A 155 -12.51 4.54 14.20
C VAL A 155 -12.18 6.01 14.42
N GLY A 156 -11.16 6.29 15.24
CA GLY A 156 -10.79 7.66 15.58
C GLY A 156 -9.46 8.06 15.01
N PRO A 157 -9.46 8.89 13.96
CA PRO A 157 -8.16 9.12 13.34
C PRO A 157 -7.39 10.21 14.04
N TYR A 158 -8.12 11.09 14.75
CA TYR A 158 -7.54 12.25 15.45
C TYR A 158 -6.59 13.05 14.51
N SER A 159 -5.28 12.95 14.70
CA SER A 159 -4.30 13.69 13.92
C SER A 159 -3.94 13.10 12.54
N GLN A 160 -4.35 11.88 12.24
CA GLN A 160 -4.13 11.36 10.87
C GLN A 160 -4.52 12.32 9.77
N GLN A 161 -3.58 12.63 8.88
CA GLN A 161 -3.87 13.56 7.78
C GLN A 161 -4.95 13.06 6.84
N GLN A 162 -4.81 11.79 6.50
CA GLN A 162 -5.63 11.19 5.46
C GLN A 162 -5.77 9.69 5.73
N TRP A 163 -6.77 9.08 5.12
CA TRP A 163 -7.03 7.65 5.33
C TRP A 163 -7.91 7.08 4.21
N TYR A 164 -7.66 5.81 3.87
CA TYR A 164 -8.54 5.06 3.00
C TYR A 164 -9.09 3.80 3.66
N THR A 165 -10.40 3.66 3.56
CA THR A 165 -11.12 2.50 4.09
C THR A 165 -12.04 1.94 2.99
N ARG A 166 -11.94 0.63 2.75
CA ARG A 166 -12.84 -0.03 1.80
C ARG A 166 -13.48 -1.31 2.32
N ASP A 167 -14.73 -1.52 1.90
CA ASP A 167 -15.39 -2.80 2.05
C ASP A 167 -15.28 -3.32 3.49
N SER A 168 -15.83 -2.54 4.39
CA SER A 168 -15.71 -2.77 5.83
C SER A 168 -16.98 -2.44 6.58
N SER A 169 -16.97 -2.65 7.89
CA SER A 169 -17.98 -2.04 8.77
C SER A 169 -17.39 -1.28 9.95
N VAL A 170 -17.84 -0.04 10.10
CA VAL A 170 -17.50 0.76 11.27
C VAL A 170 -18.75 1.19 12.06
N GLY A 171 -18.62 1.14 13.37
CA GLY A 171 -19.68 1.58 14.29
C GLY A 171 -19.78 3.09 14.35
N GLY A 172 -18.71 3.76 13.93
CA GLY A 172 -18.70 5.21 13.88
C GLY A 172 -17.38 5.69 13.28
N TRP A 173 -17.32 6.97 12.95
CA TRP A 173 -16.11 7.57 12.42
C TRP A 173 -15.94 8.97 13.00
N GLY A 174 -14.88 9.15 13.76
CA GLY A 174 -14.77 10.33 14.62
C GLY A 174 -14.42 11.66 13.95
N ASN A 175 -13.56 11.67 12.94
CA ASN A 175 -13.09 12.96 12.37
C ASN A 175 -12.28 12.79 11.07
N GLY A 176 -11.95 13.92 10.42
CA GLY A 176 -11.19 13.97 9.18
C GLY A 176 -10.34 15.26 9.04
N VAL A 177 -9.02 15.10 8.96
CA VAL A 177 -8.09 16.26 8.88
C VAL A 177 -7.99 16.88 7.46
N TRP A 178 -7.48 16.11 6.50
CA TRP A 178 -7.38 16.57 5.10
C TRP A 178 -8.16 15.71 4.06
N ASN A 179 -8.07 14.38 4.16
CA ASN A 179 -8.72 13.51 3.18
C ASN A 179 -9.04 12.09 3.69
N MET A 180 -10.24 11.94 4.24
CA MET A 180 -10.72 10.62 4.67
C MET A 180 -11.65 10.09 3.60
N THR A 181 -11.21 9.04 2.89
CA THR A 181 -11.99 8.45 1.81
C THR A 181 -12.48 7.02 2.15
N PHE A 182 -13.70 6.76 1.72
CA PHE A 182 -14.41 5.51 1.98
C PHE A 182 -15.03 4.92 0.70
N SER A 183 -14.92 3.60 0.52
CA SER A 183 -15.73 2.93 -0.50
C SER A 183 -16.30 1.60 0.00
N GLY A 184 -17.61 1.43 -0.15
CA GLY A 184 -18.25 0.22 0.34
C GLY A 184 -18.11 -0.01 1.84
N VAL A 185 -18.05 1.07 2.61
CA VAL A 185 -17.89 0.97 4.05
C VAL A 185 -19.22 1.18 4.81
N GLU A 186 -19.71 0.10 5.42
CA GLU A 186 -20.97 0.17 6.17
C GLU A 186 -20.74 1.04 7.42
N GLY A 187 -21.55 2.07 7.53
CA GLY A 187 -21.40 3.02 8.60
C GLY A 187 -20.34 4.10 8.39
N ALA A 188 -19.95 4.37 7.14
CA ALA A 188 -19.06 5.52 6.89
C ALA A 188 -19.79 6.83 7.16
N PRO A 189 -19.03 7.88 7.51
CA PRO A 189 -19.65 9.19 7.67
C PRO A 189 -20.12 9.69 6.28
N ALA A 190 -21.16 10.53 6.26
CA ALA A 190 -21.77 10.90 4.98
C ALA A 190 -20.82 11.69 4.08
N GLN A 191 -20.95 11.52 2.76
CA GLN A 191 -20.21 12.34 1.80
C GLN A 191 -20.39 13.82 2.15
N SER A 192 -19.29 14.54 2.28
CA SER A 192 -19.35 15.90 2.81
C SER A 192 -18.28 16.90 2.34
N PHE A 193 -17.16 16.43 1.77
CA PHE A 193 -15.97 17.28 1.47
C PHE A 193 -16.41 18.66 1.03
N PRO A 194 -15.74 19.74 1.51
CA PRO A 194 -14.54 19.80 2.37
C PRO A 194 -14.80 19.72 3.90
N GLU A 195 -16.04 19.67 4.38
CA GLU A 195 -16.26 19.83 5.83
C GLU A 195 -17.29 18.86 6.41
N PRO A 196 -16.82 17.84 7.15
CA PRO A 196 -15.43 17.36 7.25
C PRO A 196 -15.01 16.82 5.88
N PRO A 197 -13.72 16.53 5.68
CA PRO A 197 -13.29 16.15 4.32
C PRO A 197 -13.54 14.68 4.06
N TYR A 198 -14.80 14.30 4.03
CA TYR A 198 -15.18 12.93 3.80
C TYR A 198 -15.59 12.76 2.33
N THR A 199 -14.88 11.87 1.67
CA THR A 199 -15.22 11.41 0.35
C THR A 199 -15.79 10.00 0.49
N THR A 200 -17.10 9.86 0.29
CA THR A 200 -17.79 8.61 0.64
C THR A 200 -18.45 8.05 -0.58
N LEU A 201 -17.97 6.90 -1.01
CA LEU A 201 -18.59 6.16 -2.10
C LEU A 201 -19.36 4.93 -1.58
N GLU A 202 -20.51 4.71 -2.21
CA GLU A 202 -21.44 3.67 -1.87
C GLU A 202 -20.78 2.31 -1.86
N THR A 203 -20.25 1.96 -3.01
CA THR A 203 -19.57 0.70 -3.20
C THR A 203 -18.26 0.84 -3.92
N THR A 204 -17.40 -0.15 -3.73
CA THR A 204 -16.16 -0.26 -4.49
C THR A 204 -16.46 -0.90 -5.84
N PRO A 205 -16.00 -0.31 -6.94
CA PRO A 205 -16.36 -0.82 -8.27
C PRO A 205 -16.00 -2.28 -8.48
N VAL A 206 -14.75 -2.62 -8.15
CA VAL A 206 -14.36 -4.00 -8.06
C VAL A 206 -13.29 -4.11 -6.98
N SER A 207 -13.31 -5.25 -6.31
CA SER A 207 -12.27 -5.59 -5.36
C SER A 207 -12.17 -7.10 -5.23
N ARG A 208 -10.98 -7.53 -4.80
CA ARG A 208 -10.71 -8.93 -4.58
C ARG A 208 -9.79 -8.99 -3.39
N GLU A 209 -10.26 -9.63 -2.33
CA GLU A 209 -9.51 -9.62 -1.10
C GLU A 209 -8.15 -10.33 -1.25
N LYS A 210 -7.17 -9.85 -0.50
CA LYS A 210 -5.78 -10.35 -0.61
C LYS A 210 -5.70 -11.81 -0.15
N PRO A 211 -5.10 -12.69 -0.97
CA PRO A 211 -5.00 -14.08 -0.50
C PRO A 211 -4.22 -14.19 0.81
N PHE A 212 -4.55 -15.16 1.65
CA PHE A 212 -3.88 -15.34 2.93
C PHE A 212 -3.66 -16.83 3.26
N LEU A 213 -2.56 -17.11 3.96
CA LEU A 213 -2.26 -18.42 4.48
C LEU A 213 -3.23 -18.75 5.63
N TYR A 214 -3.60 -20.02 5.76
CA TYR A 214 -4.43 -20.47 6.88
C TYR A 214 -4.24 -21.96 7.16
N LEU A 215 -5.04 -22.50 8.09
CA LEU A 215 -5.09 -23.96 8.39
C LEU A 215 -6.40 -24.70 8.14
N ASP A 216 -6.18 -25.96 7.73
CA ASP A 216 -7.18 -27.00 7.54
C ASP A 216 -6.44 -28.21 8.09
N GLY A 217 -6.99 -28.82 9.15
CA GLY A 217 -6.31 -29.80 10.00
C GLY A 217 -5.03 -29.40 10.74
N ASP A 218 -3.97 -29.25 9.98
CA ASP A 218 -2.55 -29.26 10.40
C ASP A 218 -1.84 -29.26 9.03
N ASP A 219 -2.64 -29.42 7.96
CA ASP A 219 -2.35 -28.92 6.59
C ASP A 219 -2.47 -27.37 6.41
N TYR A 220 -1.35 -26.70 6.24
CA TYR A 220 -1.35 -25.30 5.78
C TYR A 220 -2.00 -25.18 4.37
N LYS A 221 -2.75 -24.09 4.14
CA LYS A 221 -3.35 -23.79 2.83
C LYS A 221 -3.32 -22.24 2.58
N VAL A 222 -3.40 -21.80 1.32
CA VAL A 222 -3.52 -20.37 1.03
C VAL A 222 -4.91 -20.09 0.44
N PHE A 223 -5.68 -19.22 1.12
CA PHE A 223 -7.00 -18.84 0.63
C PHE A 223 -6.93 -17.73 -0.39
N VAL A 224 -7.78 -17.83 -1.40
CA VAL A 224 -7.73 -16.96 -2.59
C VAL A 224 -9.15 -16.46 -2.82
N PRO A 225 -9.51 -15.39 -2.10
CA PRO A 225 -10.87 -14.84 -2.21
C PRO A 225 -11.31 -14.56 -3.63
N ALA A 226 -12.54 -14.97 -3.89
CA ALA A 226 -13.25 -14.55 -5.09
C ALA A 226 -13.28 -13.03 -5.30
N LYS A 227 -13.46 -12.63 -6.56
CA LYS A 227 -13.69 -11.24 -6.86
C LYS A 227 -15.10 -10.78 -6.47
N ARG A 228 -15.18 -9.66 -5.76
CA ARG A 228 -16.44 -8.94 -5.57
C ARG A 228 -16.61 -7.75 -6.53
N THR A 229 -17.85 -7.49 -6.97
CA THR A 229 -18.18 -6.20 -7.63
C THR A 229 -19.22 -5.35 -6.87
N ASN A 230 -19.13 -4.05 -7.06
CA ASN A 230 -19.92 -3.07 -6.30
C ASN A 230 -19.94 -3.55 -4.85
N ALA A 231 -18.74 -3.71 -4.28
CA ALA A 231 -18.57 -4.31 -3.00
C ALA A 231 -18.96 -3.38 -1.87
N ARG A 232 -19.47 -3.99 -0.82
CA ARG A 232 -19.82 -3.24 0.38
C ARG A 232 -19.78 -4.18 1.55
N GLY A 233 -19.27 -3.70 2.67
CA GLY A 233 -19.14 -4.55 3.86
C GLY A 233 -18.05 -5.60 3.69
N THR A 234 -17.92 -6.46 4.69
CA THR A 234 -16.84 -7.43 4.72
C THR A 234 -17.23 -8.70 3.93
N SER A 235 -16.21 -9.47 3.50
CA SER A 235 -16.43 -10.66 2.70
C SER A 235 -16.70 -11.89 3.57
N TRP A 236 -16.69 -11.67 4.88
CA TRP A 236 -16.60 -12.77 5.81
C TRP A 236 -17.52 -12.54 7.04
N GLY A 237 -18.29 -11.43 7.02
CA GLY A 237 -19.25 -11.07 8.09
C GLY A 237 -20.55 -11.85 8.00
N ASN A 238 -20.78 -12.36 6.79
CA ASN A 238 -21.99 -13.07 6.45
C ASN A 238 -21.69 -14.44 5.84
N GLY A 239 -20.66 -15.12 6.35
CA GLY A 239 -20.59 -16.59 6.25
C GLY A 239 -19.45 -17.09 5.39
N THR A 240 -19.73 -17.98 4.44
CA THR A 240 -18.67 -18.80 3.82
C THR A 240 -17.85 -17.97 2.90
N PRO A 241 -16.61 -17.67 3.33
CA PRO A 241 -15.85 -16.74 2.49
C PRO A 241 -15.58 -17.30 1.10
N GLU A 242 -16.19 -16.65 0.14
CA GLU A 242 -16.05 -17.17 -1.18
C GLU A 242 -14.66 -17.06 -1.83
N GLY A 243 -14.15 -18.23 -2.23
CA GLY A 243 -12.90 -18.35 -2.96
C GLY A 243 -12.23 -19.71 -2.97
N GLU A 244 -10.90 -19.66 -3.06
CA GLU A 244 -10.07 -20.82 -3.35
C GLU A 244 -9.03 -21.18 -2.30
N SER A 245 -8.73 -22.48 -2.13
CA SER A 245 -7.60 -22.89 -1.25
C SER A 245 -6.43 -23.63 -1.97
N LEU A 246 -5.27 -23.00 -2.07
CA LEU A 246 -4.08 -23.66 -2.58
C LEU A 246 -3.34 -24.36 -1.45
N PRO A 247 -3.22 -25.71 -1.52
CA PRO A 247 -2.37 -26.33 -0.51
C PRO A 247 -0.98 -25.80 -0.62
N LEU A 248 -0.34 -25.66 0.55
CA LEU A 248 0.99 -25.12 0.68
C LEU A 248 1.92 -25.75 -0.34
N ASP A 249 1.90 -27.07 -0.42
CA ASP A 249 2.91 -27.75 -1.22
C ASP A 249 2.78 -27.53 -2.76
N GLN A 250 1.62 -27.02 -3.19
CA GLN A 250 1.47 -26.51 -4.55
C GLN A 250 2.04 -25.03 -4.66
N PHE A 251 2.85 -24.62 -3.69
CA PHE A 251 3.59 -23.32 -3.72
C PHE A 251 5.04 -23.65 -3.66
N TYR A 252 5.88 -22.97 -4.42
CA TYR A 252 7.31 -23.00 -4.14
C TYR A 252 7.58 -22.04 -2.97
N VAL A 253 7.83 -22.61 -1.81
CA VAL A 253 8.27 -21.82 -0.67
C VAL A 253 9.66 -21.24 -0.90
N VAL A 254 9.71 -19.99 -1.37
CA VAL A 254 10.99 -19.34 -1.68
C VAL A 254 11.68 -18.79 -0.42
N LYS A 255 12.99 -19.01 -0.34
CA LYS A 255 13.78 -18.54 0.78
C LYS A 255 15.04 -17.81 0.24
N PRO A 256 15.42 -16.65 0.84
CA PRO A 256 16.46 -15.74 0.35
C PRO A 256 17.76 -16.39 -0.06
N GLY A 257 18.24 -16.08 -1.26
CA GLY A 257 19.43 -16.74 -1.72
C GLY A 257 19.12 -17.87 -2.66
N ALA A 258 17.83 -18.24 -2.77
CA ALA A 258 17.31 -18.83 -3.99
C ALA A 258 17.61 -17.87 -5.15
N THR A 259 17.26 -18.23 -6.38
CA THR A 259 17.49 -17.32 -7.51
C THR A 259 16.31 -17.11 -8.46
N ALA A 260 16.38 -16.02 -9.22
CA ALA A 260 15.39 -15.76 -10.28
C ALA A 260 15.11 -16.99 -11.12
N GLU A 261 16.19 -17.58 -11.59
CA GLU A 261 16.07 -18.70 -12.51
C GLU A 261 15.20 -19.82 -11.91
N THR A 262 15.37 -20.11 -10.64
CA THR A 262 14.65 -21.21 -10.02
C THR A 262 13.19 -20.84 -9.75
N ILE A 263 13.03 -19.67 -9.17
CA ILE A 263 11.73 -19.06 -9.01
C ILE A 263 11.00 -19.07 -10.35
N ASN A 264 11.68 -18.61 -11.40
CA ASN A 264 11.12 -18.57 -12.76
C ASN A 264 10.77 -19.97 -13.30
N ALA A 265 11.64 -20.92 -13.01
CA ALA A 265 11.39 -22.31 -13.36
C ALA A 265 10.20 -22.85 -12.59
N ALA A 266 10.07 -22.47 -11.31
CA ALA A 266 8.95 -22.95 -10.52
C ALA A 266 7.60 -22.51 -11.09
N VAL A 267 7.45 -21.22 -11.42
CA VAL A 267 6.17 -20.74 -11.97
C VAL A 267 5.86 -21.49 -13.24
N ASP A 268 6.92 -21.83 -13.96
CA ASP A 268 6.79 -22.43 -15.27
C ASP A 268 6.39 -23.89 -15.17
N GLN A 269 6.90 -24.58 -14.16
CA GLN A 269 6.48 -25.96 -13.87
C GLN A 269 5.10 -26.01 -13.19
N GLY A 270 4.48 -24.86 -12.97
CA GLY A 270 3.11 -24.80 -12.48
C GLY A 270 2.95 -24.60 -10.98
N LEU A 271 3.99 -24.12 -10.31
CA LEU A 271 3.84 -23.80 -8.89
C LEU A 271 3.56 -22.32 -8.64
N HIS A 272 2.95 -22.05 -7.51
CA HIS A 272 2.71 -20.70 -7.05
C HIS A 272 4.00 -20.30 -6.30
N LEU A 273 4.03 -19.10 -5.73
CA LEU A 273 5.22 -18.63 -5.02
C LEU A 273 4.86 -18.04 -3.67
N LEU A 274 5.63 -18.44 -2.65
CA LEU A 274 5.50 -17.88 -1.31
C LEU A 274 6.86 -17.43 -0.86
N PHE A 275 7.01 -16.12 -0.72
CA PHE A 275 8.27 -15.61 -0.27
C PHE A 275 8.27 -15.55 1.25
N THR A 276 9.10 -16.38 1.87
CA THR A 276 9.35 -16.28 3.29
C THR A 276 10.00 -14.90 3.58
N PRO A 277 9.87 -14.40 4.81
CA PRO A 277 10.44 -13.09 5.11
C PRO A 277 11.95 -13.09 4.96
N GLY A 278 12.45 -12.01 4.38
CA GLY A 278 13.88 -11.85 4.16
C GLY A 278 14.09 -11.05 2.88
N VAL A 279 15.32 -11.05 2.38
CA VAL A 279 15.73 -10.14 1.31
C VAL A 279 16.33 -10.91 0.12
N TYR A 280 15.74 -10.76 -1.05
CA TYR A 280 16.17 -11.51 -2.23
C TYR A 280 16.88 -10.54 -3.20
N HIS A 281 18.08 -10.86 -3.61
CA HIS A 281 18.74 -10.14 -4.70
C HIS A 281 18.52 -11.00 -5.91
N VAL A 282 18.04 -10.41 -7.01
CA VAL A 282 17.86 -11.16 -8.27
C VAL A 282 18.76 -10.58 -9.37
N ASP A 283 19.25 -11.45 -10.27
CA ASP A 283 20.15 -11.06 -11.36
C ASP A 283 19.40 -10.97 -12.70
N GLN A 284 18.16 -11.44 -12.72
CA GLN A 284 17.29 -11.27 -13.87
C GLN A 284 15.90 -11.06 -13.27
N PRO A 285 14.95 -10.57 -14.06
CA PRO A 285 13.59 -10.37 -13.54
C PRO A 285 12.87 -11.68 -13.17
N ILE A 286 12.10 -11.63 -12.10
CA ILE A 286 11.10 -12.65 -11.82
C ILE A 286 9.94 -12.45 -12.78
N GLU A 287 9.56 -13.53 -13.49
CA GLU A 287 8.60 -13.44 -14.58
C GLU A 287 7.45 -14.35 -14.24
N ILE A 288 6.25 -13.79 -14.22
CA ILE A 288 5.06 -14.55 -13.93
C ILE A 288 4.23 -14.50 -15.20
N ASP A 289 4.27 -15.63 -15.93
CA ASP A 289 3.63 -15.78 -17.24
C ASP A 289 2.69 -16.99 -17.29
N ARG A 290 2.06 -17.27 -16.15
CA ARG A 290 1.10 -18.34 -16.02
C ARG A 290 -0.17 -17.78 -15.34
N ALA A 291 -1.30 -17.94 -16.03
CA ALA A 291 -2.53 -17.43 -15.52
C ALA A 291 -2.81 -17.95 -14.10
N ASN A 292 -3.38 -17.08 -13.27
CA ASN A 292 -3.74 -17.34 -11.87
C ASN A 292 -2.64 -17.71 -10.88
N THR A 293 -1.41 -17.39 -11.21
CA THR A 293 -0.29 -17.55 -10.30
C THR A 293 -0.36 -16.59 -9.11
N VAL A 294 -0.24 -17.12 -7.90
CA VAL A 294 -0.11 -16.34 -6.66
C VAL A 294 1.33 -16.18 -6.34
N ALA A 295 1.73 -14.92 -6.15
CA ALA A 295 3.01 -14.56 -5.59
C ALA A 295 2.74 -13.79 -4.29
N LEU A 296 2.93 -14.47 -3.17
CA LEU A 296 2.54 -13.97 -1.86
C LEU A 296 3.81 -13.79 -1.04
N GLY A 297 3.87 -12.75 -0.24
CA GLY A 297 5.03 -12.46 0.57
C GLY A 297 4.63 -12.49 2.02
N LEU A 298 5.55 -12.89 2.88
CA LEU A 298 5.34 -12.85 4.32
C LEU A 298 6.46 -12.00 4.92
N GLY A 299 6.16 -11.33 6.02
CA GLY A 299 7.18 -10.63 6.79
C GLY A 299 7.89 -9.52 6.03
N LEU A 300 7.15 -8.86 5.13
CA LEU A 300 7.68 -7.80 4.28
C LEU A 300 8.89 -8.30 3.46
N ALA A 301 8.75 -9.53 2.95
CA ALA A 301 9.69 -10.08 2.00
C ALA A 301 9.98 -9.04 0.91
N THR A 302 11.27 -8.93 0.61
CA THR A 302 11.79 -7.86 -0.21
C THR A 302 12.64 -8.39 -1.39
N ILE A 303 12.39 -7.83 -2.58
CA ILE A 303 13.14 -8.13 -3.79
C ILE A 303 14.00 -6.93 -4.15
N ILE A 304 15.30 -7.15 -4.30
CA ILE A 304 16.23 -6.14 -4.80
C ILE A 304 16.79 -6.57 -6.17
N PRO A 305 16.43 -5.84 -7.24
CA PRO A 305 17.02 -6.03 -8.56
C PRO A 305 18.44 -5.47 -8.66
N ASP A 306 19.40 -6.37 -8.84
CA ASP A 306 20.79 -6.04 -9.12
C ASP A 306 21.07 -5.69 -10.62
N ASN A 307 22.19 -4.99 -10.90
CA ASN A 307 22.68 -4.82 -12.28
C ASN A 307 21.69 -4.10 -13.22
N GLY A 308 20.77 -3.35 -12.62
CA GLY A 308 19.81 -2.54 -13.35
C GLY A 308 18.65 -3.29 -13.99
N VAL A 309 18.47 -4.56 -13.63
CA VAL A 309 17.37 -5.32 -14.21
C VAL A 309 16.04 -4.92 -13.59
N THR A 310 14.97 -5.33 -14.24
CA THR A 310 13.64 -5.17 -13.69
C THR A 310 13.42 -6.28 -12.63
N ALA A 311 12.82 -5.96 -11.50
CA ALA A 311 12.58 -6.94 -10.45
C ALA A 311 11.54 -8.00 -10.81
N LEU A 312 10.45 -7.54 -11.39
CA LEU A 312 9.29 -8.36 -11.56
C LEU A 312 8.54 -7.95 -12.81
N LYS A 313 8.39 -8.90 -13.73
CA LYS A 313 7.50 -8.75 -14.87
C LYS A 313 6.33 -9.76 -14.75
N VAL A 314 5.12 -9.28 -15.00
CA VAL A 314 3.95 -10.14 -15.15
C VAL A 314 3.60 -10.16 -16.63
N GLY A 315 3.31 -11.34 -17.16
CA GLY A 315 3.06 -11.49 -18.57
C GLY A 315 1.61 -11.14 -18.87
N ASP A 316 1.23 -11.36 -20.11
CA ASP A 316 -0.13 -11.03 -20.57
C ASP A 316 -1.11 -12.19 -20.28
N VAL A 317 -1.29 -12.49 -19.01
CA VAL A 317 -2.20 -13.57 -18.59
C VAL A 317 -3.20 -13.02 -17.57
N ASP A 318 -4.31 -13.73 -17.41
CA ASP A 318 -5.35 -13.43 -16.43
C ASP A 318 -4.87 -13.83 -15.03
N GLY A 319 -5.44 -13.19 -14.02
CA GLY A 319 -5.59 -13.81 -12.72
C GLY A 319 -4.40 -13.81 -11.77
N VAL A 320 -3.30 -13.13 -12.13
CA VAL A 320 -2.08 -13.15 -11.30
C VAL A 320 -2.31 -12.25 -10.10
N LYS A 321 -2.01 -12.75 -8.92
CA LYS A 321 -2.26 -12.05 -7.65
C LYS A 321 -0.92 -11.92 -6.94
N VAL A 322 -0.38 -10.71 -7.05
CA VAL A 322 0.89 -10.34 -6.42
C VAL A 322 0.54 -9.62 -5.14
N ALA A 323 1.12 -10.07 -4.04
CA ALA A 323 0.81 -9.46 -2.73
C ALA A 323 1.90 -9.55 -1.70
N GLY A 324 2.03 -8.44 -0.96
CA GLY A 324 2.83 -8.39 0.22
C GLY A 324 4.31 -8.50 -0.07
N LEU A 325 4.79 -7.69 -1.02
CA LEU A 325 6.18 -7.60 -1.40
C LEU A 325 6.67 -6.15 -1.34
N LEU A 326 7.91 -5.97 -0.90
CA LEU A 326 8.61 -4.71 -1.06
C LEU A 326 9.64 -4.90 -2.17
N VAL A 327 9.59 -4.07 -3.21
CA VAL A 327 10.66 -4.02 -4.21
C VAL A 327 11.57 -2.80 -3.89
N ASP A 328 12.85 -3.05 -3.65
CA ASP A 328 13.80 -2.02 -3.19
C ASP A 328 14.88 -1.82 -4.25
N ALA A 329 14.96 -0.61 -4.78
CA ALA A 329 15.88 -0.33 -5.87
C ALA A 329 17.31 -0.67 -5.50
N GLY A 330 18.05 -1.27 -6.43
CA GLY A 330 19.50 -1.30 -6.33
C GLY A 330 20.13 0.03 -6.71
N PRO A 331 21.42 0.19 -6.39
CA PRO A 331 22.08 1.43 -6.74
C PRO A 331 22.48 1.57 -8.23
N VAL A 332 22.43 0.47 -9.00
CA VAL A 332 22.48 0.56 -10.46
C VAL A 332 21.08 0.82 -10.99
N ASN A 333 20.93 1.91 -11.75
CA ASN A 333 19.61 2.33 -12.21
C ASN A 333 18.88 1.24 -12.98
N SER A 334 17.64 0.97 -12.55
CA SER A 334 16.74 0.13 -13.35
C SER A 334 15.75 0.93 -14.22
N GLU A 335 15.62 0.55 -15.49
CA GLU A 335 14.63 1.18 -16.36
C GLU A 335 13.20 1.08 -15.79
N THR A 336 12.87 -0.09 -15.29
CA THR A 336 11.65 -0.26 -14.52
C THR A 336 11.90 -1.21 -13.34
N LEU A 337 11.07 -1.12 -12.30
CA LEU A 337 11.12 -2.09 -11.23
C LEU A 337 10.08 -3.23 -11.30
N VAL A 338 8.84 -2.88 -11.68
CA VAL A 338 7.72 -3.81 -11.70
C VAL A 338 6.94 -3.47 -12.97
N GLU A 339 6.82 -4.44 -13.88
CA GLU A 339 6.03 -4.28 -15.11
C GLU A 339 4.86 -5.28 -15.11
N VAL A 340 3.65 -4.79 -15.40
CA VAL A 340 2.48 -5.63 -15.42
C VAL A 340 1.87 -5.64 -16.82
N GLY A 341 2.05 -6.80 -17.51
CA GLY A 341 1.85 -6.92 -18.94
C GLY A 341 3.01 -6.37 -19.81
N SER A 342 2.92 -6.58 -21.11
CA SER A 342 3.89 -6.04 -22.07
C SER A 342 3.47 -4.68 -22.67
N ASP A 343 4.41 -3.91 -23.25
CA ASP A 343 4.03 -2.62 -23.87
C ASP A 343 3.12 -2.91 -25.07
N GLY A 344 1.99 -2.20 -25.17
CA GLY A 344 1.03 -2.46 -26.26
C GLY A 344 -0.16 -3.46 -26.10
N ALA A 345 0.09 -4.64 -25.54
CA ALA A 345 -0.95 -5.66 -25.21
C ALA A 345 -2.33 -5.06 -25.01
N SER A 346 -3.31 -5.40 -25.87
CA SER A 346 -4.66 -4.81 -25.72
C SER A 346 -5.86 -5.78 -25.60
N GLY A 347 -5.64 -6.92 -24.95
CA GLY A 347 -6.73 -7.82 -24.62
C GLY A 347 -7.27 -7.55 -23.23
N ASP A 348 -8.44 -8.13 -22.91
CA ASP A 348 -9.14 -7.98 -21.63
C ASP A 348 -8.60 -8.92 -20.55
N HIS A 349 -8.81 -8.56 -19.29
CA HIS A 349 -8.54 -9.46 -18.18
C HIS A 349 -9.66 -9.21 -17.22
N ALA A 350 -10.82 -8.89 -17.79
CA ALA A 350 -11.92 -8.30 -17.05
C ALA A 350 -12.62 -9.28 -16.08
N ALA A 351 -12.80 -10.52 -16.51
CA ALA A 351 -13.40 -11.50 -15.64
C ALA A 351 -12.50 -11.89 -14.47
N ASN A 352 -11.19 -11.85 -14.69
CA ASN A 352 -10.23 -12.47 -13.80
C ASN A 352 -8.98 -11.64 -13.94
N PRO A 353 -9.04 -10.42 -13.36
CA PRO A 353 -7.94 -9.47 -13.57
C PRO A 353 -6.67 -9.88 -12.82
N THR A 354 -5.56 -9.26 -13.21
CA THR A 354 -4.35 -9.36 -12.42
C THR A 354 -4.40 -8.28 -11.34
N SER A 355 -3.80 -8.51 -10.19
CA SER A 355 -3.79 -7.52 -9.11
C SER A 355 -2.45 -7.42 -8.41
N LEU A 356 -2.09 -6.17 -8.07
CA LEU A 356 -1.05 -5.83 -7.11
C LEU A 356 -1.69 -5.43 -5.79
N GLN A 357 -1.36 -6.11 -4.70
CA GLN A 357 -1.89 -5.74 -3.37
C GLN A 357 -0.78 -5.66 -2.36
N ASP A 358 -0.75 -4.58 -1.58
CA ASP A 358 0.32 -4.39 -0.62
C ASP A 358 1.67 -4.64 -1.31
N VAL A 359 1.84 -4.04 -2.48
CA VAL A 359 3.09 -4.05 -3.17
C VAL A 359 3.66 -2.66 -2.95
N PHE A 360 4.87 -2.63 -2.39
CA PHE A 360 5.54 -1.38 -2.00
C PHE A 360 6.87 -1.26 -2.73
N VAL A 361 7.20 -0.06 -3.18
CA VAL A 361 8.45 0.18 -3.87
C VAL A 361 9.21 1.26 -3.08
N ARG A 362 10.52 1.05 -2.93
CA ARG A 362 11.40 2.02 -2.28
C ARG A 362 12.60 2.30 -3.18
N ILE A 363 13.00 3.56 -3.25
CA ILE A 363 14.24 3.93 -3.96
C ILE A 363 15.06 4.82 -3.07
N GLY A 364 16.17 4.28 -2.57
CA GLY A 364 17.01 4.96 -1.57
C GLY A 364 16.54 4.66 -0.13
N GLY A 365 17.13 5.33 0.85
CA GLY A 365 16.79 5.15 2.24
C GLY A 365 17.72 4.15 2.95
N ALA A 366 17.89 2.99 2.33
CA ALA A 366 18.76 1.95 2.90
C ALA A 366 20.06 1.89 2.10
N GLY A 367 20.57 3.05 1.73
CA GLY A 367 21.62 3.15 0.73
C GLY A 367 21.11 3.68 -0.60
N PRO A 368 22.02 3.84 -1.56
CA PRO A 368 21.60 4.43 -2.83
C PRO A 368 20.78 3.47 -3.67
N GLY A 369 19.72 4.01 -4.26
CA GLY A 369 18.88 3.27 -5.18
C GLY A 369 18.37 4.20 -6.25
N LYS A 370 18.15 3.64 -7.43
CA LYS A 370 17.71 4.36 -8.59
C LYS A 370 16.87 3.53 -9.53
N ALA A 371 15.80 4.13 -10.00
CA ALA A 371 14.96 3.56 -11.03
C ALA A 371 14.34 4.68 -11.83
N THR A 372 14.20 4.46 -13.14
CA THR A 372 13.67 5.50 -14.00
C THR A 372 12.13 5.56 -13.84
N THR A 373 11.45 4.41 -14.02
CA THR A 373 10.03 4.29 -13.75
C THR A 373 9.85 3.15 -12.75
N SER A 374 9.00 3.31 -11.74
CA SER A 374 8.90 2.29 -10.70
C SER A 374 7.94 1.16 -11.09
N ILE A 375 6.70 1.51 -11.45
CA ILE A 375 5.69 0.54 -11.83
C ILE A 375 4.99 0.98 -13.14
N VAL A 376 5.09 0.11 -14.15
CA VAL A 376 4.36 0.27 -15.39
C VAL A 376 3.23 -0.72 -15.43
N VAL A 377 2.00 -0.22 -15.57
CA VAL A 377 0.81 -1.05 -15.56
C VAL A 377 0.28 -1.01 -17.01
N ASN A 378 0.66 -2.00 -17.81
CA ASN A 378 0.10 -2.18 -19.16
C ASN A 378 -1.18 -2.99 -19.25
N SER A 379 -1.20 -4.11 -18.54
CA SER A 379 -2.37 -5.03 -18.58
C SER A 379 -3.73 -4.35 -18.29
N ASN A 380 -4.57 -4.41 -19.30
CA ASN A 380 -5.94 -3.97 -19.16
C ASN A 380 -6.62 -4.65 -17.94
N ASP A 381 -7.46 -3.86 -17.31
CA ASP A 381 -8.25 -4.20 -16.13
C ASP A 381 -7.56 -4.63 -14.82
N THR A 382 -6.29 -4.31 -14.74
CA THR A 382 -5.50 -4.58 -13.57
C THR A 382 -6.03 -3.78 -12.38
N ILE A 383 -6.02 -4.42 -11.23
CA ILE A 383 -6.42 -3.82 -9.96
C ILE A 383 -5.17 -3.58 -9.09
N ILE A 384 -4.91 -2.31 -8.80
CA ILE A 384 -3.84 -1.93 -7.90
C ILE A 384 -4.50 -1.51 -6.55
N ASP A 385 -4.54 -2.44 -5.59
CA ASP A 385 -5.24 -2.29 -4.31
C ASP A 385 -4.23 -2.22 -3.12
N HIS A 386 -3.88 -0.98 -2.78
CA HIS A 386 -2.86 -0.63 -1.79
C HIS A 386 -1.44 -0.77 -2.31
N THR A 387 -0.86 0.35 -2.67
CA THR A 387 0.55 0.43 -3.04
C THR A 387 1.15 1.70 -2.44
N TRP A 388 2.41 1.63 -2.06
CA TRP A 388 3.20 2.80 -1.69
C TRP A 388 4.44 2.73 -2.55
N VAL A 389 4.57 3.71 -3.43
CA VAL A 389 5.69 3.79 -4.36
C VAL A 389 6.44 5.07 -3.90
N TRP A 390 7.64 4.88 -3.35
CA TRP A 390 8.29 5.87 -2.49
C TRP A 390 9.77 6.09 -2.84
N ARG A 391 10.06 7.24 -3.43
CA ARG A 391 11.45 7.67 -3.60
C ARG A 391 11.85 8.23 -2.22
N ALA A 392 12.82 7.61 -1.60
CA ALA A 392 13.16 7.95 -0.23
C ALA A 392 13.49 9.42 -0.04
N ASP A 393 12.92 10.02 1.00
CA ASP A 393 13.22 11.40 1.36
C ASP A 393 14.20 11.48 2.52
N HIS A 394 14.46 10.36 3.19
CA HIS A 394 15.39 10.35 4.33
C HIS A 394 16.02 8.98 4.36
N GLY A 395 17.09 8.91 5.12
CA GLY A 395 17.85 7.69 5.25
C GLY A 395 19.19 7.88 4.57
N GLU A 396 19.79 6.77 4.18
CA GLU A 396 21.11 6.77 3.61
C GLU A 396 21.05 6.53 2.11
N GLY A 397 21.91 7.24 1.38
CA GLY A 397 21.98 7.11 -0.04
C GLY A 397 20.87 7.87 -0.72
N VAL A 398 20.58 9.05 -0.20
CA VAL A 398 19.51 9.87 -0.75
C VAL A 398 20.02 11.27 -1.08
N GLY A 399 19.96 11.61 -2.35
CA GLY A 399 20.09 12.98 -2.82
C GLY A 399 19.29 13.19 -4.11
N TRP A 400 19.17 14.45 -4.55
CA TRP A 400 18.38 14.77 -5.76
C TRP A 400 18.92 13.94 -6.94
N GLU A 401 20.22 13.76 -6.95
CA GLU A 401 20.83 12.86 -7.91
C GLU A 401 21.13 11.47 -7.29
N THR A 402 21.51 11.43 -6.02
CA THR A 402 21.89 10.14 -5.37
C THR A 402 20.81 9.03 -5.37
N ASN A 403 19.54 9.38 -5.17
CA ASN A 403 18.40 8.42 -5.39
C ASN A 403 17.34 8.97 -6.34
N ARG A 404 17.82 9.68 -7.34
CA ARG A 404 17.00 10.05 -8.47
C ARG A 404 16.08 8.92 -8.95
N ALA A 405 14.81 9.26 -9.03
CA ALA A 405 13.78 8.40 -9.58
C ALA A 405 12.75 9.28 -10.27
N ASP A 406 12.81 9.29 -11.59
CA ASP A 406 11.99 10.18 -12.36
C ASP A 406 10.48 9.95 -12.26
N TYR A 407 10.02 8.70 -12.45
CA TYR A 407 8.59 8.40 -12.59
C TYR A 407 8.17 7.30 -11.64
N GLY A 408 7.05 7.53 -10.98
CA GLY A 408 6.58 6.62 -9.96
C GLY A 408 5.78 5.50 -10.60
N VAL A 409 4.56 5.83 -11.02
CA VAL A 409 3.69 4.87 -11.66
C VAL A 409 3.25 5.41 -12.99
N HIS A 410 3.26 4.53 -14.02
CA HIS A 410 2.72 4.87 -15.33
C HIS A 410 1.69 3.82 -15.72
N VAL A 411 0.44 4.24 -15.80
CA VAL A 411 -0.62 3.33 -16.19
C VAL A 411 -0.90 3.51 -17.69
N LYS A 412 -0.63 2.47 -18.46
CA LYS A 412 -0.84 2.51 -19.90
C LYS A 412 -1.89 1.50 -20.44
N GLY A 413 -2.49 0.72 -19.53
CA GLY A 413 -3.63 -0.13 -19.84
C GLY A 413 -4.98 0.51 -19.56
N ASP A 414 -6.02 -0.05 -20.16
CA ASP A 414 -7.39 0.45 -20.09
C ASP A 414 -8.15 -0.23 -18.95
N ASN A 415 -9.24 0.42 -18.53
CA ASN A 415 -10.03 0.03 -17.35
C ASN A 415 -9.22 -0.36 -16.10
N VAL A 416 -8.10 0.31 -15.84
CA VAL A 416 -7.30 0.00 -14.64
C VAL A 416 -7.91 0.69 -13.44
N LEU A 417 -7.97 -0.01 -12.30
CA LEU A 417 -8.55 0.52 -11.05
C LEU A 417 -7.47 0.55 -9.96
N ALA A 418 -7.32 1.71 -9.32
CA ALA A 418 -6.43 1.84 -8.17
C ALA A 418 -7.22 2.28 -6.95
N THR A 419 -7.16 1.48 -5.89
CA THR A 419 -7.80 1.77 -4.61
C THR A 419 -6.73 1.83 -3.49
N GLY A 420 -6.52 3.04 -2.96
CA GLY A 420 -5.47 3.27 -1.98
C GLY A 420 -4.10 3.43 -2.63
N LEU A 421 -3.96 4.51 -3.40
CA LEU A 421 -2.72 4.75 -4.14
C LEU A 421 -1.87 5.82 -3.46
N PHE A 422 -0.70 5.45 -2.98
CA PHE A 422 0.21 6.36 -2.30
C PHE A 422 1.55 6.42 -3.09
N VAL A 423 1.90 7.61 -3.60
CA VAL A 423 3.09 7.75 -4.44
C VAL A 423 3.74 9.09 -4.12
N GLU A 424 5.04 9.08 -3.81
CA GLU A 424 5.72 10.28 -3.26
C GLU A 424 7.20 10.47 -3.69
N HIS A 425 7.53 11.73 -3.95
CA HIS A 425 8.87 12.29 -4.02
C HIS A 425 9.63 12.11 -5.35
N PHE A 426 8.96 11.69 -6.41
CA PHE A 426 9.65 11.47 -7.69
C PHE A 426 10.19 12.76 -8.34
N ASN A 427 11.25 12.64 -9.12
CA ASN A 427 11.85 13.84 -9.69
C ASN A 427 10.97 14.50 -10.78
N LYS A 428 10.20 13.69 -11.52
CA LYS A 428 9.24 14.18 -12.50
C LYS A 428 7.81 13.75 -12.04
N TYR A 429 6.99 13.16 -12.92
CA TYR A 429 5.63 12.78 -12.55
C TYR A 429 5.61 11.60 -11.59
N ASP A 430 4.93 11.79 -10.45
CA ASP A 430 4.75 10.69 -9.52
C ASP A 430 3.85 9.63 -10.16
N VAL A 431 2.73 10.10 -10.69
CA VAL A 431 1.76 9.29 -11.37
C VAL A 431 1.28 9.89 -12.69
N GLN A 432 1.07 8.98 -13.64
CA GLN A 432 0.96 9.28 -15.03
C GLN A 432 0.00 8.24 -15.61
N TRP A 433 -1.13 8.69 -16.15
CA TRP A 433 -2.18 7.84 -16.66
C TRP A 433 -2.44 8.12 -18.14
N SER A 434 -2.05 7.16 -18.96
CA SER A 434 -2.21 7.21 -20.40
C SER A 434 -3.35 6.36 -20.89
N GLY A 435 -3.70 5.33 -20.13
CA GLY A 435 -4.77 4.41 -20.52
C GLY A 435 -6.15 5.05 -20.37
N GLU A 436 -7.15 4.35 -20.88
CA GLU A 436 -8.53 4.81 -20.86
C GLU A 436 -9.32 4.33 -19.64
N ASN A 437 -10.45 4.99 -19.41
CA ASN A 437 -11.42 4.63 -18.38
C ASN A 437 -10.82 4.24 -17.03
N GLY A 438 -9.73 4.92 -16.66
CA GLY A 438 -9.04 4.67 -15.42
C GLY A 438 -9.83 5.22 -14.25
N LYS A 439 -9.71 4.58 -13.10
CA LYS A 439 -10.39 4.97 -11.89
C LYS A 439 -9.40 4.94 -10.70
N THR A 440 -9.26 6.04 -9.96
CA THR A 440 -8.49 6.06 -8.72
C THR A 440 -9.40 6.48 -7.57
N ILE A 441 -9.54 5.61 -6.58
CA ILE A 441 -10.21 5.92 -5.31
C ILE A 441 -9.14 6.01 -4.22
N PHE A 442 -8.93 7.25 -3.79
CA PHE A 442 -7.92 7.66 -2.84
C PHE A 442 -6.51 7.73 -3.41
N TYR A 443 -5.97 8.94 -3.35
CA TYR A 443 -4.57 9.21 -3.70
C TYR A 443 -3.91 10.10 -2.65
N GLN A 444 -2.72 9.67 -2.22
CA GLN A 444 -1.90 10.48 -1.36
C GLN A 444 -0.54 10.66 -2.00
N ASN A 445 -0.11 11.93 -2.13
CA ASN A 445 1.18 12.27 -2.68
C ASN A 445 1.91 13.25 -1.78
N ALA A 446 3.23 13.19 -1.84
CA ALA A 446 4.03 14.35 -1.47
C ALA A 446 5.06 14.55 -2.56
N LYS A 447 5.33 15.80 -2.91
CA LYS A 447 6.28 16.12 -3.94
C LYS A 447 7.71 15.96 -3.39
N ALA A 448 8.69 15.87 -4.28
CA ALA A 448 10.05 15.68 -3.80
C ALA A 448 10.47 16.96 -3.08
N TYR A 449 11.17 16.81 -1.95
CA TYR A 449 11.60 17.95 -1.15
C TYR A 449 12.86 18.64 -1.62
N ASP A 450 13.54 17.99 -2.54
CA ASP A 450 14.98 18.18 -2.71
C ASP A 450 15.32 18.77 -4.07
N ALA A 451 14.31 19.23 -4.82
CA ALA A 451 14.56 19.98 -6.05
C ALA A 451 15.51 21.11 -5.68
N PRO A 452 16.48 21.40 -6.53
CA PRO A 452 17.44 22.40 -5.99
C PRO A 452 16.99 23.83 -6.16
N ASP A 453 16.17 24.02 -7.17
CA ASP A 453 15.73 25.34 -7.58
C ASP A 453 14.61 25.18 -8.58
N GLN A 454 14.07 26.29 -9.07
CA GLN A 454 12.86 26.26 -9.87
C GLN A 454 13.07 25.52 -11.19
N ALA A 455 14.24 25.71 -11.79
CA ALA A 455 14.58 25.10 -13.06
C ALA A 455 14.67 23.58 -12.93
N ALA A 456 14.80 23.08 -11.73
CA ALA A 456 15.10 21.65 -11.62
C ALA A 456 13.86 20.84 -11.89
N ILE A 457 12.74 21.53 -11.98
CA ILE A 457 11.45 20.89 -12.04
C ILE A 457 10.60 21.59 -13.12
N GLN A 458 11.27 22.32 -14.00
CA GLN A 458 10.60 23.01 -15.11
C GLN A 458 10.26 22.02 -16.24
N ASN A 459 8.94 21.77 -16.42
CA ASN A 459 8.36 20.74 -17.32
C ASN A 459 7.65 21.45 -18.45
N GLY A 460 8.38 21.64 -19.55
CA GLY A 460 7.83 22.34 -20.70
C GLY A 460 7.70 23.77 -20.31
N ASP A 461 6.46 24.26 -20.36
CA ASP A 461 6.17 25.61 -19.95
C ASP A 461 5.48 25.69 -18.57
N ILE A 462 5.32 24.54 -17.91
CA ILE A 462 4.72 24.45 -16.62
C ILE A 462 5.80 24.37 -15.52
N LYS A 463 5.57 25.03 -14.39
CA LYS A 463 6.43 24.87 -13.23
C LYS A 463 6.10 23.60 -12.42
N GLY A 464 7.09 22.75 -12.29
CA GLY A 464 6.90 21.49 -11.58
C GLY A 464 6.25 20.47 -12.50
N TYR A 465 6.28 19.21 -12.07
CA TYR A 465 5.56 18.12 -12.71
C TYR A 465 4.38 17.66 -11.82
N ALA A 466 3.21 17.48 -12.44
CA ALA A 466 2.02 17.08 -11.69
C ALA A 466 2.32 15.86 -10.84
N ALA A 467 1.67 15.79 -9.68
CA ALA A 467 1.67 14.58 -8.89
C ALA A 467 0.90 13.50 -9.63
N TYR A 468 -0.10 13.94 -10.40
CA TYR A 468 -0.99 13.03 -11.10
C TYR A 468 -1.46 13.67 -12.39
N LYS A 469 -0.96 13.12 -13.50
CA LYS A 469 -1.19 13.57 -14.88
C LYS A 469 -1.96 12.56 -15.69
N VAL A 470 -3.11 12.99 -16.20
CA VAL A 470 -3.86 12.26 -17.21
C VAL A 470 -3.52 12.92 -18.56
N ASP A 471 -2.95 12.12 -19.46
CA ASP A 471 -2.48 12.64 -20.74
C ASP A 471 -3.70 13.24 -21.44
N ASP A 472 -3.45 14.21 -22.31
CA ASP A 472 -4.52 15.01 -22.84
C ASP A 472 -5.39 14.21 -23.88
N SER A 473 -4.88 13.09 -24.40
CA SER A 473 -5.67 12.27 -25.32
C SER A 473 -6.62 11.34 -24.58
N VAL A 474 -6.47 11.21 -23.27
CA VAL A 474 -7.41 10.38 -22.51
C VAL A 474 -8.83 10.91 -22.73
N THR A 475 -9.75 10.01 -23.05
CA THR A 475 -11.17 10.37 -23.22
C THR A 475 -11.96 10.30 -21.90
N THR A 476 -11.73 9.23 -21.16
CA THR A 476 -12.47 8.92 -19.93
C THR A 476 -11.52 8.59 -18.75
N HIS A 477 -11.83 9.11 -17.56
CA HIS A 477 -11.02 8.91 -16.36
C HIS A 477 -11.86 9.36 -15.15
N GLU A 478 -11.80 8.66 -14.02
CA GLU A 478 -12.46 9.18 -12.79
C GLU A 478 -11.58 9.02 -11.56
N GLY A 479 -11.44 10.11 -10.80
CA GLY A 479 -10.68 10.13 -9.58
C GLY A 479 -11.44 10.76 -8.41
N TRP A 480 -11.40 10.08 -7.26
CA TRP A 480 -12.07 10.50 -6.05
C TRP A 480 -11.04 10.61 -4.92
N GLY A 481 -10.98 11.73 -4.21
CA GLY A 481 -10.37 11.81 -2.91
C GLY A 481 -8.84 11.82 -2.97
N MET A 482 -8.31 12.89 -3.55
CA MET A 482 -6.92 12.93 -3.96
C MET A 482 -6.22 14.19 -3.44
N GLY A 483 -5.01 14.00 -2.94
CA GLY A 483 -4.25 15.11 -2.46
C GLY A 483 -2.76 14.97 -2.69
N SER A 484 -2.16 16.15 -2.91
CA SER A 484 -0.75 16.28 -3.12
C SER A 484 -0.23 17.39 -2.19
N TYR A 485 0.85 17.10 -1.49
CA TYR A 485 1.44 18.07 -0.54
C TYR A 485 2.88 18.36 -0.92
N CYS A 486 3.37 19.56 -0.57
CA CYS A 486 4.75 19.93 -0.87
C CYS A 486 5.50 20.33 0.40
N TYR A 487 6.81 20.07 0.38
CA TYR A 487 7.72 20.46 1.47
C TYR A 487 9.07 20.65 0.79
N PHE A 488 9.17 21.77 0.09
CA PHE A 488 10.38 22.07 -0.64
C PHE A 488 11.34 22.75 0.35
N ASN A 489 11.99 21.94 1.15
CA ASN A 489 12.74 22.49 2.26
C ASN A 489 14.18 22.75 1.90
N VAL A 490 14.64 22.16 0.81
CA VAL A 490 15.94 22.52 0.28
C VAL A 490 15.83 23.92 -0.32
N ASN A 491 14.71 24.22 -0.97
CA ASN A 491 14.46 25.54 -1.52
C ASN A 491 13.01 25.95 -1.41
N PRO A 492 12.65 26.56 -0.28
CA PRO A 492 11.26 26.96 -0.08
C PRO A 492 10.77 28.09 -0.96
N ASP A 493 11.61 28.69 -1.81
CA ASP A 493 11.16 29.70 -2.77
C ASP A 493 10.29 29.04 -3.87
N ILE A 494 10.51 27.75 -4.12
CA ILE A 494 9.92 27.03 -5.26
C ILE A 494 8.42 27.14 -5.34
N ARG A 495 7.92 27.19 -6.57
CA ARG A 495 6.50 27.10 -6.84
C ARG A 495 6.19 25.87 -7.67
N GLN A 496 5.15 25.17 -7.25
CA GLN A 496 4.61 24.00 -7.97
C GLN A 496 3.27 24.42 -8.60
N GLN A 497 3.16 24.43 -9.92
CA GLN A 497 1.97 24.97 -10.54
C GLN A 497 0.68 24.28 -10.09
N HIS A 498 0.75 22.97 -9.92
CA HIS A 498 -0.42 22.21 -9.54
C HIS A 498 -0.09 20.80 -9.05
N GLY A 499 -1.07 20.23 -8.33
CA GLY A 499 -1.08 18.85 -7.91
C GLY A 499 -1.44 17.87 -9.03
N PHE A 500 -2.36 18.30 -9.87
CA PHE A 500 -3.05 17.47 -10.83
C PHE A 500 -3.06 18.14 -12.18
N GLN A 501 -3.00 17.34 -13.24
CA GLN A 501 -3.06 17.82 -14.60
C GLN A 501 -3.85 16.87 -15.49
N ALA A 502 -4.80 17.41 -16.27
CA ALA A 502 -5.66 16.59 -17.11
C ALA A 502 -6.42 17.47 -18.10
N PRO A 503 -6.82 16.89 -19.25
CA PRO A 503 -7.73 17.65 -20.10
C PRO A 503 -9.08 17.87 -19.46
N VAL A 504 -9.71 18.97 -19.87
CA VAL A 504 -11.09 19.25 -19.50
C VAL A 504 -11.99 18.66 -20.57
N LYS A 505 -12.66 17.57 -20.17
CA LYS A 505 -13.59 16.83 -21.01
C LYS A 505 -14.65 16.20 -20.12
N PRO A 506 -15.87 16.00 -20.62
CA PRO A 506 -16.90 15.39 -19.77
C PRO A 506 -16.58 13.96 -19.41
N GLY A 507 -15.74 13.32 -20.18
CA GLY A 507 -15.32 11.96 -19.89
C GLY A 507 -14.32 11.92 -18.74
N VAL A 508 -13.68 13.04 -18.47
CA VAL A 508 -12.56 13.09 -17.48
C VAL A 508 -12.99 13.87 -16.23
N LYS A 509 -13.20 13.18 -15.11
CA LYS A 509 -13.94 13.72 -13.95
C LYS A 509 -13.12 13.54 -12.69
N PHE A 510 -12.90 14.59 -11.89
CA PHE A 510 -12.32 14.42 -10.55
C PHE A 510 -13.29 14.90 -9.46
N HIS A 511 -13.16 14.26 -8.32
CA HIS A 511 -13.95 14.53 -7.13
C HIS A 511 -12.98 14.75 -5.95
N ASP A 512 -13.20 15.84 -5.26
CA ASP A 512 -12.53 16.17 -4.00
C ASP A 512 -10.99 16.12 -4.10
N LEU A 513 -10.45 17.14 -4.75
CA LEU A 513 -9.00 17.32 -4.89
C LEU A 513 -8.52 18.36 -3.91
N LEU A 514 -7.29 18.17 -3.42
CA LEU A 514 -6.66 19.16 -2.55
C LEU A 514 -5.15 19.21 -2.74
N VAL A 515 -4.57 20.40 -2.54
CA VAL A 515 -3.14 20.51 -2.40
C VAL A 515 -2.84 21.25 -1.12
N VAL A 516 -1.66 20.99 -0.57
CA VAL A 516 -1.29 21.47 0.75
C VAL A 516 0.21 21.75 0.79
N SER A 517 0.59 22.96 1.16
CA SER A 517 1.98 23.24 1.42
C SER A 517 2.25 22.98 2.88
N LEU A 518 3.24 22.14 3.14
CA LEU A 518 3.67 21.82 4.48
C LEU A 518 4.57 22.93 5.08
N GLY A 519 3.99 23.60 6.06
CA GLY A 519 4.60 24.74 6.71
C GLY A 519 5.26 25.81 5.83
N GLY A 520 4.74 26.02 4.64
CA GLY A 520 5.18 27.12 3.80
C GLY A 520 6.47 26.87 3.05
N LYS A 521 6.97 25.63 3.06
CA LYS A 521 8.14 25.31 2.28
C LYS A 521 7.69 25.04 0.84
N GLY A 522 7.69 26.11 0.07
CA GLY A 522 7.14 26.09 -1.27
C GLY A 522 5.63 26.26 -1.21
N GLN A 523 5.05 26.71 -2.31
CA GLN A 523 3.60 26.80 -2.44
C GLN A 523 3.13 26.24 -3.81
N TYR A 524 1.87 25.81 -3.84
CA TYR A 524 1.15 25.49 -5.06
C TYR A 524 0.51 26.75 -5.66
N GLU A 525 0.58 26.88 -6.98
CA GLU A 525 -0.05 28.01 -7.66
C GLU A 525 -1.54 27.74 -7.87
N HIS A 526 -1.87 26.47 -8.01
CA HIS A 526 -3.23 26.01 -8.28
C HIS A 526 -3.37 24.54 -7.83
N VAL A 527 -4.61 24.05 -7.94
CA VAL A 527 -4.93 22.67 -7.57
C VAL A 527 -4.79 21.71 -8.78
N ILE A 528 -5.51 22.04 -9.86
CA ILE A 528 -5.53 21.29 -11.14
C ILE A 528 -5.47 22.22 -12.35
N ASN A 529 -4.56 21.94 -13.30
CA ASN A 529 -4.36 22.85 -14.44
C ASN A 529 -4.13 24.33 -13.93
N ASP A 530 -4.89 25.34 -14.38
CA ASP A 530 -4.97 26.61 -13.58
C ASP A 530 -6.24 26.77 -12.71
N ILE A 531 -6.78 25.68 -12.19
CA ILE A 531 -7.98 25.72 -11.34
C ILE A 531 -7.66 25.63 -9.84
N GLY A 532 -8.39 26.39 -9.02
CA GLY A 532 -8.15 26.37 -7.59
C GLY A 532 -7.18 27.44 -7.15
N ASP A 533 -7.36 27.85 -5.90
CA ASP A 533 -6.55 28.87 -5.29
C ASP A 533 -5.17 28.33 -5.09
N PRO A 534 -4.17 29.23 -5.15
CA PRO A 534 -2.84 28.84 -4.66
C PRO A 534 -2.86 28.60 -3.16
N THR A 535 -1.91 27.83 -2.64
CA THR A 535 -1.72 27.76 -1.21
C THR A 535 -1.04 29.08 -0.80
N SER A 536 -1.23 29.47 0.46
CA SER A 536 -0.56 30.64 1.01
C SER A 536 -0.39 30.51 2.54
N GLY A 537 0.32 31.47 3.14
CA GLY A 537 0.66 31.38 4.54
C GLY A 537 1.73 30.31 4.76
N ASP A 538 1.92 30.00 6.04
CA ASP A 538 2.79 28.91 6.45
C ASP A 538 2.03 27.96 7.38
N THR A 539 0.71 28.09 7.35
CA THR A 539 -0.16 27.46 8.33
C THR A 539 -0.72 26.07 7.90
N THR A 540 -0.40 25.64 6.69
CA THR A 540 -0.79 24.30 6.23
C THR A 540 -2.28 24.13 6.00
N ILE A 541 -2.90 25.13 5.37
CA ILE A 541 -4.33 25.05 4.99
C ILE A 541 -4.55 24.62 3.52
N PRO A 542 -5.31 23.53 3.31
CA PRO A 542 -5.46 23.06 1.92
C PRO A 542 -6.24 23.99 0.98
N SER A 543 -5.87 23.95 -0.29
CA SER A 543 -6.70 24.51 -1.33
C SER A 543 -7.33 23.32 -2.01
N GLN A 544 -8.63 23.46 -2.32
CA GLN A 544 -9.53 22.38 -2.67
C GLN A 544 -10.35 22.72 -3.90
N VAL A 545 -10.50 21.72 -4.80
CA VAL A 545 -11.48 21.70 -5.88
C VAL A 545 -12.42 20.54 -5.59
N VAL A 546 -13.72 20.81 -5.43
CA VAL A 546 -14.64 19.71 -5.19
C VAL A 546 -15.03 18.94 -6.46
N SER A 547 -15.25 19.68 -7.53
CA SER A 547 -15.69 19.11 -8.80
C SER A 547 -14.88 19.52 -9.97
N PHE A 548 -14.51 18.55 -10.77
CA PHE A 548 -13.87 18.83 -12.02
C PHE A 548 -14.42 17.89 -13.09
N PRO A 549 -14.62 18.43 -14.28
CA PRO A 549 -14.31 19.81 -14.66
C PRO A 549 -15.50 20.73 -14.37
C2 BGC B . -2.34 17.58 12.34
C3 BGC B . -1.70 18.49 11.42
C4 BGC B . -2.68 19.37 10.75
C5 BGC B . -3.76 19.97 11.70
C6 BGC B . -4.82 20.38 10.98
C1 BGC B . -3.03 18.36 13.35
O1 BGC B . -3.35 17.52 14.37
O2 BGC B . -1.41 16.73 13.09
O3 BGC B . -0.90 17.74 10.42
O4 BGC B . -2.06 20.45 10.02
O5 BGC B . -4.19 18.90 12.69
O6 BGC B . -5.92 20.68 11.74
C2 BGC B . 1.16 17.26 9.36
C3 BGC B . 2.53 17.55 9.15
C4 BGC B . 2.73 19.02 8.97
C5 BGC B . 2.16 19.80 10.19
C6 BGC B . 2.22 21.16 10.10
C1 BGC B . 0.50 18.02 10.43
O2 BGC B . 0.92 15.83 9.62
O3 BGC B . 2.94 16.76 7.96
O4 BGC B . 4.09 19.37 8.82
O5 BGC B . 0.68 19.43 10.26
O6 BGC B . 1.77 21.84 11.23
C2 BGC B . 4.27 15.08 6.87
C3 BGC B . 5.57 14.62 6.51
C4 BGC B . 6.48 15.71 6.19
C5 BGC B . 6.54 16.77 7.36
C6 BGC B . 7.30 17.86 7.07
C1 BGC B . 4.22 16.19 7.89
O2 BGC B . 3.49 13.96 7.39
O3 BGC B . 5.43 13.72 5.30
O4 BGC B . 7.78 15.29 5.92
O5 BGC B . 5.12 17.25 7.53
O6 BGC B . 7.33 18.88 8.02
C2 BGC B . 5.95 11.72 4.12
C3 BGC B . 6.80 10.54 4.07
C4 BGC B . 8.15 10.76 4.68
C5 BGC B . 8.03 11.32 6.13
C6 BGC B . 9.17 11.70 6.79
C1 BGC B . 5.87 12.40 5.42
O2 BGC B . 4.57 11.48 3.66
O3 BGC B . 7.02 10.12 2.66
O4 BGC B . 9.06 9.67 4.65
O5 BGC B . 7.17 12.56 5.99
O6 BGC B . 8.97 11.72 8.19
C2 BGC C . -0.65 0.72 23.58
C3 BGC C . -2.12 0.66 24.00
C4 BGC C . -2.58 -0.49 24.88
C5 BGC C . -1.48 -0.97 25.84
C6 BGC C . -1.92 -2.37 26.29
C1 BGC C . 0.33 0.15 24.62
O2 BGC C . -0.33 2.06 23.16
O3 BGC C . -2.89 0.61 22.85
O4 BGC C . -3.74 -0.13 25.66
O5 BGC C . -0.22 -1.04 25.20
O6 BGC C . -1.27 -2.75 27.49
C1 EDO D . 16.94 -4.25 2.32
O1 EDO D . 15.71 -4.34 1.59
C2 EDO D . 16.97 -2.93 3.04
O2 EDO D . 15.96 -2.91 4.08
H11 EDO D . 17.79 -4.34 1.63
H12 EDO D . 17.00 -5.07 3.03
HO1 EDO D . 15.87 -4.82 0.77
H21 EDO D . 16.82 -2.11 2.35
H22 EDO D . 17.96 -2.80 3.50
HO2 EDO D . 16.03 -2.10 4.59
C1 EDO E . 8.96 17.00 -9.29
O1 EDO E . 8.01 15.95 -9.06
C2 EDO E . 8.55 18.31 -8.58
O2 EDO E . 7.62 19.08 -9.37
H11 EDO E . 9.03 17.18 -10.37
H12 EDO E . 9.94 16.68 -8.93
HO1 EDO E . 8.31 15.13 -9.48
H21 EDO E . 9.42 18.91 -8.35
H22 EDO E . 8.08 18.06 -7.62
HO2 EDO E . 7.26 19.81 -8.84
C1 EDO F . 14.02 -3.44 -19.14
O1 EDO F . 13.70 -4.70 -18.53
C2 EDO F . 12.81 -2.48 -19.12
O2 EDO F . 11.67 -2.92 -19.88
H11 EDO F . 14.36 -3.60 -20.16
H12 EDO F . 14.84 -2.98 -18.58
HO1 EDO F . 14.51 -5.22 -18.41
H21 EDO F . 13.14 -1.52 -19.52
H22 EDO F . 12.51 -2.30 -18.09
HO2 EDO F . 10.98 -2.24 -19.88
N GLU A 1 11.45 -31.25 -11.01
CA GLU A 1 12.74 -30.78 -10.51
C GLU A 1 12.75 -29.60 -9.48
N VAL A 2 11.61 -29.02 -9.03
CA VAL A 2 11.67 -27.94 -7.98
C VAL A 2 10.66 -28.03 -6.84
N VAL A 3 10.97 -28.81 -5.81
CA VAL A 3 9.92 -29.35 -4.91
C VAL A 3 8.87 -28.37 -4.26
N GLY A 4 7.60 -28.63 -4.58
CA GLY A 4 6.45 -28.10 -3.87
C GLY A 4 6.56 -28.08 -2.36
N GLY A 5 5.86 -27.11 -1.72
CA GLY A 5 5.66 -27.00 -0.29
C GLY A 5 6.87 -27.29 0.52
N GLY A 6 6.62 -27.77 1.73
CA GLY A 6 7.65 -27.96 2.71
C GLY A 6 7.62 -26.89 3.78
N ASP A 7 8.84 -26.49 4.15
CA ASP A 7 9.14 -25.70 5.32
C ASP A 7 9.05 -24.20 5.09
N LEU A 8 8.44 -23.53 6.07
CA LEU A 8 8.37 -22.06 6.21
C LEU A 8 9.66 -21.31 6.62
N GLY A 9 10.52 -21.98 7.38
CA GLY A 9 11.82 -21.43 7.72
C GLY A 9 11.97 -20.72 9.06
N PRO A 10 13.14 -20.14 9.31
CA PRO A 10 13.34 -19.59 10.64
C PRO A 10 12.46 -18.37 10.97
N ASN A 11 12.17 -17.53 9.98
CA ASN A 11 11.57 -16.24 10.26
C ASN A 11 10.06 -16.12 10.18
N VAL A 12 9.39 -17.27 10.02
CA VAL A 12 7.96 -17.37 10.17
C VAL A 12 7.71 -18.05 11.51
N LEU A 13 7.52 -17.22 12.54
CA LEU A 13 7.28 -17.66 13.92
C LEU A 13 5.81 -17.95 14.12
N VAL A 14 5.53 -19.22 14.39
CA VAL A 14 4.19 -19.63 14.61
C VAL A 14 4.03 -19.75 16.12
N PHE A 15 2.81 -19.48 16.55
CA PHE A 15 2.45 -19.50 17.94
C PHE A 15 1.16 -20.31 18.02
N ASP A 16 0.95 -20.98 19.15
CA ASP A 16 -0.36 -21.53 19.45
C ASP A 16 -0.68 -21.10 20.92
N PRO A 17 -1.96 -21.10 21.32
CA PRO A 17 -2.33 -20.61 22.67
C PRO A 17 -1.57 -21.32 23.80
N SER A 18 -1.10 -22.52 23.46
CA SER A 18 -0.27 -23.31 24.34
C SER A 18 1.26 -23.16 24.16
N THR A 19 1.76 -22.43 23.16
CA THR A 19 3.15 -21.90 23.22
C THR A 19 3.41 -21.08 24.50
N PRO A 20 4.51 -21.37 25.25
CA PRO A 20 4.96 -20.54 26.39
C PRO A 20 5.86 -19.38 25.95
N ASP A 21 6.01 -18.43 26.87
CA ASP A 21 6.30 -17.00 26.63
C ASP A 21 6.01 -16.29 25.26
N ILE A 22 4.73 -15.98 25.05
CA ILE A 22 4.29 -15.16 23.92
C ILE A 22 4.68 -13.68 24.06
N GLN A 23 4.29 -13.05 25.15
CA GLN A 23 4.73 -11.66 25.43
C GLN A 23 6.24 -11.49 25.19
N GLY A 24 7.07 -12.11 26.01
CA GLY A 24 8.51 -11.86 25.92
C GLY A 24 9.06 -12.11 24.52
N LYS A 25 8.48 -13.08 23.80
CA LYS A 25 9.00 -13.42 22.46
C LYS A 25 8.51 -12.55 21.32
N VAL A 26 7.24 -12.15 21.39
CA VAL A 26 6.72 -11.10 20.53
C VAL A 26 7.46 -9.80 20.87
N ASP A 27 7.78 -9.63 22.16
CA ASP A 27 8.50 -8.44 22.61
C ASP A 27 9.98 -8.43 22.18
N GLU A 28 10.63 -9.60 22.07
CA GLU A 28 12.04 -9.55 21.66
C GLU A 28 12.15 -9.34 20.15
N VAL A 29 11.21 -9.91 19.40
CA VAL A 29 11.06 -9.48 18.00
C VAL A 29 10.87 -7.95 17.96
N PHE A 30 10.10 -7.42 18.89
CA PHE A 30 9.72 -5.99 18.85
C PHE A 30 10.89 -5.04 19.17
N ARG A 31 11.64 -5.37 20.20
CA ARG A 31 12.83 -4.58 20.53
C ARG A 31 13.83 -4.60 19.36
N LYS A 32 13.95 -5.74 18.70
CA LYS A 32 14.83 -5.85 17.53
C LYS A 32 14.35 -4.92 16.41
N GLN A 33 13.06 -5.00 16.14
CA GLN A 33 12.43 -4.31 15.03
C GLN A 33 11.82 -2.93 15.33
N GLU A 34 11.82 -2.49 16.61
CA GLU A 34 11.25 -1.18 17.00
C GLU A 34 11.75 -0.05 16.10
N SER A 35 13.06 0.17 16.10
CA SER A 35 13.67 1.28 15.37
C SER A 35 14.49 0.83 14.15
N ASN A 36 14.17 -0.38 13.67
CA ASN A 36 14.92 -1.08 12.62
C ASN A 36 14.48 -0.58 11.22
N GLN A 37 14.59 0.72 10.98
CA GLN A 37 13.88 1.32 9.84
C GLN A 37 14.41 0.85 8.48
N PHE A 38 15.73 0.69 8.37
CA PHE A 38 16.36 0.33 7.13
C PHE A 38 17.12 -1.00 7.21
N GLY A 39 17.00 -1.67 8.36
CA GLY A 39 17.62 -2.96 8.56
C GLY A 39 17.15 -4.02 7.59
N THR A 40 17.84 -5.15 7.61
CA THR A 40 17.50 -6.26 6.71
C THR A 40 16.71 -7.40 7.38
N ASP A 41 16.51 -7.36 8.69
CA ASP A 41 15.66 -8.39 9.37
C ASP A 41 14.19 -8.32 8.91
N ARG A 42 13.53 -9.46 8.89
CA ARG A 42 12.17 -9.62 8.41
C ARG A 42 11.51 -10.77 9.18
N TYR A 43 10.33 -10.50 9.78
CA TYR A 43 9.60 -11.47 10.57
C TYR A 43 8.14 -11.51 10.24
N ALA A 44 7.57 -12.71 10.22
CA ALA A 44 6.12 -12.85 10.21
C ALA A 44 5.69 -13.70 11.41
N LEU A 45 4.82 -13.13 12.23
CA LEU A 45 4.18 -13.84 13.34
C LEU A 45 2.84 -14.33 12.83
N MET A 46 2.59 -15.63 13.02
CA MET A 46 1.40 -16.29 12.54
C MET A 46 0.80 -16.98 13.77
N PHE A 47 -0.44 -16.64 14.13
CA PHE A 47 -1.07 -17.26 15.28
C PHE A 47 -2.08 -18.31 14.89
N LYS A 48 -1.85 -19.53 15.37
CA LYS A 48 -2.80 -20.60 15.07
C LYS A 48 -4.11 -20.31 15.82
N PRO A 49 -5.22 -20.77 15.24
CA PRO A 49 -6.58 -20.67 15.76
C PRO A 49 -6.62 -20.93 17.26
N GLY A 50 -7.30 -20.05 17.97
CA GLY A 50 -7.45 -20.12 19.42
C GLY A 50 -7.67 -18.78 20.10
N THR A 51 -7.53 -18.79 21.42
CA THR A 51 -7.82 -17.61 22.22
C THR A 51 -6.62 -17.26 23.09
N TYR A 52 -6.09 -16.05 22.89
CA TYR A 52 -4.88 -15.61 23.52
C TYR A 52 -5.05 -14.46 24.55
N ASN A 53 -4.86 -14.77 25.82
CA ASN A 53 -4.97 -13.77 26.88
C ASN A 53 -3.73 -12.95 27.20
N ASP A 54 -4.00 -11.75 27.69
CA ASP A 54 -2.96 -10.90 28.21
C ASP A 54 -1.89 -10.65 27.12
N ILE A 55 -2.25 -10.84 25.85
CA ILE A 55 -1.28 -10.57 24.78
C ILE A 55 -1.30 -9.11 24.42
N ASN A 56 -0.11 -8.57 24.28
CA ASN A 56 0.08 -7.27 23.70
C ASN A 56 1.11 -7.44 22.56
N ALA A 57 0.64 -7.63 21.32
CA ALA A 57 1.55 -7.72 20.18
C ALA A 57 1.96 -6.32 19.66
N GLN A 58 3.10 -5.82 20.14
CA GLN A 58 3.67 -4.55 19.67
C GLN A 58 4.45 -4.78 18.36
N ILE A 59 4.12 -4.01 17.34
CA ILE A 59 4.61 -4.28 15.98
C ILE A 59 5.56 -3.19 15.49
N GLY A 60 6.81 -3.57 15.26
CA GLY A 60 7.84 -2.67 14.73
C GLY A 60 8.04 -2.83 13.24
N PHE A 61 9.19 -2.35 12.74
CA PHE A 61 9.45 -2.42 11.30
C PHE A 61 9.55 -3.86 10.78
N TYR A 62 9.04 -4.04 9.55
CA TYR A 62 9.15 -5.29 8.79
C TYR A 62 8.63 -6.49 9.56
N THR A 63 7.56 -6.28 10.29
CA THR A 63 6.89 -7.30 11.07
C THR A 63 5.42 -7.31 10.65
N SER A 64 4.99 -8.50 10.22
CA SER A 64 3.59 -8.76 9.96
C SER A 64 3.07 -9.76 11.01
N ILE A 65 1.82 -9.58 11.39
CA ILE A 65 1.18 -10.41 12.38
C ILE A 65 -0.16 -10.82 11.75
N ALA A 66 -0.50 -12.10 11.90
CA ALA A 66 -1.67 -12.67 11.26
C ALA A 66 -2.23 -13.89 12.01
N GLY A 67 -3.54 -14.07 11.90
CA GLY A 67 -4.19 -15.29 12.29
C GLY A 67 -4.10 -16.30 11.17
N LEU A 68 -4.05 -17.58 11.56
CA LEU A 68 -3.94 -18.67 10.64
C LEU A 68 -5.26 -19.41 10.60
N GLY A 69 -6.33 -18.71 11.00
CA GLY A 69 -7.67 -19.26 10.89
C GLY A 69 -8.33 -19.07 9.53
N LEU A 70 -9.40 -19.79 9.24
CA LEU A 70 -10.13 -19.48 8.00
C LEU A 70 -11.08 -18.31 8.21
N ASN A 71 -11.26 -17.92 9.44
CA ASN A 71 -12.04 -16.72 9.71
C ASN A 71 -11.41 -15.81 10.75
N PRO A 72 -11.68 -14.50 10.64
CA PRO A 72 -11.02 -13.60 11.58
C PRO A 72 -11.31 -13.96 13.05
N ASP A 73 -12.54 -14.24 13.37
CA ASP A 73 -12.90 -14.62 14.76
C ASP A 73 -12.40 -16.03 15.18
N ASP A 74 -11.75 -16.75 14.26
CA ASP A 74 -11.10 -18.03 14.59
C ASP A 74 -9.86 -17.84 15.44
N THR A 75 -9.24 -16.66 15.34
CA THR A 75 -8.04 -16.37 16.11
C THR A 75 -8.23 -15.08 16.90
N THR A 76 -8.49 -15.26 18.19
CA THR A 76 -8.90 -14.16 19.05
C THR A 76 -7.87 -13.76 20.10
N PHE A 77 -7.57 -12.46 20.14
CA PHE A 77 -6.71 -11.90 21.18
C PHE A 77 -7.59 -11.18 22.19
N ASN A 78 -7.54 -11.63 23.42
CA ASN A 78 -7.98 -10.81 24.53
C ASN A 78 -6.78 -9.98 24.88
N GLY A 79 -6.63 -8.91 24.12
CA GLY A 79 -5.38 -8.22 23.97
C GLY A 79 -5.38 -7.34 22.73
N ASP A 80 -4.19 -6.91 22.36
CA ASP A 80 -4.03 -5.83 21.38
C ASP A 80 -2.98 -6.17 20.35
N VAL A 81 -3.04 -5.43 19.24
CA VAL A 81 -1.99 -5.41 18.22
C VAL A 81 -1.65 -3.90 18.05
N THR A 82 -0.55 -3.50 18.64
CA THR A 82 -0.30 -2.12 18.90
C THR A 82 0.84 -1.61 18.01
N VAL A 83 0.59 -0.52 17.32
CA VAL A 83 1.65 0.35 16.79
C VAL A 83 1.53 1.77 17.40
N ASP A 84 2.61 2.27 18.00
CA ASP A 84 2.65 3.65 18.51
C ASP A 84 3.97 4.36 18.06
N ALA A 85 4.28 5.54 18.60
CA ALA A 85 5.33 6.38 18.05
C ALA A 85 6.45 6.66 19.05
N GLY A 86 6.59 5.80 20.04
CA GLY A 86 7.58 5.99 21.09
C GLY A 86 9.04 6.12 20.65
N TRP A 87 9.48 5.26 19.74
CA TRP A 87 10.86 5.31 19.22
C TRP A 87 11.13 6.70 18.61
N PHE A 88 10.07 7.41 18.20
CA PHE A 88 10.18 8.68 17.51
C PHE A 88 9.34 9.74 18.23
N ASP A 89 9.49 9.83 19.55
CA ASP A 89 9.00 10.97 20.31
C ASP A 89 7.52 11.30 20.04
N GLY A 90 6.73 10.27 19.76
CA GLY A 90 5.32 10.45 19.49
C GLY A 90 4.98 10.84 18.06
N ASN A 91 5.99 10.86 17.20
CA ASN A 91 5.83 11.27 15.83
C ASN A 91 5.70 9.99 14.99
N ALA A 92 4.54 9.76 14.39
CA ALA A 92 4.30 8.45 13.70
C ALA A 92 4.53 8.43 12.19
N THR A 93 5.08 9.52 11.64
CA THR A 93 5.29 9.64 10.18
C THR A 93 6.37 8.75 9.56
N GLN A 94 7.10 7.99 10.37
CA GLN A 94 8.07 7.01 9.86
C GLN A 94 7.64 5.58 10.21
N ASN A 95 6.37 5.41 10.59
CA ASN A 95 5.89 4.08 10.98
C ASN A 95 5.37 3.28 9.79
N PHE A 96 6.36 2.76 9.05
CA PHE A 96 6.15 2.07 7.77
C PHE A 96 6.33 0.56 7.86
N TRP A 97 5.95 -0.12 6.77
CA TRP A 97 6.36 -1.49 6.43
C TRP A 97 6.06 -2.54 7.50
N ARG A 98 4.79 -2.64 7.83
CA ARG A 98 4.35 -3.63 8.79
C ARG A 98 2.89 -3.98 8.42
N SER A 99 2.22 -4.79 9.22
CA SER A 99 0.86 -5.19 8.82
C SER A 99 0.20 -6.10 9.80
N ALA A 100 -1.12 -6.12 9.72
CA ALA A 100 -1.93 -7.04 10.55
C ALA A 100 -3.09 -7.56 9.75
N GLU A 101 -3.36 -8.86 9.91
CA GLU A 101 -4.42 -9.47 9.14
C GLU A 101 -5.09 -10.66 9.84
N ASN A 102 -6.40 -10.79 9.60
CA ASN A 102 -7.18 -12.02 9.91
C ASN A 102 -7.08 -12.43 11.38
N LEU A 103 -7.29 -11.41 12.24
CA LEU A 103 -7.42 -11.58 13.69
C LEU A 103 -8.64 -10.84 14.25
N ALA A 104 -9.13 -11.36 15.38
CA ALA A 104 -10.13 -10.68 16.21
C ALA A 104 -9.44 -10.13 17.47
N LEU A 105 -9.71 -8.88 17.81
CA LEU A 105 -9.10 -8.24 18.97
C LEU A 105 -10.14 -7.72 19.93
N ASN A 106 -9.91 -8.01 21.21
CA ASN A 106 -10.75 -7.55 22.31
C ASN A 106 -9.77 -6.72 23.14
N PRO A 107 -9.57 -5.45 22.76
CA PRO A 107 -8.45 -4.68 23.37
C PRO A 107 -8.67 -4.46 24.87
N VAL A 108 -7.59 -4.19 25.59
CA VAL A 108 -7.63 -4.18 27.03
C VAL A 108 -8.38 -3.00 27.64
N ASN A 109 -8.29 -1.81 27.05
CA ASN A 109 -9.14 -0.69 27.54
C ASN A 109 -10.24 -0.27 26.57
N GLY A 110 -10.69 -1.23 25.76
CA GLY A 110 -11.80 -1.04 24.82
C GLY A 110 -11.41 -0.51 23.45
N THR A 111 -10.15 -0.14 23.28
CA THR A 111 -9.67 0.53 22.06
C THR A 111 -8.29 0.04 21.69
N ASN A 112 -8.16 -0.44 20.46
CA ASN A 112 -6.88 -0.87 19.93
C ASN A 112 -6.19 0.34 19.24
N ARG A 113 -4.88 0.44 19.42
CA ARG A 113 -4.11 1.47 18.69
C ARG A 113 -3.26 0.97 17.53
N TRP A 114 -3.56 1.47 16.31
CA TRP A 114 -2.81 1.22 15.06
C TRP A 114 -2.33 2.57 14.46
N ALA A 115 -1.25 3.11 15.03
CA ALA A 115 -0.83 4.47 14.72
C ALA A 115 0.30 4.43 13.70
N VAL A 116 -0.10 4.26 12.47
CA VAL A 116 0.83 3.98 11.39
C VAL A 116 0.83 5.09 10.33
N SER A 117 1.81 5.02 9.46
CA SER A 117 1.78 5.81 8.26
C SER A 117 1.72 4.86 7.06
N GLN A 118 2.49 5.12 6.00
CA GLN A 118 2.34 4.38 4.76
C GLN A 118 2.83 2.92 4.84
N ALA A 119 2.25 2.09 3.99
CA ALA A 119 2.59 0.68 3.86
C ALA A 119 2.43 -0.07 5.19
N ALA A 120 1.28 0.10 5.81
CA ALA A 120 1.00 -0.55 7.10
C ALA A 120 -0.46 -1.04 7.08
N PRO A 121 -0.77 -1.97 6.18
CA PRO A 121 -2.16 -2.36 5.99
C PRO A 121 -2.72 -3.18 7.16
N PHE A 122 -4.03 -3.05 7.28
CA PHE A 122 -4.84 -3.60 8.37
C PHE A 122 -6.01 -4.26 7.63
N ARG A 123 -5.93 -5.57 7.46
CA ARG A 123 -6.85 -6.30 6.59
C ARG A 123 -7.56 -7.47 7.29
N ARG A 124 -8.83 -7.68 6.93
CA ARG A 124 -9.66 -8.83 7.38
C ARG A 124 -9.52 -8.98 8.90
N MET A 125 -9.64 -7.84 9.58
CA MET A 125 -9.58 -7.75 11.04
C MET A 125 -10.95 -7.48 11.67
N HIS A 126 -11.17 -8.07 12.85
CA HIS A 126 -12.36 -7.76 13.66
C HIS A 126 -11.93 -7.14 14.99
N VAL A 127 -12.29 -5.88 15.21
CA VAL A 127 -11.97 -5.20 16.47
C VAL A 127 -13.24 -5.06 17.25
N LYS A 128 -13.31 -5.74 18.37
CA LYS A 128 -14.47 -5.64 19.24
C LYS A 128 -14.28 -4.50 20.22
N GLY A 129 -14.21 -3.30 19.67
CA GLY A 129 -14.16 -2.11 20.47
C GLY A 129 -13.74 -1.04 19.50
N GLY A 130 -13.07 -0.05 20.03
CA GLY A 130 -12.55 1.07 19.25
C GLY A 130 -11.23 0.82 18.55
N LEU A 131 -10.98 1.65 17.54
CA LEU A 131 -9.70 1.66 16.84
C LEU A 131 -9.20 3.09 16.76
N ASN A 132 -8.12 3.35 17.49
CA ASN A 132 -7.44 4.67 17.47
C ASN A 132 -6.34 4.57 16.43
N LEU A 133 -6.26 5.56 15.53
CA LEU A 133 -5.23 5.56 14.48
C LEU A 133 -4.09 6.54 14.75
N ALA A 134 -4.20 7.24 15.88
CA ALA A 134 -3.23 8.28 16.23
C ALA A 134 -2.25 7.85 17.31
N PRO A 135 -1.02 8.35 17.24
CA PRO A 135 -0.06 8.09 18.31
C PRO A 135 -0.51 8.78 19.60
N ASP A 136 -0.11 8.20 20.71
CA ASP A 136 -0.38 8.79 22.04
C ASP A 136 0.28 10.19 22.08
N GLY A 137 -0.51 11.24 22.36
CA GLY A 137 -0.10 12.66 22.23
C GLY A 137 -0.71 13.42 21.04
N TYR A 138 -1.39 12.67 20.15
CA TYR A 138 -1.99 13.17 18.89
C TYR A 138 -0.96 13.84 17.96
N GLY A 139 0.28 13.39 18.02
CA GLY A 139 1.32 13.91 17.15
C GLY A 139 1.12 13.45 15.70
N TRP A 140 2.11 13.75 14.87
CA TRP A 140 1.95 13.69 13.44
C TRP A 140 1.79 12.24 12.92
N ALA A 141 0.94 12.09 11.92
CA ALA A 141 0.71 10.77 11.31
C ALA A 141 0.14 10.90 9.89
N SER A 142 0.56 9.97 9.02
CA SER A 142 0.24 10.04 7.62
C SER A 142 -0.11 8.68 7.01
N GLY A 143 -1.14 8.01 7.56
CA GLY A 143 -1.63 6.74 7.02
C GLY A 143 -2.50 6.94 5.78
N GLY A 144 -3.24 5.92 5.37
CA GLY A 144 -3.36 4.64 6.03
C GLY A 144 -4.41 3.83 5.29
N TYR A 145 -4.51 2.55 5.63
CA TYR A 145 -5.28 1.61 4.83
C TYR A 145 -5.94 0.53 5.65
N ILE A 146 -7.25 0.52 5.57
CA ILE A 146 -8.09 -0.54 6.19
C ILE A 146 -8.98 -1.14 5.11
N ALA A 147 -8.95 -2.47 5.02
CA ALA A 147 -9.86 -3.19 4.14
C ALA A 147 -10.45 -4.44 4.76
N ASP A 148 -11.66 -4.74 4.35
CA ASP A 148 -12.29 -5.99 4.72
C ASP A 148 -12.32 -6.22 6.24
N SER A 149 -12.51 -5.10 6.95
CA SER A 149 -12.53 -5.11 8.41
C SER A 149 -13.87 -4.73 9.04
N LYS A 150 -14.13 -5.28 10.21
CA LYS A 150 -15.29 -4.86 10.98
C LYS A 150 -14.87 -4.33 12.36
N ILE A 151 -14.99 -3.01 12.54
CA ILE A 151 -14.70 -2.33 13.81
C ILE A 151 -16.04 -2.09 14.50
N ASP A 152 -16.26 -2.77 15.64
CA ASP A 152 -17.55 -2.68 16.35
C ASP A 152 -17.88 -1.27 16.82
N GLY A 153 -16.88 -0.57 17.36
CA GLY A 153 -17.08 0.79 17.87
C GLY A 153 -16.55 1.87 16.92
N GLU A 154 -16.13 2.99 17.49
CA GLU A 154 -15.69 4.16 16.75
C GLU A 154 -14.23 4.10 16.34
N VAL A 155 -13.96 4.29 15.04
CA VAL A 155 -12.61 4.52 14.55
C VAL A 155 -12.20 6.03 14.74
N GLY A 156 -11.07 6.27 15.38
CA GLY A 156 -10.64 7.65 15.67
C GLY A 156 -9.34 8.02 15.00
N PRO A 157 -9.43 8.80 13.92
CA PRO A 157 -8.18 9.14 13.25
C PRO A 157 -7.39 10.20 14.03
N TYR A 158 -8.10 11.09 14.74
CA TYR A 158 -7.52 12.26 15.43
C TYR A 158 -6.54 13.04 14.50
N SER A 159 -5.24 12.90 14.72
CA SER A 159 -4.23 13.63 13.96
C SER A 159 -3.93 13.08 12.56
N GLN A 160 -4.35 11.86 12.24
CA GLN A 160 -4.13 11.34 10.88
C GLN A 160 -4.52 12.32 9.78
N GLN A 161 -3.57 12.62 8.88
CA GLN A 161 -3.86 13.56 7.80
C GLN A 161 -4.95 13.06 6.87
N GLN A 162 -4.82 11.80 6.50
CA GLN A 162 -5.68 11.22 5.50
C GLN A 162 -5.83 9.73 5.77
N TRP A 163 -6.82 9.11 5.13
CA TRP A 163 -7.05 7.67 5.32
C TRP A 163 -7.93 7.08 4.19
N TYR A 164 -7.67 5.81 3.85
CA TYR A 164 -8.55 5.06 2.98
C TYR A 164 -9.11 3.82 3.66
N THR A 165 -10.43 3.71 3.58
CA THR A 165 -11.13 2.54 4.08
C THR A 165 -12.03 1.95 3.00
N ARG A 166 -11.96 0.62 2.87
CA ARG A 166 -12.71 -0.07 1.83
C ARG A 166 -13.38 -1.35 2.34
N ASP A 167 -14.63 -1.54 1.90
CA ASP A 167 -15.34 -2.82 2.07
C ASP A 167 -15.27 -3.34 3.50
N SER A 168 -15.81 -2.52 4.38
CA SER A 168 -15.69 -2.73 5.81
C SER A 168 -16.96 -2.26 6.49
N SER A 169 -17.00 -2.39 7.81
CA SER A 169 -18.03 -1.75 8.61
C SER A 169 -17.35 -1.07 9.80
N VAL A 170 -17.96 -0.01 10.29
CA VAL A 170 -17.49 0.67 11.49
C VAL A 170 -18.65 1.06 12.47
N GLY A 171 -18.38 0.95 13.77
CA GLY A 171 -19.32 1.44 14.77
C GLY A 171 -19.45 2.95 14.82
N GLY A 172 -18.62 3.65 14.06
CA GLY A 172 -18.55 5.10 14.11
C GLY A 172 -17.28 5.57 13.42
N TRP A 173 -17.17 6.89 13.22
CA TRP A 173 -15.97 7.50 12.62
C TRP A 173 -15.85 8.92 13.15
N GLY A 174 -14.81 9.21 13.91
CA GLY A 174 -14.81 10.39 14.75
C GLY A 174 -14.51 11.68 14.03
N ASN A 175 -13.61 11.66 13.04
CA ASN A 175 -13.15 12.91 12.42
C ASN A 175 -12.37 12.65 11.14
N GLY A 176 -12.49 13.59 10.21
CA GLY A 176 -11.58 13.69 9.07
C GLY A 176 -10.71 14.93 9.19
N VAL A 177 -9.48 14.89 8.61
CA VAL A 177 -8.54 16.03 8.72
C VAL A 177 -8.37 16.74 7.35
N TRP A 178 -7.55 16.16 6.49
CA TRP A 178 -7.48 16.57 5.09
C TRP A 178 -8.22 15.69 4.06
N ASN A 179 -8.24 14.35 4.25
CA ASN A 179 -8.88 13.49 3.27
C ASN A 179 -9.12 12.08 3.81
N MET A 180 -10.30 11.86 4.36
CA MET A 180 -10.68 10.53 4.83
C MET A 180 -11.65 10.04 3.67
N THR A 181 -11.23 9.01 2.91
CA THR A 181 -12.02 8.46 1.81
C THR A 181 -12.51 7.02 2.14
N PHE A 182 -13.75 6.77 1.80
CA PHE A 182 -14.43 5.50 2.06
C PHE A 182 -15.05 4.94 0.77
N SER A 183 -14.89 3.65 0.52
CA SER A 183 -15.74 3.00 -0.49
C SER A 183 -16.24 1.64 0.01
N GLY A 184 -17.56 1.43 -0.10
CA GLY A 184 -18.16 0.21 0.40
C GLY A 184 -18.07 0.03 1.91
N VAL A 185 -18.12 1.13 2.65
CA VAL A 185 -17.98 1.09 4.09
C VAL A 185 -19.34 1.37 4.81
N GLU A 186 -19.90 0.31 5.38
CA GLU A 186 -21.12 0.46 6.18
C GLU A 186 -20.76 1.22 7.45
N GLY A 187 -21.50 2.26 7.77
CA GLY A 187 -21.17 3.10 8.92
C GLY A 187 -20.26 4.27 8.54
N ALA A 188 -19.87 4.38 7.28
CA ALA A 188 -19.11 5.55 6.87
C ALA A 188 -19.97 6.81 6.98
N PRO A 189 -19.30 7.94 7.21
CA PRO A 189 -19.93 9.26 7.23
C PRO A 189 -20.38 9.63 5.82
N ALA A 190 -21.44 10.43 5.75
CA ALA A 190 -22.02 10.94 4.50
C ALA A 190 -21.02 11.71 3.64
N GLN A 191 -21.31 11.80 2.35
CA GLN A 191 -20.47 12.58 1.44
C GLN A 191 -20.51 14.04 1.93
N SER A 192 -19.36 14.63 2.25
CA SER A 192 -19.35 15.94 2.89
C SER A 192 -18.22 16.94 2.57
N PHE A 193 -17.14 16.50 1.93
CA PHE A 193 -16.01 17.35 1.56
C PHE A 193 -16.49 18.77 1.18
N PRO A 194 -15.83 19.84 1.69
CA PRO A 194 -14.67 20.01 2.58
C PRO A 194 -14.89 19.79 4.09
N GLU A 195 -16.10 20.06 4.57
CA GLU A 195 -16.32 20.16 6.01
C GLU A 195 -17.32 19.20 6.61
N PRO A 196 -16.85 18.07 7.19
CA PRO A 196 -15.45 17.62 7.25
C PRO A 196 -14.99 17.04 5.92
N PRO A 197 -13.73 16.59 5.84
CA PRO A 197 -13.13 16.19 4.58
C PRO A 197 -13.41 14.73 4.29
N TYR A 198 -14.68 14.39 4.02
CA TYR A 198 -15.08 13.02 3.82
C TYR A 198 -15.51 12.84 2.36
N THR A 199 -14.90 11.86 1.70
CA THR A 199 -15.25 11.41 0.37
C THR A 199 -15.83 10.00 0.46
N THR A 200 -17.11 9.85 0.12
CA THR A 200 -17.83 8.59 0.43
C THR A 200 -18.57 7.98 -0.75
N LEU A 201 -18.10 6.82 -1.19
CA LEU A 201 -18.73 6.02 -2.25
C LEU A 201 -19.47 4.77 -1.62
N GLU A 202 -20.73 4.52 -2.05
CA GLU A 202 -21.50 3.38 -1.54
C GLU A 202 -20.78 2.08 -1.70
N THR A 203 -20.26 1.87 -2.89
CA THR A 203 -19.62 0.64 -3.22
C THR A 203 -18.27 0.81 -3.87
N THR A 204 -17.46 -0.24 -3.74
CA THR A 204 -16.19 -0.32 -4.45
C THR A 204 -16.40 -0.96 -5.81
N PRO A 205 -15.96 -0.29 -6.87
CA PRO A 205 -16.25 -0.75 -8.23
C PRO A 205 -15.90 -2.22 -8.47
N VAL A 206 -14.64 -2.57 -8.14
CA VAL A 206 -14.23 -3.96 -8.03
C VAL A 206 -13.21 -4.08 -6.88
N SER A 207 -13.26 -5.23 -6.24
CA SER A 207 -12.29 -5.57 -5.22
C SER A 207 -12.15 -7.08 -5.17
N ARG A 208 -10.98 -7.51 -4.72
CA ARG A 208 -10.74 -8.91 -4.49
C ARG A 208 -9.77 -9.02 -3.35
N GLU A 209 -10.19 -9.69 -2.29
CA GLU A 209 -9.45 -9.64 -1.05
C GLU A 209 -8.09 -10.38 -1.20
N LYS A 210 -7.08 -9.88 -0.51
CA LYS A 210 -5.71 -10.42 -0.58
C LYS A 210 -5.64 -11.91 -0.18
N PRO A 211 -4.91 -12.73 -0.98
CA PRO A 211 -4.65 -14.11 -0.54
C PRO A 211 -4.00 -14.18 0.83
N PHE A 212 -4.25 -15.25 1.58
CA PHE A 212 -3.61 -15.40 2.88
C PHE A 212 -3.39 -16.88 3.30
N LEU A 213 -2.34 -17.10 4.09
CA LEU A 213 -2.07 -18.38 4.69
C LEU A 213 -3.10 -18.70 5.79
N TYR A 214 -3.60 -19.93 5.80
CA TYR A 214 -4.44 -20.36 6.91
C TYR A 214 -4.21 -21.86 7.16
N LEU A 215 -4.93 -22.43 8.14
CA LEU A 215 -4.73 -23.84 8.54
C LEU A 215 -6.03 -24.56 8.27
N ASP A 216 -5.87 -25.87 8.03
CA ASP A 216 -6.99 -26.79 7.86
C ASP A 216 -6.53 -28.14 8.32
N GLY A 217 -7.25 -28.68 9.31
CA GLY A 217 -6.71 -29.74 10.12
C GLY A 217 -5.38 -29.24 10.58
N ASP A 218 -4.42 -30.13 10.44
CA ASP A 218 -3.01 -29.86 10.56
C ASP A 218 -2.43 -28.98 9.42
N ASP A 219 -3.15 -28.83 8.29
CA ASP A 219 -2.48 -28.43 7.01
C ASP A 219 -2.55 -26.97 6.51
N TYR A 220 -1.46 -26.53 5.89
CA TYR A 220 -1.39 -25.15 5.38
C TYR A 220 -1.94 -24.98 3.96
N LYS A 221 -2.82 -24.00 3.84
CA LYS A 221 -3.35 -23.60 2.56
C LYS A 221 -3.09 -22.07 2.37
N VAL A 222 -3.16 -21.60 1.13
CA VAL A 222 -3.34 -20.18 0.85
C VAL A 222 -4.81 -20.07 0.38
N PHE A 223 -5.61 -19.19 1.01
CA PHE A 223 -6.99 -18.91 0.58
C PHE A 223 -7.03 -17.75 -0.41
N VAL A 224 -7.99 -17.79 -1.33
CA VAL A 224 -8.00 -16.92 -2.54
C VAL A 224 -9.44 -16.51 -2.80
N PRO A 225 -9.86 -15.44 -2.13
CA PRO A 225 -11.20 -14.85 -2.27
C PRO A 225 -11.56 -14.57 -3.69
N ALA A 226 -12.79 -14.96 -4.02
CA ALA A 226 -13.53 -14.45 -5.14
C ALA A 226 -13.51 -12.92 -5.29
N LYS A 227 -13.27 -12.45 -6.50
CA LYS A 227 -13.50 -11.03 -6.78
C LYS A 227 -14.96 -10.71 -6.42
N ARG A 228 -15.13 -9.61 -5.69
CA ARG A 228 -16.41 -8.93 -5.57
C ARG A 228 -16.49 -7.81 -6.62
N THR A 229 -17.51 -7.77 -7.47
CA THR A 229 -17.85 -6.48 -8.11
C THR A 229 -18.98 -5.83 -7.32
N ASN A 230 -19.10 -4.52 -7.47
CA ASN A 230 -19.89 -3.71 -6.57
C ASN A 230 -19.83 -3.99 -5.06
N ALA A 231 -18.61 -4.19 -4.57
CA ALA A 231 -18.39 -4.55 -3.19
C ALA A 231 -18.86 -3.50 -2.22
N ARG A 232 -19.38 -4.02 -1.10
CA ARG A 232 -19.69 -3.21 0.08
C ARG A 232 -19.74 -4.12 1.29
N GLY A 233 -19.18 -3.65 2.40
CA GLY A 233 -19.10 -4.46 3.62
C GLY A 233 -18.02 -5.54 3.55
N THR A 234 -17.93 -6.37 4.59
CA THR A 234 -16.88 -7.37 4.70
C THR A 234 -17.21 -8.69 3.95
N SER A 235 -16.15 -9.37 3.53
CA SER A 235 -16.31 -10.59 2.77
C SER A 235 -16.69 -11.79 3.64
N TRP A 236 -16.44 -11.72 4.95
CA TRP A 236 -16.39 -12.93 5.78
C TRP A 236 -17.52 -13.23 6.81
N GLY A 237 -18.19 -12.22 7.33
CA GLY A 237 -19.23 -12.50 8.32
C GLY A 237 -20.33 -13.57 8.12
N ASN A 238 -20.51 -14.14 6.91
CA ASN A 238 -21.57 -15.15 6.64
C ASN A 238 -21.10 -16.63 6.78
N GLY A 239 -19.87 -16.87 7.23
CA GLY A 239 -19.29 -18.21 7.19
C GLY A 239 -18.43 -18.39 5.95
N THR A 240 -18.65 -19.49 5.23
CA THR A 240 -18.03 -19.79 3.91
C THR A 240 -17.61 -18.58 3.10
N PRO A 241 -16.39 -18.06 3.37
CA PRO A 241 -16.03 -17.12 2.31
C PRO A 241 -15.78 -17.89 1.00
N GLU A 242 -16.12 -17.33 -0.17
CA GLU A 242 -15.88 -18.09 -1.39
C GLU A 242 -14.51 -17.73 -1.96
N GLY A 243 -13.97 -18.69 -2.70
CA GLY A 243 -12.61 -18.65 -3.18
C GLY A 243 -12.03 -20.06 -3.28
N GLU A 244 -10.73 -20.12 -3.52
CA GLU A 244 -10.00 -21.37 -3.68
C GLU A 244 -8.93 -21.50 -2.59
N SER A 245 -8.79 -22.70 -2.04
CA SER A 245 -7.67 -22.98 -1.17
C SER A 245 -6.52 -23.66 -1.96
N LEU A 246 -5.29 -23.22 -1.72
CA LEU A 246 -4.08 -23.78 -2.33
C LEU A 246 -3.24 -24.43 -1.23
N PRO A 247 -2.97 -25.75 -1.34
CA PRO A 247 -2.09 -26.39 -0.34
C PRO A 247 -0.65 -25.91 -0.45
N LEU A 248 0.13 -26.03 0.62
CA LEU A 248 1.45 -25.51 0.66
C LEU A 248 2.24 -26.12 -0.49
N ASP A 249 1.80 -27.32 -0.89
CA ASP A 249 2.50 -28.10 -1.91
C ASP A 249 2.25 -27.64 -3.37
N GLN A 250 1.31 -26.73 -3.58
CA GLN A 250 1.19 -26.08 -4.87
C GLN A 250 2.03 -24.79 -4.91
N PHE A 251 2.75 -24.53 -3.83
CA PHE A 251 3.63 -23.37 -3.70
C PHE A 251 5.08 -23.77 -3.73
N TYR A 252 5.89 -23.00 -4.44
CA TYR A 252 7.32 -23.00 -4.18
C TYR A 252 7.53 -22.02 -3.02
N VAL A 253 7.95 -22.57 -1.89
CA VAL A 253 8.33 -21.79 -0.73
C VAL A 253 9.73 -21.19 -0.84
N VAL A 254 9.79 -19.91 -1.25
CA VAL A 254 11.05 -19.19 -1.49
C VAL A 254 11.78 -18.83 -0.18
N LYS A 255 13.08 -19.17 -0.13
CA LYS A 255 13.93 -18.89 1.02
C LYS A 255 15.26 -18.33 0.45
N PRO A 256 15.96 -17.46 1.19
CA PRO A 256 17.04 -16.85 0.40
C PRO A 256 18.17 -17.87 0.06
N GLY A 257 19.02 -17.54 -0.89
CA GLY A 257 19.71 -18.53 -1.69
C GLY A 257 18.88 -18.68 -2.97
N ALA A 258 17.54 -18.79 -2.80
CA ALA A 258 16.63 -18.83 -3.92
C ALA A 258 17.06 -17.78 -4.93
N THR A 259 17.12 -18.20 -6.19
CA THR A 259 17.46 -17.30 -7.31
C THR A 259 16.28 -17.12 -8.26
N ALA A 260 16.39 -16.05 -9.05
CA ALA A 260 15.34 -15.74 -9.99
C ALA A 260 15.13 -16.86 -11.04
N GLU A 261 16.21 -17.50 -11.49
CA GLU A 261 16.06 -18.47 -12.58
C GLU A 261 15.32 -19.74 -12.06
N THR A 262 15.48 -20.05 -10.78
CA THR A 262 14.69 -21.11 -10.15
C THR A 262 13.25 -20.72 -9.93
N ILE A 263 13.09 -19.57 -9.27
CA ILE A 263 11.80 -18.98 -9.00
C ILE A 263 10.96 -19.00 -10.27
N ASN A 264 11.60 -18.65 -11.37
CA ASN A 264 10.97 -18.62 -12.69
C ASN A 264 10.67 -20.02 -13.23
N ALA A 265 11.59 -20.94 -12.95
CA ALA A 265 11.40 -22.33 -13.30
C ALA A 265 10.30 -22.94 -12.44
N ALA A 266 10.12 -22.43 -11.22
CA ALA A 266 9.03 -22.90 -10.41
C ALA A 266 7.68 -22.54 -11.07
N VAL A 267 7.58 -21.32 -11.60
CA VAL A 267 6.30 -20.82 -12.18
C VAL A 267 5.92 -21.46 -13.56
N ASP A 268 6.86 -21.48 -14.50
CA ASP A 268 6.64 -22.08 -15.83
C ASP A 268 6.36 -23.60 -15.69
N GLN A 269 6.79 -24.19 -14.58
CA GLN A 269 6.36 -25.54 -14.22
C GLN A 269 4.98 -25.61 -13.57
N GLY A 270 4.39 -24.46 -13.25
CA GLY A 270 3.06 -24.43 -12.66
C GLY A 270 2.94 -24.44 -11.13
N LEU A 271 3.97 -24.02 -10.40
CA LEU A 271 3.80 -23.80 -8.96
C LEU A 271 3.58 -22.30 -8.65
N HIS A 272 2.91 -22.04 -7.55
CA HIS A 272 2.66 -20.69 -7.04
C HIS A 272 3.85 -20.33 -6.20
N LEU A 273 3.98 -19.07 -5.80
CA LEU A 273 5.16 -18.58 -5.11
C LEU A 273 4.83 -18.02 -3.75
N LEU A 274 5.56 -18.48 -2.74
CA LEU A 274 5.46 -17.91 -1.40
C LEU A 274 6.81 -17.46 -0.92
N PHE A 275 6.95 -16.14 -0.79
CA PHE A 275 8.20 -15.58 -0.33
C PHE A 275 8.23 -15.48 1.18
N THR A 276 9.09 -16.30 1.79
CA THR A 276 9.27 -16.20 3.21
C THR A 276 9.98 -14.87 3.56
N PRO A 277 9.93 -14.47 4.82
CA PRO A 277 10.46 -13.14 5.10
C PRO A 277 11.97 -13.12 4.97
N GLY A 278 12.46 -12.07 4.32
CA GLY A 278 13.89 -11.91 4.08
C GLY A 278 14.07 -11.04 2.84
N VAL A 279 15.32 -10.96 2.40
CA VAL A 279 15.72 -10.07 1.31
C VAL A 279 16.32 -10.85 0.14
N TYR A 280 15.73 -10.71 -1.02
CA TYR A 280 16.09 -11.50 -2.19
C TYR A 280 16.70 -10.67 -3.33
N HIS A 281 18.02 -10.68 -3.41
CA HIS A 281 18.72 -10.06 -4.53
C HIS A 281 18.52 -10.93 -5.74
N VAL A 282 18.25 -10.31 -6.89
CA VAL A 282 17.96 -11.08 -8.11
C VAL A 282 18.71 -10.45 -9.31
N ASP A 283 19.25 -11.30 -10.19
CA ASP A 283 20.07 -10.88 -11.30
C ASP A 283 19.32 -10.92 -12.64
N GLN A 284 18.01 -11.12 -12.55
CA GLN A 284 17.15 -11.14 -13.71
C GLN A 284 15.74 -10.98 -13.21
N PRO A 285 14.83 -10.59 -14.11
CA PRO A 285 13.47 -10.37 -13.60
C PRO A 285 12.83 -11.67 -13.16
N ILE A 286 12.09 -11.63 -12.06
CA ILE A 286 11.16 -12.67 -11.70
C ILE A 286 9.95 -12.53 -12.61
N GLU A 287 9.68 -13.57 -13.40
CA GLU A 287 8.69 -13.51 -14.47
C GLU A 287 7.51 -14.39 -14.14
N ILE A 288 6.30 -13.87 -14.29
CA ILE A 288 5.12 -14.66 -14.08
C ILE A 288 4.24 -14.63 -15.32
N ASP A 289 4.24 -15.75 -16.05
CA ASP A 289 3.52 -15.88 -17.33
C ASP A 289 2.61 -17.13 -17.32
N ARG A 290 2.20 -17.51 -16.12
CA ARG A 290 1.17 -18.50 -15.92
C ARG A 290 -0.09 -17.85 -15.31
N ALA A 291 -1.21 -18.00 -16.01
CA ALA A 291 -2.44 -17.43 -15.52
C ALA A 291 -2.72 -17.96 -14.12
N ASN A 292 -3.31 -17.12 -13.27
CA ASN A 292 -3.74 -17.49 -11.91
C ASN A 292 -2.66 -17.72 -10.88
N THR A 293 -1.43 -17.38 -11.21
CA THR A 293 -0.33 -17.57 -10.28
C THR A 293 -0.41 -16.61 -9.11
N VAL A 294 -0.35 -17.14 -7.89
CA VAL A 294 -0.19 -16.34 -6.67
C VAL A 294 1.25 -16.17 -6.34
N ALA A 295 1.65 -14.92 -6.13
CA ALA A 295 2.94 -14.58 -5.57
C ALA A 295 2.69 -13.81 -4.25
N LEU A 296 2.76 -14.53 -3.16
CA LEU A 296 2.42 -14.01 -1.84
C LEU A 296 3.65 -13.91 -0.96
N GLY A 297 3.96 -12.71 -0.48
CA GLY A 297 5.04 -12.54 0.49
C GLY A 297 4.61 -12.51 1.93
N LEU A 298 5.51 -12.94 2.81
CA LEU A 298 5.34 -12.80 4.26
C LEU A 298 6.43 -11.88 4.82
N GLY A 299 6.25 -11.44 6.05
CA GLY A 299 7.25 -10.67 6.77
C GLY A 299 7.90 -9.51 6.01
N LEU A 300 7.12 -8.85 5.15
CA LEU A 300 7.61 -7.80 4.26
C LEU A 300 8.81 -8.27 3.40
N ALA A 301 8.72 -9.53 2.96
CA ALA A 301 9.67 -10.09 2.01
C ALA A 301 9.99 -9.05 0.92
N THR A 302 11.28 -8.93 0.67
CA THR A 302 11.82 -7.89 -0.18
C THR A 302 12.61 -8.43 -1.38
N ILE A 303 12.40 -7.81 -2.54
CA ILE A 303 13.13 -8.11 -3.75
C ILE A 303 13.97 -6.90 -4.17
N ILE A 304 15.28 -7.12 -4.30
CA ILE A 304 16.21 -6.12 -4.82
C ILE A 304 16.79 -6.56 -6.18
N PRO A 305 16.50 -5.81 -7.26
CA PRO A 305 17.13 -6.10 -8.55
C PRO A 305 18.53 -5.54 -8.65
N ASP A 306 19.49 -6.42 -8.89
CA ASP A 306 20.89 -6.09 -9.13
C ASP A 306 21.13 -5.72 -10.60
N ASN A 307 22.28 -5.09 -10.91
CA ASN A 307 22.72 -4.89 -12.29
C ASN A 307 21.75 -4.14 -13.22
N GLY A 308 20.84 -3.39 -12.61
CA GLY A 308 19.87 -2.55 -13.35
C GLY A 308 18.73 -3.30 -14.01
N VAL A 309 18.54 -4.56 -13.65
CA VAL A 309 17.41 -5.30 -14.19
C VAL A 309 16.07 -4.88 -13.57
N THR A 310 15.00 -5.27 -14.23
CA THR A 310 13.68 -5.14 -13.66
C THR A 310 13.49 -6.27 -12.61
N ALA A 311 12.84 -5.98 -11.48
CA ALA A 311 12.60 -6.98 -10.45
C ALA A 311 11.51 -8.00 -10.79
N LEU A 312 10.36 -7.51 -11.29
CA LEU A 312 9.20 -8.34 -11.51
C LEU A 312 8.51 -7.93 -12.80
N LYS A 313 8.30 -8.91 -13.68
CA LYS A 313 7.45 -8.73 -14.84
C LYS A 313 6.33 -9.77 -14.80
N VAL A 314 5.11 -9.33 -15.02
CA VAL A 314 3.95 -10.23 -15.17
C VAL A 314 3.55 -10.20 -16.63
N GLY A 315 3.31 -11.38 -17.20
CA GLY A 315 3.04 -11.49 -18.62
C GLY A 315 1.57 -11.15 -18.85
N ASP A 316 1.13 -11.29 -20.09
CA ASP A 316 -0.20 -10.85 -20.49
C ASP A 316 -1.29 -11.91 -20.17
N VAL A 317 -1.22 -12.45 -18.96
CA VAL A 317 -2.15 -13.52 -18.51
C VAL A 317 -3.24 -12.98 -17.58
N ASP A 318 -4.33 -13.74 -17.49
CA ASP A 318 -5.43 -13.55 -16.54
C ASP A 318 -4.97 -13.88 -15.11
N GLY A 319 -5.47 -13.13 -14.12
CA GLY A 319 -5.56 -13.65 -12.77
C GLY A 319 -4.31 -13.74 -11.89
N VAL A 320 -3.24 -13.00 -12.19
CA VAL A 320 -2.02 -13.08 -11.36
C VAL A 320 -2.20 -12.17 -10.13
N LYS A 321 -2.01 -12.73 -8.95
CA LYS A 321 -2.22 -12.01 -7.67
C LYS A 321 -0.90 -11.86 -6.94
N VAL A 322 -0.34 -10.67 -7.06
CA VAL A 322 0.91 -10.29 -6.41
C VAL A 322 0.53 -9.59 -5.13
N ALA A 323 1.11 -10.04 -4.02
CA ALA A 323 0.71 -9.52 -2.71
C ALA A 323 1.80 -9.55 -1.65
N GLY A 324 1.94 -8.45 -0.94
CA GLY A 324 2.78 -8.38 0.24
C GLY A 324 4.26 -8.52 -0.04
N LEU A 325 4.77 -7.69 -0.97
CA LEU A 325 6.18 -7.62 -1.30
C LEU A 325 6.66 -6.15 -1.29
N LEU A 326 7.91 -5.95 -0.85
CA LEU A 326 8.63 -4.71 -1.04
C LEU A 326 9.62 -4.94 -2.17
N VAL A 327 9.63 -4.04 -3.16
CA VAL A 327 10.73 -3.99 -4.13
C VAL A 327 11.62 -2.77 -3.84
N ASP A 328 12.91 -3.01 -3.62
CA ASP A 328 13.86 -2.00 -3.14
C ASP A 328 14.91 -1.81 -4.22
N ALA A 329 15.05 -0.59 -4.77
CA ALA A 329 15.92 -0.39 -5.90
C ALA A 329 17.37 -0.65 -5.51
N GLY A 330 18.12 -1.24 -6.43
CA GLY A 330 19.57 -1.25 -6.33
C GLY A 330 20.22 0.10 -6.71
N PRO A 331 21.49 0.30 -6.29
CA PRO A 331 22.25 1.49 -6.62
C PRO A 331 22.53 1.64 -8.13
N VAL A 332 22.38 0.56 -8.88
CA VAL A 332 22.45 0.62 -10.35
C VAL A 332 21.05 0.87 -10.91
N ASN A 333 20.94 1.92 -11.73
CA ASN A 333 19.63 2.32 -12.21
C ASN A 333 18.93 1.22 -12.99
N SER A 334 17.71 0.91 -12.55
CA SER A 334 16.81 0.07 -13.35
C SER A 334 15.80 0.89 -14.16
N GLU A 335 15.65 0.55 -15.45
CA GLU A 335 14.63 1.19 -16.30
C GLU A 335 13.23 1.12 -15.70
N THR A 336 12.88 -0.05 -15.23
CA THR A 336 11.62 -0.23 -14.54
C THR A 336 11.86 -1.18 -13.36
N LEU A 337 11.03 -1.09 -12.32
CA LEU A 337 11.11 -2.04 -11.22
C LEU A 337 10.08 -3.17 -11.31
N VAL A 338 8.87 -2.82 -11.75
CA VAL A 338 7.77 -3.75 -11.85
C VAL A 338 7.01 -3.43 -13.15
N GLU A 339 6.72 -4.47 -13.92
CA GLU A 339 5.90 -4.34 -15.12
C GLU A 339 4.75 -5.33 -15.05
N VAL A 340 3.55 -4.82 -15.29
CA VAL A 340 2.34 -5.59 -15.28
C VAL A 340 1.88 -5.59 -16.73
N GLY A 341 2.26 -6.67 -17.45
CA GLY A 341 2.02 -6.80 -18.86
C GLY A 341 3.11 -6.19 -19.75
N SER A 342 3.09 -6.58 -21.02
CA SER A 342 4.09 -6.13 -21.97
C SER A 342 3.68 -4.80 -22.64
N ASP A 343 4.52 -4.21 -23.47
CA ASP A 343 4.26 -2.87 -24.00
C ASP A 343 3.13 -2.84 -25.00
N GLY A 344 2.13 -2.02 -24.71
CA GLY A 344 0.95 -1.99 -25.55
C GLY A 344 0.32 -3.39 -25.49
N ALA A 345 -0.27 -3.72 -24.36
CA ALA A 345 -0.93 -4.99 -24.15
C ALA A 345 -2.38 -4.68 -24.35
N SER A 346 -2.98 -5.29 -25.36
CA SER A 346 -4.38 -5.01 -25.64
C SER A 346 -5.39 -6.13 -25.33
N GLY A 347 -4.99 -7.16 -24.64
CA GLY A 347 -6.02 -8.12 -24.22
C GLY A 347 -6.77 -7.61 -22.99
N ASP A 348 -7.98 -8.11 -22.73
CA ASP A 348 -8.67 -7.94 -21.46
C ASP A 348 -8.31 -8.96 -20.35
N HIS A 349 -8.68 -8.61 -19.10
CA HIS A 349 -8.63 -9.54 -17.94
C HIS A 349 -9.76 -9.19 -16.98
N ALA A 350 -10.95 -8.98 -17.52
CA ALA A 350 -12.01 -8.32 -16.82
C ALA A 350 -12.71 -9.29 -15.85
N ALA A 351 -12.95 -10.51 -16.33
CA ALA A 351 -13.52 -11.51 -15.46
C ALA A 351 -12.55 -11.88 -14.36
N ASN A 352 -11.28 -11.99 -14.70
CA ASN A 352 -10.26 -12.49 -13.81
C ASN A 352 -8.98 -11.65 -13.96
N PRO A 353 -9.01 -10.46 -13.33
CA PRO A 353 -7.87 -9.57 -13.55
C PRO A 353 -6.63 -9.98 -12.78
N THR A 354 -5.50 -9.42 -13.20
CA THR A 354 -4.31 -9.43 -12.37
C THR A 354 -4.41 -8.30 -11.33
N SER A 355 -3.85 -8.54 -10.16
CA SER A 355 -3.79 -7.49 -9.12
C SER A 355 -2.43 -7.42 -8.43
N LEU A 356 -2.06 -6.18 -8.08
CA LEU A 356 -1.02 -5.88 -7.10
C LEU A 356 -1.69 -5.45 -5.80
N GLN A 357 -1.35 -6.11 -4.69
CA GLN A 357 -1.92 -5.75 -3.38
C GLN A 357 -0.84 -5.68 -2.34
N ASP A 358 -0.79 -4.57 -1.59
CA ASP A 358 0.29 -4.39 -0.63
C ASP A 358 1.64 -4.63 -1.32
N VAL A 359 1.80 -4.02 -2.48
CA VAL A 359 3.06 -4.04 -3.15
C VAL A 359 3.64 -2.64 -2.93
N PHE A 360 4.83 -2.62 -2.35
CA PHE A 360 5.52 -1.40 -1.96
C PHE A 360 6.83 -1.28 -2.71
N VAL A 361 7.18 -0.07 -3.10
CA VAL A 361 8.42 0.17 -3.80
C VAL A 361 9.20 1.26 -3.05
N ARG A 362 10.50 1.04 -2.88
CA ARG A 362 11.40 2.00 -2.25
C ARG A 362 12.59 2.30 -3.19
N ILE A 363 12.97 3.57 -3.27
CA ILE A 363 14.17 3.95 -3.99
C ILE A 363 15.04 4.83 -3.11
N GLY A 364 16.14 4.27 -2.62
CA GLY A 364 16.98 4.95 -1.62
C GLY A 364 16.57 4.60 -0.18
N GLY A 365 17.20 5.28 0.79
CA GLY A 365 16.84 5.15 2.19
C GLY A 365 17.72 4.13 2.94
N ALA A 366 17.98 2.98 2.31
CA ALA A 366 18.81 1.96 2.93
C ALA A 366 20.09 1.76 2.15
N GLY A 367 20.61 2.84 1.59
CA GLY A 367 21.56 2.74 0.51
C GLY A 367 21.03 3.47 -0.72
N PRO A 368 21.94 3.97 -1.53
CA PRO A 368 21.50 4.62 -2.76
C PRO A 368 20.79 3.63 -3.65
N GLY A 369 19.79 4.14 -4.36
CA GLY A 369 19.07 3.34 -5.34
C GLY A 369 18.44 4.24 -6.36
N LYS A 370 18.18 3.69 -7.55
CA LYS A 370 17.69 4.42 -8.68
C LYS A 370 16.83 3.60 -9.61
N ALA A 371 15.80 4.23 -10.12
CA ALA A 371 14.96 3.66 -11.16
C ALA A 371 14.29 4.77 -11.94
N THR A 372 14.05 4.54 -13.24
CA THR A 372 13.40 5.57 -14.07
C THR A 372 11.90 5.63 -13.82
N THR A 373 11.26 4.46 -13.95
CA THR A 373 9.82 4.32 -13.92
C THR A 373 9.48 3.11 -13.04
N SER A 374 9.03 3.33 -11.80
CA SER A 374 8.97 2.25 -10.81
C SER A 374 7.99 1.13 -11.17
N ILE A 375 6.73 1.49 -11.45
CA ILE A 375 5.71 0.55 -11.87
C ILE A 375 5.06 1.03 -13.16
N VAL A 376 5.08 0.15 -14.17
CA VAL A 376 4.35 0.36 -15.40
C VAL A 376 3.21 -0.64 -15.44
N VAL A 377 1.97 -0.16 -15.52
CA VAL A 377 0.82 -1.04 -15.63
C VAL A 377 0.37 -1.00 -17.09
N ASN A 378 0.78 -2.04 -17.79
CA ASN A 378 0.41 -2.25 -19.20
C ASN A 378 -0.92 -2.95 -19.41
N SER A 379 -1.14 -4.01 -18.65
CA SER A 379 -2.33 -4.86 -18.85
C SER A 379 -3.65 -4.12 -18.60
N ASN A 380 -4.67 -4.50 -19.36
CA ASN A 380 -6.01 -3.99 -19.17
C ASN A 380 -6.68 -4.66 -17.93
N ASP A 381 -7.58 -3.93 -17.30
CA ASP A 381 -8.34 -4.41 -16.14
C ASP A 381 -7.57 -4.66 -14.82
N THR A 382 -6.29 -4.32 -14.78
CA THR A 382 -5.49 -4.59 -13.59
C THR A 382 -6.01 -3.76 -12.39
N ILE A 383 -6.01 -4.41 -11.23
CA ILE A 383 -6.38 -3.78 -9.96
C ILE A 383 -5.11 -3.52 -9.12
N ILE A 384 -4.90 -2.27 -8.75
CA ILE A 384 -3.85 -1.87 -7.83
C ILE A 384 -4.53 -1.50 -6.51
N ASP A 385 -4.56 -2.45 -5.56
CA ASP A 385 -5.26 -2.30 -4.28
C ASP A 385 -4.24 -2.21 -3.12
N HIS A 386 -3.91 -0.97 -2.74
CA HIS A 386 -2.88 -0.61 -1.78
C HIS A 386 -1.45 -0.75 -2.29
N THR A 387 -0.87 0.38 -2.66
CA THR A 387 0.53 0.43 -3.03
C THR A 387 1.14 1.70 -2.45
N TRP A 388 2.41 1.63 -2.09
CA TRP A 388 3.19 2.80 -1.69
C TRP A 388 4.43 2.73 -2.54
N VAL A 389 4.57 3.71 -3.41
CA VAL A 389 5.69 3.81 -4.32
C VAL A 389 6.43 5.09 -3.91
N TRP A 390 7.60 4.91 -3.31
CA TRP A 390 8.25 5.92 -2.49
C TRP A 390 9.74 6.13 -2.85
N ARG A 391 10.04 7.26 -3.46
CA ARG A 391 11.44 7.69 -3.57
C ARG A 391 11.82 8.23 -2.18
N ALA A 392 12.84 7.64 -1.58
CA ALA A 392 13.17 7.97 -0.20
C ALA A 392 13.48 9.46 0.01
N ASP A 393 12.94 10.00 1.10
CA ASP A 393 13.18 11.39 1.50
C ASP A 393 14.19 11.52 2.60
N HIS A 394 14.50 10.41 3.27
CA HIS A 394 15.38 10.48 4.44
C HIS A 394 16.01 9.13 4.54
N GLY A 395 16.90 9.03 5.51
CA GLY A 395 17.73 7.87 5.64
C GLY A 395 19.01 7.95 4.81
N GLU A 396 19.38 6.79 4.29
CA GLU A 396 20.70 6.51 3.73
C GLU A 396 20.75 6.51 2.21
N GLY A 397 21.68 7.29 1.68
CA GLY A 397 21.91 7.30 0.26
C GLY A 397 20.86 8.00 -0.56
N VAL A 398 20.46 9.18 -0.11
CA VAL A 398 19.37 9.90 -0.74
C VAL A 398 19.84 11.30 -1.13
N GLY A 399 19.16 11.92 -2.09
CA GLY A 399 19.65 13.13 -2.73
C GLY A 399 19.11 13.27 -4.14
N TRP A 400 19.04 14.54 -4.58
CA TRP A 400 18.36 14.96 -5.81
C TRP A 400 18.85 14.20 -7.04
N GLU A 401 20.06 13.65 -6.92
CA GLU A 401 20.61 12.78 -7.95
C GLU A 401 21.02 11.40 -7.37
N THR A 402 21.55 11.36 -6.15
CA THR A 402 22.03 10.07 -5.57
C THR A 402 20.92 9.00 -5.57
N ASN A 403 19.69 9.37 -5.24
CA ASN A 403 18.54 8.46 -5.48
C ASN A 403 17.49 9.02 -6.44
N ARG A 404 17.95 9.58 -7.57
CA ARG A 404 17.04 10.01 -8.62
C ARG A 404 16.11 8.88 -9.02
N ALA A 405 14.84 9.25 -9.14
CA ALA A 405 13.79 8.40 -9.60
C ALA A 405 12.74 9.29 -10.27
N ASP A 406 12.79 9.32 -11.59
CA ASP A 406 11.96 10.23 -12.33
C ASP A 406 10.47 9.99 -12.20
N TYR A 407 10.03 8.74 -12.42
CA TYR A 407 8.59 8.42 -12.53
C TYR A 407 8.17 7.31 -11.58
N GLY A 408 7.05 7.55 -10.93
CA GLY A 408 6.54 6.62 -9.94
C GLY A 408 5.75 5.50 -10.56
N VAL A 409 4.53 5.84 -11.00
CA VAL A 409 3.65 4.87 -11.65
C VAL A 409 3.23 5.40 -12.99
N HIS A 410 3.23 4.52 -13.99
CA HIS A 410 2.70 4.82 -15.31
C HIS A 410 1.67 3.77 -15.70
N VAL A 411 0.41 4.17 -15.75
CA VAL A 411 -0.62 3.26 -16.21
C VAL A 411 -0.95 3.52 -17.66
N LYS A 412 -0.65 2.54 -18.51
CA LYS A 412 -0.99 2.60 -19.93
C LYS A 412 -2.22 1.70 -20.31
N GLY A 413 -2.54 0.69 -19.49
CA GLY A 413 -3.69 -0.15 -19.77
C GLY A 413 -5.02 0.54 -19.53
N ASP A 414 -6.06 -0.07 -20.09
CA ASP A 414 -7.41 0.44 -20.02
C ASP A 414 -8.13 -0.19 -18.84
N ASN A 415 -9.10 0.54 -18.28
CA ASN A 415 -9.99 0.01 -17.27
C ASN A 415 -9.26 -0.40 -15.99
N VAL A 416 -8.12 0.24 -15.73
CA VAL A 416 -7.33 -0.05 -14.53
C VAL A 416 -7.95 0.69 -13.36
N LEU A 417 -8.02 0.00 -12.22
CA LEU A 417 -8.61 0.55 -10.99
C LEU A 417 -7.52 0.57 -9.91
N ALA A 418 -7.32 1.73 -9.29
CA ALA A 418 -6.41 1.83 -8.15
C ALA A 418 -7.21 2.26 -6.92
N THR A 419 -7.12 1.47 -5.86
CA THR A 419 -7.77 1.72 -4.59
C THR A 419 -6.71 1.78 -3.50
N GLY A 420 -6.51 2.99 -2.96
CA GLY A 420 -5.47 3.24 -1.95
C GLY A 420 -4.10 3.46 -2.57
N LEU A 421 -3.97 4.54 -3.35
CA LEU A 421 -2.75 4.80 -4.11
C LEU A 421 -1.91 5.85 -3.40
N PHE A 422 -0.71 5.47 -2.98
CA PHE A 422 0.22 6.36 -2.29
C PHE A 422 1.55 6.40 -3.09
N VAL A 423 1.91 7.58 -3.59
CA VAL A 423 3.12 7.72 -4.41
C VAL A 423 3.75 9.06 -4.12
N GLU A 424 5.06 9.07 -3.83
CA GLU A 424 5.73 10.26 -3.29
C GLU A 424 7.21 10.45 -3.69
N HIS A 425 7.52 11.72 -3.96
CA HIS A 425 8.86 12.31 -4.00
C HIS A 425 9.61 12.19 -5.32
N PHE A 426 8.95 11.74 -6.38
CA PHE A 426 9.63 11.52 -7.66
C PHE A 426 10.16 12.81 -8.29
N ASN A 427 11.22 12.69 -9.07
CA ASN A 427 11.83 13.90 -9.63
C ASN A 427 10.95 14.53 -10.71
N LYS A 428 10.12 13.72 -11.36
CA LYS A 428 9.16 14.21 -12.33
C LYS A 428 7.77 13.71 -11.93
N TYR A 429 7.02 13.11 -12.86
CA TYR A 429 5.66 12.67 -12.61
C TYR A 429 5.55 11.52 -11.65
N ASP A 430 4.97 11.78 -10.48
CA ASP A 430 4.74 10.69 -9.53
C ASP A 430 3.84 9.64 -10.19
N VAL A 431 2.73 10.11 -10.74
CA VAL A 431 1.79 9.29 -11.48
C VAL A 431 1.42 9.88 -12.84
N GLN A 432 1.54 9.04 -13.89
CA GLN A 432 1.00 9.34 -15.22
C GLN A 432 -0.03 8.29 -15.62
N TRP A 433 -1.15 8.74 -16.15
CA TRP A 433 -2.21 7.87 -16.65
C TRP A 433 -2.47 8.23 -18.11
N SER A 434 -2.20 7.28 -19.00
CA SER A 434 -2.52 7.46 -20.42
C SER A 434 -3.47 6.46 -20.97
N GLY A 435 -3.77 5.40 -20.22
CA GLY A 435 -4.78 4.44 -20.66
C GLY A 435 -6.15 5.11 -20.51
N GLU A 436 -7.15 4.46 -21.08
CA GLU A 436 -8.51 4.93 -21.04
C GLU A 436 -9.28 4.30 -19.87
N ASN A 437 -10.32 4.99 -19.45
CA ASN A 437 -11.21 4.55 -18.41
C ASN A 437 -10.62 4.17 -17.06
N GLY A 438 -9.48 4.78 -16.72
CA GLY A 438 -8.86 4.59 -15.44
C GLY A 438 -9.73 5.15 -14.32
N LYS A 439 -9.60 4.54 -13.15
CA LYS A 439 -10.26 5.02 -11.94
C LYS A 439 -9.29 4.95 -10.74
N THR A 440 -9.23 6.04 -9.95
CA THR A 440 -8.46 6.07 -8.70
C THR A 440 -9.40 6.47 -7.58
N ILE A 441 -9.53 5.60 -6.59
CA ILE A 441 -10.19 5.91 -5.34
C ILE A 441 -9.12 6.00 -4.25
N PHE A 442 -8.91 7.24 -3.81
CA PHE A 442 -7.90 7.63 -2.83
C PHE A 442 -6.50 7.71 -3.38
N TYR A 443 -5.95 8.94 -3.31
CA TYR A 443 -4.55 9.23 -3.64
C TYR A 443 -3.89 10.11 -2.61
N GLN A 444 -2.70 9.69 -2.19
CA GLN A 444 -1.87 10.52 -1.35
C GLN A 444 -0.51 10.67 -2.02
N ASN A 445 -0.09 11.93 -2.19
CA ASN A 445 1.20 12.27 -2.74
C ASN A 445 1.91 13.31 -1.87
N ALA A 446 3.23 13.23 -1.83
CA ALA A 446 4.05 14.39 -1.47
C ALA A 446 5.07 14.55 -2.58
N LYS A 447 5.37 15.79 -2.94
CA LYS A 447 6.34 16.10 -3.96
C LYS A 447 7.76 15.93 -3.38
N ALA A 448 8.75 15.86 -4.25
CA ALA A 448 10.10 15.65 -3.78
C ALA A 448 10.47 16.87 -2.92
N TYR A 449 11.31 16.65 -1.92
CA TYR A 449 11.72 17.70 -1.01
C TYR A 449 13.00 18.40 -1.42
N ASP A 450 13.86 17.63 -2.10
CA ASP A 450 15.23 18.04 -2.37
C ASP A 450 15.37 18.74 -3.75
N ALA A 451 14.26 19.11 -4.38
CA ALA A 451 14.31 19.85 -5.64
C ALA A 451 15.15 21.12 -5.41
N PRO A 452 16.16 21.35 -6.24
CA PRO A 452 17.22 22.33 -5.86
C PRO A 452 16.83 23.75 -6.09
N ASP A 453 16.15 23.98 -7.19
CA ASP A 453 15.64 25.31 -7.53
C ASP A 453 14.58 25.10 -8.59
N GLN A 454 14.02 26.19 -9.10
CA GLN A 454 12.89 26.11 -10.02
C GLN A 454 13.21 25.42 -11.36
N ALA A 455 14.42 25.63 -11.87
CA ALA A 455 14.78 25.13 -13.19
C ALA A 455 14.90 23.61 -13.16
N ALA A 456 15.29 23.06 -12.01
CA ALA A 456 15.42 21.62 -11.97
C ALA A 456 14.10 20.92 -12.23
N ILE A 457 12.99 21.68 -12.16
CA ILE A 457 11.68 21.03 -12.25
C ILE A 457 10.74 21.62 -13.28
N GLN A 458 11.22 22.40 -14.23
CA GLN A 458 10.29 22.82 -15.28
C GLN A 458 9.74 21.56 -16.01
N ASN A 459 8.67 21.74 -16.78
CA ASN A 459 8.14 20.73 -17.68
C ASN A 459 7.48 21.57 -18.75
N GLY A 460 8.24 21.87 -19.80
CA GLY A 460 7.80 22.83 -20.80
C GLY A 460 7.46 24.17 -20.20
N ASP A 461 6.21 24.58 -20.40
CA ASP A 461 5.63 25.82 -19.87
C ASP A 461 5.21 25.76 -18.39
N ILE A 462 5.31 24.58 -17.79
CA ILE A 462 4.75 24.32 -16.51
C ILE A 462 5.85 24.28 -15.46
N LYS A 463 5.63 25.01 -14.35
CA LYS A 463 6.52 24.93 -13.21
C LYS A 463 6.25 23.63 -12.46
N GLY A 464 7.21 22.71 -12.45
CA GLY A 464 7.03 21.46 -11.73
C GLY A 464 6.29 20.43 -12.56
N TYR A 465 6.27 19.20 -12.04
CA TYR A 465 5.56 18.07 -12.62
C TYR A 465 4.35 17.67 -11.75
N ALA A 466 3.18 17.55 -12.39
CA ALA A 466 1.98 17.14 -11.66
C ALA A 466 2.27 15.89 -10.86
N ALA A 467 1.64 15.81 -9.69
CA ALA A 467 1.65 14.59 -8.91
C ALA A 467 0.85 13.48 -9.62
N TYR A 468 -0.14 13.92 -10.38
CA TYR A 468 -1.09 13.01 -11.03
C TYR A 468 -1.50 13.64 -12.33
N LYS A 469 -1.06 13.01 -13.44
CA LYS A 469 -1.15 13.55 -14.78
C LYS A 469 -1.88 12.60 -15.75
N VAL A 470 -3.05 13.02 -16.20
CA VAL A 470 -3.80 12.32 -17.25
C VAL A 470 -3.35 12.89 -18.63
N ASP A 471 -2.71 12.05 -19.46
CA ASP A 471 -2.27 12.44 -20.82
C ASP A 471 -3.48 13.11 -21.47
N ASP A 472 -3.19 14.05 -22.36
CA ASP A 472 -4.21 14.82 -22.99
C ASP A 472 -5.10 14.02 -23.99
N SER A 473 -4.59 12.91 -24.51
CA SER A 473 -5.31 12.21 -25.58
C SER A 473 -6.45 11.38 -25.01
N VAL A 474 -6.42 11.18 -23.69
CA VAL A 474 -7.39 10.31 -23.04
C VAL A 474 -8.79 10.91 -23.09
N THR A 475 -9.78 10.05 -23.32
CA THR A 475 -11.19 10.47 -23.43
C THR A 475 -11.89 10.38 -22.06
N THR A 476 -11.50 9.39 -21.28
CA THR A 476 -12.24 9.01 -20.07
C THR A 476 -11.33 8.68 -18.87
N HIS A 477 -11.59 9.34 -17.74
CA HIS A 477 -10.87 9.08 -16.49
C HIS A 477 -11.73 9.53 -15.31
N GLU A 478 -11.51 8.97 -14.14
CA GLU A 478 -12.21 9.50 -12.95
C GLU A 478 -11.44 9.19 -11.65
N GLY A 479 -11.21 10.23 -10.84
CA GLY A 479 -10.60 10.06 -9.53
C GLY A 479 -11.40 10.66 -8.37
N TRP A 480 -11.23 10.07 -7.19
CA TRP A 480 -11.93 10.47 -5.99
C TRP A 480 -10.98 10.56 -4.79
N GLY A 481 -10.93 11.72 -4.13
CA GLY A 481 -10.33 11.84 -2.82
C GLY A 481 -8.80 11.82 -2.93
N MET A 482 -8.27 12.90 -3.49
CA MET A 482 -6.90 12.93 -3.94
C MET A 482 -6.20 14.22 -3.49
N GLY A 483 -5.02 14.05 -2.92
CA GLY A 483 -4.27 15.17 -2.44
C GLY A 483 -2.79 15.05 -2.69
N SER A 484 -2.18 16.21 -2.94
CA SER A 484 -0.75 16.33 -3.14
C SER A 484 -0.24 17.41 -2.20
N TYR A 485 0.85 17.11 -1.51
CA TYR A 485 1.44 18.04 -0.55
C TYR A 485 2.89 18.38 -0.94
N CYS A 486 3.35 19.58 -0.60
CA CYS A 486 4.73 19.97 -0.89
C CYS A 486 5.47 20.38 0.37
N TYR A 487 6.76 20.04 0.38
CA TYR A 487 7.64 20.45 1.45
C TYR A 487 9.02 20.60 0.81
N PHE A 488 9.18 21.73 0.14
CA PHE A 488 10.42 21.98 -0.57
C PHE A 488 11.43 22.58 0.41
N ASN A 489 12.10 21.74 1.19
CA ASN A 489 13.01 22.31 2.21
C ASN A 489 14.40 22.64 1.72
N VAL A 490 14.86 22.07 0.60
CA VAL A 490 16.12 22.53 0.06
C VAL A 490 15.94 23.95 -0.50
N ASN A 491 14.81 24.25 -1.16
CA ASN A 491 14.56 25.59 -1.72
C ASN A 491 13.07 25.97 -1.65
N PRO A 492 12.68 26.56 -0.53
CA PRO A 492 11.28 26.89 -0.24
C PRO A 492 10.69 28.02 -1.04
N ASP A 493 11.47 28.67 -1.90
CA ASP A 493 10.95 29.72 -2.74
C ASP A 493 10.39 29.11 -4.05
N ILE A 494 10.50 27.78 -4.17
CA ILE A 494 9.96 27.00 -5.29
C ILE A 494 8.47 27.13 -5.37
N ARG A 495 7.96 27.12 -6.59
CA ARG A 495 6.53 27.08 -6.85
C ARG A 495 6.13 25.88 -7.69
N GLN A 496 5.13 25.16 -7.21
CA GLN A 496 4.57 24.01 -7.93
C GLN A 496 3.27 24.48 -8.60
N GLN A 497 3.19 24.36 -9.91
CA GLN A 497 2.06 24.91 -10.62
C GLN A 497 0.72 24.28 -10.21
N HIS A 498 0.76 22.98 -9.93
CA HIS A 498 -0.42 22.25 -9.53
C HIS A 498 -0.12 20.82 -9.03
N GLY A 499 -1.07 20.30 -8.25
CA GLY A 499 -1.14 18.91 -7.86
C GLY A 499 -1.45 17.94 -9.01
N PHE A 500 -2.33 18.37 -9.89
CA PHE A 500 -3.01 17.54 -10.86
C PHE A 500 -3.02 18.22 -12.21
N GLN A 501 -3.04 17.41 -13.27
CA GLN A 501 -3.13 17.91 -14.62
C GLN A 501 -3.89 16.92 -15.50
N ALA A 502 -4.88 17.41 -16.25
CA ALA A 502 -5.72 16.54 -17.07
C ALA A 502 -6.35 17.33 -18.20
N PRO A 503 -6.65 16.66 -19.33
CA PRO A 503 -7.49 17.32 -20.33
C PRO A 503 -8.82 17.72 -19.75
N VAL A 504 -9.44 18.72 -20.37
CA VAL A 504 -10.75 19.23 -19.96
C VAL A 504 -11.83 18.70 -20.92
N LYS A 505 -12.56 17.69 -20.45
CA LYS A 505 -13.41 16.81 -21.31
C LYS A 505 -14.61 16.23 -20.54
N PRO A 506 -15.67 15.87 -21.29
CA PRO A 506 -16.91 15.36 -20.67
C PRO A 506 -16.64 14.24 -19.67
N GLY A 507 -15.80 13.30 -20.09
CA GLY A 507 -15.66 12.03 -19.39
C GLY A 507 -14.34 11.86 -18.64
N VAL A 508 -13.55 12.92 -18.52
CA VAL A 508 -12.36 12.92 -17.62
C VAL A 508 -12.66 13.79 -16.41
N LYS A 509 -12.80 13.19 -15.23
CA LYS A 509 -13.50 13.85 -14.12
C LYS A 509 -12.89 13.61 -12.76
N PHE A 510 -12.92 14.60 -11.87
CA PHE A 510 -12.40 14.45 -10.52
C PHE A 510 -13.34 14.96 -9.44
N HIS A 511 -13.22 14.33 -8.29
CA HIS A 511 -14.09 14.53 -7.14
C HIS A 511 -13.27 14.58 -5.87
N ASP A 512 -13.18 15.77 -5.30
CA ASP A 512 -12.62 16.06 -3.99
C ASP A 512 -11.10 16.05 -4.03
N LEU A 513 -10.53 17.08 -4.68
CA LEU A 513 -9.08 17.29 -4.80
C LEU A 513 -8.56 18.34 -3.83
N LEU A 514 -7.32 18.15 -3.37
CA LEU A 514 -6.66 19.15 -2.52
C LEU A 514 -5.15 19.20 -2.73
N VAL A 515 -4.56 20.38 -2.48
CA VAL A 515 -3.13 20.48 -2.36
C VAL A 515 -2.83 21.29 -1.10
N VAL A 516 -1.65 21.04 -0.54
CA VAL A 516 -1.26 21.56 0.77
C VAL A 516 0.26 21.78 0.81
N SER A 517 0.66 22.99 1.20
CA SER A 517 2.05 23.26 1.55
C SER A 517 2.24 22.99 3.01
N LEU A 518 3.25 22.20 3.33
CA LEU A 518 3.54 21.82 4.69
C LEU A 518 4.43 22.90 5.31
N GLY A 519 3.83 23.71 6.15
CA GLY A 519 4.51 24.81 6.81
C GLY A 519 5.11 25.88 5.88
N GLY A 520 4.47 26.12 4.76
CA GLY A 520 4.90 27.14 3.81
C GLY A 520 6.23 26.90 3.11
N LYS A 521 6.71 25.67 3.14
CA LYS A 521 7.92 25.31 2.42
C LYS A 521 7.58 24.99 0.97
N GLY A 522 7.64 26.03 0.15
CA GLY A 522 7.14 25.99 -1.20
C GLY A 522 5.65 26.32 -1.13
N GLN A 523 5.04 26.54 -2.29
CA GLN A 523 3.60 26.72 -2.40
C GLN A 523 3.12 26.23 -3.79
N TYR A 524 1.85 25.85 -3.86
CA TYR A 524 1.20 25.55 -5.11
C TYR A 524 0.55 26.80 -5.68
N GLU A 525 0.62 26.95 -6.99
CA GLU A 525 -0.08 28.06 -7.68
C GLU A 525 -1.57 27.75 -7.90
N HIS A 526 -1.88 26.46 -8.02
CA HIS A 526 -3.22 25.99 -8.33
C HIS A 526 -3.39 24.53 -7.81
N VAL A 527 -4.62 24.04 -7.91
CA VAL A 527 -4.93 22.65 -7.54
C VAL A 527 -4.76 21.69 -8.74
N ILE A 528 -5.48 22.00 -9.83
CA ILE A 528 -5.46 21.22 -11.08
C ILE A 528 -5.37 22.13 -12.30
N ASN A 529 -4.51 21.80 -13.25
CA ASN A 529 -4.28 22.65 -14.40
C ASN A 529 -4.00 24.06 -13.87
N ASP A 530 -4.72 25.04 -14.36
CA ASP A 530 -4.42 26.42 -13.97
C ASP A 530 -5.87 26.91 -13.68
N ILE A 531 -6.32 26.31 -12.56
CA ILE A 531 -7.67 26.22 -11.96
C ILE A 531 -7.52 25.96 -10.43
N GLY A 532 -8.25 26.67 -9.60
CA GLY A 532 -8.11 26.48 -8.15
C GLY A 532 -7.11 27.42 -7.50
N ASP A 533 -7.34 27.72 -6.22
CA ASP A 533 -6.57 28.76 -5.52
C ASP A 533 -5.19 28.29 -5.11
N PRO A 534 -4.20 29.21 -5.15
CA PRO A 534 -2.88 28.84 -4.64
C PRO A 534 -2.92 28.57 -3.15
N THR A 535 -1.90 27.87 -2.63
CA THR A 535 -1.72 27.76 -1.21
C THR A 535 -1.01 29.05 -0.77
N SER A 536 -1.23 29.42 0.48
CA SER A 536 -0.67 30.66 1.04
C SER A 536 -0.46 30.52 2.56
N GLY A 537 0.26 31.47 3.16
CA GLY A 537 0.63 31.36 4.55
C GLY A 537 1.70 30.30 4.77
N ASP A 538 1.96 30.04 6.05
CA ASP A 538 2.82 28.93 6.46
C ASP A 538 2.04 27.98 7.36
N THR A 539 0.72 28.07 7.29
CA THR A 539 -0.18 27.48 8.27
C THR A 539 -0.72 26.09 7.87
N THR A 540 -0.37 25.63 6.67
CA THR A 540 -0.76 24.30 6.20
C THR A 540 -2.26 24.11 6.05
N ILE A 541 -2.93 25.10 5.48
CA ILE A 541 -4.33 24.94 5.10
C ILE A 541 -4.44 24.44 3.66
N PRO A 542 -5.32 23.46 3.41
CA PRO A 542 -5.46 22.99 2.03
C PRO A 542 -6.15 23.97 1.10
N SER A 543 -5.78 23.89 -0.17
CA SER A 543 -6.60 24.47 -1.24
C SER A 543 -7.23 23.33 -2.00
N GLN A 544 -8.53 23.48 -2.32
CA GLN A 544 -9.36 22.41 -2.86
C GLN A 544 -10.20 22.78 -4.07
N VAL A 545 -10.44 21.76 -4.90
CA VAL A 545 -11.49 21.72 -5.89
C VAL A 545 -12.41 20.55 -5.52
N VAL A 546 -13.68 20.81 -5.16
CA VAL A 546 -14.61 19.73 -4.86
C VAL A 546 -14.94 18.94 -6.12
N SER A 547 -14.94 19.65 -7.22
CA SER A 547 -15.60 19.15 -8.41
C SER A 547 -14.92 19.53 -9.66
N PHE A 548 -14.46 18.53 -10.39
CA PHE A 548 -13.82 18.79 -11.65
C PHE A 548 -14.31 17.81 -12.74
N PRO A 549 -14.51 18.32 -13.97
CA PRO A 549 -14.26 19.70 -14.36
C PRO A 549 -15.43 20.63 -13.96
C2 BGC B . -2.35 17.47 12.27
C3 BGC B . -1.79 18.43 11.34
C4 BGC B . -2.79 19.34 10.73
C5 BGC B . -3.79 19.89 11.81
C6 BGC B . -4.86 20.52 11.32
C1 BGC B . -3.24 18.07 13.27
O1 BGC B . -3.82 17.15 14.15
O2 BGC B . -1.28 16.82 13.04
O3 BGC B . -0.95 17.79 10.28
O4 BGC B . -2.18 20.44 10.04
O5 BGC B . -4.34 18.72 12.60
O6 BGC B . -5.66 21.03 12.31
C2 BGC B . 1.22 17.24 9.34
C3 BGC B . 2.60 17.58 9.14
C4 BGC B . 2.80 19.03 8.92
C5 BGC B . 2.12 19.86 10.05
C6 BGC B . 2.14 21.21 9.86
C1 BGC B . 0.45 18.06 10.31
O2 BGC B . 1.10 15.83 9.75
O3 BGC B . 3.06 16.79 7.96
O4 BGC B . 4.17 19.35 8.86
O5 BGC B . 0.66 19.46 10.07
O6 BGC B . 1.77 21.96 10.98
C2 BGC B . 4.42 15.11 6.92
C3 BGC B . 5.74 14.60 6.68
C4 BGC B . 6.77 15.63 6.61
C5 BGC B . 6.70 16.68 7.77
C6 BGC B . 7.47 17.77 7.57
C1 BGC B . 4.32 16.17 7.99
O2 BGC B . 3.46 14.07 7.20
O3 BGC B . 5.75 14.03 5.30
O4 BGC B . 8.08 15.12 6.45
O5 BGC B . 5.29 17.18 7.73
O6 BGC B . 7.36 18.79 8.52
C2 BGC B . 6.35 12.15 3.92
C3 BGC B . 7.16 10.97 3.84
C4 BGC B . 8.47 11.02 4.58
C5 BGC B . 8.26 11.49 6.07
C6 BGC B . 9.29 11.63 7.00
C1 BGC B . 6.24 12.73 5.28
O2 BGC B . 4.96 11.85 3.56
O3 BGC B . 7.27 10.45 2.44
O4 BGC B . 9.14 9.78 4.59
O5 BGC B . 7.46 12.77 5.99
O6 BGC B . 10.67 11.79 6.68
C2 BGC C . -1.11 0.90 23.44
C3 BGC C . -2.61 0.96 23.73
C4 BGC C . -3.10 -0.11 24.72
C5 BGC C . -2.12 -0.39 25.87
C6 BGC C . -2.53 -1.66 26.64
C1 BGC C . -0.28 0.66 24.72
O2 BGC C . -0.63 2.06 22.79
O3 BGC C . -3.39 0.88 22.56
O4 BGC C . -4.34 0.33 25.29
O5 BGC C . -0.76 -0.46 25.44
O6 BGC C . -1.50 -1.99 27.55
C1 EDO D . 16.87 -4.41 2.32
O1 EDO D . 15.77 -4.03 1.50
C2 EDO D . 17.17 -3.29 3.30
O2 EDO D . 15.98 -2.92 4.04
H11 EDO D . 17.76 -4.60 1.71
H12 EDO D . 16.62 -5.31 2.88
HO1 EDO D . 15.83 -4.51 0.66
H21 EDO D . 17.54 -2.42 2.74
H22 EDO D . 17.95 -3.60 4.00
HO2 EDO D . 16.15 -2.11 4.55
C1 EDO E . 9.17 17.35 -9.00
O1 EDO E . 8.23 16.32 -9.35
C2 EDO E . 8.51 18.64 -8.53
O2 EDO E . 7.52 19.11 -9.45
H11 EDO E . 9.80 17.56 -9.86
H12 EDO E . 9.80 16.96 -8.20
HO1 EDO E . 8.66 15.46 -9.32
H21 EDO E . 9.28 19.41 -8.43
H22 EDO E . 8.06 18.50 -7.55
HO2 EDO E . 7.05 19.86 -9.07
C1 EDO F . 13.73 -3.69 -19.07
O1 EDO F . 13.26 -4.99 -18.70
C2 EDO F . 12.57 -2.70 -19.22
O2 EDO F . 11.45 -3.23 -19.95
H11 EDO F . 14.29 -3.75 -20.02
H12 EDO F . 14.43 -3.32 -18.32
HO1 EDO F . 14.00 -5.54 -18.41
H21 EDO F . 12.92 -1.80 -19.73
H22 EDO F . 12.23 -2.39 -18.23
HO2 EDO F . 10.79 -2.54 -20.10
N GLU A 1 12.67 -29.46 -10.83
CA GLU A 1 13.82 -29.30 -9.91
C GLU A 1 13.46 -28.40 -8.74
N VAL A 2 12.27 -27.81 -8.81
CA VAL A 2 11.74 -27.05 -7.71
C VAL A 2 10.65 -27.82 -7.02
N VAL A 3 10.70 -27.82 -5.70
CA VAL A 3 9.93 -28.77 -4.93
C VAL A 3 8.94 -28.04 -4.02
N GLY A 4 7.67 -28.41 -4.16
CA GLY A 4 6.59 -27.73 -3.51
C GLY A 4 6.36 -28.00 -2.03
N GLY A 5 6.20 -26.92 -1.25
CA GLY A 5 5.84 -27.04 0.14
C GLY A 5 7.04 -27.40 1.01
N GLY A 6 6.77 -28.05 2.14
CA GLY A 6 7.66 -27.99 3.29
C GLY A 6 7.54 -26.73 4.15
N ASP A 7 8.44 -26.70 5.14
CA ASP A 7 8.68 -25.67 6.17
C ASP A 7 8.59 -24.18 5.75
N LEU A 8 8.22 -23.27 6.66
CA LEU A 8 8.21 -21.84 6.33
C LEU A 8 9.41 -21.13 6.85
N GLY A 9 10.08 -21.78 7.78
CA GLY A 9 11.42 -21.39 8.07
C GLY A 9 11.52 -20.57 9.31
N PRO A 10 12.73 -20.24 9.68
CA PRO A 10 13.12 -19.66 10.98
C PRO A 10 12.59 -18.23 11.22
N ASN A 11 12.24 -17.54 10.15
CA ASN A 11 11.65 -16.21 10.26
C ASN A 11 10.11 -16.15 10.18
N VAL A 12 9.45 -17.30 10.00
CA VAL A 12 7.99 -17.37 10.16
C VAL A 12 7.72 -18.06 11.50
N LEU A 13 7.35 -17.26 12.51
CA LEU A 13 7.17 -17.71 13.91
C LEU A 13 5.73 -18.03 14.14
N VAL A 14 5.45 -19.31 14.43
CA VAL A 14 4.13 -19.85 14.37
C VAL A 14 3.66 -20.24 15.76
N PHE A 15 3.06 -19.27 16.44
CA PHE A 15 2.52 -19.42 17.81
C PHE A 15 1.15 -20.17 17.90
N ASP A 16 0.92 -20.86 19.02
CA ASP A 16 -0.38 -21.47 19.31
C ASP A 16 -0.78 -21.23 20.79
N PRO A 17 -1.94 -21.74 21.22
CA PRO A 17 -2.32 -21.47 22.61
C PRO A 17 -1.53 -22.13 23.75
N SER A 18 -0.33 -22.68 23.56
CA SER A 18 0.43 -23.21 24.70
C SER A 18 1.88 -22.74 24.72
N THR A 19 2.17 -21.70 23.94
CA THR A 19 3.53 -21.21 23.80
C THR A 19 3.97 -20.39 24.99
N PRO A 20 5.13 -20.77 25.58
CA PRO A 20 5.78 -20.12 26.72
C PRO A 20 6.10 -18.65 26.54
N ASP A 21 5.76 -17.78 27.47
CA ASP A 21 6.22 -16.40 27.39
C ASP A 21 6.01 -15.81 25.98
N ILE A 22 4.74 -15.82 25.56
CA ILE A 22 4.36 -15.25 24.27
C ILE A 22 4.73 -13.77 24.25
N GLN A 23 4.39 -13.07 25.33
CA GLN A 23 4.76 -11.66 25.49
C GLN A 23 6.27 -11.41 25.30
N GLY A 24 7.06 -11.77 26.31
CA GLY A 24 8.51 -11.64 26.24
C GLY A 24 9.09 -11.82 24.84
N LYS A 25 8.63 -12.86 24.16
CA LYS A 25 9.11 -13.20 22.81
C LYS A 25 8.75 -12.21 21.72
N VAL A 26 7.45 -12.07 21.41
CA VAL A 26 7.00 -10.97 20.53
C VAL A 26 7.66 -9.66 20.96
N ASP A 27 7.83 -9.48 22.27
CA ASP A 27 8.63 -8.37 22.75
C ASP A 27 10.09 -8.44 22.25
N GLU A 28 10.62 -9.62 21.88
CA GLU A 28 11.97 -9.69 21.29
C GLU A 28 12.03 -9.36 19.83
N VAL A 29 11.03 -9.84 19.11
CA VAL A 29 10.87 -9.43 17.71
C VAL A 29 10.70 -7.92 17.76
N PHE A 30 10.02 -7.42 18.79
CA PHE A 30 9.76 -5.97 18.88
C PHE A 30 10.97 -5.09 19.26
N ARG A 31 11.64 -5.35 20.38
CA ARG A 31 12.80 -4.50 20.76
C ARG A 31 13.81 -4.32 19.60
N LYS A 32 13.98 -5.33 18.75
CA LYS A 32 14.95 -5.22 17.63
C LYS A 32 14.41 -4.64 16.33
N GLN A 33 13.13 -4.88 16.03
CA GLN A 33 12.43 -4.26 14.89
C GLN A 33 11.90 -2.83 15.13
N GLU A 34 11.65 -2.48 16.40
CA GLU A 34 11.01 -1.21 16.76
C GLU A 34 11.64 0.02 16.04
N SER A 35 12.94 0.03 15.94
CA SER A 35 13.62 1.22 15.40
C SER A 35 14.46 0.84 14.17
N ASN A 36 14.21 -0.36 13.65
CA ASN A 36 15.00 -0.93 12.58
C ASN A 36 14.48 -0.54 11.21
N GLN A 37 14.55 0.74 10.91
CA GLN A 37 13.77 1.24 9.80
C GLN A 37 14.30 0.73 8.47
N PHE A 38 15.62 0.58 8.37
CA PHE A 38 16.23 0.31 7.09
C PHE A 38 17.03 -0.97 7.14
N GLY A 39 16.94 -1.70 8.24
CA GLY A 39 17.69 -2.93 8.35
C GLY A 39 17.12 -4.03 7.53
N THR A 40 17.77 -5.16 7.74
CA THR A 40 17.67 -6.31 6.88
C THR A 40 16.73 -7.37 7.45
N ASP A 41 16.51 -7.37 8.75
CA ASP A 41 15.68 -8.43 9.38
C ASP A 41 14.22 -8.32 8.93
N ARG A 42 13.58 -9.48 8.85
CA ARG A 42 12.22 -9.63 8.37
C ARG A 42 11.55 -10.67 9.27
N TYR A 43 10.31 -10.41 9.65
CA TYR A 43 9.58 -11.35 10.50
C TYR A 43 8.12 -11.47 10.16
N ALA A 44 7.63 -12.71 10.09
CA ALA A 44 6.18 -12.94 10.14
C ALA A 44 5.81 -13.71 11.39
N LEU A 45 4.77 -13.19 12.07
CA LEU A 45 4.16 -13.85 13.24
C LEU A 45 2.82 -14.41 12.84
N MET A 46 2.69 -15.71 13.06
CA MET A 46 1.52 -16.47 12.65
C MET A 46 0.91 -17.08 13.92
N PHE A 47 -0.36 -16.76 14.19
CA PHE A 47 -1.06 -17.30 15.35
C PHE A 47 -2.10 -18.33 14.92
N LYS A 48 -1.90 -19.56 15.41
CA LYS A 48 -2.82 -20.63 15.06
C LYS A 48 -4.16 -20.23 15.74
N PRO A 49 -5.25 -20.82 15.28
CA PRO A 49 -6.57 -20.45 15.80
C PRO A 49 -6.72 -20.86 17.26
N GLY A 50 -7.57 -20.11 17.94
CA GLY A 50 -7.71 -20.19 19.38
C GLY A 50 -7.83 -18.82 20.04
N THR A 51 -7.83 -18.86 21.36
CA THR A 51 -7.94 -17.65 22.17
C THR A 51 -6.63 -17.41 22.90
N TYR A 52 -6.13 -16.19 22.81
CA TYR A 52 -4.92 -15.76 23.51
C TYR A 52 -5.25 -14.66 24.53
N ASN A 53 -4.65 -14.71 25.71
CA ASN A 53 -4.89 -13.75 26.80
C ASN A 53 -3.67 -12.93 27.21
N ASP A 54 -3.92 -11.76 27.81
CA ASP A 54 -2.86 -10.91 28.40
C ASP A 54 -1.73 -10.67 27.43
N ILE A 55 -2.09 -10.16 26.25
CA ILE A 55 -1.19 -10.09 25.10
C ILE A 55 -1.27 -8.68 24.55
N ASN A 56 -0.14 -8.00 24.49
CA ASN A 56 -0.05 -6.77 23.68
C ASN A 56 1.07 -6.96 22.64
N ALA A 57 0.71 -7.31 21.41
CA ALA A 57 1.71 -7.47 20.36
C ALA A 57 2.06 -6.10 19.78
N GLN A 58 3.21 -5.58 20.18
CA GLN A 58 3.74 -4.33 19.62
C GLN A 58 4.52 -4.62 18.34
N ILE A 59 4.11 -3.96 17.26
CA ILE A 59 4.56 -4.31 15.90
C ILE A 59 5.50 -3.23 15.36
N GLY A 60 6.78 -3.61 15.28
CA GLY A 60 7.80 -2.72 14.76
C GLY A 60 7.99 -2.86 13.26
N PHE A 61 9.13 -2.38 12.76
CA PHE A 61 9.41 -2.46 11.33
C PHE A 61 9.51 -3.88 10.79
N TYR A 62 9.08 -4.06 9.53
CA TYR A 62 9.18 -5.30 8.78
C TYR A 62 8.65 -6.50 9.56
N THR A 63 7.53 -6.30 10.19
CA THR A 63 6.89 -7.31 11.03
C THR A 63 5.43 -7.37 10.56
N SER A 64 5.02 -8.57 10.17
CA SER A 64 3.61 -8.85 9.93
C SER A 64 3.06 -9.78 11.00
N ILE A 65 1.79 -9.58 11.30
CA ILE A 65 1.10 -10.43 12.22
C ILE A 65 -0.24 -10.84 11.60
N ALA A 66 -0.55 -12.10 11.77
CA ALA A 66 -1.73 -12.70 11.20
C ALA A 66 -2.25 -13.88 12.03
N GLY A 67 -3.56 -14.11 11.90
CA GLY A 67 -4.18 -15.33 12.34
C GLY A 67 -4.12 -16.34 11.20
N LEU A 68 -4.17 -17.62 11.58
CA LEU A 68 -4.03 -18.72 10.65
C LEU A 68 -5.36 -19.48 10.53
N GLY A 69 -6.47 -18.78 10.73
CA GLY A 69 -7.79 -19.34 10.44
C GLY A 69 -8.26 -19.12 9.02
N LEU A 70 -9.47 -19.58 8.71
CA LEU A 70 -10.16 -19.12 7.49
C LEU A 70 -10.80 -17.76 7.65
N ASN A 71 -11.28 -17.52 8.87
CA ASN A 71 -11.89 -16.25 9.22
C ASN A 71 -11.39 -15.66 10.57
N PRO A 72 -11.48 -14.32 10.77
CA PRO A 72 -10.61 -13.73 11.79
C PRO A 72 -11.02 -14.05 13.23
N ASP A 73 -12.29 -14.27 13.46
CA ASP A 73 -12.77 -14.62 14.81
C ASP A 73 -12.39 -16.05 15.21
N ASP A 74 -11.76 -16.79 14.30
CA ASP A 74 -11.11 -18.06 14.65
C ASP A 74 -9.86 -17.86 15.49
N THR A 75 -9.23 -16.67 15.40
CA THR A 75 -8.03 -16.36 16.15
C THR A 75 -8.22 -15.05 16.92
N THR A 76 -8.57 -15.19 18.20
CA THR A 76 -8.95 -14.06 19.03
C THR A 76 -7.91 -13.73 20.12
N PHE A 77 -7.53 -12.43 20.16
CA PHE A 77 -6.65 -11.91 21.20
C PHE A 77 -7.55 -11.19 22.17
N ASN A 78 -7.44 -11.56 23.44
CA ASN A 78 -8.00 -10.72 24.49
C ASN A 78 -6.81 -9.91 24.87
N GLY A 79 -6.65 -8.83 24.12
CA GLY A 79 -5.41 -8.11 24.04
C GLY A 79 -5.40 -7.26 22.79
N ASP A 80 -4.21 -6.82 22.43
CA ASP A 80 -4.04 -5.73 21.49
C ASP A 80 -3.02 -6.07 20.42
N VAL A 81 -3.18 -5.37 19.29
CA VAL A 81 -2.13 -5.32 18.25
C VAL A 81 -1.81 -3.81 18.03
N THR A 82 -0.68 -3.41 18.59
CA THR A 82 -0.40 -2.02 18.83
C THR A 82 0.73 -1.55 17.95
N VAL A 83 0.51 -0.45 17.27
CA VAL A 83 1.61 0.34 16.74
C VAL A 83 1.55 1.72 17.40
N ASP A 84 2.66 2.09 18.03
CA ASP A 84 2.82 3.40 18.64
C ASP A 84 4.07 4.12 18.11
N ALA A 85 4.28 5.35 18.57
CA ALA A 85 5.31 6.23 18.03
C ALA A 85 6.36 6.59 19.07
N GLY A 86 6.53 5.74 20.08
CA GLY A 86 7.49 6.03 21.13
C GLY A 86 8.94 6.10 20.67
N TRP A 87 9.38 5.11 19.86
CA TRP A 87 10.73 5.07 19.27
C TRP A 87 11.11 6.38 18.59
N PHE A 88 10.14 7.27 18.34
CA PHE A 88 10.38 8.54 17.67
C PHE A 88 9.59 9.69 18.35
N ASP A 89 9.51 9.69 19.67
CA ASP A 89 8.99 10.83 20.43
C ASP A 89 7.58 11.28 20.03
N GLY A 90 6.73 10.30 19.71
CA GLY A 90 5.35 10.55 19.40
C GLY A 90 5.02 10.90 17.95
N ASN A 91 6.05 10.98 17.13
CA ASN A 91 5.88 11.29 15.72
C ASN A 91 5.72 9.95 14.97
N ALA A 92 4.57 9.70 14.36
CA ALA A 92 4.30 8.36 13.74
C ALA A 92 4.55 8.36 12.21
N THR A 93 5.17 9.42 11.70
CA THR A 93 5.33 9.59 10.25
C THR A 93 6.43 8.73 9.60
N GLN A 94 7.07 7.89 10.38
CA GLN A 94 8.00 6.90 9.88
C GLN A 94 7.59 5.47 10.31
N ASN A 95 6.32 5.32 10.70
CA ASN A 95 5.83 4.00 11.10
C ASN A 95 5.41 3.19 9.89
N PHE A 96 6.40 2.76 9.11
CA PHE A 96 6.18 2.07 7.84
C PHE A 96 6.37 0.55 7.92
N TRP A 97 5.96 -0.11 6.83
CA TRP A 97 6.39 -1.48 6.46
C TRP A 97 6.05 -2.54 7.51
N ARG A 98 4.77 -2.65 7.78
CA ARG A 98 4.33 -3.68 8.70
C ARG A 98 2.88 -4.04 8.34
N SER A 99 2.29 -4.97 9.05
CA SER A 99 0.90 -5.37 8.70
C SER A 99 0.21 -6.19 9.75
N ALA A 100 -1.11 -6.15 9.71
CA ALA A 100 -1.93 -7.01 10.57
C ALA A 100 -3.10 -7.54 9.78
N GLU A 101 -3.43 -8.81 10.02
CA GLU A 101 -4.31 -9.52 9.15
C GLU A 101 -5.01 -10.70 9.88
N ASN A 102 -6.31 -10.84 9.66
CA ASN A 102 -7.03 -12.11 9.99
C ASN A 102 -7.00 -12.49 11.48
N LEU A 103 -7.23 -11.45 12.30
CA LEU A 103 -7.37 -11.59 13.75
C LEU A 103 -8.61 -10.89 14.27
N ALA A 104 -9.15 -11.41 15.38
CA ALA A 104 -10.12 -10.68 16.21
C ALA A 104 -9.42 -10.12 17.46
N LEU A 105 -9.72 -8.88 17.81
CA LEU A 105 -9.08 -8.21 18.95
C LEU A 105 -10.13 -7.70 19.92
N ASN A 106 -9.88 -7.98 21.19
CA ASN A 106 -10.75 -7.54 22.28
C ASN A 106 -9.82 -6.67 23.14
N PRO A 107 -9.63 -5.41 22.73
CA PRO A 107 -8.53 -4.57 23.28
C PRO A 107 -8.77 -4.23 24.74
N VAL A 108 -7.71 -4.42 25.54
CA VAL A 108 -7.80 -4.48 26.96
C VAL A 108 -8.45 -3.27 27.62
N ASN A 109 -8.30 -2.07 27.05
CA ASN A 109 -9.07 -0.92 27.54
C ASN A 109 -10.20 -0.53 26.61
N GLY A 110 -10.60 -1.47 25.75
CA GLY A 110 -11.72 -1.27 24.83
C GLY A 110 -11.39 -0.64 23.48
N THR A 111 -10.12 -0.35 23.24
CA THR A 111 -9.66 0.43 22.06
C THR A 111 -8.25 0.00 21.64
N ASN A 112 -8.10 -0.46 20.40
CA ASN A 112 -6.82 -0.86 19.85
C ASN A 112 -6.11 0.37 19.20
N ARG A 113 -4.82 0.54 19.48
CA ARG A 113 -4.01 1.64 18.88
C ARG A 113 -3.18 1.17 17.68
N TRP A 114 -3.50 1.67 16.47
CA TRP A 114 -2.78 1.32 15.23
C TRP A 114 -2.32 2.63 14.55
N ALA A 115 -1.23 3.18 15.05
CA ALA A 115 -0.79 4.53 14.71
C ALA A 115 0.33 4.46 13.71
N VAL A 116 -0.07 4.34 12.46
CA VAL A 116 0.84 4.02 11.39
C VAL A 116 0.81 5.11 10.33
N SER A 117 1.80 5.07 9.45
CA SER A 117 1.76 5.86 8.26
C SER A 117 1.71 4.92 7.06
N GLN A 118 2.51 5.14 6.02
CA GLN A 118 2.37 4.39 4.79
C GLN A 118 2.84 2.92 4.87
N ALA A 119 2.28 2.09 4.01
CA ALA A 119 2.65 0.69 3.86
C ALA A 119 2.44 -0.10 5.17
N ALA A 120 1.31 0.09 5.79
CA ALA A 120 1.02 -0.55 7.07
C ALA A 120 -0.45 -1.03 7.07
N PRO A 121 -0.79 -1.94 6.16
CA PRO A 121 -2.18 -2.34 5.97
C PRO A 121 -2.75 -3.17 7.13
N PHE A 122 -4.06 -3.01 7.27
CA PHE A 122 -4.89 -3.56 8.34
C PHE A 122 -6.04 -4.22 7.58
N ARG A 123 -5.95 -5.54 7.40
CA ARG A 123 -6.91 -6.27 6.57
C ARG A 123 -7.53 -7.44 7.33
N ARG A 124 -8.79 -7.77 7.03
CA ARG A 124 -9.36 -9.05 7.47
C ARG A 124 -9.46 -9.08 8.99
N MET A 125 -9.67 -7.89 9.58
CA MET A 125 -9.63 -7.72 11.03
C MET A 125 -11.02 -7.51 11.67
N HIS A 126 -11.17 -8.04 12.88
CA HIS A 126 -12.36 -7.76 13.70
C HIS A 126 -11.97 -7.15 15.05
N VAL A 127 -12.21 -5.85 15.21
CA VAL A 127 -11.90 -5.15 16.47
C VAL A 127 -13.20 -5.06 17.27
N LYS A 128 -13.23 -5.76 18.39
CA LYS A 128 -14.41 -5.72 19.27
C LYS A 128 -14.35 -4.50 20.19
N GLY A 129 -14.18 -3.33 19.60
CA GLY A 129 -14.16 -2.11 20.36
C GLY A 129 -13.82 -1.02 19.37
N GLY A 130 -13.21 0.03 19.88
CA GLY A 130 -12.68 1.09 19.06
C GLY A 130 -11.29 0.86 18.48
N LEU A 131 -10.94 1.70 17.52
CA LEU A 131 -9.64 1.67 16.86
C LEU A 131 -9.12 3.11 16.75
N ASN A 132 -8.03 3.37 17.45
CA ASN A 132 -7.38 4.70 17.56
C ASN A 132 -6.21 4.67 16.61
N LEU A 133 -6.26 5.50 15.57
CA LEU A 133 -5.20 5.52 14.53
C LEU A 133 -4.06 6.53 14.80
N ALA A 134 -4.15 7.19 15.94
CA ALA A 134 -3.16 8.21 16.31
C ALA A 134 -2.22 7.71 17.40
N PRO A 135 -0.94 8.16 17.35
CA PRO A 135 0.03 7.83 18.39
C PRO A 135 -0.29 8.50 19.72
N ASP A 136 0.37 8.04 20.77
CA ASP A 136 0.14 8.63 22.10
C ASP A 136 0.64 10.07 21.91
N GLY A 137 -0.24 11.06 22.15
CA GLY A 137 0.09 12.50 22.09
C GLY A 137 -0.58 13.30 20.97
N TYR A 138 -1.25 12.59 20.06
CA TYR A 138 -1.97 13.23 18.93
C TYR A 138 -0.93 13.86 17.98
N GLY A 139 0.28 13.35 18.04
CA GLY A 139 1.34 13.75 17.14
C GLY A 139 1.07 13.49 15.66
N TRP A 140 2.09 13.57 14.87
CA TRP A 140 1.90 13.60 13.45
C TRP A 140 1.78 12.18 12.88
N ALA A 141 0.98 12.05 11.85
CA ALA A 141 0.76 10.74 11.23
C ALA A 141 0.16 10.88 9.84
N SER A 142 0.55 9.95 8.96
CA SER A 142 0.23 10.04 7.57
C SER A 142 -0.11 8.66 6.96
N GLY A 143 -1.14 7.99 7.51
CA GLY A 143 -1.63 6.70 7.00
C GLY A 143 -2.56 6.91 5.81
N GLY A 144 -3.36 5.91 5.44
CA GLY A 144 -3.37 4.59 6.02
C GLY A 144 -4.44 3.80 5.28
N TYR A 145 -4.56 2.52 5.62
CA TYR A 145 -5.31 1.59 4.80
C TYR A 145 -5.95 0.50 5.64
N ILE A 146 -7.28 0.49 5.57
CA ILE A 146 -8.10 -0.55 6.19
C ILE A 146 -9.01 -1.15 5.14
N ALA A 147 -9.02 -2.49 5.08
CA ALA A 147 -9.88 -3.20 4.16
C ALA A 147 -10.47 -4.45 4.76
N ASP A 148 -11.69 -4.74 4.36
CA ASP A 148 -12.33 -6.01 4.71
C ASP A 148 -12.34 -6.26 6.22
N SER A 149 -12.55 -5.16 6.95
CA SER A 149 -12.52 -5.20 8.41
C SER A 149 -13.84 -4.80 9.05
N LYS A 150 -14.07 -5.36 10.22
CA LYS A 150 -15.18 -4.89 11.05
C LYS A 150 -14.65 -4.26 12.34
N ILE A 151 -15.01 -2.99 12.55
CA ILE A 151 -14.69 -2.29 13.82
C ILE A 151 -16.02 -2.08 14.55
N ASP A 152 -16.23 -2.81 15.65
CA ASP A 152 -17.48 -2.73 16.41
C ASP A 152 -17.80 -1.31 16.92
N GLY A 153 -16.78 -0.57 17.32
CA GLY A 153 -16.97 0.80 17.83
C GLY A 153 -16.53 1.90 16.86
N GLU A 154 -16.12 3.04 17.41
CA GLU A 154 -15.68 4.20 16.62
C GLU A 154 -14.22 4.05 16.21
N VAL A 155 -13.93 4.30 14.92
CA VAL A 155 -12.57 4.55 14.50
C VAL A 155 -12.25 6.04 14.68
N GLY A 156 -11.14 6.32 15.35
CA GLY A 156 -10.77 7.69 15.69
C GLY A 156 -9.44 8.06 15.07
N PRO A 157 -9.47 8.86 13.99
CA PRO A 157 -8.21 9.10 13.30
C PRO A 157 -7.42 10.23 13.95
N TYR A 158 -8.14 11.19 14.54
CA TYR A 158 -7.56 12.37 15.24
C TYR A 158 -6.57 13.14 14.34
N SER A 159 -5.28 12.99 14.60
CA SER A 159 -4.23 13.72 13.87
C SER A 159 -3.86 13.11 12.50
N GLN A 160 -4.37 11.92 12.19
CA GLN A 160 -4.12 11.36 10.85
C GLN A 160 -4.50 12.31 9.75
N GLN A 161 -3.56 12.63 8.86
CA GLN A 161 -3.85 13.53 7.78
C GLN A 161 -4.92 13.03 6.83
N GLN A 162 -4.80 11.76 6.50
CA GLN A 162 -5.64 11.16 5.50
C GLN A 162 -5.74 9.67 5.70
N TRP A 163 -6.68 9.03 5.01
CA TRP A 163 -6.98 7.61 5.26
C TRP A 163 -7.86 7.04 4.16
N TYR A 164 -7.63 5.76 3.83
CA TYR A 164 -8.54 5.03 2.96
C TYR A 164 -9.08 3.78 3.65
N THR A 165 -10.38 3.65 3.58
CA THR A 165 -11.10 2.49 4.09
C THR A 165 -12.01 1.93 2.98
N ARG A 166 -11.92 0.62 2.78
CA ARG A 166 -12.85 -0.04 1.85
C ARG A 166 -13.48 -1.32 2.36
N ASP A 167 -14.71 -1.53 1.90
CA ASP A 167 -15.40 -2.80 2.02
C ASP A 167 -15.30 -3.33 3.44
N SER A 168 -15.86 -2.54 4.34
CA SER A 168 -15.72 -2.75 5.77
C SER A 168 -16.98 -2.37 6.50
N SER A 169 -16.94 -2.56 7.83
CA SER A 169 -18.03 -2.14 8.74
C SER A 169 -17.44 -1.32 9.86
N VAL A 170 -17.99 -0.15 10.13
CA VAL A 170 -17.57 0.66 11.27
C VAL A 170 -18.75 1.16 12.18
N GLY A 171 -18.51 1.20 13.48
CA GLY A 171 -19.47 1.73 14.44
C GLY A 171 -19.69 3.26 14.41
N GLY A 172 -18.66 3.99 14.01
CA GLY A 172 -18.76 5.42 13.83
C GLY A 172 -17.47 5.85 13.16
N TRP A 173 -17.13 7.13 13.27
CA TRP A 173 -15.93 7.72 12.65
C TRP A 173 -15.76 9.16 13.14
N GLY A 174 -14.71 9.40 13.91
CA GLY A 174 -14.62 10.60 14.75
C GLY A 174 -14.25 11.92 14.09
N ASN A 175 -13.32 11.93 13.12
CA ASN A 175 -12.95 13.20 12.45
C ASN A 175 -12.34 13.02 11.04
N GLY A 176 -11.82 14.12 10.48
CA GLY A 176 -11.35 14.21 9.12
C GLY A 176 -10.44 15.44 9.01
N VAL A 177 -9.15 15.17 8.83
CA VAL A 177 -8.14 16.20 8.77
C VAL A 177 -8.09 16.79 7.35
N TRP A 178 -7.37 16.14 6.44
CA TRP A 178 -7.28 16.58 5.05
C TRP A 178 -8.11 15.74 4.02
N ASN A 179 -8.05 14.40 4.11
CA ASN A 179 -8.73 13.53 3.15
C ASN A 179 -9.05 12.13 3.72
N MET A 180 -10.26 11.98 4.24
CA MET A 180 -10.74 10.66 4.66
C MET A 180 -11.64 10.12 3.57
N THR A 181 -11.20 9.06 2.90
CA THR A 181 -11.94 8.47 1.80
C THR A 181 -12.45 7.04 2.14
N PHE A 182 -13.69 6.80 1.77
CA PHE A 182 -14.40 5.54 2.04
C PHE A 182 -15.04 4.96 0.77
N SER A 183 -14.85 3.65 0.52
CA SER A 183 -15.69 2.98 -0.47
C SER A 183 -16.22 1.63 0.02
N GLY A 184 -17.53 1.45 -0.09
CA GLY A 184 -18.17 0.24 0.40
C GLY A 184 -18.05 0.02 1.90
N VAL A 185 -18.12 1.10 2.66
CA VAL A 185 -17.95 1.03 4.11
C VAL A 185 -19.29 1.23 4.83
N GLU A 186 -19.78 0.18 5.47
CA GLU A 186 -21.00 0.26 6.29
C GLU A 186 -20.73 1.08 7.56
N GLY A 187 -21.44 2.19 7.67
CA GLY A 187 -21.24 3.09 8.79
C GLY A 187 -20.30 4.25 8.46
N ALA A 188 -19.82 4.39 7.23
CA ALA A 188 -18.96 5.53 6.88
C ALA A 188 -19.66 6.86 7.12
N PRO A 189 -18.88 7.92 7.39
CA PRO A 189 -19.45 9.25 7.50
C PRO A 189 -20.08 9.63 6.14
N ALA A 190 -21.13 10.44 6.16
CA ALA A 190 -21.68 11.00 4.92
C ALA A 190 -20.65 11.77 4.16
N GLN A 191 -20.62 11.55 2.85
CA GLN A 191 -19.97 12.48 1.93
C GLN A 191 -20.31 13.90 2.33
N SER A 192 -19.29 14.75 2.34
CA SER A 192 -19.43 16.09 2.88
C SER A 192 -18.26 17.00 2.51
N PHE A 193 -17.35 16.52 1.68
CA PHE A 193 -16.09 17.22 1.42
C PHE A 193 -16.49 18.61 0.93
N PRO A 194 -15.78 19.67 1.36
CA PRO A 194 -14.58 19.89 2.21
C PRO A 194 -14.76 19.63 3.70
N GLU A 195 -15.97 19.85 4.18
CA GLU A 195 -16.14 20.09 5.59
C GLU A 195 -17.13 19.14 6.22
N PRO A 196 -16.64 18.13 7.02
CA PRO A 196 -15.33 17.47 7.09
C PRO A 196 -14.95 16.93 5.73
N PRO A 197 -13.71 16.46 5.57
CA PRO A 197 -13.27 16.16 4.22
C PRO A 197 -13.48 14.70 3.94
N TYR A 198 -14.76 14.32 4.01
CA TYR A 198 -15.16 12.95 3.84
C TYR A 198 -15.56 12.79 2.38
N THR A 199 -14.90 11.83 1.73
CA THR A 199 -15.21 11.39 0.39
C THR A 199 -15.80 9.99 0.47
N THR A 200 -17.08 9.87 0.13
CA THR A 200 -17.86 8.67 0.51
C THR A 200 -18.52 8.04 -0.67
N LEU A 201 -18.04 6.85 -1.00
CA LEU A 201 -18.59 6.07 -2.08
C LEU A 201 -19.32 4.81 -1.53
N GLU A 202 -20.53 4.62 -2.02
CA GLU A 202 -21.43 3.59 -1.52
C GLU A 202 -20.89 2.19 -1.77
N THR A 203 -20.43 1.94 -2.99
CA THR A 203 -19.78 0.67 -3.29
C THR A 203 -18.43 0.86 -3.94
N THR A 204 -17.50 -0.07 -3.70
CA THR A 204 -16.26 -0.13 -4.48
C THR A 204 -16.53 -0.79 -5.81
N PRO A 205 -15.95 -0.30 -6.92
CA PRO A 205 -16.43 -0.83 -8.21
C PRO A 205 -16.07 -2.30 -8.42
N VAL A 206 -14.82 -2.62 -8.13
CA VAL A 206 -14.40 -3.99 -8.01
C VAL A 206 -13.31 -4.08 -6.96
N SER A 207 -13.27 -5.23 -6.31
CA SER A 207 -12.22 -5.54 -5.39
C SER A 207 -12.08 -7.07 -5.27
N ARG A 208 -10.88 -7.48 -4.86
CA ARG A 208 -10.62 -8.88 -4.60
C ARG A 208 -9.71 -8.99 -3.42
N GLU A 209 -10.21 -9.62 -2.35
CA GLU A 209 -9.48 -9.60 -1.10
C GLU A 209 -8.13 -10.34 -1.25
N LYS A 210 -7.13 -9.84 -0.53
CA LYS A 210 -5.75 -10.36 -0.62
C LYS A 210 -5.69 -11.82 -0.16
N PRO A 211 -5.08 -12.70 -0.99
CA PRO A 211 -4.95 -14.10 -0.56
C PRO A 211 -4.18 -14.21 0.75
N PHE A 212 -4.51 -15.17 1.60
CA PHE A 212 -3.79 -15.33 2.86
C PHE A 212 -3.58 -16.81 3.24
N LEU A 213 -2.48 -17.06 3.94
CA LEU A 213 -2.19 -18.35 4.47
C LEU A 213 -3.10 -18.63 5.67
N TYR A 214 -3.49 -19.88 5.82
CA TYR A 214 -4.23 -20.32 7.01
C TYR A 214 -3.79 -21.74 7.36
N LEU A 215 -4.26 -22.25 8.50
CA LEU A 215 -4.21 -23.70 8.73
C LEU A 215 -5.54 -24.25 8.29
N ASP A 216 -5.51 -25.49 7.82
CA ASP A 216 -6.70 -26.24 7.44
C ASP A 216 -6.55 -27.50 8.28
N GLY A 217 -7.22 -27.51 9.45
CA GLY A 217 -6.87 -28.41 10.53
C GLY A 217 -5.36 -28.33 10.75
N ASP A 218 -4.69 -29.46 10.51
CA ASP A 218 -3.22 -29.49 10.45
C ASP A 218 -2.74 -29.61 8.99
N ASP A 219 -3.13 -28.69 8.10
CA ASP A 219 -2.36 -28.49 6.85
C ASP A 219 -2.23 -26.97 6.50
N TYR A 220 -1.01 -26.46 6.30
CA TYR A 220 -0.82 -25.08 5.75
C TYR A 220 -1.40 -24.92 4.35
N LYS A 221 -2.33 -23.99 4.19
CA LYS A 221 -2.95 -23.70 2.89
C LYS A 221 -3.04 -22.17 2.69
N VAL A 222 -3.26 -21.73 1.44
CA VAL A 222 -3.52 -20.30 1.16
C VAL A 222 -4.91 -20.15 0.51
N PHE A 223 -5.75 -19.29 1.11
CA PHE A 223 -7.09 -19.00 0.59
C PHE A 223 -6.98 -17.89 -0.43
N VAL A 224 -7.47 -18.11 -1.65
CA VAL A 224 -7.53 -17.05 -2.70
C VAL A 224 -8.99 -16.55 -2.83
N PRO A 225 -9.33 -15.50 -2.07
CA PRO A 225 -10.66 -14.89 -2.21
C PRO A 225 -11.05 -14.62 -3.65
N ALA A 226 -12.35 -14.75 -3.93
CA ALA A 226 -12.95 -14.36 -5.23
C ALA A 226 -13.34 -12.88 -5.34
N LYS A 227 -13.34 -12.34 -6.57
CA LYS A 227 -13.67 -10.92 -6.70
C LYS A 227 -15.12 -10.62 -6.30
N ARG A 228 -15.26 -9.45 -5.73
CA ARG A 228 -16.52 -8.80 -5.58
C ARG A 228 -16.67 -7.65 -6.57
N THR A 229 -17.81 -7.62 -7.24
CA THR A 229 -18.24 -6.48 -8.05
C THR A 229 -19.23 -5.59 -7.24
N ASN A 230 -19.08 -4.28 -7.29
CA ASN A 230 -19.84 -3.37 -6.43
C ASN A 230 -19.79 -3.81 -4.97
N ALA A 231 -18.58 -3.90 -4.42
CA ALA A 231 -18.39 -4.42 -3.10
C ALA A 231 -18.80 -3.46 -1.99
N ARG A 232 -19.39 -4.05 -0.95
CA ARG A 232 -19.73 -3.31 0.25
C ARG A 232 -19.78 -4.23 1.44
N GLY A 233 -19.29 -3.74 2.58
CA GLY A 233 -19.21 -4.55 3.80
C GLY A 233 -18.08 -5.55 3.76
N THR A 234 -17.95 -6.35 4.83
CA THR A 234 -16.88 -7.33 4.91
C THR A 234 -17.29 -8.52 4.03
N SER A 235 -16.30 -9.31 3.61
CA SER A 235 -16.54 -10.42 2.72
C SER A 235 -16.84 -11.64 3.59
N TRP A 236 -16.11 -11.71 4.68
CA TRP A 236 -16.06 -12.84 5.61
C TRP A 236 -17.02 -12.48 6.68
N GLY A 237 -17.89 -11.53 6.38
CA GLY A 237 -19.03 -11.38 7.20
C GLY A 237 -19.34 -12.82 7.61
N ASN A 238 -19.64 -13.67 6.57
CA ASN A 238 -20.64 -14.82 6.60
C ASN A 238 -20.08 -16.31 6.52
N GLY A 239 -19.44 -16.90 7.54
CA GLY A 239 -18.87 -18.27 7.36
C GLY A 239 -18.06 -18.57 6.03
N THR A 240 -18.42 -19.61 5.26
CA THR A 240 -17.57 -19.83 4.04
C THR A 240 -17.43 -18.65 3.11
N PRO A 241 -16.17 -18.24 2.92
CA PRO A 241 -15.99 -17.17 1.96
C PRO A 241 -15.83 -17.73 0.53
N GLU A 242 -16.33 -17.03 -0.48
CA GLU A 242 -16.34 -17.57 -1.85
C GLU A 242 -14.93 -17.49 -2.55
N GLY A 243 -14.24 -18.63 -2.69
CA GLY A 243 -12.83 -18.60 -3.09
C GLY A 243 -12.08 -19.91 -3.33
N GLU A 244 -10.73 -19.81 -3.32
CA GLU A 244 -9.89 -21.00 -3.45
C GLU A 244 -8.97 -21.33 -2.29
N SER A 245 -8.84 -22.63 -2.00
CA SER A 245 -7.76 -23.13 -1.13
C SER A 245 -6.65 -23.79 -1.99
N LEU A 246 -5.41 -23.39 -1.74
CA LEU A 246 -4.24 -23.90 -2.43
C LEU A 246 -3.27 -24.50 -1.43
N PRO A 247 -2.99 -25.80 -1.58
CA PRO A 247 -2.11 -26.43 -0.59
C PRO A 247 -0.71 -25.87 -0.66
N LEU A 248 0.06 -26.05 0.40
CA LEU A 248 1.40 -25.56 0.42
C LEU A 248 2.18 -26.30 -0.65
N ASP A 249 1.70 -27.52 -0.98
CA ASP A 249 2.29 -28.37 -2.03
C ASP A 249 1.96 -27.96 -3.47
N GLN A 250 1.39 -26.77 -3.64
CA GLN A 250 1.31 -26.14 -4.94
C GLN A 250 2.03 -24.75 -4.85
N PHE A 251 2.87 -24.56 -3.83
CA PHE A 251 3.64 -23.33 -3.61
C PHE A 251 5.13 -23.62 -3.51
N TYR A 252 5.96 -23.02 -4.38
CA TYR A 252 7.40 -22.97 -4.13
C TYR A 252 7.64 -22.01 -2.96
N VAL A 253 8.28 -22.54 -1.93
CA VAL A 253 8.68 -21.77 -0.79
C VAL A 253 10.07 -21.21 -1.06
N VAL A 254 10.06 -20.00 -1.58
CA VAL A 254 11.28 -19.27 -1.81
C VAL A 254 11.93 -18.91 -0.46
N LYS A 255 13.19 -19.30 -0.31
CA LYS A 255 13.94 -19.02 0.91
C LYS A 255 15.32 -18.45 0.54
N PRO A 256 16.07 -17.97 1.54
CA PRO A 256 17.28 -17.23 1.21
C PRO A 256 18.18 -17.87 0.18
N GLY A 257 18.48 -17.04 -0.81
CA GLY A 257 19.40 -17.39 -1.86
C GLY A 257 18.73 -17.50 -3.23
N ALA A 258 17.60 -18.22 -3.29
CA ALA A 258 16.85 -18.57 -4.51
C ALA A 258 17.23 -17.65 -5.65
N THR A 259 17.69 -18.20 -6.77
CA THR A 259 17.98 -17.34 -7.88
C THR A 259 16.66 -17.06 -8.62
N ALA A 260 16.68 -16.02 -9.45
CA ALA A 260 15.64 -15.81 -10.50
C ALA A 260 15.28 -17.04 -11.31
N GLU A 261 16.31 -17.69 -11.84
CA GLU A 261 16.15 -18.86 -12.72
C GLU A 261 15.26 -19.90 -12.00
N THR A 262 15.49 -20.06 -10.70
CA THR A 262 14.87 -21.14 -9.96
C THR A 262 13.44 -20.71 -9.57
N ILE A 263 13.26 -19.45 -9.27
CA ILE A 263 11.92 -18.90 -9.08
C ILE A 263 11.02 -18.99 -10.34
N ASN A 264 11.59 -18.58 -11.48
CA ASN A 264 10.90 -18.62 -12.78
C ASN A 264 10.62 -20.06 -13.25
N ALA A 265 11.51 -20.97 -12.93
CA ALA A 265 11.26 -22.41 -13.14
C ALA A 265 9.96 -22.85 -12.48
N ALA A 266 9.79 -22.52 -11.20
CA ALA A 266 8.61 -22.95 -10.48
C ALA A 266 7.32 -22.50 -11.19
N VAL A 267 7.30 -21.27 -11.69
CA VAL A 267 6.09 -20.74 -12.34
C VAL A 267 5.79 -21.42 -13.70
N ASP A 268 6.78 -21.36 -14.61
CA ASP A 268 6.85 -22.23 -15.78
C ASP A 268 6.23 -23.58 -15.46
N GLN A 269 6.92 -24.27 -14.57
CA GLN A 269 6.55 -25.61 -14.16
C GLN A 269 5.16 -25.71 -13.56
N GLY A 270 4.56 -24.58 -13.16
CA GLY A 270 3.21 -24.59 -12.60
C GLY A 270 2.99 -24.31 -11.11
N LEU A 271 4.05 -24.12 -10.32
CA LEU A 271 3.89 -23.74 -8.91
C LEU A 271 3.62 -22.24 -8.64
N HIS A 272 2.91 -21.99 -7.54
CA HIS A 272 2.63 -20.62 -7.05
C HIS A 272 3.80 -20.29 -6.16
N LEU A 273 3.97 -19.02 -5.78
CA LEU A 273 5.17 -18.59 -5.06
C LEU A 273 4.83 -18.04 -3.67
N LEU A 274 5.56 -18.50 -2.66
CA LEU A 274 5.45 -17.95 -1.31
C LEU A 274 6.81 -17.48 -0.86
N PHE A 275 6.96 -16.16 -0.74
CA PHE A 275 8.22 -15.60 -0.32
C PHE A 275 8.24 -15.47 1.19
N THR A 276 9.05 -16.31 1.84
CA THR A 276 9.20 -16.17 3.26
C THR A 276 9.97 -14.89 3.60
N PRO A 277 9.91 -14.46 4.85
CA PRO A 277 10.46 -13.14 5.18
C PRO A 277 11.96 -13.15 5.01
N GLY A 278 12.45 -12.12 4.31
CA GLY A 278 13.87 -12.00 4.04
C GLY A 278 14.07 -11.06 2.87
N VAL A 279 15.31 -11.00 2.42
CA VAL A 279 15.71 -10.08 1.35
C VAL A 279 16.32 -10.85 0.17
N TYR A 280 15.72 -10.70 -1.00
CA TYR A 280 16.06 -11.45 -2.19
C TYR A 280 16.73 -10.56 -3.27
N HIS A 281 18.02 -10.76 -3.48
CA HIS A 281 18.69 -10.07 -4.59
C HIS A 281 18.44 -10.93 -5.83
N VAL A 282 18.20 -10.30 -6.98
CA VAL A 282 18.05 -11.03 -8.27
C VAL A 282 18.84 -10.37 -9.41
N ASP A 283 19.28 -11.18 -10.38
CA ASP A 283 20.13 -10.76 -11.50
C ASP A 283 19.36 -10.70 -12.81
N GLN A 284 18.14 -11.18 -12.76
CA GLN A 284 17.31 -11.16 -13.92
C GLN A 284 15.89 -11.04 -13.35
N PRO A 285 14.95 -10.57 -14.16
CA PRO A 285 13.62 -10.34 -13.59
C PRO A 285 12.95 -11.65 -13.17
N ILE A 286 12.20 -11.60 -12.09
CA ILE A 286 11.21 -12.60 -11.82
C ILE A 286 10.12 -12.40 -12.88
N GLU A 287 9.60 -13.52 -13.39
CA GLU A 287 8.72 -13.51 -14.56
C GLU A 287 7.53 -14.41 -14.24
N ILE A 288 6.33 -13.85 -14.21
CA ILE A 288 5.14 -14.64 -13.98
C ILE A 288 4.33 -14.60 -15.26
N ASP A 289 4.27 -15.74 -15.94
CA ASP A 289 3.58 -15.89 -17.21
C ASP A 289 2.60 -17.10 -17.25
N ARG A 290 2.19 -17.55 -16.06
CA ARG A 290 1.09 -18.51 -15.95
C ARG A 290 -0.15 -17.82 -15.35
N ALA A 291 -1.27 -17.93 -16.06
CA ALA A 291 -2.49 -17.40 -15.55
C ALA A 291 -2.73 -17.97 -14.15
N ASN A 292 -3.30 -17.15 -13.27
CA ASN A 292 -3.67 -17.55 -11.91
C ASN A 292 -2.55 -17.77 -10.90
N THR A 293 -1.34 -17.38 -11.24
CA THR A 293 -0.23 -17.51 -10.32
C THR A 293 -0.43 -16.56 -9.14
N VAL A 294 -0.39 -17.09 -7.92
CA VAL A 294 -0.36 -16.31 -6.68
C VAL A 294 1.08 -16.19 -6.25
N ALA A 295 1.50 -14.94 -6.02
CA ALA A 295 2.82 -14.64 -5.49
C ALA A 295 2.66 -13.81 -4.20
N LEU A 296 2.56 -14.53 -3.09
CA LEU A 296 2.34 -13.97 -1.77
C LEU A 296 3.65 -13.80 -1.03
N GLY A 297 3.86 -12.64 -0.44
CA GLY A 297 4.97 -12.41 0.46
C GLY A 297 4.57 -12.41 1.93
N LEU A 298 5.47 -12.88 2.77
CA LEU A 298 5.29 -12.85 4.23
C LEU A 298 6.43 -12.01 4.88
N GLY A 299 6.12 -11.37 5.99
CA GLY A 299 7.15 -10.68 6.76
C GLY A 299 7.88 -9.56 6.02
N LEU A 300 7.13 -8.82 5.20
CA LEU A 300 7.65 -7.79 4.31
C LEU A 300 8.84 -8.30 3.46
N ALA A 301 8.71 -9.53 2.98
CA ALA A 301 9.63 -10.09 1.99
C ALA A 301 9.94 -9.05 0.90
N THR A 302 11.23 -8.98 0.61
CA THR A 302 11.78 -7.95 -0.24
C THR A 302 12.53 -8.52 -1.45
N ILE A 303 12.43 -7.81 -2.58
CA ILE A 303 13.10 -8.16 -3.82
C ILE A 303 13.95 -6.97 -4.27
N ILE A 304 15.26 -7.18 -4.39
CA ILE A 304 16.19 -6.14 -4.85
C ILE A 304 16.80 -6.56 -6.20
N PRO A 305 16.48 -5.82 -7.28
CA PRO A 305 17.09 -6.10 -8.58
C PRO A 305 18.50 -5.51 -8.68
N ASP A 306 19.49 -6.38 -8.79
CA ASP A 306 20.88 -5.99 -9.14
C ASP A 306 21.11 -5.71 -10.65
N ASN A 307 22.26 -5.09 -10.99
CA ASN A 307 22.69 -4.94 -12.39
C ASN A 307 21.71 -4.16 -13.28
N GLY A 308 20.82 -3.39 -12.65
CA GLY A 308 19.86 -2.56 -13.36
C GLY A 308 18.68 -3.29 -13.98
N VAL A 309 18.50 -4.56 -13.62
CA VAL A 309 17.37 -5.29 -14.17
C VAL A 309 16.04 -4.89 -13.54
N THR A 310 14.97 -5.32 -14.20
CA THR A 310 13.64 -5.17 -13.66
C THR A 310 13.43 -6.29 -12.63
N ALA A 311 12.81 -5.99 -11.49
CA ALA A 311 12.58 -6.98 -10.45
C ALA A 311 11.51 -8.03 -10.80
N LEU A 312 10.41 -7.56 -11.40
CA LEU A 312 9.22 -8.35 -11.49
C LEU A 312 8.49 -7.98 -12.76
N LYS A 313 8.26 -8.97 -13.63
CA LYS A 313 7.50 -8.79 -14.85
C LYS A 313 6.37 -9.84 -14.91
N VAL A 314 5.14 -9.38 -14.93
CA VAL A 314 3.96 -10.25 -15.14
C VAL A 314 3.57 -10.21 -16.61
N GLY A 315 3.27 -11.38 -17.16
CA GLY A 315 3.01 -11.49 -18.58
C GLY A 315 1.54 -11.11 -18.81
N ASP A 316 1.09 -11.32 -20.04
CA ASP A 316 -0.25 -10.89 -20.42
C ASP A 316 -1.31 -11.95 -20.13
N VAL A 317 -1.65 -12.14 -18.85
CA VAL A 317 -2.50 -13.26 -18.45
C VAL A 317 -3.44 -13.01 -17.26
N ASP A 318 -4.64 -13.53 -17.42
CA ASP A 318 -5.66 -13.56 -16.39
C ASP A 318 -5.17 -14.05 -15.01
N GLY A 319 -5.58 -13.32 -13.97
CA GLY A 319 -5.65 -13.89 -12.64
C GLY A 319 -4.40 -13.91 -11.74
N VAL A 320 -3.33 -13.19 -12.10
CA VAL A 320 -2.10 -13.19 -11.27
C VAL A 320 -2.32 -12.31 -10.07
N LYS A 321 -1.98 -12.80 -8.88
CA LYS A 321 -2.25 -12.10 -7.61
C LYS A 321 -0.91 -11.96 -6.91
N VAL A 322 -0.37 -10.74 -7.03
CA VAL A 322 0.89 -10.37 -6.41
C VAL A 322 0.54 -9.62 -5.15
N ALA A 323 1.13 -10.07 -4.04
CA ALA A 323 0.82 -9.45 -2.75
C ALA A 323 1.89 -9.55 -1.68
N GLY A 324 2.05 -8.46 -0.94
CA GLY A 324 2.82 -8.44 0.26
C GLY A 324 4.32 -8.47 0.03
N LEU A 325 4.81 -7.63 -0.91
CA LEU A 325 6.20 -7.59 -1.25
C LEU A 325 6.70 -6.14 -1.36
N LEU A 326 7.93 -5.93 -0.87
CA LEU A 326 8.64 -4.69 -1.07
C LEU A 326 9.63 -4.93 -2.21
N VAL A 327 9.59 -4.07 -3.23
CA VAL A 327 10.61 -4.01 -4.28
C VAL A 327 11.56 -2.83 -3.93
N ASP A 328 12.85 -3.10 -3.73
CA ASP A 328 13.79 -2.13 -3.17
C ASP A 328 14.85 -1.89 -4.25
N ALA A 329 14.97 -0.65 -4.74
CA ALA A 329 15.84 -0.42 -5.88
C ALA A 329 17.31 -0.67 -5.53
N GLY A 330 18.05 -1.24 -6.48
CA GLY A 330 19.50 -1.30 -6.38
C GLY A 330 20.13 0.06 -6.71
N PRO A 331 21.40 0.26 -6.30
CA PRO A 331 22.08 1.50 -6.64
C PRO A 331 22.44 1.64 -8.14
N VAL A 332 22.41 0.55 -8.89
CA VAL A 332 22.49 0.60 -10.36
C VAL A 332 21.09 0.84 -10.92
N ASN A 333 20.97 1.90 -11.74
CA ASN A 333 19.65 2.29 -12.21
C ASN A 333 18.94 1.16 -12.94
N SER A 334 17.68 0.93 -12.56
CA SER A 334 16.81 0.06 -13.34
C SER A 334 15.85 0.84 -14.21
N GLU A 335 15.72 0.49 -15.49
CA GLU A 335 14.78 1.24 -16.33
C GLU A 335 13.34 1.10 -15.78
N THR A 336 13.03 -0.07 -15.27
CA THR A 336 11.79 -0.28 -14.54
C THR A 336 12.01 -1.21 -13.34
N LEU A 337 11.16 -1.12 -12.33
CA LEU A 337 11.17 -2.07 -11.25
C LEU A 337 10.11 -3.17 -11.35
N VAL A 338 8.90 -2.79 -11.77
CA VAL A 338 7.79 -3.69 -11.86
C VAL A 338 7.02 -3.37 -13.13
N GLU A 339 6.83 -4.39 -13.98
CA GLU A 339 5.98 -4.27 -15.16
C GLU A 339 4.85 -5.29 -15.09
N VAL A 340 3.63 -4.81 -15.33
CA VAL A 340 2.45 -5.64 -15.36
C VAL A 340 1.91 -5.66 -16.78
N GLY A 341 2.12 -6.79 -17.47
CA GLY A 341 1.92 -6.88 -18.92
C GLY A 341 3.08 -6.27 -19.72
N SER A 342 3.23 -6.68 -20.97
CA SER A 342 4.27 -6.08 -21.82
C SER A 342 3.80 -4.76 -22.50
N ASP A 343 4.71 -3.99 -23.10
CA ASP A 343 4.28 -2.70 -23.71
C ASP A 343 3.55 -3.02 -25.00
N GLY A 344 2.34 -2.48 -25.17
CA GLY A 344 1.49 -2.87 -26.31
C GLY A 344 0.30 -3.77 -25.92
N ALA A 345 0.42 -4.40 -24.75
CA ALA A 345 -0.61 -5.30 -24.21
C ALA A 345 -2.04 -4.85 -24.49
N SER A 346 -2.73 -5.56 -25.38
CA SER A 346 -4.09 -5.13 -25.76
C SER A 346 -5.23 -6.11 -25.53
N GLY A 347 -5.00 -7.16 -24.77
CA GLY A 347 -6.12 -8.05 -24.45
C GLY A 347 -6.78 -7.63 -23.15
N ASP A 348 -8.03 -8.07 -22.92
CA ASP A 348 -8.73 -7.87 -21.64
C ASP A 348 -8.26 -8.79 -20.52
N HIS A 349 -8.73 -8.49 -19.30
CA HIS A 349 -8.62 -9.41 -18.16
C HIS A 349 -9.75 -9.15 -17.20
N ALA A 350 -10.94 -8.89 -17.76
CA ALA A 350 -12.05 -8.38 -17.01
C ALA A 350 -12.67 -9.35 -15.99
N ALA A 351 -12.83 -10.62 -16.36
CA ALA A 351 -13.38 -11.59 -15.42
C ALA A 351 -12.35 -12.20 -14.43
N ASN A 352 -11.09 -11.86 -14.59
CA ASN A 352 -10.07 -12.52 -13.80
C ASN A 352 -8.87 -11.65 -13.96
N PRO A 353 -8.96 -10.45 -13.38
CA PRO A 353 -7.89 -9.47 -13.58
C PRO A 353 -6.61 -9.86 -12.83
N THR A 354 -5.50 -9.23 -13.22
CA THR A 354 -4.27 -9.29 -12.44
C THR A 354 -4.25 -8.16 -11.41
N SER A 355 -3.96 -8.52 -10.16
CA SER A 355 -3.90 -7.54 -9.06
C SER A 355 -2.53 -7.42 -8.42
N LEU A 356 -2.25 -6.20 -7.95
CA LEU A 356 -1.17 -5.86 -7.06
C LEU A 356 -1.80 -5.45 -5.76
N GLN A 357 -1.39 -6.06 -4.66
CA GLN A 357 -1.89 -5.71 -3.34
C GLN A 357 -0.79 -5.66 -2.33
N ASP A 358 -0.74 -4.57 -1.55
CA ASP A 358 0.34 -4.39 -0.59
C ASP A 358 1.66 -4.66 -1.28
N VAL A 359 1.84 -4.04 -2.44
CA VAL A 359 3.10 -4.05 -3.13
C VAL A 359 3.66 -2.66 -2.91
N PHE A 360 4.85 -2.62 -2.32
CA PHE A 360 5.51 -1.36 -1.99
C PHE A 360 6.83 -1.28 -2.75
N VAL A 361 7.18 -0.07 -3.15
CA VAL A 361 8.42 0.16 -3.84
C VAL A 361 9.20 1.25 -3.08
N ARG A 362 10.51 1.03 -2.89
CA ARG A 362 11.38 2.01 -2.26
C ARG A 362 12.58 2.31 -3.17
N ILE A 363 12.97 3.57 -3.26
CA ILE A 363 14.19 3.93 -3.97
C ILE A 363 15.07 4.79 -3.10
N GLY A 364 16.16 4.20 -2.62
CA GLY A 364 17.02 4.86 -1.64
C GLY A 364 16.58 4.59 -0.20
N GLY A 365 17.33 5.15 0.74
CA GLY A 365 16.97 5.11 2.14
C GLY A 365 17.79 4.08 2.94
N ALA A 366 17.99 2.89 2.38
CA ALA A 366 18.89 1.91 2.97
C ALA A 366 20.15 1.75 2.12
N GLY A 367 20.69 2.89 1.68
CA GLY A 367 21.71 2.94 0.65
C GLY A 367 21.23 3.49 -0.68
N PRO A 368 22.19 3.94 -1.52
CA PRO A 368 21.75 4.56 -2.78
C PRO A 368 20.95 3.57 -3.62
N GLY A 369 19.88 4.07 -4.22
CA GLY A 369 19.05 3.28 -5.12
C GLY A 369 18.46 4.20 -6.17
N LYS A 370 18.25 3.65 -7.37
CA LYS A 370 17.85 4.40 -8.53
C LYS A 370 17.01 3.58 -9.45
N ALA A 371 15.96 4.18 -9.98
CA ALA A 371 15.16 3.57 -11.02
C ALA A 371 14.41 4.65 -11.81
N THR A 372 14.22 4.44 -13.12
CA THR A 372 13.61 5.47 -13.97
C THR A 372 12.10 5.55 -13.80
N THR A 373 11.41 4.39 -13.94
CA THR A 373 9.97 4.33 -13.82
C THR A 373 9.64 3.11 -12.94
N SER A 374 9.04 3.32 -11.77
CA SER A 374 8.97 2.25 -10.79
C SER A 374 8.00 1.13 -11.21
N ILE A 375 6.73 1.49 -11.39
CA ILE A 375 5.69 0.54 -11.83
C ILE A 375 5.09 1.02 -13.15
N VAL A 376 5.19 0.16 -14.16
CA VAL A 376 4.45 0.34 -15.40
C VAL A 376 3.33 -0.68 -15.44
N VAL A 377 2.09 -0.22 -15.56
CA VAL A 377 0.93 -1.09 -15.63
C VAL A 377 0.36 -1.01 -17.04
N ASN A 378 0.65 -2.05 -17.83
CA ASN A 378 0.18 -2.15 -19.21
C ASN A 378 -1.07 -2.97 -19.42
N SER A 379 -1.23 -4.02 -18.62
CA SER A 379 -2.42 -4.89 -18.73
C SER A 379 -3.74 -4.16 -18.48
N ASN A 380 -4.68 -4.40 -19.37
CA ASN A 380 -6.05 -3.91 -19.18
C ASN A 380 -6.68 -4.59 -17.94
N ASP A 381 -7.57 -3.86 -17.28
CA ASP A 381 -8.36 -4.37 -16.15
C ASP A 381 -7.60 -4.65 -14.85
N THR A 382 -6.35 -4.28 -14.81
CA THR A 382 -5.52 -4.48 -13.65
C THR A 382 -6.10 -3.75 -12.40
N ILE A 383 -6.09 -4.41 -11.25
CA ILE A 383 -6.40 -3.81 -9.95
C ILE A 383 -5.08 -3.47 -9.21
N ILE A 384 -4.94 -2.22 -8.79
CA ILE A 384 -3.88 -1.84 -7.86
C ILE A 384 -4.55 -1.49 -6.53
N ASP A 385 -4.56 -2.42 -5.58
CA ASP A 385 -5.26 -2.27 -4.31
C ASP A 385 -4.25 -2.20 -3.11
N HIS A 386 -3.86 -0.97 -2.79
CA HIS A 386 -2.85 -0.62 -1.78
C HIS A 386 -1.41 -0.76 -2.29
N THR A 387 -0.85 0.38 -2.64
CA THR A 387 0.54 0.45 -3.05
C THR A 387 1.14 1.72 -2.49
N TRP A 388 2.40 1.64 -2.04
CA TRP A 388 3.18 2.83 -1.70
C TRP A 388 4.43 2.74 -2.54
N VAL A 389 4.57 3.72 -3.41
CA VAL A 389 5.68 3.80 -4.35
C VAL A 389 6.41 5.06 -3.90
N TRP A 390 7.61 4.89 -3.33
CA TRP A 390 8.27 5.89 -2.48
C TRP A 390 9.75 6.07 -2.85
N ARG A 391 10.03 7.20 -3.49
CA ARG A 391 11.41 7.67 -3.61
C ARG A 391 11.76 8.18 -2.19
N ALA A 392 12.84 7.67 -1.62
CA ALA A 392 13.17 7.97 -0.24
C ALA A 392 13.49 9.45 0.00
N ASP A 393 12.95 10.00 1.09
CA ASP A 393 13.20 11.39 1.50
C ASP A 393 14.16 11.47 2.66
N HIS A 394 14.53 10.32 3.24
CA HIS A 394 15.47 10.34 4.37
C HIS A 394 16.15 8.99 4.37
N GLY A 395 17.34 8.98 4.93
CA GLY A 395 18.07 7.76 5.18
C GLY A 395 19.44 7.93 4.53
N GLU A 396 20.06 6.81 4.17
CA GLU A 396 21.33 6.83 3.49
C GLU A 396 21.14 6.60 1.98
N GLY A 397 21.81 7.43 1.18
CA GLY A 397 21.69 7.37 -0.27
C GLY A 397 20.53 8.18 -0.82
N VAL A 398 20.34 9.38 -0.29
CA VAL A 398 19.14 10.15 -0.61
C VAL A 398 19.58 11.48 -1.19
N GLY A 399 18.80 12.07 -2.09
CA GLY A 399 19.21 13.31 -2.74
C GLY A 399 18.91 13.34 -4.22
N TRP A 400 18.79 14.58 -4.72
CA TRP A 400 18.32 14.90 -6.06
C TRP A 400 18.94 14.01 -7.17
N GLU A 401 20.22 13.72 -7.05
CA GLU A 401 20.88 12.80 -7.99
C GLU A 401 21.07 11.40 -7.37
N THR A 402 21.47 11.36 -6.10
CA THR A 402 21.91 10.09 -5.52
C THR A 402 20.83 9.02 -5.47
N ASN A 403 19.58 9.40 -5.21
CA ASN A 403 18.43 8.52 -5.48
C ASN A 403 17.39 9.08 -6.47
N ARG A 404 17.86 9.66 -7.57
CA ARG A 404 16.97 10.04 -8.67
C ARG A 404 16.08 8.86 -9.05
N ALA A 405 14.81 9.19 -9.21
CA ALA A 405 13.80 8.35 -9.77
C ALA A 405 12.73 9.29 -10.34
N ASP A 406 12.66 9.37 -11.66
CA ASP A 406 11.78 10.33 -12.26
C ASP A 406 10.32 10.09 -12.15
N TYR A 407 9.91 8.83 -12.35
CA TYR A 407 8.51 8.50 -12.62
C TYR A 407 8.11 7.35 -11.72
N GLY A 408 7.04 7.58 -10.98
CA GLY A 408 6.57 6.62 -10.01
C GLY A 408 5.78 5.50 -10.63
N VAL A 409 4.51 5.80 -10.95
CA VAL A 409 3.62 4.85 -11.58
C VAL A 409 3.19 5.38 -12.94
N HIS A 410 3.14 4.48 -13.93
CA HIS A 410 2.67 4.84 -15.25
C HIS A 410 1.66 3.80 -15.69
N VAL A 411 0.40 4.21 -15.77
CA VAL A 411 -0.64 3.28 -16.17
C VAL A 411 -0.97 3.47 -17.63
N LYS A 412 -0.78 2.40 -18.40
CA LYS A 412 -1.14 2.42 -19.81
C LYS A 412 -2.31 1.53 -20.20
N GLY A 413 -2.52 0.42 -19.49
CA GLY A 413 -3.70 -0.38 -19.70
C GLY A 413 -5.00 0.40 -19.51
N ASP A 414 -6.06 -0.10 -20.12
CA ASP A 414 -7.38 0.48 -20.01
C ASP A 414 -8.12 -0.19 -18.87
N ASN A 415 -9.16 0.49 -18.39
CA ASN A 415 -9.99 0.05 -17.25
C ASN A 415 -9.21 -0.38 -16.01
N VAL A 416 -8.11 0.31 -15.72
CA VAL A 416 -7.35 -0.02 -14.52
C VAL A 416 -7.96 0.71 -13.35
N LEU A 417 -8.02 0.03 -12.21
CA LEU A 417 -8.56 0.58 -10.96
C LEU A 417 -7.46 0.56 -9.90
N ALA A 418 -7.26 1.73 -9.30
CA ALA A 418 -6.34 1.91 -8.17
C ALA A 418 -7.19 2.29 -6.96
N THR A 419 -7.12 1.48 -5.91
CA THR A 419 -7.77 1.75 -4.63
C THR A 419 -6.71 1.81 -3.51
N GLY A 420 -6.52 3.01 -2.96
CA GLY A 420 -5.47 3.23 -1.96
C GLY A 420 -4.10 3.44 -2.60
N LEU A 421 -3.98 4.51 -3.40
CA LEU A 421 -2.76 4.80 -4.17
C LEU A 421 -1.91 5.84 -3.42
N PHE A 422 -0.72 5.44 -3.00
CA PHE A 422 0.19 6.34 -2.30
C PHE A 422 1.52 6.40 -3.09
N VAL A 423 1.87 7.57 -3.64
CA VAL A 423 3.10 7.72 -4.40
C VAL A 423 3.76 9.07 -4.10
N GLU A 424 5.06 9.04 -3.80
CA GLU A 424 5.75 10.23 -3.24
C GLU A 424 7.22 10.42 -3.67
N HIS A 425 7.52 11.68 -3.96
CA HIS A 425 8.85 12.28 -4.01
C HIS A 425 9.62 12.13 -5.35
N PHE A 426 8.97 11.70 -6.43
CA PHE A 426 9.67 11.48 -7.70
C PHE A 426 10.20 12.77 -8.32
N ASN A 427 11.28 12.67 -9.10
CA ASN A 427 11.87 13.89 -9.64
C ASN A 427 10.97 14.53 -10.70
N LYS A 428 10.14 13.72 -11.36
CA LYS A 428 9.21 14.19 -12.36
C LYS A 428 7.77 13.73 -11.97
N TYR A 429 6.94 13.25 -12.90
CA TYR A 429 5.56 12.88 -12.56
C TYR A 429 5.49 11.67 -11.65
N ASP A 430 4.85 11.84 -10.49
CA ASP A 430 4.72 10.72 -9.57
C ASP A 430 3.82 9.62 -10.20
N VAL A 431 2.70 10.07 -10.75
CA VAL A 431 1.76 9.26 -11.47
C VAL A 431 1.35 9.87 -12.81
N GLN A 432 1.44 9.06 -13.87
CA GLN A 432 0.94 9.41 -15.18
C GLN A 432 -0.07 8.34 -15.63
N TRP A 433 -1.19 8.76 -16.23
CA TRP A 433 -2.21 7.86 -16.71
C TRP A 433 -2.39 8.03 -18.21
N SER A 434 -1.97 6.99 -18.92
CA SER A 434 -1.98 6.90 -20.38
C SER A 434 -3.21 6.24 -20.94
N GLY A 435 -3.73 5.26 -20.20
CA GLY A 435 -4.85 4.44 -20.66
C GLY A 435 -6.21 5.09 -20.45
N GLU A 436 -7.22 4.36 -20.90
CA GLU A 436 -8.58 4.83 -20.98
C GLU A 436 -9.35 4.30 -19.77
N ASN A 437 -10.38 5.05 -19.39
CA ASN A 437 -11.29 4.65 -18.33
C ASN A 437 -10.66 4.29 -16.97
N GLY A 438 -9.49 4.84 -16.68
CA GLY A 438 -8.88 4.67 -15.38
C GLY A 438 -9.78 5.20 -14.26
N LYS A 439 -9.71 4.54 -13.11
CA LYS A 439 -10.37 4.94 -11.88
C LYS A 439 -9.36 4.93 -10.72
N THR A 440 -9.25 6.03 -9.97
CA THR A 440 -8.48 6.08 -8.73
C THR A 440 -9.40 6.50 -7.57
N ILE A 441 -9.55 5.63 -6.57
CA ILE A 441 -10.21 5.94 -5.30
C ILE A 441 -9.15 6.03 -4.21
N PHE A 442 -8.90 7.28 -3.80
CA PHE A 442 -7.90 7.67 -2.83
C PHE A 442 -6.50 7.76 -3.42
N TYR A 443 -5.95 8.96 -3.34
CA TYR A 443 -4.57 9.24 -3.72
C TYR A 443 -3.90 10.15 -2.68
N GLN A 444 -2.71 9.74 -2.27
CA GLN A 444 -1.90 10.55 -1.41
C GLN A 444 -0.53 10.69 -2.06
N ASN A 445 -0.10 11.95 -2.25
CA ASN A 445 1.18 12.28 -2.79
C ASN A 445 1.86 13.35 -1.95
N ALA A 446 3.18 13.25 -1.83
CA ALA A 446 4.00 14.41 -1.47
C ALA A 446 5.04 14.58 -2.57
N LYS A 447 5.36 15.83 -2.92
CA LYS A 447 6.31 16.13 -3.96
C LYS A 447 7.73 15.97 -3.42
N ALA A 448 8.69 15.92 -4.33
CA ALA A 448 10.09 15.80 -3.96
C ALA A 448 10.44 16.98 -3.08
N TYR A 449 11.09 16.70 -1.96
CA TYR A 449 11.48 17.73 -0.99
C TYR A 449 12.79 18.42 -1.34
N ASP A 450 13.64 17.65 -2.01
CA ASP A 450 15.04 17.98 -2.17
C ASP A 450 15.32 18.65 -3.54
N ALA A 451 14.26 19.06 -4.25
CA ALA A 451 14.41 19.87 -5.45
C ALA A 451 15.13 21.19 -5.04
N PRO A 452 16.23 21.56 -5.72
CA PRO A 452 17.23 22.60 -5.42
C PRO A 452 16.91 23.99 -5.97
N ASP A 453 16.19 24.02 -7.08
CA ASP A 453 15.68 25.27 -7.64
C ASP A 453 14.58 25.06 -8.68
N GLN A 454 13.95 26.15 -9.09
CA GLN A 454 12.90 26.09 -10.08
C GLN A 454 13.40 25.51 -11.44
N ALA A 455 14.61 25.88 -11.84
CA ALA A 455 15.10 25.48 -13.16
C ALA A 455 15.05 23.95 -13.24
N ALA A 456 15.41 23.30 -12.15
CA ALA A 456 15.42 21.83 -12.15
C ALA A 456 14.06 21.12 -12.26
N ILE A 457 12.94 21.81 -12.03
CA ILE A 457 11.63 21.13 -12.14
C ILE A 457 10.79 21.69 -13.25
N GLN A 458 11.37 22.63 -13.97
CA GLN A 458 10.67 23.34 -15.01
C GLN A 458 10.33 22.36 -16.11
N ASN A 459 9.10 22.43 -16.60
CA ASN A 459 8.62 21.39 -17.46
C ASN A 459 7.85 21.97 -18.64
N GLY A 460 8.60 22.33 -19.69
CA GLY A 460 8.04 23.24 -20.68
C GLY A 460 7.72 24.51 -19.93
N ASP A 461 6.51 25.05 -20.13
CA ASP A 461 6.00 26.18 -19.36
C ASP A 461 5.01 25.74 -18.28
N ILE A 462 5.29 24.62 -17.65
CA ILE A 462 4.64 24.28 -16.44
C ILE A 462 5.75 24.30 -15.39
N LYS A 463 5.51 24.98 -14.27
CA LYS A 463 6.40 24.91 -13.13
C LYS A 463 6.08 23.63 -12.35
N GLY A 464 7.07 22.77 -12.24
CA GLY A 464 6.89 21.52 -11.55
C GLY A 464 6.23 20.49 -12.45
N TYR A 465 6.22 19.24 -11.96
CA TYR A 465 5.53 18.11 -12.56
C TYR A 465 4.36 17.67 -11.71
N ALA A 466 3.18 17.55 -12.35
CA ALA A 466 1.99 17.07 -11.66
C ALA A 466 2.30 15.82 -10.83
N ALA A 467 1.69 15.78 -9.66
CA ALA A 467 1.68 14.56 -8.87
C ALA A 467 0.89 13.46 -9.59
N TYR A 468 -0.09 13.90 -10.37
CA TYR A 468 -1.01 13.00 -11.08
C TYR A 468 -1.45 13.64 -12.36
N LYS A 469 -1.04 13.02 -13.49
CA LYS A 469 -1.08 13.54 -14.85
C LYS A 469 -1.83 12.59 -15.79
N VAL A 470 -3.00 13.02 -16.23
CA VAL A 470 -3.79 12.31 -17.25
C VAL A 470 -3.48 12.96 -18.63
N ASP A 471 -2.91 12.18 -19.53
CA ASP A 471 -2.47 12.71 -20.82
C ASP A 471 -3.67 13.33 -21.56
N ASP A 472 -3.37 14.24 -22.47
CA ASP A 472 -4.44 14.97 -23.11
C ASP A 472 -5.31 14.09 -24.03
N SER A 473 -4.79 12.95 -24.46
CA SER A 473 -5.57 12.09 -25.35
C SER A 473 -6.41 11.08 -24.56
N VAL A 474 -6.43 11.16 -23.24
CA VAL A 474 -7.40 10.33 -22.52
C VAL A 474 -8.81 10.84 -22.89
N THR A 475 -9.76 9.92 -23.11
CA THR A 475 -11.20 10.24 -23.27
C THR A 475 -11.92 10.31 -21.94
N THR A 476 -11.70 9.26 -21.16
CA THR A 476 -12.44 9.00 -19.92
C THR A 476 -11.45 8.65 -18.79
N HIS A 477 -11.67 9.30 -17.62
CA HIS A 477 -10.93 9.04 -16.39
C HIS A 477 -11.80 9.50 -15.23
N GLU A 478 -11.73 8.85 -14.06
CA GLU A 478 -12.40 9.38 -12.86
C GLU A 478 -11.50 9.17 -11.63
N GLY A 479 -11.29 10.24 -10.85
CA GLY A 479 -10.64 10.11 -9.56
C GLY A 479 -11.40 10.74 -8.40
N TRP A 480 -11.38 10.05 -7.25
CA TRP A 480 -12.03 10.49 -6.03
C TRP A 480 -11.02 10.58 -4.89
N GLY A 481 -10.97 11.72 -4.21
CA GLY A 481 -10.36 11.81 -2.89
C GLY A 481 -8.83 11.80 -2.98
N MET A 482 -8.30 12.87 -3.57
CA MET A 482 -6.90 12.90 -3.97
C MET A 482 -6.24 14.15 -3.41
N GLY A 483 -5.03 13.97 -2.90
CA GLY A 483 -4.27 15.08 -2.36
C GLY A 483 -2.80 15.01 -2.68
N SER A 484 -2.21 16.19 -2.91
CA SER A 484 -0.79 16.33 -3.14
C SER A 484 -0.26 17.42 -2.20
N TYR A 485 0.83 17.12 -1.51
CA TYR A 485 1.43 18.07 -0.57
C TYR A 485 2.87 18.40 -0.97
N CYS A 486 3.38 19.58 -0.62
CA CYS A 486 4.78 19.93 -0.86
C CYS A 486 5.51 20.32 0.40
N TYR A 487 6.79 19.92 0.48
CA TYR A 487 7.70 20.32 1.54
C TYR A 487 9.05 20.52 0.86
N PHE A 488 9.19 21.64 0.17
CA PHE A 488 10.44 21.92 -0.52
C PHE A 488 11.45 22.53 0.46
N ASN A 489 12.12 21.69 1.25
CA ASN A 489 13.03 22.23 2.28
C ASN A 489 14.32 22.73 1.71
N VAL A 490 14.86 22.06 0.69
CA VAL A 490 16.12 22.49 0.13
C VAL A 490 15.92 23.90 -0.46
N ASN A 491 14.74 24.18 -1.01
CA ASN A 491 14.45 25.51 -1.55
C ASN A 491 12.97 25.92 -1.50
N PRO A 492 12.58 26.58 -0.42
CA PRO A 492 11.20 27.04 -0.23
C PRO A 492 10.70 28.12 -1.19
N ASP A 493 11.56 28.76 -1.96
CA ASP A 493 11.11 29.72 -2.94
C ASP A 493 10.44 29.06 -4.17
N ILE A 494 10.47 27.73 -4.23
CA ILE A 494 9.92 27.00 -5.36
C ILE A 494 8.42 27.13 -5.38
N ARG A 495 7.89 27.17 -6.60
CA ARG A 495 6.44 27.08 -6.84
C ARG A 495 6.14 25.84 -7.64
N GLN A 496 5.13 25.10 -7.18
CA GLN A 496 4.61 23.95 -7.90
C GLN A 496 3.29 24.39 -8.54
N GLN A 497 3.19 24.37 -9.86
CA GLN A 497 2.02 24.92 -10.52
C GLN A 497 0.68 24.27 -10.06
N HIS A 498 0.73 22.95 -9.91
CA HIS A 498 -0.47 22.24 -9.52
C HIS A 498 -0.17 20.82 -9.04
N GLY A 499 -1.14 20.25 -8.31
CA GLY A 499 -1.17 18.85 -7.94
C GLY A 499 -1.50 17.89 -9.08
N PHE A 500 -2.40 18.33 -9.95
CA PHE A 500 -3.04 17.49 -10.95
C PHE A 500 -3.01 18.22 -12.29
N GLN A 501 -2.98 17.43 -13.38
CA GLN A 501 -3.06 17.95 -14.74
C GLN A 501 -3.88 16.98 -15.63
N ALA A 502 -4.80 17.50 -16.46
CA ALA A 502 -5.67 16.66 -17.32
C ALA A 502 -6.37 17.51 -18.40
N PRO A 503 -6.75 16.89 -19.53
CA PRO A 503 -7.55 17.66 -20.49
C PRO A 503 -8.89 17.98 -19.89
N VAL A 504 -9.53 19.05 -20.37
CA VAL A 504 -10.89 19.38 -20.01
C VAL A 504 -11.87 18.72 -21.00
N LYS A 505 -12.46 17.60 -20.56
CA LYS A 505 -13.33 16.75 -21.40
C LYS A 505 -14.46 16.21 -20.52
N PRO A 506 -15.64 15.98 -21.11
CA PRO A 506 -16.69 15.57 -20.16
C PRO A 506 -16.50 14.18 -19.59
N GLY A 507 -15.71 13.34 -20.26
CA GLY A 507 -15.46 11.99 -19.76
C GLY A 507 -14.36 11.92 -18.70
N VAL A 508 -13.67 13.03 -18.47
CA VAL A 508 -12.56 13.08 -17.46
C VAL A 508 -12.99 13.90 -16.24
N LYS A 509 -13.17 13.26 -15.08
CA LYS A 509 -13.78 13.94 -13.93
C LYS A 509 -13.08 13.65 -12.62
N PHE A 510 -12.98 14.66 -11.75
CA PHE A 510 -12.43 14.48 -10.41
C PHE A 510 -13.38 15.00 -9.33
N HIS A 511 -13.28 14.33 -8.20
CA HIS A 511 -14.01 14.65 -7.01
C HIS A 511 -13.04 14.80 -5.86
N ASP A 512 -13.13 15.93 -5.17
CA ASP A 512 -12.50 16.12 -3.87
C ASP A 512 -10.97 16.06 -4.01
N LEU A 513 -10.42 17.08 -4.65
CA LEU A 513 -8.99 17.28 -4.81
C LEU A 513 -8.51 18.35 -3.86
N LEU A 514 -7.30 18.17 -3.37
CA LEU A 514 -6.66 19.19 -2.53
C LEU A 514 -5.16 19.20 -2.71
N VAL A 515 -4.57 20.38 -2.51
CA VAL A 515 -3.15 20.50 -2.40
C VAL A 515 -2.85 21.29 -1.13
N VAL A 516 -1.70 21.02 -0.55
CA VAL A 516 -1.34 21.58 0.74
C VAL A 516 0.19 21.79 0.81
N SER A 517 0.61 23.01 1.09
CA SER A 517 2.00 23.27 1.43
C SER A 517 2.18 23.01 2.91
N LEU A 518 3.14 22.17 3.25
CA LEU A 518 3.44 21.85 4.62
C LEU A 518 4.19 23.01 5.29
N GLY A 519 3.43 23.91 5.91
CA GLY A 519 3.98 25.05 6.62
C GLY A 519 4.93 25.98 5.86
N GLY A 520 4.63 26.22 4.61
CA GLY A 520 5.27 27.31 3.88
C GLY A 520 6.52 26.97 3.10
N LYS A 521 6.88 25.69 3.05
CA LYS A 521 8.04 25.29 2.28
C LYS A 521 7.61 25.02 0.84
N GLY A 522 7.70 26.07 0.03
CA GLY A 522 7.17 26.06 -1.31
C GLY A 522 5.66 26.30 -1.24
N GLN A 523 5.07 26.60 -2.38
CA GLN A 523 3.63 26.75 -2.49
C GLN A 523 3.13 26.19 -3.83
N TYR A 524 1.86 25.83 -3.86
CA TYR A 524 1.18 25.51 -5.08
C TYR A 524 0.58 26.78 -5.67
N GLU A 525 0.70 26.93 -6.97
CA GLU A 525 0.08 28.06 -7.67
C GLU A 525 -1.43 27.81 -7.84
N HIS A 526 -1.80 26.53 -7.87
CA HIS A 526 -3.14 26.07 -8.25
C HIS A 526 -3.32 24.58 -7.84
N VAL A 527 -4.54 24.09 -7.98
CA VAL A 527 -4.88 22.70 -7.61
C VAL A 527 -4.76 21.70 -8.80
N ILE A 528 -5.50 22.02 -9.88
CA ILE A 528 -5.53 21.23 -11.12
C ILE A 528 -5.43 22.13 -12.33
N ASN A 529 -4.53 21.80 -13.26
CA ASN A 529 -4.24 22.67 -14.39
C ASN A 529 -4.07 24.08 -13.84
N ASP A 530 -5.09 24.92 -14.03
CA ASP A 530 -5.03 26.30 -13.60
C ASP A 530 -6.22 26.75 -12.80
N ILE A 531 -6.90 25.78 -12.23
CA ILE A 531 -8.07 26.00 -11.45
C ILE A 531 -7.71 25.77 -9.97
N GLY A 532 -8.45 26.39 -9.07
CA GLY A 532 -8.11 26.28 -7.66
C GLY A 532 -7.17 27.36 -7.22
N ASP A 533 -7.39 27.77 -5.97
CA ASP A 533 -6.59 28.80 -5.32
C ASP A 533 -5.19 28.28 -5.12
N PRO A 534 -4.20 29.18 -5.19
CA PRO A 534 -2.87 28.80 -4.68
C PRO A 534 -2.86 28.57 -3.18
N THR A 535 -1.85 27.86 -2.67
CA THR A 535 -1.69 27.77 -1.24
C THR A 535 -1.04 29.08 -0.85
N SER A 536 -1.20 29.42 0.42
CA SER A 536 -0.59 30.63 0.98
C SER A 536 -0.36 30.49 2.50
N GLY A 537 0.34 31.45 3.09
CA GLY A 537 0.64 31.39 4.50
C GLY A 537 1.64 30.28 4.79
N ASP A 538 1.81 30.04 6.07
CA ASP A 538 2.67 28.96 6.54
C ASP A 538 1.86 28.07 7.49
N THR A 539 0.54 28.08 7.31
CA THR A 539 -0.39 27.48 8.26
C THR A 539 -0.94 26.09 7.82
N THR A 540 -0.49 25.61 6.67
CA THR A 540 -0.84 24.26 6.22
C THR A 540 -2.33 24.06 6.06
N ILE A 541 -2.97 25.06 5.47
CA ILE A 541 -4.40 24.97 5.14
C ILE A 541 -4.58 24.57 3.65
N PRO A 542 -5.45 23.57 3.38
CA PRO A 542 -5.51 23.09 2.01
C PRO A 542 -6.26 24.01 1.06
N SER A 543 -5.89 23.97 -0.21
CA SER A 543 -6.75 24.52 -1.25
C SER A 543 -7.38 23.33 -1.99
N GLN A 544 -8.68 23.46 -2.28
CA GLN A 544 -9.57 22.37 -2.68
C GLN A 544 -10.31 22.67 -3.98
N VAL A 545 -10.51 21.63 -4.77
CA VAL A 545 -11.53 21.57 -5.82
C VAL A 545 -12.49 20.47 -5.35
N VAL A 546 -13.81 20.77 -5.35
CA VAL A 546 -14.81 19.77 -5.05
C VAL A 546 -15.09 18.91 -6.29
N SER A 547 -15.38 19.57 -7.40
CA SER A 547 -15.66 18.85 -8.64
C SER A 547 -14.89 19.48 -9.75
N PHE A 548 -14.35 18.62 -10.58
CA PHE A 548 -13.69 19.05 -11.77
C PHE A 548 -14.07 18.10 -12.90
N PRO A 549 -14.42 18.65 -14.05
CA PRO A 549 -14.42 20.07 -14.37
C PRO A 549 -15.67 20.72 -13.79
C2 BGC B . -2.19 17.40 12.43
C3 BGC B . -1.56 18.42 11.60
C4 BGC B . -2.51 19.49 11.18
C5 BGC B . -3.31 20.05 12.39
C6 BGC B . -4.25 20.93 12.02
C1 BGC B . -3.10 17.93 13.45
O1 BGC B . -3.86 16.98 14.13
O2 BGC B . -1.18 16.66 13.18
O3 BGC B . -0.86 17.83 10.40
O4 BGC B . -1.92 20.57 10.45
O5 BGC B . -4.04 18.83 12.85
O6 BGC B . -5.27 21.17 12.92
C2 BGC B . 1.19 17.26 9.31
C3 BGC B . 2.56 17.56 9.10
C4 BGC B . 2.81 19.03 9.02
C5 BGC B . 2.32 19.68 10.34
C6 BGC B . 2.57 21.02 10.44
C1 BGC B . 0.55 18.03 10.39
O2 BGC B . 0.97 15.83 9.60
O3 BGC B . 2.93 16.87 7.83
O4 BGC B . 4.17 19.34 8.86
O5 BGC B . 0.83 19.43 10.25
O6 BGC B . 1.75 21.79 11.27
C2 BGC B . 4.23 15.12 6.79
C3 BGC B . 5.52 14.59 6.50
C4 BGC B . 6.49 15.65 6.24
C5 BGC B . 6.56 16.61 7.50
C6 BGC B . 7.48 17.60 7.46
C1 BGC B . 4.20 16.28 7.78
O2 BGC B . 3.41 14.11 7.42
O3 BGC B . 5.38 13.69 5.30
O4 BGC B . 7.77 15.23 5.86
O5 BGC B . 5.20 17.26 7.45
O6 BGC B . 7.36 18.57 8.48
C2 BGC B . 5.90 11.69 4.13
C3 BGC B . 6.75 10.52 4.05
C4 BGC B . 8.11 10.79 4.60
C5 BGC B . 8.17 11.44 6.01
C6 BGC B . 9.39 12.01 6.30
C1 BGC B . 5.82 12.36 5.45
O2 BGC B . 4.53 11.42 3.65
O3 BGC B . 6.96 10.15 2.62
O4 BGC B . 8.98 9.69 4.63
O5 BGC B . 7.10 12.53 6.05
O6 BGC B . 9.48 12.44 7.60
C2 BGC C . -0.84 0.72 23.70
C3 BGC C . -2.28 0.58 24.20
C4 BGC C . -2.62 -0.67 25.02
C5 BGC C . -1.48 -0.96 25.99
C6 BGC C . -1.80 -2.21 26.81
C1 BGC C . 0.22 0.11 24.65
O2 BGC C . -0.62 2.12 23.40
O3 BGC C . -3.13 0.75 23.10
O4 BGC C . -3.81 -0.52 25.81
O5 BGC C . -0.27 -1.09 25.27
O6 BGC C . -1.12 -2.16 28.06
C1 EDO D . 16.80 -4.29 2.38
O1 EDO D . 15.66 -4.29 1.53
C2 EDO D . 16.81 -3.01 3.21
O2 EDO D . 15.83 -2.98 4.25
H11 EDO D . 17.72 -4.35 1.80
H12 EDO D . 16.77 -5.16 3.05
HO1 EDO D . 15.92 -4.71 0.69
H21 EDO D . 16.68 -2.15 2.55
H22 EDO D . 17.80 -2.91 3.68
HO2 EDO D . 16.00 -2.22 4.81
C1 EDO E . 9.44 17.70 -9.00
O1 EDO E . 8.70 16.51 -9.27
C2 EDO E . 8.54 18.78 -8.42
O2 EDO E . 7.61 19.16 -9.43
H11 EDO E . 9.89 18.07 -9.92
H12 EDO E . 10.25 17.47 -8.30
HO1 EDO E . 9.24 15.91 -9.79
H21 EDO E . 9.15 19.63 -8.12
H22 EDO E . 8.02 18.40 -7.54
HO2 EDO E . 6.98 19.78 -9.06
C1 EDO F . 14.06 -3.72 -19.15
O1 EDO F . 13.63 -4.98 -18.60
C2 EDO F . 12.88 -2.73 -19.20
O2 EDO F . 11.74 -3.20 -19.96
H11 EDO F . 14.45 -3.87 -20.16
H12 EDO F . 14.86 -3.30 -18.53
HO1 EDO F . 14.40 -5.49 -18.32
H21 EDO F . 13.23 -1.79 -19.64
H22 EDO F . 12.55 -2.50 -18.18
HO2 EDO F . 11.07 -2.50 -20.00
N GLU A 1 12.21 -30.06 -12.21
CA GLU A 1 13.22 -29.76 -11.21
C GLU A 1 12.66 -29.50 -9.74
N VAL A 2 11.53 -28.80 -9.56
CA VAL A 2 11.28 -28.02 -8.30
C VAL A 2 10.10 -28.43 -7.37
N VAL A 3 10.25 -28.23 -6.06
CA VAL A 3 9.46 -29.02 -5.10
C VAL A 3 8.60 -28.20 -4.13
N GLY A 4 7.31 -28.31 -4.32
CA GLY A 4 6.38 -27.60 -3.48
C GLY A 4 6.53 -27.77 -1.96
N GLY A 5 6.06 -26.74 -1.22
CA GLY A 5 5.92 -26.68 0.22
C GLY A 5 7.13 -26.90 1.15
N GLY A 6 7.07 -27.98 1.91
CA GLY A 6 8.10 -28.22 2.89
C GLY A 6 7.93 -27.30 4.11
N ASP A 7 8.98 -26.58 4.42
CA ASP A 7 9.15 -25.93 5.69
C ASP A 7 9.06 -24.40 5.53
N LEU A 8 8.36 -23.72 6.42
CA LEU A 8 8.23 -22.25 6.26
C LEU A 8 9.45 -21.46 6.68
N GLY A 9 10.28 -22.10 7.47
CA GLY A 9 11.55 -21.50 7.86
C GLY A 9 11.51 -20.66 9.12
N PRO A 10 12.68 -20.37 9.64
CA PRO A 10 12.76 -19.87 11.01
C PRO A 10 12.47 -18.36 11.20
N ASN A 11 12.08 -17.63 10.15
CA ASN A 11 11.61 -16.26 10.33
C ASN A 11 10.11 -16.10 10.31
N VAL A 12 9.42 -17.22 10.14
CA VAL A 12 7.99 -17.30 10.32
C VAL A 12 7.82 -18.03 11.66
N LEU A 13 7.36 -17.31 12.67
CA LEU A 13 7.17 -17.85 14.02
C LEU A 13 5.71 -18.15 14.18
N VAL A 14 5.40 -19.42 14.47
CA VAL A 14 4.05 -19.85 14.63
C VAL A 14 3.86 -20.13 16.13
N PHE A 15 2.82 -19.52 16.69
CA PHE A 15 2.50 -19.65 18.10
C PHE A 15 1.13 -20.35 18.16
N ASP A 16 0.91 -21.13 19.23
CA ASP A 16 -0.47 -21.48 19.63
C ASP A 16 -0.71 -21.03 21.09
N PRO A 17 -1.93 -21.25 21.63
CA PRO A 17 -2.27 -20.88 23.03
C PRO A 17 -1.55 -21.64 24.13
N SER A 18 -0.87 -22.73 23.81
CA SER A 18 -0.01 -23.43 24.78
C SER A 18 1.46 -23.18 24.50
N THR A 19 1.76 -22.40 23.47
CA THR A 19 3.14 -21.99 23.23
C THR A 19 3.60 -21.16 24.43
N PRO A 20 4.74 -21.53 25.05
CA PRO A 20 5.16 -20.75 26.23
C PRO A 20 5.84 -19.43 25.89
N ASP A 21 5.96 -18.61 26.91
CA ASP A 21 6.33 -17.19 26.80
C ASP A 21 6.12 -16.45 25.46
N ILE A 22 4.89 -16.56 24.95
CA ILE A 22 4.38 -15.71 23.86
C ILE A 22 4.75 -14.23 23.93
N GLN A 23 4.30 -13.58 24.99
CA GLN A 23 4.60 -12.15 25.15
C GLN A 23 6.11 -11.94 25.06
N GLY A 24 6.84 -12.82 25.73
CA GLY A 24 8.31 -12.74 25.76
C GLY A 24 8.85 -12.57 24.37
N LYS A 25 8.47 -13.52 23.52
CA LYS A 25 8.96 -13.61 22.18
C LYS A 25 8.61 -12.31 21.44
N VAL A 26 7.32 -12.01 21.29
CA VAL A 26 6.89 -10.81 20.56
C VAL A 26 7.61 -9.51 21.02
N ASP A 27 7.76 -9.32 22.34
CA ASP A 27 8.61 -8.22 22.81
C ASP A 27 10.06 -8.43 22.40
N GLU A 28 10.57 -9.67 22.53
CA GLU A 28 11.90 -10.04 22.04
C GLU A 28 11.98 -9.50 20.56
N VAL A 29 11.05 -9.92 19.69
CA VAL A 29 11.03 -9.45 18.27
C VAL A 29 10.84 -7.91 18.18
N PHE A 30 10.17 -7.32 19.16
CA PHE A 30 9.87 -5.87 19.10
C PHE A 30 11.10 -5.01 19.41
N ARG A 31 11.90 -5.44 20.38
CA ARG A 31 13.20 -4.78 20.55
C ARG A 31 13.97 -5.02 19.25
N LYS A 32 13.93 -6.21 18.70
CA LYS A 32 14.67 -6.49 17.45
C LYS A 32 14.26 -5.37 16.39
N GLN A 33 12.96 -5.14 16.21
CA GLN A 33 12.48 -4.26 15.15
C GLN A 33 11.92 -2.87 15.44
N GLU A 34 12.04 -2.39 16.68
CA GLU A 34 11.45 -1.10 17.06
C GLU A 34 11.90 0.06 16.16
N SER A 35 13.19 0.27 16.15
CA SER A 35 13.81 1.47 15.62
C SER A 35 14.45 1.18 14.26
N ASN A 36 14.26 -0.05 13.78
CA ASN A 36 15.01 -0.60 12.66
C ASN A 36 14.43 -0.32 11.27
N GLN A 37 14.48 0.92 10.87
CA GLN A 37 13.70 1.39 9.73
C GLN A 37 14.30 0.83 8.44
N PHE A 38 15.63 0.67 8.43
CA PHE A 38 16.31 0.33 7.21
C PHE A 38 17.14 -0.94 7.30
N GLY A 39 17.06 -1.64 8.45
CA GLY A 39 17.71 -2.93 8.57
C GLY A 39 17.22 -3.96 7.62
N THR A 40 17.83 -5.13 7.67
CA THR A 40 17.51 -6.20 6.75
C THR A 40 16.73 -7.35 7.41
N ASP A 41 16.57 -7.37 8.73
CA ASP A 41 15.76 -8.41 9.37
C ASP A 41 14.28 -8.31 8.92
N ARG A 42 13.60 -9.45 8.85
CA ARG A 42 12.23 -9.56 8.40
C ARG A 42 11.53 -10.64 9.26
N TYR A 43 10.31 -10.37 9.75
CA TYR A 43 9.57 -11.34 10.54
C TYR A 43 8.10 -11.45 10.22
N ALA A 44 7.62 -12.70 10.17
CA ALA A 44 6.20 -12.95 10.29
C ALA A 44 5.91 -13.57 11.63
N LEU A 45 4.93 -13.00 12.34
CA LEU A 45 4.31 -13.61 13.52
C LEU A 45 2.99 -14.22 13.08
N MET A 46 2.88 -15.53 13.28
CA MET A 46 1.73 -16.26 12.77
C MET A 46 1.03 -16.99 13.94
N PHE A 47 -0.27 -16.74 14.12
CA PHE A 47 -1.02 -17.34 15.23
C PHE A 47 -2.05 -18.40 14.81
N LYS A 48 -1.92 -19.60 15.35
CA LYS A 48 -2.94 -20.64 15.12
C LYS A 48 -4.27 -20.14 15.72
N PRO A 49 -5.39 -20.70 15.25
CA PRO A 49 -6.64 -20.32 15.92
C PRO A 49 -6.59 -20.70 17.39
N GLY A 50 -7.55 -20.12 18.10
CA GLY A 50 -7.60 -20.23 19.54
C GLY A 50 -7.75 -18.86 20.17
N THR A 51 -7.74 -18.86 21.49
CA THR A 51 -7.92 -17.62 22.25
C THR A 51 -6.63 -17.36 23.02
N TYR A 52 -6.16 -16.12 22.94
CA TYR A 52 -4.94 -15.65 23.58
C TYR A 52 -5.19 -14.53 24.58
N ASN A 53 -4.98 -14.83 25.85
CA ASN A 53 -5.12 -13.86 26.90
C ASN A 53 -3.83 -13.12 27.15
N ASP A 54 -3.93 -11.98 27.83
CA ASP A 54 -2.76 -11.23 28.29
C ASP A 54 -1.72 -11.12 27.18
N ILE A 55 -2.16 -10.51 26.08
CA ILE A 55 -1.33 -10.44 24.89
C ILE A 55 -1.38 -9.00 24.37
N ASN A 56 -0.21 -8.43 24.18
CA ASN A 56 -0.11 -7.14 23.50
C ASN A 56 0.98 -7.26 22.43
N ALA A 57 0.55 -7.40 21.18
CA ALA A 57 1.48 -7.57 20.07
C ALA A 57 1.93 -6.18 19.59
N GLN A 58 3.10 -5.79 20.06
CA GLN A 58 3.71 -4.52 19.66
C GLN A 58 4.50 -4.69 18.36
N ILE A 59 4.08 -4.00 17.32
CA ILE A 59 4.54 -4.31 15.95
C ILE A 59 5.50 -3.26 15.43
N GLY A 60 6.70 -3.70 15.10
CA GLY A 60 7.77 -2.83 14.64
C GLY A 60 8.00 -2.89 13.15
N PHE A 61 9.16 -2.40 12.70
CA PHE A 61 9.47 -2.43 11.27
C PHE A 61 9.61 -3.86 10.72
N TYR A 62 9.04 -4.08 9.53
CA TYR A 62 9.20 -5.32 8.75
C TYR A 62 8.66 -6.51 9.53
N THR A 63 7.54 -6.28 10.19
CA THR A 63 6.87 -7.27 11.01
C THR A 63 5.42 -7.38 10.55
N SER A 64 5.08 -8.64 10.29
CA SER A 64 3.84 -9.18 9.74
C SER A 64 3.16 -9.88 10.94
N ILE A 65 1.87 -9.63 11.21
CA ILE A 65 1.15 -10.41 12.22
C ILE A 65 -0.21 -10.83 11.66
N ALA A 66 -0.53 -12.09 11.85
CA ALA A 66 -1.64 -12.72 11.18
C ALA A 66 -2.19 -13.94 11.94
N GLY A 67 -3.53 -14.11 11.87
CA GLY A 67 -4.20 -15.33 12.27
C GLY A 67 -4.33 -16.30 11.11
N LEU A 68 -4.66 -17.56 11.43
CA LEU A 68 -4.67 -18.65 10.46
C LEU A 68 -5.99 -19.44 10.39
N GLY A 69 -7.10 -18.79 10.72
CA GLY A 69 -8.40 -19.33 10.41
C GLY A 69 -8.97 -18.89 9.10
N LEU A 70 -10.07 -19.49 8.72
CA LEU A 70 -10.71 -19.08 7.50
C LEU A 70 -11.35 -17.72 7.72
N ASN A 71 -11.71 -17.50 8.98
CA ASN A 71 -12.47 -16.37 9.47
C ASN A 71 -11.61 -15.62 10.52
N PRO A 72 -11.65 -14.28 10.56
CA PRO A 72 -10.82 -13.67 11.59
C PRO A 72 -11.21 -14.01 13.05
N ASP A 73 -12.46 -14.33 13.31
CA ASP A 73 -12.88 -14.61 14.70
C ASP A 73 -12.38 -16.00 15.18
N ASP A 74 -11.80 -16.76 14.25
CA ASP A 74 -11.13 -18.03 14.59
C ASP A 74 -9.87 -17.79 15.44
N THR A 75 -9.31 -16.59 15.36
CA THR A 75 -8.08 -16.30 16.07
C THR A 75 -8.22 -15.02 16.90
N THR A 76 -8.49 -15.21 18.18
CA THR A 76 -8.92 -14.11 19.05
C THR A 76 -7.91 -13.70 20.12
N PHE A 77 -7.57 -12.41 20.16
CA PHE A 77 -6.70 -11.86 21.21
C PHE A 77 -7.58 -11.10 22.19
N ASN A 78 -7.57 -11.54 23.44
CA ASN A 78 -8.03 -10.67 24.51
C ASN A 78 -6.83 -9.86 24.86
N GLY A 79 -6.72 -8.73 24.18
CA GLY A 79 -5.49 -7.99 24.09
C GLY A 79 -5.41 -7.24 22.78
N ASP A 80 -4.20 -6.88 22.40
CA ASP A 80 -4.00 -5.84 21.38
C ASP A 80 -2.92 -6.19 20.35
N VAL A 81 -3.11 -5.63 19.16
CA VAL A 81 -2.09 -5.51 18.13
C VAL A 81 -1.83 -3.99 18.00
N THR A 82 -0.68 -3.58 18.46
CA THR A 82 -0.45 -2.21 18.79
C THR A 82 0.75 -1.65 18.01
N VAL A 83 0.54 -0.51 17.36
CA VAL A 83 1.64 0.32 16.86
C VAL A 83 1.49 1.72 17.46
N ASP A 84 2.57 2.19 18.08
CA ASP A 84 2.56 3.53 18.67
C ASP A 84 3.81 4.26 18.15
N ALA A 85 4.33 5.26 18.86
CA ALA A 85 5.39 6.08 18.29
C ALA A 85 6.45 6.66 19.24
N GLY A 86 6.47 6.26 20.52
CA GLY A 86 7.68 6.35 21.32
C GLY A 86 9.08 6.32 20.65
N TRP A 87 9.28 5.51 19.60
CA TRP A 87 10.63 5.28 19.00
C TRP A 87 11.23 6.47 18.27
N PHE A 88 10.36 7.38 17.82
CA PHE A 88 10.70 8.54 16.99
C PHE A 88 9.92 9.66 17.70
N ASP A 89 9.73 9.44 19.00
CA ASP A 89 9.21 10.42 19.96
C ASP A 89 7.79 10.92 19.56
N GLY A 90 6.91 9.93 19.61
CA GLY A 90 5.52 10.07 19.23
C GLY A 90 5.19 10.71 17.90
N ASN A 91 6.14 10.95 17.02
CA ASN A 91 5.81 11.33 15.66
C ASN A 91 5.67 9.99 14.94
N ALA A 92 4.51 9.77 14.33
CA ALA A 92 4.19 8.47 13.70
C ALA A 92 4.49 8.40 12.21
N THR A 93 5.07 9.47 11.67
CA THR A 93 5.23 9.58 10.22
C THR A 93 6.39 8.81 9.57
N GLN A 94 7.08 7.99 10.36
CA GLN A 94 8.02 7.02 9.81
C GLN A 94 7.61 5.57 10.15
N ASN A 95 6.37 5.39 10.61
CA ASN A 95 5.90 4.05 10.98
C ASN A 95 5.40 3.24 9.77
N PHE A 96 6.36 2.65 9.06
CA PHE A 96 6.14 2.01 7.78
C PHE A 96 6.37 0.49 7.84
N TRP A 97 5.98 -0.18 6.76
CA TRP A 97 6.42 -1.54 6.42
C TRP A 97 6.08 -2.58 7.50
N ARG A 98 4.81 -2.68 7.77
CA ARG A 98 4.34 -3.70 8.70
C ARG A 98 2.86 -3.98 8.40
N SER A 99 2.32 -5.03 8.98
CA SER A 99 0.91 -5.37 8.66
C SER A 99 0.25 -6.21 9.72
N ALA A 100 -1.07 -6.14 9.72
CA ALA A 100 -1.91 -7.01 10.56
C ALA A 100 -3.04 -7.55 9.74
N GLU A 101 -3.35 -8.85 9.91
CA GLU A 101 -4.42 -9.45 9.16
C GLU A 101 -5.06 -10.65 9.88
N ASN A 102 -6.36 -10.82 9.68
CA ASN A 102 -7.05 -12.08 9.97
C ASN A 102 -7.04 -12.47 11.45
N LEU A 103 -7.29 -11.46 12.26
CA LEU A 103 -7.40 -11.58 13.71
C LEU A 103 -8.61 -10.84 14.25
N ALA A 104 -9.14 -11.39 15.36
CA ALA A 104 -10.09 -10.68 16.23
C ALA A 104 -9.40 -10.13 17.50
N LEU A 105 -9.67 -8.87 17.82
CA LEU A 105 -9.08 -8.21 18.97
C LEU A 105 -10.15 -7.73 19.91
N ASN A 106 -9.92 -8.01 21.20
CA ASN A 106 -10.79 -7.60 22.29
C ASN A 106 -9.85 -6.75 23.13
N PRO A 107 -9.66 -5.48 22.73
CA PRO A 107 -8.53 -4.69 23.26
C PRO A 107 -8.77 -4.31 24.72
N VAL A 108 -7.75 -4.53 25.55
CA VAL A 108 -7.83 -4.44 27.00
C VAL A 108 -8.60 -3.25 27.58
N ASN A 109 -8.31 -2.03 27.13
CA ASN A 109 -9.02 -0.85 27.67
C ASN A 109 -10.11 -0.40 26.72
N GLY A 110 -10.56 -1.34 25.87
CA GLY A 110 -11.68 -1.11 24.97
C GLY A 110 -11.40 -0.57 23.58
N THR A 111 -10.19 -0.05 23.35
CA THR A 111 -9.82 0.55 22.06
C THR A 111 -8.39 0.18 21.63
N ASN A 112 -8.26 -0.40 20.44
CA ASN A 112 -6.97 -0.83 19.95
C ASN A 112 -6.23 0.37 19.24
N ARG A 113 -4.93 0.51 19.48
CA ARG A 113 -4.15 1.53 18.75
C ARG A 113 -3.31 1.02 17.58
N TRP A 114 -3.68 1.40 16.33
CA TRP A 114 -2.86 1.18 15.12
C TRP A 114 -2.37 2.52 14.49
N ALA A 115 -1.29 3.06 15.03
CA ALA A 115 -0.86 4.41 14.71
C ALA A 115 0.27 4.41 13.70
N VAL A 116 -0.13 4.23 12.46
CA VAL A 116 0.82 3.98 11.41
C VAL A 116 0.79 5.10 10.35
N SER A 117 1.81 5.08 9.50
CA SER A 117 1.79 5.85 8.29
C SER A 117 1.79 4.85 7.10
N GLN A 118 2.51 5.15 6.01
CA GLN A 118 2.38 4.38 4.77
C GLN A 118 2.85 2.91 4.84
N ALA A 119 2.26 2.09 3.99
CA ALA A 119 2.62 0.68 3.83
C ALA A 119 2.44 -0.07 5.17
N ALA A 120 1.28 0.10 5.76
CA ALA A 120 0.98 -0.55 7.03
C ALA A 120 -0.46 -1.08 7.05
N PRO A 121 -0.80 -1.97 6.11
CA PRO A 121 -2.18 -2.46 5.92
C PRO A 121 -2.75 -3.21 7.14
N PHE A 122 -4.06 -3.06 7.27
CA PHE A 122 -4.90 -3.59 8.35
C PHE A 122 -6.06 -4.25 7.59
N ARG A 123 -5.97 -5.56 7.42
CA ARG A 123 -6.91 -6.27 6.54
C ARG A 123 -7.60 -7.42 7.29
N ARG A 124 -8.87 -7.63 6.99
CA ARG A 124 -9.62 -8.78 7.51
C ARG A 124 -9.41 -8.83 9.02
N MET A 125 -9.76 -7.73 9.66
CA MET A 125 -9.66 -7.62 11.11
C MET A 125 -11.06 -7.46 11.71
N HIS A 126 -11.25 -8.04 12.88
CA HIS A 126 -12.42 -7.73 13.70
C HIS A 126 -12.00 -7.12 15.06
N VAL A 127 -12.19 -5.82 15.21
CA VAL A 127 -11.89 -5.15 16.48
C VAL A 127 -13.19 -5.05 17.25
N LYS A 128 -13.24 -5.78 18.34
CA LYS A 128 -14.41 -5.74 19.22
C LYS A 128 -14.24 -4.59 20.22
N GLY A 129 -14.20 -3.36 19.68
CA GLY A 129 -14.17 -2.15 20.47
C GLY A 129 -13.80 -1.07 19.48
N GLY A 130 -13.18 -0.02 19.97
CA GLY A 130 -12.69 1.05 19.12
C GLY A 130 -11.35 0.80 18.47
N LEU A 131 -11.03 1.67 17.52
CA LEU A 131 -9.74 1.64 16.83
C LEU A 131 -9.24 3.10 16.78
N ASN A 132 -8.13 3.33 17.45
CA ASN A 132 -7.42 4.63 17.48
C ASN A 132 -6.30 4.56 16.46
N LEU A 133 -6.24 5.53 15.54
CA LEU A 133 -5.20 5.55 14.50
C LEU A 133 -4.03 6.53 14.77
N ALA A 134 -4.10 7.18 15.92
CA ALA A 134 -3.13 8.19 16.29
C ALA A 134 -2.23 7.73 17.44
N PRO A 135 -0.96 8.19 17.46
CA PRO A 135 -0.02 7.86 18.54
C PRO A 135 -0.39 8.58 19.84
N ASP A 136 0.17 8.12 20.96
CA ASP A 136 -0.05 8.78 22.26
C ASP A 136 0.37 10.28 22.20
N GLY A 137 -0.46 11.23 22.66
CA GLY A 137 -0.16 12.66 22.56
C GLY A 137 -0.22 13.24 21.17
N TYR A 138 -0.97 12.53 20.30
CA TYR A 138 -1.58 13.11 19.09
C TYR A 138 -0.58 13.86 18.23
N GLY A 139 0.57 13.24 18.08
CA GLY A 139 1.56 13.76 17.17
C GLY A 139 1.23 13.36 15.73
N TRP A 140 2.14 13.72 14.85
CA TRP A 140 1.91 13.67 13.44
C TRP A 140 1.78 12.23 12.91
N ALA A 141 0.94 12.07 11.90
CA ALA A 141 0.76 10.75 11.25
C ALA A 141 0.16 10.88 9.84
N SER A 142 0.63 10.01 8.93
CA SER A 142 0.24 10.01 7.54
C SER A 142 -0.09 8.62 6.98
N GLY A 143 -1.12 7.99 7.51
CA GLY A 143 -1.62 6.70 7.02
C GLY A 143 -2.52 6.93 5.83
N GLY A 144 -3.28 5.94 5.39
CA GLY A 144 -3.38 4.64 6.02
C GLY A 144 -4.42 3.83 5.26
N TYR A 145 -4.56 2.55 5.60
CA TYR A 145 -5.32 1.61 4.78
C TYR A 145 -5.95 0.51 5.59
N ILE A 146 -7.28 0.48 5.50
CA ILE A 146 -8.09 -0.57 6.13
C ILE A 146 -9.00 -1.18 5.07
N ALA A 147 -8.99 -2.51 5.00
CA ALA A 147 -9.89 -3.23 4.12
C ALA A 147 -10.47 -4.48 4.75
N ASP A 148 -11.70 -4.77 4.35
CA ASP A 148 -12.32 -6.05 4.70
C ASP A 148 -12.35 -6.27 6.20
N SER A 149 -12.57 -5.16 6.92
CA SER A 149 -12.50 -5.14 8.37
C SER A 149 -13.79 -4.71 9.07
N LYS A 150 -13.96 -5.27 10.26
CA LYS A 150 -15.07 -4.89 11.12
C LYS A 150 -14.56 -4.23 12.37
N ILE A 151 -15.04 -3.03 12.63
CA ILE A 151 -14.70 -2.31 13.86
C ILE A 151 -16.05 -2.07 14.57
N ASP A 152 -16.24 -2.81 15.66
CA ASP A 152 -17.50 -2.76 16.44
C ASP A 152 -17.79 -1.34 16.90
N GLY A 153 -16.78 -0.67 17.42
CA GLY A 153 -16.94 0.67 17.93
C GLY A 153 -16.50 1.72 16.91
N GLU A 154 -16.01 2.84 17.45
CA GLU A 154 -15.60 4.00 16.67
C GLU A 154 -14.15 3.91 16.16
N VAL A 155 -13.93 4.30 14.91
CA VAL A 155 -12.59 4.52 14.41
C VAL A 155 -12.21 6.02 14.59
N GLY A 156 -11.09 6.29 15.27
CA GLY A 156 -10.70 7.65 15.63
C GLY A 156 -9.36 8.03 15.01
N PRO A 157 -9.41 8.82 13.92
CA PRO A 157 -8.15 9.16 13.27
C PRO A 157 -7.37 10.21 14.06
N TYR A 158 -8.09 11.07 14.77
CA TYR A 158 -7.54 12.25 15.46
C TYR A 158 -6.61 13.06 14.50
N SER A 159 -5.29 12.95 14.67
CA SER A 159 -4.33 13.72 13.89
C SER A 159 -3.91 13.09 12.57
N GLN A 160 -4.35 11.87 12.26
CA GLN A 160 -4.12 11.33 10.92
C GLN A 160 -4.51 12.29 9.81
N GLN A 161 -3.56 12.60 8.93
CA GLN A 161 -3.83 13.50 7.83
C GLN A 161 -4.92 13.01 6.88
N GLN A 162 -4.79 11.76 6.49
CA GLN A 162 -5.66 11.18 5.49
C GLN A 162 -5.80 9.68 5.75
N TRP A 163 -6.77 9.07 5.08
CA TRP A 163 -7.04 7.64 5.29
C TRP A 163 -7.93 7.06 4.19
N TYR A 164 -7.68 5.79 3.85
CA TYR A 164 -8.57 5.04 2.98
C TYR A 164 -9.10 3.79 3.66
N THR A 165 -10.42 3.66 3.59
CA THR A 165 -11.12 2.47 4.06
C THR A 165 -12.03 1.92 2.95
N ARG A 166 -11.94 0.61 2.70
CA ARG A 166 -12.84 -0.04 1.75
C ARG A 166 -13.48 -1.33 2.25
N ASP A 167 -14.69 -1.57 1.75
CA ASP A 167 -15.31 -2.88 1.84
C ASP A 167 -15.24 -3.38 3.29
N SER A 168 -15.83 -2.57 4.16
CA SER A 168 -15.69 -2.66 5.61
C SER A 168 -16.91 -2.16 6.36
N SER A 169 -16.95 -2.45 7.67
CA SER A 169 -17.98 -1.91 8.55
C SER A 169 -17.33 -1.22 9.74
N VAL A 170 -17.87 -0.08 10.13
CA VAL A 170 -17.40 0.62 11.30
C VAL A 170 -18.60 1.07 12.19
N GLY A 171 -18.44 0.92 13.50
CA GLY A 171 -19.45 1.37 14.42
C GLY A 171 -19.64 2.88 14.36
N GLY A 172 -18.55 3.58 14.08
CA GLY A 172 -18.52 5.03 14.13
C GLY A 172 -17.23 5.52 13.47
N TRP A 173 -17.21 6.79 13.11
CA TRP A 173 -16.01 7.39 12.54
C TRP A 173 -15.94 8.79 13.10
N GLY A 174 -14.77 9.17 13.58
CA GLY A 174 -14.71 10.23 14.57
C GLY A 174 -14.42 11.61 14.01
N ASN A 175 -13.57 11.67 13.00
CA ASN A 175 -13.17 12.96 12.47
C ASN A 175 -12.43 12.77 11.16
N GLY A 176 -12.33 13.85 10.40
CA GLY A 176 -11.46 13.95 9.26
C GLY A 176 -10.50 15.09 9.52
N VAL A 177 -9.45 15.12 8.69
CA VAL A 177 -8.37 16.08 8.72
C VAL A 177 -8.21 16.77 7.34
N TRP A 178 -7.53 16.13 6.39
CA TRP A 178 -7.44 16.60 5.00
C TRP A 178 -8.21 15.72 3.94
N ASN A 179 -8.04 14.39 4.01
CA ASN A 179 -8.60 13.44 3.03
C ASN A 179 -9.00 12.04 3.65
N MET A 180 -10.21 11.94 4.19
CA MET A 180 -10.77 10.64 4.56
C MET A 180 -11.68 10.13 3.44
N THR A 181 -11.26 9.02 2.79
CA THR A 181 -12.05 8.41 1.73
C THR A 181 -12.56 7.02 2.15
N PHE A 182 -13.80 6.77 1.79
CA PHE A 182 -14.49 5.51 2.04
C PHE A 182 -15.09 4.97 0.73
N SER A 183 -14.91 3.67 0.48
CA SER A 183 -15.74 2.98 -0.52
C SER A 183 -16.28 1.65 0.01
N GLY A 184 -17.59 1.44 -0.13
CA GLY A 184 -18.21 0.22 0.36
C GLY A 184 -18.10 0.01 1.86
N VAL A 185 -18.18 1.09 2.60
CA VAL A 185 -17.99 1.03 4.04
C VAL A 185 -19.30 1.30 4.82
N GLU A 186 -19.82 0.25 5.45
CA GLU A 186 -21.06 0.38 6.25
C GLU A 186 -20.82 1.20 7.50
N GLY A 187 -21.57 2.28 7.65
CA GLY A 187 -21.39 3.18 8.78
C GLY A 187 -20.39 4.29 8.50
N ALA A 188 -19.86 4.38 7.28
CA ALA A 188 -19.05 5.56 6.96
C ALA A 188 -19.89 6.82 7.16
N PRO A 189 -19.26 7.86 7.75
CA PRO A 189 -19.90 9.17 7.88
C PRO A 189 -20.20 9.67 6.46
N ALA A 190 -21.33 10.32 6.28
CA ALA A 190 -21.84 10.67 4.96
C ALA A 190 -20.88 11.56 4.17
N GLN A 191 -20.93 11.43 2.84
CA GLN A 191 -20.15 12.29 1.95
C GLN A 191 -20.39 13.73 2.35
N SER A 192 -19.32 14.53 2.41
CA SER A 192 -19.42 15.90 2.95
C SER A 192 -18.31 16.86 2.49
N PHE A 193 -17.35 16.38 1.70
CA PHE A 193 -16.10 17.13 1.47
C PHE A 193 -16.39 18.58 1.06
N PRO A 194 -15.53 19.54 1.47
CA PRO A 194 -14.36 19.53 2.36
C PRO A 194 -14.66 19.59 3.89
N GLU A 195 -15.89 19.85 4.32
CA GLU A 195 -16.15 20.13 5.74
C GLU A 195 -17.06 19.14 6.45
N PRO A 196 -16.51 18.17 7.21
CA PRO A 196 -15.16 17.60 7.21
C PRO A 196 -14.88 16.98 5.84
N PRO A 197 -13.60 16.75 5.53
CA PRO A 197 -13.23 16.17 4.25
C PRO A 197 -13.48 14.67 4.22
N TYR A 198 -14.74 14.32 4.00
CA TYR A 198 -15.15 12.94 3.88
C TYR A 198 -15.57 12.77 2.42
N THR A 199 -14.92 11.81 1.76
CA THR A 199 -15.25 11.41 0.41
C THR A 199 -15.82 10.00 0.47
N THR A 200 -17.10 9.84 0.13
CA THR A 200 -17.80 8.59 0.47
C THR A 200 -18.56 7.99 -0.68
N LEU A 201 -18.07 6.84 -1.10
CA LEU A 201 -18.67 6.04 -2.17
C LEU A 201 -19.43 4.78 -1.59
N GLU A 202 -20.66 4.60 -2.07
CA GLU A 202 -21.55 3.51 -1.70
C GLU A 202 -20.86 2.16 -1.77
N THR A 203 -20.20 1.96 -2.88
CA THR A 203 -19.52 0.72 -3.18
C THR A 203 -18.18 0.90 -3.86
N THR A 204 -17.36 -0.14 -3.78
CA THR A 204 -16.13 -0.18 -4.57
C THR A 204 -16.44 -0.87 -5.88
N PRO A 205 -16.00 -0.30 -7.00
CA PRO A 205 -16.45 -0.88 -8.28
C PRO A 205 -16.08 -2.36 -8.45
N VAL A 206 -14.83 -2.69 -8.14
CA VAL A 206 -14.40 -4.06 -8.03
C VAL A 206 -13.32 -4.14 -6.94
N SER A 207 -13.34 -5.24 -6.23
CA SER A 207 -12.25 -5.56 -5.34
C SER A 207 -12.12 -7.07 -5.21
N ARG A 208 -10.93 -7.49 -4.79
CA ARG A 208 -10.61 -8.88 -4.62
C ARG A 208 -9.69 -8.98 -3.43
N GLU A 209 -10.18 -9.62 -2.36
CA GLU A 209 -9.46 -9.61 -1.10
C GLU A 209 -8.10 -10.32 -1.25
N LYS A 210 -7.11 -9.83 -0.50
CA LYS A 210 -5.72 -10.33 -0.57
C LYS A 210 -5.65 -11.81 -0.16
N PRO A 211 -4.91 -12.64 -0.94
CA PRO A 211 -4.71 -14.03 -0.52
C PRO A 211 -4.03 -14.14 0.84
N PHE A 212 -4.38 -15.15 1.63
CA PHE A 212 -3.75 -15.35 2.93
C PHE A 212 -3.58 -16.85 3.28
N LEU A 213 -2.52 -17.14 4.00
CA LEU A 213 -2.28 -18.45 4.56
C LEU A 213 -3.35 -18.78 5.65
N TYR A 214 -3.88 -19.99 5.66
CA TYR A 214 -4.74 -20.45 6.76
C TYR A 214 -4.35 -21.90 7.05
N LEU A 215 -4.96 -22.50 8.07
CA LEU A 215 -4.55 -23.83 8.56
C LEU A 215 -5.76 -24.76 8.53
N ASP A 216 -5.65 -25.88 7.82
CA ASP A 216 -6.76 -26.79 7.64
C ASP A 216 -6.30 -28.12 8.20
N GLY A 217 -6.78 -28.43 9.42
CA GLY A 217 -6.23 -29.51 10.23
C GLY A 217 -4.89 -29.00 10.68
N ASP A 218 -3.87 -29.81 10.42
CA ASP A 218 -2.50 -29.29 10.27
C ASP A 218 -2.03 -29.11 8.78
N ASP A 219 -2.92 -29.11 7.76
CA ASP A 219 -2.50 -28.67 6.39
C ASP A 219 -2.38 -27.12 6.38
N TYR A 220 -1.22 -26.55 6.09
CA TYR A 220 -1.21 -25.15 5.58
C TYR A 220 -1.88 -25.07 4.18
N LYS A 221 -2.78 -24.10 4.01
CA LYS A 221 -3.36 -23.75 2.70
C LYS A 221 -3.30 -22.22 2.54
N VAL A 222 -3.25 -21.74 1.29
CA VAL A 222 -3.53 -20.32 1.02
C VAL A 222 -4.98 -20.21 0.53
N PHE A 223 -5.80 -19.42 1.24
CA PHE A 223 -7.14 -19.05 0.77
C PHE A 223 -7.00 -17.89 -0.19
N VAL A 224 -7.31 -18.13 -1.46
CA VAL A 224 -7.44 -17.08 -2.49
C VAL A 224 -8.92 -16.68 -2.62
N PRO A 225 -9.29 -15.51 -2.09
CA PRO A 225 -10.65 -15.00 -2.32
C PRO A 225 -10.90 -14.67 -3.78
N ALA A 226 -12.14 -14.83 -4.21
CA ALA A 226 -12.55 -14.41 -5.53
C ALA A 226 -13.06 -12.95 -5.52
N LYS A 227 -13.10 -12.34 -6.70
CA LYS A 227 -13.42 -10.93 -6.78
C LYS A 227 -14.91 -10.68 -6.49
N ARG A 228 -15.18 -9.58 -5.81
CA ARG A 228 -16.50 -8.96 -5.75
C ARG A 228 -16.65 -7.80 -6.74
N THR A 229 -17.88 -7.50 -7.15
CA THR A 229 -18.16 -6.29 -7.93
C THR A 229 -19.20 -5.38 -7.21
N ASN A 230 -19.10 -4.06 -7.41
CA ASN A 230 -19.83 -3.09 -6.57
C ASN A 230 -19.90 -3.53 -5.10
N ALA A 231 -18.73 -3.69 -4.50
CA ALA A 231 -18.66 -4.32 -3.22
C ALA A 231 -19.04 -3.38 -2.07
N ARG A 232 -19.49 -3.99 -0.99
CA ARG A 232 -19.84 -3.25 0.22
C ARG A 232 -19.82 -4.15 1.42
N GLY A 233 -19.31 -3.62 2.54
CA GLY A 233 -19.20 -4.42 3.76
C GLY A 233 -18.12 -5.49 3.65
N THR A 234 -17.98 -6.31 4.69
CA THR A 234 -16.91 -7.28 4.73
C THR A 234 -17.30 -8.52 3.91
N SER A 235 -16.36 -9.47 3.88
CA SER A 235 -16.50 -10.65 3.06
C SER A 235 -16.78 -11.93 3.85
N TRP A 236 -16.51 -11.95 5.16
CA TRP A 236 -16.25 -13.21 5.88
C TRP A 236 -17.29 -13.74 6.95
N GLY A 237 -18.08 -12.79 7.50
CA GLY A 237 -19.01 -12.90 8.63
C GLY A 237 -20.29 -13.73 8.53
N ASN A 238 -21.20 -13.35 7.66
CA ASN A 238 -22.25 -14.29 7.29
C ASN A 238 -21.67 -15.52 6.55
N GLY A 239 -20.83 -16.31 7.22
CA GLY A 239 -20.22 -17.51 6.70
C GLY A 239 -19.60 -17.67 5.32
N THR A 240 -19.03 -18.88 5.19
CA THR A 240 -18.61 -19.50 3.94
C THR A 240 -17.95 -18.49 2.96
N PRO A 241 -16.65 -18.24 3.14
CA PRO A 241 -16.17 -17.18 2.21
C PRO A 241 -15.91 -17.57 0.73
N GLU A 242 -16.41 -16.73 -0.17
CA GLU A 242 -16.37 -17.12 -1.55
C GLU A 242 -15.00 -17.11 -2.25
N GLY A 243 -14.64 -18.30 -2.77
CA GLY A 243 -13.38 -18.53 -3.45
C GLY A 243 -12.83 -19.93 -3.24
N GLU A 244 -11.55 -20.12 -3.55
CA GLU A 244 -10.87 -21.40 -3.42
C GLU A 244 -9.76 -21.37 -2.35
N SER A 245 -9.41 -22.54 -1.79
CA SER A 245 -8.17 -22.73 -1.02
C SER A 245 -7.16 -23.49 -1.90
N LEU A 246 -5.87 -23.44 -1.52
CA LEU A 246 -4.83 -24.17 -2.21
C LEU A 246 -3.84 -24.78 -1.21
N PRO A 247 -3.29 -25.98 -1.52
CA PRO A 247 -2.30 -26.54 -0.56
C PRO A 247 -0.87 -25.96 -0.65
N LEU A 248 -0.09 -26.12 0.43
CA LEU A 248 1.25 -25.58 0.50
C LEU A 248 2.18 -26.19 -0.53
N ASP A 249 2.02 -27.47 -0.83
CA ASP A 249 2.99 -28.06 -1.73
C ASP A 249 2.69 -27.76 -3.22
N GLN A 250 1.63 -27.02 -3.55
CA GLN A 250 1.55 -26.41 -4.87
C GLN A 250 2.18 -24.99 -4.88
N PHE A 251 2.97 -24.67 -3.86
CA PHE A 251 3.62 -23.38 -3.67
C PHE A 251 5.14 -23.55 -3.56
N TYR A 252 5.94 -22.93 -4.43
CA TYR A 252 7.39 -22.87 -4.19
C TYR A 252 7.61 -21.88 -3.05
N VAL A 253 8.31 -22.36 -2.03
CA VAL A 253 8.49 -21.60 -0.83
C VAL A 253 9.89 -21.06 -0.81
N VAL A 254 9.95 -19.76 -1.07
CA VAL A 254 11.18 -19.07 -1.40
C VAL A 254 11.89 -18.62 -0.14
N LYS A 255 13.17 -18.98 -0.08
CA LYS A 255 14.11 -18.45 0.91
C LYS A 255 15.28 -17.79 0.23
N PRO A 256 15.87 -16.76 0.88
CA PRO A 256 16.85 -15.88 0.24
C PRO A 256 17.99 -16.66 -0.40
N GLY A 257 18.48 -16.22 -1.55
CA GLY A 257 19.57 -16.95 -2.17
C GLY A 257 19.12 -17.95 -3.23
N ALA A 258 17.81 -18.09 -3.41
CA ALA A 258 17.26 -18.91 -4.48
C ALA A 258 17.09 -18.08 -5.76
N THR A 259 18.03 -18.26 -6.69
CA THR A 259 18.20 -17.39 -7.83
C THR A 259 16.86 -17.09 -8.53
N ALA A 260 16.79 -15.96 -9.23
CA ALA A 260 15.61 -15.65 -10.04
C ALA A 260 15.33 -16.83 -10.99
N GLU A 261 16.41 -17.53 -11.32
CA GLU A 261 16.36 -18.76 -12.12
C GLU A 261 15.37 -19.75 -11.54
N THR A 262 15.49 -20.03 -10.24
CA THR A 262 14.75 -21.12 -9.63
C THR A 262 13.30 -20.69 -9.35
N ILE A 263 13.11 -19.42 -9.02
CA ILE A 263 11.76 -18.86 -8.92
C ILE A 263 11.00 -18.94 -10.25
N ASN A 264 11.72 -18.69 -11.35
CA ASN A 264 11.15 -18.62 -12.71
C ASN A 264 10.78 -20.00 -13.25
N ALA A 265 11.64 -20.97 -12.98
CA ALA A 265 11.32 -22.36 -13.24
C ALA A 265 10.15 -22.84 -12.37
N ALA A 266 10.04 -22.33 -11.13
CA ALA A 266 8.96 -22.75 -10.27
C ALA A 266 7.65 -22.38 -10.93
N VAL A 267 7.54 -21.11 -11.35
CA VAL A 267 6.34 -20.67 -12.07
C VAL A 267 6.25 -21.44 -13.37
N ASP A 268 7.42 -21.68 -14.01
CA ASP A 268 7.48 -22.47 -15.24
C ASP A 268 6.85 -23.83 -14.99
N GLN A 269 7.12 -24.46 -13.84
CA GLN A 269 6.56 -25.80 -13.56
C GLN A 269 5.13 -25.91 -13.07
N GLY A 270 4.44 -24.80 -12.86
CA GLY A 270 3.07 -24.88 -12.38
C GLY A 270 2.92 -24.58 -10.90
N LEU A 271 3.98 -24.14 -10.24
CA LEU A 271 3.86 -23.78 -8.83
C LEU A 271 3.56 -22.29 -8.58
N HIS A 272 2.95 -22.04 -7.43
CA HIS A 272 2.70 -20.70 -6.93
C HIS A 272 3.93 -20.34 -6.14
N LEU A 273 4.04 -19.07 -5.73
CA LEU A 273 5.23 -18.58 -5.05
C LEU A 273 4.83 -18.01 -3.70
N LEU A 274 5.55 -18.46 -2.67
CA LEU A 274 5.42 -17.93 -1.32
C LEU A 274 6.77 -17.47 -0.86
N PHE A 275 6.93 -16.15 -0.77
CA PHE A 275 8.19 -15.63 -0.34
C PHE A 275 8.18 -15.54 1.17
N THR A 276 9.00 -16.36 1.81
CA THR A 276 9.19 -16.24 3.24
C THR A 276 9.87 -14.88 3.57
N PRO A 277 9.90 -14.53 4.85
CA PRO A 277 10.46 -13.20 5.10
C PRO A 277 11.94 -13.18 4.88
N GLY A 278 12.42 -12.04 4.39
CA GLY A 278 13.85 -11.86 4.16
C GLY A 278 14.06 -11.02 2.90
N VAL A 279 15.29 -11.03 2.42
CA VAL A 279 15.71 -10.14 1.31
C VAL A 279 16.27 -10.91 0.09
N TYR A 280 15.68 -10.69 -1.08
CA TYR A 280 15.97 -11.48 -2.27
C TYR A 280 16.61 -10.66 -3.42
N HIS A 281 17.94 -10.70 -3.50
CA HIS A 281 18.65 -10.09 -4.63
C HIS A 281 18.46 -10.95 -5.86
N VAL A 282 18.06 -10.33 -6.97
CA VAL A 282 17.91 -11.02 -8.26
C VAL A 282 18.81 -10.39 -9.33
N ASP A 283 19.27 -11.19 -10.30
CA ASP A 283 20.17 -10.71 -11.36
C ASP A 283 19.45 -10.73 -12.72
N GLN A 284 18.16 -11.01 -12.67
CA GLN A 284 17.38 -11.18 -13.85
C GLN A 284 15.95 -11.08 -13.30
N PRO A 285 15.00 -10.58 -14.11
CA PRO A 285 13.65 -10.39 -13.56
C PRO A 285 12.92 -11.68 -13.18
N ILE A 286 12.18 -11.61 -12.09
CA ILE A 286 11.16 -12.60 -11.77
C ILE A 286 9.99 -12.48 -12.78
N GLU A 287 9.60 -13.61 -13.39
CA GLU A 287 8.61 -13.58 -14.46
C GLU A 287 7.39 -14.46 -14.13
N ILE A 288 6.23 -13.84 -14.04
CA ILE A 288 5.01 -14.51 -13.57
C ILE A 288 3.93 -14.42 -14.63
N ASP A 289 3.82 -15.53 -15.36
CA ASP A 289 3.34 -15.51 -16.72
C ASP A 289 2.61 -16.81 -17.01
N ARG A 290 1.87 -17.20 -16.00
CA ARG A 290 0.99 -18.32 -16.07
C ARG A 290 -0.25 -17.81 -15.36
N ALA A 291 -1.38 -17.95 -16.04
CA ALA A 291 -2.59 -17.38 -15.53
C ALA A 291 -2.84 -17.93 -14.12
N ASN A 292 -3.45 -17.08 -13.30
CA ASN A 292 -3.84 -17.40 -11.93
C ASN A 292 -2.71 -17.70 -10.93
N THR A 293 -1.47 -17.40 -11.29
CA THR A 293 -0.35 -17.54 -10.35
C THR A 293 -0.46 -16.56 -9.17
N VAL A 294 -0.27 -17.08 -7.96
CA VAL A 294 -0.24 -16.28 -6.73
C VAL A 294 1.19 -16.16 -6.33
N ALA A 295 1.60 -14.90 -6.11
CA ALA A 295 2.90 -14.57 -5.64
C ALA A 295 2.68 -13.80 -4.34
N LEU A 296 3.11 -14.38 -3.24
CA LEU A 296 2.63 -13.94 -1.93
C LEU A 296 3.84 -13.79 -1.04
N GLY A 297 3.92 -12.64 -0.37
CA GLY A 297 5.02 -12.37 0.54
C GLY A 297 4.60 -12.45 1.98
N LEU A 298 5.51 -12.90 2.81
CA LEU A 298 5.38 -12.79 4.26
C LEU A 298 6.50 -11.91 4.83
N GLY A 299 6.23 -11.33 5.99
CA GLY A 299 7.28 -10.68 6.77
C GLY A 299 7.93 -9.49 6.07
N LEU A 300 7.17 -8.85 5.19
CA LEU A 300 7.66 -7.77 4.32
C LEU A 300 8.84 -8.26 3.45
N ALA A 301 8.72 -9.51 3.02
CA ALA A 301 9.64 -10.09 2.02
C ALA A 301 9.97 -9.06 0.92
N THR A 302 11.26 -8.97 0.66
CA THR A 302 11.81 -7.93 -0.20
C THR A 302 12.61 -8.46 -1.39
N ILE A 303 12.43 -7.81 -2.54
CA ILE A 303 13.11 -8.14 -3.77
C ILE A 303 13.95 -6.94 -4.21
N ILE A 304 15.25 -7.16 -4.38
CA ILE A 304 16.17 -6.13 -4.89
C ILE A 304 16.72 -6.56 -6.26
N PRO A 305 16.50 -5.74 -7.31
CA PRO A 305 17.08 -6.08 -8.61
C PRO A 305 18.49 -5.56 -8.77
N ASP A 306 19.43 -6.46 -9.08
CA ASP A 306 20.83 -6.07 -9.28
C ASP A 306 21.08 -5.74 -10.75
N ASN A 307 22.27 -5.18 -11.06
CA ASN A 307 22.73 -5.06 -12.45
C ASN A 307 21.75 -4.25 -13.36
N GLY A 308 20.85 -3.50 -12.72
CA GLY A 308 19.91 -2.62 -13.43
C GLY A 308 18.74 -3.34 -14.08
N VAL A 309 18.51 -4.59 -13.67
CA VAL A 309 17.36 -5.30 -14.21
C VAL A 309 16.05 -4.87 -13.56
N THR A 310 14.97 -5.27 -14.20
CA THR A 310 13.65 -5.14 -13.63
C THR A 310 13.44 -6.28 -12.61
N ALA A 311 12.78 -6.00 -11.46
CA ALA A 311 12.55 -7.01 -10.44
C ALA A 311 11.46 -8.06 -10.76
N LEU A 312 10.33 -7.58 -11.31
CA LEU A 312 9.15 -8.41 -11.46
C LEU A 312 8.44 -8.01 -12.76
N LYS A 313 8.17 -9.02 -13.59
CA LYS A 313 7.51 -8.86 -14.89
C LYS A 313 6.37 -9.87 -15.01
N VAL A 314 5.14 -9.42 -14.83
CA VAL A 314 3.94 -10.25 -15.12
C VAL A 314 3.60 -10.20 -16.62
N GLY A 315 3.30 -11.37 -17.19
CA GLY A 315 3.05 -11.48 -18.62
C GLY A 315 1.59 -11.15 -18.89
N ASP A 316 1.16 -11.37 -20.12
CA ASP A 316 -0.19 -10.97 -20.52
C ASP A 316 -1.25 -12.06 -20.20
N VAL A 317 -1.64 -12.15 -18.93
CA VAL A 317 -2.51 -13.25 -18.49
C VAL A 317 -3.42 -12.89 -17.35
N ASP A 318 -4.57 -13.56 -17.33
CA ASP A 318 -5.56 -13.38 -16.28
C ASP A 318 -5.00 -13.77 -14.91
N GLY A 319 -5.65 -13.25 -13.88
CA GLY A 319 -5.69 -13.93 -12.62
C GLY A 319 -4.46 -13.88 -11.71
N VAL A 320 -3.38 -13.21 -12.10
CA VAL A 320 -2.19 -13.19 -11.24
C VAL A 320 -2.51 -12.36 -10.00
N LYS A 321 -2.01 -12.79 -8.86
CA LYS A 321 -2.27 -12.12 -7.57
C LYS A 321 -0.92 -12.00 -6.87
N VAL A 322 -0.37 -10.79 -6.99
CA VAL A 322 0.90 -10.44 -6.38
C VAL A 322 0.58 -9.63 -5.16
N ALA A 323 1.16 -10.05 -4.03
CA ALA A 323 0.79 -9.45 -2.74
C ALA A 323 1.87 -9.52 -1.69
N GLY A 324 2.03 -8.41 -0.97
CA GLY A 324 2.79 -8.39 0.24
C GLY A 324 4.29 -8.39 0.00
N LEU A 325 4.76 -7.71 -1.05
CA LEU A 325 6.18 -7.62 -1.39
C LEU A 325 6.67 -6.15 -1.35
N LEU A 326 7.92 -5.97 -0.90
CA LEU A 326 8.64 -4.72 -1.07
C LEU A 326 9.65 -4.92 -2.18
N VAL A 327 9.59 -4.10 -3.21
CA VAL A 327 10.68 -4.03 -4.20
C VAL A 327 11.57 -2.82 -3.91
N ASP A 328 12.86 -3.06 -3.70
CA ASP A 328 13.81 -2.05 -3.23
C ASP A 328 14.88 -1.86 -4.31
N ALA A 329 15.02 -0.65 -4.86
CA ALA A 329 15.90 -0.47 -6.00
C ALA A 329 17.36 -0.66 -5.59
N GLY A 330 18.13 -1.24 -6.51
CA GLY A 330 19.57 -1.29 -6.36
C GLY A 330 20.24 0.04 -6.70
N PRO A 331 21.52 0.20 -6.31
CA PRO A 331 22.32 1.37 -6.62
C PRO A 331 22.64 1.53 -8.12
N VAL A 332 22.41 0.49 -8.92
CA VAL A 332 22.47 0.59 -10.40
C VAL A 332 21.08 0.88 -10.93
N ASN A 333 20.95 1.97 -11.71
CA ASN A 333 19.64 2.36 -12.22
C ASN A 333 18.92 1.23 -12.96
N SER A 334 17.72 0.92 -12.50
CA SER A 334 16.81 0.07 -13.30
C SER A 334 15.85 0.88 -14.16
N GLU A 335 15.77 0.53 -15.44
CA GLU A 335 14.79 1.13 -16.34
C GLU A 335 13.37 1.07 -15.76
N THR A 336 12.98 -0.11 -15.32
CA THR A 336 11.74 -0.29 -14.60
C THR A 336 11.96 -1.21 -13.39
N LEU A 337 11.11 -1.10 -12.37
CA LEU A 337 11.16 -2.02 -11.24
C LEU A 337 10.12 -3.16 -11.30
N VAL A 338 8.89 -2.81 -11.73
CA VAL A 338 7.80 -3.76 -11.82
C VAL A 338 7.02 -3.45 -13.12
N GLU A 339 6.80 -4.47 -13.93
CA GLU A 339 5.97 -4.35 -15.13
C GLU A 339 4.81 -5.33 -15.07
N VAL A 340 3.63 -4.82 -15.39
CA VAL A 340 2.42 -5.61 -15.39
C VAL A 340 1.90 -5.63 -16.83
N GLY A 341 2.09 -6.78 -17.49
CA GLY A 341 1.88 -6.90 -18.93
C GLY A 341 3.02 -6.29 -19.76
N SER A 342 3.00 -6.57 -21.07
CA SER A 342 3.96 -5.99 -21.98
C SER A 342 3.43 -4.70 -22.69
N ASP A 343 4.33 -3.98 -23.36
CA ASP A 343 3.98 -2.78 -24.12
C ASP A 343 3.02 -3.02 -25.25
N GLY A 344 1.96 -2.21 -25.32
CA GLY A 344 0.99 -2.37 -26.39
C GLY A 344 -0.04 -3.51 -26.21
N ALA A 345 0.14 -4.34 -25.18
CA ALA A 345 -0.77 -5.48 -24.96
C ALA A 345 -2.15 -4.88 -25.02
N SER A 346 -3.01 -5.47 -25.87
CA SER A 346 -4.38 -4.95 -26.07
C SER A 346 -5.57 -5.85 -25.69
N GLY A 347 -5.33 -6.97 -25.01
CA GLY A 347 -6.43 -7.85 -24.66
C GLY A 347 -6.92 -7.70 -23.23
N ASP A 348 -8.23 -7.95 -23.07
CA ASP A 348 -8.98 -7.91 -21.80
C ASP A 348 -8.58 -8.87 -20.66
N HIS A 349 -8.83 -8.47 -19.41
CA HIS A 349 -8.80 -9.42 -18.30
C HIS A 349 -9.88 -9.10 -17.31
N ALA A 350 -11.07 -8.81 -17.82
CA ALA A 350 -12.11 -8.26 -16.98
C ALA A 350 -12.73 -9.27 -15.98
N ALA A 351 -12.96 -10.51 -16.40
CA ALA A 351 -13.54 -11.49 -15.47
C ALA A 351 -12.57 -11.93 -14.38
N ASN A 352 -11.27 -11.91 -14.68
CA ASN A 352 -10.26 -12.48 -13.83
C ASN A 352 -9.01 -11.62 -13.97
N PRO A 353 -9.08 -10.42 -13.38
CA PRO A 353 -7.97 -9.48 -13.59
C PRO A 353 -6.69 -9.86 -12.83
N THR A 354 -5.57 -9.26 -13.23
CA THR A 354 -4.36 -9.32 -12.40
C THR A 354 -4.35 -8.18 -11.38
N SER A 355 -3.89 -8.50 -10.17
CA SER A 355 -3.84 -7.49 -9.09
C SER A 355 -2.47 -7.43 -8.44
N LEU A 356 -2.16 -6.21 -7.98
CA LEU A 356 -1.06 -5.92 -7.07
C LEU A 356 -1.70 -5.45 -5.77
N GLN A 357 -1.37 -6.08 -4.65
CA GLN A 357 -1.89 -5.71 -3.35
C GLN A 357 -0.79 -5.64 -2.31
N ASP A 358 -0.72 -4.55 -1.55
CA ASP A 358 0.36 -4.40 -0.57
C ASP A 358 1.69 -4.64 -1.26
N VAL A 359 1.86 -4.03 -2.43
CA VAL A 359 3.11 -4.03 -3.14
C VAL A 359 3.68 -2.65 -2.91
N PHE A 360 4.87 -2.61 -2.33
CA PHE A 360 5.56 -1.37 -2.00
C PHE A 360 6.86 -1.25 -2.78
N VAL A 361 7.21 -0.02 -3.18
CA VAL A 361 8.46 0.22 -3.88
C VAL A 361 9.21 1.27 -3.05
N ARG A 362 10.52 1.05 -2.88
CA ARG A 362 11.41 2.02 -2.24
C ARG A 362 12.58 2.32 -3.19
N ILE A 363 12.92 3.60 -3.33
CA ILE A 363 14.14 3.98 -4.04
C ILE A 363 15.03 4.80 -3.12
N GLY A 364 16.13 4.22 -2.66
CA GLY A 364 17.00 4.86 -1.68
C GLY A 364 16.61 4.61 -0.21
N GLY A 365 17.39 5.16 0.70
CA GLY A 365 17.10 5.15 2.12
C GLY A 365 17.98 4.14 2.91
N ALA A 366 18.15 2.95 2.34
CA ALA A 366 19.05 1.96 2.93
C ALA A 366 20.30 1.84 2.09
N GLY A 367 20.81 2.96 1.59
CA GLY A 367 21.83 2.95 0.56
C GLY A 367 21.31 3.51 -0.75
N PRO A 368 22.20 4.03 -1.58
CA PRO A 368 21.75 4.67 -2.82
C PRO A 368 20.94 3.68 -3.65
N GLY A 369 19.92 4.18 -4.35
CA GLY A 369 19.14 3.34 -5.24
C GLY A 369 18.48 4.24 -6.27
N LYS A 370 18.25 3.71 -7.45
CA LYS A 370 17.72 4.47 -8.55
C LYS A 370 16.96 3.62 -9.53
N ALA A 371 15.89 4.18 -10.06
CA ALA A 371 15.16 3.58 -11.15
C ALA A 371 14.38 4.66 -11.90
N THR A 372 14.11 4.42 -13.20
CA THR A 372 13.49 5.45 -14.05
C THR A 372 11.98 5.53 -13.84
N THR A 373 11.29 4.40 -14.05
CA THR A 373 9.88 4.25 -13.73
C THR A 373 9.73 3.07 -12.79
N SER A 374 9.02 3.25 -11.68
CA SER A 374 8.96 2.20 -10.68
C SER A 374 7.96 1.09 -11.07
N ILE A 375 6.73 1.48 -11.43
CA ILE A 375 5.69 0.55 -11.82
C ILE A 375 5.02 0.98 -13.13
N VAL A 376 5.12 0.12 -14.14
CA VAL A 376 4.39 0.27 -15.40
C VAL A 376 3.22 -0.70 -15.43
N VAL A 377 2.00 -0.19 -15.55
CA VAL A 377 0.78 -1.00 -15.57
C VAL A 377 0.27 -0.98 -17.01
N ASN A 378 0.63 -2.01 -17.75
CA ASN A 378 0.08 -2.21 -19.10
C ASN A 378 -1.20 -3.01 -19.18
N SER A 379 -1.32 -4.04 -18.35
CA SER A 379 -2.43 -4.99 -18.48
C SER A 379 -3.79 -4.31 -18.21
N ASN A 380 -4.63 -4.34 -19.24
CA ASN A 380 -6.00 -3.89 -19.14
C ASN A 380 -6.66 -4.59 -17.95
N ASP A 381 -7.53 -3.85 -17.28
CA ASP A 381 -8.32 -4.35 -16.13
C ASP A 381 -7.56 -4.64 -14.82
N THR A 382 -6.29 -4.31 -14.78
CA THR A 382 -5.47 -4.53 -13.62
C THR A 382 -6.04 -3.78 -12.38
N ILE A 383 -6.02 -4.42 -11.21
CA ILE A 383 -6.42 -3.80 -9.94
C ILE A 383 -5.21 -3.58 -9.01
N ILE A 384 -4.88 -2.32 -8.78
CA ILE A 384 -3.86 -1.90 -7.84
C ILE A 384 -4.52 -1.52 -6.52
N ASP A 385 -4.53 -2.45 -5.56
CA ASP A 385 -5.26 -2.30 -4.29
C ASP A 385 -4.25 -2.23 -3.12
N HIS A 386 -3.89 -0.99 -2.77
CA HIS A 386 -2.86 -0.65 -1.80
C HIS A 386 -1.42 -0.78 -2.31
N THR A 387 -0.85 0.36 -2.65
CA THR A 387 0.56 0.45 -3.03
C THR A 387 1.14 1.72 -2.45
N TRP A 388 2.40 1.65 -2.04
CA TRP A 388 3.20 2.81 -1.65
C TRP A 388 4.44 2.76 -2.51
N VAL A 389 4.58 3.75 -3.36
CA VAL A 389 5.68 3.84 -4.31
C VAL A 389 6.41 5.10 -3.88
N TRP A 390 7.61 4.91 -3.33
CA TRP A 390 8.27 5.92 -2.50
C TRP A 390 9.74 6.13 -2.85
N ARG A 391 10.04 7.26 -3.45
CA ARG A 391 11.42 7.67 -3.60
C ARG A 391 11.81 8.21 -2.21
N ALA A 392 12.85 7.63 -1.63
CA ALA A 392 13.17 7.91 -0.23
C ALA A 392 13.56 9.37 0.02
N ASP A 393 12.93 9.99 1.02
CA ASP A 393 13.23 11.39 1.40
C ASP A 393 14.17 11.48 2.58
N HIS A 394 14.46 10.35 3.25
CA HIS A 394 15.44 10.36 4.35
C HIS A 394 16.14 9.00 4.33
N GLY A 395 17.32 8.98 4.92
CA GLY A 395 18.11 7.78 5.04
C GLY A 395 19.48 8.02 4.42
N GLU A 396 20.29 6.98 4.31
CA GLU A 396 21.46 7.02 3.42
C GLU A 396 21.09 6.68 1.96
N GLY A 397 21.84 7.26 1.03
CA GLY A 397 21.59 7.06 -0.38
C GLY A 397 20.53 8.00 -0.91
N VAL A 398 20.39 9.16 -0.27
CA VAL A 398 19.34 10.12 -0.60
C VAL A 398 19.92 11.43 -1.12
N GLY A 399 19.42 11.91 -2.25
CA GLY A 399 19.97 13.06 -2.94
C GLY A 399 19.23 13.22 -4.27
N TRP A 400 19.11 14.47 -4.72
CA TRP A 400 18.37 14.81 -5.94
C TRP A 400 18.91 13.97 -7.11
N GLU A 401 20.21 13.73 -7.09
CA GLU A 401 20.78 12.79 -8.06
C GLU A 401 21.10 11.38 -7.49
N THR A 402 21.65 11.31 -6.29
CA THR A 402 22.04 10.00 -5.71
C THR A 402 20.89 8.97 -5.66
N ASN A 403 19.65 9.43 -5.45
CA ASN A 403 18.50 8.54 -5.68
C ASN A 403 17.41 9.14 -6.57
N ARG A 404 17.84 9.73 -7.69
CA ARG A 404 16.93 10.15 -8.75
C ARG A 404 16.05 8.95 -9.14
N ALA A 405 14.75 9.22 -9.16
CA ALA A 405 13.74 8.40 -9.76
C ALA A 405 12.73 9.35 -10.38
N ASP A 406 12.75 9.44 -11.71
CA ASP A 406 11.88 10.35 -12.39
C ASP A 406 10.40 10.06 -12.26
N TYR A 407 9.98 8.79 -12.43
CA TYR A 407 8.56 8.43 -12.56
C TYR A 407 8.17 7.34 -11.59
N GLY A 408 7.05 7.55 -10.93
CA GLY A 408 6.54 6.61 -9.95
C GLY A 408 5.77 5.50 -10.62
N VAL A 409 4.56 5.83 -11.04
CA VAL A 409 3.68 4.88 -11.69
C VAL A 409 3.24 5.43 -13.02
N HIS A 410 3.21 4.54 -14.03
CA HIS A 410 2.72 4.89 -15.36
C HIS A 410 1.71 3.83 -15.76
N VAL A 411 0.45 4.22 -15.89
CA VAL A 411 -0.56 3.27 -16.28
C VAL A 411 -0.84 3.48 -17.74
N LYS A 412 -0.41 2.52 -18.56
CA LYS A 412 -0.61 2.55 -20.02
C LYS A 412 -1.84 1.74 -20.46
N GLY A 413 -2.48 1.01 -19.54
CA GLY A 413 -3.55 0.12 -19.90
C GLY A 413 -4.91 0.64 -19.50
N ASP A 414 -5.92 -0.05 -19.99
CA ASP A 414 -7.29 0.38 -19.83
C ASP A 414 -8.12 -0.32 -18.79
N ASN A 415 -9.14 0.39 -18.30
CA ASN A 415 -9.99 -0.06 -17.21
C ASN A 415 -9.22 -0.43 -15.95
N VAL A 416 -8.11 0.27 -15.74
CA VAL A 416 -7.26 0.00 -14.58
C VAL A 416 -7.85 0.72 -13.39
N LEU A 417 -7.93 0.00 -12.27
CA LEU A 417 -8.51 0.52 -11.00
C LEU A 417 -7.42 0.56 -9.92
N ALA A 418 -7.24 1.72 -9.30
CA ALA A 418 -6.33 1.88 -8.18
C ALA A 418 -7.15 2.30 -6.97
N THR A 419 -7.13 1.48 -5.93
CA THR A 419 -7.77 1.76 -4.65
C THR A 419 -6.72 1.83 -3.53
N GLY A 420 -6.49 3.02 -3.00
CA GLY A 420 -5.44 3.24 -2.01
C GLY A 420 -4.08 3.44 -2.62
N LEU A 421 -3.95 4.52 -3.39
CA LEU A 421 -2.74 4.79 -4.16
C LEU A 421 -1.88 5.83 -3.44
N PHE A 422 -0.69 5.42 -2.99
CA PHE A 422 0.23 6.32 -2.30
C PHE A 422 1.55 6.40 -3.09
N VAL A 423 1.90 7.60 -3.58
CA VAL A 423 3.08 7.76 -4.44
C VAL A 423 3.75 9.09 -4.11
N GLU A 424 5.05 9.07 -3.80
CA GLU A 424 5.73 10.26 -3.23
C GLU A 424 7.19 10.46 -3.67
N HIS A 425 7.51 11.73 -3.94
CA HIS A 425 8.86 12.29 -3.99
C HIS A 425 9.62 12.14 -5.32
N PHE A 426 8.93 11.74 -6.38
CA PHE A 426 9.59 11.53 -7.67
C PHE A 426 10.16 12.81 -8.30
N ASN A 427 11.26 12.69 -9.04
CA ASN A 427 11.86 13.89 -9.63
C ASN A 427 10.99 14.53 -10.73
N LYS A 428 10.17 13.71 -11.38
CA LYS A 428 9.20 14.16 -12.38
C LYS A 428 7.77 13.70 -11.95
N TYR A 429 6.98 13.11 -12.85
CA TYR A 429 5.59 12.80 -12.55
C TYR A 429 5.45 11.59 -11.67
N ASP A 430 4.86 11.82 -10.47
CA ASP A 430 4.68 10.71 -9.55
C ASP A 430 3.80 9.63 -10.18
N VAL A 431 2.69 10.09 -10.75
CA VAL A 431 1.75 9.26 -11.48
C VAL A 431 1.39 9.87 -12.85
N GLN A 432 1.51 9.02 -13.88
CA GLN A 432 1.04 9.31 -15.23
C GLN A 432 0.01 8.27 -15.68
N TRP A 433 -1.13 8.73 -16.19
CA TRP A 433 -2.18 7.86 -16.71
C TRP A 433 -2.42 8.16 -18.19
N SER A 434 -2.39 7.11 -19.02
CA SER A 434 -2.62 7.22 -20.46
C SER A 434 -3.56 6.20 -21.07
N GLY A 435 -3.70 5.01 -20.50
CA GLY A 435 -4.84 4.15 -20.89
C GLY A 435 -6.18 4.91 -20.67
N GLU A 436 -7.29 4.21 -20.86
CA GLU A 436 -8.63 4.81 -20.79
C GLU A 436 -9.44 4.26 -19.58
N ASN A 437 -10.64 4.81 -19.40
CA ASN A 437 -11.56 4.52 -18.29
C ASN A 437 -10.89 4.09 -16.97
N GLY A 438 -9.74 4.70 -16.71
CA GLY A 438 -9.04 4.49 -15.47
C GLY A 438 -9.83 5.11 -14.33
N LYS A 439 -9.66 4.54 -13.14
CA LYS A 439 -10.36 4.93 -11.92
C LYS A 439 -9.33 4.95 -10.76
N THR A 440 -9.30 6.04 -9.98
CA THR A 440 -8.52 6.08 -8.75
C THR A 440 -9.42 6.50 -7.58
N ILE A 441 -9.53 5.64 -6.59
CA ILE A 441 -10.19 5.95 -5.32
C ILE A 441 -9.13 6.04 -4.24
N PHE A 442 -8.97 7.27 -3.74
CA PHE A 442 -7.93 7.65 -2.80
C PHE A 442 -6.52 7.72 -3.38
N TYR A 443 -5.95 8.93 -3.34
CA TYR A 443 -4.54 9.18 -3.66
C TYR A 443 -3.88 10.08 -2.63
N GLN A 444 -2.70 9.66 -2.20
CA GLN A 444 -1.88 10.48 -1.36
C GLN A 444 -0.51 10.63 -2.02
N ASN A 445 -0.10 11.90 -2.19
CA ASN A 445 1.19 12.25 -2.73
C ASN A 445 1.88 13.31 -1.88
N ALA A 446 3.20 13.21 -1.80
CA ALA A 446 4.03 14.38 -1.43
C ALA A 446 5.08 14.53 -2.52
N LYS A 447 5.34 15.78 -2.93
CA LYS A 447 6.29 16.09 -3.97
C LYS A 447 7.71 15.91 -3.45
N ALA A 448 8.68 15.83 -4.37
CA ALA A 448 10.08 15.72 -3.97
C ALA A 448 10.42 16.93 -3.09
N TYR A 449 11.15 16.70 -2.01
CA TYR A 449 11.54 17.76 -1.07
C TYR A 449 12.86 18.45 -1.43
N ASP A 450 13.60 17.84 -2.35
CA ASP A 450 15.03 18.12 -2.51
C ASP A 450 15.32 18.77 -3.88
N ALA A 451 14.27 19.19 -4.58
CA ALA A 451 14.40 19.94 -5.83
C ALA A 451 15.23 21.19 -5.53
N PRO A 452 16.34 21.39 -6.26
CA PRO A 452 17.24 22.47 -5.79
C PRO A 452 16.98 23.84 -6.36
N ASP A 453 16.10 23.92 -7.33
CA ASP A 453 15.64 25.22 -7.81
C ASP A 453 14.54 25.06 -8.83
N GLN A 454 13.79 26.14 -9.00
CA GLN A 454 12.68 26.17 -9.92
C GLN A 454 12.98 25.47 -11.25
N ALA A 455 14.13 25.79 -11.83
CA ALA A 455 14.51 25.28 -13.13
C ALA A 455 14.63 23.78 -13.13
N ALA A 456 14.92 23.18 -11.98
CA ALA A 456 15.14 21.75 -11.98
C ALA A 456 13.87 20.99 -12.29
N ILE A 457 12.74 21.63 -11.98
CA ILE A 457 11.43 20.96 -12.11
C ILE A 457 10.60 21.65 -13.17
N GLN A 458 11.25 22.41 -14.04
CA GLN A 458 10.48 23.09 -15.09
C GLN A 458 10.09 22.04 -16.12
N ASN A 459 8.79 21.95 -16.41
CA ASN A 459 8.20 20.84 -17.17
C ASN A 459 7.62 21.40 -18.44
N GLY A 460 8.43 21.33 -19.50
CA GLY A 460 8.02 21.84 -20.79
C GLY A 460 7.82 23.31 -20.56
N ASP A 461 6.58 23.77 -20.59
CA ASP A 461 6.28 25.10 -20.07
C ASP A 461 6.16 24.98 -18.54
N ILE A 462 4.98 24.63 -18.02
CA ILE A 462 4.70 24.32 -16.61
C ILE A 462 5.82 24.35 -15.52
N LYS A 463 5.57 25.03 -14.39
CA LYS A 463 6.42 24.91 -13.21
C LYS A 463 6.11 23.62 -12.42
N GLY A 464 7.09 22.74 -12.33
CA GLY A 464 6.89 21.52 -11.58
C GLY A 464 6.27 20.47 -12.48
N TYR A 465 6.27 19.22 -12.01
CA TYR A 465 5.56 18.11 -12.64
C TYR A 465 4.37 17.68 -11.77
N ALA A 466 3.22 17.50 -12.42
CA ALA A 466 2.03 17.03 -11.71
C ALA A 466 2.35 15.80 -10.86
N ALA A 467 1.74 15.76 -9.68
CA ALA A 467 1.69 14.55 -8.89
C ALA A 467 0.90 13.48 -9.62
N TYR A 468 -0.08 13.94 -10.39
CA TYR A 468 -1.04 13.04 -11.03
C TYR A 468 -1.48 13.66 -12.33
N LYS A 469 -1.02 13.05 -13.43
CA LYS A 469 -1.22 13.53 -14.78
C LYS A 469 -1.97 12.54 -15.66
N VAL A 470 -3.05 13.00 -16.27
CA VAL A 470 -3.78 12.25 -17.30
C VAL A 470 -3.47 12.92 -18.66
N ASP A 471 -2.89 12.21 -19.63
CA ASP A 471 -2.48 12.93 -20.83
C ASP A 471 -3.70 13.44 -21.55
N ASP A 472 -3.41 14.28 -22.51
CA ASP A 472 -4.40 15.01 -23.22
C ASP A 472 -5.17 14.10 -24.18
N SER A 473 -4.55 12.98 -24.54
CA SER A 473 -5.12 12.02 -25.49
C SER A 473 -6.38 11.35 -24.94
N VAL A 474 -6.46 11.26 -23.63
CA VAL A 474 -7.42 10.37 -22.97
C VAL A 474 -8.85 10.95 -22.95
N THR A 475 -9.82 10.08 -23.26
CA THR A 475 -11.22 10.49 -23.42
C THR A 475 -11.96 10.42 -22.10
N THR A 476 -11.54 9.50 -21.25
CA THR A 476 -12.31 9.12 -20.07
C THR A 476 -11.43 8.79 -18.84
N HIS A 477 -11.68 9.48 -17.72
CA HIS A 477 -10.99 9.22 -16.47
C HIS A 477 -11.88 9.60 -15.27
N GLU A 478 -11.69 8.98 -14.10
CA GLU A 478 -12.37 9.48 -12.89
C GLU A 478 -11.55 9.18 -11.61
N GLY A 479 -11.34 10.23 -10.81
CA GLY A 479 -10.63 10.10 -9.56
C GLY A 479 -11.41 10.67 -8.39
N TRP A 480 -11.27 10.07 -7.21
CA TRP A 480 -11.98 10.49 -6.02
C TRP A 480 -11.01 10.58 -4.83
N GLY A 481 -10.95 11.73 -4.18
CA GLY A 481 -10.34 11.86 -2.86
C GLY A 481 -8.82 11.82 -2.98
N MET A 482 -8.29 12.86 -3.61
CA MET A 482 -6.91 12.88 -4.06
C MET A 482 -6.19 14.15 -3.55
N GLY A 483 -5.00 13.96 -2.97
CA GLY A 483 -4.27 15.06 -2.40
C GLY A 483 -2.78 14.98 -2.69
N SER A 484 -2.19 16.16 -2.94
CA SER A 484 -0.76 16.29 -3.12
C SER A 484 -0.24 17.37 -2.16
N TYR A 485 0.84 17.06 -1.45
CA TYR A 485 1.42 18.00 -0.48
C TYR A 485 2.85 18.34 -0.90
N CYS A 486 3.31 19.54 -0.53
CA CYS A 486 4.67 19.94 -0.89
C CYS A 486 5.44 20.41 0.32
N TYR A 487 6.75 20.19 0.28
CA TYR A 487 7.60 20.55 1.39
C TYR A 487 8.98 20.69 0.78
N PHE A 488 9.15 21.82 0.10
CA PHE A 488 10.39 22.08 -0.61
C PHE A 488 11.38 22.70 0.36
N ASN A 489 11.95 21.86 1.19
CA ASN A 489 12.72 22.41 2.30
C ASN A 489 14.18 22.41 2.02
N VAL A 490 14.53 22.37 0.75
CA VAL A 490 15.88 22.65 0.31
C VAL A 490 15.84 24.03 -0.36
N ASN A 491 14.76 24.33 -1.08
CA ASN A 491 14.55 25.65 -1.70
C ASN A 491 13.09 26.01 -1.56
N PRO A 492 12.74 26.53 -0.37
CA PRO A 492 11.32 26.77 -0.07
C PRO A 492 10.69 27.91 -0.80
N ASP A 493 11.44 28.59 -1.69
CA ASP A 493 10.89 29.63 -2.55
C ASP A 493 10.34 29.04 -3.88
N ILE A 494 10.38 27.71 -3.99
CA ILE A 494 9.94 27.02 -5.20
C ILE A 494 8.43 27.16 -5.32
N ARG A 495 7.96 27.18 -6.56
CA ARG A 495 6.53 27.08 -6.84
C ARG A 495 6.18 25.87 -7.66
N GLN A 496 5.15 25.15 -7.23
CA GLN A 496 4.57 24.02 -7.96
C GLN A 496 3.24 24.49 -8.62
N GLN A 497 3.15 24.43 -9.94
CA GLN A 497 1.99 24.97 -10.62
C GLN A 497 0.66 24.30 -10.20
N HIS A 498 0.72 22.98 -10.05
CA HIS A 498 -0.46 22.21 -9.68
C HIS A 498 -0.14 20.82 -9.14
N GLY A 499 -1.10 20.25 -8.41
CA GLY A 499 -1.07 18.87 -7.97
C GLY A 499 -1.45 17.86 -9.07
N PHE A 500 -2.38 18.27 -9.92
CA PHE A 500 -3.05 17.43 -10.88
C PHE A 500 -3.07 18.13 -12.23
N GLN A 501 -2.95 17.36 -13.30
CA GLN A 501 -3.11 17.86 -14.65
C GLN A 501 -3.93 16.89 -15.50
N ALA A 502 -4.88 17.40 -16.28
CA ALA A 502 -5.80 16.58 -17.08
C ALA A 502 -6.35 17.41 -18.23
N PRO A 503 -6.80 16.75 -19.31
CA PRO A 503 -7.58 17.50 -20.26
C PRO A 503 -8.95 17.82 -19.70
N VAL A 504 -9.59 18.85 -20.25
CA VAL A 504 -10.95 19.22 -19.89
C VAL A 504 -11.90 18.61 -20.93
N LYS A 505 -12.53 17.51 -20.53
CA LYS A 505 -13.41 16.72 -21.40
C LYS A 505 -14.56 16.24 -20.51
N PRO A 506 -15.78 16.15 -21.07
CA PRO A 506 -16.82 15.77 -20.12
C PRO A 506 -16.69 14.34 -19.54
N GLY A 507 -15.86 13.49 -20.11
CA GLY A 507 -15.67 12.14 -19.59
C GLY A 507 -14.46 12.01 -18.65
N VAL A 508 -13.80 13.13 -18.37
CA VAL A 508 -12.67 13.16 -17.39
C VAL A 508 -13.07 13.94 -16.14
N LYS A 509 -13.35 13.25 -15.05
CA LYS A 509 -13.96 13.87 -13.89
C LYS A 509 -13.13 13.63 -12.64
N PHE A 510 -12.96 14.66 -11.81
CA PHE A 510 -12.31 14.52 -10.51
C PHE A 510 -13.25 15.02 -9.41
N HIS A 511 -13.13 14.35 -8.28
CA HIS A 511 -14.01 14.57 -7.14
C HIS A 511 -13.20 14.60 -5.86
N ASP A 512 -13.17 15.77 -5.25
CA ASP A 512 -12.54 16.02 -3.95
C ASP A 512 -11.00 16.00 -4.03
N LEU A 513 -10.47 17.05 -4.66
CA LEU A 513 -9.02 17.28 -4.78
C LEU A 513 -8.53 18.34 -3.80
N LEU A 514 -7.30 18.17 -3.33
CA LEU A 514 -6.65 19.21 -2.53
C LEU A 514 -5.14 19.22 -2.74
N VAL A 515 -4.54 20.40 -2.51
CA VAL A 515 -3.12 20.50 -2.41
C VAL A 515 -2.81 21.26 -1.12
N VAL A 516 -1.63 20.97 -0.57
CA VAL A 516 -1.28 21.48 0.75
C VAL A 516 0.22 21.77 0.79
N SER A 517 0.58 22.98 1.17
CA SER A 517 1.97 23.28 1.47
C SER A 517 2.22 22.98 2.92
N LEU A 518 3.24 22.18 3.17
CA LEU A 518 3.58 21.77 4.50
C LEU A 518 4.46 22.86 5.14
N GLY A 519 3.79 23.74 5.87
CA GLY A 519 4.41 24.82 6.59
C GLY A 519 5.10 25.94 5.78
N GLY A 520 4.84 25.98 4.49
CA GLY A 520 5.25 27.10 3.66
C GLY A 520 6.54 26.85 2.92
N LYS A 521 6.96 25.59 2.86
CA LYS A 521 8.13 25.21 2.12
C LYS A 521 7.72 24.95 0.66
N GLY A 522 7.79 26.03 -0.12
CA GLY A 522 7.19 26.07 -1.43
C GLY A 522 5.69 26.33 -1.30
N GLN A 523 5.07 26.70 -2.39
CA GLN A 523 3.62 26.80 -2.50
C GLN A 523 3.13 26.25 -3.85
N TYR A 524 1.86 25.84 -3.87
CA TYR A 524 1.15 25.53 -5.08
C TYR A 524 0.52 26.77 -5.70
N GLU A 525 0.57 26.88 -7.02
CA GLU A 525 -0.07 28.00 -7.73
C GLU A 525 -1.57 27.74 -7.90
N HIS A 526 -1.91 26.46 -8.02
CA HIS A 526 -3.25 26.02 -8.30
C HIS A 526 -3.41 24.56 -7.83
N VAL A 527 -4.64 24.04 -7.93
CA VAL A 527 -4.93 22.65 -7.55
C VAL A 527 -4.75 21.70 -8.75
N ILE A 528 -5.43 22.03 -9.85
CA ILE A 528 -5.42 21.26 -11.08
C ILE A 528 -5.36 22.17 -12.30
N ASN A 529 -4.49 21.85 -13.25
CA ASN A 529 -4.35 22.65 -14.47
C ASN A 529 -3.97 24.11 -14.11
N ASP A 530 -4.76 25.09 -14.55
CA ASP A 530 -4.57 26.51 -14.18
C ASP A 530 -5.71 26.91 -13.17
N ILE A 531 -6.32 25.91 -12.54
CA ILE A 531 -7.58 26.05 -11.79
C ILE A 531 -7.51 25.72 -10.28
N GLY A 532 -8.09 26.59 -9.46
CA GLY A 532 -8.03 26.42 -8.01
C GLY A 532 -7.08 27.42 -7.37
N ASP A 533 -7.36 27.78 -6.12
CA ASP A 533 -6.58 28.81 -5.41
C ASP A 533 -5.17 28.30 -5.14
N PRO A 534 -4.18 29.21 -5.09
CA PRO A 534 -2.86 28.83 -4.58
C PRO A 534 -2.89 28.57 -3.08
N THR A 535 -1.91 27.83 -2.57
CA THR A 535 -1.73 27.75 -1.15
C THR A 535 -1.03 29.06 -0.77
N SER A 536 -1.21 29.44 0.49
CA SER A 536 -0.60 30.67 1.03
C SER A 536 -0.38 30.52 2.56
N GLY A 537 0.42 31.40 3.16
CA GLY A 537 0.68 31.28 4.58
C GLY A 537 1.63 30.10 4.88
N ASP A 538 2.07 30.05 6.13
CA ASP A 538 2.87 28.94 6.57
C ASP A 538 2.03 28.00 7.45
N THR A 539 0.71 28.14 7.35
CA THR A 539 -0.23 27.53 8.28
C THR A 539 -0.69 26.11 7.85
N THR A 540 -0.27 25.69 6.66
CA THR A 540 -0.62 24.38 6.14
C THR A 540 -2.10 24.15 6.04
N ILE A 541 -2.83 25.09 5.44
CA ILE A 541 -4.25 24.85 5.19
C ILE A 541 -4.49 24.50 3.70
N PRO A 542 -5.26 23.44 3.44
CA PRO A 542 -5.42 23.02 2.06
C PRO A 542 -6.15 23.99 1.17
N SER A 543 -5.77 23.99 -0.11
CA SER A 543 -6.64 24.54 -1.15
C SER A 543 -7.28 23.36 -1.88
N GLN A 544 -8.58 23.50 -2.09
CA GLN A 544 -9.47 22.40 -2.44
C GLN A 544 -10.28 22.74 -3.69
N VAL A 545 -10.54 21.71 -4.49
CA VAL A 545 -11.55 21.72 -5.55
C VAL A 545 -12.50 20.54 -5.31
N VAL A 546 -13.79 20.82 -5.08
CA VAL A 546 -14.79 19.78 -4.83
C VAL A 546 -15.04 18.92 -6.09
N SER A 547 -15.02 19.54 -7.24
CA SER A 547 -15.61 18.91 -8.41
C SER A 547 -15.03 19.48 -9.67
N PHE A 548 -14.68 18.59 -10.59
CA PHE A 548 -14.00 18.98 -11.79
C PHE A 548 -14.40 18.04 -12.97
N PRO A 549 -14.55 18.60 -14.18
CA PRO A 549 -14.28 20.00 -14.53
C PRO A 549 -15.53 20.80 -14.31
C2 BGC B . -2.30 17.50 12.24
C3 BGC B . -1.69 18.49 11.38
C4 BGC B . -2.68 19.34 10.70
C5 BGC B . -3.79 19.89 11.65
C6 BGC B . -4.78 20.39 10.91
C1 BGC B . -3.25 18.05 13.18
O1 BGC B . -3.84 17.01 13.87
O2 BGC B . -1.28 16.80 13.03
O3 BGC B . -0.85 17.82 10.36
O4 BGC B . -2.09 20.44 9.98
O5 BGC B . -4.33 18.75 12.51
O6 BGC B . -5.97 20.54 11.56
C2 BGC B . 1.20 17.25 9.35
C3 BGC B . 2.58 17.52 9.16
C4 BGC B . 2.82 18.99 9.07
C5 BGC B . 2.34 19.66 10.39
C6 BGC B . 2.59 21.00 10.48
C1 BGC B . 0.55 18.01 10.43
O2 BGC B . 0.92 15.83 9.59
O3 BGC B . 2.96 16.78 7.92
O4 BGC B . 4.17 19.35 8.86
O5 BGC B . 0.85 19.40 10.32
O6 BGC B . 1.67 21.81 11.11
C2 BGC B . 4.35 15.11 6.82
C3 BGC B . 5.65 14.57 6.57
C4 BGC B . 6.63 15.64 6.30
C5 BGC B . 6.61 16.76 7.43
C6 BGC B . 7.37 17.84 7.10
C1 BGC B . 4.26 16.21 7.84
O2 BGC B . 3.46 14.06 7.28
O3 BGC B . 5.57 13.67 5.37
O4 BGC B . 7.95 15.17 6.15
O5 BGC B . 5.18 17.25 7.49
O6 BGC B . 7.35 18.89 8.01
C2 BGC B . 5.83 11.59 4.27
C3 BGC B . 6.64 10.39 4.17
C4 BGC B . 7.98 10.58 4.78
C5 BGC B . 7.85 10.98 6.27
C6 BGC B . 9.03 11.36 6.79
C1 BGC B . 5.72 12.28 5.57
O2 BGC B . 4.47 11.46 3.71
O3 BGC B . 6.95 10.08 2.75
O4 BGC B . 8.91 9.53 4.66
O5 BGC B . 6.94 12.21 6.32
O6 BGC B . 8.95 11.78 8.12
C2 BGC C . -0.98 0.76 23.24
C3 BGC C . -2.39 0.66 23.83
C4 BGC C . -2.66 -0.58 24.66
C5 BGC C . -1.37 -1.03 25.36
C6 BGC C . -1.69 -2.33 26.06
C1 BGC C . 0.17 0.11 24.06
O2 BGC C . -0.72 2.13 23.01
O3 BGC C . -3.38 0.72 22.84
O4 BGC C . -3.69 -0.35 25.63
O5 BGC C . -0.34 -1.16 24.44
O6 BGC C . -2.47 -1.91 27.15
C1 EDO D . 17.01 -4.07 2.34
O1 EDO D . 15.77 -4.10 1.64
C2 EDO D . 16.97 -2.99 3.41
O2 EDO D . 15.81 -3.13 4.23
H11 EDO D . 17.83 -3.89 1.65
H12 EDO D . 17.17 -5.04 2.82
HO1 EDO D . 15.87 -4.64 0.85
H21 EDO D . 16.99 -2.01 2.94
H22 EDO D . 17.86 -3.07 4.05
HO2 EDO D . 15.77 -2.38 4.85
C1 EDO E . 9.35 17.67 -9.07
O1 EDO E . 8.58 16.49 -9.35
C2 EDO E . 8.48 18.78 -8.49
O2 EDO E . 7.53 19.21 -9.46
H11 EDO E . 9.81 18.04 -9.99
H12 EDO E . 10.14 17.44 -8.36
HO1 EDO E . 9.20 15.75 -9.46
H21 EDO E . 9.11 19.62 -8.20
H22 EDO E . 7.96 18.42 -7.60
HO2 EDO E . 6.97 19.89 -9.09
C1 EDO F . 12.79 -3.45 -19.58
O1 EDO F . 12.00 -4.61 -19.34
C2 EDO F . 11.86 -2.27 -19.62
O2 EDO F . 10.69 -2.62 -20.37
H11 EDO F . 13.32 -3.55 -20.54
H12 EDO F . 13.55 -3.32 -18.80
HO1 EDO F . 12.55 -5.28 -18.90
H21 EDO F . 12.34 -1.41 -20.10
H22 EDO F . 11.58 -1.98 -18.61
HO2 EDO F . 9.93 -2.18 -19.98
N GLU A 1 12.30 -29.58 -12.18
CA GLU A 1 13.16 -29.62 -11.00
C GLU A 1 12.47 -29.29 -9.66
N VAL A 2 11.54 -28.33 -9.61
CA VAL A 2 11.22 -27.60 -8.34
C VAL A 2 10.25 -28.34 -7.40
N VAL A 3 10.53 -28.38 -6.11
CA VAL A 3 9.64 -29.09 -5.18
C VAL A 3 8.74 -28.12 -4.43
N GLY A 4 7.46 -28.46 -4.33
CA GLY A 4 6.51 -27.65 -3.59
C GLY A 4 6.44 -27.95 -2.10
N GLY A 5 6.50 -26.88 -1.28
CA GLY A 5 6.29 -26.98 0.16
C GLY A 5 7.59 -27.05 1.00
N GLY A 6 7.50 -27.63 2.20
CA GLY A 6 8.64 -27.70 3.11
C GLY A 6 8.38 -26.98 4.42
N ASP A 7 9.34 -26.20 4.92
CA ASP A 7 9.15 -25.34 6.09
C ASP A 7 8.87 -23.93 5.56
N LEU A 8 8.39 -23.02 6.44
CA LEU A 8 8.28 -21.60 6.08
C LEU A 8 9.47 -20.86 6.66
N GLY A 9 10.32 -21.61 7.36
CA GLY A 9 11.53 -21.02 7.86
C GLY A 9 11.44 -20.35 9.22
N PRO A 10 12.61 -20.13 9.82
CA PRO A 10 12.72 -19.59 11.17
C PRO A 10 12.47 -18.08 11.28
N ASN A 11 12.22 -17.38 10.17
CA ASN A 11 11.79 -15.98 10.22
C ASN A 11 10.28 -15.83 10.31
N VAL A 12 9.60 -16.98 10.36
CA VAL A 12 8.20 -17.04 10.66
C VAL A 12 8.07 -17.71 12.05
N LEU A 13 7.61 -16.93 13.02
CA LEU A 13 7.28 -17.50 14.33
C LEU A 13 5.83 -17.86 14.33
N VAL A 14 5.61 -19.15 14.54
CA VAL A 14 4.32 -19.72 14.73
C VAL A 14 4.13 -19.89 16.25
N PHE A 15 2.97 -19.41 16.71
CA PHE A 15 2.61 -19.39 18.11
C PHE A 15 1.30 -20.14 18.28
N ASP A 16 1.15 -20.82 19.41
CA ASP A 16 -0.16 -21.33 19.78
C ASP A 16 -0.46 -21.03 21.29
N PRO A 17 -1.69 -21.29 21.76
CA PRO A 17 -2.03 -20.96 23.17
C PRO A 17 -1.46 -21.92 24.23
N SER A 18 -0.24 -22.39 24.00
CA SER A 18 0.51 -23.14 25.00
C SER A 18 1.99 -22.85 24.90
N THR A 19 2.35 -21.90 24.05
CA THR A 19 3.73 -21.48 23.93
C THR A 19 4.09 -20.89 25.25
N PRO A 20 5.31 -21.17 25.73
CA PRO A 20 5.79 -20.38 26.87
C PRO A 20 5.99 -18.94 26.45
N ASP A 21 5.63 -18.02 27.33
CA ASP A 21 5.91 -16.60 27.18
C ASP A 21 5.87 -16.04 25.73
N ILE A 22 4.66 -16.06 25.20
CA ILE A 22 4.30 -15.35 23.98
C ILE A 22 4.62 -13.85 24.08
N GLN A 23 4.08 -13.20 25.10
CA GLN A 23 4.38 -11.80 25.32
C GLN A 23 5.87 -11.47 25.28
N GLY A 24 6.64 -12.16 26.11
CA GLY A 24 8.09 -11.93 26.16
C GLY A 24 8.71 -12.11 24.78
N LYS A 25 8.27 -13.16 24.07
CA LYS A 25 8.87 -13.50 22.79
C LYS A 25 8.55 -12.50 21.68
N VAL A 26 7.30 -12.09 21.61
CA VAL A 26 6.88 -11.10 20.63
C VAL A 26 7.49 -9.70 21.01
N ASP A 27 7.61 -9.45 22.31
CA ASP A 27 8.35 -8.30 22.83
C ASP A 27 9.83 -8.29 22.38
N GLU A 28 10.43 -9.48 22.32
CA GLU A 28 11.81 -9.59 21.93
C GLU A 28 11.97 -9.02 20.51
N VAL A 29 11.15 -9.51 19.59
CA VAL A 29 11.21 -9.09 18.15
C VAL A 29 11.00 -7.60 18.04
N PHE A 30 9.97 -7.12 18.72
CA PHE A 30 9.71 -5.68 18.79
C PHE A 30 10.95 -4.93 19.25
N ARG A 31 11.65 -5.49 20.23
CA ARG A 31 12.88 -4.82 20.67
C ARG A 31 13.85 -4.77 19.49
N LYS A 32 13.90 -5.84 18.71
CA LYS A 32 14.76 -5.92 17.52
C LYS A 32 14.34 -4.92 16.40
N GLN A 33 13.05 -4.67 16.24
CA GLN A 33 12.57 -3.95 15.04
C GLN A 33 12.10 -2.51 15.24
N GLU A 34 11.77 -2.13 16.50
CA GLU A 34 11.10 -0.87 16.79
C GLU A 34 11.75 0.31 16.04
N SER A 35 13.07 0.32 15.96
CA SER A 35 13.79 1.42 15.26
C SER A 35 14.59 0.92 14.03
N ASN A 36 14.29 -0.31 13.60
CA ASN A 36 15.05 -1.03 12.57
C ASN A 36 14.55 -0.59 11.18
N GLN A 37 14.56 0.72 10.96
CA GLN A 37 13.83 1.30 9.83
C GLN A 37 14.38 0.81 8.49
N PHE A 38 15.69 0.68 8.41
CA PHE A 38 16.33 0.35 7.16
C PHE A 38 17.11 -0.97 7.22
N GLY A 39 16.96 -1.70 8.33
CA GLY A 39 17.62 -2.98 8.51
C GLY A 39 17.14 -4.07 7.58
N THR A 40 17.87 -5.17 7.56
CA THR A 40 17.55 -6.32 6.69
C THR A 40 16.69 -7.39 7.35
N ASP A 41 16.49 -7.29 8.65
CA ASP A 41 15.67 -8.28 9.36
C ASP A 41 14.19 -8.19 8.94
N ARG A 42 13.53 -9.34 8.94
CA ARG A 42 12.14 -9.46 8.54
C ARG A 42 11.49 -10.60 9.35
N TYR A 43 10.27 -10.38 9.87
CA TYR A 43 9.55 -11.41 10.61
C TYR A 43 8.07 -11.47 10.28
N ALA A 44 7.53 -12.68 10.21
CA ALA A 44 6.08 -12.91 10.18
C ALA A 44 5.70 -13.64 11.46
N LEU A 45 4.76 -13.08 12.21
CA LEU A 45 4.21 -13.74 13.40
C LEU A 45 2.87 -14.33 12.98
N MET A 46 2.71 -15.62 13.26
CA MET A 46 1.53 -16.32 12.81
C MET A 46 0.89 -17.05 13.98
N PHE A 47 -0.38 -16.75 14.23
CA PHE A 47 -1.07 -17.26 15.41
C PHE A 47 -2.11 -18.32 15.04
N LYS A 48 -1.83 -19.54 15.50
CA LYS A 48 -2.73 -20.66 15.28
C LYS A 48 -4.04 -20.28 15.95
N PRO A 49 -5.15 -20.76 15.37
CA PRO A 49 -6.50 -20.54 15.89
C PRO A 49 -6.56 -20.89 17.37
N GLY A 50 -7.28 -20.06 18.10
CA GLY A 50 -7.46 -20.22 19.52
C GLY A 50 -7.71 -18.89 20.19
N THR A 51 -7.72 -18.92 21.51
CA THR A 51 -7.88 -17.71 22.29
C THR A 51 -6.59 -17.43 23.04
N TYR A 52 -6.15 -16.18 22.95
CA TYR A 52 -4.95 -15.70 23.59
C TYR A 52 -5.22 -14.56 24.57
N ASN A 53 -4.96 -14.80 25.83
CA ASN A 53 -5.18 -13.80 26.84
C ASN A 53 -3.88 -13.05 27.10
N ASP A 54 -3.95 -11.93 27.81
CA ASP A 54 -2.76 -11.33 28.40
C ASP A 54 -1.66 -11.02 27.35
N ILE A 55 -2.08 -10.34 26.28
CA ILE A 55 -1.24 -10.16 25.09
C ILE A 55 -1.41 -8.75 24.51
N ASN A 56 -0.31 -8.02 24.43
CA ASN A 56 -0.28 -6.77 23.65
C ASN A 56 0.88 -6.84 22.64
N ALA A 57 0.60 -7.33 21.44
CA ALA A 57 1.63 -7.47 20.40
C ALA A 57 2.05 -6.10 19.85
N GLN A 58 3.23 -5.65 20.25
CA GLN A 58 3.78 -4.38 19.73
C GLN A 58 4.56 -4.63 18.43
N ILE A 59 4.11 -3.99 17.36
CA ILE A 59 4.58 -4.31 15.99
C ILE A 59 5.52 -3.23 15.48
N GLY A 60 6.80 -3.61 15.32
CA GLY A 60 7.80 -2.69 14.79
C GLY A 60 7.99 -2.81 13.30
N PHE A 61 9.13 -2.36 12.79
CA PHE A 61 9.37 -2.42 11.35
C PHE A 61 9.41 -3.87 10.84
N TYR A 62 9.05 -4.02 9.56
CA TYR A 62 9.12 -5.25 8.78
C TYR A 62 8.60 -6.47 9.54
N THR A 63 7.53 -6.26 10.26
CA THR A 63 6.88 -7.29 11.04
C THR A 63 5.43 -7.35 10.55
N SER A 64 4.98 -8.55 10.25
CA SER A 64 3.60 -8.82 9.87
C SER A 64 3.04 -9.79 10.91
N ILE A 65 1.80 -9.56 11.31
CA ILE A 65 1.16 -10.43 12.29
C ILE A 65 -0.18 -10.84 11.71
N ALA A 66 -0.53 -12.09 11.95
CA ALA A 66 -1.70 -12.66 11.31
C ALA A 66 -2.23 -13.90 12.04
N GLY A 67 -3.54 -14.12 11.86
CA GLY A 67 -4.23 -15.33 12.27
C GLY A 67 -4.36 -16.28 11.08
N LEU A 68 -4.79 -17.51 11.40
CA LEU A 68 -4.59 -18.67 10.55
C LEU A 68 -5.89 -19.48 10.39
N GLY A 69 -7.02 -18.79 10.58
CA GLY A 69 -8.31 -19.37 10.31
C GLY A 69 -8.98 -19.06 9.01
N LEU A 70 -10.12 -19.70 8.86
CA LEU A 70 -10.93 -19.45 7.71
C LEU A 70 -11.72 -18.19 7.90
N ASN A 71 -11.56 -17.60 9.08
CA ASN A 71 -12.30 -16.42 9.53
C ASN A 71 -11.50 -15.70 10.66
N PRO A 72 -11.59 -14.35 10.76
CA PRO A 72 -10.70 -13.68 11.74
C PRO A 72 -11.05 -14.05 13.19
N ASP A 73 -12.31 -14.31 13.42
CA ASP A 73 -12.76 -14.69 14.77
C ASP A 73 -12.40 -16.14 15.16
N ASP A 74 -11.65 -16.82 14.30
CA ASP A 74 -11.02 -18.09 14.66
C ASP A 74 -9.76 -17.84 15.52
N THR A 75 -9.16 -16.65 15.44
CA THR A 75 -7.99 -16.31 16.22
C THR A 75 -8.23 -14.99 16.94
N THR A 76 -8.47 -15.14 18.24
CA THR A 76 -8.87 -14.03 19.08
C THR A 76 -7.85 -13.69 20.15
N PHE A 77 -7.48 -12.40 20.22
CA PHE A 77 -6.61 -11.89 21.26
C PHE A 77 -7.49 -11.12 22.23
N ASN A 78 -7.44 -11.52 23.49
CA ASN A 78 -7.89 -10.66 24.55
C ASN A 78 -6.69 -9.88 24.93
N GLY A 79 -6.70 -8.63 24.48
CA GLY A 79 -5.52 -7.81 24.35
C GLY A 79 -5.44 -7.18 22.97
N ASP A 80 -4.21 -6.92 22.50
CA ASP A 80 -4.01 -5.89 21.48
C ASP A 80 -2.93 -6.21 20.45
N VAL A 81 -3.04 -5.51 19.33
CA VAL A 81 -2.01 -5.45 18.29
C VAL A 81 -1.68 -3.94 18.09
N THR A 82 -0.54 -3.53 18.62
CA THR A 82 -0.25 -2.13 18.87
C THR A 82 0.82 -1.62 17.92
N VAL A 83 0.54 -0.49 17.29
CA VAL A 83 1.58 0.37 16.74
C VAL A 83 1.47 1.78 17.38
N ASP A 84 2.55 2.22 18.02
CA ASP A 84 2.62 3.62 18.50
C ASP A 84 4.00 4.19 18.12
N ALA A 85 4.34 5.38 18.63
CA ALA A 85 5.46 6.15 18.09
C ALA A 85 6.49 6.64 19.11
N GLY A 86 6.37 6.25 20.38
CA GLY A 86 7.41 6.44 21.36
C GLY A 86 8.83 6.53 20.80
N TRP A 87 9.23 5.60 19.92
CA TRP A 87 10.59 5.66 19.37
C TRP A 87 10.91 6.98 18.71
N PHE A 88 9.88 7.73 18.28
CA PHE A 88 10.07 9.00 17.59
C PHE A 88 9.40 10.18 18.28
N ASP A 89 9.53 10.32 19.59
CA ASP A 89 9.04 11.54 20.24
C ASP A 89 7.54 11.68 19.92
N GLY A 90 6.90 10.55 19.65
CA GLY A 90 5.48 10.52 19.36
C GLY A 90 5.08 10.93 17.94
N ASN A 91 6.04 11.01 17.04
CA ASN A 91 5.80 11.33 15.65
C ASN A 91 5.60 9.99 14.92
N ALA A 92 4.43 9.75 14.35
CA ALA A 92 4.13 8.42 13.72
C ALA A 92 4.50 8.37 12.24
N THR A 93 5.19 9.41 11.77
CA THR A 93 5.39 9.62 10.34
C THR A 93 6.44 8.73 9.66
N GLN A 94 7.20 7.96 10.44
CA GLN A 94 8.07 6.94 9.86
C GLN A 94 7.61 5.53 10.22
N ASN A 95 6.36 5.39 10.65
CA ASN A 95 5.86 4.05 11.01
C ASN A 95 5.38 3.25 9.79
N PHE A 96 6.37 2.76 9.05
CA PHE A 96 6.13 2.06 7.78
C PHE A 96 6.33 0.55 7.88
N TRP A 97 5.98 -0.14 6.79
CA TRP A 97 6.41 -1.50 6.47
C TRP A 97 6.08 -2.54 7.55
N ARG A 98 4.79 -2.71 7.78
CA ARG A 98 4.34 -3.74 8.69
C ARG A 98 2.86 -4.00 8.39
N SER A 99 2.27 -4.98 9.05
CA SER A 99 0.88 -5.35 8.68
C SER A 99 0.19 -6.18 9.74
N ALA A 100 -1.12 -6.16 9.71
CA ALA A 100 -1.93 -7.05 10.56
C ALA A 100 -3.06 -7.59 9.77
N GLU A 101 -3.33 -8.89 9.89
CA GLU A 101 -4.41 -9.47 9.16
C GLU A 101 -5.08 -10.66 9.88
N ASN A 102 -6.37 -10.81 9.63
CA ASN A 102 -7.13 -12.03 9.94
C ASN A 102 -7.06 -12.43 11.42
N LEU A 103 -7.22 -11.39 12.25
CA LEU A 103 -7.34 -11.53 13.70
C LEU A 103 -8.60 -10.83 14.23
N ALA A 104 -9.13 -11.37 15.35
CA ALA A 104 -10.14 -10.67 16.16
C ALA A 104 -9.48 -10.13 17.44
N LEU A 105 -9.71 -8.86 17.75
CA LEU A 105 -9.13 -8.24 18.93
C LEU A 105 -10.18 -7.74 19.91
N ASN A 106 -9.93 -8.05 21.18
CA ASN A 106 -10.77 -7.63 22.30
C ASN A 106 -9.83 -6.76 23.11
N PRO A 107 -9.75 -5.48 22.76
CA PRO A 107 -8.66 -4.60 23.22
C PRO A 107 -8.81 -4.29 24.68
N VAL A 108 -7.67 -4.34 25.36
CA VAL A 108 -7.56 -4.36 26.78
C VAL A 108 -8.29 -3.16 27.44
N ASN A 109 -8.17 -1.95 26.89
CA ASN A 109 -8.94 -0.80 27.40
C ASN A 109 -10.20 -0.47 26.59
N GLY A 110 -10.61 -1.39 25.72
CA GLY A 110 -11.73 -1.14 24.83
C GLY A 110 -11.38 -0.56 23.47
N THR A 111 -10.12 -0.19 23.23
CA THR A 111 -9.69 0.47 21.98
C THR A 111 -8.29 0.04 21.58
N ASN A 112 -8.18 -0.50 20.37
CA ASN A 112 -6.90 -0.87 19.83
C ASN A 112 -6.17 0.36 19.19
N ARG A 113 -4.87 0.48 19.45
CA ARG A 113 -4.03 1.54 18.83
C ARG A 113 -3.25 0.99 17.63
N TRP A 114 -3.45 1.62 16.45
CA TRP A 114 -2.75 1.27 15.21
C TRP A 114 -2.25 2.56 14.53
N ALA A 115 -1.25 3.16 15.14
CA ALA A 115 -0.82 4.49 14.77
C ALA A 115 0.28 4.38 13.72
N VAL A 116 -0.16 4.27 12.49
CA VAL A 116 0.75 3.98 11.41
C VAL A 116 0.74 5.09 10.34
N SER A 117 1.74 5.04 9.48
CA SER A 117 1.72 5.83 8.28
C SER A 117 1.68 4.88 7.09
N GLN A 118 2.49 5.12 6.04
CA GLN A 118 2.34 4.37 4.81
C GLN A 118 2.83 2.90 4.86
N ALA A 119 2.25 2.08 4.00
CA ALA A 119 2.62 0.68 3.85
C ALA A 119 2.45 -0.10 5.17
N ALA A 120 1.32 0.09 5.79
CA ALA A 120 0.99 -0.54 7.07
C ALA A 120 -0.46 -1.05 7.05
N PRO A 121 -0.78 -1.96 6.13
CA PRO A 121 -2.19 -2.34 5.94
C PRO A 121 -2.76 -3.15 7.13
N PHE A 122 -4.06 -2.98 7.28
CA PHE A 122 -4.90 -3.55 8.34
C PHE A 122 -6.04 -4.20 7.55
N ARG A 123 -5.97 -5.52 7.43
CA ARG A 123 -6.89 -6.27 6.56
C ARG A 123 -7.59 -7.42 7.32
N ARG A 124 -8.84 -7.68 6.99
CA ARG A 124 -9.54 -8.86 7.51
C ARG A 124 -9.47 -8.92 9.03
N MET A 125 -9.62 -7.76 9.67
CA MET A 125 -9.57 -7.64 11.12
C MET A 125 -10.97 -7.43 11.73
N HIS A 126 -11.17 -8.03 12.90
CA HIS A 126 -12.36 -7.73 13.70
C HIS A 126 -11.96 -7.12 15.04
N VAL A 127 -12.21 -5.83 15.19
CA VAL A 127 -11.91 -5.13 16.45
C VAL A 127 -13.20 -5.03 17.24
N LYS A 128 -13.26 -5.76 18.34
CA LYS A 128 -14.43 -5.73 19.19
C LYS A 128 -14.28 -4.55 20.15
N GLY A 129 -14.28 -3.34 19.62
CA GLY A 129 -14.14 -2.16 20.44
C GLY A 129 -13.72 -1.06 19.49
N GLY A 130 -13.04 -0.08 20.02
CA GLY A 130 -12.53 1.03 19.24
C GLY A 130 -11.22 0.78 18.51
N LEU A 131 -10.93 1.67 17.57
CA LEU A 131 -9.66 1.67 16.84
C LEU A 131 -9.15 3.11 16.75
N ASN A 132 -8.05 3.36 17.45
CA ASN A 132 -7.37 4.66 17.58
C ASN A 132 -6.18 4.66 16.64
N LEU A 133 -6.24 5.49 15.60
CA LEU A 133 -5.19 5.51 14.57
C LEU A 133 -4.06 6.53 14.83
N ALA A 134 -4.15 7.20 15.96
CA ALA A 134 -3.20 8.25 16.31
C ALA A 134 -2.20 7.84 17.37
N PRO A 135 -0.97 8.37 17.30
CA PRO A 135 0.01 8.09 18.33
C PRO A 135 -0.43 8.72 19.66
N ASP A 136 -0.01 8.15 20.77
CA ASP A 136 -0.37 8.71 22.09
C ASP A 136 0.23 10.14 22.08
N GLY A 137 -0.58 11.16 22.42
CA GLY A 137 -0.20 12.58 22.28
C GLY A 137 -0.65 13.37 21.05
N TYR A 138 -1.34 12.72 20.11
CA TYR A 138 -1.86 13.32 18.84
C TYR A 138 -0.78 14.01 17.99
N GLY A 139 0.37 13.37 17.94
CA GLY A 139 1.44 13.81 17.08
C GLY A 139 1.15 13.43 15.63
N TRP A 140 2.08 13.77 14.78
CA TRP A 140 1.89 13.69 13.36
C TRP A 140 1.80 12.24 12.90
N ALA A 141 0.91 12.01 11.96
CA ALA A 141 0.74 10.67 11.39
C ALA A 141 0.20 10.79 9.97
N SER A 142 0.60 9.85 9.09
CA SER A 142 0.27 9.98 7.66
C SER A 142 -0.10 8.67 7.01
N GLY A 143 -1.15 8.04 7.54
CA GLY A 143 -1.67 6.78 7.05
C GLY A 143 -2.55 6.96 5.82
N GLY A 144 -3.29 5.94 5.40
CA GLY A 144 -3.37 4.64 6.03
C GLY A 144 -4.44 3.85 5.28
N TYR A 145 -4.58 2.56 5.62
CA TYR A 145 -5.31 1.62 4.80
C TYR A 145 -5.97 0.53 5.62
N ILE A 146 -7.29 0.49 5.51
CA ILE A 146 -8.13 -0.51 6.17
C ILE A 146 -9.05 -1.14 5.13
N ALA A 147 -9.05 -2.47 5.12
CA ALA A 147 -9.89 -3.22 4.17
C ALA A 147 -10.45 -4.48 4.76
N ASP A 148 -11.69 -4.76 4.36
CA ASP A 148 -12.34 -6.02 4.72
C ASP A 148 -12.37 -6.27 6.23
N SER A 149 -12.63 -5.18 6.95
CA SER A 149 -12.59 -5.21 8.40
C SER A 149 -13.92 -4.78 9.02
N LYS A 150 -14.18 -5.29 10.20
CA LYS A 150 -15.32 -4.85 10.99
C LYS A 150 -14.84 -4.31 12.37
N ILE A 151 -15.02 -3.00 12.55
CA ILE A 151 -14.67 -2.32 13.79
C ILE A 151 -16.00 -2.08 14.52
N ASP A 152 -16.24 -2.82 15.61
CA ASP A 152 -17.49 -2.71 16.34
C ASP A 152 -17.80 -1.28 16.80
N GLY A 153 -16.83 -0.64 17.47
CA GLY A 153 -17.00 0.73 17.94
C GLY A 153 -16.51 1.79 16.93
N GLU A 154 -16.06 2.93 17.43
CA GLU A 154 -15.61 4.03 16.59
C GLU A 154 -14.15 3.90 16.12
N VAL A 155 -13.91 4.30 14.87
CA VAL A 155 -12.57 4.54 14.41
C VAL A 155 -12.21 6.03 14.66
N GLY A 156 -11.12 6.26 15.38
CA GLY A 156 -10.75 7.62 15.79
C GLY A 156 -9.42 8.04 15.15
N PRO A 157 -9.49 8.90 14.12
CA PRO A 157 -8.21 9.18 13.46
C PRO A 157 -7.37 10.23 14.18
N TYR A 158 -8.04 11.08 14.95
CA TYR A 158 -7.42 12.26 15.60
C TYR A 158 -6.52 13.03 14.61
N SER A 159 -5.22 12.88 14.74
CA SER A 159 -4.26 13.65 13.97
C SER A 159 -3.98 13.12 12.55
N GLN A 160 -4.38 11.89 12.23
CA GLN A 160 -4.12 11.38 10.87
C GLN A 160 -4.52 12.34 9.78
N GLN A 161 -3.59 12.62 8.86
CA GLN A 161 -3.87 13.54 7.79
C GLN A 161 -4.96 13.04 6.85
N GLN A 162 -4.82 11.78 6.47
CA GLN A 162 -5.67 11.18 5.49
C GLN A 162 -5.83 9.69 5.76
N TRP A 163 -6.81 9.08 5.14
CA TRP A 163 -7.05 7.64 5.34
C TRP A 163 -7.92 7.07 4.22
N TYR A 164 -7.66 5.80 3.87
CA TYR A 164 -8.56 5.05 2.99
C TYR A 164 -9.09 3.79 3.67
N THR A 165 -10.41 3.68 3.61
CA THR A 165 -11.10 2.49 4.10
C THR A 165 -11.99 1.93 3.00
N ARG A 166 -11.92 0.62 2.80
CA ARG A 166 -12.79 -0.02 1.81
C ARG A 166 -13.45 -1.29 2.29
N ASP A 167 -14.67 -1.52 1.76
CA ASP A 167 -15.34 -2.80 1.82
C ASP A 167 -15.27 -3.32 3.28
N SER A 168 -15.90 -2.55 4.13
CA SER A 168 -15.76 -2.69 5.59
C SER A 168 -17.00 -2.19 6.31
N SER A 169 -17.09 -2.49 7.61
CA SER A 169 -18.15 -1.93 8.49
C SER A 169 -17.51 -1.19 9.66
N VAL A 170 -18.09 -0.06 10.03
CA VAL A 170 -17.64 0.66 11.21
C VAL A 170 -18.85 1.13 12.05
N GLY A 171 -18.65 1.18 13.36
CA GLY A 171 -19.65 1.69 14.28
C GLY A 171 -19.74 3.20 14.31
N GLY A 172 -18.61 3.87 14.06
CA GLY A 172 -18.56 5.32 14.03
C GLY A 172 -17.23 5.77 13.42
N TRP A 173 -17.07 7.08 13.30
CA TRP A 173 -15.93 7.70 12.63
C TRP A 173 -15.78 9.11 13.21
N GLY A 174 -14.66 9.38 13.85
CA GLY A 174 -14.55 10.53 14.73
C GLY A 174 -14.18 11.88 14.12
N ASN A 175 -13.35 11.95 13.06
CA ASN A 175 -13.01 13.26 12.43
C ASN A 175 -12.51 13.20 10.96
N GLY A 176 -11.69 14.16 10.54
CA GLY A 176 -11.30 14.31 9.15
C GLY A 176 -10.32 15.48 8.90
N VAL A 177 -9.02 15.19 8.95
CA VAL A 177 -8.03 16.27 8.84
C VAL A 177 -8.02 16.86 7.42
N TRP A 178 -7.46 16.13 6.45
CA TRP A 178 -7.41 16.58 5.06
C TRP A 178 -8.18 15.70 4.03
N ASN A 179 -8.14 14.37 4.17
CA ASN A 179 -8.80 13.50 3.20
C ASN A 179 -9.07 12.09 3.73
N MET A 180 -10.28 11.90 4.25
CA MET A 180 -10.75 10.58 4.67
C MET A 180 -11.69 10.07 3.59
N THR A 181 -11.26 9.01 2.88
CA THR A 181 -12.01 8.43 1.79
C THR A 181 -12.50 7.01 2.13
N PHE A 182 -13.73 6.75 1.72
CA PHE A 182 -14.43 5.49 1.98
C PHE A 182 -15.06 4.94 0.70
N SER A 183 -14.92 3.64 0.47
CA SER A 183 -15.73 2.98 -0.55
C SER A 183 -16.25 1.64 -0.03
N GLY A 184 -17.56 1.44 -0.16
CA GLY A 184 -18.17 0.23 0.36
C GLY A 184 -18.05 0.04 1.86
N VAL A 185 -18.11 1.13 2.60
CA VAL A 185 -17.93 1.08 4.04
C VAL A 185 -19.25 1.26 4.81
N GLU A 186 -19.75 0.18 5.39
CA GLU A 186 -20.98 0.25 6.19
C GLU A 186 -20.73 1.06 7.44
N GLY A 187 -21.49 2.12 7.60
CA GLY A 187 -21.31 3.03 8.72
C GLY A 187 -20.37 4.17 8.38
N ALA A 188 -19.96 4.31 7.11
CA ALA A 188 -19.13 5.46 6.75
C ALA A 188 -19.89 6.75 6.96
N PRO A 189 -19.14 7.80 7.26
CA PRO A 189 -19.77 9.12 7.31
C PRO A 189 -20.27 9.45 5.90
N ALA A 190 -21.43 10.05 5.81
CA ALA A 190 -21.97 10.51 4.53
C ALA A 190 -21.03 11.53 3.86
N GLN A 191 -21.16 11.67 2.56
CA GLN A 191 -20.35 12.59 1.76
C GLN A 191 -20.51 14.01 2.29
N SER A 192 -19.39 14.69 2.56
CA SER A 192 -19.41 16.02 3.22
C SER A 192 -18.25 16.97 2.88
N PHE A 193 -17.41 16.56 1.93
CA PHE A 193 -16.25 17.36 1.53
C PHE A 193 -16.84 18.68 1.01
N PRO A 194 -16.23 19.82 1.34
CA PRO A 194 -14.91 19.95 1.98
C PRO A 194 -14.91 20.09 3.51
N GLU A 195 -16.04 19.96 4.16
CA GLU A 195 -15.98 20.03 5.61
C GLU A 195 -17.06 19.20 6.27
N PRO A 196 -16.64 18.26 7.16
CA PRO A 196 -15.30 17.68 7.24
C PRO A 196 -14.98 16.98 5.92
N PRO A 197 -13.71 16.65 5.68
CA PRO A 197 -13.27 16.19 4.37
C PRO A 197 -13.53 14.72 4.18
N TYR A 198 -14.80 14.37 3.97
CA TYR A 198 -15.17 13.00 3.73
C TYR A 198 -15.59 12.80 2.27
N THR A 199 -14.91 11.86 1.63
CA THR A 199 -15.24 11.39 0.32
C THR A 199 -15.82 9.98 0.44
N THR A 200 -17.09 9.84 0.11
CA THR A 200 -17.82 8.62 0.48
C THR A 200 -18.52 7.99 -0.70
N LEU A 201 -18.04 6.82 -1.07
CA LEU A 201 -18.57 6.02 -2.17
C LEU A 201 -19.36 4.78 -1.61
N GLU A 202 -20.58 4.57 -2.09
CA GLU A 202 -21.44 3.48 -1.60
C GLU A 202 -20.80 2.13 -1.77
N THR A 203 -20.21 1.92 -2.93
CA THR A 203 -19.50 0.68 -3.20
C THR A 203 -18.16 0.93 -3.85
N THR A 204 -17.30 -0.08 -3.76
CA THR A 204 -16.11 -0.17 -4.59
C THR A 204 -16.50 -0.83 -5.90
N PRO A 205 -15.95 -0.36 -7.02
CA PRO A 205 -16.40 -0.90 -8.33
C PRO A 205 -16.16 -2.39 -8.45
N VAL A 206 -14.93 -2.78 -8.14
CA VAL A 206 -14.61 -4.17 -7.97
C VAL A 206 -13.37 -4.25 -7.05
N SER A 207 -13.36 -5.29 -6.25
CA SER A 207 -12.22 -5.56 -5.41
C SER A 207 -12.09 -7.07 -5.24
N ARG A 208 -10.91 -7.47 -4.77
CA ARG A 208 -10.64 -8.86 -4.51
C ARG A 208 -9.73 -8.94 -3.34
N GLU A 209 -10.23 -9.54 -2.26
CA GLU A 209 -9.51 -9.59 -1.03
C GLU A 209 -8.17 -10.33 -1.21
N LYS A 210 -7.21 -9.92 -0.42
CA LYS A 210 -5.82 -10.38 -0.59
C LYS A 210 -5.69 -11.86 -0.17
N PRO A 211 -4.98 -12.68 -0.97
CA PRO A 211 -4.76 -14.07 -0.57
C PRO A 211 -4.08 -14.16 0.81
N PHE A 212 -4.37 -15.20 1.58
CA PHE A 212 -3.72 -15.36 2.88
C PHE A 212 -3.50 -16.84 3.25
N LEU A 213 -2.39 -17.09 3.93
CA LEU A 213 -2.05 -18.36 4.50
C LEU A 213 -2.97 -18.70 5.70
N TYR A 214 -3.44 -19.94 5.75
CA TYR A 214 -4.30 -20.39 6.84
C TYR A 214 -4.11 -21.89 7.07
N LEU A 215 -4.90 -22.46 7.97
CA LEU A 215 -4.87 -23.93 8.19
C LEU A 215 -6.12 -24.71 7.78
N ASP A 216 -5.93 -25.98 7.51
CA ASP A 216 -7.08 -26.85 7.25
C ASP A 216 -6.85 -28.29 7.70
N GLY A 217 -6.92 -28.51 9.04
CA GLY A 217 -6.28 -29.62 9.71
C GLY A 217 -4.96 -29.13 10.34
N ASP A 218 -4.05 -30.05 10.57
CA ASP A 218 -2.64 -29.70 10.86
C ASP A 218 -1.88 -29.20 9.59
N ASP A 219 -2.65 -28.77 8.57
CA ASP A 219 -2.12 -28.46 7.22
C ASP A 219 -2.20 -27.00 6.74
N TYR A 220 -1.10 -26.44 6.23
CA TYR A 220 -1.16 -25.11 5.57
C TYR A 220 -1.89 -25.12 4.22
N LYS A 221 -2.74 -24.11 4.05
CA LYS A 221 -3.34 -23.78 2.77
C LYS A 221 -3.29 -22.25 2.57
N VAL A 222 -3.37 -21.82 1.32
CA VAL A 222 -3.43 -20.40 1.02
C VAL A 222 -4.84 -20.19 0.45
N PHE A 223 -5.60 -19.25 1.02
CA PHE A 223 -6.96 -18.92 0.57
C PHE A 223 -6.86 -17.85 -0.47
N VAL A 224 -7.49 -18.07 -1.62
CA VAL A 224 -7.48 -17.11 -2.72
C VAL A 224 -8.90 -16.58 -2.81
N PRO A 225 -9.13 -15.43 -2.15
CA PRO A 225 -10.48 -14.88 -2.14
C PRO A 225 -11.04 -14.63 -3.52
N ALA A 226 -12.35 -14.80 -3.58
CA ALA A 226 -13.12 -14.47 -4.78
C ALA A 226 -13.25 -12.97 -5.09
N LYS A 227 -13.16 -12.60 -6.37
CA LYS A 227 -13.47 -11.22 -6.74
C LYS A 227 -14.97 -10.90 -6.48
N ARG A 228 -15.24 -9.63 -6.18
CA ARG A 228 -16.58 -9.11 -6.00
C ARG A 228 -16.80 -7.91 -6.90
N THR A 229 -18.03 -7.41 -6.91
CA THR A 229 -18.42 -6.26 -7.74
C THR A 229 -19.37 -5.40 -6.95
N ASN A 230 -19.23 -4.09 -7.05
CA ASN A 230 -20.00 -3.22 -6.16
C ASN A 230 -19.90 -3.73 -4.72
N ALA A 231 -18.67 -3.88 -4.23
CA ALA A 231 -18.44 -4.38 -2.90
C ALA A 231 -18.87 -3.43 -1.80
N ARG A 232 -19.41 -4.03 -0.75
CA ARG A 232 -19.72 -3.27 0.44
C ARG A 232 -19.72 -4.21 1.60
N GLY A 233 -19.22 -3.73 2.73
CA GLY A 233 -19.08 -4.53 3.95
C GLY A 233 -18.00 -5.59 3.79
N THR A 234 -17.85 -6.42 4.83
CA THR A 234 -16.80 -7.42 4.87
C THR A 234 -17.17 -8.60 3.93
N SER A 235 -16.14 -9.31 3.47
CA SER A 235 -16.28 -10.46 2.61
C SER A 235 -16.88 -11.58 3.48
N TRP A 236 -16.43 -11.58 4.72
CA TRP A 236 -16.58 -12.73 5.60
C TRP A 236 -17.71 -12.52 6.62
N GLY A 237 -18.19 -11.28 6.73
CA GLY A 237 -19.17 -10.91 7.73
C GLY A 237 -20.34 -11.90 7.89
N ASN A 238 -20.69 -12.59 6.80
CA ASN A 238 -21.83 -13.52 6.79
C ASN A 238 -21.58 -15.01 6.50
N GLY A 239 -20.35 -15.49 6.71
CA GLY A 239 -20.14 -16.92 7.04
C GLY A 239 -19.20 -17.86 6.26
N THR A 240 -19.75 -18.45 5.20
CA THR A 240 -18.99 -19.34 4.31
C THR A 240 -18.43 -18.40 3.21
N PRO A 241 -17.15 -17.97 3.32
CA PRO A 241 -16.60 -16.99 2.35
C PRO A 241 -16.03 -17.59 1.04
N GLU A 242 -16.20 -16.85 -0.04
CA GLU A 242 -15.92 -17.40 -1.35
C GLU A 242 -14.49 -17.30 -1.88
N GLY A 243 -14.08 -18.38 -2.52
CA GLY A 243 -12.87 -18.44 -3.31
C GLY A 243 -12.22 -19.77 -3.04
N GLU A 244 -11.01 -19.91 -3.57
CA GLU A 244 -10.26 -21.15 -3.61
C GLU A 244 -9.31 -21.26 -2.44
N SER A 245 -8.81 -22.49 -2.19
CA SER A 245 -7.60 -22.70 -1.38
C SER A 245 -6.50 -23.42 -2.21
N LEU A 246 -5.23 -23.16 -1.88
CA LEU A 246 -4.07 -23.84 -2.47
C LEU A 246 -3.26 -24.47 -1.33
N PRO A 247 -3.09 -25.81 -1.33
CA PRO A 247 -2.17 -26.37 -0.33
C PRO A 247 -0.78 -25.78 -0.50
N LEU A 248 0.00 -25.77 0.57
CA LEU A 248 1.27 -25.10 0.57
C LEU A 248 2.11 -25.69 -0.54
N ASP A 249 2.12 -27.02 -0.54
CA ASP A 249 2.95 -27.74 -1.47
C ASP A 249 2.45 -27.67 -2.93
N GLN A 250 1.48 -26.80 -3.21
CA GLN A 250 1.30 -26.29 -4.57
C GLN A 250 1.97 -24.89 -4.75
N PHE A 251 2.87 -24.54 -3.84
CA PHE A 251 3.65 -23.30 -3.88
C PHE A 251 5.08 -23.69 -3.76
N TYR A 252 5.98 -23.05 -4.50
CA TYR A 252 7.38 -23.03 -4.13
C TYR A 252 7.47 -22.14 -2.86
N VAL A 253 8.20 -22.62 -1.85
CA VAL A 253 8.38 -21.87 -0.61
C VAL A 253 9.74 -21.22 -0.59
N VAL A 254 9.82 -20.05 -1.21
CA VAL A 254 11.06 -19.36 -1.49
C VAL A 254 11.77 -18.91 -0.21
N LYS A 255 13.02 -19.31 -0.09
CA LYS A 255 13.88 -18.97 1.02
C LYS A 255 15.14 -18.28 0.45
N PRO A 256 15.70 -17.30 1.17
CA PRO A 256 16.67 -16.38 0.54
C PRO A 256 17.85 -17.09 -0.07
N GLY A 257 18.49 -16.41 -1.04
CA GLY A 257 19.68 -16.96 -1.65
C GLY A 257 19.31 -17.94 -2.75
N ALA A 258 18.16 -17.67 -3.40
CA ALA A 258 17.63 -18.47 -4.50
C ALA A 258 17.63 -17.65 -5.78
N THR A 259 18.10 -18.22 -6.85
CA THR A 259 18.15 -17.56 -8.12
C THR A 259 16.76 -17.18 -8.62
N ALA A 260 16.66 -16.00 -9.22
CA ALA A 260 15.47 -15.68 -10.00
C ALA A 260 15.30 -16.80 -11.06
N GLU A 261 16.43 -17.42 -11.40
CA GLU A 261 16.43 -18.66 -12.14
C GLU A 261 15.48 -19.70 -11.50
N THR A 262 15.70 -20.01 -10.22
CA THR A 262 14.94 -21.10 -9.60
C THR A 262 13.46 -20.70 -9.48
N ILE A 263 13.23 -19.48 -8.99
CA ILE A 263 11.90 -18.94 -8.88
C ILE A 263 11.10 -19.02 -10.18
N ASN A 264 11.77 -18.68 -11.28
CA ASN A 264 11.13 -18.66 -12.60
C ASN A 264 10.81 -20.06 -13.14
N ALA A 265 11.67 -21.03 -12.87
CA ALA A 265 11.40 -22.41 -13.26
C ALA A 265 10.24 -23.02 -12.48
N ALA A 266 9.94 -22.51 -11.26
CA ALA A 266 8.82 -23.02 -10.51
C ALA A 266 7.46 -22.55 -11.07
N VAL A 267 7.32 -21.24 -11.40
CA VAL A 267 6.05 -20.69 -11.90
C VAL A 267 5.65 -21.44 -13.16
N ASP A 268 6.63 -21.42 -14.04
CA ASP A 268 6.70 -22.24 -15.25
C ASP A 268 6.09 -23.63 -15.16
N GLN A 269 6.64 -24.43 -14.28
CA GLN A 269 6.21 -25.80 -14.14
C GLN A 269 4.93 -25.88 -13.32
N GLY A 270 4.29 -24.72 -13.07
CA GLY A 270 2.96 -24.70 -12.48
C GLY A 270 2.84 -24.23 -11.02
N LEU A 271 3.95 -24.19 -10.29
CA LEU A 271 3.90 -23.78 -8.89
C LEU A 271 3.67 -22.28 -8.67
N HIS A 272 3.06 -21.99 -7.55
CA HIS A 272 2.86 -20.62 -7.10
C HIS A 272 4.16 -20.20 -6.39
N LEU A 273 4.14 -19.02 -5.77
CA LEU A 273 5.31 -18.52 -5.06
C LEU A 273 4.90 -18.00 -3.71
N LEU A 274 5.68 -18.39 -2.72
CA LEU A 274 5.52 -17.87 -1.39
C LEU A 274 6.87 -17.47 -0.87
N PHE A 275 7.03 -16.15 -0.73
CA PHE A 275 8.29 -15.60 -0.28
C PHE A 275 8.30 -15.51 1.24
N THR A 276 9.16 -16.33 1.85
CA THR A 276 9.47 -16.25 3.26
C THR A 276 10.07 -14.87 3.60
N PRO A 277 9.92 -14.44 4.85
CA PRO A 277 10.42 -13.10 5.17
C PRO A 277 11.93 -13.05 5.05
N GLY A 278 12.41 -12.06 4.31
CA GLY A 278 13.84 -11.91 4.06
C GLY A 278 14.04 -11.05 2.82
N VAL A 279 15.28 -11.02 2.36
CA VAL A 279 15.71 -10.12 1.28
C VAL A 279 16.28 -10.91 0.08
N TYR A 280 15.68 -10.74 -1.07
CA TYR A 280 16.00 -11.53 -2.27
C TYR A 280 16.63 -10.67 -3.39
N HIS A 281 17.95 -10.76 -3.51
CA HIS A 281 18.67 -10.08 -4.59
C HIS A 281 18.49 -10.93 -5.85
N VAL A 282 18.17 -10.29 -6.99
CA VAL A 282 18.01 -11.00 -8.28
C VAL A 282 18.82 -10.41 -9.44
N ASP A 283 19.21 -11.25 -10.41
CA ASP A 283 20.02 -10.85 -11.56
C ASP A 283 19.27 -10.98 -12.91
N GLN A 284 18.10 -11.59 -12.88
CA GLN A 284 17.12 -11.35 -13.92
C GLN A 284 15.82 -11.13 -13.25
N PRO A 285 14.88 -10.56 -14.00
CA PRO A 285 13.53 -10.34 -13.50
C PRO A 285 12.86 -11.64 -13.10
N ILE A 286 12.14 -11.59 -11.99
CA ILE A 286 11.21 -12.63 -11.64
C ILE A 286 10.06 -12.51 -12.64
N GLU A 287 9.75 -13.61 -13.33
CA GLU A 287 8.80 -13.60 -14.45
C GLU A 287 7.60 -14.46 -14.12
N ILE A 288 6.39 -13.88 -14.16
CA ILE A 288 5.19 -14.65 -13.94
C ILE A 288 4.32 -14.62 -15.18
N ASP A 289 4.21 -15.78 -15.84
CA ASP A 289 3.62 -15.92 -17.17
C ASP A 289 2.62 -17.10 -17.27
N ARG A 290 2.16 -17.60 -16.12
CA ARG A 290 1.03 -18.52 -16.01
C ARG A 290 -0.18 -17.83 -15.37
N ALA A 291 -1.29 -17.91 -16.08
CA ALA A 291 -2.52 -17.36 -15.57
C ALA A 291 -2.81 -17.92 -14.17
N ASN A 292 -3.30 -17.06 -13.28
CA ASN A 292 -3.69 -17.41 -11.89
C ASN A 292 -2.58 -17.72 -10.89
N THR A 293 -1.35 -17.43 -11.25
CA THR A 293 -0.24 -17.56 -10.31
C THR A 293 -0.36 -16.60 -9.12
N VAL A 294 -0.23 -17.12 -7.90
CA VAL A 294 -0.09 -16.35 -6.66
C VAL A 294 1.35 -16.20 -6.33
N ALA A 295 1.74 -14.94 -6.08
CA ALA A 295 3.04 -14.59 -5.59
C ALA A 295 2.79 -13.78 -4.29
N LEU A 296 2.86 -14.48 -3.18
CA LEU A 296 2.46 -13.95 -1.88
C LEU A 296 3.68 -13.85 -0.97
N GLY A 297 3.94 -12.64 -0.47
CA GLY A 297 4.99 -12.40 0.52
C GLY A 297 4.56 -12.45 1.98
N LEU A 298 5.48 -12.87 2.84
CA LEU A 298 5.30 -12.82 4.29
C LEU A 298 6.37 -11.95 4.93
N GLY A 299 5.98 -11.25 5.97
CA GLY A 299 6.97 -10.51 6.76
C GLY A 299 7.74 -9.46 6.01
N LEU A 300 7.07 -8.80 5.06
CA LEU A 300 7.64 -7.73 4.24
C LEU A 300 8.85 -8.24 3.42
N ALA A 301 8.74 -9.49 3.00
CA ALA A 301 9.68 -10.06 2.02
C ALA A 301 9.98 -9.06 0.91
N THR A 302 11.27 -8.95 0.62
CA THR A 302 11.80 -7.89 -0.20
C THR A 302 12.64 -8.41 -1.38
N ILE A 303 12.42 -7.79 -2.55
CA ILE A 303 13.10 -8.14 -3.78
C ILE A 303 13.95 -6.94 -4.21
N ILE A 304 15.26 -7.16 -4.32
CA ILE A 304 16.20 -6.15 -4.80
C ILE A 304 16.78 -6.56 -6.18
N PRO A 305 16.49 -5.78 -7.23
CA PRO A 305 17.12 -6.04 -8.52
C PRO A 305 18.53 -5.49 -8.56
N ASP A 306 19.46 -6.38 -8.88
CA ASP A 306 20.86 -6.07 -9.14
C ASP A 306 21.09 -5.83 -10.65
N ASN A 307 22.26 -5.26 -11.00
CA ASN A 307 22.67 -5.10 -12.42
C ASN A 307 21.69 -4.31 -13.29
N GLY A 308 20.82 -3.53 -12.65
CA GLY A 308 19.89 -2.63 -13.34
C GLY A 308 18.68 -3.33 -13.97
N VAL A 309 18.51 -4.60 -13.64
CA VAL A 309 17.40 -5.34 -14.21
C VAL A 309 16.07 -4.94 -13.58
N THR A 310 15.01 -5.34 -14.25
CA THR A 310 13.67 -5.23 -13.69
C THR A 310 13.51 -6.31 -12.62
N ALA A 311 12.84 -5.99 -11.51
CA ALA A 311 12.61 -6.96 -10.45
C ALA A 311 11.55 -8.01 -10.79
N LEU A 312 10.41 -7.54 -11.32
CA LEU A 312 9.22 -8.36 -11.41
C LEU A 312 8.46 -7.98 -12.67
N LYS A 313 8.14 -9.00 -13.49
CA LYS A 313 7.38 -8.81 -14.72
C LYS A 313 6.28 -9.87 -14.81
N VAL A 314 5.04 -9.41 -14.84
CA VAL A 314 3.88 -10.28 -15.09
C VAL A 314 3.53 -10.22 -16.58
N GLY A 315 3.28 -11.39 -17.17
CA GLY A 315 3.03 -11.50 -18.58
C GLY A 315 1.57 -11.15 -18.87
N ASP A 316 1.15 -11.40 -20.10
CA ASP A 316 -0.17 -10.94 -20.54
C ASP A 316 -1.31 -11.95 -20.23
N VAL A 317 -1.34 -12.41 -18.99
CA VAL A 317 -2.26 -13.48 -18.61
C VAL A 317 -3.23 -13.05 -17.51
N ASP A 318 -4.34 -13.77 -17.41
CA ASP A 318 -5.40 -13.51 -16.46
C ASP A 318 -4.95 -13.91 -15.05
N GLY A 319 -5.51 -13.26 -14.04
CA GLY A 319 -5.60 -13.87 -12.74
C GLY A 319 -4.38 -13.84 -11.81
N VAL A 320 -3.31 -13.14 -12.18
CA VAL A 320 -2.09 -13.10 -11.34
C VAL A 320 -2.36 -12.23 -10.11
N LYS A 321 -1.92 -12.71 -8.96
CA LYS A 321 -2.20 -12.05 -7.66
C LYS A 321 -0.88 -11.91 -6.95
N VAL A 322 -0.34 -10.70 -7.06
CA VAL A 322 0.92 -10.34 -6.45
C VAL A 322 0.57 -9.60 -5.18
N ALA A 323 1.15 -10.05 -4.09
CA ALA A 323 0.76 -9.53 -2.78
C ALA A 323 1.84 -9.59 -1.72
N GLY A 324 2.01 -8.47 -1.03
CA GLY A 324 2.76 -8.45 0.22
C GLY A 324 4.27 -8.35 0.07
N LEU A 325 4.72 -7.71 -1.01
CA LEU A 325 6.12 -7.61 -1.33
C LEU A 325 6.62 -6.15 -1.35
N LEU A 326 7.84 -5.96 -0.84
CA LEU A 326 8.57 -4.73 -1.06
C LEU A 326 9.57 -4.93 -2.18
N VAL A 327 9.60 -4.01 -3.14
CA VAL A 327 10.63 -3.99 -4.17
C VAL A 327 11.55 -2.78 -3.89
N ASP A 328 12.84 -3.06 -3.74
CA ASP A 328 13.81 -2.17 -3.13
C ASP A 328 14.92 -1.90 -4.15
N ALA A 329 14.96 -0.70 -4.72
CA ALA A 329 15.86 -0.44 -5.83
C ALA A 329 17.34 -0.66 -5.48
N GLY A 330 18.07 -1.22 -6.45
CA GLY A 330 19.52 -1.25 -6.39
C GLY A 330 20.14 0.08 -6.78
N PRO A 331 21.40 0.30 -6.38
CA PRO A 331 21.94 1.60 -6.75
C PRO A 331 22.21 1.69 -8.25
N VAL A 332 22.50 0.59 -8.93
CA VAL A 332 22.51 0.60 -10.41
C VAL A 332 21.10 0.85 -10.94
N ASN A 333 20.95 1.92 -11.72
CA ASN A 333 19.64 2.33 -12.19
C ASN A 333 18.95 1.19 -12.93
N SER A 334 17.73 0.87 -12.49
CA SER A 334 16.86 0.00 -13.28
C SER A 334 15.85 0.81 -14.12
N GLU A 335 15.73 0.47 -15.41
CA GLU A 335 14.77 1.14 -16.29
C GLU A 335 13.34 1.05 -15.75
N THR A 336 12.98 -0.13 -15.28
CA THR A 336 11.73 -0.34 -14.57
C THR A 336 11.98 -1.25 -13.36
N LEU A 337 11.16 -1.11 -12.31
CA LEU A 337 11.19 -2.06 -11.21
C LEU A 337 10.14 -3.17 -11.33
N VAL A 338 8.92 -2.80 -11.74
CA VAL A 338 7.83 -3.75 -11.87
C VAL A 338 7.06 -3.40 -13.15
N GLU A 339 6.87 -4.42 -14.00
CA GLU A 339 6.02 -4.27 -15.17
C GLU A 339 4.88 -5.28 -15.09
N VAL A 340 3.66 -4.79 -15.30
CA VAL A 340 2.49 -5.64 -15.31
C VAL A 340 1.97 -5.64 -16.73
N GLY A 341 2.24 -6.76 -17.43
CA GLY A 341 1.99 -6.87 -18.86
C GLY A 341 3.16 -6.34 -19.69
N SER A 342 3.23 -6.79 -20.94
CA SER A 342 4.26 -6.32 -21.85
C SER A 342 3.88 -4.92 -22.44
N ASP A 343 4.81 -4.19 -23.06
CA ASP A 343 4.44 -2.87 -23.59
C ASP A 343 3.55 -3.07 -24.80
N GLY A 344 2.47 -2.32 -24.84
CA GLY A 344 1.50 -2.53 -25.91
C GLY A 344 0.71 -3.83 -25.74
N ALA A 345 0.63 -4.35 -24.51
CA ALA A 345 -0.39 -5.34 -24.14
C ALA A 345 -1.79 -4.88 -24.59
N SER A 346 -2.58 -5.80 -25.16
CA SER A 346 -3.96 -5.45 -25.58
C SER A 346 -5.07 -6.40 -25.19
N GLY A 347 -4.81 -7.41 -24.42
CA GLY A 347 -5.94 -8.26 -24.05
C GLY A 347 -6.95 -7.54 -23.17
N ASP A 348 -8.12 -8.15 -22.96
CA ASP A 348 -9.00 -7.88 -21.83
C ASP A 348 -8.72 -8.85 -20.68
N HIS A 349 -8.75 -8.41 -19.43
CA HIS A 349 -8.69 -9.36 -18.31
C HIS A 349 -9.78 -9.09 -17.33
N ALA A 350 -10.98 -8.83 -17.86
CA ALA A 350 -12.07 -8.30 -17.08
C ALA A 350 -12.65 -9.27 -16.02
N ALA A 351 -12.87 -10.51 -16.40
CA ALA A 351 -13.49 -11.46 -15.48
C ALA A 351 -12.56 -11.90 -14.36
N ASN A 352 -11.27 -11.94 -14.66
CA ASN A 352 -10.26 -12.45 -13.76
C ASN A 352 -9.01 -11.61 -13.95
N PRO A 353 -9.06 -10.39 -13.40
CA PRO A 353 -7.92 -9.48 -13.60
C PRO A 353 -6.66 -9.87 -12.82
N THR A 354 -5.52 -9.30 -13.23
CA THR A 354 -4.32 -9.34 -12.41
C THR A 354 -4.38 -8.24 -11.36
N SER A 355 -3.85 -8.52 -10.18
CA SER A 355 -3.73 -7.48 -9.15
C SER A 355 -2.35 -7.43 -8.51
N LEU A 356 -2.05 -6.23 -7.99
CA LEU A 356 -0.97 -5.95 -7.08
C LEU A 356 -1.60 -5.47 -5.80
N GLN A 357 -1.36 -6.15 -4.68
CA GLN A 357 -1.89 -5.75 -3.38
C GLN A 357 -0.80 -5.68 -2.34
N ASP A 358 -0.76 -4.60 -1.56
CA ASP A 358 0.34 -4.40 -0.61
C ASP A 358 1.67 -4.67 -1.29
N VAL A 359 1.86 -4.10 -2.46
CA VAL A 359 3.13 -4.09 -3.11
C VAL A 359 3.67 -2.67 -2.90
N PHE A 360 4.86 -2.60 -2.31
CA PHE A 360 5.51 -1.33 -2.00
C PHE A 360 6.83 -1.24 -2.74
N VAL A 361 7.19 -0.03 -3.16
CA VAL A 361 8.43 0.18 -3.86
C VAL A 361 9.20 1.26 -3.07
N ARG A 362 10.49 1.01 -2.86
CA ARG A 362 11.39 1.98 -2.24
C ARG A 362 12.57 2.28 -3.18
N ILE A 363 12.94 3.56 -3.30
CA ILE A 363 14.17 3.90 -4.00
C ILE A 363 15.05 4.76 -3.12
N GLY A 364 16.13 4.15 -2.66
CA GLY A 364 17.03 4.81 -1.71
C GLY A 364 16.58 4.62 -0.26
N GLY A 365 17.41 5.10 0.64
CA GLY A 365 17.08 5.19 2.05
C GLY A 365 17.82 4.11 2.87
N ALA A 366 17.88 2.90 2.31
CA ALA A 366 18.68 1.84 2.92
C ALA A 366 19.99 1.72 2.15
N GLY A 367 20.52 2.86 1.76
CA GLY A 367 21.56 2.91 0.75
C GLY A 367 21.02 3.34 -0.59
N PRO A 368 21.91 3.75 -1.49
CA PRO A 368 21.52 4.39 -2.75
C PRO A 368 20.69 3.49 -3.65
N GLY A 369 19.67 4.06 -4.27
CA GLY A 369 18.83 3.33 -5.21
C GLY A 369 18.40 4.28 -6.32
N LYS A 370 18.30 3.73 -7.52
CA LYS A 370 17.91 4.48 -8.70
C LYS A 370 17.00 3.64 -9.57
N ALA A 371 15.91 4.24 -10.01
CA ALA A 371 15.01 3.65 -11.00
C ALA A 371 14.38 4.74 -11.85
N THR A 372 14.19 4.51 -13.15
CA THR A 372 13.55 5.52 -14.00
C THR A 372 12.03 5.56 -13.81
N THR A 373 11.38 4.40 -14.01
CA THR A 373 9.99 4.24 -13.71
C THR A 373 9.86 3.05 -12.74
N SER A 374 9.04 3.19 -11.71
CA SER A 374 8.94 2.14 -10.71
C SER A 374 7.94 1.04 -11.09
N ILE A 375 6.69 1.42 -11.38
CA ILE A 375 5.64 0.50 -11.81
C ILE A 375 5.01 0.97 -13.13
N VAL A 376 5.06 0.09 -14.13
CA VAL A 376 4.33 0.27 -15.36
C VAL A 376 3.19 -0.73 -15.39
N VAL A 377 1.97 -0.23 -15.53
CA VAL A 377 0.80 -1.07 -15.65
C VAL A 377 0.35 -1.02 -17.11
N ASN A 378 0.80 -2.02 -17.88
CA ASN A 378 0.39 -2.18 -19.28
C ASN A 378 -0.96 -2.85 -19.48
N SER A 379 -1.19 -3.93 -18.73
CA SER A 379 -2.40 -4.76 -18.94
C SER A 379 -3.73 -4.13 -18.55
N ASN A 380 -4.71 -4.39 -19.39
CA ASN A 380 -6.07 -3.95 -19.16
C ASN A 380 -6.70 -4.59 -17.91
N ASP A 381 -7.60 -3.83 -17.32
CA ASP A 381 -8.39 -4.27 -16.16
C ASP A 381 -7.62 -4.59 -14.86
N THR A 382 -6.35 -4.21 -14.81
CA THR A 382 -5.53 -4.50 -13.65
C THR A 382 -6.05 -3.73 -12.43
N ILE A 383 -5.98 -4.38 -11.28
CA ILE A 383 -6.35 -3.77 -10.00
C ILE A 383 -5.11 -3.56 -9.11
N ILE A 384 -4.90 -2.31 -8.70
CA ILE A 384 -3.84 -1.96 -7.77
C ILE A 384 -4.53 -1.55 -6.49
N ASP A 385 -4.60 -2.48 -5.54
CA ASP A 385 -5.28 -2.33 -4.25
C ASP A 385 -4.23 -2.23 -3.11
N HIS A 386 -3.87 -0.99 -2.80
CA HIS A 386 -2.87 -0.62 -1.79
C HIS A 386 -1.44 -0.77 -2.30
N THR A 387 -0.87 0.36 -2.68
CA THR A 387 0.54 0.42 -3.04
C THR A 387 1.13 1.69 -2.48
N TRP A 388 2.41 1.62 -2.09
CA TRP A 388 3.19 2.80 -1.71
C TRP A 388 4.44 2.74 -2.54
N VAL A 389 4.59 3.72 -3.40
CA VAL A 389 5.70 3.79 -4.35
C VAL A 389 6.45 5.04 -3.90
N TRP A 390 7.62 4.86 -3.29
CA TRP A 390 8.27 5.87 -2.46
C TRP A 390 9.75 6.10 -2.82
N ARG A 391 10.03 7.26 -3.38
CA ARG A 391 11.42 7.67 -3.58
C ARG A 391 11.84 8.21 -2.21
N ALA A 392 12.87 7.63 -1.62
CA ALA A 392 13.22 7.97 -0.24
C ALA A 392 13.53 9.45 -0.06
N ASP A 393 12.96 10.03 0.99
CA ASP A 393 13.21 11.43 1.33
C ASP A 393 14.14 11.54 2.51
N HIS A 394 14.45 10.42 3.18
CA HIS A 394 15.38 10.45 4.33
C HIS A 394 16.05 9.12 4.38
N GLY A 395 17.11 9.05 5.19
CA GLY A 395 17.88 7.83 5.34
C GLY A 395 19.21 7.94 4.61
N GLU A 396 19.80 6.80 4.31
CA GLU A 396 21.10 6.75 3.66
C GLU A 396 21.02 6.55 2.15
N GLY A 397 21.91 7.23 1.45
CA GLY A 397 22.01 7.11 0.02
C GLY A 397 20.90 7.87 -0.67
N VAL A 398 20.55 9.02 -0.11
CA VAL A 398 19.51 9.87 -0.66
C VAL A 398 20.06 11.22 -1.06
N GLY A 399 19.95 11.53 -2.35
CA GLY A 399 20.08 12.90 -2.85
C GLY A 399 19.26 13.16 -4.14
N TRP A 400 19.11 14.44 -4.52
CA TRP A 400 18.38 14.82 -5.76
C TRP A 400 18.93 14.02 -6.95
N GLU A 401 20.20 13.66 -6.88
CA GLU A 401 20.77 12.70 -7.83
C GLU A 401 21.12 11.29 -7.29
N THR A 402 21.62 11.21 -6.06
CA THR A 402 22.02 9.91 -5.48
C THR A 402 20.85 8.88 -5.51
N ASN A 403 19.63 9.36 -5.30
CA ASN A 403 18.44 8.52 -5.60
C ASN A 403 17.39 9.12 -6.55
N ARG A 404 17.84 9.69 -7.69
CA ARG A 404 16.91 10.16 -8.71
C ARG A 404 16.02 8.98 -9.11
N ALA A 405 14.75 9.31 -9.22
CA ALA A 405 13.73 8.43 -9.71
C ALA A 405 12.70 9.36 -10.35
N ASP A 406 12.76 9.48 -11.67
CA ASP A 406 11.88 10.39 -12.36
C ASP A 406 10.40 10.10 -12.24
N TYR A 407 10.00 8.82 -12.36
CA TYR A 407 8.59 8.45 -12.56
C TYR A 407 8.18 7.32 -11.64
N GLY A 408 7.06 7.53 -10.98
CA GLY A 408 6.57 6.60 -10.00
C GLY A 408 5.80 5.48 -10.67
N VAL A 409 4.54 5.77 -10.96
CA VAL A 409 3.66 4.84 -11.65
C VAL A 409 3.23 5.40 -12.98
N HIS A 410 3.24 4.53 -14.01
CA HIS A 410 2.71 4.87 -15.32
C HIS A 410 1.68 3.82 -15.71
N VAL A 411 0.42 4.22 -15.71
CA VAL A 411 -0.64 3.32 -16.15
C VAL A 411 -0.95 3.51 -17.61
N LYS A 412 -0.65 2.48 -18.40
CA LYS A 412 -0.89 2.47 -19.84
C LYS A 412 -2.13 1.61 -20.25
N GLY A 413 -2.45 0.55 -19.51
CA GLY A 413 -3.67 -0.19 -19.76
C GLY A 413 -4.97 0.53 -19.49
N ASP A 414 -6.03 -0.04 -20.06
CA ASP A 414 -7.39 0.48 -19.99
C ASP A 414 -8.13 -0.19 -18.84
N ASN A 415 -9.16 0.50 -18.35
CA ASN A 415 -10.02 -0.02 -17.27
C ASN A 415 -9.27 -0.40 -16.02
N VAL A 416 -8.17 0.30 -15.75
CA VAL A 416 -7.37 0.02 -14.58
C VAL A 416 -7.94 0.74 -13.39
N LEU A 417 -7.96 0.07 -12.25
CA LEU A 417 -8.50 0.60 -10.99
C LEU A 417 -7.42 0.60 -9.93
N ALA A 418 -7.22 1.77 -9.31
CA ALA A 418 -6.31 1.91 -8.17
C ALA A 418 -7.17 2.30 -6.97
N THR A 419 -7.11 1.48 -5.92
CA THR A 419 -7.77 1.78 -4.64
C THR A 419 -6.71 1.81 -3.51
N GLY A 420 -6.53 2.99 -2.93
CA GLY A 420 -5.47 3.20 -1.94
C GLY A 420 -4.11 3.42 -2.59
N LEU A 421 -4.00 4.48 -3.38
CA LEU A 421 -2.78 4.77 -4.13
C LEU A 421 -1.91 5.82 -3.43
N PHE A 422 -0.72 5.42 -2.98
CA PHE A 422 0.20 6.33 -2.29
C PHE A 422 1.54 6.40 -3.07
N VAL A 423 1.89 7.59 -3.59
CA VAL A 423 3.07 7.73 -4.43
C VAL A 423 3.75 9.07 -4.12
N GLU A 424 5.05 9.05 -3.81
CA GLU A 424 5.73 10.25 -3.29
C GLU A 424 7.20 10.45 -3.71
N HIS A 425 7.52 11.72 -3.96
CA HIS A 425 8.86 12.31 -4.02
C HIS A 425 9.62 12.15 -5.35
N PHE A 426 8.94 11.69 -6.40
CA PHE A 426 9.61 11.49 -7.68
C PHE A 426 10.15 12.77 -8.34
N ASN A 427 11.22 12.67 -9.11
CA ASN A 427 11.83 13.88 -9.66
C ASN A 427 10.92 14.55 -10.71
N LYS A 428 10.04 13.76 -11.33
CA LYS A 428 9.08 14.30 -12.29
C LYS A 428 7.72 13.73 -11.94
N TYR A 429 6.93 13.25 -12.90
CA TYR A 429 5.56 12.85 -12.61
C TYR A 429 5.51 11.67 -11.66
N ASP A 430 4.85 11.86 -10.50
CA ASP A 430 4.71 10.75 -9.56
C ASP A 430 3.84 9.66 -10.19
N VAL A 431 2.73 10.10 -10.76
CA VAL A 431 1.78 9.27 -11.46
C VAL A 431 1.37 9.88 -12.82
N GLN A 432 1.50 9.06 -13.88
CA GLN A 432 0.99 9.37 -15.20
C GLN A 432 -0.04 8.30 -15.61
N TRP A 433 -1.14 8.73 -16.24
CA TRP A 433 -2.21 7.84 -16.68
C TRP A 433 -2.55 8.13 -18.15
N SER A 434 -2.27 7.15 -19.01
CA SER A 434 -2.49 7.23 -20.46
C SER A 434 -3.48 6.25 -21.05
N GLY A 435 -3.81 5.19 -20.34
CA GLY A 435 -4.88 4.28 -20.79
C GLY A 435 -6.25 4.93 -20.54
N GLU A 436 -7.32 4.22 -20.90
CA GLU A 436 -8.69 4.73 -20.86
C GLU A 436 -9.47 4.21 -19.63
N ASN A 437 -10.59 4.87 -19.36
CA ASN A 437 -11.53 4.62 -18.26
C ASN A 437 -10.83 4.14 -16.99
N GLY A 438 -9.88 4.97 -16.56
CA GLY A 438 -9.08 4.71 -15.39
C GLY A 438 -9.85 5.24 -14.20
N LYS A 439 -9.70 4.57 -13.08
CA LYS A 439 -10.38 4.94 -11.86
C LYS A 439 -9.40 4.89 -10.69
N THR A 440 -9.29 6.00 -9.94
CA THR A 440 -8.53 6.03 -8.70
C THR A 440 -9.43 6.47 -7.56
N ILE A 441 -9.50 5.64 -6.53
CA ILE A 441 -10.20 5.95 -5.29
C ILE A 441 -9.14 6.04 -4.21
N PHE A 442 -8.95 7.28 -3.76
CA PHE A 442 -7.93 7.67 -2.81
C PHE A 442 -6.52 7.73 -3.39
N TYR A 443 -5.98 8.95 -3.37
CA TYR A 443 -4.59 9.23 -3.71
C TYR A 443 -3.92 10.12 -2.66
N GLN A 444 -2.72 9.70 -2.28
CA GLN A 444 -1.90 10.52 -1.44
C GLN A 444 -0.53 10.67 -2.08
N ASN A 445 -0.12 11.93 -2.22
CA ASN A 445 1.18 12.27 -2.77
C ASN A 445 1.86 13.32 -1.92
N ALA A 446 3.17 13.21 -1.83
CA ALA A 446 3.99 14.38 -1.46
C ALA A 446 5.05 14.56 -2.56
N LYS A 447 5.35 15.81 -2.91
CA LYS A 447 6.30 16.10 -3.96
C LYS A 447 7.72 15.94 -3.44
N ALA A 448 8.67 15.86 -4.38
CA ALA A 448 10.08 15.79 -4.03
C ALA A 448 10.38 16.95 -3.10
N TYR A 449 10.96 16.65 -1.94
CA TYR A 449 11.33 17.66 -0.96
C TYR A 449 12.70 18.34 -1.29
N ASP A 450 13.45 17.70 -2.17
CA ASP A 450 14.87 18.03 -2.34
C ASP A 450 15.23 18.68 -3.71
N ALA A 451 14.25 19.14 -4.49
CA ALA A 451 14.49 19.88 -5.72
C ALA A 451 15.33 21.13 -5.36
N PRO A 452 16.45 21.35 -6.04
CA PRO A 452 17.35 22.44 -5.59
C PRO A 452 16.94 23.83 -6.02
N ASP A 453 16.15 23.94 -7.08
CA ASP A 453 15.74 25.25 -7.58
C ASP A 453 14.64 25.11 -8.62
N GLN A 454 14.06 26.24 -9.03
CA GLN A 454 12.95 26.25 -9.96
C GLN A 454 13.33 25.65 -11.33
N ALA A 455 14.50 26.07 -11.84
CA ALA A 455 15.00 25.62 -13.12
C ALA A 455 15.00 24.09 -13.18
N ALA A 456 15.32 23.46 -12.06
CA ALA A 456 15.52 22.02 -12.06
C ALA A 456 14.25 21.17 -12.17
N ILE A 457 13.07 21.78 -12.14
CA ILE A 457 11.85 20.96 -12.13
C ILE A 457 10.90 21.46 -13.18
N GLN A 458 11.43 22.32 -14.02
CA GLN A 458 10.67 22.93 -15.09
C GLN A 458 10.24 21.86 -16.11
N ASN A 459 8.97 21.87 -16.55
CA ASN A 459 8.43 20.86 -17.48
C ASN A 459 7.77 21.59 -18.65
N GLY A 460 8.57 21.79 -19.70
CA GLY A 460 8.20 22.69 -20.77
C GLY A 460 7.81 24.06 -20.26
N ASP A 461 6.53 24.38 -20.45
CA ASP A 461 5.95 25.65 -20.02
C ASP A 461 5.29 25.58 -18.63
N ILE A 462 5.42 24.45 -17.94
CA ILE A 462 4.84 24.30 -16.62
C ILE A 462 5.90 24.30 -15.53
N LYS A 463 5.62 24.99 -14.43
CA LYS A 463 6.47 24.90 -13.23
C LYS A 463 6.16 23.61 -12.47
N GLY A 464 7.14 22.73 -12.42
CA GLY A 464 7.00 21.47 -11.71
C GLY A 464 6.24 20.45 -12.55
N TYR A 465 6.30 19.20 -12.08
CA TYR A 465 5.57 18.09 -12.68
C TYR A 465 4.39 17.68 -11.80
N ALA A 466 3.21 17.53 -12.42
CA ALA A 466 2.03 17.07 -11.70
C ALA A 466 2.33 15.84 -10.88
N ALA A 467 1.73 15.78 -9.69
CA ALA A 467 1.71 14.57 -8.91
C ALA A 467 0.90 13.47 -9.62
N TYR A 468 -0.09 13.93 -10.40
CA TYR A 468 -1.02 13.02 -11.07
C TYR A 468 -1.43 13.65 -12.37
N LYS A 469 -0.99 13.02 -13.48
CA LYS A 469 -1.07 13.53 -14.84
C LYS A 469 -1.89 12.57 -15.70
N VAL A 470 -3.00 13.05 -16.24
CA VAL A 470 -3.77 12.33 -17.25
C VAL A 470 -3.40 12.90 -18.62
N ASP A 471 -2.95 12.04 -19.54
CA ASP A 471 -2.58 12.49 -20.87
C ASP A 471 -3.75 13.12 -21.59
N ASP A 472 -3.45 13.99 -22.55
CA ASP A 472 -4.52 14.77 -23.14
C ASP A 472 -5.45 13.95 -24.05
N SER A 473 -4.93 12.96 -24.74
CA SER A 473 -5.78 12.12 -25.56
C SER A 473 -6.81 11.31 -24.74
N VAL A 474 -6.52 10.93 -23.50
CA VAL A 474 -7.50 10.20 -22.67
C VAL A 474 -8.92 10.78 -22.82
N THR A 475 -9.90 9.89 -22.92
CA THR A 475 -11.32 10.26 -23.14
C THR A 475 -12.05 10.26 -21.81
N THR A 476 -11.75 9.23 -21.05
CA THR A 476 -12.51 8.85 -19.89
C THR A 476 -11.52 8.52 -18.75
N HIS A 477 -11.79 9.09 -17.57
CA HIS A 477 -10.98 8.91 -16.37
C HIS A 477 -11.79 9.44 -15.19
N GLU A 478 -11.63 8.83 -14.02
CA GLU A 478 -12.34 9.30 -12.81
C GLU A 478 -11.51 9.05 -11.55
N GLY A 479 -11.24 10.13 -10.79
CA GLY A 479 -10.61 10.02 -9.50
C GLY A 479 -11.40 10.67 -8.34
N TRP A 480 -11.21 10.13 -7.14
CA TRP A 480 -11.95 10.55 -5.96
C TRP A 480 -11.02 10.65 -4.75
N GLY A 481 -10.98 11.79 -4.06
CA GLY A 481 -10.37 11.89 -2.76
C GLY A 481 -8.85 11.82 -2.89
N MET A 482 -8.28 12.89 -3.44
CA MET A 482 -6.92 12.92 -3.90
C MET A 482 -6.17 14.20 -3.54
N GLY A 483 -5.02 14.01 -2.91
CA GLY A 483 -4.25 15.12 -2.40
C GLY A 483 -2.76 15.01 -2.68
N SER A 484 -2.18 16.19 -2.91
CA SER A 484 -0.75 16.32 -3.12
C SER A 484 -0.23 17.40 -2.18
N TYR A 485 0.84 17.10 -1.47
CA TYR A 485 1.44 18.06 -0.52
C TYR A 485 2.88 18.37 -0.90
N CYS A 486 3.35 19.59 -0.61
CA CYS A 486 4.75 19.95 -0.89
C CYS A 486 5.48 20.37 0.37
N TYR A 487 6.78 20.08 0.39
CA TYR A 487 7.67 20.47 1.47
C TYR A 487 9.03 20.60 0.84
N PHE A 488 9.19 21.71 0.12
CA PHE A 488 10.42 21.98 -0.58
C PHE A 488 11.43 22.60 0.39
N ASN A 489 12.09 21.78 1.21
CA ASN A 489 12.99 22.37 2.21
C ASN A 489 14.27 22.84 1.62
N VAL A 490 14.79 22.09 0.66
CA VAL A 490 16.02 22.48 0.00
C VAL A 490 15.83 23.92 -0.50
N ASN A 491 14.72 24.19 -1.21
CA ASN A 491 14.49 25.52 -1.81
C ASN A 491 13.01 25.90 -1.64
N PRO A 492 12.70 26.50 -0.49
CA PRO A 492 11.32 26.86 -0.14
C PRO A 492 10.74 28.00 -0.93
N ASP A 493 11.49 28.59 -1.86
CA ASP A 493 10.96 29.62 -2.73
C ASP A 493 10.34 29.04 -4.02
N ILE A 494 10.46 27.72 -4.18
CA ILE A 494 9.90 27.00 -5.33
C ILE A 494 8.39 27.17 -5.40
N ARG A 495 7.89 27.22 -6.62
CA ARG A 495 6.45 27.11 -6.87
C ARG A 495 6.13 25.88 -7.69
N GLN A 496 5.08 25.19 -7.28
CA GLN A 496 4.55 24.02 -8.00
C GLN A 496 3.23 24.48 -8.65
N GLN A 497 3.10 24.42 -9.97
CA GLN A 497 1.93 24.99 -10.62
C GLN A 497 0.60 24.28 -10.25
N HIS A 498 0.68 22.98 -9.97
CA HIS A 498 -0.49 22.18 -9.67
C HIS A 498 -0.16 20.82 -9.09
N GLY A 499 -1.13 20.25 -8.36
CA GLY A 499 -1.10 18.87 -7.93
C GLY A 499 -1.47 17.88 -9.05
N PHE A 500 -2.39 18.31 -9.90
CA PHE A 500 -3.03 17.46 -10.87
C PHE A 500 -3.01 18.17 -12.21
N GLN A 501 -2.90 17.37 -13.27
CA GLN A 501 -3.03 17.86 -14.61
C GLN A 501 -3.82 16.87 -15.45
N ALA A 502 -4.81 17.37 -16.17
CA ALA A 502 -5.69 16.50 -16.91
C ALA A 502 -6.37 17.27 -18.04
N PRO A 503 -6.90 16.54 -19.01
CA PRO A 503 -7.72 17.12 -20.06
C PRO A 503 -9.04 17.64 -19.53
N VAL A 504 -9.55 18.69 -20.18
CA VAL A 504 -10.90 19.24 -19.94
C VAL A 504 -11.88 18.69 -20.96
N LYS A 505 -12.55 17.61 -20.56
CA LYS A 505 -13.35 16.76 -21.45
C LYS A 505 -14.49 16.20 -20.59
N PRO A 506 -15.65 15.92 -21.21
CA PRO A 506 -16.76 15.53 -20.33
C PRO A 506 -16.58 14.18 -19.64
N GLY A 507 -15.81 13.29 -20.23
CA GLY A 507 -15.61 11.97 -19.63
C GLY A 507 -14.48 11.96 -18.61
N VAL A 508 -13.92 13.13 -18.34
CA VAL A 508 -12.82 13.28 -17.35
C VAL A 508 -13.27 14.03 -16.09
N LYS A 509 -13.46 13.31 -14.99
CA LYS A 509 -14.07 13.85 -13.78
C LYS A 509 -13.17 13.66 -12.60
N PHE A 510 -13.16 14.61 -11.67
CA PHE A 510 -12.47 14.47 -10.39
C PHE A 510 -13.39 14.97 -9.30
N HIS A 511 -13.22 14.37 -8.14
CA HIS A 511 -14.02 14.65 -6.97
C HIS A 511 -13.08 14.74 -5.79
N ASP A 512 -13.20 15.84 -5.05
CA ASP A 512 -12.54 16.07 -3.77
C ASP A 512 -11.01 16.01 -3.93
N LEU A 513 -10.46 17.09 -4.52
CA LEU A 513 -9.04 17.27 -4.78
C LEU A 513 -8.51 18.32 -3.85
N LEU A 514 -7.25 18.17 -3.45
CA LEU A 514 -6.58 19.20 -2.68
C LEU A 514 -5.07 19.24 -2.85
N VAL A 515 -4.49 20.41 -2.59
CA VAL A 515 -3.07 20.52 -2.44
C VAL A 515 -2.79 21.26 -1.13
N VAL A 516 -1.62 21.00 -0.57
CA VAL A 516 -1.23 21.55 0.74
C VAL A 516 0.27 21.79 0.79
N SER A 517 0.68 23.01 1.13
CA SER A 517 2.06 23.26 1.46
C SER A 517 2.27 22.98 2.93
N LEU A 518 3.33 22.26 3.24
CA LEU A 518 3.62 21.87 4.58
C LEU A 518 4.51 22.95 5.23
N GLY A 519 3.90 23.69 6.14
CA GLY A 519 4.50 24.85 6.76
C GLY A 519 5.19 25.87 5.84
N GLY A 520 4.60 26.12 4.67
CA GLY A 520 5.06 27.17 3.77
C GLY A 520 6.41 26.91 3.12
N LYS A 521 6.76 25.64 2.99
CA LYS A 521 7.97 25.23 2.31
C LYS A 521 7.65 24.96 0.84
N GLY A 522 7.69 26.03 0.06
CA GLY A 522 7.15 26.03 -1.27
C GLY A 522 5.64 26.32 -1.19
N GLN A 523 5.04 26.60 -2.33
CA GLN A 523 3.60 26.73 -2.44
C GLN A 523 3.11 26.21 -3.83
N TYR A 524 1.84 25.80 -3.90
CA TYR A 524 1.22 25.56 -5.18
C TYR A 524 0.58 26.83 -5.73
N GLU A 525 0.52 26.94 -7.03
CA GLU A 525 -0.12 28.08 -7.71
C GLU A 525 -1.60 27.79 -7.92
N HIS A 526 -1.92 26.51 -8.05
CA HIS A 526 -3.26 26.03 -8.35
C HIS A 526 -3.41 24.56 -7.87
N VAL A 527 -4.64 24.08 -7.91
CA VAL A 527 -4.97 22.70 -7.55
C VAL A 527 -4.79 21.73 -8.75
N ILE A 528 -5.52 22.03 -9.83
CA ILE A 528 -5.50 21.25 -11.08
C ILE A 528 -5.46 22.18 -12.30
N ASN A 529 -4.55 21.91 -13.23
CA ASN A 529 -4.32 22.79 -14.37
C ASN A 529 -4.20 24.26 -13.84
N ASP A 530 -4.95 25.21 -14.42
CA ASP A 530 -4.93 26.62 -13.95
C ASP A 530 -6.09 26.94 -12.97
N ILE A 531 -6.66 25.90 -12.38
CA ILE A 531 -7.88 26.03 -11.61
C ILE A 531 -7.64 25.78 -10.09
N GLY A 532 -8.30 26.57 -9.25
CA GLY A 532 -8.15 26.44 -7.81
C GLY A 532 -7.22 27.47 -7.21
N ASP A 533 -7.49 27.85 -5.97
CA ASP A 533 -6.67 28.84 -5.24
C ASP A 533 -5.27 28.31 -5.17
N PRO A 534 -4.29 29.22 -5.20
CA PRO A 534 -2.93 28.85 -4.73
C PRO A 534 -2.89 28.63 -3.22
N THR A 535 -1.92 27.87 -2.74
CA THR A 535 -1.75 27.75 -1.32
C THR A 535 -1.03 29.01 -0.86
N SER A 536 -1.20 29.36 0.40
CA SER A 536 -0.52 30.55 0.94
C SER A 536 -0.40 30.49 2.48
N GLY A 537 0.40 31.37 3.06
CA GLY A 537 0.67 31.31 4.48
C GLY A 537 1.66 30.20 4.79
N ASP A 538 1.91 30.03 6.08
CA ASP A 538 2.71 28.90 6.54
C ASP A 538 1.91 27.99 7.45
N THR A 539 0.58 28.07 7.33
CA THR A 539 -0.37 27.46 8.27
C THR A 539 -0.96 26.08 7.82
N THR A 540 -0.48 25.55 6.69
CA THR A 540 -0.86 24.21 6.24
C THR A 540 -2.36 24.07 6.06
N ILE A 541 -2.92 25.08 5.41
CA ILE A 541 -4.34 25.06 5.06
C ILE A 541 -4.54 24.58 3.60
N PRO A 542 -5.26 23.46 3.41
CA PRO A 542 -5.46 22.96 2.05
C PRO A 542 -6.25 23.89 1.14
N SER A 543 -5.81 24.00 -0.10
CA SER A 543 -6.66 24.55 -1.16
C SER A 543 -7.30 23.38 -1.91
N GLN A 544 -8.60 23.52 -2.17
CA GLN A 544 -9.45 22.42 -2.56
C GLN A 544 -10.25 22.73 -3.82
N VAL A 545 -10.56 21.67 -4.55
CA VAL A 545 -11.55 21.65 -5.62
C VAL A 545 -12.52 20.49 -5.35
N VAL A 546 -13.79 20.80 -5.06
CA VAL A 546 -14.81 19.77 -4.82
C VAL A 546 -15.05 18.89 -6.08
N SER A 547 -15.21 19.55 -7.21
CA SER A 547 -15.68 18.90 -8.45
C SER A 547 -14.95 19.48 -9.62
N PHE A 548 -14.71 18.61 -10.60
CA PHE A 548 -14.03 18.98 -11.82
C PHE A 548 -14.49 18.02 -12.92
N PRO A 549 -14.66 18.51 -14.14
CA PRO A 549 -14.33 19.88 -14.58
C PRO A 549 -15.51 20.81 -14.26
C2 BGC B . -2.20 17.49 12.36
C3 BGC B . -1.60 18.49 11.52
C4 BGC B . -2.57 19.48 10.98
C5 BGC B . -3.44 20.07 12.13
C6 BGC B . -4.49 20.72 11.65
C1 BGC B . -3.04 18.06 13.40
O1 BGC B . -3.71 17.07 14.11
O2 BGC B . -1.15 16.76 13.07
O3 BGC B . -0.86 17.84 10.41
O4 BGC B . -1.98 20.55 10.24
O5 BGC B . -4.05 18.89 12.82
O6 BGC B . -5.28 21.20 12.65
C2 BGC B . 1.19 17.21 9.37
C3 BGC B . 2.56 17.51 9.15
C4 BGC B . 2.79 18.98 9.08
C5 BGC B . 2.36 19.56 10.45
C6 BGC B . 2.76 20.83 10.69
C1 BGC B . 0.55 18.00 10.44
O2 BGC B . 0.94 15.79 9.68
O3 BGC B . 2.94 16.82 7.89
O4 BGC B . 4.12 19.32 8.81
O5 BGC B . 0.86 19.41 10.35
O6 BGC B . 1.80 21.79 11.06
C2 BGC B . 4.28 15.12 6.80
C3 BGC B . 5.60 14.67 6.48
C4 BGC B . 6.51 15.77 6.19
C5 BGC B . 6.55 16.80 7.39
C6 BGC B . 7.37 17.87 7.19
C1 BGC B . 4.23 16.27 7.79
O2 BGC B . 3.49 14.04 7.35
O3 BGC B . 5.55 13.80 5.25
O4 BGC B . 7.80 15.34 5.85
O5 BGC B . 5.14 17.31 7.40
O6 BGC B . 7.34 18.87 8.15
C2 BGC B . 5.96 11.76 4.08
C3 BGC B . 6.82 10.58 4.02
C4 BGC B . 8.13 10.78 4.69
C5 BGC B . 7.94 11.17 6.18
C6 BGC B . 9.10 11.42 6.84
C1 BGC B . 5.88 12.45 5.41
O2 BGC B . 4.59 11.50 3.61
O3 BGC B . 7.06 10.18 2.60
O4 BGC B . 9.05 9.70 4.67
O5 BGC B . 7.12 12.45 6.11
O6 BGC B . 9.81 12.55 6.44
C2 BGC C . -0.84 0.79 23.57
C3 BGC C . -2.29 0.71 24.07
C4 BGC C . -2.59 -0.38 25.10
C5 BGC C . -1.50 -0.28 26.16
C6 BGC C . -1.89 -1.09 27.42
C1 BGC C . 0.25 0.34 24.59
O2 BGC C . -0.62 2.12 23.07
O3 BGC C . -3.16 0.63 22.97
O4 BGC C . -3.88 -0.23 25.71
O5 BGC C . -0.28 -0.61 25.54
O6 BGC C . -0.99 -2.13 27.80
C1 EDO D . 16.84 -4.65 2.42
O1 EDO D . 15.78 -4.28 1.55
C2 EDO D . 17.18 -3.39 3.20
O2 EDO D . 16.07 -3.00 4.01
H11 EDO D . 17.70 -5.00 1.84
H12 EDO D . 16.53 -5.44 3.11
HO1 EDO D . 15.91 -4.70 0.70
H21 EDO D . 17.44 -2.59 2.49
H22 EDO D . 18.06 -3.58 3.84
HO2 EDO D . 16.35 -2.33 4.65
C1 EDO E . 9.08 17.34 -9.31
O1 EDO E . 7.97 16.45 -9.50
C2 EDO E . 8.61 18.67 -8.69
O2 EDO E . 7.50 19.22 -9.40
H11 EDO E . 9.55 17.55 -10.27
H12 EDO E . 9.81 16.86 -8.67
HO1 EDO E . 8.28 15.54 -9.50
H21 EDO E . 9.44 19.38 -8.72
H22 EDO E . 8.35 18.51 -7.65
HO2 EDO E . 7.12 19.96 -8.89
C1 EDO F . 14.00 -3.70 -19.12
O1 EDO F . 13.56 -4.93 -18.52
C2 EDO F . 12.84 -2.71 -19.19
O2 EDO F . 11.70 -3.25 -19.90
H11 EDO F . 14.39 -3.90 -20.12
H12 EDO F . 14.81 -3.28 -18.53
HO1 EDO F . 14.32 -5.51 -18.35
H21 EDO F . 13.18 -1.80 -19.71
H22 EDO F . 12.55 -2.42 -18.19
HO2 EDO F . 11.04 -2.56 -20.03
N GLU A 1 12.18 -30.07 -11.93
CA GLU A 1 13.20 -29.53 -11.06
C GLU A 1 12.76 -28.48 -9.99
N VAL A 2 11.47 -28.37 -9.64
CA VAL A 2 11.15 -27.66 -8.39
C VAL A 2 9.97 -28.20 -7.59
N VAL A 3 10.25 -28.57 -6.35
CA VAL A 3 9.23 -29.19 -5.50
C VAL A 3 8.35 -28.19 -4.79
N GLY A 4 7.15 -28.64 -4.53
CA GLY A 4 6.28 -27.88 -3.71
C GLY A 4 6.82 -27.87 -2.30
N GLY A 5 6.12 -27.13 -1.44
CA GLY A 5 6.17 -27.36 -0.02
C GLY A 5 7.54 -27.18 0.60
N GLY A 6 7.64 -27.66 1.83
CA GLY A 6 8.83 -27.50 2.63
C GLY A 6 8.63 -26.59 3.83
N ASP A 7 9.69 -26.46 4.61
CA ASP A 7 9.72 -25.55 5.72
C ASP A 7 9.28 -24.15 5.32
N LEU A 8 8.61 -23.44 6.21
CA LEU A 8 8.43 -21.99 6.00
C LEU A 8 9.61 -21.24 6.54
N GLY A 9 10.40 -21.94 7.34
CA GLY A 9 11.67 -21.41 7.78
C GLY A 9 11.56 -20.54 9.02
N PRO A 10 12.70 -20.29 9.65
CA PRO A 10 12.74 -19.73 10.99
C PRO A 10 12.23 -18.29 11.12
N ASN A 11 12.15 -17.48 10.06
CA ASN A 11 11.61 -16.13 10.20
C ASN A 11 10.07 -16.05 10.24
N VAL A 12 9.41 -17.21 10.17
CA VAL A 12 7.98 -17.37 10.46
C VAL A 12 7.77 -17.91 11.90
N LEU A 13 7.75 -17.03 12.90
CA LEU A 13 7.48 -17.42 14.32
C LEU A 13 6.05 -17.90 14.39
N VAL A 14 5.88 -19.09 14.92
CA VAL A 14 4.56 -19.69 14.94
C VAL A 14 4.20 -20.01 16.39
N PHE A 15 3.10 -19.41 16.81
CA PHE A 15 2.60 -19.53 18.18
C PHE A 15 1.24 -20.29 18.20
N ASP A 16 1.09 -21.27 19.08
CA ASP A 16 -0.23 -21.89 19.37
C ASP A 16 -0.79 -21.33 20.68
N PRO A 17 -2.06 -21.61 21.01
CA PRO A 17 -2.61 -21.06 22.26
C PRO A 17 -1.76 -21.43 23.49
N SER A 18 -1.13 -22.59 23.47
CA SER A 18 -0.26 -23.02 24.56
C SER A 18 1.21 -22.69 24.44
N THR A 19 1.62 -22.07 23.35
CA THR A 19 3.02 -21.73 23.21
C THR A 19 3.51 -21.02 24.46
N PRO A 20 4.57 -21.52 25.08
CA PRO A 20 5.04 -20.80 26.26
C PRO A 20 5.54 -19.38 25.96
N ASP A 21 5.05 -18.42 26.71
CA ASP A 21 5.76 -17.17 26.87
C ASP A 21 5.69 -16.25 25.61
N ILE A 22 4.47 -15.96 25.22
CA ILE A 22 4.22 -15.19 24.02
C ILE A 22 4.59 -13.71 24.22
N GLN A 23 4.26 -13.16 25.38
CA GLN A 23 4.56 -11.76 25.65
C GLN A 23 6.06 -11.44 25.51
N GLY A 24 6.87 -12.15 26.30
CA GLY A 24 8.32 -11.93 26.31
C GLY A 24 8.92 -12.05 24.92
N LYS A 25 8.46 -13.07 24.18
CA LYS A 25 8.98 -13.39 22.85
C LYS A 25 8.71 -12.30 21.81
N VAL A 26 7.43 -11.98 21.60
CA VAL A 26 7.03 -10.90 20.71
C VAL A 26 7.68 -9.53 21.03
N ASP A 27 7.78 -9.17 22.31
CA ASP A 27 8.55 -7.95 22.63
C ASP A 27 10.02 -8.02 22.23
N GLU A 28 10.67 -9.21 22.14
CA GLU A 28 12.09 -9.26 21.73
C GLU A 28 12.22 -8.85 20.26
N VAL A 29 11.21 -9.26 19.50
CA VAL A 29 11.15 -9.00 18.05
C VAL A 29 10.89 -7.52 17.91
N PHE A 30 9.98 -7.02 18.72
CA PHE A 30 9.68 -5.60 18.77
C PHE A 30 10.92 -4.84 19.22
N ARG A 31 11.36 -5.11 20.43
CA ARG A 31 12.64 -4.59 20.94
C ARG A 31 13.73 -4.55 19.80
N LYS A 32 13.78 -5.56 18.94
CA LYS A 32 14.66 -5.51 17.76
C LYS A 32 14.26 -4.55 16.63
N GLN A 33 12.99 -4.61 16.20
CA GLN A 33 12.50 -3.98 14.96
C GLN A 33 11.89 -2.59 15.10
N GLU A 34 11.39 -2.30 16.29
CA GLU A 34 10.87 -1.00 16.69
C GLU A 34 11.55 0.19 16.01
N SER A 35 12.86 0.20 15.98
CA SER A 35 13.57 1.38 15.46
C SER A 35 14.43 1.02 14.22
N ASN A 36 14.28 -0.21 13.75
CA ASN A 36 15.08 -0.73 12.66
C ASN A 36 14.50 -0.41 11.28
N GLN A 37 14.59 0.86 10.90
CA GLN A 37 13.81 1.32 9.76
C GLN A 37 14.37 0.78 8.45
N PHE A 38 15.69 0.60 8.40
CA PHE A 38 16.34 0.25 7.18
C PHE A 38 17.19 -1.02 7.20
N GLY A 39 17.26 -1.72 8.34
CA GLY A 39 17.89 -3.04 8.40
C GLY A 39 17.34 -4.07 7.45
N THR A 40 17.93 -5.27 7.45
CA THR A 40 17.48 -6.36 6.56
C THR A 40 16.70 -7.51 7.24
N ASP A 41 16.44 -7.42 8.55
CA ASP A 41 15.62 -8.45 9.23
C ASP A 41 14.14 -8.35 8.87
N ARG A 42 13.46 -9.49 8.83
CA ARG A 42 12.12 -9.62 8.30
C ARG A 42 11.46 -10.73 9.12
N TYR A 43 10.25 -10.47 9.67
CA TYR A 43 9.55 -11.45 10.48
C TYR A 43 8.08 -11.54 10.25
N ALA A 44 7.61 -12.79 10.19
CA ALA A 44 6.19 -13.09 10.20
C ALA A 44 5.83 -13.75 11.54
N LEU A 45 4.85 -13.17 12.24
CA LEU A 45 4.24 -13.75 13.43
C LEU A 45 2.85 -14.28 13.01
N MET A 46 2.68 -15.61 13.02
CA MET A 46 1.44 -16.22 12.59
C MET A 46 0.87 -17.00 13.79
N PHE A 47 -0.41 -16.78 14.10
CA PHE A 47 -1.07 -17.39 15.26
C PHE A 47 -2.14 -18.41 14.89
N LYS A 48 -1.93 -19.65 15.36
CA LYS A 48 -2.91 -20.72 15.14
C LYS A 48 -4.22 -20.28 15.82
N PRO A 49 -5.36 -20.79 15.32
CA PRO A 49 -6.66 -20.44 15.88
C PRO A 49 -6.71 -20.81 17.35
N GLY A 50 -7.56 -20.10 18.08
CA GLY A 50 -7.63 -20.20 19.51
C GLY A 50 -7.77 -18.85 20.19
N THR A 51 -7.64 -18.87 21.52
CA THR A 51 -7.79 -17.68 22.32
C THR A 51 -6.49 -17.40 23.05
N TYR A 52 -6.06 -16.14 22.99
CA TYR A 52 -4.85 -15.65 23.63
C TYR A 52 -5.14 -14.51 24.64
N ASN A 53 -4.98 -14.82 25.91
CA ASN A 53 -5.10 -13.82 26.97
C ASN A 53 -3.79 -13.12 27.20
N ASP A 54 -3.86 -11.96 27.85
CA ASP A 54 -2.65 -11.34 28.39
C ASP A 54 -1.62 -11.15 27.28
N ILE A 55 -2.04 -10.47 26.21
CA ILE A 55 -1.15 -10.28 25.06
C ILE A 55 -1.27 -8.87 24.57
N ASN A 56 -0.11 -8.31 24.30
CA ASN A 56 -0.02 -7.05 23.61
C ASN A 56 1.13 -7.15 22.60
N ALA A 57 0.75 -7.48 21.36
CA ALA A 57 1.70 -7.63 20.27
C ALA A 57 2.04 -6.23 19.73
N GLN A 58 3.17 -5.70 20.18
CA GLN A 58 3.67 -4.44 19.63
C GLN A 58 4.41 -4.75 18.34
N ILE A 59 4.15 -3.96 17.32
CA ILE A 59 4.58 -4.27 15.95
C ILE A 59 5.53 -3.19 15.43
N GLY A 60 6.79 -3.59 15.28
CA GLY A 60 7.81 -2.70 14.72
C GLY A 60 7.99 -2.86 13.22
N PHE A 61 9.13 -2.36 12.73
CA PHE A 61 9.43 -2.41 11.30
C PHE A 61 9.59 -3.84 10.75
N TYR A 62 9.01 -4.07 9.56
CA TYR A 62 9.19 -5.30 8.80
C TYR A 62 8.66 -6.51 9.55
N THR A 63 7.53 -6.31 10.19
CA THR A 63 6.86 -7.35 10.94
C THR A 63 5.42 -7.42 10.43
N SER A 64 5.04 -8.65 10.08
CA SER A 64 3.67 -8.99 9.74
C SER A 64 3.07 -9.84 10.89
N ILE A 65 1.81 -9.59 11.20
CA ILE A 65 1.11 -10.42 12.17
C ILE A 65 -0.22 -10.84 11.57
N ALA A 66 -0.53 -12.12 11.77
CA ALA A 66 -1.74 -12.70 11.22
C ALA A 66 -2.26 -13.91 12.00
N GLY A 67 -3.57 -14.11 11.91
CA GLY A 67 -4.21 -15.36 12.27
C GLY A 67 -4.37 -16.29 11.07
N LEU A 68 -4.67 -17.55 11.39
CA LEU A 68 -4.62 -18.66 10.45
C LEU A 68 -5.93 -19.45 10.41
N GLY A 69 -6.97 -18.84 10.97
CA GLY A 69 -8.28 -19.37 10.78
C GLY A 69 -8.78 -19.03 9.41
N LEU A 70 -9.89 -19.65 9.04
CA LEU A 70 -10.48 -19.29 7.78
C LEU A 70 -10.98 -17.87 7.85
N ASN A 71 -11.84 -17.63 8.83
CA ASN A 71 -12.34 -16.31 9.15
C ASN A 71 -11.72 -15.66 10.40
N PRO A 72 -11.81 -14.32 10.50
CA PRO A 72 -11.11 -13.55 11.54
C PRO A 72 -11.42 -13.96 13.01
N ASP A 73 -12.66 -14.21 13.36
CA ASP A 73 -13.00 -14.57 14.77
C ASP A 73 -12.34 -15.89 15.25
N ASP A 74 -11.95 -16.75 14.29
CA ASP A 74 -11.20 -17.97 14.61
C ASP A 74 -9.92 -17.77 15.42
N THR A 75 -9.32 -16.59 15.34
CA THR A 75 -8.10 -16.31 16.07
C THR A 75 -8.25 -15.04 16.86
N THR A 76 -8.57 -15.22 18.14
CA THR A 76 -8.96 -14.11 19.01
C THR A 76 -7.94 -13.74 20.07
N PHE A 77 -7.58 -12.45 20.11
CA PHE A 77 -6.71 -11.89 21.14
C PHE A 77 -7.56 -11.14 22.16
N ASN A 78 -7.43 -11.53 23.42
CA ASN A 78 -7.85 -10.70 24.54
C ASN A 78 -6.62 -9.93 24.90
N GLY A 79 -6.66 -8.65 24.53
CA GLY A 79 -5.48 -7.86 24.27
C GLY A 79 -5.44 -7.20 22.90
N ASP A 80 -4.25 -6.78 22.51
CA ASP A 80 -4.06 -5.77 21.48
C ASP A 80 -3.00 -6.13 20.43
N VAL A 81 -3.11 -5.47 19.28
CA VAL A 81 -2.05 -5.40 18.28
C VAL A 81 -1.74 -3.90 18.09
N THR A 82 -0.58 -3.50 18.53
CA THR A 82 -0.31 -2.10 18.77
C THR A 82 0.83 -1.61 17.91
N VAL A 83 0.58 -0.47 17.28
CA VAL A 83 1.61 0.41 16.77
C VAL A 83 1.47 1.78 17.49
N ASP A 84 2.54 2.20 18.19
CA ASP A 84 2.55 3.51 18.88
C ASP A 84 3.86 4.18 18.40
N ALA A 85 4.36 5.21 19.08
CA ALA A 85 5.42 6.01 18.49
C ALA A 85 6.51 6.49 19.45
N GLY A 86 6.46 6.08 20.71
CA GLY A 86 7.65 6.06 21.54
C GLY A 86 9.03 6.02 20.85
N TRP A 87 9.30 5.07 19.95
CA TRP A 87 10.62 5.05 19.28
C TRP A 87 10.95 6.34 18.51
N PHE A 88 10.01 7.30 18.36
CA PHE A 88 10.36 8.58 17.71
C PHE A 88 9.59 9.82 18.23
N ASP A 89 9.69 10.07 19.53
CA ASP A 89 9.25 11.33 20.12
C ASP A 89 7.75 11.57 19.85
N GLY A 90 7.02 10.48 19.63
CA GLY A 90 5.60 10.54 19.39
C GLY A 90 5.22 10.81 17.95
N ASN A 91 6.19 11.06 17.08
CA ASN A 91 5.93 11.31 15.69
C ASN A 91 5.72 9.98 14.98
N ALA A 92 4.56 9.76 14.37
CA ALA A 92 4.27 8.45 13.70
C ALA A 92 4.51 8.41 12.20
N THR A 93 5.09 9.48 11.63
CA THR A 93 5.28 9.56 10.16
C THR A 93 6.42 8.72 9.55
N GLN A 94 7.11 7.94 10.38
CA GLN A 94 8.05 6.95 9.86
C GLN A 94 7.59 5.52 10.24
N ASN A 95 6.31 5.35 10.58
CA ASN A 95 5.82 4.04 11.02
C ASN A 95 5.36 3.17 9.82
N PHE A 96 6.36 2.74 9.05
CA PHE A 96 6.13 2.06 7.77
C PHE A 96 6.36 0.54 7.84
N TRP A 97 5.96 -0.13 6.75
CA TRP A 97 6.35 -1.51 6.40
C TRP A 97 6.04 -2.55 7.46
N ARG A 98 4.77 -2.64 7.77
CA ARG A 98 4.31 -3.66 8.70
C ARG A 98 2.83 -3.95 8.40
N SER A 99 2.28 -4.96 9.05
CA SER A 99 0.89 -5.34 8.72
C SER A 99 0.21 -6.12 9.83
N ALA A 100 -1.11 -6.15 9.74
CA ALA A 100 -1.95 -6.96 10.64
C ALA A 100 -3.04 -7.57 9.81
N GLU A 101 -3.31 -8.85 9.99
CA GLU A 101 -4.44 -9.38 9.31
C GLU A 101 -5.05 -10.64 9.91
N ASN A 102 -6.34 -10.81 9.66
CA ASN A 102 -7.03 -12.08 9.90
C ASN A 102 -7.00 -12.45 11.38
N LEU A 103 -7.28 -11.44 12.20
CA LEU A 103 -7.41 -11.57 13.65
C LEU A 103 -8.65 -10.86 14.20
N ALA A 104 -9.17 -11.43 15.30
CA ALA A 104 -10.14 -10.73 16.15
C ALA A 104 -9.41 -10.13 17.36
N LEU A 105 -9.78 -8.92 17.74
CA LEU A 105 -9.17 -8.22 18.85
C LEU A 105 -10.17 -7.74 19.88
N ASN A 106 -9.91 -8.07 21.15
CA ASN A 106 -10.74 -7.64 22.28
C ASN A 106 -9.81 -6.78 23.10
N PRO A 107 -9.70 -5.50 22.72
CA PRO A 107 -8.58 -4.64 23.17
C PRO A 107 -8.71 -4.33 24.64
N VAL A 108 -7.58 -4.40 25.35
CA VAL A 108 -7.58 -4.51 26.78
C VAL A 108 -8.14 -3.28 27.49
N ASN A 109 -8.03 -2.10 26.87
CA ASN A 109 -8.73 -0.93 27.44
C ASN A 109 -9.99 -0.56 26.66
N GLY A 110 -10.35 -1.38 25.67
CA GLY A 110 -11.50 -1.10 24.82
C GLY A 110 -11.11 -0.50 23.48
N THR A 111 -9.93 0.11 23.40
CA THR A 111 -9.41 0.68 22.16
C THR A 111 -8.08 0.06 21.78
N ASN A 112 -7.99 -0.36 20.52
CA ASN A 112 -6.75 -0.82 19.96
C ASN A 112 -6.07 0.38 19.25
N ARG A 113 -4.76 0.52 19.46
CA ARG A 113 -3.98 1.58 18.76
C ARG A 113 -3.13 1.12 17.59
N TRP A 114 -3.54 1.50 16.37
CA TRP A 114 -2.81 1.23 15.13
C TRP A 114 -2.34 2.57 14.52
N ALA A 115 -1.26 3.12 15.07
CA ALA A 115 -0.83 4.49 14.76
C ALA A 115 0.26 4.45 13.71
N VAL A 116 -0.17 4.19 12.49
CA VAL A 116 0.74 3.93 11.40
C VAL A 116 0.74 5.06 10.37
N SER A 117 1.78 5.07 9.55
CA SER A 117 1.76 5.84 8.33
C SER A 117 1.68 4.88 7.14
N GLN A 118 2.44 5.15 6.07
CA GLN A 118 2.30 4.41 4.83
C GLN A 118 2.78 2.94 4.86
N ALA A 119 2.22 2.12 3.97
CA ALA A 119 2.59 0.71 3.81
C ALA A 119 2.40 -0.08 5.13
N ALA A 120 1.25 0.11 5.73
CA ALA A 120 0.97 -0.51 7.03
C ALA A 120 -0.47 -1.05 7.04
N PRO A 121 -0.77 -1.97 6.14
CA PRO A 121 -2.16 -2.45 5.95
C PRO A 121 -2.73 -3.18 7.18
N PHE A 122 -4.03 -2.99 7.31
CA PHE A 122 -4.88 -3.55 8.36
C PHE A 122 -6.02 -4.22 7.59
N ARG A 123 -5.93 -5.54 7.45
CA ARG A 123 -6.86 -6.28 6.58
C ARG A 123 -7.55 -7.44 7.32
N ARG A 124 -8.82 -7.67 6.99
CA ARG A 124 -9.57 -8.84 7.48
C ARG A 124 -9.46 -8.94 9.01
N MET A 125 -9.63 -7.79 9.64
CA MET A 125 -9.59 -7.67 11.09
C MET A 125 -10.97 -7.45 11.69
N HIS A 126 -11.18 -8.05 12.86
CA HIS A 126 -12.37 -7.74 13.69
C HIS A 126 -11.98 -7.12 15.04
N VAL A 127 -12.24 -5.83 15.21
CA VAL A 127 -11.95 -5.14 16.48
C VAL A 127 -13.24 -5.04 17.25
N LYS A 128 -13.29 -5.79 18.34
CA LYS A 128 -14.44 -5.76 19.24
C LYS A 128 -14.29 -4.57 20.16
N GLY A 129 -14.29 -3.37 19.59
CA GLY A 129 -14.20 -2.17 20.40
C GLY A 129 -13.68 -1.07 19.51
N GLY A 130 -12.86 -0.23 20.12
CA GLY A 130 -12.33 0.96 19.49
C GLY A 130 -11.05 0.73 18.68
N LEU A 131 -10.87 1.61 17.70
CA LEU A 131 -9.63 1.65 16.92
C LEU A 131 -9.14 3.10 16.82
N ASN A 132 -8.05 3.35 17.50
CA ASN A 132 -7.38 4.67 17.53
C ASN A 132 -6.25 4.57 16.54
N LEU A 133 -6.23 5.47 15.55
CA LEU A 133 -5.17 5.48 14.51
C LEU A 133 -4.04 6.49 14.80
N ALA A 134 -4.12 7.08 15.99
CA ALA A 134 -3.26 8.18 16.38
C ALA A 134 -2.23 7.75 17.41
N PRO A 135 -1.00 8.28 17.30
CA PRO A 135 0.02 8.02 18.32
C PRO A 135 -0.42 8.67 19.63
N ASP A 136 0.03 8.14 20.75
CA ASP A 136 -0.37 8.75 22.03
C ASP A 136 0.37 10.10 22.13
N GLY A 137 -0.31 11.15 22.59
CA GLY A 137 0.17 12.53 22.44
C GLY A 137 -0.39 13.19 21.20
N TYR A 138 -0.84 12.37 20.25
CA TYR A 138 -1.58 12.85 19.07
C TYR A 138 -0.63 13.66 18.14
N GLY A 139 0.59 13.15 18.09
CA GLY A 139 1.59 13.69 17.18
C GLY A 139 1.24 13.31 15.74
N TRP A 140 2.10 13.74 14.84
CA TRP A 140 1.80 13.67 13.44
C TRP A 140 1.67 12.22 12.93
N ALA A 141 0.91 12.06 11.88
CA ALA A 141 0.71 10.73 11.31
C ALA A 141 0.14 10.85 9.90
N SER A 142 0.57 9.92 9.04
CA SER A 142 0.27 9.99 7.63
C SER A 142 -0.05 8.61 7.02
N GLY A 143 -1.10 7.97 7.53
CA GLY A 143 -1.61 6.71 6.99
C GLY A 143 -2.52 6.92 5.79
N GLY A 144 -3.25 5.90 5.37
CA GLY A 144 -3.34 4.61 6.02
C GLY A 144 -4.38 3.81 5.28
N TYR A 145 -4.48 2.51 5.61
CA TYR A 145 -5.28 1.58 4.82
C TYR A 145 -5.92 0.49 5.64
N ILE A 146 -7.25 0.48 5.55
CA ILE A 146 -8.09 -0.56 6.13
C ILE A 146 -9.00 -1.17 5.06
N ALA A 147 -9.00 -2.49 5.01
CA ALA A 147 -9.89 -3.23 4.11
C ALA A 147 -10.50 -4.45 4.76
N ASP A 148 -11.71 -4.74 4.34
CA ASP A 148 -12.34 -6.01 4.71
C ASP A 148 -12.35 -6.24 6.21
N SER A 149 -12.58 -5.14 6.94
CA SER A 149 -12.49 -5.16 8.39
C SER A 149 -13.80 -4.77 9.07
N LYS A 150 -14.02 -5.37 10.23
CA LYS A 150 -15.12 -4.97 11.10
C LYS A 150 -14.54 -4.23 12.30
N ILE A 151 -15.04 -3.03 12.55
CA ILE A 151 -14.68 -2.31 13.78
C ILE A 151 -16.00 -2.03 14.48
N ASP A 152 -16.25 -2.76 15.55
CA ASP A 152 -17.53 -2.68 16.25
C ASP A 152 -17.83 -1.28 16.78
N GLY A 153 -16.81 -0.56 17.23
CA GLY A 153 -17.01 0.76 17.81
C GLY A 153 -16.51 1.85 16.87
N GLU A 154 -15.98 2.91 17.46
CA GLU A 154 -15.55 4.08 16.73
C GLU A 154 -14.13 3.94 16.18
N VAL A 155 -13.93 4.32 14.92
CA VAL A 155 -12.60 4.55 14.39
C VAL A 155 -12.26 6.04 14.59
N GLY A 156 -11.13 6.30 15.26
CA GLY A 156 -10.71 7.66 15.62
C GLY A 156 -9.36 8.02 15.03
N PRO A 157 -9.37 8.79 13.93
CA PRO A 157 -8.12 9.19 13.29
C PRO A 157 -7.36 10.23 14.10
N TYR A 158 -8.11 11.15 14.73
CA TYR A 158 -7.53 12.31 15.45
C TYR A 158 -6.54 13.08 14.53
N SER A 159 -5.23 12.89 14.72
CA SER A 159 -4.19 13.61 13.97
C SER A 159 -3.78 13.03 12.59
N GLN A 160 -4.30 11.86 12.23
CA GLN A 160 -4.09 11.34 10.87
C GLN A 160 -4.48 12.31 9.79
N GLN A 161 -3.58 12.60 8.85
CA GLN A 161 -3.87 13.53 7.79
C GLN A 161 -4.95 13.06 6.84
N GLN A 162 -4.86 11.79 6.49
CA GLN A 162 -5.69 11.21 5.47
C GLN A 162 -5.82 9.71 5.72
N TRP A 163 -6.82 9.10 5.08
CA TRP A 163 -7.06 7.67 5.29
C TRP A 163 -7.93 7.08 4.16
N TYR A 164 -7.67 5.80 3.83
CA TYR A 164 -8.56 5.06 2.97
C TYR A 164 -9.12 3.81 3.66
N THR A 165 -10.44 3.69 3.58
CA THR A 165 -11.15 2.52 4.07
C THR A 165 -12.06 1.96 2.96
N ARG A 166 -11.93 0.66 2.71
CA ARG A 166 -12.84 0.00 1.76
C ARG A 166 -13.47 -1.28 2.29
N ASP A 167 -14.70 -1.50 1.83
CA ASP A 167 -15.37 -2.79 1.98
C ASP A 167 -15.29 -3.30 3.41
N SER A 168 -15.88 -2.53 4.28
CA SER A 168 -15.73 -2.70 5.72
C SER A 168 -16.99 -2.26 6.46
N SER A 169 -16.91 -2.42 7.78
CA SER A 169 -18.02 -2.14 8.69
C SER A 169 -17.46 -1.36 9.88
N VAL A 170 -17.93 -0.14 10.09
CA VAL A 170 -17.59 0.65 11.27
C VAL A 170 -18.83 1.12 12.07
N GLY A 171 -18.71 1.11 13.38
CA GLY A 171 -19.80 1.61 14.23
C GLY A 171 -19.82 3.11 14.38
N GLY A 172 -18.73 3.76 13.97
CA GLY A 172 -18.61 5.19 14.11
C GLY A 172 -17.32 5.66 13.45
N TRP A 173 -17.33 6.91 13.02
CA TRP A 173 -16.12 7.52 12.48
C TRP A 173 -15.95 8.91 13.05
N GLY A 174 -14.84 9.10 13.76
CA GLY A 174 -14.74 10.20 14.70
C GLY A 174 -14.40 11.52 14.05
N ASN A 175 -13.71 11.49 12.91
CA ASN A 175 -13.24 12.74 12.28
C ASN A 175 -12.38 12.60 11.02
N GLY A 176 -12.36 13.68 10.23
CA GLY A 176 -11.60 13.79 8.98
C GLY A 176 -10.76 15.06 8.92
N VAL A 177 -9.44 14.95 8.69
CA VAL A 177 -8.57 16.12 8.71
C VAL A 177 -8.38 16.80 7.34
N TRP A 178 -7.61 16.17 6.48
CA TRP A 178 -7.46 16.58 5.08
C TRP A 178 -8.22 15.71 4.04
N ASN A 179 -8.16 14.38 4.16
CA ASN A 179 -8.78 13.49 3.17
C ASN A 179 -9.06 12.06 3.69
N MET A 180 -10.28 11.88 4.16
CA MET A 180 -10.74 10.58 4.64
C MET A 180 -11.66 10.07 3.55
N THR A 181 -11.22 9.02 2.84
CA THR A 181 -12.00 8.44 1.75
C THR A 181 -12.51 7.03 2.13
N PHE A 182 -13.76 6.78 1.76
CA PHE A 182 -14.46 5.53 2.04
C PHE A 182 -15.08 4.95 0.74
N SER A 183 -14.92 3.65 0.51
CA SER A 183 -15.74 3.00 -0.52
C SER A 183 -16.24 1.65 -0.04
N GLY A 184 -17.56 1.43 -0.15
CA GLY A 184 -18.15 0.19 0.34
C GLY A 184 -18.08 -0.01 1.85
N VAL A 185 -18.09 1.07 2.60
CA VAL A 185 -17.91 0.99 4.03
C VAL A 185 -19.25 1.20 4.78
N GLU A 186 -19.69 0.18 5.50
CA GLU A 186 -20.92 0.31 6.29
C GLU A 186 -20.60 1.12 7.54
N GLY A 187 -21.34 2.19 7.74
CA GLY A 187 -21.10 3.08 8.87
C GLY A 187 -20.25 4.28 8.55
N ALA A 188 -19.82 4.48 7.30
CA ALA A 188 -19.05 5.68 6.99
C ALA A 188 -19.95 6.91 7.07
N PRO A 189 -19.34 8.07 7.32
CA PRO A 189 -20.12 9.31 7.32
C PRO A 189 -20.45 9.73 5.90
N ALA A 190 -21.52 10.49 5.81
CA ALA A 190 -21.99 11.09 4.56
C ALA A 190 -20.96 11.86 3.75
N GLN A 191 -21.12 11.81 2.43
CA GLN A 191 -20.31 12.66 1.56
C GLN A 191 -20.51 14.11 1.98
N SER A 192 -19.42 14.77 2.35
CA SER A 192 -19.52 16.12 2.89
C SER A 192 -18.32 16.99 2.58
N PHE A 193 -17.37 16.46 1.80
CA PHE A 193 -16.12 17.19 1.52
C PHE A 193 -16.49 18.59 1.06
N PRO A 194 -15.70 19.61 1.45
CA PRO A 194 -14.51 19.63 2.34
C PRO A 194 -14.72 19.86 3.84
N GLU A 195 -15.94 19.88 4.33
CA GLU A 195 -16.09 20.00 5.77
C GLU A 195 -17.27 19.16 6.28
N PRO A 196 -16.96 18.07 6.99
CA PRO A 196 -15.65 17.42 7.14
C PRO A 196 -15.19 16.83 5.79
N PRO A 197 -13.88 16.56 5.65
CA PRO A 197 -13.30 16.20 4.35
C PRO A 197 -13.52 14.73 3.98
N TYR A 198 -14.78 14.34 3.99
CA TYR A 198 -15.17 12.97 3.80
C TYR A 198 -15.59 12.77 2.35
N THR A 199 -14.89 11.86 1.68
CA THR A 199 -15.23 11.41 0.36
C THR A 199 -15.82 10.00 0.43
N THR A 200 -17.11 9.85 0.10
CA THR A 200 -17.84 8.60 0.41
C THR A 200 -18.58 8.03 -0.77
N LEU A 201 -18.21 6.81 -1.14
CA LEU A 201 -18.81 6.05 -2.23
C LEU A 201 -19.60 4.81 -1.63
N GLU A 202 -20.91 4.62 -1.91
CA GLU A 202 -21.63 3.48 -1.27
C GLU A 202 -20.96 2.15 -1.63
N THR A 203 -20.41 2.02 -2.84
CA THR A 203 -19.73 0.77 -3.21
C THR A 203 -18.35 0.87 -3.84
N THR A 204 -17.58 -0.21 -3.73
CA THR A 204 -16.28 -0.32 -4.41
C THR A 204 -16.40 -0.99 -5.79
N PRO A 205 -15.96 -0.31 -6.84
CA PRO A 205 -16.19 -0.80 -8.21
C PRO A 205 -15.81 -2.27 -8.46
N VAL A 206 -14.52 -2.59 -8.23
CA VAL A 206 -14.09 -3.97 -8.12
C VAL A 206 -13.13 -4.10 -6.96
N SER A 207 -13.24 -5.21 -6.28
CA SER A 207 -12.28 -5.58 -5.26
C SER A 207 -12.16 -7.09 -5.18
N ARG A 208 -10.99 -7.51 -4.69
CA ARG A 208 -10.65 -8.90 -4.53
C ARG A 208 -9.71 -8.98 -3.35
N GLU A 209 -10.18 -9.60 -2.27
CA GLU A 209 -9.44 -9.61 -1.04
C GLU A 209 -8.09 -10.33 -1.21
N LYS A 210 -7.09 -9.84 -0.48
CA LYS A 210 -5.72 -10.38 -0.57
C LYS A 210 -5.70 -11.85 -0.12
N PRO A 211 -5.11 -12.75 -0.94
CA PRO A 211 -5.02 -14.15 -0.49
C PRO A 211 -4.27 -14.26 0.84
N PHE A 212 -4.70 -15.16 1.73
CA PHE A 212 -3.98 -15.36 3.00
C PHE A 212 -3.72 -16.86 3.30
N LEU A 213 -2.61 -17.11 3.97
CA LEU A 213 -2.28 -18.43 4.45
C LEU A 213 -3.28 -18.86 5.56
N TYR A 214 -3.47 -20.15 5.76
CA TYR A 214 -4.45 -20.64 6.75
C TYR A 214 -4.48 -22.16 6.94
N LEU A 215 -5.01 -22.58 8.09
CA LEU A 215 -5.11 -24.01 8.41
C LEU A 215 -6.44 -24.63 7.94
N ASP A 216 -6.32 -25.60 7.04
CA ASP A 216 -7.47 -26.40 6.66
C ASP A 216 -7.42 -27.57 7.59
N GLY A 217 -8.06 -27.45 8.75
CA GLY A 217 -7.72 -28.33 9.86
C GLY A 217 -6.27 -28.21 10.36
N ASP A 218 -5.40 -29.18 10.08
CA ASP A 218 -4.01 -29.07 10.53
C ASP A 218 -2.91 -28.82 9.44
N ASP A 219 -3.27 -28.56 8.18
CA ASP A 219 -2.23 -28.34 7.11
C ASP A 219 -1.91 -26.82 6.84
N TYR A 220 -0.71 -26.45 6.39
CA TYR A 220 -0.48 -25.09 5.80
C TYR A 220 -1.14 -24.95 4.41
N LYS A 221 -1.87 -23.85 4.18
CA LYS A 221 -2.51 -23.55 2.89
C LYS A 221 -2.59 -22.02 2.63
N VAL A 222 -2.75 -21.62 1.37
CA VAL A 222 -3.17 -20.25 1.05
C VAL A 222 -4.68 -20.28 0.68
N PHE A 223 -5.39 -19.17 0.99
CA PHE A 223 -6.81 -18.91 0.59
C PHE A 223 -6.82 -17.80 -0.45
N VAL A 224 -7.75 -17.83 -1.39
CA VAL A 224 -7.67 -17.00 -2.62
C VAL A 224 -9.04 -16.42 -2.96
N PRO A 225 -9.48 -15.45 -2.14
CA PRO A 225 -10.83 -14.88 -2.23
C PRO A 225 -11.26 -14.61 -3.67
N ALA A 226 -12.52 -14.89 -3.91
CA ALA A 226 -13.22 -14.48 -5.13
C ALA A 226 -13.37 -12.96 -5.28
N LYS A 227 -13.35 -12.45 -6.52
CA LYS A 227 -13.59 -11.02 -6.73
C LYS A 227 -15.06 -10.69 -6.38
N ARG A 228 -15.29 -9.42 -6.03
CA ARG A 228 -16.61 -8.85 -5.82
C ARG A 228 -16.86 -7.63 -6.74
N THR A 229 -18.06 -7.44 -7.29
CA THR A 229 -18.35 -6.14 -7.93
C THR A 229 -19.45 -5.27 -7.27
N ASN A 230 -19.22 -3.97 -7.34
CA ASN A 230 -19.91 -2.98 -6.54
C ASN A 230 -19.93 -3.43 -5.07
N ALA A 231 -18.76 -3.45 -4.45
CA ALA A 231 -18.58 -4.18 -3.24
C ALA A 231 -18.88 -3.28 -2.05
N ARG A 232 -19.50 -3.89 -1.04
CA ARG A 232 -19.83 -3.17 0.16
C ARG A 232 -19.82 -4.11 1.31
N GLY A 233 -19.31 -3.61 2.43
CA GLY A 233 -19.20 -4.41 3.65
C GLY A 233 -18.09 -5.44 3.56
N THR A 234 -17.91 -6.21 4.63
CA THR A 234 -16.87 -7.22 4.65
C THR A 234 -17.33 -8.39 3.76
N SER A 235 -16.43 -9.36 3.60
CA SER A 235 -16.61 -10.50 2.72
C SER A 235 -16.88 -11.79 3.54
N TRP A 236 -16.71 -11.67 4.84
CA TRP A 236 -16.77 -12.77 5.77
C TRP A 236 -17.87 -12.48 6.85
N GLY A 237 -18.47 -11.29 6.77
CA GLY A 237 -19.51 -10.89 7.73
C GLY A 237 -20.72 -11.84 7.84
N ASN A 238 -21.06 -12.51 6.72
CA ASN A 238 -22.25 -13.38 6.66
C ASN A 238 -21.97 -14.88 6.57
N GLY A 239 -20.80 -15.32 7.02
CA GLY A 239 -20.53 -16.77 7.06
C GLY A 239 -19.76 -17.19 5.82
N THR A 240 -19.52 -18.50 5.70
CA THR A 240 -19.14 -19.16 4.43
C THR A 240 -18.59 -18.18 3.30
N PRO A 241 -17.44 -17.52 3.51
CA PRO A 241 -17.02 -16.65 2.40
C PRO A 241 -16.51 -17.45 1.14
N GLU A 242 -16.45 -16.82 -0.05
CA GLU A 242 -16.16 -17.57 -1.27
C GLU A 242 -14.69 -17.44 -1.67
N GLY A 243 -14.20 -18.48 -2.35
CA GLY A 243 -12.86 -18.51 -2.91
C GLY A 243 -12.36 -19.93 -3.17
N GLU A 244 -11.07 -20.08 -3.49
CA GLU A 244 -10.42 -21.38 -3.67
C GLU A 244 -9.34 -21.52 -2.59
N SER A 245 -9.17 -22.77 -2.14
CA SER A 245 -8.17 -23.12 -1.15
C SER A 245 -7.09 -24.01 -1.77
N LEU A 246 -5.86 -23.48 -1.83
CA LEU A 246 -4.67 -24.19 -2.25
C LEU A 246 -3.81 -24.66 -1.07
N PRO A 247 -3.16 -25.84 -1.19
CA PRO A 247 -2.13 -26.37 -0.27
C PRO A 247 -0.77 -25.74 -0.42
N LEU A 248 0.02 -25.79 0.64
CA LEU A 248 1.37 -25.31 0.67
C LEU A 248 2.16 -25.99 -0.39
N ASP A 249 2.00 -27.30 -0.50
CA ASP A 249 2.92 -28.04 -1.31
C ASP A 249 2.65 -27.75 -2.79
N GLN A 250 1.69 -26.86 -3.08
CA GLN A 250 1.52 -26.29 -4.41
C GLN A 250 2.24 -24.93 -4.59
N PHE A 251 3.07 -24.56 -3.63
CA PHE A 251 3.84 -23.31 -3.69
C PHE A 251 5.31 -23.63 -3.67
N TYR A 252 6.07 -23.07 -4.60
CA TYR A 252 7.49 -22.96 -4.34
C TYR A 252 7.59 -21.99 -3.14
N VAL A 253 8.20 -22.46 -2.06
CA VAL A 253 8.33 -21.68 -0.85
C VAL A 253 9.73 -21.09 -0.80
N VAL A 254 9.84 -19.77 -0.96
CA VAL A 254 11.13 -19.20 -1.30
C VAL A 254 11.90 -18.65 -0.10
N LYS A 255 13.16 -19.06 -0.04
CA LYS A 255 14.13 -18.60 0.96
C LYS A 255 15.32 -17.88 0.34
N PRO A 256 15.96 -16.97 1.10
CA PRO A 256 17.03 -16.21 0.44
C PRO A 256 18.12 -17.16 0.01
N GLY A 257 18.73 -16.80 -1.11
CA GLY A 257 19.66 -17.66 -1.78
C GLY A 257 19.05 -18.26 -3.05
N ALA A 258 17.72 -18.16 -3.23
CA ALA A 258 17.13 -18.69 -4.46
C ALA A 258 17.72 -17.86 -5.56
N THR A 259 17.74 -18.35 -6.78
CA THR A 259 18.07 -17.43 -7.84
C THR A 259 16.73 -17.17 -8.50
N ALA A 260 16.58 -15.99 -9.07
CA ALA A 260 15.40 -15.69 -9.86
C ALA A 260 15.28 -16.74 -11.03
N GLU A 261 16.39 -17.42 -11.35
CA GLU A 261 16.34 -18.69 -12.16
C GLU A 261 15.42 -19.69 -11.51
N THR A 262 15.62 -19.94 -10.21
CA THR A 262 14.89 -21.01 -9.51
C THR A 262 13.44 -20.61 -9.25
N ILE A 263 13.20 -19.33 -9.09
CA ILE A 263 11.83 -18.86 -8.95
C ILE A 263 11.07 -19.02 -10.27
N ASN A 264 11.72 -18.65 -11.37
CA ASN A 264 11.10 -18.65 -12.70
C ASN A 264 10.73 -20.05 -13.24
N ALA A 265 11.57 -21.04 -12.97
CA ALA A 265 11.26 -22.42 -13.35
C ALA A 265 10.08 -22.97 -12.57
N ALA A 266 10.03 -22.67 -11.26
CA ALA A 266 8.94 -23.14 -10.45
C ALA A 266 7.62 -22.65 -11.07
N VAL A 267 7.59 -21.39 -11.53
CA VAL A 267 6.38 -20.88 -12.21
C VAL A 267 6.16 -21.66 -13.51
N ASP A 268 7.26 -21.94 -14.23
CA ASP A 268 7.11 -22.81 -15.39
C ASP A 268 6.72 -24.24 -15.04
N GLN A 269 6.79 -24.64 -13.76
CA GLN A 269 6.24 -25.96 -13.35
C GLN A 269 4.83 -25.97 -12.72
N GLY A 270 4.13 -24.82 -12.73
CA GLY A 270 2.75 -24.78 -12.27
C GLY A 270 2.58 -24.28 -10.84
N LEU A 271 3.70 -24.23 -10.12
CA LEU A 271 3.76 -23.81 -8.74
C LEU A 271 3.53 -22.31 -8.58
N HIS A 272 2.78 -21.96 -7.52
CA HIS A 272 2.59 -20.59 -7.09
C HIS A 272 3.80 -20.31 -6.23
N LEU A 273 3.95 -19.07 -5.75
CA LEU A 273 5.17 -18.63 -5.06
C LEU A 273 4.84 -18.05 -3.69
N LEU A 274 5.58 -18.48 -2.68
CA LEU A 274 5.43 -17.92 -1.34
C LEU A 274 6.78 -17.48 -0.87
N PHE A 275 6.94 -16.16 -0.73
CA PHE A 275 8.22 -15.62 -0.29
C PHE A 275 8.26 -15.54 1.23
N THR A 276 9.18 -16.29 1.82
CA THR A 276 9.43 -16.25 3.25
C THR A 276 10.13 -14.92 3.62
N PRO A 277 9.91 -14.44 4.85
CA PRO A 277 10.44 -13.12 5.25
C PRO A 277 11.94 -13.06 5.11
N GLY A 278 12.39 -12.15 4.27
CA GLY A 278 13.82 -11.94 4.07
C GLY A 278 14.04 -11.04 2.84
N VAL A 279 15.28 -10.99 2.40
CA VAL A 279 15.70 -10.08 1.34
C VAL A 279 16.31 -10.87 0.14
N TYR A 280 15.70 -10.72 -1.03
CA TYR A 280 16.05 -11.49 -2.23
C TYR A 280 16.69 -10.62 -3.33
N HIS A 281 17.99 -10.79 -3.53
CA HIS A 281 18.70 -10.09 -4.60
C HIS A 281 18.57 -10.95 -5.84
N VAL A 282 18.14 -10.35 -6.95
CA VAL A 282 17.99 -11.07 -8.23
C VAL A 282 18.80 -10.40 -9.33
N ASP A 283 19.37 -11.19 -10.25
CA ASP A 283 20.19 -10.70 -11.36
C ASP A 283 19.44 -10.85 -12.69
N GLN A 284 18.21 -11.34 -12.56
CA GLN A 284 17.28 -11.41 -13.67
C GLN A 284 15.89 -11.08 -13.12
N PRO A 285 15.01 -10.54 -13.98
CA PRO A 285 13.63 -10.34 -13.53
C PRO A 285 12.89 -11.64 -13.15
N ILE A 286 12.14 -11.57 -12.07
CA ILE A 286 11.18 -12.61 -11.75
C ILE A 286 9.99 -12.49 -12.69
N GLU A 287 9.66 -13.58 -13.40
CA GLU A 287 8.65 -13.51 -14.43
C GLU A 287 7.51 -14.43 -14.14
N ILE A 288 6.31 -13.89 -14.20
CA ILE A 288 5.12 -14.63 -13.92
C ILE A 288 4.28 -14.58 -15.19
N ASP A 289 4.34 -15.69 -15.92
CA ASP A 289 3.68 -15.82 -17.21
C ASP A 289 2.69 -17.00 -17.24
N ARG A 290 2.10 -17.30 -16.10
CA ARG A 290 1.06 -18.29 -15.98
C ARG A 290 -0.21 -17.70 -15.36
N ALA A 291 -1.32 -17.90 -16.06
CA ALA A 291 -2.57 -17.41 -15.55
C ALA A 291 -2.82 -17.94 -14.13
N ASN A 292 -3.43 -17.11 -13.29
CA ASN A 292 -3.79 -17.41 -11.89
C ASN A 292 -2.66 -17.67 -10.90
N THR A 293 -1.42 -17.39 -11.26
CA THR A 293 -0.31 -17.51 -10.33
C THR A 293 -0.47 -16.57 -9.12
N VAL A 294 -0.27 -17.11 -7.93
CA VAL A 294 -0.26 -16.33 -6.68
C VAL A 294 1.19 -16.19 -6.28
N ALA A 295 1.59 -14.93 -6.05
CA ALA A 295 2.89 -14.60 -5.54
C ALA A 295 2.73 -13.80 -4.25
N LEU A 296 2.80 -14.51 -3.14
CA LEU A 296 2.45 -14.00 -1.81
C LEU A 296 3.73 -13.84 -0.99
N GLY A 297 3.96 -12.65 -0.45
CA GLY A 297 5.05 -12.45 0.48
C GLY A 297 4.62 -12.44 1.94
N LEU A 298 5.52 -12.88 2.82
CA LEU A 298 5.33 -12.78 4.27
C LEU A 298 6.46 -11.91 4.86
N GLY A 299 6.25 -11.41 6.07
CA GLY A 299 7.29 -10.68 6.80
C GLY A 299 7.93 -9.51 6.04
N LEU A 300 7.14 -8.88 5.17
CA LEU A 300 7.59 -7.83 4.26
C LEU A 300 8.79 -8.31 3.40
N ALA A 301 8.68 -9.55 2.92
CA ALA A 301 9.66 -10.10 1.99
C ALA A 301 9.96 -9.08 0.89
N THR A 302 11.25 -8.96 0.60
CA THR A 302 11.77 -7.91 -0.24
C THR A 302 12.60 -8.45 -1.42
N ILE A 303 12.38 -7.87 -2.61
CA ILE A 303 13.20 -8.14 -3.76
C ILE A 303 14.01 -6.91 -4.16
N ILE A 304 15.33 -7.11 -4.29
CA ILE A 304 16.26 -6.08 -4.78
C ILE A 304 16.88 -6.52 -6.13
N PRO A 305 16.59 -5.79 -7.22
CA PRO A 305 17.22 -6.07 -8.51
C PRO A 305 18.64 -5.52 -8.57
N ASP A 306 19.58 -6.40 -8.92
CA ASP A 306 20.96 -6.01 -9.24
C ASP A 306 21.16 -5.82 -10.75
N ASN A 307 22.36 -5.37 -11.15
CA ASN A 307 22.71 -5.24 -12.56
C ASN A 307 21.76 -4.32 -13.39
N GLY A 308 20.94 -3.53 -12.68
CA GLY A 308 19.94 -2.65 -13.31
C GLY A 308 18.79 -3.38 -13.98
N VAL A 309 18.54 -4.63 -13.59
CA VAL A 309 17.43 -5.34 -14.17
C VAL A 309 16.09 -4.91 -13.55
N THR A 310 15.02 -5.31 -14.21
CA THR A 310 13.69 -5.15 -13.65
C THR A 310 13.45 -6.28 -12.62
N ALA A 311 12.81 -5.98 -11.50
CA ALA A 311 12.58 -6.98 -10.48
C ALA A 311 11.50 -8.03 -10.81
N LEU A 312 10.35 -7.54 -11.31
CA LEU A 312 9.18 -8.37 -11.49
C LEU A 312 8.47 -7.97 -12.78
N LYS A 313 8.22 -8.97 -13.64
CA LYS A 313 7.39 -8.79 -14.82
C LYS A 313 6.28 -9.83 -14.78
N VAL A 314 5.05 -9.38 -14.88
CA VAL A 314 3.89 -10.25 -15.06
C VAL A 314 3.51 -10.20 -16.54
N GLY A 315 3.25 -11.37 -17.12
CA GLY A 315 3.02 -11.48 -18.55
C GLY A 315 1.57 -11.14 -18.82
N ASP A 316 1.14 -11.37 -20.06
CA ASP A 316 -0.21 -10.96 -20.47
C ASP A 316 -1.25 -12.07 -20.21
N VAL A 317 -1.46 -12.35 -18.93
CA VAL A 317 -2.35 -13.44 -18.56
C VAL A 317 -3.29 -13.00 -17.44
N ASP A 318 -4.41 -13.70 -17.36
CA ASP A 318 -5.44 -13.47 -16.37
C ASP A 318 -4.95 -13.86 -14.98
N GLY A 319 -5.55 -13.23 -13.96
CA GLY A 319 -5.64 -13.85 -12.66
C GLY A 319 -4.40 -13.84 -11.76
N VAL A 320 -3.33 -13.13 -12.13
CA VAL A 320 -2.10 -13.14 -11.30
C VAL A 320 -2.37 -12.28 -10.07
N LYS A 321 -1.93 -12.75 -8.91
CA LYS A 321 -2.21 -12.09 -7.62
C LYS A 321 -0.88 -11.95 -6.90
N VAL A 322 -0.33 -10.74 -7.03
CA VAL A 322 0.92 -10.38 -6.39
C VAL A 322 0.55 -9.64 -5.13
N ALA A 323 1.07 -10.13 -4.01
CA ALA A 323 0.70 -9.58 -2.71
C ALA A 323 1.82 -9.59 -1.67
N GLY A 324 1.97 -8.45 -1.00
CA GLY A 324 2.77 -8.37 0.20
C GLY A 324 4.25 -8.49 -0.05
N LEU A 325 4.76 -7.73 -1.04
CA LEU A 325 6.18 -7.63 -1.34
C LEU A 325 6.65 -6.17 -1.29
N LEU A 326 7.90 -5.98 -0.87
CA LEU A 326 8.59 -4.72 -1.05
C LEU A 326 9.61 -4.91 -2.17
N VAL A 327 9.59 -4.04 -3.17
CA VAL A 327 10.65 -4.00 -4.19
C VAL A 327 11.58 -2.80 -3.89
N ASP A 328 12.87 -3.06 -3.68
CA ASP A 328 13.82 -2.08 -3.16
C ASP A 328 14.90 -1.85 -4.23
N ALA A 329 15.00 -0.63 -4.76
CA ALA A 329 15.90 -0.38 -5.86
C ALA A 329 17.35 -0.65 -5.48
N GLY A 330 18.13 -1.19 -6.41
CA GLY A 330 19.57 -1.21 -6.29
C GLY A 330 20.20 0.13 -6.71
N PRO A 331 21.46 0.36 -6.34
CA PRO A 331 22.06 1.64 -6.73
C PRO A 331 22.47 1.70 -8.21
N VAL A 332 22.46 0.58 -8.92
CA VAL A 332 22.50 0.60 -10.39
C VAL A 332 21.10 0.85 -10.94
N ASN A 333 20.97 1.93 -11.71
CA ASN A 333 19.67 2.32 -12.21
C ASN A 333 18.96 1.19 -12.97
N SER A 334 17.74 0.89 -12.54
CA SER A 334 16.84 0.08 -13.36
C SER A 334 15.85 0.93 -14.16
N GLU A 335 15.65 0.56 -15.43
CA GLU A 335 14.65 1.17 -16.29
C GLU A 335 13.27 1.12 -15.68
N THR A 336 12.94 -0.07 -15.19
CA THR A 336 11.66 -0.30 -14.56
C THR A 336 11.87 -1.23 -13.36
N LEU A 337 11.06 -1.12 -12.31
CA LEU A 337 11.10 -2.08 -11.21
C LEU A 337 10.07 -3.20 -11.30
N VAL A 338 8.84 -2.85 -11.72
CA VAL A 338 7.75 -3.79 -11.80
C VAL A 338 7.02 -3.45 -13.10
N GLU A 339 6.81 -4.47 -13.95
CA GLU A 339 5.99 -4.30 -15.15
C GLU A 339 4.85 -5.30 -15.11
N VAL A 340 3.67 -4.84 -15.51
CA VAL A 340 2.48 -5.66 -15.48
C VAL A 340 1.82 -5.66 -16.87
N GLY A 341 1.94 -6.82 -17.55
CA GLY A 341 1.76 -6.91 -19.00
C GLY A 341 2.92 -6.33 -19.80
N SER A 342 3.04 -6.73 -21.06
CA SER A 342 4.03 -6.17 -21.98
C SER A 342 3.61 -4.77 -22.50
N ASP A 343 4.51 -4.04 -23.16
CA ASP A 343 4.14 -2.73 -23.73
C ASP A 343 3.23 -2.91 -24.96
N GLY A 344 2.08 -2.24 -24.99
CA GLY A 344 1.17 -2.35 -26.14
C GLY A 344 0.12 -3.51 -26.16
N ALA A 345 0.28 -4.45 -25.25
CA ALA A 345 -0.66 -5.58 -25.16
C ALA A 345 -2.07 -5.03 -24.95
N SER A 346 -3.01 -5.37 -25.83
CA SER A 346 -4.37 -4.86 -25.75
C SER A 346 -5.47 -5.91 -25.43
N GLY A 347 -5.09 -7.06 -24.89
CA GLY A 347 -6.14 -8.00 -24.52
C GLY A 347 -6.87 -7.62 -23.24
N ASP A 348 -8.08 -8.17 -23.09
CA ASP A 348 -8.93 -8.08 -21.87
C ASP A 348 -8.57 -8.99 -20.68
N HIS A 349 -8.87 -8.55 -19.45
CA HIS A 349 -8.71 -9.42 -18.29
C HIS A 349 -9.80 -9.12 -17.30
N ALA A 350 -10.98 -8.79 -17.83
CA ALA A 350 -12.05 -8.25 -17.03
C ALA A 350 -12.68 -9.26 -16.03
N ALA A 351 -12.90 -10.49 -16.46
CA ALA A 351 -13.48 -11.47 -15.56
C ALA A 351 -12.53 -11.84 -14.42
N ASN A 352 -11.25 -11.91 -14.73
CA ASN A 352 -10.25 -12.45 -13.83
C ASN A 352 -9.00 -11.62 -13.96
N PRO A 353 -9.03 -10.43 -13.34
CA PRO A 353 -7.89 -9.54 -13.59
C PRO A 353 -6.63 -9.94 -12.84
N THR A 354 -5.52 -9.29 -13.21
CA THR A 354 -4.31 -9.38 -12.42
C THR A 354 -4.36 -8.31 -11.34
N SER A 355 -3.81 -8.59 -10.17
CA SER A 355 -3.82 -7.62 -9.06
C SER A 355 -2.46 -7.48 -8.37
N LEU A 356 -2.21 -6.24 -7.95
CA LEU A 356 -1.12 -5.87 -7.04
C LEU A 356 -1.74 -5.44 -5.74
N GLN A 357 -1.39 -6.10 -4.64
CA GLN A 357 -1.90 -5.73 -3.31
C GLN A 357 -0.78 -5.67 -2.30
N ASP A 358 -0.71 -4.58 -1.53
CA ASP A 358 0.38 -4.40 -0.57
C ASP A 358 1.70 -4.65 -1.27
N VAL A 359 1.86 -4.00 -2.42
CA VAL A 359 3.09 -4.03 -3.14
C VAL A 359 3.67 -2.64 -2.92
N PHE A 360 4.87 -2.63 -2.36
CA PHE A 360 5.54 -1.40 -1.98
C PHE A 360 6.83 -1.28 -2.78
N VAL A 361 7.19 -0.06 -3.16
CA VAL A 361 8.43 0.17 -3.84
C VAL A 361 9.18 1.25 -3.07
N ARG A 362 10.49 1.05 -2.90
CA ARG A 362 11.38 2.02 -2.27
C ARG A 362 12.58 2.30 -3.21
N ILE A 363 12.94 3.58 -3.33
CA ILE A 363 14.14 3.98 -4.05
C ILE A 363 15.02 4.81 -3.15
N GLY A 364 16.10 4.20 -2.67
CA GLY A 364 17.03 4.84 -1.74
C GLY A 364 16.63 4.59 -0.28
N GLY A 365 17.43 5.12 0.63
CA GLY A 365 17.10 5.18 2.03
C GLY A 365 17.83 4.12 2.88
N ALA A 366 17.86 2.90 2.38
CA ALA A 366 18.65 1.85 3.01
C ALA A 366 19.96 1.73 2.25
N GLY A 367 20.47 2.87 1.79
CA GLY A 367 21.51 2.92 0.79
C GLY A 367 21.06 3.51 -0.53
N PRO A 368 22.02 3.71 -1.42
CA PRO A 368 21.69 4.39 -2.67
C PRO A 368 20.91 3.48 -3.57
N GLY A 369 19.86 4.01 -4.15
CA GLY A 369 19.02 3.25 -5.06
C GLY A 369 18.48 4.18 -6.12
N LYS A 370 18.22 3.62 -7.29
CA LYS A 370 17.84 4.36 -8.47
C LYS A 370 17.00 3.54 -9.40
N ALA A 371 15.95 4.17 -9.92
CA ALA A 371 15.10 3.58 -10.93
C ALA A 371 14.39 4.66 -11.75
N THR A 372 14.22 4.43 -13.05
CA THR A 372 13.68 5.46 -13.95
C THR A 372 12.13 5.55 -13.82
N THR A 373 11.45 4.40 -13.96
CA THR A 373 10.02 4.29 -13.75
C THR A 373 9.80 3.11 -12.78
N SER A 374 8.98 3.27 -11.74
CA SER A 374 8.91 2.23 -10.73
C SER A 374 7.92 1.13 -11.08
N ILE A 375 6.68 1.51 -11.41
CA ILE A 375 5.66 0.57 -11.81
C ILE A 375 5.03 1.06 -13.12
N VAL A 376 5.16 0.20 -14.13
CA VAL A 376 4.47 0.36 -15.40
C VAL A 376 3.34 -0.64 -15.45
N VAL A 377 2.10 -0.17 -15.59
CA VAL A 377 0.95 -1.06 -15.65
C VAL A 377 0.37 -1.00 -17.07
N ASN A 378 0.72 -2.00 -17.87
CA ASN A 378 0.13 -2.15 -19.21
C ASN A 378 -1.14 -2.95 -19.35
N SER A 379 -1.27 -4.02 -18.57
CA SER A 379 -2.45 -4.91 -18.68
C SER A 379 -3.79 -4.23 -18.40
N ASN A 380 -4.71 -4.38 -19.35
CA ASN A 380 -6.08 -3.92 -19.15
C ASN A 380 -6.70 -4.61 -17.93
N ASP A 381 -7.62 -3.90 -17.29
CA ASP A 381 -8.36 -4.38 -16.10
C ASP A 381 -7.57 -4.64 -14.80
N THR A 382 -6.30 -4.28 -14.78
CA THR A 382 -5.46 -4.49 -13.63
C THR A 382 -6.02 -3.74 -12.41
N ILE A 383 -6.04 -4.40 -11.27
CA ILE A 383 -6.40 -3.80 -9.99
C ILE A 383 -5.12 -3.53 -9.19
N ILE A 384 -4.95 -2.28 -8.77
CA ILE A 384 -3.86 -1.91 -7.90
C ILE A 384 -4.50 -1.49 -6.55
N ASP A 385 -4.56 -2.44 -5.59
CA ASP A 385 -5.25 -2.29 -4.29
C ASP A 385 -4.25 -2.21 -3.10
N HIS A 386 -3.89 -0.98 -2.75
CA HIS A 386 -2.85 -0.63 -1.78
C HIS A 386 -1.42 -0.78 -2.29
N THR A 387 -0.85 0.35 -2.69
CA THR A 387 0.56 0.41 -3.05
C THR A 387 1.14 1.69 -2.48
N TRP A 388 2.39 1.60 -2.06
CA TRP A 388 3.19 2.78 -1.68
C TRP A 388 4.44 2.73 -2.52
N VAL A 389 4.58 3.71 -3.41
CA VAL A 389 5.68 3.81 -4.34
C VAL A 389 6.42 5.07 -3.89
N TRP A 390 7.62 4.90 -3.35
CA TRP A 390 8.28 5.91 -2.51
C TRP A 390 9.76 6.12 -2.87
N ARG A 391 10.05 7.27 -3.46
CA ARG A 391 11.44 7.69 -3.60
C ARG A 391 11.82 8.19 -2.19
N ALA A 392 12.87 7.62 -1.62
CA ALA A 392 13.20 7.94 -0.23
C ALA A 392 13.53 9.42 -0.04
N ASP A 393 12.96 10.03 0.99
CA ASP A 393 13.28 11.43 1.33
C ASP A 393 14.19 11.50 2.53
N HIS A 394 14.41 10.38 3.21
CA HIS A 394 15.38 10.35 4.32
C HIS A 394 16.05 9.00 4.31
N GLY A 395 17.14 8.93 5.02
CA GLY A 395 17.90 7.69 5.16
C GLY A 395 19.31 7.87 4.59
N GLU A 396 19.87 6.77 4.08
CA GLU A 396 21.19 6.75 3.46
C GLU A 396 20.99 6.47 1.95
N GLY A 397 21.66 7.22 1.05
CA GLY A 397 21.47 7.07 -0.38
C GLY A 397 20.42 8.04 -0.89
N VAL A 398 20.31 9.18 -0.22
CA VAL A 398 19.28 10.15 -0.54
C VAL A 398 19.87 11.45 -1.09
N GLY A 399 19.39 11.87 -2.24
CA GLY A 399 19.86 13.07 -2.92
C GLY A 399 19.14 13.26 -4.25
N TRP A 400 19.01 14.51 -4.67
CA TRP A 400 18.34 14.90 -5.92
C TRP A 400 18.86 14.07 -7.09
N GLU A 401 20.15 13.81 -7.08
CA GLU A 401 20.74 12.95 -8.08
C GLU A 401 21.02 11.54 -7.49
N THR A 402 21.48 11.51 -6.24
CA THR A 402 21.92 10.27 -5.61
C THR A 402 20.86 9.15 -5.65
N ASN A 403 19.58 9.47 -5.39
CA ASN A 403 18.48 8.52 -5.69
C ASN A 403 17.44 9.09 -6.62
N ARG A 404 17.93 9.63 -7.73
CA ARG A 404 17.09 9.98 -8.85
C ARG A 404 16.10 8.88 -9.15
N ALA A 405 14.82 9.25 -9.19
CA ALA A 405 13.75 8.43 -9.70
C ALA A 405 12.70 9.34 -10.35
N ASP A 406 12.77 9.42 -11.68
CA ASP A 406 11.87 10.30 -12.41
C ASP A 406 10.38 10.02 -12.28
N TYR A 407 9.97 8.75 -12.38
CA TYR A 407 8.56 8.38 -12.56
C TYR A 407 8.14 7.28 -11.61
N GLY A 408 7.02 7.50 -10.95
CA GLY A 408 6.53 6.56 -9.97
C GLY A 408 5.73 5.48 -10.65
N VAL A 409 4.53 5.83 -11.08
CA VAL A 409 3.60 4.90 -11.70
C VAL A 409 3.21 5.45 -13.04
N HIS A 410 3.21 4.56 -14.04
CA HIS A 410 2.70 4.89 -15.35
C HIS A 410 1.67 3.83 -15.77
N VAL A 411 0.41 4.24 -15.82
CA VAL A 411 -0.66 3.33 -16.22
C VAL A 411 -0.94 3.51 -17.70
N LYS A 412 -0.67 2.47 -18.48
CA LYS A 412 -0.91 2.48 -19.93
C LYS A 412 -2.08 1.58 -20.41
N GLY A 413 -2.53 0.61 -19.61
CA GLY A 413 -3.70 -0.19 -19.97
C GLY A 413 -5.05 0.45 -19.65
N ASP A 414 -6.10 -0.13 -20.22
CA ASP A 414 -7.46 0.34 -20.07
C ASP A 414 -8.16 -0.28 -18.87
N ASN A 415 -9.17 0.44 -18.37
CA ASN A 415 -10.01 0.00 -17.26
C ASN A 415 -9.25 -0.38 -15.99
N VAL A 416 -8.12 0.28 -15.75
CA VAL A 416 -7.34 -0.03 -14.55
C VAL A 416 -7.92 0.69 -13.37
N LEU A 417 -8.02 -0.01 -12.24
CA LEU A 417 -8.54 0.54 -10.97
C LEU A 417 -7.43 0.56 -9.91
N ALA A 418 -7.21 1.73 -9.30
CA ALA A 418 -6.32 1.85 -8.15
C ALA A 418 -7.14 2.28 -6.93
N THR A 419 -7.16 1.46 -5.90
CA THR A 419 -7.79 1.78 -4.63
C THR A 419 -6.72 1.85 -3.51
N GLY A 420 -6.51 3.05 -2.98
CA GLY A 420 -5.50 3.27 -1.95
C GLY A 420 -4.13 3.46 -2.55
N LEU A 421 -3.99 4.50 -3.35
CA LEU A 421 -2.77 4.76 -4.10
C LEU A 421 -1.89 5.81 -3.42
N PHE A 422 -0.71 5.41 -3.00
CA PHE A 422 0.23 6.32 -2.32
C PHE A 422 1.55 6.37 -3.12
N VAL A 423 1.91 7.56 -3.60
CA VAL A 423 3.08 7.71 -4.45
C VAL A 423 3.76 9.05 -4.11
N GLU A 424 5.06 9.05 -3.83
CA GLU A 424 5.72 10.25 -3.28
C GLU A 424 7.21 10.44 -3.68
N HIS A 425 7.53 11.70 -3.95
CA HIS A 425 8.87 12.29 -3.99
C HIS A 425 9.63 12.16 -5.32
N PHE A 426 8.97 11.70 -6.38
CA PHE A 426 9.65 11.49 -7.66
C PHE A 426 10.18 12.78 -8.30
N ASN A 427 11.29 12.68 -9.01
CA ASN A 427 11.88 13.89 -9.60
C ASN A 427 10.98 14.56 -10.65
N LYS A 428 10.06 13.79 -11.23
CA LYS A 428 9.12 14.31 -12.21
C LYS A 428 7.70 13.81 -11.85
N TYR A 429 6.98 13.23 -12.81
CA TYR A 429 5.60 12.82 -12.58
C TYR A 429 5.51 11.64 -11.64
N ASP A 430 4.86 11.84 -10.49
CA ASP A 430 4.69 10.74 -9.55
C ASP A 430 3.81 9.66 -10.20
N VAL A 431 2.67 10.10 -10.72
CA VAL A 431 1.79 9.29 -11.53
C VAL A 431 1.43 9.91 -12.89
N GLN A 432 1.49 9.05 -13.91
CA GLN A 432 1.00 9.37 -15.24
C GLN A 432 0.01 8.28 -15.64
N TRP A 433 -1.16 8.68 -16.13
CA TRP A 433 -2.17 7.80 -16.63
C TRP A 433 -2.31 8.05 -18.11
N SER A 434 -2.06 7.01 -18.89
CA SER A 434 -2.18 7.06 -20.36
C SER A 434 -3.31 6.27 -20.92
N GLY A 435 -3.65 5.16 -20.27
CA GLY A 435 -4.74 4.31 -20.72
C GLY A 435 -6.08 5.01 -20.53
N GLU A 436 -7.07 4.47 -21.21
CA GLU A 436 -8.42 4.97 -21.20
C GLU A 436 -9.21 4.36 -20.01
N ASN A 437 -10.22 5.09 -19.58
CA ASN A 437 -11.13 4.68 -18.54
C ASN A 437 -10.59 4.29 -17.16
N GLY A 438 -9.51 4.96 -16.75
CA GLY A 438 -8.95 4.76 -15.43
C GLY A 438 -9.86 5.23 -14.30
N LYS A 439 -9.67 4.60 -13.14
CA LYS A 439 -10.38 4.95 -11.92
C LYS A 439 -9.38 4.89 -10.74
N THR A 440 -9.24 5.99 -10.01
CA THR A 440 -8.45 6.02 -8.77
C THR A 440 -9.34 6.47 -7.61
N ILE A 441 -9.55 5.58 -6.65
CA ILE A 441 -10.17 5.92 -5.37
C ILE A 441 -9.12 6.03 -4.27
N PHE A 442 -8.90 7.28 -3.85
CA PHE A 442 -7.92 7.68 -2.85
C PHE A 442 -6.51 7.72 -3.40
N TYR A 443 -5.95 8.93 -3.33
CA TYR A 443 -4.56 9.22 -3.70
C TYR A 443 -3.91 10.10 -2.65
N GLN A 444 -2.73 9.68 -2.22
CA GLN A 444 -1.90 10.49 -1.38
C GLN A 444 -0.55 10.66 -2.05
N ASN A 445 -0.14 11.93 -2.24
CA ASN A 445 1.16 12.28 -2.79
C ASN A 445 1.84 13.36 -1.96
N ALA A 446 3.16 13.25 -1.86
CA ALA A 446 4.01 14.40 -1.50
C ALA A 446 5.04 14.57 -2.61
N LYS A 447 5.36 15.82 -2.94
CA LYS A 447 6.30 16.11 -3.99
C LYS A 447 7.72 15.90 -3.44
N ALA A 448 8.71 15.82 -4.32
CA ALA A 448 10.07 15.62 -3.85
C ALA A 448 10.45 16.86 -3.03
N TYR A 449 11.32 16.68 -2.03
CA TYR A 449 11.65 17.74 -1.08
C TYR A 449 12.95 18.47 -1.47
N ASP A 450 13.69 17.85 -2.39
CA ASP A 450 15.10 18.15 -2.57
C ASP A 450 15.41 18.79 -3.94
N ALA A 451 14.41 19.18 -4.72
CA ALA A 451 14.63 19.96 -5.93
C ALA A 451 15.54 21.18 -5.63
N PRO A 452 16.87 21.08 -5.82
CA PRO A 452 17.66 22.26 -5.43
C PRO A 452 17.20 23.63 -5.97
N ASP A 453 16.43 23.69 -7.05
CA ASP A 453 16.00 24.99 -7.62
C ASP A 453 14.75 24.91 -8.54
N GLN A 454 14.21 26.05 -8.99
CA GLN A 454 12.99 26.08 -9.82
C GLN A 454 13.23 25.46 -11.22
N ALA A 455 14.38 25.78 -11.81
CA ALA A 455 14.73 25.24 -13.10
C ALA A 455 14.98 23.74 -13.02
N ALA A 456 15.30 23.22 -11.84
CA ALA A 456 15.51 21.77 -11.75
C ALA A 456 14.22 20.98 -12.01
N ILE A 457 13.06 21.61 -11.86
CA ILE A 457 11.79 20.90 -12.04
C ILE A 457 10.93 21.58 -13.10
N GLN A 458 11.58 22.33 -13.96
CA GLN A 458 10.86 23.03 -15.03
C GLN A 458 10.27 22.05 -16.06
N ASN A 459 8.95 22.16 -16.30
CA ASN A 459 8.19 21.18 -17.11
C ASN A 459 7.59 21.85 -18.35
N GLY A 460 8.43 22.09 -19.35
CA GLY A 460 8.02 22.88 -20.52
C GLY A 460 7.60 24.27 -20.09
N ASP A 461 6.38 24.65 -20.46
CA ASP A 461 5.76 25.91 -20.04
C ASP A 461 5.24 25.85 -18.59
N ILE A 462 5.20 24.65 -17.99
CA ILE A 462 4.66 24.43 -16.66
C ILE A 462 5.77 24.40 -15.58
N LYS A 463 5.53 25.03 -14.43
CA LYS A 463 6.41 24.90 -13.25
C LYS A 463 6.14 23.61 -12.45
N GLY A 464 7.13 22.74 -12.43
CA GLY A 464 6.99 21.47 -11.71
C GLY A 464 6.26 20.44 -12.53
N TYR A 465 6.31 19.19 -12.04
CA TYR A 465 5.59 18.05 -12.59
C TYR A 465 4.39 17.66 -11.72
N ALA A 466 3.23 17.51 -12.36
CA ALA A 466 2.03 17.14 -11.62
C ALA A 466 2.30 15.88 -10.82
N ALA A 467 1.67 15.78 -9.66
CA ALA A 467 1.71 14.56 -8.89
C ALA A 467 0.91 13.47 -9.59
N TYR A 468 -0.10 13.91 -10.34
CA TYR A 468 -1.00 13.00 -11.01
C TYR A 468 -1.50 13.62 -12.28
N LYS A 469 -1.03 13.03 -13.41
CA LYS A 469 -1.26 13.50 -14.76
C LYS A 469 -2.04 12.46 -15.57
N VAL A 470 -3.04 12.97 -16.29
CA VAL A 470 -3.78 12.21 -17.31
C VAL A 470 -3.47 12.85 -18.68
N ASP A 471 -2.78 12.08 -19.55
CA ASP A 471 -2.48 12.53 -20.92
C ASP A 471 -3.69 13.23 -21.53
N ASP A 472 -3.36 14.15 -22.42
CA ASP A 472 -4.30 14.80 -23.29
C ASP A 472 -5.21 13.89 -24.12
N SER A 473 -4.63 12.85 -24.67
CA SER A 473 -5.33 12.10 -25.70
C SER A 473 -6.42 11.26 -25.06
N VAL A 474 -6.36 11.09 -23.75
CA VAL A 474 -7.35 10.27 -23.04
C VAL A 474 -8.75 10.86 -23.13
N THR A 475 -9.76 10.00 -23.08
CA THR A 475 -11.16 10.46 -23.19
C THR A 475 -11.99 10.24 -21.93
N THR A 476 -11.73 9.18 -21.19
CA THR A 476 -12.46 8.89 -19.94
C THR A 476 -11.53 8.55 -18.75
N HIS A 477 -11.84 9.15 -17.59
CA HIS A 477 -11.06 8.97 -16.37
C HIS A 477 -11.88 9.45 -15.17
N GLU A 478 -11.72 8.79 -14.02
CA GLU A 478 -12.39 9.26 -12.80
C GLU A 478 -11.47 9.08 -11.59
N GLY A 479 -11.26 10.16 -10.83
CA GLY A 479 -10.53 10.10 -9.58
C GLY A 479 -11.31 10.74 -8.43
N TRP A 480 -11.28 10.10 -7.26
CA TRP A 480 -12.02 10.54 -6.12
C TRP A 480 -11.07 10.62 -4.89
N GLY A 481 -11.00 11.77 -4.22
CA GLY A 481 -10.39 11.88 -2.91
C GLY A 481 -8.86 11.87 -2.98
N MET A 482 -8.32 12.94 -3.52
CA MET A 482 -6.95 12.94 -3.98
C MET A 482 -6.19 14.21 -3.58
N GLY A 483 -5.04 14.01 -2.94
CA GLY A 483 -4.26 15.11 -2.45
C GLY A 483 -2.77 14.99 -2.68
N SER A 484 -2.17 16.17 -2.92
CA SER A 484 -0.75 16.30 -3.13
C SER A 484 -0.23 17.40 -2.18
N TYR A 485 0.85 17.11 -1.48
CA TYR A 485 1.43 18.04 -0.52
C TYR A 485 2.86 18.38 -0.96
N CYS A 486 3.37 19.54 -0.55
CA CYS A 486 4.73 19.94 -0.92
C CYS A 486 5.48 20.36 0.31
N TYR A 487 6.78 20.14 0.25
CA TYR A 487 7.69 20.46 1.35
C TYR A 487 9.06 20.64 0.72
N PHE A 488 9.19 21.78 0.04
CA PHE A 488 10.42 22.10 -0.68
C PHE A 488 11.40 22.72 0.32
N ASN A 489 11.84 21.90 1.25
CA ASN A 489 12.62 22.42 2.38
C ASN A 489 14.03 22.79 1.95
N VAL A 490 14.48 22.25 0.83
CA VAL A 490 15.80 22.56 0.33
C VAL A 490 15.75 23.96 -0.30
N ASN A 491 14.65 24.28 -0.99
CA ASN A 491 14.45 25.61 -1.55
C ASN A 491 13.00 26.00 -1.51
N PRO A 492 12.57 26.58 -0.38
CA PRO A 492 11.18 27.00 -0.22
C PRO A 492 10.72 28.12 -1.14
N ASP A 493 11.61 28.72 -1.93
CA ASP A 493 11.20 29.72 -2.90
C ASP A 493 10.43 29.08 -4.08
N ILE A 494 10.53 27.75 -4.19
CA ILE A 494 9.97 27.02 -5.31
C ILE A 494 8.47 27.14 -5.36
N ARG A 495 7.95 27.16 -6.58
CA ARG A 495 6.51 27.10 -6.81
C ARG A 495 6.16 25.86 -7.61
N GLN A 496 5.12 25.16 -7.18
CA GLN A 496 4.57 24.00 -7.90
C GLN A 496 3.26 24.40 -8.58
N GLN A 497 3.20 24.37 -9.90
CA GLN A 497 2.06 24.93 -10.60
C GLN A 497 0.72 24.27 -10.19
N HIS A 498 0.75 22.94 -10.02
CA HIS A 498 -0.45 22.19 -9.68
C HIS A 498 -0.12 20.82 -9.07
N GLY A 499 -1.10 20.26 -8.36
CA GLY A 499 -1.12 18.89 -7.92
C GLY A 499 -1.49 17.90 -9.04
N PHE A 500 -2.43 18.30 -9.89
CA PHE A 500 -3.05 17.45 -10.88
C PHE A 500 -3.07 18.15 -12.22
N GLN A 501 -2.88 17.39 -13.30
CA GLN A 501 -3.04 17.90 -14.65
C GLN A 501 -3.82 16.91 -15.52
N ALA A 502 -4.76 17.41 -16.31
CA ALA A 502 -5.59 16.51 -17.09
C ALA A 502 -6.40 17.30 -18.11
N PRO A 503 -6.82 16.64 -19.20
CA PRO A 503 -7.64 17.37 -20.15
C PRO A 503 -9.01 17.67 -19.60
N VAL A 504 -9.66 18.59 -20.30
CA VAL A 504 -10.94 19.13 -19.92
C VAL A 504 -11.90 18.57 -20.96
N LYS A 505 -12.56 17.48 -20.60
CA LYS A 505 -13.41 16.69 -21.48
C LYS A 505 -14.55 16.17 -20.61
N PRO A 506 -15.74 15.95 -21.20
CA PRO A 506 -16.89 15.44 -20.42
C PRO A 506 -16.53 14.24 -19.57
N GLY A 507 -15.73 13.35 -20.12
CA GLY A 507 -15.53 12.02 -19.56
C GLY A 507 -14.37 11.90 -18.57
N VAL A 508 -13.51 12.92 -18.51
CA VAL A 508 -12.41 12.95 -17.51
C VAL A 508 -12.83 13.78 -16.28
N LYS A 509 -13.08 13.15 -15.13
CA LYS A 509 -13.78 13.78 -13.99
C LYS A 509 -12.93 13.62 -12.71
N PHE A 510 -12.89 14.63 -11.85
CA PHE A 510 -12.31 14.48 -10.51
C PHE A 510 -13.25 15.01 -9.42
N HIS A 511 -13.20 14.34 -8.27
CA HIS A 511 -13.92 14.73 -7.06
C HIS A 511 -12.96 14.84 -5.90
N ASP A 512 -13.11 15.93 -5.16
CA ASP A 512 -12.50 16.08 -3.87
C ASP A 512 -10.97 16.03 -4.02
N LEU A 513 -10.42 17.08 -4.63
CA LEU A 513 -9.00 17.29 -4.81
C LEU A 513 -8.50 18.38 -3.86
N LEU A 514 -7.26 18.21 -3.39
CA LEU A 514 -6.61 19.24 -2.57
C LEU A 514 -5.11 19.24 -2.77
N VAL A 515 -4.50 20.42 -2.58
CA VAL A 515 -3.07 20.50 -2.44
C VAL A 515 -2.75 21.25 -1.13
N VAL A 516 -1.58 20.98 -0.57
CA VAL A 516 -1.21 21.55 0.73
C VAL A 516 0.30 21.78 0.80
N SER A 517 0.70 22.98 1.18
CA SER A 517 2.08 23.24 1.51
C SER A 517 2.29 22.96 2.98
N LEU A 518 3.32 22.19 3.27
CA LEU A 518 3.63 21.81 4.63
C LEU A 518 4.53 22.88 5.23
N GLY A 519 3.92 23.68 6.07
CA GLY A 519 4.63 24.71 6.81
C GLY A 519 5.28 25.80 5.94
N GLY A 520 4.86 25.90 4.69
CA GLY A 520 5.20 27.03 3.85
C GLY A 520 6.46 26.85 3.04
N LYS A 521 6.86 25.60 2.86
CA LYS A 521 8.06 25.27 2.14
C LYS A 521 7.69 25.01 0.69
N GLY A 522 7.72 26.09 -0.09
CA GLY A 522 7.16 26.08 -1.42
C GLY A 522 5.68 26.34 -1.29
N GLN A 523 5.04 26.61 -2.40
CA GLN A 523 3.61 26.76 -2.46
C GLN A 523 3.11 26.21 -3.82
N TYR A 524 1.85 25.78 -3.83
CA TYR A 524 1.12 25.50 -5.05
C TYR A 524 0.52 26.78 -5.65
N GLU A 525 0.54 26.90 -6.96
CA GLU A 525 -0.11 28.05 -7.63
C GLU A 525 -1.59 27.77 -7.89
N HIS A 526 -1.93 26.50 -8.04
CA HIS A 526 -3.30 26.06 -8.28
C HIS A 526 -3.44 24.57 -7.84
N VAL A 527 -4.66 24.06 -7.93
CA VAL A 527 -4.95 22.68 -7.53
C VAL A 527 -4.80 21.70 -8.72
N ILE A 528 -5.57 21.96 -9.78
CA ILE A 528 -5.57 21.17 -11.03
C ILE A 528 -5.50 22.06 -12.26
N ASN A 529 -4.58 21.75 -13.18
CA ASN A 529 -4.32 22.62 -14.32
C ASN A 529 -4.01 24.04 -13.79
N ASP A 530 -4.70 25.06 -14.28
CA ASP A 530 -4.42 26.43 -13.79
C ASP A 530 -5.63 26.98 -13.03
N ILE A 531 -6.22 26.05 -12.28
CA ILE A 531 -7.57 26.13 -11.70
C ILE A 531 -7.54 25.84 -10.20
N GLY A 532 -8.38 26.51 -9.42
CA GLY A 532 -8.27 26.44 -7.98
C GLY A 532 -7.24 27.42 -7.42
N ASP A 533 -7.37 27.73 -6.14
CA ASP A 533 -6.55 28.75 -5.49
C ASP A 533 -5.16 28.27 -5.12
N PRO A 534 -4.18 29.19 -5.11
CA PRO A 534 -2.85 28.83 -4.61
C PRO A 534 -2.87 28.57 -3.11
N THR A 535 -1.86 27.87 -2.60
CA THR A 535 -1.68 27.80 -1.17
C THR A 535 -1.01 29.10 -0.76
N SER A 536 -1.24 29.50 0.48
CA SER A 536 -0.63 30.72 1.04
C SER A 536 -0.42 30.54 2.55
N GLY A 537 0.31 31.44 3.19
CA GLY A 537 0.62 31.29 4.59
C GLY A 537 1.63 30.17 4.86
N ASP A 538 2.00 30.06 6.12
CA ASP A 538 2.85 28.99 6.56
C ASP A 538 2.07 28.11 7.55
N THR A 539 0.74 28.10 7.40
CA THR A 539 -0.17 27.47 8.35
C THR A 539 -0.75 26.10 7.87
N THR A 540 -0.33 25.65 6.69
CA THR A 540 -0.69 24.34 6.18
C THR A 540 -2.19 24.13 6.01
N ILE A 541 -2.88 25.16 5.53
CA ILE A 541 -4.28 25.01 5.17
C ILE A 541 -4.39 24.53 3.70
N PRO A 542 -5.21 23.50 3.43
CA PRO A 542 -5.38 23.09 2.03
C PRO A 542 -6.11 24.07 1.12
N SER A 543 -5.84 23.96 -0.17
CA SER A 543 -6.72 24.53 -1.19
C SER A 543 -7.29 23.34 -1.97
N GLN A 544 -8.60 23.40 -2.18
CA GLN A 544 -9.37 22.30 -2.71
C GLN A 544 -10.17 22.64 -3.95
N VAL A 545 -10.54 21.58 -4.66
CA VAL A 545 -11.61 21.55 -5.62
C VAL A 545 -12.58 20.44 -5.18
N VAL A 546 -13.88 20.73 -5.21
CA VAL A 546 -14.92 19.73 -4.98
C VAL A 546 -15.14 18.90 -6.26
N SER A 547 -15.19 19.59 -7.39
CA SER A 547 -15.58 18.99 -8.68
C SER A 547 -14.82 19.67 -9.80
N PHE A 548 -14.30 18.87 -10.75
CA PHE A 548 -13.65 19.37 -11.97
C PHE A 548 -14.01 18.43 -13.09
N PRO A 549 -14.14 18.95 -14.31
CA PRO A 549 -13.94 20.34 -14.70
C PRO A 549 -15.21 21.11 -14.52
C2 BGC B . -2.16 17.53 12.35
C3 BGC B . -1.55 18.51 11.50
C4 BGC B . -2.54 19.45 10.92
C5 BGC B . -3.54 20.03 11.97
C6 BGC B . -4.59 20.59 11.35
C1 BGC B . -3.05 18.12 13.37
O1 BGC B . -3.64 17.16 14.16
O2 BGC B . -1.12 16.78 13.06
O3 BGC B . -0.76 17.85 10.41
O4 BGC B . -1.95 20.53 10.19
O5 BGC B . -4.10 18.84 12.70
O6 BGC B . -5.65 20.86 12.17
C2 BGC B . 1.33 17.23 9.42
C3 BGC B . 2.72 17.48 9.19
C4 BGC B . 3.02 18.95 9.05
C5 BGC B . 2.39 19.76 10.21
C6 BGC B . 2.54 21.11 10.06
C1 BGC B . 0.65 18.07 10.42
O2 BGC B . 1.05 15.83 9.75
O3 BGC B . 2.96 16.80 7.89
O4 BGC B . 4.40 19.24 8.96
O5 BGC B . 0.92 19.43 10.10
O6 BGC B . 1.92 21.93 11.00
C2 BGC B . 4.25 15.19 6.62
C3 BGC B . 5.55 14.75 6.28
C4 BGC B . 6.42 15.82 5.84
C5 BGC B . 6.46 16.97 6.90
C6 BGC B . 7.24 17.99 6.49
C1 BGC B . 4.26 16.33 7.62
O2 BGC B . 3.50 14.10 7.24
O3 BGC B . 5.45 13.76 5.15
O4 BGC B . 7.73 15.39 5.68
O5 BGC B . 5.05 17.43 7.13
O6 BGC B . 7.28 19.04 7.37
C2 BGC B . 5.92 11.71 4.10
C3 BGC B . 6.72 10.51 4.07
C4 BGC B . 8.05 10.72 4.70
C5 BGC B . 7.97 11.29 6.16
C6 BGC B . 9.16 11.66 6.74
C1 BGC B . 5.81 12.43 5.41
O2 BGC B . 4.56 11.56 3.58
O3 BGC B . 6.99 10.11 2.66
O4 BGC B . 8.92 9.61 4.70
O5 BGC B . 7.08 12.53 6.06
O6 BGC B . 9.04 11.76 8.16
C2 BGC C . -0.44 1.02 23.00
C3 BGC C . -1.70 1.14 23.86
C4 BGC C . -1.81 0.10 24.96
C5 BGC C . -0.51 0.14 25.76
C6 BGC C . -0.63 -0.92 26.86
C1 BGC C . 0.86 0.49 23.66
O2 BGC C . -0.19 2.31 22.52
O3 BGC C . -2.93 1.10 23.18
O4 BGC C . -3.02 0.48 25.65
O5 BGC C . 0.72 0.05 24.98
O6 BGC C . 0.21 -0.72 27.99
C1 EDO D . 16.92 -4.33 2.38
O1 EDO D . 15.76 -4.23 1.58
C2 EDO D . 16.94 -3.18 3.36
O2 EDO D . 15.77 -3.17 4.20
H11 EDO D . 17.81 -4.31 1.75
H12 EDO D . 16.91 -5.27 2.93
HO1 EDO D . 15.93 -4.61 0.71
H21 EDO D . 17.00 -2.24 2.79
H22 EDO D . 17.84 -3.25 3.98
HO2 EDO D . 15.87 -2.46 4.85
C1 EDO E . 9.14 17.24 -8.79
O1 EDO E . 8.19 16.37 -9.44
C2 EDO E . 8.58 18.64 -8.48
O2 EDO E . 7.67 19.10 -9.48
H11 EDO E . 10.00 17.32 -9.43
H12 EDO E . 9.45 16.78 -7.85
HO1 EDO E . 8.33 15.46 -9.15
H21 EDO E . 9.41 19.33 -8.39
H22 EDO E . 8.08 18.61 -7.51
HO2 EDO E . 7.14 19.83 -9.13
C1 EDO F . 14.24 -3.81 -19.14
O1 EDO F . 13.72 -5.07 -18.66
C2 EDO F . 13.13 -2.77 -19.16
O2 EDO F . 11.92 -3.26 -19.80
H11 EDO F . 14.67 -3.94 -20.13
H12 EDO F . 15.05 -3.48 -18.48
HO1 EDO F . 14.44 -5.64 -18.37
H21 EDO F . 13.49 -1.88 -19.68
H22 EDO F . 12.90 -2.47 -18.13
HO2 EDO F . 11.28 -2.54 -19.90
N GLU A 1 11.34 -30.74 -11.08
CA GLU A 1 12.38 -30.37 -10.12
C GLU A 1 11.92 -29.44 -8.97
N VAL A 2 11.45 -28.20 -9.26
CA VAL A 2 11.06 -27.28 -8.17
C VAL A 2 9.91 -27.87 -7.37
N VAL A 3 10.19 -28.54 -6.27
CA VAL A 3 9.11 -29.14 -5.51
C VAL A 3 8.56 -28.06 -4.59
N GLY A 4 7.26 -28.06 -4.45
CA GLY A 4 6.62 -27.13 -3.58
C GLY A 4 6.58 -27.66 -2.17
N GLY A 5 6.05 -26.87 -1.24
CA GLY A 5 6.07 -27.25 0.17
C GLY A 5 7.39 -26.91 0.85
N GLY A 6 7.47 -27.19 2.15
CA GLY A 6 8.63 -26.81 2.93
C GLY A 6 8.34 -25.95 4.16
N ASP A 7 9.19 -26.12 5.17
CA ASP A 7 9.42 -25.25 6.35
C ASP A 7 9.47 -23.79 5.94
N LEU A 8 8.48 -23.01 6.43
CA LEU A 8 8.43 -21.57 6.28
C LEU A 8 9.75 -20.94 6.71
N GLY A 9 10.55 -21.72 7.45
CA GLY A 9 11.87 -21.28 7.81
C GLY A 9 11.94 -20.57 9.15
N PRO A 10 13.12 -20.08 9.49
CA PRO A 10 13.35 -19.51 10.82
C PRO A 10 12.69 -18.13 11.10
N ASN A 11 12.18 -17.45 10.09
CA ASN A 11 11.62 -16.12 10.32
C ASN A 11 10.10 -16.00 10.18
N VAL A 12 9.44 -17.15 10.04
CA VAL A 12 8.01 -17.24 10.20
C VAL A 12 7.82 -17.94 11.55
N LEU A 13 7.44 -17.17 12.54
CA LEU A 13 7.28 -17.61 13.94
C LEU A 13 5.82 -17.92 14.17
N VAL A 14 5.60 -19.16 14.58
CA VAL A 14 4.29 -19.73 14.63
C VAL A 14 3.97 -19.98 16.11
N PHE A 15 2.74 -19.62 16.47
CA PHE A 15 2.28 -19.58 17.85
C PHE A 15 0.96 -20.33 18.02
N ASP A 16 0.84 -21.10 19.11
CA ASP A 16 -0.46 -21.56 19.56
C ASP A 16 -0.67 -21.15 21.06
N PRO A 17 -1.91 -21.21 21.55
CA PRO A 17 -2.12 -20.79 22.95
C PRO A 17 -1.39 -21.60 23.99
N SER A 18 -0.97 -22.81 23.63
CA SER A 18 -0.11 -23.58 24.53
C SER A 18 1.39 -23.46 24.23
N THR A 19 1.77 -22.60 23.29
CA THR A 19 3.18 -22.17 23.21
C THR A 19 3.53 -21.39 24.49
N PRO A 20 4.70 -21.64 25.12
CA PRO A 20 4.97 -20.80 26.30
C PRO A 20 5.73 -19.54 25.93
N ASP A 21 5.86 -18.66 26.90
CA ASP A 21 6.23 -17.26 26.67
C ASP A 21 5.94 -16.64 25.29
N ILE A 22 4.66 -16.62 24.92
CA ILE A 22 4.20 -15.78 23.82
C ILE A 22 4.68 -14.34 23.83
N GLN A 23 4.34 -13.57 24.87
CA GLN A 23 4.71 -12.15 24.96
C GLN A 23 6.20 -12.05 24.79
N GLY A 24 6.84 -12.96 25.53
CA GLY A 24 8.29 -13.11 25.57
C GLY A 24 8.84 -12.86 24.20
N LYS A 25 8.35 -13.65 23.26
CA LYS A 25 8.87 -13.74 21.91
C LYS A 25 8.61 -12.53 20.98
N VAL A 26 7.60 -11.73 21.27
CA VAL A 26 7.16 -10.66 20.38
C VAL A 26 7.73 -9.31 20.79
N ASP A 27 7.73 -9.01 22.11
CA ASP A 27 8.48 -7.85 22.59
C ASP A 27 9.97 -7.97 22.19
N GLU A 28 10.54 -9.19 22.24
CA GLU A 28 11.96 -9.35 21.85
C GLU A 28 12.07 -8.93 20.39
N VAL A 29 11.16 -9.43 19.55
CA VAL A 29 11.15 -9.02 18.10
C VAL A 29 10.97 -7.50 18.04
N PHE A 30 10.05 -7.00 18.86
CA PHE A 30 9.70 -5.57 18.81
C PHE A 30 10.90 -4.73 19.19
N ARG A 31 11.41 -5.01 20.37
CA ARG A 31 12.51 -4.25 20.93
C ARG A 31 13.68 -4.24 19.89
N LYS A 32 13.74 -5.28 19.08
CA LYS A 32 14.69 -5.32 17.98
C LYS A 32 14.28 -4.66 16.66
N GLN A 33 12.99 -4.70 16.32
CA GLN A 33 12.49 -4.10 15.08
C GLN A 33 11.86 -2.71 15.19
N GLU A 34 11.63 -2.28 16.43
CA GLU A 34 10.91 -1.03 16.71
C GLU A 34 11.55 0.15 15.98
N SER A 35 12.87 0.21 15.98
CA SER A 35 13.55 1.37 15.39
C SER A 35 14.42 0.95 14.18
N ASN A 36 14.18 -0.25 13.69
CA ASN A 36 14.96 -0.86 12.60
C ASN A 36 14.47 -0.43 11.20
N GLN A 37 14.52 0.87 10.92
CA GLN A 37 13.83 1.44 9.76
C GLN A 37 14.40 0.91 8.42
N PHE A 38 15.72 0.74 8.35
CA PHE A 38 16.37 0.41 7.10
C PHE A 38 17.23 -0.84 7.13
N GLY A 39 17.25 -1.55 8.25
CA GLY A 39 18.03 -2.76 8.38
C GLY A 39 17.43 -3.85 7.54
N THR A 40 17.84 -5.07 7.79
CA THR A 40 17.58 -6.16 6.86
C THR A 40 16.75 -7.32 7.45
N ASP A 41 16.53 -7.35 8.75
CA ASP A 41 15.72 -8.44 9.33
C ASP A 41 14.23 -8.31 8.91
N ARG A 42 13.52 -9.43 8.89
CA ARG A 42 12.14 -9.51 8.47
C ARG A 42 11.50 -10.61 9.31
N TYR A 43 10.27 -10.39 9.79
CA TYR A 43 9.56 -11.38 10.59
C TYR A 43 8.09 -11.47 10.23
N ALA A 44 7.54 -12.68 10.25
CA ALA A 44 6.09 -12.87 10.29
C ALA A 44 5.70 -13.62 11.57
N LEU A 45 4.71 -13.09 12.31
CA LEU A 45 4.21 -13.66 13.57
C LEU A 45 2.82 -14.28 13.40
N MET A 46 2.81 -15.58 13.10
CA MET A 46 1.62 -16.26 12.64
C MET A 46 0.98 -16.96 13.86
N PHE A 47 -0.28 -16.63 14.16
CA PHE A 47 -0.98 -17.21 15.31
C PHE A 47 -1.99 -18.24 14.90
N LYS A 48 -1.84 -19.45 15.43
CA LYS A 48 -2.82 -20.48 15.16
C LYS A 48 -4.15 -20.12 15.85
N PRO A 49 -5.23 -20.73 15.38
CA PRO A 49 -6.54 -20.41 15.95
C PRO A 49 -6.66 -20.84 17.42
N GLY A 50 -7.46 -20.07 18.16
CA GLY A 50 -7.59 -20.20 19.59
C GLY A 50 -7.68 -18.87 20.30
N THR A 51 -7.14 -18.82 21.51
CA THR A 51 -7.42 -17.73 22.43
C THR A 51 -6.23 -17.38 23.27
N TYR A 52 -5.86 -16.11 23.18
CA TYR A 52 -4.68 -15.58 23.81
C TYR A 52 -5.03 -14.45 24.79
N ASN A 53 -4.97 -14.76 26.07
CA ASN A 53 -5.07 -13.74 27.11
C ASN A 53 -3.77 -13.02 27.36
N ASP A 54 -3.85 -11.93 28.14
CA ASP A 54 -2.71 -11.03 28.47
C ASP A 54 -1.60 -11.01 27.39
N ILE A 55 -2.00 -10.37 26.28
CA ILE A 55 -1.11 -10.14 25.14
C ILE A 55 -1.25 -8.74 24.58
N ASN A 56 -0.14 -8.05 24.58
CA ASN A 56 -0.01 -6.82 23.80
C ASN A 56 1.15 -6.98 22.79
N ALA A 57 0.78 -7.15 21.53
CA ALA A 57 1.77 -7.35 20.46
C ALA A 57 2.11 -6.00 19.86
N GLN A 58 3.20 -5.43 20.36
CA GLN A 58 3.76 -4.21 19.76
C GLN A 58 4.45 -4.60 18.47
N ILE A 59 4.04 -3.99 17.37
CA ILE A 59 4.54 -4.32 16.05
C ILE A 59 5.53 -3.24 15.64
N GLY A 60 6.75 -3.66 15.27
CA GLY A 60 7.77 -2.73 14.79
C GLY A 60 7.94 -2.81 13.29
N PHE A 61 9.07 -2.29 12.79
CA PHE A 61 9.32 -2.35 11.35
C PHE A 61 9.31 -3.81 10.87
N TYR A 62 9.04 -3.97 9.57
CA TYR A 62 9.16 -5.25 8.84
C TYR A 62 8.65 -6.45 9.65
N THR A 63 7.52 -6.25 10.27
CA THR A 63 6.84 -7.27 11.08
C THR A 63 5.41 -7.36 10.58
N SER A 64 4.99 -8.57 10.24
CA SER A 64 3.59 -8.88 9.97
C SER A 64 3.04 -9.81 11.02
N ILE A 65 1.77 -9.64 11.30
CA ILE A 65 1.10 -10.47 12.27
C ILE A 65 -0.24 -10.85 11.64
N ALA A 66 -0.57 -12.13 11.74
CA ALA A 66 -1.83 -12.64 11.25
C ALA A 66 -2.28 -13.89 12.03
N GLY A 67 -3.58 -14.15 11.96
CA GLY A 67 -4.15 -15.41 12.41
C GLY A 67 -4.00 -16.43 11.29
N LEU A 68 -4.21 -17.71 11.61
CA LEU A 68 -4.26 -18.76 10.63
C LEU A 68 -5.61 -19.49 10.61
N GLY A 69 -6.63 -18.85 11.18
CA GLY A 69 -7.97 -19.33 10.98
C GLY A 69 -8.44 -19.10 9.57
N LEU A 70 -9.58 -19.71 9.26
CA LEU A 70 -10.21 -19.46 7.97
C LEU A 70 -10.94 -18.14 7.98
N ASN A 71 -11.04 -17.56 9.16
CA ASN A 71 -11.96 -16.48 9.45
C ASN A 71 -11.38 -15.65 10.59
N PRO A 72 -11.57 -14.32 10.58
CA PRO A 72 -11.09 -13.45 11.65
C PRO A 72 -11.38 -14.00 13.06
N ASP A 73 -12.61 -14.32 13.33
CA ASP A 73 -13.04 -14.70 14.68
C ASP A 73 -12.46 -16.05 15.19
N ASP A 74 -11.65 -16.71 14.36
CA ASP A 74 -10.97 -17.97 14.73
C ASP A 74 -9.70 -17.76 15.60
N THR A 75 -9.10 -16.57 15.52
CA THR A 75 -7.90 -16.24 16.29
C THR A 75 -8.11 -14.93 17.02
N THR A 76 -8.34 -15.05 18.32
CA THR A 76 -8.83 -13.96 19.15
C THR A 76 -7.83 -13.63 20.25
N PHE A 77 -7.37 -12.37 20.27
CA PHE A 77 -6.51 -11.87 21.35
C PHE A 77 -7.40 -11.13 22.29
N ASN A 78 -7.34 -11.51 23.55
CA ASN A 78 -7.89 -10.67 24.59
C ASN A 78 -6.73 -9.82 25.01
N GLY A 79 -6.77 -8.59 24.50
CA GLY A 79 -5.60 -7.75 24.37
C GLY A 79 -5.52 -7.15 22.97
N ASP A 80 -4.30 -6.92 22.51
CA ASP A 80 -4.05 -5.89 21.50
C ASP A 80 -2.98 -6.23 20.46
N VAL A 81 -3.12 -5.56 19.34
CA VAL A 81 -2.11 -5.54 18.29
C VAL A 81 -1.85 -4.03 18.00
N THR A 82 -0.70 -3.58 18.43
CA THR A 82 -0.46 -2.19 18.77
C THR A 82 0.73 -1.62 18.00
N VAL A 83 0.50 -0.51 17.29
CA VAL A 83 1.59 0.30 16.72
C VAL A 83 1.55 1.69 17.36
N ASP A 84 2.68 2.06 17.96
CA ASP A 84 2.82 3.35 18.59
C ASP A 84 4.18 3.97 18.14
N ALA A 85 4.57 5.09 18.71
CA ALA A 85 5.69 5.88 18.18
C ALA A 85 6.67 6.31 19.25
N GLY A 86 6.87 5.45 20.23
CA GLY A 86 7.85 5.68 21.28
C GLY A 86 9.25 5.86 20.73
N TRP A 87 9.62 5.10 19.71
CA TRP A 87 11.00 5.17 19.20
C TRP A 87 11.29 6.55 18.62
N PHE A 88 10.24 7.28 18.23
CA PHE A 88 10.38 8.53 17.49
C PHE A 88 9.60 9.66 18.17
N ASP A 89 9.42 9.52 19.49
CA ASP A 89 8.88 10.56 20.37
C ASP A 89 7.55 11.22 19.94
N GLY A 90 6.63 10.37 19.55
CA GLY A 90 5.27 10.77 19.27
C GLY A 90 4.96 11.05 17.82
N ASN A 91 5.98 11.12 16.97
CA ASN A 91 5.82 11.34 15.55
C ASN A 91 5.67 9.98 14.90
N ALA A 92 4.49 9.74 14.31
CA ALA A 92 4.20 8.43 13.68
C ALA A 92 4.49 8.41 12.19
N THR A 93 5.02 9.51 11.65
CA THR A 93 5.18 9.66 10.19
C THR A 93 6.31 8.81 9.58
N GLN A 94 6.95 7.98 10.38
CA GLN A 94 7.91 7.03 9.84
C GLN A 94 7.60 5.60 10.32
N ASN A 95 6.34 5.39 10.70
CA ASN A 95 5.90 4.04 11.06
C ASN A 95 5.42 3.28 9.82
N PHE A 96 6.38 2.73 9.08
CA PHE A 96 6.14 2.05 7.80
C PHE A 96 6.34 0.55 7.88
N TRP A 97 6.00 -0.12 6.76
CA TRP A 97 6.40 -1.50 6.44
C TRP A 97 6.05 -2.54 7.51
N ARG A 98 4.77 -2.63 7.82
CA ARG A 98 4.32 -3.61 8.79
C ARG A 98 2.86 -3.96 8.49
N SER A 99 2.37 -5.00 9.14
CA SER A 99 1.04 -5.52 8.72
C SER A 99 0.29 -6.27 9.80
N ALA A 100 -1.04 -6.20 9.74
CA ALA A 100 -1.92 -7.01 10.60
C ALA A 100 -3.04 -7.58 9.77
N GLU A 101 -3.31 -8.88 9.89
CA GLU A 101 -4.43 -9.45 9.19
C GLU A 101 -5.07 -10.66 9.88
N ASN A 102 -6.37 -10.81 9.66
CA ASN A 102 -7.11 -12.05 9.96
C ASN A 102 -7.06 -12.43 11.44
N LEU A 103 -7.20 -11.39 12.25
CA LEU A 103 -7.34 -11.51 13.71
C LEU A 103 -8.62 -10.83 14.23
N ALA A 104 -9.13 -11.39 15.33
CA ALA A 104 -10.13 -10.71 16.17
C ALA A 104 -9.46 -10.14 17.44
N LEU A 105 -9.73 -8.89 17.75
CA LEU A 105 -9.15 -8.24 18.92
C LEU A 105 -10.18 -7.75 19.90
N ASN A 106 -9.90 -7.98 21.16
CA ASN A 106 -10.75 -7.53 22.27
C ASN A 106 -9.82 -6.68 23.13
N PRO A 107 -9.59 -5.41 22.73
CA PRO A 107 -8.46 -4.65 23.30
C PRO A 107 -8.66 -4.38 24.77
N VAL A 108 -7.56 -4.44 25.53
CA VAL A 108 -7.60 -4.45 26.97
C VAL A 108 -8.37 -3.30 27.62
N ASN A 109 -8.19 -2.06 27.15
CA ASN A 109 -8.91 -0.93 27.74
C ASN A 109 -10.05 -0.46 26.84
N GLY A 110 -10.43 -1.32 25.90
CA GLY A 110 -11.53 -1.01 24.98
C GLY A 110 -11.19 -0.50 23.58
N THR A 111 -10.00 0.07 23.39
CA THR A 111 -9.59 0.61 22.08
C THR A 111 -8.23 0.08 21.68
N ASN A 112 -8.13 -0.45 20.47
CA ASN A 112 -6.86 -0.87 19.90
C ASN A 112 -6.14 0.33 19.19
N ARG A 113 -4.84 0.46 19.42
CA ARG A 113 -4.03 1.52 18.78
C ARG A 113 -3.19 1.01 17.60
N TRP A 114 -3.48 1.52 16.39
CA TRP A 114 -2.75 1.20 15.14
C TRP A 114 -2.29 2.53 14.52
N ALA A 115 -1.28 3.14 15.12
CA ALA A 115 -0.86 4.48 14.76
C ALA A 115 0.24 4.42 13.72
N VAL A 116 -0.20 4.27 12.48
CA VAL A 116 0.72 3.98 11.40
C VAL A 116 0.75 5.10 10.34
N SER A 117 1.77 5.05 9.53
CA SER A 117 1.80 5.83 8.32
C SER A 117 1.77 4.85 7.15
N GLN A 118 2.52 5.11 6.08
CA GLN A 118 2.37 4.37 4.84
C GLN A 118 2.85 2.91 4.88
N ALA A 119 2.26 2.10 4.01
CA ALA A 119 2.62 0.70 3.85
C ALA A 119 2.45 -0.08 5.17
N ALA A 120 1.30 0.09 5.78
CA ALA A 120 1.01 -0.52 7.06
C ALA A 120 -0.46 -1.03 7.03
N PRO A 121 -0.73 -2.00 6.18
CA PRO A 121 -2.15 -2.35 5.99
C PRO A 121 -2.70 -3.16 7.17
N PHE A 122 -4.01 -3.04 7.29
CA PHE A 122 -4.83 -3.58 8.37
C PHE A 122 -6.01 -4.22 7.61
N ARG A 123 -5.96 -5.53 7.46
CA ARG A 123 -6.92 -6.25 6.61
C ARG A 123 -7.59 -7.40 7.35
N ARG A 124 -8.85 -7.66 7.02
CA ARG A 124 -9.54 -8.87 7.47
C ARG A 124 -9.49 -8.94 8.99
N MET A 125 -9.69 -7.78 9.61
CA MET A 125 -9.63 -7.64 11.05
C MET A 125 -11.01 -7.40 11.69
N HIS A 126 -11.19 -8.00 12.87
CA HIS A 126 -12.38 -7.74 13.69
C HIS A 126 -12.00 -7.13 15.05
N VAL A 127 -12.25 -5.85 15.22
CA VAL A 127 -11.94 -5.16 16.48
C VAL A 127 -13.23 -5.05 17.27
N LYS A 128 -13.29 -5.76 18.38
CA LYS A 128 -14.44 -5.71 19.27
C LYS A 128 -14.31 -4.48 20.18
N GLY A 129 -14.21 -3.30 19.59
CA GLY A 129 -14.21 -2.10 20.37
C GLY A 129 -13.82 -1.00 19.41
N GLY A 130 -13.08 -0.06 19.97
CA GLY A 130 -12.57 1.06 19.21
C GLY A 130 -11.24 0.83 18.55
N LEU A 131 -10.97 1.66 17.54
CA LEU A 131 -9.68 1.65 16.85
C LEU A 131 -9.18 3.10 16.76
N ASN A 132 -8.07 3.36 17.45
CA ASN A 132 -7.44 4.70 17.50
C ASN A 132 -6.27 4.68 16.55
N LEU A 133 -6.30 5.56 15.56
CA LEU A 133 -5.23 5.59 14.54
C LEU A 133 -4.05 6.53 14.86
N ALA A 134 -4.10 7.16 16.02
CA ALA A 134 -3.10 8.17 16.39
C ALA A 134 -2.15 7.74 17.52
N PRO A 135 -0.90 8.21 17.47
CA PRO A 135 0.13 7.89 18.47
C PRO A 135 -0.24 8.51 19.83
N ASP A 136 0.30 8.02 20.93
CA ASP A 136 0.20 8.72 22.23
C ASP A 136 0.78 10.11 21.98
N GLY A 137 0.18 11.14 22.59
CA GLY A 137 0.62 12.52 22.38
C GLY A 137 -0.12 13.08 21.21
N TYR A 138 -0.53 12.16 20.33
CA TYR A 138 -1.32 12.45 19.14
C TYR A 138 -0.50 13.22 18.12
N GLY A 139 0.79 12.95 18.12
CA GLY A 139 1.67 13.59 17.17
C GLY A 139 1.31 13.27 15.72
N TRP A 140 2.18 13.73 14.84
CA TRP A 140 1.89 13.71 13.44
C TRP A 140 1.79 12.28 12.94
N ALA A 141 0.92 12.09 11.97
CA ALA A 141 0.75 10.78 11.34
C ALA A 141 0.16 10.90 9.92
N SER A 142 0.55 9.96 9.05
CA SER A 142 0.25 10.02 7.65
C SER A 142 -0.10 8.65 7.03
N GLY A 143 -1.17 8.02 7.53
CA GLY A 143 -1.68 6.76 7.02
C GLY A 143 -2.52 6.92 5.75
N GLY A 144 -3.26 5.91 5.36
CA GLY A 144 -3.36 4.64 6.03
C GLY A 144 -4.42 3.84 5.28
N TYR A 145 -4.53 2.55 5.62
CA TYR A 145 -5.30 1.61 4.81
C TYR A 145 -5.93 0.50 5.62
N ILE A 146 -7.26 0.46 5.51
CA ILE A 146 -8.10 -0.56 6.15
C ILE A 146 -9.01 -1.16 5.10
N ALA A 147 -9.01 -2.48 5.02
CA ALA A 147 -9.90 -3.21 4.12
C ALA A 147 -10.48 -4.46 4.76
N ASP A 148 -11.69 -4.77 4.34
CA ASP A 148 -12.31 -6.03 4.71
C ASP A 148 -12.32 -6.25 6.23
N SER A 149 -12.55 -5.15 6.95
CA SER A 149 -12.50 -5.17 8.40
C SER A 149 -13.79 -4.72 9.08
N LYS A 150 -14.02 -5.27 10.26
CA LYS A 150 -15.16 -4.86 11.08
C LYS A 150 -14.74 -4.32 12.44
N ILE A 151 -14.97 -3.03 12.59
CA ILE A 151 -14.60 -2.29 13.78
C ILE A 151 -15.94 -2.04 14.54
N ASP A 152 -16.16 -2.74 15.65
CA ASP A 152 -17.44 -2.68 16.36
C ASP A 152 -17.78 -1.27 16.84
N GLY A 153 -16.91 -0.68 17.64
CA GLY A 153 -17.04 0.72 18.03
C GLY A 153 -16.54 1.72 16.97
N GLU A 154 -16.07 2.87 17.46
CA GLU A 154 -15.65 4.01 16.65
C GLU A 154 -14.19 3.95 16.22
N VAL A 155 -13.94 4.27 14.95
CA VAL A 155 -12.60 4.56 14.46
C VAL A 155 -12.28 6.04 14.68
N GLY A 156 -11.16 6.31 15.35
CA GLY A 156 -10.78 7.68 15.72
C GLY A 156 -9.47 8.08 15.08
N PRO A 157 -9.51 8.92 14.03
CA PRO A 157 -8.22 9.15 13.37
C PRO A 157 -7.42 10.23 14.07
N TYR A 158 -8.11 11.17 14.72
CA TYR A 158 -7.48 12.32 15.41
C TYR A 158 -6.55 13.10 14.47
N SER A 159 -5.25 12.97 14.65
CA SER A 159 -4.27 13.73 13.87
C SER A 159 -3.89 13.10 12.51
N GLN A 160 -4.35 11.89 12.20
CA GLN A 160 -4.14 11.35 10.85
C GLN A 160 -4.53 12.33 9.76
N GLN A 161 -3.59 12.63 8.86
CA GLN A 161 -3.86 13.55 7.79
C GLN A 161 -4.96 13.06 6.86
N GLN A 162 -4.85 11.80 6.49
CA GLN A 162 -5.69 11.21 5.48
C GLN A 162 -5.85 9.71 5.76
N TRP A 163 -6.80 9.09 5.07
CA TRP A 163 -7.05 7.66 5.31
C TRP A 163 -7.93 7.08 4.19
N TYR A 164 -7.69 5.81 3.89
CA TYR A 164 -8.56 5.05 3.01
C TYR A 164 -9.11 3.80 3.67
N THR A 165 -10.43 3.69 3.59
CA THR A 165 -11.13 2.51 4.10
C THR A 165 -12.03 1.95 3.00
N ARG A 166 -11.94 0.64 2.77
CA ARG A 166 -12.85 -0.01 1.83
C ARG A 166 -13.47 -1.31 2.33
N ASP A 167 -14.70 -1.54 1.87
CA ASP A 167 -15.37 -2.83 1.99
C ASP A 167 -15.28 -3.35 3.41
N SER A 168 -15.90 -2.60 4.30
CA SER A 168 -15.70 -2.74 5.73
C SER A 168 -16.95 -2.31 6.46
N SER A 169 -16.91 -2.44 7.79
CA SER A 169 -17.98 -1.95 8.66
C SER A 169 -17.39 -1.26 9.87
N VAL A 170 -17.92 -0.10 10.24
CA VAL A 170 -17.46 0.62 11.44
C VAL A 170 -18.62 1.05 12.38
N GLY A 171 -18.40 0.95 13.68
CA GLY A 171 -19.37 1.47 14.64
C GLY A 171 -19.66 2.95 14.41
N GLY A 172 -18.65 3.67 13.94
CA GLY A 172 -18.80 5.08 13.64
C GLY A 172 -17.55 5.53 12.92
N TRP A 173 -17.52 6.81 12.60
CA TRP A 173 -16.26 7.47 12.26
C TRP A 173 -16.15 8.69 13.11
N GLY A 174 -14.95 8.98 13.56
CA GLY A 174 -14.76 10.02 14.55
C GLY A 174 -14.57 11.40 13.91
N ASN A 175 -13.68 11.47 12.94
CA ASN A 175 -13.27 12.80 12.48
C ASN A 175 -12.40 12.75 11.22
N GLY A 176 -12.15 13.92 10.65
CA GLY A 176 -11.20 14.09 9.60
C GLY A 176 -10.16 15.18 9.77
N VAL A 177 -9.24 15.25 8.80
CA VAL A 177 -8.19 16.25 8.79
C VAL A 177 -8.05 16.90 7.41
N TRP A 178 -7.48 16.18 6.44
CA TRP A 178 -7.44 16.62 5.05
C TRP A 178 -8.22 15.72 4.04
N ASN A 179 -8.23 14.38 4.23
CA ASN A 179 -8.82 13.49 3.23
C ASN A 179 -9.06 12.06 3.73
N MET A 180 -10.27 11.82 4.21
CA MET A 180 -10.68 10.48 4.58
C MET A 180 -11.63 10.05 3.47
N THR A 181 -11.26 8.97 2.80
CA THR A 181 -12.04 8.44 1.71
C THR A 181 -12.55 7.04 2.12
N PHE A 182 -13.77 6.76 1.72
CA PHE A 182 -14.46 5.50 2.02
C PHE A 182 -15.08 4.92 0.74
N SER A 183 -14.90 3.63 0.49
CA SER A 183 -15.72 2.97 -0.51
C SER A 183 -16.23 1.62 -0.01
N GLY A 184 -17.55 1.43 -0.12
CA GLY A 184 -18.15 0.19 0.36
C GLY A 184 -18.04 -0.04 1.86
N VAL A 185 -18.02 1.05 2.62
CA VAL A 185 -17.90 0.95 4.06
C VAL A 185 -19.27 1.16 4.77
N GLU A 186 -19.76 0.10 5.40
CA GLU A 186 -21.01 0.20 6.18
C GLU A 186 -20.67 1.01 7.44
N GLY A 187 -21.43 2.06 7.65
CA GLY A 187 -21.19 2.95 8.76
C GLY A 187 -20.33 4.16 8.41
N ALA A 188 -19.92 4.30 7.15
CA ALA A 188 -19.15 5.50 6.79
C ALA A 188 -20.00 6.75 6.91
N PRO A 189 -19.34 7.87 7.09
CA PRO A 189 -20.06 9.15 7.15
C PRO A 189 -20.35 9.63 5.73
N ALA A 190 -21.47 10.32 5.60
CA ALA A 190 -21.96 10.74 4.31
C ALA A 190 -21.00 11.73 3.66
N GLN A 191 -21.21 11.96 2.38
CA GLN A 191 -20.31 12.80 1.59
C GLN A 191 -20.37 14.24 2.08
N SER A 192 -19.22 14.90 2.12
CA SER A 192 -19.15 16.16 2.86
C SER A 192 -17.98 17.08 2.54
N PHE A 193 -16.99 16.60 1.77
CA PHE A 193 -15.85 17.43 1.40
C PHE A 193 -16.36 18.83 1.09
N PRO A 194 -15.66 19.87 1.60
CA PRO A 194 -14.49 19.78 2.47
C PRO A 194 -14.88 19.67 3.96
N GLU A 195 -16.15 19.80 4.25
CA GLU A 195 -16.58 19.92 5.65
C GLU A 195 -17.49 18.79 6.08
N PRO A 196 -16.96 17.85 6.87
CA PRO A 196 -15.55 17.45 7.02
C PRO A 196 -15.07 16.90 5.67
N PRO A 197 -13.76 16.62 5.51
CA PRO A 197 -13.30 16.25 4.18
C PRO A 197 -13.54 14.77 3.86
N TYR A 198 -14.80 14.37 3.94
CA TYR A 198 -15.16 13.00 3.72
C TYR A 198 -15.57 12.80 2.27
N THR A 199 -14.91 11.84 1.65
CA THR A 199 -15.23 11.39 0.33
C THR A 199 -15.82 9.99 0.44
N THR A 200 -17.12 9.84 0.09
CA THR A 200 -17.84 8.61 0.45
C THR A 200 -18.58 7.99 -0.72
N LEU A 201 -18.16 6.78 -1.06
CA LEU A 201 -18.73 6.02 -2.15
C LEU A 201 -19.45 4.78 -1.54
N GLU A 202 -20.77 4.74 -1.71
CA GLU A 202 -21.57 3.59 -1.33
C GLU A 202 -20.91 2.23 -1.59
N THR A 203 -20.31 2.11 -2.77
CA THR A 203 -19.66 0.87 -3.18
C THR A 203 -18.29 0.99 -3.81
N THR A 204 -17.52 -0.09 -3.74
CA THR A 204 -16.24 -0.21 -4.43
C THR A 204 -16.36 -0.92 -5.78
N PRO A 205 -15.98 -0.26 -6.86
CA PRO A 205 -16.21 -0.72 -8.24
C PRO A 205 -15.93 -2.21 -8.45
N VAL A 206 -14.72 -2.60 -8.04
CA VAL A 206 -14.36 -3.99 -7.91
C VAL A 206 -13.26 -4.10 -6.86
N SER A 207 -13.28 -5.24 -6.19
CA SER A 207 -12.25 -5.60 -5.25
C SER A 207 -12.13 -7.11 -5.22
N ARG A 208 -10.96 -7.56 -4.78
CA ARG A 208 -10.70 -8.96 -4.56
C ARG A 208 -9.74 -9.00 -3.40
N GLU A 209 -10.12 -9.69 -2.33
CA GLU A 209 -9.37 -9.61 -1.09
C GLU A 209 -8.01 -10.34 -1.25
N LYS A 210 -6.98 -9.82 -0.56
CA LYS A 210 -5.61 -10.39 -0.65
C LYS A 210 -5.61 -11.86 -0.22
N PRO A 211 -4.88 -12.73 -0.96
CA PRO A 211 -4.76 -14.12 -0.51
C PRO A 211 -4.09 -14.22 0.84
N PHE A 212 -4.37 -15.28 1.60
CA PHE A 212 -3.77 -15.45 2.92
C PHE A 212 -3.60 -16.93 3.30
N LEU A 213 -2.52 -17.20 4.03
CA LEU A 213 -2.25 -18.50 4.61
C LEU A 213 -3.28 -18.85 5.74
N TYR A 214 -3.63 -20.13 5.85
CA TYR A 214 -4.51 -20.59 6.94
C TYR A 214 -4.31 -22.06 7.25
N LEU A 215 -5.00 -22.59 8.26
CA LEU A 215 -4.66 -23.92 8.81
C LEU A 215 -5.91 -24.74 8.98
N ASP A 216 -6.18 -25.56 7.98
CA ASP A 216 -7.48 -26.24 7.86
C ASP A 216 -7.40 -27.71 8.24
N GLY A 217 -8.03 -28.04 9.37
CA GLY A 217 -7.75 -29.28 10.08
C GLY A 217 -6.39 -29.11 10.74
N ASP A 218 -5.35 -29.53 10.05
CA ASP A 218 -4.01 -29.13 10.42
C ASP A 218 -3.23 -28.76 9.16
N ASP A 219 -3.85 -28.84 7.97
CA ASP A 219 -3.06 -28.55 6.78
C ASP A 219 -3.10 -27.10 6.32
N TYR A 220 -1.91 -26.57 6.08
CA TYR A 220 -1.83 -25.24 5.52
C TYR A 220 -2.39 -25.19 4.10
N LYS A 221 -3.23 -24.19 3.92
CA LYS A 221 -3.78 -23.87 2.63
C LYS A 221 -3.62 -22.36 2.56
N VAL A 222 -3.53 -21.81 1.35
CA VAL A 222 -3.60 -20.37 1.17
C VAL A 222 -4.96 -20.14 0.52
N PHE A 223 -5.76 -19.25 1.13
CA PHE A 223 -7.14 -18.98 0.68
C PHE A 223 -7.19 -17.87 -0.38
N VAL A 224 -8.02 -18.07 -1.41
CA VAL A 224 -8.06 -17.22 -2.63
C VAL A 224 -9.49 -16.75 -2.96
N PRO A 225 -9.86 -15.55 -2.52
CA PRO A 225 -11.19 -14.93 -2.72
C PRO A 225 -11.57 -14.58 -4.16
N ALA A 226 -12.70 -15.09 -4.63
CA ALA A 226 -13.34 -14.55 -5.82
C ALA A 226 -13.60 -13.02 -5.68
N LYS A 227 -13.73 -12.35 -6.81
CA LYS A 227 -13.84 -10.92 -6.77
C LYS A 227 -15.25 -10.52 -6.33
N ARG A 228 -15.32 -9.36 -5.74
CA ARG A 228 -16.57 -8.71 -5.43
C ARG A 228 -16.83 -7.53 -6.37
N THR A 229 -17.93 -7.60 -7.11
CA THR A 229 -18.45 -6.47 -7.88
C THR A 229 -19.36 -5.54 -7.03
N ASN A 230 -19.18 -4.23 -7.19
CA ASN A 230 -19.73 -3.23 -6.28
C ASN A 230 -19.83 -3.75 -4.83
N ALA A 231 -18.64 -4.03 -4.28
CA ALA A 231 -18.49 -4.52 -2.96
C ALA A 231 -19.02 -3.53 -1.92
N ARG A 232 -19.44 -4.09 -0.80
CA ARG A 232 -19.77 -3.28 0.36
C ARG A 232 -19.78 -4.19 1.56
N GLY A 233 -19.29 -3.70 2.70
CA GLY A 233 -19.15 -4.52 3.90
C GLY A 233 -18.06 -5.58 3.78
N THR A 234 -17.88 -6.39 4.82
CA THR A 234 -16.84 -7.39 4.85
C THR A 234 -17.22 -8.61 3.97
N SER A 235 -16.18 -9.33 3.54
CA SER A 235 -16.31 -10.47 2.69
C SER A 235 -16.75 -11.67 3.52
N TRP A 236 -16.46 -11.61 4.82
CA TRP A 236 -16.34 -12.82 5.61
C TRP A 236 -17.42 -13.03 6.68
N GLY A 237 -18.38 -12.12 6.83
CA GLY A 237 -19.47 -12.43 7.79
C GLY A 237 -20.57 -13.44 7.38
N ASN A 238 -20.95 -13.48 6.09
CA ASN A 238 -22.06 -14.35 5.62
C ASN A 238 -21.54 -15.77 5.32
N GLY A 239 -21.24 -16.46 6.42
CA GLY A 239 -20.58 -17.76 6.33
C GLY A 239 -19.57 -18.00 5.21
N THR A 240 -19.92 -18.79 4.19
CA THR A 240 -18.81 -19.41 3.43
C THR A 240 -17.99 -18.32 2.77
N PRO A 241 -16.68 -18.25 3.09
CA PRO A 241 -15.97 -17.23 2.31
C PRO A 241 -15.63 -17.63 0.87
N GLU A 242 -16.13 -16.87 -0.07
CA GLU A 242 -16.05 -17.35 -1.42
C GLU A 242 -14.66 -17.26 -2.07
N GLY A 243 -14.29 -18.32 -2.82
CA GLY A 243 -12.96 -18.43 -3.42
C GLY A 243 -12.26 -19.77 -3.14
N GLU A 244 -10.90 -19.79 -3.11
CA GLU A 244 -10.18 -21.09 -3.03
C GLU A 244 -8.94 -21.33 -2.14
N SER A 245 -8.73 -22.63 -1.85
CA SER A 245 -7.64 -23.11 -0.99
C SER A 245 -6.46 -23.86 -1.67
N LEU A 246 -5.38 -23.16 -1.95
CA LEU A 246 -4.14 -23.76 -2.45
C LEU A 246 -3.29 -24.36 -1.30
N PRO A 247 -2.89 -25.65 -1.41
CA PRO A 247 -1.98 -26.25 -0.43
C PRO A 247 -0.55 -25.74 -0.49
N LEU A 248 0.27 -26.13 0.49
CA LEU A 248 1.60 -25.62 0.56
C LEU A 248 2.46 -26.35 -0.46
N ASP A 249 1.98 -27.54 -0.87
CA ASP A 249 2.75 -28.36 -1.83
C ASP A 249 2.63 -27.83 -3.28
N GLN A 250 1.57 -27.08 -3.59
CA GLN A 250 1.51 -26.37 -4.85
C GLN A 250 2.12 -24.95 -4.83
N PHE A 251 2.74 -24.57 -3.72
CA PHE A 251 3.50 -23.32 -3.59
C PHE A 251 4.99 -23.66 -3.51
N TYR A 252 5.87 -22.88 -4.16
CA TYR A 252 7.33 -22.96 -3.92
C TYR A 252 7.70 -21.92 -2.88
N VAL A 253 8.39 -22.40 -1.85
CA VAL A 253 8.70 -21.63 -0.68
C VAL A 253 10.08 -21.04 -0.83
N VAL A 254 10.06 -19.75 -1.13
CA VAL A 254 11.26 -19.05 -1.51
C VAL A 254 11.98 -18.61 -0.23
N LYS A 255 13.21 -19.07 -0.09
CA LYS A 255 14.06 -18.72 1.03
C LYS A 255 15.34 -18.04 0.45
N PRO A 256 16.06 -17.23 1.25
CA PRO A 256 17.33 -16.69 0.74
C PRO A 256 18.25 -17.83 0.34
N GLY A 257 19.09 -17.64 -0.66
CA GLY A 257 19.69 -18.74 -1.40
C GLY A 257 18.98 -18.81 -2.75
N ALA A 258 17.64 -18.68 -2.75
CA ALA A 258 16.90 -18.77 -4.00
C ALA A 258 17.41 -17.75 -5.02
N THR A 259 17.36 -18.14 -6.29
CA THR A 259 17.72 -17.27 -7.41
C THR A 259 16.50 -17.03 -8.32
N ALA A 260 16.57 -15.99 -9.14
CA ALA A 260 15.46 -15.71 -10.07
C ALA A 260 15.27 -16.89 -11.03
N GLU A 261 16.41 -17.51 -11.39
CA GLU A 261 16.42 -18.68 -12.26
C GLU A 261 15.50 -19.73 -11.65
N THR A 262 15.67 -20.00 -10.36
CA THR A 262 14.91 -21.09 -9.72
C THR A 262 13.47 -20.66 -9.47
N ILE A 263 13.27 -19.36 -9.31
CA ILE A 263 11.93 -18.84 -9.09
C ILE A 263 11.08 -18.94 -10.38
N ASN A 264 11.68 -18.59 -11.52
CA ASN A 264 10.99 -18.58 -12.81
C ASN A 264 10.66 -20.02 -13.30
N ALA A 265 11.51 -20.97 -12.94
CA ALA A 265 11.25 -22.38 -13.21
C ALA A 265 10.09 -22.89 -12.37
N ALA A 266 9.89 -22.33 -11.17
CA ALA A 266 8.73 -22.72 -10.37
C ALA A 266 7.46 -22.41 -11.15
N VAL A 267 7.34 -21.14 -11.56
CA VAL A 267 6.07 -20.62 -12.08
C VAL A 267 5.69 -21.36 -13.37
N ASP A 268 6.68 -21.55 -14.23
CA ASP A 268 6.47 -22.25 -15.48
C ASP A 268 6.16 -23.78 -15.29
N GLN A 269 6.30 -24.33 -14.07
CA GLN A 269 5.85 -25.72 -13.74
C GLN A 269 4.37 -25.73 -13.25
N GLY A 270 3.83 -24.53 -13.01
CA GLY A 270 2.48 -24.38 -12.51
C GLY A 270 2.40 -24.19 -10.99
N LEU A 271 3.56 -24.06 -10.35
CA LEU A 271 3.64 -23.79 -8.93
C LEU A 271 3.49 -22.29 -8.61
N HIS A 272 2.91 -22.01 -7.46
CA HIS A 272 2.69 -20.66 -6.98
C HIS A 272 3.88 -20.31 -6.12
N LEU A 273 4.03 -19.03 -5.75
CA LEU A 273 5.23 -18.56 -5.06
C LEU A 273 4.85 -18.01 -3.71
N LEU A 274 5.60 -18.43 -2.70
CA LEU A 274 5.45 -17.96 -1.34
C LEU A 274 6.79 -17.51 -0.85
N PHE A 275 6.95 -16.18 -0.72
CA PHE A 275 8.23 -15.65 -0.29
C PHE A 275 8.27 -15.56 1.23
N THR A 276 9.15 -16.36 1.84
CA THR A 276 9.38 -16.27 3.26
C THR A 276 10.01 -14.89 3.56
N PRO A 277 9.91 -14.44 4.81
CA PRO A 277 10.43 -13.10 5.10
C PRO A 277 11.94 -13.09 4.96
N GLY A 278 12.43 -12.07 4.30
CA GLY A 278 13.86 -11.94 4.04
C GLY A 278 14.05 -11.05 2.81
N VAL A 279 15.30 -11.00 2.36
CA VAL A 279 15.74 -10.09 1.31
C VAL A 279 16.34 -10.87 0.12
N TYR A 280 15.70 -10.76 -1.04
CA TYR A 280 16.05 -11.55 -2.22
C TYR A 280 16.68 -10.67 -3.32
N HIS A 281 18.00 -10.78 -3.46
CA HIS A 281 18.70 -10.10 -4.54
C HIS A 281 18.53 -10.96 -5.80
N VAL A 282 18.16 -10.37 -6.93
CA VAL A 282 17.97 -11.12 -8.19
C VAL A 282 18.76 -10.46 -9.36
N ASP A 283 19.18 -11.27 -10.35
CA ASP A 283 20.04 -10.84 -11.47
C ASP A 283 19.34 -10.86 -12.82
N GLN A 284 18.15 -11.44 -12.82
CA GLN A 284 17.28 -11.42 -13.95
C GLN A 284 15.91 -11.13 -13.32
N PRO A 285 14.94 -10.70 -14.13
CA PRO A 285 13.65 -10.37 -13.53
C PRO A 285 12.89 -11.63 -13.11
N ILE A 286 12.17 -11.56 -12.00
CA ILE A 286 11.12 -12.52 -11.75
C ILE A 286 10.08 -12.39 -12.86
N GLU A 287 9.68 -13.52 -13.43
CA GLU A 287 8.74 -13.53 -14.54
C GLU A 287 7.57 -14.43 -14.20
N ILE A 288 6.38 -13.88 -14.26
CA ILE A 288 5.22 -14.66 -14.02
C ILE A 288 4.38 -14.59 -15.28
N ASP A 289 4.41 -15.67 -16.04
CA ASP A 289 3.68 -15.80 -17.31
C ASP A 289 2.73 -17.03 -17.31
N ARG A 290 2.23 -17.41 -16.13
CA ARG A 290 1.14 -18.39 -16.02
C ARG A 290 -0.11 -17.77 -15.35
N ALA A 291 -1.25 -17.98 -16.00
CA ALA A 291 -2.49 -17.41 -15.50
C ALA A 291 -2.78 -17.92 -14.08
N ASN A 292 -3.25 -17.00 -13.23
CA ASN A 292 -3.66 -17.28 -11.83
C ASN A 292 -2.57 -17.66 -10.85
N THR A 293 -1.33 -17.34 -11.18
CA THR A 293 -0.23 -17.53 -10.26
C THR A 293 -0.34 -16.60 -9.06
N VAL A 294 -0.25 -17.16 -7.86
CA VAL A 294 -0.09 -16.37 -6.63
C VAL A 294 1.34 -16.20 -6.30
N ALA A 295 1.73 -14.93 -6.10
CA ALA A 295 3.01 -14.56 -5.54
C ALA A 295 2.72 -13.79 -4.24
N LEU A 296 2.77 -14.51 -3.13
CA LEU A 296 2.39 -14.01 -1.82
C LEU A 296 3.60 -13.91 -0.93
N GLY A 297 3.89 -12.70 -0.45
CA GLY A 297 4.96 -12.47 0.49
C GLY A 297 4.53 -12.49 1.95
N LEU A 298 5.44 -12.89 2.82
CA LEU A 298 5.18 -12.89 4.26
C LEU A 298 6.23 -12.00 4.92
N GLY A 299 5.83 -11.21 5.90
CA GLY A 299 6.81 -10.47 6.68
C GLY A 299 7.67 -9.46 5.91
N LEU A 300 7.04 -8.75 4.98
CA LEU A 300 7.67 -7.68 4.21
C LEU A 300 8.85 -8.23 3.38
N ALA A 301 8.74 -9.49 2.99
CA ALA A 301 9.66 -10.08 2.03
C ALA A 301 9.98 -9.05 0.92
N THR A 302 11.28 -8.95 0.65
CA THR A 302 11.81 -7.88 -0.17
C THR A 302 12.65 -8.40 -1.36
N ILE A 303 12.38 -7.82 -2.54
CA ILE A 303 13.05 -8.16 -3.80
C ILE A 303 13.91 -6.95 -4.25
N ILE A 304 15.22 -7.18 -4.43
CA ILE A 304 16.14 -6.15 -4.92
C ILE A 304 16.80 -6.59 -6.24
N PRO A 305 16.50 -5.88 -7.33
CA PRO A 305 17.19 -6.20 -8.58
C PRO A 305 18.55 -5.54 -8.67
N ASP A 306 19.55 -6.35 -9.00
CA ASP A 306 20.92 -5.88 -9.14
C ASP A 306 21.21 -5.52 -10.60
N ASN A 307 22.29 -4.75 -10.85
CA ASN A 307 22.77 -4.53 -12.21
C ASN A 307 21.73 -3.92 -13.18
N GLY A 308 20.76 -3.20 -12.63
CA GLY A 308 19.78 -2.46 -13.44
C GLY A 308 18.65 -3.26 -14.07
N VAL A 309 18.52 -4.53 -13.69
CA VAL A 309 17.43 -5.31 -14.24
C VAL A 309 16.09 -4.93 -13.62
N THR A 310 15.02 -5.30 -14.29
CA THR A 310 13.70 -5.18 -13.70
C THR A 310 13.54 -6.31 -12.66
N ALA A 311 12.87 -6.03 -11.54
CA ALA A 311 12.67 -7.03 -10.50
C ALA A 311 11.53 -8.04 -10.81
N LEU A 312 10.43 -7.53 -11.35
CA LEU A 312 9.26 -8.35 -11.52
C LEU A 312 8.49 -7.95 -12.77
N LYS A 313 8.14 -8.96 -13.57
CA LYS A 313 7.29 -8.77 -14.71
C LYS A 313 6.20 -9.82 -14.67
N VAL A 314 5.00 -9.40 -15.03
CA VAL A 314 3.87 -10.33 -15.22
C VAL A 314 3.57 -10.29 -16.71
N GLY A 315 3.32 -11.46 -17.27
CA GLY A 315 3.04 -11.56 -18.70
C GLY A 315 1.59 -11.13 -18.93
N ASP A 316 1.11 -11.30 -20.15
CA ASP A 316 -0.21 -10.80 -20.53
C ASP A 316 -1.32 -11.81 -20.25
N VAL A 317 -1.35 -12.28 -19.00
CA VAL A 317 -2.27 -13.36 -18.63
C VAL A 317 -3.22 -12.93 -17.51
N ASP A 318 -4.29 -13.70 -17.39
CA ASP A 318 -5.36 -13.49 -16.43
C ASP A 318 -4.89 -13.85 -15.00
N GLY A 319 -5.52 -13.19 -14.03
CA GLY A 319 -5.64 -13.76 -12.71
C GLY A 319 -4.41 -13.77 -11.78
N VAL A 320 -3.32 -13.09 -12.15
CA VAL A 320 -2.11 -13.12 -11.30
C VAL A 320 -2.42 -12.30 -10.05
N LYS A 321 -1.94 -12.74 -8.90
CA LYS A 321 -2.20 -12.07 -7.62
C LYS A 321 -0.86 -11.93 -6.92
N VAL A 322 -0.32 -10.73 -7.02
CA VAL A 322 0.94 -10.37 -6.38
C VAL A 322 0.56 -9.62 -5.14
N ALA A 323 1.08 -10.09 -4.01
CA ALA A 323 0.70 -9.54 -2.72
C ALA A 323 1.81 -9.57 -1.68
N GLY A 324 2.01 -8.44 -1.04
CA GLY A 324 2.80 -8.34 0.16
C GLY A 324 4.30 -8.38 -0.09
N LEU A 325 4.77 -7.66 -1.11
CA LEU A 325 6.18 -7.59 -1.47
C LEU A 325 6.68 -6.14 -1.47
N LEU A 326 7.88 -5.94 -0.91
CA LEU A 326 8.61 -4.69 -1.06
C LEU A 326 9.61 -4.93 -2.18
N VAL A 327 9.61 -4.05 -3.16
CA VAL A 327 10.64 -4.02 -4.20
C VAL A 327 11.54 -2.82 -3.92
N ASP A 328 12.83 -3.05 -3.76
CA ASP A 328 13.77 -2.04 -3.29
C ASP A 328 14.87 -1.85 -4.32
N ALA A 329 15.06 -0.63 -4.84
CA ALA A 329 15.95 -0.47 -5.97
C ALA A 329 17.40 -0.63 -5.54
N GLY A 330 18.20 -1.16 -6.46
CA GLY A 330 19.65 -1.19 -6.30
C GLY A 330 20.30 0.15 -6.67
N PRO A 331 21.56 0.34 -6.30
CA PRO A 331 22.31 1.55 -6.63
C PRO A 331 22.50 1.73 -8.12
N VAL A 332 22.41 0.62 -8.83
CA VAL A 332 22.49 0.65 -10.29
C VAL A 332 21.10 0.88 -10.87
N ASN A 333 20.97 1.93 -11.68
CA ASN A 333 19.67 2.33 -12.17
C ASN A 333 18.95 1.22 -12.94
N SER A 334 17.75 0.88 -12.48
CA SER A 334 16.87 0.03 -13.28
C SER A 334 15.92 0.86 -14.13
N GLU A 335 15.81 0.50 -15.42
CA GLU A 335 14.81 1.12 -16.31
C GLU A 335 13.42 1.10 -15.72
N THR A 336 13.00 -0.10 -15.32
CA THR A 336 11.76 -0.25 -14.60
C THR A 336 11.97 -1.20 -13.39
N LEU A 337 11.11 -1.09 -12.38
CA LEU A 337 11.14 -2.01 -11.26
C LEU A 337 10.09 -3.13 -11.34
N VAL A 338 8.87 -2.78 -11.74
CA VAL A 338 7.78 -3.72 -11.82
C VAL A 338 7.03 -3.39 -13.12
N GLU A 339 6.78 -4.41 -13.93
CA GLU A 339 5.97 -4.27 -15.13
C GLU A 339 4.83 -5.28 -15.07
N VAL A 340 3.59 -4.80 -15.25
CA VAL A 340 2.42 -5.65 -15.32
C VAL A 340 1.99 -5.66 -16.77
N GLY A 341 2.22 -6.80 -17.44
CA GLY A 341 1.96 -6.96 -18.85
C GLY A 341 3.09 -6.40 -19.72
N SER A 342 3.00 -6.61 -21.02
CA SER A 342 4.02 -6.11 -21.94
C SER A 342 3.59 -4.80 -22.69
N ASP A 343 4.55 -3.96 -23.06
CA ASP A 343 4.29 -2.71 -23.77
C ASP A 343 3.32 -2.91 -24.94
N GLY A 344 2.23 -2.14 -24.91
CA GLY A 344 1.21 -2.26 -25.95
C GLY A 344 0.30 -3.49 -25.77
N ALA A 345 0.31 -4.10 -24.59
CA ALA A 345 -0.66 -5.16 -24.26
C ALA A 345 -2.09 -4.69 -24.48
N SER A 346 -2.89 -5.51 -25.13
CA SER A 346 -4.19 -5.03 -25.60
C SER A 346 -5.39 -6.02 -25.46
N GLY A 347 -5.17 -7.18 -24.85
CA GLY A 347 -6.30 -8.06 -24.56
C GLY A 347 -7.01 -7.66 -23.27
N ASP A 348 -8.22 -8.19 -23.02
CA ASP A 348 -8.90 -8.04 -21.71
C ASP A 348 -8.44 -8.96 -20.57
N HIS A 349 -8.76 -8.58 -19.34
CA HIS A 349 -8.57 -9.46 -18.18
C HIS A 349 -9.69 -9.17 -17.22
N ALA A 350 -10.87 -8.92 -17.79
CA ALA A 350 -11.94 -8.29 -17.03
C ALA A 350 -12.66 -9.27 -16.08
N ALA A 351 -12.90 -10.50 -16.55
CA ALA A 351 -13.50 -11.48 -15.69
C ALA A 351 -12.59 -11.84 -14.51
N ASN A 352 -11.29 -11.88 -14.77
CA ASN A 352 -10.31 -12.42 -13.83
C ASN A 352 -9.03 -11.61 -13.93
N PRO A 353 -9.06 -10.43 -13.30
CA PRO A 353 -7.95 -9.50 -13.52
C PRO A 353 -6.66 -9.89 -12.81
N THR A 354 -5.56 -9.27 -13.21
CA THR A 354 -4.34 -9.33 -12.42
C THR A 354 -4.37 -8.19 -11.40
N SER A 355 -3.95 -8.49 -10.17
CA SER A 355 -3.95 -7.50 -9.08
C SER A 355 -2.61 -7.42 -8.37
N LEU A 356 -2.23 -6.19 -8.00
CA LEU A 356 -1.12 -5.89 -7.10
C LEU A 356 -1.72 -5.41 -5.79
N GLN A 357 -1.37 -6.06 -4.68
CA GLN A 357 -1.88 -5.69 -3.36
C GLN A 357 -0.77 -5.65 -2.34
N ASP A 358 -0.70 -4.57 -1.55
CA ASP A 358 0.38 -4.41 -0.59
C ASP A 358 1.72 -4.67 -1.29
N VAL A 359 1.87 -4.08 -2.48
CA VAL A 359 3.14 -4.09 -3.15
C VAL A 359 3.69 -2.67 -2.93
N PHE A 360 4.88 -2.62 -2.36
CA PHE A 360 5.53 -1.36 -2.00
C PHE A 360 6.83 -1.24 -2.77
N VAL A 361 7.19 -0.03 -3.17
CA VAL A 361 8.43 0.18 -3.86
C VAL A 361 9.20 1.26 -3.07
N ARG A 362 10.50 1.02 -2.87
CA ARG A 362 11.40 2.00 -2.24
C ARG A 362 12.57 2.28 -3.18
N ILE A 363 12.88 3.56 -3.37
CA ILE A 363 14.06 3.96 -4.10
C ILE A 363 14.98 4.73 -3.18
N GLY A 364 16.03 4.05 -2.72
CA GLY A 364 17.01 4.65 -1.83
C GLY A 364 16.61 4.54 -0.35
N GLY A 365 17.52 4.99 0.52
CA GLY A 365 17.22 5.20 1.92
C GLY A 365 17.87 4.13 2.81
N ALA A 366 17.98 2.93 2.27
CA ALA A 366 18.73 1.88 2.93
C ALA A 366 20.06 1.73 2.20
N GLY A 367 20.59 2.87 1.79
CA GLY A 367 21.64 2.91 0.80
C GLY A 367 21.14 3.38 -0.55
N PRO A 368 22.06 3.50 -1.48
CA PRO A 368 21.73 4.23 -2.70
C PRO A 368 20.88 3.40 -3.62
N GLY A 369 19.80 3.96 -4.14
CA GLY A 369 18.96 3.24 -5.08
C GLY A 369 18.47 4.20 -6.13
N LYS A 370 18.25 3.68 -7.34
CA LYS A 370 17.74 4.46 -8.43
C LYS A 370 16.97 3.60 -9.42
N ALA A 371 15.92 4.20 -9.97
CA ALA A 371 15.16 3.61 -11.05
C ALA A 371 14.45 4.70 -11.83
N THR A 372 14.27 4.50 -13.14
CA THR A 372 13.68 5.54 -14.00
C THR A 372 12.15 5.59 -13.83
N THR A 373 11.51 4.44 -13.96
CA THR A 373 10.09 4.29 -13.73
C THR A 373 9.87 3.12 -12.77
N SER A 374 9.04 3.30 -11.73
CA SER A 374 8.94 2.27 -10.72
C SER A 374 7.96 1.16 -11.09
N ILE A 375 6.70 1.52 -11.40
CA ILE A 375 5.69 0.58 -11.84
C ILE A 375 5.05 1.04 -13.15
N VAL A 376 5.09 0.16 -14.16
CA VAL A 376 4.38 0.38 -15.39
C VAL A 376 3.26 -0.63 -15.47
N VAL A 377 2.02 -0.16 -15.55
CA VAL A 377 0.88 -1.04 -15.61
C VAL A 377 0.39 -1.00 -17.05
N ASN A 378 0.84 -2.00 -17.80
CA ASN A 378 0.42 -2.20 -19.19
C ASN A 378 -0.89 -2.96 -19.39
N SER A 379 -1.10 -4.02 -18.62
CA SER A 379 -2.30 -4.89 -18.76
C SER A 379 -3.66 -4.18 -18.52
N ASN A 380 -4.62 -4.49 -19.37
CA ASN A 380 -5.98 -3.98 -19.22
C ASN A 380 -6.64 -4.62 -17.97
N ASP A 381 -7.54 -3.86 -17.35
CA ASP A 381 -8.33 -4.31 -16.19
C ASP A 381 -7.60 -4.58 -14.87
N THR A 382 -6.33 -4.24 -14.83
CA THR A 382 -5.52 -4.45 -13.66
C THR A 382 -6.09 -3.71 -12.44
N ILE A 383 -6.06 -4.39 -11.29
CA ILE A 383 -6.38 -3.80 -9.98
C ILE A 383 -5.08 -3.53 -9.20
N ILE A 384 -4.85 -2.28 -8.80
CA ILE A 384 -3.76 -1.95 -7.90
C ILE A 384 -4.44 -1.54 -6.57
N ASP A 385 -4.50 -2.46 -5.61
CA ASP A 385 -5.20 -2.28 -4.33
C ASP A 385 -4.21 -2.21 -3.11
N HIS A 386 -3.85 -0.98 -2.76
CA HIS A 386 -2.84 -0.63 -1.76
C HIS A 386 -1.41 -0.78 -2.29
N THR A 387 -0.84 0.36 -2.63
CA THR A 387 0.56 0.43 -3.03
C THR A 387 1.16 1.72 -2.49
N TRP A 388 2.41 1.65 -2.07
CA TRP A 388 3.19 2.81 -1.68
C TRP A 388 4.44 2.73 -2.53
N VAL A 389 4.58 3.72 -3.40
CA VAL A 389 5.68 3.79 -4.34
C VAL A 389 6.41 5.06 -3.92
N TRP A 390 7.60 4.90 -3.34
CA TRP A 390 8.25 5.90 -2.49
C TRP A 390 9.72 6.11 -2.85
N ARG A 391 10.02 7.26 -3.45
CA ARG A 391 11.41 7.69 -3.59
C ARG A 391 11.81 8.22 -2.20
N ALA A 392 12.86 7.65 -1.64
CA ALA A 392 13.20 7.95 -0.25
C ALA A 392 13.51 9.44 -0.01
N ASP A 393 12.93 10.00 1.06
CA ASP A 393 13.18 11.39 1.45
C ASP A 393 14.19 11.51 2.56
N HIS A 394 14.49 10.40 3.25
CA HIS A 394 15.41 10.42 4.40
C HIS A 394 16.04 9.06 4.44
N GLY A 395 16.97 8.88 5.35
CA GLY A 395 17.84 7.71 5.34
C GLY A 395 19.16 7.95 4.60
N GLU A 396 19.90 6.85 4.40
CA GLU A 396 21.19 6.84 3.75
C GLU A 396 21.06 6.62 2.22
N GLY A 397 21.87 7.34 1.45
CA GLY A 397 21.84 7.17 0.01
C GLY A 397 20.74 7.96 -0.68
N VAL A 398 20.47 9.14 -0.14
CA VAL A 398 19.41 10.01 -0.63
C VAL A 398 19.98 11.34 -1.14
N GLY A 399 19.66 11.67 -2.37
CA GLY A 399 19.93 12.99 -2.93
C GLY A 399 19.21 13.18 -4.28
N TRP A 400 19.13 14.45 -4.71
CA TRP A 400 18.44 14.84 -5.94
C TRP A 400 18.94 14.03 -7.18
N GLU A 401 20.25 13.81 -7.28
CA GLU A 401 20.80 12.86 -8.27
C GLU A 401 20.93 11.46 -7.66
N THR A 402 21.46 11.39 -6.44
CA THR A 402 21.93 10.11 -5.90
C THR A 402 20.83 9.05 -5.75
N ASN A 403 19.60 9.43 -5.44
CA ASN A 403 18.45 8.53 -5.64
C ASN A 403 17.38 9.11 -6.57
N ARG A 404 17.82 9.62 -7.70
CA ARG A 404 16.92 10.01 -8.78
C ARG A 404 15.98 8.87 -9.14
N ALA A 405 14.70 9.19 -9.08
CA ALA A 405 13.65 8.39 -9.67
C ALA A 405 12.67 9.36 -10.33
N ASP A 406 12.76 9.49 -11.66
CA ASP A 406 11.87 10.40 -12.34
C ASP A 406 10.39 10.11 -12.20
N TYR A 407 9.98 8.84 -12.39
CA TYR A 407 8.56 8.49 -12.57
C TYR A 407 8.13 7.36 -11.62
N GLY A 408 7.01 7.57 -10.96
CA GLY A 408 6.53 6.63 -9.98
C GLY A 408 5.77 5.52 -10.65
N VAL A 409 4.53 5.82 -11.01
CA VAL A 409 3.68 4.86 -11.69
C VAL A 409 3.27 5.42 -13.03
N HIS A 410 3.26 4.55 -14.04
CA HIS A 410 2.74 4.90 -15.35
C HIS A 410 1.70 3.86 -15.74
N VAL A 411 0.45 4.30 -15.84
CA VAL A 411 -0.63 3.41 -16.22
C VAL A 411 -0.95 3.56 -17.70
N LYS A 412 -0.66 2.53 -18.47
CA LYS A 412 -1.02 2.46 -19.89
C LYS A 412 -2.22 1.55 -20.19
N GLY A 413 -2.43 0.52 -19.37
CA GLY A 413 -3.61 -0.32 -19.47
C GLY A 413 -4.89 0.45 -19.23
N ASP A 414 -5.94 -0.04 -19.86
CA ASP A 414 -7.24 0.57 -19.76
C ASP A 414 -8.10 -0.15 -18.72
N ASN A 415 -9.16 0.53 -18.28
CA ASN A 415 -10.02 0.07 -17.19
C ASN A 415 -9.22 -0.35 -15.96
N VAL A 416 -8.10 0.33 -15.71
CA VAL A 416 -7.28 0.01 -14.55
C VAL A 416 -7.92 0.73 -13.37
N LEU A 417 -7.85 0.10 -12.20
CA LEU A 417 -8.48 0.59 -10.97
C LEU A 417 -7.41 0.58 -9.89
N ALA A 418 -7.17 1.74 -9.30
CA ALA A 418 -6.27 1.86 -8.17
C ALA A 418 -7.08 2.29 -6.94
N THR A 419 -7.12 1.45 -5.92
CA THR A 419 -7.76 1.75 -4.65
C THR A 419 -6.69 1.81 -3.55
N GLY A 420 -6.52 3.00 -2.97
CA GLY A 420 -5.48 3.22 -1.97
C GLY A 420 -4.11 3.44 -2.61
N LEU A 421 -3.97 4.52 -3.37
CA LEU A 421 -2.75 4.81 -4.12
C LEU A 421 -1.89 5.85 -3.41
N PHE A 422 -0.71 5.45 -2.96
CA PHE A 422 0.20 6.36 -2.28
C PHE A 422 1.53 6.41 -3.08
N VAL A 423 1.86 7.60 -3.59
CA VAL A 423 3.05 7.77 -4.42
C VAL A 423 3.73 9.09 -4.10
N GLU A 424 5.04 9.05 -3.80
CA GLU A 424 5.74 10.25 -3.27
C GLU A 424 7.22 10.43 -3.67
N HIS A 425 7.55 11.69 -3.95
CA HIS A 425 8.89 12.27 -3.98
C HIS A 425 9.65 12.12 -5.31
N PHE A 426 8.96 11.73 -6.38
CA PHE A 426 9.62 11.52 -7.66
C PHE A 426 10.17 12.82 -8.29
N ASN A 427 11.25 12.70 -9.05
CA ASN A 427 11.86 13.90 -9.63
C ASN A 427 10.97 14.54 -10.70
N LYS A 428 10.20 13.71 -11.40
CA LYS A 428 9.25 14.18 -12.41
C LYS A 428 7.81 13.75 -11.98
N TYR A 429 6.99 13.26 -12.92
CA TYR A 429 5.61 12.89 -12.63
C TYR A 429 5.48 11.66 -11.71
N ASP A 430 4.95 11.88 -10.50
CA ASP A 430 4.72 10.76 -9.58
C ASP A 430 3.83 9.67 -10.21
N VAL A 431 2.68 10.12 -10.72
CA VAL A 431 1.75 9.28 -11.44
C VAL A 431 1.36 9.86 -12.81
N GLN A 432 1.42 8.97 -13.81
CA GLN A 432 1.05 9.25 -15.19
C GLN A 432 -0.01 8.24 -15.63
N TRP A 433 -1.12 8.71 -16.20
CA TRP A 433 -2.20 7.84 -16.64
C TRP A 433 -2.54 8.09 -18.10
N SER A 434 -2.13 7.17 -18.96
CA SER A 434 -2.41 7.28 -20.38
C SER A 434 -3.33 6.25 -20.98
N GLY A 435 -3.73 5.25 -20.21
CA GLY A 435 -4.77 4.31 -20.66
C GLY A 435 -6.13 4.97 -20.48
N GLU A 436 -7.15 4.27 -20.94
CA GLU A 436 -8.50 4.80 -20.97
C GLU A 436 -9.29 4.25 -19.78
N ASN A 437 -10.34 4.98 -19.43
CA ASN A 437 -11.26 4.57 -18.42
C ASN A 437 -10.69 4.20 -17.05
N GLY A 438 -9.62 4.89 -16.68
CA GLY A 438 -8.96 4.71 -15.40
C GLY A 438 -9.81 5.25 -14.27
N LYS A 439 -9.65 4.64 -13.09
CA LYS A 439 -10.35 5.04 -11.89
C LYS A 439 -9.36 4.98 -10.71
N THR A 440 -9.25 6.06 -9.94
CA THR A 440 -8.50 6.07 -8.69
C THR A 440 -9.40 6.51 -7.54
N ILE A 441 -9.53 5.65 -6.54
CA ILE A 441 -10.21 5.95 -5.28
C ILE A 441 -9.16 6.04 -4.17
N PHE A 442 -9.00 7.27 -3.66
CA PHE A 442 -7.93 7.66 -2.74
C PHE A 442 -6.53 7.75 -3.37
N TYR A 443 -5.98 8.96 -3.30
CA TYR A 443 -4.61 9.26 -3.68
C TYR A 443 -3.93 10.13 -2.64
N GLN A 444 -2.74 9.70 -2.24
CA GLN A 444 -1.90 10.52 -1.40
C GLN A 444 -0.54 10.67 -2.07
N ASN A 445 -0.13 11.93 -2.25
CA ASN A 445 1.16 12.29 -2.79
C ASN A 445 1.84 13.34 -1.90
N ALA A 446 3.17 13.24 -1.82
CA ALA A 446 3.98 14.40 -1.45
C ALA A 446 5.07 14.56 -2.49
N LYS A 447 5.31 15.79 -2.93
CA LYS A 447 6.28 16.10 -3.96
C LYS A 447 7.71 15.96 -3.44
N ALA A 448 8.67 15.90 -4.35
CA ALA A 448 10.05 15.73 -3.95
C ALA A 448 10.48 16.95 -3.12
N TYR A 449 11.10 16.68 -1.98
CA TYR A 449 11.54 17.68 -1.02
C TYR A 449 12.85 18.40 -1.37
N ASP A 450 13.62 17.74 -2.23
CA ASP A 450 15.02 18.11 -2.44
C ASP A 450 15.30 18.71 -3.84
N ALA A 451 14.27 19.16 -4.57
CA ALA A 451 14.48 19.93 -5.77
C ALA A 451 15.31 21.17 -5.36
N PRO A 452 16.48 21.37 -5.97
CA PRO A 452 17.37 22.47 -5.53
C PRO A 452 16.99 23.85 -6.05
N ASP A 453 16.21 23.90 -7.13
CA ASP A 453 15.74 25.18 -7.68
C ASP A 453 14.61 25.02 -8.69
N GLN A 454 14.00 26.14 -9.07
CA GLN A 454 12.85 26.12 -9.98
C GLN A 454 13.15 25.46 -11.34
N ALA A 455 14.37 25.70 -11.85
CA ALA A 455 14.74 25.30 -13.19
C ALA A 455 14.78 23.79 -13.26
N ALA A 456 15.20 23.18 -12.16
CA ALA A 456 15.42 21.75 -12.15
C ALA A 456 14.11 20.97 -12.20
N ILE A 457 12.99 21.66 -11.99
CA ILE A 457 11.70 20.99 -12.13
C ILE A 457 10.84 21.69 -13.15
N GLN A 458 11.49 22.43 -14.03
CA GLN A 458 10.77 23.14 -15.08
C GLN A 458 10.28 22.09 -16.08
N ASN A 459 8.96 22.01 -16.26
CA ASN A 459 8.29 20.96 -17.04
C ASN A 459 7.74 21.59 -18.30
N GLY A 460 8.59 21.69 -19.32
CA GLY A 460 8.22 22.39 -20.53
C GLY A 460 7.99 23.84 -20.19
N ASP A 461 6.74 24.27 -20.29
CA ASP A 461 6.35 25.62 -19.89
C ASP A 461 5.74 25.65 -18.47
N ILE A 462 5.34 24.48 -17.97
CA ILE A 462 4.78 24.33 -16.64
C ILE A 462 5.86 24.36 -15.55
N LYS A 463 5.58 25.01 -14.42
CA LYS A 463 6.43 24.92 -13.24
C LYS A 463 6.16 23.62 -12.45
N GLY A 464 7.14 22.73 -12.37
CA GLY A 464 6.95 21.47 -11.67
C GLY A 464 6.24 20.44 -12.53
N TYR A 465 6.27 19.18 -12.06
CA TYR A 465 5.55 18.07 -12.68
C TYR A 465 4.35 17.67 -11.78
N ALA A 466 3.16 17.49 -12.39
CA ALA A 466 2.00 17.09 -11.61
C ALA A 466 2.32 15.85 -10.79
N ALA A 467 1.68 15.76 -9.63
CA ALA A 467 1.67 14.51 -8.86
C ALA A 467 0.87 13.44 -9.60
N TYR A 468 -0.10 13.91 -10.38
CA TYR A 468 -1.03 13.02 -11.05
C TYR A 468 -1.46 13.65 -12.34
N LYS A 469 -1.00 13.04 -13.47
CA LYS A 469 -1.21 13.58 -14.81
C LYS A 469 -1.92 12.62 -15.74
N VAL A 470 -3.16 12.95 -16.08
CA VAL A 470 -3.89 12.28 -17.15
C VAL A 470 -3.45 12.91 -18.48
N ASP A 471 -2.94 12.12 -19.41
CA ASP A 471 -2.52 12.68 -20.68
C ASP A 471 -3.75 13.35 -21.31
N ASP A 472 -3.49 14.52 -21.87
CA ASP A 472 -4.51 15.33 -22.52
C ASP A 472 -5.28 14.52 -23.60
N SER A 473 -4.71 13.42 -24.06
CA SER A 473 -5.35 12.65 -25.12
C SER A 473 -6.19 11.48 -24.59
N VAL A 474 -6.62 11.56 -23.32
CA VAL A 474 -7.49 10.52 -22.72
C VAL A 474 -8.98 10.95 -22.68
N THR A 475 -9.89 9.98 -22.75
CA THR A 475 -11.36 10.23 -22.88
C THR A 475 -12.20 10.10 -21.60
N THR A 476 -12.19 8.93 -20.96
CA THR A 476 -12.78 8.79 -19.65
C THR A 476 -11.68 8.48 -18.64
N HIS A 477 -11.91 8.97 -17.42
CA HIS A 477 -11.03 8.79 -16.31
C HIS A 477 -11.78 9.36 -15.14
N GLU A 478 -11.61 8.77 -13.96
CA GLU A 478 -12.31 9.31 -12.78
C GLU A 478 -11.44 9.10 -11.53
N GLY A 479 -11.21 10.19 -10.80
CA GLY A 479 -10.54 10.13 -9.52
C GLY A 479 -11.33 10.74 -8.38
N TRP A 480 -11.27 10.10 -7.21
CA TRP A 480 -11.96 10.52 -6.00
C TRP A 480 -11.00 10.60 -4.82
N GLY A 481 -10.94 11.75 -4.15
CA GLY A 481 -10.34 11.88 -2.84
C GLY A 481 -8.81 11.84 -2.95
N MET A 482 -8.28 12.88 -3.57
CA MET A 482 -6.91 12.92 -4.03
C MET A 482 -6.21 14.20 -3.57
N GLY A 483 -5.02 14.01 -3.00
CA GLY A 483 -4.28 15.11 -2.47
C GLY A 483 -2.78 14.99 -2.70
N SER A 484 -2.18 16.17 -2.94
CA SER A 484 -0.75 16.29 -3.13
C SER A 484 -0.23 17.39 -2.19
N TYR A 485 0.86 17.09 -1.50
CA TYR A 485 1.46 18.02 -0.54
C TYR A 485 2.90 18.35 -0.92
N CYS A 486 3.37 19.56 -0.62
CA CYS A 486 4.74 19.95 -0.92
C CYS A 486 5.47 20.36 0.34
N TYR A 487 6.78 20.09 0.32
CA TYR A 487 7.67 20.45 1.42
C TYR A 487 9.05 20.60 0.80
N PHE A 488 9.19 21.71 0.08
CA PHE A 488 10.43 21.96 -0.62
C PHE A 488 11.45 22.55 0.36
N ASN A 489 12.12 21.68 1.12
CA ASN A 489 12.97 22.21 2.22
C ASN A 489 14.32 22.68 1.73
N VAL A 490 14.85 22.09 0.67
CA VAL A 490 16.09 22.59 0.11
C VAL A 490 15.89 23.99 -0.48
N ASN A 491 14.77 24.23 -1.18
CA ASN A 491 14.55 25.51 -1.86
C ASN A 491 13.08 25.92 -1.71
N PRO A 492 12.77 26.43 -0.52
CA PRO A 492 11.41 26.78 -0.13
C PRO A 492 10.83 27.96 -0.86
N ASP A 493 11.60 28.58 -1.77
CA ASP A 493 11.10 29.60 -2.69
C ASP A 493 10.44 28.98 -3.94
N ILE A 494 10.56 27.65 -4.10
CA ILE A 494 10.03 26.96 -5.26
C ILE A 494 8.53 27.11 -5.33
N ARG A 495 8.02 27.17 -6.55
CA ARG A 495 6.58 27.09 -6.81
C ARG A 495 6.25 25.89 -7.67
N GLN A 496 5.22 25.17 -7.25
CA GLN A 496 4.64 24.06 -8.00
C GLN A 496 3.31 24.52 -8.62
N GLN A 497 3.17 24.43 -9.93
CA GLN A 497 1.99 25.00 -10.52
C GLN A 497 0.68 24.31 -10.10
N HIS A 498 0.72 22.99 -10.02
CA HIS A 498 -0.46 22.22 -9.65
C HIS A 498 -0.14 20.83 -9.09
N GLY A 499 -1.12 20.27 -8.35
CA GLY A 499 -1.10 18.88 -7.93
C GLY A 499 -1.46 17.88 -9.02
N PHE A 500 -2.38 18.30 -9.88
CA PHE A 500 -3.02 17.45 -10.85
C PHE A 500 -3.04 18.15 -12.20
N GLN A 501 -2.83 17.39 -13.27
CA GLN A 501 -3.04 17.89 -14.62
C GLN A 501 -3.88 16.90 -15.43
N ALA A 502 -4.87 17.42 -16.16
CA ALA A 502 -5.81 16.57 -16.90
C ALA A 502 -6.60 17.40 -17.92
N PRO A 503 -6.99 16.77 -19.06
CA PRO A 503 -7.85 17.51 -19.96
C PRO A 503 -9.20 17.85 -19.38
N VAL A 504 -9.86 18.76 -20.09
CA VAL A 504 -11.20 19.18 -19.76
C VAL A 504 -12.12 18.61 -20.82
N LYS A 505 -12.96 17.68 -20.37
CA LYS A 505 -13.78 16.82 -21.20
C LYS A 505 -14.83 16.24 -20.26
N PRO A 506 -16.07 16.01 -20.76
CA PRO A 506 -17.16 15.41 -19.96
C PRO A 506 -16.80 14.16 -19.20
N GLY A 507 -16.07 13.28 -19.87
CA GLY A 507 -15.80 11.97 -19.33
C GLY A 507 -14.54 11.94 -18.48
N VAL A 508 -13.91 13.09 -18.30
CA VAL A 508 -12.75 13.20 -17.40
C VAL A 508 -13.17 13.96 -16.14
N LYS A 509 -13.20 13.28 -15.00
CA LYS A 509 -13.91 13.79 -13.84
C LYS A 509 -13.11 13.57 -12.57
N PHE A 510 -13.04 14.59 -11.72
CA PHE A 510 -12.39 14.48 -10.43
C PHE A 510 -13.34 15.00 -9.35
N HIS A 511 -13.22 14.38 -8.21
CA HIS A 511 -14.06 14.63 -7.06
C HIS A 511 -13.14 14.68 -5.84
N ASP A 512 -13.15 15.83 -5.17
CA ASP A 512 -12.53 16.05 -3.88
C ASP A 512 -11.01 16.01 -3.96
N LEU A 513 -10.46 17.06 -4.58
CA LEU A 513 -9.03 17.28 -4.76
C LEU A 513 -8.53 18.37 -3.83
N LEU A 514 -7.30 18.19 -3.35
CA LEU A 514 -6.67 19.19 -2.49
C LEU A 514 -5.16 19.21 -2.71
N VAL A 515 -4.55 20.39 -2.51
CA VAL A 515 -3.13 20.48 -2.39
C VAL A 515 -2.80 21.23 -1.12
N VAL A 516 -1.63 20.98 -0.56
CA VAL A 516 -1.25 21.56 0.74
C VAL A 516 0.26 21.75 0.81
N SER A 517 0.68 22.96 1.17
CA SER A 517 2.07 23.22 1.52
C SER A 517 2.27 22.97 3.00
N LEU A 518 3.30 22.22 3.34
CA LEU A 518 3.60 21.87 4.72
C LEU A 518 4.65 22.88 5.28
N GLY A 519 4.26 23.68 6.26
CA GLY A 519 5.16 24.63 6.88
C GLY A 519 5.52 25.78 5.93
N GLY A 520 4.56 26.24 5.14
CA GLY A 520 4.81 27.11 4.00
C GLY A 520 6.10 26.88 3.21
N LYS A 521 6.54 25.63 3.14
CA LYS A 521 7.77 25.30 2.47
C LYS A 521 7.52 25.02 0.97
N GLY A 522 7.64 26.08 0.18
CA GLY A 522 7.20 26.08 -1.19
C GLY A 522 5.68 26.26 -1.18
N GLN A 523 5.09 26.65 -2.31
CA GLN A 523 3.64 26.75 -2.45
C GLN A 523 3.17 26.24 -3.83
N TYR A 524 1.89 25.87 -3.90
CA TYR A 524 1.26 25.61 -5.17
C TYR A 524 0.57 26.85 -5.72
N GLU A 525 0.51 26.94 -7.03
CA GLU A 525 -0.15 28.07 -7.71
C GLU A 525 -1.65 27.78 -7.94
N HIS A 526 -1.96 26.51 -8.12
CA HIS A 526 -3.30 26.07 -8.45
C HIS A 526 -3.44 24.58 -7.95
N VAL A 527 -4.67 24.07 -7.96
CA VAL A 527 -4.94 22.69 -7.55
C VAL A 527 -4.79 21.72 -8.75
N ILE A 528 -5.52 22.03 -9.82
CA ILE A 528 -5.50 21.28 -11.08
C ILE A 528 -5.38 22.19 -12.31
N ASN A 529 -4.50 21.80 -13.24
CA ASN A 529 -4.20 22.60 -14.43
C ASN A 529 -3.84 24.04 -14.03
N ASP A 530 -4.69 25.00 -14.35
CA ASP A 530 -4.37 26.37 -14.01
C ASP A 530 -5.61 26.96 -13.25
N ILE A 531 -6.32 26.03 -12.63
CA ILE A 531 -7.52 26.27 -11.80
C ILE A 531 -7.39 25.98 -10.31
N GLY A 532 -7.98 26.83 -9.50
CA GLY A 532 -7.99 26.59 -8.06
C GLY A 532 -7.02 27.52 -7.39
N ASP A 533 -7.30 27.82 -6.12
CA ASP A 533 -6.54 28.83 -5.38
C ASP A 533 -5.15 28.30 -5.10
N PRO A 534 -4.15 29.20 -5.09
CA PRO A 534 -2.84 28.82 -4.55
C PRO A 534 -2.91 28.55 -3.06
N THR A 535 -1.93 27.82 -2.54
CA THR A 535 -1.74 27.74 -1.12
C THR A 535 -1.07 29.05 -0.74
N SER A 536 -1.14 29.40 0.53
CA SER A 536 -0.47 30.61 1.05
C SER A 536 -0.24 30.53 2.57
N GLY A 537 0.37 31.56 3.15
CA GLY A 537 0.72 31.53 4.57
C GLY A 537 1.80 30.50 4.82
N ASP A 538 1.93 30.12 6.09
CA ASP A 538 2.68 28.92 6.47
C ASP A 538 1.90 28.06 7.47
N THR A 539 0.57 28.14 7.40
CA THR A 539 -0.33 27.50 8.37
C THR A 539 -0.85 26.12 7.87
N THR A 540 -0.31 25.66 6.75
CA THR A 540 -0.64 24.36 6.19
C THR A 540 -2.11 24.16 6.08
N ILE A 541 -2.78 25.11 5.43
CA ILE A 541 -4.20 24.95 5.13
C ILE A 541 -4.42 24.51 3.67
N PRO A 542 -5.06 23.34 3.49
CA PRO A 542 -5.34 22.89 2.12
C PRO A 542 -6.14 23.87 1.26
N SER A 543 -5.71 24.02 0.02
CA SER A 543 -6.58 24.56 -1.01
C SER A 543 -7.26 23.41 -1.73
N GLN A 544 -8.58 23.57 -1.89
CA GLN A 544 -9.48 22.51 -2.18
C GLN A 544 -10.21 22.83 -3.43
N VAL A 545 -10.56 21.76 -4.15
CA VAL A 545 -11.52 21.82 -5.22
C VAL A 545 -12.50 20.63 -5.11
N VAL A 546 -13.78 20.92 -4.88
CA VAL A 546 -14.77 19.87 -4.62
C VAL A 546 -14.97 18.99 -5.88
N SER A 547 -14.97 19.65 -7.02
CA SER A 547 -15.60 19.08 -8.20
C SER A 547 -14.98 19.53 -9.47
N PHE A 548 -14.75 18.58 -10.37
CA PHE A 548 -14.08 18.91 -11.60
C PHE A 548 -14.44 17.94 -12.76
N PRO A 549 -14.74 18.48 -13.94
CA PRO A 549 -14.69 19.87 -14.38
C PRO A 549 -15.91 20.58 -13.84
C2 BGC B . -2.31 17.45 12.30
C3 BGC B . -1.70 18.42 11.40
C4 BGC B . -2.58 19.53 10.97
C5 BGC B . -3.27 20.16 12.24
C6 BGC B . -4.32 20.94 11.90
C1 BGC B . -3.02 17.99 13.44
O1 BGC B . -3.81 17.07 14.14
O2 BGC B . -1.23 16.73 12.96
O3 BGC B . -1.02 17.81 10.21
O4 BGC B . -1.87 20.48 10.12
O5 BGC B . -3.92 19.02 12.98
O6 BGC B . -5.26 21.21 12.85
C2 BGC B . 1.09 17.25 9.26
C3 BGC B . 2.47 17.57 9.08
C4 BGC B . 2.72 19.03 8.89
C5 BGC B . 2.10 19.84 10.06
C6 BGC B . 2.14 21.18 9.81
C1 BGC B . 0.38 18.05 10.26
O2 BGC B . 1.00 15.84 9.69
O3 BGC B . 2.80 16.76 7.90
O4 BGC B . 4.09 19.34 8.83
O5 BGC B . 0.64 19.45 10.07
O6 BGC B . 1.84 21.99 10.90
C2 BGC B . 4.18 15.13 6.81
C3 BGC B . 5.49 14.70 6.43
C4 BGC B . 6.36 15.84 6.12
C5 BGC B . 6.33 16.90 7.30
C6 BGC B . 7.04 18.06 7.24
C1 BGC B . 4.11 16.27 7.79
O2 BGC B . 3.49 14.01 7.41
O3 BGC B . 5.34 13.76 5.25
O4 BGC B . 7.67 15.41 5.84
O5 BGC B . 4.90 17.36 7.31
O6 BGC B . 7.85 18.21 6.18
C2 BGC B . 5.79 11.65 4.19
C3 BGC B . 6.59 10.43 4.23
C4 BGC B . 7.86 10.64 4.98
C5 BGC B . 7.61 11.15 6.43
C6 BGC B . 8.66 11.48 7.25
C1 BGC B . 5.67 12.40 5.47
O2 BGC B . 4.44 11.43 3.64
O3 BGC B . 6.92 9.99 2.85
O4 BGC B . 8.82 9.61 4.87
O5 BGC B . 6.93 12.47 6.13
O6 BGC B . 9.89 10.98 6.85
C2 BGC C . -1.10 0.70 23.55
C3 BGC C . -2.55 0.82 24.03
C4 BGC C . -3.02 -0.25 25.03
C5 BGC C . -1.95 -0.51 26.08
C6 BGC C . -2.51 -1.62 26.99
C1 BGC C . -0.16 0.20 24.66
O2 BGC C . -0.62 1.94 22.98
O3 BGC C . -3.41 0.87 22.92
O4 BGC C . -4.22 0.10 25.73
O5 BGC C . -0.74 -0.86 25.44
O6 BGC C . -1.50 -2.56 27.29
C1 EDO D . 16.96 -3.81 2.55
O1 EDO D . 15.81 -4.25 1.83
C2 EDO D . 16.62 -2.89 3.74
O2 EDO D . 15.48 -3.40 4.41
H11 EDO D . 17.63 -3.27 1.88
H12 EDO D . 17.48 -4.69 2.93
HO1 EDO D . 16.09 -4.64 0.99
H21 EDO D . 16.45 -1.87 3.43
H22 EDO D . 17.47 -2.90 4.42
HO2 EDO D . 15.29 -2.83 5.18
C1 EDO E . 9.11 17.42 -9.19
O1 EDO E . 8.13 16.38 -9.35
C2 EDO E . 8.49 18.68 -8.58
O2 EDO E . 7.53 19.21 -9.47
H11 EDO E . 9.53 17.66 -10.15
H12 EDO E . 9.90 17.04 -8.54
HO1 EDO E . 8.56 15.53 -9.43
H21 EDO E . 9.28 19.42 -8.40
H22 EDO E . 8.02 18.44 -7.62
HO2 EDO E . 7.10 19.97 -9.07
C1 EDO F . 12.73 -3.71 -19.69
O1 EDO F . 11.90 -4.83 -19.34
C2 EDO F . 11.89 -2.45 -19.74
O2 EDO F . 10.64 -2.73 -20.35
H11 EDO F . 13.19 -3.89 -20.66
H12 EDO F . 13.54 -3.59 -18.95
HO1 EDO F . 12.46 -5.48 -18.87
H21 EDO F . 12.42 -1.69 -20.31
H22 EDO F . 11.75 -2.07 -18.73
HO2 EDO F . 9.96 -2.20 -19.92
N GLU A 1 10.85 -30.38 -11.15
CA GLU A 1 12.15 -30.07 -10.54
C GLU A 1 12.07 -29.27 -9.23
N VAL A 2 11.40 -28.10 -9.20
CA VAL A 2 11.31 -27.30 -7.96
C VAL A 2 10.22 -27.88 -7.04
N VAL A 3 10.59 -28.19 -5.82
CA VAL A 3 9.74 -29.03 -5.01
C VAL A 3 8.86 -28.11 -4.16
N GLY A 4 7.56 -28.33 -4.22
CA GLY A 4 6.66 -27.45 -3.51
C GLY A 4 6.48 -27.84 -2.05
N GLY A 5 6.36 -26.86 -1.17
CA GLY A 5 5.97 -27.11 0.21
C GLY A 5 7.21 -27.30 1.09
N GLY A 6 7.04 -27.78 2.33
CA GLY A 6 8.12 -27.93 3.31
C GLY A 6 8.18 -26.89 4.45
N ASP A 7 9.38 -26.58 4.95
CA ASP A 7 9.58 -25.70 6.11
C ASP A 7 9.27 -24.25 5.75
N LEU A 8 8.65 -23.49 6.65
CA LEU A 8 8.57 -22.03 6.43
C LEU A 8 9.83 -21.23 6.80
N GLY A 9 10.82 -21.88 7.42
CA GLY A 9 12.11 -21.25 7.70
C GLY A 9 12.25 -20.67 9.10
N PRO A 10 13.36 -19.95 9.37
CA PRO A 10 13.47 -19.35 10.70
C PRO A 10 12.46 -18.22 10.95
N ASN A 11 12.37 -17.21 10.10
CA ASN A 11 11.61 -16.02 10.47
C ASN A 11 10.10 -15.99 10.23
N VAL A 12 9.47 -17.15 10.02
CA VAL A 12 8.02 -17.29 10.08
C VAL A 12 7.71 -18.07 11.37
N LEU A 13 7.09 -17.41 12.34
CA LEU A 13 6.90 -17.96 13.69
C LEU A 13 5.45 -18.37 13.91
N VAL A 14 5.25 -19.60 14.35
CA VAL A 14 3.94 -20.13 14.55
C VAL A 14 3.74 -20.24 16.04
N PHE A 15 2.67 -19.58 16.48
CA PHE A 15 2.31 -19.51 17.87
C PHE A 15 1.04 -20.31 18.10
N ASP A 16 0.82 -20.63 19.36
CA ASP A 16 -0.44 -21.21 19.73
C ASP A 16 -0.65 -20.89 21.21
N PRO A 17 -1.91 -20.98 21.70
CA PRO A 17 -2.20 -20.57 23.08
C PRO A 17 -1.39 -21.33 24.13
N SER A 18 -0.75 -22.41 23.69
CA SER A 18 0.27 -23.09 24.46
C SER A 18 1.60 -22.92 23.80
N THR A 19 2.18 -21.75 23.95
CA THR A 19 3.56 -21.57 23.62
C THR A 19 4.06 -20.73 24.76
N PRO A 20 5.05 -21.24 25.51
CA PRO A 20 5.43 -20.53 26.73
C PRO A 20 5.89 -19.09 26.48
N ASP A 21 5.48 -18.19 27.39
CA ASP A 21 6.05 -16.87 27.43
C ASP A 21 5.87 -16.20 26.02
N ILE A 22 4.63 -16.32 25.53
CA ILE A 22 4.25 -15.78 24.20
C ILE A 22 4.63 -14.35 24.03
N GLN A 23 4.38 -13.58 25.07
CA GLN A 23 4.64 -12.15 25.02
C GLN A 23 6.12 -11.82 24.93
N GLY A 24 6.87 -12.21 25.96
CA GLY A 24 8.30 -11.92 26.06
C GLY A 24 9.02 -12.00 24.74
N LYS A 25 8.58 -12.92 23.88
CA LYS A 25 9.21 -13.12 22.57
C LYS A 25 8.90 -11.95 21.64
N VAL A 26 7.60 -11.82 21.29
CA VAL A 26 7.10 -10.72 20.48
C VAL A 26 7.77 -9.43 20.97
N ASP A 27 8.00 -9.34 22.29
CA ASP A 27 8.89 -8.28 22.81
C ASP A 27 10.28 -8.34 22.16
N GLU A 28 10.97 -9.50 22.16
CA GLU A 28 12.26 -9.58 21.45
C GLU A 28 12.17 -9.18 19.96
N VAL A 29 11.08 -9.47 19.27
CA VAL A 29 10.98 -9.00 17.85
C VAL A 29 10.86 -7.48 17.90
N PHE A 30 9.91 -7.01 18.69
CA PHE A 30 9.75 -5.57 18.83
C PHE A 30 11.06 -4.92 19.28
N ARG A 31 11.82 -5.54 20.19
CA ARG A 31 13.14 -4.96 20.49
C ARG A 31 14.02 -5.10 19.28
N LYS A 32 13.93 -6.23 18.59
CA LYS A 32 14.76 -6.48 17.41
C LYS A 32 14.36 -5.44 16.32
N GLN A 33 13.06 -5.22 16.16
CA GLN A 33 12.53 -4.40 15.08
C GLN A 33 12.06 -2.94 15.38
N GLU A 34 12.04 -2.50 16.65
CA GLU A 34 11.36 -1.25 17.05
C GLU A 34 11.78 -0.05 16.18
N SER A 35 13.03 0.31 16.29
CA SER A 35 13.53 1.54 15.68
C SER A 35 14.26 1.24 14.36
N ASN A 36 14.11 0.01 13.87
CA ASN A 36 14.90 -0.52 12.80
C ASN A 36 14.40 -0.22 11.37
N GLN A 37 14.59 1.01 10.93
CA GLN A 37 13.85 1.52 9.78
C GLN A 37 14.38 0.91 8.46
N PHE A 38 15.70 0.71 8.37
CA PHE A 38 16.31 0.32 7.13
C PHE A 38 17.06 -0.99 7.24
N GLY A 39 16.87 -1.69 8.35
CA GLY A 39 17.52 -2.94 8.60
C GLY A 39 17.14 -4.02 7.64
N THR A 40 17.86 -5.12 7.77
CA THR A 40 17.73 -6.28 6.92
C THR A 40 16.79 -7.32 7.50
N ASP A 41 16.55 -7.26 8.80
CA ASP A 41 15.68 -8.24 9.50
C ASP A 41 14.22 -8.24 8.96
N ARG A 42 13.61 -9.41 8.90
CA ARG A 42 12.24 -9.59 8.42
C ARG A 42 11.55 -10.65 9.29
N TYR A 43 10.31 -10.40 9.72
CA TYR A 43 9.57 -11.37 10.51
C TYR A 43 8.10 -11.47 10.17
N ALA A 44 7.58 -12.69 10.14
CA ALA A 44 6.14 -12.89 10.18
C ALA A 44 5.80 -13.64 11.45
N LEU A 45 4.90 -13.05 12.24
CA LEU A 45 4.26 -13.70 13.39
C LEU A 45 2.92 -14.27 12.95
N MET A 46 2.69 -15.54 13.23
CA MET A 46 1.40 -16.13 12.89
C MET A 46 0.82 -16.95 14.02
N PHE A 47 -0.48 -16.79 14.24
CA PHE A 47 -1.15 -17.38 15.37
C PHE A 47 -2.21 -18.38 14.93
N LYS A 48 -2.06 -19.60 15.42
CA LYS A 48 -3.01 -20.66 15.14
C LYS A 48 -4.40 -20.28 15.72
N PRO A 49 -5.46 -20.88 15.19
CA PRO A 49 -6.81 -20.64 15.72
C PRO A 49 -6.81 -21.01 17.17
N GLY A 50 -7.40 -20.15 17.96
CA GLY A 50 -7.37 -20.29 19.40
C GLY A 50 -7.65 -19.00 20.13
N THR A 51 -7.35 -19.00 21.44
CA THR A 51 -7.70 -17.85 22.27
C THR A 51 -6.53 -17.46 23.12
N TYR A 52 -6.10 -16.23 22.92
CA TYR A 52 -4.90 -15.70 23.53
C TYR A 52 -5.21 -14.59 24.51
N ASN A 53 -4.61 -14.68 25.68
CA ASN A 53 -4.87 -13.75 26.75
C ASN A 53 -3.64 -13.01 27.21
N ASP A 54 -3.83 -11.80 27.75
CA ASP A 54 -2.74 -11.07 28.39
C ASP A 54 -1.63 -10.83 27.39
N ILE A 55 -2.00 -10.26 26.24
CA ILE A 55 -1.05 -9.93 25.17
C ILE A 55 -1.26 -8.53 24.66
N ASN A 56 -0.19 -7.74 24.69
CA ASN A 56 -0.13 -6.55 23.85
C ASN A 56 1.04 -6.77 22.86
N ALA A 57 0.68 -7.12 21.64
CA ALA A 57 1.65 -7.49 20.61
C ALA A 57 2.03 -6.23 19.82
N GLN A 58 3.08 -5.57 20.26
CA GLN A 58 3.59 -4.36 19.59
C GLN A 58 4.35 -4.73 18.32
N ILE A 59 4.11 -3.96 17.28
CA ILE A 59 4.55 -4.31 15.94
C ILE A 59 5.55 -3.25 15.46
N GLY A 60 6.80 -3.66 15.30
CA GLY A 60 7.83 -2.77 14.78
C GLY A 60 7.95 -2.85 13.29
N PHE A 61 9.08 -2.34 12.76
CA PHE A 61 9.33 -2.41 11.32
C PHE A 61 9.42 -3.86 10.83
N TYR A 62 9.10 -4.04 9.53
CA TYR A 62 9.20 -5.31 8.80
C TYR A 62 8.68 -6.49 9.59
N THR A 63 7.56 -6.27 10.24
CA THR A 63 6.86 -7.28 11.02
C THR A 63 5.42 -7.34 10.51
N SER A 64 5.02 -8.55 10.13
CA SER A 64 3.62 -8.85 9.83
C SER A 64 3.07 -9.76 10.95
N ILE A 65 1.80 -9.57 11.28
CA ILE A 65 1.12 -10.41 12.27
C ILE A 65 -0.22 -10.82 11.65
N ALA A 66 -0.58 -12.08 11.91
CA ALA A 66 -1.67 -12.70 11.21
C ALA A 66 -2.24 -13.89 11.99
N GLY A 67 -3.54 -14.10 11.87
CA GLY A 67 -4.17 -15.34 12.28
C GLY A 67 -4.05 -16.36 11.15
N LEU A 68 -4.03 -17.63 11.54
CA LEU A 68 -3.96 -18.74 10.63
C LEU A 68 -5.30 -19.47 10.59
N GLY A 69 -6.35 -18.79 11.03
CA GLY A 69 -7.69 -19.29 10.86
C GLY A 69 -8.27 -18.98 9.50
N LEU A 70 -9.46 -19.45 9.20
CA LEU A 70 -10.14 -19.01 7.96
C LEU A 70 -10.91 -17.73 8.12
N ASN A 71 -11.49 -17.55 9.29
CA ASN A 71 -12.08 -16.26 9.66
C ASN A 71 -11.37 -15.54 10.83
N PRO A 72 -11.47 -14.18 10.88
CA PRO A 72 -10.70 -13.54 11.96
C PRO A 72 -11.14 -14.03 13.33
N ASP A 73 -12.41 -14.29 13.49
CA ASP A 73 -12.91 -14.68 14.82
C ASP A 73 -12.49 -16.09 15.25
N ASP A 74 -11.78 -16.82 14.39
CA ASP A 74 -11.16 -18.09 14.80
C ASP A 74 -9.86 -17.88 15.55
N THR A 75 -9.27 -16.69 15.42
CA THR A 75 -8.04 -16.38 16.11
C THR A 75 -8.25 -15.08 16.89
N THR A 76 -8.59 -15.24 18.16
CA THR A 76 -8.98 -14.11 19.00
C THR A 76 -7.96 -13.73 20.09
N PHE A 77 -7.62 -12.45 20.15
CA PHE A 77 -6.74 -11.89 21.18
C PHE A 77 -7.60 -11.13 22.18
N ASN A 78 -7.54 -11.53 23.45
CA ASN A 78 -8.02 -10.68 24.51
C ASN A 78 -6.84 -9.85 24.92
N GLY A 79 -6.77 -8.66 24.33
CA GLY A 79 -5.51 -7.97 24.16
C GLY A 79 -5.47 -7.21 22.84
N ASP A 80 -4.26 -6.89 22.41
CA ASP A 80 -4.04 -5.83 21.44
C ASP A 80 -2.98 -6.16 20.42
N VAL A 81 -3.05 -5.45 19.30
CA VAL A 81 -1.99 -5.43 18.28
C VAL A 81 -1.69 -3.93 18.05
N THR A 82 -0.58 -3.49 18.61
CA THR A 82 -0.29 -2.09 18.82
C THR A 82 0.79 -1.60 17.90
N VAL A 83 0.53 -0.48 17.27
CA VAL A 83 1.59 0.35 16.69
C VAL A 83 1.50 1.73 17.34
N ASP A 84 2.61 2.18 17.90
CA ASP A 84 2.68 3.49 18.55
C ASP A 84 3.93 4.26 18.04
N ALA A 85 4.19 5.46 18.55
CA ALA A 85 5.25 6.31 17.99
C ALA A 85 6.38 6.56 18.99
N GLY A 86 6.62 5.59 19.85
CA GLY A 86 7.63 5.74 20.90
C GLY A 86 9.11 5.75 20.49
N TRP A 87 9.47 5.06 19.40
CA TRP A 87 10.87 4.99 18.99
C TRP A 87 11.34 6.36 18.46
N PHE A 88 10.43 7.12 17.83
CA PHE A 88 10.78 8.29 17.02
C PHE A 88 10.08 9.54 17.58
N ASP A 89 9.58 9.43 18.81
CA ASP A 89 9.24 10.56 19.74
C ASP A 89 7.74 10.95 19.88
N GLY A 90 6.82 10.02 19.66
CA GLY A 90 5.42 10.37 19.53
C GLY A 90 5.04 10.80 18.10
N ASN A 91 6.04 10.85 17.24
CA ASN A 91 5.86 11.24 15.88
C ASN A 91 5.81 9.97 15.00
N ALA A 92 4.64 9.68 14.41
CA ALA A 92 4.39 8.38 13.72
C ALA A 92 4.59 8.39 12.21
N THR A 93 5.13 9.49 11.66
CA THR A 93 5.29 9.60 10.20
C THR A 93 6.44 8.77 9.56
N GLN A 94 7.16 7.99 10.37
CA GLN A 94 8.08 6.99 9.84
C GLN A 94 7.63 5.55 10.22
N ASN A 95 6.36 5.41 10.58
CA ASN A 95 5.86 4.07 10.99
C ASN A 95 5.40 3.26 9.77
N PHE A 96 6.38 2.72 9.05
CA PHE A 96 6.14 2.05 7.77
C PHE A 96 6.33 0.54 7.84
N TRP A 97 5.94 -0.14 6.77
CA TRP A 97 6.35 -1.51 6.42
C TRP A 97 6.03 -2.58 7.46
N ARG A 98 4.75 -2.67 7.78
CA ARG A 98 4.31 -3.68 8.71
C ARG A 98 2.85 -4.01 8.41
N SER A 99 2.33 -5.08 8.98
CA SER A 99 0.92 -5.45 8.67
C SER A 99 0.22 -6.28 9.71
N ALA A 100 -1.09 -6.13 9.74
CA ALA A 100 -1.96 -6.95 10.59
C ALA A 100 -3.10 -7.49 9.76
N GLU A 101 -3.41 -8.77 9.93
CA GLU A 101 -4.46 -9.38 9.16
C GLU A 101 -5.10 -10.62 9.85
N ASN A 102 -6.39 -10.80 9.59
CA ASN A 102 -7.12 -12.06 9.91
C ASN A 102 -7.04 -12.45 11.38
N LEU A 103 -7.26 -11.45 12.23
CA LEU A 103 -7.40 -11.62 13.69
C LEU A 103 -8.63 -10.88 14.23
N ALA A 104 -9.18 -11.42 15.33
CA ALA A 104 -10.11 -10.68 16.17
C ALA A 104 -9.35 -10.07 17.36
N LEU A 105 -9.76 -8.89 17.81
CA LEU A 105 -9.12 -8.22 18.93
C LEU A 105 -10.16 -7.72 19.92
N ASN A 106 -9.93 -8.03 21.20
CA ASN A 106 -10.76 -7.58 22.30
C ASN A 106 -9.81 -6.71 23.13
N PRO A 107 -9.65 -5.42 22.73
CA PRO A 107 -8.53 -4.64 23.30
C PRO A 107 -8.75 -4.41 24.77
N VAL A 108 -7.64 -4.26 25.47
CA VAL A 108 -7.60 -4.44 26.88
C VAL A 108 -8.27 -3.23 27.57
N ASN A 109 -8.19 -2.05 26.95
CA ASN A 109 -8.92 -0.90 27.49
C ASN A 109 -10.16 -0.55 26.66
N GLY A 110 -10.57 -1.43 25.74
CA GLY A 110 -11.68 -1.14 24.85
C GLY A 110 -11.36 -0.49 23.49
N THR A 111 -10.11 -0.10 23.26
CA THR A 111 -9.68 0.53 22.00
C THR A 111 -8.29 0.05 21.63
N ASN A 112 -8.14 -0.40 20.39
CA ASN A 112 -6.87 -0.81 19.86
C ASN A 112 -6.18 0.39 19.17
N ARG A 113 -4.89 0.52 19.39
CA ARG A 113 -4.08 1.58 18.75
C ARG A 113 -3.21 1.07 17.59
N TRP A 114 -3.51 1.49 16.35
CA TRP A 114 -2.72 1.16 15.13
C TRP A 114 -2.31 2.50 14.48
N ALA A 115 -1.26 3.09 15.04
CA ALA A 115 -0.84 4.45 14.71
C ALA A 115 0.28 4.38 13.70
N VAL A 116 -0.14 4.20 12.46
CA VAL A 116 0.77 3.94 11.37
C VAL A 116 0.75 5.06 10.31
N SER A 117 1.79 5.06 9.48
CA SER A 117 1.73 5.84 8.26
C SER A 117 1.68 4.87 7.08
N GLN A 118 2.44 5.12 6.02
CA GLN A 118 2.31 4.37 4.79
C GLN A 118 2.82 2.91 4.86
N ALA A 119 2.26 2.08 3.98
CA ALA A 119 2.61 0.69 3.83
C ALA A 119 2.43 -0.10 5.15
N ALA A 120 1.27 0.07 5.74
CA ALA A 120 0.98 -0.52 7.04
C ALA A 120 -0.48 -1.06 7.05
N PRO A 121 -0.78 -1.99 6.14
CA PRO A 121 -2.16 -2.48 5.94
C PRO A 121 -2.71 -3.22 7.15
N PHE A 122 -4.02 -3.06 7.31
CA PHE A 122 -4.83 -3.61 8.40
C PHE A 122 -6.02 -4.24 7.66
N ARG A 123 -5.96 -5.56 7.49
CA ARG A 123 -6.89 -6.26 6.59
C ARG A 123 -7.59 -7.40 7.34
N ARG A 124 -8.86 -7.66 7.01
CA ARG A 124 -9.57 -8.83 7.51
C ARG A 124 -9.49 -8.91 9.06
N MET A 125 -9.64 -7.74 9.67
CA MET A 125 -9.57 -7.61 11.13
C MET A 125 -10.96 -7.42 11.72
N HIS A 126 -11.15 -8.00 12.90
CA HIS A 126 -12.35 -7.72 13.69
C HIS A 126 -11.96 -7.12 15.03
N VAL A 127 -12.23 -5.83 15.20
CA VAL A 127 -11.93 -5.15 16.47
C VAL A 127 -13.22 -5.09 17.25
N LYS A 128 -13.26 -5.80 18.36
CA LYS A 128 -14.43 -5.75 19.24
C LYS A 128 -14.30 -4.52 20.14
N GLY A 129 -14.08 -3.37 19.53
CA GLY A 129 -14.09 -2.12 20.25
C GLY A 129 -13.84 -1.06 19.22
N GLY A 130 -13.33 0.07 19.68
CA GLY A 130 -12.93 1.13 18.80
C GLY A 130 -11.53 0.88 18.25
N LEU A 131 -11.05 1.83 17.46
CA LEU A 131 -9.74 1.73 16.84
C LEU A 131 -9.19 3.15 16.72
N ASN A 132 -8.07 3.38 17.39
CA ASN A 132 -7.38 4.68 17.46
C ASN A 132 -6.25 4.65 16.49
N LEU A 133 -6.28 5.51 15.47
CA LEU A 133 -5.25 5.55 14.43
C LEU A 133 -4.06 6.50 14.71
N ALA A 134 -4.12 7.20 15.83
CA ALA A 134 -3.10 8.20 16.17
C ALA A 134 -2.18 7.77 17.30
N PRO A 135 -0.93 8.26 17.27
CA PRO A 135 0.04 7.94 18.32
C PRO A 135 -0.37 8.45 19.72
N ASP A 136 0.36 8.01 20.73
CA ASP A 136 0.11 8.56 22.08
C ASP A 136 0.70 9.97 22.06
N GLY A 137 0.03 10.92 22.71
CA GLY A 137 0.41 12.34 22.62
C GLY A 137 -0.11 13.01 21.37
N TYR A 138 -0.62 12.19 20.43
CA TYR A 138 -1.38 12.68 19.26
C TYR A 138 -0.50 13.46 18.27
N GLY A 139 0.73 13.00 18.13
CA GLY A 139 1.64 13.63 17.18
C GLY A 139 1.28 13.34 15.71
N TRP A 140 2.16 13.75 14.82
CA TRP A 140 1.89 13.69 13.42
C TRP A 140 1.72 12.24 12.91
N ALA A 141 0.90 12.08 11.90
CA ALA A 141 0.74 10.77 11.27
C ALA A 141 0.16 10.89 9.87
N SER A 142 0.55 9.96 9.00
CA SER A 142 0.23 10.03 7.60
C SER A 142 -0.08 8.66 6.98
N GLY A 143 -1.11 7.99 7.50
CA GLY A 143 -1.58 6.71 6.96
C GLY A 143 -2.51 6.93 5.77
N GLY A 144 -3.29 5.92 5.38
CA GLY A 144 -3.36 4.61 6.01
C GLY A 144 -4.43 3.82 5.29
N TYR A 145 -4.59 2.54 5.65
CA TYR A 145 -5.35 1.61 4.84
C TYR A 145 -5.98 0.51 5.63
N ILE A 146 -7.31 0.50 5.54
CA ILE A 146 -8.13 -0.57 6.13
C ILE A 146 -9.04 -1.16 5.06
N ALA A 147 -9.02 -2.49 5.00
CA ALA A 147 -9.90 -3.23 4.10
C ALA A 147 -10.46 -4.48 4.74
N ASP A 148 -11.67 -4.78 4.33
CA ASP A 148 -12.32 -6.04 4.72
C ASP A 148 -12.33 -6.29 6.22
N SER A 149 -12.56 -5.21 6.96
CA SER A 149 -12.58 -5.26 8.41
C SER A 149 -13.93 -4.88 9.04
N LYS A 150 -14.14 -5.33 10.27
CA LYS A 150 -15.30 -4.89 11.04
C LYS A 150 -14.79 -4.30 12.36
N ILE A 151 -15.02 -2.99 12.55
CA ILE A 151 -14.71 -2.32 13.81
C ILE A 151 -16.05 -2.07 14.51
N ASP A 152 -16.28 -2.77 15.62
CA ASP A 152 -17.59 -2.67 16.29
C ASP A 152 -17.87 -1.25 16.78
N GLY A 153 -16.89 -0.60 17.38
CA GLY A 153 -17.05 0.77 17.85
C GLY A 153 -16.55 1.81 16.86
N GLU A 154 -16.15 2.97 17.38
CA GLU A 154 -15.66 4.08 16.56
C GLU A 154 -14.18 3.94 16.11
N VAL A 155 -13.93 4.31 14.85
CA VAL A 155 -12.57 4.56 14.39
C VAL A 155 -12.23 6.05 14.58
N GLY A 156 -11.15 6.31 15.31
CA GLY A 156 -10.76 7.69 15.64
C GLY A 156 -9.43 8.05 15.00
N PRO A 157 -9.48 8.84 13.91
CA PRO A 157 -8.21 9.12 13.26
C PRO A 157 -7.43 10.17 14.03
N TYR A 158 -8.14 11.06 14.71
CA TYR A 158 -7.57 12.23 15.41
C TYR A 158 -6.61 13.04 14.50
N SER A 159 -5.30 12.92 14.71
CA SER A 159 -4.30 13.63 13.96
C SER A 159 -4.00 13.09 12.56
N GLN A 160 -4.38 11.86 12.24
CA GLN A 160 -4.14 11.34 10.87
C GLN A 160 -4.54 12.31 9.78
N GLN A 161 -3.59 12.64 8.88
CA GLN A 161 -3.88 13.54 7.78
C GLN A 161 -4.95 13.03 6.84
N GLN A 162 -4.82 11.77 6.47
CA GLN A 162 -5.69 11.19 5.47
C GLN A 162 -5.82 9.70 5.74
N TRP A 163 -6.82 9.09 5.11
CA TRP A 163 -7.05 7.65 5.30
C TRP A 163 -7.92 7.06 4.20
N TYR A 164 -7.63 5.79 3.85
CA TYR A 164 -8.53 5.02 2.99
C TYR A 164 -9.07 3.78 3.66
N THR A 165 -10.39 3.65 3.57
CA THR A 165 -11.11 2.49 4.08
C THR A 165 -12.02 1.93 2.99
N ARG A 166 -11.93 0.62 2.76
CA ARG A 166 -12.82 -0.05 1.80
C ARG A 166 -13.47 -1.33 2.29
N ASP A 167 -14.70 -1.54 1.82
CA ASP A 167 -15.35 -2.83 1.93
C ASP A 167 -15.27 -3.36 3.38
N SER A 168 -15.82 -2.58 4.29
CA SER A 168 -15.69 -2.78 5.73
C SER A 168 -16.94 -2.32 6.48
N SER A 169 -16.95 -2.52 7.80
CA SER A 169 -18.03 -1.99 8.67
C SER A 169 -17.46 -1.37 9.95
N VAL A 170 -17.72 -0.08 10.12
CA VAL A 170 -17.38 0.63 11.34
C VAL A 170 -18.66 1.03 12.11
N GLY A 171 -18.58 1.03 13.44
CA GLY A 171 -19.68 1.53 14.27
C GLY A 171 -19.64 3.03 14.54
N GLY A 172 -18.47 3.64 14.30
CA GLY A 172 -18.27 5.06 14.49
C GLY A 172 -17.08 5.54 13.66
N TRP A 173 -17.05 6.84 13.36
CA TRP A 173 -15.93 7.47 12.69
C TRP A 173 -15.87 8.91 13.22
N GLY A 174 -14.81 9.19 13.97
CA GLY A 174 -14.76 10.40 14.78
C GLY A 174 -14.61 11.64 13.93
N ASN A 175 -13.61 11.66 13.05
CA ASN A 175 -13.16 12.93 12.50
C ASN A 175 -12.32 12.78 11.23
N GLY A 176 -12.30 13.85 10.44
CA GLY A 176 -11.47 13.99 9.27
C GLY A 176 -10.61 15.26 9.23
N VAL A 177 -9.32 15.09 8.85
CA VAL A 177 -8.29 16.13 8.86
C VAL A 177 -8.06 16.81 7.49
N TRP A 178 -7.55 16.08 6.51
CA TRP A 178 -7.44 16.57 5.12
C TRP A 178 -8.20 15.70 4.06
N ASN A 179 -8.19 14.36 4.22
CA ASN A 179 -8.82 13.49 3.21
C ASN A 179 -9.10 12.06 3.72
N MET A 180 -10.31 11.84 4.22
CA MET A 180 -10.75 10.53 4.66
C MET A 180 -11.67 10.04 3.57
N THR A 181 -11.22 9.00 2.87
CA THR A 181 -11.98 8.43 1.77
C THR A 181 -12.49 7.03 2.12
N PHE A 182 -13.72 6.78 1.71
CA PHE A 182 -14.43 5.52 1.94
C PHE A 182 -15.02 4.94 0.65
N SER A 183 -14.85 3.64 0.44
CA SER A 183 -15.68 2.96 -0.56
C SER A 183 -16.23 1.63 -0.02
N GLY A 184 -17.54 1.44 -0.13
CA GLY A 184 -18.17 0.21 0.36
C GLY A 184 -18.06 -0.04 1.85
N VAL A 185 -18.09 1.02 2.63
CA VAL A 185 -17.92 0.90 4.07
C VAL A 185 -19.25 1.08 4.85
N GLU A 186 -19.67 0.05 5.57
CA GLU A 186 -20.91 0.12 6.37
C GLU A 186 -20.66 0.99 7.59
N GLY A 187 -21.43 2.06 7.67
CA GLY A 187 -21.28 3.01 8.76
C GLY A 187 -20.33 4.16 8.45
N ALA A 188 -19.91 4.32 7.19
CA ALA A 188 -19.12 5.52 6.88
C ALA A 188 -19.98 6.76 7.09
N PRO A 189 -19.37 7.84 7.59
CA PRO A 189 -20.12 9.10 7.68
C PRO A 189 -20.47 9.62 6.27
N ALA A 190 -21.44 10.54 6.16
CA ALA A 190 -21.88 11.01 4.85
C ALA A 190 -20.82 11.84 4.13
N GLN A 191 -20.83 11.72 2.81
CA GLN A 191 -20.11 12.62 1.90
C GLN A 191 -20.32 14.09 2.28
N SER A 192 -19.24 14.83 2.48
CA SER A 192 -19.31 16.13 3.11
C SER A 192 -18.21 17.13 2.73
N PHE A 193 -17.27 16.68 1.89
CA PHE A 193 -16.14 17.52 1.47
C PHE A 193 -16.72 18.85 0.95
N PRO A 194 -16.14 20.01 1.34
CA PRO A 194 -14.98 20.29 2.18
C PRO A 194 -15.33 20.65 3.64
N GLU A 195 -16.15 19.87 4.31
CA GLU A 195 -16.18 19.91 5.77
C GLU A 195 -17.11 18.86 6.39
N PRO A 196 -16.57 17.97 7.23
CA PRO A 196 -15.20 17.44 7.20
C PRO A 196 -14.85 16.90 5.84
N PRO A 197 -13.58 16.50 5.68
CA PRO A 197 -13.20 16.09 4.34
C PRO A 197 -13.49 14.62 4.18
N TYR A 198 -14.77 14.30 4.00
CA TYR A 198 -15.20 12.93 3.81
C TYR A 198 -15.62 12.76 2.34
N THR A 199 -14.92 11.83 1.70
CA THR A 199 -15.19 11.38 0.35
C THR A 199 -15.80 9.98 0.45
N THR A 200 -17.09 9.83 0.12
CA THR A 200 -17.79 8.59 0.46
C THR A 200 -18.53 7.97 -0.72
N LEU A 201 -18.08 6.80 -1.11
CA LEU A 201 -18.68 6.02 -2.18
C LEU A 201 -19.41 4.74 -1.62
N GLU A 202 -20.63 4.50 -2.12
CA GLU A 202 -21.47 3.37 -1.70
C GLU A 202 -20.75 2.07 -1.79
N THR A 203 -20.07 1.94 -2.92
CA THR A 203 -19.38 0.73 -3.28
C THR A 203 -18.03 0.92 -3.93
N THR A 204 -17.23 -0.15 -3.90
CA THR A 204 -16.00 -0.25 -4.67
C THR A 204 -16.40 -0.89 -5.98
N PRO A 205 -15.89 -0.39 -7.12
CA PRO A 205 -16.45 -0.97 -8.35
C PRO A 205 -16.09 -2.44 -8.51
N VAL A 206 -14.83 -2.78 -8.23
CA VAL A 206 -14.44 -4.16 -8.00
C VAL A 206 -13.27 -4.19 -7.00
N SER A 207 -13.25 -5.27 -6.24
CA SER A 207 -12.15 -5.54 -5.34
C SER A 207 -12.08 -7.05 -5.20
N ARG A 208 -10.95 -7.49 -4.66
CA ARG A 208 -10.68 -8.89 -4.50
C ARG A 208 -9.71 -9.02 -3.39
N GLU A 209 -10.11 -9.76 -2.35
CA GLU A 209 -9.36 -9.74 -1.11
C GLU A 209 -7.97 -10.36 -1.28
N LYS A 210 -7.03 -9.83 -0.51
CA LYS A 210 -5.65 -10.34 -0.54
C LYS A 210 -5.61 -11.82 -0.15
N PRO A 211 -4.90 -12.65 -0.96
CA PRO A 211 -4.75 -14.05 -0.56
C PRO A 211 -4.05 -14.13 0.80
N PHE A 212 -4.44 -15.08 1.63
CA PHE A 212 -3.79 -15.30 2.92
C PHE A 212 -3.56 -16.80 3.24
N LEU A 213 -2.44 -17.07 3.90
CA LEU A 213 -2.13 -18.38 4.40
C LEU A 213 -3.01 -18.71 5.61
N TYR A 214 -3.54 -19.92 5.67
CA TYR A 214 -4.22 -20.39 6.87
C TYR A 214 -3.80 -21.82 7.20
N LEU A 215 -4.34 -22.34 8.31
CA LEU A 215 -4.14 -23.73 8.67
C LEU A 215 -5.52 -24.34 8.58
N ASP A 216 -5.69 -25.25 7.63
CA ASP A 216 -6.94 -25.97 7.50
C ASP A 216 -6.73 -27.21 8.32
N GLY A 217 -7.67 -27.46 9.23
CA GLY A 217 -7.38 -28.24 10.41
C GLY A 217 -5.90 -28.09 10.67
N ASP A 218 -5.12 -29.11 10.32
CA ASP A 218 -3.68 -29.05 10.40
C ASP A 218 -2.95 -28.99 9.04
N ASP A 219 -3.63 -28.49 8.00
CA ASP A 219 -3.08 -28.41 6.65
C ASP A 219 -2.85 -26.92 6.27
N TYR A 220 -1.60 -26.53 6.06
CA TYR A 220 -1.34 -25.19 5.50
C TYR A 220 -1.97 -25.09 4.07
N LYS A 221 -2.90 -24.14 3.93
CA LYS A 221 -3.39 -23.71 2.62
C LYS A 221 -3.37 -22.18 2.52
N VAL A 222 -3.22 -21.66 1.30
CA VAL A 222 -3.44 -20.25 1.03
C VAL A 222 -4.86 -20.13 0.43
N PHE A 223 -5.65 -19.21 0.99
CA PHE A 223 -7.02 -18.92 0.52
C PHE A 223 -6.97 -17.90 -0.59
N VAL A 224 -7.49 -18.19 -1.77
CA VAL A 224 -7.66 -17.18 -2.83
C VAL A 224 -9.15 -16.80 -2.95
N PRO A 225 -9.50 -15.64 -2.40
CA PRO A 225 -10.84 -15.04 -2.49
C PRO A 225 -11.12 -14.68 -3.92
N ALA A 226 -12.35 -14.91 -4.35
CA ALA A 226 -12.82 -14.50 -5.67
C ALA A 226 -13.29 -13.03 -5.71
N LYS A 227 -13.39 -12.49 -6.91
CA LYS A 227 -13.69 -11.10 -7.03
C LYS A 227 -15.14 -10.76 -6.67
N ARG A 228 -15.31 -9.48 -6.37
CA ARG A 228 -16.58 -8.91 -6.02
C ARG A 228 -16.76 -7.68 -6.88
N THR A 229 -17.99 -7.36 -7.19
CA THR A 229 -18.29 -6.15 -7.93
C THR A 229 -19.30 -5.29 -7.14
N ASN A 230 -19.11 -3.98 -7.19
CA ASN A 230 -19.92 -3.07 -6.41
C ASN A 230 -19.91 -3.54 -4.96
N ALA A 231 -18.70 -3.70 -4.41
CA ALA A 231 -18.53 -4.35 -3.16
C ALA A 231 -18.90 -3.43 -2.01
N ARG A 232 -19.45 -4.04 -0.97
CA ARG A 232 -19.76 -3.26 0.23
C ARG A 232 -19.75 -4.16 1.42
N GLY A 233 -19.22 -3.65 2.51
CA GLY A 233 -19.10 -4.46 3.72
C GLY A 233 -18.02 -5.53 3.55
N THR A 234 -17.86 -6.36 4.58
CA THR A 234 -16.82 -7.37 4.60
C THR A 234 -17.22 -8.59 3.74
N SER A 235 -16.23 -9.42 3.39
CA SER A 235 -16.44 -10.57 2.53
C SER A 235 -16.71 -11.82 3.39
N TRP A 236 -16.53 -11.66 4.69
CA TRP A 236 -16.51 -12.78 5.60
C TRP A 236 -17.54 -12.67 6.69
N GLY A 237 -18.16 -11.50 6.82
CA GLY A 237 -19.15 -11.31 7.88
C GLY A 237 -20.03 -12.56 7.95
N ASN A 238 -20.86 -12.77 6.92
CA ASN A 238 -21.80 -13.89 6.83
C ASN A 238 -21.24 -15.32 6.63
N GLY A 239 -19.95 -15.46 6.36
CA GLY A 239 -19.33 -16.79 6.40
C GLY A 239 -18.57 -17.36 5.21
N THR A 240 -19.29 -17.57 4.12
CA THR A 240 -18.72 -18.01 2.85
C THR A 240 -18.23 -16.87 1.93
N PRO A 241 -16.95 -16.46 2.11
CA PRO A 241 -16.31 -15.65 1.09
C PRO A 241 -15.97 -16.61 -0.05
N GLU A 242 -16.82 -16.76 -1.06
CA GLU A 242 -16.50 -17.77 -2.07
C GLU A 242 -15.11 -17.58 -2.66
N GLY A 243 -14.20 -18.47 -2.27
CA GLY A 243 -12.85 -18.45 -2.78
C GLY A 243 -12.30 -19.83 -2.92
N GLU A 244 -11.02 -19.91 -3.30
CA GLU A 244 -10.43 -21.20 -3.49
C GLU A 244 -9.31 -21.42 -2.46
N SER A 245 -8.88 -22.68 -2.29
CA SER A 245 -7.78 -22.97 -1.38
C SER A 245 -6.61 -23.79 -2.00
N LEU A 246 -5.37 -23.32 -1.79
CA LEU A 246 -4.19 -23.93 -2.38
C LEU A 246 -3.32 -24.53 -1.27
N PRO A 247 -3.05 -25.85 -1.34
CA PRO A 247 -2.15 -26.41 -0.34
C PRO A 247 -0.76 -25.84 -0.48
N LEU A 248 0.03 -26.02 0.57
CA LEU A 248 1.38 -25.54 0.59
C LEU A 248 2.12 -26.23 -0.51
N ASP A 249 1.69 -27.47 -0.80
CA ASP A 249 2.49 -28.30 -1.68
C ASP A 249 2.49 -27.84 -3.13
N GLN A 250 1.53 -27.00 -3.52
CA GLN A 250 1.58 -26.44 -4.84
C GLN A 250 2.15 -24.96 -4.80
N PHE A 251 2.90 -24.65 -3.75
CA PHE A 251 3.61 -23.37 -3.59
C PHE A 251 5.10 -23.62 -3.52
N TYR A 252 5.92 -22.84 -4.24
CA TYR A 252 7.38 -22.85 -4.04
C TYR A 252 7.72 -21.85 -2.92
N VAL A 253 8.39 -22.37 -1.90
CA VAL A 253 8.84 -21.64 -0.74
C VAL A 253 10.19 -21.01 -1.00
N VAL A 254 10.18 -19.68 -1.15
CA VAL A 254 11.39 -18.93 -1.44
C VAL A 254 12.08 -18.55 -0.13
N LYS A 255 13.31 -19.01 0.05
CA LYS A 255 14.14 -18.70 1.22
C LYS A 255 15.48 -18.09 0.74
N PRO A 256 16.28 -17.43 1.62
CA PRO A 256 17.61 -17.00 1.13
C PRO A 256 18.31 -18.14 0.39
N GLY A 257 18.96 -17.83 -0.74
CA GLY A 257 19.47 -18.88 -1.67
C GLY A 257 18.64 -19.06 -2.96
N ALA A 258 17.33 -18.83 -2.85
CA ALA A 258 16.51 -18.82 -4.06
C ALA A 258 17.10 -17.81 -5.05
N THR A 259 17.19 -18.22 -6.31
CA THR A 259 17.53 -17.32 -7.43
C THR A 259 16.36 -17.10 -8.42
N ALA A 260 16.51 -16.07 -9.25
CA ALA A 260 15.57 -15.77 -10.34
C ALA A 260 15.18 -16.96 -11.22
N GLU A 261 16.19 -17.55 -11.85
CA GLU A 261 15.92 -18.59 -12.86
C GLU A 261 15.27 -19.79 -12.14
N THR A 262 15.68 -20.06 -10.93
CA THR A 262 15.01 -21.09 -10.12
C THR A 262 13.55 -20.70 -9.83
N ILE A 263 13.34 -19.46 -9.41
CA ILE A 263 12.00 -18.95 -9.14
C ILE A 263 11.10 -19.01 -10.38
N ASN A 264 11.64 -18.57 -11.53
CA ASN A 264 10.91 -18.60 -12.82
C ASN A 264 10.60 -20.04 -13.29
N ALA A 265 11.53 -20.95 -13.03
CA ALA A 265 11.35 -22.36 -13.38
C ALA A 265 10.19 -22.95 -12.60
N ALA A 266 10.11 -22.63 -11.31
CA ALA A 266 9.00 -23.08 -10.50
C ALA A 266 7.65 -22.59 -11.06
N VAL A 267 7.54 -21.29 -11.37
CA VAL A 267 6.25 -20.76 -11.88
C VAL A 267 5.88 -21.41 -13.23
N ASP A 268 6.91 -21.69 -14.03
CA ASP A 268 6.65 -22.20 -15.35
C ASP A 268 6.23 -23.67 -15.32
N GLN A 269 6.62 -24.35 -14.27
CA GLN A 269 6.17 -25.71 -14.04
C GLN A 269 4.80 -25.76 -13.36
N GLY A 270 4.21 -24.56 -13.17
CA GLY A 270 2.87 -24.43 -12.62
C GLY A 270 2.74 -24.22 -11.11
N LEU A 271 3.84 -24.03 -10.40
CA LEU A 271 3.74 -23.76 -8.96
C LEU A 271 3.56 -22.28 -8.66
N HIS A 272 2.91 -22.00 -7.53
CA HIS A 272 2.72 -20.65 -7.04
C HIS A 272 4.00 -20.27 -6.30
N LEU A 273 4.06 -19.02 -5.81
CA LEU A 273 5.25 -18.56 -5.10
C LEU A 273 4.87 -18.04 -3.73
N LEU A 274 5.62 -18.47 -2.72
CA LEU A 274 5.47 -17.97 -1.37
C LEU A 274 6.79 -17.47 -0.88
N PHE A 275 6.91 -16.16 -0.74
CA PHE A 275 8.16 -15.58 -0.32
C PHE A 275 8.24 -15.51 1.20
N THR A 276 9.07 -16.37 1.78
CA THR A 276 9.34 -16.29 3.19
C THR A 276 10.03 -14.94 3.49
N PRO A 277 9.95 -14.50 4.74
CA PRO A 277 10.49 -13.16 5.00
C PRO A 277 12.00 -13.15 4.90
N GLY A 278 12.51 -12.08 4.32
CA GLY A 278 13.93 -11.95 4.06
C GLY A 278 14.09 -11.02 2.86
N VAL A 279 15.33 -10.88 2.41
CA VAL A 279 15.68 -9.96 1.33
C VAL A 279 16.33 -10.75 0.18
N TYR A 280 15.74 -10.67 -1.00
CA TYR A 280 16.15 -11.48 -2.17
C TYR A 280 16.74 -10.63 -3.32
N HIS A 281 18.05 -10.74 -3.52
CA HIS A 281 18.70 -10.07 -4.66
C HIS A 281 18.50 -10.98 -5.87
N VAL A 282 18.10 -10.40 -7.01
CA VAL A 282 17.91 -11.18 -8.24
C VAL A 282 18.76 -10.48 -9.31
N ASP A 283 19.35 -11.23 -10.24
CA ASP A 283 20.23 -10.66 -11.27
C ASP A 283 19.53 -10.79 -12.62
N GLN A 284 18.23 -10.98 -12.56
CA GLN A 284 17.46 -11.22 -13.73
C GLN A 284 16.01 -11.09 -13.20
N PRO A 285 15.06 -10.63 -14.04
CA PRO A 285 13.71 -10.41 -13.48
C PRO A 285 12.90 -11.67 -13.13
N ILE A 286 12.12 -11.57 -12.06
CA ILE A 286 11.11 -12.58 -11.74
C ILE A 286 9.89 -12.49 -12.66
N GLU A 287 9.60 -13.60 -13.35
CA GLU A 287 8.64 -13.58 -14.44
C GLU A 287 7.42 -14.45 -14.12
N ILE A 288 6.24 -13.85 -14.14
CA ILE A 288 5.05 -14.59 -13.86
C ILE A 288 4.17 -14.55 -15.08
N ASP A 289 4.31 -15.61 -15.88
CA ASP A 289 3.68 -15.72 -17.18
C ASP A 289 2.82 -17.00 -17.28
N ARG A 290 2.20 -17.35 -16.15
CA ARG A 290 1.10 -18.31 -16.08
C ARG A 290 -0.15 -17.70 -15.40
N ALA A 291 -1.31 -17.91 -16.03
CA ALA A 291 -2.54 -17.41 -15.49
C ALA A 291 -2.78 -17.96 -14.09
N ASN A 292 -3.35 -17.13 -13.21
CA ASN A 292 -3.78 -17.52 -11.86
C ASN A 292 -2.64 -17.70 -10.85
N THR A 293 -1.41 -17.40 -11.22
CA THR A 293 -0.28 -17.53 -10.29
C THR A 293 -0.43 -16.59 -9.10
N VAL A 294 -0.52 -17.14 -7.90
CA VAL A 294 -0.41 -16.37 -6.65
C VAL A 294 1.03 -16.25 -6.29
N ALA A 295 1.44 -15.01 -6.07
CA ALA A 295 2.74 -14.70 -5.51
C ALA A 295 2.51 -13.90 -4.21
N LEU A 296 2.60 -14.60 -3.09
CA LEU A 296 2.30 -14.03 -1.79
C LEU A 296 3.58 -13.93 -0.95
N GLY A 297 3.82 -12.75 -0.41
CA GLY A 297 4.94 -12.50 0.48
C GLY A 297 4.56 -12.47 1.96
N LEU A 298 5.48 -12.92 2.80
CA LEU A 298 5.34 -12.82 4.25
C LEU A 298 6.44 -11.91 4.83
N GLY A 299 6.17 -11.38 6.01
CA GLY A 299 7.16 -10.62 6.77
C GLY A 299 7.84 -9.48 6.03
N LEU A 300 7.11 -8.83 5.12
CA LEU A 300 7.64 -7.76 4.28
C LEU A 300 8.83 -8.27 3.44
N ALA A 301 8.72 -9.51 2.98
CA ALA A 301 9.67 -10.07 2.03
C ALA A 301 9.97 -9.04 0.92
N THR A 302 11.26 -8.93 0.64
CA THR A 302 11.80 -7.87 -0.19
C THR A 302 12.60 -8.42 -1.39
N ILE A 303 12.42 -7.79 -2.55
CA ILE A 303 13.19 -8.10 -3.75
C ILE A 303 14.03 -6.91 -4.14
N ILE A 304 15.34 -7.14 -4.28
CA ILE A 304 16.26 -6.14 -4.79
C ILE A 304 16.83 -6.55 -6.17
N PRO A 305 16.68 -5.68 -7.18
CA PRO A 305 17.25 -5.92 -8.51
C PRO A 305 18.69 -5.46 -8.57
N ASP A 306 19.59 -6.39 -8.82
CA ASP A 306 21.00 -6.09 -9.11
C ASP A 306 21.21 -5.78 -10.61
N ASN A 307 22.36 -5.22 -10.98
CA ASN A 307 22.74 -5.05 -12.39
C ASN A 307 21.76 -4.24 -13.27
N GLY A 308 20.90 -3.45 -12.62
CA GLY A 308 19.92 -2.60 -13.30
C GLY A 308 18.77 -3.34 -13.97
N VAL A 309 18.53 -4.59 -13.58
CA VAL A 309 17.40 -5.31 -14.15
C VAL A 309 16.06 -4.88 -13.55
N THR A 310 15.00 -5.28 -14.22
CA THR A 310 13.66 -5.14 -13.67
C THR A 310 13.43 -6.25 -12.61
N ALA A 311 12.84 -5.92 -11.46
CA ALA A 311 12.57 -6.93 -10.45
C ALA A 311 11.49 -7.96 -10.81
N LEU A 312 10.36 -7.48 -11.32
CA LEU A 312 9.18 -8.31 -11.49
C LEU A 312 8.45 -7.95 -12.78
N LYS A 313 8.15 -8.98 -13.57
CA LYS A 313 7.41 -8.84 -14.81
C LYS A 313 6.28 -9.85 -14.83
N VAL A 314 5.06 -9.37 -14.85
CA VAL A 314 3.91 -10.25 -15.10
C VAL A 314 3.60 -10.20 -16.59
N GLY A 315 3.35 -11.38 -17.17
CA GLY A 315 3.05 -11.47 -18.58
C GLY A 315 1.58 -11.15 -18.84
N ASP A 316 1.15 -11.37 -20.07
CA ASP A 316 -0.17 -10.91 -20.49
C ASP A 316 -1.26 -11.94 -20.22
N VAL A 317 -1.47 -12.26 -18.96
CA VAL A 317 -2.38 -13.36 -18.63
C VAL A 317 -3.29 -12.99 -17.45
N ASP A 318 -4.42 -13.68 -17.37
CA ASP A 318 -5.41 -13.44 -16.35
C ASP A 318 -4.90 -13.88 -14.96
N GLY A 319 -5.57 -13.36 -13.92
CA GLY A 319 -5.61 -14.04 -12.66
C GLY A 319 -4.39 -13.91 -11.73
N VAL A 320 -3.34 -13.19 -12.13
CA VAL A 320 -2.11 -13.15 -11.32
C VAL A 320 -2.26 -12.23 -10.12
N LYS A 321 -2.02 -12.78 -8.94
CA LYS A 321 -2.24 -12.08 -7.66
C LYS A 321 -0.90 -11.95 -6.96
N VAL A 322 -0.34 -10.74 -7.05
CA VAL A 322 0.90 -10.40 -6.39
C VAL A 322 0.55 -9.62 -5.12
N ALA A 323 1.15 -10.05 -4.02
CA ALA A 323 0.89 -9.36 -2.74
C ALA A 323 1.92 -9.55 -1.66
N GLY A 324 2.08 -8.46 -0.90
CA GLY A 324 2.87 -8.45 0.30
C GLY A 324 4.36 -8.44 0.03
N LEU A 325 4.79 -7.71 -1.01
CA LEU A 325 6.19 -7.62 -1.38
C LEU A 325 6.68 -6.16 -1.37
N LEU A 326 7.90 -5.96 -0.87
CA LEU A 326 8.61 -4.70 -1.03
C LEU A 326 9.61 -4.89 -2.17
N VAL A 327 9.56 -4.03 -3.18
CA VAL A 327 10.61 -3.98 -4.19
C VAL A 327 11.57 -2.82 -3.84
N ASP A 328 12.85 -3.11 -3.59
CA ASP A 328 13.80 -2.10 -3.13
C ASP A 328 14.88 -1.89 -4.20
N ALA A 329 14.93 -0.71 -4.80
CA ALA A 329 15.85 -0.54 -5.92
C ALA A 329 17.31 -0.73 -5.49
N GLY A 330 18.09 -1.29 -6.40
CA GLY A 330 19.53 -1.35 -6.23
C GLY A 330 20.25 -0.06 -6.63
N PRO A 331 21.54 0.02 -6.29
CA PRO A 331 22.36 1.16 -6.67
C PRO A 331 22.31 1.42 -8.18
N VAL A 332 22.49 0.38 -8.99
CA VAL A 332 22.47 0.53 -10.44
C VAL A 332 21.06 0.84 -10.95
N ASN A 333 20.95 1.92 -11.73
CA ASN A 333 19.65 2.34 -12.23
C ASN A 333 18.95 1.23 -13.00
N SER A 334 17.76 0.87 -12.51
CA SER A 334 16.87 0.02 -13.29
C SER A 334 15.90 0.82 -14.16
N GLU A 335 15.74 0.42 -15.43
CA GLU A 335 14.73 1.06 -16.29
C GLU A 335 13.33 1.06 -15.70
N THR A 336 12.94 -0.10 -15.22
CA THR A 336 11.69 -0.24 -14.49
C THR A 336 11.93 -1.20 -13.32
N LEU A 337 11.10 -1.12 -12.30
CA LEU A 337 11.16 -2.08 -11.21
C LEU A 337 10.11 -3.19 -11.32
N VAL A 338 8.88 -2.82 -11.72
CA VAL A 338 7.78 -3.73 -11.78
C VAL A 338 7.02 -3.40 -13.06
N GLU A 339 6.87 -4.41 -13.91
CA GLU A 339 6.10 -4.29 -15.13
C GLU A 339 4.94 -5.30 -15.08
N VAL A 340 3.74 -4.79 -15.27
CA VAL A 340 2.53 -5.59 -15.27
C VAL A 340 2.02 -5.61 -16.70
N GLY A 341 2.31 -6.73 -17.40
CA GLY A 341 2.04 -6.88 -18.82
C GLY A 341 3.14 -6.32 -19.71
N SER A 342 3.06 -6.62 -21.00
CA SER A 342 4.02 -6.09 -21.97
C SER A 342 3.56 -4.76 -22.61
N ASP A 343 4.49 -3.95 -23.11
CA ASP A 343 4.11 -2.71 -23.77
C ASP A 343 3.40 -3.10 -25.05
N GLY A 344 2.27 -2.44 -25.31
CA GLY A 344 1.43 -2.85 -26.43
C GLY A 344 0.36 -3.88 -26.06
N ALA A 345 0.29 -4.28 -24.78
CA ALA A 345 -0.69 -5.30 -24.34
C ALA A 345 -2.08 -4.76 -24.58
N SER A 346 -2.92 -5.49 -25.29
CA SER A 346 -4.22 -4.91 -25.65
C SER A 346 -5.42 -5.88 -25.68
N GLY A 347 -5.31 -6.96 -24.93
CA GLY A 347 -6.45 -7.79 -24.65
C GLY A 347 -7.00 -7.47 -23.28
N ASP A 348 -8.13 -8.10 -22.96
CA ASP A 348 -8.84 -7.89 -21.71
C ASP A 348 -8.53 -8.89 -20.60
N HIS A 349 -8.82 -8.52 -19.35
CA HIS A 349 -8.83 -9.49 -18.26
C HIS A 349 -9.92 -9.15 -17.28
N ALA A 350 -11.10 -8.78 -17.78
CA ALA A 350 -12.15 -8.23 -16.95
C ALA A 350 -12.75 -9.27 -16.02
N ALA A 351 -12.96 -10.48 -16.54
CA ALA A 351 -13.48 -11.54 -15.71
C ALA A 351 -12.53 -11.88 -14.57
N ASN A 352 -11.23 -11.90 -14.84
CA ASN A 352 -10.26 -12.44 -13.90
C ASN A 352 -8.99 -11.62 -13.99
N PRO A 353 -9.07 -10.40 -13.42
CA PRO A 353 -7.94 -9.49 -13.58
C PRO A 353 -6.67 -9.89 -12.83
N THR A 354 -5.57 -9.26 -13.23
CA THR A 354 -4.35 -9.31 -12.47
C THR A 354 -4.37 -8.23 -11.39
N SER A 355 -3.71 -8.53 -10.28
CA SER A 355 -3.76 -7.69 -9.08
C SER A 355 -2.38 -7.50 -8.48
N LEU A 356 -2.15 -6.29 -7.94
CA LEU A 356 -1.03 -5.97 -7.07
C LEU A 356 -1.62 -5.45 -5.78
N GLN A 357 -1.37 -6.13 -4.66
CA GLN A 357 -1.88 -5.71 -3.36
C GLN A 357 -0.81 -5.64 -2.31
N ASP A 358 -0.80 -4.57 -1.52
CA ASP A 358 0.27 -4.35 -0.56
C ASP A 358 1.61 -4.61 -1.24
N VAL A 359 1.81 -4.00 -2.41
CA VAL A 359 3.07 -4.04 -3.09
C VAL A 359 3.65 -2.65 -2.92
N PHE A 360 4.88 -2.62 -2.39
CA PHE A 360 5.55 -1.36 -2.02
C PHE A 360 6.85 -1.26 -2.80
N VAL A 361 7.22 -0.04 -3.19
CA VAL A 361 8.47 0.21 -3.89
C VAL A 361 9.24 1.24 -3.06
N ARG A 362 10.54 1.01 -2.88
CA ARG A 362 11.43 1.99 -2.25
C ARG A 362 12.59 2.29 -3.19
N ILE A 363 12.96 3.57 -3.29
CA ILE A 363 14.19 3.93 -3.99
C ILE A 363 15.04 4.79 -3.08
N GLY A 364 16.13 4.21 -2.58
CA GLY A 364 17.01 4.88 -1.63
C GLY A 364 16.61 4.63 -0.17
N GLY A 365 17.39 5.24 0.73
CA GLY A 365 17.12 5.25 2.15
C GLY A 365 17.94 4.19 2.95
N ALA A 366 17.94 2.97 2.44
CA ALA A 366 18.75 1.92 3.04
C ALA A 366 20.04 1.82 2.22
N GLY A 367 20.52 2.97 1.75
CA GLY A 367 21.56 3.02 0.75
C GLY A 367 21.09 3.43 -0.65
N PRO A 368 22.04 3.64 -1.55
CA PRO A 368 21.76 4.21 -2.86
C PRO A 368 20.78 3.37 -3.66
N GLY A 369 19.75 4.01 -4.18
CA GLY A 369 18.79 3.32 -5.03
C GLY A 369 18.39 4.24 -6.16
N LYS A 370 18.23 3.67 -7.36
CA LYS A 370 17.81 4.42 -8.52
C LYS A 370 16.97 3.58 -9.49
N ALA A 371 15.93 4.19 -10.03
CA ALA A 371 15.13 3.61 -11.09
C ALA A 371 14.37 4.69 -11.87
N THR A 372 14.15 4.46 -13.18
CA THR A 372 13.50 5.47 -14.02
C THR A 372 11.97 5.54 -13.83
N THR A 373 11.30 4.40 -14.00
CA THR A 373 9.85 4.32 -13.93
C THR A 373 9.50 3.12 -13.03
N SER A 374 9.01 3.35 -11.82
CA SER A 374 8.96 2.29 -10.81
C SER A 374 7.98 1.15 -11.14
N ILE A 375 6.73 1.51 -11.46
CA ILE A 375 5.69 0.56 -11.81
C ILE A 375 5.04 0.98 -13.15
N VAL A 376 5.15 0.11 -14.16
CA VAL A 376 4.43 0.28 -15.41
C VAL A 376 3.28 -0.71 -15.46
N VAL A 377 2.05 -0.22 -15.55
CA VAL A 377 0.87 -1.06 -15.62
C VAL A 377 0.37 -1.04 -17.06
N ASN A 378 0.72 -2.08 -17.79
CA ASN A 378 0.21 -2.30 -19.15
C ASN A 378 -1.08 -3.12 -19.23
N SER A 379 -1.28 -4.07 -18.33
CA SER A 379 -2.42 -5.04 -18.46
C SER A 379 -3.81 -4.42 -18.16
N ASN A 380 -4.61 -4.30 -19.22
CA ASN A 380 -6.02 -3.91 -19.11
C ASN A 380 -6.69 -4.58 -17.90
N ASP A 381 -7.60 -3.86 -17.27
CA ASP A 381 -8.37 -4.34 -16.12
C ASP A 381 -7.58 -4.67 -14.83
N THR A 382 -6.31 -4.32 -14.79
CA THR A 382 -5.49 -4.59 -13.61
C THR A 382 -6.02 -3.80 -12.41
N ILE A 383 -6.04 -4.45 -11.26
CA ILE A 383 -6.40 -3.82 -9.98
C ILE A 383 -5.12 -3.51 -9.19
N ILE A 384 -4.92 -2.24 -8.82
CA ILE A 384 -3.86 -1.83 -7.91
C ILE A 384 -4.53 -1.49 -6.54
N ASP A 385 -4.56 -2.43 -5.60
CA ASP A 385 -5.27 -2.30 -4.31
C ASP A 385 -4.25 -2.23 -3.14
N HIS A 386 -3.88 -0.99 -2.81
CA HIS A 386 -2.87 -0.61 -1.82
C HIS A 386 -1.43 -0.77 -2.31
N THR A 387 -0.86 0.37 -2.66
CA THR A 387 0.55 0.44 -3.05
C THR A 387 1.15 1.72 -2.48
N TRP A 388 2.39 1.63 -2.02
CA TRP A 388 3.19 2.79 -1.65
C TRP A 388 4.43 2.73 -2.52
N VAL A 389 4.56 3.71 -3.39
CA VAL A 389 5.66 3.81 -4.32
C VAL A 389 6.41 5.08 -3.87
N TRP A 390 7.62 4.90 -3.33
CA TRP A 390 8.26 5.89 -2.49
C TRP A 390 9.75 6.10 -2.84
N ARG A 391 10.04 7.24 -3.45
CA ARG A 391 11.44 7.69 -3.56
C ARG A 391 11.77 8.17 -2.14
N ALA A 392 12.87 7.68 -1.60
CA ALA A 392 13.21 7.97 -0.23
C ALA A 392 13.55 9.43 -0.02
N ASP A 393 13.00 10.00 1.06
CA ASP A 393 13.30 11.39 1.46
C ASP A 393 14.20 11.45 2.69
N HIS A 394 14.60 10.30 3.23
CA HIS A 394 15.49 10.28 4.42
C HIS A 394 16.08 8.89 4.50
N GLY A 395 16.92 8.67 5.51
CA GLY A 395 17.76 7.49 5.53
C GLY A 395 19.10 7.77 4.84
N GLU A 396 19.80 6.70 4.44
CA GLU A 396 21.07 6.81 3.70
C GLU A 396 20.93 6.61 2.18
N GLY A 397 21.85 7.22 1.46
CA GLY A 397 21.97 7.03 0.05
C GLY A 397 20.90 7.78 -0.71
N VAL A 398 20.53 8.96 -0.22
CA VAL A 398 19.50 9.79 -0.82
C VAL A 398 20.04 11.18 -1.19
N GLY A 399 19.98 11.49 -2.48
CA GLY A 399 20.18 12.86 -2.97
C GLY A 399 19.32 13.15 -4.21
N TRP A 400 19.24 14.42 -4.60
CA TRP A 400 18.50 14.83 -5.83
C TRP A 400 18.95 14.02 -7.06
N GLU A 401 20.25 13.76 -7.19
CA GLU A 401 20.72 12.81 -8.20
C GLU A 401 20.99 11.42 -7.56
N THR A 402 21.49 11.41 -6.33
CA THR A 402 21.96 10.15 -5.73
C THR A 402 20.88 9.05 -5.72
N ASN A 403 19.67 9.39 -5.27
CA ASN A 403 18.51 8.49 -5.45
C ASN A 403 17.44 9.04 -6.41
N ARG A 404 17.86 9.64 -7.52
CA ARG A 404 16.91 10.08 -8.55
C ARG A 404 16.06 8.90 -9.03
N ALA A 405 14.77 9.20 -9.13
CA ALA A 405 13.77 8.35 -9.72
C ALA A 405 12.75 9.28 -10.35
N ASP A 406 12.76 9.35 -11.68
CA ASP A 406 11.90 10.30 -12.33
C ASP A 406 10.42 10.03 -12.21
N TYR A 407 10.00 8.78 -12.41
CA TYR A 407 8.58 8.44 -12.58
C TYR A 407 8.17 7.31 -11.66
N GLY A 408 7.06 7.54 -10.97
CA GLY A 408 6.57 6.60 -10.00
C GLY A 408 5.77 5.50 -10.63
N VAL A 409 4.54 5.83 -11.03
CA VAL A 409 3.67 4.87 -11.68
C VAL A 409 3.23 5.40 -13.01
N HIS A 410 3.23 4.51 -14.00
CA HIS A 410 2.77 4.83 -15.33
C HIS A 410 1.73 3.79 -15.73
N VAL A 411 0.48 4.22 -15.83
CA VAL A 411 -0.58 3.31 -16.24
C VAL A 411 -0.91 3.49 -17.72
N LYS A 412 -0.70 2.42 -18.48
CA LYS A 412 -0.98 2.38 -19.92
C LYS A 412 -2.30 1.64 -20.23
N GLY A 413 -2.66 0.66 -19.42
CA GLY A 413 -3.77 -0.22 -19.75
C GLY A 413 -5.10 0.46 -19.51
N ASP A 414 -6.14 -0.10 -20.10
CA ASP A 414 -7.50 0.41 -20.00
C ASP A 414 -8.23 -0.28 -18.86
N ASN A 415 -9.30 0.37 -18.36
CA ASN A 415 -10.13 -0.14 -17.26
C ASN A 415 -9.32 -0.43 -15.97
N VAL A 416 -8.20 0.27 -15.76
CA VAL A 416 -7.39 0.01 -14.56
C VAL A 416 -7.98 0.73 -13.37
N LEU A 417 -8.06 0.03 -12.24
CA LEU A 417 -8.60 0.55 -10.97
C LEU A 417 -7.49 0.58 -9.91
N ALA A 418 -7.29 1.74 -9.31
CA ALA A 418 -6.38 1.88 -8.17
C ALA A 418 -7.21 2.29 -6.95
N THR A 419 -7.12 1.48 -5.90
CA THR A 419 -7.77 1.72 -4.62
C THR A 419 -6.70 1.81 -3.51
N GLY A 420 -6.53 3.00 -2.94
CA GLY A 420 -5.47 3.24 -1.97
C GLY A 420 -4.11 3.44 -2.62
N LEU A 421 -3.97 4.52 -3.38
CA LEU A 421 -2.75 4.79 -4.14
C LEU A 421 -1.88 5.83 -3.42
N PHE A 422 -0.70 5.42 -2.97
CA PHE A 422 0.25 6.32 -2.29
C PHE A 422 1.58 6.37 -3.09
N VAL A 423 1.95 7.56 -3.56
CA VAL A 423 3.08 7.73 -4.45
C VAL A 423 3.74 9.07 -4.11
N GLU A 424 5.04 9.06 -3.82
CA GLU A 424 5.71 10.26 -3.29
C GLU A 424 7.20 10.46 -3.69
N HIS A 425 7.52 11.72 -3.97
CA HIS A 425 8.86 12.31 -3.99
C HIS A 425 9.63 12.17 -5.32
N PHE A 426 8.97 11.71 -6.38
CA PHE A 426 9.63 11.51 -7.67
C PHE A 426 10.17 12.81 -8.31
N ASN A 427 11.26 12.70 -9.07
CA ASN A 427 11.86 13.90 -9.66
C ASN A 427 10.98 14.54 -10.74
N LYS A 428 10.22 13.68 -11.45
CA LYS A 428 9.29 14.09 -12.51
C LYS A 428 7.84 13.68 -12.04
N TYR A 429 7.00 13.13 -12.92
CA TYR A 429 5.63 12.75 -12.59
C TYR A 429 5.57 11.57 -11.64
N ASP A 430 4.91 11.76 -10.50
CA ASP A 430 4.74 10.67 -9.56
C ASP A 430 3.83 9.60 -10.19
N VAL A 431 2.71 10.06 -10.71
CA VAL A 431 1.75 9.25 -11.44
C VAL A 431 1.35 9.87 -12.79
N GLN A 432 1.51 9.08 -13.86
CA GLN A 432 0.98 9.39 -15.18
C GLN A 432 0.00 8.30 -15.64
N TRP A 433 -1.11 8.73 -16.25
CA TRP A 433 -2.19 7.87 -16.68
C TRP A 433 -2.56 8.17 -18.14
N SER A 434 -2.48 7.15 -18.98
CA SER A 434 -2.76 7.30 -20.39
C SER A 434 -3.68 6.28 -20.98
N GLY A 435 -3.92 5.17 -20.28
CA GLY A 435 -4.99 4.26 -20.68
C GLY A 435 -6.34 4.94 -20.47
N GLU A 436 -7.40 4.28 -20.90
CA GLU A 436 -8.76 4.80 -20.85
C GLU A 436 -9.49 4.25 -19.63
N ASN A 437 -10.61 4.90 -19.31
CA ASN A 437 -11.54 4.52 -18.25
C ASN A 437 -10.83 4.08 -17.00
N GLY A 438 -9.81 4.86 -16.63
CA GLY A 438 -9.06 4.64 -15.41
C GLY A 438 -9.87 5.20 -14.25
N LYS A 439 -9.68 4.59 -13.09
CA LYS A 439 -10.36 4.97 -11.87
C LYS A 439 -9.37 4.92 -10.70
N THR A 440 -9.27 6.02 -9.94
CA THR A 440 -8.47 6.05 -8.72
C THR A 440 -9.38 6.49 -7.56
N ILE A 441 -9.53 5.62 -6.57
CA ILE A 441 -10.19 5.93 -5.31
C ILE A 441 -9.12 6.02 -4.22
N PHE A 442 -8.91 7.27 -3.81
CA PHE A 442 -7.93 7.69 -2.84
C PHE A 442 -6.52 7.76 -3.42
N TYR A 443 -5.96 8.97 -3.38
CA TYR A 443 -4.57 9.26 -3.70
C TYR A 443 -3.90 10.12 -2.64
N GLN A 444 -2.70 9.70 -2.24
CA GLN A 444 -1.87 10.51 -1.39
C GLN A 444 -0.52 10.68 -2.05
N ASN A 445 -0.09 11.94 -2.18
CA ASN A 445 1.19 12.29 -2.76
C ASN A 445 1.87 13.35 -1.93
N ALA A 446 3.19 13.22 -1.79
CA ALA A 446 4.03 14.38 -1.46
C ALA A 446 5.03 14.57 -2.60
N LYS A 447 5.36 15.82 -2.92
CA LYS A 447 6.31 16.13 -3.96
C LYS A 447 7.74 15.98 -3.44
N ALA A 448 8.69 15.91 -4.35
CA ALA A 448 10.10 15.80 -3.99
C ALA A 448 10.45 17.00 -3.11
N TYR A 449 11.15 16.72 -2.02
CA TYR A 449 11.68 17.72 -1.07
C TYR A 449 12.95 18.44 -1.45
N ASP A 450 13.82 17.66 -2.08
CA ASP A 450 15.21 18.01 -2.28
C ASP A 450 15.43 18.70 -3.64
N ALA A 451 14.33 19.08 -4.31
CA ALA A 451 14.44 19.84 -5.55
C ALA A 451 15.27 21.11 -5.24
N PRO A 452 16.41 21.28 -5.93
CA PRO A 452 17.39 22.35 -5.65
C PRO A 452 16.96 23.75 -6.02
N ASP A 453 16.15 23.86 -7.06
CA ASP A 453 15.66 25.16 -7.53
C ASP A 453 14.57 24.97 -8.55
N GLN A 454 14.05 26.09 -9.03
CA GLN A 454 12.97 26.07 -10.01
C GLN A 454 13.35 25.39 -11.37
N ALA A 455 14.60 25.57 -11.81
CA ALA A 455 15.00 25.08 -13.13
C ALA A 455 14.98 23.54 -13.14
N ALA A 456 15.47 22.95 -12.06
CA ALA A 456 15.50 21.51 -11.93
C ALA A 456 14.14 20.79 -12.06
N ILE A 457 13.01 21.48 -11.82
CA ILE A 457 11.70 20.82 -11.97
C ILE A 457 10.83 21.38 -13.08
N GLN A 458 11.45 22.16 -13.94
CA GLN A 458 10.70 22.81 -15.02
C GLN A 458 10.07 21.77 -16.00
N ASN A 459 8.75 21.87 -16.25
CA ASN A 459 8.06 20.95 -17.20
C ASN A 459 7.83 21.68 -18.52
N GLY A 460 8.88 21.69 -19.33
CA GLY A 460 8.68 21.97 -20.74
C GLY A 460 8.30 23.40 -20.96
N ASP A 461 7.20 23.85 -20.35
CA ASP A 461 6.83 25.26 -20.16
C ASP A 461 5.98 25.48 -18.81
N ILE A 462 5.85 24.44 -17.97
CA ILE A 462 5.06 24.44 -16.71
C ILE A 462 6.01 24.39 -15.53
N LYS A 463 5.67 25.05 -14.42
CA LYS A 463 6.46 24.94 -13.18
C LYS A 463 6.13 23.64 -12.40
N GLY A 464 7.11 22.75 -12.32
CA GLY A 464 6.91 21.50 -11.62
C GLY A 464 6.21 20.46 -12.50
N TYR A 465 6.26 19.21 -12.03
CA TYR A 465 5.50 18.10 -12.63
C TYR A 465 4.32 17.70 -11.75
N ALA A 466 3.13 17.59 -12.34
CA ALA A 466 1.98 17.12 -11.60
C ALA A 466 2.31 15.86 -10.81
N ALA A 467 1.72 15.76 -9.62
CA ALA A 467 1.69 14.51 -8.88
C ALA A 467 0.88 13.44 -9.61
N TYR A 468 -0.11 13.90 -10.38
CA TYR A 468 -1.05 13.01 -11.04
C TYR A 468 -1.45 13.64 -12.36
N LYS A 469 -1.00 13.03 -13.47
CA LYS A 469 -1.17 13.56 -14.82
C LYS A 469 -1.84 12.63 -15.84
N VAL A 470 -3.07 12.94 -16.21
CA VAL A 470 -3.77 12.22 -17.27
C VAL A 470 -3.37 12.85 -18.65
N ASP A 471 -2.82 12.05 -19.58
CA ASP A 471 -2.48 12.48 -20.95
C ASP A 471 -3.67 13.30 -21.44
N ASP A 472 -3.43 14.41 -22.14
CA ASP A 472 -4.51 15.19 -22.71
C ASP A 472 -5.33 14.41 -23.79
N SER A 473 -4.85 13.24 -24.22
CA SER A 473 -5.49 12.50 -25.31
C SER A 473 -6.49 11.49 -24.78
N VAL A 474 -6.49 11.35 -23.46
CA VAL A 474 -7.39 10.42 -22.81
C VAL A 474 -8.81 10.96 -22.85
N THR A 475 -9.75 10.04 -23.06
CA THR A 475 -11.15 10.42 -23.26
C THR A 475 -11.95 10.18 -21.97
N THR A 476 -11.52 9.16 -21.23
CA THR A 476 -12.28 8.68 -20.08
C THR A 476 -11.37 8.41 -18.86
N HIS A 477 -11.70 8.99 -17.70
CA HIS A 477 -10.93 8.87 -16.44
C HIS A 477 -11.76 9.36 -15.23
N GLU A 478 -11.60 8.74 -14.06
CA GLU A 478 -12.23 9.26 -12.82
C GLU A 478 -11.39 9.08 -11.54
N GLY A 479 -11.22 10.17 -10.77
CA GLY A 479 -10.63 10.10 -9.45
C GLY A 479 -11.45 10.68 -8.30
N TRP A 480 -11.27 10.13 -7.09
CA TRP A 480 -11.95 10.57 -5.87
C TRP A 480 -10.99 10.63 -4.69
N GLY A 481 -10.96 11.75 -3.97
CA GLY A 481 -10.30 11.86 -2.69
C GLY A 481 -8.78 11.82 -2.87
N MET A 482 -8.27 12.88 -3.52
CA MET A 482 -6.89 12.92 -3.97
C MET A 482 -6.18 14.19 -3.49
N GLY A 483 -5.00 13.99 -2.91
CA GLY A 483 -4.23 15.09 -2.37
C GLY A 483 -2.75 14.99 -2.67
N SER A 484 -2.16 16.16 -2.93
CA SER A 484 -0.75 16.30 -3.16
C SER A 484 -0.22 17.39 -2.21
N TYR A 485 0.85 17.08 -1.50
CA TYR A 485 1.44 18.01 -0.53
C TYR A 485 2.88 18.34 -0.90
N CYS A 486 3.35 19.52 -0.53
CA CYS A 486 4.71 19.91 -0.88
C CYS A 486 5.47 20.37 0.34
N TYR A 487 6.77 20.17 0.28
CA TYR A 487 7.66 20.54 1.36
C TYR A 487 9.02 20.70 0.71
N PHE A 488 9.13 21.79 -0.03
CA PHE A 488 10.34 22.09 -0.75
C PHE A 488 11.26 22.76 0.22
N ASN A 489 11.95 21.97 0.97
CA ASN A 489 12.59 22.59 2.10
C ASN A 489 14.07 22.88 1.79
N VAL A 490 14.61 22.14 0.86
CA VAL A 490 15.88 22.49 0.21
C VAL A 490 15.81 23.93 -0.35
N ASN A 491 14.70 24.30 -1.01
CA ASN A 491 14.52 25.66 -1.51
C ASN A 491 13.06 26.05 -1.44
N PRO A 492 12.67 26.61 -0.29
CA PRO A 492 11.29 27.00 -0.01
C PRO A 492 10.70 28.08 -0.88
N ASP A 493 11.47 28.64 -1.80
CA ASP A 493 10.95 29.69 -2.67
C ASP A 493 10.40 29.08 -4.01
N ILE A 494 10.50 27.75 -4.12
CA ILE A 494 9.99 27.01 -5.28
C ILE A 494 8.49 27.13 -5.35
N ARG A 495 7.99 27.12 -6.58
CA ARG A 495 6.55 27.07 -6.83
C ARG A 495 6.19 25.85 -7.65
N GLN A 496 5.12 25.17 -7.24
CA GLN A 496 4.55 24.03 -7.98
C GLN A 496 3.24 24.48 -8.66
N GLN A 497 3.13 24.42 -9.99
CA GLN A 497 1.95 25.00 -10.61
C GLN A 497 0.65 24.30 -10.18
N HIS A 498 0.73 23.00 -9.99
CA HIS A 498 -0.44 22.25 -9.58
C HIS A 498 -0.13 20.84 -9.08
N GLY A 499 -1.09 20.28 -8.33
CA GLY A 499 -1.09 18.90 -7.91
C GLY A 499 -1.46 17.89 -9.02
N PHE A 500 -2.40 18.30 -9.85
CA PHE A 500 -3.03 17.46 -10.83
C PHE A 500 -3.03 18.16 -12.16
N GLN A 501 -3.02 17.34 -13.20
CA GLN A 501 -3.04 17.85 -14.55
C GLN A 501 -3.83 16.88 -15.40
N ALA A 502 -4.85 17.37 -16.08
CA ALA A 502 -5.70 16.46 -16.80
C ALA A 502 -6.57 17.27 -17.77
N PRO A 503 -6.80 16.70 -18.98
CA PRO A 503 -7.70 17.31 -19.94
C PRO A 503 -9.04 17.75 -19.37
N VAL A 504 -9.59 18.81 -19.97
CA VAL A 504 -10.95 19.27 -19.66
C VAL A 504 -11.93 18.69 -20.68
N LYS A 505 -12.64 17.64 -20.24
CA LYS A 505 -13.51 16.81 -21.09
C LYS A 505 -14.61 16.23 -20.21
N PRO A 506 -15.82 16.08 -20.76
CA PRO A 506 -16.87 15.48 -19.93
C PRO A 506 -16.57 14.09 -19.39
N GLY A 507 -15.90 13.27 -20.17
CA GLY A 507 -15.58 11.91 -19.72
C GLY A 507 -14.46 11.89 -18.68
N VAL A 508 -13.93 13.06 -18.34
CA VAL A 508 -12.82 13.16 -17.36
C VAL A 508 -13.24 13.98 -16.14
N LYS A 509 -13.47 13.29 -15.02
CA LYS A 509 -14.06 13.92 -13.85
C LYS A 509 -13.20 13.64 -12.63
N PHE A 510 -13.08 14.64 -11.74
CA PHE A 510 -12.45 14.47 -10.43
C PHE A 510 -13.37 15.00 -9.35
N HIS A 511 -13.26 14.34 -8.21
CA HIS A 511 -13.97 14.67 -7.00
C HIS A 511 -12.98 14.86 -5.87
N ASP A 512 -13.22 15.91 -5.09
CA ASP A 512 -12.55 16.18 -3.83
C ASP A 512 -11.03 16.10 -3.97
N LEU A 513 -10.47 17.11 -4.64
CA LEU A 513 -9.04 17.28 -4.81
C LEU A 513 -8.51 18.34 -3.86
N LEU A 514 -7.28 18.17 -3.41
CA LEU A 514 -6.64 19.16 -2.55
C LEU A 514 -5.13 19.20 -2.76
N VAL A 515 -4.55 20.39 -2.52
CA VAL A 515 -3.13 20.50 -2.38
C VAL A 515 -2.81 21.28 -1.12
N VAL A 516 -1.63 21.04 -0.59
CA VAL A 516 -1.27 21.51 0.75
C VAL A 516 0.25 21.75 0.81
N SER A 517 0.66 22.96 1.17
CA SER A 517 2.04 23.25 1.46
C SER A 517 2.32 23.00 2.93
N LEU A 518 3.43 22.34 3.22
CA LEU A 518 3.75 21.89 4.57
C LEU A 518 4.77 22.82 5.24
N GLY A 519 4.30 23.59 6.21
CA GLY A 519 5.17 24.54 6.90
C GLY A 519 5.54 25.70 5.97
N GLY A 520 4.96 25.75 4.78
CA GLY A 520 5.14 26.88 3.90
C GLY A 520 6.33 26.70 2.98
N LYS A 521 7.03 25.57 3.13
CA LYS A 521 8.15 25.25 2.30
C LYS A 521 7.69 25.04 0.85
N GLY A 522 7.75 26.11 0.10
CA GLY A 522 7.20 26.11 -1.24
C GLY A 522 5.68 26.28 -1.18
N GLN A 523 5.09 26.59 -2.31
CA GLN A 523 3.65 26.72 -2.47
C GLN A 523 3.19 26.22 -3.86
N TYR A 524 1.93 25.80 -3.94
CA TYR A 524 1.32 25.56 -5.22
C TYR A 524 0.69 26.83 -5.75
N GLU A 525 0.63 26.98 -7.05
CA GLU A 525 -0.10 28.07 -7.69
C GLU A 525 -1.59 27.76 -7.88
N HIS A 526 -1.90 26.48 -8.00
CA HIS A 526 -3.24 26.02 -8.33
C HIS A 526 -3.39 24.55 -7.83
N VAL A 527 -4.62 24.05 -7.93
CA VAL A 527 -4.94 22.68 -7.54
C VAL A 527 -4.80 21.70 -8.74
N ILE A 528 -5.52 22.00 -9.82
CA ILE A 528 -5.49 21.24 -11.07
C ILE A 528 -5.41 22.14 -12.30
N ASN A 529 -4.52 21.84 -13.24
CA ASN A 529 -4.32 22.69 -14.41
C ASN A 529 -4.05 24.15 -13.98
N ASP A 530 -4.99 25.02 -14.32
CA ASP A 530 -4.94 26.42 -13.90
C ASP A 530 -6.14 26.76 -13.02
N ILE A 531 -6.39 25.94 -12.03
CA ILE A 531 -7.67 26.00 -11.35
C ILE A 531 -7.56 25.71 -9.86
N GLY A 532 -8.38 26.38 -9.06
CA GLY A 532 -8.19 26.32 -7.63
C GLY A 532 -7.24 27.39 -7.18
N ASP A 533 -7.41 27.77 -5.92
CA ASP A 533 -6.61 28.81 -5.30
C ASP A 533 -5.19 28.30 -5.10
N PRO A 534 -4.21 29.20 -5.09
CA PRO A 534 -2.87 28.85 -4.61
C PRO A 534 -2.83 28.62 -3.10
N THR A 535 -1.86 27.86 -2.62
CA THR A 535 -1.68 27.77 -1.20
C THR A 535 -1.02 29.10 -0.81
N SER A 536 -1.23 29.50 0.44
CA SER A 536 -0.62 30.70 1.01
C SER A 536 -0.33 30.51 2.50
N GLY A 537 0.57 31.33 3.05
CA GLY A 537 0.86 31.25 4.46
C GLY A 537 1.75 30.06 4.78
N ASP A 538 2.02 29.93 6.07
CA ASP A 538 2.87 28.87 6.56
C ASP A 538 2.05 27.93 7.42
N THR A 539 0.72 28.04 7.30
CA THR A 539 -0.24 27.48 8.24
C THR A 539 -0.77 26.09 7.84
N THR A 540 -0.39 25.61 6.66
CA THR A 540 -0.78 24.27 6.22
C THR A 540 -2.27 24.12 6.06
N ILE A 541 -2.91 25.14 5.51
CA ILE A 541 -4.34 25.01 5.22
C ILE A 541 -4.53 24.59 3.73
N PRO A 542 -5.30 23.51 3.50
CA PRO A 542 -5.44 23.07 2.12
C PRO A 542 -6.07 24.06 1.15
N SER A 543 -5.76 23.88 -0.12
CA SER A 543 -6.58 24.43 -1.19
C SER A 543 -7.22 23.28 -1.95
N GLN A 544 -8.54 23.38 -2.19
CA GLN A 544 -9.36 22.31 -2.68
C GLN A 544 -10.20 22.69 -3.90
N VAL A 545 -10.52 21.67 -4.70
CA VAL A 545 -11.54 21.70 -5.74
C VAL A 545 -12.50 20.54 -5.42
N VAL A 546 -13.81 20.80 -5.37
CA VAL A 546 -14.78 19.75 -5.06
C VAL A 546 -15.07 18.91 -6.32
N SER A 547 -15.32 19.59 -7.40
CA SER A 547 -15.72 18.93 -8.62
C SER A 547 -14.94 19.50 -9.73
N PHE A 548 -14.42 18.61 -10.55
CA PHE A 548 -13.74 19.01 -11.73
C PHE A 548 -14.18 18.12 -12.89
N PRO A 549 -14.40 18.71 -14.06
CA PRO A 549 -14.31 20.14 -14.29
C PRO A 549 -15.69 20.77 -14.03
C2 BGC B . -2.20 17.44 12.42
C3 BGC B . -1.64 18.43 11.54
C4 BGC B . -2.61 19.45 11.07
C5 BGC B . -3.35 20.08 12.28
C6 BGC B . -4.35 20.90 11.89
C1 BGC B . -3.07 17.99 13.48
O1 BGC B . -3.82 17.02 14.13
O2 BGC B . -1.12 16.71 13.09
O3 BGC B . -0.94 17.80 10.38
O4 BGC B . -2.05 20.48 10.23
O5 BGC B . -4.03 18.89 12.89
O6 BGC B . -5.23 21.30 12.85
C2 BGC B . 1.10 17.27 9.28
C3 BGC B . 2.46 17.60 9.02
C4 BGC B . 2.67 19.05 8.80
C5 BGC B . 2.09 19.87 9.99
C6 BGC B . 2.10 21.22 9.81
C1 BGC B . 0.46 18.06 10.33
O2 BGC B . 0.95 15.86 9.65
O3 BGC B . 2.80 16.80 7.82
O4 BGC B . 4.04 19.38 8.68
O5 BGC B . 0.64 19.45 10.10
O6 BGC B . 1.71 21.96 10.91
C2 BGC B . 4.18 15.17 6.70
C3 BGC B . 5.49 14.74 6.35
C4 BGC B . 6.28 15.88 5.92
C5 BGC B . 6.38 16.99 7.02
C6 BGC B . 7.12 18.04 6.58
C1 BGC B . 4.12 16.31 7.70
O2 BGC B . 3.47 14.04 7.29
O3 BGC B . 5.39 13.80 5.19
O4 BGC B . 7.58 15.47 5.64
O5 BGC B . 4.97 17.41 7.32
O6 BGC B . 7.40 18.98 7.54
C2 BGC B . 5.93 11.79 4.06
C3 BGC B . 6.74 10.59 3.99
C4 BGC B . 8.05 10.78 4.66
C5 BGC B . 7.89 11.22 6.13
C6 BGC B . 9.07 11.44 6.77
C1 BGC B . 5.83 12.47 5.37
O2 BGC B . 4.55 11.59 3.60
O3 BGC B . 7.03 10.25 2.56
O4 BGC B . 8.96 9.70 4.59
O5 BGC B . 7.10 12.51 6.03
O6 BGC B . 9.85 12.51 6.34
C2 BGC C . -2.11 -0.18 23.56
C3 BGC C . -3.49 0.28 23.94
C4 BGC C . -3.91 -0.41 25.26
C5 BGC C . -2.79 -0.54 26.29
C6 BGC C . -3.08 -1.47 27.44
C1 BGC C . -1.16 -0.11 24.74
O2 BGC C . -1.76 0.78 22.63
O3 BGC C . -4.37 0.05 22.84
O4 BGC C . -4.91 0.40 25.81
O5 BGC C . -1.59 -1.02 25.71
O6 BGC C . -1.85 -1.86 28.02
C1 EDO D . 17.16 -3.67 2.50
O1 EDO D . 16.00 -4.24 1.90
C2 EDO D . 16.85 -2.87 3.77
O2 EDO D . 15.66 -3.30 4.38
H11 EDO D . 17.64 -3.01 1.79
H12 EDO D . 17.85 -4.47 2.75
HO1 EDO D . 16.24 -4.59 1.02
H21 EDO D . 16.76 -1.81 3.52
H22 EDO D . 17.69 -2.98 4.44
HO2 EDO D . 15.51 -2.77 5.18
C1 EDO E . 9.08 17.32 -8.82
O1 EDO E . 8.14 16.35 -9.32
C2 EDO E . 8.42 18.66 -8.45
O2 EDO E . 7.58 19.14 -9.50
H11 EDO E . 9.84 17.50 -9.57
H12 EDO E . 9.56 16.90 -7.94
HO1 EDO E . 8.47 15.46 -9.18
H21 EDO E . 9.21 19.38 -8.24
H22 EDO E . 7.85 18.53 -7.54
HO2 EDO E . 7.05 19.88 -9.16
C1 EDO F . 13.73 -3.68 -19.21
O1 EDO F . 13.31 -4.92 -18.61
C2 EDO F . 12.55 -2.69 -19.33
O2 EDO F . 11.35 -3.27 -19.89
H11 EDO F . 14.14 -3.87 -20.19
H12 EDO F . 14.51 -3.23 -18.61
HO1 EDO F . 14.08 -5.49 -18.48
H21 EDO F . 12.85 -1.84 -19.96
H22 EDO F . 12.32 -2.29 -18.34
HO2 EDO F . 10.70 -2.59 -20.05
N GLU A 1 12.71 -29.65 -12.23
CA GLU A 1 13.55 -29.24 -11.08
C GLU A 1 12.83 -28.85 -9.72
N VAL A 2 12.37 -27.60 -9.59
CA VAL A 2 11.90 -26.98 -8.29
C VAL A 2 10.72 -27.58 -7.53
N VAL A 3 10.86 -27.78 -6.23
CA VAL A 3 9.84 -28.52 -5.49
C VAL A 3 8.74 -27.66 -4.78
N GLY A 4 7.71 -28.34 -4.33
CA GLY A 4 6.64 -27.70 -3.61
C GLY A 4 6.60 -27.93 -2.12
N GLY A 5 6.63 -26.83 -1.36
CA GLY A 5 6.23 -26.82 0.04
C GLY A 5 7.34 -27.06 1.05
N GLY A 6 6.98 -27.74 2.14
CA GLY A 6 7.81 -27.80 3.33
C GLY A 6 7.75 -26.55 4.21
N ASP A 7 8.72 -26.41 5.12
CA ASP A 7 8.62 -25.47 6.22
C ASP A 7 8.80 -24.05 5.71
N LEU A 8 8.14 -23.14 6.40
CA LEU A 8 8.19 -21.75 6.00
C LEU A 8 9.46 -21.10 6.46
N GLY A 9 10.33 -21.87 7.11
CA GLY A 9 11.62 -21.33 7.52
C GLY A 9 11.55 -20.61 8.85
N PRO A 10 12.69 -20.16 9.36
CA PRO A 10 12.67 -19.81 10.77
C PRO A 10 12.28 -18.36 11.09
N ASN A 11 12.31 -17.45 10.13
CA ASN A 11 11.85 -16.08 10.39
C ASN A 11 10.32 -15.94 10.37
N VAL A 12 9.64 -17.08 10.29
CA VAL A 12 8.22 -17.14 10.54
C VAL A 12 8.05 -17.84 11.92
N LEU A 13 7.45 -17.12 12.87
CA LEU A 13 7.08 -17.69 14.18
C LEU A 13 5.62 -18.05 14.10
N VAL A 14 5.31 -19.32 14.38
CA VAL A 14 3.97 -19.82 14.28
C VAL A 14 3.50 -20.34 15.63
N PHE A 15 3.00 -19.40 16.43
CA PHE A 15 2.41 -19.60 17.78
C PHE A 15 1.04 -20.32 17.86
N ASP A 16 0.79 -20.98 18.99
CA ASP A 16 -0.55 -21.52 19.31
C ASP A 16 -0.90 -21.27 20.82
N PRO A 17 -2.14 -21.62 21.24
CA PRO A 17 -2.50 -21.15 22.59
C PRO A 17 -1.79 -21.79 23.76
N SER A 18 -0.95 -22.80 23.55
CA SER A 18 -0.21 -23.40 24.67
C SER A 18 1.30 -23.05 24.67
N THR A 19 1.63 -21.84 24.20
CA THR A 19 3.03 -21.44 24.02
C THR A 19 3.60 -20.55 25.12
N PRO A 20 4.60 -21.07 25.85
CA PRO A 20 5.04 -20.27 27.00
C PRO A 20 5.53 -18.87 26.67
N ASP A 21 5.15 -17.93 27.54
CA ASP A 21 5.62 -16.57 27.45
C ASP A 21 5.64 -16.05 26.00
N ILE A 22 4.54 -16.31 25.30
CA ILE A 22 4.27 -15.67 24.02
C ILE A 22 4.69 -14.20 24.03
N GLN A 23 4.48 -13.55 25.15
CA GLN A 23 4.69 -12.10 25.29
C GLN A 23 6.13 -11.59 25.30
N GLY A 24 6.99 -12.31 26.03
CA GLY A 24 8.38 -11.91 26.16
C GLY A 24 8.99 -11.87 24.78
N LYS A 25 8.55 -12.80 23.94
CA LYS A 25 9.10 -13.15 22.62
C LYS A 25 8.65 -12.28 21.47
N VAL A 26 7.42 -11.78 21.52
CA VAL A 26 7.01 -10.75 20.60
C VAL A 26 7.68 -9.42 21.03
N ASP A 27 7.72 -9.13 22.34
CA ASP A 27 8.53 -8.00 22.83
C ASP A 27 9.92 -8.13 22.19
N GLU A 28 10.54 -9.33 22.31
CA GLU A 28 11.93 -9.55 21.88
C GLU A 28 12.03 -9.11 20.41
N VAL A 29 11.09 -9.55 19.55
CA VAL A 29 11.07 -9.11 18.11
C VAL A 29 10.88 -7.61 18.06
N PHE A 30 9.98 -7.11 18.88
CA PHE A 30 9.72 -5.68 18.89
C PHE A 30 10.97 -4.93 19.27
N ARG A 31 11.44 -5.17 20.49
CA ARG A 31 12.71 -4.60 21.00
C ARG A 31 13.76 -4.50 19.85
N LYS A 32 13.75 -5.48 18.96
CA LYS A 32 14.62 -5.48 17.79
C LYS A 32 14.17 -4.72 16.55
N GLN A 33 12.92 -4.93 16.15
CA GLN A 33 12.31 -4.22 15.02
C GLN A 33 11.75 -2.84 15.32
N GLU A 34 11.80 -2.38 16.59
CA GLU A 34 11.22 -1.08 17.00
C GLU A 34 11.74 0.06 16.11
N SER A 35 13.04 0.17 15.97
CA SER A 35 13.66 1.34 15.32
C SER A 35 14.56 0.91 14.14
N ASN A 36 14.27 -0.27 13.61
CA ASN A 36 15.07 -0.92 12.55
C ASN A 36 14.54 -0.55 11.18
N GLN A 37 14.66 0.72 10.83
CA GLN A 37 13.87 1.23 9.72
C GLN A 37 14.41 0.76 8.37
N PHE A 38 15.72 0.57 8.28
CA PHE A 38 16.37 0.31 7.00
C PHE A 38 17.23 -0.95 6.93
N GLY A 39 17.34 -1.66 8.06
CA GLY A 39 17.97 -2.96 8.13
C GLY A 39 17.27 -4.11 7.43
N THR A 40 17.94 -5.26 7.45
CA THR A 40 17.57 -6.44 6.66
C THR A 40 16.66 -7.44 7.35
N ASP A 41 16.53 -7.38 8.66
CA ASP A 41 15.68 -8.38 9.36
C ASP A 41 14.20 -8.28 8.94
N ARG A 42 13.55 -9.42 8.87
CA ARG A 42 12.15 -9.52 8.49
C ARG A 42 11.51 -10.60 9.37
N TYR A 43 10.31 -10.33 9.90
CA TYR A 43 9.57 -11.37 10.63
C TYR A 43 8.10 -11.46 10.27
N ALA A 44 7.59 -12.69 10.23
CA ALA A 44 6.14 -12.91 10.18
C ALA A 44 5.69 -13.69 11.42
N LEU A 45 4.80 -13.08 12.20
CA LEU A 45 4.22 -13.69 13.39
C LEU A 45 2.86 -14.28 12.97
N MET A 46 2.73 -15.60 13.09
CA MET A 46 1.52 -16.26 12.64
C MET A 46 0.93 -16.98 13.87
N PHE A 47 -0.34 -16.69 14.17
CA PHE A 47 -1.01 -17.29 15.31
C PHE A 47 -2.04 -18.29 14.87
N LYS A 48 -1.88 -19.53 15.33
CA LYS A 48 -2.90 -20.54 15.05
C LYS A 48 -4.25 -20.06 15.62
N PRO A 49 -5.29 -20.78 15.27
CA PRO A 49 -6.58 -20.49 15.88
C PRO A 49 -6.61 -20.76 17.38
N GLY A 50 -7.68 -20.26 18.00
CA GLY A 50 -7.91 -20.35 19.42
C GLY A 50 -8.00 -18.98 20.08
N THR A 51 -7.91 -19.00 21.41
CA THR A 51 -7.92 -17.79 22.22
C THR A 51 -6.59 -17.56 22.87
N TYR A 52 -6.14 -16.30 22.87
CA TYR A 52 -4.95 -15.84 23.58
C TYR A 52 -5.23 -14.73 24.60
N ASN A 53 -4.95 -15.00 25.87
CA ASN A 53 -5.13 -14.00 26.90
C ASN A 53 -3.85 -13.22 27.11
N ASP A 54 -3.94 -12.04 27.73
CA ASP A 54 -2.75 -11.34 28.22
C ASP A 54 -1.68 -11.14 27.18
N ILE A 55 -2.03 -10.37 26.15
CA ILE A 55 -1.11 -10.07 25.06
C ILE A 55 -1.21 -8.62 24.62
N ASN A 56 -0.08 -7.95 24.57
CA ASN A 56 -0.01 -6.69 23.83
C ASN A 56 1.16 -6.86 22.83
N ALA A 57 0.79 -7.14 21.59
CA ALA A 57 1.75 -7.48 20.55
C ALA A 57 2.12 -6.19 19.87
N GLN A 58 3.24 -5.62 20.28
CA GLN A 58 3.72 -4.37 19.70
C GLN A 58 4.44 -4.72 18.38
N ILE A 59 4.20 -3.93 17.35
CA ILE A 59 4.62 -4.28 15.98
C ILE A 59 5.56 -3.20 15.43
N GLY A 60 6.84 -3.56 15.30
CA GLY A 60 7.84 -2.67 14.75
C GLY A 60 8.03 -2.82 13.26
N PHE A 61 9.13 -2.29 12.72
CA PHE A 61 9.39 -2.38 11.28
C PHE A 61 9.49 -3.83 10.75
N TYR A 62 9.01 -4.03 9.52
CA TYR A 62 9.16 -5.28 8.78
C TYR A 62 8.61 -6.48 9.53
N THR A 63 7.50 -6.27 10.18
CA THR A 63 6.81 -7.29 10.96
C THR A 63 5.39 -7.38 10.44
N SER A 64 4.99 -8.60 10.10
CA SER A 64 3.62 -8.92 9.71
C SER A 64 3.05 -9.87 10.79
N ILE A 65 1.83 -9.57 11.23
CA ILE A 65 1.17 -10.44 12.19
C ILE A 65 -0.19 -10.83 11.62
N ALA A 66 -0.51 -12.11 11.78
CA ALA A 66 -1.70 -12.70 11.19
C ALA A 66 -2.23 -13.92 11.95
N GLY A 67 -3.56 -14.09 11.88
CA GLY A 67 -4.22 -15.34 12.28
C GLY A 67 -4.32 -16.31 11.11
N LEU A 68 -4.63 -17.58 11.44
CA LEU A 68 -4.53 -18.69 10.51
C LEU A 68 -5.85 -19.51 10.40
N GLY A 69 -6.98 -18.88 10.73
CA GLY A 69 -8.26 -19.49 10.43
C GLY A 69 -8.88 -19.06 9.12
N LEU A 70 -10.06 -19.61 8.84
CA LEU A 70 -10.71 -19.21 7.60
C LEU A 70 -11.37 -17.85 7.76
N ASN A 71 -11.64 -17.48 9.00
CA ASN A 71 -12.25 -16.20 9.32
C ASN A 71 -11.58 -15.51 10.53
N PRO A 72 -11.70 -14.16 10.62
CA PRO A 72 -10.99 -13.44 11.70
C PRO A 72 -11.28 -13.98 13.11
N ASP A 73 -12.54 -14.24 13.40
CA ASP A 73 -12.93 -14.61 14.78
C ASP A 73 -12.48 -16.02 15.18
N ASP A 74 -11.99 -16.81 14.22
CA ASP A 74 -11.31 -18.06 14.56
C ASP A 74 -10.03 -17.87 15.36
N THR A 75 -9.44 -16.67 15.31
CA THR A 75 -8.21 -16.43 16.04
C THR A 75 -8.27 -15.11 16.82
N THR A 76 -8.55 -15.24 18.12
CA THR A 76 -8.96 -14.10 18.94
C THR A 76 -7.95 -13.70 20.02
N PHE A 77 -7.60 -12.42 20.08
CA PHE A 77 -6.75 -11.90 21.16
C PHE A 77 -7.61 -11.13 22.14
N ASN A 78 -7.51 -11.52 23.41
CA ASN A 78 -8.00 -10.67 24.48
C ASN A 78 -6.81 -9.85 24.85
N GLY A 79 -6.64 -8.79 24.06
CA GLY A 79 -5.44 -8.00 24.02
C GLY A 79 -5.47 -7.16 22.77
N ASP A 80 -4.28 -6.81 22.32
CA ASP A 80 -4.12 -5.73 21.34
C ASP A 80 -3.12 -6.10 20.25
N VAL A 81 -3.12 -5.31 19.20
CA VAL A 81 -2.05 -5.30 18.18
C VAL A 81 -1.66 -3.82 18.05
N THR A 82 -0.56 -3.47 18.70
CA THR A 82 -0.22 -2.09 18.94
C THR A 82 0.87 -1.61 18.00
N VAL A 83 0.61 -0.47 17.38
CA VAL A 83 1.67 0.37 16.83
C VAL A 83 1.57 1.78 17.45
N ASP A 84 2.66 2.28 18.02
CA ASP A 84 2.72 3.70 18.44
C ASP A 84 4.03 4.34 17.94
N ALA A 85 4.26 5.57 18.38
CA ALA A 85 5.29 6.44 17.83
C ALA A 85 6.38 6.70 18.84
N GLY A 86 6.52 5.81 19.80
CA GLY A 86 7.45 6.00 20.91
C GLY A 86 8.90 6.31 20.50
N TRP A 87 9.48 5.45 19.65
CA TRP A 87 10.88 5.56 19.21
C TRP A 87 11.16 6.89 18.51
N PHE A 88 10.11 7.64 18.16
CA PHE A 88 10.27 8.84 17.37
C PHE A 88 9.51 9.97 18.05
N ASP A 89 9.48 9.87 19.37
CA ASP A 89 9.07 10.94 20.26
C ASP A 89 7.71 11.55 19.85
N GLY A 90 6.81 10.64 19.55
CA GLY A 90 5.45 11.00 19.31
C GLY A 90 5.13 11.03 17.83
N ASN A 91 6.14 11.15 16.97
CA ASN A 91 5.93 11.35 15.54
C ASN A 91 5.71 9.99 14.88
N ALA A 92 4.55 9.81 14.27
CA ALA A 92 4.19 8.53 13.60
C ALA A 92 4.47 8.48 12.10
N THR A 93 5.02 9.56 11.53
CA THR A 93 5.21 9.64 10.06
C THR A 93 6.33 8.76 9.50
N GLN A 94 6.96 7.95 10.33
CA GLN A 94 7.99 7.03 9.89
C GLN A 94 7.57 5.58 10.24
N ASN A 95 6.31 5.40 10.62
CA ASN A 95 5.82 4.07 11.00
C ASN A 95 5.35 3.27 9.78
N PHE A 96 6.33 2.72 9.07
CA PHE A 96 6.12 2.05 7.79
C PHE A 96 6.31 0.54 7.89
N TRP A 97 5.96 -0.12 6.79
CA TRP A 97 6.39 -1.49 6.45
C TRP A 97 6.07 -2.54 7.50
N ARG A 98 4.78 -2.66 7.78
CA ARG A 98 4.33 -3.70 8.67
C ARG A 98 2.87 -4.00 8.34
N SER A 99 2.33 -5.08 8.89
CA SER A 99 0.91 -5.37 8.61
C SER A 99 0.25 -6.14 9.72
N ALA A 100 -1.08 -6.18 9.65
CA ALA A 100 -1.89 -7.01 10.55
C ALA A 100 -3.05 -7.55 9.76
N GLU A 101 -3.30 -8.86 9.85
CA GLU A 101 -4.42 -9.41 9.13
C GLU A 101 -5.04 -10.63 9.83
N ASN A 102 -6.34 -10.79 9.62
CA ASN A 102 -7.02 -12.07 9.88
C ASN A 102 -7.01 -12.44 11.37
N LEU A 103 -7.23 -11.42 12.19
CA LEU A 103 -7.37 -11.54 13.66
C LEU A 103 -8.62 -10.83 14.20
N ALA A 104 -9.14 -11.38 15.32
CA ALA A 104 -10.13 -10.69 16.15
C ALA A 104 -9.48 -10.16 17.44
N LEU A 105 -9.71 -8.89 17.73
CA LEU A 105 -9.13 -8.24 18.91
C LEU A 105 -10.17 -7.72 19.87
N ASN A 106 -9.90 -7.98 21.14
CA ASN A 106 -10.74 -7.53 22.25
C ASN A 106 -9.80 -6.67 23.10
N PRO A 107 -9.57 -5.40 22.68
CA PRO A 107 -8.50 -4.61 23.32
C PRO A 107 -8.78 -4.35 24.81
N VAL A 108 -7.72 -4.05 25.56
CA VAL A 108 -7.72 -4.29 26.99
C VAL A 108 -8.43 -3.14 27.72
N ASN A 109 -8.28 -1.93 27.18
CA ASN A 109 -9.02 -0.81 27.72
C ASN A 109 -10.15 -0.40 26.79
N GLY A 110 -10.58 -1.30 25.92
CA GLY A 110 -11.67 -1.01 25.00
C GLY A 110 -11.30 -0.52 23.61
N THR A 111 -10.07 -0.03 23.40
CA THR A 111 -9.62 0.57 22.13
C THR A 111 -8.24 0.06 21.74
N ASN A 112 -8.09 -0.38 20.49
CA ASN A 112 -6.82 -0.81 19.94
C ASN A 112 -6.11 0.39 19.25
N ARG A 113 -4.81 0.54 19.48
CA ARG A 113 -4.01 1.57 18.79
C ARG A 113 -3.20 1.02 17.61
N TRP A 114 -3.46 1.56 16.40
CA TRP A 114 -2.73 1.23 15.15
C TRP A 114 -2.26 2.56 14.53
N ALA A 115 -1.26 3.17 15.15
CA ALA A 115 -0.81 4.51 14.76
C ALA A 115 0.29 4.44 13.72
N VAL A 116 -0.12 4.15 12.52
CA VAL A 116 0.81 3.91 11.43
C VAL A 116 0.82 5.05 10.39
N SER A 117 1.82 5.00 9.53
CA SER A 117 1.79 5.79 8.32
C SER A 117 1.76 4.85 7.13
N GLN A 118 2.52 5.12 6.07
CA GLN A 118 2.35 4.37 4.82
C GLN A 118 2.82 2.91 4.87
N ALA A 119 2.28 2.11 3.98
CA ALA A 119 2.62 0.70 3.81
C ALA A 119 2.46 -0.07 5.13
N ALA A 120 1.30 0.09 5.74
CA ALA A 120 1.03 -0.55 7.02
C ALA A 120 -0.41 -1.09 7.05
N PRO A 121 -0.75 -1.98 6.10
CA PRO A 121 -2.14 -2.42 5.91
C PRO A 121 -2.73 -3.19 7.12
N PHE A 122 -4.03 -3.01 7.26
CA PHE A 122 -4.86 -3.55 8.32
C PHE A 122 -6.02 -4.21 7.57
N ARG A 123 -5.96 -5.53 7.44
CA ARG A 123 -6.90 -6.27 6.60
C ARG A 123 -7.55 -7.44 7.34
N ARG A 124 -8.81 -7.70 7.02
CA ARG A 124 -9.52 -8.89 7.47
C ARG A 124 -9.49 -8.99 8.99
N MET A 125 -9.65 -7.82 9.63
CA MET A 125 -9.61 -7.70 11.08
C MET A 125 -11.01 -7.49 11.70
N HIS A 126 -11.18 -8.05 12.90
CA HIS A 126 -12.38 -7.77 13.69
C HIS A 126 -12.00 -7.15 15.06
N VAL A 127 -12.23 -5.85 15.19
CA VAL A 127 -11.93 -5.16 16.45
C VAL A 127 -13.23 -5.03 17.23
N LYS A 128 -13.28 -5.72 18.36
CA LYS A 128 -14.47 -5.63 19.21
C LYS A 128 -14.32 -4.50 20.21
N GLY A 129 -14.30 -3.29 19.68
CA GLY A 129 -14.18 -2.09 20.48
C GLY A 129 -13.82 -1.03 19.47
N GLY A 130 -13.14 -0.02 19.94
CA GLY A 130 -12.65 1.04 19.10
C GLY A 130 -11.27 0.83 18.51
N LEU A 131 -10.95 1.71 17.57
CA LEU A 131 -9.66 1.67 16.87
C LEU A 131 -9.14 3.10 16.79
N ASN A 132 -8.04 3.34 17.48
CA ASN A 132 -7.35 4.66 17.56
C ASN A 132 -6.19 4.63 16.58
N LEU A 133 -6.25 5.47 15.55
CA LEU A 133 -5.20 5.52 14.51
C LEU A 133 -4.05 6.54 14.76
N ALA A 134 -4.15 7.25 15.86
CA ALA A 134 -3.14 8.27 16.19
C ALA A 134 -2.19 7.86 17.30
N PRO A 135 -0.96 8.38 17.26
CA PRO A 135 0.03 8.07 18.30
C PRO A 135 -0.36 8.72 19.62
N ASP A 136 0.25 8.28 20.70
CA ASP A 136 -0.06 8.93 21.99
C ASP A 136 0.43 10.37 21.89
N GLY A 137 -0.47 11.33 22.13
CA GLY A 137 -0.18 12.78 22.05
C GLY A 137 -0.75 13.47 20.81
N TYR A 138 -1.34 12.69 19.91
CA TYR A 138 -1.91 13.19 18.64
C TYR A 138 -0.83 13.87 17.80
N GLY A 139 0.37 13.30 17.85
CA GLY A 139 1.45 13.77 17.02
C GLY A 139 1.19 13.47 15.54
N TRP A 140 2.19 13.72 14.72
CA TRP A 140 2.02 13.68 13.32
C TRP A 140 1.86 12.22 12.83
N ALA A 141 1.08 12.07 11.79
CA ALA A 141 0.75 10.73 11.27
C ALA A 141 0.15 10.84 9.88
N SER A 142 0.58 9.93 9.00
CA SER A 142 0.29 9.99 7.60
C SER A 142 -0.07 8.63 6.98
N GLY A 143 -1.13 8.00 7.49
CA GLY A 143 -1.64 6.72 6.98
C GLY A 143 -2.50 6.91 5.75
N GLY A 144 -3.26 5.90 5.34
CA GLY A 144 -3.37 4.62 6.02
C GLY A 144 -4.44 3.84 5.28
N TYR A 145 -4.58 2.56 5.62
CA TYR A 145 -5.34 1.62 4.81
C TYR A 145 -5.96 0.51 5.63
N ILE A 146 -7.28 0.49 5.59
CA ILE A 146 -8.10 -0.53 6.25
C ILE A 146 -8.98 -1.14 5.17
N ALA A 147 -8.96 -2.48 5.09
CA ALA A 147 -9.85 -3.20 4.16
C ALA A 147 -10.43 -4.47 4.75
N ASP A 148 -11.65 -4.77 4.32
CA ASP A 148 -12.29 -6.03 4.69
C ASP A 148 -12.29 -6.26 6.19
N SER A 149 -12.50 -5.15 6.91
CA SER A 149 -12.46 -5.15 8.37
C SER A 149 -13.77 -4.76 9.04
N LYS A 150 -13.94 -5.25 10.26
CA LYS A 150 -15.04 -4.82 11.10
C LYS A 150 -14.48 -4.15 12.35
N ILE A 151 -14.99 -2.96 12.62
CA ILE A 151 -14.68 -2.26 13.88
C ILE A 151 -16.05 -2.09 14.54
N ASP A 152 -16.25 -2.79 15.66
CA ASP A 152 -17.52 -2.67 16.36
C ASP A 152 -17.81 -1.24 16.81
N GLY A 153 -16.85 -0.60 17.46
CA GLY A 153 -17.05 0.74 17.99
C GLY A 153 -16.54 1.77 17.00
N GLU A 154 -16.03 2.91 17.49
CA GLU A 154 -15.61 4.00 16.63
C GLU A 154 -14.14 3.93 16.23
N VAL A 155 -13.88 4.27 14.97
CA VAL A 155 -12.54 4.56 14.53
C VAL A 155 -12.22 6.05 14.82
N GLY A 156 -11.04 6.29 15.35
CA GLY A 156 -10.68 7.65 15.68
C GLY A 156 -9.36 8.00 15.05
N PRO A 157 -9.41 8.86 14.03
CA PRO A 157 -8.15 9.18 13.35
C PRO A 157 -7.35 10.24 14.08
N TYR A 158 -8.06 11.18 14.70
CA TYR A 158 -7.45 12.32 15.43
C TYR A 158 -6.47 13.07 14.50
N SER A 159 -5.18 12.93 14.70
CA SER A 159 -4.22 13.71 13.92
C SER A 159 -3.85 13.09 12.55
N GLN A 160 -4.30 11.87 12.26
CA GLN A 160 -4.08 11.34 10.90
C GLN A 160 -4.47 12.30 9.80
N GLN A 161 -3.55 12.61 8.89
CA GLN A 161 -3.84 13.53 7.82
C GLN A 161 -4.93 13.05 6.88
N GLN A 162 -4.84 11.79 6.51
CA GLN A 162 -5.70 11.21 5.50
C GLN A 162 -5.85 9.71 5.76
N TRP A 163 -6.83 9.09 5.11
CA TRP A 163 -7.07 7.65 5.31
C TRP A 163 -7.95 7.09 4.21
N TYR A 164 -7.69 5.82 3.85
CA TYR A 164 -8.58 5.07 2.99
C TYR A 164 -9.12 3.81 3.66
N THR A 165 -10.42 3.65 3.56
CA THR A 165 -11.13 2.48 4.06
C THR A 165 -12.04 1.90 2.97
N ARG A 166 -11.92 0.60 2.74
CA ARG A 166 -12.84 -0.07 1.80
C ARG A 166 -13.46 -1.35 2.34
N ASP A 167 -14.68 -1.57 1.87
CA ASP A 167 -15.35 -2.85 2.02
C ASP A 167 -15.26 -3.38 3.44
N SER A 168 -15.84 -2.61 4.34
CA SER A 168 -15.67 -2.80 5.77
C SER A 168 -16.94 -2.44 6.49
N SER A 169 -16.86 -2.40 7.83
CA SER A 169 -17.96 -1.88 8.64
C SER A 169 -17.39 -1.19 9.87
N VAL A 170 -17.93 -0.01 10.18
CA VAL A 170 -17.59 0.70 11.42
C VAL A 170 -18.87 1.17 12.18
N GLY A 171 -18.81 1.16 13.51
CA GLY A 171 -19.90 1.63 14.32
C GLY A 171 -19.86 3.13 14.52
N GLY A 172 -18.91 3.77 13.84
CA GLY A 172 -18.75 5.22 13.84
C GLY A 172 -17.40 5.63 13.26
N TRP A 173 -17.33 6.88 12.82
CA TRP A 173 -16.08 7.45 12.35
C TRP A 173 -15.94 8.83 12.95
N GLY A 174 -14.83 9.08 13.60
CA GLY A 174 -14.76 10.20 14.53
C GLY A 174 -14.43 11.55 13.98
N ASN A 175 -13.65 11.63 12.92
CA ASN A 175 -13.22 12.93 12.43
C ASN A 175 -12.39 12.77 11.16
N GLY A 176 -12.36 13.84 10.37
CA GLY A 176 -11.44 13.99 9.26
C GLY A 176 -10.44 15.13 9.51
N VAL A 177 -9.33 15.08 8.77
CA VAL A 177 -8.28 16.10 8.85
C VAL A 177 -8.12 16.77 7.47
N TRP A 178 -7.42 16.12 6.54
CA TRP A 178 -7.38 16.53 5.11
C TRP A 178 -8.16 15.66 4.07
N ASN A 179 -8.20 14.33 4.25
CA ASN A 179 -8.88 13.49 3.26
C ASN A 179 -9.15 12.08 3.78
N MET A 180 -10.34 11.88 4.33
CA MET A 180 -10.75 10.54 4.75
C MET A 180 -11.68 10.07 3.57
N THR A 181 -11.26 9.02 2.86
CA THR A 181 -12.06 8.43 1.78
C THR A 181 -12.53 7.01 2.15
N PHE A 182 -13.76 6.74 1.76
CA PHE A 182 -14.46 5.48 2.00
C PHE A 182 -15.07 4.92 0.69
N SER A 183 -14.90 3.62 0.46
CA SER A 183 -15.71 2.94 -0.56
C SER A 183 -16.24 1.60 -0.05
N GLY A 184 -17.56 1.42 -0.14
CA GLY A 184 -18.17 0.19 0.37
C GLY A 184 -18.05 0.01 1.88
N VAL A 185 -18.07 1.10 2.62
CA VAL A 185 -17.93 1.02 4.06
C VAL A 185 -19.29 1.26 4.76
N GLU A 186 -19.84 0.18 5.31
CA GLU A 186 -21.06 0.29 6.12
C GLU A 186 -20.75 1.11 7.35
N GLY A 187 -21.55 2.12 7.58
CA GLY A 187 -21.31 3.02 8.70
C GLY A 187 -20.37 4.16 8.36
N ALA A 188 -19.89 4.26 7.12
CA ALA A 188 -19.12 5.46 6.78
C ALA A 188 -19.96 6.70 7.02
N PRO A 189 -19.32 7.74 7.53
CA PRO A 189 -20.00 9.04 7.54
C PRO A 189 -20.27 9.43 6.10
N ALA A 190 -21.36 10.13 5.89
CA ALA A 190 -21.81 10.31 4.55
C ALA A 190 -20.92 11.31 3.76
N GLN A 191 -20.85 11.11 2.44
CA GLN A 191 -20.20 12.08 1.54
C GLN A 191 -20.45 13.52 2.03
N SER A 192 -19.39 14.24 2.37
CA SER A 192 -19.51 15.62 2.86
C SER A 192 -18.44 16.62 2.42
N PHE A 193 -17.33 16.16 1.84
CA PHE A 193 -16.12 16.98 1.62
C PHE A 193 -16.42 18.44 1.22
N PRO A 194 -15.60 19.41 1.68
CA PRO A 194 -14.36 19.41 2.49
C PRO A 194 -14.54 19.70 3.99
N GLU A 195 -15.76 19.83 4.50
CA GLU A 195 -15.94 19.97 5.94
C GLU A 195 -16.96 18.94 6.35
N PRO A 196 -16.56 17.94 7.17
CA PRO A 196 -15.18 17.48 7.24
C PRO A 196 -14.84 16.92 5.87
N PRO A 197 -13.59 16.50 5.66
CA PRO A 197 -13.22 16.12 4.31
C PRO A 197 -13.50 14.65 4.06
N TYR A 198 -14.79 14.33 3.91
CA TYR A 198 -15.21 12.96 3.74
C TYR A 198 -15.69 12.75 2.30
N THR A 199 -14.94 11.88 1.61
CA THR A 199 -15.26 11.40 0.30
C THR A 199 -15.80 9.98 0.41
N THR A 200 -17.07 9.78 0.05
CA THR A 200 -17.75 8.50 0.40
C THR A 200 -18.47 7.89 -0.78
N LEU A 201 -18.09 6.68 -1.10
CA LEU A 201 -18.67 5.92 -2.20
C LEU A 201 -19.43 4.71 -1.59
N GLU A 202 -20.70 4.58 -1.94
CA GLU A 202 -21.53 3.57 -1.30
C GLU A 202 -20.94 2.17 -1.64
N THR A 203 -20.29 2.06 -2.81
CA THR A 203 -19.58 0.82 -3.17
C THR A 203 -18.22 0.94 -3.88
N THR A 204 -17.42 -0.13 -3.79
CA THR A 204 -16.17 -0.22 -4.57
C THR A 204 -16.44 -0.91 -5.89
N PRO A 205 -15.98 -0.33 -7.00
CA PRO A 205 -16.49 -0.88 -8.27
C PRO A 205 -16.10 -2.33 -8.48
N VAL A 206 -14.86 -2.66 -8.10
CA VAL A 206 -14.42 -4.02 -8.04
C VAL A 206 -13.36 -4.12 -6.94
N SER A 207 -13.38 -5.24 -6.26
CA SER A 207 -12.33 -5.59 -5.32
C SER A 207 -12.18 -7.10 -5.25
N ARG A 208 -10.99 -7.51 -4.82
CA ARG A 208 -10.71 -8.90 -4.60
C ARG A 208 -9.76 -9.03 -3.44
N GLU A 209 -10.25 -9.63 -2.36
CA GLU A 209 -9.51 -9.65 -1.13
C GLU A 209 -8.17 -10.37 -1.30
N LYS A 210 -7.17 -9.89 -0.57
CA LYS A 210 -5.82 -10.42 -0.74
C LYS A 210 -5.70 -11.88 -0.25
N PRO A 211 -4.98 -12.73 -1.00
CA PRO A 211 -4.81 -14.13 -0.54
C PRO A 211 -4.12 -14.20 0.82
N PHE A 212 -4.46 -15.20 1.61
CA PHE A 212 -3.82 -15.35 2.91
C PHE A 212 -3.67 -16.84 3.23
N LEU A 213 -2.58 -17.15 3.92
CA LEU A 213 -2.35 -18.46 4.43
C LEU A 213 -3.47 -18.82 5.45
N TYR A 214 -3.69 -20.08 5.71
CA TYR A 214 -4.53 -20.46 6.85
C TYR A 214 -4.18 -21.89 7.17
N LEU A 215 -4.76 -22.43 8.25
CA LEU A 215 -4.40 -23.76 8.74
C LEU A 215 -5.65 -24.60 8.77
N ASP A 216 -5.68 -25.67 7.97
CA ASP A 216 -6.78 -26.61 8.07
C ASP A 216 -6.27 -27.90 8.68
N GLY A 217 -6.78 -28.16 9.90
CA GLY A 217 -6.12 -29.01 10.88
C GLY A 217 -4.60 -28.95 10.75
N ASP A 218 -4.04 -30.02 10.24
CA ASP A 218 -2.58 -30.08 10.11
C ASP A 218 -1.95 -29.42 8.83
N ASP A 219 -2.79 -29.14 7.83
CA ASP A 219 -2.32 -28.57 6.55
C ASP A 219 -2.19 -26.99 6.52
N TYR A 220 -1.00 -26.43 6.26
CA TYR A 220 -0.90 -25.02 5.75
C TYR A 220 -1.44 -24.89 4.31
N LYS A 221 -2.14 -23.79 4.01
CA LYS A 221 -2.70 -23.54 2.67
C LYS A 221 -2.79 -22.01 2.40
N VAL A 222 -3.18 -21.62 1.19
CA VAL A 222 -3.60 -20.23 0.90
C VAL A 222 -5.06 -20.12 0.43
N PHE A 223 -5.85 -19.29 1.16
CA PHE A 223 -7.19 -18.90 0.68
C PHE A 223 -6.98 -17.77 -0.30
N VAL A 224 -7.73 -17.80 -1.38
CA VAL A 224 -7.54 -16.92 -2.53
C VAL A 224 -8.94 -16.39 -2.76
N PRO A 225 -9.28 -15.33 -2.04
CA PRO A 225 -10.66 -14.83 -2.08
C PRO A 225 -11.22 -14.61 -3.47
N ALA A 226 -12.50 -14.86 -3.61
CA ALA A 226 -13.21 -14.52 -4.84
C ALA A 226 -13.39 -13.02 -5.08
N LYS A 227 -13.24 -12.59 -6.32
CA LYS A 227 -13.50 -11.22 -6.64
C LYS A 227 -14.99 -10.86 -6.40
N ARG A 228 -15.22 -9.64 -5.95
CA ARG A 228 -16.56 -9.06 -5.93
C ARG A 228 -16.64 -7.91 -6.94
N THR A 229 -17.84 -7.52 -7.34
CA THR A 229 -18.01 -6.16 -7.90
C THR A 229 -19.16 -5.42 -7.19
N ASN A 230 -19.20 -4.11 -7.37
CA ASN A 230 -19.95 -3.23 -6.48
C ASN A 230 -19.92 -3.68 -5.01
N ALA A 231 -18.72 -3.93 -4.52
CA ALA A 231 -18.51 -4.40 -3.19
C ALA A 231 -18.87 -3.42 -2.08
N ARG A 232 -19.46 -3.98 -1.02
CA ARG A 232 -19.75 -3.23 0.20
C ARG A 232 -19.76 -4.17 1.38
N GLY A 233 -19.23 -3.69 2.51
CA GLY A 233 -19.15 -4.49 3.73
C GLY A 233 -18.06 -5.57 3.69
N THR A 234 -17.97 -6.39 4.75
CA THR A 234 -16.88 -7.37 4.85
C THR A 234 -17.21 -8.60 3.99
N SER A 235 -16.16 -9.33 3.60
CA SER A 235 -16.30 -10.50 2.75
C SER A 235 -16.60 -11.76 3.57
N TRP A 236 -16.57 -11.58 4.89
CA TRP A 236 -16.67 -12.67 5.86
C TRP A 236 -17.76 -12.45 6.91
N GLY A 237 -18.30 -11.24 6.99
CA GLY A 237 -19.40 -10.94 7.91
C GLY A 237 -20.55 -11.96 7.89
N ASN A 238 -21.01 -12.32 6.68
CA ASN A 238 -21.97 -13.40 6.44
C ASN A 238 -21.23 -14.80 6.40
N GLY A 239 -21.86 -15.93 6.10
CA GLY A 239 -21.21 -17.28 6.10
C GLY A 239 -19.92 -17.58 5.30
N THR A 240 -19.84 -18.60 4.40
CA THR A 240 -18.54 -18.97 3.71
C THR A 240 -18.19 -17.92 2.65
N PRO A 241 -16.93 -17.55 2.52
CA PRO A 241 -16.54 -16.67 1.39
C PRO A 241 -16.51 -17.42 0.05
N GLU A 242 -16.64 -16.73 -1.09
CA GLU A 242 -16.35 -17.30 -2.41
C GLU A 242 -14.79 -17.18 -2.54
N GLY A 243 -14.09 -18.23 -3.02
CA GLY A 243 -12.62 -18.25 -3.06
C GLY A 243 -11.98 -19.64 -3.06
N GLU A 244 -10.65 -19.71 -3.29
CA GLU A 244 -9.91 -21.00 -3.44
C GLU A 244 -8.89 -21.40 -2.32
N SER A 245 -9.01 -22.65 -1.84
CA SER A 245 -8.02 -23.21 -0.90
C SER A 245 -6.91 -23.95 -1.61
N LEU A 246 -5.79 -23.27 -1.81
CA LEU A 246 -4.66 -23.82 -2.47
C LEU A 246 -3.67 -24.49 -1.51
N PRO A 247 -3.44 -25.79 -1.72
CA PRO A 247 -2.53 -26.39 -0.75
C PRO A 247 -1.10 -25.83 -0.83
N LEU A 248 -0.52 -25.65 0.36
CA LEU A 248 0.85 -25.27 0.53
C LEU A 248 1.80 -26.11 -0.31
N ASP A 249 1.30 -27.25 -0.76
CA ASP A 249 2.10 -28.13 -1.59
C ASP A 249 2.38 -27.61 -2.96
N GLN A 250 1.52 -26.72 -3.44
CA GLN A 250 1.63 -26.19 -4.78
C GLN A 250 2.41 -24.86 -4.82
N PHE A 251 2.93 -24.44 -3.67
CA PHE A 251 3.75 -23.23 -3.58
C PHE A 251 5.22 -23.58 -3.50
N TYR A 252 6.04 -22.95 -4.36
CA TYR A 252 7.48 -22.95 -4.11
C TYR A 252 7.78 -21.90 -3.01
N VAL A 253 8.22 -22.43 -1.87
CA VAL A 253 8.55 -21.66 -0.71
C VAL A 253 9.96 -21.10 -0.79
N VAL A 254 10.03 -19.80 -1.09
CA VAL A 254 11.29 -19.11 -1.35
C VAL A 254 11.87 -18.66 -0.02
N LYS A 255 13.16 -18.88 0.18
CA LYS A 255 13.87 -18.44 1.39
C LYS A 255 15.15 -17.68 0.95
N PRO A 256 15.70 -16.82 1.83
CA PRO A 256 16.96 -16.10 1.51
C PRO A 256 17.93 -16.98 0.71
N GLY A 257 18.22 -16.56 -0.52
CA GLY A 257 19.32 -17.10 -1.30
C GLY A 257 18.85 -17.55 -2.65
N ALA A 258 17.70 -18.22 -2.69
CA ALA A 258 17.20 -18.79 -3.91
C ALA A 258 17.20 -17.71 -5.00
N THR A 259 17.27 -18.17 -6.25
CA THR A 259 17.50 -17.30 -7.40
C THR A 259 16.36 -17.08 -8.39
N ALA A 260 16.51 -16.02 -9.19
CA ALA A 260 15.58 -15.73 -10.27
C ALA A 260 15.31 -16.95 -11.14
N GLU A 261 16.37 -17.56 -11.65
CA GLU A 261 16.20 -18.68 -12.56
C GLU A 261 15.39 -19.78 -11.83
N THR A 262 15.69 -20.00 -10.55
CA THR A 262 15.05 -21.09 -9.81
C THR A 262 13.59 -20.71 -9.53
N ILE A 263 13.37 -19.49 -9.05
CA ILE A 263 12.01 -18.99 -8.92
C ILE A 263 11.28 -19.10 -10.28
N ASN A 264 11.91 -18.63 -11.35
CA ASN A 264 11.29 -18.63 -12.70
C ASN A 264 10.89 -20.02 -13.20
N ALA A 265 11.76 -20.99 -12.92
CA ALA A 265 11.50 -22.40 -13.20
C ALA A 265 10.32 -22.93 -12.42
N ALA A 266 10.07 -22.41 -11.20
CA ALA A 266 8.95 -22.89 -10.43
C ALA A 266 7.64 -22.50 -11.12
N VAL A 267 7.55 -21.23 -11.53
CA VAL A 267 6.29 -20.72 -12.10
C VAL A 267 5.96 -21.52 -13.37
N ASP A 268 6.99 -21.78 -14.18
CA ASP A 268 6.76 -22.50 -15.42
C ASP A 268 6.44 -23.98 -15.19
N GLN A 269 6.97 -24.58 -14.13
CA GLN A 269 6.51 -25.93 -13.73
C GLN A 269 5.12 -25.99 -13.15
N GLY A 270 4.48 -24.84 -12.93
CA GLY A 270 3.11 -24.86 -12.44
C GLY A 270 2.90 -24.43 -11.00
N LEU A 271 3.97 -24.17 -10.25
CA LEU A 271 3.82 -23.75 -8.86
C LEU A 271 3.61 -22.25 -8.62
N HIS A 272 2.89 -21.96 -7.53
CA HIS A 272 2.66 -20.60 -7.07
C HIS A 272 3.90 -20.29 -6.26
N LEU A 273 4.00 -19.05 -5.77
CA LEU A 273 5.20 -18.62 -5.06
C LEU A 273 4.86 -18.04 -3.70
N LEU A 274 5.63 -18.44 -2.70
CA LEU A 274 5.50 -17.88 -1.37
C LEU A 274 6.84 -17.42 -0.91
N PHE A 275 6.98 -16.10 -0.78
CA PHE A 275 8.24 -15.56 -0.35
C PHE A 275 8.19 -15.49 1.15
N THR A 276 8.99 -16.33 1.81
CA THR A 276 9.16 -16.20 3.23
C THR A 276 9.78 -14.82 3.56
N PRO A 277 9.88 -14.50 4.85
CA PRO A 277 10.45 -13.18 5.13
C PRO A 277 11.95 -13.19 4.90
N GLY A 278 12.44 -12.15 4.25
CA GLY A 278 13.86 -12.03 3.99
C GLY A 278 14.07 -11.03 2.86
N VAL A 279 15.31 -10.97 2.42
CA VAL A 279 15.72 -10.00 1.42
C VAL A 279 16.37 -10.76 0.30
N TYR A 280 15.77 -10.69 -0.88
CA TYR A 280 16.22 -11.43 -2.06
C TYR A 280 16.91 -10.45 -3.02
N HIS A 281 18.01 -10.86 -3.61
CA HIS A 281 18.68 -10.09 -4.65
C HIS A 281 18.48 -10.93 -5.86
N VAL A 282 18.19 -10.32 -7.01
CA VAL A 282 17.95 -11.10 -8.24
C VAL A 282 18.67 -10.50 -9.47
N ASP A 283 19.17 -11.38 -10.35
CA ASP A 283 20.04 -11.03 -11.49
C ASP A 283 19.31 -10.97 -12.84
N GLN A 284 18.09 -11.44 -12.84
CA GLN A 284 17.18 -11.26 -13.95
C GLN A 284 15.84 -10.99 -13.28
N PRO A 285 14.90 -10.43 -14.04
CA PRO A 285 13.55 -10.24 -13.48
C PRO A 285 12.88 -11.57 -13.10
N ILE A 286 12.17 -11.57 -11.99
CA ILE A 286 11.17 -12.58 -11.71
C ILE A 286 10.04 -12.44 -12.74
N GLU A 287 9.80 -13.51 -13.51
CA GLU A 287 8.85 -13.45 -14.62
C GLU A 287 7.73 -14.42 -14.33
N ILE A 288 6.53 -13.90 -14.09
CA ILE A 288 5.37 -14.72 -14.00
C ILE A 288 4.60 -14.55 -15.29
N ASP A 289 4.44 -15.60 -16.11
CA ASP A 289 3.43 -15.53 -17.20
C ASP A 289 2.69 -16.88 -17.35
N ARG A 290 2.21 -17.36 -16.21
CA ARG A 290 1.18 -18.38 -16.12
C ARG A 290 -0.08 -17.78 -15.43
N ALA A 291 -1.24 -17.96 -16.08
CA ALA A 291 -2.46 -17.43 -15.52
C ALA A 291 -2.73 -18.00 -14.11
N ASN A 292 -3.38 -17.20 -13.26
CA ASN A 292 -3.78 -17.60 -11.88
C ASN A 292 -2.65 -17.77 -10.86
N THR A 293 -1.44 -17.39 -11.22
CA THR A 293 -0.31 -17.52 -10.30
C THR A 293 -0.41 -16.56 -9.11
N VAL A 294 -0.17 -17.08 -7.91
CA VAL A 294 -0.10 -16.31 -6.66
C VAL A 294 1.36 -16.13 -6.30
N ALA A 295 1.78 -14.87 -6.13
CA ALA A 295 3.11 -14.52 -5.66
C ALA A 295 2.96 -13.68 -4.36
N LEU A 296 2.91 -14.41 -3.26
CA LEU A 296 2.49 -13.90 -1.95
C LEU A 296 3.71 -13.85 -1.05
N GLY A 297 4.02 -12.68 -0.50
CA GLY A 297 5.07 -12.60 0.51
C GLY A 297 4.59 -12.50 1.93
N LEU A 298 5.45 -12.94 2.85
CA LEU A 298 5.16 -12.91 4.28
C LEU A 298 6.19 -11.96 4.89
N GLY A 299 5.81 -11.20 5.91
CA GLY A 299 6.79 -10.47 6.70
C GLY A 299 7.61 -9.43 5.96
N LEU A 300 6.98 -8.77 5.00
CA LEU A 300 7.61 -7.73 4.21
C LEU A 300 8.83 -8.27 3.41
N ALA A 301 8.70 -9.52 2.98
CA ALA A 301 9.61 -10.10 2.00
C ALA A 301 9.91 -9.07 0.89
N THR A 302 11.21 -8.97 0.60
CA THR A 302 11.75 -7.95 -0.27
C THR A 302 12.58 -8.49 -1.45
N ILE A 303 12.41 -7.87 -2.62
CA ILE A 303 13.17 -8.17 -3.81
C ILE A 303 13.99 -6.95 -4.20
N ILE A 304 15.31 -7.14 -4.32
CA ILE A 304 16.25 -6.12 -4.80
C ILE A 304 16.85 -6.56 -6.15
N PRO A 305 16.63 -5.77 -7.20
CA PRO A 305 17.22 -6.17 -8.47
C PRO A 305 18.62 -5.62 -8.56
N ASP A 306 19.53 -6.50 -8.96
CA ASP A 306 20.92 -6.16 -9.21
C ASP A 306 21.13 -5.88 -10.70
N ASN A 307 22.35 -5.49 -11.10
CA ASN A 307 22.69 -5.31 -12.52
C ASN A 307 21.77 -4.33 -13.31
N GLY A 308 20.88 -3.62 -12.61
CA GLY A 308 19.94 -2.68 -13.25
C GLY A 308 18.76 -3.36 -13.93
N VAL A 309 18.52 -4.61 -13.60
CA VAL A 309 17.38 -5.29 -14.17
C VAL A 309 16.05 -4.87 -13.54
N THR A 310 14.98 -5.26 -14.21
CA THR A 310 13.65 -5.15 -13.66
C THR A 310 13.46 -6.26 -12.62
N ALA A 311 12.79 -6.01 -11.49
CA ALA A 311 12.58 -7.02 -10.47
C ALA A 311 11.50 -8.07 -10.81
N LEU A 312 10.36 -7.58 -11.31
CA LEU A 312 9.19 -8.39 -11.46
C LEU A 312 8.51 -7.98 -12.75
N LYS A 313 8.33 -8.95 -13.65
CA LYS A 313 7.49 -8.76 -14.82
C LYS A 313 6.39 -9.83 -14.86
N VAL A 314 5.15 -9.37 -14.98
CA VAL A 314 4.00 -10.26 -15.16
C VAL A 314 3.63 -10.23 -16.64
N GLY A 315 3.30 -11.40 -17.18
CA GLY A 315 3.05 -11.49 -18.60
C GLY A 315 1.58 -11.18 -18.85
N ASP A 316 1.16 -11.39 -20.09
CA ASP A 316 -0.17 -10.96 -20.51
C ASP A 316 -1.23 -12.05 -20.24
N VAL A 317 -1.39 -12.36 -18.96
CA VAL A 317 -2.29 -13.44 -18.57
C VAL A 317 -3.26 -12.92 -17.55
N ASP A 318 -4.34 -13.69 -17.36
CA ASP A 318 -5.40 -13.40 -16.40
C ASP A 318 -4.92 -13.78 -15.00
N GLY A 319 -5.54 -13.15 -13.99
CA GLY A 319 -5.65 -13.74 -12.68
C GLY A 319 -4.40 -13.84 -11.81
N VAL A 320 -3.33 -13.12 -12.14
CA VAL A 320 -2.11 -13.16 -11.31
C VAL A 320 -2.34 -12.29 -10.10
N LYS A 321 -2.00 -12.81 -8.92
CA LYS A 321 -2.25 -12.13 -7.63
C LYS A 321 -0.90 -11.99 -6.92
N VAL A 322 -0.37 -10.78 -7.03
CA VAL A 322 0.88 -10.37 -6.41
C VAL A 322 0.51 -9.63 -5.14
N ALA A 323 1.08 -10.08 -4.03
CA ALA A 323 0.70 -9.56 -2.71
C ALA A 323 1.79 -9.61 -1.65
N GLY A 324 1.95 -8.48 -0.94
CA GLY A 324 2.83 -8.43 0.21
C GLY A 324 4.27 -8.65 -0.17
N LEU A 325 4.81 -7.71 -0.97
CA LEU A 325 6.20 -7.67 -1.34
C LEU A 325 6.66 -6.21 -1.37
N LEU A 326 7.88 -5.98 -0.87
CA LEU A 326 8.57 -4.72 -1.06
C LEU A 326 9.61 -4.91 -2.16
N VAL A 327 9.62 -4.02 -3.14
CA VAL A 327 10.67 -3.97 -4.16
C VAL A 327 11.58 -2.78 -3.85
N ASP A 328 12.87 -3.04 -3.68
CA ASP A 328 13.84 -2.07 -3.19
C ASP A 328 14.91 -1.87 -4.27
N ALA A 329 15.00 -0.65 -4.80
CA ALA A 329 15.89 -0.36 -5.90
C ALA A 329 17.34 -0.67 -5.52
N GLY A 330 18.08 -1.28 -6.44
CA GLY A 330 19.54 -1.34 -6.36
C GLY A 330 20.25 -0.02 -6.72
N PRO A 331 21.54 0.08 -6.38
CA PRO A 331 22.30 1.29 -6.73
C PRO A 331 22.60 1.47 -8.23
N VAL A 332 22.50 0.41 -9.03
CA VAL A 332 22.51 0.54 -10.49
C VAL A 332 21.09 0.84 -10.97
N ASN A 333 20.96 1.93 -11.74
CA ASN A 333 19.66 2.34 -12.21
C ASN A 333 18.93 1.22 -12.96
N SER A 334 17.72 0.93 -12.48
CA SER A 334 16.78 0.13 -13.25
C SER A 334 15.82 0.94 -14.11
N GLU A 335 15.71 0.54 -15.38
CA GLU A 335 14.77 1.13 -16.33
C GLU A 335 13.33 1.04 -15.79
N THR A 336 12.97 -0.14 -15.32
CA THR A 336 11.72 -0.33 -14.58
C THR A 336 11.94 -1.26 -13.38
N LEU A 337 11.11 -1.14 -12.34
CA LEU A 337 11.15 -2.07 -11.23
C LEU A 337 10.10 -3.20 -11.33
N VAL A 338 8.88 -2.82 -11.72
CA VAL A 338 7.78 -3.74 -11.86
C VAL A 338 7.03 -3.39 -13.16
N GLU A 339 6.81 -4.40 -13.99
CA GLU A 339 6.00 -4.27 -15.19
C GLU A 339 4.85 -5.26 -15.10
N VAL A 340 3.63 -4.75 -15.32
CA VAL A 340 2.44 -5.57 -15.34
C VAL A 340 1.92 -5.59 -16.79
N GLY A 341 2.15 -6.73 -17.47
CA GLY A 341 1.91 -6.87 -18.90
C GLY A 341 3.06 -6.31 -19.77
N SER A 342 3.04 -6.63 -21.06
CA SER A 342 4.04 -6.12 -22.00
C SER A 342 3.57 -4.81 -22.71
N ASP A 343 4.43 -4.14 -23.48
CA ASP A 343 4.10 -2.79 -23.94
C ASP A 343 3.03 -2.81 -25.04
N GLY A 344 1.99 -2.00 -24.83
CA GLY A 344 0.86 -2.03 -25.73
C GLY A 344 0.08 -3.37 -25.62
N ALA A 345 0.11 -3.98 -24.44
CA ALA A 345 -0.78 -5.09 -24.10
C ALA A 345 -2.28 -4.78 -24.32
N SER A 346 -2.87 -5.39 -25.34
CA SER A 346 -4.26 -5.07 -25.72
C SER A 346 -5.40 -6.02 -25.28
N GLY A 347 -5.10 -7.20 -24.79
CA GLY A 347 -6.22 -8.07 -24.36
C GLY A 347 -6.95 -7.58 -23.11
N ASP A 348 -8.16 -8.13 -22.85
CA ASP A 348 -8.91 -7.92 -21.58
C ASP A 348 -8.53 -8.87 -20.45
N HIS A 349 -8.91 -8.51 -19.23
CA HIS A 349 -8.82 -9.43 -18.12
C HIS A 349 -9.92 -9.12 -17.12
N ALA A 350 -11.10 -8.76 -17.62
CA ALA A 350 -12.17 -8.26 -16.78
C ALA A 350 -12.74 -9.30 -15.83
N ALA A 351 -12.97 -10.53 -16.30
CA ALA A 351 -13.52 -11.53 -15.40
C ALA A 351 -12.54 -12.01 -14.33
N ASN A 352 -11.25 -11.93 -14.65
CA ASN A 352 -10.21 -12.51 -13.83
C ASN A 352 -8.98 -11.63 -13.95
N PRO A 353 -9.07 -10.43 -13.34
CA PRO A 353 -7.97 -9.49 -13.48
C PRO A 353 -6.67 -9.92 -12.80
N THR A 354 -5.55 -9.33 -13.22
CA THR A 354 -4.33 -9.38 -12.42
C THR A 354 -4.35 -8.25 -11.38
N SER A 355 -3.85 -8.55 -10.19
CA SER A 355 -3.84 -7.58 -9.07
C SER A 355 -2.49 -7.47 -8.40
N LEU A 356 -2.18 -6.23 -7.99
CA LEU A 356 -1.11 -5.91 -7.03
C LEU A 356 -1.76 -5.48 -5.72
N GLN A 357 -1.44 -6.16 -4.64
CA GLN A 357 -1.92 -5.79 -3.32
C GLN A 357 -0.81 -5.69 -2.30
N ASP A 358 -0.78 -4.60 -1.55
CA ASP A 358 0.33 -4.36 -0.61
C ASP A 358 1.67 -4.63 -1.28
N VAL A 359 1.86 -4.00 -2.44
CA VAL A 359 3.11 -4.05 -3.13
C VAL A 359 3.69 -2.65 -2.94
N PHE A 360 4.87 -2.61 -2.35
CA PHE A 360 5.54 -1.36 -2.00
C PHE A 360 6.86 -1.25 -2.77
N VAL A 361 7.19 -0.05 -3.21
CA VAL A 361 8.45 0.19 -3.86
C VAL A 361 9.22 1.24 -3.06
N ARG A 362 10.53 1.00 -2.87
CA ARG A 362 11.42 1.97 -2.24
C ARG A 362 12.59 2.30 -3.19
N ILE A 363 12.92 3.59 -3.32
CA ILE A 363 14.11 3.99 -4.04
C ILE A 363 15.01 4.81 -3.14
N GLY A 364 16.12 4.21 -2.72
CA GLY A 364 17.02 4.83 -1.75
C GLY A 364 16.58 4.60 -0.29
N GLY A 365 17.41 5.09 0.61
CA GLY A 365 17.07 5.15 2.02
C GLY A 365 17.82 4.10 2.86
N ALA A 366 18.07 2.93 2.30
CA ALA A 366 18.96 1.97 2.95
C ALA A 366 20.20 1.77 2.11
N GLY A 367 20.75 2.86 1.58
CA GLY A 367 21.77 2.81 0.56
C GLY A 367 21.31 3.43 -0.74
N PRO A 368 22.26 3.87 -1.56
CA PRO A 368 21.83 4.47 -2.82
C PRO A 368 21.00 3.50 -3.60
N GLY A 369 19.91 4.01 -4.16
CA GLY A 369 19.12 3.24 -5.12
C GLY A 369 18.53 4.18 -6.15
N LYS A 370 18.29 3.65 -7.34
CA LYS A 370 17.77 4.41 -8.45
C LYS A 370 16.96 3.57 -9.40
N ALA A 371 15.91 4.19 -9.91
CA ALA A 371 15.09 3.58 -10.95
C ALA A 371 14.40 4.66 -11.77
N THR A 372 14.26 4.41 -13.08
CA THR A 372 13.72 5.42 -13.97
C THR A 372 12.17 5.50 -13.85
N THR A 373 11.50 4.36 -13.99
CA THR A 373 10.07 4.27 -13.77
C THR A 373 9.79 3.08 -12.83
N SER A 374 9.04 3.28 -11.74
CA SER A 374 8.94 2.23 -10.75
C SER A 374 7.98 1.12 -11.17
N ILE A 375 6.71 1.49 -11.44
CA ILE A 375 5.71 0.55 -11.88
C ILE A 375 5.06 1.02 -13.18
N VAL A 376 5.08 0.11 -14.17
CA VAL A 376 4.43 0.29 -15.45
C VAL A 376 3.28 -0.68 -15.48
N VAL A 377 2.05 -0.19 -15.61
CA VAL A 377 0.88 -1.07 -15.69
C VAL A 377 0.39 -1.02 -17.13
N ASN A 378 0.79 -2.02 -17.90
CA ASN A 378 0.37 -2.16 -19.30
C ASN A 378 -0.89 -2.95 -19.54
N SER A 379 -1.14 -3.97 -18.72
CA SER A 379 -2.35 -4.80 -18.91
C SER A 379 -3.68 -4.10 -18.61
N ASN A 380 -4.68 -4.43 -19.41
CA ASN A 380 -6.04 -3.96 -19.14
C ASN A 380 -6.66 -4.63 -17.91
N ASP A 381 -7.57 -3.90 -17.29
CA ASP A 381 -8.37 -4.40 -16.18
C ASP A 381 -7.59 -4.64 -14.84
N THR A 382 -6.32 -4.29 -14.81
CA THR A 382 -5.50 -4.52 -13.62
C THR A 382 -6.08 -3.76 -12.40
N ILE A 383 -6.00 -4.40 -11.25
CA ILE A 383 -6.36 -3.80 -9.97
C ILE A 383 -5.07 -3.46 -9.17
N ILE A 384 -5.00 -2.23 -8.65
CA ILE A 384 -3.95 -1.81 -7.75
C ILE A 384 -4.60 -1.47 -6.42
N ASP A 385 -4.60 -2.42 -5.49
CA ASP A 385 -5.29 -2.30 -4.20
C ASP A 385 -4.25 -2.22 -3.06
N HIS A 386 -3.89 -0.98 -2.71
CA HIS A 386 -2.85 -0.62 -1.75
C HIS A 386 -1.42 -0.75 -2.28
N THR A 387 -0.85 0.37 -2.67
CA THR A 387 0.55 0.43 -3.06
C THR A 387 1.15 1.69 -2.46
N TRP A 388 2.40 1.60 -2.04
CA TRP A 388 3.18 2.79 -1.66
C TRP A 388 4.43 2.71 -2.51
N VAL A 389 4.56 3.72 -3.37
CA VAL A 389 5.68 3.80 -4.30
C VAL A 389 6.40 5.07 -3.87
N TRP A 390 7.62 4.92 -3.37
CA TRP A 390 8.28 5.92 -2.51
C TRP A 390 9.76 6.12 -2.85
N ARG A 391 10.07 7.28 -3.41
CA ARG A 391 11.47 7.68 -3.59
C ARG A 391 11.90 8.22 -2.21
N ALA A 392 12.91 7.62 -1.62
CA ALA A 392 13.25 7.96 -0.23
C ALA A 392 13.56 9.44 -0.04
N ASP A 393 12.93 10.04 0.96
CA ASP A 393 13.20 11.45 1.32
C ASP A 393 14.13 11.55 2.51
N HIS A 394 14.43 10.42 3.15
CA HIS A 394 15.36 10.44 4.29
C HIS A 394 16.03 9.09 4.33
N GLY A 395 17.10 9.03 5.09
CA GLY A 395 17.89 7.82 5.25
C GLY A 395 19.27 7.96 4.62
N GLU A 396 19.94 6.80 4.49
CA GLU A 396 21.18 6.60 3.76
C GLU A 396 21.01 6.52 2.23
N GLY A 397 21.81 7.27 1.50
CA GLY A 397 21.85 7.15 0.06
C GLY A 397 20.77 7.92 -0.66
N VAL A 398 20.44 9.09 -0.12
CA VAL A 398 19.39 9.94 -0.63
C VAL A 398 19.95 11.27 -1.15
N GLY A 399 19.43 11.75 -2.27
CA GLY A 399 19.88 12.99 -2.89
C GLY A 399 19.20 13.20 -4.24
N TRP A 400 19.16 14.47 -4.70
CA TRP A 400 18.47 14.85 -5.95
C TRP A 400 18.99 13.97 -7.10
N GLU A 401 20.29 13.71 -7.08
CA GLU A 401 20.88 12.76 -8.01
C GLU A 401 21.14 11.37 -7.37
N THR A 402 21.56 11.35 -6.11
CA THR A 402 21.94 10.09 -5.44
C THR A 402 20.84 9.02 -5.52
N ASN A 403 19.59 9.40 -5.25
CA ASN A 403 18.46 8.49 -5.54
C ASN A 403 17.40 9.04 -6.51
N ARG A 404 17.86 9.63 -7.62
CA ARG A 404 16.98 10.07 -8.69
C ARG A 404 16.10 8.91 -9.10
N ALA A 405 14.83 9.25 -9.23
CA ALA A 405 13.80 8.38 -9.73
C ALA A 405 12.78 9.30 -10.36
N ASP A 406 12.79 9.38 -11.68
CA ASP A 406 11.92 10.30 -12.37
C ASP A 406 10.42 10.02 -12.23
N TYR A 407 9.99 8.76 -12.40
CA TYR A 407 8.57 8.43 -12.54
C TYR A 407 8.15 7.29 -11.63
N GLY A 408 7.04 7.51 -10.95
CA GLY A 408 6.57 6.57 -9.98
C GLY A 408 5.79 5.46 -10.67
N VAL A 409 4.58 5.81 -11.09
CA VAL A 409 3.66 4.89 -11.72
C VAL A 409 3.22 5.43 -13.07
N HIS A 410 3.18 4.54 -14.06
CA HIS A 410 2.67 4.87 -15.37
C HIS A 410 1.64 3.82 -15.74
N VAL A 411 0.39 4.23 -15.83
CA VAL A 411 -0.66 3.32 -16.25
C VAL A 411 -0.96 3.55 -17.71
N LYS A 412 -0.61 2.56 -18.53
CA LYS A 412 -0.85 2.57 -19.98
C LYS A 412 -2.12 1.76 -20.39
N GLY A 413 -2.64 0.93 -19.49
CA GLY A 413 -3.71 0.01 -19.87
C GLY A 413 -5.08 0.60 -19.65
N ASP A 414 -6.09 -0.10 -20.14
CA ASP A 414 -7.46 0.35 -20.15
C ASP A 414 -8.20 -0.26 -18.98
N ASN A 415 -9.16 0.52 -18.46
CA ASN A 415 -10.06 0.08 -17.39
C ASN A 415 -9.39 -0.34 -16.10
N VAL A 416 -8.25 0.29 -15.80
CA VAL A 416 -7.51 -0.05 -14.59
C VAL A 416 -8.12 0.67 -13.42
N LEU A 417 -8.06 0.03 -12.25
CA LEU A 417 -8.59 0.57 -10.98
C LEU A 417 -7.48 0.57 -9.94
N ALA A 418 -7.27 1.73 -9.32
CA ALA A 418 -6.38 1.87 -8.16
C ALA A 418 -7.18 2.30 -6.93
N THR A 419 -7.13 1.48 -5.89
CA THR A 419 -7.79 1.75 -4.60
C THR A 419 -6.71 1.82 -3.50
N GLY A 420 -6.49 3.01 -2.94
CA GLY A 420 -5.42 3.25 -1.97
C GLY A 420 -4.05 3.45 -2.60
N LEU A 421 -3.95 4.50 -3.44
CA LEU A 421 -2.74 4.80 -4.18
C LEU A 421 -1.90 5.84 -3.43
N PHE A 422 -0.72 5.44 -2.98
CA PHE A 422 0.20 6.33 -2.30
C PHE A 422 1.54 6.40 -3.08
N VAL A 423 1.88 7.58 -3.60
CA VAL A 423 3.08 7.74 -4.41
C VAL A 423 3.74 9.08 -4.07
N GLU A 424 5.04 9.05 -3.78
CA GLU A 424 5.75 10.22 -3.21
C GLU A 424 7.21 10.40 -3.67
N HIS A 425 7.53 11.66 -3.95
CA HIS A 425 8.86 12.25 -3.99
C HIS A 425 9.60 12.12 -5.32
N PHE A 426 8.92 11.72 -6.39
CA PHE A 426 9.57 11.51 -7.68
C PHE A 426 10.12 12.80 -8.32
N ASN A 427 11.19 12.68 -9.10
CA ASN A 427 11.80 13.88 -9.65
C ASN A 427 10.94 14.50 -10.76
N LYS A 428 10.15 13.66 -11.40
CA LYS A 428 9.25 14.06 -12.45
C LYS A 428 7.80 13.65 -12.01
N TYR A 429 6.98 13.13 -12.93
CA TYR A 429 5.60 12.79 -12.61
C TYR A 429 5.52 11.61 -11.65
N ASP A 430 4.86 11.81 -10.51
CA ASP A 430 4.70 10.71 -9.57
C ASP A 430 3.82 9.63 -10.21
N VAL A 431 2.71 10.08 -10.77
CA VAL A 431 1.76 9.25 -11.46
C VAL A 431 1.35 9.83 -12.82
N GLN A 432 1.41 8.98 -13.85
CA GLN A 432 0.96 9.35 -15.18
C GLN A 432 0.00 8.27 -15.70
N TRP A 433 -1.13 8.72 -16.22
CA TRP A 433 -2.18 7.85 -16.68
C TRP A 433 -2.44 8.12 -18.15
N SER A 434 -2.04 7.16 -18.98
CA SER A 434 -2.17 7.23 -20.43
C SER A 434 -3.26 6.33 -20.99
N GLY A 435 -3.47 5.13 -20.43
CA GLY A 435 -4.59 4.27 -20.85
C GLY A 435 -5.97 4.94 -20.72
N GLU A 436 -6.98 4.22 -21.16
CA GLU A 436 -8.35 4.70 -21.26
C GLU A 436 -9.14 4.24 -20.04
N ASN A 437 -10.05 5.08 -19.63
CA ASN A 437 -11.01 4.71 -18.65
C ASN A 437 -10.47 4.26 -17.29
N GLY A 438 -9.51 5.01 -16.76
CA GLY A 438 -8.93 4.70 -15.48
C GLY A 438 -9.76 5.25 -14.33
N LYS A 439 -9.67 4.61 -13.17
CA LYS A 439 -10.32 5.10 -11.96
C LYS A 439 -9.36 4.99 -10.77
N THR A 440 -9.27 6.05 -9.96
CA THR A 440 -8.48 6.02 -8.72
C THR A 440 -9.38 6.46 -7.57
N ILE A 441 -9.51 5.59 -6.57
CA ILE A 441 -10.17 5.89 -5.30
C ILE A 441 -9.11 5.96 -4.20
N PHE A 442 -8.92 7.21 -3.75
CA PHE A 442 -7.89 7.62 -2.80
C PHE A 442 -6.50 7.69 -3.39
N TYR A 443 -5.94 8.91 -3.32
CA TYR A 443 -4.55 9.20 -3.68
C TYR A 443 -3.90 10.10 -2.64
N GLN A 444 -2.71 9.69 -2.23
CA GLN A 444 -1.90 10.49 -1.36
C GLN A 444 -0.55 10.66 -2.03
N ASN A 445 -0.15 11.92 -2.23
CA ASN A 445 1.13 12.29 -2.78
C ASN A 445 1.81 13.34 -1.91
N ALA A 446 3.14 13.23 -1.83
CA ALA A 446 3.97 14.40 -1.50
C ALA A 446 5.01 14.55 -2.62
N LYS A 447 5.33 15.80 -2.94
CA LYS A 447 6.30 16.11 -3.97
C LYS A 447 7.71 15.91 -3.44
N ALA A 448 8.66 15.82 -4.36
CA ALA A 448 10.06 15.68 -3.99
C ALA A 448 10.44 16.94 -3.21
N TYR A 449 11.06 16.75 -2.06
CA TYR A 449 11.49 17.85 -1.20
C TYR A 449 12.78 18.55 -1.63
N ASP A 450 13.47 17.97 -2.61
CA ASP A 450 14.90 18.21 -2.79
C ASP A 450 15.24 18.79 -4.18
N ALA A 451 14.24 19.29 -4.88
CA ALA A 451 14.45 20.04 -6.12
C ALA A 451 15.34 21.23 -5.80
N PRO A 452 16.44 21.38 -6.51
CA PRO A 452 17.36 22.39 -5.90
C PRO A 452 16.93 23.80 -6.17
N ASP A 453 16.09 23.96 -7.18
CA ASP A 453 15.67 25.28 -7.62
C ASP A 453 14.57 25.10 -8.65
N GLN A 454 13.96 26.21 -9.06
CA GLN A 454 12.80 26.19 -9.92
C GLN A 454 13.00 25.42 -11.24
N ALA A 455 14.12 25.69 -11.91
CA ALA A 455 14.46 25.06 -13.17
C ALA A 455 14.61 23.57 -13.01
N ALA A 456 14.88 23.09 -11.81
CA ALA A 456 15.14 21.67 -11.72
C ALA A 456 13.87 20.89 -11.96
N ILE A 457 12.73 21.56 -11.87
CA ILE A 457 11.46 20.89 -12.11
C ILE A 457 10.65 21.54 -13.21
N GLN A 458 11.30 22.36 -14.03
CA GLN A 458 10.58 23.08 -15.09
C GLN A 458 10.12 22.07 -16.15
N ASN A 459 8.82 22.13 -16.49
CA ASN A 459 8.08 21.08 -17.22
C ASN A 459 7.32 21.74 -18.34
N GLY A 460 8.09 22.20 -19.32
CA GLY A 460 7.62 23.11 -20.34
C GLY A 460 7.53 24.48 -19.71
N ASP A 461 6.32 25.02 -19.76
CA ASP A 461 5.98 26.31 -19.25
C ASP A 461 5.08 26.09 -18.05
N ILE A 462 5.12 24.84 -17.58
CA ILE A 462 4.58 24.47 -16.34
C ILE A 462 5.74 24.42 -15.37
N LYS A 463 5.56 25.08 -14.23
CA LYS A 463 6.46 24.94 -13.10
C LYS A 463 6.15 23.62 -12.39
N GLY A 464 7.14 22.74 -12.32
CA GLY A 464 6.95 21.48 -11.62
C GLY A 464 6.26 20.47 -12.52
N TYR A 465 6.30 19.21 -12.08
CA TYR A 465 5.59 18.10 -12.70
C TYR A 465 4.39 17.68 -11.81
N ALA A 466 3.23 17.53 -12.44
CA ALA A 466 2.03 17.13 -11.71
C ALA A 466 2.27 15.86 -10.91
N ALA A 467 1.67 15.79 -9.72
CA ALA A 467 1.67 14.57 -8.93
C ALA A 467 0.86 13.47 -9.63
N TYR A 468 -0.14 13.92 -10.36
CA TYR A 468 -1.09 13.04 -11.03
C TYR A 468 -1.50 13.66 -12.34
N LYS A 469 -1.09 13.02 -13.46
CA LYS A 469 -1.06 13.57 -14.81
C LYS A 469 -1.77 12.64 -15.79
N VAL A 470 -2.98 13.01 -16.20
CA VAL A 470 -3.74 12.28 -17.23
C VAL A 470 -3.43 12.90 -18.60
N ASP A 471 -2.95 12.07 -19.54
CA ASP A 471 -2.57 12.54 -20.88
C ASP A 471 -3.75 13.25 -21.54
N ASP A 472 -3.41 14.19 -22.43
CA ASP A 472 -4.37 15.06 -23.04
C ASP A 472 -5.20 14.29 -24.12
N SER A 473 -4.72 13.14 -24.58
CA SER A 473 -5.51 12.34 -25.53
C SER A 473 -6.65 11.58 -24.85
N VAL A 474 -6.39 11.05 -23.65
CA VAL A 474 -7.40 10.26 -22.92
C VAL A 474 -8.82 10.80 -23.08
N THR A 475 -9.78 9.90 -23.24
CA THR A 475 -11.22 10.29 -23.31
C THR A 475 -11.92 10.34 -21.95
N THR A 476 -11.84 9.27 -21.18
CA THR A 476 -12.48 9.20 -19.85
C THR A 476 -11.47 8.77 -18.77
N HIS A 477 -11.63 9.38 -17.60
CA HIS A 477 -10.84 9.08 -16.42
C HIS A 477 -11.72 9.50 -15.25
N GLU A 478 -11.52 8.93 -14.07
CA GLU A 478 -12.21 9.43 -12.88
C GLU A 478 -11.31 9.27 -11.65
N GLY A 479 -11.22 10.30 -10.80
CA GLY A 479 -10.59 10.15 -9.51
C GLY A 479 -11.45 10.69 -8.38
N TRP A 480 -11.27 10.13 -7.20
CA TRP A 480 -12.00 10.54 -6.02
C TRP A 480 -11.03 10.57 -4.83
N GLY A 481 -10.94 11.70 -4.14
CA GLY A 481 -10.34 11.80 -2.82
C GLY A 481 -8.81 11.78 -2.90
N MET A 482 -8.27 12.87 -3.45
CA MET A 482 -6.91 12.90 -3.93
C MET A 482 -6.19 14.16 -3.48
N GLY A 483 -4.98 13.98 -2.97
CA GLY A 483 -4.24 15.07 -2.41
C GLY A 483 -2.76 14.97 -2.67
N SER A 484 -2.17 16.15 -2.89
CA SER A 484 -0.74 16.29 -3.11
C SER A 484 -0.23 17.39 -2.17
N TYR A 485 0.86 17.10 -1.48
CA TYR A 485 1.44 18.05 -0.54
C TYR A 485 2.88 18.38 -0.92
N CYS A 486 3.35 19.59 -0.61
CA CYS A 486 4.74 19.94 -0.88
C CYS A 486 5.45 20.38 0.38
N TYR A 487 6.76 20.10 0.41
CA TYR A 487 7.62 20.51 1.48
C TYR A 487 9.00 20.62 0.85
N PHE A 488 9.18 21.73 0.14
CA PHE A 488 10.41 21.96 -0.58
C PHE A 488 11.41 22.54 0.40
N ASN A 489 12.02 21.65 1.16
CA ASN A 489 12.84 22.12 2.29
C ASN A 489 14.22 22.59 1.88
N VAL A 490 14.68 22.14 0.73
CA VAL A 490 15.97 22.54 0.22
C VAL A 490 15.84 23.96 -0.34
N ASN A 491 14.74 24.23 -1.06
CA ASN A 491 14.51 25.56 -1.65
C ASN A 491 13.04 25.94 -1.55
N PRO A 492 12.66 26.48 -0.38
CA PRO A 492 11.28 26.82 -0.04
C PRO A 492 10.69 27.94 -0.85
N ASP A 493 11.50 28.51 -1.73
CA ASP A 493 11.06 29.54 -2.62
C ASP A 493 10.41 28.97 -3.92
N ILE A 494 10.55 27.66 -4.10
CA ILE A 494 10.00 26.95 -5.25
C ILE A 494 8.49 27.10 -5.30
N ARG A 495 7.96 27.08 -6.52
CA ARG A 495 6.51 27.03 -6.76
C ARG A 495 6.12 25.82 -7.56
N GLN A 496 5.13 25.08 -7.06
CA GLN A 496 4.55 23.94 -7.78
C GLN A 496 3.28 24.43 -8.48
N GLN A 497 3.21 24.35 -9.80
CA GLN A 497 2.08 24.92 -10.50
C GLN A 497 0.73 24.27 -10.10
N HIS A 498 0.70 22.95 -10.04
CA HIS A 498 -0.49 22.20 -9.69
C HIS A 498 -0.14 20.83 -9.09
N GLY A 499 -1.13 20.25 -8.39
CA GLY A 499 -1.11 18.87 -7.95
C GLY A 499 -1.49 17.87 -9.05
N PHE A 500 -2.36 18.31 -9.93
CA PHE A 500 -3.07 17.48 -10.89
C PHE A 500 -3.07 18.16 -12.23
N GLN A 501 -3.04 17.35 -13.30
CA GLN A 501 -3.07 17.83 -14.67
C GLN A 501 -3.90 16.90 -15.55
N ALA A 502 -4.81 17.46 -16.36
CA ALA A 502 -5.71 16.63 -17.18
C ALA A 502 -6.35 17.39 -18.34
N PRO A 503 -6.73 16.67 -19.40
CA PRO A 503 -7.62 17.25 -20.40
C PRO A 503 -8.94 17.70 -19.79
N VAL A 504 -9.56 18.67 -20.47
CA VAL A 504 -10.82 19.29 -20.06
C VAL A 504 -11.90 18.70 -20.95
N LYS A 505 -12.60 17.68 -20.45
CA LYS A 505 -13.49 16.79 -21.24
C LYS A 505 -14.59 16.21 -20.34
N PRO A 506 -15.76 15.88 -20.92
CA PRO A 506 -16.79 15.30 -20.04
C PRO A 506 -16.41 13.94 -19.51
N GLY A 507 -15.67 13.19 -20.31
CA GLY A 507 -15.28 11.85 -19.92
C GLY A 507 -14.29 11.83 -18.74
N VAL A 508 -13.58 12.92 -18.52
CA VAL A 508 -12.47 12.95 -17.52
C VAL A 508 -12.87 13.76 -16.30
N LYS A 509 -13.14 13.10 -15.17
CA LYS A 509 -13.77 13.77 -14.04
C LYS A 509 -13.03 13.56 -12.74
N PHE A 510 -13.04 14.55 -11.87
CA PHE A 510 -12.34 14.48 -10.59
C PHE A 510 -13.25 14.93 -9.44
N HIS A 511 -13.04 14.30 -8.30
CA HIS A 511 -13.85 14.49 -7.11
C HIS A 511 -12.96 14.70 -5.87
N ASP A 512 -13.26 15.76 -5.14
CA ASP A 512 -12.60 16.11 -3.87
C ASP A 512 -11.06 16.08 -3.95
N LEU A 513 -10.50 17.07 -4.65
CA LEU A 513 -9.05 17.26 -4.77
C LEU A 513 -8.55 18.36 -3.84
N LEU A 514 -7.32 18.18 -3.35
CA LEU A 514 -6.67 19.18 -2.51
C LEU A 514 -5.15 19.22 -2.73
N VAL A 515 -4.56 20.41 -2.53
CA VAL A 515 -3.13 20.51 -2.43
C VAL A 515 -2.80 21.27 -1.15
N VAL A 516 -1.63 21.00 -0.60
CA VAL A 516 -1.28 21.50 0.72
C VAL A 516 0.23 21.72 0.78
N SER A 517 0.63 22.94 1.14
CA SER A 517 2.01 23.24 1.44
C SER A 517 2.24 23.00 2.92
N LEU A 518 3.23 22.20 3.24
CA LEU A 518 3.50 21.85 4.62
C LEU A 518 4.32 22.99 5.24
N GLY A 519 3.60 23.87 5.92
CA GLY A 519 4.17 24.98 6.63
C GLY A 519 5.06 25.93 5.83
N GLY A 520 4.59 26.27 4.65
CA GLY A 520 5.18 27.32 3.83
C GLY A 520 6.42 26.95 3.04
N LYS A 521 6.79 25.67 3.02
CA LYS A 521 7.97 25.25 2.31
C LYS A 521 7.64 24.95 0.83
N GLY A 522 7.71 26.02 0.05
CA GLY A 522 7.15 26.03 -1.29
C GLY A 522 5.65 26.28 -1.17
N GLN A 523 5.04 26.54 -2.31
CA GLN A 523 3.60 26.71 -2.41
C GLN A 523 3.09 26.19 -3.77
N TYR A 524 1.80 25.84 -3.82
CA TYR A 524 1.09 25.49 -5.03
C TYR A 524 0.50 26.76 -5.65
N GLU A 525 0.53 26.86 -6.98
CA GLU A 525 -0.09 28.00 -7.68
C GLU A 525 -1.58 27.74 -7.93
N HIS A 526 -1.91 26.47 -8.06
CA HIS A 526 -3.25 26.03 -8.39
C HIS A 526 -3.42 24.56 -7.89
N VAL A 527 -4.65 24.06 -7.98
CA VAL A 527 -4.98 22.70 -7.58
C VAL A 527 -4.82 21.71 -8.77
N ILE A 528 -5.55 21.99 -9.85
CA ILE A 528 -5.50 21.22 -11.10
C ILE A 528 -5.43 22.12 -12.31
N ASN A 529 -4.54 21.81 -13.26
CA ASN A 529 -4.30 22.69 -14.38
C ASN A 529 -4.12 24.12 -13.83
N ASP A 530 -4.92 25.08 -14.31
CA ASP A 530 -4.77 26.48 -13.84
C ASP A 530 -5.92 26.92 -12.96
N ILE A 531 -6.61 25.94 -12.43
CA ILE A 531 -7.82 26.17 -11.70
C ILE A 531 -7.60 25.82 -10.23
N GLY A 532 -8.21 26.60 -9.36
CA GLY A 532 -8.05 26.39 -7.94
C GLY A 532 -7.09 27.40 -7.37
N ASP A 533 -7.34 27.76 -6.13
CA ASP A 533 -6.53 28.79 -5.49
C ASP A 533 -5.16 28.28 -5.12
N PRO A 534 -4.16 29.18 -5.15
CA PRO A 534 -2.84 28.81 -4.60
C PRO A 534 -2.91 28.58 -3.10
N THR A 535 -1.91 27.91 -2.57
CA THR A 535 -1.71 27.80 -1.15
C THR A 535 -0.95 29.06 -0.73
N SER A 536 -1.19 29.51 0.50
CA SER A 536 -0.49 30.67 1.09
C SER A 536 -0.31 30.48 2.62
N GLY A 537 0.34 31.45 3.28
CA GLY A 537 0.67 31.28 4.69
C GLY A 537 1.75 30.19 4.89
N ASP A 538 2.17 30.04 6.14
CA ASP A 538 2.95 28.88 6.53
C ASP A 538 2.18 27.97 7.51
N THR A 539 0.86 28.04 7.43
CA THR A 539 -0.05 27.41 8.39
C THR A 539 -0.66 26.08 7.90
N THR A 540 -0.28 25.67 6.68
CA THR A 540 -0.63 24.37 6.17
C THR A 540 -2.12 24.16 6.03
N ILE A 541 -2.76 25.10 5.37
CA ILE A 541 -4.20 25.04 5.09
C ILE A 541 -4.43 24.55 3.65
N PRO A 542 -5.14 23.41 3.46
CA PRO A 542 -5.40 22.99 2.07
C PRO A 542 -6.14 23.97 1.17
N SER A 543 -5.76 23.98 -0.12
CA SER A 543 -6.62 24.56 -1.15
C SER A 543 -7.28 23.41 -1.90
N GLN A 544 -8.59 23.55 -2.11
CA GLN A 544 -9.47 22.46 -2.41
C GLN A 544 -10.28 22.74 -3.68
N VAL A 545 -10.54 21.67 -4.45
CA VAL A 545 -11.54 21.67 -5.49
C VAL A 545 -12.51 20.49 -5.27
N VAL A 546 -13.82 20.78 -5.15
CA VAL A 546 -14.81 19.73 -4.88
C VAL A 546 -15.12 18.90 -6.16
N SER A 547 -15.32 19.58 -7.28
CA SER A 547 -15.66 18.91 -8.53
C SER A 547 -14.91 19.54 -9.63
N PHE A 548 -14.46 18.69 -10.53
CA PHE A 548 -13.77 19.14 -11.70
C PHE A 548 -14.12 18.20 -12.85
N PRO A 549 -14.46 18.75 -14.02
CA PRO A 549 -14.24 20.13 -14.47
C PRO A 549 -15.43 21.08 -14.31
C2 BGC B . -2.36 17.56 12.33
C3 BGC B . -1.71 18.51 11.46
C4 BGC B . -2.67 19.44 10.81
C5 BGC B . -3.82 19.96 11.72
C6 BGC B . -4.83 20.37 10.94
C1 BGC B . -3.18 18.23 13.33
O1 BGC B . -3.68 17.34 14.26
O2 BGC B . -1.37 16.74 13.05
O3 BGC B . -0.95 17.77 10.40
O4 BGC B . -2.08 20.58 10.17
O5 BGC B . -4.29 18.81 12.61
O6 BGC B . -6.02 20.59 11.56
C2 BGC B . 1.07 17.26 9.28
C3 BGC B . 2.43 17.59 9.02
C4 BGC B . 2.59 19.05 8.85
C5 BGC B . 2.11 19.75 10.13
C6 BGC B . 2.36 21.09 10.10
C1 BGC B . 0.43 18.06 10.35
O2 BGC B . 0.90 15.82 9.60
O3 BGC B . 2.81 16.84 7.81
O4 BGC B . 3.91 19.48 8.63
O5 BGC B . 0.63 19.47 10.13
O6 BGC B . 1.48 21.95 10.73
C2 BGC B . 4.21 15.14 6.76
C3 BGC B . 5.53 14.69 6.45
C4 BGC B . 6.34 15.82 6.06
C5 BGC B . 6.43 16.84 7.26
C6 BGC B . 7.27 17.86 6.96
C1 BGC B . 4.12 16.31 7.72
O2 BGC B . 3.47 14.04 7.34
O3 BGC B . 5.50 13.81 5.23
O4 BGC B . 7.63 15.47 5.70
O5 BGC B . 5.01 17.36 7.32
O6 BGC B . 7.24 18.91 7.85
C2 BGC B . 6.00 11.84 4.03
C3 BGC B . 6.87 10.67 3.94
C4 BGC B . 8.18 10.84 4.66
C5 BGC B . 7.93 11.23 6.14
C6 BGC B . 9.04 11.38 6.92
C1 BGC B . 5.90 12.48 5.36
O2 BGC B . 4.63 11.59 3.57
O3 BGC B . 7.12 10.31 2.53
O4 BGC B . 9.06 9.73 4.61
O5 BGC B . 7.16 12.53 6.05
O6 BGC B . 8.77 11.43 8.33
C2 BGC C . -1.20 0.50 23.46
C3 BGC C . -2.68 0.45 23.77
C4 BGC C . -3.08 -0.61 24.81
C5 BGC C . -2.03 -0.95 25.88
C6 BGC C . -1.98 -2.45 26.11
C1 BGC C . -0.51 0.61 24.82
O2 BGC C . -0.85 1.66 22.69
O3 BGC C . -3.49 0.38 22.60
O4 BGC C . -4.19 -0.14 25.56
O5 BGC C . -0.71 -0.56 25.58
O6 BGC C . -1.33 -2.72 27.34
C1 EDO D . 16.92 -4.25 2.35
O1 EDO D . 15.67 -3.97 1.70
C2 EDO D . 17.09 -3.41 3.61
O2 EDO D . 15.82 -3.21 4.24
H11 EDO D . 17.75 -4.05 1.66
H12 EDO D . 16.94 -5.30 2.62
HO1 EDO D . 15.74 -4.28 0.77
H21 EDO D . 17.53 -2.44 3.35
H22 EDO D . 17.78 -3.92 4.29
HO2 EDO D . 15.96 -2.74 5.07
C1 EDO E . 9.25 17.55 -9.13
O1 EDO E . 8.36 16.47 -9.40
C2 EDO E . 8.51 18.74 -8.54
O2 EDO E . 7.56 19.20 -9.51
H11 EDO E . 9.76 17.85 -10.05
H12 EDO E . 10.02 17.22 -8.42
HO1 EDO E . 8.86 15.65 -9.41
H21 EDO E . 9.20 19.53 -8.28
H22 EDO E . 7.99 18.43 -7.63
HO2 EDO E . 6.98 19.87 -9.10
C1 EDO F . 13.02 -3.58 -19.83
O1 EDO F . 12.49 -4.73 -19.19
C2 EDO F . 11.98 -2.48 -19.84
O2 EDO F . 10.71 -3.00 -20.25
H11 EDO F . 13.31 -3.81 -20.86
H12 EDO F . 13.91 -3.24 -19.29
HO1 EDO F . 13.22 -5.11 -18.66
H21 EDO F . 12.29 -1.69 -20.51
H22 EDO F . 11.90 -2.06 -18.84
HO2 EDO F . 10.02 -2.39 -19.95
#